data_6X34
#
_entry.id   6X34
#
_cell.length_a   1.00
_cell.length_b   1.00
_cell.length_c   1.00
_cell.angle_alpha   90.00
_cell.angle_beta   90.00
_cell.angle_gamma   90.00
#
_symmetry.space_group_name_H-M   'P 1'
#
loop_
_entity.id
_entity.type
_entity.pdbx_description
1 polymer 'Peptidyl-prolyl cis-trans isomerase FKBP1B'
2 polymer 'Ryanodine Receptor'
3 non-polymer 'ZINC ION'
#
loop_
_entity_poly.entity_id
_entity_poly.type
_entity_poly.pdbx_seq_one_letter_code
_entity_poly.pdbx_strand_id
1 'polypeptide(L)'
;GVEIETISPGDGRTFPKKGQTCVVHYTGMLQNGKKFDSSRDRNKPFKFRIGKQEVIKGFEEGAAQMSLGQRAKLTCTPDV
AYGATGHPGVIPPNATLIFDVELLNL
;
A,C,E,G
2 'polypeptide(L)'
;FLRTDDEVVLQCNATVLKEQLKLCLAAEGFGNRLCFLEPTSNAQNVPPDLAICCFVLEQSLSVRALQEMLANGHRTLLYG
HAILLRHAHSGMYLSCLTTSRSMTDKLAFDVGLQEDATGEACWWTTHPASKQRSEGEKVRVGDDLILVSVSSERYLHLST
ASGELQVDASFMQTLWNMNPICSGCEEGYVTGGHVLRLFHGHMDECLTISPADSDDQRRLVYYEGGSVCTHARSLWRLEP
LRISWSGSHLRWGQPLRIRHVTTGRYLALIEDQGLVVDASKAHTKATSFCFRISKEKLKRDVEGMGPPEIKYGESLCFVQ
HVASGLWLTYAALKKKAILHQEGHMDDALSLTRCQQEESQAARMIYSTAGLYNHFIKGLDSFSGKPRGSGAPAGTALPLE
GVILSLQDLIGYFEPPSEELQHEEKQSKLRSLRNRQSLFQEEGMLSLVLNCIDRLNVYTTAAHFAEFAGEEAAESWKEIV
NLLYEILASLIRGNRANCALFSNNLDWLVSKLDRLEASSGILEVLYCVLIESPEVLNIIQENHIKSIISLLDKHGRNHKV
LDVLCSLCVCNGVAVCSNQDLITENLLPGRELLLQTNLINYVTSIRPNIFVGRAEGTTQYSKWYFEVMVDEVVPFLTAQA
THLRVGWALTEGYSPYPGGGEGWGGNGVGDDLYSYGFDGLHLWTGHVPRLVTSPGQHLLAPEDVVSCCLDLSVPSISFRI
NGCPVQGVFEAFNLNGLFFPVVSFSAGVKVRFLLGGRHGEFKFLPPPGYAPCHEAVLPRERLRLEPIKEYRREGPRGPHL
VGPSRCLSHTDFVPCPLPPHLERIREKLAENIHELWALTRIEQGWTYGPVRDDNKRLHPCLVDFHSLPEPERNYNLQMSG
ETLKTLLALGCHVGMADEKAEDNLRKTKLPKTYMMSNGYKPAPLDAQTTLVDRLAENGHNVWARDRVAQGWSYSAVQDIP
ARRNPRLVPYRLLDEATKRSNRDSLCQAVRTLLGYGYNIERVRIFRAEKSYAVQSGRWYFEFEAVTTGEMRVGWARPELR
PDVELGADELAYVFNGHRGQRWHLGSELFGRPWQSGDVVGCMIDLTENTIIFTLNGEVLMSDSGSETAFRDIEVGDGFLP
VCSLGPGQVGHLNLGQDVSSLRFFAICGLQEGFEPFAINMQRPVTTWFSKSLPQFEAVPLEHPHYEVSRVDGTVDTPPCL
RLTHRSLVEMLFLRLSLPVQFHQLNTTTYYYSVRVFAGQEPSCVWVGWVTPDYHQHDMNFDLTKVRAVTVTMGDNIHSSL
KCSNCYMVWGGDFVSHTDLVIGCLVDLATGLMTFTANGKESNTFFQVEPNTKLFPAVFVLPTHQNVIQFELGKQKNIMPL
SAAMFLSERKNPAPQCPPRLEMQMLMPVSWSRMPNHFLRVETRRAGERLGWAVPLTMMALHIPEENRCMDILELSERLDL
QQFHSHTLRLYRAVCALGNNRVAHALCSHVDQAQLLHALEDAHLPGPLRAGYYDLLISIHLESACRSRRSMLSEYIVPLT
PETRAITLFPPRHGLPGVGVTTSLRPPHHFSAPCFVAALPEAPARLSPSIPLEALRDKALRMLGEAVRDGGQHARDPVGG
SVEFQFVPVLKLVSTLLVMGIFGDEDVKQILKMIEPEVEEGLLQMKLPESVKLQMCNLLEYFCDQELQHRVESLAAFAER
YVDKLQANQRDRYGILMKAFTMTAAETARRTREFRSPPQEQINMLLHFKPLPDEIRQDLLEFHQDLLTHCGIQLQSLQEL
VSHTVVRWAQEDFVQSPELVRAMFSLLHRQYDGLGELLRALPRAYTISPSSVEDTMSLLECLGQIRSLLIVQMGPQEENL
MIQSIGNIMNNKVFYQHPNLMRALGMHETVMEVMVNVLRFPKMVTSCCRFLCYFCRISRQNQRSMFDHLSYLLENSGSTP
LDVAAASVIDNNELALALQEQDLEKVVSYLAGCGLQSCPMLLAKGYPDIGWNPCGGERYLDFLRFAVFVNGESVEENANV
VVRLLIRKPECFGPALRLLATIEEAIAIMSFYAALIDLLGRCAPEMHLIQAGKGEALRIRAILRSLVPLDDLVGIISLPL
QIPTMSASFVPDHKASMVLFLDRVYGFLLHVLDVGFALALNRYLCLAVLPLITKCAPLFAMVDSMLHTVYRLSRGRSLTK
AQRDVIEECLMALCRYIRPSMLQHLLRRLVF(UNK)(UNK)(UNK)(UNK)(UNK)(UNK)(UNK)(UNK)(UNK)
(UNK)(UNK)(UNK)(UNK)(UNK)(UNK)(UNK)(UNK)(UNK)(UNK)(UNK)(UNK)(UNK)(UNK)(UNK)(UNK)
(UNK)(UNK)(UNK)(UNK)(UNK)(UNK)(UNK)(UNK)(UNK)(UNK)(UNK)(UNK)(UNK)(UNK)(UNK)(UNK)
(UNK)(UNK)(UNK)(UNK)(UNK)DPRPVETLNVIIPEKLDSFINKFAEYTHEKWAFDKIQNNWSYGENIDEELKTHPM
LRPYKTFSEKDKEIYRWPIKESLKAMIAWEWTIEKAREGEYNPQPPDLSGVTLSRELQAMAEQLAENYHNTWGRKKKQEL
EAKGGGTHPLLVPYDTLTAKEKARDREKAQELLKFLQMNGYAVTR(UNK)(UNK)(UNK)(UNK)(UNK)(UNK)(UNK)
(UNK)(UNK)(UNK)(UNK)(UNK)(UNK)(UNK)(UNK)(UNK)(UNK)(UNK)(UNK)(UNK)(UNK)(UNK)(UNK)
(UNK)(UNK)(UNK)(UNK)(UNK)(UNK)(UNK)(UNK)(UNK)(UNK)(UNK)(UNK)(UNK)(UNK)(UNK)(UNK)
(UNK)(UNK)(UNK)(UNK)(UNK)(UNK)(UNK)(UNK)(UNK)(UNK)(UNK)(UNK)(UNK)(UNK)(UNK)(UNK)
(UNK)(UNK)(UNK)(UNK)(UNK)(UNK)(UNK)(UNK)(UNK)(UNK)(UNK)(UNK)(UNK)(UNK)(UNK)(UNK)
(UNK)(UNK)(UNK)(UNK)(UNK)(UNK)(UNK)(UNK)(UNK)(UNK)(UNK)(UNK)(UNK)(UNK)(UNK)(UNK)
(UNK)(UNK)(UNK)(UNK)(UNK)(UNK)(UNK)(UNK)(UNK)(UNK)(UNK)(UNK)(UNK)(UNK)(UNK)(UNK)
(UNK)(UNK)(UNK)(UNK)(UNK)(UNK)(UNK)(UNK)(UNK)(UNK)(UNK)(UNK)(UNK)(UNK)(UNK)(UNK)
(UNK)(UNK)(UNK)(UNK)(UNK)(UNK)(UNK)(UNK)(UNK)(UNK)(UNK)(UNK)(UNK)(UNK)(UNK)(UNK)
(UNK)(UNK)(UNK)(UNK)(UNK)(UNK)(UNK)(UNK)(UNK)(UNK)(UNK)(UNK)(UNK)(UNK)(UNK)(UNK)
(UNK)(UNK)(UNK)(UNK)(UNK)(UNK)(UNK)(UNK)(UNK)(UNK)(UNK)(UNK)(UNK)(UNK)(UNK)(UNK)
(UNK)(UNK)(UNK)(UNK)(UNK)(UNK)(UNK)(UNK)(UNK)(UNK)(UNK)(UNK)(UNK)(UNK)(UNK)(UNK)
(UNK)(UNK)(UNK)(UNK)(UNK)(UNK)(UNK)(UNK)(UNK)(UNK)(UNK)(UNK)(UNK)(UNK)(UNK)(UNK)
(UNK)(UNK)(UNK)(UNK)(UNK)(UNK)(UNK)(UNK)(UNK)(UNK)EFSVLCRDLYALYPLLIRYVDNNRAHWLTE
PNPSAEELFRMVGEIFIYWSKSKHNFKREEQNFVV(UNK)(UNK)(UNK)(UNK)(UNK)(UNK)(UNK)(UNK)(UNK)
(UNK)(UNK)(UNK)(UNK)(UNK)(UNK)(UNK)(UNK)(UNK)(UNK)(UNK)(UNK)(UNK)(UNK)(UNK)(UNK)
(UNK)(UNK)(UNK)(UNK)(UNK)(UNK)(UNK)(UNK)(UNK)(UNK)(UNK)(UNK)(UNK)(UNK)(UNK)(UNK)
(UNK)(UNK)(UNK)(UNK)(UNK)(UNK)(UNK)(UNK)(UNK)(UNK)(UNK)(UNK)(UNK)(UNK)(UNK)(UNK)
(UNK)(UNK)(UNK)(UNK)(UNK)(UNK)(UNK)(UNK)(UNK)(UNK)(UNK)PLYNLPTHRACNMFLESYKAAWILT
EDHSFEDRMIDDLSKAKKPDPLHQLVLHFSRTALTEKSKLDEDYLYMAYADIMAKSCHLSFEEKEMEKQRLLYQQARLHN
RGAAEMVLQMISACKGETGAMVSSTLKLGISILNGGNADVQQKMLDYLKDKKEVGFFQSIQALMQTCSVLDLNAFERQNK
AEGLGEKVMADDEFTQDLFRFLQLLCEGHNNDFQNYLRTQTGNTTTINIIICTVDYLLRLQESISDFYWYYSGKDVIEEQ
GKRNFSKAMSVAKQVFNSLTEYIQGPCTGNQQSLAHSRLWDAVVGFLHVFAHMMMKLAQDSSQIELLKELLDLQKDMVVM
LLSLLEGNVVNGMIARQMVDMLVESSSNVEMILKFFDMFLKLKDIVGSEAFQDYVTDPRGLISKKDFQK(UNK)(UNK)
(UNK)(UNK)(UNK)(UNK)EFANRFQEPARDIGFNVAVLLTNLSEHVPHDPRLRNFLELAESILEYFRPYLGRIEIMGA
SRRIERIYFEISETNRAQWEMPQVKESKRQFIFDVVNEGGESEKMELFVSFCEDTIFEEVQRVKFLNYLSRNFYTLRFLA
LFLAFAINFILLFYKVSDSPVYYFLEESTGYMEPALRCLSLLHTLVAFLCIIGYNCLKVPLVIFKREKELARKLEFDGLY
ITEQPVKGQWDRLVLNTPSFPSNYWDKFVKRKVLDKHGDIYGRERIAEGLLTWLMSIDVKYQIWKFGVIFTDNSFLYLGW
YMVMSLLGHYNNFFFAAHLLDIAMGVKTLRTILSSVTHNGKQLVMTVGLLAVVVYLYTVVAFNFFRKFYNKSEDEDEPDM
KCDDMMTCYLFHMYVGVRAGGGIGDEIEDPAGDEYELYRVVFDITFFFFVIVILLAIIQGLIIDAFGELRDQQEQVREDM
ETKCFICGIGSDYFDTTPHRFETHTLEEHNLANYMFFLMYLINKDETEHTGQESYVWKMYQERCWDFFPAGDCFRKQ
;
B,D,F,H
#
loop_
_chem_comp.id
_chem_comp.type
_chem_comp.name
_chem_comp.formula
ZN non-polymer 'ZINC ION' 'Zn 2'
#
# COMPACT_ATOMS: atom_id res chain seq x y z
N GLY A 1 -116.45 27.78 56.15
CA GLY A 1 -117.42 27.74 55.07
C GLY A 1 -117.78 26.34 54.63
N VAL A 2 -117.76 25.41 55.58
CA VAL A 2 -118.08 24.02 55.28
C VAL A 2 -119.59 23.88 55.08
N GLU A 3 -119.97 23.13 54.05
CA GLU A 3 -121.37 22.89 53.72
C GLU A 3 -121.57 21.42 53.38
N ILE A 4 -122.75 20.92 53.70
CA ILE A 4 -123.11 19.52 53.46
C ILE A 4 -124.39 19.50 52.64
N GLU A 5 -124.34 18.90 51.46
CA GLU A 5 -125.49 18.75 50.58
C GLU A 5 -125.85 17.27 50.53
N THR A 6 -126.99 16.91 51.11
CA THR A 6 -127.41 15.52 51.16
C THR A 6 -127.72 14.99 49.76
N ILE A 7 -127.22 13.79 49.47
CA ILE A 7 -127.41 13.13 48.19
C ILE A 7 -128.16 11.84 48.42
N SER A 8 -129.45 11.82 48.05
CA SER A 8 -130.33 10.66 48.19
C SER A 8 -130.32 10.13 49.62
N PRO A 9 -130.93 10.84 50.57
CA PRO A 9 -130.95 10.42 51.97
C PRO A 9 -131.78 9.15 52.19
N ARG A 13 -132.14 9.07 62.04
CA ARG A 13 -131.02 9.90 62.50
C ARG A 13 -130.08 9.10 63.39
N THR A 14 -128.92 8.74 62.86
CA THR A 14 -127.90 7.98 63.58
C THR A 14 -126.58 8.75 63.48
N PHE A 15 -126.34 9.61 64.46
CA PHE A 15 -125.12 10.40 64.48
C PHE A 15 -123.94 9.56 65.00
N PRO A 16 -122.75 9.77 64.46
CA PRO A 16 -121.59 9.00 64.92
C PRO A 16 -121.25 9.32 66.36
N LYS A 17 -120.82 8.29 67.10
CA LYS A 17 -120.46 8.46 68.49
C LYS A 17 -119.03 8.92 68.62
N LYS A 18 -118.74 9.61 69.73
CA LYS A 18 -117.40 10.12 69.97
C LYS A 18 -116.46 8.97 70.29
N GLY A 19 -115.31 8.94 69.62
CA GLY A 19 -114.33 7.89 69.84
C GLY A 19 -114.75 6.54 69.31
N GLN A 20 -115.39 6.50 68.14
CA GLN A 20 -115.84 5.26 67.54
C GLN A 20 -115.45 5.24 66.06
N THR A 21 -115.11 4.05 65.58
CA THR A 21 -114.72 3.89 64.18
C THR A 21 -115.94 3.82 63.28
N CYS A 22 -115.78 4.31 62.06
CA CYS A 22 -116.88 4.33 61.09
C CYS A 22 -116.28 4.14 59.70
N VAL A 23 -116.67 3.05 59.03
CA VAL A 23 -116.19 2.74 57.69
C VAL A 23 -117.04 3.50 56.67
N VAL A 24 -116.40 3.96 55.61
CA VAL A 24 -117.09 4.72 54.57
C VAL A 24 -116.24 4.67 53.30
N HIS A 25 -116.92 4.63 52.15
CA HIS A 25 -116.26 4.68 50.85
C HIS A 25 -116.41 6.10 50.30
N TYR A 26 -115.31 6.85 50.36
CA TYR A 26 -115.31 8.25 49.96
C TYR A 26 -114.56 8.43 48.65
N THR A 27 -114.93 9.49 47.93
CA THR A 27 -114.30 9.84 46.66
C THR A 27 -113.95 11.32 46.67
N GLY A 28 -112.76 11.65 46.16
CA GLY A 28 -112.28 13.02 46.14
C GLY A 28 -112.39 13.61 44.75
N MET A 29 -112.54 14.93 44.71
CA MET A 29 -112.72 15.64 43.45
C MET A 29 -112.12 17.04 43.57
N LEU A 30 -111.44 17.46 42.52
CA LEU A 30 -110.93 18.82 42.42
C LEU A 30 -111.74 19.60 41.39
N GLN A 31 -111.54 20.93 41.40
CA GLN A 31 -112.28 21.79 40.48
C GLN A 31 -111.94 21.50 39.03
N ASN A 32 -110.73 21.00 38.76
CA ASN A 32 -110.34 20.71 37.39
C ASN A 32 -111.01 19.46 36.85
N GLY A 33 -111.19 18.45 37.70
CA GLY A 33 -111.83 17.20 37.30
C GLY A 33 -110.95 15.97 37.44
N LYS A 34 -109.79 16.06 38.09
CA LYS A 34 -108.92 14.92 38.26
C LYS A 34 -109.22 14.24 39.60
N LYS A 35 -109.12 12.91 39.60
CA LYS A 35 -109.40 12.09 40.78
C LYS A 35 -108.07 11.83 41.50
N PHE A 36 -107.83 12.56 42.59
CA PHE A 36 -106.62 12.37 43.36
C PHE A 36 -106.72 11.19 44.32
N ASP A 37 -107.92 10.67 44.56
CA ASP A 37 -108.10 9.46 45.36
C ASP A 37 -109.47 8.88 45.05
N SER A 38 -109.59 7.55 45.22
CA SER A 38 -110.85 6.86 44.97
C SER A 38 -110.86 5.58 45.80
N SER A 39 -111.66 5.57 46.86
CA SER A 39 -111.75 4.37 47.69
C SER A 39 -112.54 3.27 47.00
N ARG A 40 -113.46 3.63 46.11
CA ARG A 40 -114.22 2.63 45.38
C ARG A 40 -113.35 1.88 44.37
N ASP A 41 -112.39 2.57 43.76
CA ASP A 41 -111.50 1.91 42.80
C ASP A 41 -110.52 0.98 43.51
N ARG A 42 -110.11 1.33 44.74
CA ARG A 42 -109.19 0.48 45.49
C ARG A 42 -109.86 -0.79 46.01
N ASN A 43 -111.19 -0.80 46.07
CA ASN A 43 -111.96 -1.96 46.54
C ASN A 43 -111.58 -2.35 47.97
N LYS A 44 -111.20 -1.36 48.79
CA LYS A 44 -110.81 -1.59 50.17
C LYS A 44 -111.59 -0.63 51.05
N PRO A 45 -112.37 -1.10 52.03
CA PRO A 45 -113.11 -0.18 52.89
C PRO A 45 -112.18 0.56 53.84
N PHE A 46 -112.29 1.89 53.83
CA PHE A 46 -111.46 2.71 54.69
C PHE A 46 -112.07 2.84 56.07
N LYS A 47 -111.22 2.82 57.09
CA LYS A 47 -111.66 2.93 58.47
C LYS A 47 -110.84 4.00 59.18
N PHE A 48 -111.48 4.71 60.10
CA PHE A 48 -110.83 5.78 60.84
C PHE A 48 -111.58 6.02 62.14
N ARG A 49 -110.91 6.66 63.08
CA ARG A 49 -111.47 7.00 64.38
C ARG A 49 -111.58 8.50 64.52
N ILE A 50 -112.66 8.96 65.17
CA ILE A 50 -112.87 10.39 65.35
C ILE A 50 -111.94 10.95 66.41
N GLY A 51 -111.85 10.26 67.55
CA GLY A 51 -111.00 10.73 68.64
C GLY A 51 -109.51 10.54 68.41
N LYS A 52 -109.13 9.72 67.44
CA LYS A 52 -107.70 9.50 67.18
C LYS A 52 -107.03 10.70 66.53
N GLN A 53 -107.80 11.54 65.83
CA GLN A 53 -107.27 12.75 65.17
C GLN A 53 -106.17 12.38 64.17
N GLU A 54 -106.39 11.32 63.40
CA GLU A 54 -105.46 10.89 62.37
C GLU A 54 -105.91 11.29 60.97
N VAL A 55 -107.08 11.93 60.84
CA VAL A 55 -107.61 12.36 59.56
C VAL A 55 -107.75 13.89 59.60
N ILE A 56 -107.76 14.51 58.42
CA ILE A 56 -107.89 15.96 58.34
C ILE A 56 -109.18 16.42 59.00
N LYS A 57 -109.15 17.65 59.52
CA LYS A 57 -110.29 18.16 60.29
C LYS A 57 -111.54 18.30 59.43
N GLY A 58 -111.39 18.61 58.14
CA GLY A 58 -112.55 18.77 57.29
C GLY A 58 -113.32 17.47 57.09
N PHE A 59 -112.60 16.37 56.85
CA PHE A 59 -113.26 15.08 56.67
C PHE A 59 -113.97 14.66 57.95
N GLU A 60 -113.35 14.87 59.11
CA GLU A 60 -113.99 14.51 60.36
C GLU A 60 -115.23 15.37 60.63
N GLU A 61 -115.13 16.66 60.35
CA GLU A 61 -116.28 17.54 60.54
C GLU A 61 -117.42 17.18 59.59
N GLY A 62 -117.10 16.74 58.37
CA GLY A 62 -118.13 16.32 57.45
C GLY A 62 -118.76 14.99 57.84
N ALA A 63 -117.96 14.07 58.36
CA ALA A 63 -118.48 12.77 58.77
C ALA A 63 -119.29 12.86 60.06
N ALA A 64 -118.99 13.85 60.91
CA ALA A 64 -119.74 14.01 62.15
C ALA A 64 -121.19 14.38 61.88
N GLN A 65 -121.45 15.12 60.81
CA GLN A 65 -122.81 15.52 60.47
C GLN A 65 -123.53 14.51 59.58
N MET A 66 -122.82 13.50 59.08
CA MET A 66 -123.43 12.51 58.21
C MET A 66 -124.25 11.52 59.03
N SER A 67 -124.93 10.60 58.34
CA SER A 67 -125.76 9.59 58.96
C SER A 67 -125.49 8.24 58.31
N LEU A 68 -126.12 7.21 58.86
CA LEU A 68 -125.92 5.85 58.35
C LEU A 68 -126.67 5.68 57.03
N GLY A 69 -125.98 5.10 56.05
CA GLY A 69 -126.57 4.85 54.74
C GLY A 69 -126.97 6.12 54.01
N GLN A 70 -126.04 7.07 53.90
CA GLN A 70 -126.32 8.33 53.25
C GLN A 70 -125.02 8.94 52.75
N ARG A 71 -125.02 9.39 51.50
CA ARG A 71 -123.87 10.03 50.89
C ARG A 71 -124.12 11.52 50.73
N ALA A 72 -123.05 12.30 50.79
CA ALA A 72 -123.15 13.75 50.70
C ALA A 72 -121.81 14.32 50.29
N LYS A 73 -121.84 15.35 49.46
CA LYS A 73 -120.61 16.03 49.02
C LYS A 73 -120.16 16.97 50.13
N LEU A 74 -119.13 16.54 50.87
CA LEU A 74 -118.62 17.31 52.00
C LEU A 74 -117.59 18.30 51.48
N THR A 75 -118.05 19.52 51.19
CA THR A 75 -117.14 20.57 50.73
C THR A 75 -116.34 21.10 51.92
N CYS A 76 -115.02 20.92 51.87
CA CYS A 76 -114.14 21.31 52.96
C CYS A 76 -113.43 22.61 52.64
N THR A 77 -113.10 23.36 53.70
CA THR A 77 -112.39 24.61 53.54
C THR A 77 -110.91 24.35 53.22
N PRO A 78 -110.26 25.28 52.52
CA PRO A 78 -108.83 25.09 52.24
C PRO A 78 -107.96 25.04 53.48
N ASP A 79 -108.35 25.74 54.55
CA ASP A 79 -107.52 25.78 55.76
C ASP A 79 -107.66 24.50 56.58
N VAL A 80 -108.85 23.91 56.64
CA VAL A 80 -109.06 22.71 57.45
C VAL A 80 -108.48 21.45 56.82
N ALA A 81 -108.03 21.53 55.57
CA ALA A 81 -107.44 20.37 54.90
C ALA A 81 -106.37 20.87 53.94
N TYR A 82 -105.10 20.62 54.29
CA TYR A 82 -103.95 21.04 53.49
C TYR A 82 -103.97 22.55 53.25
N GLY A 83 -103.84 23.28 54.36
CA GLY A 83 -103.86 24.73 54.32
C GLY A 83 -102.71 25.33 53.53
N ALA A 84 -101.48 25.04 53.95
CA ALA A 84 -100.29 25.55 53.28
C ALA A 84 -99.61 24.50 52.41
N THR A 85 -99.72 23.22 52.76
CA THR A 85 -99.09 22.16 51.99
C THR A 85 -99.77 20.83 52.35
N GLY A 86 -99.73 19.91 51.40
CA GLY A 86 -100.29 18.58 51.59
C GLY A 86 -99.31 17.53 51.13
N HIS A 87 -99.84 16.47 50.52
CA HIS A 87 -98.99 15.43 49.97
C HIS A 87 -98.22 15.96 48.77
N PRO A 88 -96.91 15.77 48.71
CA PRO A 88 -96.14 16.28 47.56
C PRO A 88 -96.52 15.59 46.26
N GLY A 89 -97.12 16.35 45.34
CA GLY A 89 -97.52 15.83 44.05
C GLY A 89 -98.98 15.41 43.95
N VAL A 90 -99.69 15.34 45.06
CA VAL A 90 -101.09 14.92 45.07
C VAL A 90 -102.04 16.10 45.11
N ILE A 91 -101.86 17.00 46.07
CA ILE A 91 -102.71 18.16 46.26
C ILE A 91 -101.86 19.41 46.06
N PRO A 92 -102.26 20.33 45.18
CA PRO A 92 -101.49 21.57 45.03
C PRO A 92 -101.76 22.51 46.18
N PRO A 93 -100.81 23.39 46.51
CA PRO A 93 -101.06 24.37 47.58
C PRO A 93 -102.12 25.38 47.20
N ASN A 94 -102.79 25.91 48.22
CA ASN A 94 -103.87 26.88 48.06
C ASN A 94 -104.95 26.34 47.11
N ALA A 95 -105.54 25.23 47.50
CA ALA A 95 -106.59 24.61 46.72
C ALA A 95 -107.58 23.92 47.65
N THR A 96 -108.83 23.85 47.21
CA THR A 96 -109.89 23.23 47.99
C THR A 96 -109.81 21.70 47.85
N LEU A 97 -110.72 21.01 48.54
CA LEU A 97 -110.76 19.56 48.51
C LEU A 97 -112.19 19.12 48.80
N ILE A 98 -112.85 18.55 47.79
CA ILE A 98 -114.23 18.10 47.91
C ILE A 98 -114.21 16.58 48.07
N PHE A 99 -114.81 16.10 49.15
CA PHE A 99 -114.88 14.67 49.46
C PHE A 99 -116.33 14.24 49.50
N ASP A 100 -116.71 13.34 48.59
CA ASP A 100 -118.06 12.78 48.56
C ASP A 100 -118.10 11.59 49.51
N VAL A 101 -118.32 11.88 50.79
CA VAL A 101 -118.32 10.84 51.82
C VAL A 101 -119.63 10.07 51.75
N GLU A 102 -119.52 8.74 51.82
CA GLU A 102 -120.67 7.85 51.82
C GLU A 102 -120.56 6.96 53.06
N LEU A 103 -121.15 7.41 54.16
CA LEU A 103 -121.03 6.69 55.43
C LEU A 103 -121.79 5.37 55.36
N LEU A 104 -121.08 4.28 55.60
CA LEU A 104 -121.65 2.93 55.62
C LEU A 104 -121.16 2.17 56.85
N ASN A 105 -121.19 2.84 57.99
CA ASN A 105 -120.71 2.25 59.23
C ASN A 105 -121.73 1.26 59.79
N LEU A 106 -121.30 0.50 60.79
CA LEU A 106 -122.15 -0.49 61.44
C LEU A 106 -122.44 -0.09 62.89
N PHE B 1 -35.27 10.34 -13.46
CA PHE B 1 -36.62 9.90 -13.82
C PHE B 1 -37.40 9.48 -12.57
N LEU B 2 -38.58 10.06 -12.41
CA LEU B 2 -39.42 9.74 -11.26
C LEU B 2 -40.09 8.38 -11.43
N ARG B 3 -40.60 7.87 -10.32
CA ARG B 3 -41.30 6.59 -10.29
C ARG B 3 -42.64 6.77 -9.59
N THR B 4 -43.37 5.67 -9.44
CA THR B 4 -44.67 5.70 -8.79
C THR B 4 -44.50 5.85 -7.28
N ASP B 5 -45.60 6.25 -6.63
CA ASP B 5 -45.64 6.42 -5.17
C ASP B 5 -44.58 7.42 -4.70
N ASP B 6 -44.51 8.57 -5.36
CA ASP B 6 -43.56 9.61 -5.04
C ASP B 6 -44.28 10.93 -4.81
N GLU B 7 -43.71 11.77 -3.96
CA GLU B 7 -44.26 13.08 -3.65
C GLU B 7 -43.76 14.10 -4.68
N VAL B 8 -44.69 14.86 -5.25
CA VAL B 8 -44.37 15.82 -6.29
C VAL B 8 -44.93 17.19 -5.88
N VAL B 9 -44.33 18.24 -6.46
CA VAL B 9 -44.73 19.61 -6.17
C VAL B 9 -44.70 20.40 -7.48
N LEU B 10 -45.84 20.99 -7.83
CA LEU B 10 -45.96 21.79 -9.06
C LEU B 10 -45.52 23.22 -8.81
N GLN B 11 -44.91 23.83 -9.83
CA GLN B 11 -44.43 25.20 -9.73
C GLN B 11 -44.54 25.86 -11.10
N CYS B 12 -44.97 27.12 -11.11
CA CYS B 12 -45.12 27.89 -12.34
C CYS B 12 -44.44 29.24 -12.19
N ASN B 13 -44.10 29.84 -13.32
CA ASN B 13 -43.42 31.13 -13.37
C ASN B 13 -44.37 32.18 -13.90
N ALA B 14 -44.42 33.34 -13.24
CA ALA B 14 -45.24 34.47 -13.67
C ALA B 14 -44.35 35.69 -13.81
N THR B 15 -44.29 36.24 -15.02
CA THR B 15 -43.44 37.39 -15.32
C THR B 15 -44.05 38.63 -14.67
N VAL B 16 -43.52 39.02 -13.52
CA VAL B 16 -43.99 40.22 -12.82
C VAL B 16 -43.31 41.44 -13.41
N LEU B 17 -43.83 42.62 -13.08
CA LEU B 17 -43.25 43.85 -13.62
C LEU B 17 -41.88 44.14 -13.03
N LYS B 18 -41.64 43.72 -11.78
CA LYS B 18 -40.35 43.96 -11.14
C LYS B 18 -39.29 42.99 -11.65
N GLU B 19 -39.53 41.70 -11.46
CA GLU B 19 -38.60 40.66 -11.89
C GLU B 19 -39.36 39.36 -12.02
N GLN B 20 -38.62 38.28 -12.31
CA GLN B 20 -39.24 36.96 -12.45
C GLN B 20 -39.67 36.45 -11.08
N LEU B 21 -40.95 36.06 -10.98
CA LEU B 21 -41.52 35.56 -9.74
C LEU B 21 -42.18 34.21 -10.02
N LYS B 22 -41.82 33.20 -9.23
CA LYS B 22 -42.35 31.85 -9.37
C LYS B 22 -43.15 31.50 -8.12
N LEU B 23 -44.44 31.27 -8.29
CA LEU B 23 -45.32 30.92 -7.19
C LEU B 23 -45.50 29.41 -7.11
N CYS B 24 -46.24 28.98 -6.10
CA CYS B 24 -46.49 27.55 -5.87
C CYS B 24 -47.95 27.36 -5.47
N LEU B 25 -48.62 26.43 -6.13
CA LEU B 25 -50.02 26.14 -5.81
C LEU B 25 -50.13 25.39 -4.49
N ALA B 26 -51.08 25.80 -3.67
CA ALA B 26 -51.29 25.18 -2.37
C ALA B 26 -52.76 25.26 -2.01
N ALA B 27 -53.30 24.17 -1.48
CA ALA B 27 -54.70 24.07 -1.08
C ALA B 27 -54.79 23.88 0.42
N GLU B 28 -55.70 24.63 1.06
CA GLU B 28 -55.86 24.51 2.51
C GLU B 28 -56.51 23.18 2.89
N GLY B 29 -57.40 22.66 2.05
CA GLY B 29 -58.05 21.40 2.34
C GLY B 29 -59.32 21.57 3.15
N PHE B 30 -59.23 21.34 4.46
CA PHE B 30 -60.39 21.48 5.33
C PHE B 30 -60.79 22.94 5.45
N GLY B 31 -62.05 23.23 5.13
CA GLY B 31 -62.59 24.56 5.20
C GLY B 31 -62.49 25.37 3.92
N ASN B 32 -61.46 25.14 3.12
CA ASN B 32 -61.27 25.87 1.86
C ASN B 32 -61.03 24.85 0.76
N ARG B 33 -62.01 24.69 -0.13
CA ARG B 33 -61.86 23.78 -1.26
C ARG B 33 -61.00 24.39 -2.36
N LEU B 34 -60.98 25.72 -2.46
CA LEU B 34 -60.20 26.39 -3.48
C LEU B 34 -58.74 26.52 -3.05
N CYS B 35 -57.85 26.55 -4.03
CA CYS B 35 -56.42 26.67 -3.80
C CYS B 35 -55.91 27.99 -4.36
N PHE B 36 -54.88 28.54 -3.72
CA PHE B 36 -54.25 29.78 -4.14
C PHE B 36 -52.78 29.53 -4.47
N LEU B 37 -52.05 30.61 -4.73
CA LEU B 37 -50.65 30.54 -5.07
C LEU B 37 -49.79 31.03 -3.92
N GLU B 38 -48.56 30.52 -3.86
CA GLU B 38 -47.61 30.88 -2.82
C GLU B 38 -46.23 31.10 -3.43
N PRO B 39 -45.72 32.33 -3.41
CA PRO B 39 -44.39 32.57 -4.00
C PRO B 39 -43.29 31.95 -3.15
N THR B 40 -42.54 31.04 -3.77
CA THR B 40 -41.45 30.35 -3.11
C THR B 40 -40.07 30.84 -3.51
N SER B 41 -39.99 31.90 -4.32
CA SER B 41 -38.69 32.42 -4.73
C SER B 41 -37.96 33.10 -3.57
N ASN B 42 -38.71 33.77 -2.69
CA ASN B 42 -38.11 34.44 -1.54
C ASN B 42 -38.20 33.52 -0.32
N ALA B 43 -37.42 32.44 -0.38
CA ALA B 43 -37.38 31.45 0.67
C ALA B 43 -36.33 31.74 1.74
N GLN B 44 -35.43 32.70 1.50
CA GLN B 44 -34.40 33.02 2.47
C GLN B 44 -34.94 33.82 3.64
N ASN B 45 -35.75 34.85 3.34
CA ASN B 45 -36.31 35.69 4.39
C ASN B 45 -37.53 35.03 5.02
N VAL B 46 -38.54 34.72 4.21
CA VAL B 46 -39.76 34.10 4.70
C VAL B 46 -39.84 32.68 4.15
N PRO B 47 -39.59 31.67 4.97
CA PRO B 47 -39.68 30.28 4.48
C PRO B 47 -41.12 29.90 4.20
N PRO B 48 -41.41 29.43 2.99
CA PRO B 48 -42.79 29.04 2.66
C PRO B 48 -43.19 27.75 3.36
N ASP B 49 -44.49 27.46 3.31
CA ASP B 49 -45.04 26.26 3.92
C ASP B 49 -45.11 25.17 2.87
N LEU B 50 -44.05 24.38 2.77
CA LEU B 50 -43.99 23.29 1.82
C LEU B 50 -44.71 22.03 2.29
N ALA B 51 -45.17 21.99 3.54
CA ALA B 51 -45.83 20.81 4.07
C ALA B 51 -47.28 20.70 3.65
N ILE B 52 -47.88 21.78 3.13
CA ILE B 52 -49.28 21.74 2.74
C ILE B 52 -49.46 21.48 1.26
N CYS B 53 -48.45 21.77 0.44
CA CYS B 53 -48.53 21.60 -1.00
C CYS B 53 -47.93 20.27 -1.46
N CYS B 54 -47.89 19.27 -0.58
CA CYS B 54 -47.37 17.96 -0.96
C CYS B 54 -48.40 17.19 -1.77
N PHE B 55 -48.03 16.81 -2.99
CA PHE B 55 -48.90 16.06 -3.88
C PHE B 55 -48.23 14.74 -4.23
N VAL B 56 -48.98 13.66 -4.16
CA VAL B 56 -48.50 12.34 -4.54
C VAL B 56 -49.33 11.81 -5.71
N LEU B 57 -48.70 11.03 -6.56
CA LEU B 57 -49.40 10.37 -7.65
C LEU B 57 -49.86 9.01 -7.17
N GLU B 58 -51.08 8.62 -7.55
CA GLU B 58 -51.67 7.37 -7.09
C GLU B 58 -51.53 6.27 -8.15
N GLN B 59 -51.99 6.55 -9.36
CA GLN B 59 -51.94 5.57 -10.44
C GLN B 59 -51.96 6.31 -11.77
N SER B 60 -51.27 5.74 -12.77
CA SER B 60 -51.15 6.37 -14.07
C SER B 60 -51.24 5.31 -15.15
N LEU B 61 -52.30 5.38 -15.95
CA LEU B 61 -52.48 4.50 -17.09
C LEU B 61 -52.60 5.36 -18.34
N SER B 62 -52.70 4.72 -19.49
CA SER B 62 -52.97 5.47 -20.71
C SER B 62 -54.39 6.04 -20.68
N VAL B 63 -54.66 6.96 -21.60
CA VAL B 63 -55.98 7.59 -21.64
C VAL B 63 -57.05 6.60 -22.06
N ARG B 64 -56.71 5.65 -22.95
CA ARG B 64 -57.69 4.64 -23.37
C ARG B 64 -57.98 3.68 -22.22
N ALA B 65 -56.95 3.24 -21.51
CA ALA B 65 -57.15 2.38 -20.35
C ALA B 65 -57.92 3.10 -19.27
N LEU B 66 -57.64 4.39 -19.06
CA LEU B 66 -58.36 5.16 -18.06
C LEU B 66 -59.84 5.29 -18.43
N GLN B 67 -60.13 5.56 -19.71
CA GLN B 67 -61.52 5.66 -20.15
C GLN B 67 -62.24 4.32 -20.01
N GLU B 68 -61.55 3.22 -20.33
CA GLU B 68 -62.17 1.90 -20.21
C GLU B 68 -62.42 1.55 -18.75
N MET B 69 -61.52 1.95 -17.85
CA MET B 69 -61.71 1.68 -16.44
C MET B 69 -62.83 2.53 -15.86
N LEU B 70 -62.93 3.79 -16.29
CA LEU B 70 -63.99 4.66 -15.79
C LEU B 70 -65.35 4.26 -16.33
N ALA B 71 -65.40 3.73 -17.57
CA ALA B 71 -66.67 3.31 -18.14
C ALA B 71 -67.22 2.07 -17.44
N ASN B 72 -66.33 1.22 -16.91
CA ASN B 72 -66.76 0.01 -16.23
C ASN B 72 -66.97 0.26 -14.74
N GLY B 73 -49.12 -1.52 -8.77
CA GLY B 73 -47.69 -1.70 -8.67
C GLY B 73 -46.91 -0.47 -9.07
N HIS B 74 -45.62 -0.44 -8.69
CA HIS B 74 -44.78 0.70 -9.02
C HIS B 74 -44.37 0.65 -10.49
N ARG B 75 -44.47 1.79 -11.16
CA ARG B 75 -44.11 1.89 -12.56
C ARG B 75 -43.73 3.33 -12.88
N THR B 76 -42.91 3.50 -13.91
CA THR B 76 -42.48 4.83 -14.32
C THR B 76 -43.61 5.56 -15.03
N LEU B 77 -43.66 6.87 -14.83
CA LEU B 77 -44.68 7.72 -15.45
C LEU B 77 -44.14 8.29 -16.76
N LEU B 78 -44.80 7.95 -17.86
CA LEU B 78 -44.41 8.40 -19.18
C LEU B 78 -45.41 9.44 -19.69
N TYR B 79 -45.01 10.15 -20.74
CA TYR B 79 -45.87 11.15 -21.34
C TYR B 79 -47.07 10.50 -22.02
N GLY B 80 -48.16 11.24 -22.10
CA GLY B 80 -49.40 10.75 -22.67
C GLY B 80 -50.28 9.98 -21.71
N HIS B 81 -49.77 9.63 -20.53
CA HIS B 81 -50.54 8.91 -19.52
C HIS B 81 -51.03 9.89 -18.46
N ALA B 82 -52.31 9.78 -18.11
CA ALA B 82 -52.89 10.69 -17.12
C ALA B 82 -52.37 10.35 -15.73
N ILE B 83 -52.00 11.39 -14.98
CA ILE B 83 -51.45 11.23 -13.64
C ILE B 83 -52.47 11.73 -12.63
N LEU B 84 -52.39 11.18 -11.41
CA LEU B 84 -53.30 11.53 -10.34
C LEU B 84 -52.73 12.69 -9.53
N LEU B 85 -53.61 13.59 -9.09
CA LEU B 85 -53.24 14.75 -8.30
C LEU B 85 -54.12 14.80 -7.06
N ARG B 86 -53.50 14.68 -5.89
CA ARG B 86 -54.25 14.67 -4.64
C ARG B 86 -53.44 15.40 -3.57
N HIS B 87 -54.15 15.84 -2.54
CA HIS B 87 -53.53 16.51 -1.40
C HIS B 87 -53.17 15.49 -0.33
N ALA B 88 -51.92 15.56 0.16
CA ALA B 88 -51.47 14.60 1.16
C ALA B 88 -52.01 14.93 2.54
N HIS B 89 -52.11 16.22 2.87
CA HIS B 89 -52.58 16.61 4.20
C HIS B 89 -54.08 16.38 4.34
N SER B 90 -54.86 16.96 3.44
CA SER B 90 -56.32 16.83 3.54
C SER B 90 -56.78 15.43 3.16
N GLY B 91 -56.17 14.84 2.13
CA GLY B 91 -56.55 13.53 1.66
C GLY B 91 -57.54 13.52 0.52
N MET B 92 -58.08 14.66 0.13
CA MET B 92 -59.01 14.74 -0.97
C MET B 92 -58.29 14.71 -2.31
N TYR B 93 -59.06 14.57 -3.38
CA TYR B 93 -58.52 14.53 -4.74
C TYR B 93 -58.76 15.87 -5.42
N LEU B 94 -57.70 16.45 -5.98
CA LEU B 94 -57.81 17.72 -6.68
C LEU B 94 -58.34 17.51 -8.08
N SER B 95 -59.39 18.26 -8.44
CA SER B 95 -60.00 18.15 -9.74
C SER B 95 -60.59 19.50 -10.14
N CYS B 96 -60.97 19.61 -11.40
CA CYS B 96 -61.54 20.84 -11.92
C CYS B 96 -62.98 21.01 -11.44
N LEU B 97 -63.31 22.20 -10.97
CA LEU B 97 -64.66 22.48 -10.49
C LEU B 97 -65.60 22.72 -11.66
N THR B 98 -66.90 22.54 -11.39
CA THR B 98 -67.91 22.73 -12.43
C THR B 98 -68.20 24.20 -12.68
N THR B 99 -68.38 24.98 -11.61
CA THR B 99 -68.70 26.39 -11.71
C THR B 99 -67.64 27.23 -11.02
N SER B 100 -67.16 28.26 -11.70
CA SER B 100 -66.15 29.17 -11.18
C SER B 100 -66.71 30.59 -11.14
N ARG B 101 -66.42 31.30 -10.06
CA ARG B 101 -66.87 32.68 -9.89
C ARG B 101 -65.75 33.64 -10.32
N SER B 102 -65.50 33.65 -11.62
CA SER B 102 -64.48 34.49 -12.23
C SER B 102 -65.12 35.60 -13.03
N MET B 103 -64.52 36.79 -12.98
CA MET B 103 -65.04 37.95 -13.68
C MET B 103 -64.44 38.04 -15.08
N THR B 104 -65.26 38.47 -16.04
CA THR B 104 -64.86 38.62 -17.44
C THR B 104 -64.28 37.31 -18.01
N ASP B 105 -64.79 36.18 -17.53
CA ASP B 105 -64.32 34.87 -17.93
C ASP B 105 -65.41 34.17 -18.73
N LYS B 106 -65.09 33.79 -19.97
CA LYS B 106 -66.06 33.11 -20.82
C LYS B 106 -66.16 31.63 -20.46
N LEU B 107 -65.04 30.91 -20.56
CA LEU B 107 -64.99 29.48 -20.30
C LEU B 107 -63.81 29.15 -19.38
N ALA B 108 -63.66 29.94 -18.32
CA ALA B 108 -62.62 29.72 -17.32
C ALA B 108 -63.22 29.08 -16.08
N PHE B 109 -62.83 27.84 -15.82
CA PHE B 109 -63.29 27.09 -14.66
C PHE B 109 -62.24 27.15 -13.56
N ASP B 110 -62.54 26.49 -12.44
CA ASP B 110 -61.66 26.46 -11.28
C ASP B 110 -61.26 25.02 -10.96
N VAL B 111 -60.20 24.89 -10.17
CA VAL B 111 -59.70 23.60 -9.73
C VAL B 111 -59.65 23.60 -8.20
N GLY B 112 -60.09 22.50 -7.59
CA GLY B 112 -60.11 22.41 -6.15
C GLY B 112 -60.13 20.97 -5.70
N LEU B 113 -59.63 20.73 -4.49
CA LEU B 113 -59.60 19.39 -3.92
C LEU B 113 -60.99 18.97 -3.48
N GLN B 114 -61.42 17.80 -3.91
CA GLN B 114 -62.73 17.27 -3.57
C GLN B 114 -62.59 15.81 -3.15
N GLU B 115 -63.53 15.35 -2.32
CA GLU B 115 -63.56 13.98 -1.84
C GLU B 115 -64.51 13.10 -2.65
N ASP B 116 -64.74 13.44 -3.92
CA ASP B 116 -65.65 12.65 -4.74
C ASP B 116 -65.04 11.30 -5.10
N ALA B 117 -63.79 11.31 -5.59
CA ALA B 117 -63.08 10.10 -5.99
C ALA B 117 -63.87 9.31 -7.03
N THR B 118 -64.35 10.02 -8.04
CA THR B 118 -65.14 9.45 -9.13
C THR B 118 -64.37 9.55 -10.44
N GLY B 119 -64.98 9.02 -11.51
CA GLY B 119 -64.34 9.02 -12.81
C GLY B 119 -64.35 10.36 -13.51
N GLU B 120 -65.17 11.30 -13.04
CA GLU B 120 -65.26 12.63 -13.66
C GLU B 120 -63.98 13.40 -13.37
N ALA B 121 -63.10 13.49 -14.37
CA ALA B 121 -61.82 14.19 -14.24
C ALA B 121 -61.01 13.66 -13.07
N CYS B 122 -60.84 12.34 -13.03
CA CYS B 122 -60.11 11.72 -11.94
C CYS B 122 -58.61 12.01 -12.03
N TRP B 123 -58.04 11.91 -13.22
CA TRP B 123 -56.61 12.11 -13.44
C TRP B 123 -56.40 13.17 -14.50
N TRP B 124 -55.37 14.00 -14.29
CA TRP B 124 -55.02 15.06 -15.22
C TRP B 124 -53.92 14.56 -16.15
N THR B 125 -54.20 14.58 -17.46
CA THR B 125 -53.21 14.15 -18.44
C THR B 125 -52.23 15.27 -18.75
N THR B 126 -51.02 14.89 -19.15
CA THR B 126 -49.96 15.83 -19.47
C THR B 126 -49.40 15.53 -20.84
N HIS B 127 -49.09 16.58 -21.59
CA HIS B 127 -48.52 16.45 -22.93
C HIS B 127 -47.16 17.14 -22.98
N PRO B 128 -46.20 16.58 -23.72
CA PRO B 128 -44.86 17.20 -23.81
C PRO B 128 -44.92 18.50 -24.61
N ALA B 129 -44.49 19.60 -23.97
CA ALA B 129 -44.49 20.89 -24.64
C ALA B 129 -43.31 21.04 -25.59
N SER B 130 -42.16 20.48 -25.24
CA SER B 130 -40.98 20.57 -26.08
C SER B 130 -41.11 19.66 -27.29
N LYS B 131 -40.67 20.14 -28.44
CA LYS B 131 -40.74 19.36 -29.67
C LYS B 131 -39.73 18.21 -29.68
N GLN B 132 -38.72 18.26 -28.82
CA GLN B 132 -37.72 17.19 -28.78
C GLN B 132 -38.33 15.90 -28.24
N ARG B 133 -39.16 15.99 -27.21
CA ARG B 133 -39.78 14.80 -26.64
C ARG B 133 -40.85 14.26 -27.57
N SER B 134 -41.09 12.95 -27.47
CA SER B 134 -42.08 12.27 -28.29
C SER B 134 -43.08 11.54 -27.38
N GLU B 135 -44.21 11.17 -27.97
CA GLU B 135 -45.24 10.46 -27.23
C GLU B 135 -44.79 9.04 -26.92
N GLY B 136 -45.29 8.51 -25.80
CA GLY B 136 -44.94 7.17 -25.39
C GLY B 136 -43.58 7.02 -24.75
N GLU B 137 -42.89 8.14 -24.46
CA GLU B 137 -41.58 8.12 -23.85
C GLU B 137 -41.66 8.55 -22.40
N LYS B 138 -40.70 8.09 -21.61
CA LYS B 138 -40.67 8.42 -20.20
C LYS B 138 -40.40 9.92 -20.00
N VAL B 139 -41.12 10.51 -19.05
CA VAL B 139 -40.96 11.93 -18.75
C VAL B 139 -39.73 12.13 -17.88
N ARG B 140 -38.99 13.20 -18.16
CA ARG B 140 -37.79 13.51 -17.39
C ARG B 140 -38.16 14.28 -16.13
N VAL B 141 -37.14 14.63 -15.34
CA VAL B 141 -37.32 15.39 -14.11
C VAL B 141 -36.95 16.84 -14.37
N GLY B 142 -37.69 17.76 -13.76
CA GLY B 142 -37.44 19.18 -13.94
C GLY B 142 -37.86 19.74 -15.28
N ASP B 143 -38.50 18.95 -16.13
CA ASP B 143 -38.91 19.42 -17.45
C ASP B 143 -40.26 20.13 -17.38
N ASP B 144 -40.55 20.89 -18.42
CA ASP B 144 -41.82 21.62 -18.50
C ASP B 144 -42.93 20.69 -18.96
N LEU B 145 -44.13 20.92 -18.44
CA LEU B 145 -45.29 20.12 -18.78
C LEU B 145 -46.55 20.95 -18.61
N ILE B 146 -47.61 20.54 -19.32
CA ILE B 146 -48.89 21.22 -19.27
C ILE B 146 -49.91 20.30 -18.65
N LEU B 147 -50.93 20.90 -18.04
CA LEU B 147 -52.03 20.17 -17.39
C LEU B 147 -53.26 20.29 -18.26
N VAL B 148 -53.77 19.14 -18.73
CA VAL B 148 -54.95 19.10 -19.60
C VAL B 148 -56.06 18.36 -18.86
N SER B 149 -57.25 18.96 -18.84
CA SER B 149 -58.40 18.35 -18.19
C SER B 149 -59.05 17.32 -19.09
N VAL B 150 -59.82 16.43 -18.47
CA VAL B 150 -60.53 15.38 -19.18
C VAL B 150 -62.03 15.67 -19.27
N SER B 151 -62.63 16.13 -18.17
CA SER B 151 -64.05 16.43 -18.18
C SER B 151 -64.34 17.75 -18.89
N SER B 152 -63.51 18.77 -18.64
CA SER B 152 -63.69 20.07 -19.25
C SER B 152 -62.75 20.32 -20.43
N GLU B 153 -61.68 19.54 -20.56
CA GLU B 153 -60.71 19.70 -21.64
C GLU B 153 -60.10 21.10 -21.64
N ARG B 154 -59.72 21.56 -20.45
CA ARG B 154 -59.12 22.88 -20.28
C ARG B 154 -57.66 22.74 -19.87
N TYR B 155 -56.94 23.85 -19.94
CA TYR B 155 -55.53 23.92 -19.58
C TYR B 155 -55.35 24.73 -18.30
N LEU B 156 -54.30 24.40 -17.55
CA LEU B 156 -53.98 25.11 -16.32
C LEU B 156 -53.40 26.48 -16.69
N HIS B 157 -54.21 27.53 -16.53
CA HIS B 157 -53.81 28.88 -16.87
C HIS B 157 -53.74 29.73 -15.61
N LEU B 158 -52.82 30.69 -15.61
CA LEU B 158 -52.61 31.61 -14.50
C LEU B 158 -53.07 32.99 -14.95
N SER B 159 -54.37 33.26 -14.77
CA SER B 159 -54.95 34.53 -15.16
C SER B 159 -54.92 35.48 -13.98
N THR B 160 -54.32 36.66 -14.17
CA THR B 160 -54.18 37.67 -13.13
C THR B 160 -54.67 39.00 -13.71
N ALA B 161 -55.97 39.26 -13.58
CA ALA B 161 -56.52 40.53 -14.05
C ALA B 161 -56.18 41.67 -13.09
N SER B 162 -56.30 41.43 -11.79
CA SER B 162 -55.96 42.42 -10.78
C SER B 162 -54.50 42.24 -10.37
N GLY B 163 -54.10 42.91 -9.29
CA GLY B 163 -52.73 42.77 -8.81
C GLY B 163 -52.40 41.37 -8.33
N GLU B 164 -53.39 40.65 -7.81
CA GLU B 164 -53.19 39.28 -7.35
C GLU B 164 -53.37 38.31 -8.51
N LEU B 165 -52.92 37.08 -8.29
CA LEU B 165 -53.00 36.02 -9.28
C LEU B 165 -53.87 34.88 -8.76
N GLN B 166 -54.62 34.26 -9.66
CA GLN B 166 -55.50 33.15 -9.32
C GLN B 166 -55.47 32.13 -10.44
N VAL B 167 -55.18 30.87 -10.08
CA VAL B 167 -55.12 29.80 -11.07
C VAL B 167 -56.54 29.39 -11.45
N ASP B 168 -56.81 29.36 -12.75
CA ASP B 168 -58.12 28.98 -13.25
C ASP B 168 -57.95 28.22 -14.56
N ALA B 169 -58.70 27.14 -14.70
CA ALA B 169 -58.60 26.32 -15.90
C ALA B 169 -59.23 27.04 -17.09
N SER B 170 -58.41 27.31 -18.11
CA SER B 170 -58.87 28.00 -19.31
C SER B 170 -58.18 27.37 -20.52
N PHE B 171 -58.57 27.83 -21.71
CA PHE B 171 -58.00 27.28 -22.93
C PHE B 171 -56.66 27.91 -23.30
N MET B 172 -56.29 29.01 -22.66
CA MET B 172 -54.98 29.61 -22.88
C MET B 172 -53.91 28.75 -22.23
N GLN B 173 -53.11 28.07 -23.05
CA GLN B 173 -52.10 27.15 -22.54
C GLN B 173 -51.02 27.91 -21.78
N THR B 174 -50.51 27.26 -20.73
CA THR B 174 -49.45 27.83 -19.91
C THR B 174 -48.54 26.71 -19.43
N LEU B 175 -47.23 26.90 -19.60
CA LEU B 175 -46.27 25.88 -19.18
C LEU B 175 -46.17 25.82 -17.66
N TRP B 176 -45.75 24.66 -17.16
CA TRP B 176 -45.57 24.44 -15.74
C TRP B 176 -44.33 23.59 -15.51
N ASN B 177 -43.63 23.87 -14.41
CA ASN B 177 -42.42 23.15 -14.05
C ASN B 177 -42.76 22.01 -13.09
N MET B 178 -42.31 20.80 -13.43
CA MET B 178 -42.60 19.61 -12.65
C MET B 178 -41.30 19.09 -12.05
N ASN B 179 -41.22 19.09 -10.72
CA ASN B 179 -40.03 18.62 -10.02
C ASN B 179 -40.42 17.78 -8.80
N PRO B 180 -39.98 16.53 -8.73
CA PRO B 180 -40.31 15.70 -7.57
C PRO B 180 -39.47 16.06 -6.35
N ILE B 181 -40.02 15.76 -5.18
CA ILE B 181 -39.36 16.05 -3.92
C ILE B 181 -38.94 14.79 -3.16
N CYS B 182 -39.71 13.71 -3.24
CA CYS B 182 -39.41 12.48 -2.50
C CYS B 182 -39.75 11.29 -3.39
N SER B 183 -38.74 10.74 -4.07
CA SER B 183 -38.95 9.58 -4.92
C SER B 183 -38.95 8.29 -4.10
N GLY B 184 -37.88 8.06 -3.33
CA GLY B 184 -37.80 6.87 -2.51
C GLY B 184 -37.58 7.18 -1.04
N CYS B 185 -38.49 6.72 -0.19
CA CYS B 185 -38.42 6.97 1.25
C CYS B 185 -37.68 5.80 1.91
N GLU B 186 -36.50 6.07 2.44
CA GLU B 186 -35.72 5.03 3.10
C GLU B 186 -36.32 4.71 4.47
N GLU B 187 -36.66 3.44 4.68
CA GLU B 187 -37.26 3.04 5.94
C GLU B 187 -36.21 3.03 7.05
N GLY B 188 -36.60 3.58 8.21
CA GLY B 188 -35.72 3.63 9.35
C GLY B 188 -34.81 4.84 9.41
N TYR B 189 -35.14 5.92 8.71
CA TYR B 189 -34.34 7.13 8.71
C TYR B 189 -35.25 8.34 8.73
N VAL B 190 -34.81 9.39 9.41
CA VAL B 190 -35.58 10.63 9.52
C VAL B 190 -35.43 11.42 8.23
N THR B 191 -36.53 11.98 7.75
CA THR B 191 -36.56 12.74 6.50
C THR B 191 -37.15 14.12 6.76
N GLY B 192 -36.56 15.13 6.14
CA GLY B 192 -37.02 16.49 6.32
C GLY B 192 -38.45 16.66 5.86
N GLY B 193 -39.19 17.53 6.56
CA GLY B 193 -40.59 17.74 6.31
C GLY B 193 -41.52 16.80 7.07
N HIS B 194 -41.00 15.69 7.57
CA HIS B 194 -41.81 14.76 8.34
C HIS B 194 -41.85 15.18 9.81
N VAL B 195 -43.02 15.04 10.42
CA VAL B 195 -43.23 15.41 11.81
C VAL B 195 -42.70 14.30 12.71
N LEU B 196 -42.19 14.68 13.88
CA LEU B 196 -41.64 13.73 14.83
C LEU B 196 -41.56 14.39 16.19
N ARG B 197 -41.38 13.57 17.22
CA ARG B 197 -41.24 14.05 18.59
C ARG B 197 -39.78 13.92 19.03
N LEU B 198 -39.25 14.97 19.64
CA LEU B 198 -37.87 15.02 20.08
C LEU B 198 -37.86 14.86 21.60
N PHE B 199 -37.63 13.63 22.07
CA PHE B 199 -37.57 13.36 23.49
C PHE B 199 -36.27 13.88 24.08
N HIS B 200 -36.25 14.01 25.40
CA HIS B 200 -35.08 14.51 26.12
C HIS B 200 -34.13 13.37 26.51
N GLY B 201 -33.74 12.57 25.53
CA GLY B 201 -32.83 11.46 25.80
C GLY B 201 -33.52 10.38 26.60
N HIS B 202 -32.89 9.97 27.70
CA HIS B 202 -33.46 8.93 28.54
C HIS B 202 -34.61 9.47 29.40
N MET B 203 -34.58 10.76 29.73
CA MET B 203 -35.64 11.35 30.54
C MET B 203 -36.95 11.43 29.75
N ASP B 204 -38.06 11.16 30.44
CA ASP B 204 -39.38 11.19 29.82
C ASP B 204 -39.86 12.64 29.74
N GLU B 205 -39.31 13.36 28.76
CA GLU B 205 -39.66 14.75 28.55
C GLU B 205 -39.35 15.11 27.10
N CYS B 206 -39.94 16.22 26.66
CA CYS B 206 -39.73 16.70 25.29
C CYS B 206 -39.89 18.21 25.26
N LEU B 207 -39.19 18.84 24.32
CA LEU B 207 -39.24 20.29 24.16
C LEU B 207 -40.61 20.69 23.61
N THR B 208 -41.46 21.25 24.47
CA THR B 208 -42.81 21.64 24.09
C THR B 208 -43.10 23.04 24.62
N ILE B 209 -44.21 23.61 24.15
CA ILE B 209 -44.64 24.93 24.58
C ILE B 209 -45.33 24.80 25.92
N SER B 210 -45.57 25.93 26.58
CA SER B 210 -46.26 25.93 27.86
C SER B 210 -47.72 25.56 27.66
N PRO B 211 -48.20 24.44 28.23
CA PRO B 211 -49.61 24.04 28.05
C PRO B 211 -50.57 24.86 28.91
N ALA B 212 -50.74 26.13 28.52
CA ALA B 212 -51.60 27.05 29.24
C ALA B 212 -52.67 27.60 28.30
N ASP B 213 -53.72 28.17 28.89
CA ASP B 213 -54.82 28.74 28.12
C ASP B 213 -54.49 30.19 27.76
N SER B 214 -53.50 30.33 26.88
CA SER B 214 -53.02 31.62 26.39
C SER B 214 -52.58 32.53 27.54
N ASP B 215 -52.03 31.93 28.60
CA ASP B 215 -51.56 32.72 29.74
C ASP B 215 -50.21 33.37 29.44
N ASP B 216 -49.29 32.63 28.83
CA ASP B 216 -47.98 33.16 28.48
C ASP B 216 -47.76 33.20 26.97
N GLN B 217 -48.80 32.95 26.18
CA GLN B 217 -48.74 32.98 24.72
C GLN B 217 -47.75 31.97 24.14
N ARG B 218 -47.31 31.01 24.95
CA ARG B 218 -46.36 29.96 24.52
C ARG B 218 -45.09 30.56 23.94
N ARG B 219 -44.61 31.66 24.56
CA ARG B 219 -43.42 32.32 24.06
C ARG B 219 -42.15 31.60 24.48
N LEU B 220 -42.14 30.97 25.66
CA LEU B 220 -40.98 30.27 26.18
C LEU B 220 -41.20 28.76 26.04
N VAL B 221 -40.22 28.07 25.49
CA VAL B 221 -40.28 26.63 25.29
C VAL B 221 -39.78 25.94 26.55
N TYR B 222 -40.50 24.92 27.00
CA TYR B 222 -40.12 24.18 28.21
C TYR B 222 -40.05 22.69 27.91
N TYR B 223 -39.85 21.89 28.95
CA TYR B 223 -39.74 20.43 28.84
C TYR B 223 -40.67 19.81 29.88
N GLU B 224 -41.91 19.57 29.51
CA GLU B 224 -42.87 18.97 30.42
C GLU B 224 -42.64 17.47 30.55
N GLY B 225 -42.96 16.94 31.73
CA GLY B 225 -42.77 15.52 32.00
C GLY B 225 -43.82 14.65 31.33
N GLY B 226 -45.09 14.85 31.70
CA GLY B 226 -46.17 14.06 31.15
C GLY B 226 -47.38 14.88 30.77
N SER B 227 -47.29 16.20 30.96
CA SER B 227 -48.41 17.08 30.63
C SER B 227 -48.62 17.17 29.12
N VAL B 228 -47.53 17.22 28.36
CA VAL B 228 -47.62 17.31 26.90
C VAL B 228 -47.03 16.05 26.28
N CYS B 229 -47.09 14.93 27.01
CA CYS B 229 -46.57 13.68 26.50
C CYS B 229 -47.41 13.15 25.35
N THR B 230 -48.74 13.29 25.45
CA THR B 230 -49.65 12.82 24.41
C THR B 230 -50.43 13.95 23.75
N HIS B 231 -50.27 15.19 24.21
CA HIS B 231 -50.99 16.31 23.62
C HIS B 231 -50.42 16.64 22.24
N ALA B 232 -51.16 17.49 21.51
CA ALA B 232 -50.74 17.89 20.17
C ALA B 232 -49.55 18.83 20.18
N ARG B 233 -49.19 19.39 21.33
CA ARG B 233 -48.05 20.29 21.40
C ARG B 233 -46.72 19.57 21.25
N SER B 234 -46.70 18.24 21.41
CA SER B 234 -45.46 17.49 21.26
C SER B 234 -44.99 17.42 19.82
N LEU B 235 -45.90 17.56 18.85
CA LEU B 235 -45.52 17.51 17.45
C LEU B 235 -44.74 18.75 17.06
N TRP B 236 -43.71 18.56 16.24
CA TRP B 236 -42.85 19.64 15.78
C TRP B 236 -42.70 19.58 14.27
N ARG B 237 -42.29 20.70 13.68
CA ARG B 237 -42.11 20.81 12.25
C ARG B 237 -40.67 21.20 11.94
N LEU B 238 -40.13 20.63 10.86
CA LEU B 238 -38.77 20.91 10.44
C LEU B 238 -38.70 20.82 8.92
N GLU B 239 -38.07 21.81 8.29
CA GLU B 239 -37.95 21.86 6.85
C GLU B 239 -36.49 21.98 6.45
N PRO B 240 -36.09 21.37 5.33
CA PRO B 240 -34.69 21.45 4.90
C PRO B 240 -34.31 22.84 4.42
N LEU B 241 -33.03 23.04 4.10
CA LEU B 241 -32.56 24.34 3.65
C LEU B 241 -33.11 24.67 2.26
N ARG B 242 -33.01 23.73 1.33
CA ARG B 242 -33.50 23.96 -0.02
C ARG B 242 -35.02 23.97 -0.04
N ILE B 243 -35.59 24.87 -0.86
CA ILE B 243 -37.03 24.96 -0.97
C ILE B 243 -37.59 23.72 -1.67
N SER B 244 -36.82 23.13 -2.59
CA SER B 244 -37.23 21.93 -3.29
C SER B 244 -36.52 20.71 -2.72
N TRP B 245 -36.98 19.53 -3.14
CA TRP B 245 -36.43 18.25 -2.70
C TRP B 245 -36.45 18.13 -1.17
N SER B 246 -37.63 18.34 -0.60
CA SER B 246 -37.78 18.24 0.86
C SER B 246 -37.68 16.80 1.34
N GLY B 247 -37.96 15.82 0.48
CA GLY B 247 -37.87 14.43 0.85
C GLY B 247 -36.47 13.87 0.95
N SER B 248 -35.45 14.70 0.75
CA SER B 248 -34.07 14.23 0.86
C SER B 248 -33.70 13.96 2.31
N HIS B 249 -32.72 13.09 2.51
CA HIS B 249 -32.29 12.73 3.85
C HIS B 249 -31.55 13.90 4.49
N LEU B 250 -31.83 14.13 5.77
CA LEU B 250 -31.19 15.21 6.51
C LEU B 250 -29.73 14.87 6.78
N ARG B 251 -28.87 15.89 6.71
CA ARG B 251 -27.44 15.74 6.94
C ARG B 251 -26.99 16.74 8.00
N TRP B 252 -25.78 16.53 8.50
CA TRP B 252 -25.21 17.40 9.52
C TRP B 252 -24.76 18.71 8.87
N GLY B 253 -25.25 19.83 9.41
CA GLY B 253 -24.89 21.13 8.91
C GLY B 253 -25.92 21.81 8.05
N GLN B 254 -27.21 21.50 8.21
CA GLN B 254 -28.27 22.12 7.44
C GLN B 254 -29.32 22.72 8.36
N PRO B 255 -29.79 23.94 8.08
CA PRO B 255 -30.81 24.55 8.93
C PRO B 255 -32.12 23.77 8.85
N LEU B 256 -32.74 23.58 10.02
CA LEU B 256 -33.96 22.79 10.12
C LEU B 256 -35.23 23.63 9.93
N ARG B 257 -35.10 24.95 9.85
CA ARG B 257 -36.25 25.86 9.70
C ARG B 257 -37.29 25.59 10.78
N ILE B 258 -36.88 25.85 12.03
CA ILE B 258 -37.73 25.55 13.17
C ILE B 258 -39.00 26.38 13.12
N ARG B 259 -40.15 25.70 13.10
CA ARG B 259 -41.45 26.36 13.10
C ARG B 259 -42.37 25.59 14.03
N HIS B 260 -43.61 26.05 14.14
CA HIS B 260 -44.62 25.39 14.94
C HIS B 260 -45.87 25.16 14.11
N VAL B 261 -46.63 24.13 14.47
CA VAL B 261 -47.80 23.72 13.71
C VAL B 261 -49.10 24.15 14.38
N THR B 262 -49.12 24.26 15.70
CA THR B 262 -50.34 24.65 16.39
C THR B 262 -50.48 26.16 16.47
N THR B 263 -49.48 26.83 17.08
CA THR B 263 -49.52 28.29 17.16
C THR B 263 -49.16 28.92 15.82
N GLY B 264 -48.13 28.42 15.15
CA GLY B 264 -47.70 28.93 13.87
C GLY B 264 -46.47 29.81 13.89
N ARG B 265 -45.92 30.09 15.06
CA ARG B 265 -44.73 30.92 15.16
C ARG B 265 -43.47 30.08 14.93
N TYR B 266 -42.36 30.78 14.72
CA TYR B 266 -41.10 30.10 14.42
C TYR B 266 -40.43 29.56 15.68
N LEU B 267 -40.54 30.29 16.80
CA LEU B 267 -39.89 29.91 18.05
C LEU B 267 -38.38 29.75 17.88
N ALA B 268 -37.79 30.62 17.05
CA ALA B 268 -36.37 30.56 16.75
C ALA B 268 -35.60 31.46 17.72
N LEU B 269 -34.31 31.68 17.43
CA LEU B 269 -33.50 32.56 18.27
C LEU B 269 -33.88 34.01 18.03
N ILE B 270 -33.81 34.80 19.09
CA ILE B 270 -34.15 36.22 19.06
C ILE B 270 -33.20 36.97 19.99
N GLU B 271 -33.37 38.30 20.05
CA GLU B 271 -32.53 39.11 20.92
C GLU B 271 -32.87 38.92 22.40
N ASP B 272 -34.04 38.36 22.71
CA ASP B 272 -34.46 38.14 24.09
C ASP B 272 -33.91 36.80 24.59
N GLN B 273 -32.60 36.77 24.78
CA GLN B 273 -31.88 35.58 25.28
C GLN B 273 -32.13 34.38 24.37
N GLY B 274 -31.98 34.58 23.07
CA GLY B 274 -32.18 33.49 22.12
C GLY B 274 -33.64 33.13 22.02
N LEU B 275 -33.95 31.86 22.24
CA LEU B 275 -35.33 31.37 22.17
C LEU B 275 -36.03 31.52 23.51
N VAL B 276 -40.22 34.93 21.58
CA VAL B 276 -40.86 34.20 20.49
C VAL B 276 -40.59 34.91 19.17
N VAL B 277 -40.50 34.13 18.09
CA VAL B 277 -40.26 34.65 16.75
C VAL B 277 -41.40 34.18 15.85
N ASP B 278 -41.93 35.10 15.05
CA ASP B 278 -43.01 34.80 14.12
C ASP B 278 -42.43 34.34 12.79
N ALA B 279 -43.23 33.53 12.07
CA ALA B 279 -42.78 33.02 10.78
C ALA B 279 -42.70 34.13 9.73
N SER B 280 -43.53 35.16 9.87
CA SER B 280 -43.52 36.25 8.90
C SER B 280 -42.28 37.13 9.07
N LYS B 281 -41.83 37.32 10.30
CA LYS B 281 -40.67 38.15 10.60
C LYS B 281 -39.45 37.32 10.99
N ALA B 282 -39.42 36.05 10.61
CA ALA B 282 -38.29 35.20 10.94
C ALA B 282 -37.07 35.55 10.09
N HIS B 283 -35.89 35.48 10.71
CA HIS B 283 -34.64 35.74 10.02
C HIS B 283 -33.99 34.44 9.57
N THR B 284 -33.12 34.54 8.56
CA THR B 284 -32.48 33.36 8.01
C THR B 284 -31.51 32.74 9.03
N LYS B 285 -30.64 33.55 9.62
CA LYS B 285 -29.68 33.05 10.59
C LYS B 285 -30.33 32.74 11.94
N ALA B 286 -31.53 33.26 12.19
CA ALA B 286 -32.17 33.02 13.48
C ALA B 286 -32.70 31.60 13.58
N THR B 287 -33.40 31.13 12.54
CA THR B 287 -33.98 29.79 12.53
C THR B 287 -33.00 28.72 12.07
N SER B 288 -31.73 29.07 11.89
CA SER B 288 -30.73 28.10 11.45
C SER B 288 -30.41 27.13 12.60
N PHE B 289 -30.74 25.86 12.40
CA PHE B 289 -30.47 24.84 13.41
C PHE B 289 -30.15 23.53 12.70
N CYS B 290 -29.01 22.94 13.04
CA CYS B 290 -28.55 21.71 12.41
C CYS B 290 -28.27 20.66 13.49
N PHE B 291 -28.04 19.44 13.04
CA PHE B 291 -27.77 18.32 13.93
C PHE B 291 -26.26 18.09 13.99
N ARG B 292 -25.76 17.85 15.20
CA ARG B 292 -24.34 17.65 15.43
C ARG B 292 -24.06 16.22 15.87
N ILE B 293 -22.78 15.83 15.77
CA ILE B 293 -22.37 14.50 16.20
C ILE B 293 -22.45 14.39 17.72
N SER B 294 -21.81 15.31 18.43
CA SER B 294 -21.81 15.33 19.88
C SER B 294 -21.70 16.78 20.34
N LYS B 295 -21.38 16.97 21.62
CA LYS B 295 -21.23 18.31 22.19
C LYS B 295 -19.84 18.87 21.89
N GLU B 296 -19.57 19.03 20.59
CA GLU B 296 -18.29 19.56 20.14
C GLU B 296 -18.46 20.08 18.72
N LYS B 297 -17.46 20.82 18.26
CA LYS B 297 -17.46 21.40 16.93
C LYS B 297 -16.25 20.90 16.14
N LEU B 298 -16.40 20.88 14.82
CA LEU B 298 -15.32 20.43 13.95
C LEU B 298 -14.34 21.56 13.63
N LYS B 299 -23.42 16.77 2.10
CA LYS B 299 -24.01 15.45 1.93
C LYS B 299 -25.43 15.55 1.37
N ARG B 300 -26.21 16.49 1.91
CA ARG B 300 -27.58 16.71 1.46
C ARG B 300 -27.69 17.67 0.29
N ASP B 301 -26.56 18.24 -0.16
CA ASP B 301 -26.61 19.19 -1.27
C ASP B 301 -26.91 18.50 -2.59
N VAL B 302 -26.56 17.22 -2.72
CA VAL B 302 -26.82 16.49 -3.96
C VAL B 302 -28.30 16.17 -4.06
N GLU B 303 -28.86 16.33 -5.26
CA GLU B 303 -30.27 16.06 -5.48
C GLU B 303 -30.53 14.56 -5.45
N GLY B 304 -31.77 14.20 -5.13
CA GLY B 304 -32.16 12.81 -5.05
C GLY B 304 -31.77 12.15 -3.75
N MET B 305 -32.05 10.86 -3.67
CA MET B 305 -31.72 10.10 -2.47
C MET B 305 -30.21 9.90 -2.35
N GLY B 306 -29.71 10.02 -1.12
CA GLY B 306 -28.30 9.86 -0.86
C GLY B 306 -28.04 9.12 0.43
N PRO B 307 -26.80 9.17 0.90
CA PRO B 307 -26.44 8.48 2.16
C PRO B 307 -27.16 9.11 3.33
N PRO B 308 -27.98 8.34 4.05
CA PRO B 308 -28.70 8.91 5.19
C PRO B 308 -27.78 9.11 6.38
N GLU B 309 -27.95 10.24 7.06
CA GLU B 309 -27.16 10.58 8.24
C GLU B 309 -27.85 10.24 9.54
N ILE B 310 -29.11 10.63 9.69
CA ILE B 310 -29.87 10.37 10.90
C ILE B 310 -30.58 9.02 10.75
N LYS B 311 -30.49 8.19 11.78
CA LYS B 311 -31.10 6.86 11.76
C LYS B 311 -31.74 6.59 13.12
N TYR B 312 -32.67 5.64 13.13
CA TYR B 312 -33.34 5.26 14.36
C TYR B 312 -32.41 4.43 15.24
N GLY B 313 -32.59 4.56 16.55
CA GLY B 313 -31.74 3.84 17.49
C GLY B 313 -30.31 4.33 17.53
N GLU B 314 -30.08 5.60 17.24
CA GLU B 314 -28.73 6.17 17.24
C GLU B 314 -28.34 6.55 18.66
N SER B 315 -27.25 7.29 18.79
CA SER B 315 -26.74 7.72 20.09
C SER B 315 -27.53 8.89 20.68
N LEU B 316 -28.64 9.27 20.06
CA LEU B 316 -29.50 10.36 20.53
C LEU B 316 -28.70 11.67 20.64
N CYS B 317 -28.22 12.14 19.49
CA CYS B 317 -27.43 13.35 19.46
C CYS B 317 -28.29 14.57 19.73
N PHE B 318 -27.64 15.66 20.13
CA PHE B 318 -28.33 16.90 20.47
C PHE B 318 -28.38 17.82 19.24
N VAL B 319 -28.81 19.05 19.46
CA VAL B 319 -28.92 20.04 18.39
C VAL B 319 -27.79 21.06 18.56
N GLN B 320 -27.41 21.69 17.45
CA GLN B 320 -26.35 22.68 17.46
C GLN B 320 -26.66 23.78 16.46
N HIS B 321 -26.27 25.00 16.80
CA HIS B 321 -26.47 26.16 15.94
C HIS B 321 -25.26 26.32 15.02
N VAL B 322 -25.53 26.56 13.73
CA VAL B 322 -24.45 26.72 12.77
C VAL B 322 -23.99 28.17 12.71
N ALA B 323 -24.92 29.12 12.87
CA ALA B 323 -24.55 30.53 12.83
C ALA B 323 -23.97 30.99 14.16
N SER B 324 -24.64 30.67 15.27
CA SER B 324 -24.16 31.07 16.58
C SER B 324 -23.05 30.17 17.10
N GLY B 325 -22.99 28.92 16.64
CA GLY B 325 -21.96 28.00 17.09
C GLY B 325 -22.25 27.33 18.41
N LEU B 326 -23.43 27.50 18.97
CA LEU B 326 -23.80 26.92 20.25
C LEU B 326 -24.57 25.63 20.07
N TRP B 327 -24.34 24.69 20.97
CA TRP B 327 -25.02 23.40 20.95
C TRP B 327 -26.29 23.47 21.80
N LEU B 328 -26.90 22.32 22.07
CA LEU B 328 -28.10 22.28 22.89
C LEU B 328 -27.77 22.64 24.33
N THR B 329 -28.72 23.30 24.99
CA THR B 329 -28.55 23.77 26.36
C THR B 329 -29.52 23.04 27.27
N TYR B 330 -28.99 22.34 28.27
CA TYR B 330 -29.82 21.64 29.25
C TYR B 330 -30.00 22.51 30.49
N ALA B 331 -30.70 23.62 30.28
CA ALA B 331 -30.95 24.57 31.36
C ALA B 331 -32.05 24.05 32.29
N ALA B 332 -31.95 24.43 33.56
CA ALA B 332 -32.93 24.01 34.56
C ALA B 332 -33.15 25.10 35.59
N LEU B 333 -41.81 21.35 36.92
CA LEU B 333 -40.58 20.85 36.33
C LEU B 333 -40.30 21.55 35.00
N LYS B 334 -40.80 22.77 34.85
CA LYS B 334 -40.60 23.53 33.63
C LYS B 334 -39.15 23.99 33.55
N LYS B 335 -38.48 23.66 32.45
CA LYS B 335 -37.08 24.03 32.23
C LYS B 335 -37.01 24.92 31.00
N LYS B 336 -36.62 26.18 31.20
CA LYS B 336 -36.53 27.13 30.11
C LYS B 336 -35.38 26.76 29.18
N ALA B 337 -35.51 27.17 27.91
CA ALA B 337 -34.52 26.91 26.88
C ALA B 337 -33.90 28.24 26.47
N ILE B 338 -32.68 28.49 26.96
CA ILE B 338 -31.94 29.71 26.66
C ILE B 338 -30.59 29.33 26.07
N LEU B 339 -30.23 29.99 24.96
CA LEU B 339 -28.96 29.70 24.29
C LEU B 339 -27.79 30.13 25.19
N HIS B 340 -27.07 29.15 25.71
CA HIS B 340 -25.93 29.39 26.58
C HIS B 340 -24.66 28.86 25.93
N GLN B 341 -23.59 29.67 25.98
CA GLN B 341 -22.34 29.29 25.34
C GLN B 341 -21.59 28.22 26.13
N GLU B 342 -21.74 28.20 27.45
CA GLU B 342 -21.04 27.24 28.30
C GLU B 342 -21.97 26.14 28.79
N GLY B 343 -22.88 25.68 27.94
CA GLY B 343 -23.79 24.62 28.33
C GLY B 343 -23.09 23.29 28.52
N HIS B 344 -23.64 22.48 29.41
CA HIS B 344 -23.06 21.18 29.71
C HIS B 344 -23.29 20.21 28.53
N MET B 345 -22.47 19.17 28.50
CA MET B 345 -22.54 18.15 27.46
C MET B 345 -23.61 17.10 27.71
N ASP B 346 -24.51 17.33 28.68
CA ASP B 346 -25.58 16.40 29.00
C ASP B 346 -26.92 16.82 28.38
N ASP B 347 -26.88 17.65 27.34
CA ASP B 347 -28.09 18.13 26.67
C ASP B 347 -28.52 17.25 25.51
N ALA B 348 -28.17 15.97 25.53
CA ALA B 348 -28.54 15.07 24.45
C ALA B 348 -30.05 14.85 24.43
N LEU B 349 -30.61 14.80 23.22
CA LEU B 349 -32.04 14.64 23.03
C LEU B 349 -32.31 13.44 22.14
N SER B 350 -33.42 12.77 22.40
CA SER B 350 -33.81 11.60 21.63
C SER B 350 -34.75 12.02 20.49
N LEU B 351 -35.17 11.03 19.70
CA LEU B 351 -36.07 11.27 18.58
C LEU B 351 -37.11 10.15 18.51
N THR B 352 -38.28 10.50 18.01
CA THR B 352 -39.38 9.54 17.87
C THR B 352 -40.34 10.04 16.81
N ARG B 353 -40.57 9.25 15.78
CA ARG B 353 -41.46 9.63 14.70
C ARG B 353 -42.88 9.17 15.01
N CYS B 354 -43.84 10.09 14.91
CA CYS B 354 -45.23 9.79 15.17
C CYS B 354 -45.92 9.41 13.86
N GLN B 355 -47.24 9.30 13.88
CA GLN B 355 -48.03 8.91 12.72
C GLN B 355 -48.52 10.14 11.96
N GLN B 356 -48.90 9.92 10.70
CA GLN B 356 -49.41 10.99 9.87
C GLN B 356 -50.77 11.51 10.34
N GLU B 357 -51.52 10.67 11.07
CA GLU B 357 -52.81 11.12 11.60
C GLU B 357 -52.63 12.29 12.57
N GLU B 358 -51.57 12.25 13.38
CA GLU B 358 -51.32 13.35 14.31
C GLU B 358 -51.01 14.65 13.56
N SER B 359 -50.20 14.57 12.50
CA SER B 359 -49.90 15.76 11.72
C SER B 359 -51.13 16.30 11.01
N GLN B 360 -51.98 15.41 10.48
CA GLN B 360 -53.22 15.85 9.86
C GLN B 360 -54.13 16.54 10.86
N ALA B 361 -54.25 15.97 12.07
CA ALA B 361 -55.06 16.58 13.11
C ALA B 361 -54.50 17.93 13.52
N ALA B 362 -53.17 18.05 13.59
CA ALA B 362 -52.56 19.33 13.95
C ALA B 362 -52.82 20.39 12.89
N ARG B 363 -52.72 20.01 11.61
CA ARG B 363 -53.06 20.94 10.54
C ARG B 363 -54.52 21.35 10.62
N MET B 364 -55.41 20.39 10.92
CA MET B 364 -56.83 20.70 11.03
C MET B 364 -57.09 21.69 12.16
N ILE B 365 -56.51 21.45 13.33
CA ILE B 365 -56.74 22.34 14.46
C ILE B 365 -56.16 23.72 14.17
N TYR B 366 -55.00 23.78 13.50
CA TYR B 366 -54.44 25.08 13.13
C TYR B 366 -55.36 25.84 12.20
N SER B 367 -55.89 25.16 11.18
CA SER B 367 -56.78 25.82 10.22
C SER B 367 -58.05 26.32 10.91
N THR B 368 -58.70 25.45 11.69
CA THR B 368 -59.95 25.86 12.31
C THR B 368 -59.72 26.92 13.38
N ALA B 369 -58.58 26.90 14.06
CA ALA B 369 -58.27 27.94 15.03
C ALA B 369 -58.06 29.27 14.35
N GLY B 370 -57.32 29.30 13.23
CA GLY B 370 -57.18 30.52 12.48
C GLY B 370 -58.51 31.07 12.00
N LEU B 371 -59.37 30.19 11.49
CA LEU B 371 -60.70 30.61 11.06
C LEU B 371 -61.50 31.18 12.23
N TYR B 372 -61.40 30.56 13.40
CA TYR B 372 -62.14 31.03 14.56
C TYR B 372 -61.63 32.37 15.06
N ASN B 373 -60.30 32.57 15.03
CA ASN B 373 -59.76 33.88 15.41
C ASN B 373 -60.21 34.96 14.42
N HIS B 374 -60.24 34.63 13.12
CA HIS B 374 -60.75 35.59 12.15
C HIS B 374 -62.22 35.92 12.42
N PHE B 375 -63.01 34.90 12.76
CA PHE B 375 -64.42 35.13 13.05
C PHE B 375 -64.60 36.00 14.30
N ILE B 376 -63.79 35.75 15.34
CA ILE B 376 -63.88 36.57 16.54
C ILE B 376 -63.47 38.00 16.27
N LYS B 377 -62.43 38.19 15.46
CA LYS B 377 -62.03 39.55 15.08
C LYS B 377 -63.14 40.27 14.33
N GLY B 378 -63.76 39.57 13.37
CA GLY B 378 -64.87 40.16 12.65
C GLY B 378 -66.05 40.51 13.55
N LEU B 379 -66.38 39.62 14.48
CA LEU B 379 -67.50 39.87 15.38
C LEU B 379 -67.20 41.03 16.34
N ASP B 380 -65.95 41.14 16.78
CA ASP B 380 -65.59 42.24 17.67
C ASP B 380 -65.57 43.57 16.92
N SER B 381 -65.17 43.56 15.65
CA SER B 381 -65.20 44.77 14.86
C SER B 381 -66.63 45.15 14.48
N PHE B 382 -67.53 44.17 14.40
CA PHE B 382 -68.91 44.45 14.05
C PHE B 382 -69.73 44.85 15.26
N SER B 383 -69.56 44.15 16.38
CA SER B 383 -70.33 44.46 17.59
C SER B 383 -69.90 45.78 18.22
N GLY B 384 -68.61 46.12 18.10
CA GLY B 384 -68.14 47.38 18.67
C GLY B 384 -68.69 48.60 17.97
N LYS B 385 -68.93 48.50 16.67
CA LYS B 385 -69.48 49.62 15.92
C LYS B 385 -70.99 49.73 16.18
N PRO B 386 -71.49 50.92 16.48
CA PRO B 386 -72.94 51.07 16.73
C PRO B 386 -73.74 50.82 15.47
N ARG B 387 -75.04 50.59 15.67
CA ARG B 387 -75.95 50.33 14.56
C ARG B 387 -76.17 51.61 13.76
N GLY B 388 -75.80 51.58 12.49
CA GLY B 388 -75.97 52.72 11.63
C GLY B 388 -77.33 52.78 10.95
N SER B 389 -77.69 53.98 10.50
CA SER B 389 -78.97 54.20 9.83
C SER B 389 -78.86 53.68 8.40
N GLY B 390 -79.14 52.40 8.23
CA GLY B 390 -79.08 51.77 6.93
C GLY B 390 -77.69 51.42 6.44
N ALA B 391 -76.66 51.62 7.27
CA ALA B 391 -75.29 51.32 6.89
C ALA B 391 -74.74 50.20 7.76
N PRO B 392 -73.99 49.26 7.16
CA PRO B 392 -73.43 48.18 7.98
C PRO B 392 -72.40 48.65 8.98
N ALA B 393 -71.55 49.62 8.60
CA ALA B 393 -70.53 50.18 9.47
C ALA B 393 -69.58 49.10 10.01
N GLY B 394 -69.33 48.08 9.21
CA GLY B 394 -68.45 47.00 9.62
C GLY B 394 -67.98 46.21 8.42
N THR B 395 -66.81 45.59 8.57
CA THR B 395 -66.25 44.79 7.49
C THR B 395 -67.04 43.50 7.31
N ALA B 396 -67.02 42.98 6.08
CA ALA B 396 -67.73 41.76 5.75
C ALA B 396 -66.89 40.55 6.11
N LEU B 397 -67.44 39.67 6.95
CA LEU B 397 -66.73 38.47 7.35
C LEU B 397 -67.05 37.31 6.40
N PRO B 398 -66.11 36.38 6.23
CA PRO B 398 -66.35 35.23 5.33
C PRO B 398 -67.36 34.26 5.91
N LEU B 399 -68.65 34.57 5.79
CA LEU B 399 -69.69 33.72 6.36
C LEU B 399 -69.77 32.38 5.65
N GLU B 400 -69.38 32.33 4.37
CA GLU B 400 -69.44 31.06 3.65
C GLU B 400 -68.27 30.15 4.03
N GLY B 401 -67.08 30.73 4.21
CA GLY B 401 -65.93 29.91 4.55
C GLY B 401 -66.04 29.25 5.92
N VAL B 402 -66.54 30.00 6.90
CA VAL B 402 -66.71 29.42 8.24
C VAL B 402 -67.76 28.32 8.22
N ILE B 403 -68.86 28.53 7.50
CA ILE B 403 -69.89 27.51 7.39
C ILE B 403 -69.33 26.26 6.72
N LEU B 404 -68.54 26.44 5.66
CA LEU B 404 -67.93 25.30 4.98
C LEU B 404 -66.99 24.55 5.91
N SER B 405 -66.21 25.29 6.72
CA SER B 405 -65.28 24.64 7.63
C SER B 405 -66.02 23.84 8.70
N LEU B 406 -67.10 24.40 9.25
CA LEU B 406 -67.88 23.65 10.24
C LEU B 406 -68.52 22.42 9.61
N GLN B 407 -69.05 22.55 8.39
CA GLN B 407 -69.69 21.41 7.75
C GLN B 407 -68.69 20.32 7.40
N ASP B 408 -67.44 20.68 7.12
CA ASP B 408 -66.42 19.67 6.86
C ASP B 408 -65.85 19.08 8.14
N LEU B 409 -65.85 19.86 9.23
CA LEU B 409 -65.31 19.35 10.49
C LEU B 409 -66.31 18.47 11.23
N ILE B 410 -67.60 18.72 11.07
CA ILE B 410 -68.61 17.88 11.73
C ILE B 410 -68.56 16.46 11.17
N GLY B 411 -68.42 16.33 9.85
CA GLY B 411 -68.33 15.02 9.24
C GLY B 411 -67.08 14.24 9.63
N TYR B 412 -66.01 14.93 10.02
CA TYR B 412 -64.80 14.24 10.45
C TYR B 412 -64.99 13.58 11.80
N PHE B 413 -65.71 14.24 12.71
CA PHE B 413 -65.99 13.70 14.04
C PHE B 413 -67.41 13.16 14.04
N GLU B 414 -67.54 11.91 13.59
CA GLU B 414 -68.83 11.24 13.53
C GLU B 414 -68.77 9.90 14.26
N PRO B 415 -69.81 9.56 15.00
CA PRO B 415 -69.81 8.27 15.70
C PRO B 415 -69.86 7.12 14.71
N PRO B 416 -69.24 5.99 15.03
CA PRO B 416 -69.25 4.86 14.10
C PRO B 416 -70.63 4.22 14.01
N SER B 417 -70.81 3.43 12.96
CA SER B 417 -72.08 2.76 12.73
C SER B 417 -72.27 1.61 13.71
N GLU B 418 -73.52 1.40 14.12
CA GLU B 418 -73.83 0.32 15.06
C GLU B 418 -73.80 -1.05 14.39
N GLU B 419 -73.93 -1.11 13.06
CA GLU B 419 -73.91 -2.37 12.33
C GLU B 419 -72.50 -2.80 11.96
N LEU B 420 -71.48 -2.21 12.57
CA LEU B 420 -70.09 -2.56 12.29
C LEU B 420 -69.64 -3.69 13.19
N GLN B 421 -68.55 -4.34 12.79
CA GLN B 421 -67.98 -5.43 13.58
C GLN B 421 -67.53 -4.91 14.95
N HIS B 422 -67.40 -5.84 15.90
CA HIS B 422 -67.08 -5.46 17.27
C HIS B 422 -65.68 -4.84 17.36
N GLU B 423 -64.68 -5.54 16.81
CA GLU B 423 -63.31 -5.02 16.86
C GLU B 423 -63.18 -3.73 16.06
N GLU B 424 -63.84 -3.67 14.89
CA GLU B 424 -63.81 -2.44 14.09
C GLU B 424 -64.46 -1.28 14.83
N LYS B 425 -65.61 -1.54 15.47
CA LYS B 425 -66.27 -0.48 16.23
C LYS B 425 -65.43 -0.02 17.41
N GLN B 426 -64.76 -0.96 18.09
CA GLN B 426 -63.91 -0.59 19.21
C GLN B 426 -62.71 0.24 18.75
N SER B 427 -62.11 -0.14 17.62
CA SER B 427 -61.00 0.65 17.09
C SER B 427 -61.46 2.04 16.66
N LYS B 428 -62.64 2.13 16.05
CA LYS B 428 -63.16 3.44 15.67
C LYS B 428 -63.46 4.30 16.90
N LEU B 429 -64.00 3.70 17.95
CA LEU B 429 -64.25 4.44 19.19
C LEU B 429 -62.95 4.90 19.83
N ARG B 430 -61.92 4.06 19.81
CA ARG B 430 -60.63 4.47 20.36
C ARG B 430 -60.03 5.61 19.55
N SER B 431 -60.15 5.55 18.21
CA SER B 431 -59.65 6.63 17.37
C SER B 431 -60.42 7.91 17.62
N LEU B 432 -61.73 7.82 17.82
CA LEU B 432 -62.54 9.00 18.12
C LEU B 432 -62.15 9.60 19.47
N ARG B 433 -61.91 8.75 20.47
CA ARG B 433 -61.49 9.26 21.77
C ARG B 433 -60.12 9.94 21.68
N ASN B 434 -59.20 9.35 20.92
CA ASN B 434 -57.89 9.98 20.72
C ASN B 434 -58.02 11.33 20.01
N ARG B 435 -58.86 11.39 18.98
CA ARG B 435 -59.06 12.64 18.26
C ARG B 435 -59.68 13.69 19.16
N GLN B 436 -60.63 13.30 20.03
CA GLN B 436 -61.23 14.26 20.94
C GLN B 436 -60.24 14.74 21.99
N SER B 437 -59.35 13.84 22.45
CA SER B 437 -58.35 14.26 23.42
C SER B 437 -57.35 15.22 22.81
N LEU B 438 -56.92 14.97 21.58
CA LEU B 438 -56.06 15.93 20.89
C LEU B 438 -56.82 17.21 20.52
N PHE B 439 -58.15 17.14 20.39
CA PHE B 439 -58.95 18.33 20.15
C PHE B 439 -59.00 19.21 21.40
N GLN B 440 -59.11 18.61 22.58
CA GLN B 440 -59.16 19.36 23.82
C GLN B 440 -57.83 20.00 24.19
N GLU B 441 -56.71 19.48 23.69
CA GLU B 441 -55.38 19.91 24.10
C GLU B 441 -54.93 21.19 23.38
N GLU B 442 -55.87 21.96 22.82
CA GLU B 442 -55.53 23.21 22.16
C GLU B 442 -56.24 24.42 22.75
N GLY B 443 -57.11 24.23 23.74
CA GLY B 443 -57.83 25.34 24.33
C GLY B 443 -58.82 26.02 23.41
N MET B 444 -59.29 25.32 22.37
CA MET B 444 -60.24 25.90 21.45
C MET B 444 -61.69 25.74 21.89
N LEU B 445 -61.93 24.97 22.96
CA LEU B 445 -63.28 24.87 23.50
C LEU B 445 -63.75 26.22 24.02
N SER B 446 -62.95 26.87 24.86
CA SER B 446 -63.29 28.21 25.32
C SER B 446 -63.40 29.18 24.14
N LEU B 447 -62.61 28.93 23.09
CA LEU B 447 -62.71 29.74 21.87
C LEU B 447 -64.11 29.64 21.26
N VAL B 448 -64.62 28.42 21.06
CA VAL B 448 -65.95 28.29 20.47
C VAL B 448 -67.03 28.76 21.43
N LEU B 449 -66.79 28.67 22.76
CA LEU B 449 -67.73 29.26 23.70
C LEU B 449 -67.79 30.77 23.55
N ASN B 450 -66.63 31.40 23.35
CA ASN B 450 -66.62 32.84 23.10
C ASN B 450 -67.36 33.18 21.81
N CYS B 451 -67.16 32.37 20.77
CA CYS B 451 -67.88 32.60 19.52
C CYS B 451 -69.40 32.52 19.72
N ILE B 452 -69.87 31.46 20.37
CA ILE B 452 -71.32 31.32 20.51
C ILE B 452 -71.87 32.39 21.45
N ASP B 453 -71.10 32.82 22.44
CA ASP B 453 -71.56 33.91 23.31
C ASP B 453 -71.68 35.22 22.55
N ARG B 454 -70.65 35.56 21.77
CA ARG B 454 -70.69 36.79 20.99
C ARG B 454 -71.77 36.74 19.91
N LEU B 455 -72.17 35.53 19.49
CA LEU B 455 -73.24 35.43 18.51
C LEU B 455 -74.61 35.43 19.16
N ASN B 456 -74.71 34.97 20.41
CA ASN B 456 -75.97 34.95 21.14
C ASN B 456 -76.24 36.24 21.91
N VAL B 457 -75.26 37.16 21.97
CA VAL B 457 -75.49 38.44 22.64
C VAL B 457 -76.61 39.22 21.96
N TYR B 458 -76.89 38.95 20.69
CA TYR B 458 -78.01 39.58 20.00
C TYR B 458 -79.29 38.78 20.25
N THR B 459 -80.43 39.45 20.02
CA THR B 459 -81.72 38.82 20.30
C THR B 459 -82.15 37.89 19.18
N THR B 460 -81.89 38.26 17.93
CA THR B 460 -82.29 37.46 16.77
C THR B 460 -81.47 37.91 15.57
N ALA B 461 -81.85 37.42 14.38
CA ALA B 461 -81.15 37.81 13.17
C ALA B 461 -81.50 39.22 12.70
N ALA B 462 -82.66 39.73 13.12
CA ALA B 462 -83.05 41.08 12.73
C ALA B 462 -82.13 42.12 13.34
N HIS B 463 -81.83 41.98 14.63
CA HIS B 463 -80.92 42.92 15.28
C HIS B 463 -79.52 42.82 14.69
N PHE B 464 -79.08 41.60 14.34
CA PHE B 464 -77.78 41.43 13.71
C PHE B 464 -77.73 42.11 12.35
N ALA B 465 -78.78 41.95 11.55
CA ALA B 465 -78.83 42.60 10.24
C ALA B 465 -78.92 44.11 10.36
N GLU B 466 -79.56 44.61 11.43
CA GLU B 466 -79.66 46.05 11.62
C GLU B 466 -78.37 46.66 12.14
N PHE B 467 -77.60 45.91 12.93
CA PHE B 467 -76.37 46.45 13.53
C PHE B 467 -75.16 46.21 12.64
N ALA B 468 -74.85 44.95 12.33
CA ALA B 468 -73.66 44.62 11.56
C ALA B 468 -73.88 44.68 10.06
N GLY B 469 -75.11 44.45 9.60
CA GLY B 469 -75.43 44.47 8.19
C GLY B 469 -76.06 43.17 7.74
N GLU B 470 -76.51 43.19 6.47
CA GLU B 470 -77.19 42.06 5.87
C GLU B 470 -76.23 41.10 5.17
N GLU B 471 -74.95 41.08 5.59
CA GLU B 471 -73.99 40.16 4.98
C GLU B 471 -74.31 38.72 5.34
N ALA B 472 -74.63 38.45 6.60
CA ALA B 472 -74.98 37.13 7.09
C ALA B 472 -76.32 37.16 7.83
N ALA B 473 -77.29 37.84 7.23
CA ALA B 473 -78.60 37.97 7.86
C ALA B 473 -79.36 36.65 7.81
N GLU B 474 -79.59 36.13 6.61
CA GLU B 474 -80.34 34.88 6.47
C GLU B 474 -79.52 33.66 6.87
N SER B 475 -78.20 33.80 6.98
CA SER B 475 -77.33 32.69 7.34
C SER B 475 -77.04 32.62 8.84
N TRP B 476 -77.58 33.56 9.63
CA TRP B 476 -77.30 33.56 11.06
C TRP B 476 -77.86 32.31 11.74
N LYS B 477 -79.09 31.92 11.38
CA LYS B 477 -79.69 30.72 11.95
C LYS B 477 -78.88 29.48 11.60
N GLU B 478 -78.43 29.39 10.34
CA GLU B 478 -77.62 28.26 9.93
C GLU B 478 -76.28 28.24 10.68
N ILE B 479 -75.69 29.41 10.90
CA ILE B 479 -74.41 29.49 11.60
C ILE B 479 -74.58 29.02 13.05
N VAL B 480 -75.62 29.50 13.73
CA VAL B 480 -75.81 29.10 15.12
C VAL B 480 -76.19 27.61 15.21
N ASN B 481 -76.92 27.10 14.21
CA ASN B 481 -77.23 25.68 14.20
C ASN B 481 -75.96 24.85 14.03
N LEU B 482 -75.07 25.25 13.13
CA LEU B 482 -73.82 24.53 12.95
C LEU B 482 -72.94 24.61 14.19
N LEU B 483 -72.90 25.77 14.85
CA LEU B 483 -72.15 25.90 16.09
C LEU B 483 -72.68 24.95 17.15
N TYR B 484 -74.00 24.95 17.36
CA TYR B 484 -74.58 24.07 18.37
C TYR B 484 -74.33 22.60 18.02
N GLU B 485 -74.40 22.27 16.73
CA GLU B 485 -74.20 20.88 16.31
C GLU B 485 -72.76 20.44 16.55
N ILE B 486 -71.78 21.28 16.18
CA ILE B 486 -70.39 20.90 16.38
C ILE B 486 -70.05 20.83 17.86
N LEU B 487 -70.65 21.72 18.67
CA LEU B 487 -70.40 21.66 20.10
C LEU B 487 -70.99 20.38 20.70
N ALA B 488 -72.20 20.00 20.26
CA ALA B 488 -72.82 18.78 20.77
C ALA B 488 -72.03 17.55 20.33
N SER B 489 -71.46 17.57 19.13
CA SER B 489 -70.72 16.41 18.65
C SER B 489 -69.37 16.29 19.34
N LEU B 490 -68.71 17.42 19.61
CA LEU B 490 -67.41 17.36 20.27
C LEU B 490 -67.55 17.12 21.77
N ILE B 491 -68.67 17.51 22.37
CA ILE B 491 -68.91 17.19 23.77
C ILE B 491 -69.24 15.70 23.93
N ARG B 492 -69.94 15.13 22.96
CA ARG B 492 -70.36 13.74 23.05
C ARG B 492 -69.15 12.80 22.95
N GLY B 493 -69.10 11.82 23.84
CA GLY B 493 -68.05 10.81 23.80
C GLY B 493 -66.92 11.05 24.78
N ASN B 494 -66.51 12.30 24.92
CA ASN B 494 -65.39 12.65 25.79
C ASN B 494 -65.89 12.93 27.20
N ARG B 495 -65.10 12.50 28.19
CA ARG B 495 -65.45 12.70 29.59
C ARG B 495 -64.85 13.98 30.16
N ALA B 496 -63.63 14.34 29.73
CA ALA B 496 -63.00 15.55 30.25
C ALA B 496 -63.72 16.80 29.76
N ASN B 497 -64.26 16.76 28.53
CA ASN B 497 -64.94 17.93 27.99
C ASN B 497 -66.20 18.26 28.80
N CYS B 498 -66.98 17.24 29.16
CA CYS B 498 -68.15 17.48 30.01
C CYS B 498 -67.77 17.64 31.48
N ALA B 499 -66.58 17.18 31.88
CA ALA B 499 -66.12 17.39 33.25
C ALA B 499 -65.73 18.85 33.48
N LEU B 500 -65.08 19.46 32.50
CA LEU B 500 -64.74 20.87 32.60
C LEU B 500 -65.94 21.79 32.36
N PHE B 501 -66.99 21.29 31.71
CA PHE B 501 -68.19 22.07 31.47
C PHE B 501 -69.07 22.19 32.71
N SER B 502 -68.74 21.50 33.79
CA SER B 502 -69.52 21.56 35.02
C SER B 502 -69.28 22.83 35.82
N ASN B 503 -68.35 23.69 35.39
CA ASN B 503 -68.08 24.91 36.13
C ASN B 503 -69.23 25.90 35.98
N ASN B 504 -69.65 26.15 34.74
CA ASN B 504 -70.72 27.10 34.45
C ASN B 504 -71.94 26.34 33.93
N LEU B 505 -73.09 26.57 34.56
CA LEU B 505 -74.33 25.93 34.14
C LEU B 505 -75.50 26.89 33.97
N ASP B 506 -75.47 28.08 34.60
CA ASP B 506 -76.55 29.03 34.41
C ASP B 506 -76.60 29.57 33.00
N TRP B 507 -75.44 29.73 32.35
CA TRP B 507 -75.43 30.19 30.97
C TRP B 507 -76.07 29.17 30.04
N LEU B 508 -75.94 27.87 30.35
CA LEU B 508 -76.54 26.84 29.53
C LEU B 508 -78.06 26.96 29.51
N VAL B 509 -78.68 27.03 30.69
CA VAL B 509 -80.13 27.16 30.73
C VAL B 509 -80.58 28.54 30.26
N SER B 510 -79.71 29.55 30.41
CA SER B 510 -80.05 30.88 29.90
C SER B 510 -80.15 30.87 28.38
N LYS B 511 -79.18 30.24 27.70
CA LYS B 511 -79.27 30.10 26.26
C LYS B 511 -80.37 29.13 25.86
N LEU B 512 -80.70 28.17 26.73
CA LEU B 512 -81.79 27.26 26.47
C LEU B 512 -83.14 27.97 26.48
N ASP B 513 -83.29 29.00 27.33
CA ASP B 513 -84.53 29.75 27.38
C ASP B 513 -84.82 30.50 26.09
N ARG B 514 -83.80 30.71 25.24
CA ARG B 514 -84.02 31.39 23.98
C ARG B 514 -84.86 30.53 23.04
N LEU B 515 -85.77 31.17 22.31
CA LEU B 515 -86.66 30.43 21.42
C LEU B 515 -85.95 30.00 20.14
N GLU B 516 -84.84 30.64 19.80
CA GLU B 516 -84.13 30.31 18.57
C GLU B 516 -83.15 29.16 18.81
N ALA B 517 -83.26 28.11 18.01
CA ALA B 517 -82.36 26.96 18.05
C ALA B 517 -82.36 26.32 19.44
N SER B 518 -83.53 25.81 19.84
CA SER B 518 -83.68 25.18 21.14
C SER B 518 -83.37 23.69 21.11
N SER B 519 -83.56 23.03 19.96
CA SER B 519 -83.30 21.59 19.87
C SER B 519 -81.82 21.29 20.08
N GLY B 520 -80.95 22.14 19.57
CA GLY B 520 -79.52 21.93 19.77
C GLY B 520 -79.13 22.02 21.23
N ILE B 521 -79.63 23.05 21.93
CA ILE B 521 -79.33 23.18 23.35
C ILE B 521 -79.94 22.04 24.14
N LEU B 522 -81.11 21.56 23.72
CA LEU B 522 -81.72 20.42 24.39
C LEU B 522 -80.87 19.17 24.24
N GLU B 523 -80.35 18.93 23.03
CA GLU B 523 -79.46 17.79 22.80
C GLU B 523 -78.18 17.93 23.60
N VAL B 524 -77.65 19.15 23.69
CA VAL B 524 -76.43 19.38 24.47
C VAL B 524 -76.67 19.07 25.94
N LEU B 525 -77.81 19.52 26.47
CA LEU B 525 -78.12 19.25 27.87
C LEU B 525 -78.36 17.76 28.11
N TYR B 526 -78.98 17.08 27.15
CA TYR B 526 -79.18 15.64 27.28
C TYR B 526 -77.83 14.91 27.28
N CYS B 527 -76.88 15.38 26.48
CA CYS B 527 -75.59 14.71 26.39
C CYS B 527 -74.66 15.06 27.56
N VAL B 528 -74.83 16.22 28.19
CA VAL B 528 -73.94 16.59 29.28
C VAL B 528 -74.37 15.92 30.59
N LEU B 529 -75.63 15.47 30.67
CA LEU B 529 -76.16 14.86 31.88
C LEU B 529 -76.11 13.33 31.85
N ILE B 530 -75.52 12.74 30.82
CA ILE B 530 -75.44 11.30 30.70
C ILE B 530 -74.02 10.77 30.86
N GLU B 531 -73.01 11.50 30.38
CA GLU B 531 -71.63 11.02 30.45
C GLU B 531 -71.11 11.07 31.88
N SER B 532 -71.08 12.25 32.47
CA SER B 532 -70.56 12.45 33.82
C SER B 532 -71.66 12.93 34.75
N PRO B 533 -71.96 12.21 35.82
CA PRO B 533 -73.00 12.64 36.76
C PRO B 533 -72.58 13.70 37.76
N GLU B 534 -71.40 14.31 37.58
CA GLU B 534 -70.99 15.37 38.51
C GLU B 534 -71.83 16.63 38.33
N VAL B 535 -72.41 16.83 37.15
CA VAL B 535 -73.24 18.01 36.94
C VAL B 535 -74.56 17.89 37.69
N LEU B 536 -75.01 16.67 37.97
CA LEU B 536 -76.26 16.46 38.68
C LEU B 536 -76.19 16.94 40.13
N ASN B 537 -75.00 17.03 40.70
CA ASN B 537 -74.88 17.43 42.10
C ASN B 537 -75.11 18.94 42.29
N ILE B 538 -74.77 19.75 41.28
CA ILE B 538 -74.84 21.20 41.42
C ILE B 538 -76.22 21.75 41.03
N ILE B 539 -77.10 20.91 40.48
CA ILE B 539 -78.40 21.39 40.02
C ILE B 539 -79.22 21.93 41.19
N GLN B 540 -80.03 22.94 40.91
CA GLN B 540 -80.92 23.52 41.90
C GLN B 540 -82.35 23.60 41.36
N GLU B 541 -83.23 24.29 42.07
CA GLU B 541 -84.61 24.45 41.61
C GLU B 541 -84.71 25.32 40.36
N ASN B 542 -83.73 26.20 40.13
CA ASN B 542 -83.79 27.07 38.96
C ASN B 542 -83.66 26.28 37.66
N HIS B 543 -82.80 25.26 37.65
CA HIS B 543 -82.60 24.46 36.44
C HIS B 543 -83.85 23.70 36.07
N ILE B 544 -84.46 23.02 37.05
CA ILE B 544 -85.69 22.28 36.76
C ILE B 544 -86.83 23.24 36.45
N LYS B 545 -86.83 24.43 37.06
CA LYS B 545 -87.85 25.42 36.73
C LYS B 545 -87.72 25.85 35.27
N SER B 546 -86.50 26.11 34.81
CA SER B 546 -86.29 26.44 33.40
C SER B 546 -86.65 25.28 32.50
N ILE B 547 -86.42 24.04 32.95
CA ILE B 547 -86.78 22.88 32.15
C ILE B 547 -88.29 22.80 31.96
N ILE B 548 -89.05 22.98 33.05
CA ILE B 548 -90.51 22.96 32.94
C ILE B 548 -90.99 24.16 32.12
N SER B 549 -90.32 25.30 32.23
CA SER B 549 -90.69 26.45 31.41
C SER B 549 -90.49 26.17 29.93
N LEU B 550 -89.40 25.49 29.57
CA LEU B 550 -89.19 25.08 28.19
C LEU B 550 -90.26 24.10 27.74
N LEU B 551 -90.57 23.11 28.59
CA LEU B 551 -91.58 22.12 28.23
C LEU B 551 -92.96 22.76 28.07
N ASP B 552 -93.23 23.85 28.78
CA ASP B 552 -94.52 24.52 28.67
C ASP B 552 -94.58 25.44 27.46
N LYS B 553 -93.54 26.24 27.24
CA LYS B 553 -93.56 27.22 26.16
C LYS B 553 -93.33 26.58 24.80
N HIS B 554 -92.30 25.74 24.69
CA HIS B 554 -91.93 25.12 23.42
C HIS B 554 -92.75 23.88 23.10
N GLY B 555 -93.82 23.61 23.85
CA GLY B 555 -94.67 22.47 23.57
C GLY B 555 -94.05 21.16 24.04
N ARG B 556 -94.76 20.09 23.74
CA ARG B 556 -94.31 18.76 24.12
C ARG B 556 -93.19 18.28 23.20
N ASN B 557 -92.15 17.69 23.80
CA ASN B 557 -91.01 17.16 23.07
C ASN B 557 -90.60 15.84 23.68
N HIS B 558 -90.35 14.84 22.83
CA HIS B 558 -89.97 13.51 23.31
C HIS B 558 -88.56 13.47 23.86
N LYS B 559 -87.74 14.48 23.61
CA LYS B 559 -86.36 14.49 24.08
C LYS B 559 -86.20 15.10 25.46
N VAL B 560 -87.20 15.84 25.95
CA VAL B 560 -87.09 16.44 27.27
C VAL B 560 -87.29 15.39 28.35
N LEU B 561 -88.21 14.45 28.14
CA LEU B 561 -88.45 13.40 29.12
C LEU B 561 -87.24 12.51 29.32
N ASP B 562 -86.44 12.31 28.26
CA ASP B 562 -85.18 11.59 28.41
C ASP B 562 -84.22 12.37 29.30
N VAL B 563 -84.21 13.69 29.18
CA VAL B 563 -83.38 14.52 30.04
C VAL B 563 -83.84 14.40 31.49
N LEU B 564 -85.15 14.39 31.72
CA LEU B 564 -85.67 14.22 33.07
C LEU B 564 -85.30 12.87 33.64
N CYS B 565 -85.40 11.81 32.82
CA CYS B 565 -85.04 10.47 33.29
C CYS B 565 -83.55 10.38 33.61
N SER B 566 -82.70 11.03 32.81
CA SER B 566 -81.28 11.01 33.10
C SER B 566 -80.95 11.81 34.35
N LEU B 567 -81.65 12.92 34.57
CA LEU B 567 -81.42 13.73 35.76
C LEU B 567 -82.03 13.11 37.01
N CYS B 568 -82.93 12.15 36.85
CA CYS B 568 -83.58 11.54 38.01
C CYS B 568 -82.60 10.67 38.80
N VAL B 569 -81.93 9.73 38.12
CA VAL B 569 -81.07 8.75 38.77
C VAL B 569 -79.66 8.89 38.22
N CYS B 570 -78.67 8.69 39.08
CA CYS B 570 -77.27 8.71 38.69
C CYS B 570 -76.84 7.30 38.27
N ASN B 571 -75.54 7.10 38.10
CA ASN B 571 -74.99 5.79 37.74
C ASN B 571 -74.99 4.90 38.98
N GLY B 572 -76.19 4.43 39.34
CA GLY B 572 -76.38 3.60 40.51
C GLY B 572 -76.68 4.34 41.78
N VAL B 573 -76.80 5.67 41.73
CA VAL B 573 -77.11 6.49 42.89
C VAL B 573 -78.46 7.15 42.65
N ALA B 574 -79.32 7.12 43.66
CA ALA B 574 -80.67 7.68 43.58
C ALA B 574 -80.73 8.90 44.48
N VAL B 575 -80.82 10.09 43.88
CA VAL B 575 -80.92 11.32 44.65
C VAL B 575 -82.38 11.56 45.03
N CYS B 576 -82.57 12.38 46.07
CA CYS B 576 -83.90 12.69 46.57
C CYS B 576 -84.34 14.12 46.31
N SER B 577 -83.40 15.05 46.11
CA SER B 577 -83.76 16.44 45.89
C SER B 577 -84.39 16.63 44.51
N ASN B 578 -83.76 16.08 43.47
CA ASN B 578 -84.28 16.23 42.12
C ASN B 578 -85.63 15.53 41.97
N GLN B 579 -85.77 14.34 42.55
CA GLN B 579 -87.05 13.63 42.47
C GLN B 579 -88.16 14.39 43.18
N ASP B 580 -87.85 14.95 44.35
CA ASP B 580 -88.85 15.74 45.07
C ASP B 580 -89.23 17.00 44.30
N LEU B 581 -88.24 17.66 43.69
CA LEU B 581 -88.53 18.84 42.90
C LEU B 581 -89.40 18.50 41.69
N ILE B 582 -89.11 17.39 41.02
CA ILE B 582 -89.93 16.97 39.89
C ILE B 582 -91.34 16.64 40.33
N THR B 583 -91.48 15.94 41.46
CA THR B 583 -92.80 15.59 41.95
C THR B 583 -93.59 16.82 42.36
N GLU B 584 -92.92 17.86 42.86
CA GLU B 584 -93.61 19.06 43.29
C GLU B 584 -93.93 20.00 42.14
N ASN B 585 -93.14 19.99 41.07
CA ASN B 585 -93.33 20.92 39.96
C ASN B 585 -93.90 20.27 38.70
N LEU B 586 -94.24 18.99 38.75
CA LEU B 586 -94.80 18.30 37.58
C LEU B 586 -96.19 17.75 37.82
N LEU B 587 -96.42 17.09 38.95
CA LEU B 587 -97.68 16.42 39.22
C LEU B 587 -98.80 17.39 39.64
N PRO B 588 -98.56 18.33 40.57
CA PRO B 588 -99.65 19.22 40.97
C PRO B 588 -100.18 20.12 39.87
N GLY B 589 -99.42 20.28 38.77
CA GLY B 589 -99.90 21.12 37.68
C GLY B 589 -101.09 20.52 36.96
N ARG B 590 -100.95 19.27 36.52
CA ARG B 590 -102.02 18.54 35.82
C ARG B 590 -102.48 19.29 34.56
N GLU B 591 -101.57 20.04 33.94
CA GLU B 591 -101.88 20.76 32.72
C GLU B 591 -100.82 20.59 31.64
N LEU B 592 -99.83 19.72 31.85
CA LEU B 592 -98.77 19.51 30.88
C LEU B 592 -98.62 18.05 30.46
N LEU B 593 -99.09 17.11 31.26
CA LEU B 593 -99.01 15.69 30.97
C LEU B 593 -100.43 15.12 30.85
N LEU B 594 -100.51 13.85 30.47
CA LEU B 594 -101.78 13.19 30.24
C LEU B 594 -102.18 12.37 31.47
N GLN B 595 -103.49 12.15 31.59
CA GLN B 595 -104.03 11.40 32.71
C GLN B 595 -104.90 10.26 32.18
N THR B 596 -104.99 9.20 32.99
CA THR B 596 -105.75 8.01 32.65
C THR B 596 -106.81 7.76 33.71
N ASN B 597 -107.99 7.32 33.28
CA ASN B 597 -109.08 7.03 34.19
C ASN B 597 -110.11 6.16 33.45
N LEU B 598 -110.71 5.22 34.19
CA LEU B 598 -111.72 4.36 33.60
C LEU B 598 -113.01 5.12 33.38
N ILE B 599 -113.58 4.99 32.19
CA ILE B 599 -114.80 5.69 31.81
C ILE B 599 -115.82 4.67 31.30
N ASN B 600 -117.06 4.82 31.72
CA ASN B 600 -118.15 3.97 31.28
C ASN B 600 -118.84 4.56 30.06
N TYR B 601 -119.34 3.68 29.20
CA TYR B 601 -120.03 4.12 28.00
C TYR B 601 -121.42 4.65 28.33
N VAL B 602 -122.03 5.34 27.36
CA VAL B 602 -123.34 5.94 27.53
C VAL B 602 -124.11 5.83 26.23
N THR B 603 -125.42 5.62 26.34
CA THR B 603 -126.31 5.54 25.20
C THR B 603 -127.46 6.53 25.39
N SER B 604 -128.29 6.64 24.36
CA SER B 604 -129.44 7.55 24.39
C SER B 604 -130.51 7.01 23.46
N ILE B 605 -131.76 7.01 23.95
CA ILE B 605 -132.89 6.47 23.21
C ILE B 605 -133.94 7.58 23.03
N ARG B 606 -134.51 7.65 21.83
CA ARG B 606 -135.54 8.61 21.51
C ARG B 606 -136.72 7.91 20.85
N PRO B 607 -137.95 8.36 21.12
CA PRO B 607 -139.12 7.80 20.43
C PRO B 607 -139.21 8.33 19.01
N ASN B 608 -140.30 7.95 18.33
CA ASN B 608 -140.52 8.34 16.94
C ASN B 608 -141.32 9.64 16.80
N ILE B 609 -141.74 10.23 17.90
CA ILE B 609 -142.47 11.50 17.85
C ILE B 609 -141.49 12.64 17.59
N PHE B 610 -141.80 13.48 16.61
CA PHE B 610 -140.98 14.63 16.25
C PHE B 610 -141.82 15.89 16.45
N VAL B 611 -141.36 16.79 17.31
CA VAL B 611 -142.07 18.03 17.61
C VAL B 611 -141.18 19.20 17.19
N GLY B 612 -141.73 20.08 16.35
CA GLY B 612 -140.99 21.22 15.87
C GLY B 612 -141.83 22.48 15.93
N ARG B 613 -141.14 23.62 15.94
CA ARG B 613 -141.78 24.93 16.00
C ARG B 613 -141.17 25.84 14.95
N ALA B 614 -142.02 26.50 14.18
CA ALA B 614 -141.58 27.42 13.13
C ALA B 614 -142.75 28.35 12.81
N GLU B 615 -142.55 29.18 11.78
CA GLU B 615 -143.60 30.11 11.36
C GLU B 615 -144.75 29.33 10.72
N GLY B 616 -145.94 29.46 11.30
CA GLY B 616 -147.09 28.73 10.80
C GLY B 616 -147.03 27.24 11.06
N THR B 617 -146.63 26.83 12.26
CA THR B 617 -146.53 25.42 12.58
C THR B 617 -147.91 24.79 12.70
N THR B 618 -147.99 23.50 12.36
CA THR B 618 -149.23 22.74 12.41
C THR B 618 -149.33 21.89 13.68
N GLN B 619 -148.68 22.31 14.77
CA GLN B 619 -148.70 21.58 16.01
C GLN B 619 -148.74 22.56 17.18
N TYR B 620 -149.04 22.04 18.36
CA TYR B 620 -149.11 22.85 19.57
C TYR B 620 -147.78 22.80 20.32
N SER B 621 -147.69 23.58 21.39
CA SER B 621 -146.48 23.64 22.20
C SER B 621 -146.59 22.92 23.54
N LYS B 622 -147.81 22.69 24.03
CA LYS B 622 -148.00 22.04 25.33
C LYS B 622 -147.87 20.53 25.16
N TRP B 623 -146.80 19.96 25.71
CA TRP B 623 -146.57 18.52 25.66
C TRP B 623 -146.08 18.05 27.03
N TYR B 624 -146.55 16.89 27.45
CA TYR B 624 -146.26 16.38 28.78
C TYR B 624 -146.15 14.86 28.73
N PHE B 625 -145.16 14.32 29.44
CA PHE B 625 -144.97 12.88 29.54
C PHE B 625 -144.15 12.58 30.78
N GLU B 626 -144.43 11.44 31.40
CA GLU B 626 -143.75 11.02 32.61
C GLU B 626 -143.09 9.66 32.39
N VAL B 627 -142.03 9.40 33.17
CA VAL B 627 -141.29 8.15 33.10
C VAL B 627 -141.10 7.61 34.51
N MET B 628 -140.91 6.30 34.60
CA MET B 628 -140.72 5.62 35.87
C MET B 628 -139.48 4.74 35.82
N VAL B 629 -138.71 4.75 36.90
CA VAL B 629 -137.50 3.95 37.00
C VAL B 629 -137.84 2.62 37.65
N ASP B 630 -137.37 1.52 37.03
CA ASP B 630 -137.67 0.19 37.55
C ASP B 630 -136.74 -0.18 38.70
N GLU B 631 -135.44 -0.22 38.45
CA GLU B 631 -134.47 -0.60 39.46
C GLU B 631 -133.14 0.07 39.14
N VAL B 632 -132.46 0.53 40.19
CA VAL B 632 -131.18 1.24 40.06
C VAL B 632 -130.20 0.65 41.07
N VAL B 633 -128.92 0.66 40.71
CA VAL B 633 -127.86 0.20 41.60
C VAL B 633 -126.72 1.20 41.59
N PRO B 634 -126.52 1.95 42.67
CA PRO B 634 -125.42 2.92 42.71
C PRO B 634 -124.10 2.26 43.03
N PHE B 635 -123.02 2.95 42.67
CA PHE B 635 -121.65 2.49 42.90
C PHE B 635 -121.38 1.12 42.30
N LEU B 636 -122.01 0.84 41.16
CA LEU B 636 -121.77 -0.44 40.48
C LEU B 636 -120.40 -0.46 39.82
N THR B 637 -119.92 0.69 39.34
CA THR B 637 -118.60 0.79 38.72
C THR B 637 -117.78 1.88 39.39
N ALA B 638 -116.64 2.23 38.79
CA ALA B 638 -115.80 3.29 39.36
C ALA B 638 -116.52 4.62 39.39
N GLN B 639 -117.39 4.88 38.42
CA GLN B 639 -118.15 6.11 38.36
C GLN B 639 -119.58 5.87 38.86
N ALA B 640 -120.42 6.90 38.75
CA ALA B 640 -121.81 6.82 39.17
C ALA B 640 -122.73 6.83 37.95
N THR B 641 -123.94 6.30 38.14
CA THR B 641 -124.91 6.23 37.06
C THR B 641 -125.48 7.63 36.80
N HIS B 642 -125.36 8.09 35.56
CA HIS B 642 -125.83 9.42 35.17
C HIS B 642 -127.21 9.34 34.55
N LEU B 643 -128.18 8.94 35.36
CA LEU B 643 -129.57 8.83 34.91
C LEU B 643 -130.16 10.22 34.72
N ARG B 644 -130.29 10.65 33.48
CA ARG B 644 -130.85 11.96 33.16
C ARG B 644 -131.78 11.85 31.96
N VAL B 645 -132.86 12.62 31.99
CA VAL B 645 -133.84 12.66 30.92
C VAL B 645 -134.05 14.11 30.50
N GLY B 646 -134.18 14.33 29.20
CA GLY B 646 -134.36 15.68 28.70
C GLY B 646 -134.73 15.69 27.24
N TRP B 647 -134.60 16.87 26.63
CA TRP B 647 -134.91 17.07 25.23
C TRP B 647 -133.63 17.34 24.45
N ALA B 648 -133.54 16.72 23.26
CA ALA B 648 -132.38 16.87 22.40
C ALA B 648 -132.83 17.21 20.99
N LEU B 649 -132.06 18.06 20.32
CA LEU B 649 -132.36 18.46 18.96
C LEU B 649 -131.84 17.42 17.97
N THR B 650 -132.29 17.54 16.72
CA THR B 650 -131.90 16.61 15.68
C THR B 650 -130.58 16.98 15.01
N GLU B 651 -130.04 18.16 15.30
CA GLU B 651 -128.78 18.60 14.71
C GLU B 651 -127.93 19.24 15.80
N GLY B 652 -126.86 18.57 16.19
CA GLY B 652 -125.96 19.06 17.22
C GLY B 652 -125.80 18.17 18.43
N TYR B 653 -126.45 17.00 18.48
CA TYR B 653 -126.31 16.12 19.63
C TYR B 653 -125.04 15.28 19.53
N SER B 654 -124.94 14.45 18.49
CA SER B 654 -123.81 13.56 18.24
C SER B 654 -123.52 12.69 19.45
N PRO B 655 -124.39 11.74 19.78
CA PRO B 655 -124.16 10.87 20.96
C PRO B 655 -123.31 9.65 20.60
N TYR B 656 -122.07 9.90 20.19
CA TYR B 656 -121.18 8.80 19.81
C TYR B 656 -120.75 8.03 21.05
N PRO B 657 -120.89 6.70 21.07
CA PRO B 657 -120.47 5.93 22.24
C PRO B 657 -118.96 5.88 22.38
N GLY B 658 -118.44 6.54 23.41
CA GLY B 658 -117.01 6.58 23.64
C GLY B 658 -116.52 7.91 24.17
N GLY B 659 -115.55 8.50 23.49
CA GLY B 659 -115.04 9.80 23.91
C GLY B 659 -116.02 10.91 23.61
N GLY B 660 -116.12 11.85 24.56
CA GLY B 660 -117.02 12.97 24.41
C GLY B 660 -116.47 14.26 24.96
N GLU B 661 -117.29 15.31 24.99
CA GLU B 661 -116.84 16.60 25.50
C GLU B 661 -116.67 16.54 27.01
N GLY B 662 -115.54 17.04 27.50
CA GLY B 662 -115.25 17.04 28.91
C GLY B 662 -114.38 15.88 29.33
N TRP B 663 -114.37 15.63 30.64
CA TRP B 663 -113.59 14.52 31.18
C TRP B 663 -114.23 13.18 30.87
N GLY B 664 -115.48 12.99 31.31
CA GLY B 664 -116.19 11.75 31.10
C GLY B 664 -116.95 11.73 29.79
N GLY B 665 -117.85 10.76 29.69
CA GLY B 665 -118.64 10.61 28.48
C GLY B 665 -119.75 11.63 28.37
N ASN B 666 -120.22 11.82 27.15
CA ASN B 666 -121.28 12.77 26.87
C ASN B 666 -122.64 12.12 26.99
N GLY B 667 -123.69 12.96 26.98
CA GLY B 667 -125.05 12.49 27.08
C GLY B 667 -126.06 13.61 26.94
N VAL B 668 -127.24 13.45 27.53
CA VAL B 668 -128.25 14.49 27.48
C VAL B 668 -127.82 15.67 28.34
N GLY B 669 -127.99 16.88 27.80
CA GLY B 669 -127.58 18.08 28.49
C GLY B 669 -126.09 18.33 28.50
N ASP B 670 -125.29 17.47 27.88
CA ASP B 670 -123.84 17.64 27.85
C ASP B 670 -123.38 18.62 26.77
N ASP B 671 -124.29 19.16 25.97
CA ASP B 671 -123.95 20.10 24.91
C ASP B 671 -124.98 21.22 24.90
N LEU B 672 -124.66 22.27 24.13
CA LEU B 672 -125.56 23.42 24.01
C LEU B 672 -126.78 23.13 23.14
N TYR B 673 -126.80 22.00 22.43
CA TYR B 673 -127.92 21.66 21.57
C TYR B 673 -128.99 20.82 22.27
N SER B 674 -128.72 20.34 23.48
CA SER B 674 -129.67 19.53 24.24
C SER B 674 -129.81 20.09 25.64
N TYR B 675 -130.98 19.84 26.23
CA TYR B 675 -131.30 20.33 27.56
C TYR B 675 -131.95 19.21 28.36
N GLY B 676 -131.44 18.96 29.56
CA GLY B 676 -131.98 17.92 30.42
C GLY B 676 -131.86 18.30 31.87
N PHE B 677 -132.64 17.60 32.70
CA PHE B 677 -132.64 17.85 34.14
C PHE B 677 -133.02 16.56 34.86
N ASP B 678 -132.30 16.27 35.95
CA ASP B 678 -132.58 15.09 36.75
C ASP B 678 -131.95 15.29 38.13
N GLY B 679 -132.74 15.10 39.17
CA GLY B 679 -132.26 15.25 40.53
C GLY B 679 -132.51 16.64 41.05
N LEU B 680 -131.47 17.26 41.63
CA LEU B 680 -131.57 18.60 42.19
C LEU B 680 -130.66 19.60 41.48
N HIS B 681 -130.02 19.20 40.38
CA HIS B 681 -129.12 20.08 39.65
C HIS B 681 -129.41 19.96 38.16
N LEU B 682 -129.41 21.09 37.47
CA LEU B 682 -129.65 21.13 36.04
C LEU B 682 -128.35 20.95 35.27
N TRP B 683 -128.48 20.51 34.02
CA TRP B 683 -127.35 20.28 33.14
C TRP B 683 -127.55 21.06 31.85
N THR B 684 -126.57 21.90 31.52
CA THR B 684 -126.62 22.72 30.30
C THR B 684 -125.20 22.87 29.78
N GLY B 685 -124.88 22.17 28.70
CA GLY B 685 -123.54 22.22 28.14
C GLY B 685 -122.50 21.53 29.00
N HIS B 686 -122.84 20.37 29.57
CA HIS B 686 -121.94 19.61 30.44
C HIS B 686 -121.49 20.42 31.65
N VAL B 687 -122.36 21.28 32.15
CA VAL B 687 -122.06 22.09 33.34
C VAL B 687 -123.15 21.85 34.38
N PRO B 688 -122.95 20.93 35.32
CA PRO B 688 -123.96 20.69 36.36
C PRO B 688 -124.02 21.87 37.33
N ARG B 689 -125.17 22.53 37.37
CA ARG B 689 -125.39 23.69 38.23
C ARG B 689 -126.52 23.40 39.21
N LEU B 690 -126.29 23.70 40.48
CA LEU B 690 -127.31 23.48 41.50
C LEU B 690 -128.45 24.47 41.34
N VAL B 691 -129.67 23.99 41.54
CA VAL B 691 -130.88 24.81 41.41
C VAL B 691 -131.49 25.15 42.75
N THR B 692 -130.87 24.75 43.86
CA THR B 692 -131.37 25.04 45.21
C THR B 692 -132.80 24.54 45.39
N SER B 693 -133.05 23.32 44.93
CA SER B 693 -134.38 22.74 45.06
C SER B 693 -134.64 22.34 46.51
N PRO B 694 -135.86 22.55 47.02
CA PRO B 694 -136.14 22.16 48.41
C PRO B 694 -136.15 20.66 48.62
N GLY B 695 -136.45 19.88 47.58
CA GLY B 695 -136.44 18.44 47.72
C GLY B 695 -135.04 17.89 47.91
N GLN B 696 -134.10 18.33 47.07
CA GLN B 696 -132.70 17.88 47.12
C GLN B 696 -132.60 16.36 47.02
N HIS B 697 -133.46 15.78 46.19
CA HIS B 697 -133.55 14.33 46.03
C HIS B 697 -133.04 13.97 44.64
N LEU B 698 -131.99 13.15 44.59
CA LEU B 698 -131.37 12.81 43.30
C LEU B 698 -132.19 11.76 42.57
N LEU B 699 -132.45 10.62 43.21
CA LEU B 699 -133.20 9.56 42.56
C LEU B 699 -133.68 8.56 43.62
N ALA B 700 -134.78 7.88 43.33
CA ALA B 700 -135.32 6.83 44.17
C ALA B 700 -135.88 5.74 43.27
N PRO B 701 -135.93 4.49 43.75
CA PRO B 701 -136.59 3.44 42.97
C PRO B 701 -138.09 3.68 42.88
N GLU B 702 -138.64 3.37 41.71
CA GLU B 702 -140.07 3.54 41.44
C GLU B 702 -140.51 5.00 41.60
N ASP B 703 -139.63 5.93 41.26
CA ASP B 703 -139.95 7.36 41.32
C ASP B 703 -140.37 7.85 39.94
N VAL B 704 -141.40 8.69 39.92
CA VAL B 704 -141.96 9.23 38.68
C VAL B 704 -141.56 10.69 38.57
N VAL B 705 -140.74 11.00 37.57
CA VAL B 705 -140.27 12.35 37.31
C VAL B 705 -140.62 12.72 35.87
N SER B 706 -141.25 13.86 35.68
CA SER B 706 -141.67 14.32 34.37
C SER B 706 -141.09 15.71 34.09
N CYS B 707 -141.08 16.08 32.82
CA CYS B 707 -140.58 17.37 32.37
C CYS B 707 -141.66 18.12 31.62
N CYS B 708 -141.52 19.45 31.60
CA CYS B 708 -142.48 20.33 30.94
C CYS B 708 -141.72 21.23 29.97
N LEU B 709 -142.00 21.07 28.68
CA LEU B 709 -141.34 21.85 27.64
C LEU B 709 -142.38 22.61 26.83
N ASP B 710 -142.04 23.83 26.43
CA ASP B 710 -142.90 24.68 25.63
C ASP B 710 -142.13 25.21 24.43
N LEU B 711 -142.78 25.23 23.27
CA LEU B 711 -142.12 25.68 22.05
C LEU B 711 -142.11 27.20 21.94
N SER B 712 -143.30 27.81 21.94
CA SER B 712 -143.38 29.26 21.79
C SER B 712 -142.95 29.97 23.08
N VAL B 713 -143.57 29.60 24.20
CA VAL B 713 -143.25 30.21 25.49
C VAL B 713 -141.87 29.75 25.94
N PRO B 714 -140.92 30.67 26.15
CA PRO B 714 -139.59 30.25 26.59
C PRO B 714 -139.57 29.85 28.06
N SER B 715 -140.02 28.62 28.35
CA SER B 715 -140.04 28.13 29.72
C SER B 715 -139.94 26.61 29.67
N ILE B 716 -138.85 26.07 30.19
CA ILE B 716 -138.61 24.63 30.22
C ILE B 716 -138.45 24.23 31.69
N SER B 717 -139.42 23.49 32.22
CA SER B 717 -139.38 23.07 33.60
C SER B 717 -139.53 21.55 33.70
N PHE B 718 -139.65 21.04 34.93
CA PHE B 718 -139.78 19.60 35.15
C PHE B 718 -140.60 19.36 36.40
N ARG B 719 -141.48 18.35 36.33
CA ARG B 719 -142.32 17.97 37.46
C ARG B 719 -141.58 16.91 38.27
N ILE B 720 -141.06 17.32 39.42
CA ILE B 720 -140.29 16.43 40.30
C ILE B 720 -141.25 15.92 41.36
N ASN B 721 -141.68 14.66 41.22
CA ASN B 721 -142.59 14.01 42.16
C ASN B 721 -143.89 14.80 42.30
N GLY B 722 -144.46 15.19 41.17
CA GLY B 722 -145.68 15.97 41.15
C GLY B 722 -145.52 17.43 41.53
N CYS B 723 -144.30 17.92 41.66
CA CYS B 723 -144.06 19.31 42.01
C CYS B 723 -143.22 20.00 40.94
N PRO B 724 -143.55 21.23 40.59
CA PRO B 724 -142.79 21.94 39.54
C PRO B 724 -141.46 22.43 40.07
N VAL B 725 -140.39 22.14 39.32
CA VAL B 725 -139.06 22.57 39.72
C VAL B 725 -138.88 24.05 39.39
N GLN B 726 -137.97 24.69 40.13
CA GLN B 726 -137.70 26.12 39.95
C GLN B 726 -136.81 26.41 38.74
N GLY B 727 -136.34 25.37 38.05
CA GLY B 727 -135.49 25.60 36.88
C GLY B 727 -136.32 25.96 35.66
N VAL B 728 -135.81 26.94 34.91
CA VAL B 728 -136.49 27.43 33.71
C VAL B 728 -135.42 27.81 32.68
N PHE B 729 -135.68 27.46 31.42
CA PHE B 729 -134.79 27.77 30.31
C PHE B 729 -135.51 28.71 29.37
N GLU B 730 -135.01 29.94 29.26
CA GLU B 730 -135.62 30.97 28.42
C GLU B 730 -134.59 31.56 27.48
N ALA B 731 -135.08 32.30 26.49
CA ALA B 731 -134.23 33.00 25.52
C ALA B 731 -133.29 32.04 24.80
N PHE B 732 -133.82 30.90 24.38
CA PHE B 732 -133.06 29.89 23.65
C PHE B 732 -133.59 29.78 22.23
N ASN B 733 -132.68 29.69 21.26
CA ASN B 733 -133.03 29.58 19.85
C ASN B 733 -133.29 28.13 19.51
N LEU B 734 -134.43 27.87 18.88
CA LEU B 734 -134.84 26.51 18.49
C LEU B 734 -134.94 26.48 16.96
N ASN B 735 -133.82 26.24 16.31
CA ASN B 735 -133.78 26.12 14.84
C ASN B 735 -133.91 24.66 14.40
N GLY B 736 -134.95 23.99 14.88
CA GLY B 736 -135.16 22.60 14.54
C GLY B 736 -136.14 21.96 15.50
N LEU B 737 -136.23 20.64 15.40
CA LEU B 737 -137.13 19.88 16.25
C LEU B 737 -136.48 19.59 17.61
N PHE B 738 -137.31 19.18 18.57
CA PHE B 738 -136.84 18.88 19.93
C PHE B 738 -137.60 17.63 20.40
N PHE B 739 -136.92 16.48 20.35
CA PHE B 739 -137.50 15.21 20.75
C PHE B 739 -137.00 14.82 22.15
N PRO B 740 -137.80 14.07 22.91
CA PRO B 740 -137.35 13.63 24.23
C PRO B 740 -136.29 12.54 24.11
N VAL B 741 -135.33 12.56 25.04
CA VAL B 741 -134.26 11.60 25.08
C VAL B 741 -133.96 11.23 26.52
N VAL B 742 -133.39 10.04 26.71
CA VAL B 742 -133.06 9.54 28.04
C VAL B 742 -131.72 8.81 27.96
N SER B 743 -130.88 9.02 28.97
CA SER B 743 -129.58 8.38 29.06
C SER B 743 -129.52 7.54 30.33
N PHE B 744 -128.96 6.35 30.20
CA PHE B 744 -128.87 5.41 31.32
C PHE B 744 -127.55 4.66 31.24
N SER B 745 -127.05 4.26 32.41
CA SER B 745 -125.82 3.49 32.50
C SER B 745 -126.13 2.00 32.37
N ALA B 746 -125.08 1.18 32.42
CA ALA B 746 -125.24 -0.26 32.28
C ALA B 746 -125.87 -0.84 33.54
N GLY B 747 -126.94 -1.60 33.37
CA GLY B 747 -127.61 -2.25 34.48
C GLY B 747 -128.80 -1.48 35.04
N VAL B 748 -129.23 -0.41 34.40
CA VAL B 748 -130.35 0.41 34.85
C VAL B 748 -131.52 0.19 33.90
N LYS B 749 -132.70 -0.05 34.47
CA LYS B 749 -133.92 -0.25 33.69
C LYS B 749 -134.89 0.89 33.97
N VAL B 750 -135.42 1.48 32.90
CA VAL B 750 -136.36 2.60 33.00
C VAL B 750 -137.57 2.29 32.13
N ARG B 751 -138.73 2.76 32.57
CA ARG B 751 -139.99 2.56 31.86
C ARG B 751 -140.42 3.89 31.24
N PHE B 752 -140.53 3.91 29.91
CA PHE B 752 -140.96 5.09 29.17
C PHE B 752 -142.46 4.99 28.90
N LEU B 753 -143.20 5.98 29.39
CA LEU B 753 -144.65 6.02 29.24
C LEU B 753 -145.03 7.13 28.27
N LEU B 754 -145.92 6.81 27.33
CA LEU B 754 -146.36 7.80 26.34
C LEU B 754 -147.47 8.68 26.91
N GLY B 755 -148.53 8.08 27.43
CA GLY B 755 -149.63 8.83 27.99
C GLY B 755 -150.94 8.59 27.28
N GLY B 756 -151.01 7.54 26.47
CA GLY B 756 -152.22 7.21 25.75
C GLY B 756 -152.59 5.75 25.85
N ARG B 757 -152.87 5.12 24.70
CA ARG B 757 -153.21 3.71 24.65
C ARG B 757 -151.99 2.80 24.70
N HIS B 758 -150.78 3.36 24.77
CA HIS B 758 -149.57 2.54 24.81
C HIS B 758 -149.36 1.94 26.19
N GLY B 759 -149.51 2.75 27.23
CA GLY B 759 -149.30 2.28 28.59
C GLY B 759 -150.17 3.04 29.57
N GLU B 760 -150.20 2.53 30.80
CA GLU B 760 -150.99 3.14 31.85
C GLU B 760 -150.35 4.46 32.28
N PHE B 761 -151.15 5.53 32.29
CA PHE B 761 -150.66 6.84 32.67
C PHE B 761 -150.80 7.03 34.18
N LYS B 762 -149.70 7.34 34.84
CA LYS B 762 -149.68 7.34 36.31
C LYS B 762 -150.29 8.62 36.87
N PHE B 763 -149.71 9.78 36.57
CA PHE B 763 -150.14 11.05 37.13
C PHE B 763 -150.73 11.92 36.03
N LEU B 764 -151.92 12.46 36.31
CA LEU B 764 -152.65 13.24 35.32
C LEU B 764 -151.83 14.45 34.89
N PRO B 765 -152.01 14.90 33.64
CA PRO B 765 -151.22 16.04 33.16
C PRO B 765 -151.66 17.33 33.83
N PRO B 766 -150.78 18.31 33.93
CA PRO B 766 -151.17 19.62 34.49
C PRO B 766 -152.18 20.30 33.59
N PRO B 767 -152.98 21.22 34.14
CA PRO B 767 -153.97 21.92 33.31
C PRO B 767 -153.29 22.75 32.23
N GLY B 768 -153.87 22.72 31.03
CA GLY B 768 -153.33 23.44 29.90
C GLY B 768 -152.29 22.67 29.09
N TYR B 769 -151.99 21.44 29.46
CA TYR B 769 -151.01 20.62 28.77
C TYR B 769 -151.68 19.40 28.16
N ALA B 770 -151.01 18.79 27.19
CA ALA B 770 -151.49 17.61 26.51
C ALA B 770 -150.43 16.53 26.50
N PRO B 771 -150.84 15.26 26.59
CA PRO B 771 -149.86 14.17 26.55
C PRO B 771 -149.15 14.10 25.20
N CYS B 772 -147.97 13.47 25.23
CA CYS B 772 -147.15 13.34 24.02
C CYS B 772 -147.63 12.23 23.10
N HIS B 773 -148.78 11.62 23.38
CA HIS B 773 -149.34 10.63 22.48
C HIS B 773 -149.70 11.25 21.12
N GLU B 774 -150.00 12.54 21.12
CA GLU B 774 -150.25 13.28 19.88
C GLU B 774 -148.91 13.72 19.28
N ALA B 775 -148.97 14.58 18.27
CA ALA B 775 -147.81 15.11 17.57
C ALA B 775 -146.98 14.03 16.90
N VAL B 776 -147.49 12.82 16.77
CA VAL B 776 -146.78 11.72 16.14
C VAL B 776 -147.20 11.63 14.68
N LEU B 777 -146.24 11.38 13.81
CA LEU B 777 -146.53 11.26 12.39
C LEU B 777 -147.41 10.03 12.16
N PRO B 778 -148.60 10.18 11.57
CA PRO B 778 -149.46 9.01 11.36
C PRO B 778 -148.90 8.01 10.37
N ARG B 779 -147.98 8.43 9.51
CA ARG B 779 -147.36 7.50 8.56
C ARG B 779 -146.32 6.60 9.20
N GLU B 780 -145.89 6.91 10.42
CA GLU B 780 -144.91 6.12 11.15
C GLU B 780 -145.59 5.37 12.29
N ARG B 781 -144.81 4.55 13.00
CA ARG B 781 -145.29 3.76 14.11
C ARG B 781 -144.49 4.09 15.37
N LEU B 782 -145.09 3.79 16.52
CA LEU B 782 -144.45 4.04 17.80
C LEU B 782 -143.35 3.01 18.04
N ARG B 783 -142.11 3.48 18.10
CA ARG B 783 -140.96 2.60 18.32
C ARG B 783 -139.81 3.43 18.84
N LEU B 784 -138.84 2.74 19.45
CA LEU B 784 -137.65 3.39 20.00
C LEU B 784 -136.45 3.10 19.11
N GLU B 785 -135.64 4.14 18.88
CA GLU B 785 -134.44 4.03 18.06
C GLU B 785 -133.40 5.01 18.57
N PRO B 786 -132.13 4.63 18.57
CA PRO B 786 -131.08 5.54 19.03
C PRO B 786 -130.77 6.60 17.97
N ILE B 787 -129.88 7.51 18.33
CA ILE B 787 -129.47 8.61 17.47
C ILE B 787 -128.07 8.32 16.95
N LYS B 788 -127.88 8.44 15.63
CA LYS B 788 -126.60 8.22 14.98
C LYS B 788 -126.06 6.82 15.27
N GLU B 789 -126.89 5.82 14.99
CA GLU B 789 -126.53 4.42 15.21
C GLU B 789 -125.75 3.92 13.99
N TYR B 790 -124.44 4.18 14.00
CA TYR B 790 -123.59 3.74 12.91
C TYR B 790 -123.36 2.22 12.93
N ARG B 791 -123.63 1.56 14.05
CA ARG B 791 -123.48 0.12 14.17
C ARG B 791 -124.81 -0.50 14.57
N ARG B 792 -125.13 -1.63 13.94
CA ARG B 792 -126.38 -2.34 14.20
C ARG B 792 -126.09 -3.83 14.29
N GLU B 793 -126.65 -4.48 15.30
CA GLU B 793 -126.46 -5.91 15.46
C GLU B 793 -127.27 -6.68 14.42
N GLY B 794 -126.66 -7.72 13.86
CA GLY B 794 -127.30 -8.52 12.84
C GLY B 794 -127.29 -10.00 13.18
N PRO B 795 -128.05 -10.78 12.41
CA PRO B 795 -128.08 -12.24 12.67
C PRO B 795 -126.73 -12.90 12.46
N ARG B 796 -125.98 -12.49 11.43
CA ARG B 796 -124.68 -13.07 11.13
C ARG B 796 -123.53 -12.23 11.67
N GLY B 797 -123.57 -10.91 11.46
CA GLY B 797 -122.53 -10.04 11.92
C GLY B 797 -123.00 -8.61 12.08
N PRO B 798 -122.10 -7.72 12.50
CA PRO B 798 -122.48 -6.32 12.68
C PRO B 798 -122.72 -5.64 11.34
N HIS B 799 -123.66 -4.69 11.35
CA HIS B 799 -124.04 -3.94 10.16
C HIS B 799 -123.60 -2.49 10.30
N LEU B 800 -123.40 -1.85 9.15
CA LEU B 800 -122.98 -0.46 9.09
C LEU B 800 -124.12 0.37 8.50
N VAL B 801 -124.60 1.35 9.27
CA VAL B 801 -125.70 2.21 8.87
C VAL B 801 -125.21 3.65 8.85
N GLY B 802 -125.48 4.35 7.75
CA GLY B 802 -125.07 5.72 7.60
C GLY B 802 -126.15 6.69 8.04
N PRO B 803 -125.95 7.98 7.76
CA PRO B 803 -126.95 8.97 8.13
C PRO B 803 -128.19 8.87 7.25
N SER B 804 -129.34 9.13 7.87
CA SER B 804 -130.62 9.04 7.19
C SER B 804 -131.30 10.41 7.20
N ARG B 805 -132.18 10.61 6.22
CA ARG B 805 -132.90 11.87 6.10
C ARG B 805 -133.95 11.99 7.21
N CYS B 806 -134.26 13.24 7.56
CA CYS B 806 -135.25 13.52 8.61
C CYS B 806 -136.01 14.79 8.23
N LEU B 807 -137.06 15.07 8.99
CA LEU B 807 -137.88 16.25 8.74
C LEU B 807 -137.11 17.51 9.11
N SER B 808 -137.46 18.61 8.44
CA SER B 808 -136.84 19.90 8.67
C SER B 808 -137.88 20.89 9.19
N HIS B 809 -137.40 21.83 10.00
CA HIS B 809 -138.31 22.84 10.56
C HIS B 809 -138.73 23.86 9.50
N THR B 810 -137.89 24.09 8.49
CA THR B 810 -138.25 25.03 7.44
C THR B 810 -139.29 24.45 6.49
N ASP B 811 -139.11 23.20 6.08
CA ASP B 811 -140.05 22.55 5.17
C ASP B 811 -141.32 22.08 5.87
N PHE B 812 -141.38 22.16 7.20
CA PHE B 812 -142.58 21.73 7.91
C PHE B 812 -143.73 22.72 7.72
N VAL B 813 -143.42 23.98 7.44
CA VAL B 813 -144.45 25.00 7.23
C VAL B 813 -145.07 24.79 5.84
N PRO B 814 -146.34 25.13 5.67
CA PRO B 814 -146.98 24.93 4.35
C PRO B 814 -146.67 26.09 3.41
N CYS B 815 -146.73 25.77 2.11
CA CYS B 815 -146.46 26.76 1.06
C CYS B 815 -147.50 26.56 -0.03
N PRO B 816 -148.17 27.64 -0.48
CA PRO B 816 -149.19 27.56 -1.53
C PRO B 816 -148.69 28.05 -2.88
N LEU B 817 -156.43 36.23 -18.03
CA LEU B 817 -157.86 35.93 -17.90
C LEU B 817 -158.59 36.22 -19.22
N PRO B 818 -158.44 35.32 -20.18
CA PRO B 818 -159.10 35.51 -21.48
C PRO B 818 -160.47 34.85 -21.49
N PRO B 819 -161.24 35.02 -22.57
CA PRO B 819 -162.56 34.37 -22.61
C PRO B 819 -162.47 32.86 -22.70
N HIS B 820 -161.40 32.32 -23.29
CA HIS B 820 -161.24 30.87 -23.32
C HIS B 820 -161.10 30.28 -21.92
N LEU B 821 -160.52 31.05 -20.99
CA LEU B 821 -160.41 30.58 -19.61
C LEU B 821 -161.80 30.36 -19.00
N GLU B 822 -162.70 31.33 -19.17
CA GLU B 822 -164.05 31.17 -18.63
C GLU B 822 -164.82 30.10 -19.40
N ARG B 823 -164.59 29.99 -20.71
CA ARG B 823 -165.27 28.96 -21.50
C ARG B 823 -164.86 27.56 -21.03
N ILE B 824 -163.60 27.39 -20.64
CA ILE B 824 -163.16 26.10 -20.13
C ILE B 824 -163.62 25.91 -18.69
N ARG B 825 -163.68 26.99 -17.90
CA ARG B 825 -164.11 26.87 -16.51
C ARG B 825 -165.59 26.50 -16.41
N GLU B 826 -166.41 26.96 -17.35
CA GLU B 826 -167.81 26.56 -17.36
C GLU B 826 -167.95 25.05 -17.52
N LYS B 827 -167.25 24.48 -18.51
CA LYS B 827 -167.27 23.03 -18.70
C LYS B 827 -166.64 22.29 -17.52
N LEU B 828 -165.62 22.89 -16.90
CA LEU B 828 -165.00 22.26 -15.73
C LEU B 828 -165.99 22.18 -14.57
N ALA B 829 -166.74 23.26 -14.34
CA ALA B 829 -167.75 23.25 -13.28
C ALA B 829 -168.87 22.27 -13.60
N GLU B 830 -169.28 22.20 -14.87
CA GLU B 830 -170.29 21.23 -15.28
C GLU B 830 -169.83 19.81 -15.02
N ASN B 831 -168.58 19.51 -15.38
CA ASN B 831 -168.03 18.18 -15.15
C ASN B 831 -167.88 17.88 -13.66
N ILE B 832 -167.54 18.90 -12.86
CA ILE B 832 -167.42 18.69 -11.42
C ILE B 832 -168.78 18.38 -10.81
N HIS B 833 -169.82 19.10 -11.23
CA HIS B 833 -171.17 18.81 -10.76
C HIS B 833 -171.63 17.42 -11.20
N GLU B 834 -171.29 17.03 -12.43
CA GLU B 834 -171.64 15.71 -12.91
C GLU B 834 -170.93 14.62 -12.12
N LEU B 835 -169.66 14.84 -11.79
CA LEU B 835 -168.92 13.85 -10.99
C LEU B 835 -169.46 13.78 -9.56
N TRP B 836 -169.89 14.93 -9.02
CA TRP B 836 -170.52 14.92 -7.70
C TRP B 836 -171.82 14.11 -7.72
N ALA B 837 -172.64 14.32 -8.75
CA ALA B 837 -173.85 13.52 -8.88
C ALA B 837 -173.53 12.04 -9.06
N LEU B 838 -172.45 11.74 -9.79
CA LEU B 838 -172.06 10.36 -10.02
C LEU B 838 -171.66 9.67 -8.72
N THR B 839 -170.82 10.33 -7.92
CA THR B 839 -170.40 9.72 -6.66
C THR B 839 -171.54 9.69 -5.64
N ARG B 840 -172.47 10.64 -5.72
CA ARG B 840 -173.63 10.59 -4.83
C ARG B 840 -174.56 9.43 -5.19
N ILE B 841 -174.69 9.14 -6.48
CA ILE B 841 -175.52 8.02 -6.90
C ILE B 841 -174.81 6.70 -6.62
N GLU B 842 -173.47 6.68 -6.72
CA GLU B 842 -172.73 5.45 -6.45
C GLU B 842 -172.70 5.13 -4.97
N GLN B 843 -172.64 6.15 -4.12
CA GLN B 843 -172.65 5.94 -2.68
C GLN B 843 -174.04 5.62 -2.13
N GLY B 844 -175.05 5.53 -2.99
CA GLY B 844 -176.40 5.25 -2.57
C GLY B 844 -177.18 6.43 -2.04
N TRP B 845 -176.53 7.59 -1.85
CA TRP B 845 -177.20 8.79 -1.34
C TRP B 845 -177.57 9.68 -2.53
N THR B 846 -178.67 9.32 -3.19
CA THR B 846 -179.16 10.10 -4.31
C THR B 846 -179.70 11.45 -3.82
N TYR B 847 -179.78 12.39 -4.75
CA TYR B 847 -180.26 13.73 -4.41
C TYR B 847 -181.74 13.69 -4.04
N GLY B 848 -182.09 14.34 -2.94
CA GLY B 848 -183.46 14.38 -2.47
C GLY B 848 -183.86 15.78 -2.03
N PRO B 849 -184.87 15.85 -1.15
CA PRO B 849 -185.30 17.18 -0.68
C PRO B 849 -184.31 17.82 0.28
N VAL B 850 -183.76 17.05 1.21
CA VAL B 850 -182.82 17.56 2.20
C VAL B 850 -181.66 16.59 2.33
N ARG B 851 -180.49 17.11 2.70
CA ARG B 851 -179.30 16.29 2.87
C ARG B 851 -179.46 15.40 4.09
N ASP B 852 -179.54 14.09 3.85
CA ASP B 852 -179.69 13.10 4.92
C ASP B 852 -178.69 11.97 4.70
N ASP B 853 -177.65 11.94 5.53
CA ASP B 853 -176.64 10.89 5.39
C ASP B 853 -177.18 9.54 5.80
N ASN B 854 -178.02 9.50 6.84
CA ASN B 854 -178.60 8.24 7.28
C ASN B 854 -179.66 7.73 6.31
N LYS B 855 -180.52 8.63 5.83
CA LYS B 855 -181.56 8.26 4.88
C LYS B 855 -181.08 8.23 3.45
N ARG B 856 -179.78 8.42 3.22
CA ARG B 856 -179.18 8.39 1.87
C ARG B 856 -179.86 9.42 0.96
N LEU B 857 -179.72 10.69 1.34
CA LEU B 857 -180.31 11.79 0.58
C LEU B 857 -179.31 12.95 0.52
N HIS B 858 -179.38 13.70 -0.57
CA HIS B 858 -178.50 14.84 -0.79
C HIS B 858 -179.34 16.07 -1.09
N PRO B 859 -179.07 17.20 -0.44
CA PRO B 859 -179.91 18.39 -0.65
C PRO B 859 -179.78 18.99 -2.05
N CYS B 860 -178.55 19.24 -2.49
CA CYS B 860 -178.29 19.97 -3.73
C CYS B 860 -177.24 19.24 -4.56
N LEU B 861 -177.40 17.93 -4.72
CA LEU B 861 -176.52 17.16 -5.60
C LEU B 861 -176.85 17.33 -7.07
N VAL B 862 -177.89 18.09 -7.40
CA VAL B 862 -178.24 18.31 -8.80
C VAL B 862 -177.25 19.29 -9.43
N ASP B 863 -177.23 19.33 -10.76
CA ASP B 863 -176.32 20.18 -11.49
C ASP B 863 -176.55 21.65 -11.15
N PHE B 864 -175.53 22.48 -11.39
CA PHE B 864 -175.58 23.88 -11.00
C PHE B 864 -176.57 24.69 -11.84
N HIS B 865 -176.94 24.21 -13.03
CA HIS B 865 -177.86 24.96 -13.87
C HIS B 865 -179.27 25.01 -13.29
N SER B 866 -179.60 24.08 -12.39
CA SER B 866 -180.92 24.06 -11.74
C SER B 866 -180.84 24.05 -10.23
N LEU B 867 -179.64 24.11 -9.64
CA LEU B 867 -179.48 24.10 -8.20
C LEU B 867 -179.57 25.52 -7.64
N PRO B 868 -179.45 25.69 -6.33
CA PRO B 868 -179.51 27.02 -5.73
C PRO B 868 -178.20 27.77 -5.95
N GLU B 869 -178.12 28.96 -5.34
CA GLU B 869 -176.95 29.81 -5.47
C GLU B 869 -175.74 29.18 -4.77
N PRO B 870 -175.95 28.41 -3.71
CA PRO B 870 -174.82 27.81 -2.99
C PRO B 870 -174.06 26.80 -3.84
N GLU B 871 -174.79 25.87 -4.46
CA GLU B 871 -174.15 24.86 -5.30
C GLU B 871 -173.48 25.51 -6.52
N ARG B 872 -174.13 26.54 -7.09
CA ARG B 872 -173.54 27.24 -8.23
C ARG B 872 -172.25 27.94 -7.83
N ASN B 873 -172.23 28.59 -6.67
CA ASN B 873 -171.03 29.25 -6.20
C ASN B 873 -169.92 28.23 -5.90
N TYR B 874 -170.29 27.08 -5.33
CA TYR B 874 -169.30 26.04 -5.08
C TYR B 874 -168.71 25.52 -6.38
N ASN B 875 -169.55 25.30 -7.39
CA ASN B 875 -169.05 24.82 -8.68
C ASN B 875 -168.16 25.86 -9.34
N LEU B 876 -168.53 27.14 -9.25
CA LEU B 876 -167.70 28.19 -9.82
C LEU B 876 -166.36 28.29 -9.11
N GLN B 877 -166.35 28.15 -7.79
CA GLN B 877 -165.10 28.19 -7.05
C GLN B 877 -164.21 26.99 -7.40
N MET B 878 -164.80 25.81 -7.53
CA MET B 878 -164.03 24.63 -7.93
C MET B 878 -163.45 24.80 -9.33
N SER B 879 -164.25 25.36 -10.24
CA SER B 879 -163.76 25.60 -11.60
C SER B 879 -162.63 26.62 -11.62
N GLY B 880 -162.76 27.68 -10.83
CA GLY B 880 -161.69 28.67 -10.75
C GLY B 880 -160.42 28.09 -10.16
N GLU B 881 -160.55 27.24 -9.13
CA GLU B 881 -159.38 26.60 -8.54
C GLU B 881 -158.71 25.66 -9.55
N THR B 882 -159.51 24.91 -10.31
CA THR B 882 -158.95 24.02 -11.31
C THR B 882 -158.25 24.82 -12.41
N LEU B 883 -158.85 25.93 -12.84
CA LEU B 883 -158.21 26.76 -13.87
C LEU B 883 -156.92 27.36 -13.36
N LYS B 884 -156.89 27.81 -12.11
CA LYS B 884 -155.66 28.36 -11.54
C LYS B 884 -154.58 27.28 -11.44
N THR B 885 -154.95 26.08 -11.01
CA THR B 885 -153.99 24.99 -10.91
C THR B 885 -153.46 24.59 -12.28
N LEU B 886 -154.30 24.65 -13.31
CA LEU B 886 -153.84 24.33 -14.67
C LEU B 886 -152.93 25.42 -15.21
N LEU B 887 -153.25 26.69 -14.92
CA LEU B 887 -152.42 27.79 -15.42
C LEU B 887 -151.10 27.88 -14.67
N ALA B 888 -151.05 27.39 -13.43
CA ALA B 888 -149.80 27.44 -12.66
C ALA B 888 -148.72 26.54 -13.25
N LEU B 889 -149.09 25.57 -14.08
CA LEU B 889 -148.10 24.70 -14.69
C LEU B 889 -147.23 25.45 -15.70
N GLY B 890 -147.83 26.39 -16.43
CA GLY B 890 -147.11 27.16 -17.41
C GLY B 890 -147.02 26.55 -18.79
N CYS B 891 -147.70 25.43 -19.03
CA CYS B 891 -147.67 24.80 -20.34
C CYS B 891 -148.51 25.60 -21.34
N HIS B 892 -148.33 25.26 -22.62
CA HIS B 892 -149.07 25.93 -23.68
C HIS B 892 -150.55 25.55 -23.62
N VAL B 893 -151.42 26.55 -23.46
CA VAL B 893 -152.85 26.34 -23.36
C VAL B 893 -153.50 27.02 -24.55
N GLY B 894 -154.26 26.25 -25.34
CA GLY B 894 -154.93 26.78 -26.50
C GLY B 894 -155.90 25.78 -27.07
N MET B 895 -156.86 26.30 -27.84
CA MET B 895 -157.86 25.44 -28.47
C MET B 895 -157.21 24.61 -29.56
N ALA B 896 -157.41 23.29 -29.50
CA ALA B 896 -156.83 22.40 -30.49
C ALA B 896 -157.53 22.53 -31.83
N ASP B 897 -158.83 22.24 -31.86
CA ASP B 897 -159.61 22.31 -33.09
C ASP B 897 -161.09 22.36 -32.71
N GLU B 898 -161.95 22.43 -33.73
CA GLU B 898 -163.39 22.46 -33.51
C GLU B 898 -163.93 21.12 -33.05
N LYS B 899 -163.18 20.04 -33.25
CA LYS B 899 -163.62 18.70 -32.86
C LYS B 899 -163.52 18.48 -31.35
N ALA B 900 -162.95 19.42 -30.60
CA ALA B 900 -162.84 19.26 -29.16
C ALA B 900 -164.17 19.55 -28.46
N GLU B 901 -164.87 20.60 -28.90
CA GLU B 901 -166.16 20.94 -28.31
C GLU B 901 -167.27 20.02 -28.75
N ASP B 902 -167.08 19.29 -29.85
CA ASP B 902 -168.08 18.37 -30.37
C ASP B 902 -167.71 16.95 -29.96
N ASN B 903 -168.59 16.29 -29.21
CA ASN B 903 -168.36 14.95 -28.72
C ASN B 903 -169.67 14.17 -28.82
N LEU B 904 -169.71 13.01 -28.16
CA LEU B 904 -170.89 12.17 -28.18
C LEU B 904 -172.01 12.82 -27.36
N ARG B 905 -173.15 12.13 -27.30
CA ARG B 905 -174.30 12.64 -26.56
C ARG B 905 -174.00 12.69 -25.07
N LYS B 906 -174.68 13.61 -24.38
CA LYS B 906 -174.48 13.77 -22.95
C LYS B 906 -175.07 12.59 -22.18
N THR B 907 -174.75 12.53 -20.90
CA THR B 907 -175.22 11.46 -20.05
C THR B 907 -176.71 11.60 -19.77
N LYS B 908 -177.43 10.49 -19.83
CA LYS B 908 -178.87 10.44 -19.61
C LYS B 908 -179.22 9.32 -18.64
N LEU B 909 -178.46 9.23 -17.55
CA LEU B 909 -178.63 8.22 -16.51
C LEU B 909 -178.53 6.82 -17.11
N PRO B 910 -177.43 6.50 -17.80
CA PRO B 910 -177.30 5.16 -18.39
C PRO B 910 -176.90 4.12 -17.36
N LYS B 911 -176.12 4.53 -16.36
CA LYS B 911 -175.68 3.59 -15.33
C LYS B 911 -176.83 3.23 -14.39
N THR B 912 -177.56 4.23 -13.91
CA THR B 912 -178.68 4.03 -13.00
C THR B 912 -179.98 4.34 -13.73
N TYR B 913 -180.85 3.34 -13.84
CA TYR B 913 -182.13 3.54 -14.53
C TYR B 913 -183.05 4.45 -13.72
N MET B 914 -183.09 4.29 -12.40
CA MET B 914 -183.91 5.09 -11.51
C MET B 914 -182.99 5.95 -10.65
N MET B 915 -182.97 7.25 -10.92
CA MET B 915 -182.12 8.19 -10.19
C MET B 915 -182.97 9.37 -9.77
N SER B 916 -183.07 9.60 -8.46
CA SER B 916 -183.84 10.72 -7.94
C SER B 916 -183.18 12.07 -8.17
N ASN B 917 -181.90 12.08 -8.56
CA ASN B 917 -181.22 13.35 -8.79
C ASN B 917 -181.76 14.06 -10.03
N GLY B 918 -181.81 13.35 -11.16
CA GLY B 918 -182.29 13.94 -12.39
C GLY B 918 -181.34 14.96 -12.97
N TYR B 919 -180.07 14.58 -13.11
CA TYR B 919 -179.04 15.47 -13.65
C TYR B 919 -178.13 14.64 -14.55
N LYS B 920 -177.00 15.22 -14.92
CA LYS B 920 -176.03 14.53 -15.76
C LYS B 920 -175.37 13.40 -14.98
N PRO B 921 -175.43 12.16 -15.46
CA PRO B 921 -174.81 11.05 -14.71
C PRO B 921 -173.29 11.14 -14.70
N ALA B 922 -172.69 11.34 -15.87
CA ALA B 922 -171.24 11.41 -15.99
C ALA B 922 -170.83 12.78 -16.52
N PRO B 923 -169.53 13.10 -16.48
CA PRO B 923 -169.09 14.41 -16.98
C PRO B 923 -169.30 14.56 -18.48
N LEU B 924 -168.79 13.60 -19.26
CA LEU B 924 -168.91 13.62 -20.72
C LEU B 924 -168.35 14.92 -21.31
N ASP B 925 -167.24 15.39 -20.73
CA ASP B 925 -166.62 16.64 -21.19
C ASP B 925 -165.46 16.34 -22.14
N ALA B 926 -146.21 12.93 -16.64
CA ALA B 926 -146.28 14.36 -16.91
C ALA B 926 -147.59 14.95 -16.40
N GLN B 927 -148.69 14.55 -17.03
CA GLN B 927 -150.00 15.05 -16.61
C GLN B 927 -150.36 14.56 -15.22
N THR B 928 -150.09 13.29 -14.91
CA THR B 928 -150.37 12.78 -13.58
C THR B 928 -149.53 13.48 -12.53
N THR B 929 -148.25 13.72 -12.82
CA THR B 929 -147.38 14.43 -11.88
C THR B 929 -147.85 15.86 -11.68
N LEU B 930 -148.29 16.53 -12.75
CA LEU B 930 -148.81 17.88 -12.62
C LEU B 930 -150.08 17.92 -11.79
N VAL B 931 -150.96 16.93 -11.99
CA VAL B 931 -152.20 16.87 -11.22
C VAL B 931 -151.89 16.60 -9.74
N ASP B 932 -150.92 15.74 -9.47
CA ASP B 932 -150.53 15.47 -8.09
C ASP B 932 -149.93 16.71 -7.44
N ARG B 933 -149.11 17.46 -8.18
CA ARG B 933 -148.54 18.69 -7.63
C ARG B 933 -149.63 19.72 -7.37
N LEU B 934 -150.61 19.82 -8.27
CA LEU B 934 -151.72 20.75 -8.05
C LEU B 934 -152.55 20.36 -6.83
N ALA B 935 -152.81 19.06 -6.65
CA ALA B 935 -153.54 18.61 -5.48
C ALA B 935 -152.76 18.87 -4.21
N GLU B 936 -151.44 18.67 -4.23
CA GLU B 936 -150.62 18.96 -3.06
C GLU B 936 -150.61 20.45 -2.74
N ASN B 937 -150.54 21.30 -3.77
CA ASN B 937 -150.60 22.74 -3.55
C ASN B 937 -151.94 23.15 -2.98
N GLY B 938 -153.03 22.56 -3.47
CA GLY B 938 -154.35 22.86 -2.92
C GLY B 938 -154.48 22.43 -1.47
N HIS B 939 -153.97 21.25 -1.15
CA HIS B 939 -153.99 20.78 0.23
C HIS B 939 -153.16 21.68 1.14
N ASN B 940 -152.00 22.13 0.64
CA ASN B 940 -151.17 23.04 1.43
C ASN B 940 -151.86 24.38 1.64
N VAL B 941 -152.56 24.88 0.62
CA VAL B 941 -153.29 26.14 0.76
C VAL B 941 -154.43 25.98 1.77
N TRP B 942 -155.12 24.84 1.72
CA TRP B 942 -156.19 24.59 2.69
C TRP B 942 -155.64 24.50 4.11
N ALA B 943 -154.48 23.84 4.28
CA ALA B 943 -153.88 23.76 5.60
C ALA B 943 -153.43 25.13 6.10
N ARG B 944 -152.91 25.96 5.20
CA ARG B 944 -152.50 27.31 5.59
C ARG B 944 -153.71 28.16 5.98
N ASP B 945 -154.82 28.01 5.24
CA ASP B 945 -156.04 28.73 5.60
C ASP B 945 -156.58 28.27 6.93
N ARG B 946 -156.52 26.97 7.20
CA ARG B 946 -156.98 26.45 8.49
C ARG B 946 -156.10 26.93 9.63
N VAL B 947 -154.78 27.01 9.39
CA VAL B 947 -153.87 27.52 10.42
C VAL B 947 -154.11 28.99 10.67
N ALA B 948 -154.39 29.76 9.62
CA ALA B 948 -154.72 31.17 9.79
C ALA B 948 -156.06 31.35 10.50
N GLN B 949 -156.97 30.39 10.34
CA GLN B 949 -158.26 30.42 11.03
C GLN B 949 -158.16 29.99 12.49
N GLY B 950 -156.96 29.70 12.99
CA GLY B 950 -156.79 29.31 14.37
C GLY B 950 -156.82 27.81 14.59
N TRP B 951 -156.03 27.07 13.81
CA TRP B 951 -155.97 25.62 13.96
C TRP B 951 -155.15 25.25 15.18
N SER B 952 -155.61 24.24 15.91
CA SER B 952 -154.90 23.80 17.12
C SER B 952 -153.65 23.01 16.77
N TYR B 953 -153.81 21.88 16.08
CA TYR B 953 -152.68 21.04 15.71
C TYR B 953 -153.13 20.09 14.60
N SER B 954 -152.14 19.48 13.95
CA SER B 954 -152.37 18.50 12.90
C SER B 954 -151.96 17.09 13.33
N ALA B 955 -152.16 16.78 14.61
CA ALA B 955 -151.77 15.49 15.15
C ALA B 955 -152.75 14.40 14.70
N VAL B 956 -152.42 13.15 15.05
CA VAL B 956 -153.31 12.03 14.71
C VAL B 956 -154.57 12.07 15.55
N GLN B 957 -154.50 12.64 16.75
CA GLN B 957 -155.65 12.75 17.62
C GLN B 957 -156.45 14.00 17.25
N ASP B 958 -157.62 13.81 16.65
CA ASP B 958 -158.46 14.90 16.21
C ASP B 958 -159.52 15.20 17.25
N ILE B 959 -159.98 16.45 17.27
CA ILE B 959 -161.00 16.90 18.22
C ILE B 959 -161.77 18.06 17.60
N PRO B 960 -162.88 18.48 18.19
CA PRO B 960 -163.65 19.60 17.62
C PRO B 960 -163.07 20.97 17.91
N ALA B 961 -162.01 21.06 18.73
CA ALA B 961 -161.41 22.34 19.07
C ALA B 961 -160.39 22.76 18.01
N ARG B 962 -160.88 22.92 16.78
CA ARG B 962 -160.07 23.32 15.64
C ARG B 962 -158.89 22.37 15.42
N ARG B 963 -159.15 21.08 15.53
CA ARG B 963 -158.15 20.04 15.34
C ARG B 963 -158.49 19.20 14.12
N ASN B 964 -157.47 18.89 13.31
CA ASN B 964 -157.65 18.10 12.12
C ASN B 964 -156.84 16.81 12.20
N PRO B 965 -157.38 15.69 11.73
CA PRO B 965 -156.60 14.43 11.81
C PRO B 965 -155.45 14.38 10.83
N ARG B 966 -155.65 14.83 9.59
CA ARG B 966 -154.62 14.81 8.55
C ARG B 966 -154.56 16.20 7.93
N LEU B 967 -153.70 17.06 8.50
CA LEU B 967 -153.53 18.42 8.00
C LEU B 967 -152.05 18.72 7.75
N VAL B 968 -151.25 17.69 7.49
CA VAL B 968 -149.82 17.86 7.23
C VAL B 968 -149.65 18.41 5.82
N PRO B 969 -148.71 19.33 5.59
CA PRO B 969 -148.55 19.93 4.26
C PRO B 969 -147.80 19.00 3.32
N TYR B 970 -148.53 18.43 2.36
CA TYR B 970 -147.96 17.56 1.32
C TYR B 970 -147.22 16.38 1.93
N ARG B 971 -147.97 15.55 2.65
CA ARG B 971 -147.43 14.36 3.30
C ARG B 971 -148.23 13.14 2.87
N LEU B 972 -147.74 11.97 3.29
CA LEU B 972 -148.37 10.69 2.99
C LEU B 972 -149.17 10.16 4.17
N LEU B 973 -149.81 11.06 4.92
CA LEU B 973 -150.56 10.65 6.11
C LEU B 973 -151.73 9.74 5.73
N ASP B 974 -152.59 10.18 4.83
CA ASP B 974 -153.75 9.42 4.39
C ASP B 974 -153.52 8.92 2.98
N GLU B 975 -153.55 7.59 2.81
CA GLU B 975 -153.35 7.01 1.48
C GLU B 975 -154.60 7.14 0.61
N ALA B 976 -155.78 6.93 1.21
CA ALA B 976 -157.01 7.05 0.46
C ALA B 976 -157.25 8.48 -0.01
N THR B 977 -156.99 9.46 0.85
CA THR B 977 -157.15 10.86 0.47
C THR B 977 -156.16 11.23 -0.62
N LYS B 978 -154.92 10.74 -0.53
CA LYS B 978 -153.93 11.01 -1.57
C LYS B 978 -154.35 10.39 -2.90
N ARG B 979 -154.84 9.15 -2.88
CA ARG B 979 -155.30 8.52 -4.10
C ARG B 979 -156.48 9.27 -4.71
N SER B 980 -157.40 9.73 -3.86
CA SER B 980 -158.53 10.51 -4.37
C SER B 980 -158.07 11.82 -4.99
N ASN B 981 -157.15 12.52 -4.32
CA ASN B 981 -156.65 13.78 -4.85
C ASN B 981 -155.84 13.58 -6.13
N ARG B 982 -155.24 12.40 -6.31
CA ARG B 982 -154.48 12.14 -7.52
C ARG B 982 -155.35 11.65 -8.65
N ASP B 983 -156.51 11.05 -8.34
CA ASP B 983 -157.38 10.50 -9.38
C ASP B 983 -158.46 11.48 -9.82
N SER B 984 -159.26 11.98 -8.87
CA SER B 984 -160.38 12.85 -9.23
C SER B 984 -159.91 14.18 -9.81
N LEU B 985 -158.86 14.76 -9.23
CA LEU B 985 -158.34 16.02 -9.75
C LEU B 985 -157.77 15.84 -11.15
N CYS B 986 -157.06 14.73 -11.39
CA CYS B 986 -156.53 14.46 -12.72
C CYS B 986 -157.66 14.26 -13.73
N GLN B 987 -158.72 13.55 -13.33
CA GLN B 987 -159.84 13.34 -14.23
C GLN B 987 -160.54 14.65 -14.55
N ALA B 988 -160.71 15.52 -13.54
CA ALA B 988 -161.33 16.82 -13.77
C ALA B 988 -160.47 17.68 -14.67
N VAL B 989 -159.15 17.66 -14.49
CA VAL B 989 -158.26 18.44 -15.34
C VAL B 989 -158.32 17.94 -16.77
N ARG B 990 -158.35 16.62 -16.97
CA ARG B 990 -158.45 16.06 -18.31
C ARG B 990 -159.77 16.43 -18.97
N THR B 991 -160.87 16.37 -18.19
CA THR B 991 -162.17 16.73 -18.75
C THR B 991 -162.25 18.21 -19.09
N LEU B 992 -161.59 19.06 -18.30
CA LEU B 992 -161.60 20.49 -18.60
C LEU B 992 -160.70 20.82 -19.78
N LEU B 993 -159.62 20.07 -19.97
CA LEU B 993 -158.73 20.32 -21.11
C LEU B 993 -159.35 19.81 -22.40
N GLY B 994 -159.98 18.64 -22.37
CA GLY B 994 -160.57 18.08 -23.56
C GLY B 994 -161.86 18.75 -24.00
N TYR B 995 -162.54 19.45 -23.09
CA TYR B 995 -163.80 20.09 -23.43
C TYR B 995 -163.58 21.36 -24.24
N GLY B 996 -162.87 22.34 -23.67
CA GLY B 996 -162.66 23.60 -24.34
C GLY B 996 -161.25 23.77 -24.89
N TYR B 997 -160.45 24.60 -24.22
CA TYR B 997 -159.09 24.87 -24.65
C TYR B 997 -158.14 23.82 -24.07
N ASN B 998 -157.45 23.10 -24.94
CA ASN B 998 -156.52 22.08 -24.50
C ASN B 998 -155.28 22.71 -23.88
N ILE B 999 -154.53 21.89 -23.14
CA ILE B 999 -153.31 22.34 -22.47
C ILE B 999 -152.17 21.41 -22.87
N GLU B 1000 -150.95 21.86 -22.60
CA GLU B 1000 -149.73 21.12 -22.90
C GLU B 1000 -149.65 20.74 -24.39
N ARG B 1001 -121.67 13.93 2.70
CA ARG B 1001 -122.12 13.66 4.06
C ARG B 1001 -122.10 12.16 4.36
N VAL B 1002 -121.62 11.38 3.39
CA VAL B 1002 -121.56 9.94 3.58
C VAL B 1002 -120.43 9.58 4.54
N ARG B 1003 -120.50 8.36 5.06
CA ARG B 1003 -119.50 7.85 6.00
C ARG B 1003 -118.59 6.86 5.31
N ILE B 1004 -117.29 6.96 5.58
CA ILE B 1004 -116.28 6.07 5.01
C ILE B 1004 -115.75 5.19 6.12
N PHE B 1005 -116.11 3.90 6.07
CA PHE B 1005 -115.69 2.93 7.07
C PHE B 1005 -114.38 2.30 6.62
N ARG B 1006 -113.26 2.82 7.12
CA ARG B 1006 -111.94 2.33 6.77
C ARG B 1006 -111.45 1.37 7.85
N ALA B 1007 -110.19 0.95 7.72
CA ALA B 1007 -109.56 0.03 8.66
C ALA B 1007 -108.36 0.70 9.32
N GLU B 1008 -107.73 -0.02 10.23
CA GLU B 1008 -106.56 0.50 10.93
C GLU B 1008 -105.37 0.63 9.98
N LYS B 1009 -104.61 1.70 10.15
CA LYS B 1009 -103.45 1.92 9.28
C LYS B 1009 -102.33 0.94 9.59
N SER B 1010 -102.17 0.55 10.86
CA SER B 1010 -101.12 -0.39 11.23
C SER B 1010 -101.47 -1.81 10.79
N TYR B 1011 -102.68 -2.25 11.07
CA TYR B 1011 -103.14 -3.60 10.72
C TYR B 1011 -103.40 -3.63 9.22
N ALA B 1012 -102.40 -4.06 8.47
CA ALA B 1012 -102.51 -4.15 7.01
C ALA B 1012 -101.54 -5.22 6.53
N VAL B 1013 -101.60 -5.50 5.22
CA VAL B 1013 -100.75 -6.51 4.60
C VAL B 1013 -100.10 -5.90 3.36
N GLN B 1014 -98.86 -6.30 3.10
CA GLN B 1014 -98.11 -5.82 1.95
C GLN B 1014 -97.88 -6.91 0.90
N SER B 1015 -98.38 -8.12 1.13
CA SER B 1015 -98.24 -9.20 0.17
C SER B 1015 -99.36 -10.21 0.39
N GLY B 1016 -99.59 -11.04 -0.62
CA GLY B 1016 -100.61 -12.06 -0.56
C GLY B 1016 -101.91 -11.62 -1.21
N ARG B 1017 -102.94 -12.44 -0.99
CA ARG B 1017 -104.26 -12.19 -1.53
C ARG B 1017 -105.31 -12.37 -0.43
N TRP B 1018 -106.39 -11.61 -0.54
CA TRP B 1018 -107.47 -11.65 0.43
C TRP B 1018 -108.81 -11.70 -0.30
N TYR B 1019 -109.87 -11.94 0.45
CA TYR B 1019 -111.22 -12.03 -0.08
C TYR B 1019 -112.13 -11.15 0.77
N PHE B 1020 -112.53 -10.00 0.23
CA PHE B 1020 -113.42 -9.08 0.92
C PHE B 1020 -114.86 -9.35 0.51
N GLU B 1021 -115.73 -9.52 1.50
CA GLU B 1021 -117.15 -9.78 1.28
C GLU B 1021 -117.97 -8.61 1.80
N PHE B 1022 -118.93 -8.15 1.00
CA PHE B 1022 -119.79 -7.04 1.38
C PHE B 1022 -121.21 -7.32 0.90
N GLU B 1023 -122.17 -7.33 1.83
CA GLU B 1023 -123.56 -7.57 1.52
C GLU B 1023 -124.39 -6.40 2.04
N ALA B 1024 -124.88 -5.58 1.13
CA ALA B 1024 -125.68 -4.41 1.50
C ALA B 1024 -127.08 -4.84 1.93
N VAL B 1025 -127.55 -4.29 3.04
CA VAL B 1025 -128.91 -4.60 3.50
C VAL B 1025 -129.94 -3.93 2.62
N THR B 1026 -129.69 -2.69 2.22
CA THR B 1026 -130.59 -1.95 1.34
C THR B 1026 -129.79 -1.38 0.17
N THR B 1027 -130.36 -1.48 -1.02
CA THR B 1027 -129.69 -0.99 -2.21
C THR B 1027 -129.60 0.54 -2.19
N GLY B 1028 -128.61 1.06 -2.90
CA GLY B 1028 -128.40 2.50 -2.95
C GLY B 1028 -127.05 2.85 -3.50
N GLU B 1029 -126.55 4.01 -3.06
CA GLU B 1029 -125.23 4.50 -3.49
C GLU B 1029 -124.19 4.03 -2.49
N MET B 1030 -123.42 3.01 -2.88
CA MET B 1030 -122.37 2.46 -2.04
C MET B 1030 -121.14 2.18 -2.89
N ARG B 1031 -119.97 2.27 -2.25
CA ARG B 1031 -118.70 2.06 -2.90
C ARG B 1031 -117.92 0.98 -2.17
N VAL B 1032 -117.39 0.01 -2.91
CA VAL B 1032 -116.67 -1.12 -2.34
C VAL B 1032 -115.33 -1.25 -3.06
N GLY B 1033 -114.36 -1.82 -2.38
CA GLY B 1033 -113.06 -2.05 -2.96
C GLY B 1033 -111.96 -1.88 -1.93
N TRP B 1034 -110.74 -2.20 -2.37
CA TRP B 1034 -109.58 -2.08 -1.50
C TRP B 1034 -109.03 -0.67 -1.54
N ALA B 1035 -108.59 -0.18 -0.38
CA ALA B 1035 -108.09 1.19 -0.24
C ALA B 1035 -106.72 1.19 0.40
N ARG B 1036 -105.97 2.25 0.13
CA ARG B 1036 -104.66 2.45 0.75
C ARG B 1036 -104.83 3.06 2.15
N PRO B 1037 -104.06 2.58 3.14
CA PRO B 1037 -104.20 3.14 4.49
C PRO B 1037 -103.97 4.65 4.58
N GLU B 1038 -103.30 5.24 3.60
CA GLU B 1038 -103.04 6.68 3.58
C GLU B 1038 -104.08 7.33 2.67
N LEU B 1039 -105.13 7.90 3.27
CA LEU B 1039 -106.17 8.58 2.52
C LEU B 1039 -106.76 9.69 3.38
N ARG B 1040 -107.58 10.53 2.76
CA ARG B 1040 -108.25 11.62 3.44
C ARG B 1040 -109.75 11.38 3.47
N PRO B 1041 -110.41 11.62 4.62
CA PRO B 1041 -111.84 11.29 4.72
C PRO B 1041 -112.74 12.28 3.99
N ASP B 1042 -112.32 13.53 3.88
CA ASP B 1042 -113.17 14.53 3.23
C ASP B 1042 -113.26 14.30 1.74
N VAL B 1043 -112.20 13.80 1.11
CA VAL B 1043 -112.24 13.46 -0.31
C VAL B 1043 -113.13 12.25 -0.52
N GLU B 1044 -113.98 12.31 -1.55
CA GLU B 1044 -114.87 11.20 -1.85
C GLU B 1044 -114.07 9.95 -2.19
N LEU B 1045 -114.63 8.80 -1.83
CA LEU B 1045 -113.96 7.53 -2.05
C LEU B 1045 -113.91 7.22 -3.54
N GLY B 1046 -112.70 7.14 -4.09
CA GLY B 1046 -112.51 6.86 -5.49
C GLY B 1046 -112.42 8.07 -6.39
N ALA B 1047 -112.52 9.29 -5.82
CA ALA B 1047 -112.45 10.49 -6.65
C ALA B 1047 -111.04 10.75 -7.16
N ASP B 1048 -110.02 10.36 -6.38
CA ASP B 1048 -108.64 10.57 -6.79
C ASP B 1048 -107.86 9.27 -6.74
N GLU B 1049 -106.55 9.35 -6.95
CA GLU B 1049 -105.68 8.18 -6.92
C GLU B 1049 -105.28 7.75 -5.52
N LEU B 1050 -105.91 8.31 -4.48
CA LEU B 1050 -105.56 7.94 -3.12
C LEU B 1050 -106.04 6.54 -2.78
N ALA B 1051 -107.23 6.16 -3.25
CA ALA B 1051 -107.79 4.85 -2.97
C ALA B 1051 -108.59 4.38 -4.17
N TYR B 1052 -108.96 3.10 -4.13
CA TYR B 1052 -109.75 2.47 -5.18
C TYR B 1052 -111.15 2.17 -4.66
N VAL B 1053 -112.14 2.20 -5.57
CA VAL B 1053 -113.53 1.98 -5.21
C VAL B 1053 -114.27 1.42 -6.42
N PHE B 1054 -115.43 0.83 -6.14
CA PHE B 1054 -116.30 0.29 -7.18
C PHE B 1054 -117.74 0.69 -6.85
N ASN B 1055 -118.42 1.30 -7.81
CA ASN B 1055 -119.77 1.81 -7.58
C ASN B 1055 -120.75 0.65 -7.38
N GLY B 1056 -121.93 1.00 -6.88
CA GLY B 1056 -122.96 0.01 -6.61
C GLY B 1056 -124.06 -0.02 -7.65
N HIS B 1057 -125.20 0.60 -7.34
CA HIS B 1057 -126.32 0.62 -8.27
C HIS B 1057 -126.04 1.45 -9.51
N ARG B 1058 -125.03 2.32 -9.47
CA ARG B 1058 -124.68 3.12 -10.64
C ARG B 1058 -123.96 2.32 -11.71
N GLY B 1059 -123.31 1.22 -11.33
CA GLY B 1059 -122.57 0.41 -12.28
C GLY B 1059 -121.40 1.14 -12.90
N GLN B 1060 -120.58 1.77 -12.05
CA GLN B 1060 -119.44 2.57 -12.50
C GLN B 1060 -118.19 2.12 -11.75
N ARG B 1061 -117.06 2.71 -12.13
CA ARG B 1061 -115.78 2.46 -11.48
C ARG B 1061 -115.11 3.80 -11.18
N TRP B 1062 -114.62 3.95 -9.96
CA TRP B 1062 -113.99 5.19 -9.51
C TRP B 1062 -112.52 4.91 -9.25
N HIS B 1063 -111.67 5.27 -10.21
CA HIS B 1063 -110.21 5.08 -10.08
C HIS B 1063 -109.54 6.24 -10.82
N LEU B 1064 -109.21 7.29 -10.08
CA LEU B 1064 -108.57 8.48 -10.63
C LEU B 1064 -109.39 9.07 -11.78
N GLY B 1065 -110.70 9.02 -11.65
CA GLY B 1065 -111.59 9.52 -12.67
C GLY B 1065 -112.95 8.84 -12.62
N SER B 1066 -113.49 8.51 -13.79
CA SER B 1066 -114.80 7.88 -13.89
C SER B 1066 -114.75 6.79 -14.94
N GLU B 1067 -115.62 5.80 -14.78
CA GLU B 1067 -115.72 4.67 -15.71
C GLU B 1067 -117.12 4.09 -15.57
N LEU B 1068 -117.34 2.93 -16.19
CA LEU B 1068 -118.63 2.23 -16.11
C LEU B 1068 -118.35 0.73 -16.18
N PHE B 1069 -118.23 0.11 -15.01
CA PHE B 1069 -117.97 -1.32 -14.89
C PHE B 1069 -119.07 -1.97 -14.09
N GLY B 1070 -119.47 -3.18 -14.52
CA GLY B 1070 -120.45 -3.96 -13.78
C GLY B 1070 -121.86 -3.44 -13.85
N ARG B 1071 -122.82 -4.29 -13.49
CA ARG B 1071 -124.23 -3.91 -13.48
C ARG B 1071 -124.62 -3.37 -12.11
N PRO B 1072 -125.87 -2.96 -11.93
CA PRO B 1072 -126.30 -2.43 -10.62
C PRO B 1072 -126.40 -3.53 -9.59
N TRP B 1073 -126.54 -3.11 -8.33
CA TRP B 1073 -126.66 -4.02 -7.21
C TRP B 1073 -128.12 -4.31 -6.90
N GLN B 1074 -128.38 -5.53 -6.43
CA GLN B 1074 -129.72 -5.95 -6.05
C GLN B 1074 -129.98 -5.56 -4.59
N SER B 1075 -131.14 -5.98 -4.07
CA SER B 1075 -131.47 -5.66 -2.68
C SER B 1075 -130.69 -6.54 -1.71
N GLY B 1076 -130.69 -7.85 -1.94
CA GLY B 1076 -129.96 -8.76 -1.07
C GLY B 1076 -128.69 -9.28 -1.69
N ASP B 1077 -128.09 -8.48 -2.57
CA ASP B 1077 -126.86 -8.90 -3.24
C ASP B 1077 -125.67 -8.82 -2.28
N VAL B 1078 -124.69 -9.69 -2.52
CA VAL B 1078 -123.47 -9.76 -1.72
C VAL B 1078 -122.30 -9.60 -2.68
N VAL B 1079 -121.70 -8.40 -2.70
CA VAL B 1079 -120.58 -8.13 -3.59
C VAL B 1079 -119.30 -8.62 -2.94
N GLY B 1080 -118.47 -9.31 -3.72
CA GLY B 1080 -117.20 -9.83 -3.25
C GLY B 1080 -116.04 -9.11 -3.89
N CYS B 1081 -114.91 -9.08 -3.18
CA CYS B 1081 -113.71 -8.43 -3.67
C CYS B 1081 -112.50 -9.30 -3.35
N MET B 1082 -111.59 -9.43 -4.32
CA MET B 1082 -110.39 -10.23 -4.16
C MET B 1082 -109.25 -9.54 -4.90
N ILE B 1083 -108.22 -9.14 -4.15
CA ILE B 1083 -107.07 -8.46 -4.72
C ILE B 1083 -105.87 -9.43 -4.73
N ASP B 1084 -105.06 -9.33 -5.77
CA ASP B 1084 -103.88 -10.17 -5.95
C ASP B 1084 -102.67 -9.25 -6.05
N LEU B 1085 -101.93 -9.11 -4.94
CA LEU B 1085 -100.79 -8.20 -4.92
C LEU B 1085 -99.62 -8.74 -5.73
N THR B 1086 -99.51 -10.06 -5.87
CA THR B 1086 -98.43 -10.63 -6.68
C THR B 1086 -98.68 -10.39 -8.16
N GLU B 1087 -99.92 -10.57 -8.62
CA GLU B 1087 -100.27 -10.35 -10.01
C GLU B 1087 -100.60 -8.89 -10.32
N ASN B 1088 -100.67 -8.03 -9.30
CA ASN B 1088 -100.98 -6.61 -9.47
C ASN B 1088 -102.30 -6.41 -10.19
N THR B 1089 -103.31 -7.19 -9.79
CA THR B 1089 -104.63 -7.10 -10.41
C THR B 1089 -105.69 -7.17 -9.32
N ILE B 1090 -106.85 -6.58 -9.60
CA ILE B 1090 -107.98 -6.56 -8.69
C ILE B 1090 -109.17 -7.19 -9.39
N ILE B 1091 -109.80 -8.15 -8.73
CA ILE B 1091 -110.94 -8.89 -9.28
C ILE B 1091 -112.12 -8.71 -8.34
N PHE B 1092 -113.20 -8.14 -8.85
CA PHE B 1092 -114.42 -7.93 -8.08
C PHE B 1092 -115.41 -9.05 -8.38
N THR B 1093 -116.02 -9.59 -7.34
CA THR B 1093 -116.99 -10.68 -7.46
C THR B 1093 -118.39 -10.13 -7.22
N LEU B 1094 -119.28 -10.34 -8.17
CA LEU B 1094 -120.66 -9.87 -8.10
C LEU B 1094 -121.59 -11.07 -8.09
N ASN B 1095 -122.24 -11.30 -6.95
CA ASN B 1095 -123.18 -12.42 -6.77
C ASN B 1095 -122.51 -13.76 -7.08
N GLY B 1096 -121.26 -13.91 -6.63
CA GLY B 1096 -120.54 -15.14 -6.87
C GLY B 1096 -120.15 -15.38 -8.31
N GLU B 1097 -120.06 -14.33 -9.12
CA GLU B 1097 -119.70 -14.44 -10.52
C GLU B 1097 -118.67 -13.38 -10.88
N VAL B 1098 -117.83 -13.69 -11.86
CA VAL B 1098 -116.81 -12.75 -12.30
C VAL B 1098 -117.45 -11.67 -13.15
N LEU B 1099 -117.11 -10.42 -12.86
CA LEU B 1099 -117.64 -9.28 -13.59
C LEU B 1099 -116.88 -9.08 -14.89
N MET B 1100 -117.55 -8.44 -15.85
CA MET B 1100 -116.96 -8.17 -17.15
C MET B 1100 -117.57 -6.90 -17.72
N SER B 1101 -116.97 -6.41 -18.80
CA SER B 1101 -117.42 -5.18 -19.44
C SER B 1101 -117.23 -5.32 -20.95
N ASP B 1102 -117.35 -4.20 -21.67
CA ASP B 1102 -117.21 -4.23 -23.12
C ASP B 1102 -115.77 -4.53 -23.53
N SER B 1103 -114.80 -4.01 -22.77
CA SER B 1103 -113.40 -4.26 -23.11
C SER B 1103 -113.01 -5.71 -22.86
N GLY B 1104 -113.66 -6.37 -21.91
CA GLY B 1104 -113.35 -7.75 -21.61
C GLY B 1104 -112.09 -7.99 -20.82
N SER B 1105 -111.51 -6.95 -20.24
CA SER B 1105 -110.29 -7.10 -19.46
C SER B 1105 -110.60 -7.78 -18.13
N GLU B 1106 -109.83 -8.81 -17.79
CA GLU B 1106 -110.06 -9.54 -16.55
C GLU B 1106 -109.68 -8.70 -15.33
N THR B 1107 -108.72 -7.78 -15.48
CA THR B 1107 -108.28 -6.93 -14.38
C THR B 1107 -109.09 -5.65 -14.38
N ALA B 1108 -109.42 -5.16 -13.18
CA ALA B 1108 -110.17 -3.91 -13.07
C ALA B 1108 -109.24 -2.71 -13.09
N PHE B 1109 -108.20 -2.73 -12.25
CA PHE B 1109 -107.20 -1.67 -12.19
C PHE B 1109 -105.84 -2.28 -12.49
N ARG B 1110 -105.28 -1.96 -13.65
CA ARG B 1110 -104.01 -2.50 -14.08
C ARG B 1110 -102.88 -1.54 -13.72
N ASP B 1111 -101.67 -2.10 -13.58
CA ASP B 1111 -100.47 -1.34 -13.27
C ASP B 1111 -100.61 -0.57 -11.97
N ILE B 1112 -101.10 -1.26 -10.94
CA ILE B 1112 -101.28 -0.67 -9.62
C ILE B 1112 -99.95 -0.70 -8.87
N GLU B 1113 -99.74 0.33 -8.04
CA GLU B 1113 -98.53 0.41 -7.24
C GLU B 1113 -98.66 -0.41 -5.96
N VAL B 1114 -97.54 -0.98 -5.52
CA VAL B 1114 -97.53 -1.78 -4.31
C VAL B 1114 -97.72 -0.90 -3.08
N GLY B 1115 -96.80 0.04 -2.88
CA GLY B 1115 -96.91 0.94 -1.75
C GLY B 1115 -96.69 0.23 -0.43
N ASP B 1116 -97.22 0.85 0.63
CA ASP B 1116 -97.11 0.27 1.96
C ASP B 1116 -98.03 -0.94 2.13
N GLY B 1117 -99.29 -0.78 1.78
CA GLY B 1117 -100.23 -1.87 1.91
C GLY B 1117 -101.60 -1.47 1.39
N PHE B 1118 -102.57 -2.34 1.65
CA PHE B 1118 -103.95 -2.11 1.22
C PHE B 1118 -104.89 -2.63 2.30
N LEU B 1119 -105.84 -1.78 2.70
CA LEU B 1119 -106.79 -2.13 3.74
C LEU B 1119 -108.21 -2.03 3.21
N PRO B 1120 -109.12 -2.88 3.67
CA PRO B 1120 -110.51 -2.81 3.22
C PRO B 1120 -111.18 -1.51 3.67
N VAL B 1121 -112.14 -1.07 2.87
CA VAL B 1121 -112.88 0.16 3.14
C VAL B 1121 -114.34 -0.06 2.79
N CYS B 1122 -115.21 0.70 3.45
CA CYS B 1122 -116.65 0.62 3.21
C CYS B 1122 -117.23 2.02 3.21
N SER B 1123 -118.34 2.19 2.49
CA SER B 1123 -119.04 3.47 2.40
C SER B 1123 -120.52 3.25 2.61
N LEU B 1124 -121.13 4.11 3.43
CA LEU B 1124 -122.55 4.03 3.74
C LEU B 1124 -123.29 5.15 3.03
N GLY B 1125 -124.34 4.78 2.28
CA GLY B 1125 -125.13 5.75 1.57
C GLY B 1125 -126.17 6.41 2.45
N PRO B 1126 -126.70 7.54 1.99
CA PRO B 1126 -127.72 8.25 2.78
C PRO B 1126 -128.99 7.42 2.89
N GLY B 1127 -129.37 7.11 4.13
CA GLY B 1127 -130.57 6.31 4.37
C GLY B 1127 -130.45 4.87 3.91
N GLN B 1128 -129.27 4.29 4.00
CA GLN B 1128 -129.04 2.91 3.58
C GLN B 1128 -128.31 2.15 4.69
N VAL B 1129 -128.27 0.83 4.56
CA VAL B 1129 -127.62 -0.03 5.53
C VAL B 1129 -126.83 -1.11 4.77
N GLY B 1130 -125.71 -1.50 5.37
CA GLY B 1130 -124.87 -2.51 4.76
C GLY B 1130 -124.12 -3.31 5.82
N HIS B 1131 -123.62 -4.46 5.40
CA HIS B 1131 -122.88 -5.37 6.28
C HIS B 1131 -121.48 -5.55 5.75
N LEU B 1132 -120.49 -5.38 6.62
CA LEU B 1132 -119.08 -5.52 6.27
C LEU B 1132 -118.57 -6.83 6.85
N ASN B 1133 -118.06 -7.71 5.99
CA ASN B 1133 -117.53 -9.00 6.38
C ASN B 1133 -116.02 -9.03 6.21
N LEU B 1134 -115.31 -9.36 7.27
CA LEU B 1134 -113.85 -9.41 7.25
C LEU B 1134 -113.30 -10.83 7.17
N GLY B 1135 -114.17 -11.83 7.09
CA GLY B 1135 -113.72 -13.21 7.01
C GLY B 1135 -113.08 -13.70 8.29
N GLN B 1136 -113.80 -13.60 9.40
CA GLN B 1136 -113.24 -14.02 10.69
C GLN B 1136 -113.14 -15.54 10.77
N ASP B 1137 -114.09 -16.25 10.18
CA ASP B 1137 -114.10 -17.71 10.22
C ASP B 1137 -114.57 -18.24 8.87
N VAL B 1138 -114.68 -19.57 8.78
CA VAL B 1138 -115.12 -20.18 7.53
C VAL B 1138 -116.61 -19.99 7.32
N SER B 1139 -117.42 -20.03 8.38
CA SER B 1139 -118.86 -19.90 8.27
C SER B 1139 -119.29 -18.50 7.83
N SER B 1140 -118.40 -17.51 7.90
CA SER B 1140 -118.72 -16.15 7.47
C SER B 1140 -118.60 -15.96 5.97
N LEU B 1141 -118.34 -17.03 5.21
CA LEU B 1141 -118.17 -16.94 3.77
C LEU B 1141 -119.42 -17.46 3.07
N ARG B 1142 -119.91 -16.67 2.11
CA ARG B 1142 -121.16 -16.99 1.41
C ARG B 1142 -120.91 -17.78 0.12
N PHE B 1143 -120.16 -17.19 -0.82
CA PHE B 1143 -119.88 -17.80 -2.12
C PHE B 1143 -118.39 -17.76 -2.40
N PHE B 1144 -117.59 -18.15 -1.41
CA PHE B 1144 -116.14 -18.11 -1.58
C PHE B 1144 -115.64 -19.22 -2.49
N ALA B 1145 -116.20 -20.43 -2.34
CA ALA B 1145 -115.72 -21.60 -3.06
C ALA B 1145 -115.91 -21.49 -4.57
N ILE B 1146 -116.51 -20.39 -5.04
CA ILE B 1146 -116.68 -20.19 -6.48
C ILE B 1146 -115.33 -20.00 -7.15
N CYS B 1147 -114.47 -19.16 -6.57
CA CYS B 1147 -113.17 -18.89 -7.16
C CYS B 1147 -112.03 -18.83 -6.14
N GLY B 1148 -112.30 -19.01 -4.85
CA GLY B 1148 -111.24 -18.91 -3.86
C GLY B 1148 -110.27 -20.06 -3.92
N LEU B 1149 -110.77 -21.27 -4.19
CA LEU B 1149 -109.90 -22.43 -4.29
C LEU B 1149 -108.99 -22.34 -5.52
N GLN B 1150 -109.49 -21.73 -6.61
CA GLN B 1150 -108.69 -21.59 -7.81
C GLN B 1150 -107.68 -20.46 -7.67
N GLU B 1151 -108.13 -19.29 -7.23
CA GLU B 1151 -107.24 -18.14 -7.08
C GLU B 1151 -106.33 -18.24 -5.86
N GLY B 1152 -106.71 -19.03 -4.86
CA GLY B 1152 -105.91 -19.15 -3.67
C GLY B 1152 -105.96 -17.96 -2.74
N PHE B 1153 -106.92 -17.06 -2.92
CA PHE B 1153 -107.04 -15.86 -2.09
C PHE B 1153 -107.57 -16.28 -0.72
N GLU B 1154 -106.67 -16.34 0.27
CA GLU B 1154 -107.07 -16.71 1.61
C GLU B 1154 -107.84 -15.57 2.27
N PRO B 1155 -108.83 -15.88 3.12
CA PRO B 1155 -109.57 -14.83 3.82
C PRO B 1155 -108.66 -13.93 4.64
N PHE B 1156 -109.20 -12.76 4.98
CA PHE B 1156 -108.40 -11.74 5.66
C PHE B 1156 -108.08 -12.16 7.09
N ALA B 1157 -109.11 -12.34 7.91
CA ALA B 1157 -108.93 -12.76 9.31
C ALA B 1157 -108.85 -14.28 9.40
N ILE B 1158 -107.84 -14.83 8.73
CA ILE B 1158 -107.71 -16.29 8.66
C ILE B 1158 -106.99 -16.84 9.88
N ASN B 1159 -106.17 -16.02 10.55
CA ASN B 1159 -105.43 -16.46 11.72
C ASN B 1159 -105.65 -15.59 12.95
N MET B 1160 -106.30 -14.44 12.81
CA MET B 1160 -106.55 -13.55 13.94
C MET B 1160 -107.63 -14.17 14.83
N GLN B 1161 -107.23 -14.59 16.03
CA GLN B 1161 -108.20 -15.15 16.97
C GLN B 1161 -109.20 -14.11 17.45
N ARG B 1162 -108.80 -12.83 17.45
CA ARG B 1162 -109.64 -11.71 17.86
C ARG B 1162 -110.18 -10.98 16.63
N PRO B 1163 -111.39 -10.43 16.73
CA PRO B 1163 -111.94 -9.68 15.59
C PRO B 1163 -111.12 -8.42 15.29
N VAL B 1164 -110.99 -8.12 14.01
CA VAL B 1164 -110.23 -6.95 13.58
C VAL B 1164 -111.02 -5.69 13.87
N THR B 1165 -110.34 -4.69 14.43
CA THR B 1165 -111.00 -3.43 14.74
C THR B 1165 -111.35 -2.67 13.46
N THR B 1166 -112.40 -1.85 13.55
CA THR B 1166 -112.88 -1.06 12.43
C THR B 1166 -112.83 0.41 12.79
N TRP B 1167 -112.69 1.25 11.76
CA TRP B 1167 -112.66 2.70 11.91
C TRP B 1167 -113.76 3.32 11.06
N PHE B 1168 -114.34 4.41 11.57
CA PHE B 1168 -115.41 5.11 10.88
C PHE B 1168 -115.14 6.61 10.91
N SER B 1169 -115.56 7.29 9.85
CA SER B 1169 -115.38 8.73 9.75
C SER B 1169 -116.33 9.43 10.72
N LYS B 1170 -115.76 10.18 11.67
CA LYS B 1170 -116.56 10.88 12.67
C LYS B 1170 -117.09 12.18 12.10
N SER B 1171 -118.41 12.34 12.11
CA SER B 1171 -119.03 13.57 11.59
C SER B 1171 -118.88 14.75 12.53
N LEU B 1172 -118.48 14.52 13.78
CA LEU B 1172 -118.31 15.61 14.73
C LEU B 1172 -117.07 16.43 14.36
N PRO B 1173 -117.19 17.71 14.04
CA PRO B 1173 -116.01 18.49 13.66
C PRO B 1173 -115.23 18.97 14.87
N GLN B 1174 -113.90 18.94 14.73
CA GLN B 1174 -113.01 19.43 15.77
C GLN B 1174 -111.81 20.12 15.10
N PHE B 1175 -111.23 21.07 15.82
CA PHE B 1175 -110.13 21.85 15.27
C PHE B 1175 -108.86 21.02 15.21
N GLU B 1176 -108.01 21.33 14.24
CA GLU B 1176 -106.74 20.63 14.05
C GLU B 1176 -105.71 21.64 13.54
N ALA B 1177 -104.46 21.19 13.50
CA ALA B 1177 -103.36 22.04 13.05
C ALA B 1177 -103.38 22.17 11.53
N VAL B 1178 -102.78 23.27 11.06
CA VAL B 1178 -102.69 23.56 9.63
C VAL B 1178 -101.35 23.05 9.13
N PRO B 1179 -101.31 22.16 8.15
CA PRO B 1179 -100.02 21.68 7.63
C PRO B 1179 -99.25 22.80 6.96
N LEU B 1180 -97.92 22.65 6.96
CA LEU B 1180 -97.05 23.65 6.35
C LEU B 1180 -97.16 23.66 4.83
N GLU B 1181 -97.64 22.58 4.23
CA GLU B 1181 -97.79 22.47 2.78
C GLU B 1181 -99.28 22.39 2.44
N HIS B 1182 -99.77 23.37 1.67
CA HIS B 1182 -101.16 23.40 1.26
C HIS B 1182 -101.28 24.22 -0.01
N PRO B 1183 -102.17 23.87 -0.93
CA PRO B 1183 -102.26 24.66 -2.18
C PRO B 1183 -102.67 26.10 -1.97
N HIS B 1184 -103.76 26.34 -1.24
CA HIS B 1184 -104.29 27.69 -1.03
C HIS B 1184 -104.40 27.99 0.46
N TYR B 1185 -103.39 27.63 1.24
CA TYR B 1185 -103.36 27.93 2.67
C TYR B 1185 -101.92 28.02 3.12
N GLU B 1186 -101.55 29.18 3.66
CA GLU B 1186 -100.19 29.41 4.13
C GLU B 1186 -100.21 30.45 5.23
N VAL B 1187 -99.55 30.14 6.35
CA VAL B 1187 -99.47 31.03 7.50
C VAL B 1187 -98.00 31.34 7.76
N SER B 1188 -97.74 32.55 8.24
CA SER B 1188 -96.39 33.00 8.54
C SER B 1188 -96.37 33.67 9.91
N ARG B 1189 -95.27 33.48 10.64
CA ARG B 1189 -95.09 34.07 11.97
C ARG B 1189 -94.26 35.33 11.82
N VAL B 1190 -94.93 36.49 11.84
CA VAL B 1190 -94.23 37.76 11.74
C VAL B 1190 -93.50 38.04 13.04
N ASP B 1191 -92.19 38.23 12.96
CA ASP B 1191 -91.40 38.49 14.14
C ASP B 1191 -91.68 39.88 14.68
N GLY B 1192 -91.82 39.98 16.00
CA GLY B 1192 -92.08 41.25 16.64
C GLY B 1192 -90.86 42.16 16.58
N THR B 1193 -90.98 43.31 15.93
CA THR B 1193 -89.87 44.24 15.81
C THR B 1193 -89.78 45.10 17.07
N VAL B 1194 -88.95 46.13 17.03
CA VAL B 1194 -88.80 47.02 18.19
C VAL B 1194 -90.06 47.85 18.39
N ASP B 1195 -90.68 48.31 17.30
CA ASP B 1195 -91.89 49.11 17.37
C ASP B 1195 -93.08 48.43 16.72
N THR B 1196 -92.95 47.16 16.34
CA THR B 1196 -94.04 46.42 15.70
C THR B 1196 -94.31 45.15 16.47
N PRO B 1197 -95.55 44.90 16.89
CA PRO B 1197 -95.87 43.69 17.63
C PRO B 1197 -95.91 42.49 16.71
N PRO B 1198 -95.74 41.28 17.23
CA PRO B 1198 -95.81 40.09 16.38
C PRO B 1198 -97.22 39.87 15.84
N CYS B 1199 -97.28 39.26 14.66
CA CYS B 1199 -98.55 39.01 13.98
C CYS B 1199 -98.50 37.65 13.31
N LEU B 1200 -99.69 37.11 13.05
CA LEU B 1200 -99.87 35.83 12.37
C LEU B 1200 -100.87 36.04 11.24
N ARG B 1201 -100.37 36.44 10.07
CA ARG B 1201 -101.22 36.70 8.92
C ARG B 1201 -101.54 35.41 8.18
N LEU B 1202 -102.51 35.49 7.28
CA LEU B 1202 -102.92 34.35 6.48
C LEU B 1202 -102.97 34.79 5.02
N THR B 1203 -102.43 33.95 4.13
CA THR B 1203 -102.34 34.26 2.71
C THR B 1203 -103.00 33.16 1.89
N HIS B 1204 -103.77 33.58 0.88
CA HIS B 1204 -104.51 32.68 0.01
C HIS B 1204 -103.98 32.77 -1.41
N ARG B 1205 -103.83 31.62 -2.06
CA ARG B 1205 -103.32 31.56 -3.42
C ARG B 1205 -104.16 30.61 -4.27
N SER B 1206 -108.39 31.58 -6.17
CA SER B 1206 -108.86 30.24 -6.52
C SER B 1206 -110.14 29.90 -5.77
N LEU B 1207 -110.39 28.61 -5.59
CA LEU B 1207 -111.59 28.16 -4.88
C LEU B 1207 -111.48 28.50 -3.41
N VAL B 1208 -112.49 29.21 -2.89
CA VAL B 1208 -112.53 29.61 -1.49
C VAL B 1208 -113.82 29.11 -0.87
N GLU B 1209 -113.79 28.96 0.46
CA GLU B 1209 -114.95 28.50 1.19
C GLU B 1209 -114.87 29.03 2.61
N MET B 1210 -116.01 29.01 3.31
CA MET B 1210 -116.07 29.50 4.68
C MET B 1210 -115.28 28.60 5.60
N LEU B 1211 -114.23 29.15 6.21
CA LEU B 1211 -113.38 28.41 7.13
C LEU B 1211 -113.34 29.14 8.48
N PHE B 1212 -113.11 28.36 9.53
CA PHE B 1212 -113.05 28.89 10.89
C PHE B 1212 -111.63 28.76 11.44
N LEU B 1213 -111.21 29.76 12.20
CA LEU B 1213 -109.87 29.80 12.78
C LEU B 1213 -109.97 29.76 14.30
N ARG B 1214 -108.90 29.29 14.94
CA ARG B 1214 -108.86 29.17 16.39
C ARG B 1214 -107.42 29.07 16.84
N LEU B 1215 -107.16 29.54 18.05
CA LEU B 1215 -105.83 29.47 18.65
C LEU B 1215 -105.65 28.12 19.36
N SER B 1216 -104.56 27.98 20.10
CA SER B 1216 -104.25 26.73 20.80
C SER B 1216 -104.18 26.91 22.31
N LEU B 1217 -103.46 27.93 22.78
CA LEU B 1217 -103.28 28.11 24.22
C LEU B 1217 -104.57 28.63 24.83
N PRO B 1218 -105.09 27.97 25.87
CA PRO B 1218 -106.33 28.43 26.49
C PRO B 1218 -106.07 29.57 27.48
N VAL B 1219 -107.18 30.18 27.93
CA VAL B 1219 -107.14 31.25 28.92
C VAL B 1219 -108.21 30.97 29.97
N GLN B 1220 -107.86 31.22 31.23
CA GLN B 1220 -108.75 30.97 32.35
C GLN B 1220 -108.72 32.15 33.31
N PHE B 1221 -109.70 32.19 34.20
CA PHE B 1221 -109.81 33.23 35.20
C PHE B 1221 -109.64 32.63 36.59
N HIS B 1222 -109.60 33.51 37.59
CA HIS B 1222 -109.43 33.08 38.97
C HIS B 1222 -110.71 32.43 39.49
N GLN B 1223 -110.53 31.50 40.43
CA GLN B 1223 -111.66 30.80 41.02
C GLN B 1223 -112.32 31.63 42.12
N LEU B 1224 -99.64 49.29 38.06
CA LEU B 1224 -98.51 48.59 37.43
C LEU B 1224 -98.91 47.17 37.04
N ASN B 1225 -99.63 46.49 37.93
CA ASN B 1225 -100.09 45.13 37.70
C ASN B 1225 -101.59 45.06 37.92
N THR B 1226 -102.29 44.45 36.97
CA THR B 1226 -103.74 44.31 37.04
C THR B 1226 -104.15 43.09 36.23
N THR B 1227 -105.46 42.80 36.25
CA THR B 1227 -106.02 41.68 35.52
C THR B 1227 -106.55 42.06 34.16
N THR B 1228 -106.32 43.29 33.72
CA THR B 1228 -106.79 43.73 32.40
C THR B 1228 -105.84 43.26 31.32
N TYR B 1229 -106.39 42.73 30.23
CA TYR B 1229 -105.61 42.25 29.11
C TYR B 1229 -106.10 42.89 27.83
N TYR B 1230 -105.18 43.11 26.90
CA TYR B 1230 -105.47 43.74 25.62
C TYR B 1230 -105.24 42.75 24.50
N TYR B 1231 -106.24 42.60 23.61
CA TYR B 1231 -106.15 41.71 22.47
C TYR B 1231 -106.78 42.40 21.27
N SER B 1232 -106.03 42.52 20.19
CA SER B 1232 -106.50 43.19 18.99
C SER B 1232 -106.19 42.34 17.76
N VAL B 1233 -106.85 42.67 16.65
CA VAL B 1233 -106.66 41.98 15.39
C VAL B 1233 -106.60 43.03 14.28
N ARG B 1234 -105.71 42.82 13.32
CA ARG B 1234 -105.52 43.73 12.21
C ARG B 1234 -106.13 43.12 10.95
N VAL B 1235 -107.14 43.81 10.39
CA VAL B 1235 -107.82 43.37 9.19
C VAL B 1235 -107.35 44.24 8.03
N PHE B 1236 -106.93 43.60 6.94
CA PHE B 1236 -106.44 44.34 5.78
C PHE B 1236 -107.59 45.05 5.07
N ALA B 1237 -107.23 46.10 4.33
CA ALA B 1237 -108.22 46.88 3.60
C ALA B 1237 -108.76 46.16 2.38
N GLY B 1238 -108.03 45.14 1.89
CA GLY B 1238 -108.49 44.43 0.71
C GLY B 1238 -109.73 43.58 0.99
N GLN B 1239 -109.80 42.99 2.17
CA GLN B 1239 -110.94 42.16 2.54
C GLN B 1239 -112.12 43.03 2.98
N GLU B 1240 -113.31 42.59 2.62
CA GLU B 1240 -114.51 43.34 2.97
C GLU B 1240 -114.77 43.25 4.48
N PRO B 1241 -114.95 44.38 5.17
CA PRO B 1241 -115.20 44.33 6.62
C PRO B 1241 -116.62 43.97 7.01
N SER B 1242 -117.44 43.46 6.08
CA SER B 1242 -118.81 43.09 6.39
C SER B 1242 -118.95 41.63 6.82
N CYS B 1243 -117.96 40.80 6.52
CA CYS B 1243 -118.01 39.37 6.85
C CYS B 1243 -116.89 39.01 7.82
N VAL B 1244 -116.59 39.89 8.77
CA VAL B 1244 -115.56 39.66 9.77
C VAL B 1244 -116.23 39.53 11.14
N TRP B 1245 -115.78 38.55 11.91
CA TRP B 1245 -116.29 38.30 13.26
C TRP B 1245 -115.14 37.88 14.14
N VAL B 1246 -114.91 38.63 15.21
CA VAL B 1246 -113.82 38.38 16.14
C VAL B 1246 -114.40 38.21 17.54
N GLY B 1247 -113.95 37.18 18.25
CA GLY B 1247 -114.43 36.94 19.59
C GLY B 1247 -113.74 35.74 20.21
N TRP B 1248 -114.41 35.15 21.20
CA TRP B 1248 -113.91 33.99 21.92
C TRP B 1248 -114.84 32.82 21.70
N VAL B 1249 -114.26 31.62 21.56
CA VAL B 1249 -115.02 30.41 21.28
C VAL B 1249 -114.71 29.38 22.36
N THR B 1250 -115.75 28.59 22.73
CA THR B 1250 -115.67 27.51 23.70
C THR B 1250 -115.29 26.21 23.00
N PRO B 1251 -114.62 25.29 23.71
CA PRO B 1251 -114.24 24.01 23.08
C PRO B 1251 -115.41 23.14 22.70
N ASP B 1252 -116.59 23.36 23.27
CA ASP B 1252 -117.78 22.58 22.94
C ASP B 1252 -118.43 23.01 21.63
N TYR B 1253 -117.92 24.07 21.00
CA TYR B 1253 -118.49 24.57 19.74
C TYR B 1253 -118.18 23.57 18.62
N HIS B 1254 -119.22 22.91 18.12
CA HIS B 1254 -119.09 21.92 17.05
C HIS B 1254 -120.04 22.25 15.91
N GLN B 1255 -120.08 23.51 15.51
CA GLN B 1255 -120.95 23.99 14.44
C GLN B 1255 -120.09 24.41 13.26
N HIS B 1256 -120.33 23.80 12.10
CA HIS B 1256 -119.60 24.11 10.88
C HIS B 1256 -120.60 24.35 9.77
N ASP B 1257 -120.65 25.59 9.27
CA ASP B 1257 -121.57 25.95 8.20
C ASP B 1257 -121.04 27.19 7.50
N MET B 1258 -121.64 27.51 6.36
CA MET B 1258 -121.24 28.68 5.60
C MET B 1258 -121.74 29.97 6.24
N ASN B 1259 -122.95 29.96 6.77
CA ASN B 1259 -123.52 31.14 7.41
C ASN B 1259 -122.89 31.36 8.78
N PHE B 1260 -122.53 32.60 9.06
CA PHE B 1260 -121.92 33.00 10.32
C PHE B 1260 -122.69 34.14 10.95
N ASP B 1261 -124.01 34.02 10.97
CA ASP B 1261 -124.87 35.05 11.53
C ASP B 1261 -124.82 35.01 13.06
N LEU B 1262 -125.12 36.16 13.67
CA LEU B 1262 -125.12 36.25 15.13
C LEU B 1262 -126.27 35.50 15.76
N THR B 1263 -127.35 35.27 15.02
CA THR B 1263 -128.50 34.54 15.55
C THR B 1263 -128.36 33.04 15.42
N LYS B 1264 -127.34 32.55 14.71
CA LYS B 1264 -127.16 31.11 14.52
C LYS B 1264 -126.40 30.45 15.66
N VAL B 1265 -125.74 31.25 16.51
CA VAL B 1265 -124.98 30.67 17.61
C VAL B 1265 -125.93 30.19 18.70
N ARG B 1266 -125.47 29.22 19.50
CA ARG B 1266 -126.29 28.67 20.56
C ARG B 1266 -126.20 29.54 21.82
N ALA B 1267 -127.35 29.76 22.45
CA ALA B 1267 -127.41 30.56 23.67
C ALA B 1267 -128.69 30.21 24.42
N VAL B 1268 -128.60 30.26 25.74
CA VAL B 1268 -129.74 29.94 26.60
C VAL B 1268 -129.53 30.64 27.94
N THR B 1269 -130.62 31.17 28.49
CA THR B 1269 -130.60 31.84 29.79
C THR B 1269 -131.31 30.95 30.81
N VAL B 1270 -130.60 30.60 31.88
CA VAL B 1270 -131.12 29.76 32.94
C VAL B 1270 -131.50 30.67 34.11
N THR B 1271 -132.80 30.89 34.29
CA THR B 1271 -133.32 31.73 35.36
C THR B 1271 -133.94 30.81 36.41
N MET B 1272 -133.13 30.41 37.38
CA MET B 1272 -133.59 29.53 38.44
C MET B 1272 -134.37 30.32 39.49
N GLY B 1273 -135.39 29.67 40.06
CA GLY B 1273 -136.21 30.27 41.08
C GLY B 1273 -135.75 29.90 42.49
N ASP B 1274 -136.52 30.38 43.46
CA ASP B 1274 -136.25 30.14 44.88
C ASP B 1274 -134.85 30.60 45.27
N ASN B 1275 -138.75 34.43 45.78
CA ASN B 1275 -137.31 34.34 45.60
C ASN B 1275 -136.95 33.80 44.22
N ILE B 1276 -135.89 34.38 43.62
CA ILE B 1276 -135.43 33.97 42.30
C ILE B 1276 -133.94 34.27 42.20
N HIS B 1277 -133.30 33.64 41.20
CA HIS B 1277 -131.88 33.83 40.94
C HIS B 1277 -131.69 34.38 39.53
N SER B 1278 -130.74 35.30 39.39
CA SER B 1278 -130.46 35.94 38.12
C SER B 1278 -129.18 35.38 37.52
N SER B 1279 -129.25 34.92 36.27
CA SER B 1279 -128.11 34.34 35.59
C SER B 1279 -128.19 34.66 34.10
N LEU B 1280 -127.10 35.15 33.53
CA LEU B 1280 -127.07 35.55 32.13
C LEU B 1280 -126.93 34.30 31.25
N LYS B 1281 -126.79 34.51 29.94
CA LYS B 1281 -126.65 33.40 29.01
C LYS B 1281 -125.20 32.93 28.92
N CYS B 1282 -125.04 31.64 28.64
CA CYS B 1282 -123.73 31.03 28.45
C CYS B 1282 -123.57 30.75 26.95
N SER B 1283 -122.96 31.72 26.26
CA SER B 1283 -122.77 31.61 24.82
C SER B 1283 -121.60 30.68 24.50
N ASN B 1284 -121.85 29.68 23.67
CA ASN B 1284 -120.80 28.76 23.25
C ASN B 1284 -119.81 29.40 22.29
N CYS B 1285 -120.14 30.56 21.72
CA CYS B 1285 -119.24 31.27 20.82
C CYS B 1285 -119.56 32.75 20.85
N TYR B 1286 -118.53 33.58 20.99
CA TYR B 1286 -118.68 35.03 21.04
C TYR B 1286 -118.10 35.65 19.78
N MET B 1287 -118.72 36.74 19.33
CA MET B 1287 -118.28 37.44 18.13
C MET B 1287 -118.85 38.84 18.16
N VAL B 1288 -118.29 39.70 17.30
CA VAL B 1288 -118.72 41.08 17.17
C VAL B 1288 -118.98 41.38 15.70
N TRP B 1289 -119.96 42.25 15.45
CA TRP B 1289 -120.35 42.62 14.10
C TRP B 1289 -119.37 43.66 13.58
N GLY B 1290 -118.42 43.23 12.75
CA GLY B 1290 -117.43 44.14 12.20
C GLY B 1290 -117.91 45.00 11.06
N GLY B 1291 -119.13 44.78 10.58
CA GLY B 1291 -119.65 45.58 9.48
C GLY B 1291 -119.88 47.03 9.88
N ASP B 1292 -120.59 47.24 10.98
CA ASP B 1292 -120.89 48.58 11.49
C ASP B 1292 -119.95 48.99 12.61
N PHE B 1293 -118.86 48.25 12.83
CA PHE B 1293 -117.92 48.61 13.89
C PHE B 1293 -117.13 49.86 13.55
N VAL B 1294 -116.83 50.07 12.27
CA VAL B 1294 -116.07 51.25 11.84
C VAL B 1294 -116.98 52.45 11.74
N SER B 1295 -115.34 52.85 -0.79
CA SER B 1295 -114.67 53.15 0.48
C SER B 1295 -114.08 51.88 1.09
N HIS B 1296 -112.77 51.71 0.93
CA HIS B 1296 -112.04 50.56 1.46
C HIS B 1296 -110.90 51.05 2.35
N THR B 1297 -110.88 50.59 3.59
CA THR B 1297 -109.84 50.99 4.53
C THR B 1297 -109.72 49.92 5.61
N ASP B 1298 -108.53 49.83 6.19
CA ASP B 1298 -108.28 48.85 7.24
C ASP B 1298 -108.98 49.27 8.54
N LEU B 1299 -109.58 48.30 9.22
CA LEU B 1299 -110.29 48.54 10.46
C LEU B 1299 -109.82 47.56 11.51
N VAL B 1300 -109.48 48.06 12.70
CA VAL B 1300 -109.03 47.25 13.81
C VAL B 1300 -109.98 47.43 14.98
N ILE B 1301 -110.12 46.38 15.79
CA ILE B 1301 -110.98 46.39 16.95
C ILE B 1301 -110.20 45.90 18.16
N GLY B 1302 -110.55 46.44 19.32
CA GLY B 1302 -109.91 46.07 20.57
C GLY B 1302 -110.77 45.15 21.41
N CYS B 1303 -110.18 44.66 22.50
CA CYS B 1303 -110.85 43.76 23.42
C CYS B 1303 -110.23 43.88 24.79
N LEU B 1304 -111.07 43.87 25.83
CA LEU B 1304 -110.63 43.98 27.21
C LEU B 1304 -111.24 42.83 28.00
N VAL B 1305 -110.40 41.89 28.43
CA VAL B 1305 -110.83 40.71 29.18
C VAL B 1305 -110.12 40.73 30.53
N ASP B 1306 -110.89 40.52 31.60
CA ASP B 1306 -110.36 40.51 32.95
C ASP B 1306 -110.46 39.10 33.54
N LEU B 1307 -109.49 38.76 34.40
CA LEU B 1307 -109.45 37.47 35.04
C LEU B 1307 -110.01 37.49 36.46
N ALA B 1308 -110.27 38.67 37.01
CA ALA B 1308 -110.83 38.78 38.37
C ALA B 1308 -112.36 38.88 38.30
N THR B 1309 -112.97 37.84 37.74
CA THR B 1309 -114.42 37.76 37.56
C THR B 1309 -114.95 38.96 36.77
N GLY B 1310 -114.18 39.38 35.76
CA GLY B 1310 -114.58 40.50 34.94
C GLY B 1310 -115.37 40.08 33.71
N LEU B 1311 -116.02 41.07 33.10
CA LEU B 1311 -116.83 40.86 31.91
C LEU B 1311 -116.02 41.19 30.66
N MET B 1312 -116.23 40.43 29.60
CA MET B 1312 -115.53 40.66 28.35
C MET B 1312 -116.15 41.86 27.62
N THR B 1313 -115.38 42.93 27.48
CA THR B 1313 -115.83 44.16 26.84
C THR B 1313 -114.98 44.40 25.59
N PHE B 1314 -115.61 44.31 24.43
CA PHE B 1314 -114.93 44.59 23.18
C PHE B 1314 -114.76 46.09 22.98
N THR B 1315 -113.82 46.46 22.10
CA THR B 1315 -113.53 47.85 21.80
C THR B 1315 -113.41 48.02 20.30
N ALA B 1316 -113.88 49.18 19.81
CA ALA B 1316 -113.81 49.50 18.39
C ALA B 1316 -112.51 50.26 18.10
N ASN B 1317 -112.41 50.82 16.89
CA ASN B 1317 -111.23 51.58 16.50
C ASN B 1317 -111.25 52.93 17.20
N GLY B 1318 -110.52 53.05 18.30
CA GLY B 1318 -110.48 54.28 19.05
C GLY B 1318 -111.78 54.64 19.74
N LYS B 1319 -112.60 53.64 20.06
CA LYS B 1319 -113.88 53.87 20.72
C LYS B 1319 -114.31 52.59 21.42
N GLU B 1320 -115.48 52.64 22.04
CA GLU B 1320 -116.02 51.49 22.76
C GLU B 1320 -117.12 50.84 21.94
N SER B 1321 -117.10 49.50 21.91
CA SER B 1321 -118.10 48.75 21.16
C SER B 1321 -119.47 48.76 21.80
N ASN B 1322 -119.56 49.14 23.08
CA ASN B 1322 -120.83 49.19 23.82
C ASN B 1322 -121.53 47.84 23.85
N THR B 1323 -120.75 46.76 23.82
CA THR B 1323 -121.28 45.40 23.87
C THR B 1323 -120.42 44.55 24.80
N PHE B 1324 -121.08 43.82 25.69
CA PHE B 1324 -120.37 42.98 26.65
C PHE B 1324 -121.28 41.82 27.03
N PHE B 1325 -120.69 40.84 27.73
CA PHE B 1325 -121.41 39.67 28.19
C PHE B 1325 -120.88 39.24 29.54
N GLN B 1326 -121.76 38.67 30.36
CA GLN B 1326 -121.38 38.18 31.69
C GLN B 1326 -120.86 36.76 31.56
N VAL B 1327 -119.60 36.56 31.93
CA VAL B 1327 -118.97 35.25 31.80
C VAL B 1327 -119.23 34.44 33.07
N GLU B 1328 -119.05 33.13 32.96
CA GLU B 1328 -119.23 32.24 34.08
C GLU B 1328 -118.04 32.33 35.03
N PRO B 1329 -118.18 31.86 36.28
CA PRO B 1329 -117.02 31.83 37.18
C PRO B 1329 -115.82 31.09 36.60
N ASN B 1330 -116.06 29.99 35.89
CA ASN B 1330 -115.00 29.28 35.19
C ASN B 1330 -115.06 29.63 33.71
N THR B 1331 -113.92 30.04 33.16
CA THR B 1331 -113.84 30.50 31.77
C THR B 1331 -112.84 29.65 31.01
N LYS B 1332 -113.32 28.97 29.97
CA LYS B 1332 -112.49 28.18 29.06
C LYS B 1332 -112.86 28.60 27.65
N LEU B 1333 -112.21 29.66 27.15
CA LEU B 1333 -112.51 30.21 25.84
C LEU B 1333 -111.24 30.31 25.01
N PHE B 1334 -111.41 30.26 23.70
CA PHE B 1334 -110.31 30.37 22.75
C PHE B 1334 -110.55 31.57 21.83
N PRO B 1335 -109.54 32.40 21.59
CA PRO B 1335 -109.72 33.53 20.68
C PRO B 1335 -109.88 33.10 19.24
N ALA B 1336 -111.07 33.31 18.68
CA ALA B 1336 -111.38 32.90 17.31
C ALA B 1336 -111.65 34.13 16.45
N VAL B 1337 -111.30 34.01 15.16
CA VAL B 1337 -111.52 35.06 14.18
C VAL B 1337 -112.10 34.42 12.93
N PHE B 1338 -113.17 35.03 12.40
CA PHE B 1338 -113.83 34.56 11.18
C PHE B 1338 -113.85 35.69 10.17
N VAL B 1339 -113.29 35.44 8.99
CA VAL B 1339 -113.19 36.45 7.95
C VAL B 1339 -113.37 35.77 6.59
N LEU B 1340 -113.80 36.55 5.61
CA LEU B 1340 -114.03 36.03 4.27
C LEU B 1340 -112.69 35.80 3.56
N PRO B 1341 -112.49 34.64 2.94
CA PRO B 1341 -111.21 34.39 2.25
C PRO B 1341 -111.20 34.90 0.82
N THR B 1342 -112.15 35.77 0.48
CA THR B 1342 -112.23 36.29 -0.88
C THR B 1342 -110.95 37.01 -1.29
N HIS B 1343 -110.45 37.89 -0.43
CA HIS B 1343 -109.22 38.59 -0.72
C HIS B 1343 -108.01 37.69 -0.46
N GLN B 1344 -106.85 38.11 -0.97
CA GLN B 1344 -105.63 37.35 -0.77
C GLN B 1344 -105.22 37.32 0.70
N ASN B 1345 -105.29 38.45 1.38
CA ASN B 1345 -104.96 38.54 2.79
C ASN B 1345 -106.26 38.43 3.59
N VAL B 1346 -106.42 37.32 4.31
CA VAL B 1346 -107.66 37.07 5.05
C VAL B 1346 -107.68 37.88 6.33
N ILE B 1347 -106.73 37.63 7.23
CA ILE B 1347 -106.69 38.32 8.52
C ILE B 1347 -105.28 38.17 9.08
N GLN B 1348 -104.92 39.06 10.00
CA GLN B 1348 -103.62 39.03 10.65
C GLN B 1348 -103.80 39.29 12.13
N PHE B 1349 -103.18 38.47 12.97
CA PHE B 1349 -103.30 38.60 14.41
C PHE B 1349 -102.49 39.78 14.92
N GLU B 1350 -102.55 40.01 16.23
CA GLU B 1350 -101.80 41.10 16.85
C GLU B 1350 -101.69 40.80 18.34
N LEU B 1351 -100.47 40.82 18.86
CA LEU B 1351 -100.19 40.54 20.27
C LEU B 1351 -99.41 41.73 20.83
N GLY B 1352 -100.13 42.67 21.45
CA GLY B 1352 -99.51 43.83 22.03
C GLY B 1352 -100.19 44.30 23.30
N LYS B 1353 -99.80 45.47 23.80
CA LYS B 1353 -100.37 46.03 25.02
C LYS B 1353 -100.87 47.44 24.73
N GLN B 1354 -101.82 47.88 25.56
CA GLN B 1354 -102.40 49.21 25.46
C GLN B 1354 -102.29 49.91 26.80
N LYS B 1355 -101.70 51.11 26.81
CA LYS B 1355 -101.49 51.89 28.03
C LYS B 1355 -100.65 51.14 29.06
N ASN B 1356 -99.72 50.31 28.59
CA ASN B 1356 -98.79 49.58 29.43
C ASN B 1356 -99.52 48.69 30.45
N ILE B 1357 -100.28 47.73 29.91
CA ILE B 1357 -100.98 46.75 30.73
C ILE B 1357 -100.43 45.35 30.43
N MET B 1358 -100.91 44.36 31.17
CA MET B 1358 -100.44 43.00 30.96
C MET B 1358 -101.03 42.43 29.67
N PRO B 1359 -100.21 41.87 28.79
CA PRO B 1359 -100.73 41.31 27.54
C PRO B 1359 -101.33 39.92 27.77
N LEU B 1360 -101.94 39.40 26.71
CA LEU B 1360 -102.55 38.07 26.78
C LEU B 1360 -101.51 36.96 26.83
N SER B 1361 -100.30 37.21 26.34
CA SER B 1361 -99.26 36.18 26.38
C SER B 1361 -98.83 35.88 27.82
N ALA B 1362 -98.96 36.86 28.73
CA ALA B 1362 -98.60 36.62 30.11
C ALA B 1362 -99.60 35.69 30.79
N ALA B 1363 -100.89 35.81 30.44
CA ALA B 1363 -101.92 34.95 31.00
C ALA B 1363 -102.04 33.62 30.27
N MET B 1364 -101.55 33.54 29.03
CA MET B 1364 -101.62 32.29 28.29
C MET B 1364 -100.73 31.22 28.92
N PHE B 1365 -99.48 31.57 29.22
CA PHE B 1365 -98.53 30.66 29.83
C PHE B 1365 -98.45 30.89 31.33
N LEU B 1366 -97.75 29.99 32.02
CA LEU B 1366 -97.59 30.07 33.46
C LEU B 1366 -96.13 30.24 33.89
N SER B 1367 -95.19 30.29 32.95
CA SER B 1367 -93.78 30.44 33.31
C SER B 1367 -93.49 31.87 33.76
N GLU B 1368 -93.89 32.86 32.97
CA GLU B 1368 -93.66 34.27 33.27
C GLU B 1368 -95.02 34.98 33.21
N ARG B 1369 -95.70 35.03 34.35
CA ARG B 1369 -97.01 35.69 34.42
C ARG B 1369 -96.88 37.18 34.71
N LYS B 1370 -96.01 37.56 35.63
CA LYS B 1370 -95.81 38.96 35.97
C LYS B 1370 -94.96 39.71 34.95
N ASN B 1371 -94.33 39.01 34.02
CA ASN B 1371 -93.49 39.66 33.02
C ASN B 1371 -94.37 40.38 32.00
N PRO B 1372 -94.20 41.69 31.81
CA PRO B 1372 -95.01 42.42 30.82
C PRO B 1372 -94.51 42.31 29.38
N ALA B 1373 -93.61 41.38 29.09
CA ALA B 1373 -93.09 41.25 27.73
C ALA B 1373 -94.18 40.69 26.82
N PRO B 1374 -94.43 41.33 25.67
CA PRO B 1374 -95.47 40.84 24.75
C PRO B 1374 -95.03 39.71 23.83
N GLN B 1375 -93.89 39.07 24.12
CA GLN B 1375 -93.42 37.98 23.28
C GLN B 1375 -94.35 36.78 23.37
N CYS B 1376 -94.47 36.06 22.24
CA CYS B 1376 -95.35 34.91 22.17
C CYS B 1376 -94.54 33.63 22.05
N PRO B 1377 -94.95 32.55 22.72
CA PRO B 1377 -94.23 31.28 22.64
C PRO B 1377 -94.48 30.61 21.30
N PRO B 1378 -93.57 29.72 20.87
CA PRO B 1378 -93.78 29.01 19.60
C PRO B 1378 -94.94 28.04 19.61
N ARG B 1379 -95.55 27.77 20.78
CA ARG B 1379 -96.68 26.85 20.84
C ARG B 1379 -97.92 27.41 20.16
N LEU B 1380 -98.04 28.73 20.05
CA LEU B 1380 -99.19 29.34 19.41
C LEU B 1380 -99.18 29.02 17.92
N GLU B 1381 -100.21 28.32 17.45
CA GLU B 1381 -100.34 27.94 16.05
C GLU B 1381 -101.78 28.12 15.61
N MET B 1382 -101.98 28.69 14.42
CA MET B 1382 -103.31 28.90 13.89
C MET B 1382 -103.93 27.55 13.51
N GLN B 1383 -105.09 27.26 14.09
CA GLN B 1383 -105.80 26.02 13.83
C GLN B 1383 -106.92 26.23 12.82
N MET B 1384 -107.36 25.14 12.20
CA MET B 1384 -108.44 25.17 11.21
C MET B 1384 -109.42 24.06 11.53
N LEU B 1385 -110.72 24.38 11.51
CA LEU B 1385 -111.75 23.40 11.79
C LEU B 1385 -111.86 22.42 10.62
N MET B 1386 -111.83 21.12 10.94
CA MET B 1386 -111.96 20.10 9.91
C MET B 1386 -113.39 19.59 9.87
N PRO B 1387 -113.97 19.43 8.68
CA PRO B 1387 -115.36 18.94 8.62
C PRO B 1387 -115.53 17.52 9.15
N VAL B 1388 -114.70 16.59 8.68
CA VAL B 1388 -114.78 15.19 9.09
C VAL B 1388 -113.42 14.75 9.60
N SER B 1389 -113.44 13.87 10.60
CA SER B 1389 -112.21 13.37 11.19
C SER B 1389 -112.26 11.85 11.34
N TRP B 1390 -111.27 11.28 12.03
CA TRP B 1390 -111.19 9.84 12.23
C TRP B 1390 -111.52 9.50 13.67
N SER B 1391 -112.16 8.34 13.86
CA SER B 1391 -112.52 7.86 15.17
C SER B 1391 -112.60 6.34 15.15
N ARG B 1392 -112.22 5.73 16.27
CA ARG B 1392 -112.22 4.28 16.39
C ARG B 1392 -113.55 3.80 16.96
N MET B 1393 -113.85 2.52 16.72
CA MET B 1393 -115.08 1.90 17.18
C MET B 1393 -114.75 0.84 18.23
N PRO B 1394 -115.31 0.93 19.44
CA PRO B 1394 -115.02 -0.09 20.45
C PRO B 1394 -115.56 -1.45 20.05
N ASN B 1395 -114.94 -2.49 20.60
CA ASN B 1395 -115.33 -3.87 20.30
C ASN B 1395 -116.53 -4.33 21.11
N HIS B 1396 -116.99 -3.54 22.07
CA HIS B 1396 -118.13 -3.92 22.91
C HIS B 1396 -119.04 -2.73 23.08
N PHE B 1397 -120.35 -2.95 22.89
CA PHE B 1397 -121.35 -1.91 23.03
C PHE B 1397 -122.37 -2.30 24.10
N LEU B 1398 -123.08 -1.29 24.60
CA LEU B 1398 -124.09 -1.55 25.62
C LEU B 1398 -125.32 -2.22 25.01
N ARG B 1399 -126.06 -2.93 25.86
CA ARG B 1399 -127.24 -3.66 25.44
C ARG B 1399 -128.49 -2.83 25.71
N VAL B 1400 -129.41 -2.85 24.74
CA VAL B 1400 -130.66 -2.11 24.83
C VAL B 1400 -131.80 -3.11 24.69
N GLU B 1401 -132.68 -3.15 25.69
CA GLU B 1401 -133.82 -4.05 25.70
C GLU B 1401 -135.07 -3.31 25.25
N THR B 1402 -135.79 -3.91 24.30
CA THR B 1402 -137.03 -3.33 23.76
C THR B 1402 -138.17 -4.31 24.02
N ARG B 1403 -139.15 -3.89 24.80
CA ARG B 1403 -140.30 -4.73 25.11
C ARG B 1403 -141.45 -3.85 25.55
N ARG B 1404 -142.65 -4.44 25.52
CA ARG B 1404 -143.87 -3.76 25.93
C ARG B 1404 -144.61 -4.63 26.95
N ALA B 1405 -144.87 -4.07 28.12
CA ALA B 1405 -145.53 -4.81 29.20
C ALA B 1405 -147.05 -4.61 29.14
N GLY B 1406 -147.62 -5.01 28.02
CA GLY B 1406 -149.07 -4.90 27.86
C GLY B 1406 -149.49 -3.45 27.75
N GLU B 1407 -150.53 -3.09 28.50
CA GLU B 1407 -151.06 -1.73 28.50
C GLU B 1407 -150.74 -0.99 29.79
N ARG B 1408 -149.84 -1.51 30.62
CA ARG B 1408 -149.44 -0.86 31.86
C ARG B 1408 -148.13 -0.09 31.74
N LEU B 1409 -147.18 -0.61 30.98
CA LEU B 1409 -145.90 0.05 30.75
C LEU B 1409 -145.70 0.21 29.25
N GLY B 1410 -145.41 1.44 28.82
CA GLY B 1410 -145.21 1.73 27.42
C GLY B 1410 -144.05 0.99 26.80
N TRP B 1411 -142.84 1.20 27.33
CA TRP B 1411 -141.65 0.54 26.84
C TRP B 1411 -140.77 0.13 28.01
N ALA B 1412 -140.26 -1.10 27.97
CA ALA B 1412 -139.40 -1.64 29.02
C ALA B 1412 -137.96 -1.65 28.50
N VAL B 1413 -137.14 -0.76 29.05
CA VAL B 1413 -135.75 -0.67 28.65
C VAL B 1413 -134.88 -1.55 29.54
N PRO B 1414 -122.03 -4.38 33.11
CA PRO B 1414 -121.19 -3.18 33.18
C PRO B 1414 -120.04 -3.20 32.18
N LEU B 1415 -119.71 -2.04 31.62
CA LEU B 1415 -118.64 -1.92 30.65
C LEU B 1415 -117.82 -0.67 30.96
N THR B 1416 -116.50 -0.84 31.02
CA THR B 1416 -115.60 0.28 31.30
C THR B 1416 -114.40 0.17 30.38
N MET B 1417 -113.73 1.32 30.17
CA MET B 1417 -112.56 1.37 29.31
C MET B 1417 -111.68 2.53 29.75
N MET B 1418 -110.39 2.43 29.42
CA MET B 1418 -109.43 3.46 29.75
C MET B 1418 -109.36 4.49 28.63
N ALA B 1419 -109.23 5.76 29.01
CA ALA B 1419 -109.18 6.84 28.04
C ALA B 1419 -108.30 7.95 28.58
N LEU B 1420 -107.53 8.58 27.68
CA LEU B 1420 -106.66 9.68 28.05
C LEU B 1420 -107.47 10.97 28.18
N HIS B 1421 -106.76 12.07 28.46
CA HIS B 1421 -107.42 13.37 28.61
C HIS B 1421 -106.38 14.46 28.37
N ILE B 1422 -106.76 15.46 27.57
CA ILE B 1422 -105.92 16.61 27.27
C ILE B 1422 -106.52 17.82 27.98
N PRO B 1423 -105.75 18.55 28.78
CA PRO B 1423 -106.35 19.68 29.53
C PRO B 1423 -106.68 20.86 28.64
N GLU B 1424 -105.83 21.19 27.66
CA GLU B 1424 -106.07 22.36 26.84
C GLU B 1424 -107.17 22.13 25.81
N GLU B 1425 -107.46 20.87 25.46
CA GLU B 1425 -108.48 20.57 24.48
C GLU B 1425 -109.74 19.97 25.08
N ASN B 1426 -109.68 19.46 26.31
CA ASN B 1426 -110.82 18.87 27.01
C ASN B 1426 -111.42 17.69 26.25
N ARG B 1427 -110.62 17.02 25.43
CA ARG B 1427 -111.07 15.87 24.65
C ARG B 1427 -110.51 14.60 25.28
N CYS B 1428 -111.37 13.61 25.47
CA CYS B 1428 -111.00 12.33 26.08
C CYS B 1428 -111.00 11.27 24.99
N MET B 1429 -109.86 11.11 24.33
CA MET B 1429 -109.73 10.11 23.28
C MET B 1429 -109.59 8.72 23.87
N ASP B 1430 -110.01 7.72 23.09
CA ASP B 1430 -109.93 6.32 23.52
C ASP B 1430 -108.48 5.89 23.58
N ILE B 1431 -107.97 5.64 24.80
CA ILE B 1431 -106.58 5.25 24.96
C ILE B 1431 -106.34 3.82 24.50
N LEU B 1432 -107.38 2.99 24.45
CA LEU B 1432 -107.19 1.62 23.99
C LEU B 1432 -106.85 1.56 22.52
N GLU B 1433 -107.42 2.44 21.71
CA GLU B 1433 -107.16 2.51 20.28
C GLU B 1433 -106.35 3.78 20.01
N LEU B 1434 -105.02 3.63 20.00
CA LEU B 1434 -104.14 4.77 19.76
C LEU B 1434 -103.00 4.42 18.80
N SER B 1435 -103.13 3.33 18.05
CA SER B 1435 -102.08 2.94 17.11
C SER B 1435 -101.98 3.89 15.93
N GLU B 1436 -103.05 4.59 15.59
CA GLU B 1436 -103.01 5.52 14.46
C GLU B 1436 -102.21 6.77 14.80
N ARG B 1437 -102.48 7.36 15.96
CA ARG B 1437 -101.77 8.56 16.41
C ARG B 1437 -100.39 8.16 16.92
N LEU B 1438 -99.39 8.24 16.04
CA LEU B 1438 -98.04 7.87 16.42
C LEU B 1438 -97.31 8.97 17.18
N ASP B 1439 -97.81 10.21 17.10
CA ASP B 1439 -97.15 11.30 17.82
C ASP B 1439 -97.37 11.19 19.33
N LEU B 1440 -98.60 10.88 19.74
CA LEU B 1440 -98.91 10.75 21.16
C LEU B 1440 -98.47 9.41 21.74
N GLN B 1441 -98.15 8.43 20.90
CA GLN B 1441 -97.72 7.12 21.40
C GLN B 1441 -96.33 7.21 22.01
N GLN B 1442 -95.39 7.85 21.31
CA GLN B 1442 -94.04 8.00 21.85
C GLN B 1442 -94.04 8.88 23.08
N PHE B 1443 -94.85 9.94 23.09
CA PHE B 1443 -94.93 10.81 24.25
C PHE B 1443 -95.50 10.06 25.46
N HIS B 1444 -96.52 9.22 25.23
CA HIS B 1444 -97.08 8.42 26.32
C HIS B 1444 -96.08 7.40 26.83
N SER B 1445 -95.32 6.78 25.92
CA SER B 1445 -94.30 5.83 26.34
C SER B 1445 -93.22 6.50 27.16
N HIS B 1446 -92.81 7.70 26.76
CA HIS B 1446 -91.81 8.43 27.53
C HIS B 1446 -92.35 8.87 28.88
N THR B 1447 -93.63 9.25 28.93
CA THR B 1447 -94.25 9.59 30.21
C THR B 1447 -94.28 8.39 31.15
N LEU B 1448 -94.63 7.21 30.61
CA LEU B 1448 -94.62 6.00 31.43
C LEU B 1448 -93.21 5.66 31.90
N ARG B 1449 -92.22 5.82 31.02
CA ARG B 1449 -90.84 5.56 31.42
C ARG B 1449 -90.39 6.51 32.53
N LEU B 1450 -90.76 7.78 32.42
CA LEU B 1450 -90.42 8.75 33.47
C LEU B 1450 -91.11 8.42 34.77
N TYR B 1451 -92.38 8.01 34.72
CA TYR B 1451 -93.09 7.62 35.93
C TYR B 1451 -92.49 6.38 36.56
N ARG B 1452 -91.95 5.48 35.74
CA ARG B 1452 -91.31 4.28 36.28
C ARG B 1452 -89.94 4.62 36.89
N ALA B 1453 -89.20 5.53 36.28
CA ALA B 1453 -87.87 5.87 36.75
C ALA B 1453 -87.89 6.81 37.95
N VAL B 1454 -88.95 7.60 38.13
CA VAL B 1454 -89.00 8.53 39.25
C VAL B 1454 -89.21 7.81 40.57
N CYS B 1455 -89.76 6.60 40.54
CA CYS B 1455 -90.01 5.79 41.74
C CYS B 1455 -89.25 4.49 41.60
N ALA B 1456 -87.99 4.50 42.03
CA ALA B 1456 -87.14 3.32 41.95
C ALA B 1456 -85.99 3.46 42.94
N LEU B 1457 -85.23 2.38 43.09
CA LEU B 1457 -84.05 2.36 43.95
C LEU B 1457 -84.39 2.69 45.39
N GLY B 1458 -85.55 2.23 45.86
CA GLY B 1458 -85.94 2.41 47.24
C GLY B 1458 -86.40 3.81 47.59
N ASN B 1459 -87.27 4.38 46.77
CA ASN B 1459 -87.85 5.70 47.01
C ASN B 1459 -89.36 5.51 47.12
N ASN B 1460 -89.85 5.35 48.34
CA ASN B 1460 -91.26 5.08 48.58
C ASN B 1460 -92.07 6.34 48.88
N ARG B 1461 -91.41 7.49 49.09
CA ARG B 1461 -92.15 8.72 49.31
C ARG B 1461 -92.86 9.16 48.04
N VAL B 1462 -92.17 9.10 46.89
CA VAL B 1462 -92.79 9.40 45.61
C VAL B 1462 -93.69 8.27 45.12
N ALA B 1463 -93.57 7.08 45.71
CA ALA B 1463 -94.39 5.95 45.30
C ALA B 1463 -95.88 6.23 45.55
N HIS B 1464 -96.20 6.76 46.72
CA HIS B 1464 -97.60 7.05 47.02
C HIS B 1464 -98.14 8.17 46.13
N ALA B 1465 -97.30 9.17 45.85
CA ALA B 1465 -97.73 10.25 44.95
C ALA B 1465 -97.98 9.74 43.55
N LEU B 1466 -97.17 8.78 43.09
CA LEU B 1466 -97.38 8.21 41.76
C LEU B 1466 -98.59 7.29 41.74
N CYS B 1467 -98.85 6.58 42.84
CA CYS B 1467 -100.00 5.68 42.90
C CYS B 1467 -101.30 6.46 43.04
N SER B 1468 -101.25 7.68 43.58
CA SER B 1468 -102.44 8.50 43.68
C SER B 1468 -103.01 8.82 42.30
N HIS B 1469 -102.15 8.94 41.29
CA HIS B 1469 -102.63 9.22 39.93
C HIS B 1469 -103.17 7.96 39.28
N VAL B 1470 -102.33 6.93 39.15
CA VAL B 1470 -102.72 5.67 38.53
C VAL B 1470 -103.19 4.73 39.63
N ASP B 1471 -104.49 4.50 39.72
CA ASP B 1471 -105.04 3.62 40.74
C ASP B 1471 -104.64 2.17 40.48
N GLN B 1472 -104.76 1.35 41.52
CA GLN B 1472 -104.41 -0.06 41.41
C GLN B 1472 -105.36 -0.83 40.51
N ALA B 1473 -106.60 -0.35 40.33
CA ALA B 1473 -107.53 -1.02 39.45
C ALA B 1473 -107.24 -0.75 37.99
N GLN B 1474 -106.69 0.43 37.67
CA GLN B 1474 -106.35 0.73 36.28
C GLN B 1474 -105.24 -0.18 35.78
N LEU B 1475 -104.29 -0.55 36.65
CA LEU B 1475 -103.24 -1.47 36.26
C LEU B 1475 -103.82 -2.84 35.90
N LEU B 1476 -104.74 -3.34 36.71
CA LEU B 1476 -105.36 -4.63 36.41
C LEU B 1476 -106.21 -4.56 35.15
N HIS B 1477 -106.90 -3.43 34.95
CA HIS B 1477 -107.70 -3.27 33.74
C HIS B 1477 -106.83 -3.25 32.50
N ALA B 1478 -105.66 -2.60 32.57
CA ALA B 1478 -104.75 -2.58 31.44
C ALA B 1478 -104.11 -3.94 31.23
N LEU B 1479 -103.84 -4.68 32.31
CA LEU B 1479 -103.27 -6.02 32.17
C LEU B 1479 -104.26 -6.99 31.56
N GLU B 1480 -105.55 -6.84 31.87
CA GLU B 1480 -106.59 -7.70 31.32
C GLU B 1480 -106.91 -7.39 29.86
N ASP B 1481 -106.46 -6.25 29.35
CA ASP B 1481 -106.74 -5.88 27.97
C ASP B 1481 -105.93 -6.74 27.00
N ALA B 1482 -106.54 -7.03 25.85
CA ALA B 1482 -105.90 -7.83 24.81
C ALA B 1482 -105.48 -7.03 23.59
N HIS B 1483 -106.00 -5.82 23.41
CA HIS B 1483 -105.65 -4.97 22.28
C HIS B 1483 -104.73 -3.82 22.65
N LEU B 1484 -104.14 -3.86 23.85
CA LEU B 1484 -103.21 -2.82 24.25
C LEU B 1484 -101.94 -2.92 23.41
N PRO B 1485 -101.41 -1.79 22.92
CA PRO B 1485 -100.16 -1.84 22.17
C PRO B 1485 -99.00 -2.33 23.02
N GLY B 1486 -97.91 -2.68 22.34
CA GLY B 1486 -96.74 -3.24 22.99
C GLY B 1486 -96.07 -2.30 23.98
N PRO B 1487 -95.63 -1.13 23.51
CA PRO B 1487 -94.97 -0.18 24.42
C PRO B 1487 -95.84 0.23 25.60
N LEU B 1488 -97.14 0.43 25.37
CA LEU B 1488 -98.02 0.83 26.47
C LEU B 1488 -98.13 -0.27 27.52
N ARG B 1489 -98.28 -1.53 27.08
CA ARG B 1489 -98.35 -2.64 28.01
C ARG B 1489 -97.05 -2.81 28.77
N ALA B 1490 -95.91 -2.64 28.08
CA ALA B 1490 -94.61 -2.75 28.74
C ALA B 1490 -94.44 -1.66 29.80
N GLY B 1491 -94.84 -0.43 29.46
CA GLY B 1491 -94.76 0.66 30.43
C GLY B 1491 -95.66 0.43 31.63
N TYR B 1492 -96.87 -0.10 31.38
CA TYR B 1492 -97.78 -0.37 32.49
C TYR B 1492 -97.22 -1.47 33.40
N TYR B 1493 -96.62 -2.51 32.80
CA TYR B 1493 -96.01 -3.56 33.61
C TYR B 1493 -94.83 -3.02 34.41
N ASP B 1494 -94.04 -2.14 33.80
CA ASP B 1494 -92.91 -1.53 34.52
C ASP B 1494 -93.40 -0.68 35.68
N LEU B 1495 -94.47 0.09 35.48
CA LEU B 1495 -95.05 0.87 36.57
C LEU B 1495 -95.58 -0.03 37.68
N LEU B 1496 -96.24 -1.13 37.31
CA LEU B 1496 -96.72 -2.08 38.32
C LEU B 1496 -95.56 -2.62 39.14
N ILE B 1497 -94.48 -3.03 38.48
CA ILE B 1497 -93.32 -3.58 39.19
C ILE B 1497 -92.71 -2.51 40.09
N SER B 1498 -92.60 -1.28 39.60
CA SER B 1498 -91.97 -0.21 40.39
C SER B 1498 -92.86 0.32 41.50
N ILE B 1499 -94.17 0.05 41.46
CA ILE B 1499 -95.07 0.59 42.46
C ILE B 1499 -95.37 -0.46 43.52
N HIS B 1500 -95.26 -1.75 43.16
CA HIS B 1500 -95.66 -2.81 44.08
C HIS B 1500 -94.53 -3.74 44.48
N LEU B 1501 -93.50 -3.89 43.66
CA LEU B 1501 -92.39 -4.80 43.98
C LEU B 1501 -91.05 -4.15 43.66
N GLU B 1502 -90.92 -2.86 43.98
CA GLU B 1502 -89.65 -2.17 43.74
C GLU B 1502 -88.66 -2.40 44.86
N SER B 1503 -89.02 -2.00 46.08
CA SER B 1503 -88.10 -2.13 47.21
C SER B 1503 -88.15 -3.53 47.82
N ALA B 1504 -89.32 -4.18 47.79
CA ALA B 1504 -89.43 -5.53 48.35
C ALA B 1504 -88.56 -6.51 47.58
N CYS B 1505 -88.50 -6.37 46.25
CA CYS B 1505 -87.68 -7.27 45.44
C CYS B 1505 -86.20 -7.15 45.83
N ARG B 1506 -85.71 -5.92 45.98
CA ARG B 1506 -84.32 -5.73 46.35
C ARG B 1506 -84.06 -6.21 47.78
N SER B 1507 -84.98 -5.93 48.70
CA SER B 1507 -84.79 -6.34 50.09
C SER B 1507 -84.81 -7.86 50.22
N ARG B 1508 -85.54 -8.56 49.35
CA ARG B 1508 -85.56 -10.02 49.40
C ARG B 1508 -84.38 -10.63 48.65
N ARG B 1509 -83.92 -9.98 47.58
CA ARG B 1509 -82.79 -10.49 46.83
C ARG B 1509 -81.45 -10.20 47.50
N SER B 1510 -81.42 -9.25 48.43
CA SER B 1510 -80.17 -8.96 49.14
C SER B 1510 -79.85 -10.02 50.20
N MET B 1511 -80.81 -10.89 50.53
CA MET B 1511 -80.62 -11.89 51.57
C MET B 1511 -80.73 -13.32 51.05
N LEU B 1512 -80.79 -13.51 49.73
CA LEU B 1512 -80.87 -14.87 49.20
C LEU B 1512 -79.56 -15.63 49.39
N SER B 1513 -78.44 -14.92 49.49
CA SER B 1513 -77.15 -15.58 49.67
C SER B 1513 -77.01 -16.23 51.04
N GLU B 1514 -77.83 -15.82 52.00
CA GLU B 1514 -77.77 -16.40 53.34
C GLU B 1514 -78.54 -17.72 53.39
N TYR B 1515 -78.02 -18.66 54.18
CA TYR B 1515 -78.62 -19.98 54.36
C TYR B 1515 -78.72 -20.30 55.84
N ILE B 1516 -79.22 -19.35 56.62
CA ILE B 1516 -79.35 -19.54 58.06
C ILE B 1516 -80.43 -20.58 58.35
N VAL B 1517 -80.08 -21.58 59.13
CA VAL B 1517 -80.99 -22.66 59.52
C VAL B 1517 -81.30 -22.50 61.00
N PRO B 1518 -82.56 -22.28 61.38
CA PRO B 1518 -82.90 -22.09 62.80
C PRO B 1518 -82.98 -23.38 63.60
N LEU B 1519 -82.65 -24.53 63.01
CA LEU B 1519 -82.71 -25.82 63.69
C LEU B 1519 -84.11 -26.10 64.23
N THR B 1520 -85.12 -25.74 63.43
CA THR B 1520 -86.51 -25.96 63.84
C THR B 1520 -86.84 -27.44 63.77
N PRO B 1521 -87.53 -27.98 64.79
CA PRO B 1521 -87.93 -29.40 64.73
C PRO B 1521 -88.79 -29.73 63.52
N GLU B 1522 -89.50 -28.74 62.97
CA GLU B 1522 -90.27 -28.98 61.75
C GLU B 1522 -89.38 -29.18 60.53
N THR B 1523 -88.15 -28.65 60.57
CA THR B 1523 -87.23 -28.83 59.45
C THR B 1523 -86.65 -30.24 59.40
N ARG B 1524 -86.67 -30.97 60.52
CA ARG B 1524 -86.14 -32.33 60.54
C ARG B 1524 -87.00 -33.29 59.75
N ALA B 1525 -88.27 -32.96 59.50
CA ALA B 1525 -89.13 -33.83 58.73
C ALA B 1525 -88.76 -33.87 57.25
N ILE B 1526 -88.09 -32.82 56.75
CA ILE B 1526 -87.69 -32.80 55.35
C ILE B 1526 -86.53 -33.77 55.13
N THR B 1527 -86.46 -34.33 53.93
CA THR B 1527 -85.42 -35.28 53.57
C THR B 1527 -84.96 -34.97 52.15
N LEU B 1528 -84.10 -35.83 51.61
CA LEU B 1528 -83.57 -35.65 50.26
C LEU B 1528 -84.44 -36.33 49.21
N PHE B 1529 -84.80 -37.60 49.44
CA PHE B 1529 -85.64 -38.34 48.51
C PHE B 1529 -87.05 -38.45 49.06
N PRO B 1530 -88.07 -38.13 48.26
CA PRO B 1530 -89.44 -38.26 48.75
C PRO B 1530 -89.85 -39.71 48.85
N PRO B 1531 -90.69 -40.06 49.84
CA PRO B 1531 -91.15 -41.44 50.03
C PRO B 1531 -92.12 -41.89 48.95
N ARG B 1532 -85.75 -41.24 40.77
CA ARG B 1532 -86.66 -40.13 40.61
C ARG B 1532 -86.29 -38.98 41.54
N HIS B 1533 -86.70 -37.76 41.18
CA HIS B 1533 -86.42 -36.58 41.97
C HIS B 1533 -87.71 -35.81 42.21
N GLY B 1534 -87.74 -35.07 43.31
CA GLY B 1534 -88.91 -34.28 43.65
C GLY B 1534 -89.04 -33.04 42.80
N LEU B 1535 -90.23 -32.45 42.83
CA LEU B 1535 -90.49 -31.25 42.07
C LEU B 1535 -89.76 -30.05 42.70
N PRO B 1536 -89.36 -29.07 41.89
CA PRO B 1536 -88.68 -27.89 42.44
C PRO B 1536 -89.67 -26.92 43.05
N GLY B 1537 -89.40 -26.52 44.29
CA GLY B 1537 -90.21 -25.49 44.94
C GLY B 1537 -91.48 -25.98 45.60
N VAL B 1538 -91.60 -27.28 45.86
CA VAL B 1538 -92.78 -27.81 46.54
C VAL B 1538 -92.51 -28.18 47.99
N GLY B 1539 -91.23 -28.33 48.38
CA GLY B 1539 -90.91 -28.68 49.74
C GLY B 1539 -91.05 -27.51 50.69
N VAL B 1540 -91.01 -27.83 51.99
CA VAL B 1540 -91.13 -26.80 53.01
C VAL B 1540 -89.86 -25.96 53.05
N THR B 1541 -90.00 -24.72 53.49
CA THR B 1541 -88.88 -23.78 53.58
C THR B 1541 -88.38 -23.71 55.01
N THR B 1542 -87.08 -23.48 55.15
CA THR B 1542 -86.44 -23.38 56.46
C THR B 1542 -85.69 -22.08 56.70
N SER B 1543 -85.21 -21.44 55.64
CA SER B 1543 -84.46 -20.20 55.81
C SER B 1543 -85.36 -19.07 56.27
N LEU B 1544 -84.82 -18.22 57.14
CA LEU B 1544 -85.59 -17.08 57.65
C LEU B 1544 -85.79 -16.04 56.56
N ARG B 1545 -86.92 -15.33 56.65
CA ARG B 1545 -87.26 -14.30 55.69
C ARG B 1545 -87.95 -13.16 56.43
N PRO B 1546 -87.55 -11.91 56.19
CA PRO B 1546 -88.18 -10.78 56.88
C PRO B 1546 -89.55 -10.49 56.30
N PRO B 1547 -90.46 -9.97 57.11
CA PRO B 1547 -91.80 -9.65 56.59
C PRO B 1547 -91.77 -8.46 55.63
N HIS B 1548 -92.81 -8.38 54.81
CA HIS B 1548 -92.89 -7.32 53.81
C HIS B 1548 -93.27 -5.98 54.42
N HIS B 1549 -94.20 -5.99 55.39
CA HIS B 1549 -94.65 -4.78 56.09
C HIS B 1549 -95.21 -3.75 55.12
N PHE B 1550 -96.29 -4.14 54.44
CA PHE B 1550 -96.95 -3.23 53.52
C PHE B 1550 -97.67 -2.12 54.29
N SER B 1551 -97.61 -0.90 53.75
CA SER B 1551 -98.22 0.26 54.37
C SER B 1551 -99.60 0.51 53.76
N ALA B 1552 -100.22 1.64 54.14
CA ALA B 1552 -101.54 1.98 53.64
C ALA B 1552 -101.45 2.50 52.21
N PRO B 1553 -102.37 2.07 51.33
CA PRO B 1553 -102.34 2.51 49.94
C PRO B 1553 -103.15 3.76 49.64
N CYS B 1554 -103.84 4.34 50.62
CA CYS B 1554 -104.69 5.49 50.41
C CYS B 1554 -104.15 6.68 51.20
N PHE B 1555 -104.53 7.87 50.75
CA PHE B 1555 -104.14 9.13 51.39
C PHE B 1555 -105.39 9.95 51.67
N VAL B 1556 -105.42 10.58 52.85
CA VAL B 1556 -106.55 11.39 53.28
C VAL B 1556 -106.17 12.87 53.42
N ALA B 1557 -105.04 13.26 52.83
CA ALA B 1557 -104.56 14.65 52.87
C ALA B 1557 -104.38 15.12 54.32
N ALA B 1558 -103.92 14.22 55.18
CA ALA B 1558 -103.69 14.56 56.58
C ALA B 1558 -102.35 15.24 56.74
N LEU B 1559 -102.34 16.34 57.49
CA LEU B 1559 -101.10 17.08 57.71
C LEU B 1559 -100.23 16.35 58.72
N PRO B 1560 -98.91 16.23 58.47
CA PRO B 1560 -97.98 15.54 59.37
C PRO B 1560 -97.73 16.32 60.66
N GLU B 1561 -87.29 13.03 60.64
CA GLU B 1561 -87.61 12.64 62.00
C GLU B 1561 -88.41 11.34 62.02
N ALA B 1562 -89.65 11.41 61.58
CA ALA B 1562 -90.51 10.22 61.56
C ALA B 1562 -90.06 9.29 60.43
N PRO B 1563 -90.14 7.98 60.63
CA PRO B 1563 -89.76 7.05 59.56
C PRO B 1563 -90.71 7.14 58.38
N ALA B 1564 -90.14 6.95 57.18
CA ALA B 1564 -90.93 7.02 55.97
C ALA B 1564 -91.79 5.76 55.81
N ARG B 1565 -92.71 5.82 54.85
CA ARG B 1565 -93.59 4.69 54.59
C ARG B 1565 -92.81 3.54 53.99
N LEU B 1566 -93.08 2.32 54.48
CA LEU B 1566 -92.34 1.15 54.02
C LEU B 1566 -92.59 0.89 52.54
N SER B 1567 -93.83 0.57 52.18
CA SER B 1567 -94.19 0.26 50.80
C SER B 1567 -95.71 0.17 50.66
N PRO B 1568 -96.25 0.54 49.50
CA PRO B 1568 -97.70 0.40 49.29
C PRO B 1568 -98.13 -1.06 49.28
N SER B 1569 -99.42 -1.28 49.53
CA SER B 1569 -99.98 -2.61 49.61
C SER B 1569 -100.78 -2.94 48.35
N ILE B 1570 -101.01 -4.23 48.15
CA ILE B 1570 -101.75 -4.72 46.99
C ILE B 1570 -102.25 -6.14 47.30
N PRO B 1571 -103.47 -6.49 46.92
CA PRO B 1571 -103.92 -7.88 47.10
C PRO B 1571 -103.08 -8.84 46.26
N LEU B 1572 -102.38 -9.74 46.95
CA LEU B 1572 -101.46 -10.64 46.27
C LEU B 1572 -102.17 -11.78 45.57
N GLU B 1573 -103.29 -12.27 46.13
CA GLU B 1573 -104.00 -13.37 45.52
C GLU B 1573 -104.61 -12.98 44.18
N ALA B 1574 -105.20 -11.78 44.10
CA ALA B 1574 -105.77 -11.33 42.83
C ALA B 1574 -104.70 -11.13 41.78
N LEU B 1575 -103.56 -10.58 42.17
CA LEU B 1575 -102.46 -10.40 41.22
C LEU B 1575 -101.91 -11.75 40.76
N ARG B 1576 -101.82 -12.71 41.67
CA ARG B 1576 -101.36 -14.05 41.29
C ARG B 1576 -102.34 -14.70 40.30
N ASP B 1577 -103.64 -14.59 40.57
CA ASP B 1577 -104.63 -15.16 39.66
C ASP B 1577 -104.57 -14.48 38.30
N LYS B 1578 -104.41 -13.16 38.28
CA LYS B 1578 -104.32 -12.43 37.01
C LYS B 1578 -103.08 -12.83 36.24
N ALA B 1579 -101.95 -13.01 36.93
CA ALA B 1579 -100.72 -13.43 36.25
C ALA B 1579 -100.87 -14.85 35.71
N LEU B 1580 -101.50 -15.74 36.46
CA LEU B 1580 -101.71 -17.10 35.97
C LEU B 1580 -102.61 -17.11 34.75
N ARG B 1581 -103.69 -16.31 34.77
CA ARG B 1581 -104.58 -16.23 33.62
C ARG B 1581 -103.87 -15.64 32.41
N MET B 1582 -103.03 -14.63 32.63
CA MET B 1582 -102.28 -14.04 31.52
C MET B 1582 -101.29 -15.03 30.92
N LEU B 1583 -100.61 -15.80 31.78
CA LEU B 1583 -99.69 -16.83 31.28
C LEU B 1583 -100.43 -17.90 30.51
N GLY B 1584 -101.62 -18.30 30.99
CA GLY B 1584 -102.41 -19.27 30.26
C GLY B 1584 -102.86 -18.75 28.90
N GLU B 1585 -103.30 -17.49 28.85
CA GLU B 1585 -103.68 -16.90 27.57
C GLU B 1585 -102.47 -16.82 26.63
N ALA B 1586 -101.30 -16.49 27.18
CA ALA B 1586 -100.11 -16.39 26.36
C ALA B 1586 -99.70 -17.74 25.78
N VAL B 1587 -99.71 -18.79 26.61
CA VAL B 1587 -99.33 -20.10 26.09
C VAL B 1587 -100.38 -20.62 25.12
N ARG B 1588 -101.65 -20.29 25.34
CA ARG B 1588 -102.69 -20.69 24.39
C ARG B 1588 -102.49 -19.99 23.04
N ASP B 1589 -102.19 -18.69 23.06
CA ASP B 1589 -101.93 -17.97 21.82
C ASP B 1589 -100.67 -18.47 21.13
N GLY B 1590 -99.66 -18.86 21.90
CA GLY B 1590 -98.45 -19.42 21.29
C GLY B 1590 -98.69 -20.77 20.67
N GLY B 1591 -99.52 -21.61 21.31
CA GLY B 1591 -99.86 -22.89 20.72
C GLY B 1591 -100.76 -22.77 19.51
N GLN B 1592 -101.63 -21.75 19.49
CA GLN B 1592 -102.50 -21.53 18.33
C GLN B 1592 -101.73 -21.02 17.13
N HIS B 1593 -100.58 -20.38 17.34
CA HIS B 1593 -99.73 -19.86 16.27
C HIS B 1593 -100.51 -18.88 15.38
N ALA B 1594 -101.06 -17.85 16.02
CA ALA B 1594 -101.81 -16.83 15.31
C ALA B 1594 -100.86 -15.87 14.59
N ARG B 1595 -101.41 -15.14 13.62
CA ARG B 1595 -100.66 -14.17 12.85
C ARG B 1595 -100.83 -12.75 13.36
N ASP B 1596 -101.60 -12.55 14.42
CA ASP B 1596 -101.84 -11.23 15.01
C ASP B 1596 -101.64 -11.33 16.51
N PRO B 1597 -100.41 -11.28 16.98
CA PRO B 1597 -100.15 -11.37 18.43
C PRO B 1597 -100.55 -10.09 19.14
N VAL B 1598 -100.56 -10.18 20.47
CA VAL B 1598 -100.93 -9.04 21.30
C VAL B 1598 -99.81 -8.00 21.22
N GLY B 1599 -100.17 -6.78 20.85
CA GLY B 1599 -99.22 -5.69 20.75
C GLY B 1599 -98.46 -5.63 19.44
N GLY B 1600 -98.74 -6.53 18.49
CA GLY B 1600 -98.06 -6.54 17.21
C GLY B 1600 -96.82 -7.39 17.15
N SER B 1601 -96.37 -7.96 18.26
CA SER B 1601 -95.19 -8.79 18.28
C SER B 1601 -95.30 -9.79 19.43
N VAL B 1602 -94.60 -10.92 19.28
CA VAL B 1602 -94.62 -11.94 20.33
C VAL B 1602 -93.82 -11.49 21.54
N GLU B 1603 -92.76 -10.71 21.33
CA GLU B 1603 -91.94 -10.26 22.44
C GLU B 1603 -92.71 -9.29 23.33
N PHE B 1604 -93.40 -8.32 22.73
CA PHE B 1604 -94.14 -7.33 23.50
C PHE B 1604 -95.27 -7.96 24.32
N GLN B 1605 -95.67 -9.18 23.98
CA GLN B 1605 -96.71 -9.88 24.74
C GLN B 1605 -96.17 -10.99 25.63
N PHE B 1606 -94.91 -11.39 25.46
CA PHE B 1606 -94.32 -12.46 26.25
C PHE B 1606 -93.32 -11.99 27.29
N VAL B 1607 -92.68 -10.84 27.09
CA VAL B 1607 -91.70 -10.32 28.03
C VAL B 1607 -92.37 -9.84 29.32
N PRO B 1608 -93.39 -8.97 29.27
CA PRO B 1608 -93.92 -8.43 30.53
C PRO B 1608 -94.59 -9.47 31.41
N VAL B 1609 -95.35 -10.40 30.82
CA VAL B 1609 -96.03 -11.41 31.61
C VAL B 1609 -95.02 -12.33 32.29
N LEU B 1610 -93.96 -12.73 31.57
CA LEU B 1610 -92.94 -13.58 32.16
C LEU B 1610 -92.15 -12.84 33.23
N LYS B 1611 -91.87 -11.56 33.01
CA LYS B 1611 -91.19 -10.78 34.04
C LYS B 1611 -92.03 -10.67 35.30
N LEU B 1612 -93.34 -10.45 35.14
CA LEU B 1612 -94.23 -10.38 36.30
C LEU B 1612 -94.31 -11.73 37.02
N VAL B 1613 -94.38 -12.82 36.26
CA VAL B 1613 -94.40 -14.14 36.86
C VAL B 1613 -93.12 -14.39 37.66
N SER B 1614 -91.97 -14.01 37.09
CA SER B 1614 -90.71 -14.19 37.80
C SER B 1614 -90.65 -13.34 39.07
N THR B 1615 -91.11 -12.08 38.98
CA THR B 1615 -91.08 -11.19 40.14
C THR B 1615 -92.01 -11.69 41.24
N LEU B 1616 -93.14 -12.29 40.87
CA LEU B 1616 -94.06 -12.82 41.87
C LEU B 1616 -93.61 -14.17 42.41
N LEU B 1617 -92.81 -14.93 41.65
CA LEU B 1617 -92.34 -16.23 42.12
C LEU B 1617 -91.11 -16.10 43.00
N VAL B 1618 -90.24 -15.13 42.71
CA VAL B 1618 -89.04 -14.96 43.52
C VAL B 1618 -89.40 -14.49 44.92
N MET B 1619 -90.55 -13.83 45.09
CA MET B 1619 -90.98 -13.37 46.40
C MET B 1619 -91.59 -14.48 47.25
N GLY B 1620 -91.85 -15.66 46.68
CA GLY B 1620 -92.45 -16.74 47.41
C GLY B 1620 -93.95 -16.61 47.63
N ILE B 1621 -94.60 -15.67 46.96
CA ILE B 1621 -96.04 -15.51 47.12
C ILE B 1621 -96.79 -16.66 46.48
N PHE B 1622 -96.24 -17.26 45.42
CA PHE B 1622 -96.89 -18.37 44.74
C PHE B 1622 -96.94 -19.58 45.68
N GLY B 1623 -98.15 -20.11 45.88
CA GLY B 1623 -98.34 -21.27 46.73
C GLY B 1623 -97.93 -22.55 46.06
N ASP B 1624 -98.34 -23.66 46.68
CA ASP B 1624 -98.00 -24.98 46.14
C ASP B 1624 -98.69 -25.22 44.81
N GLU B 1625 -99.99 -24.93 44.73
CA GLU B 1625 -100.71 -25.11 43.47
C GLU B 1625 -100.17 -24.20 42.39
N ASP B 1626 -99.73 -22.99 42.76
CA ASP B 1626 -99.20 -22.06 41.77
C ASP B 1626 -97.90 -22.59 41.17
N VAL B 1627 -96.97 -23.05 42.00
CA VAL B 1627 -95.71 -23.57 41.47
C VAL B 1627 -95.94 -24.88 40.74
N LYS B 1628 -96.95 -25.66 41.14
CA LYS B 1628 -97.28 -26.88 40.41
C LYS B 1628 -97.78 -26.55 39.01
N GLN B 1629 -98.68 -25.56 38.90
CA GLN B 1629 -99.16 -25.15 37.58
C GLN B 1629 -98.04 -24.56 36.75
N ILE B 1630 -97.12 -23.83 37.38
CA ILE B 1630 -95.98 -23.27 36.65
C ILE B 1630 -95.10 -24.39 36.10
N LEU B 1631 -94.79 -25.38 36.93
CA LEU B 1631 -93.98 -26.51 36.48
C LEU B 1631 -94.68 -27.31 35.39
N LYS B 1632 -96.00 -27.43 35.46
CA LYS B 1632 -96.74 -28.13 34.41
C LYS B 1632 -96.76 -27.33 33.11
N MET B 1633 -96.80 -26.00 33.20
CA MET B 1633 -96.81 -25.18 32.00
C MET B 1633 -95.44 -25.13 31.34
N ILE B 1634 -94.38 -25.14 32.15
CA ILE B 1634 -93.03 -25.08 31.60
C ILE B 1634 -92.72 -26.32 30.78
N GLU B 1635 -92.96 -27.50 31.34
CA GLU B 1635 -92.71 -28.76 30.66
C GLU B 1635 -93.68 -29.81 31.16
N PRO B 1636 -94.20 -30.67 30.28
CA PRO B 1636 -95.13 -31.70 30.75
C PRO B 1636 -94.48 -32.76 31.61
N GLU B 1637 -93.21 -33.10 31.33
CA GLU B 1637 -92.53 -34.11 32.14
C GLU B 1637 -92.16 -33.56 33.52
N VAL B 1638 -91.74 -32.30 33.58
CA VAL B 1638 -91.36 -31.68 34.84
C VAL B 1638 -92.59 -31.13 35.57
N GLU B 1639 -100.53 -29.91 25.21
CA GLU B 1639 -99.84 -30.23 23.96
C GLU B 1639 -99.04 -29.03 23.45
N GLU B 1640 -99.00 -27.97 24.25
CA GLU B 1640 -98.28 -26.76 23.90
C GLU B 1640 -96.99 -26.69 24.70
N GLY B 1641 -95.87 -26.47 23.99
CA GLY B 1641 -94.58 -26.39 24.64
C GLY B 1641 -93.92 -25.04 24.50
N LEU B 1642 -93.72 -24.36 25.64
CA LEU B 1642 -93.07 -23.05 25.60
C LEU B 1642 -91.58 -23.16 25.30
N LEU B 1643 -90.96 -24.27 25.69
CA LEU B 1643 -89.53 -24.46 25.50
C LEU B 1643 -89.17 -25.09 24.16
N GLN B 1644 -90.15 -25.43 23.33
CA GLN B 1644 -89.91 -26.12 22.07
C GLN B 1644 -90.44 -25.32 20.88
N MET B 1645 -90.19 -24.01 20.85
CA MET B 1645 -90.60 -23.16 19.75
C MET B 1645 -89.64 -21.99 19.63
N LYS B 1646 -89.84 -21.20 18.58
CA LYS B 1646 -88.98 -20.04 18.33
C LYS B 1646 -89.37 -18.89 19.25
N LEU B 1647 -88.40 -18.40 20.02
CA LEU B 1647 -88.63 -17.34 20.97
C LEU B 1647 -87.59 -16.24 20.79
N PRO B 1648 -87.97 -14.97 21.03
CA PRO B 1648 -87.00 -13.88 20.97
C PRO B 1648 -85.97 -13.95 22.10
N GLU B 1649 -85.03 -13.00 22.13
CA GLU B 1649 -83.93 -13.07 23.07
C GLU B 1649 -84.34 -12.67 24.49
N SER B 1650 -85.20 -11.66 24.62
CA SER B 1650 -85.59 -11.20 25.96
C SER B 1650 -86.33 -12.29 26.73
N VAL B 1651 -87.25 -12.99 26.07
CA VAL B 1651 -87.93 -14.09 26.75
C VAL B 1651 -86.98 -15.26 26.99
N LYS B 1652 -85.95 -15.41 26.15
CA LYS B 1652 -84.93 -16.41 26.44
C LYS B 1652 -84.21 -16.09 27.74
N LEU B 1653 -83.84 -14.82 27.92
CA LEU B 1653 -83.23 -14.40 29.19
C LEU B 1653 -84.19 -14.57 30.35
N GLN B 1654 -85.48 -14.34 30.12
CA GLN B 1654 -86.48 -14.54 31.17
C GLN B 1654 -86.53 -16.00 31.60
N MET B 1655 -86.56 -16.92 30.63
CA MET B 1655 -86.55 -18.35 30.96
C MET B 1655 -85.24 -18.75 31.63
N CYS B 1656 -84.13 -18.14 31.20
CA CYS B 1656 -82.85 -18.39 31.86
C CYS B 1656 -82.89 -17.99 33.32
N ASN B 1657 -83.45 -16.81 33.61
CA ASN B 1657 -83.57 -16.36 34.99
C ASN B 1657 -84.51 -17.27 35.79
N LEU B 1658 -85.59 -17.73 35.16
CA LEU B 1658 -86.51 -18.65 35.85
C LEU B 1658 -85.82 -19.95 36.20
N LEU B 1659 -85.05 -20.52 35.27
CA LEU B 1659 -84.32 -21.75 35.56
C LEU B 1659 -83.23 -21.54 36.60
N GLU B 1660 -82.59 -20.37 36.59
CA GLU B 1660 -81.61 -20.06 37.63
C GLU B 1660 -82.26 -19.97 38.99
N TYR B 1661 -83.44 -19.36 39.08
CA TYR B 1661 -84.16 -19.31 40.35
C TYR B 1661 -84.57 -20.70 40.80
N PHE B 1662 -85.00 -21.55 39.86
CA PHE B 1662 -85.33 -22.92 40.22
C PHE B 1662 -84.12 -23.68 40.75
N CYS B 1663 -82.96 -23.48 40.12
CA CYS B 1663 -81.74 -24.13 40.59
C CYS B 1663 -81.34 -23.61 41.97
N ASP B 1664 -81.53 -22.31 42.21
CA ASP B 1664 -81.22 -21.75 43.52
C ASP B 1664 -82.15 -22.31 44.59
N GLN B 1665 -83.44 -22.48 44.25
CA GLN B 1665 -84.38 -23.07 45.21
C GLN B 1665 -84.02 -24.53 45.50
N GLU B 1666 -83.63 -25.28 44.46
CA GLU B 1666 -83.20 -26.66 44.68
C GLU B 1666 -81.96 -26.71 45.56
N LEU B 1667 -81.01 -25.80 45.34
CA LEU B 1667 -79.81 -25.76 46.17
C LEU B 1667 -80.16 -25.41 47.61
N GLN B 1668 -81.10 -24.49 47.82
CA GLN B 1668 -81.52 -24.15 49.18
C GLN B 1668 -82.18 -25.32 49.86
N HIS B 1669 -83.03 -26.06 49.14
CA HIS B 1669 -83.66 -27.24 49.72
C HIS B 1669 -82.62 -28.30 50.07
N ARG B 1670 -81.63 -28.50 49.20
CA ARG B 1670 -80.58 -29.47 49.48
C ARG B 1670 -79.76 -29.06 50.70
N VAL B 1671 -79.46 -27.76 50.81
CA VAL B 1671 -78.70 -27.27 51.96
C VAL B 1671 -79.51 -27.45 53.25
N GLU B 1672 -80.82 -27.21 53.19
CA GLU B 1672 -81.66 -27.40 54.38
C GLU B 1672 -81.71 -28.86 54.78
N SER B 1673 -81.85 -29.77 53.81
CA SER B 1673 -81.87 -31.19 54.12
C SER B 1673 -80.52 -31.64 54.69
N LEU B 1674 -79.42 -31.15 54.14
CA LEU B 1674 -78.11 -31.51 54.65
C LEU B 1674 -77.91 -30.97 56.07
N ALA B 1675 -78.42 -29.77 56.35
CA ALA B 1675 -78.31 -29.21 57.69
C ALA B 1675 -79.13 -30.02 58.70
N ALA B 1676 -80.34 -30.43 58.31
CA ALA B 1676 -81.14 -31.27 59.20
C ALA B 1676 -80.46 -32.61 59.46
N PHE B 1677 -79.89 -33.21 58.41
CA PHE B 1677 -79.18 -34.48 58.60
C PHE B 1677 -77.97 -34.30 59.49
N ALA B 1678 -77.24 -33.19 59.31
CA ALA B 1678 -76.08 -32.93 60.16
C ALA B 1678 -76.49 -32.73 61.61
N GLU B 1679 -77.62 -32.05 61.83
CA GLU B 1679 -78.11 -31.85 63.19
C GLU B 1679 -78.46 -33.18 63.85
N ARG B 1680 -79.25 -34.01 63.17
CA ARG B 1680 -79.61 -35.29 63.76
C ARG B 1680 -78.39 -36.19 63.94
N TYR B 1681 -77.42 -36.12 63.02
CA TYR B 1681 -76.22 -36.94 63.14
C TYR B 1681 -75.35 -36.51 64.30
N VAL B 1682 -75.19 -35.18 64.49
CA VAL B 1682 -74.37 -34.73 65.61
C VAL B 1682 -75.08 -34.98 66.93
N ASP B 1683 -76.42 -34.97 66.94
CA ASP B 1683 -77.15 -35.34 68.14
C ASP B 1683 -76.91 -36.82 68.49
N LYS B 1684 -77.03 -37.70 67.49
CA LYS B 1684 -76.77 -39.11 67.72
C LYS B 1684 -75.32 -39.35 68.16
N LEU B 1685 -74.38 -38.62 67.57
CA LEU B 1685 -72.98 -38.78 67.94
C LEU B 1685 -72.71 -38.28 69.34
N GLN B 1686 -73.36 -37.19 69.75
CA GLN B 1686 -73.21 -36.70 71.11
C GLN B 1686 -73.78 -37.71 72.11
N ALA B 1687 -74.93 -38.30 71.78
CA ALA B 1687 -75.50 -39.33 72.66
C ALA B 1687 -74.57 -40.53 72.76
N ASN B 1688 -74.01 -40.98 71.63
CA ASN B 1688 -73.11 -42.13 71.66
C ASN B 1688 -71.84 -41.82 72.44
N GLN B 1689 -71.31 -40.61 72.29
CA GLN B 1689 -70.10 -40.24 73.02
C GLN B 1689 -70.38 -40.12 74.52
N ARG B 1690 -71.56 -39.61 74.89
CA ARG B 1690 -71.93 -39.58 76.30
C ARG B 1690 -72.04 -40.99 76.87
N ASP B 1691 -72.66 -41.90 76.13
CA ASP B 1691 -72.74 -43.28 76.59
C ASP B 1691 -71.36 -43.91 76.71
N ARG B 1692 -70.47 -43.63 75.76
CA ARG B 1692 -69.12 -44.18 75.81
C ARG B 1692 -68.35 -43.64 77.01
N TYR B 1693 -68.43 -42.34 77.25
CA TYR B 1693 -67.77 -41.76 78.42
C TYR B 1693 -68.38 -42.28 79.71
N GLY B 1694 -69.66 -42.64 79.68
CA GLY B 1694 -70.28 -43.21 80.88
C GLY B 1694 -69.83 -44.63 81.16
N ILE B 1695 -69.64 -45.43 80.10
CA ILE B 1695 -69.25 -46.82 80.32
C ILE B 1695 -67.77 -46.95 80.64
N LEU B 1696 -66.92 -46.08 80.06
CA LEU B 1696 -65.49 -46.17 80.33
C LEU B 1696 -65.10 -45.51 81.65
N MET B 1697 -65.97 -44.68 82.23
CA MET B 1697 -65.65 -44.03 83.49
C MET B 1697 -65.56 -45.03 84.64
N LYS B 1698 -66.40 -46.08 84.62
CA LYS B 1698 -66.34 -47.08 85.67
C LYS B 1698 -65.12 -47.98 85.52
N ALA B 1699 -64.64 -48.18 84.30
CA ALA B 1699 -63.48 -49.02 84.07
C ALA B 1699 -62.21 -48.33 84.54
N PHE B 1700 -61.37 -49.07 85.25
CA PHE B 1700 -60.11 -48.53 85.76
C PHE B 1700 -59.04 -48.56 84.67
N THR B 1701 -57.85 -48.05 85.01
CA THR B 1701 -56.72 -48.01 84.08
C THR B 1701 -56.09 -49.41 84.03
N MET B 1702 -56.71 -50.28 83.23
CA MET B 1702 -56.21 -51.64 83.09
C MET B 1702 -54.91 -51.67 82.30
N THR B 1703 -54.84 -50.94 81.20
CA THR B 1703 -53.65 -50.89 80.36
C THR B 1703 -53.32 -49.44 80.02
N ALA B 1704 -52.09 -49.23 79.56
CA ALA B 1704 -51.65 -47.87 79.22
C ALA B 1704 -52.29 -47.39 77.92
N ALA B 1705 -52.61 -48.31 77.01
CA ALA B 1705 -53.21 -47.91 75.74
C ALA B 1705 -54.60 -47.31 75.94
N GLU B 1706 -55.41 -47.92 76.79
CA GLU B 1706 -56.75 -47.40 77.05
C GLU B 1706 -56.68 -46.03 77.72
N THR B 1707 -55.75 -45.86 78.67
CA THR B 1707 -55.59 -44.58 79.32
C THR B 1707 -55.12 -43.51 78.34
N ALA B 1708 -54.19 -43.87 77.44
CA ALA B 1708 -53.72 -42.92 76.45
C ALA B 1708 -54.85 -42.53 75.49
N ARG B 1709 -55.66 -43.49 75.07
CA ARG B 1709 -56.79 -43.18 74.19
C ARG B 1709 -57.80 -42.29 74.89
N ARG B 1710 -58.09 -42.57 76.16
CA ARG B 1710 -59.03 -41.73 76.91
C ARG B 1710 -58.50 -40.32 77.06
N THR B 1711 -57.20 -40.18 77.33
CA THR B 1711 -56.61 -38.85 77.45
C THR B 1711 -56.67 -38.11 76.12
N ARG B 1712 -56.35 -38.80 75.02
CA ARG B 1712 -56.37 -38.16 73.71
C ARG B 1712 -57.78 -37.77 73.29
N GLU B 1713 -58.79 -38.52 73.72
CA GLU B 1713 -60.17 -38.21 73.35
C GLU B 1713 -60.83 -37.21 74.30
N PHE B 1714 -60.29 -37.04 75.50
CA PHE B 1714 -60.87 -36.11 76.47
C PHE B 1714 -60.15 -34.76 76.48
N ARG B 1715 -58.84 -34.76 76.69
CA ARG B 1715 -58.08 -33.51 76.79
C ARG B 1715 -57.92 -32.79 75.46
N SER B 1716 -58.36 -33.37 74.36
CA SER B 1716 -58.24 -32.72 73.07
C SER B 1716 -59.18 -31.52 72.99
N PRO B 1717 -58.83 -30.50 72.20
CA PRO B 1717 -59.72 -29.35 72.01
C PRO B 1717 -61.00 -29.77 71.32
N PRO B 1718 -62.07 -28.97 71.46
CA PRO B 1718 -63.35 -29.37 70.85
C PRO B 1718 -63.29 -29.54 69.35
N GLN B 1719 -62.62 -28.63 68.64
CA GLN B 1719 -62.56 -28.73 67.18
C GLN B 1719 -61.85 -30.01 66.75
N GLU B 1720 -60.69 -30.29 67.35
CA GLU B 1720 -59.97 -31.51 67.02
C GLU B 1720 -60.75 -32.75 67.43
N GLN B 1721 -61.50 -32.67 68.54
CA GLN B 1721 -62.33 -33.79 68.96
C GLN B 1721 -63.40 -34.10 67.92
N ILE B 1722 -64.10 -33.07 67.45
CA ILE B 1722 -65.14 -33.28 66.44
C ILE B 1722 -64.53 -33.75 65.13
N ASN B 1723 -63.34 -33.25 64.79
CA ASN B 1723 -62.67 -33.71 63.56
C ASN B 1723 -62.23 -35.17 63.67
N MET B 1724 -61.90 -35.63 64.88
CA MET B 1724 -61.46 -37.00 65.05
C MET B 1724 -62.63 -37.98 65.11
N LEU B 1725 -63.72 -37.60 65.80
CA LEU B 1725 -64.85 -38.52 65.92
C LEU B 1725 -65.63 -38.63 64.62
N LEU B 1726 -65.75 -37.54 63.87
CA LEU B 1726 -66.49 -37.56 62.61
C LEU B 1726 -65.70 -38.14 61.46
N HIS B 1727 -64.42 -38.46 61.66
CA HIS B 1727 -63.60 -39.02 60.60
C HIS B 1727 -63.91 -40.51 60.41
N PHE B 1728 -64.21 -40.89 59.18
CA PHE B 1728 -64.51 -42.28 58.84
C PHE B 1728 -63.76 -42.65 57.58
N LYS B 1729 -62.89 -43.65 57.69
CA LYS B 1729 -62.09 -44.14 56.56
C LYS B 1729 -61.28 -43.01 55.92
N PRO B 1730 -62.80 -44.78 67.02
CA PRO B 1730 -63.51 -44.47 68.26
C PRO B 1730 -65.01 -44.28 68.03
N LEU B 1731 -65.60 -45.08 67.16
CA LEU B 1731 -67.02 -44.97 66.83
C LEU B 1731 -67.50 -46.29 66.23
N PRO B 1732 -68.57 -46.88 66.76
CA PRO B 1732 -69.05 -48.15 66.21
C PRO B 1732 -69.55 -47.98 64.79
N ASP B 1733 -69.30 -49.01 63.97
CA ASP B 1733 -69.64 -48.94 62.54
C ASP B 1733 -71.14 -48.89 62.29
N GLU B 1734 -71.97 -49.12 63.30
CA GLU B 1734 -73.42 -49.11 63.09
C GLU B 1734 -73.92 -47.72 62.72
N ILE B 1735 -73.40 -46.69 63.36
CA ILE B 1735 -73.83 -45.33 63.05
C ILE B 1735 -73.24 -44.86 61.73
N ARG B 1736 -72.04 -45.30 61.38
CA ARG B 1736 -71.40 -44.88 60.13
C ARG B 1736 -72.10 -45.42 58.90
N GLN B 1737 -72.86 -46.51 59.03
CA GLN B 1737 -73.58 -47.05 57.87
C GLN B 1737 -74.63 -46.07 57.38
N ASP B 1738 -75.40 -45.46 58.30
CA ASP B 1738 -76.37 -44.46 57.89
C ASP B 1738 -75.67 -43.24 57.28
N LEU B 1739 -74.50 -42.88 57.81
CA LEU B 1739 -73.75 -41.75 57.26
C LEU B 1739 -73.34 -42.01 55.82
N LEU B 1740 -72.76 -43.19 55.55
CA LEU B 1740 -72.33 -43.49 54.19
C LEU B 1740 -73.53 -43.69 53.26
N GLU B 1741 -74.65 -44.21 53.78
CA GLU B 1741 -75.85 -44.34 52.96
C GLU B 1741 -76.38 -42.98 52.54
N PHE B 1742 -76.46 -42.03 53.49
CA PHE B 1742 -76.90 -40.69 53.14
C PHE B 1742 -75.91 -39.99 52.22
N HIS B 1743 -74.61 -40.27 52.39
CA HIS B 1743 -73.61 -39.69 51.50
C HIS B 1743 -73.80 -40.19 50.07
N GLN B 1744 -73.99 -41.50 49.90
CA GLN B 1744 -74.24 -42.05 48.58
C GLN B 1744 -75.54 -41.52 47.99
N ASP B 1745 -76.56 -41.34 48.83
CA ASP B 1745 -77.83 -40.79 48.35
C ASP B 1745 -77.64 -39.35 47.87
N LEU B 1746 -76.85 -38.56 48.61
CA LEU B 1746 -76.59 -37.18 48.20
C LEU B 1746 -75.79 -37.14 46.91
N LEU B 1747 -74.83 -38.05 46.75
CA LEU B 1747 -74.08 -38.11 45.49
C LEU B 1747 -74.98 -38.48 44.32
N THR B 1748 -75.86 -39.47 44.50
CA THR B 1748 -76.77 -39.85 43.43
C THR B 1748 -77.77 -38.74 43.12
N HIS B 1749 -78.18 -37.96 44.12
CA HIS B 1749 -79.11 -36.87 43.88
C HIS B 1749 -78.43 -35.70 43.17
N CYS B 1750 -77.17 -35.43 43.52
CA CYS B 1750 -76.44 -34.32 42.91
C CYS B 1750 -76.04 -34.61 41.47
N GLY B 1751 -76.18 -35.85 41.00
CA GLY B 1751 -75.80 -36.23 39.65
C GLY B 1751 -74.59 -37.14 39.57
N ILE B 1752 -73.93 -37.42 40.69
CA ILE B 1752 -72.76 -38.28 40.69
C ILE B 1752 -73.19 -39.73 40.54
N GLN B 1753 -72.48 -40.48 39.71
CA GLN B 1753 -72.79 -41.88 39.47
C GLN B 1753 -71.88 -42.79 40.29
N LEU B 1754 -85.99 -38.79 30.40
CA LEU B 1754 -85.49 -37.58 31.07
C LEU B 1754 -85.72 -37.65 32.57
N GLN B 1755 -86.83 -37.05 33.01
CA GLN B 1755 -87.23 -37.04 34.42
C GLN B 1755 -86.15 -36.42 35.32
N SER B 1756 -85.38 -35.48 34.78
CA SER B 1756 -84.34 -34.80 35.53
C SER B 1756 -84.30 -33.34 35.13
N LEU B 1757 -84.30 -32.45 36.12
CA LEU B 1757 -84.29 -31.02 35.84
C LEU B 1757 -82.99 -30.61 35.17
N GLN B 1758 -81.85 -31.05 35.72
CA GLN B 1758 -80.56 -30.66 35.17
C GLN B 1758 -80.38 -31.17 33.74
N GLU B 1759 -80.85 -32.40 33.47
CA GLU B 1759 -80.69 -32.96 32.13
C GLU B 1759 -81.50 -32.17 31.10
N LEU B 1760 -82.76 -31.87 31.42
CA LEU B 1760 -83.60 -31.13 30.47
C LEU B 1760 -83.10 -29.71 30.30
N VAL B 1761 -82.59 -29.09 31.37
CA VAL B 1761 -82.02 -27.75 31.26
C VAL B 1761 -80.79 -27.76 30.38
N SER B 1762 -79.91 -28.75 30.56
CA SER B 1762 -78.73 -28.86 29.72
C SER B 1762 -79.11 -29.06 28.26
N HIS B 1763 -80.13 -29.89 28.02
CA HIS B 1763 -80.59 -30.12 26.65
C HIS B 1763 -81.12 -28.83 26.03
N THR B 1764 -81.91 -28.07 26.80
CA THR B 1764 -82.48 -26.83 26.27
C THR B 1764 -81.38 -25.81 25.99
N VAL B 1765 -80.36 -25.71 26.85
CA VAL B 1765 -79.32 -24.72 26.62
C VAL B 1765 -78.45 -25.12 25.43
N VAL B 1766 -78.14 -26.41 25.29
CA VAL B 1766 -77.34 -26.80 24.14
C VAL B 1766 -78.13 -26.66 22.85
N ARG B 1767 -79.46 -26.87 22.91
CA ARG B 1767 -80.28 -26.67 21.72
C ARG B 1767 -80.35 -25.19 21.35
N TRP B 1768 -80.46 -24.31 22.34
CA TRP B 1768 -80.46 -22.87 22.07
C TRP B 1768 -79.12 -22.43 21.51
N ALA B 1769 -78.02 -23.04 21.98
CA ALA B 1769 -76.70 -22.68 21.45
C ALA B 1769 -76.49 -23.19 20.04
N GLN B 1770 -77.04 -24.37 19.72
CA GLN B 1770 -76.86 -24.95 18.40
C GLN B 1770 -77.88 -24.46 17.38
N GLU B 1771 -78.97 -23.81 17.82
CA GLU B 1771 -79.98 -23.33 16.90
C GLU B 1771 -79.40 -22.30 15.93
N ASP B 1772 -78.93 -21.18 16.47
CA ASP B 1772 -78.34 -20.12 15.66
C ASP B 1772 -77.40 -19.31 16.54
N PHE B 1773 -76.84 -18.25 15.97
CA PHE B 1773 -75.94 -17.38 16.71
C PHE B 1773 -76.72 -16.54 17.72
N VAL B 1774 -76.03 -16.12 18.77
CA VAL B 1774 -76.67 -15.41 19.87
C VAL B 1774 -76.77 -13.92 19.56
N GLN B 1775 -75.65 -13.29 19.20
CA GLN B 1775 -75.55 -11.85 19.00
C GLN B 1775 -75.97 -11.07 20.25
N SER B 1776 -75.69 -11.64 21.43
CA SER B 1776 -76.02 -10.99 22.69
C SER B 1776 -75.09 -11.48 23.79
N PRO B 1777 -74.27 -10.61 24.38
CA PRO B 1777 -73.32 -11.08 25.39
C PRO B 1777 -73.99 -11.47 26.70
N GLU B 1778 -74.96 -10.70 27.17
CA GLU B 1778 -75.59 -10.98 28.46
C GLU B 1778 -76.36 -12.30 28.42
N LEU B 1779 -77.08 -12.57 27.33
CA LEU B 1779 -77.87 -13.78 27.25
C LEU B 1779 -76.98 -15.02 27.24
N VAL B 1780 -75.93 -15.01 26.42
CA VAL B 1780 -75.05 -16.17 26.35
C VAL B 1780 -74.26 -16.31 27.66
N ARG B 1781 -73.93 -15.20 28.32
CA ARG B 1781 -73.28 -15.28 29.62
C ARG B 1781 -74.18 -15.94 30.65
N ALA B 1782 -75.45 -15.54 30.67
CA ALA B 1782 -76.41 -16.15 31.59
C ALA B 1782 -76.59 -17.63 31.28
N MET B 1783 -76.66 -17.98 30.00
CA MET B 1783 -76.79 -19.39 29.62
C MET B 1783 -75.59 -20.20 30.07
N PHE B 1784 -74.38 -19.67 29.88
CA PHE B 1784 -73.19 -20.41 30.28
C PHE B 1784 -73.09 -20.54 31.79
N SER B 1785 -73.45 -19.49 32.53
CA SER B 1785 -73.44 -19.58 33.99
C SER B 1785 -74.48 -20.59 34.48
N LEU B 1786 -75.66 -20.63 33.84
CA LEU B 1786 -76.68 -21.59 34.23
C LEU B 1786 -76.23 -23.01 33.92
N LEU B 1787 -75.58 -23.21 32.77
CA LEU B 1787 -75.05 -24.52 32.44
C LEU B 1787 -74.00 -24.97 33.45
N HIS B 1788 -73.13 -24.04 33.86
CA HIS B 1788 -72.11 -24.39 34.85
C HIS B 1788 -72.74 -24.70 36.21
N ARG B 1789 -73.80 -23.97 36.58
CA ARG B 1789 -74.45 -24.22 37.86
C ARG B 1789 -75.24 -25.53 37.84
N GLN B 1790 -75.79 -25.92 36.70
CA GLN B 1790 -76.59 -27.13 36.62
C GLN B 1790 -75.72 -28.37 36.48
N TYR B 1791 -74.67 -28.30 35.66
CA TYR B 1791 -73.81 -29.46 35.44
C TYR B 1791 -72.81 -29.66 36.58
N ASP B 1792 -72.59 -28.66 37.41
CA ASP B 1792 -71.67 -28.75 38.54
C ASP B 1792 -72.44 -28.43 39.82
N GLY B 1793 -72.77 -29.48 40.58
CA GLY B 1793 -73.45 -29.31 41.84
C GLY B 1793 -72.53 -29.45 43.03
N LEU B 1794 -71.45 -30.22 42.85
CA LEU B 1794 -70.50 -30.43 43.94
C LEU B 1794 -69.81 -29.12 44.31
N GLY B 1795 -69.32 -28.38 43.32
CA GLY B 1795 -68.71 -27.09 43.59
C GLY B 1795 -69.69 -26.10 44.20
N GLU B 1796 -70.94 -26.14 43.75
CA GLU B 1796 -71.96 -25.26 44.30
C GLU B 1796 -72.22 -25.55 45.77
N LEU B 1797 -72.40 -26.83 46.12
CA LEU B 1797 -72.63 -27.17 47.52
C LEU B 1797 -71.38 -26.94 48.36
N LEU B 1798 -70.20 -27.02 47.75
CA LEU B 1798 -68.97 -26.70 48.49
C LEU B 1798 -68.90 -25.21 48.79
N ARG B 1799 -69.24 -24.36 47.83
CA ARG B 1799 -69.25 -22.93 48.05
C ARG B 1799 -70.39 -22.48 48.94
N ALA B 1800 -71.46 -23.28 49.04
CA ALA B 1800 -72.59 -22.93 49.89
C ALA B 1800 -72.37 -23.26 51.35
N LEU B 1801 -71.24 -23.90 51.70
CA LEU B 1801 -71.02 -24.29 53.09
C LEU B 1801 -70.61 -23.10 53.97
N PRO B 1802 -69.67 -22.24 53.58
CA PRO B 1802 -69.33 -21.10 54.45
C PRO B 1802 -70.50 -20.16 54.71
N ARG B 1803 -71.45 -20.08 53.78
CA ARG B 1803 -72.61 -19.22 53.99
C ARG B 1803 -73.63 -19.86 54.94
N ALA B 1804 -73.68 -21.19 54.99
CA ALA B 1804 -74.65 -21.87 55.83
C ALA B 1804 -74.21 -21.82 57.29
N TYR B 1805 -75.20 -21.81 58.19
CA TYR B 1805 -74.95 -21.78 59.62
C TYR B 1805 -76.20 -22.24 60.35
N THR B 1806 -76.00 -22.81 61.53
CA THR B 1806 -77.08 -23.33 62.35
C THR B 1806 -77.14 -22.55 63.67
N ILE B 1807 -78.32 -22.08 64.03
CA ILE B 1807 -78.50 -21.29 65.25
C ILE B 1807 -79.51 -21.98 66.15
N SER B 1808 -79.79 -21.37 67.30
CA SER B 1808 -80.74 -21.91 68.27
C SER B 1808 -82.13 -21.36 68.01
N PRO B 1809 -83.16 -22.21 68.13
CA PRO B 1809 -84.54 -21.76 67.88
C PRO B 1809 -85.16 -20.95 69.01
N SER B 1810 -84.38 -20.54 70.01
CA SER B 1810 -84.91 -19.79 71.14
C SER B 1810 -84.87 -18.28 70.92
N SER B 1811 -84.09 -17.81 69.94
CA SER B 1811 -84.00 -16.39 69.68
C SER B 1811 -84.26 -16.09 68.20
N VAL B 1812 -85.33 -16.68 67.66
CA VAL B 1812 -85.64 -16.49 66.24
C VAL B 1812 -86.11 -15.07 65.98
N GLU B 1813 -86.80 -14.46 66.94
CA GLU B 1813 -87.28 -13.08 66.76
C GLU B 1813 -86.10 -12.11 66.67
N ASP B 1814 -85.07 -12.31 67.49
CA ASP B 1814 -83.89 -11.46 67.42
C ASP B 1814 -83.20 -11.59 66.06
N THR B 1815 -83.12 -12.82 65.54
CA THR B 1815 -82.50 -13.03 64.23
C THR B 1815 -83.31 -12.39 63.11
N MET B 1816 -84.64 -12.48 63.19
CA MET B 1816 -85.49 -11.83 62.19
C MET B 1816 -85.34 -10.32 62.24
N SER B 1817 -85.31 -9.75 63.46
CA SER B 1817 -85.11 -8.32 63.60
C SER B 1817 -83.75 -7.90 63.06
N LEU B 1818 -82.71 -8.69 63.31
CA LEU B 1818 -81.38 -8.38 62.81
C LEU B 1818 -81.35 -8.43 61.29
N LEU B 1819 -82.00 -9.44 60.69
CA LEU B 1819 -82.05 -9.51 59.23
C LEU B 1819 -82.78 -8.32 58.64
N GLU B 1820 -83.92 -7.95 59.23
CA GLU B 1820 -84.68 -6.80 58.73
C GLU B 1820 -83.87 -5.52 58.84
N CYS B 1821 -83.21 -5.30 59.98
CA CYS B 1821 -82.48 -4.05 60.16
C CYS B 1821 -81.24 -4.00 59.27
N LEU B 1822 -80.59 -5.14 59.04
CA LEU B 1822 -79.44 -5.13 58.13
C LEU B 1822 -79.87 -4.91 56.69
N GLY B 1823 -81.02 -5.46 56.30
CA GLY B 1823 -81.58 -5.12 55.00
C GLY B 1823 -81.89 -3.65 54.87
N GLN B 1824 -82.41 -3.05 55.96
CA GLN B 1824 -82.66 -1.61 55.95
C GLN B 1824 -81.38 -0.80 55.82
N ILE B 1825 -80.31 -1.22 56.52
CA ILE B 1825 -79.02 -0.55 56.40
C ILE B 1825 -78.51 -0.64 54.96
N ARG B 1826 -78.64 -1.82 54.34
CA ARG B 1826 -78.18 -1.96 52.96
C ARG B 1826 -79.00 -1.08 52.02
N SER B 1827 -80.32 -1.04 52.21
CA SER B 1827 -81.16 -0.22 51.33
C SER B 1827 -80.85 1.26 51.51
N LEU B 1828 -80.55 1.70 52.74
CA LEU B 1828 -80.20 3.10 52.95
C LEU B 1828 -78.79 3.41 52.47
N LEU B 1829 -77.91 2.42 52.44
CA LEU B 1829 -76.57 2.62 51.91
C LEU B 1829 -76.56 2.71 50.39
N ILE B 1830 -77.47 1.98 49.73
CA ILE B 1830 -77.60 2.11 48.29
C ILE B 1830 -78.06 3.52 47.92
N VAL B 1831 -79.00 4.07 48.68
CA VAL B 1831 -79.47 5.43 48.47
C VAL B 1831 -78.42 6.41 48.99
N GLN B 1832 -78.30 7.55 48.30
CA GLN B 1832 -77.36 8.59 48.72
C GLN B 1832 -77.69 9.06 50.13
N MET B 1833 -76.65 9.35 50.91
CA MET B 1833 -76.83 9.73 52.31
C MET B 1833 -77.46 11.11 52.43
N GLY B 1834 -78.35 11.26 53.41
CA GLY B 1834 -78.98 12.52 53.69
C GLY B 1834 -79.22 12.70 55.17
N PRO B 1835 -79.82 13.82 55.57
CA PRO B 1835 -80.08 14.07 57.00
C PRO B 1835 -80.94 13.00 57.63
N GLN B 1836 -82.13 12.78 57.07
CA GLN B 1836 -83.00 11.72 57.57
C GLN B 1836 -82.35 10.35 57.38
N GLU B 1837 -81.62 10.17 56.26
CA GLU B 1837 -80.91 8.92 56.04
C GLU B 1837 -79.83 8.71 57.08
N GLU B 1838 -79.10 9.78 57.43
CA GLU B 1838 -78.08 9.66 58.47
C GLU B 1838 -78.70 9.35 59.83
N ASN B 1839 -79.85 9.97 60.13
CA ASN B 1839 -80.52 9.68 61.39
C ASN B 1839 -80.98 8.22 61.45
N LEU B 1840 -81.56 7.72 60.36
CA LEU B 1840 -81.99 6.32 60.32
C LEU B 1840 -80.79 5.38 60.42
N MET B 1841 -79.67 5.75 59.80
CA MET B 1841 -78.45 4.94 59.91
C MET B 1841 -77.94 4.91 61.34
N ILE B 1842 -77.97 6.05 62.02
CA ILE B 1842 -77.53 6.11 63.41
C ILE B 1842 -78.44 5.24 64.28
N GLN B 1843 -79.76 5.32 64.06
CA GLN B 1843 -80.69 4.49 64.83
C GLN B 1843 -80.43 3.00 64.56
N SER B 1844 -80.13 2.65 63.31
CA SER B 1844 -79.87 1.25 62.99
C SER B 1844 -78.58 0.76 63.65
N ILE B 1845 -77.53 1.59 63.64
CA ILE B 1845 -76.27 1.20 64.28
C ILE B 1845 -76.47 1.08 65.78
N GLY B 1846 -77.30 1.94 66.37
CA GLY B 1846 -77.61 1.80 67.79
C GLY B 1846 -78.45 0.57 68.10
N ASN B 1847 -79.29 0.15 67.16
CA ASN B 1847 -80.14 -1.00 67.38
C ASN B 1847 -79.38 -2.32 67.22
N ILE B 1848 -78.46 -2.38 66.26
CA ILE B 1848 -77.73 -3.62 66.02
C ILE B 1848 -76.75 -3.95 67.14
N MET B 1849 -76.40 -2.97 67.97
CA MET B 1849 -75.45 -3.22 69.05
C MET B 1849 -76.11 -3.86 70.26
N ASN B 1850 -77.40 -3.60 70.48
CA ASN B 1850 -78.12 -4.14 71.63
C ASN B 1850 -78.66 -5.55 71.38
N ASN B 1851 -78.28 -6.19 70.29
CA ASN B 1851 -78.75 -7.53 69.99
C ASN B 1851 -77.99 -8.55 70.84
N LYS B 1852 -78.71 -9.59 71.27
CA LYS B 1852 -78.10 -10.61 72.12
C LYS B 1852 -77.36 -11.66 71.29
N VAL B 1853 -77.88 -12.00 70.12
CA VAL B 1853 -77.24 -13.00 69.28
C VAL B 1853 -75.92 -12.50 68.71
N PHE B 1854 -75.73 -11.18 68.63
CA PHE B 1854 -74.49 -10.63 68.10
C PHE B 1854 -73.30 -11.05 68.95
N TYR B 1855 -73.48 -11.14 70.27
CA TYR B 1855 -72.42 -11.58 71.17
C TYR B 1855 -72.34 -13.09 71.29
N GLN B 1856 -73.28 -13.84 70.70
CA GLN B 1856 -73.32 -15.29 70.85
C GLN B 1856 -72.68 -16.00 69.67
N HIS B 1857 -73.01 -15.60 68.44
CA HIS B 1857 -72.54 -16.26 67.22
C HIS B 1857 -71.75 -15.28 66.37
N PRO B 1858 -70.45 -15.12 66.63
CA PRO B 1858 -69.63 -14.27 65.74
C PRO B 1858 -69.46 -14.87 64.36
N ASN B 1859 -69.54 -16.20 64.23
CA ASN B 1859 -69.43 -16.83 62.91
C ASN B 1859 -70.58 -16.43 62.02
N LEU B 1860 -71.78 -16.28 62.59
CA LEU B 1860 -72.93 -15.81 61.81
C LEU B 1860 -72.71 -14.37 61.34
N MET B 1861 -72.12 -13.53 62.19
CA MET B 1861 -71.82 -12.16 61.79
C MET B 1861 -70.75 -12.11 60.71
N ARG B 1862 -69.80 -13.03 60.74
CA ARG B 1862 -68.78 -13.08 59.70
C ARG B 1862 -69.35 -13.60 58.39
N ALA B 1863 -70.26 -14.57 58.45
CA ALA B 1863 -70.87 -15.10 57.24
C ALA B 1863 -71.81 -14.08 56.60
N LEU B 1864 -72.56 -13.34 57.43
CA LEU B 1864 -73.44 -12.30 56.91
C LEU B 1864 -72.66 -11.13 56.34
N GLY B 1865 -71.43 -10.92 56.79
CA GLY B 1865 -70.57 -9.88 56.25
C GLY B 1865 -71.01 -8.46 56.56
N MET B 1866 -71.43 -8.21 57.81
CA MET B 1866 -71.83 -6.86 58.18
C MET B 1866 -70.66 -5.89 58.19
N HIS B 1867 -69.46 -6.38 58.52
CA HIS B 1867 -68.28 -5.51 58.49
C HIS B 1867 -67.99 -5.04 57.08
N GLU B 1868 -68.24 -5.87 56.07
CA GLU B 1868 -68.12 -5.41 54.69
C GLU B 1868 -69.11 -4.31 54.39
N THR B 1869 -70.34 -4.42 54.91
CA THR B 1869 -71.33 -3.37 54.69
C THR B 1869 -70.91 -2.06 55.34
N VAL B 1870 -70.40 -2.12 56.57
CA VAL B 1870 -69.96 -0.89 57.23
C VAL B 1870 -68.73 -0.32 56.54
N MET B 1871 -67.84 -1.17 56.02
CA MET B 1871 -66.69 -0.68 55.27
C MET B 1871 -67.12 0.01 53.98
N GLU B 1872 -68.13 -0.55 53.30
CA GLU B 1872 -68.65 0.10 52.10
C GLU B 1872 -69.30 1.42 52.44
N VAL B 1873 -70.05 1.47 53.55
CA VAL B 1873 -70.66 2.73 53.97
C VAL B 1873 -69.58 3.78 54.25
N MET B 1874 -68.49 3.36 54.90
CA MET B 1874 -67.42 4.30 55.22
C MET B 1874 -66.71 4.78 53.97
N VAL B 1875 -66.44 3.88 53.02
CA VAL B 1875 -65.75 4.28 51.80
C VAL B 1875 -66.68 5.12 50.93
N ASN B 1876 -67.99 5.00 51.10
CA ASN B 1876 -68.91 5.83 50.34
C ASN B 1876 -69.09 7.22 50.96
N VAL B 1877 -69.07 7.30 52.30
CA VAL B 1877 -69.28 8.59 52.95
C VAL B 1877 -67.98 9.40 53.04
N LEU B 1878 -66.83 8.75 53.12
CA LEU B 1878 -65.55 9.45 53.10
C LEU B 1878 -65.10 9.69 51.67
N ARG B 1879 -67.46 15.65 56.50
CA ARG B 1879 -68.92 15.73 56.52
C ARG B 1879 -69.52 14.57 57.31
N PHE B 1880 -70.72 14.80 57.85
CA PHE B 1880 -71.46 13.82 58.65
C PHE B 1880 -70.61 13.32 59.81
N PRO B 1881 -70.36 14.15 60.82
CA PRO B 1881 -69.54 13.69 61.96
C PRO B 1881 -70.21 12.61 62.78
N LYS B 1882 -71.50 12.74 63.05
CA LYS B 1882 -72.19 11.73 63.83
C LYS B 1882 -72.16 10.37 63.14
N MET B 1883 -72.30 10.37 61.81
CA MET B 1883 -72.27 9.12 61.06
C MET B 1883 -70.92 8.42 61.19
N VAL B 1884 -69.83 9.17 61.01
CA VAL B 1884 -68.52 8.54 61.07
C VAL B 1884 -68.19 8.10 62.49
N THR B 1885 -68.58 8.89 63.49
CA THR B 1885 -68.38 8.46 64.87
C THR B 1885 -69.15 7.18 65.17
N SER B 1886 -70.40 7.08 64.68
CA SER B 1886 -71.19 5.89 64.94
C SER B 1886 -70.58 4.66 64.27
N CYS B 1887 -70.13 4.79 63.01
CA CYS B 1887 -69.60 3.61 62.34
C CYS B 1887 -68.26 3.19 62.93
N CYS B 1888 -67.43 4.16 63.34
CA CYS B 1888 -66.18 3.79 64.01
C CYS B 1888 -66.44 3.17 65.38
N ARG B 1889 -67.46 3.62 66.10
CA ARG B 1889 -67.81 2.98 67.36
C ARG B 1889 -68.29 1.55 67.13
N PHE B 1890 -69.10 1.33 66.10
CA PHE B 1890 -69.53 -0.03 65.79
C PHE B 1890 -68.34 -0.91 65.40
N LEU B 1891 -67.39 -0.36 64.65
CA LEU B 1891 -66.19 -1.11 64.29
C LEU B 1891 -65.39 -1.48 65.53
N CYS B 1892 -65.19 -0.52 66.43
CA CYS B 1892 -64.45 -0.79 67.66
C CYS B 1892 -65.14 -1.86 68.50
N TYR B 1893 -66.47 -1.83 68.54
CA TYR B 1893 -67.21 -2.87 69.25
C TYR B 1893 -67.09 -4.21 68.53
N PHE B 1894 -66.92 -4.20 67.21
CA PHE B 1894 -66.84 -5.44 66.44
C PHE B 1894 -65.48 -6.11 66.55
N CYS B 1895 -64.40 -5.33 66.66
CA CYS B 1895 -63.07 -5.94 66.74
C CYS B 1895 -62.84 -6.65 68.06
N ARG B 1896 -63.49 -6.20 69.13
CA ARG B 1896 -63.31 -6.79 70.45
C ARG B 1896 -64.27 -7.94 70.74
N ILE B 1897 -64.77 -8.60 69.71
CA ILE B 1897 -65.70 -9.71 69.91
C ILE B 1897 -64.94 -11.02 70.08
N SER B 1898 -64.15 -11.39 69.08
CA SER B 1898 -63.40 -12.64 69.10
C SER B 1898 -62.13 -12.46 68.27
N ARG B 1899 -61.35 -13.55 68.18
CA ARG B 1899 -60.12 -13.52 67.40
C ARG B 1899 -60.37 -13.64 65.91
N GLN B 1900 -61.43 -14.34 65.51
CA GLN B 1900 -61.76 -14.44 64.09
C GLN B 1900 -62.20 -13.09 63.54
N ASN B 1901 -63.01 -12.34 64.31
CA ASN B 1901 -63.34 -10.98 63.92
C ASN B 1901 -62.09 -10.12 63.81
N GLN B 1902 -61.12 -10.33 64.71
CA GLN B 1902 -59.88 -9.58 64.66
C GLN B 1902 -59.11 -9.88 63.38
N ARG B 1903 -58.98 -11.15 63.03
CA ARG B 1903 -58.28 -11.53 61.81
C ARG B 1903 -59.00 -11.03 60.57
N SER B 1904 -60.34 -11.00 60.61
CA SER B 1904 -61.08 -10.50 59.46
C SER B 1904 -60.94 -9.00 59.29
N MET B 1905 -60.91 -8.25 60.41
CA MET B 1905 -60.77 -6.81 60.33
C MET B 1905 -59.33 -6.38 60.05
N PHE B 1906 -58.35 -7.22 60.38
CA PHE B 1906 -56.95 -6.89 60.13
C PHE B 1906 -56.66 -6.67 58.64
N ASP B 1907 -57.50 -7.21 57.75
CA ASP B 1907 -57.21 -7.12 56.32
C ASP B 1907 -57.22 -5.68 55.81
N HIS B 1908 -58.02 -4.80 56.42
CA HIS B 1908 -58.18 -3.43 55.97
C HIS B 1908 -57.28 -2.45 56.75
N LEU B 1909 -56.20 -2.95 57.35
CA LEU B 1909 -55.33 -2.09 58.13
C LEU B 1909 -54.65 -1.03 57.26
N SER B 1910 -54.24 -1.41 56.04
CA SER B 1910 -53.61 -0.46 55.15
C SER B 1910 -54.56 0.68 54.78
N TYR B 1911 -55.81 0.34 54.45
CA TYR B 1911 -56.77 1.38 54.10
C TYR B 1911 -57.12 2.23 55.31
N LEU B 1912 -57.20 1.63 56.50
CA LEU B 1912 -57.48 2.40 57.70
C LEU B 1912 -56.34 3.38 57.99
N LEU B 1913 -55.09 2.95 57.84
CA LEU B 1913 -53.96 3.84 58.05
C LEU B 1913 -53.90 4.92 56.98
N GLU B 1914 -54.31 4.61 55.75
CA GLU B 1914 -54.33 5.62 54.70
C GLU B 1914 -55.41 6.66 54.95
N ASN B 1915 -56.57 6.24 55.45
CA ASN B 1915 -57.67 7.16 55.70
C ASN B 1915 -57.50 7.94 56.99
N SER B 1916 -56.72 7.42 57.95
CA SER B 1916 -56.53 8.15 59.21
C SER B 1916 -55.74 9.43 58.99
N GLY B 1917 -54.70 9.38 58.15
CA GLY B 1917 -53.89 10.55 57.88
C GLY B 1917 -53.00 10.95 59.03
N SER B 1918 -64.28 9.59 67.67
CA SER B 1918 -64.02 8.32 66.98
C SER B 1918 -63.27 8.57 65.68
N THR B 1919 -62.16 7.85 65.50
CA THR B 1919 -61.28 8.00 64.35
C THR B 1919 -60.79 6.62 63.95
N PRO B 1920 -60.69 6.33 62.64
CA PRO B 1920 -60.22 5.00 62.22
C PRO B 1920 -58.85 4.62 62.75
N LEU B 1921 -58.04 5.58 63.20
CA LEU B 1921 -56.78 5.22 63.85
C LEU B 1921 -57.02 4.47 65.15
N ASP B 1922 -58.10 4.80 65.86
CA ASP B 1922 -58.46 4.03 67.06
C ASP B 1922 -58.83 2.60 66.69
N VAL B 1923 -59.56 2.43 65.58
CA VAL B 1923 -59.89 1.08 65.11
C VAL B 1923 -58.62 0.32 64.75
N ALA B 1924 -57.65 1.00 64.12
CA ALA B 1924 -56.39 0.36 63.78
C ALA B 1924 -55.65 -0.07 65.04
N ALA B 1925 -55.56 0.82 66.03
CA ALA B 1925 -54.88 0.49 67.27
C ALA B 1925 -55.56 -0.66 68.00
N ALA B 1926 -56.89 -0.71 67.94
CA ALA B 1926 -57.62 -1.82 68.55
C ALA B 1926 -57.40 -3.12 67.79
N SER B 1927 -57.18 -3.03 66.47
CA SER B 1927 -56.91 -4.24 65.69
C SER B 1927 -55.51 -4.77 65.94
N VAL B 1928 -54.53 -3.90 66.13
CA VAL B 1928 -53.17 -4.35 66.42
C VAL B 1928 -53.02 -4.84 67.86
N ILE B 1929 -53.77 -4.27 68.80
CA ILE B 1929 -53.64 -4.66 70.19
C ILE B 1929 -54.31 -6.02 70.44
N ASP B 1930 -53.89 -6.66 71.53
CA ASP B 1930 -54.50 -7.92 71.99
C ASP B 1930 -54.35 -9.03 70.97
N ASN B 1931 -53.19 -9.11 70.33
CA ASN B 1931 -52.90 -10.19 69.40
C ASN B 1931 -51.40 -10.26 69.18
N ASN B 1932 -50.90 -11.49 69.02
CA ASN B 1932 -49.48 -11.74 68.80
C ASN B 1932 -49.17 -12.29 67.41
N GLU B 1933 -50.14 -12.94 66.77
CA GLU B 1933 -49.90 -13.49 65.44
C GLU B 1933 -49.74 -12.38 64.41
N LEU B 1934 -50.69 -11.44 64.37
CA LEU B 1934 -50.63 -10.34 63.42
C LEU B 1934 -49.52 -9.35 63.76
N ALA B 1935 -49.08 -9.30 65.02
CA ALA B 1935 -48.01 -8.38 65.38
C ALA B 1935 -46.69 -8.80 64.77
N LEU B 1936 -46.45 -10.10 64.62
CA LEU B 1936 -45.21 -10.57 64.01
C LEU B 1936 -45.24 -10.39 62.50
N ALA B 1937 -46.40 -10.64 61.88
CA ALA B 1937 -46.56 -10.49 60.43
C ALA B 1937 -46.87 -9.05 60.02
N LEU B 1938 -46.77 -8.10 60.95
CA LEU B 1938 -47.07 -6.71 60.63
C LEU B 1938 -46.02 -6.14 59.71
N GLN B 1939 -46.45 -5.51 58.62
CA GLN B 1939 -45.54 -4.93 57.65
C GLN B 1939 -45.07 -3.56 58.10
N GLU B 1940 -43.95 -3.13 57.52
CA GLU B 1940 -43.33 -1.86 57.88
C GLU B 1940 -43.86 -0.68 57.06
N GLN B 1941 -44.71 -0.95 56.07
CA GLN B 1941 -45.24 0.14 55.24
C GLN B 1941 -46.18 1.03 56.05
N ASP B 1942 -47.12 0.42 56.78
CA ASP B 1942 -48.00 1.21 57.64
C ASP B 1942 -47.24 1.90 58.76
N LEU B 1943 -46.18 1.24 59.25
CA LEU B 1943 -45.33 1.86 60.26
C LEU B 1943 -44.65 3.11 59.72
N GLU B 1944 -44.06 3.02 58.52
CA GLU B 1944 -43.44 4.18 57.90
C GLU B 1944 -44.46 5.28 57.65
N LYS B 1945 -45.67 4.89 57.21
CA LYS B 1945 -46.71 5.89 56.95
C LYS B 1945 -47.11 6.61 58.22
N VAL B 1946 -47.26 5.87 59.33
CA VAL B 1946 -47.72 6.52 60.55
C VAL B 1946 -46.60 7.38 61.16
N VAL B 1947 -45.35 6.96 61.03
CA VAL B 1947 -44.28 7.83 61.54
C VAL B 1947 -44.10 9.05 60.66
N SER B 1948 -44.33 8.93 59.36
CA SER B 1948 -44.30 10.10 58.48
C SER B 1948 -45.43 11.07 58.83
N TYR B 1949 -46.62 10.54 59.11
CA TYR B 1949 -47.73 11.40 59.52
C TYR B 1949 -47.44 12.08 60.85
N LEU B 1950 -46.84 11.35 61.80
CA LEU B 1950 -46.51 11.95 63.09
C LEU B 1950 -45.43 13.02 62.93
N ALA B 1951 -44.49 12.83 62.01
CA ALA B 1951 -43.47 13.84 61.77
C ALA B 1951 -44.06 15.08 61.09
N GLY B 1952 -44.96 14.87 60.13
CA GLY B 1952 -45.58 15.98 59.44
C GLY B 1952 -46.62 16.72 60.28
N CYS B 1953 -47.13 16.09 61.33
CA CYS B 1953 -48.10 16.75 62.18
C CYS B 1953 -47.46 17.90 62.96
N GLY B 1954 -46.33 17.63 63.61
CA GLY B 1954 -45.62 18.64 64.36
C GLY B 1954 -44.65 19.50 63.57
N LEU B 1955 -44.62 19.35 62.24
CA LEU B 1955 -43.71 20.14 61.44
C LEU B 1955 -44.20 21.58 61.28
N GLN B 1956 -45.52 21.77 61.15
CA GLN B 1956 -46.10 23.08 60.99
C GLN B 1956 -47.33 23.20 61.87
N SER B 1957 -47.97 24.36 61.82
CA SER B 1957 -49.16 24.61 62.62
C SER B 1957 -50.37 23.89 62.01
N CYS B 1958 -51.36 23.61 62.86
CA CYS B 1958 -52.57 22.93 62.45
C CYS B 1958 -53.75 23.90 62.47
N PRO B 1959 -54.62 23.85 61.45
CA PRO B 1959 -55.76 24.78 61.44
C PRO B 1959 -56.73 24.57 62.59
N MET B 1960 -56.93 23.33 63.02
CA MET B 1960 -57.84 23.07 64.14
C MET B 1960 -57.24 23.54 65.45
N LEU B 1961 -55.91 23.55 65.56
CA LEU B 1961 -55.27 24.00 66.79
C LEU B 1961 -55.25 25.52 66.88
N LEU B 1962 -55.24 26.21 65.74
CA LEU B 1962 -55.21 27.67 65.77
C LEU B 1962 -56.54 28.25 66.24
N ALA B 1963 -57.66 27.56 65.98
CA ALA B 1963 -58.96 28.06 66.40
C ALA B 1963 -59.18 27.88 67.89
N LYS B 1964 -58.65 26.80 68.48
CA LYS B 1964 -58.81 26.53 69.90
C LYS B 1964 -57.53 26.76 70.69
N GLY B 1965 -56.59 27.52 70.14
CA GLY B 1965 -55.34 27.78 70.82
C GLY B 1965 -54.97 29.25 70.85
N TYR B 1966 -54.79 29.79 72.05
CA TYR B 1966 -54.43 31.20 72.22
C TYR B 1966 -52.96 31.45 71.88
N PRO B 1967 -51.99 30.70 72.44
CA PRO B 1967 -50.59 30.97 72.09
C PRO B 1967 -50.23 30.57 70.68
N ASP B 1968 -51.02 29.70 70.03
CA ASP B 1968 -50.77 29.25 68.66
C ASP B 1968 -49.38 28.62 68.54
N ILE B 1969 -49.20 27.52 69.28
CA ILE B 1969 -47.92 26.80 69.25
C ILE B 1969 -47.77 26.10 67.89
N GLY B 1970 -46.52 25.85 67.54
CA GLY B 1970 -46.21 25.23 66.26
C GLY B 1970 -46.70 23.81 66.11
N TRP B 1971 -46.16 22.90 66.92
CA TRP B 1971 -46.53 21.49 66.82
C TRP B 1971 -47.85 21.23 67.53
N ASN B 1972 -48.71 20.46 66.89
CA ASN B 1972 -50.02 20.15 67.47
C ASN B 1972 -49.87 19.16 68.61
N PRO B 1973 -50.33 19.49 69.82
CA PRO B 1973 -50.15 18.56 70.96
C PRO B 1973 -51.17 17.43 70.96
N CYS B 1974 -52.40 17.70 70.53
CA CYS B 1974 -53.44 16.68 70.59
C CYS B 1974 -53.25 15.63 69.51
N GLY B 1975 -53.00 16.07 68.27
CA GLY B 1975 -52.78 15.13 67.19
C GLY B 1975 -51.53 14.30 67.36
N GLY B 1976 -50.51 14.86 68.02
CA GLY B 1976 -49.29 14.10 68.28
C GLY B 1976 -49.54 12.90 69.18
N GLU B 1977 -50.32 13.09 70.24
CA GLU B 1977 -50.65 11.99 71.13
C GLU B 1977 -51.49 10.94 70.43
N ARG B 1978 -52.46 11.37 69.62
CA ARG B 1978 -53.29 10.43 68.88
C ARG B 1978 -52.49 9.64 67.86
N TYR B 1979 -51.44 10.26 67.30
CA TYR B 1979 -50.59 9.54 66.35
C TYR B 1979 -49.62 8.61 67.06
N LEU B 1980 -49.12 9.01 68.23
CA LEU B 1980 -48.17 8.18 68.97
C LEU B 1980 -48.84 7.03 69.69
N ASP B 1981 -50.13 7.13 70.00
CA ASP B 1981 -50.83 6.03 70.66
C ASP B 1981 -50.85 4.78 69.78
N PHE B 1982 -50.86 4.95 68.46
CA PHE B 1982 -50.81 3.81 67.56
C PHE B 1982 -49.54 3.00 67.78
N LEU B 1983 -48.38 3.66 67.75
CA LEU B 1983 -47.13 2.96 68.00
C LEU B 1983 -47.04 2.45 69.43
N ARG B 1984 -47.61 3.19 70.39
CA ARG B 1984 -47.61 2.75 71.78
C ARG B 1984 -48.35 1.43 71.94
N PHE B 1985 -49.50 1.28 71.27
CA PHE B 1985 -50.24 0.04 71.32
C PHE B 1985 -49.65 -1.03 70.41
N ALA B 1986 -48.86 -0.63 69.41
CA ALA B 1986 -48.28 -1.62 68.50
C ALA B 1986 -47.03 -2.27 69.08
N VAL B 1987 -46.24 -1.52 69.87
CA VAL B 1987 -45.00 -2.09 70.40
C VAL B 1987 -45.26 -3.06 71.55
N PHE B 1988 -46.39 -2.96 72.23
CA PHE B 1988 -46.70 -3.80 73.38
C PHE B 1988 -47.62 -4.94 72.96
N VAL B 1989 -47.24 -6.16 73.31
CA VAL B 1989 -48.07 -7.35 73.09
C VAL B 1989 -47.91 -8.26 74.30
N ASN B 1990 -48.95 -8.34 75.14
CA ASN B 1990 -48.94 -9.15 76.35
C ASN B 1990 -47.75 -8.79 77.25
N GLY B 1991 -47.42 -7.51 77.27
CA GLY B 1991 -46.30 -7.03 78.08
C GLY B 1991 -44.95 -7.06 77.41
N GLU B 1992 -44.55 -8.23 76.91
CA GLU B 1992 -43.25 -8.36 76.26
C GLU B 1992 -43.23 -7.65 74.93
N SER B 1993 -42.05 -7.17 74.54
CA SER B 1993 -41.87 -6.43 73.29
C SER B 1993 -41.21 -7.32 72.25
N VAL B 1994 -41.54 -7.07 70.99
CA VAL B 1994 -40.99 -7.84 69.88
C VAL B 1994 -39.66 -7.24 69.45
N GLU B 1995 -38.69 -8.11 69.16
CA GLU B 1995 -37.35 -7.64 68.82
C GLU B 1995 -37.35 -6.91 67.48
N GLU B 1996 -37.80 -7.58 66.42
CA GLU B 1996 -37.75 -6.98 65.08
C GLU B 1996 -38.68 -5.78 64.99
N ASN B 1997 -39.84 -5.84 65.64
CA ASN B 1997 -40.77 -4.71 65.62
C ASN B 1997 -40.16 -3.49 66.32
N ALA B 1998 -39.63 -3.67 67.52
CA ALA B 1998 -38.98 -2.55 68.20
C ALA B 1998 -37.80 -2.02 67.41
N ASN B 1999 -37.05 -2.90 66.75
CA ASN B 1999 -35.93 -2.48 65.93
C ASN B 1999 -36.39 -1.60 64.77
N VAL B 2000 -37.43 -2.03 64.06
CA VAL B 2000 -37.85 -1.24 62.90
C VAL B 2000 -38.49 0.07 63.35
N VAL B 2001 -39.23 0.08 64.47
CA VAL B 2001 -39.84 1.33 64.91
C VAL B 2001 -38.76 2.32 65.35
N VAL B 2002 -37.74 1.84 66.07
CA VAL B 2002 -36.69 2.79 66.47
C VAL B 2002 -35.90 3.26 65.25
N ARG B 2003 -35.75 2.39 64.24
CA ARG B 2003 -35.05 2.78 63.02
C ARG B 2003 -35.81 3.89 62.30
N LEU B 2004 -37.08 3.67 62.00
CA LEU B 2004 -37.89 4.70 61.35
C LEU B 2004 -38.12 5.91 62.24
N LEU B 2005 -37.88 5.80 63.55
CA LEU B 2005 -37.99 6.97 64.42
C LEU B 2005 -36.75 7.84 64.36
N ILE B 2006 -35.56 7.22 64.43
CA ILE B 2006 -34.34 8.02 64.36
C ILE B 2006 -33.99 8.40 62.94
N ARG B 2007 -34.65 7.81 61.94
CA ARG B 2007 -34.38 8.18 60.55
C ARG B 2007 -34.78 9.62 60.27
N LYS B 2008 -35.83 10.10 60.95
CA LYS B 2008 -36.30 11.47 60.79
C LYS B 2008 -36.19 12.21 62.11
N PRO B 2009 -35.37 13.27 62.19
CA PRO B 2009 -35.24 13.99 63.46
C PRO B 2009 -36.44 14.87 63.79
N GLU B 2010 -37.29 15.20 62.81
CA GLU B 2010 -38.43 16.05 63.07
C GLU B 2010 -39.56 15.34 63.81
N CYS B 2011 -39.48 14.02 63.97
CA CYS B 2011 -40.54 13.29 64.67
C CYS B 2011 -40.52 13.59 66.17
N PHE B 2012 -39.34 13.80 66.74
CA PHE B 2012 -39.23 14.11 68.16
C PHE B 2012 -39.66 15.54 68.43
N GLY B 2013 -39.59 15.95 69.69
CA GLY B 2013 -39.93 17.29 70.09
C GLY B 2013 -38.91 18.30 69.62
N PRO B 2014 -39.36 19.51 69.26
CA PRO B 2014 -38.41 20.53 68.79
C PRO B 2014 -37.50 21.06 69.88
N ALA B 2015 -37.87 20.91 71.15
CA ALA B 2015 -37.01 21.40 72.23
C ALA B 2015 -35.90 20.42 72.57
N LEU B 2016 -36.15 19.13 72.46
CA LEU B 2016 -35.17 18.09 72.76
C LEU B 2016 -34.59 17.57 71.45
N ARG B 2017 -33.31 17.85 71.22
CA ARG B 2017 -32.61 17.43 70.01
C ARG B 2017 -33.32 17.92 68.75
N LEU B 2018 -34.68 19.67 77.37
CA LEU B 2018 -35.83 18.83 77.66
C LEU B 2018 -36.46 19.21 78.98
N LEU B 2019 -35.64 19.26 80.03
CA LEU B 2019 -36.16 19.56 81.37
C LEU B 2019 -36.62 21.02 81.48
N ALA B 2020 -35.94 21.93 80.79
CA ALA B 2020 -36.31 23.35 80.88
C ALA B 2020 -37.70 23.59 80.31
N THR B 2021 -38.01 22.98 79.17
CA THR B 2021 -39.32 23.17 78.55
C THR B 2021 -40.43 22.58 79.42
N ILE B 2022 -40.19 21.41 80.02
CA ILE B 2022 -41.18 20.80 80.89
C ILE B 2022 -41.39 21.63 82.14
N GLU B 2023 -40.31 22.19 82.69
CA GLU B 2023 -40.45 23.04 83.87
C GLU B 2023 -41.16 24.35 83.54
N GLU B 2024 -40.94 24.90 82.35
CA GLU B 2024 -41.63 26.13 81.95
C GLU B 2024 -43.09 25.87 81.59
N ALA B 2025 -43.43 24.65 81.16
CA ALA B 2025 -44.81 24.35 80.81
C ALA B 2025 -45.69 24.31 82.05
N ILE B 2026 -45.21 23.69 83.12
CA ILE B 2026 -45.98 23.61 84.36
C ILE B 2026 -45.56 24.73 85.31
N ALA B 2027 -51.57 18.52 77.42
CA ALA B 2027 -51.19 19.21 76.19
C ALA B 2027 -49.73 18.98 75.87
N ILE B 2028 -48.88 19.95 76.23
CA ILE B 2028 -47.45 19.83 75.98
C ILE B 2028 -46.85 18.74 76.88
N MET B 2029 -47.15 18.80 78.18
CA MET B 2029 -46.62 17.81 79.10
C MET B 2029 -47.15 16.41 78.78
N SER B 2030 -48.42 16.32 78.40
CA SER B 2030 -48.98 15.02 78.03
C SER B 2030 -48.33 14.46 76.77
N PHE B 2031 -48.09 15.32 75.78
CA PHE B 2031 -47.41 14.87 74.56
C PHE B 2031 -46.00 14.40 74.86
N TYR B 2032 -45.26 15.15 75.68
CA TYR B 2032 -43.90 14.74 76.03
C TYR B 2032 -43.90 13.45 76.83
N ALA B 2033 -44.87 13.28 77.71
CA ALA B 2033 -44.96 12.03 78.49
C ALA B 2033 -45.26 10.85 77.59
N ALA B 2034 -46.19 11.00 76.64
CA ALA B 2034 -46.47 9.93 75.70
C ALA B 2034 -45.23 9.61 74.86
N LEU B 2035 -44.51 10.65 74.42
CA LEU B 2035 -43.32 10.44 73.61
C LEU B 2035 -42.25 9.68 74.37
N ILE B 2036 -42.00 10.07 75.63
CA ILE B 2036 -40.95 9.39 76.39
C ILE B 2036 -41.38 7.99 76.78
N ASP B 2037 -42.69 7.77 77.03
CA ASP B 2037 -43.16 6.42 77.29
C ASP B 2037 -43.01 5.53 76.07
N LEU B 2038 -43.24 6.08 74.88
CA LEU B 2038 -43.04 5.31 73.66
C LEU B 2038 -41.56 5.01 73.44
N LEU B 2039 -40.69 5.99 73.69
CA LEU B 2039 -39.26 5.77 73.53
C LEU B 2039 -38.75 4.72 74.52
N GLY B 2040 -39.33 4.68 75.71
CA GLY B 2040 -38.96 3.65 76.68
C GLY B 2040 -39.59 2.31 76.44
N ARG B 2041 -40.71 2.27 75.73
CA ARG B 2041 -41.38 1.00 75.47
C ARG B 2041 -40.60 0.15 74.46
N CYS B 2042 -40.06 0.79 73.43
CA CYS B 2042 -39.33 0.08 72.39
C CYS B 2042 -37.93 -0.34 72.83
N ALA B 2043 -37.57 -0.14 74.09
CA ALA B 2043 -36.25 -0.54 74.56
C ALA B 2043 -36.20 -2.04 74.78
N PRO B 2044 -35.08 -2.69 74.47
CA PRO B 2044 -34.98 -4.15 74.68
C PRO B 2044 -34.89 -4.51 76.16
N GLU B 2045 -36.03 -4.46 76.86
CA GLU B 2045 -36.07 -4.79 78.27
C GLU B 2045 -35.97 -6.29 78.55
N MET B 2046 -35.85 -7.11 77.51
CA MET B 2046 -35.73 -8.55 77.71
C MET B 2046 -34.38 -8.89 78.33
N HIS B 2047 -34.39 -9.90 79.20
CA HIS B 2047 -33.15 -10.31 79.86
C HIS B 2047 -32.20 -10.99 78.88
N LEU B 2048 -32.75 -11.80 77.96
CA LEU B 2048 -31.90 -12.47 76.98
C LEU B 2048 -31.34 -11.51 75.95
N ILE B 2049 -32.07 -10.43 75.65
CA ILE B 2049 -31.62 -9.45 74.67
C ILE B 2049 -30.56 -8.52 75.22
N GLN B 2050 -30.32 -8.53 76.52
CA GLN B 2050 -29.32 -7.67 77.15
C GLN B 2050 -28.14 -8.42 77.74
N ALA B 2051 -28.32 -9.68 78.13
CA ALA B 2051 -27.26 -10.47 78.76
C ALA B 2051 -26.58 -11.31 77.67
N GLY B 2052 -25.42 -10.84 77.21
CA GLY B 2052 -24.64 -11.56 76.22
C GLY B 2052 -25.31 -11.62 74.86
N LYS B 2053 -25.73 -10.48 74.34
CA LYS B 2053 -26.35 -10.40 73.02
C LYS B 2053 -25.50 -9.61 72.03
N GLY B 2054 -25.13 -8.38 72.38
CA GLY B 2054 -24.30 -7.57 71.51
C GLY B 2054 -25.07 -6.84 70.42
N GLU B 2055 -26.13 -7.46 69.91
CA GLU B 2055 -26.90 -6.85 68.84
C GLU B 2055 -27.79 -5.72 69.36
N ALA B 2056 -28.47 -5.94 70.47
CA ALA B 2056 -29.36 -4.94 71.04
C ALA B 2056 -28.62 -3.82 71.77
N LEU B 2057 -27.33 -4.00 72.06
CA LEU B 2057 -26.58 -2.99 72.79
C LEU B 2057 -26.47 -1.69 71.99
N ARG B 2058 -26.37 -1.81 70.66
CA ARG B 2058 -26.30 -0.61 69.83
C ARG B 2058 -27.56 0.23 69.98
N ILE B 2059 -28.73 -0.37 69.79
CA ILE B 2059 -29.96 0.38 69.87
C ILE B 2059 -30.24 0.82 71.31
N ARG B 2060 -29.73 0.05 72.29
CA ARG B 2060 -29.87 0.46 73.69
C ARG B 2060 -29.10 1.75 73.96
N ALA B 2061 -27.84 1.80 73.51
CA ALA B 2061 -27.07 3.02 73.65
C ALA B 2061 -27.70 4.16 72.87
N ILE B 2062 -28.25 3.86 71.69
CA ILE B 2062 -28.91 4.89 70.89
C ILE B 2062 -30.06 5.52 71.66
N LEU B 2063 -30.97 4.68 72.18
CA LEU B 2063 -32.12 5.20 72.90
C LEU B 2063 -31.75 5.83 74.24
N ARG B 2064 -30.67 5.38 74.87
CA ARG B 2064 -30.26 5.97 76.13
C ARG B 2064 -29.54 7.30 75.94
N SER B 2065 -28.94 7.52 74.77
CA SER B 2065 -28.23 8.77 74.54
C SER B 2065 -29.17 9.93 74.25
N LEU B 2066 -30.40 9.65 73.80
CA LEU B 2066 -31.39 10.71 73.63
C LEU B 2066 -31.75 11.34 74.97
N VAL B 2067 -32.31 10.55 75.87
CA VAL B 2067 -32.76 11.03 77.17
C VAL B 2067 -31.90 10.41 78.26
N PRO B 2068 -30.86 11.09 78.73
CA PRO B 2068 -30.01 10.52 79.79
C PRO B 2068 -30.73 10.47 81.12
N LEU B 2069 -30.05 9.96 82.16
CA LEU B 2069 -30.65 9.89 83.48
C LEU B 2069 -30.87 11.27 84.08
N ASP B 2070 -30.18 12.30 83.58
CA ASP B 2070 -30.36 13.65 84.11
C ASP B 2070 -31.78 14.16 83.87
N ASP B 2071 -32.29 13.98 82.65
CA ASP B 2071 -33.66 14.39 82.36
C ASP B 2071 -34.66 13.61 83.20
N LEU B 2072 -34.39 12.32 83.41
CA LEU B 2072 -35.29 11.49 84.22
C LEU B 2072 -35.34 11.98 85.65
N VAL B 2073 -34.18 12.24 86.26
CA VAL B 2073 -34.17 12.68 87.65
C VAL B 2073 -34.71 14.09 87.78
N GLY B 2074 -34.53 14.92 86.75
CA GLY B 2074 -35.11 16.26 86.78
C GLY B 2074 -36.62 16.23 86.68
N ILE B 2075 -37.16 15.32 85.86
CA ILE B 2075 -38.62 15.18 85.77
C ILE B 2075 -39.18 14.57 87.04
N ILE B 2076 -38.42 13.69 87.69
CA ILE B 2076 -38.88 13.11 88.95
C ILE B 2076 -38.87 14.17 90.05
N SER B 2077 -37.87 15.05 90.05
CA SER B 2077 -37.77 16.10 91.05
C SER B 2077 -38.80 17.21 90.87
N LEU B 2078 -39.65 17.13 89.87
CA LEU B 2078 -40.67 18.15 89.69
C LEU B 2078 -41.73 18.03 90.78
N PRO B 2079 -42.20 19.16 91.32
CA PRO B 2079 -43.20 19.10 92.40
C PRO B 2079 -44.56 18.66 91.87
N LEU B 2080 -45.31 17.99 92.74
CA LEU B 2080 -46.63 17.51 92.41
C LEU B 2080 -47.70 18.43 92.99
N GLN B 2081 -48.82 18.53 92.27
CA GLN B 2081 -49.94 19.35 92.71
C GLN B 2081 -50.75 18.57 93.74
N ILE B 2082 -50.50 18.83 95.01
CA ILE B 2082 -51.22 18.12 96.07
C ILE B 2082 -52.63 18.69 96.18
N PRO B 2083 -53.64 17.87 96.48
CA PRO B 2083 -55.00 18.41 96.59
C PRO B 2083 -55.20 19.31 97.80
N THR B 2084 -54.50 19.05 98.90
CA THR B 2084 -54.60 19.85 100.13
C THR B 2084 -56.05 19.96 100.62
N MET B 2085 -58.33 18.05 88.80
CA MET B 2085 -57.94 19.07 87.84
C MET B 2085 -57.19 18.45 86.67
N SER B 2086 -57.89 18.26 85.55
CA SER B 2086 -57.26 17.67 84.38
C SER B 2086 -56.30 18.65 83.71
N ALA B 2087 -56.58 19.95 83.80
CA ALA B 2087 -55.69 20.94 83.19
C ALA B 2087 -54.39 21.07 83.97
N SER B 2088 -54.39 20.75 85.25
CA SER B 2088 -53.20 20.83 86.09
C SER B 2088 -52.36 19.56 85.89
N PHE B 2089 -51.35 19.39 86.73
CA PHE B 2089 -50.48 18.23 86.63
C PHE B 2089 -51.18 16.98 87.15
N VAL B 2090 -50.97 15.86 86.45
CA VAL B 2090 -51.58 14.59 86.82
C VAL B 2090 -50.46 13.58 87.07
N PRO B 2091 -50.58 12.70 88.07
CA PRO B 2091 -49.51 11.72 88.33
C PRO B 2091 -49.28 10.72 87.21
N ASP B 2092 -50.05 10.75 86.13
CA ASP B 2092 -49.78 9.88 84.99
C ASP B 2092 -48.42 10.21 84.37
N HIS B 2093 -48.06 11.49 84.35
CA HIS B 2093 -46.74 11.88 83.89
C HIS B 2093 -45.65 11.23 84.72
N LYS B 2094 -45.76 11.30 86.04
CA LYS B 2094 -44.75 10.71 86.91
C LYS B 2094 -44.72 9.19 86.77
N ALA B 2095 -45.88 8.57 86.57
CA ALA B 2095 -45.91 7.14 86.29
C ALA B 2095 -45.14 6.81 85.02
N SER B 2096 -45.31 7.63 83.97
CA SER B 2096 -44.55 7.43 82.75
C SER B 2096 -43.05 7.60 82.99
N MET B 2097 -42.67 8.60 83.78
CA MET B 2097 -41.25 8.81 84.09
C MET B 2097 -40.66 7.61 84.81
N VAL B 2098 -41.36 7.10 85.82
CA VAL B 2098 -40.80 5.98 86.58
C VAL B 2098 -40.80 4.70 85.74
N LEU B 2099 -41.77 4.53 84.85
CA LEU B 2099 -41.76 3.38 83.95
C LEU B 2099 -40.56 3.45 83.01
N PHE B 2100 -40.31 4.62 82.43
CA PHE B 2100 -39.15 4.80 81.57
C PHE B 2100 -37.85 4.53 82.33
N LEU B 2101 -37.75 5.08 83.54
CA LEU B 2101 -36.53 4.92 84.34
C LEU B 2101 -36.29 3.46 84.69
N ASP B 2102 -37.35 2.71 85.01
CA ASP B 2102 -37.20 1.29 85.31
C ASP B 2102 -36.98 0.45 84.07
N ARG B 2103 -37.39 0.93 82.90
CA ARG B 2103 -37.23 0.13 81.68
C ARG B 2103 -35.85 0.31 81.06
N VAL B 2104 -35.44 1.55 80.80
CA VAL B 2104 -34.22 1.76 80.04
C VAL B 2104 -32.97 1.73 80.91
N TYR B 2105 -33.06 2.19 82.15
CA TYR B 2105 -31.89 2.25 83.04
C TYR B 2105 -32.03 1.35 84.25
N GLY B 2106 -33.19 1.36 84.92
CA GLY B 2106 -33.41 0.54 86.09
C GLY B 2106 -33.49 -0.94 85.78
N PHE B 2107 -25.05 3.68 94.91
CA PHE B 2107 -26.40 3.51 94.42
C PHE B 2107 -27.16 4.84 94.42
N LEU B 2108 -28.34 4.84 93.79
CA LEU B 2108 -29.14 6.06 93.62
C LEU B 2108 -30.25 6.14 94.67
N LEU B 2109 -30.05 5.50 95.83
CA LEU B 2109 -31.11 5.39 96.82
C LEU B 2109 -31.45 6.73 97.45
N HIS B 2110 -30.44 7.54 97.78
CA HIS B 2110 -30.69 8.82 98.43
C HIS B 2110 -31.44 9.78 97.51
N VAL B 2111 -31.02 9.84 96.24
CA VAL B 2111 -31.69 10.71 95.28
C VAL B 2111 -33.10 10.20 95.00
N LEU B 2112 -33.27 8.87 94.94
CA LEU B 2112 -34.60 8.31 94.75
C LEU B 2112 -35.51 8.63 95.93
N ASP B 2113 -34.96 8.67 97.14
CA ASP B 2113 -35.77 8.98 98.32
C ASP B 2113 -36.14 10.46 98.35
N VAL B 2114 -35.19 11.34 98.02
CA VAL B 2114 -35.51 12.77 98.06
C VAL B 2114 -36.41 13.15 96.90
N GLY B 2115 -36.38 12.39 95.81
CA GLY B 2115 -37.25 12.69 94.68
C GLY B 2115 -38.69 12.30 94.94
N PHE B 2116 -38.91 11.08 95.41
CA PHE B 2116 -40.25 10.60 95.73
C PHE B 2116 -40.70 11.12 97.09
N ALA B 2117 -58.19 13.28 92.92
CA ALA B 2117 -58.20 12.76 94.29
C ALA B 2117 -57.60 11.37 94.35
N LEU B 2118 -58.19 10.43 93.61
CA LEU B 2118 -57.71 9.05 93.59
C LEU B 2118 -56.56 8.84 92.61
N ALA B 2119 -56.12 9.88 91.92
CA ALA B 2119 -55.03 9.72 90.96
C ALA B 2119 -53.70 9.48 91.67
N LEU B 2120 -53.45 10.18 92.77
CA LEU B 2120 -52.20 9.99 93.50
C LEU B 2120 -52.15 8.64 94.21
N ASN B 2121 -53.31 8.10 94.59
CA ASN B 2121 -53.35 6.82 95.28
C ASN B 2121 -52.96 5.68 94.32
N ARG B 2122 -53.53 5.67 93.13
CA ARG B 2122 -53.23 4.62 92.16
C ARG B 2122 -51.84 4.78 91.56
N TYR B 2123 -51.25 5.97 91.64
CA TYR B 2123 -49.93 6.19 91.06
C TYR B 2123 -48.85 5.43 91.84
N LEU B 2124 -48.99 5.35 93.16
CA LEU B 2124 -47.99 4.68 93.97
C LEU B 2124 -48.01 3.18 93.73
N CYS B 2125 -49.20 2.57 93.73
CA CYS B 2125 -49.32 1.13 93.52
C CYS B 2125 -49.12 0.72 92.07
N LEU B 2126 -49.01 1.67 91.14
CA LEU B 2126 -48.83 1.31 89.73
C LEU B 2126 -47.42 0.85 89.45
N ALA B 2127 -46.44 1.73 89.66
CA ALA B 2127 -45.04 1.39 89.40
C ALA B 2127 -44.07 1.83 90.49
N VAL B 2128 -44.48 2.68 91.44
CA VAL B 2128 -43.56 3.14 92.47
C VAL B 2128 -43.27 2.00 93.45
N LEU B 2129 -44.32 1.38 93.99
CA LEU B 2129 -44.17 0.28 94.93
C LEU B 2129 -43.55 -0.96 94.27
N PRO B 2130 -43.96 -1.33 93.06
CA PRO B 2130 -43.25 -2.43 92.38
C PRO B 2130 -41.77 -2.14 92.14
N LEU B 2131 -41.40 -0.87 92.03
CA LEU B 2131 -39.99 -0.53 91.84
C LEU B 2131 -39.18 -0.83 93.10
N ILE B 2132 -39.78 -0.60 94.28
CA ILE B 2132 -39.07 -0.86 95.53
C ILE B 2132 -38.89 -2.36 95.75
N THR B 2133 -39.84 -3.17 95.30
CA THR B 2133 -39.72 -4.62 95.47
C THR B 2133 -38.60 -5.18 94.60
N LYS B 2134 -38.41 -4.63 93.41
CA LYS B 2134 -37.33 -5.09 92.54
C LYS B 2134 -35.96 -4.69 93.09
N CYS B 2135 -35.89 -3.57 93.80
CA CYS B 2135 -34.65 -3.10 94.40
C CYS B 2135 -34.52 -3.51 95.86
N ALA B 2136 -35.10 -4.66 96.24
CA ALA B 2136 -35.01 -5.10 97.63
C ALA B 2136 -33.58 -5.43 98.04
N PRO B 2137 -32.81 -6.23 97.28
CA PRO B 2137 -31.42 -6.46 97.71
C PRO B 2137 -30.54 -5.24 97.60
N LEU B 2138 -30.85 -4.31 96.69
CA LEU B 2138 -30.07 -3.09 96.56
C LEU B 2138 -30.34 -2.10 97.68
N PHE B 2139 -31.43 -2.28 98.43
CA PHE B 2139 -31.75 -1.38 99.53
C PHE B 2139 -30.78 -1.58 100.68
N ALA B 2140 -30.36 -0.46 101.28
CA ALA B 2140 -29.43 -0.50 102.40
C ALA B 2140 -30.15 -0.85 103.69
N MET B 2141 -33.50 10.29 104.86
CA MET B 2141 -34.43 9.82 105.89
C MET B 2141 -35.13 8.54 105.46
N VAL B 2142 -34.39 7.43 105.50
CA VAL B 2142 -34.96 6.14 105.12
C VAL B 2142 -35.92 5.64 106.17
N ASP B 2143 -35.70 6.01 107.44
CA ASP B 2143 -36.60 5.56 108.51
C ASP B 2143 -37.95 6.25 108.41
N SER B 2144 -37.98 7.52 108.03
CA SER B 2144 -39.23 8.24 107.90
C SER B 2144 -40.03 7.79 106.68
N MET B 2145 -39.37 7.21 105.67
CA MET B 2145 -40.09 6.73 104.50
C MET B 2145 -40.92 5.49 104.81
N LEU B 2146 -40.57 4.76 105.86
CA LEU B 2146 -41.35 3.58 106.23
C LEU B 2146 -42.63 3.96 106.96
N HIS B 2147 -42.67 5.15 107.56
CA HIS B 2147 -43.86 5.57 108.30
C HIS B 2147 -44.97 6.01 107.36
N THR B 2148 -44.64 6.74 106.30
CA THR B 2148 -45.65 7.20 105.36
C THR B 2148 -46.22 6.07 104.52
N VAL B 2149 -45.52 4.94 104.42
CA VAL B 2149 -46.04 3.80 103.68
C VAL B 2149 -47.19 3.15 104.45
N TYR B 2150 -47.07 3.07 105.77
CA TYR B 2150 -48.14 2.49 106.58
C TYR B 2150 -49.33 3.42 106.68
N ARG B 2151 -49.12 4.73 106.56
CA ARG B 2151 -50.22 5.68 106.63
C ARG B 2151 -51.15 5.53 105.43
N LEU B 2152 -50.60 5.25 104.26
CA LEU B 2152 -51.43 5.03 103.08
C LEU B 2152 -52.14 3.68 103.13
N SER B 2153 -51.58 2.72 103.85
CA SER B 2153 -52.22 1.41 103.95
C SER B 2153 -53.41 1.45 104.90
N ARG B 2154 -53.32 2.24 105.98
CA ARG B 2154 -54.41 2.34 106.92
C ARG B 2154 -55.63 3.06 106.35
N GLY B 2155 -55.43 3.91 105.35
CA GLY B 2155 -56.55 4.62 104.75
C GLY B 2155 -57.41 3.68 103.93
N ARG B 2156 -58.72 3.92 103.98
CA ARG B 2156 -59.69 3.11 103.25
C ARG B 2156 -60.01 3.66 101.87
N SER B 2157 -59.49 4.84 101.53
CA SER B 2157 -59.75 5.44 100.22
C SER B 2157 -58.72 4.94 99.20
N LEU B 2158 -58.82 3.65 98.91
CA LEU B 2158 -57.93 2.99 97.98
C LEU B 2158 -58.60 1.75 97.42
N THR B 2159 -58.05 1.26 96.31
CA THR B 2159 -58.59 0.07 95.66
C THR B 2159 -58.18 -1.18 96.44
N LYS B 2160 -59.13 -2.10 96.59
CA LYS B 2160 -58.85 -3.35 97.30
C LYS B 2160 -57.74 -4.14 96.59
N ALA B 2161 -57.72 -4.11 95.26
CA ALA B 2161 -56.65 -4.78 94.53
C ALA B 2161 -55.32 -4.06 94.72
N GLN B 2162 -55.35 -2.72 94.76
CA GLN B 2162 -54.14 -1.95 94.98
C GLN B 2162 -53.68 -1.99 96.44
N ARG B 2163 -54.56 -2.39 97.37
CA ARG B 2163 -54.16 -2.47 98.77
C ARG B 2163 -53.13 -3.57 98.99
N ASP B 2164 -53.21 -4.66 98.22
CA ASP B 2164 -52.22 -5.73 98.35
C ASP B 2164 -50.85 -5.27 97.89
N VAL B 2165 -50.79 -4.31 96.95
CA VAL B 2165 -49.52 -3.80 96.49
C VAL B 2165 -48.82 -3.01 97.59
N ILE B 2166 -49.59 -2.24 98.37
CA ILE B 2166 -49.02 -1.50 99.49
C ILE B 2166 -48.54 -2.46 100.56
N GLU B 2167 -49.30 -3.52 100.83
CA GLU B 2167 -48.88 -4.52 101.81
C GLU B 2167 -47.68 -5.31 101.31
N GLU B 2168 -47.55 -5.48 100.00
CA GLU B 2168 -46.39 -6.19 99.46
C GLU B 2168 -45.12 -5.38 99.60
N CYS B 2169 -45.23 -4.05 99.64
CA CYS B 2169 -44.04 -3.21 99.80
C CYS B 2169 -43.46 -3.36 101.20
N LEU B 2170 -44.31 -3.31 102.23
CA LEU B 2170 -43.83 -3.49 103.60
C LEU B 2170 -43.35 -4.91 103.84
N MET B 2171 -43.92 -5.89 103.13
CA MET B 2171 -43.49 -7.28 103.29
C MET B 2171 -42.12 -7.50 102.66
N ALA B 2172 -41.88 -6.93 101.48
CA ALA B 2172 -40.59 -7.10 100.83
C ALA B 2172 -39.49 -6.32 101.53
N LEU B 2173 -39.86 -5.23 102.22
CA LEU B 2173 -38.89 -4.42 102.94
C LEU B 2173 -38.62 -4.93 104.35
N CYS B 2174 -38.93 -6.19 104.63
CA CYS B 2174 -38.67 -6.76 105.95
C CYS B 2174 -37.22 -7.19 106.13
N ARG B 2175 -36.52 -7.49 105.04
CA ARG B 2175 -35.13 -7.91 105.08
C ARG B 2175 -34.27 -6.88 104.36
N TYR B 2176 -32.95 -7.10 104.41
CA TYR B 2176 -31.94 -6.23 103.81
C TYR B 2176 -31.81 -4.89 104.52
N ILE B 2177 -32.39 -4.77 105.73
CA ILE B 2177 -32.19 -3.62 106.60
C ILE B 2177 -31.84 -4.16 107.98
N ARG B 2178 -31.19 -3.32 108.77
CA ARG B 2178 -30.75 -3.67 110.12
C ARG B 2178 -31.91 -4.27 110.92
N PRO B 2179 -31.76 -5.50 111.46
CA PRO B 2179 -32.89 -6.15 112.13
C PRO B 2179 -33.27 -5.50 113.45
N SER B 2180 -32.45 -4.61 113.99
CA SER B 2180 -32.72 -3.98 115.28
C SER B 2180 -33.13 -2.52 115.17
N MET B 2181 -32.57 -1.77 114.23
CA MET B 2181 -32.89 -0.36 114.11
C MET B 2181 -34.25 -0.15 113.46
N LEU B 2182 -34.50 -0.84 112.34
CA LEU B 2182 -35.74 -0.66 111.61
C LEU B 2182 -36.93 -1.35 112.27
N GLN B 2183 -36.71 -2.53 112.88
CA GLN B 2183 -37.80 -3.26 113.49
C GLN B 2183 -38.33 -2.55 114.73
N HIS B 2184 -37.45 -1.86 115.47
CA HIS B 2184 -37.90 -1.14 116.66
C HIS B 2184 -38.51 0.22 116.32
N LEU B 2185 -37.99 0.88 115.27
CA LEU B 2185 -38.52 2.19 114.91
C LEU B 2185 -39.89 2.07 114.25
N LEU B 2186 -40.07 1.06 113.41
CA LEU B 2186 -41.36 0.89 112.74
C LEU B 2186 -42.44 0.43 113.70
N ARG B 2187 -42.10 -0.43 114.66
CA ARG B 2187 -43.07 -0.93 115.61
C ARG B 2187 -43.41 0.10 116.68
N ARG B 2188 -42.56 1.10 116.88
CA ARG B 2188 -42.84 2.12 117.91
C ARG B 2188 -43.95 3.06 117.46
N LEU B 2189 -43.94 3.45 116.18
CA LEU B 2189 -44.95 4.38 115.69
C LEU B 2189 -46.32 3.70 115.55
N VAL B 2190 -46.33 2.41 115.20
CA VAL B 2190 -47.59 1.71 115.03
C VAL B 2190 -48.23 1.33 116.36
N PHE B 2191 -47.44 1.25 117.43
CA PHE B 2191 -47.98 0.89 118.74
C PHE B 2191 -48.15 2.12 119.62
N UNK B 2192 -52.54 -8.05 110.49
CA UNK B 2192 -52.04 -8.83 109.37
C UNK B 2192 -50.69 -8.30 108.89
N UNK B 2193 -50.58 -6.98 108.80
CA UNK B 2193 -49.35 -6.34 108.36
C UNK B 2193 -48.28 -6.41 109.45
N UNK B 2194 -48.73 -6.45 110.70
CA UNK B 2194 -47.81 -6.53 111.83
C UNK B 2194 -47.56 -7.97 112.23
N UNK B 2195 -48.45 -8.86 111.80
CA UNK B 2195 -48.33 -10.28 112.11
C UNK B 2195 -47.22 -10.92 111.26
N UNK B 2196 -47.18 -10.55 109.99
CA UNK B 2196 -46.17 -11.10 109.07
C UNK B 2196 -44.82 -10.42 109.29
N UNK B 2197 -44.85 -9.22 109.86
CA UNK B 2197 -43.63 -8.47 110.12
C UNK B 2197 -42.97 -8.93 111.42
N UNK B 2198 -43.74 -9.67 112.22
CA UNK B 2198 -43.23 -10.18 113.49
C UNK B 2198 -42.63 -11.57 113.33
N UNK B 2199 -43.17 -12.34 112.40
CA UNK B 2199 -42.69 -13.70 112.14
C UNK B 2199 -41.41 -13.67 111.32
N UNK B 2200 -41.23 -12.60 110.55
CA UNK B 2200 -40.05 -12.45 109.71
C UNK B 2200 -38.88 -11.90 110.51
N UNK B 2201 -39.17 -11.01 111.45
CA UNK B 2201 -38.15 -10.40 112.29
C UNK B 2201 -37.62 -11.41 113.31
N UNK B 2202 -38.48 -12.33 113.72
CA UNK B 2202 -38.11 -13.35 114.70
C UNK B 2202 -37.19 -14.39 114.07
N UNK B 2203 -37.38 -14.63 112.78
CA UNK B 2203 -36.56 -15.60 112.05
C UNK B 2203 -35.28 -14.94 111.53
N UNK B 2204 -35.26 -13.61 111.55
CA UNK B 2204 -34.11 -12.86 111.08
C UNK B 2204 -32.98 -12.88 112.11
N UNK B 2205 -36.59 0.41 126.07
CA UNK B 2205 -36.82 0.89 124.72
C UNK B 2205 -37.27 -0.23 123.80
N UNK B 2206 -36.32 -0.93 123.18
CA UNK B 2206 -36.62 -2.03 122.28
C UNK B 2206 -37.07 -3.26 123.07
N UNK B 2207 -36.49 -3.44 124.25
CA UNK B 2207 -36.83 -4.57 125.10
C UNK B 2207 -38.17 -4.35 125.80
N UNK B 2208 -38.50 -3.08 126.03
CA UNK B 2208 -39.76 -2.73 126.69
C UNK B 2208 -40.93 -2.93 125.74
N UNK B 2209 -40.70 -2.66 124.46
CA UNK B 2209 -41.74 -2.81 123.45
C UNK B 2209 -41.95 -4.28 123.09
N UNK B 2210 -40.89 -5.07 123.29
CA UNK B 2210 -40.96 -6.50 122.99
C UNK B 2210 -41.71 -7.26 124.07
N UNK B 2211 -41.62 -6.75 125.31
CA UNK B 2211 -42.30 -7.38 126.43
C UNK B 2211 -43.80 -7.07 126.40
N UNK B 2212 -44.15 -5.89 125.90
CA UNK B 2212 -45.53 -5.47 125.81
C UNK B 2212 -46.24 -6.19 124.65
N UNK B 2213 -45.48 -6.49 123.60
CA UNK B 2213 -46.02 -7.18 122.44
C UNK B 2213 -46.26 -8.65 122.74
N UNK B 2214 -45.44 -9.22 123.60
CA UNK B 2214 -45.57 -10.61 123.99
C UNK B 2214 -46.74 -10.80 124.95
N UNK B 2215 -47.08 -9.75 125.67
CA UNK B 2215 -48.19 -9.79 126.62
C UNK B 2215 -49.51 -9.45 125.92
N UNK B 2216 -49.41 -8.74 124.80
CA UNK B 2216 -50.59 -8.35 124.05
C UNK B 2216 -51.14 -9.53 123.25
N UNK B 2217 -50.25 -10.46 122.89
CA UNK B 2217 -50.64 -11.63 122.13
C UNK B 2217 -51.41 -12.61 123.01
N UNK B 2218 -51.00 -12.72 124.28
CA UNK B 2218 -51.65 -13.61 125.22
C UNK B 2218 -53.00 -13.05 125.66
N UNK B 2219 -53.11 -11.73 125.67
CA UNK B 2219 -54.35 -11.06 126.06
C UNK B 2219 -55.36 -11.11 124.93
N UNK B 2220 -54.86 -11.17 123.70
CA UNK B 2220 -55.74 -11.22 122.53
C UNK B 2220 -56.37 -12.60 122.39
N UNK B 2221 -55.64 -13.63 122.79
CA UNK B 2221 -56.13 -15.00 122.72
C UNK B 2221 -57.17 -15.25 123.81
N UNK B 2222 -56.99 -14.62 124.96
CA UNK B 2222 -57.91 -14.78 126.08
C UNK B 2222 -59.21 -14.04 125.82
N UNK B 2223 -59.15 -13.00 125.00
CA UNK B 2223 -60.33 -12.21 124.66
C UNK B 2223 -61.20 -12.95 123.65
N UNK B 2224 -60.57 -13.83 122.88
CA UNK B 2224 -61.28 -14.61 121.86
C UNK B 2224 -61.84 -15.89 122.46
N UNK B 2225 -57.58 -14.77 112.34
CA UNK B 2225 -56.97 -14.63 113.66
C UNK B 2225 -56.08 -15.82 113.98
N UNK B 2226 -56.29 -16.92 113.26
CA UNK B 2226 -55.51 -18.14 113.47
C UNK B 2226 -54.12 -17.99 112.85
N UNK B 2227 -54.04 -17.20 111.78
CA UNK B 2227 -52.77 -16.98 111.09
C UNK B 2227 -51.85 -16.10 111.93
N UNK B 2228 -52.44 -15.15 112.64
CA UNK B 2228 -51.68 -14.25 113.50
C UNK B 2228 -51.29 -14.93 114.81
N UNK B 2229 -52.02 -16.00 115.14
CA UNK B 2229 -51.75 -16.74 116.36
C UNK B 2229 -50.46 -17.56 116.23
N UNK B 2230 -50.24 -18.11 115.03
CA UNK B 2230 -49.05 -18.89 114.76
C UNK B 2230 -47.83 -17.99 114.61
N UNK B 2231 -48.07 -16.76 114.16
CA UNK B 2231 -47.00 -15.79 113.98
C UNK B 2231 -46.48 -15.30 115.32
N UNK B 2232 -47.39 -15.13 116.27
CA UNK B 2232 -47.04 -14.68 117.61
C UNK B 2232 -46.41 -15.82 118.42
N UNK B 2233 -46.76 -17.04 118.05
CA UNK B 2233 -46.22 -18.23 118.72
C UNK B 2233 -44.77 -18.46 118.34
N UNK B 2234 -44.41 -18.03 117.13
CA UNK B 2234 -43.04 -18.18 116.64
C UNK B 2234 -42.14 -17.08 117.21
N UNK B 2235 -42.76 -16.03 117.73
CA UNK B 2235 -42.01 -14.92 118.31
C UNK B 2235 -41.61 -15.23 119.75
N UNK B 2236 -42.18 -16.30 120.30
CA UNK B 2236 -41.88 -16.72 121.66
C UNK B 2236 -40.80 -17.79 121.67
N UNK B 2237 -40.17 -18.00 120.52
CA UNK B 2237 -39.11 -19.00 120.39
C UNK B 2237 -37.74 -18.38 120.63
N ASP B 2238 -52.40 7.92 122.35
CA ASP B 2238 -53.54 8.62 122.91
C ASP B 2238 -53.29 9.03 124.35
N PRO B 2239 -53.03 10.31 124.58
CA PRO B 2239 -52.77 10.78 125.95
C PRO B 2239 -54.05 10.78 126.78
N ARG B 2240 -53.93 10.31 128.02
CA ARG B 2240 -55.04 10.24 128.96
C ARG B 2240 -54.62 10.90 130.27
N PRO B 2241 -54.72 12.23 130.35
CA PRO B 2241 -54.33 12.91 131.58
C PRO B 2241 -55.36 12.70 132.69
N VAL B 2242 -54.88 12.70 133.92
CA VAL B 2242 -55.74 12.50 135.08
C VAL B 2242 -56.59 13.75 135.28
N GLU B 2243 -57.84 13.54 135.72
CA GLU B 2243 -58.76 14.65 135.95
C GLU B 2243 -58.40 15.33 137.27
N THR B 2244 -57.98 16.60 137.19
CA THR B 2244 -57.62 17.38 138.36
C THR B 2244 -58.55 18.56 138.59
N LEU B 2245 -59.66 18.63 137.86
CA LEU B 2245 -60.59 19.75 138.04
C LEU B 2245 -61.42 19.60 139.32
N ASN B 2246 -61.88 18.39 139.61
CA ASN B 2246 -62.68 18.12 140.80
C ASN B 2246 -61.84 17.73 142.01
N VAL B 2247 -60.52 17.92 141.94
CA VAL B 2247 -59.64 17.57 143.05
C VAL B 2247 -59.50 18.78 143.96
N ILE B 2248 -59.76 18.57 145.25
CA ILE B 2248 -59.68 19.62 146.27
CA ILE B 2248 -59.68 19.62 146.27
C ILE B 2248 -58.40 19.40 147.07
N ILE B 2249 -57.60 20.45 147.18
CA ILE B 2249 -56.35 20.39 147.94
C ILE B 2249 -56.65 20.66 149.41
N PRO B 2250 -55.96 19.98 150.34
CA PRO B 2250 -56.22 20.22 151.75
C PRO B 2250 -55.67 21.56 152.22
N GLU B 2251 -56.19 22.01 153.36
CA GLU B 2251 -55.75 23.28 153.92
C GLU B 2251 -54.32 23.20 154.43
N LYS B 2252 -53.88 22.02 154.88
N LYS B 2252 -53.88 22.02 154.88
CA LYS B 2252 -52.52 21.86 155.38
CA LYS B 2252 -52.52 21.86 155.38
C LYS B 2252 -51.49 21.87 154.26
C LYS B 2252 -51.49 21.88 154.26
N LEU B 2253 -51.89 21.59 153.03
CA LEU B 2253 -50.97 21.59 151.89
C LEU B 2253 -50.74 22.98 151.31
N ASP B 2254 -51.45 23.99 151.80
CA ASP B 2254 -51.25 25.35 151.28
C ASP B 2254 -49.89 25.90 151.68
N SER B 2255 -49.34 25.48 152.82
CA SER B 2255 -48.03 25.95 153.23
C SER B 2255 -46.93 25.37 152.35
N PHE B 2256 -47.06 24.10 151.97
CA PHE B 2256 -46.06 23.48 151.11
C PHE B 2256 -46.14 24.02 149.68
N ILE B 2257 -47.32 24.48 149.26
CA ILE B 2257 -47.45 25.03 147.92
C ILE B 2257 -46.72 26.37 147.81
N ASN B 2258 -46.84 27.22 148.83
CA ASN B 2258 -46.15 28.50 148.81
C ASN B 2258 -44.65 28.32 148.95
N LYS B 2259 -44.20 27.33 149.73
CA LYS B 2259 -42.77 27.08 149.88
C LYS B 2259 -42.17 26.55 148.60
N PHE B 2260 -42.88 25.65 147.91
CA PHE B 2260 -42.37 25.11 146.64
C PHE B 2260 -42.40 26.15 145.54
N ALA B 2261 -43.35 27.08 145.58
CA ALA B 2261 -43.40 28.14 144.57
C ALA B 2261 -42.23 29.11 144.72
N GLU B 2262 -41.83 29.40 145.95
CA GLU B 2262 -40.70 30.30 146.17
C GLU B 2262 -39.38 29.63 145.78
N TYR B 2263 -39.26 28.32 146.00
CA TYR B 2263 -38.04 27.62 145.62
C TYR B 2263 -37.90 27.53 144.10
N THR B 2264 -39.01 27.28 143.40
CA THR B 2264 -38.96 27.19 141.95
CA THR B 2264 -38.96 27.19 141.95
C THR B 2264 -38.64 28.56 141.32
N HIS B 2265 -39.18 29.63 141.91
CA HIS B 2265 -38.92 30.96 141.38
C HIS B 2265 -37.48 31.40 141.67
N GLU B 2266 -36.95 31.02 142.83
CA GLU B 2266 -35.57 31.36 143.16
C GLU B 2266 -34.58 30.59 142.31
N LYS B 2267 -34.90 29.34 141.97
CA LYS B 2267 -34.01 28.55 141.12
C LYS B 2267 -33.94 29.12 139.71
N TRP B 2268 -35.07 29.56 139.16
CA TRP B 2268 -35.07 30.16 137.83
C TRP B 2268 -34.39 31.51 137.84
N ALA B 2269 -34.56 32.29 138.91
CA ALA B 2269 -33.90 33.58 138.99
C ALA B 2269 -32.40 33.45 139.20
N PHE B 2270 -31.96 32.39 139.89
CA PHE B 2270 -30.53 32.18 140.10
C PHE B 2270 -29.82 31.85 138.80
N ASP B 2271 -30.44 31.00 137.96
CA ASP B 2271 -29.83 30.66 136.68
C ASP B 2271 -29.85 31.85 135.72
N LYS B 2272 -30.88 32.68 135.78
CA LYS B 2272 -30.94 33.85 134.90
C LYS B 2272 -29.96 34.93 135.35
N ILE B 2273 -29.67 35.02 136.65
CA ILE B 2273 -28.72 36.01 137.14
C ILE B 2273 -27.30 35.71 136.70
N GLN B 2274 -27.00 34.45 136.40
CA GLN B 2274 -25.65 34.11 135.94
C GLN B 2274 -25.37 34.60 134.53
N ASN B 2275 -26.41 34.97 133.78
CA ASN B 2275 -26.25 35.47 132.42
C ASN B 2275 -26.22 36.99 132.36
N ASN B 2276 -25.76 37.63 133.42
CA ASN B 2276 -25.65 39.10 133.49
C ASN B 2276 -27.00 39.78 133.30
N TRP B 2277 -28.07 39.14 133.77
CA TRP B 2277 -29.40 39.71 133.66
C TRP B 2277 -29.76 40.48 134.92
N SER B 2278 -30.60 41.51 134.74
CA SER B 2278 -31.03 42.37 135.83
C SER B 2278 -32.52 42.62 135.71
N TYR B 2279 -33.09 43.24 136.75
CA TYR B 2279 -34.50 43.55 136.76
C TYR B 2279 -34.82 44.67 135.76
N GLY B 2280 -36.01 44.59 135.19
CA GLY B 2280 -36.44 45.60 134.22
C GLY B 2280 -37.95 45.72 134.21
N GLU B 2281 -38.42 46.92 133.86
CA GLU B 2281 -39.86 47.15 133.82
C GLU B 2281 -40.51 46.39 132.67
N ASN B 2282 -39.83 46.29 131.54
CA ASN B 2282 -40.34 45.58 130.36
C ASN B 2282 -39.39 44.46 129.99
N ILE B 2283 -39.95 43.41 129.39
CA ILE B 2283 -39.15 42.27 128.97
C ILE B 2283 -38.34 42.63 127.74
N ASP B 2284 -37.04 42.35 127.78
CA ASP B 2284 -36.15 42.65 126.66
C ASP B 2284 -35.10 41.56 126.57
N GLU B 2285 -35.09 40.83 125.45
CA GLU B 2285 -34.11 39.76 125.28
C GLU B 2285 -32.71 40.32 125.05
N GLU B 2286 -32.61 41.51 124.45
CA GLU B 2286 -31.30 42.10 124.19
C GLU B 2286 -30.68 42.62 125.49
N LEU B 2287 -31.42 43.44 126.24
CA LEU B 2287 -30.92 43.98 127.49
C LEU B 2287 -30.95 42.98 128.64
N LYS B 2288 -31.53 41.79 128.42
CA LYS B 2288 -31.62 40.74 129.44
C LYS B 2288 -32.33 41.27 130.70
N THR B 2289 -33.54 41.78 130.49
CA THR B 2289 -34.36 42.30 131.57
C THR B 2289 -35.62 41.45 131.73
N HIS B 2290 -36.11 41.37 132.97
CA HIS B 2290 -37.29 40.58 133.28
C HIS B 2290 -37.94 41.17 134.52
N PRO B 2291 -39.28 41.33 134.52
CA PRO B 2291 -39.94 41.89 135.71
C PRO B 2291 -40.07 40.90 136.86
N MET B 2292 -39.86 39.61 136.62
CA MET B 2292 -39.96 38.60 137.66
C MET B 2292 -38.68 38.43 138.47
N LEU B 2293 -37.64 39.22 138.16
CA LEU B 2293 -36.37 39.14 138.87
C LEU B 2293 -36.47 39.93 140.18
N ARG B 2294 -37.21 39.35 141.12
CA ARG B 2294 -37.42 39.97 142.43
C ARG B 2294 -37.78 38.91 143.46
N PRO B 2295 -37.94 39.29 144.72
CA PRO B 2295 -38.30 38.29 145.75
C PRO B 2295 -39.73 37.82 145.59
N TYR B 2296 -39.96 36.57 146.02
CA TYR B 2296 -41.30 35.99 145.91
C TYR B 2296 -42.29 36.63 146.88
N LYS B 2297 -41.80 37.19 148.00
CA LYS B 2297 -42.71 37.82 148.96
C LYS B 2297 -43.28 39.13 148.42
N THR B 2298 -42.58 39.78 147.51
CA THR B 2298 -43.03 41.04 146.92
C THR B 2298 -43.96 40.84 145.73
N PHE B 2299 -44.20 39.59 145.33
CA PHE B 2299 -45.07 39.33 144.19
C PHE B 2299 -46.54 39.38 144.61
N SER B 2300 -47.38 39.76 143.66
CA SER B 2300 -48.82 39.86 143.91
C SER B 2300 -49.46 38.48 143.75
N GLU B 2301 -50.80 38.43 143.83
CA GLU B 2301 -51.49 37.16 143.70
C GLU B 2301 -51.42 36.63 142.27
N LYS B 2302 -51.39 37.52 141.27
CA LYS B 2302 -51.31 37.07 139.89
C LYS B 2302 -49.92 36.54 139.57
N ASP B 2303 -48.87 37.18 140.09
CA ASP B 2303 -47.52 36.72 139.84
C ASP B 2303 -47.21 35.43 140.58
N LYS B 2304 -47.76 35.25 141.78
CA LYS B 2304 -47.54 34.03 142.53
C LYS B 2304 -48.30 32.84 141.97
N GLU B 2305 -49.39 33.08 141.24
CA GLU B 2305 -50.16 32.00 140.65
C GLU B 2305 -49.48 31.37 139.44
N ILE B 2306 -48.46 32.03 138.87
CA ILE B 2306 -47.77 31.46 137.72
C ILE B 2306 -46.96 30.23 138.13
N TYR B 2307 -46.34 30.28 139.32
CA TYR B 2307 -45.56 29.16 139.82
C TYR B 2307 -46.37 28.21 140.69
N ARG B 2308 -47.47 28.69 141.28
CA ARG B 2308 -48.30 27.84 142.12
C ARG B 2308 -49.22 26.93 141.32
N TRP B 2309 -49.50 27.27 140.05
CA TRP B 2309 -50.35 26.47 139.20
CA TRP B 2309 -50.35 26.47 139.20
C TRP B 2309 -49.69 25.13 138.90
N PRO B 2310 -48.38 25.12 138.64
CA PRO B 2310 -47.71 23.84 138.35
C PRO B 2310 -47.59 22.94 139.57
N ILE B 2311 -47.43 23.51 140.76
CA ILE B 2311 -47.34 22.69 141.97
C ILE B 2311 -48.72 22.18 142.38
N LYS B 2312 -49.77 22.97 142.15
CA LYS B 2312 -51.11 22.52 142.50
C LYS B 2312 -51.59 21.42 141.55
N GLU B 2313 -51.23 21.52 140.27
CA GLU B 2313 -51.62 20.50 139.30
C GLU B 2313 -50.94 19.18 139.58
N SER B 2314 -49.68 19.22 140.01
CA SER B 2314 -48.96 17.99 140.35
C SER B 2314 -49.50 17.38 141.63
N LEU B 2315 -49.86 18.22 142.61
CA LEU B 2315 -50.41 17.70 143.86
C LEU B 2315 -51.82 17.14 143.67
N LYS B 2316 -52.61 17.76 142.79
CA LYS B 2316 -53.96 17.25 142.53
C LYS B 2316 -53.94 15.91 141.82
N ALA B 2317 -52.93 15.67 140.98
CA ALA B 2317 -52.84 14.39 140.29
C ALA B 2317 -52.50 13.26 141.26
N MET B 2318 -51.66 13.55 142.26
CA MET B 2318 -51.32 12.52 143.24
C MET B 2318 -52.49 12.23 144.18
N ILE B 2319 -53.35 13.22 144.42
CA ILE B 2319 -54.50 13.00 145.29
C ILE B 2319 -55.50 12.06 144.63
N ALA B 2320 -55.62 12.11 143.30
CA ALA B 2320 -56.53 11.21 142.59
C ALA B 2320 -56.07 9.77 142.61
N TRP B 2321 -54.76 9.53 142.75
CA TRP B 2321 -54.20 8.20 142.78
C TRP B 2321 -54.25 7.56 144.16
N GLU B 2322 -55.01 8.14 145.09
CA GLU B 2322 -55.15 7.62 146.46
C GLU B 2322 -53.81 7.53 147.16
N TRP B 2323 -53.02 8.59 147.03
CA TRP B 2323 -51.71 8.67 147.66
C TRP B 2323 -51.81 9.40 149.00
N THR B 2324 -50.93 9.04 149.91
CA THR B 2324 -50.89 9.63 151.25
C THR B 2324 -49.78 10.67 151.33
N ILE B 2325 -50.12 11.87 151.78
CA ILE B 2325 -49.14 12.95 151.93
C ILE B 2325 -49.40 13.68 153.25
N GLU B 2326 -48.59 13.39 154.26
CA GLU B 2326 -48.72 14.01 155.56
C GLU B 2326 -47.35 14.32 156.12
N LYS B 2327 -47.28 15.38 156.92
CA LYS B 2327 -46.02 15.81 157.54
C LYS B 2327 -45.73 14.89 158.72
N ALA B 2328 -44.79 13.97 158.53
CA ALA B 2328 -44.42 13.01 159.57
C ALA B 2328 -43.18 13.41 160.35
N ARG B 2329 -42.25 14.13 159.71
CA ARG B 2329 -41.02 14.56 160.36
C ARG B 2329 -40.84 16.07 160.17
N GLU B 2330 -39.90 16.62 160.92
CA GLU B 2330 -39.62 18.05 160.83
C GLU B 2330 -38.76 18.36 159.62
N GLY B 2331 -38.95 19.56 159.07
CA GLY B 2331 -38.19 19.97 157.90
C GLY B 2331 -36.74 20.24 158.23
N GLU B 2332 -35.91 20.23 157.18
CA GLU B 2332 -34.49 20.48 157.32
C GLU B 2332 -34.18 21.97 157.27
N TYR B 2333 -31.16 42.14 144.49
CA TYR B 2333 -31.81 40.83 144.60
C TYR B 2333 -30.81 39.71 144.35
N ASN B 2334 -30.49 38.97 145.41
CA ASN B 2334 -29.55 37.85 145.35
C ASN B 2334 -30.24 36.61 145.90
N PRO B 2335 -31.02 35.92 145.07
CA PRO B 2335 -31.70 34.71 145.55
C PRO B 2335 -30.73 33.56 145.73
N GLN B 2336 -30.88 32.84 146.83
CA GLN B 2336 -30.04 31.68 147.18
C GLN B 2336 -30.94 30.49 147.46
N PRO B 2337 -31.37 29.78 146.41
CA PRO B 2337 -32.24 28.63 146.64
C PRO B 2337 -31.43 27.45 147.18
N PRO B 2338 -32.07 26.55 147.92
CA PRO B 2338 -31.34 25.41 148.46
C PRO B 2338 -30.98 24.41 147.37
N ASP B 2339 -29.88 23.69 147.58
CA ASP B 2339 -29.40 22.69 146.63
C ASP B 2339 -30.06 21.36 146.91
N LEU B 2340 -30.58 20.73 145.85
CA LEU B 2340 -31.26 19.44 145.94
C LEU B 2340 -30.43 18.31 145.34
N SER B 2341 -29.13 18.55 145.10
CA SER B 2341 -28.29 17.51 144.53
C SER B 2341 -27.97 16.42 145.54
N GLY B 2342 -27.99 16.75 146.83
CA GLY B 2342 -27.70 15.80 147.88
C GLY B 2342 -28.87 15.01 148.39
N VAL B 2343 -30.05 15.16 147.77
CA VAL B 2343 -31.25 14.43 148.18
C VAL B 2343 -31.28 13.10 147.45
N THR B 2344 -31.30 12.01 148.21
CA THR B 2344 -31.32 10.65 147.66
C THR B 2344 -32.73 10.09 147.75
N LEU B 2345 -33.25 9.61 146.62
CA LEU B 2345 -34.58 9.04 146.55
C LEU B 2345 -34.50 7.52 146.61
N SER B 2346 -35.40 6.91 147.38
CA SER B 2346 -35.43 5.46 147.53
C SER B 2346 -36.07 4.82 146.30
N ARG B 2347 -36.23 3.50 146.36
CA ARG B 2347 -36.83 2.77 145.25
C ARG B 2347 -38.32 3.10 145.13
N GLU B 2348 -39.01 3.27 146.26
CA GLU B 2348 -40.43 3.60 146.22
CA GLU B 2348 -40.43 3.60 146.22
C GLU B 2348 -40.66 4.99 145.65
N LEU B 2349 -39.84 5.97 146.06
CA LEU B 2349 -39.98 7.33 145.55
C LEU B 2349 -39.61 7.42 144.08
N GLN B 2350 -38.62 6.63 143.64
CA GLN B 2350 -38.22 6.66 142.24
C GLN B 2350 -39.30 6.04 141.36
N ALA B 2351 -39.96 4.99 141.84
CA ALA B 2351 -41.03 4.37 141.07
C ALA B 2351 -42.25 5.29 140.98
N MET B 2352 -42.56 5.99 142.07
CA MET B 2352 -43.69 6.92 142.06
C MET B 2352 -43.41 8.14 141.19
N ALA B 2353 -42.13 8.49 141.02
CA ALA B 2353 -41.79 9.63 140.17
C ALA B 2353 -42.07 9.35 138.70
N GLU B 2354 -42.04 8.07 138.30
CA GLU B 2354 -42.33 7.73 136.91
C GLU B 2354 -43.78 7.99 136.56
N GLN B 2355 -44.70 7.80 137.51
CA GLN B 2355 -46.11 8.08 137.25
C GLN B 2355 -46.35 9.58 137.12
N LEU B 2356 -45.67 10.39 137.93
CA LEU B 2356 -45.83 11.84 137.83
C LEU B 2356 -45.19 12.36 136.55
N ALA B 2357 -44.08 11.78 136.13
CA ALA B 2357 -43.45 12.20 134.88
C ALA B 2357 -44.29 11.81 133.67
N GLU B 2358 -44.93 10.64 133.72
CA GLU B 2358 -45.79 10.22 132.63
C GLU B 2358 -47.05 11.06 132.54
N ASN B 2359 -47.56 11.54 133.69
CA ASN B 2359 -48.74 12.39 133.68
C ASN B 2359 -48.45 13.74 133.05
N TYR B 2360 -47.24 14.27 133.23
CA TYR B 2360 -46.89 15.54 132.62
C TYR B 2360 -46.80 15.41 131.11
N HIS B 2361 -46.30 14.28 130.61
CA HIS B 2361 -46.23 14.07 129.18
C HIS B 2361 -47.61 13.90 128.57
N ASN B 2362 -48.52 13.23 129.30
CA ASN B 2362 -49.88 13.06 128.80
C ASN B 2362 -50.64 14.38 128.81
N THR B 2363 -50.38 15.23 129.80
CA THR B 2363 -51.03 16.53 129.85
C THR B 2363 -50.51 17.45 128.74
N TRP B 2364 -49.19 17.51 128.57
CA TRP B 2364 -48.63 18.31 127.50
C TRP B 2364 -48.92 17.72 126.13
N GLY B 2365 -49.00 16.40 126.02
CA GLY B 2365 -49.32 15.78 124.74
C GLY B 2365 -50.75 16.03 124.32
N ARG B 2366 -51.68 16.05 125.27
CA ARG B 2366 -53.07 16.32 124.94
C ARG B 2366 -53.28 17.77 124.54
N LYS B 2367 -52.56 18.69 125.20
CA LYS B 2367 -52.68 20.10 124.86
C LYS B 2367 -52.02 20.41 123.51
N LYS B 2368 -50.95 19.68 123.17
CA LYS B 2368 -50.29 19.90 121.89
C LYS B 2368 -51.14 19.39 120.73
N LYS B 2369 -51.91 18.33 120.94
CA LYS B 2369 -52.77 17.81 119.88
C LYS B 2369 -53.91 18.77 119.57
N GLN B 2370 -54.48 19.40 120.60
CA GLN B 2370 -55.56 20.35 120.37
C GLN B 2370 -55.04 21.67 119.81
N GLU B 2371 -53.82 22.05 120.18
CA GLU B 2371 -53.24 23.30 119.66
C GLU B 2371 -52.83 23.15 118.20
N LEU B 2372 -52.35 21.96 117.80
CA LEU B 2372 -51.95 21.76 116.42
C LEU B 2372 -53.16 21.71 115.49
N GLU B 2373 -54.24 21.05 115.94
CA GLU B 2373 -55.44 20.98 115.12
C GLU B 2373 -56.11 22.33 114.95
N ALA B 2374 -56.01 23.19 115.98
CA ALA B 2374 -56.61 24.52 115.88
C ALA B 2374 -55.82 25.44 114.97
N LYS B 2375 -54.57 25.10 114.64
CA LYS B 2375 -53.74 25.91 113.77
C LYS B 2375 -53.72 25.40 112.33
N GLY B 2376 -54.53 24.41 112.02
CA GLY B 2376 -54.60 23.86 110.67
C GLY B 2376 -54.11 22.43 110.54
N GLY B 2377 -53.71 21.80 111.64
CA GLY B 2377 -53.23 20.43 111.62
C GLY B 2377 -51.71 20.36 111.80
N GLY B 2378 -51.18 19.17 111.55
CA GLY B 2378 -49.77 18.89 111.68
C GLY B 2378 -49.53 17.68 112.54
N THR B 2379 -48.26 17.45 112.87
CA THR B 2379 -47.85 16.33 113.70
C THR B 2379 -46.71 16.78 114.60
N HIS B 2380 -46.26 15.86 115.47
CA HIS B 2380 -45.17 16.14 116.39
C HIS B 2380 -44.43 14.84 116.68
N PRO B 2381 -43.09 14.88 116.74
CA PRO B 2381 -42.34 13.65 117.02
C PRO B 2381 -42.48 13.16 118.45
N LEU B 2382 -42.87 14.02 119.39
CA LEU B 2382 -43.03 13.65 120.78
C LEU B 2382 -44.42 13.13 121.11
N LEU B 2383 -45.26 12.96 120.09
CA LEU B 2383 -46.64 12.46 120.30
C LEU B 2383 -46.63 10.93 120.29
N VAL B 2384 -45.97 10.37 121.30
CA VAL B 2384 -45.85 8.92 121.45
C VAL B 2384 -46.03 8.56 122.92
N PRO B 2385 -46.03 7.27 123.27
CA PRO B 2385 -46.20 6.89 124.67
C PRO B 2385 -44.95 7.22 125.49
N TYR B 2386 -45.15 7.30 126.80
CA TYR B 2386 -44.04 7.60 127.69
C TYR B 2386 -43.03 6.45 127.75
N ASP B 2387 -43.50 5.21 127.66
CA ASP B 2387 -42.60 4.07 127.69
C ASP B 2387 -41.77 3.94 126.43
N THR B 2388 -42.23 4.50 125.32
CA THR B 2388 -41.50 4.44 124.05
C THR B 2388 -40.49 5.57 123.89
N LEU B 2389 -40.50 6.56 124.78
CA LEU B 2389 -39.57 7.67 124.68
C LEU B 2389 -38.16 7.23 125.07
N THR B 2390 -37.17 8.01 124.65
CA THR B 2390 -35.78 7.72 124.95
C THR B 2390 -35.40 8.26 126.32
N ALA B 2391 -34.15 8.04 126.71
CA ALA B 2391 -33.68 8.51 128.01
C ALA B 2391 -33.49 10.02 128.02
N LYS B 2392 -33.04 10.59 126.90
CA LYS B 2392 -32.83 12.03 126.83
C LYS B 2392 -34.16 12.79 126.81
N GLU B 2393 -35.17 12.22 126.13
CA GLU B 2393 -36.47 12.89 126.07
C GLU B 2393 -37.21 12.78 127.39
N LYS B 2394 -36.97 11.72 128.15
CA LYS B 2394 -37.64 11.53 129.44
C LYS B 2394 -37.02 12.36 130.55
N ALA B 2395 -35.86 12.97 130.32
CA ALA B 2395 -35.23 13.78 131.35
C ALA B 2395 -36.00 15.05 131.64
N ARG B 2396 -36.75 15.55 130.65
CA ARG B 2396 -37.53 16.77 130.86
C ARG B 2396 -38.69 16.53 131.82
N ASP B 2397 -39.33 15.36 131.73
CA ASP B 2397 -40.45 15.05 132.62
C ASP B 2397 -39.99 14.49 133.94
N ARG B 2398 -38.86 13.77 133.96
CA ARG B 2398 -38.36 13.21 135.21
C ARG B 2398 -37.78 14.29 136.13
N GLU B 2399 -37.30 15.39 135.56
CA GLU B 2399 -36.74 16.46 136.39
C GLU B 2399 -37.83 17.16 137.19
N LYS B 2400 -39.02 17.36 136.59
CA LYS B 2400 -40.11 18.01 137.30
C LYS B 2400 -40.66 17.11 138.41
N ALA B 2401 -40.70 15.80 138.17
CA ALA B 2401 -41.21 14.88 139.18
C ALA B 2401 -40.21 14.72 140.32
N GLN B 2402 -38.90 14.68 140.01
CA GLN B 2402 -37.90 14.55 141.05
C GLN B 2402 -37.80 15.80 141.91
N GLU B 2403 -38.04 16.98 141.32
CA GLU B 2403 -37.97 18.22 142.09
CA GLU B 2403 -37.97 18.22 142.09
C GLU B 2403 -39.10 18.30 143.11
N LEU B 2404 -40.28 17.81 142.77
CA LEU B 2404 -41.40 17.83 143.71
C LEU B 2404 -41.21 16.81 144.82
N LEU B 2405 -40.63 15.65 144.51
CA LEU B 2405 -40.41 14.64 145.53
C LEU B 2405 -39.28 15.03 146.48
N LYS B 2406 -38.25 15.68 145.95
CA LYS B 2406 -37.14 16.11 146.80
C LYS B 2406 -37.54 17.25 147.74
N PHE B 2407 -38.43 18.14 147.27
CA PHE B 2407 -38.88 19.23 148.13
C PHE B 2407 -39.79 18.74 149.25
N LEU B 2408 -40.58 17.69 148.99
CA LEU B 2408 -41.45 17.15 150.02
C LEU B 2408 -40.66 16.38 151.07
N GLN B 2409 -39.66 15.61 150.65
CA GLN B 2409 -38.84 14.87 151.60
C GLN B 2409 -38.00 15.79 152.47
N MET B 2410 -37.59 16.94 151.93
CA MET B 2410 -36.81 17.89 152.73
C MET B 2410 -37.64 18.53 153.82
N ASN B 2411 -38.93 18.75 153.58
CA ASN B 2411 -39.83 19.34 154.56
C ASN B 2411 -40.45 18.32 155.50
N GLY B 2412 -40.05 17.05 155.40
CA GLY B 2412 -40.60 16.03 156.27
C GLY B 2412 -41.92 15.45 155.84
N TYR B 2413 -42.27 15.58 154.56
CA TYR B 2413 -43.52 15.04 154.05
C TYR B 2413 -43.28 13.65 153.48
N ALA B 2414 -44.08 12.68 153.94
CA ALA B 2414 -43.96 11.30 153.49
C ALA B 2414 -44.98 11.03 152.40
N VAL B 2415 -44.51 10.51 151.27
CA VAL B 2415 -45.35 10.19 150.12
C VAL B 2415 -45.36 8.68 149.95
N THR B 2416 -46.54 8.07 150.11
CA THR B 2416 -46.71 6.64 149.98
C THR B 2416 -47.95 6.35 149.13
N ARG B 2417 -48.09 5.09 148.73
CA ARG B 2417 -49.22 4.67 147.92
C ARG B 2417 -49.62 3.23 148.24
N UNK B 2418 -36.21 -9.42 131.41
CA UNK B 2418 -35.79 -10.43 130.44
C UNK B 2418 -36.36 -11.79 130.81
N UNK B 2419 -35.70 -12.47 131.74
CA UNK B 2419 -36.13 -13.79 132.18
C UNK B 2419 -37.34 -13.67 133.11
N UNK B 2420 -37.50 -12.52 133.74
CA UNK B 2420 -38.61 -12.28 134.64
C UNK B 2420 -39.90 -12.10 133.85
N UNK B 2421 -39.78 -11.58 132.63
CA UNK B 2421 -40.94 -11.36 131.77
C UNK B 2421 -41.48 -12.69 131.26
N UNK B 2422 -40.58 -13.65 131.03
CA UNK B 2422 -40.96 -14.96 130.56
C UNK B 2422 -41.56 -15.78 131.70
N UNK B 2423 -41.16 -15.47 132.92
CA UNK B 2423 -41.67 -16.17 134.10
C UNK B 2423 -43.10 -15.74 134.40
N UNK B 2424 -43.43 -14.50 134.05
CA UNK B 2424 -44.77 -13.97 134.26
C UNK B 2424 -45.76 -14.62 133.31
N UNK B 2425 -45.30 -14.90 132.10
CA UNK B 2425 -46.14 -15.55 131.08
C UNK B 2425 -46.24 -17.05 131.36
N UNK B 2426 -45.23 -17.59 132.02
CA UNK B 2426 -45.22 -19.01 132.37
C UNK B 2426 -46.20 -19.29 133.51
N UNK B 2427 -46.27 -18.37 134.46
CA UNK B 2427 -47.18 -18.51 135.59
C UNK B 2427 -48.62 -18.28 135.15
N UNK B 2428 -48.80 -17.42 134.15
CA UNK B 2428 -50.13 -17.12 133.62
C UNK B 2428 -50.64 -18.27 132.76
N UNK B 2429 -49.70 -19.03 132.19
CA UNK B 2429 -50.05 -20.18 131.37
C UNK B 2429 -50.57 -21.32 132.23
N UNK B 2430 -50.06 -21.42 133.46
CA UNK B 2430 -50.50 -22.45 134.39
C UNK B 2430 -51.89 -22.14 134.91
N UNK B 2431 -52.20 -20.86 135.06
CA UNK B 2431 -53.52 -20.42 135.52
C UNK B 2431 -54.55 -20.55 134.41
N UNK B 2432 -54.10 -20.38 133.17
CA UNK B 2432 -54.99 -20.49 132.01
C UNK B 2432 -55.29 -21.95 131.71
N UNK B 2433 -54.36 -22.84 132.05
CA UNK B 2433 -54.54 -24.27 131.83
C UNK B 2433 -55.52 -24.85 132.83
N UNK B 2434 -55.57 -24.26 134.02
CA UNK B 2434 -56.47 -24.71 135.07
C UNK B 2434 -57.86 -24.10 134.89
N UNK B 2435 -57.91 -22.92 134.29
CA UNK B 2435 -59.17 -22.24 134.05
C UNK B 2435 -59.93 -22.88 132.89
N UNK B 2436 -59.18 -23.46 131.96
CA UNK B 2436 -59.78 -24.12 130.80
C UNK B 2436 -60.35 -25.48 131.19
N UNK B 2437 -59.76 -26.09 132.21
CA UNK B 2437 -60.22 -27.40 132.68
C UNK B 2437 -61.49 -27.25 133.51
N UNK B 2438 -61.67 -26.08 134.11
CA UNK B 2438 -62.85 -25.82 134.93
C UNK B 2438 -64.04 -25.41 134.05
N UNK B 2439 -63.74 -24.97 132.83
CA UNK B 2439 -64.77 -24.55 131.90
C UNK B 2439 -65.27 -25.73 131.07
N UNK B 2440 -64.48 -26.79 131.02
CA UNK B 2440 -64.83 -27.99 130.27
C UNK B 2440 -65.87 -28.82 131.03
N UNK B 2441 -63.73 -20.78 123.25
CA UNK B 2441 -63.10 -19.52 123.62
C UNK B 2441 -61.86 -19.75 124.47
N UNK B 2442 -62.04 -20.46 125.59
CA UNK B 2442 -60.93 -20.77 126.49
C UNK B 2442 -60.07 -21.90 125.93
N UNK B 2443 -60.68 -22.74 125.10
CA UNK B 2443 -59.97 -23.88 124.49
C UNK B 2443 -59.08 -23.40 123.36
N UNK B 2444 -59.49 -22.34 122.68
CA UNK B 2444 -58.73 -21.78 121.57
C UNK B 2444 -57.49 -21.06 122.09
N UNK B 2445 -57.61 -20.47 123.27
CA UNK B 2445 -56.50 -19.74 123.88
C UNK B 2445 -55.46 -20.72 124.44
N UNK B 2446 -55.93 -21.88 124.87
CA UNK B 2446 -55.04 -22.91 125.43
C UNK B 2446 -54.22 -23.56 124.32
N UNK B 2447 -54.81 -23.69 123.14
CA UNK B 2447 -54.12 -24.29 122.01
C UNK B 2447 -53.08 -23.34 121.45
N UNK B 2448 -53.38 -22.04 121.50
CA UNK B 2448 -52.45 -21.03 121.02
C UNK B 2448 -51.30 -20.83 121.99
N UNK B 2449 -51.56 -21.07 123.27
CA UNK B 2449 -50.54 -20.95 124.31
C UNK B 2449 -49.67 -22.19 124.35
N UNK B 2450 -50.19 -23.29 123.81
CA UNK B 2450 -49.45 -24.56 123.78
C UNK B 2450 -48.29 -24.46 122.79
N UNK B 2451 -48.50 -23.73 121.70
CA UNK B 2451 -47.47 -23.54 120.69
C UNK B 2451 -46.42 -22.55 121.16
N UNK B 2452 -46.84 -21.60 121.99
CA UNK B 2452 -45.95 -20.59 122.54
C UNK B 2452 -45.06 -21.20 123.62
N UNK B 2453 -45.62 -22.15 124.37
CA UNK B 2453 -44.87 -22.82 125.44
C UNK B 2453 -43.89 -23.83 124.84
N UNK B 2454 -44.27 -24.39 123.69
CA UNK B 2454 -43.41 -25.37 123.01
C UNK B 2454 -42.27 -24.66 122.28
N UNK B 2455 -42.50 -23.38 121.94
CA UNK B 2455 -41.49 -22.59 121.25
C UNK B 2455 -40.36 -22.20 122.21
N UNK B 2456 -40.69 -22.07 123.49
CA UNK B 2456 -39.71 -21.72 124.51
C UNK B 2456 -38.80 -22.91 124.82
N UNK B 2457 -39.28 -24.11 124.49
CA UNK B 2457 -38.50 -25.33 124.72
C UNK B 2457 -37.33 -25.41 123.75
N UNK B 2458 -37.51 -24.85 122.56
CA UNK B 2458 -36.46 -24.86 121.55
C UNK B 2458 -35.38 -23.85 121.90
N UNK B 2459 -35.74 -22.83 122.67
CA UNK B 2459 -34.79 -21.80 123.09
C UNK B 2459 -34.04 -22.23 124.34
N UNK B 2460 -34.53 -23.30 124.97
CA UNK B 2460 -33.91 -23.82 126.19
C UNK B 2460 -32.99 -24.99 125.87
N UNK B 2461 -37.17 -23.88 138.71
CA UNK B 2461 -37.95 -23.08 139.66
C UNK B 2461 -39.42 -23.04 139.24
N UNK B 2462 -39.81 -21.98 138.56
CA UNK B 2462 -41.19 -21.81 138.11
C UNK B 2462 -41.48 -22.74 136.93
N UNK B 2463 -40.44 -23.06 136.17
CA UNK B 2463 -40.59 -23.95 135.01
C UNK B 2463 -40.77 -25.39 135.46
N UNK B 2464 -40.20 -25.73 136.62
CA UNK B 2464 -40.31 -27.07 137.16
C UNK B 2464 -41.72 -27.33 137.69
N UNK B 2465 -42.36 -26.27 138.17
CA UNK B 2465 -43.73 -26.38 138.68
C UNK B 2465 -44.74 -26.48 137.54
N UNK B 2466 -44.38 -25.88 136.40
CA UNK B 2466 -45.24 -25.92 135.23
C UNK B 2466 -45.12 -27.25 134.50
N UNK B 2467 -44.01 -27.94 134.73
CA UNK B 2467 -43.77 -29.24 134.10
C UNK B 2467 -44.65 -30.31 134.73
N UNK B 2468 -44.85 -30.20 136.04
CA UNK B 2468 -45.68 -31.17 136.76
C UNK B 2468 -47.16 -30.86 136.56
N UNK B 2469 -47.48 -29.59 136.32
CA UNK B 2469 -48.85 -29.18 136.10
C UNK B 2469 -49.34 -29.60 134.72
N UNK B 2470 -48.40 -29.65 133.77
CA UNK B 2470 -48.72 -30.05 132.41
C UNK B 2470 -48.61 -31.56 132.24
N UNK B 2471 -48.03 -32.22 133.24
CA UNK B 2471 -47.86 -33.66 133.21
C UNK B 2471 -49.19 -34.37 133.49
N UNK B 2472 -50.04 -33.72 134.28
CA UNK B 2472 -51.34 -34.28 134.62
C UNK B 2472 -52.32 -34.13 133.46
N UNK B 2473 -52.17 -33.04 132.71
CA UNK B 2473 -53.04 -32.78 131.56
C UNK B 2473 -52.66 -33.68 130.39
N UNK B 2474 -51.39 -34.10 130.34
CA UNK B 2474 -50.91 -34.97 129.28
C UNK B 2474 -51.15 -36.44 129.62
N UNK B 2475 -51.55 -36.69 130.87
CA UNK B 2475 -51.81 -38.05 131.32
C UNK B 2475 -53.14 -38.56 130.74
N UNK B 2476 -54.10 -37.65 130.59
CA UNK B 2476 -55.41 -38.01 130.06
C UNK B 2476 -55.41 -37.92 128.53
N UNK B 2477 -51.75 -36.78 123.54
CA UNK B 2477 -52.24 -36.39 122.23
C UNK B 2477 -51.18 -35.62 121.46
N UNK B 2478 -51.61 -34.88 120.44
CA UNK B 2478 -50.70 -34.09 119.62
C UNK B 2478 -50.25 -32.83 120.36
N UNK B 2479 -51.20 -32.20 121.05
CA UNK B 2479 -50.90 -30.98 121.79
C UNK B 2479 -50.15 -31.31 123.08
N UNK B 2480 -50.35 -32.52 123.59
CA UNK B 2480 -49.69 -32.96 124.81
C UNK B 2480 -48.22 -33.27 124.55
N UNK B 2481 -47.92 -33.66 123.32
CA UNK B 2481 -46.54 -33.99 122.93
C UNK B 2481 -45.70 -32.72 122.82
N UNK B 2482 -46.34 -31.63 122.42
CA UNK B 2482 -45.65 -30.35 122.29
C UNK B 2482 -45.35 -29.76 123.67
N UNK B 2483 -46.17 -30.10 124.65
CA UNK B 2483 -45.98 -29.60 126.01
C UNK B 2483 -44.98 -30.48 126.77
N UNK B 2484 -44.67 -31.64 126.20
CA UNK B 2484 -43.72 -32.56 126.82
C UNK B 2484 -42.29 -32.07 126.64
N UNK B 2485 -42.08 -31.27 125.59
CA UNK B 2485 -40.75 -30.73 125.31
C UNK B 2485 -40.45 -29.56 126.24
N UNK B 2486 -41.49 -28.90 126.73
CA UNK B 2486 -41.34 -27.76 127.63
C UNK B 2486 -40.85 -28.21 129.00
N UNK B 2487 -41.14 -29.47 129.34
CA UNK B 2487 -40.73 -30.02 130.63
C UNK B 2487 -39.24 -30.32 130.64
N UNK B 2488 -38.67 -30.53 129.46
CA UNK B 2488 -37.25 -30.83 129.33
C UNK B 2488 -36.43 -29.54 129.27
N UNK B 2489 -44.90 -34.00 142.29
CA UNK B 2489 -43.51 -34.42 142.25
C UNK B 2489 -43.40 -35.94 142.22
N UNK B 2490 -43.25 -36.55 143.39
CA UNK B 2490 -43.14 -38.00 143.49
C UNK B 2490 -44.51 -38.66 143.39
N UNK B 2491 -45.55 -37.89 143.67
CA UNK B 2491 -46.92 -38.40 143.61
C UNK B 2491 -47.37 -38.56 142.17
N UNK B 2492 -46.87 -37.71 141.29
CA UNK B 2492 -47.21 -37.76 139.87
C UNK B 2492 -46.55 -38.97 139.21
N UNK B 2493 -45.36 -39.31 139.68
CA UNK B 2493 -44.62 -40.45 139.13
C UNK B 2493 -45.23 -41.76 139.60
N UNK B 2494 -45.85 -41.73 140.77
CA UNK B 2494 -46.50 -42.92 141.33
C UNK B 2494 -47.82 -43.20 140.63
N UNK B 2495 -48.44 -42.15 140.10
CA UNK B 2495 -49.71 -42.28 139.38
C UNK B 2495 -49.47 -42.82 137.98
N UNK B 2496 -48.26 -42.63 137.47
CA UNK B 2496 -47.91 -43.10 136.14
C UNK B 2496 -47.34 -44.51 136.19
N UNK B 2497 -46.74 -44.86 137.32
CA UNK B 2497 -46.16 -46.18 137.51
C UNK B 2497 -47.23 -47.21 137.84
N UNK B 2498 -48.31 -46.74 138.45
CA UNK B 2498 -49.42 -47.62 138.82
C UNK B 2498 -50.24 -48.00 137.59
N UNK B 2499 -50.41 -47.04 136.68
CA UNK B 2499 -51.17 -47.28 135.46
C UNK B 2499 -50.37 -48.14 134.48
N UNK B 2500 -49.04 -48.05 134.57
CA UNK B 2500 -48.17 -48.82 133.71
C UNK B 2500 -48.08 -50.27 134.19
N UNK B 2501 -48.24 -50.45 135.49
CA UNK B 2501 -48.18 -51.78 136.09
C UNK B 2501 -49.47 -52.56 135.81
N UNK B 2502 -50.59 -51.84 135.77
CA UNK B 2502 -51.88 -52.46 135.49
C UNK B 2502 -51.99 -52.83 134.02
N UNK B 2503 -51.36 -52.04 133.16
CA UNK B 2503 -51.38 -52.29 131.72
C UNK B 2503 -50.40 -53.40 131.36
N UNK B 2504 -49.42 -53.63 132.23
CA UNK B 2504 -48.42 -54.67 132.00
C UNK B 2504 -49.02 -56.05 132.23
N UNK B 2505 -50.00 -56.13 133.12
CA UNK B 2505 -50.67 -57.38 133.43
C UNK B 2505 -51.64 -57.75 132.31
N UNK B 2506 -52.18 -56.74 131.64
CA UNK B 2506 -53.13 -56.97 130.55
C UNK B 2506 -52.38 -57.41 129.29
N UNK B 2507 -51.13 -57.00 129.17
CA UNK B 2507 -50.31 -57.36 128.02
C UNK B 2507 -49.64 -58.71 128.23
N UNK B 2508 -49.57 -59.14 129.49
CA UNK B 2508 -48.96 -60.42 129.83
C UNK B 2508 -49.90 -61.58 129.53
N UNK B 2509 -51.20 -61.29 129.56
CA UNK B 2509 -52.22 -62.31 129.30
C UNK B 2509 -52.47 -62.44 127.80
N UNK B 2510 -59.08 -48.06 129.36
CA UNK B 2510 -58.97 -47.35 128.09
C UNK B 2510 -57.74 -47.80 127.32
N UNK B 2511 -57.95 -48.27 126.09
CA UNK B 2511 -56.86 -48.74 125.24
C UNK B 2511 -56.21 -47.57 124.51
N UNK B 2512 -56.95 -46.47 124.36
CA UNK B 2512 -56.46 -45.30 123.67
C UNK B 2512 -55.47 -44.53 124.55
N UNK B 2513 -55.76 -44.47 125.85
CA UNK B 2513 -54.90 -43.78 126.80
C UNK B 2513 -53.72 -44.66 127.21
N UNK B 2514 -53.87 -45.96 127.02
CA UNK B 2514 -52.82 -46.91 127.37
C UNK B 2514 -51.67 -46.85 126.36
N UNK B 2515 -52.03 -46.62 125.09
CA UNK B 2515 -51.04 -46.53 124.02
C UNK B 2515 -50.24 -45.24 124.14
N UNK B 2516 -50.89 -44.18 124.63
CA UNK B 2516 -50.24 -42.89 124.80
C UNK B 2516 -49.38 -42.89 126.06
N UNK B 2517 -49.73 -43.73 127.02
CA UNK B 2517 -48.99 -43.83 128.27
C UNK B 2517 -47.67 -44.56 128.06
N UNK B 2518 -47.65 -45.47 127.08
CA UNK B 2518 -46.45 -46.23 126.77
C UNK B 2518 -45.45 -45.37 126.01
N UNK B 2519 -45.96 -44.38 125.29
CA UNK B 2519 -45.12 -43.48 124.51
C UNK B 2519 -44.62 -42.33 125.37
N UNK B 2520 -45.41 -41.94 126.36
CA UNK B 2520 -45.06 -40.86 127.26
C UNK B 2520 -44.02 -41.33 128.28
N UNK B 2521 -44.04 -42.62 128.58
CA UNK B 2521 -43.11 -43.21 129.54
C UNK B 2521 -41.73 -43.36 128.91
N UNK B 2522 -41.69 -43.46 127.59
CA UNK B 2522 -40.43 -43.60 126.86
C UNK B 2522 -39.86 -42.23 126.50
N UNK B 2523 -40.72 -41.21 126.51
CA UNK B 2523 -40.30 -39.86 126.17
C UNK B 2523 -39.82 -39.11 127.41
N UNK B 2524 -40.36 -39.49 128.56
CA UNK B 2524 -39.98 -38.86 129.83
C UNK B 2524 -38.75 -39.53 130.42
N UNK B 2525 -38.45 -40.74 129.96
CA UNK B 2525 -37.30 -41.48 130.44
C UNK B 2525 -36.00 -40.93 129.85
N UNK B 2526 -36.11 -40.35 128.65
CA UNK B 2526 -34.95 -39.78 127.98
C UNK B 2526 -34.86 -38.28 128.25
N UNK B 2527 -35.92 -37.72 128.83
CA UNK B 2527 -35.97 -36.30 129.14
C UNK B 2527 -35.47 -36.03 130.55
N UNK B 2528 -35.61 -37.03 131.42
CA UNK B 2528 -35.17 -36.90 132.81
C UNK B 2528 -33.72 -37.38 132.96
N UNK B 2529 -33.21 -38.05 131.93
CA UNK B 2529 -31.85 -38.56 131.95
C UNK B 2529 -30.90 -37.62 131.21
N UNK B 2530 -31.40 -36.42 130.90
CA UNK B 2530 -30.59 -35.43 130.20
C UNK B 2530 -29.57 -34.79 131.12
N UNK B 2531 -36.67 -45.37 146.03
CA UNK B 2531 -36.96 -45.73 144.65
C UNK B 2531 -37.08 -47.24 144.49
N UNK B 2532 -37.31 -47.94 145.60
CA UNK B 2532 -37.44 -49.39 145.59
C UNK B 2532 -38.78 -49.81 144.98
N UNK B 2533 -39.78 -48.95 145.12
CA UNK B 2533 -41.11 -49.23 144.59
C UNK B 2533 -41.11 -49.12 143.07
N UNK B 2534 -40.36 -48.17 142.55
CA UNK B 2534 -40.26 -47.98 141.11
C UNK B 2534 -39.39 -49.06 140.47
N UNK B 2535 -38.47 -49.61 141.26
CA UNK B 2535 -37.59 -50.67 140.78
C UNK B 2535 -38.36 -51.98 140.61
N UNK B 2536 -39.33 -52.19 141.48
CA UNK B 2536 -40.16 -53.40 141.43
C UNK B 2536 -41.20 -53.29 140.33
N UNK B 2537 -41.56 -52.05 139.98
CA UNK B 2537 -42.55 -51.80 138.94
C UNK B 2537 -41.95 -52.08 137.56
N UNK B 2538 -40.66 -51.85 137.42
CA UNK B 2538 -39.95 -52.08 136.17
C UNK B 2538 -39.62 -53.56 136.02
N UNK B 2539 -39.45 -54.24 137.15
CA UNK B 2539 -39.12 -55.67 137.15
C UNK B 2539 -40.36 -56.50 136.82
N UNK B 2540 -41.53 -55.95 137.13
CA UNK B 2540 -42.79 -56.64 136.87
C UNK B 2540 -43.10 -56.65 135.38
N UNK B 2541 -42.67 -55.60 134.69
CA UNK B 2541 -42.89 -55.49 133.25
C UNK B 2541 -41.88 -56.34 132.48
N UNK B 2542 -40.74 -56.59 133.10
CA UNK B 2542 -39.68 -57.40 132.48
C UNK B 2542 -40.07 -58.87 132.48
N UNK B 2543 -40.78 -59.30 133.52
CA UNK B 2543 -41.21 -60.68 133.63
C UNK B 2543 -42.39 -60.96 132.71
N UNK B 2544 -43.13 -59.91 132.38
CA UNK B 2544 -44.29 -60.05 131.49
C UNK B 2544 -43.84 -60.25 130.05
N UNK B 2545 -42.69 -59.68 129.71
CA UNK B 2545 -42.15 -59.81 128.36
C UNK B 2545 -41.24 -61.04 128.25
N UNK B 2546 -40.90 -61.61 129.40
CA UNK B 2546 -40.04 -62.79 129.43
C UNK B 2546 -40.86 -64.06 129.29
N UNK B 2547 -45.39 -53.94 123.93
CA UNK B 2547 -44.79 -55.19 123.49
C UNK B 2547 -43.30 -55.01 123.22
N UNK B 2548 -42.96 -54.80 121.95
CA UNK B 2548 -41.58 -54.60 121.54
C UNK B 2548 -41.08 -53.23 121.97
N UNK B 2549 -41.99 -52.26 122.04
CA UNK B 2549 -41.64 -50.90 122.44
C UNK B 2549 -41.52 -50.81 123.95
N UNK B 2550 -42.13 -51.76 124.66
CA UNK B 2550 -42.08 -51.78 126.12
C UNK B 2550 -40.72 -52.27 126.61
N UNK B 2551 -40.08 -53.11 125.81
CA UNK B 2551 -38.76 -53.65 126.15
C UNK B 2551 -37.69 -52.57 125.99
N UNK B 2552 -37.93 -51.64 125.07
CA UNK B 2552 -36.99 -50.55 124.82
C UNK B 2552 -37.18 -49.43 125.84
N UNK B 2553 -38.36 -49.39 126.45
CA UNK B 2553 -38.67 -48.38 127.45
C UNK B 2553 -38.00 -48.71 128.77
N UNK B 2554 -37.91 -50.00 129.08
CA UNK B 2554 -37.28 -50.46 130.32
C UNK B 2554 -35.76 -50.51 130.16
N UNK B 2555 -35.31 -50.56 128.90
CA UNK B 2555 -33.89 -50.60 128.62
C UNK B 2555 -33.23 -49.24 128.84
N UNK B 2556 -33.96 -48.18 128.48
CA UNK B 2556 -33.46 -46.82 128.65
C UNK B 2556 -33.50 -46.41 130.12
N UNK B 2557 -34.45 -46.97 130.86
CA UNK B 2557 -34.59 -46.67 132.28
C UNK B 2557 -33.55 -47.42 133.10
N UNK B 2558 -33.06 -48.52 132.54
CA UNK B 2558 -32.05 -49.34 133.22
C UNK B 2558 -30.68 -48.64 133.17
N UNK B 2559 -30.46 -47.85 132.13
CA UNK B 2559 -29.21 -47.13 131.98
C UNK B 2559 -29.30 -45.75 132.62
N UNK B 2560 -30.51 -45.38 133.05
CA UNK B 2560 -30.74 -44.08 133.67
C UNK B 2560 -30.39 -44.14 135.16
N UNK B 2561 -38.30 -65.31 119.25
CA UNK B 2561 -37.82 -64.75 120.50
C UNK B 2561 -37.18 -63.38 120.27
N UNK B 2562 -37.97 -62.45 119.74
CA UNK B 2562 -37.48 -61.10 119.47
C UNK B 2562 -37.35 -60.31 120.76
N UNK B 2563 -38.24 -60.57 121.72
CA UNK B 2563 -38.22 -59.88 123.00
C UNK B 2563 -37.08 -60.40 123.87
N UNK B 2564 -36.70 -61.66 123.64
CA UNK B 2564 -35.63 -62.27 124.41
C UNK B 2564 -34.26 -61.72 123.98
N UNK B 2565 -34.12 -61.46 122.69
CA UNK B 2565 -32.87 -60.92 122.16
C UNK B 2565 -32.74 -59.44 122.48
N UNK B 2566 -33.86 -58.76 122.63
CA UNK B 2566 -33.87 -57.33 122.96
C UNK B 2566 -33.54 -57.10 124.43
N UNK B 2567 -33.96 -58.04 125.27
CA UNK B 2567 -33.72 -57.94 126.70
C UNK B 2567 -32.31 -58.39 127.05
N UNK B 2568 -31.73 -59.21 126.18
CA UNK B 2568 -30.38 -59.72 126.39
C UNK B 2568 -29.33 -58.68 125.98
N UNK B 2569 -29.67 -57.86 124.99
CA UNK B 2569 -28.77 -56.83 124.51
C UNK B 2569 -28.68 -55.68 125.51
N UNK B 2570 -29.77 -55.42 126.21
CA UNK B 2570 -29.81 -54.36 127.20
C UNK B 2570 -29.19 -54.82 128.51
N UNK B 2571 -29.17 -56.13 128.73
CA UNK B 2571 -28.61 -56.70 129.94
C UNK B 2571 -27.07 -56.64 129.92
N UNK B 2572 -26.50 -56.87 128.73
CA UNK B 2572 -25.05 -56.84 128.56
C UNK B 2572 -24.53 -55.40 128.60
N UNK B 2573 -25.36 -54.48 128.14
CA UNK B 2573 -24.99 -53.06 128.11
C UNK B 2573 -24.99 -52.48 129.52
N UNK B 2574 -25.95 -52.90 130.33
CA UNK B 2574 -26.06 -52.43 131.70
C UNK B 2574 -24.99 -53.07 132.58
N UNK B 2575 -24.54 -54.25 132.19
CA UNK B 2575 -23.52 -54.98 132.95
C UNK B 2575 -22.14 -54.34 132.74
N UNK B 2576 -21.91 -53.83 131.54
CA UNK B 2576 -20.64 -53.18 131.21
C UNK B 2576 -20.59 -51.77 131.79
N UNK B 2577 -21.75 -51.19 132.04
CA UNK B 2577 -21.84 -49.85 132.60
C UNK B 2577 -21.58 -49.86 134.10
N UNK B 2578 -13.22 -57.12 132.37
CA UNK B 2578 -13.94 -57.56 133.55
C UNK B 2578 -15.44 -57.60 133.29
N UNK B 2579 -16.13 -56.53 133.66
CA UNK B 2579 -17.58 -56.44 133.45
C UNK B 2579 -17.90 -56.24 131.97
N UNK B 2580 -17.04 -55.53 131.27
CA UNK B 2580 -17.23 -55.28 129.84
C UNK B 2580 -16.78 -56.47 129.02
N UNK B 2581 -15.90 -57.30 129.59
CA UNK B 2581 -15.40 -58.48 128.92
C UNK B 2581 -16.47 -59.56 128.84
N UNK B 2582 -17.36 -59.58 129.82
CA UNK B 2582 -18.44 -60.56 129.86
C UNK B 2582 -19.49 -60.24 128.81
N UNK B 2583 -19.67 -58.95 128.54
CA UNK B 2583 -20.64 -58.49 127.54
C UNK B 2583 -20.13 -58.75 126.13
N UNK B 2584 -18.80 -58.80 125.99
CA UNK B 2584 -18.19 -59.05 124.70
C UNK B 2584 -18.35 -60.51 124.29
N UNK B 2585 -18.43 -61.39 125.30
CA UNK B 2585 -18.60 -62.82 125.04
C UNK B 2585 -20.01 -63.11 124.57
N UNK B 2586 -20.98 -62.36 125.08
CA UNK B 2586 -22.37 -62.53 124.70
C UNK B 2586 -22.63 -61.91 123.32
N UNK B 2587 -21.84 -60.90 122.99
CA UNK B 2587 -21.96 -60.23 121.70
C UNK B 2587 -21.41 -61.10 120.58
N UNK B 2588 -20.46 -61.96 120.93
CA UNK B 2588 -19.85 -62.86 119.95
C UNK B 2588 -20.82 -63.96 119.57
N UNK B 2589 -21.69 -64.34 120.51
CA UNK B 2589 -22.69 -65.37 120.26
C UNK B 2589 -23.85 -64.82 119.45
N UNK B 2590 -24.07 -63.51 119.56
CA UNK B 2590 -25.14 -62.84 118.83
C UNK B 2590 -24.77 -62.68 117.36
N UNK B 2591 -23.46 -62.58 117.09
CA UNK B 2591 -22.97 -62.43 115.74
C UNK B 2591 -22.97 -63.77 115.00
N UNK B 2592 -22.95 -64.86 115.77
CA UNK B 2592 -22.95 -66.20 115.20
C UNK B 2592 -24.37 -66.69 114.96
N UNK B 2593 -25.34 -65.93 115.48
CA UNK B 2593 -26.75 -66.29 115.33
C UNK B 2593 -27.40 -65.48 114.21
N UNK B 2594 -33.23 -53.44 114.72
CA UNK B 2594 -32.30 -52.35 114.48
C UNK B 2594 -31.87 -51.70 115.80
N UNK B 2595 -32.70 -51.87 116.82
CA UNK B 2595 -32.42 -51.30 118.14
C UNK B 2595 -31.33 -52.10 118.86
N UNK B 2596 -31.28 -53.39 118.57
CA UNK B 2596 -30.29 -54.27 119.19
C UNK B 2596 -28.93 -54.07 118.55
N UNK B 2597 -28.91 -53.62 117.29
CA UNK B 2597 -27.68 -53.39 116.57
C UNK B 2597 -26.98 -52.12 117.06
N UNK B 2598 -27.78 -51.16 117.52
CA UNK B 2598 -27.25 -49.90 118.01
C UNK B 2598 -26.64 -50.08 119.40
N UNK B 2599 -27.19 -51.02 120.16
CA UNK B 2599 -26.71 -51.30 121.51
C UNK B 2599 -25.41 -52.11 121.47
N UNK B 2600 -25.25 -52.90 120.41
CA UNK B 2600 -24.06 -53.72 120.25
C UNK B 2600 -22.86 -52.88 119.82
N UNK B 2601 -23.15 -51.77 119.14
CA UNK B 2601 -22.09 -50.87 118.69
C UNK B 2601 -21.52 -50.06 119.84
N UNK B 2602 -22.38 -49.72 120.80
CA UNK B 2602 -21.95 -48.96 121.97
C UNK B 2602 -21.17 -49.84 122.94
N UNK B 2603 -21.48 -51.12 122.94
CA UNK B 2603 -20.80 -52.07 123.82
C UNK B 2603 -19.43 -52.44 123.28
N UNK B 2604 -19.28 -52.36 121.96
CA UNK B 2604 -18.01 -52.68 121.31
C UNK B 2604 -17.00 -51.56 121.53
N UNK B 2605 -17.49 -50.34 121.71
CA UNK B 2605 -16.63 -49.19 121.94
C UNK B 2605 -16.26 -49.07 123.41
N UNK B 2606 -17.02 -49.74 124.27
CA UNK B 2606 -16.77 -49.71 125.70
C UNK B 2606 -15.68 -50.70 126.09
N UNK B 2607 -12.24 -61.24 118.01
CA UNK B 2607 -13.22 -60.30 117.48
C UNK B 2607 -13.06 -60.16 115.97
N UNK B 2608 -11.92 -60.59 115.46
CA UNK B 2608 -11.64 -60.51 114.03
C UNK B 2608 -12.08 -61.78 113.31
N UNK B 2609 -12.13 -62.88 114.05
CA UNK B 2609 -12.55 -64.15 113.49
C UNK B 2609 -14.06 -64.18 113.26
N UNK B 2610 -14.80 -63.53 114.15
CA UNK B 2610 -16.25 -63.47 114.05
C UNK B 2610 -16.68 -62.52 112.93
N UNK B 2611 -15.88 -61.48 112.72
CA UNK B 2611 -16.18 -60.50 111.68
C UNK B 2611 -15.87 -61.06 110.29
N UNK B 2612 -14.88 -61.95 110.23
CA UNK B 2612 -14.49 -62.56 108.96
C UNK B 2612 -15.52 -63.60 108.53
N UNK B 2613 -16.14 -64.26 109.49
CA UNK B 2613 -17.16 -65.26 109.22
C UNK B 2613 -18.44 -64.61 108.73
N UNK B 2614 -18.73 -63.42 109.24
CA UNK B 2614 -19.93 -62.68 108.85
C UNK B 2614 -19.75 -62.08 107.46
N UNK B 2615 -18.52 -61.73 107.12
CA UNK B 2615 -18.22 -61.15 105.82
C UNK B 2615 -18.20 -62.23 104.74
N UNK B 2616 -17.76 -63.43 105.12
CA UNK B 2616 -17.69 -64.55 104.19
C UNK B 2616 -19.09 -65.10 103.89
N UNK B 2617 -19.98 -64.98 104.87
CA UNK B 2617 -21.35 -65.44 104.72
C UNK B 2617 -22.14 -64.51 103.81
N UNK B 2618 -21.82 -63.22 103.87
CA UNK B 2618 -22.48 -62.23 103.04
C UNK B 2618 -21.97 -62.29 101.61
N UNK B 2619 -20.75 -62.77 101.45
CA UNK B 2619 -20.13 -62.89 100.12
C UNK B 2619 -20.75 -64.06 99.35
N UNK B 2620 -21.15 -65.10 100.07
CA UNK B 2620 -21.76 -66.26 99.46
C UNK B 2620 -23.17 -65.95 98.99
N UNK B 2621 -23.86 -65.08 99.73
CA UNK B 2621 -25.22 -64.69 99.39
C UNK B 2621 -25.23 -63.73 98.21
N UNK B 2622 -24.14 -62.97 98.06
CA UNK B 2622 -24.01 -62.02 96.98
C UNK B 2622 -23.57 -62.72 95.69
N UNK B 2623 -22.81 -63.79 95.84
CA UNK B 2623 -22.32 -64.55 94.70
C UNK B 2623 -23.44 -65.40 94.11
N UNK B 2624 -24.38 -65.83 94.96
CA UNK B 2624 -25.51 -66.64 94.53
C UNK B 2624 -26.55 -65.78 93.83
N UNK B 2625 -26.58 -64.50 94.17
CA UNK B 2625 -27.53 -63.57 93.58
C UNK B 2625 -27.03 -63.08 92.22
N UNK B 2626 -25.72 -63.19 92.00
CA UNK B 2626 -25.12 -62.75 90.75
C UNK B 2626 -25.32 -63.80 89.66
N GLU B 2627 -34.51 -61.26 97.62
CA GLU B 2627 -33.18 -61.08 97.03
C GLU B 2627 -32.57 -59.76 97.48
N PHE B 2628 -33.11 -58.65 96.97
CA PHE B 2628 -32.60 -57.33 97.33
C PHE B 2628 -32.95 -56.97 98.77
N SER B 2629 -34.07 -57.49 99.28
CA SER B 2629 -34.46 -57.18 100.66
C SER B 2629 -33.52 -57.83 101.66
N VAL B 2630 -33.18 -59.10 101.45
CA VAL B 2630 -32.28 -59.79 102.36
C VAL B 2630 -30.86 -59.27 102.21
N LEU B 2631 -30.48 -58.83 101.01
CA LEU B 2631 -29.13 -58.30 100.81
C LEU B 2631 -28.97 -56.93 101.47
N CYS B 2632 -29.96 -56.07 101.33
CA CYS B 2632 -29.88 -54.74 101.95
C CYS B 2632 -29.98 -54.82 103.47
N ARG B 2633 -30.73 -55.79 103.99
CA ARG B 2633 -30.83 -55.94 105.43
C ARG B 2633 -29.52 -56.42 106.04
N ASP B 2634 -28.86 -57.38 105.40
CA ASP B 2634 -27.57 -57.86 105.89
C ASP B 2634 -26.48 -56.81 105.71
N LEU B 2635 -26.61 -55.94 104.71
CA LEU B 2635 -25.61 -54.89 104.51
C LEU B 2635 -25.64 -53.87 105.64
N TYR B 2636 -26.82 -53.58 106.19
CA TYR B 2636 -26.90 -52.63 107.29
C TYR B 2636 -26.23 -53.18 108.55
N ALA B 2637 -26.38 -54.48 108.81
CA ALA B 2637 -25.74 -55.08 109.97
C ALA B 2637 -24.23 -55.15 109.78
N LEU B 2638 -23.77 -55.42 108.56
CA LEU B 2638 -22.33 -55.46 108.29
C LEU B 2638 -21.71 -54.08 108.35
N TYR B 2639 -22.45 -53.05 107.96
CA TYR B 2639 -21.95 -51.69 108.01
C TYR B 2639 -21.80 -51.24 109.46
N PRO B 2640 -22.74 -51.59 110.33
CA PRO B 2640 -22.60 -51.18 111.74
C PRO B 2640 -21.48 -51.92 112.45
N LEU B 2641 -21.27 -53.20 112.12
CA LEU B 2641 -20.18 -53.94 112.75
C LEU B 2641 -18.81 -53.45 112.26
N LEU B 2642 -18.71 -53.11 110.98
CA LEU B 2642 -17.45 -52.60 110.45
C LEU B 2642 -17.15 -51.21 110.98
N ILE B 2643 -18.18 -50.40 111.23
CA ILE B 2643 -17.97 -49.06 111.76
C ILE B 2643 -17.46 -49.12 113.19
N ARG B 2644 -18.02 -50.02 114.00
CA ARG B 2644 -17.56 -50.17 115.37
C ARG B 2644 -16.17 -50.78 115.43
N TYR B 2645 -15.86 -51.70 114.51
CA TYR B 2645 -14.53 -52.29 114.47
C TYR B 2645 -13.48 -51.34 113.92
N VAL B 2646 -13.89 -50.30 113.19
CA VAL B 2646 -12.93 -49.35 112.63
C VAL B 2646 -12.30 -48.50 113.71
N ASP B 2647 -12.92 -48.39 114.88
CA ASP B 2647 -12.35 -47.60 115.96
C ASP B 2647 -11.07 -48.23 116.50
N ASN B 2648 -10.99 -49.56 116.49
CA ASN B 2648 -9.81 -50.28 116.95
C ASN B 2648 -8.98 -50.88 115.82
N ASN B 2649 -9.48 -50.85 114.59
CA ASN B 2649 -8.71 -51.40 113.47
C ASN B 2649 -7.54 -50.51 113.10
N ARG B 2650 -7.62 -49.21 113.40
CA ARG B 2650 -6.52 -48.31 113.07
C ARG B 2650 -5.29 -48.59 113.92
N ALA B 2651 -5.48 -48.83 115.22
CA ALA B 2651 -4.35 -49.15 116.09
C ALA B 2651 -3.83 -50.56 115.85
N HIS B 2652 -4.70 -51.49 115.45
CA HIS B 2652 -4.26 -52.85 115.20
C HIS B 2652 -3.48 -52.95 113.90
N TRP B 2653 -3.91 -52.25 112.85
CA TRP B 2653 -3.22 -52.30 111.57
C TRP B 2653 -1.87 -51.60 111.61
N LEU B 2654 -1.65 -50.71 112.59
CA LEU B 2654 -0.36 -50.03 112.68
C LEU B 2654 0.76 -51.00 113.05
N THR B 2655 0.50 -51.93 113.96
CA THR B 2655 1.51 -52.90 114.35
C THR B 2655 1.69 -53.97 113.27
N GLU B 2656 0.58 -54.52 112.76
CA GLU B 2656 0.64 -55.54 111.73
C GLU B 2656 -0.68 -55.54 110.98
N PRO B 2657 -0.68 -55.77 109.66
CA PRO B 2657 -1.94 -55.77 108.93
C PRO B 2657 -2.79 -56.98 109.29
N ASN B 2658 -4.11 -56.79 109.22
CA ASN B 2658 -5.05 -57.84 109.56
C ASN B 2658 -5.30 -58.72 108.34
N PRO B 2659 -4.96 -60.01 108.38
CA PRO B 2659 -5.22 -60.86 107.21
C PRO B 2659 -6.70 -61.10 106.97
N SER B 2660 -7.53 -61.11 108.02
CA SER B 2660 -8.96 -61.31 107.84
C SER B 2660 -9.60 -60.09 107.17
N ALA B 2661 -9.11 -58.89 107.50
CA ALA B 2661 -9.65 -57.69 106.89
C ALA B 2661 -9.27 -57.60 105.41
N GLU B 2662 -8.06 -58.05 105.07
CA GLU B 2662 -7.64 -58.05 103.67
C GLU B 2662 -8.43 -59.05 102.85
N GLU B 2663 -8.72 -60.22 103.43
CA GLU B 2663 -9.53 -61.21 102.73
C GLU B 2663 -10.97 -60.76 102.59
N LEU B 2664 -11.50 -60.06 103.61
CA LEU B 2664 -12.86 -59.55 103.52
C LEU B 2664 -12.99 -58.45 102.48
N PHE B 2665 -11.93 -57.66 102.28
CA PHE B 2665 -11.96 -56.62 101.26
C PHE B 2665 -12.00 -57.22 99.85
N ARG B 2666 -11.34 -58.36 99.64
CA ARG B 2666 -11.38 -59.01 98.34
C ARG B 2666 -12.77 -59.56 98.03
N MET B 2667 -13.49 -60.03 99.06
CA MET B 2667 -14.85 -60.52 98.85
C MET B 2667 -15.79 -59.37 98.49
N VAL B 2668 -15.61 -58.20 99.12
CA VAL B 2668 -16.42 -57.05 98.78
C VAL B 2668 -16.05 -56.52 97.40
N GLY B 2669 -14.82 -56.76 96.95
CA GLY B 2669 -14.42 -56.33 95.62
C GLY B 2669 -15.13 -57.08 94.52
N GLU B 2670 -15.49 -58.34 94.77
CA GLU B 2670 -16.25 -59.10 93.77
C GLU B 2670 -17.64 -58.53 93.56
N ILE B 2671 -18.30 -58.12 94.66
CA ILE B 2671 -19.61 -57.48 94.54
C ILE B 2671 -19.49 -56.07 93.96
N PHE B 2672 -18.33 -55.43 94.10
CA PHE B 2672 -18.14 -54.10 93.53
C PHE B 2672 -18.08 -54.16 92.01
N ILE B 2673 -17.65 -55.30 91.45
CA ILE B 2673 -17.62 -55.42 89.99
C ILE B 2673 -19.03 -55.43 89.43
N TYR B 2674 -19.97 -56.04 90.14
CA TYR B 2674 -21.37 -56.06 89.74
C TYR B 2674 -22.17 -54.92 90.34
N TRP B 2675 -21.54 -54.04 91.11
CA TRP B 2675 -22.25 -52.91 91.70
C TRP B 2675 -22.66 -51.90 90.63
N SER B 2676 -21.75 -51.61 89.69
CA SER B 2676 -22.04 -50.66 88.63
C SER B 2676 -22.35 -51.34 87.30
N LYS B 2677 -21.92 -52.60 87.11
CA LYS B 2677 -22.22 -53.29 85.87
C LYS B 2677 -23.70 -53.67 85.78
N SER B 2678 -24.26 -54.16 86.88
CA SER B 2678 -25.67 -54.55 86.94
C SER B 2678 -26.47 -53.39 87.53
N HIS B 2680 -27.21 -52.68 86.67
CA HIS B 2680 -28.00 -51.55 87.13
C HIS B 2680 -29.18 -51.97 87.99
N ASN B 2681 -29.65 -53.21 87.85
CA ASN B 2681 -30.78 -53.67 88.65
C ASN B 2681 -30.39 -53.82 90.11
N PHE B 2682 -29.18 -54.32 90.38
CA PHE B 2682 -28.74 -54.49 91.76
C PHE B 2682 -28.45 -53.15 92.44
N LYS B 2683 -27.96 -52.17 91.67
CA LYS B 2683 -27.64 -50.87 92.26
C LYS B 2683 -28.90 -50.10 92.63
N ARG B 2684 -29.91 -50.13 91.74
CA ARG B 2684 -31.14 -49.40 92.03
C ARG B 2684 -31.95 -50.05 93.14
N GLU B 2685 -31.95 -51.39 93.18
CA GLU B 2685 -32.69 -52.10 94.22
C GLU B 2685 -32.02 -52.01 95.59
N GLU B 2686 -30.71 -51.75 95.62
CA GLU B 2686 -30.02 -51.66 96.91
C GLU B 2686 -30.41 -50.40 97.65
N GLN B 2687 -30.36 -49.24 96.97
CA GLN B 2687 -30.70 -47.98 97.62
C GLN B 2687 -32.20 -47.80 97.80
N ASN B 2688 -33.02 -48.58 97.10
CA ASN B 2688 -34.47 -48.44 97.24
C ASN B 2688 -34.97 -49.01 98.56
N PHE B 2689 -34.33 -50.07 99.06
CA PHE B 2689 -34.76 -50.70 100.31
C PHE B 2689 -34.29 -49.95 101.54
N VAL B 2690 -33.35 -49.01 101.40
CA VAL B 2690 -32.87 -48.25 102.56
C VAL B 2690 -33.98 -47.34 103.09
N VAL B 2691 -34.68 -46.64 102.20
CA VAL B 2691 -35.75 -45.75 102.61
C VAL B 2691 -36.99 -46.55 103.01
N UNK B 2692 -22.82 -44.58 100.40
CA UNK B 2692 -22.75 -43.82 101.64
C UNK B 2692 -22.00 -44.61 102.72
N UNK B 2693 -22.69 -45.52 103.37
CA UNK B 2693 -22.08 -46.33 104.42
C UNK B 2693 -21.19 -47.42 103.82
N UNK B 2694 -21.55 -47.87 102.62
CA UNK B 2694 -20.79 -48.90 101.93
C UNK B 2694 -19.49 -48.34 101.37
N UNK B 2695 -19.52 -47.06 101.00
CA UNK B 2695 -18.35 -46.39 100.45
C UNK B 2695 -17.32 -46.09 101.55
N UNK B 2696 -17.81 -45.83 102.75
CA UNK B 2696 -16.95 -45.53 103.89
C UNK B 2696 -16.24 -46.80 104.37
N UNK B 2697 -16.91 -47.93 104.23
CA UNK B 2697 -16.35 -49.22 104.65
C UNK B 2697 -15.29 -49.69 103.66
N UNK B 2698 -15.49 -49.37 102.38
CA UNK B 2698 -14.56 -49.75 101.34
C UNK B 2698 -13.33 -48.86 101.36
N UNK B 2699 -13.50 -47.63 101.84
CA UNK B 2699 -12.41 -46.68 101.92
C UNK B 2699 -11.46 -47.03 103.06
N UNK B 2700 -12.03 -47.53 104.16
CA UNK B 2700 -11.23 -47.93 105.32
C UNK B 2700 -10.50 -49.24 105.05
N UNK B 2701 -11.11 -50.09 104.24
CA UNK B 2701 -10.51 -51.38 103.89
C UNK B 2701 -9.36 -51.19 102.90
N UNK B 2702 -9.46 -50.15 102.08
CA UNK B 2702 -8.43 -49.85 101.10
C UNK B 2702 -7.21 -49.23 101.76
N UNK B 2703 -7.44 -48.56 102.88
CA UNK B 2703 -6.36 -47.93 103.63
C UNK B 2703 -5.50 -48.97 104.34
N UNK B 2704 -6.13 -50.06 104.76
CA UNK B 2704 -5.43 -51.14 105.44
C UNK B 2704 -4.70 -52.03 104.42
N UNK B 2705 -5.21 -52.05 103.19
CA UNK B 2705 -4.61 -52.85 102.13
C UNK B 2705 -3.38 -52.15 101.57
N UNK B 2706 -3.35 -50.82 101.67
CA UNK B 2706 -2.23 -50.03 101.18
C UNK B 2706 -1.07 -50.08 102.16
N UNK B 2707 -1.37 -50.40 103.42
CA UNK B 2707 -0.35 -50.49 104.45
C UNK B 2707 0.23 -51.90 104.53
N UNK B 2708 -0.48 -52.85 103.93
CA UNK B 2708 -0.04 -54.24 103.93
C UNK B 2708 0.99 -54.48 102.84
N UNK B 2709 0.61 -54.17 101.59
CA UNK B 2709 1.51 -54.36 100.45
C UNK B 2709 2.23 -53.05 100.11
N UNK B 2710 0.89 -52.57 90.67
CA UNK B 2710 1.55 -51.43 90.04
C UNK B 2710 0.54 -50.51 89.38
N UNK B 2711 1.02 -49.36 88.90
CA UNK B 2711 0.15 -48.39 88.25
C UNK B 2711 -0.25 -48.87 86.86
N UNK B 2712 0.66 -49.55 86.17
CA UNK B 2712 0.40 -50.08 84.84
C UNK B 2712 -0.50 -51.31 84.92
N UNK B 2713 -0.40 -52.04 86.02
CA UNK B 2713 -1.21 -53.23 86.21
C UNK B 2713 -2.61 -52.86 86.69
N UNK B 2714 -2.75 -51.66 87.22
CA UNK B 2714 -4.04 -51.18 87.70
C UNK B 2714 -4.94 -50.78 86.54
N UNK B 2715 -4.34 -50.30 85.46
CA UNK B 2715 -5.09 -49.89 84.28
C UNK B 2715 -5.56 -51.10 83.48
N UNK B 2716 -4.82 -52.20 83.60
CA UNK B 2716 -5.16 -53.43 82.89
C UNK B 2716 -6.24 -54.20 83.64
N UNK B 2717 -6.35 -53.96 84.94
CA UNK B 2717 -7.34 -54.63 85.76
C UNK B 2717 -8.73 -54.05 85.52
N UNK B 2718 -8.78 -52.75 85.24
CA UNK B 2718 -10.05 -52.08 84.99
C UNK B 2718 -10.52 -52.33 83.56
N UNK B 2719 -9.58 -52.65 82.68
CA UNK B 2719 -9.89 -52.92 81.28
C UNK B 2719 -10.33 -54.36 81.09
N UNK B 2720 -9.89 -55.24 81.99
CA UNK B 2720 -10.23 -56.64 81.92
C UNK B 2720 -11.62 -56.89 82.52
N UNK B 2721 -8.92 -63.98 88.06
CA UNK B 2721 -7.52 -63.64 88.25
C UNK B 2721 -6.81 -63.45 86.91
N UNK B 2722 -7.55 -62.94 85.93
CA UNK B 2722 -7.00 -62.71 84.60
C UNK B 2722 -6.12 -61.46 84.59
N UNK B 2723 -6.41 -60.53 85.48
CA UNK B 2723 -5.63 -59.29 85.59
C UNK B 2723 -4.28 -59.56 86.24
N UNK B 2724 -4.22 -60.56 87.11
CA UNK B 2724 -3.00 -60.92 87.80
C UNK B 2724 -2.03 -61.62 86.85
N UNK B 2725 -2.58 -62.31 85.86
CA UNK B 2725 -1.76 -63.03 84.88
C UNK B 2725 -1.13 -62.06 83.88
N UNK B 2726 -1.79 -60.93 83.67
CA UNK B 2726 -1.30 -59.92 82.73
C UNK B 2726 -0.21 -59.08 83.39
N UNK B 2727 -0.22 -59.02 84.72
CA UNK B 2727 0.76 -58.25 85.46
C UNK B 2727 2.06 -59.03 85.63
N UNK B 2728 1.94 -60.34 85.84
CA UNK B 2728 3.09 -61.21 86.02
C UNK B 2728 3.76 -61.49 84.67
N UNK B 2729 8.64 -40.10 100.46
CA UNK B 2729 9.45 -40.04 99.26
C UNK B 2729 9.62 -41.42 98.63
N UNK B 2730 10.65 -41.56 97.80
CA UNK B 2730 10.97 -42.85 97.20
C UNK B 2730 11.87 -43.64 98.13
N UNK B 2731 12.52 -42.94 99.06
CA UNK B 2731 13.40 -43.57 100.03
C UNK B 2731 12.71 -43.66 101.39
N UNK B 2732 11.83 -42.71 101.66
CA UNK B 2732 11.08 -42.69 102.92
C UNK B 2732 10.04 -43.80 102.95
N UNK B 2733 9.47 -44.10 101.78
CA UNK B 2733 8.47 -45.16 101.67
C UNK B 2733 9.15 -46.53 101.71
N UNK B 2734 10.41 -46.57 101.29
CA UNK B 2734 11.17 -47.81 101.29
C UNK B 2734 11.55 -48.21 102.72
N UNK B 2735 11.79 -47.21 103.56
CA UNK B 2735 12.15 -47.45 104.95
C UNK B 2735 10.91 -47.84 105.76
N UNK B 2736 9.76 -47.33 105.34
CA UNK B 2736 8.51 -47.62 106.03
C UNK B 2736 8.02 -49.03 105.68
N UNK B 2737 8.35 -49.47 104.47
CA UNK B 2737 7.95 -50.80 104.01
C UNK B 2737 8.91 -51.87 104.53
N UNK B 2738 10.10 -51.44 104.92
CA UNK B 2738 11.11 -52.36 105.45
C UNK B 2738 10.87 -52.63 106.93
N UNK B 2739 3.18 -64.73 96.48
CA UNK B 2739 3.78 -63.89 97.50
C UNK B 2739 3.79 -62.43 97.07
N UNK B 2740 4.78 -62.04 96.27
CA UNK B 2740 4.89 -60.68 95.79
C UNK B 2740 3.84 -60.39 94.72
N UNK B 2741 3.54 -61.40 93.91
CA UNK B 2741 2.55 -61.28 92.84
C UNK B 2741 1.14 -61.30 93.42
N UNK B 2742 0.98 -61.95 94.56
CA UNK B 2742 -0.33 -62.04 95.21
C UNK B 2742 -0.69 -60.71 95.87
N UNK B 2743 0.32 -60.00 96.35
CA UNK B 2743 0.11 -58.70 97.00
C UNK B 2743 -0.24 -57.64 95.96
N UNK B 2744 0.33 -57.77 94.78
CA UNK B 2744 0.07 -56.82 93.69
C UNK B 2744 -1.29 -57.10 93.05
N UNK B 2745 -1.73 -58.35 93.12
CA UNK B 2745 -3.01 -58.75 92.56
C UNK B 2745 -4.16 -58.19 93.40
N UNK B 2746 -3.96 -58.14 94.70
CA UNK B 2746 -4.96 -57.60 95.61
C UNK B 2746 -5.07 -56.09 95.46
N UNK B 2747 -3.96 -55.45 95.13
CA UNK B 2747 -3.93 -54.01 94.92
C UNK B 2747 -4.55 -53.65 93.58
N UNK B 2748 -4.50 -54.58 92.64
CA UNK B 2748 -5.07 -54.36 91.32
C UNK B 2748 -6.59 -54.36 91.39
N UNK B 2749 -7.15 -55.20 92.25
CA UNK B 2749 -8.59 -55.27 92.44
C UNK B 2749 -9.09 -54.08 93.24
N UNK B 2750 -8.25 -53.58 94.14
CA UNK B 2750 -8.59 -52.44 94.97
C UNK B 2750 -8.57 -51.15 94.15
N UNK B 2751 -7.66 -51.09 93.18
CA UNK B 2751 -7.55 -49.93 92.31
C UNK B 2751 -8.69 -49.90 91.29
N UNK B 2752 -9.20 -51.07 90.95
CA UNK B 2752 -10.30 -51.18 90.01
C UNK B 2752 -11.60 -50.70 90.64
N UNK B 2753 -11.71 -50.87 91.96
CA UNK B 2753 -12.89 -50.44 92.69
C UNK B 2753 -12.87 -48.93 92.90
N UNK B 2754 -11.68 -48.36 92.93
CA UNK B 2754 -11.52 -46.91 93.12
C UNK B 2754 -11.87 -46.17 91.83
N UNK B 2755 -11.58 -46.79 90.70
CA UNK B 2755 -11.86 -46.20 89.39
C UNK B 2755 -13.36 -46.24 89.10
N UNK B 2756 -14.02 -47.28 89.59
CA UNK B 2756 -15.46 -47.44 89.38
C UNK B 2756 -16.24 -46.51 90.31
N UNK B 2757 -15.66 -46.20 91.46
CA UNK B 2757 -16.28 -45.32 92.43
C UNK B 2757 -16.18 -43.86 91.98
N UNK B 2758 -15.15 -43.57 91.19
CA UNK B 2758 -14.95 -42.21 90.70
C UNK B 2758 -15.74 -41.99 89.42
N UNK B 2759 -16.19 -43.07 88.80
CA UNK B 2759 -16.98 -42.99 87.57
C UNK B 2759 -18.44 -42.67 87.87
N PRO B 2760 -64.45 -31.79 75.65
CA PRO B 2760 -65.54 -32.72 75.98
C PRO B 2760 -66.79 -32.48 75.12
N LEU B 2761 -67.24 -33.52 74.41
CA LEU B 2761 -68.43 -33.38 73.58
C LEU B 2761 -69.69 -33.31 74.42
N TYR B 2762 -69.73 -34.04 75.53
CA TYR B 2762 -70.90 -34.01 76.40
C TYR B 2762 -70.97 -32.68 77.14
N ASN B 2763 -72.20 -32.33 77.55
CA ASN B 2763 -72.48 -31.08 78.28
C ASN B 2763 -72.06 -29.85 77.48
N LEU B 2764 -72.10 -29.95 76.14
CA LEU B 2764 -71.75 -28.86 75.24
C LEU B 2764 -72.99 -28.28 74.59
N PRO B 2765 -72.96 -27.00 74.22
CA PRO B 2765 -74.12 -26.41 73.54
C PRO B 2765 -74.38 -27.07 72.19
N THR B 2766 -75.57 -27.66 72.06
CA THR B 2766 -75.93 -28.36 70.83
C THR B 2766 -76.12 -27.40 69.66
N HIS B 2767 -76.33 -26.11 69.92
CA HIS B 2767 -76.51 -25.16 68.83
C HIS B 2767 -75.21 -24.95 68.07
N ARG B 2768 -74.12 -24.66 68.79
CA ARG B 2768 -72.83 -24.47 68.14
C ARG B 2768 -72.17 -25.79 67.74
N ALA B 2769 -72.56 -26.90 68.36
CA ALA B 2769 -71.97 -28.19 68.01
C ALA B 2769 -72.43 -28.66 66.64
N CYS B 2770 -73.68 -28.37 66.27
CA CYS B 2770 -74.17 -28.78 64.95
C CYS B 2770 -73.50 -28.00 63.84
N ASN B 2771 -73.17 -26.73 64.06
CA ASN B 2771 -72.51 -25.94 63.03
C ASN B 2771 -71.07 -26.37 62.84
N MET B 2772 -70.45 -26.97 63.86
CA MET B 2772 -69.08 -27.44 63.73
C MET B 2772 -68.95 -28.63 62.79
N PHE B 2773 -70.04 -29.38 62.58
CA PHE B 2773 -69.98 -30.52 61.65
C PHE B 2773 -69.93 -30.08 60.20
N LEU B 2774 -70.38 -28.85 59.90
CA LEU B 2774 -70.38 -28.39 58.51
C LEU B 2774 -68.95 -28.14 58.02
N GLU B 2775 -68.09 -27.59 58.88
CA GLU B 2775 -66.71 -27.33 58.48
C GLU B 2775 -65.92 -28.64 58.35
N SER B 2776 -66.19 -29.60 59.22
CA SER B 2776 -65.47 -30.87 59.16
C SER B 2776 -65.93 -31.71 57.98
N TYR B 2777 -67.19 -31.59 57.57
CA TYR B 2777 -67.70 -32.37 56.44
C TYR B 2777 -67.12 -31.92 55.11
N LYS B 2778 -66.56 -30.72 55.04
CA LYS B 2778 -65.98 -30.24 53.79
C LYS B 2778 -64.75 -31.05 53.41
N ALA B 2779 -63.82 -31.21 54.35
CA ALA B 2779 -62.61 -31.99 54.10
C ALA B 2779 -62.79 -33.48 54.38
N ALA B 2780 -64.00 -33.92 54.69
CA ALA B 2780 -64.23 -35.33 55.01
C ALA B 2780 -64.56 -36.13 53.77
N TRP B 2781 -65.60 -35.74 53.04
CA TRP B 2781 -66.05 -36.49 51.87
C TRP B 2781 -66.23 -35.63 50.62
N ILE B 2782 -65.99 -34.33 50.71
CA ILE B 2782 -66.17 -33.43 49.57
C ILE B 2782 -64.85 -33.13 48.87
N LEU B 2783 -63.80 -32.84 49.64
CA LEU B 2783 -62.49 -32.55 49.07
C LEU B 2783 -61.74 -33.79 48.62
N THR B 2784 -62.27 -34.98 48.90
CA THR B 2784 -61.64 -36.22 48.48
C THR B 2784 -62.47 -37.01 47.48
N GLU B 2785 -63.61 -36.48 47.05
CA GLU B 2785 -64.49 -37.14 46.09
C GLU B 2785 -64.80 -36.19 44.93
N ASP B 2786 -63.75 -35.58 44.40
CA ASP B 2786 -63.91 -34.72 43.23
C ASP B 2786 -64.32 -35.56 42.02
N HIS B 2787 -65.38 -35.11 41.34
CA HIS B 2787 -65.92 -35.89 40.22
C HIS B 2787 -65.01 -35.78 38.99
N SER B 2788 -64.35 -34.63 38.82
CA SER B 2788 -63.51 -34.36 37.65
C SER B 2788 -64.30 -34.54 36.35
N PHE B 2789 -65.37 -33.76 36.24
CA PHE B 2789 -66.28 -33.82 35.11
C PHE B 2789 -65.79 -33.01 33.91
N GLU B 2790 -64.50 -32.67 33.88
CA GLU B 2790 -63.98 -31.86 32.79
C GLU B 2790 -64.03 -32.55 31.44
N ASP B 2791 -64.07 -33.89 31.42
CA ASP B 2791 -64.05 -34.62 30.16
C ASP B 2791 -65.41 -34.53 29.45
N ARG B 2792 -66.45 -35.05 30.09
CA ARG B 2792 -67.76 -35.14 29.46
C ARG B 2792 -68.43 -33.78 29.25
N MET B 2793 -67.92 -32.72 29.89
CA MET B 2793 -68.54 -31.41 29.74
C MET B 2793 -68.17 -30.77 28.40
N ILE B 2794 -67.02 -31.15 27.84
CA ILE B 2794 -66.56 -30.51 26.62
C ILE B 2794 -67.09 -31.25 25.39
N ASP B 2795 -67.20 -32.58 25.44
CA ASP B 2795 -67.66 -33.33 24.27
C ASP B 2795 -69.13 -33.02 23.96
N ASP B 2796 -69.99 -33.06 24.98
CA ASP B 2796 -71.41 -32.81 24.76
C ASP B 2796 -71.67 -31.38 24.33
N LEU B 2797 -70.84 -30.43 24.77
CA LEU B 2797 -71.03 -29.04 24.36
C LEU B 2797 -70.57 -28.81 22.93
N SER B 2798 -69.65 -29.65 22.42
CA SER B 2798 -69.15 -29.53 21.06
C SER B 2798 -69.61 -30.68 20.17
N LYS B 2799 -70.65 -31.39 20.57
CA LYS B 2799 -71.15 -32.51 19.75
C LYS B 2799 -71.83 -32.00 18.50
N ALA B 2800 -72.87 -31.18 18.65
CA ALA B 2800 -73.61 -30.64 17.51
C ALA B 2800 -73.21 -29.19 17.27
N LYS B 2801 -71.24 -21.42 6.85
CA LYS B 2801 -70.48 -21.96 7.99
C LYS B 2801 -71.09 -21.49 9.31
N LYS B 2802 -71.94 -22.33 9.89
CA LYS B 2802 -72.57 -22.00 11.17
C LYS B 2802 -71.57 -22.17 12.31
N PRO B 2803 -71.46 -21.21 13.22
CA PRO B 2803 -70.51 -21.36 14.33
C PRO B 2803 -70.90 -22.51 15.24
N ASP B 2804 -69.88 -23.25 15.69
CA ASP B 2804 -70.10 -24.38 16.57
C ASP B 2804 -70.49 -23.89 17.97
N PRO B 2805 -71.19 -24.72 18.75
CA PRO B 2805 -71.54 -24.33 20.12
C PRO B 2805 -70.32 -24.06 20.99
N LEU B 2806 -69.22 -24.78 20.76
CA LEU B 2806 -67.99 -24.53 21.50
C LEU B 2806 -67.28 -23.27 21.04
N HIS B 2807 -67.65 -22.74 19.87
CA HIS B 2807 -66.93 -21.59 19.33
C HIS B 2807 -67.35 -20.28 20.02
N GLN B 2808 -68.51 -20.25 20.66
CA GLN B 2808 -69.01 -19.02 21.26
C GLN B 2808 -68.36 -18.70 22.59
N LEU B 2809 -67.89 -19.69 23.34
CA LEU B 2809 -67.21 -19.42 24.60
C LEU B 2809 -65.88 -18.70 24.36
N VAL B 2810 -65.15 -19.09 23.32
CA VAL B 2810 -63.89 -18.41 23.00
C VAL B 2810 -64.17 -16.99 22.53
N LEU B 2811 -65.31 -16.77 21.86
CA LEU B 2811 -65.65 -15.43 21.39
C LEU B 2811 -66.36 -14.61 22.45
N HIS B 2812 -66.85 -15.23 23.53
CA HIS B 2812 -67.55 -14.48 24.56
C HIS B 2812 -66.58 -13.64 25.40
N PHE B 2813 -65.47 -14.24 25.82
CA PHE B 2813 -64.49 -13.52 26.63
C PHE B 2813 -63.66 -12.53 25.83
N SER B 2814 -63.70 -12.59 24.50
CA SER B 2814 -62.95 -11.63 23.69
C SER B 2814 -63.54 -10.23 23.83
N ARG B 2815 -64.87 -10.13 23.97
CA ARG B 2815 -65.48 -8.82 24.16
C ARG B 2815 -65.22 -8.27 25.54
N THR B 2816 -65.11 -9.14 26.55
CA THR B 2816 -64.85 -8.67 27.91
C THR B 2816 -63.42 -8.17 28.06
N ALA B 2817 -62.49 -8.66 27.25
CA ALA B 2817 -61.11 -8.24 27.34
C ALA B 2817 -60.86 -6.90 26.66
N LEU B 2818 -61.59 -6.61 25.59
CA LEU B 2818 -61.42 -5.38 24.82
C LEU B 2818 -62.69 -4.52 24.87
N THR B 2819 -63.29 -4.43 26.06
CA THR B 2819 -64.49 -3.61 26.21
C THR B 2819 -64.15 -2.13 26.34
N GLU B 2820 -63.37 -1.79 27.35
CA GLU B 2820 -62.99 -0.40 27.61
C GLU B 2820 -61.60 -0.39 28.24
N LYS B 2821 -61.22 0.74 28.82
CA LYS B 2821 -59.91 0.90 29.45
C LYS B 2821 -59.91 0.46 30.91
N SER B 2822 -60.83 -0.40 31.30
CA SER B 2822 -60.87 -0.88 32.68
C SER B 2822 -59.64 -1.73 32.99
N LYS B 2823 -59.16 -1.63 34.23
CA LYS B 2823 -57.98 -2.39 34.63
C LYS B 2823 -58.23 -3.89 34.57
N LEU B 2824 -59.16 -4.38 35.38
CA LEU B 2824 -59.48 -5.80 35.43
C LEU B 2824 -60.79 -5.96 36.19
N ASP B 2825 -61.25 -7.20 36.29
CA ASP B 2825 -62.47 -7.52 37.01
C ASP B 2825 -62.32 -8.90 37.62
N GLU B 2826 -63.30 -9.30 38.43
CA GLU B 2826 -63.27 -10.61 39.08
C GLU B 2826 -63.54 -11.71 38.06
N ASP B 2827 -64.72 -11.69 37.44
CA ASP B 2827 -65.12 -12.66 36.42
C ASP B 2827 -64.99 -14.09 36.94
N TYR B 2828 -65.82 -14.40 37.96
CA TYR B 2828 -65.81 -15.73 38.54
C TYR B 2828 -66.22 -16.81 37.53
N LEU B 2829 -67.00 -16.44 36.52
CA LEU B 2829 -67.36 -17.40 35.47
C LEU B 2829 -66.17 -17.74 34.57
N TYR B 2830 -65.18 -16.84 34.47
CA TYR B 2830 -64.01 -17.11 33.65
C TYR B 2830 -63.15 -18.20 34.29
N MET B 2831 -62.83 -18.05 35.57
CA MET B 2831 -62.02 -19.06 36.26
C MET B 2831 -62.74 -20.39 36.41
N ALA B 2832 -64.07 -20.39 36.32
CA ALA B 2832 -64.81 -21.65 36.42
C ALA B 2832 -64.56 -22.54 35.21
N TYR B 2833 -64.78 -22.00 34.01
CA TYR B 2833 -64.56 -22.77 32.79
C TYR B 2833 -63.08 -22.91 32.44
N ALA B 2834 -62.22 -22.08 33.03
CA ALA B 2834 -60.80 -22.17 32.73
C ALA B 2834 -60.20 -23.47 33.27
N ASP B 2835 -60.52 -23.83 34.51
CA ASP B 2835 -60.00 -25.06 35.08
C ASP B 2835 -60.64 -26.29 34.44
N ILE B 2836 -61.90 -26.18 34.00
CA ILE B 2836 -62.56 -27.31 33.37
C ILE B 2836 -62.01 -27.54 31.97
N MET B 2837 -61.77 -26.46 31.21
CA MET B 2837 -61.28 -26.62 29.86
C MET B 2837 -59.81 -27.03 29.82
N ALA B 2838 -59.02 -26.57 30.78
CA ALA B 2838 -57.60 -26.92 30.80
C ALA B 2838 -57.39 -28.35 31.25
N LYS B 2839 -58.19 -28.83 32.22
CA LYS B 2839 -58.04 -30.19 32.70
C LYS B 2839 -58.46 -31.21 31.65
N SER B 2840 -59.40 -30.84 30.77
CA SER B 2840 -59.84 -31.76 29.74
C SER B 2840 -58.80 -31.95 28.65
N CYS B 2841 -58.01 -30.90 28.37
CA CYS B 2841 -57.00 -31.00 27.31
C CYS B 2841 -55.80 -31.82 27.78
N HIS B 2842 -55.40 -31.67 29.03
CA HIS B 2842 -54.26 -32.42 29.55
C HIS B 2842 -54.65 -33.84 29.93
N LEU B 2843 -55.70 -33.98 30.73
CA LEU B 2843 -56.16 -35.30 31.15
C LEU B 2843 -57.31 -35.78 30.28
N SER B 2844 -44.34 -49.20 24.67
CA SER B 2844 -43.09 -48.99 23.95
C SER B 2844 -43.18 -47.76 23.05
N PHE B 2845 -42.59 -47.84 21.86
CA PHE B 2845 -42.62 -46.71 20.93
C PHE B 2845 -44.03 -46.51 20.37
N GLU B 2846 -44.76 -47.60 20.12
CA GLU B 2846 -46.11 -47.49 19.61
C GLU B 2846 -47.06 -46.90 20.65
N GLU B 2847 -46.86 -47.27 21.93
CA GLU B 2847 -47.69 -46.73 22.99
C GLU B 2847 -47.37 -45.25 23.25
N LYS B 2848 -46.10 -44.88 23.14
CA LYS B 2848 -45.72 -43.49 23.37
C LYS B 2848 -46.22 -42.60 22.24
N GLU B 2849 -46.11 -43.06 20.99
CA GLU B 2849 -46.59 -42.27 19.86
C GLU B 2849 -48.11 -42.18 19.84
N MET B 2850 -48.80 -43.20 20.37
CA MET B 2850 -50.26 -43.16 20.40
C MET B 2850 -50.76 -42.12 21.40
N GLU B 2851 -50.17 -42.08 22.59
CA GLU B 2851 -50.60 -41.11 23.60
C GLU B 2851 -50.20 -39.69 23.23
N LYS B 2852 -49.11 -39.53 22.47
CA LYS B 2852 -48.73 -38.20 22.01
C LYS B 2852 -49.73 -37.66 21.01
N GLN B 2853 -50.27 -38.52 20.15
CA GLN B 2853 -51.29 -38.06 19.20
C GLN B 2853 -52.60 -37.78 19.91
N ARG B 2854 -52.97 -38.61 20.89
CA ARG B 2854 -54.21 -38.37 21.64
C ARG B 2854 -54.16 -37.02 22.37
N LEU B 2855 -52.99 -36.63 22.86
CA LEU B 2855 -52.85 -35.32 23.47
C LEU B 2855 -53.01 -34.21 22.44
N LEU B 2856 -52.52 -34.42 21.22
CA LEU B 2856 -52.64 -33.41 20.17
C LEU B 2856 -54.09 -33.24 19.73
N TYR B 2857 -54.90 -34.31 19.82
CA TYR B 2857 -56.30 -34.20 19.45
C TYR B 2857 -57.06 -33.33 20.45
N GLN B 2858 -56.77 -33.48 21.74
CA GLN B 2858 -57.38 -32.61 22.74
C GLN B 2858 -56.93 -31.17 22.58
N GLN B 2859 -55.67 -30.96 22.15
CA GLN B 2859 -55.20 -29.61 21.89
C GLN B 2859 -55.81 -29.04 20.61
N ALA B 2860 -56.02 -29.90 19.60
CA ALA B 2860 -56.63 -29.44 18.36
C ALA B 2860 -58.11 -29.11 18.53
N ARG B 2861 -58.75 -29.63 19.57
CA ARG B 2861 -60.14 -29.29 19.82
C ARG B 2861 -60.31 -27.81 20.14
N LEU B 2862 -59.33 -27.22 20.81
CA LEU B 2862 -59.32 -25.78 21.08
C LEU B 2862 -58.49 -25.00 20.07
N HIS B 2863 -57.56 -25.65 19.39
CA HIS B 2863 -56.74 -24.96 18.39
C HIS B 2863 -57.57 -24.56 17.17
N ASN B 2864 -58.59 -25.35 16.84
CA ASN B 2864 -59.44 -25.01 15.69
C ASN B 2864 -60.24 -23.75 15.96
N ARG B 2865 -60.76 -23.60 17.17
CA ARG B 2865 -61.53 -22.42 17.55
C ARG B 2865 -60.58 -21.29 17.91
N GLY B 2866 -61.14 -20.17 18.38
CA GLY B 2866 -60.33 -19.02 18.75
C GLY B 2866 -59.89 -19.04 20.20
N ALA B 2867 -59.42 -20.20 20.67
CA ALA B 2867 -58.97 -20.30 22.06
C ALA B 2867 -57.56 -19.77 22.25
N ALA B 2868 -56.71 -19.91 21.23
CA ALA B 2868 -55.34 -19.41 21.35
C ALA B 2868 -55.29 -17.88 21.32
N GLU B 2869 -56.28 -17.24 20.69
CA GLU B 2869 -56.29 -15.78 20.64
C GLU B 2869 -56.80 -15.19 21.95
N MET B 2870 -57.62 -15.93 22.70
CA MET B 2870 -58.17 -15.41 23.95
C MET B 2870 -57.11 -15.35 25.05
N VAL B 2871 -56.16 -16.28 25.04
CA VAL B 2871 -55.14 -16.30 26.09
C VAL B 2871 -54.08 -15.22 25.88
N LEU B 2872 -53.96 -14.68 24.67
CA LEU B 2872 -53.00 -13.60 24.45
C LEU B 2872 -53.60 -12.24 24.75
N GLN B 2873 -54.89 -12.04 24.43
CA GLN B 2873 -55.53 -10.76 24.69
C GLN B 2873 -55.77 -10.53 26.17
N MET B 2874 -55.98 -11.61 26.94
CA MET B 2874 -56.23 -11.46 28.37
C MET B 2874 -54.98 -11.06 29.13
N ILE B 2875 -53.81 -11.54 28.69
CA ILE B 2875 -52.55 -11.17 29.34
C ILE B 2875 -52.30 -9.68 29.17
N SER B 2876 -52.56 -9.15 27.98
CA SER B 2876 -52.38 -7.72 27.74
C SER B 2876 -53.45 -6.88 28.43
N ALA B 2877 -54.59 -7.48 28.77
CA ALA B 2877 -55.66 -6.74 29.42
C ALA B 2877 -55.40 -6.50 30.91
N CYS B 2878 -54.50 -7.26 31.53
CA CYS B 2878 -54.22 -7.08 32.94
C CYS B 2878 -53.47 -5.77 33.22
N LYS B 2879 -52.75 -5.24 32.23
CA LYS B 2879 -52.02 -3.99 32.36
C LYS B 2879 -50.99 -4.05 33.49
N GLY B 2880 -50.45 -5.22 33.75
CA GLY B 2880 -49.45 -5.37 34.79
C GLY B 2880 -50.01 -5.51 36.19
N GLU B 2881 -51.07 -6.28 36.36
CA GLU B 2881 -51.70 -6.50 37.65
C GLU B 2881 -51.69 -7.99 37.98
N THR B 2882 -51.47 -8.30 39.25
CA THR B 2882 -51.44 -9.67 39.74
C THR B 2882 -52.78 -10.01 40.38
N GLY B 2883 -53.34 -11.15 39.99
CA GLY B 2883 -54.62 -11.58 40.54
C GLY B 2883 -54.83 -13.07 40.30
N ALA B 2884 -55.92 -13.58 40.88
CA ALA B 2884 -56.25 -14.98 40.72
C ALA B 2884 -56.63 -15.32 39.28
N MET B 2885 -57.21 -14.35 38.56
CA MET B 2885 -57.58 -14.58 37.17
C MET B 2885 -56.34 -14.68 36.28
N VAL B 2886 -55.26 -13.98 36.65
CA VAL B 2886 -54.04 -14.04 35.86
C VAL B 2886 -53.41 -15.43 35.94
N SER B 2887 -53.52 -16.07 37.10
CA SER B 2887 -52.97 -17.42 37.25
C SER B 2887 -53.81 -18.45 36.52
N SER B 2888 -55.12 -18.19 36.35
CA SER B 2888 -55.98 -19.14 35.68
C SER B 2888 -55.75 -19.16 34.17
N THR B 2889 -55.50 -17.99 33.57
CA THR B 2889 -55.27 -17.95 32.13
C THR B 2889 -53.93 -18.57 31.76
N LEU B 2890 -52.92 -18.40 32.62
CA LEU B 2890 -51.64 -19.06 32.38
C LEU B 2890 -51.71 -20.55 32.61
N LYS B 2891 -52.65 -21.03 33.43
CA LYS B 2891 -52.81 -22.47 33.62
C LYS B 2891 -53.36 -23.13 32.38
N LEU B 2892 -54.26 -22.44 31.65
CA LEU B 2892 -54.82 -22.99 30.43
C LEU B 2892 -53.86 -22.85 29.25
N GLY B 2893 -52.98 -21.84 29.29
CA GLY B 2893 -52.04 -21.65 28.19
C GLY B 2893 -51.00 -22.74 28.12
N ILE B 2894 -50.47 -23.16 29.27
CA ILE B 2894 -49.46 -24.22 29.29
C ILE B 2894 -50.06 -25.57 28.95
N SER B 2895 -51.38 -25.73 29.05
CA SER B 2895 -52.01 -27.01 28.74
C SER B 2895 -52.10 -27.26 27.24
N ILE B 2896 -52.04 -26.21 26.43
CA ILE B 2896 -52.15 -26.39 24.99
C ILE B 2896 -50.81 -26.79 24.38
N LEU B 2897 -49.72 -26.15 24.82
CA LEU B 2897 -48.38 -26.40 24.29
C LEU B 2897 -47.65 -27.49 25.07
N ASN B 2898 -48.35 -28.22 25.93
CA ASN B 2898 -47.68 -29.19 26.81
C ASN B 2898 -46.97 -30.28 26.01
N GLY B 2899 -47.58 -30.74 24.92
CA GLY B 2899 -46.94 -31.77 24.11
C GLY B 2899 -45.74 -31.27 23.34
N GLY B 2900 -45.70 -29.98 23.02
CA GLY B 2900 -44.61 -29.41 22.25
C GLY B 2900 -44.93 -29.15 20.80
N ASN B 2901 -46.19 -29.25 20.39
CA ASN B 2901 -46.56 -29.02 19.00
C ASN B 2901 -46.45 -27.54 18.63
N ALA B 2902 -46.13 -27.30 17.36
CA ALA B 2902 -45.94 -25.95 16.85
C ALA B 2902 -47.13 -25.44 16.05
N ASP B 2903 -48.23 -26.19 15.99
CA ASP B 2903 -49.39 -25.73 15.24
C ASP B 2903 -50.06 -24.54 15.93
N VAL B 2904 -50.03 -24.51 17.26
CA VAL B 2904 -50.62 -23.40 17.99
C VAL B 2904 -49.66 -22.22 18.04
N GLN B 2905 -48.35 -22.48 17.91
CA GLN B 2905 -47.36 -21.41 17.98
C GLN B 2905 -47.44 -20.49 16.76
N GLN B 2906 -47.79 -21.03 15.59
CA GLN B 2906 -47.87 -20.20 14.40
C GLN B 2906 -49.07 -19.26 14.44
N LYS B 2907 -50.11 -19.62 15.21
CA LYS B 2907 -51.26 -18.74 15.35
C LYS B 2907 -51.02 -17.58 16.31
N MET B 2908 -49.89 -17.59 17.02
CA MET B 2908 -49.54 -16.51 17.93
C MET B 2908 -48.56 -15.51 17.34
N LEU B 2909 -47.73 -15.92 16.38
CA LEU B 2909 -46.76 -15.02 15.78
C LEU B 2909 -47.40 -14.12 14.72
N ASP B 2910 -48.41 -14.62 14.01
CA ASP B 2910 -49.06 -13.80 12.98
C ASP B 2910 -49.97 -12.75 13.59
N TYR B 2911 -50.53 -13.02 14.78
CA TYR B 2911 -51.37 -12.04 15.43
C TYR B 2911 -50.57 -10.86 15.97
N LEU B 2912 -49.31 -11.11 16.37
CA LEU B 2912 -48.45 -10.03 16.84
C LEU B 2912 -47.82 -9.23 15.72
N LYS B 2913 -48.02 -9.63 14.46
CA LYS B 2913 -47.47 -8.90 13.32
C LYS B 2913 -48.48 -7.92 12.74
N ASP B 2914 -49.71 -8.39 12.50
CA ASP B 2914 -50.75 -7.52 11.94
C ASP B 2914 -51.20 -6.49 12.96
N LYS B 2915 -51.30 -6.88 14.23
CA LYS B 2915 -51.71 -5.95 15.28
C LYS B 2915 -50.58 -5.00 15.63
N LYS B 2916 -49.44 -5.55 16.07
CA LYS B 2916 -48.26 -4.77 16.46
C LYS B 2916 -48.60 -3.75 17.54
N GLU B 2917 -49.45 -4.14 18.47
CA GLU B 2917 -49.89 -3.29 19.56
C GLU B 2917 -49.15 -3.67 20.84
N VAL B 2918 -48.59 -2.68 21.53
CA VAL B 2918 -47.86 -2.92 22.77
C VAL B 2918 -48.86 -3.23 23.88
N GLY B 2919 -48.36 -3.76 24.99
CA GLY B 2919 -49.21 -4.12 26.11
C GLY B 2919 -49.07 -5.57 26.51
N PHE B 2920 -48.90 -6.46 25.52
CA PHE B 2920 -48.71 -7.88 25.82
C PHE B 2920 -47.36 -8.12 26.47
N PHE B 2921 -46.29 -7.61 25.86
CA PHE B 2921 -44.95 -7.76 26.44
C PHE B 2921 -44.73 -6.83 27.62
N GLN B 2922 -45.47 -5.72 27.68
CA GLN B 2922 -45.32 -4.79 28.80
C GLN B 2922 -45.83 -5.40 30.10
N SER B 2923 -46.90 -6.20 30.03
CA SER B 2923 -47.42 -6.86 31.21
C SER B 2923 -46.51 -7.97 31.70
N ILE B 2924 -45.67 -8.52 30.84
CA ILE B 2924 -44.75 -9.58 31.26
C ILE B 2924 -43.66 -9.02 32.15
N GLN B 2925 -43.18 -7.82 31.84
CA GLN B 2925 -42.13 -7.20 32.65
C GLN B 2925 -42.62 -6.91 34.07
N ALA B 2926 -43.91 -6.58 34.23
CA ALA B 2926 -44.46 -6.33 35.55
C ALA B 2926 -44.58 -7.63 36.34
N LEU B 2927 -44.93 -8.73 35.66
CA LEU B 2927 -45.04 -10.01 36.36
C LEU B 2927 -43.68 -10.57 36.75
N MET B 2928 -42.62 -10.17 36.03
CA MET B 2928 -41.29 -10.63 36.38
C MET B 2928 -40.78 -9.99 37.67
N GLN B 2929 -41.17 -8.74 37.94
CA GLN B 2929 -40.72 -8.06 39.14
C GLN B 2929 -41.54 -8.41 40.36
N THR B 2930 -42.76 -8.95 40.19
CA THR B 2930 -43.61 -9.30 41.32
C THR B 2930 -43.32 -10.69 41.87
N CYS B 2931 -42.31 -11.39 41.35
CA CYS B 2931 -41.98 -12.71 41.85
C CYS B 2931 -41.35 -12.60 43.23
N SER B 2932 -42.02 -13.19 44.22
CA SER B 2932 -41.56 -13.13 45.62
C SER B 2932 -40.35 -14.03 45.77
N VAL B 2933 -39.16 -13.43 45.78
CA VAL B 2933 -37.91 -14.17 45.96
C VAL B 2933 -37.73 -14.48 47.44
N LEU B 2934 -36.78 -15.36 47.74
CA LEU B 2934 -36.53 -15.73 49.13
C LEU B 2934 -35.96 -14.54 49.89
N ASP B 2935 -36.46 -14.33 51.11
CA ASP B 2935 -36.04 -13.23 51.96
C ASP B 2935 -35.66 -13.74 53.33
N LEU B 2936 -34.55 -13.26 53.87
CA LEU B 2936 -34.08 -13.71 55.18
C LEU B 2936 -34.83 -13.01 56.31
N ASN B 2937 -35.30 -11.78 56.09
CA ASN B 2937 -36.01 -11.07 57.14
C ASN B 2937 -37.39 -11.67 57.39
N ALA B 2938 -38.11 -12.02 56.31
CA ALA B 2938 -39.43 -12.61 56.46
C ALA B 2938 -39.34 -14.05 56.95
N PHE B 2939 -38.22 -14.74 56.66
CA PHE B 2939 -38.07 -16.11 57.11
C PHE B 2939 -37.91 -16.20 58.63
N GLU B 2940 -37.31 -15.19 59.24
CA GLU B 2940 -37.14 -15.20 60.69
C GLU B 2940 -38.47 -15.04 61.42
N ARG B 2941 -39.39 -14.26 60.86
CA ARG B 2941 -40.69 -14.07 61.49
C ARG B 2941 -41.56 -15.32 61.41
N GLN B 2942 -41.28 -16.22 60.47
CA GLN B 2942 -42.09 -17.43 60.34
C GLN B 2942 -41.78 -18.41 61.46
N ASN B 2943 -40.50 -18.68 61.71
CA ASN B 2943 -40.13 -19.62 62.77
C ASN B 2943 -40.37 -19.03 64.16
N LYS B 2944 -40.34 -17.70 64.29
CA LYS B 2944 -40.57 -17.08 65.58
C LYS B 2944 -42.04 -17.20 65.98
N ALA B 2945 -42.96 -17.02 65.03
CA ALA B 2945 -44.38 -17.13 65.32
C ALA B 2945 -44.83 -18.58 65.50
N GLU B 2946 -44.18 -19.51 64.81
CA GLU B 2946 -44.55 -20.93 64.92
C GLU B 2946 -44.06 -21.56 66.21
N GLY B 2947 -43.12 -20.92 66.91
CA GLY B 2947 -42.61 -21.47 68.15
C GLY B 2947 -43.61 -21.45 69.29
N LEU B 2948 -44.62 -20.60 69.22
CA LEU B 2948 -45.63 -20.51 70.27
C LEU B 2948 -46.79 -21.46 70.00
N GLY B 2949 -50.28 -19.64 58.10
CA GLY B 2949 -49.98 -20.11 56.77
C GLY B 2949 -48.55 -19.86 56.35
N GLU B 2950 -48.23 -20.21 55.10
CA GLU B 2950 -46.88 -20.01 54.58
C GLU B 2950 -46.71 -18.58 54.08
N LYS B 2951 -45.56 -17.99 54.40
CA LYS B 2951 -45.25 -16.63 54.00
C LYS B 2951 -43.85 -16.48 53.42
N VAL B 2952 -43.09 -17.56 53.30
CA VAL B 2952 -41.73 -17.47 52.77
C VAL B 2952 -41.76 -17.16 51.28
N MET B 2953 -42.38 -18.03 50.49
CA MET B 2953 -42.49 -17.84 49.05
C MET B 2953 -43.87 -17.29 48.65
N ALA B 2954 -44.94 -17.99 49.02
CA ALA B 2954 -46.31 -17.60 48.72
C ALA B 2954 -46.58 -17.44 47.23
N ASP B 2955 -45.69 -17.98 46.39
CA ASP B 2955 -45.86 -17.92 44.94
C ASP B 2955 -45.46 -19.24 44.28
N ASP B 2956 -45.65 -20.35 44.98
CA ASP B 2956 -45.27 -21.65 44.44
C ASP B 2956 -46.17 -22.08 43.28
N GLU B 2957 -47.37 -21.53 43.18
CA GLU B 2957 -48.30 -21.87 42.10
C GLU B 2957 -48.37 -20.81 41.02
N PHE B 2958 -47.57 -19.74 41.12
CA PHE B 2958 -47.56 -18.66 40.14
C PHE B 2958 -46.26 -18.58 39.37
N THR B 2959 -45.11 -18.69 40.04
CA THR B 2959 -43.84 -18.59 39.35
C THR B 2959 -43.51 -19.85 38.57
N GLN B 2960 -44.00 -21.01 39.03
CA GLN B 2960 -43.72 -22.26 38.33
C GLN B 2960 -44.35 -22.30 36.94
N ASP B 2961 -45.45 -21.58 36.74
CA ASP B 2961 -46.14 -21.57 35.46
C ASP B 2961 -45.77 -20.36 34.60
N LEU B 2962 -45.17 -19.33 35.19
CA LEU B 2962 -44.79 -18.15 34.41
C LEU B 2962 -43.64 -18.46 33.46
N PHE B 2963 -42.52 -18.95 34.00
CA PHE B 2963 -41.39 -19.33 33.15
C PHE B 2963 -41.67 -20.60 32.35
N ARG B 2964 -42.61 -21.42 32.81
CA ARG B 2964 -42.95 -22.63 32.06
C ARG B 2964 -43.67 -22.29 30.76
N PHE B 2965 -44.48 -21.24 30.77
CA PHE B 2965 -45.20 -20.85 29.56
C PHE B 2965 -44.25 -20.34 28.48
N LEU B 2966 -43.22 -19.57 28.88
CA LEU B 2966 -42.29 -19.03 27.91
C LEU B 2966 -41.31 -20.08 27.39
N GLN B 2967 -41.02 -21.10 28.18
CA GLN B 2967 -40.07 -22.12 27.74
C GLN B 2967 -40.68 -23.01 26.66
N LEU B 2968 -41.97 -23.30 26.77
CA LEU B 2968 -42.66 -24.16 25.81
C LEU B 2968 -43.07 -23.43 24.54
N LEU B 2969 -42.84 -22.12 24.45
CA LEU B 2969 -43.13 -21.40 23.22
C LEU B 2969 -42.16 -21.79 22.10
N CYS B 2970 -40.93 -22.15 22.46
CA CYS B 2970 -39.91 -22.57 21.50
C CYS B 2970 -39.47 -24.00 21.78
N GLU B 2971 -40.43 -24.87 22.10
CA GLU B 2971 -40.10 -26.26 22.40
C GLU B 2971 -39.72 -27.05 21.15
N GLY B 2972 -40.13 -26.58 19.97
CA GLY B 2972 -39.81 -27.24 18.72
C GLY B 2972 -38.55 -26.76 18.04
N HIS B 2973 -37.70 -26.00 18.74
CA HIS B 2973 -36.45 -25.49 18.19
C HIS B 2973 -36.69 -24.66 16.93
N ASN B 2974 -37.76 -23.87 16.93
CA ASN B 2974 -38.12 -23.03 15.80
C ASN B 2974 -37.44 -21.68 15.92
N ASN B 2975 -36.78 -21.25 14.85
CA ASN B 2975 -36.07 -19.98 14.84
C ASN B 2975 -36.95 -18.81 14.43
N ASP B 2976 -38.11 -19.07 13.82
CA ASP B 2976 -38.98 -17.98 13.40
C ASP B 2976 -39.60 -17.27 14.60
N PHE B 2977 -39.81 -17.98 15.70
CA PHE B 2977 -40.36 -17.38 16.90
C PHE B 2977 -39.29 -16.96 17.90
N GLN B 2978 -38.10 -17.57 17.83
CA GLN B 2978 -37.04 -17.22 18.76
C GLN B 2978 -36.47 -15.83 18.48
N ASN B 2979 -36.44 -15.42 17.20
CA ASN B 2979 -35.92 -14.10 16.86
C ASN B 2979 -36.89 -12.98 17.21
N TYR B 2980 -38.19 -13.28 17.31
CA TYR B 2980 -39.16 -12.25 17.67
C TYR B 2980 -39.01 -11.82 19.13
N LEU B 2981 -38.54 -12.71 20.00
CA LEU B 2981 -38.35 -12.36 21.40
C LEU B 2981 -37.12 -11.49 21.60
N ARG B 2982 -36.11 -11.62 20.72
CA ARG B 2982 -34.92 -10.80 20.86
C ARG B 2982 -35.17 -9.37 20.40
N THR B 2983 -35.85 -9.21 19.27
CA THR B 2983 -36.16 -7.88 18.75
C THR B 2983 -37.49 -7.93 18.01
N GLN B 2984 -38.19 -6.80 18.00
CA GLN B 2984 -39.50 -6.68 17.36
C GLN B 2984 -39.44 -5.51 16.39
N THR B 2985 -39.32 -5.82 15.10
CA THR B 2985 -39.24 -4.78 14.08
C THR B 2985 -40.58 -4.13 13.81
N GLY B 2986 -41.69 -4.75 14.22
CA GLY B 2986 -43.01 -4.19 14.00
C GLY B 2986 -43.43 -3.25 15.11
N ASN B 2987 -43.07 -3.58 16.34
CA ASN B 2987 -43.42 -2.74 17.48
C ASN B 2987 -42.53 -1.51 17.53
N THR B 2988 -43.11 -0.39 17.95
CA THR B 2988 -42.35 0.86 18.04
C THR B 2988 -41.41 0.88 19.23
N THR B 2989 -41.68 0.07 20.25
CA THR B 2989 -40.85 0.01 21.45
C THR B 2989 -40.16 -1.35 21.53
N THR B 2990 -38.86 -1.33 21.80
CA THR B 2990 -38.08 -2.56 21.93
C THR B 2990 -38.21 -3.08 23.35
N ILE B 2991 -38.74 -4.30 23.48
CA ILE B 2991 -38.93 -4.92 24.79
C ILE B 2991 -37.68 -5.72 25.16
N ASN B 2992 -37.31 -6.67 24.30
CA ASN B 2992 -36.14 -7.53 24.52
C ASN B 2992 -36.26 -8.27 25.85
N ILE B 2993 -37.26 -9.16 25.89
CA ILE B 2993 -37.62 -9.93 27.08
C ILE B 2993 -36.42 -10.70 27.61
N ILE B 2994 -35.42 -10.94 26.76
CA ILE B 2994 -34.24 -11.68 27.19
C ILE B 2994 -33.48 -10.90 28.26
N ILE B 2995 -33.46 -9.56 28.17
CA ILE B 2995 -32.74 -8.74 29.14
C ILE B 2995 -33.36 -8.88 30.52
N CYS B 2996 -34.68 -8.74 30.62
CA CYS B 2996 -35.34 -8.91 31.90
C CYS B 2996 -35.45 -10.37 32.31
N THR B 2997 -35.17 -11.31 31.40
CA THR B 2997 -35.17 -12.73 31.76
C THR B 2997 -33.93 -13.07 32.57
N VAL B 2998 -32.75 -12.65 32.11
CA VAL B 2998 -31.52 -12.90 32.86
C VAL B 2998 -31.44 -12.03 34.10
N ASP B 2999 -32.21 -10.94 34.15
CA ASP B 2999 -32.22 -10.09 35.33
C ASP B 2999 -32.89 -10.77 36.52
N TYR B 3000 -33.72 -11.79 36.27
CA TYR B 3000 -34.37 -12.50 37.38
C TYR B 3000 -33.35 -13.35 38.13
N LEU B 3001 -32.50 -14.09 37.42
CA LEU B 3001 -31.47 -14.89 38.07
C LEU B 3001 -30.44 -14.02 38.79
N LEU B 3002 -30.26 -12.77 38.37
CA LEU B 3002 -29.38 -11.87 39.10
C LEU B 3002 -29.94 -11.58 40.49
N ARG B 3003 -31.24 -11.38 40.60
CA ARG B 3003 -31.88 -11.20 41.90
C ARG B 3003 -32.14 -12.53 42.58
N LEU B 3004 -32.36 -13.60 41.80
CA LEU B 3004 -32.56 -14.92 42.40
C LEU B 3004 -31.27 -15.42 43.03
N GLN B 3005 -30.12 -15.12 42.43
CA GLN B 3005 -28.85 -15.49 43.05
C GLN B 3005 -28.64 -14.75 44.36
N GLU B 3006 -29.17 -13.54 44.49
CA GLU B 3006 -29.06 -12.80 45.74
C GLU B 3006 -30.01 -13.36 46.79
N SER B 3007 -31.11 -13.98 46.37
CA SER B 3007 -32.05 -14.56 47.33
C SER B 3007 -31.54 -15.87 47.91
N ILE B 3008 -30.89 -16.70 47.08
CA ILE B 3008 -30.38 -17.98 47.56
C ILE B 3008 -29.07 -17.79 48.33
N SER B 3009 -28.32 -16.73 48.01
CA SER B 3009 -27.04 -16.52 48.68
C SER B 3009 -27.23 -16.10 50.14
N ASP B 3010 -28.18 -15.19 50.39
CA ASP B 3010 -28.44 -14.77 51.77
C ASP B 3010 -28.89 -15.94 52.63
N PHE B 3011 -29.51 -16.95 52.03
CA PHE B 3011 -29.85 -18.17 52.75
C PHE B 3011 -28.61 -19.02 53.05
N TYR B 3012 -27.53 -18.81 52.30
CA TYR B 3012 -26.31 -19.62 52.49
C TYR B 3012 -25.51 -19.13 53.69
N TRP B 3013 -25.17 -17.84 53.72
CA TRP B 3013 -24.38 -17.31 54.83
C TRP B 3013 -25.16 -17.27 56.14
N TYR B 3014 -26.48 -17.44 56.10
CA TYR B 3014 -27.24 -17.50 57.34
C TYR B 3014 -27.05 -18.83 58.05
N TYR B 3015 -26.80 -19.90 57.29
CA TYR B 3015 -26.63 -21.23 57.85
C TYR B 3015 -25.21 -21.76 57.68
N SER B 3016 -24.27 -20.91 57.25
CA SER B 3016 -22.88 -21.36 57.13
C SER B 3016 -22.20 -21.48 58.49
N GLY B 3017 -22.55 -20.60 59.43
CA GLY B 3017 -21.98 -20.69 60.76
C GLY B 3017 -22.51 -21.88 61.54
N LYS B 3018 -23.81 -22.16 61.41
CA LYS B 3018 -24.41 -23.29 62.08
C LYS B 3018 -24.08 -24.58 61.34
N ASP B 3019 -23.67 -25.60 62.09
CA ASP B 3019 -23.32 -26.88 61.47
C ASP B 3019 -24.57 -27.62 60.99
N VAL B 3020 -25.61 -27.66 61.82
CA VAL B 3020 -26.84 -28.35 61.44
C VAL B 3020 -27.73 -27.43 60.62
N ILE B 3021 -28.65 -28.05 59.87
CA ILE B 3021 -29.59 -27.34 59.02
C ILE B 3021 -31.00 -27.59 59.55
N GLU B 3022 -31.77 -26.52 59.72
CA GLU B 3022 -33.12 -26.65 60.23
C GLU B 3022 -34.02 -27.37 59.22
N GLU B 3023 -34.99 -28.12 59.75
CA GLU B 3023 -35.91 -28.85 58.88
C GLU B 3023 -36.85 -27.92 58.12
N GLN B 3024 -37.25 -26.81 58.75
CA GLN B 3024 -38.14 -25.86 58.08
C GLN B 3024 -37.42 -25.15 56.94
N GLY B 3025 -36.12 -24.86 57.09
CA GLY B 3025 -35.37 -24.23 56.02
C GLY B 3025 -35.15 -25.13 54.84
N LYS B 3026 -35.12 -26.46 55.07
CA LYS B 3026 -34.95 -27.39 53.96
C LYS B 3026 -36.18 -27.45 53.07
N ARG B 3027 -37.37 -27.22 53.63
CA ARG B 3027 -38.59 -27.24 52.83
C ARG B 3027 -38.65 -26.01 51.93
N ASN B 3028 -38.32 -24.83 52.45
CA ASN B 3028 -38.37 -23.62 51.64
C ASN B 3028 -37.26 -23.61 50.59
N PHE B 3029 -36.13 -24.26 50.88
CA PHE B 3029 -35.06 -24.32 49.89
C PHE B 3029 -35.40 -25.29 48.76
N SER B 3030 -36.10 -26.38 49.07
CA SER B 3030 -36.52 -27.31 48.03
C SER B 3030 -37.53 -26.68 47.09
N LYS B 3031 -38.41 -25.81 47.62
CA LYS B 3031 -39.35 -25.10 46.76
C LYS B 3031 -38.63 -24.07 45.89
N ALA B 3032 -37.65 -23.37 46.46
CA ALA B 3032 -36.88 -22.41 45.67
C ALA B 3032 -35.98 -23.10 44.66
N MET B 3033 -35.58 -24.34 44.94
CA MET B 3033 -34.77 -25.09 43.99
C MET B 3033 -35.58 -25.46 42.76
N SER B 3034 -36.88 -25.73 42.93
CA SER B 3034 -37.73 -26.01 41.79
C SER B 3034 -37.92 -24.79 40.91
N VAL B 3035 -37.96 -23.60 41.51
CA VAL B 3035 -38.03 -22.37 40.72
C VAL B 3035 -36.70 -22.11 40.01
N ALA B 3036 -35.60 -22.39 40.69
CA ALA B 3036 -34.28 -22.22 40.07
C ALA B 3036 -33.99 -23.29 39.03
N LYS B 3037 -34.75 -24.40 39.04
CA LYS B 3037 -34.55 -25.44 38.04
C LYS B 3037 -35.25 -25.11 36.73
N GLN B 3038 -36.47 -24.57 36.82
CA GLN B 3038 -37.26 -24.31 35.61
C GLN B 3038 -36.78 -23.06 34.88
N VAL B 3039 -36.11 -22.14 35.56
CA VAL B 3039 -35.63 -20.94 34.90
C VAL B 3039 -34.45 -21.26 33.99
N PHE B 3040 -33.54 -22.12 34.45
CA PHE B 3040 -32.43 -22.55 33.60
C PHE B 3040 -32.93 -23.35 32.40
N ASN B 3041 -34.07 -24.01 32.52
CA ASN B 3041 -34.66 -24.70 31.39
C ASN B 3041 -35.22 -23.73 30.35
N SER B 3042 -35.35 -22.45 30.70
CA SER B 3042 -35.85 -21.45 29.77
C SER B 3042 -34.74 -20.81 28.94
N LEU B 3043 -33.57 -20.56 29.54
CA LEU B 3043 -32.47 -20.00 28.77
C LEU B 3043 -31.93 -20.98 27.74
N THR B 3044 -31.91 -22.28 28.07
CA THR B 3044 -31.40 -23.25 27.12
C THR B 3044 -32.32 -23.42 25.92
N GLU B 3045 -33.63 -23.33 26.14
CA GLU B 3045 -34.58 -23.44 25.04
C GLU B 3045 -34.46 -22.26 24.08
N TYR B 3046 -34.02 -21.10 24.57
CA TYR B 3046 -33.80 -19.96 23.70
C TYR B 3046 -32.56 -20.13 22.82
N ILE B 3047 -31.62 -20.98 23.23
CA ILE B 3047 -30.39 -21.19 22.49
C ILE B 3047 -30.20 -22.67 22.18
N GLN B 3048 -31.31 -23.40 22.04
CA GLN B 3048 -31.22 -24.82 21.72
C GLN B 3048 -30.63 -25.04 20.33
N GLY B 3049 -31.31 -24.54 19.31
CA GLY B 3049 -30.84 -24.69 17.95
C GLY B 3049 -29.94 -23.55 17.52
N PRO B 3050 -29.54 -23.55 16.25
CA PRO B 3050 -28.70 -22.46 15.74
C PRO B 3050 -29.42 -21.12 15.75
N CYS B 3051 -28.94 -20.19 16.58
CA CYS B 3051 -29.56 -18.88 16.72
C CYS B 3051 -28.48 -17.80 16.70
N THR B 3052 -28.90 -16.58 16.39
CA THR B 3052 -28.01 -15.43 16.33
C THR B 3052 -28.30 -14.39 17.40
N GLY B 3053 -29.56 -13.98 17.54
CA GLY B 3053 -29.88 -12.96 18.53
C GLY B 3053 -29.78 -13.42 19.96
N ASN B 3054 -29.89 -14.74 20.18
CA ASN B 3054 -29.87 -15.25 21.55
C ASN B 3054 -28.45 -15.41 22.08
N GLN B 3055 -27.48 -15.67 21.20
CA GLN B 3055 -26.11 -15.90 21.66
C GLN B 3055 -25.40 -14.60 22.04
N GLN B 3056 -25.57 -13.55 21.22
CA GLN B 3056 -24.94 -12.28 21.53
C GLN B 3056 -25.60 -11.58 22.71
N SER B 3057 -26.90 -11.77 22.90
CA SER B 3057 -27.58 -11.16 24.04
C SER B 3057 -27.21 -11.84 25.35
N LEU B 3058 -27.08 -13.17 25.33
CA LEU B 3058 -26.72 -13.89 26.54
C LEU B 3058 -25.26 -13.65 26.93
N ALA B 3059 -24.38 -13.46 25.95
CA ALA B 3059 -22.98 -13.21 26.26
C ALA B 3059 -22.77 -11.82 26.84
N HIS B 3060 -23.50 -10.83 26.32
CA HIS B 3060 -23.37 -9.47 26.81
C HIS B 3060 -24.09 -9.25 28.14
N SER B 3061 -24.99 -10.14 28.53
CA SER B 3061 -25.72 -10.01 29.77
C SER B 3061 -24.89 -10.57 30.93
N ARG B 3062 -25.51 -10.71 32.09
CA ARG B 3062 -24.84 -11.22 33.29
C ARG B 3062 -25.09 -12.71 33.50
N LEU B 3063 -25.27 -13.47 32.42
CA LEU B 3063 -25.48 -14.91 32.55
C LEU B 3063 -24.22 -15.59 33.05
N TRP B 3064 -23.06 -15.21 32.54
CA TRP B 3064 -21.81 -15.77 33.03
C TRP B 3064 -21.50 -15.29 34.44
N ASP B 3065 -22.04 -14.13 34.83
CA ASP B 3065 -21.83 -13.64 36.18
C ASP B 3065 -22.75 -14.31 37.19
N ALA B 3066 -23.74 -15.07 36.73
CA ALA B 3066 -24.65 -15.76 37.64
C ALA B 3066 -24.12 -17.14 38.02
N VAL B 3067 -23.44 -17.82 37.11
CA VAL B 3067 -22.94 -19.16 37.40
C VAL B 3067 -21.73 -19.10 38.32
N VAL B 3068 -20.90 -18.05 38.19
CA VAL B 3068 -19.76 -17.91 39.08
C VAL B 3068 -20.22 -17.63 40.51
N GLY B 3069 -21.31 -16.88 40.66
CA GLY B 3069 -21.88 -16.70 41.98
C GLY B 3069 -22.61 -17.93 42.47
N PHE B 3070 -23.15 -18.73 41.56
CA PHE B 3070 -23.81 -19.97 41.95
C PHE B 3070 -22.79 -21.02 42.37
N LEU B 3071 -21.74 -21.20 41.56
CA LEU B 3071 -20.72 -22.19 41.87
C LEU B 3071 -19.98 -21.86 43.16
N HIS B 3072 -19.98 -20.59 43.59
CA HIS B 3072 -19.32 -20.24 44.84
C HIS B 3072 -20.11 -20.74 46.05
N VAL B 3073 -21.44 -20.61 46.00
CA VAL B 3073 -22.25 -21.08 47.12
C VAL B 3073 -22.47 -22.59 47.04
N PHE B 3074 -22.42 -23.17 45.84
CA PHE B 3074 -22.61 -24.61 45.71
C PHE B 3074 -21.39 -25.38 46.18
N ALA B 3075 -20.21 -24.75 46.14
CA ALA B 3075 -19.00 -25.42 46.63
C ALA B 3075 -18.93 -25.48 48.14
N HIS B 3076 -19.78 -24.72 48.84
CA HIS B 3076 -19.80 -24.70 50.29
C HIS B 3076 -20.92 -25.55 50.89
N MET B 3077 -22.12 -25.49 50.31
CA MET B 3077 -23.24 -26.24 50.88
C MET B 3077 -23.19 -27.71 50.50
N MET B 3078 -22.52 -28.05 49.39
CA MET B 3078 -22.37 -29.45 49.02
C MET B 3078 -21.54 -30.21 50.03
N MET B 3079 -20.57 -29.54 50.66
CA MET B 3079 -19.78 -30.19 51.70
C MET B 3079 -20.55 -30.28 53.01
N LYS B 3080 -21.44 -29.32 53.29
CA LYS B 3080 -22.21 -29.34 54.52
C LYS B 3080 -23.34 -30.36 54.45
N LEU B 3081 -24.03 -30.45 53.31
CA LEU B 3081 -25.13 -31.39 53.17
C LEU B 3081 -24.65 -32.83 53.04
N ALA B 3082 -23.39 -33.05 52.69
CA ALA B 3082 -22.87 -34.41 52.56
C ALA B 3082 -22.44 -35.00 53.90
N GLN B 3083 -22.16 -34.15 54.89
CA GLN B 3083 -21.72 -34.64 56.19
C GLN B 3083 -22.85 -35.31 56.95
N ASP B 3084 -24.08 -34.83 56.80
CA ASP B 3084 -25.23 -35.39 57.50
C ASP B 3084 -25.95 -36.34 56.56
N SER B 3085 -26.04 -37.61 56.96
CA SER B 3085 -26.71 -38.61 56.14
C SER B 3085 -28.23 -38.47 56.16
N SER B 3086 -28.77 -37.69 57.09
CA SER B 3086 -30.23 -37.54 57.18
C SER B 3086 -30.77 -36.62 56.12
N GLN B 3087 -29.93 -35.75 55.54
CA GLN B 3087 -30.37 -34.76 54.57
C GLN B 3087 -29.74 -34.98 53.20
N ILE B 3088 -29.57 -36.25 52.79
CA ILE B 3088 -29.07 -36.54 51.46
C ILE B 3088 -30.13 -36.23 50.41
N GLU B 3089 -31.41 -36.23 50.78
CA GLU B 3089 -32.47 -35.91 49.83
C GLU B 3089 -32.35 -34.49 49.31
N LEU B 3090 -31.82 -33.57 50.13
CA LEU B 3090 -31.63 -32.20 49.67
C LEU B 3090 -30.44 -32.11 48.71
N LEU B 3091 -29.34 -32.80 49.04
CA LEU B 3091 -28.17 -32.78 48.16
C LEU B 3091 -28.45 -33.47 46.84
N LYS B 3092 -29.38 -34.45 46.82
CA LYS B 3092 -29.72 -35.11 45.58
C LYS B 3092 -30.45 -34.17 44.63
N GLU B 3093 -31.43 -33.42 45.16
CA GLU B 3093 -32.11 -32.42 44.34
C GLU B 3093 -31.23 -31.20 44.07
N LEU B 3094 -30.26 -30.91 44.94
CA LEU B 3094 -29.40 -29.77 44.67
C LEU B 3094 -28.52 -30.04 43.45
N LEU B 3095 -27.92 -31.25 43.38
CA LEU B 3095 -27.06 -31.60 42.27
C LEU B 3095 -27.81 -31.65 40.95
N ASP B 3096 -29.12 -31.90 40.99
CA ASP B 3096 -29.92 -31.86 39.78
C ASP B 3096 -30.02 -30.46 39.19
N LEU B 3097 -29.74 -29.43 40.00
CA LEU B 3097 -29.79 -28.06 39.49
C LEU B 3097 -28.54 -27.72 38.68
N GLN B 3098 -27.37 -28.17 39.15
CA GLN B 3098 -26.14 -27.85 38.44
C GLN B 3098 -26.03 -28.60 37.11
N LYS B 3099 -26.62 -29.80 37.02
CA LYS B 3099 -26.56 -30.55 35.78
C LYS B 3099 -27.44 -29.93 34.69
N ASP B 3100 -28.46 -29.16 35.07
CA ASP B 3100 -29.27 -28.45 34.08
C ASP B 3100 -28.65 -27.10 33.71
N MET B 3101 -27.68 -26.62 34.49
CA MET B 3101 -26.98 -25.38 34.17
C MET B 3101 -25.69 -25.61 33.40
N VAL B 3102 -25.04 -26.75 33.59
CA VAL B 3102 -23.83 -27.06 32.83
C VAL B 3102 -24.17 -27.38 31.38
N VAL B 3103 -25.37 -27.91 31.12
CA VAL B 3103 -25.77 -28.21 29.76
C VAL B 3103 -26.09 -26.95 28.98
N MET B 3104 -26.29 -25.83 29.66
CA MET B 3104 -26.59 -24.58 28.95
C MET B 3104 -25.39 -24.10 28.16
N LEU B 3105 -24.17 -24.31 28.68
CA LEU B 3105 -22.98 -23.92 27.95
C LEU B 3105 -22.71 -24.86 26.78
N LEU B 3106 -23.18 -26.11 26.87
CA LEU B 3106 -23.01 -27.04 25.76
C LEU B 3106 -23.82 -26.60 24.55
N SER B 3107 -25.10 -26.27 24.76
CA SER B 3107 -25.93 -25.78 23.66
C SER B 3107 -25.54 -24.37 23.23
N LEU B 3108 -24.78 -23.65 24.05
CA LEU B 3108 -24.34 -22.32 23.66
C LEU B 3108 -23.25 -22.37 22.59
N LEU B 3109 -22.40 -23.39 22.62
CA LEU B 3109 -21.31 -23.54 21.67
C LEU B 3109 -21.49 -24.80 20.83
N GLU B 3110 -22.72 -25.05 20.38
CA GLU B 3110 -23.01 -26.19 19.53
C GLU B 3110 -22.28 -26.08 18.20
N GLY B 3111 -22.61 -25.05 17.42
CA GLY B 3111 -21.92 -24.78 16.18
C GLY B 3111 -21.43 -23.36 16.07
N ASN B 3112 -20.12 -23.16 16.05
CA ASN B 3112 -19.53 -21.83 15.96
C ASN B 3112 -18.06 -21.96 15.59
N VAL B 3113 -17.44 -20.81 15.33
CA VAL B 3113 -16.02 -20.78 14.99
C VAL B 3113 -15.19 -21.03 16.25
N VAL B 3114 -14.07 -21.75 16.07
CA VAL B 3114 -13.28 -22.17 17.21
C VAL B 3114 -12.48 -21.04 17.83
N ASN B 3115 -12.27 -19.93 17.12
CA ASN B 3115 -11.49 -18.80 17.62
C ASN B 3115 -12.29 -17.51 17.46
N GLY B 3116 -13.55 -17.53 17.88
CA GLY B 3116 -14.40 -16.36 17.83
C GLY B 3116 -14.49 -15.67 19.19
N MET B 3117 -15.23 -14.55 19.19
CA MET B 3117 -15.40 -13.79 20.42
C MET B 3117 -16.37 -14.45 21.39
N ILE B 3118 -17.25 -15.33 20.89
CA ILE B 3118 -18.17 -16.03 21.77
C ILE B 3118 -17.48 -17.21 22.45
N ALA B 3119 -16.64 -17.93 21.71
CA ALA B 3119 -15.95 -19.09 22.28
C ALA B 3119 -14.95 -18.66 23.36
N ARG B 3120 -14.42 -17.44 23.28
CA ARG B 3120 -13.47 -16.95 24.27
C ARG B 3120 -14.13 -16.42 25.53
N GLN B 3121 -15.43 -16.65 25.71
CA GLN B 3121 -16.13 -16.20 26.91
C GLN B 3121 -16.13 -17.25 28.01
N MET B 3122 -16.18 -18.53 27.64
CA MET B 3122 -16.11 -19.59 28.64
C MET B 3122 -14.72 -19.67 29.27
N VAL B 3123 -13.67 -19.42 28.48
CA VAL B 3123 -12.32 -19.40 29.03
C VAL B 3123 -12.11 -18.17 29.91
N ASP B 3124 -12.91 -17.13 29.75
CA ASP B 3124 -12.82 -15.96 30.61
C ASP B 3124 -13.54 -16.15 31.93
N MET B 3125 -14.46 -17.12 32.01
CA MET B 3125 -15.15 -17.40 33.26
C MET B 3125 -14.36 -18.33 34.16
N LEU B 3126 -13.37 -19.05 33.62
CA LEU B 3126 -12.56 -19.95 34.43
C LEU B 3126 -11.42 -19.24 35.15
N VAL B 3127 -11.09 -18.00 34.77
CA VAL B 3127 -10.05 -17.27 35.45
C VAL B 3127 -10.53 -16.74 36.79
N GLU B 3128 -11.75 -16.17 36.82
CA GLU B 3128 -12.30 -15.69 38.08
C GLU B 3128 -12.81 -16.82 38.95
N SER B 3129 -13.20 -17.94 38.36
CA SER B 3129 -13.68 -19.10 39.10
C SER B 3129 -12.59 -20.13 39.36
N SER B 3130 -11.32 -19.76 39.18
CA SER B 3130 -10.23 -20.71 39.39
C SER B 3130 -10.21 -21.20 40.84
N SER B 3131 -10.45 -20.31 41.80
CA SER B 3131 -10.50 -20.73 43.20
C SER B 3131 -11.78 -21.49 43.51
N ASN B 3132 -12.82 -21.32 42.70
CA ASN B 3132 -14.09 -21.99 42.93
C ASN B 3132 -14.17 -23.35 42.22
N VAL B 3133 -13.57 -23.49 41.04
CA VAL B 3133 -13.56 -24.78 40.36
C VAL B 3133 -12.67 -25.78 41.07
N GLU B 3134 -11.68 -25.31 41.83
CA GLU B 3134 -10.81 -26.22 42.55
C GLU B 3134 -11.52 -26.85 43.75
N MET B 3135 -12.60 -26.24 44.22
CA MET B 3135 -13.35 -26.77 45.35
C MET B 3135 -14.34 -27.85 44.94
N ILE B 3136 -14.76 -27.88 43.67
CA ILE B 3136 -15.73 -28.85 43.20
C ILE B 3136 -15.01 -29.96 42.45
N LEU B 3137 -13.88 -29.62 41.82
CA LEU B 3137 -13.09 -30.64 41.13
C LEU B 3137 -12.50 -31.64 42.11
N LYS B 3138 -11.90 -31.14 43.20
CA LYS B 3138 -11.44 -32.04 44.25
C LYS B 3138 -12.59 -32.66 45.02
N PHE B 3139 -13.77 -32.04 44.99
CA PHE B 3139 -14.94 -32.64 45.63
C PHE B 3139 -15.38 -33.90 44.91
N PHE B 3140 -15.20 -33.95 43.59
CA PHE B 3140 -15.58 -35.12 42.80
C PHE B 3140 -14.42 -36.09 42.62
N ASP B 3141 -13.19 -35.58 42.46
CA ASP B 3141 -12.03 -36.45 42.31
C ASP B 3141 -11.78 -37.27 43.56
N MET B 3142 -12.11 -36.73 44.74
CA MET B 3142 -11.95 -37.50 45.97
C MET B 3142 -12.99 -38.61 46.07
N PHE B 3143 -14.24 -38.32 45.71
CA PHE B 3143 -15.29 -39.34 45.75
C PHE B 3143 -15.13 -40.34 44.62
N LEU B 3144 -14.61 -39.90 43.46
CA LEU B 3144 -14.39 -40.83 42.36
C LEU B 3144 -13.30 -41.83 42.69
N LYS B 3145 -12.29 -41.42 43.47
CA LYS B 3145 -11.23 -42.34 43.85
C LYS B 3145 -11.72 -43.36 44.88
N LEU B 3146 -12.70 -42.99 45.71
CA LEU B 3146 -13.20 -43.90 46.74
C LEU B 3146 -13.79 -45.17 46.14
N LYS B 3147 -14.21 -45.15 44.88
CA LYS B 3147 -14.68 -46.37 44.22
C LYS B 3147 -13.57 -47.39 44.06
N ASP B 3148 -12.31 -46.93 43.97
CA ASP B 3148 -11.17 -47.81 43.80
C ASP B 3148 -10.44 -48.13 45.10
N ILE B 3149 -10.51 -47.23 46.09
CA ILE B 3149 -9.83 -47.50 47.37
C ILE B 3149 -10.51 -48.66 48.10
N VAL B 3150 -11.84 -48.75 47.99
CA VAL B 3150 -12.55 -49.83 48.68
C VAL B 3150 -12.28 -51.18 48.04
N GLY B 3151 -11.90 -51.20 46.76
CA GLY B 3151 -11.64 -52.46 46.08
C GLY B 3151 -10.18 -52.81 45.95
N SER B 3152 -9.30 -51.88 46.36
CA SER B 3152 -7.87 -52.10 46.27
C SER B 3152 -7.38 -52.90 47.48
N GLU B 3153 -6.10 -53.28 47.43
CA GLU B 3153 -5.49 -54.02 48.52
C GLU B 3153 -5.08 -53.14 49.70
N ALA B 3154 -5.13 -51.82 49.54
CA ALA B 3154 -4.75 -50.93 50.64
C ALA B 3154 -5.79 -50.99 51.77
N PHE B 3155 -7.06 -50.80 51.43
CA PHE B 3155 -8.10 -50.85 52.46
C PHE B 3155 -8.37 -52.27 52.93
N GLN B 3156 -8.13 -53.27 52.06
CA GLN B 3156 -8.36 -54.65 52.46
C GLN B 3156 -7.33 -55.10 53.48
N ASP B 3157 -6.06 -54.72 53.29
CA ASP B 3157 -5.03 -55.10 54.25
C ASP B 3157 -5.13 -54.32 55.55
N TYR B 3158 -5.62 -53.08 55.48
CA TYR B 3158 -5.75 -52.28 56.69
C TYR B 3158 -6.87 -52.78 57.58
N VAL B 3159 -8.05 -53.04 56.99
CA VAL B 3159 -9.21 -53.53 57.72
C VAL B 3159 -9.65 -54.83 57.06
N THR B 3160 -9.62 -55.92 57.83
CA THR B 3160 -10.03 -57.22 57.31
C THR B 3160 -11.54 -57.39 57.33
N ASP B 3161 -12.21 -56.84 58.35
CA ASP B 3161 -13.66 -56.93 58.51
C ASP B 3161 -14.11 -58.39 58.55
N PRO B 3162 -13.78 -59.14 59.61
CA PRO B 3162 -14.20 -60.55 59.64
C PRO B 3162 -15.69 -60.73 59.85
N ARG B 3163 -16.32 -59.88 60.65
CA ARG B 3163 -17.75 -60.01 60.91
C ARG B 3163 -18.60 -59.55 59.73
N GLY B 3164 -18.05 -58.70 58.85
CA GLY B 3164 -18.76 -58.20 57.69
C GLY B 3164 -18.97 -56.70 57.68
N LEU B 3165 -18.84 -56.04 58.82
CA LEU B 3165 -19.01 -54.60 58.92
C LEU B 3165 -17.68 -53.92 59.20
N ILE B 3166 -17.54 -52.69 58.72
CA ILE B 3166 -16.30 -51.94 58.89
C ILE B 3166 -16.28 -51.34 60.28
N SER B 3167 -15.07 -51.23 60.85
CA SER B 3167 -14.89 -50.65 62.18
C SER B 3167 -13.48 -50.08 62.26
N LYS B 3168 -13.38 -48.78 62.53
CA LYS B 3168 -12.10 -48.08 62.63
C LYS B 3168 -11.26 -48.25 61.37
N LYS B 3169 -11.93 -48.19 60.22
CA LYS B 3169 -11.27 -48.34 58.93
C LYS B 3169 -11.02 -46.97 58.30
N ASP B 3170 -10.34 -46.97 57.16
CA ASP B 3170 -10.03 -45.77 56.39
C ASP B 3170 -9.18 -44.77 57.18
N PHE B 3171 -8.42 -45.25 58.16
CA PHE B 3171 -7.55 -44.37 58.95
C PHE B 3171 -6.14 -44.33 58.38
N GLN B 3172 -5.60 -45.46 57.96
CA GLN B 3172 -4.25 -45.52 57.40
C GLN B 3172 -4.16 -46.71 56.46
N LYS B 3173 -3.65 -46.47 55.25
CA LYS B 3173 -3.52 -47.52 54.26
C LYS B 3173 -2.38 -47.21 53.28
N UNK B 3174 -12.49 -36.56 56.41
CA UNK B 3174 -12.78 -37.84 57.04
C UNK B 3174 -14.11 -37.77 57.80
N UNK B 3175 -14.62 -36.56 57.99
CA UNK B 3175 -15.87 -36.36 58.70
C UNK B 3175 -17.05 -36.79 57.83
N UNK B 3176 -16.90 -36.68 56.53
CA UNK B 3176 -17.94 -37.07 55.59
C UNK B 3176 -18.00 -38.58 55.45
N UNK B 3177 -16.87 -39.23 55.70
CA UNK B 3177 -16.79 -40.69 55.60
C UNK B 3177 -17.32 -41.35 56.88
N UNK B 3178 -17.37 -40.57 57.96
CA UNK B 3178 -17.87 -41.06 59.23
C UNK B 3178 -19.39 -41.00 59.29
N UNK B 3179 -19.99 -40.45 58.23
CA UNK B 3179 -21.43 -40.32 58.13
C UNK B 3179 -22.08 -41.68 57.91
N GLU B 3180 -22.22 -49.73 52.67
CA GLU B 3180 -23.10 -48.76 52.00
C GLU B 3180 -22.55 -47.35 52.12
N PHE B 3181 -21.71 -47.13 53.14
CA PHE B 3181 -21.13 -45.80 53.32
C PHE B 3181 -20.11 -45.47 52.24
N ALA B 3182 -19.47 -46.48 51.65
CA ALA B 3182 -18.49 -46.23 50.61
C ALA B 3182 -19.16 -45.76 49.32
N ASN B 3183 -20.24 -46.43 48.93
CA ASN B 3183 -20.98 -46.09 47.70
C ASN B 3183 -22.42 -45.79 48.09
N ARG B 3184 -22.75 -44.51 48.24
CA ARG B 3184 -24.09 -44.08 48.60
C ARG B 3184 -24.63 -42.93 47.75
N PHE B 3185 -23.78 -42.25 46.97
CA PHE B 3185 -24.22 -41.15 46.14
C PHE B 3185 -23.60 -41.25 44.75
N GLN B 3186 -23.46 -42.49 44.25
CA GLN B 3186 -22.89 -42.70 42.93
C GLN B 3186 -23.86 -42.40 41.80
N GLU B 3187 -25.17 -42.40 42.08
CA GLU B 3187 -26.15 -42.12 41.03
C GLU B 3187 -26.16 -40.64 40.62
N PRO B 3188 -26.26 -39.68 41.53
CA PRO B 3188 -26.25 -38.27 41.09
C PRO B 3188 -24.91 -37.84 40.52
N ALA B 3189 -23.80 -38.39 41.01
CA ALA B 3189 -22.49 -38.01 40.50
C ALA B 3189 -22.21 -38.58 39.12
N ARG B 3190 -23.00 -39.56 38.66
CA ARG B 3190 -22.76 -40.15 37.36
C ARG B 3190 -23.18 -39.20 36.23
N ASP B 3191 -24.29 -38.48 36.42
CA ASP B 3191 -24.75 -37.56 35.39
C ASP B 3191 -23.83 -36.34 35.29
N ILE B 3192 -23.57 -35.70 36.43
CA ILE B 3192 -22.72 -34.51 36.41
C ILE B 3192 -21.27 -34.89 36.12
N GLY B 3193 -20.84 -36.08 36.54
CA GLY B 3193 -19.48 -36.51 36.27
C GLY B 3193 -19.17 -36.60 34.78
N PHE B 3194 -20.14 -37.03 33.98
CA PHE B 3194 -19.98 -37.04 32.54
C PHE B 3194 -20.22 -35.66 31.91
N ASN B 3195 -20.94 -34.78 32.60
CA ASN B 3195 -21.19 -33.45 32.07
C ASN B 3195 -19.94 -32.59 32.10
N VAL B 3196 -19.17 -32.65 33.20
CA VAL B 3196 -17.93 -31.88 33.28
C VAL B 3196 -16.90 -32.45 32.32
N ALA B 3197 -16.99 -33.74 31.99
CA ALA B 3197 -16.01 -34.35 31.11
C ALA B 3197 -16.19 -33.90 29.67
N VAL B 3198 -17.43 -33.79 29.21
CA VAL B 3198 -17.67 -33.43 27.81
C VAL B 3198 -17.42 -31.94 27.58
N LEU B 3199 -17.61 -31.11 28.61
CA LEU B 3199 -17.36 -29.68 28.42
C LEU B 3199 -15.88 -29.35 28.53
N LEU B 3200 -15.13 -30.12 29.32
CA LEU B 3200 -13.71 -29.85 29.50
C LEU B 3200 -12.94 -30.10 28.21
N THR B 3201 -13.31 -31.13 27.46
CA THR B 3201 -12.66 -31.41 26.18
C THR B 3201 -13.20 -30.55 25.05
N ASN B 3202 -14.30 -29.81 25.29
CA ASN B 3202 -14.89 -29.03 24.21
C ASN B 3202 -14.28 -27.63 24.12
N LEU B 3203 -14.09 -26.96 25.25
CA LEU B 3203 -13.54 -25.60 25.20
C LEU B 3203 -12.02 -25.62 25.06
N SER B 3204 -11.36 -26.69 25.50
CA SER B 3204 -9.90 -26.76 25.38
C SER B 3204 -9.48 -27.07 23.94
N GLU B 3205 -10.29 -27.86 23.23
CA GLU B 3205 -9.96 -28.20 21.85
C GLU B 3205 -10.24 -27.03 20.90
N HIS B 3206 -11.22 -26.19 21.22
CA HIS B 3206 -11.56 -25.07 20.34
C HIS B 3206 -10.49 -23.99 20.39
N VAL B 3207 -10.00 -23.67 21.57
CA VAL B 3207 -8.97 -22.61 21.69
C VAL B 3207 -7.64 -23.15 21.17
N PRO B 3208 -6.84 -22.32 20.49
CA PRO B 3208 -5.53 -22.80 20.01
C PRO B 3208 -4.56 -23.09 21.14
N HIS B 3209 -4.41 -22.14 22.07
CA HIS B 3209 -3.50 -22.29 23.20
C HIS B 3209 -3.99 -21.42 24.34
N ASP B 3210 -4.22 -22.05 25.50
CA ASP B 3210 -4.69 -21.33 26.68
C ASP B 3210 -4.07 -21.93 27.94
N PRO B 3211 -3.26 -21.17 28.66
CA PRO B 3211 -2.67 -21.72 29.90
C PRO B 3211 -3.70 -22.05 30.97
N ARG B 3212 -4.79 -21.30 31.04
CA ARG B 3212 -5.82 -21.59 32.03
C ARG B 3212 -6.60 -22.86 31.67
N LEU B 3213 -6.74 -23.16 30.37
CA LEU B 3213 -7.44 -24.37 29.97
C LEU B 3213 -6.64 -25.62 30.33
N ARG B 3214 -5.32 -25.58 30.15
CA ARG B 3214 -4.50 -26.73 30.51
C ARG B 3214 -4.43 -26.91 32.02
N ASN B 3215 -4.58 -25.83 32.79
CA ASN B 3215 -4.56 -25.93 34.24
C ASN B 3215 -5.83 -26.60 34.76
N PHE B 3216 -6.99 -26.18 34.25
CA PHE B 3216 -8.25 -26.79 34.67
C PHE B 3216 -8.36 -28.23 34.21
N LEU B 3217 -7.82 -28.54 33.02
CA LEU B 3217 -7.86 -29.93 32.54
C LEU B 3217 -6.91 -30.82 33.33
N GLU B 3218 -5.79 -30.28 33.81
CA GLU B 3218 -4.86 -31.08 34.60
C GLU B 3218 -5.45 -31.41 35.97
N LEU B 3219 -6.11 -30.45 36.60
CA LEU B 3219 -6.74 -30.70 37.90
C LEU B 3219 -7.92 -31.64 37.80
N ALA B 3220 -8.56 -31.74 36.62
CA ALA B 3220 -9.68 -32.63 36.39
C ALA B 3220 -9.27 -33.86 35.57
N GLU B 3221 -8.00 -34.28 35.70
CA GLU B 3221 -7.52 -35.41 34.92
C GLU B 3221 -8.15 -36.72 35.40
N SER B 3222 -8.58 -36.78 36.67
CA SER B 3222 -9.19 -38.01 37.18
C SER B 3222 -10.61 -38.17 36.66
N ILE B 3223 -11.31 -37.05 36.41
CA ILE B 3223 -12.69 -37.14 35.95
C ILE B 3223 -12.77 -37.58 34.50
N LEU B 3224 -11.85 -37.11 33.66
CA LEU B 3224 -11.89 -37.48 32.25
C LEU B 3224 -11.44 -38.92 32.04
N GLU B 3225 -10.59 -39.45 32.92
CA GLU B 3225 -10.14 -40.83 32.78
C GLU B 3225 -11.27 -41.82 33.06
N TYR B 3226 -12.20 -41.46 33.95
CA TYR B 3226 -13.32 -42.34 34.26
C TYR B 3226 -14.38 -42.31 33.16
N PHE B 3227 -14.66 -41.12 32.61
CA PHE B 3227 -15.64 -40.97 31.55
C PHE B 3227 -15.04 -41.12 30.16
N ARG B 3228 -13.87 -41.75 30.04
CA ARG B 3228 -13.26 -41.93 28.73
C ARG B 3228 -13.99 -42.96 27.88
N PRO B 3229 -14.27 -44.19 28.36
CA PRO B 3229 -14.99 -45.13 27.50
C PRO B 3229 -16.45 -44.77 27.28
N TYR B 3230 -17.05 -43.95 28.15
CA TYR B 3230 -18.44 -43.55 28.03
C TYR B 3230 -18.61 -42.25 27.24
N LEU B 3231 -17.65 -41.89 26.41
CA LEU B 3231 -17.70 -40.67 25.62
C LEU B 3231 -17.62 -41.01 24.15
N GLY B 3232 -18.44 -40.34 23.34
CA GLY B 3232 -18.45 -40.56 21.91
C GLY B 3232 -18.46 -39.25 21.16
N ARG B 3233 -17.76 -39.23 20.03
CA ARG B 3233 -17.64 -38.06 19.19
C ARG B 3233 -18.15 -38.37 17.79
N ILE B 3234 -18.79 -37.38 17.17
CA ILE B 3234 -19.33 -37.48 15.82
C ILE B 3234 -19.10 -36.17 15.09
N GLU B 3235 -19.50 -36.13 13.83
CA GLU B 3235 -19.36 -34.93 13.00
C GLU B 3235 -20.58 -34.78 12.12
N ILE B 3236 -21.07 -33.55 12.01
CA ILE B 3236 -22.27 -33.23 11.22
C ILE B 3236 -21.88 -32.19 10.16
N MET B 3237 -22.44 -32.35 8.96
CA MET B 3237 -22.22 -31.41 7.85
C MET B 3237 -23.60 -30.97 7.37
N GLY B 3238 -24.09 -29.87 7.93
CA GLY B 3238 -25.40 -29.33 7.62
C GLY B 3238 -25.34 -28.17 6.66
N ALA B 3239 -26.30 -27.25 6.81
CA ALA B 3239 -26.37 -26.08 5.95
C ALA B 3239 -25.25 -25.08 6.21
N SER B 3240 -24.66 -25.11 7.41
CA SER B 3240 -23.57 -24.19 7.73
C SER B 3240 -22.27 -24.55 7.03
N ARG B 3241 -22.19 -25.72 6.40
CA ARG B 3241 -20.99 -26.18 5.70
C ARG B 3241 -19.78 -26.22 6.62
N ARG B 3242 -19.99 -26.51 7.90
CA ARG B 3242 -18.93 -26.58 8.89
C ARG B 3242 -19.00 -27.92 9.62
N ILE B 3243 -17.85 -28.47 9.95
CA ILE B 3243 -17.74 -29.75 10.66
C ILE B 3243 -17.37 -29.46 12.10
N GLU B 3244 -18.17 -29.99 13.03
CA GLU B 3244 -17.93 -29.79 14.45
C GLU B 3244 -18.15 -31.11 15.18
N ARG B 3245 -17.57 -31.20 16.38
CA ARG B 3245 -17.68 -32.40 17.19
C ARG B 3245 -18.94 -32.34 18.06
N ILE B 3246 -19.58 -33.49 18.24
CA ILE B 3246 -20.79 -33.61 19.04
C ILE B 3246 -20.48 -34.62 20.15
N TYR B 3247 -20.08 -34.12 21.31
CA TYR B 3247 -19.77 -34.98 22.45
C TYR B 3247 -21.04 -35.31 23.19
N PHE B 3248 -21.50 -36.56 23.08
CA PHE B 3248 -22.71 -37.02 23.74
C PHE B 3248 -22.38 -38.14 24.72
N GLU B 3249 -23.36 -38.45 25.57
CA GLU B 3249 -23.19 -39.50 26.56
C GLU B 3249 -23.62 -40.85 25.99
N ILE B 3250 -22.81 -41.87 26.25
CA ILE B 3250 -23.07 -43.22 25.78
C ILE B 3250 -23.60 -44.04 26.95
N SER B 3251 -24.73 -44.71 26.74
CA SER B 3251 -25.32 -45.53 27.80
C SER B 3251 -24.48 -46.77 28.05
N GLU B 3252 -24.50 -47.25 29.30
CA GLU B 3252 -23.76 -48.45 29.65
C GLU B 3252 -24.42 -49.69 29.09
N THR B 3253 -25.73 -49.64 28.83
CA THR B 3253 -26.44 -50.81 28.31
C THR B 3253 -26.10 -51.03 26.84
N ASN B 3254 -25.88 -49.97 26.08
CA ASN B 3254 -25.53 -50.10 24.66
C ASN B 3254 -24.10 -50.59 24.47
N ARG B 3255 -23.18 -50.17 25.35
CA ARG B 3255 -21.79 -50.61 25.23
C ARG B 3255 -21.66 -52.09 25.57
N ALA B 3256 -22.49 -52.61 26.46
CA ALA B 3256 -22.43 -54.02 26.80
C ALA B 3256 -22.95 -54.88 25.66
N GLN B 3257 -23.98 -54.42 24.95
CA GLN B 3257 -24.51 -55.16 23.81
C GLN B 3257 -23.57 -55.13 22.62
N TRP B 3258 -22.69 -54.13 22.54
CA TRP B 3258 -21.74 -54.05 21.43
C TRP B 3258 -20.66 -55.13 21.52
N GLU B 3259 -20.38 -55.63 22.72
CA GLU B 3259 -19.39 -56.69 22.89
C GLU B 3259 -20.07 -58.06 22.91
N MET B 3260 -20.68 -58.39 21.77
CA MET B 3260 -21.40 -59.65 21.59
C MET B 3260 -20.88 -60.36 20.36
N PRO B 3261 -20.86 -61.69 20.37
CA PRO B 3261 -20.38 -62.42 19.18
C PRO B 3261 -21.27 -62.25 17.97
N GLN B 3262 -22.56 -61.98 18.16
CA GLN B 3262 -23.45 -61.82 17.03
C GLN B 3262 -23.22 -60.49 16.31
N VAL B 3263 -23.05 -59.41 17.06
CA VAL B 3263 -22.83 -58.11 16.44
C VAL B 3263 -21.40 -57.94 15.97
N LYS B 3264 -20.46 -58.70 16.54
CA LYS B 3264 -19.06 -58.59 16.12
C LYS B 3264 -18.83 -59.31 14.80
N GLU B 3265 -19.43 -60.49 14.62
CA GLU B 3265 -19.26 -61.23 13.37
C GLU B 3265 -20.06 -60.57 12.24
N SER B 3266 -21.21 -60.00 12.56
CA SER B 3266 -22.01 -59.33 11.53
C SER B 3266 -21.39 -58.02 11.08
N LYS B 3267 -20.61 -57.38 11.96
CA LYS B 3267 -19.96 -56.12 11.59
C LYS B 3267 -18.83 -56.36 10.58
N ARG B 3268 -18.09 -57.45 10.76
CA ARG B 3268 -17.00 -57.76 9.83
C ARG B 3268 -17.55 -58.17 8.46
N GLN B 3269 -18.67 -58.89 8.43
CA GLN B 3269 -19.25 -59.28 7.17
C GLN B 3269 -19.87 -58.09 6.43
N PHE B 3270 -20.29 -57.06 7.17
CA PHE B 3270 -20.88 -55.90 6.53
C PHE B 3270 -19.83 -55.06 5.82
N ILE B 3271 -18.60 -55.03 6.36
CA ILE B 3271 -17.54 -54.26 5.72
C ILE B 3271 -17.16 -54.84 4.37
N PHE B 3272 -17.25 -56.17 4.23
CA PHE B 3272 -16.93 -56.80 2.96
C PHE B 3272 -18.13 -56.77 2.01
N ASP B 3273 -19.35 -56.84 2.54
CA ASP B 3273 -20.54 -56.82 1.69
C ASP B 3273 -20.81 -55.42 1.15
N VAL B 3274 -20.23 -54.39 1.76
CA VAL B 3274 -20.43 -53.03 1.27
C VAL B 3274 -19.30 -52.57 0.36
N VAL B 3275 -18.18 -53.30 0.33
CA VAL B 3275 -17.05 -52.88 -0.50
C VAL B 3275 -17.28 -53.25 -1.96
N ASN B 3276 -17.80 -54.46 -2.22
CA ASN B 3276 -18.01 -54.90 -3.59
C ASN B 3276 -19.15 -54.18 -4.30
N GLU B 3277 -19.92 -53.35 -3.57
CA GLU B 3277 -21.00 -52.60 -4.20
C GLU B 3277 -20.43 -51.53 -5.11
N GLY B 3278 -20.97 -51.44 -6.33
CA GLY B 3278 -20.46 -50.47 -7.29
C GLY B 3278 -20.86 -49.04 -6.96
N GLY B 3279 -22.00 -48.86 -6.32
CA GLY B 3279 -22.47 -47.52 -5.97
C GLY B 3279 -21.94 -47.02 -4.65
N GLU B 3280 -21.12 -45.97 -4.69
CA GLU B 3280 -20.58 -45.41 -3.45
C GLU B 3280 -21.65 -44.64 -2.69
N SER B 3281 -22.47 -43.87 -3.40
CA SER B 3281 -23.54 -43.11 -2.75
C SER B 3281 -24.64 -44.04 -2.25
N GLU B 3282 -24.94 -45.11 -3.00
CA GLU B 3282 -25.95 -46.06 -2.57
C GLU B 3282 -25.49 -46.87 -1.37
N LYS B 3283 -24.17 -47.04 -1.20
CA LYS B 3283 -23.66 -47.78 -0.05
C LYS B 3283 -23.82 -47.02 1.25
N MET B 3284 -23.97 -45.69 1.18
CA MET B 3284 -24.17 -44.91 2.40
C MET B 3284 -25.51 -45.22 3.04
N GLU B 3285 -26.56 -45.43 2.23
CA GLU B 3285 -27.86 -45.76 2.76
C GLU B 3285 -27.92 -47.16 3.34
N LEU B 3286 -27.04 -48.06 2.89
CA LEU B 3286 -27.02 -49.42 3.43
C LEU B 3286 -26.49 -49.47 4.86
N PHE B 3287 -25.69 -48.46 5.26
CA PHE B 3287 -25.19 -48.45 6.63
C PHE B 3287 -26.29 -48.14 7.64
N VAL B 3288 -27.27 -47.33 7.25
CA VAL B 3288 -28.37 -47.00 8.16
C VAL B 3288 -29.24 -48.23 8.41
N SER B 3289 -29.45 -49.05 7.37
CA SER B 3289 -30.21 -50.28 7.55
C SER B 3289 -29.45 -51.32 8.36
N PHE B 3290 -28.12 -51.21 8.42
CA PHE B 3290 -27.35 -52.17 9.20
C PHE B 3290 -27.51 -51.93 10.70
N CYS B 3291 -27.52 -50.66 11.12
CA CYS B 3291 -27.67 -50.35 12.54
C CYS B 3291 -29.08 -50.66 13.03
N GLU B 3292 -30.09 -50.52 12.16
CA GLU B 3292 -31.45 -50.82 12.57
C GLU B 3292 -31.65 -52.30 12.84
N ASP B 3293 -30.87 -53.16 12.17
CA ASP B 3293 -30.99 -54.60 12.41
C ASP B 3293 -30.34 -55.01 13.73
N THR B 3294 -29.32 -54.26 14.18
CA THR B 3294 -28.65 -54.60 15.42
C THR B 3294 -29.51 -54.28 16.63
N ILE B 3295 -30.27 -53.18 16.57
CA ILE B 3295 -31.12 -52.82 17.69
C ILE B 3295 -32.28 -53.80 17.84
N PHE B 3296 -32.73 -54.39 16.73
CA PHE B 3296 -33.83 -55.35 16.81
C PHE B 3296 -33.43 -56.63 17.53
N GLU B 3297 -32.15 -57.01 17.45
CA GLU B 3297 -31.68 -58.20 18.12
C GLU B 3297 -30.73 -57.84 19.27
N GLU B 3298 -46.23 -74.99 30.38
CA GLU B 3298 -46.56 -73.59 30.61
C GLU B 3298 -45.34 -72.70 30.48
N VAL B 3299 -44.66 -72.48 31.61
CA VAL B 3299 -43.46 -71.65 31.61
C VAL B 3299 -42.26 -72.39 31.02
N GLN B 3300 -42.34 -73.72 30.90
CA GLN B 3300 -41.23 -74.47 30.33
C GLN B 3300 -41.15 -74.29 28.82
N ARG B 3301 -42.26 -73.95 28.17
CA ARG B 3301 -42.25 -73.76 26.73
C ARG B 3301 -41.53 -72.47 26.34
N VAL B 3302 -41.79 -71.38 27.07
CA VAL B 3302 -41.15 -70.11 26.75
C VAL B 3302 -39.69 -70.13 27.18
N LYS B 3303 -39.32 -71.01 28.12
CA LYS B 3303 -37.93 -71.11 28.54
C LYS B 3303 -37.12 -71.99 27.59
N PHE B 3304 -37.76 -72.95 26.94
CA PHE B 3304 -37.06 -73.81 25.99
C PHE B 3304 -36.65 -73.05 24.73
N LEU B 3305 -37.43 -72.03 24.35
CA LEU B 3305 -37.09 -71.26 23.17
C LEU B 3305 -35.84 -70.40 23.40
N ASN B 3306 -35.72 -69.80 24.58
CA ASN B 3306 -34.55 -68.98 24.88
C ASN B 3306 -33.32 -69.84 25.12
N TYR B 3307 -33.50 -71.08 25.60
CA TYR B 3307 -32.36 -71.96 25.85
C TYR B 3307 -31.76 -72.45 24.54
N LEU B 3308 -32.61 -72.79 23.56
CA LEU B 3308 -32.10 -73.29 22.28
C LEU B 3308 -31.48 -72.17 21.45
N SER B 3309 -31.98 -70.95 21.57
CA SER B 3309 -31.41 -69.84 20.80
C SER B 3309 -30.05 -69.45 21.33
N ARG B 3310 -29.84 -69.53 22.64
CA ARG B 3310 -28.54 -69.20 23.21
C ARG B 3310 -27.49 -70.24 22.84
N ASN B 3311 -27.87 -71.52 22.84
CA ASN B 3311 -26.97 -72.61 22.48
C ASN B 3311 -27.09 -73.00 21.02
N PHE B 3312 -27.58 -72.11 20.16
CA PHE B 3312 -27.73 -72.43 18.75
C PHE B 3312 -26.37 -72.48 18.04
N TYR B 3313 -25.49 -71.53 18.36
CA TYR B 3313 -24.17 -71.54 17.75
C TYR B 3313 -23.34 -72.74 18.20
N THR B 3314 -23.47 -73.14 19.46
CA THR B 3314 -22.76 -74.33 19.93
C THR B 3314 -23.39 -75.60 19.38
N LEU B 3315 -24.67 -75.54 18.99
CA LEU B 3315 -25.32 -76.73 18.45
C LEU B 3315 -24.76 -77.12 17.09
N ARG B 3316 -24.18 -76.17 16.36
CA ARG B 3316 -23.57 -76.49 15.07
C ARG B 3316 -22.25 -77.22 15.22
N PHE B 3317 -21.64 -77.18 16.41
CA PHE B 3317 -20.37 -77.87 16.60
C PHE B 3317 -20.57 -79.38 16.68
N LEU B 3318 -21.66 -79.83 17.30
CA LEU B 3318 -21.94 -81.26 17.35
C LEU B 3318 -22.27 -81.82 15.97
N ALA B 3319 -22.81 -80.99 15.08
CA ALA B 3319 -23.04 -81.42 13.70
C ALA B 3319 -21.73 -81.70 12.99
N LEU B 3320 -20.60 -81.24 13.53
CA LEU B 3320 -19.29 -81.51 12.94
C LEU B 3320 -18.53 -82.62 13.64
N PHE B 3321 -18.73 -82.79 14.95
CA PHE B 3321 -17.98 -83.81 15.68
C PHE B 3321 -18.58 -85.20 15.49
N LEU B 3322 -19.90 -85.34 15.66
CA LEU B 3322 -20.54 -86.63 15.45
C LEU B 3322 -20.49 -87.09 14.00
N ALA B 3323 -20.32 -86.16 13.06
CA ALA B 3323 -20.13 -86.56 11.68
C ALA B 3323 -18.80 -87.28 11.48
N PHE B 3324 -17.75 -86.81 12.17
CA PHE B 3324 -16.45 -87.46 12.11
C PHE B 3324 -16.46 -88.83 12.78
N ALA B 3325 -17.40 -89.08 13.68
CA ALA B 3325 -17.44 -90.35 14.39
C ALA B 3325 -18.29 -91.40 13.68
N ILE B 3326 -19.25 -90.98 12.86
CA ILE B 3326 -20.14 -91.93 12.22
C ILE B 3326 -19.53 -92.44 10.91
N ASN B 3327 -18.84 -91.57 10.17
CA ASN B 3327 -18.24 -92.01 8.92
C ASN B 3327 -16.99 -92.86 9.14
N PHE B 3328 -16.45 -92.86 10.35
CA PHE B 3328 -15.26 -93.65 10.64
C PHE B 3328 -15.59 -95.14 10.70
N ILE B 3329 -16.76 -95.49 11.26
CA ILE B 3329 -17.11 -96.90 11.39
C ILE B 3329 -17.64 -97.46 10.07
N LEU B 3330 -18.29 -96.63 9.25
CA LEU B 3330 -18.75 -97.09 7.95
C LEU B 3330 -17.60 -97.49 7.03
N LEU B 3331 -16.39 -97.00 7.30
CA LEU B 3331 -15.23 -97.43 6.52
C LEU B 3331 -14.86 -98.88 6.79
N PHE B 3332 -15.29 -99.44 7.92
CA PHE B 3332 -15.04 -100.83 8.26
C PHE B 3332 -16.14 -101.76 7.77
N TYR B 3333 -17.03 -101.28 6.91
CA TYR B 3333 -18.10 -102.11 6.40
C TYR B 3333 -17.57 -103.13 5.39
N LYS B 3334 -18.36 -104.18 5.17
CA LYS B 3334 -17.99 -105.23 4.25
C LYS B 3334 -19.25 -105.89 3.70
N VAL B 3335 -19.08 -106.69 2.66
CA VAL B 3335 -20.17 -107.42 2.04
C VAL B 3335 -19.78 -108.88 1.89
N SER B 3336 -20.77 -109.76 1.97
CA SER B 3336 -20.55 -111.19 1.84
C SER B 3336 -21.88 -111.85 1.49
N ASP B 3337 -21.80 -113.13 1.12
CA ASP B 3337 -23.01 -113.88 0.78
C ASP B 3337 -23.78 -114.30 2.02
N SER B 3338 -23.09 -114.89 2.99
CA SER B 3338 -23.70 -115.34 4.23
C SER B 3338 -23.02 -114.65 5.41
N PRO B 3339 -23.76 -113.92 6.26
CA PRO B 3339 -23.20 -113.23 7.43
C PRO B 3339 -22.56 -114.19 8.43
N VAL B 3340 -26.73 -110.33 -1.69
CA VAL B 3340 -26.92 -109.95 -0.29
C VAL B 3340 -25.75 -109.09 0.17
N TYR B 3341 -25.86 -108.56 1.39
CA TYR B 3341 -24.81 -107.72 1.96
C TYR B 3341 -24.42 -108.20 3.35
N TYR B 3342 -23.58 -107.44 4.04
CA TYR B 3342 -23.13 -107.79 5.38
C TYR B 3342 -23.17 -106.53 6.24
N PHE B 3343 -22.61 -106.61 7.43
CA PHE B 3343 -22.57 -105.51 8.39
C PHE B 3343 -21.11 -105.18 8.72
N LEU B 3344 -20.94 -104.20 9.60
CA LEU B 3344 -19.61 -103.77 10.01
C LEU B 3344 -18.98 -104.83 10.89
N GLU B 3345 -17.83 -105.36 10.46
CA GLU B 3345 -17.10 -106.38 11.20
C GLU B 3345 -15.80 -105.77 11.73
N GLU B 3346 -15.62 -105.82 13.04
CA GLU B 3346 -14.44 -105.27 13.67
C GLU B 3346 -14.03 -106.16 14.85
N SER B 3347 -12.83 -105.91 15.37
CA SER B 3347 -12.33 -106.71 16.49
C SER B 3347 -12.96 -106.28 17.81
N THR B 3348 -13.09 -104.97 18.02
CA THR B 3348 -13.65 -104.48 19.27
C THR B 3348 -15.16 -104.73 19.32
N GLY B 3349 -15.70 -104.67 20.53
CA GLY B 3349 -17.13 -104.88 20.76
C GLY B 3349 -17.95 -103.63 20.95
N TYR B 3350 -17.35 -102.44 20.91
CA TYR B 3350 -18.09 -101.20 21.07
C TYR B 3350 -18.52 -100.58 19.74
N MET B 3351 -17.98 -101.07 18.62
CA MET B 3351 -18.31 -100.50 17.33
C MET B 3351 -19.68 -100.95 16.82
N GLU B 3352 -20.11 -102.15 17.19
CA GLU B 3352 -21.40 -102.65 16.71
C GLU B 3352 -22.57 -101.87 17.30
N PRO B 3353 -22.68 -101.68 18.62
CA PRO B 3353 -23.82 -100.91 19.14
C PRO B 3353 -23.71 -99.41 18.89
N ALA B 3354 -22.58 -98.93 18.36
CA ALA B 3354 -22.41 -97.50 18.13
C ALA B 3354 -23.20 -96.99 16.93
N LEU B 3355 -23.69 -97.89 16.07
CA LEU B 3355 -24.46 -97.45 14.90
C LEU B 3355 -25.85 -96.97 15.30
N ARG B 3356 -26.42 -97.57 16.35
CA ARG B 3356 -27.75 -97.16 16.79
C ARG B 3356 -27.69 -96.05 17.83
N CYS B 3357 -26.54 -95.88 18.50
CA CYS B 3357 -26.41 -94.83 19.50
C CYS B 3357 -26.07 -93.49 18.86
N LEU B 3358 -25.10 -93.48 17.95
CA LEU B 3358 -24.66 -92.23 17.33
C LEU B 3358 -25.65 -91.71 16.29
N SER B 3359 -26.50 -92.58 15.73
CA SER B 3359 -27.44 -92.15 14.71
C SER B 3359 -28.61 -91.37 15.31
N LEU B 3360 -29.00 -91.67 16.54
CA LEU B 3360 -30.11 -90.96 17.16
C LEU B 3360 -29.69 -89.60 17.68
N LEU B 3361 -28.46 -89.49 18.20
CA LEU B 3361 -28.00 -88.20 18.72
C LEU B 3361 -27.87 -87.17 17.60
N HIS B 3362 -27.40 -87.61 16.43
CA HIS B 3362 -27.23 -86.69 15.30
C HIS B 3362 -28.57 -86.15 14.80
N THR B 3363 -29.66 -86.89 15.03
CA THR B 3363 -30.97 -86.43 14.59
C THR B 3363 -31.62 -85.48 15.59
N LEU B 3364 -31.35 -85.66 16.89
CA LEU B 3364 -31.95 -84.78 17.89
C LEU B 3364 -31.31 -83.39 17.85
N VAL B 3365 -30.01 -83.30 17.60
CA VAL B 3365 -29.36 -82.00 17.54
C VAL B 3365 -29.73 -81.25 16.27
N ALA B 3366 -30.14 -81.96 15.22
CA ALA B 3366 -30.56 -81.29 13.99
C ALA B 3366 -31.99 -80.76 14.09
N PHE B 3367 -32.85 -81.48 14.80
CA PHE B 3367 -34.24 -81.02 14.98
C PHE B 3367 -34.31 -79.85 15.95
N LEU B 3368 -33.39 -79.77 16.91
CA LEU B 3368 -33.39 -78.66 17.85
C LEU B 3368 -32.90 -77.37 17.21
N CYS B 3369 -32.06 -77.49 16.18
CA CYS B 3369 -31.57 -76.29 15.50
C CYS B 3369 -32.67 -75.59 14.71
N ILE B 3370 -33.70 -76.33 14.29
CA ILE B 3370 -34.79 -75.71 13.56
C ILE B 3370 -35.61 -74.79 14.47
N ILE B 3371 -35.87 -75.24 15.71
CA ILE B 3371 -36.61 -74.41 16.65
C ILE B 3371 -35.73 -73.26 17.14
N GLY B 3372 -34.44 -73.52 17.31
CA GLY B 3372 -33.54 -72.45 17.74
C GLY B 3372 -33.34 -71.38 16.68
N TYR B 3373 -33.33 -71.80 15.41
CA TYR B 3373 -33.22 -70.83 14.32
C TYR B 3373 -34.48 -69.99 14.19
N ASN B 3374 -35.62 -70.49 14.67
CA ASN B 3374 -36.88 -69.76 14.55
C ASN B 3374 -36.86 -68.46 15.35
N CYS B 3375 -36.09 -68.42 16.43
CA CYS B 3375 -36.00 -67.24 17.29
C CYS B 3375 -34.65 -66.55 17.21
N LEU B 3376 -33.84 -66.87 16.20
CA LEU B 3376 -32.51 -66.30 16.06
C LEU B 3376 -32.36 -65.45 14.81
N LYS B 3377 -32.71 -65.98 13.64
CA LYS B 3377 -32.58 -65.26 12.38
C LYS B 3377 -33.88 -65.05 11.64
N VAL B 3378 -34.92 -65.84 11.92
CA VAL B 3378 -36.22 -65.61 11.29
C VAL B 3378 -36.79 -64.23 11.62
N PRO B 3379 -36.75 -63.75 12.87
CA PRO B 3379 -37.16 -62.36 13.10
C PRO B 3379 -36.26 -61.34 12.42
N LEU B 3380 -35.04 -61.73 12.03
CA LEU B 3380 -34.15 -60.79 11.35
C LEU B 3380 -34.51 -60.68 9.87
N VAL B 3381 -34.73 -61.81 9.20
CA VAL B 3381 -35.06 -61.76 7.78
C VAL B 3381 -36.46 -61.19 7.56
N ILE B 3382 -37.34 -61.33 8.54
CA ILE B 3382 -38.65 -60.69 8.46
C ILE B 3382 -38.52 -59.18 8.61
N PHE B 3383 -37.70 -58.74 9.57
CA PHE B 3383 -37.46 -57.31 9.74
C PHE B 3383 -36.66 -56.73 8.58
N LYS B 3384 -35.79 -57.53 7.97
CA LYS B 3384 -35.03 -57.04 6.83
C LYS B 3384 -35.91 -56.83 5.60
N ARG B 3385 -37.01 -57.58 5.51
CA ARG B 3385 -37.95 -57.42 4.40
C ARG B 3385 -39.06 -56.43 4.72
N GLU B 3386 -39.53 -56.40 5.97
CA GLU B 3386 -40.56 -55.45 6.36
C GLU B 3386 -40.04 -54.02 6.33
N LYS B 3387 -38.75 -53.82 6.64
CA LYS B 3387 -38.17 -52.49 6.55
C LYS B 3387 -38.04 -52.01 5.11
N GLU B 3388 -37.74 -52.93 4.19
CA GLU B 3388 -37.69 -52.55 2.78
C GLU B 3388 -39.08 -52.29 2.22
N LEU B 3389 -40.09 -53.00 2.72
CA LEU B 3389 -41.46 -52.76 2.27
C LEU B 3389 -42.01 -51.45 2.84
N ALA B 3390 -41.68 -51.16 4.11
CA ALA B 3390 -42.14 -49.91 4.71
C ALA B 3390 -41.48 -48.70 4.04
N ARG B 3391 -40.20 -48.81 3.70
CA ARG B 3391 -39.53 -47.73 3.00
C ARG B 3391 -39.97 -47.62 1.55
N LYS B 3392 -40.48 -48.72 0.97
CA LYS B 3392 -40.95 -48.66 -0.41
C LYS B 3392 -42.30 -47.96 -0.51
N LEU B 3393 -43.08 -47.94 0.58
CA LEU B 3393 -44.37 -47.26 0.56
C LEU B 3393 -44.20 -45.74 0.54
N GLU B 3394 -43.19 -45.24 1.25
CA GLU B 3394 -42.92 -43.80 1.21
C GLU B 3394 -42.44 -43.37 -0.17
N PHE B 3395 -41.63 -44.20 -0.83
CA PHE B 3395 -41.20 -43.97 -2.19
C PHE B 3395 -42.18 -44.62 -3.16
N ASP B 3396 -41.79 -44.75 -4.42
CA ASP B 3396 -42.62 -45.45 -5.40
C ASP B 3396 -42.86 -46.89 -4.97
N GLY B 3397 -44.11 -47.20 -4.62
CA GLY B 3397 -44.45 -48.51 -4.09
C GLY B 3397 -44.69 -49.55 -5.18
N LEU B 3398 -45.05 -50.75 -4.71
CA LEU B 3398 -45.30 -51.86 -5.63
C LEU B 3398 -46.74 -51.88 -6.12
N TYR B 3399 -47.68 -51.39 -5.30
CA TYR B 3399 -49.10 -51.35 -5.66
C TYR B 3399 -49.64 -49.93 -5.50
N ILE B 3400 -48.89 -48.95 -6.02
CA ILE B 3400 -49.26 -47.55 -5.95
C ILE B 3400 -49.34 -47.02 -7.38
N THR B 3401 -49.61 -45.72 -7.52
CA THR B 3401 -49.69 -45.06 -8.82
C THR B 3401 -48.51 -45.44 -9.72
N GLU B 3402 -47.32 -45.57 -9.15
CA GLU B 3402 -46.16 -46.04 -9.89
C GLU B 3402 -46.27 -47.55 -10.11
N GLN B 3403 -46.18 -47.96 -11.36
CA GLN B 3403 -46.32 -49.38 -11.69
C GLN B 3403 -45.10 -50.15 -11.20
N PRO B 3404 -45.28 -51.39 -10.70
CA PRO B 3404 -44.18 -52.21 -10.22
C PRO B 3404 -43.29 -52.72 -11.35
N VAL B 3405 -39.72 -61.41 -9.06
CA VAL B 3405 -40.45 -62.61 -8.67
C VAL B 3405 -40.91 -62.49 -7.21
N LYS B 3406 -40.11 -61.78 -6.41
CA LYS B 3406 -40.45 -61.58 -5.00
C LYS B 3406 -41.41 -60.42 -4.79
N GLY B 3407 -41.51 -59.49 -5.74
CA GLY B 3407 -42.41 -58.36 -5.58
C GLY B 3407 -43.87 -58.75 -5.64
N GLN B 3408 -44.21 -59.77 -6.45
CA GLN B 3408 -45.59 -60.21 -6.55
C GLN B 3408 -46.06 -60.91 -5.27
N TRP B 3409 -45.16 -61.64 -4.61
CA TRP B 3409 -45.51 -62.30 -3.36
C TRP B 3409 -45.79 -61.30 -2.24
N ASP B 3410 -45.25 -60.09 -2.34
CA ASP B 3410 -45.47 -59.05 -1.34
C ASP B 3410 -46.87 -58.45 -1.41
N ARG B 3411 -47.74 -58.95 -2.28
CA ARG B 3411 -49.11 -58.46 -2.34
C ARG B 3411 -50.02 -59.10 -1.29
N LEU B 3412 -49.58 -60.20 -0.68
CA LEU B 3412 -50.39 -60.86 0.33
C LEU B 3412 -50.37 -60.13 1.67
N VAL B 3413 -49.32 -59.35 1.93
CA VAL B 3413 -49.24 -58.59 3.18
C VAL B 3413 -49.96 -57.25 3.08
N LEU B 3414 -50.30 -56.82 1.86
CA LEU B 3414 -50.93 -55.51 1.68
C LEU B 3414 -52.32 -55.48 2.30
N ASN B 3415 -53.13 -56.50 2.04
CA ASN B 3415 -54.49 -56.56 2.58
C ASN B 3415 -54.54 -57.04 4.02
N THR B 3416 -53.40 -57.23 4.67
CA THR B 3416 -53.38 -57.62 6.06
C THR B 3416 -53.88 -56.46 6.93
N PRO B 3417 -54.76 -56.72 7.90
CA PRO B 3417 -55.28 -55.62 8.73
C PRO B 3417 -54.21 -54.85 9.47
N SER B 3418 -53.03 -55.43 9.68
CA SER B 3418 -51.96 -54.75 10.39
C SER B 3418 -50.62 -55.33 9.99
N PHE B 3419 -49.64 -54.45 9.78
CA PHE B 3419 -48.29 -54.89 9.48
C PHE B 3419 -47.69 -55.60 10.69
N PRO B 3420 -46.72 -56.50 10.48
CA PRO B 3420 -46.09 -57.18 11.61
C PRO B 3420 -45.44 -56.19 12.56
N SER B 3421 -45.47 -56.54 13.86
CA SER B 3421 -44.92 -55.68 14.90
C SER B 3421 -43.40 -55.68 14.96
N ASN B 3422 -42.74 -56.35 14.02
CA ASN B 3422 -41.28 -56.37 14.03
C ASN B 3422 -40.69 -55.01 13.69
N TYR B 3423 -41.39 -54.22 12.87
CA TYR B 3423 -40.90 -52.90 12.52
C TYR B 3423 -41.13 -51.91 13.66
N TRP B 3424 -40.33 -50.85 13.66
CA TRP B 3424 -40.41 -49.86 14.72
C TRP B 3424 -41.65 -48.99 14.57
N ASP B 3425 -41.77 -48.29 13.44
CA ASP B 3425 -42.90 -47.40 13.21
C ASP B 3425 -44.14 -48.20 12.91
N LYS B 3426 -45.17 -48.02 13.73
CA LYS B 3426 -46.44 -48.74 13.55
C LYS B 3426 -47.41 -47.99 12.65
N PHE B 3427 -47.07 -46.80 12.18
CA PHE B 3427 -47.93 -45.99 11.31
C PHE B 3427 -47.19 -45.81 9.99
N VAL B 3428 -47.43 -46.73 9.05
CA VAL B 3428 -46.84 -46.66 7.72
C VAL B 3428 -47.91 -46.51 6.64
N LYS B 3429 -49.05 -47.18 6.80
CA LYS B 3429 -50.11 -47.09 5.81
C LYS B 3429 -50.79 -45.72 5.84
N ARG B 3430 -50.66 -44.99 6.95
CA ARG B 3430 -51.27 -43.67 7.05
C ARG B 3430 -50.39 -42.56 6.47
N LYS B 3431 -49.08 -42.80 6.34
CA LYS B 3431 -48.20 -41.78 5.81
C LYS B 3431 -48.28 -41.67 4.29
N VAL B 3432 -48.59 -42.78 3.61
CA VAL B 3432 -48.68 -42.76 2.15
C VAL B 3432 -49.96 -42.06 1.69
N LEU B 3433 -50.99 -42.02 2.53
CA LEU B 3433 -52.25 -41.40 2.15
C LEU B 3433 -52.11 -39.89 1.91
N ASP B 3434 -51.06 -39.27 2.44
CA ASP B 3434 -50.86 -37.83 2.27
C ASP B 3434 -49.98 -37.51 1.08
N LYS B 3435 -48.96 -38.33 0.82
CA LYS B 3435 -48.04 -38.05 -0.28
C LYS B 3435 -48.63 -38.46 -1.62
N HIS B 3436 -48.94 -39.75 -1.78
CA HIS B 3436 -49.46 -40.28 -3.04
C HIS B 3436 -50.97 -40.53 -2.99
N GLY B 3437 -51.67 -39.92 -2.03
CA GLY B 3437 -53.10 -40.12 -1.93
C GLY B 3437 -53.94 -39.18 -2.77
N ASP B 3438 -53.40 -38.02 -3.13
CA ASP B 3438 -54.15 -37.04 -3.91
C ASP B 3438 -54.28 -37.44 -5.37
N ILE B 3439 -53.45 -38.37 -5.85
CA ILE B 3439 -53.50 -38.77 -7.25
C ILE B 3439 -54.71 -39.66 -7.53
N TYR B 3440 -54.80 -40.77 -6.81
CA TYR B 3440 -55.90 -41.73 -6.99
C TYR B 3440 -57.04 -41.50 -6.01
N GLY B 3441 -57.03 -40.38 -5.29
CA GLY B 3441 -58.08 -40.10 -4.32
C GLY B 3441 -57.86 -40.83 -3.01
N ARG B 3442 -58.54 -40.31 -1.97
CA ARG B 3442 -58.42 -40.89 -0.63
C ARG B 3442 -59.20 -42.20 -0.48
N GLU B 3443 -59.95 -42.61 -1.50
CA GLU B 3443 -60.74 -43.83 -1.45
C GLU B 3443 -60.02 -45.03 -2.07
N ARG B 3444 -59.37 -44.83 -3.21
CA ARG B 3444 -58.68 -45.95 -3.87
C ARG B 3444 -57.43 -46.37 -3.09
N ILE B 3445 -56.69 -45.39 -2.56
CA ILE B 3445 -55.48 -45.72 -1.81
C ILE B 3445 -55.80 -46.35 -0.47
N ALA B 3446 -56.99 -46.09 0.08
CA ALA B 3446 -57.35 -46.70 1.36
C ALA B 3446 -57.64 -48.19 1.20
N GLU B 3447 -58.27 -48.58 0.09
CA GLU B 3447 -58.57 -49.98 -0.14
C GLU B 3447 -57.31 -50.78 -0.48
N GLY B 3448 -61.10 -65.95 25.31
CA GLY B 3448 -61.69 -67.26 25.44
C GLY B 3448 -61.29 -68.20 24.32
N LEU B 3449 -62.17 -69.16 24.01
CA LEU B 3449 -61.90 -70.11 22.94
C LEU B 3449 -61.99 -69.45 21.57
N LEU B 3450 -62.97 -68.56 21.39
CA LEU B 3450 -63.12 -67.88 20.11
C LEU B 3450 -62.00 -66.86 19.89
N THR B 3451 -61.55 -66.20 20.94
CA THR B 3451 -60.48 -65.21 20.79
C THR B 3451 -59.14 -65.88 20.49
N TRP B 3452 -58.95 -67.14 20.92
CA TRP B 3452 -57.70 -67.82 20.66
C TRP B 3452 -57.54 -68.18 19.19
N LEU B 3453 -58.63 -68.66 18.57
CA LEU B 3453 -58.57 -69.02 17.16
C LEU B 3453 -58.57 -67.80 16.24
N MET B 3454 -59.17 -66.70 16.69
CA MET B 3454 -59.22 -65.48 15.89
C MET B 3454 -57.90 -64.72 15.87
N SER B 3455 -56.91 -65.15 16.67
CA SER B 3455 -55.63 -64.45 16.68
C SER B 3455 -54.85 -64.69 15.39
N ILE B 3456 -54.94 -65.91 14.84
CA ILE B 3456 -54.24 -66.23 13.60
C ILE B 3456 -54.96 -65.60 12.43
N ASP B 3457 -54.19 -65.16 11.43
CA ASP B 3457 -54.72 -64.54 10.22
C ASP B 3457 -54.27 -65.35 9.02
N VAL B 3458 -55.23 -65.67 8.14
CA VAL B 3458 -54.91 -66.45 6.94
C VAL B 3458 -54.07 -65.62 5.98
N LYS B 3459 -54.30 -64.31 5.94
CA LYS B 3459 -53.52 -63.45 5.04
C LYS B 3459 -52.10 -63.26 5.54
N TYR B 3460 -51.89 -63.26 6.86
CA TYR B 3460 -50.56 -63.09 7.41
C TYR B 3460 -49.78 -64.40 7.41
N GLN B 3461 -50.46 -65.53 7.60
CA GLN B 3461 -49.76 -66.82 7.65
C GLN B 3461 -49.21 -67.21 6.29
N ILE B 3462 -49.84 -66.76 5.20
CA ILE B 3462 -49.37 -67.11 3.87
C ILE B 3462 -48.14 -66.28 3.50
N TRP B 3463 -48.15 -64.99 3.83
CA TRP B 3463 -47.03 -64.12 3.48
C TRP B 3463 -45.82 -64.36 4.38
N LYS B 3464 -46.06 -64.57 5.68
CA LYS B 3464 -44.94 -64.77 6.61
C LYS B 3464 -44.25 -66.10 6.36
N PHE B 3465 -45.01 -67.20 6.38
CA PHE B 3465 -44.42 -68.52 6.18
C PHE B 3465 -43.94 -68.73 4.75
N GLY B 3466 -44.44 -67.94 3.80
CA GLY B 3466 -44.00 -68.10 2.42
C GLY B 3466 -42.57 -67.66 2.21
N VAL B 3467 -42.14 -66.58 2.86
CA VAL B 3467 -40.78 -66.10 2.70
C VAL B 3467 -39.79 -67.04 3.38
N ILE B 3468 -40.17 -67.64 4.51
CA ILE B 3468 -39.26 -68.50 5.24
C ILE B 3468 -39.02 -69.80 4.49
N PHE B 3469 -40.06 -70.36 3.88
CA PHE B 3469 -39.91 -71.60 3.12
C PHE B 3469 -39.14 -71.39 1.82
N THR B 3470 -39.13 -70.18 1.29
CA THR B 3470 -38.40 -69.86 0.07
C THR B 3470 -37.04 -69.23 0.34
N ASP B 3471 -36.72 -68.95 1.60
CA ASP B 3471 -35.43 -68.35 1.92
C ASP B 3471 -34.31 -69.37 1.74
N ASN B 3472 -33.18 -68.90 1.18
CA ASN B 3472 -32.05 -69.80 0.95
C ASN B 3472 -31.37 -70.20 2.25
N SER B 3473 -31.40 -69.32 3.26
CA SER B 3473 -30.77 -69.65 4.54
C SER B 3473 -31.57 -70.69 5.30
N PHE B 3474 -32.90 -70.56 5.30
CA PHE B 3474 -33.73 -71.53 6.01
C PHE B 3474 -33.76 -72.87 5.28
N LEU B 3475 -33.74 -72.83 3.94
CA LEU B 3475 -33.74 -74.08 3.17
C LEU B 3475 -32.43 -74.83 3.33
N TYR B 3476 -31.33 -74.13 3.61
CA TYR B 3476 -30.05 -74.81 3.82
C TYR B 3476 -30.06 -75.62 5.10
N LEU B 3477 -30.58 -75.04 6.18
CA LEU B 3477 -30.67 -75.78 7.44
C LEU B 3477 -31.75 -76.85 7.38
N GLY B 3478 -32.81 -76.61 6.60
CA GLY B 3478 -33.86 -77.60 6.47
C GLY B 3478 -33.45 -78.80 5.63
N TRP B 3479 -32.55 -78.60 4.66
CA TRP B 3479 -32.09 -79.70 3.83
C TRP B 3479 -31.22 -80.66 4.64
N TYR B 3480 -30.61 -80.19 5.71
CA TYR B 3480 -29.82 -81.06 6.57
C TYR B 3480 -30.69 -81.94 7.46
N MET B 3481 -31.94 -81.54 7.69
CA MET B 3481 -32.84 -82.32 8.54
C MET B 3481 -33.60 -83.39 7.77
N VAL B 3482 -33.94 -83.13 6.50
CA VAL B 3482 -34.65 -84.14 5.72
C VAL B 3482 -33.76 -85.33 5.42
N MET B 3483 -32.45 -85.09 5.25
CA MET B 3483 -31.51 -86.18 5.02
C MET B 3483 -31.19 -86.94 6.30
N SER B 3484 -31.47 -86.37 7.47
CA SER B 3484 -31.21 -87.06 8.72
C SER B 3484 -32.15 -88.26 8.91
N LEU B 3485 -33.38 -88.15 8.43
CA LEU B 3485 -34.31 -89.26 8.54
C LEU B 3485 -33.92 -90.43 7.64
N LEU B 3486 -33.25 -90.14 6.52
CA LEU B 3486 -32.80 -91.20 5.63
C LEU B 3486 -31.62 -91.99 6.18
N GLY B 3487 -30.98 -91.50 7.24
CA GLY B 3487 -29.86 -92.23 7.82
C GLY B 3487 -30.28 -93.53 8.48
N HIS B 3488 -31.49 -93.57 9.06
CA HIS B 3488 -31.98 -94.79 9.69
C HIS B 3488 -32.37 -95.86 8.70
N TYR B 3489 -32.40 -95.54 7.40
CA TYR B 3489 -32.72 -96.52 6.39
C TYR B 3489 -31.57 -97.53 6.24
N ASN B 3490 -31.85 -98.61 5.50
CA ASN B 3490 -30.83 -99.63 5.26
C ASN B 3490 -29.65 -99.07 4.49
N ASN B 3491 -29.90 -98.12 3.58
CA ASN B 3491 -28.83 -97.47 2.84
C ASN B 3491 -28.35 -96.25 3.61
N PHE B 3492 -27.03 -96.04 3.60
CA PHE B 3492 -26.44 -94.94 4.33
C PHE B 3492 -26.45 -93.66 3.49
N PHE B 3493 -26.74 -92.54 4.14
CA PHE B 3493 -26.74 -91.24 3.49
C PHE B 3493 -25.91 -90.21 4.24
N PHE B 3494 -25.09 -90.64 5.20
CA PHE B 3494 -24.25 -89.73 5.95
C PHE B 3494 -23.12 -89.14 5.13
N ALA B 3495 -22.87 -89.66 3.93
CA ALA B 3495 -21.89 -89.05 3.04
C ALA B 3495 -22.35 -87.69 2.57
N ALA B 3496 -23.67 -87.48 2.44
CA ALA B 3496 -24.18 -86.15 2.13
C ALA B 3496 -23.94 -85.18 3.27
N HIS B 3497 -23.94 -85.67 4.51
CA HIS B 3497 -23.59 -84.82 5.64
C HIS B 3497 -22.13 -84.42 5.60
N LEU B 3498 -21.28 -85.20 4.94
CA LEU B 3498 -19.88 -84.84 4.79
C LEU B 3498 -19.68 -83.67 3.85
N LEU B 3499 -20.69 -83.31 3.07
CA LEU B 3499 -20.60 -82.13 2.22
C LEU B 3499 -20.93 -80.86 2.99
N ASP B 3500 -21.65 -80.98 4.10
CA ASP B 3500 -21.97 -79.81 4.92
C ASP B 3500 -20.79 -79.42 5.80
N ILE B 3501 -20.07 -80.40 6.36
CA ILE B 3501 -18.97 -80.10 7.27
C ILE B 3501 -17.84 -79.40 6.53
N ALA B 3502 -17.72 -79.63 5.21
CA ALA B 3502 -16.70 -78.94 4.43
C ALA B 3502 -16.94 -77.43 4.43
N MET B 3503 -18.21 -77.01 4.49
CA MET B 3503 -18.52 -75.60 4.58
C MET B 3503 -18.39 -75.12 6.02
N GLY B 3504 -18.44 -73.80 6.20
CA GLY B 3504 -18.34 -73.22 7.52
C GLY B 3504 -17.08 -72.37 7.70
N VAL B 3505 -15.97 -72.84 7.15
CA VAL B 3505 -14.70 -72.12 7.24
C VAL B 3505 -14.53 -71.29 5.98
N LYS B 3506 -14.02 -70.06 6.17
CA LYS B 3506 -13.86 -69.14 5.04
C LYS B 3506 -12.75 -69.56 4.09
N THR B 3507 -11.78 -70.36 4.55
CA THR B 3507 -10.70 -70.79 3.67
C THR B 3507 -11.20 -71.77 2.62
N LEU B 3508 -11.92 -72.81 3.05
CA LEU B 3508 -12.44 -73.81 2.12
C LEU B 3508 -13.65 -73.30 1.34
N ARG B 3509 -14.27 -72.20 1.76
CA ARG B 3509 -15.43 -71.68 1.05
C ARG B 3509 -15.07 -71.09 -0.31
N THR B 3510 -13.80 -70.73 -0.51
CA THR B 3510 -13.38 -70.16 -1.80
C THR B 3510 -13.37 -71.20 -2.91
N ILE B 3511 -13.24 -72.48 -2.57
CA ILE B 3511 -13.20 -73.52 -3.60
C ILE B 3511 -14.58 -73.68 -4.24
N LEU B 3512 -15.63 -73.80 -3.41
CA LEU B 3512 -16.97 -73.95 -3.95
C LEU B 3512 -17.44 -72.69 -4.66
N SER B 3513 -16.92 -71.52 -4.29
CA SER B 3513 -17.33 -70.28 -4.93
C SER B 3513 -16.64 -70.10 -6.27
N SER B 3514 -15.33 -70.37 -6.33
CA SER B 3514 -14.57 -70.15 -7.56
C SER B 3514 -15.00 -71.08 -8.69
N VAL B 3515 -15.54 -72.25 -8.37
CA VAL B 3515 -15.99 -73.16 -9.42
C VAL B 3515 -17.19 -72.56 -10.17
N THR B 3516 -18.11 -71.97 -9.43
CA THR B 3516 -19.28 -71.34 -10.03
C THR B 3516 -19.03 -69.90 -10.46
N HIS B 3517 -18.15 -69.18 -9.77
CA HIS B 3517 -17.85 -67.80 -10.14
C HIS B 3517 -17.27 -67.74 -11.54
N ASN B 3518 -17.71 -66.75 -12.32
CA ASN B 3518 -17.34 -66.61 -13.72
C ASN B 3518 -17.68 -67.88 -14.50
N GLY B 3519 -18.84 -68.47 -14.18
CA GLY B 3519 -19.28 -69.68 -14.84
C GLY B 3519 -19.92 -69.48 -16.19
N LYS B 3520 -20.25 -68.25 -16.55
CA LYS B 3520 -20.82 -67.99 -17.88
C LYS B 3520 -19.82 -68.35 -18.97
N GLN B 3521 -18.54 -68.17 -18.72
CA GLN B 3521 -17.52 -68.59 -19.67
C GLN B 3521 -17.23 -70.08 -19.59
N LEU B 3522 -17.47 -70.71 -18.44
CA LEU B 3522 -17.18 -72.13 -18.27
C LEU B 3522 -18.04 -72.98 -19.20
N VAL B 3523 -19.34 -72.69 -19.23
CA VAL B 3523 -20.24 -73.43 -20.12
C VAL B 3523 -19.89 -73.15 -21.58
N MET B 3524 -19.25 -72.01 -21.86
CA MET B 3524 -18.90 -71.67 -23.23
C MET B 3524 -17.72 -72.52 -23.73
N THR B 3525 -16.64 -72.56 -22.95
CA THR B 3525 -15.46 -73.33 -23.40
C THR B 3525 -15.74 -74.82 -23.41
N VAL B 3526 -16.55 -75.31 -22.47
CA VAL B 3526 -16.96 -76.70 -22.50
C VAL B 3526 -17.79 -76.99 -23.74
N GLY B 3527 -18.67 -76.06 -24.11
CA GLY B 3527 -19.36 -76.18 -25.38
C GLY B 3527 -18.41 -76.06 -26.55
N LEU B 3528 -17.40 -75.19 -26.43
CA LEU B 3528 -16.35 -75.15 -27.43
C LEU B 3528 -15.53 -76.44 -27.45
N LEU B 3529 -15.38 -77.08 -26.29
CA LEU B 3529 -14.68 -78.35 -26.23
C LEU B 3529 -15.50 -79.50 -26.82
N ALA B 3530 -16.82 -79.35 -26.83
CA ALA B 3530 -17.67 -80.42 -27.36
C ALA B 3530 -17.81 -80.35 -28.87
N VAL B 3531 -17.64 -79.17 -29.46
CA VAL B 3531 -17.79 -79.06 -30.91
C VAL B 3531 -16.48 -79.40 -31.62
N VAL B 3532 -15.33 -79.12 -31.01
CA VAL B 3532 -14.07 -79.40 -31.68
C VAL B 3532 -13.86 -80.91 -31.82
N VAL B 3533 -14.25 -81.68 -30.80
CA VAL B 3533 -14.17 -83.14 -30.91
C VAL B 3533 -15.23 -83.68 -31.84
N TYR B 3534 -16.33 -82.95 -32.03
CA TYR B 3534 -17.36 -83.38 -32.97
C TYR B 3534 -16.87 -83.25 -34.41
N LEU B 3535 -16.09 -82.21 -34.70
CA LEU B 3535 -15.51 -82.08 -36.03
C LEU B 3535 -14.48 -83.16 -36.30
N TYR B 3536 -13.70 -83.55 -35.29
CA TYR B 3536 -12.75 -84.65 -35.45
C TYR B 3536 -13.44 -86.01 -35.42
N THR B 3537 -14.71 -86.06 -35.02
CA THR B 3537 -15.44 -87.33 -35.01
C THR B 3537 -15.96 -87.67 -36.38
N VAL B 3538 -16.48 -86.68 -37.12
CA VAL B 3538 -17.03 -86.95 -38.44
C VAL B 3538 -15.93 -87.28 -39.45
N VAL B 3539 -14.72 -86.76 -39.23
CA VAL B 3539 -13.61 -87.09 -40.13
C VAL B 3539 -13.07 -88.48 -39.83
N ALA B 3540 -13.26 -88.97 -38.60
CA ALA B 3540 -12.86 -90.33 -38.28
C ALA B 3540 -13.88 -91.33 -38.79
N PHE B 3541 -15.16 -90.96 -38.79
CA PHE B 3541 -16.20 -91.84 -39.31
C PHE B 3541 -16.15 -91.95 -40.83
N ASN B 3542 -15.59 -90.93 -41.49
CA ASN B 3542 -15.54 -90.93 -42.95
C ASN B 3542 -14.33 -91.69 -43.48
N PHE B 3543 -13.16 -91.47 -42.88
CA PHE B 3543 -11.93 -92.06 -43.36
C PHE B 3543 -11.33 -93.09 -42.41
N PHE B 3544 -11.14 -92.72 -41.14
CA PHE B 3544 -10.48 -93.59 -40.16
C PHE B 3544 -11.46 -94.63 -39.59
N ARG B 3545 -11.93 -95.51 -40.47
CA ARG B 3545 -12.83 -96.57 -40.08
C ARG B 3545 -12.10 -97.86 -39.71
N LYS B 3546 -10.98 -98.15 -40.36
CA LYS B 3546 -10.20 -99.35 -40.11
C LYS B 3546 -9.09 -99.13 -39.09
N PHE B 3547 -9.22 -98.12 -38.23
CA PHE B 3547 -8.19 -97.81 -37.24
C PHE B 3547 -8.66 -97.96 -35.80
N TYR B 3548 -9.94 -97.80 -35.52
CA TYR B 3548 -10.47 -97.90 -34.16
C TYR B 3548 -10.91 -99.34 -33.91
N ASN B 3549 -9.97 -100.16 -33.45
CA ASN B 3549 -10.23 -101.57 -33.12
C ASN B 3549 -9.61 -101.84 -31.76
N LYS B 3550 -10.40 -101.66 -30.70
CA LYS B 3550 -9.89 -101.87 -29.35
C LYS B 3550 -9.71 -103.35 -29.04
N SER B 3551 -10.54 -104.21 -29.64
CA SER B 3551 -10.45 -105.64 -29.37
C SER B 3551 -9.19 -106.23 -30.03
N GLU B 3552 -8.58 -107.18 -29.33
CA GLU B 3552 -7.37 -107.84 -29.81
C GLU B 3552 -7.62 -109.28 -30.26
N ASP B 3553 -8.86 -109.77 -30.14
CA ASP B 3553 -9.18 -111.13 -30.54
C ASP B 3553 -9.39 -111.18 -32.06
N GLU B 3554 -9.91 -112.31 -32.55
CA GLU B 3554 -10.15 -112.46 -33.98
C GLU B 3554 -11.23 -111.50 -34.45
N ASP B 3555 -12.40 -111.54 -33.82
CA ASP B 3555 -13.48 -110.63 -34.17
C ASP B 3555 -13.19 -109.24 -33.60
N GLU B 3556 -13.94 -108.26 -34.09
CA GLU B 3556 -13.79 -106.86 -33.67
C GLU B 3556 -15.15 -106.34 -33.19
N PRO B 3557 -15.58 -106.75 -31.99
CA PRO B 3557 -16.85 -106.24 -31.47
C PRO B 3557 -16.72 -104.84 -30.89
N ASP B 3558 -15.52 -104.48 -30.43
CA ASP B 3558 -15.27 -103.18 -29.83
C ASP B 3558 -15.06 -102.08 -30.85
N MET B 3559 -15.18 -102.38 -32.14
CA MET B 3559 -15.01 -101.38 -33.19
C MET B 3559 -16.16 -100.38 -33.10
N LYS B 3560 -15.86 -99.16 -32.65
CA LYS B 3560 -16.88 -98.13 -32.49
C LYS B 3560 -17.30 -97.50 -33.80
N CYS B 3561 -16.60 -97.80 -34.90
CA CYS B 3561 -16.91 -97.19 -36.19
C CYS B 3561 -18.23 -97.67 -36.77
N ASP B 3562 -18.87 -98.67 -36.16
CA ASP B 3562 -20.15 -99.15 -36.68
C ASP B 3562 -21.26 -98.12 -36.45
N ASP B 3563 -21.27 -97.49 -35.29
CA ASP B 3563 -22.26 -96.48 -34.95
C ASP B 3563 -21.61 -95.12 -34.80
N MET B 3564 -22.26 -94.08 -35.34
CA MET B 3564 -21.73 -92.74 -35.26
C MET B 3564 -21.80 -92.17 -33.85
N MET B 3565 -22.70 -92.68 -33.01
CA MET B 3565 -22.80 -92.20 -31.64
C MET B 3565 -21.75 -92.85 -30.74
N THR B 3566 -21.34 -94.08 -31.05
CA THR B 3566 -20.33 -94.75 -30.24
C THR B 3566 -18.96 -94.10 -30.42
N CYS B 3567 -18.67 -93.57 -31.61
CA CYS B 3567 -17.40 -92.88 -31.82
C CYS B 3567 -17.31 -91.61 -30.98
N TYR B 3568 -18.43 -90.92 -30.81
CA TYR B 3568 -18.42 -89.70 -30.01
C TYR B 3568 -18.16 -90.01 -28.54
N LEU B 3569 -18.77 -91.09 -28.03
CA LEU B 3569 -18.55 -91.48 -26.65
C LEU B 3569 -17.14 -92.04 -26.45
N PHE B 3570 -16.59 -92.69 -27.48
CA PHE B 3570 -15.26 -93.26 -27.37
C PHE B 3570 -14.18 -92.17 -27.42
N HIS B 3571 -14.37 -91.16 -28.26
CA HIS B 3571 -13.37 -90.12 -28.39
C HIS B 3571 -13.40 -89.15 -27.22
N MET B 3572 -14.60 -88.90 -26.66
CA MET B 3572 -14.71 -87.96 -25.56
C MET B 3572 -14.25 -88.58 -24.25
N TYR B 3573 -14.59 -89.85 -24.03
CA TYR B 3573 -14.24 -90.51 -22.76
C TYR B 3573 -12.75 -90.82 -22.70
N VAL B 3574 -12.23 -91.46 -23.75
CA VAL B 3574 -10.83 -91.90 -23.73
C VAL B 3574 -9.89 -90.75 -24.06
N GLY B 3575 -10.29 -89.89 -25.00
CA GLY B 3575 -9.38 -88.84 -25.45
C GLY B 3575 -9.05 -87.82 -24.37
N VAL B 3576 -10.09 -87.32 -23.68
CA VAL B 3576 -9.87 -86.27 -22.70
C VAL B 3576 -9.26 -86.82 -21.42
N ARG B 3577 -9.69 -88.01 -20.98
CA ARG B 3577 -9.24 -88.56 -19.70
C ARG B 3577 -7.79 -89.01 -19.76
N ALA B 3578 -7.38 -89.62 -20.87
CA ALA B 3578 -6.02 -90.13 -20.98
C ALA B 3578 -5.01 -89.00 -20.98
N GLY B 3579 -5.24 -87.97 -21.81
CA GLY B 3579 -4.34 -86.85 -21.91
C GLY B 3579 -3.17 -87.04 -22.87
N GLY B 3580 -2.87 -88.27 -23.27
CA GLY B 3580 -1.78 -88.52 -24.19
C GLY B 3580 -2.24 -88.57 -25.64
N GLY B 3581 -3.36 -87.91 -25.92
CA GLY B 3581 -3.90 -87.89 -27.27
C GLY B 3581 -4.55 -89.21 -27.66
N ILE B 3582 -4.97 -89.26 -28.93
CA ILE B 3582 -5.61 -90.46 -29.46
C ILE B 3582 -4.62 -91.53 -29.88
N GLY B 3583 -3.32 -91.23 -29.87
CA GLY B 3583 -2.31 -92.19 -30.27
C GLY B 3583 -2.17 -93.39 -29.37
N ASP B 3584 -2.79 -93.37 -28.18
CA ASP B 3584 -2.73 -94.49 -27.27
C ASP B 3584 -3.84 -95.51 -27.50
N GLU B 3585 -5.02 -95.06 -27.94
CA GLU B 3585 -6.13 -95.97 -28.17
C GLU B 3585 -6.05 -96.61 -29.55
N ILE B 3586 -5.57 -95.86 -30.55
CA ILE B 3586 -5.47 -96.39 -31.91
C ILE B 3586 -4.35 -97.42 -31.98
N GLU B 3587 -4.43 -98.27 -33.00
CA GLU B 3587 -3.43 -99.30 -33.21
C GLU B 3587 -2.19 -98.71 -33.89
N ASP B 3588 -1.23 -99.56 -34.19
CA ASP B 3588 0.01 -99.12 -34.83
C ASP B 3588 -0.27 -98.76 -36.29
N PRO B 3589 -0.02 -97.53 -36.71
CA PRO B 3589 -0.28 -97.16 -38.11
C PRO B 3589 0.73 -97.77 -39.08
N ALA B 3590 0.62 -99.07 -39.32
CA ALA B 3590 1.51 -99.77 -40.23
C ALA B 3590 1.01 -99.81 -41.66
N GLY B 3591 -0.25 -99.43 -41.90
CA GLY B 3591 -0.78 -99.46 -43.25
C GLY B 3591 -0.26 -98.30 -44.09
N ASP B 3592 0.06 -98.60 -45.34
CA ASP B 3592 0.58 -97.57 -46.25
C ASP B 3592 -0.51 -96.59 -46.66
N GLU B 3593 -1.76 -97.02 -46.65
CA GLU B 3593 -2.87 -96.14 -47.04
C GLU B 3593 -3.12 -95.12 -45.94
N TYR B 3594 -3.04 -93.83 -46.29
CA TYR B 3594 -3.26 -92.73 -45.35
C TYR B 3594 -2.30 -92.82 -44.17
N GLU B 3595 -1.04 -93.18 -44.45
CA GLU B 3595 -0.05 -93.29 -43.38
C GLU B 3595 0.34 -91.91 -42.85
N LEU B 3596 0.85 -91.04 -43.73
CA LEU B 3596 1.24 -89.71 -43.30
C LEU B 3596 0.03 -88.85 -42.97
N TYR B 3597 -1.13 -89.15 -43.55
CA TYR B 3597 -2.33 -88.37 -43.25
C TYR B 3597 -2.83 -88.63 -41.84
N ARG B 3598 -2.68 -89.86 -41.35
CA ARG B 3598 -3.09 -90.18 -39.99
C ARG B 3598 -2.09 -89.66 -38.97
N VAL B 3599 -0.83 -89.50 -39.37
CA VAL B 3599 0.19 -89.00 -38.44
C VAL B 3599 -0.05 -87.53 -38.13
N VAL B 3600 -0.25 -86.71 -39.18
CA VAL B 3600 -0.48 -85.29 -38.97
C VAL B 3600 -1.82 -85.05 -38.27
N PHE B 3601 -2.78 -85.95 -38.46
CA PHE B 3601 -4.09 -85.78 -37.83
C PHE B 3601 -3.98 -85.89 -36.31
N ASP B 3602 -3.23 -86.87 -35.81
CA ASP B 3602 -3.08 -87.01 -34.37
C ASP B 3602 -2.17 -85.95 -33.79
N ILE B 3603 -1.30 -85.35 -34.61
CA ILE B 3603 -0.40 -84.31 -34.11
C ILE B 3603 -1.19 -83.05 -33.81
N THR B 3604 -2.02 -82.60 -34.75
CA THR B 3604 -2.85 -81.42 -34.50
C THR B 3604 -3.95 -81.71 -33.50
N PHE B 3605 -4.34 -82.98 -33.35
CA PHE B 3605 -5.32 -83.33 -32.33
C PHE B 3605 -4.72 -83.21 -30.93
N PHE B 3606 -3.45 -83.56 -30.78
CA PHE B 3606 -2.79 -83.42 -29.48
C PHE B 3606 -2.49 -81.96 -29.15
N PHE B 3607 -2.29 -81.13 -30.18
CA PHE B 3607 -1.89 -79.75 -29.93
C PHE B 3607 -3.07 -78.88 -29.53
N PHE B 3608 -4.29 -79.26 -29.94
CA PHE B 3608 -5.43 -78.37 -29.75
C PHE B 3608 -6.21 -78.69 -28.49
N VAL B 3609 -6.74 -79.92 -28.39
CA VAL B 3609 -7.70 -80.20 -27.31
C VAL B 3609 -6.98 -80.51 -26.00
N ILE B 3610 -5.71 -80.90 -26.04
CA ILE B 3610 -4.97 -81.13 -24.80
C ILE B 3610 -4.27 -79.87 -24.34
N VAL B 3611 -3.56 -79.19 -25.25
CA VAL B 3611 -2.77 -78.03 -24.88
C VAL B 3611 -3.66 -76.79 -24.74
N ILE B 3612 -4.38 -76.44 -25.80
CA ILE B 3612 -5.13 -75.19 -25.81
C ILE B 3612 -6.42 -75.32 -24.99
N LEU B 3613 -7.18 -76.37 -25.24
CA LEU B 3613 -8.51 -76.48 -24.63
C LEU B 3613 -8.42 -76.65 -23.12
N LEU B 3614 -7.60 -77.58 -22.65
CA LEU B 3614 -7.49 -77.83 -21.21
C LEU B 3614 -6.90 -76.64 -20.46
N ALA B 3615 -6.09 -75.82 -21.13
CA ALA B 3615 -5.53 -74.64 -20.48
C ALA B 3615 -6.61 -73.61 -20.14
N ILE B 3616 -7.62 -73.50 -21.01
CA ILE B 3616 -8.74 -72.59 -20.73
C ILE B 3616 -9.55 -73.09 -19.55
N ILE B 3617 -9.63 -74.41 -19.38
CA ILE B 3617 -10.34 -74.97 -18.24
C ILE B 3617 -9.57 -74.71 -16.95
N GLN B 3618 -8.25 -74.88 -16.99
CA GLN B 3618 -7.45 -74.66 -15.79
C GLN B 3618 -7.26 -73.17 -15.52
N GLY B 3619 -7.07 -72.38 -16.56
CA GLY B 3619 -6.73 -70.97 -16.37
C GLY B 3619 -7.87 -70.17 -15.75
N LEU B 3620 -9.09 -70.39 -16.23
CA LEU B 3620 -10.22 -69.61 -15.75
C LEU B 3620 -10.57 -69.94 -14.30
N ILE B 3621 -10.31 -71.17 -13.86
CA ILE B 3621 -10.63 -71.57 -12.50
C ILE B 3621 -9.60 -71.01 -11.53
N ILE B 3622 -8.31 -71.16 -11.84
CA ILE B 3622 -7.27 -70.69 -10.95
C ILE B 3622 -7.22 -69.17 -10.92
N ASP B 3623 -7.65 -68.51 -12.00
CA ASP B 3623 -7.69 -67.05 -12.00
C ASP B 3623 -8.84 -66.53 -11.14
N ALA B 3624 -9.95 -67.26 -11.08
CA ALA B 3624 -11.05 -66.86 -10.21
C ALA B 3624 -10.67 -66.95 -8.75
N PHE B 3625 -9.87 -67.98 -8.39
CA PHE B 3625 -9.39 -68.09 -7.02
C PHE B 3625 -8.40 -66.97 -6.69
N GLY B 3626 -7.48 -66.69 -7.61
CA GLY B 3626 -6.51 -65.63 -7.37
C GLY B 3626 -7.15 -64.25 -7.35
N GLU B 3627 -8.14 -64.03 -8.21
CA GLU B 3627 -8.83 -62.73 -8.21
C GLU B 3627 -9.67 -62.55 -6.96
N LEU B 3628 -10.34 -63.61 -6.51
CA LEU B 3628 -11.14 -63.51 -5.29
C LEU B 3628 -10.26 -63.40 -4.06
N ARG B 3629 -9.14 -64.13 -4.04
CA ARG B 3629 -8.21 -63.99 -2.93
C ARG B 3629 -7.58 -62.60 -2.90
N ASP B 3630 -7.25 -62.06 -4.07
CA ASP B 3630 -6.75 -60.68 -4.13
C ASP B 3630 -7.85 -59.69 -3.76
N GLN B 3631 -9.11 -60.00 -4.09
CA GLN B 3631 -10.21 -59.13 -3.70
C GLN B 3631 -10.40 -59.13 -2.19
N GLN B 3632 -10.33 -60.31 -1.57
CA GLN B 3632 -10.43 -60.37 -0.12
C GLN B 3632 -9.21 -59.75 0.55
N GLU B 3633 -8.04 -59.82 -0.10
CA GLU B 3633 -6.86 -59.18 0.45
C GLU B 3633 -6.89 -57.67 0.22
N GLN B 3634 -7.56 -57.22 -0.85
CA GLN B 3634 -7.64 -55.79 -1.11
C GLN B 3634 -8.55 -55.10 -0.10
N VAL B 3635 -9.73 -55.68 0.15
CA VAL B 3635 -10.64 -55.08 1.11
C VAL B 3635 -10.07 -55.13 2.52
N ARG B 3636 -9.30 -56.18 2.83
CA ARG B 3636 -8.63 -56.23 4.13
C ARG B 3636 -7.58 -55.13 4.24
N GLU B 3637 -6.83 -54.89 3.15
CA GLU B 3637 -5.88 -53.79 3.14
C GLU B 3637 -6.56 -52.45 2.89
N ASP B 3638 -7.78 -52.45 2.37
CA ASP B 3638 -8.51 -51.21 2.13
C ASP B 3638 -8.88 -50.51 3.43
N MET B 3639 -8.96 -51.24 4.55
CA MET B 3639 -9.29 -50.64 5.83
C MET B 3639 -8.22 -49.69 6.33
N GLU B 3640 -7.01 -49.75 5.78
CA GLU B 3640 -5.92 -48.85 6.16
C GLU B 3640 -5.66 -47.75 5.14
N THR B 3641 -5.94 -47.99 3.86
CA THR B 3641 -5.75 -47.00 2.82
C THR B 3641 -7.04 -46.32 2.38
N LYS B 3642 -8.16 -46.66 3.02
CA LYS B 3642 -9.45 -46.05 2.67
C LYS B 3642 -10.43 -46.30 3.79
N CYS B 3643 -11.53 -45.55 3.77
CA CYS B 3643 -12.61 -45.73 4.74
C CYS B 3643 -13.86 -45.06 4.18
N PHE B 3644 -14.89 -45.85 3.90
CA PHE B 3644 -16.13 -45.31 3.35
C PHE B 3644 -16.99 -44.63 4.40
N ILE B 3645 -16.74 -44.89 5.69
CA ILE B 3645 -17.59 -44.32 6.74
C ILE B 3645 -16.97 -43.11 7.42
N CYS B 3646 -15.68 -42.86 7.21
CA CYS B 3646 -15.03 -41.73 7.89
C CYS B 3646 -15.48 -40.40 7.31
N GLY B 3647 -15.20 -40.18 6.03
CA GLY B 3647 -15.49 -38.94 5.35
C GLY B 3647 -14.30 -38.27 4.71
N ILE B 3648 -13.12 -38.40 5.30
CA ILE B 3648 -11.90 -37.81 4.74
C ILE B 3648 -11.18 -38.79 3.82
N GLY B 3649 -11.07 -40.04 4.22
CA GLY B 3649 -10.48 -41.04 3.35
C GLY B 3649 -9.49 -41.97 4.04
N SER B 3650 -8.27 -42.03 3.49
CA SER B 3650 -7.25 -42.94 3.99
C SER B 3650 -6.88 -42.64 5.43
N ASP B 3651 -6.29 -41.47 5.67
CA ASP B 3651 -5.85 -41.06 7.00
C ASP B 3651 -5.44 -39.60 6.94
N TYR B 3652 -5.56 -38.92 8.08
CA TYR B 3652 -5.15 -37.53 8.20
C TYR B 3652 -3.65 -37.38 8.41
N PHE B 3653 -2.88 -38.47 8.30
CA PHE B 3653 -1.44 -38.42 8.49
C PHE B 3653 -0.72 -37.63 7.40
N ASP B 3654 -1.40 -37.34 6.28
CA ASP B 3654 -0.77 -36.57 5.22
C ASP B 3654 -0.53 -35.11 5.63
N THR B 3655 -1.29 -34.61 6.59
CA THR B 3655 -1.14 -33.24 7.09
C THR B 3655 -0.35 -33.18 8.38
N THR B 3656 -0.73 -33.98 9.38
CA THR B 3656 -0.04 -34.01 10.66
C THR B 3656 0.77 -35.29 10.80
N PRO B 3657 1.94 -35.22 11.43
CA PRO B 3657 2.78 -36.43 11.56
C PRO B 3657 2.16 -37.53 12.42
N HIS B 3658 1.27 -37.18 13.34
CA HIS B 3658 0.66 -38.15 14.26
C HIS B 3658 -0.86 -38.08 14.19
N ARG B 3659 -1.39 -38.05 12.97
CA ARG B 3659 -2.83 -38.04 12.75
C ARG B 3659 -3.33 -39.33 12.11
N PHE B 3660 -2.46 -40.34 11.99
CA PHE B 3660 -2.88 -41.61 11.40
C PHE B 3660 -3.79 -42.39 12.35
N GLU B 3661 -3.43 -42.45 13.63
CA GLU B 3661 -4.26 -43.13 14.61
C GLU B 3661 -5.36 -42.22 15.15
N THR B 3662 -5.11 -40.92 15.23
CA THR B 3662 -6.10 -40.00 15.75
C THR B 3662 -7.30 -39.85 14.83
N HIS B 3663 -7.15 -40.15 13.53
CA HIS B 3663 -8.27 -40.06 12.61
C HIS B 3663 -9.34 -41.10 12.93
N THR B 3664 -8.94 -42.37 13.01
CA THR B 3664 -9.87 -43.47 13.26
C THR B 3664 -10.12 -43.70 14.75
N LEU B 3665 -9.90 -42.68 15.59
CA LEU B 3665 -10.08 -42.82 17.03
C LEU B 3665 -11.24 -41.97 17.56
N GLU B 3666 -11.23 -40.67 17.29
CA GLU B 3666 -12.24 -39.77 17.83
C GLU B 3666 -13.11 -39.14 16.75
N GLU B 3667 -12.50 -38.48 15.76
CA GLU B 3667 -13.28 -37.76 14.76
C GLU B 3667 -13.86 -38.69 13.71
N HIS B 3668 -13.04 -39.58 13.17
CA HIS B 3668 -13.48 -40.49 12.11
C HIS B 3668 -13.34 -41.94 12.55
N ASN B 3669 -13.76 -42.25 13.78
CA ASN B 3669 -13.61 -43.60 14.30
C ASN B 3669 -14.41 -44.61 13.49
N LEU B 3670 -15.52 -44.17 12.89
CA LEU B 3670 -16.39 -45.03 12.07
C LEU B 3670 -16.91 -46.24 12.84
N ALA B 3671 -16.95 -46.16 14.16
CA ALA B 3671 -17.43 -47.25 15.00
C ALA B 3671 -18.29 -46.68 16.12
N ASN B 3672 -19.08 -47.56 16.73
CA ASN B 3672 -19.98 -47.22 17.82
C ASN B 3672 -21.01 -46.17 17.42
N TYR B 3673 -21.24 -46.00 16.10
CA TYR B 3673 -22.24 -45.04 15.65
C TYR B 3673 -23.66 -45.52 15.89
N MET B 3674 -23.85 -46.82 16.14
CA MET B 3674 -25.18 -47.32 16.49
C MET B 3674 -25.63 -46.76 17.83
N PHE B 3675 -24.69 -46.41 18.72
CA PHE B 3675 -25.06 -45.77 19.98
C PHE B 3675 -25.59 -44.37 19.75
N PHE B 3676 -25.13 -43.69 18.69
CA PHE B 3676 -25.68 -42.38 18.38
C PHE B 3676 -27.14 -42.47 17.96
N LEU B 3677 -27.47 -43.43 17.10
CA LEU B 3677 -28.87 -43.65 16.74
C LEU B 3677 -29.67 -44.17 17.92
N MET B 3678 -29.03 -44.93 18.81
CA MET B 3678 -29.71 -45.39 20.02
C MET B 3678 -30.07 -44.22 20.93
N TYR B 3679 -29.21 -43.20 20.98
CA TYR B 3679 -29.48 -42.03 21.81
C TYR B 3679 -30.71 -41.27 21.31
N LEU B 3680 -30.90 -41.22 19.99
CA LEU B 3680 -32.07 -40.54 19.44
C LEU B 3680 -33.34 -41.35 19.63
N ILE B 3681 -33.24 -42.67 19.65
CA ILE B 3681 -34.42 -43.51 19.83
C ILE B 3681 -34.80 -43.60 21.29
N ASN B 3682 -33.82 -43.78 22.18
CA ASN B 3682 -34.11 -43.90 23.61
C ASN B 3682 -34.62 -42.59 24.18
N LYS B 3683 -33.85 -41.51 24.00
CA LYS B 3683 -34.27 -40.21 24.49
C LYS B 3683 -35.38 -39.63 23.63
N ASP B 3684 -36.27 -38.87 24.26
CA ASP B 3684 -37.39 -38.28 23.55
C ASP B 3684 -36.92 -37.11 22.70
N GLU B 3685 -37.84 -36.57 21.90
CA GLU B 3685 -37.51 -35.45 21.03
C GLU B 3685 -37.27 -34.17 21.82
N THR B 3686 -37.88 -34.05 23.00
CA THR B 3686 -37.70 -32.86 23.82
C THR B 3686 -36.37 -32.85 24.55
N GLU B 3687 -35.65 -33.97 24.58
CA GLU B 3687 -34.35 -34.05 25.25
C GLU B 3687 -33.19 -33.98 24.25
N HIS B 3688 -33.41 -33.42 23.07
CA HIS B 3688 -32.38 -33.31 22.05
C HIS B 3688 -31.83 -31.88 22.00
N THR B 3689 -30.61 -31.76 21.49
CA THR B 3689 -29.93 -30.50 21.36
C THR B 3689 -30.09 -29.96 19.94
N GLY B 3690 -29.41 -28.86 19.63
CA GLY B 3690 -29.49 -28.28 18.30
C GLY B 3690 -28.89 -29.17 17.23
N GLN B 3691 -27.93 -30.00 17.60
CA GLN B 3691 -27.33 -30.93 16.66
C GLN B 3691 -28.08 -32.26 16.59
N GLU B 3692 -28.62 -32.73 17.72
CA GLU B 3692 -29.38 -33.97 17.71
C GLU B 3692 -30.73 -33.78 17.00
N SER B 3693 -31.30 -32.59 17.06
CA SER B 3693 -32.56 -32.34 16.38
C SER B 3693 -32.37 -32.18 14.87
N TYR B 3694 -31.20 -31.70 14.45
CA TYR B 3694 -30.94 -31.54 13.01
C TYR B 3694 -30.78 -32.88 12.32
N VAL B 3695 -30.04 -33.81 12.93
CA VAL B 3695 -29.87 -35.12 12.34
C VAL B 3695 -31.17 -35.92 12.41
N TRP B 3696 -31.96 -35.71 13.47
CA TRP B 3696 -33.24 -36.41 13.57
C TRP B 3696 -34.24 -35.89 12.54
N LYS B 3697 -34.16 -34.61 12.20
CA LYS B 3697 -35.06 -34.07 11.17
C LYS B 3697 -34.72 -34.63 9.80
N MET B 3698 -33.44 -34.79 9.50
CA MET B 3698 -33.02 -35.37 8.23
C MET B 3698 -33.19 -36.88 8.20
N TYR B 3699 -33.19 -37.54 9.37
CA TYR B 3699 -33.37 -38.99 9.40
C TYR B 3699 -34.77 -39.38 8.97
N GLN B 3700 -35.78 -38.60 9.35
CA GLN B 3700 -37.16 -38.89 8.95
C GLN B 3700 -37.39 -38.62 7.47
N GLU B 3701 -36.60 -37.73 6.87
CA GLU B 3701 -36.76 -37.41 5.45
C GLU B 3701 -36.10 -38.48 4.59
N ARG B 3702 -36.19 -38.30 3.28
CA ARG B 3702 -35.62 -39.24 2.31
C ARG B 3702 -34.16 -38.93 2.00
N CYS B 3703 -33.48 -38.17 2.84
CA CYS B 3703 -32.07 -37.83 2.65
C CYS B 3703 -31.26 -38.36 3.83
N TRP B 3704 -30.10 -38.94 3.52
CA TRP B 3704 -29.21 -39.51 4.52
C TRP B 3704 -27.81 -38.92 4.39
N ASP B 3705 -27.74 -37.59 4.23
CA ASP B 3705 -26.48 -36.88 4.10
C ASP B 3705 -25.95 -36.36 5.43
N PHE B 3706 -26.41 -36.92 6.54
CA PHE B 3706 -25.93 -36.48 7.85
C PHE B 3706 -24.49 -36.91 8.10
N PHE B 3707 -23.98 -37.88 7.37
CA PHE B 3707 -22.59 -38.26 7.49
C PHE B 3707 -21.70 -37.13 6.97
N PRO B 3708 -20.47 -37.00 7.51
CA PRO B 3708 -19.59 -35.90 7.08
C PRO B 3708 -19.29 -35.94 5.58
N ALA B 3709 -18.70 -37.05 5.12
CA ALA B 3709 -18.37 -37.24 3.71
C ALA B 3709 -17.59 -36.06 3.15
N GLY B 3710 -16.67 -35.52 3.96
CA GLY B 3710 -15.91 -34.36 3.56
C GLY B 3710 -14.66 -34.13 4.40
N ASP B 3711 -14.40 -32.87 4.73
CA ASP B 3711 -13.20 -32.53 5.49
C ASP B 3711 -13.28 -33.11 6.90
N CYS B 3712 -12.11 -33.39 7.47
CA CYS B 3712 -12.00 -33.96 8.80
C CYS B 3712 -11.88 -32.83 9.83
N PHE B 3713 -11.53 -33.19 11.06
CA PHE B 3713 -11.39 -32.20 12.13
C PHE B 3713 -10.22 -31.25 11.89
N ARG B 3714 -9.30 -31.59 10.99
CA ARG B 3714 -8.16 -30.71 10.73
C ARG B 3714 -8.61 -29.40 10.09
N LYS B 3715 -9.62 -29.45 9.23
CA LYS B 3715 -10.12 -28.22 8.61
C LYS B 3715 -10.87 -27.35 9.60
N GLN B 3716 -11.48 -27.95 10.61
CA GLN B 3716 -12.23 -27.21 11.61
C GLN B 3716 -11.29 -26.45 12.55
N GLY C 1 -49.78 61.73 -105.82
CA GLY C 1 -48.73 61.69 -106.82
C GLY C 1 -48.57 60.33 -107.48
N VAL C 2 -49.69 59.61 -107.61
CA VAL C 2 -49.66 58.29 -108.23
C VAL C 2 -49.48 58.44 -109.74
N GLU C 3 -48.61 57.60 -110.30
CA GLU C 3 -48.34 57.61 -111.73
C GLU C 3 -48.29 56.19 -112.25
N ILE C 4 -48.70 56.00 -113.50
CA ILE C 4 -48.73 54.70 -114.14
C ILE C 4 -47.93 54.80 -115.44
N GLU C 5 -46.88 53.98 -115.55
CA GLU C 5 -46.05 53.92 -116.75
C GLU C 5 -46.28 52.56 -117.41
N THR C 6 -46.93 52.57 -118.58
CA THR C 6 -47.24 51.33 -119.27
C THR C 6 -45.97 50.63 -119.73
N ILE C 7 -45.92 49.31 -119.51
CA ILE C 7 -44.78 48.49 -119.88
C ILE C 7 -45.26 47.45 -120.88
N SER C 8 -44.90 47.63 -122.15
CA SER C 8 -45.26 46.73 -123.23
C SER C 8 -46.77 46.49 -123.29
N PRO C 9 -47.56 47.48 -123.70
CA PRO C 9 -49.02 47.34 -123.75
C PRO C 9 -49.48 46.34 -124.81
N ARG C 13 -59.16 48.20 -124.78
CA ARG C 13 -59.45 48.83 -123.50
C ARG C 13 -60.48 48.04 -122.71
N THR C 14 -60.02 47.35 -121.67
CA THR C 14 -60.88 46.53 -120.80
C THR C 14 -60.64 46.98 -119.36
N PHE C 15 -61.44 47.95 -118.91
CA PHE C 15 -61.30 48.43 -117.54
C PHE C 15 -61.97 47.48 -116.55
N PRO C 16 -61.39 47.33 -115.36
CA PRO C 16 -61.99 46.44 -114.37
C PRO C 16 -63.35 46.94 -113.91
N LYS C 17 -64.27 46.00 -113.68
CA LYS C 17 -65.60 46.34 -113.24
C LYS C 17 -65.65 46.51 -111.72
N LYS C 18 -66.60 47.33 -111.26
CA LYS C 18 -66.74 47.57 -109.84
C LYS C 18 -67.28 46.33 -109.13
N GLY C 19 -66.62 45.94 -108.05
CA GLY C 19 -67.04 44.76 -107.30
C GLY C 19 -66.77 43.45 -108.01
N GLN C 20 -65.64 43.34 -108.69
CA GLN C 20 -65.28 42.13 -109.42
C GLN C 20 -63.85 41.75 -109.10
N THR C 21 -63.59 40.44 -109.04
CA THR C 21 -62.25 39.95 -108.74
C THR C 21 -61.38 39.97 -109.99
N CYS C 22 -60.09 40.17 -109.78
CA CYS C 22 -59.13 40.24 -110.88
C CYS C 22 -57.81 39.67 -110.39
N VAL C 23 -57.36 38.59 -111.02
CA VAL C 23 -56.10 37.94 -110.67
C VAL C 23 -54.95 38.64 -111.38
N VAL C 24 -53.83 38.76 -110.71
CA VAL C 24 -52.66 39.44 -111.26
C VAL C 24 -51.42 38.96 -110.50
N HIS C 25 -50.31 38.87 -111.22
CA HIS C 25 -49.01 38.52 -110.63
C HIS C 25 -48.21 39.81 -110.48
N TYR C 26 -48.12 40.31 -109.26
CA TYR C 26 -47.46 41.58 -108.98
C TYR C 26 -46.14 41.35 -108.26
N THR C 27 -45.23 42.32 -108.44
CA THR C 27 -43.92 42.28 -107.81
C THR C 27 -43.64 43.62 -107.16
N GLY C 28 -43.09 43.59 -105.95
CA GLY C 28 -42.79 44.80 -105.20
C GLY C 28 -41.32 45.14 -105.24
N MET C 29 -41.02 46.42 -105.12
CA MET C 29 -39.65 46.90 -105.20
C MET C 29 -39.50 48.14 -104.32
N LEU C 30 -38.38 48.21 -103.61
CA LEU C 30 -38.03 49.38 -102.82
C LEU C 30 -36.87 50.12 -103.49
N GLN C 31 -36.63 51.35 -103.03
CA GLN C 31 -35.56 52.16 -103.62
C GLN C 31 -34.19 51.54 -103.39
N ASN C 32 -34.02 50.75 -102.33
CA ASN C 32 -32.73 50.13 -102.07
C ASN C 32 -32.45 48.97 -103.01
N GLY C 33 -33.47 48.20 -103.35
CA GLY C 33 -33.32 47.06 -104.24
C GLY C 33 -33.69 45.72 -103.64
N LYS C 34 -34.31 45.69 -102.47
CA LYS C 34 -34.70 44.44 -101.84
C LYS C 34 -36.14 44.10 -102.22
N LYS C 35 -36.39 42.80 -102.39
CA LYS C 35 -37.72 42.30 -102.78
C LYS C 35 -38.47 41.91 -101.52
N PHE C 36 -39.40 42.76 -101.09
CA PHE C 36 -40.20 42.46 -99.91
C PHE C 36 -41.36 41.53 -100.21
N ASP C 37 -41.69 41.33 -101.49
CA ASP C 37 -42.71 40.36 -101.88
C ASP C 37 -42.52 40.03 -103.35
N SER C 38 -42.94 38.82 -103.73
CA SER C 38 -42.83 38.37 -105.12
C SER C 38 -43.89 37.31 -105.36
N SER C 39 -44.93 37.66 -106.09
CA SER C 39 -45.98 36.69 -106.41
C SER C 39 -45.51 35.66 -107.42
N ARG C 40 -44.57 36.05 -108.29
CA ARG C 40 -44.05 35.10 -109.28
C ARG C 40 -43.20 34.01 -108.62
N ASP C 41 -42.46 34.35 -107.56
CA ASP C 41 -41.65 33.36 -106.87
C ASP C 41 -42.52 32.39 -106.07
N ARG C 42 -43.66 32.87 -105.55
CA ARG C 42 -44.56 32.00 -104.80
C ARG C 42 -45.32 31.02 -105.69
N ASN C 43 -45.38 31.30 -107.00
CA ASN C 43 -46.07 30.44 -107.96
C ASN C 43 -47.54 30.26 -107.61
N LYS C 44 -48.15 31.27 -107.01
CA LYS C 44 -49.56 31.23 -106.62
C LYS C 44 -50.23 32.49 -107.14
N PRO C 45 -51.28 32.38 -107.96
CA PRO C 45 -51.96 33.58 -108.47
C PRO C 45 -52.74 34.27 -107.36
N PHE C 46 -52.48 35.57 -107.19
CA PHE C 46 -53.16 36.35 -106.18
C PHE C 46 -54.50 36.86 -106.70
N LYS C 47 -55.50 36.85 -105.83
CA LYS C 47 -56.83 37.31 -106.18
C LYS C 47 -57.33 38.29 -105.12
N PHE C 48 -58.08 39.29 -105.57
CA PHE C 48 -58.61 40.31 -104.68
C PHE C 48 -59.84 40.94 -105.31
N ARG C 49 -60.64 41.60 -104.47
CA ARG C 49 -61.85 42.28 -104.91
C ARG C 49 -61.70 43.77 -104.70
N ILE C 50 -62.25 44.56 -105.63
CA ILE C 50 -62.15 46.01 -105.54
C ILE C 50 -63.08 46.55 -104.47
N GLY C 51 -64.33 46.08 -104.47
CA GLY C 51 -65.31 46.56 -103.51
C GLY C 51 -65.13 46.02 -102.11
N LYS C 52 -64.33 44.97 -101.93
CA LYS C 52 -64.11 44.41 -100.60
C LYS C 52 -63.25 45.30 -99.72
N GLN C 53 -62.40 46.15 -100.32
CA GLN C 53 -61.52 47.05 -99.58
C GLN C 53 -60.61 46.29 -98.62
N GLU C 54 -60.06 45.18 -99.10
CA GLU C 54 -59.13 44.37 -98.32
C GLU C 54 -57.68 44.58 -98.73
N VAL C 55 -57.43 45.42 -99.73
CA VAL C 55 -56.09 45.71 -100.22
C VAL C 55 -55.84 47.22 -100.04
N ILE C 56 -54.56 47.58 -99.98
CA ILE C 56 -54.20 48.99 -99.79
C ILE C 56 -54.76 49.82 -100.94
N LYS C 57 -55.04 51.10 -100.65
CA LYS C 57 -55.69 51.97 -101.62
C LYS C 57 -54.82 52.20 -102.85
N GLY C 58 -53.50 52.23 -102.68
CA GLY C 58 -52.63 52.47 -103.82
C GLY C 58 -52.69 51.35 -104.84
N PHE C 59 -52.66 50.09 -104.38
CA PHE C 59 -52.74 48.96 -105.31
C PHE C 59 -54.07 48.95 -106.04
N GLU C 60 -55.17 49.24 -105.34
CA GLU C 60 -56.47 49.26 -105.99
C GLU C 60 -56.57 50.40 -107.00
N GLU C 61 -56.04 51.58 -106.66
CA GLU C 61 -56.06 52.69 -107.59
C GLU C 61 -55.20 52.41 -108.82
N GLY C 62 -54.08 51.69 -108.64
CA GLY C 62 -53.26 51.33 -109.78
C GLY C 62 -53.89 50.25 -110.66
N ALA C 63 -54.59 49.30 -110.03
CA ALA C 63 -55.24 48.24 -110.80
C ALA C 63 -56.49 48.74 -111.52
N ALA C 64 -57.13 49.79 -110.97
CA ALA C 64 -58.31 50.33 -111.63
C ALA C 64 -57.98 50.94 -112.99
N GLN C 65 -56.79 51.50 -113.14
CA GLN C 65 -56.37 52.11 -114.39
C GLN C 65 -55.70 51.13 -115.34
N MET C 66 -55.40 49.92 -114.88
CA MET C 66 -54.74 48.93 -115.72
C MET C 66 -55.73 48.30 -116.68
N SER C 67 -55.23 47.45 -117.57
CA SER C 67 -56.04 46.76 -118.57
C SER C 67 -55.66 45.29 -118.61
N LEU C 68 -56.39 44.53 -119.41
CA LEU C 68 -56.15 43.10 -119.52
C LEU C 68 -54.89 42.83 -120.33
N GLY C 69 -54.04 41.96 -119.82
CA GLY C 69 -52.81 41.60 -120.50
C GLY C 69 -51.84 42.75 -120.66
N GLN C 70 -51.56 43.45 -119.57
CA GLN C 70 -50.67 44.61 -119.60
C GLN C 70 -50.07 44.81 -118.23
N ARG C 71 -48.75 45.01 -118.19
CA ARG C 71 -48.03 45.27 -116.96
C ARG C 71 -47.59 46.72 -116.90
N ALA C 72 -47.50 47.26 -115.68
CA ALA C 72 -47.13 48.65 -115.49
C ALA C 72 -46.62 48.83 -114.07
N LYS C 73 -45.60 49.68 -113.91
CA LYS C 73 -45.04 49.99 -112.61
C LYS C 73 -45.95 51.00 -111.92
N LEU C 74 -46.76 50.51 -110.98
CA LEU C 74 -47.73 51.36 -110.27
C LEU C 74 -47.02 51.99 -109.08
N THR C 75 -46.50 53.20 -109.28
CA THR C 75 -45.85 53.93 -108.21
C THR C 75 -46.91 54.49 -107.26
N CYS C 76 -46.90 54.03 -106.01
CA CYS C 76 -47.89 54.42 -105.03
C CYS C 76 -47.33 55.47 -104.07
N THR C 77 -48.22 56.31 -103.56
CA THR C 77 -47.83 57.34 -102.60
C THR C 77 -47.57 56.71 -101.24
N PRO C 78 -46.71 57.34 -100.43
CA PRO C 78 -46.46 56.80 -99.08
C PRO C 78 -47.69 56.80 -98.19
N ASP C 79 -48.61 57.76 -98.37
CA ASP C 79 -49.78 57.84 -97.51
C ASP C 79 -50.84 56.81 -97.88
N VAL C 80 -51.00 56.50 -99.17
CA VAL C 80 -52.03 55.54 -99.59
C VAL C 80 -51.66 54.10 -99.31
N ALA C 81 -50.42 53.85 -98.90
CA ALA C 81 -49.98 52.48 -98.59
C ALA C 81 -48.95 52.56 -97.48
N TYR C 82 -49.33 52.11 -96.28
CA TYR C 82 -48.46 52.12 -95.10
C TYR C 82 -47.94 53.53 -94.81
N GLY C 83 -48.89 54.41 -94.50
CA GLY C 83 -48.57 55.80 -94.21
C GLY C 83 -47.68 55.99 -93.00
N ALA C 84 -48.15 55.53 -91.84
CA ALA C 84 -47.39 55.64 -90.60
C ALA C 84 -46.74 54.33 -90.19
N THR C 85 -47.33 53.19 -90.53
CA THR C 85 -46.78 51.89 -90.18
C THR C 85 -47.39 50.84 -91.09
N GLY C 86 -46.64 49.76 -91.30
CA GLY C 86 -47.08 48.63 -92.11
C GLY C 86 -46.82 47.33 -91.38
N HIS C 87 -46.43 46.32 -92.15
CA HIS C 87 -46.09 45.04 -91.56
C HIS C 87 -44.80 45.16 -90.74
N PRO C 88 -44.79 44.69 -89.50
CA PRO C 88 -43.56 44.80 -88.69
C PRO C 88 -42.41 43.98 -89.25
N GLY C 89 -41.37 44.66 -89.73
CA GLY C 89 -40.20 44.00 -90.27
C GLY C 89 -40.19 43.88 -91.78
N VAL C 90 -41.29 44.18 -92.46
CA VAL C 90 -41.37 44.07 -93.91
C VAL C 90 -41.19 45.41 -94.59
N ILE C 91 -41.96 46.41 -94.18
CA ILE C 91 -41.92 47.74 -94.77
C ILE C 91 -41.48 48.73 -93.70
N PRO C 92 -40.45 49.53 -93.93
CA PRO C 92 -40.06 50.52 -92.93
C PRO C 92 -41.02 51.70 -92.95
N PRO C 93 -41.16 52.41 -91.83
CA PRO C 93 -42.02 53.59 -91.81
C PRO C 93 -41.46 54.72 -92.67
N ASN C 94 -42.36 55.56 -93.17
CA ASN C 94 -42.01 56.69 -94.04
C ASN C 94 -41.18 56.23 -95.24
N ALA C 95 -41.79 55.35 -96.03
CA ALA C 95 -41.14 54.83 -97.22
C ALA C 95 -42.19 54.55 -98.28
N THR C 96 -41.76 54.67 -99.54
CA THR C 96 -42.65 54.44 -100.68
C THR C 96 -42.81 52.93 -100.91
N LEU C 97 -43.61 52.59 -101.92
CA LEU C 97 -43.86 51.20 -102.27
C LEU C 97 -44.23 51.13 -103.74
N ILE C 98 -43.35 50.54 -104.55
CA ILE C 98 -43.55 50.42 -105.98
C ILE C 98 -44.01 48.99 -106.27
N PHE C 99 -45.16 48.86 -106.92
CA PHE C 99 -45.73 47.56 -107.26
C PHE C 99 -45.86 47.45 -108.77
N ASP C 100 -45.14 46.50 -109.36
CA ASP C 100 -45.22 46.24 -110.80
C ASP C 100 -46.38 45.29 -111.04
N VAL C 101 -47.57 45.85 -111.15
CA VAL C 101 -48.79 45.05 -111.32
C VAL C 101 -48.87 44.57 -112.76
N GLU C 102 -49.19 43.29 -112.93
CA GLU C 102 -49.37 42.67 -114.24
C GLU C 102 -50.75 42.03 -114.26
N LEU C 103 -51.75 42.80 -114.70
CA LEU C 103 -53.13 42.32 -114.69
C LEU C 103 -53.31 41.20 -115.70
N LEU C 104 -53.76 40.05 -115.23
CA LEU C 104 -54.03 38.88 -116.06
C LEU C 104 -55.38 38.28 -115.69
N ASN C 105 -56.38 39.13 -115.53
CA ASN C 105 -57.70 38.70 -115.13
C ASN C 105 -58.45 38.08 -116.31
N LEU C 106 -59.57 37.44 -116.01
CA LEU C 106 -60.41 36.80 -117.02
C LEU C 106 -61.75 37.51 -117.16
N PHE D 1 15.19 14.83 -32.89
CA PHE D 1 15.45 14.62 -34.31
C PHE D 1 14.15 14.61 -35.10
N LEU D 2 14.10 15.45 -36.14
CA LEU D 2 12.91 15.55 -36.97
C LEU D 2 12.82 14.35 -37.92
N ARG D 3 11.63 14.16 -38.49
CA ARG D 3 11.36 13.09 -39.43
C ARG D 3 10.71 13.68 -40.67
N THR D 4 10.35 12.80 -41.60
CA THR D 4 9.72 13.24 -42.84
C THR D 4 8.26 13.63 -42.60
N ASP D 5 7.70 14.36 -43.56
CA ASP D 5 6.30 14.81 -43.50
C ASP D 5 6.03 15.63 -42.23
N ASP D 6 6.90 16.59 -41.96
CA ASP D 6 6.78 17.46 -40.80
C ASP D 6 6.82 18.91 -41.22
N GLU D 7 6.14 19.76 -40.46
CA GLU D 7 6.09 21.19 -40.71
C GLU D 7 7.29 21.86 -40.06
N VAL D 8 8.00 22.68 -40.82
CA VAL D 8 9.21 23.35 -40.36
C VAL D 8 9.07 24.85 -40.60
N VAL D 9 9.83 25.63 -39.83
CA VAL D 9 9.82 27.09 -39.92
C VAL D 9 11.25 27.59 -39.78
N LEU D 10 11.71 28.34 -40.79
CA LEU D 10 13.06 28.88 -40.78
C LEU D 10 13.10 30.22 -40.05
N GLN D 11 14.22 30.48 -39.37
CA GLN D 11 14.38 31.71 -38.62
C GLN D 11 15.85 32.11 -38.65
N CYS D 12 16.10 33.41 -38.80
CA CYS D 12 17.46 33.95 -38.84
C CYS D 12 17.57 35.13 -37.89
N ASN D 13 18.79 35.42 -37.47
CA ASN D 13 19.09 36.50 -36.55
C ASN D 13 19.82 37.62 -37.29
N ALA D 14 19.39 38.85 -37.06
CA ALA D 14 20.01 40.03 -37.65
C ALA D 14 20.40 40.99 -36.53
N THR D 15 21.70 41.28 -36.41
CA THR D 15 22.20 42.14 -35.35
C THR D 15 21.81 43.59 -35.66
N VAL D 16 20.76 44.07 -35.02
CA VAL D 16 20.30 45.44 -35.20
C VAL D 16 21.11 46.37 -34.32
N LEU D 17 21.02 47.68 -34.56
CA LEU D 17 21.78 48.63 -33.77
C LEU D 17 21.26 48.73 -32.34
N LYS D 18 19.95 48.52 -32.14
CA LYS D 18 19.37 48.60 -30.81
C LYS D 18 19.68 47.34 -30.00
N GLU D 19 19.24 46.18 -30.48
CA GLU D 19 19.47 44.92 -29.80
C GLU D 19 19.35 43.79 -30.83
N GLN D 20 19.43 42.56 -30.34
CA GLN D 20 19.31 41.40 -31.21
C GLN D 20 17.87 41.25 -31.70
N LEU D 21 17.69 41.17 -33.02
CA LEU D 21 16.38 41.03 -33.64
C LEU D 21 16.40 39.82 -34.57
N LYS D 22 15.43 38.93 -34.39
CA LYS D 22 15.31 37.73 -35.20
C LYS D 22 14.01 37.80 -35.99
N LEU D 23 14.13 37.80 -37.32
CA LEU D 23 12.99 37.87 -38.21
C LEU D 23 12.61 36.47 -38.69
N CYS D 24 11.54 36.39 -39.46
CA CYS D 24 11.05 35.13 -39.99
C CYS D 24 10.62 35.33 -41.43
N LEU D 25 11.08 34.44 -42.32
CA LEU D 25 10.72 34.53 -43.73
C LEU D 25 9.28 34.08 -43.92
N ALA D 26 8.54 34.83 -44.75
CA ALA D 26 7.15 34.51 -45.02
C ALA D 26 6.81 34.97 -46.44
N ALA D 27 6.08 34.14 -47.17
CA ALA D 27 5.68 34.41 -48.54
C ALA D 27 4.16 34.53 -48.60
N GLU D 28 3.69 35.56 -49.31
CA GLU D 28 2.24 35.75 -49.44
C GLU D 28 1.60 34.69 -50.33
N GLY D 29 2.33 34.22 -51.34
CA GLY D 29 1.81 33.20 -52.23
C GLY D 29 1.04 33.78 -53.41
N PHE D 30 -0.28 33.78 -53.31
CA PHE D 30 -1.11 34.32 -54.37
C PHE D 30 -0.95 35.83 -54.46
N GLY D 31 -0.58 36.32 -55.64
CA GLY D 31 -0.40 37.73 -55.89
C GLY D 31 1.02 38.25 -55.69
N ASN D 32 1.76 37.65 -54.76
CA ASN D 32 3.13 38.07 -54.47
C ASN D 32 4.02 36.83 -54.48
N ARG D 33 4.86 36.73 -55.52
CA ARG D 33 5.80 35.61 -55.60
C ARG D 33 6.99 35.81 -54.69
N LEU D 34 7.34 37.06 -54.38
CA LEU D 34 8.48 37.35 -53.52
C LEU D 34 8.08 37.25 -52.06
N CYS D 35 9.05 36.89 -51.22
CA CYS D 35 8.85 36.76 -49.78
C CYS D 35 9.65 37.81 -49.04
N PHE D 36 9.12 38.24 -47.90
CA PHE D 36 9.77 39.22 -47.04
C PHE D 36 10.05 38.60 -45.67
N LEU D 37 10.51 39.45 -44.75
CA LEU D 37 10.84 39.02 -43.40
C LEU D 37 9.80 39.52 -42.41
N GLU D 38 9.64 38.79 -41.31
CA GLU D 38 8.69 39.13 -40.26
C GLU D 38 9.33 38.93 -38.90
N PRO D 39 9.55 40.01 -38.14
CA PRO D 39 10.17 39.86 -36.82
C PRO D 39 9.22 39.18 -35.84
N THR D 40 9.66 38.03 -35.31
CA THR D 40 8.87 37.26 -34.38
C THR D 40 9.36 37.38 -32.94
N SER D 41 10.36 38.22 -32.67
CA SER D 41 10.86 38.37 -31.31
C SER D 41 9.86 39.08 -30.42
N ASN D 42 9.12 40.05 -30.97
CA ASN D 42 8.11 40.79 -30.20
C ASN D 42 6.74 40.15 -30.43
N ALA D 43 6.60 38.94 -29.89
CA ALA D 43 5.37 38.18 -30.01
C ALA D 43 4.38 38.44 -28.88
N GLN D 44 4.80 39.12 -27.81
CA GLN D 44 3.91 39.38 -26.69
C GLN D 44 2.92 40.50 -27.02
N ASN D 45 3.41 41.59 -27.60
CA ASN D 45 2.54 42.72 -27.93
C ASN D 45 1.79 42.46 -29.25
N VAL D 46 2.53 42.23 -30.32
CA VAL D 46 1.93 41.98 -31.63
C VAL D 46 2.20 40.53 -32.03
N PRO D 47 1.20 39.65 -31.96
CA PRO D 47 1.41 38.25 -32.35
C PRO D 47 1.61 38.13 -33.85
N PRO D 48 2.71 37.52 -34.28
CA PRO D 48 2.96 37.38 -35.72
C PRO D 48 2.03 36.35 -36.34
N ASP D 49 2.02 36.34 -37.67
CA ASP D 49 1.19 35.42 -38.44
C ASP D 49 2.02 34.19 -38.78
N LEU D 50 1.95 33.18 -37.91
CA LEU D 50 2.68 31.94 -38.11
C LEU D 50 1.98 30.98 -39.06
N ALA D 51 0.75 31.28 -39.46
CA ALA D 51 0.00 30.38 -40.33
C ALA D 51 0.39 30.51 -41.80
N ILE D 52 1.10 31.57 -42.18
CA ILE D 52 1.48 31.76 -43.57
C ILE D 52 2.88 31.26 -43.86
N CYS D 53 3.75 31.18 -42.84
CA CYS D 53 5.13 30.76 -43.00
C CYS D 53 5.32 29.26 -42.73
N CYS D 54 4.27 28.46 -42.85
CA CYS D 54 4.38 27.03 -42.62
C CYS D 54 5.03 26.36 -43.83
N PHE D 55 6.15 25.69 -43.60
CA PHE D 55 6.89 24.99 -44.64
C PHE D 55 6.98 23.51 -44.27
N VAL D 56 6.70 22.64 -45.23
CA VAL D 56 6.82 21.20 -45.03
C VAL D 56 7.86 20.66 -46.01
N LEU D 57 8.55 19.61 -45.59
CA LEU D 57 9.50 18.92 -46.45
C LEU D 57 8.76 17.80 -47.17
N GLU D 58 9.06 17.62 -48.46
CA GLU D 58 8.37 16.62 -49.27
C GLU D 58 9.20 15.35 -49.41
N GLN D 59 10.44 15.48 -49.84
CA GLN D 59 11.31 14.33 -50.05
C GLN D 59 12.76 14.78 -49.96
N SER D 60 13.63 13.92 -49.45
CA SER D 60 15.03 14.25 -49.26
C SER D 60 15.89 13.05 -49.61
N LEU D 61 16.68 13.18 -50.66
CA LEU D 61 17.63 12.16 -51.06
C LEU D 61 19.02 12.79 -51.05
N SER D 62 20.02 11.98 -51.33
CA SER D 62 21.36 12.53 -51.49
C SER D 62 21.45 13.38 -52.75
N VAL D 63 22.53 14.15 -52.87
CA VAL D 63 22.69 15.02 -54.03
C VAL D 63 22.91 14.20 -55.30
N ARG D 64 23.60 13.07 -55.20
CA ARG D 64 23.82 12.23 -56.38
C ARG D 64 22.51 11.57 -56.82
N ALA D 65 21.73 11.06 -55.87
CA ALA D 65 20.42 10.50 -56.19
C ALA D 65 19.50 11.56 -56.77
N LEU D 66 19.54 12.77 -56.21
CA LEU D 66 18.71 13.86 -56.72
C LEU D 66 19.10 14.23 -58.14
N GLN D 67 20.41 14.30 -58.43
CA GLN D 67 20.85 14.60 -59.78
C GLN D 67 20.46 13.50 -60.76
N GLU D 68 20.57 12.24 -60.33
CA GLU D 68 20.19 11.13 -61.20
C GLU D 68 18.69 11.12 -61.46
N MET D 69 17.89 11.49 -60.46
CA MET D 69 16.45 11.52 -60.65
C MET D 69 16.04 12.69 -61.54
N LEU D 70 16.71 13.84 -61.39
CA LEU D 70 16.39 14.99 -62.22
C LEU D 70 16.84 14.79 -63.66
N ALA D 71 17.95 14.07 -63.87
CA ALA D 71 18.43 13.82 -65.23
C ALA D 71 17.50 12.87 -65.99
N ASN D 72 16.83 11.97 -65.28
CA ASN D 72 15.93 11.02 -65.92
C ASN D 72 14.51 11.59 -66.01
N GLY D 73 8.31 7.24 -48.69
CA GLY D 73 8.18 6.78 -47.32
C GLY D 73 8.80 7.73 -46.32
N HIS D 74 8.44 7.56 -45.05
CA HIS D 74 8.98 8.41 -43.99
C HIS D 74 10.42 8.00 -43.67
N ARG D 75 11.29 8.99 -43.55
CA ARG D 75 12.69 8.75 -43.24
C ARG D 75 13.28 9.99 -42.59
N THR D 76 14.32 9.78 -41.79
CA THR D 76 14.98 10.89 -41.11
C THR D 76 15.82 11.71 -42.09
N LEU D 77 15.86 13.02 -41.86
CA LEU D 77 16.64 13.92 -42.70
C LEU D 77 18.03 14.10 -42.12
N LEU D 78 19.05 13.72 -42.87
CA LEU D 78 20.43 13.83 -42.46
C LEU D 78 21.13 14.92 -43.24
N TYR D 79 22.30 15.32 -42.74
CA TYR D 79 23.08 16.36 -43.40
C TYR D 79 23.63 15.86 -44.73
N GLY D 80 23.84 16.79 -45.65
CA GLY D 80 24.31 16.46 -46.99
C GLY D 80 23.22 16.09 -47.96
N HIS D 81 21.99 15.88 -47.50
CA HIS D 81 20.86 15.53 -48.36
C HIS D 81 20.01 16.78 -48.58
N ALA D 82 19.64 17.01 -49.84
CA ALA D 82 18.85 18.19 -50.18
C ALA D 82 17.42 18.02 -49.69
N ILE D 83 16.88 19.07 -49.07
CA ILE D 83 15.53 19.05 -48.53
C ILE D 83 14.64 19.94 -49.38
N LEU D 84 13.34 19.62 -49.37
CA LEU D 84 12.36 20.36 -50.13
C LEU D 84 11.78 21.50 -49.30
N LEU D 85 11.52 22.62 -49.97
CA LEU D 85 10.97 23.81 -49.33
C LEU D 85 9.77 24.28 -50.13
N ARG D 86 8.60 24.26 -49.51
CA ARG D 86 7.37 24.64 -50.18
C ARG D 86 6.45 25.37 -49.20
N HIS D 87 5.53 26.14 -49.75
CA HIS D 87 4.54 26.86 -48.97
C HIS D 87 3.29 26.01 -48.77
N ALA D 88 2.82 25.90 -47.53
CA ALA D 88 1.66 25.06 -47.25
C ALA D 88 0.37 25.76 -47.65
N HIS D 89 0.29 27.08 -47.47
CA HIS D 89 -0.94 27.79 -47.79
C HIS D 89 -1.12 27.93 -49.30
N SER D 90 -0.13 28.48 -49.99
CA SER D 90 -0.25 28.68 -51.43
C SER D 90 -0.14 27.37 -52.19
N GLY D 91 0.75 26.48 -51.76
CA GLY D 91 0.96 25.21 -52.42
C GLY D 91 2.08 25.18 -53.42
N MET D 92 2.68 26.33 -53.74
CA MET D 92 3.78 26.39 -54.68
C MET D 92 5.08 25.96 -54.02
N TYR D 93 6.11 25.79 -54.85
CA TYR D 93 7.44 25.38 -54.39
C TYR D 93 8.36 26.59 -54.38
N LEU D 94 9.02 26.82 -53.25
CA LEU D 94 9.95 27.93 -53.12
C LEU D 94 11.29 27.58 -53.74
N SER D 95 11.78 28.45 -54.61
CA SER D 95 13.04 28.23 -55.30
C SER D 95 13.68 29.57 -55.61
N CYS D 96 14.95 29.52 -56.01
CA CYS D 96 15.69 30.73 -56.33
C CYS D 96 15.25 31.27 -57.68
N LEU D 97 15.02 32.59 -57.75
CA LEU D 97 14.60 33.22 -58.98
C LEU D 97 15.80 33.44 -59.91
N THR D 98 15.50 33.58 -61.20
CA THR D 98 16.55 33.78 -62.19
C THR D 98 17.08 35.21 -62.18
N THR D 99 16.18 36.19 -62.14
CA THR D 99 16.55 37.60 -62.18
C THR D 99 16.03 38.29 -60.93
N SER D 100 16.90 39.07 -60.29
CA SER D 100 16.56 39.82 -59.09
C SER D 100 16.80 41.30 -59.34
N ARG D 101 15.87 42.14 -58.86
CA ARG D 101 15.97 43.59 -59.00
C ARG D 101 16.58 44.19 -57.73
N SER D 102 17.86 43.90 -57.55
CA SER D 102 18.61 44.37 -56.39
C SER D 102 19.62 45.43 -56.83
N MET D 103 19.80 46.44 -55.99
CA MET D 103 20.70 47.54 -56.28
C MET D 103 22.10 47.24 -55.73
N THR D 104 23.12 47.65 -56.48
CA THR D 104 24.52 47.44 -56.12
C THR D 104 24.83 45.97 -55.86
N ASP D 105 24.14 45.07 -56.57
CA ASP D 105 24.28 43.64 -56.38
C ASP D 105 24.93 43.04 -57.63
N LYS D 106 26.07 42.38 -57.44
CA LYS D 106 26.78 41.77 -58.57
C LYS D 106 26.15 40.45 -58.95
N LEU D 107 26.10 39.50 -58.03
CA LEU D 107 25.57 38.16 -58.25
C LEU D 107 24.61 37.77 -57.14
N ALA D 108 23.72 38.69 -56.79
CA ALA D 108 22.70 38.46 -55.77
C ALA D 108 21.36 38.20 -56.44
N PHE D 109 20.86 36.98 -56.30
CA PHE D 109 19.58 36.58 -56.87
C PHE D 109 18.51 36.61 -55.78
N ASP D 110 17.29 36.26 -56.16
CA ASP D 110 16.14 36.25 -55.26
C ASP D 110 15.56 34.86 -55.16
N VAL D 111 14.75 34.65 -54.12
CA VAL D 111 14.07 33.39 -53.88
C VAL D 111 12.57 33.67 -53.76
N GLY D 112 11.76 32.83 -54.39
CA GLY D 112 10.33 33.01 -54.37
C GLY D 112 9.61 31.72 -54.68
N LEU D 113 8.38 31.62 -54.19
CA LEU D 113 7.57 30.43 -54.40
C LEU D 113 7.05 30.40 -55.83
N GLN D 114 7.25 29.29 -56.52
CA GLN D 114 6.81 29.11 -57.90
C GLN D 114 6.12 27.76 -58.04
N GLU D 115 5.22 27.68 -59.03
CA GLU D 115 4.48 26.46 -59.31
C GLU D 115 5.11 25.67 -60.46
N ASP D 116 6.42 25.80 -60.66
CA ASP D 116 7.08 25.08 -61.75
C ASP D 116 7.17 23.59 -61.45
N ALA D 117 7.65 23.25 -60.25
CA ALA D 117 7.81 21.86 -59.82
C ALA D 117 8.68 21.07 -60.80
N THR D 118 9.81 21.66 -61.16
CA THR D 118 10.77 21.07 -62.10
C THR D 118 12.07 20.76 -61.37
N GLY D 119 13.02 20.18 -62.12
CA GLY D 119 14.29 19.81 -61.55
C GLY D 119 15.24 20.97 -61.31
N GLU D 120 14.96 22.13 -61.90
CA GLU D 120 15.83 23.30 -61.74
C GLU D 120 15.69 23.83 -60.32
N ALA D 121 16.69 23.55 -59.48
CA ALA D 121 16.70 23.97 -58.08
C ALA D 121 15.44 23.51 -57.34
N CYS D 122 15.15 22.22 -57.44
CA CYS D 122 13.96 21.67 -56.82
C CYS D 122 14.11 21.62 -55.30
N TRP D 123 15.25 21.17 -54.81
CA TRP D 123 15.50 21.02 -53.38
C TRP D 123 16.76 21.79 -52.99
N TRP D 124 16.71 22.42 -51.82
CA TRP D 124 17.82 23.18 -51.29
C TRP D 124 18.64 22.30 -50.35
N THR D 125 19.93 22.13 -50.68
CA THR D 125 20.81 21.32 -49.84
C THR D 125 21.33 22.14 -48.66
N THR D 126 21.65 21.43 -47.57
CA THR D 126 22.14 22.07 -46.36
C THR D 126 23.43 21.40 -45.92
N HIS D 127 24.36 22.20 -45.42
CA HIS D 127 25.64 21.71 -44.95
C HIS D 127 25.84 22.07 -43.48
N PRO D 128 26.45 21.19 -42.70
CA PRO D 128 26.66 21.49 -41.26
C PRO D 128 27.70 22.60 -41.09
N ALA D 129 27.28 23.67 -40.42
CA ALA D 129 28.18 24.79 -40.17
C ALA D 129 29.15 24.52 -39.02
N SER D 130 28.70 23.79 -38.00
CA SER D 130 29.54 23.48 -36.86
C SER D 130 30.55 22.39 -37.22
N LYS D 131 31.78 22.56 -36.74
CA LYS D 131 32.83 21.58 -37.03
C LYS D 131 32.62 20.28 -36.27
N GLN D 132 31.78 20.27 -35.24
CA GLN D 132 31.54 19.04 -34.49
C GLN D 132 30.76 18.02 -35.32
N ARG D 133 29.77 18.49 -36.08
CA ARG D 133 28.98 17.59 -36.90
C ARG D 133 29.78 17.12 -38.11
N SER D 134 29.44 15.93 -38.60
CA SER D 134 30.11 15.33 -39.75
C SER D 134 29.08 15.02 -40.83
N GLU D 135 29.59 14.79 -42.04
CA GLU D 135 28.73 14.46 -43.16
C GLU D 135 28.15 13.06 -43.01
N GLY D 136 26.95 12.86 -43.56
CA GLY D 136 26.29 11.58 -43.48
C GLY D 136 25.63 11.28 -42.15
N GLU D 137 25.57 12.25 -41.24
CA GLU D 137 24.96 12.07 -39.94
C GLU D 137 23.62 12.77 -39.87
N LYS D 138 22.76 12.29 -38.98
CA LYS D 138 21.43 12.87 -38.83
C LYS D 138 21.52 14.27 -38.24
N VAL D 139 20.71 15.18 -38.79
CA VAL D 139 20.69 16.56 -38.33
C VAL D 139 19.88 16.65 -37.06
N ARG D 140 20.35 17.47 -36.11
CA ARG D 140 19.66 17.67 -34.84
C ARG D 140 18.56 18.72 -35.00
N VAL D 141 17.86 18.98 -33.91
CA VAL D 141 16.80 19.98 -33.87
C VAL D 141 17.34 21.24 -33.22
N GLY D 142 16.91 22.40 -33.73
CA GLY D 142 17.36 23.67 -33.20
C GLY D 142 18.78 24.05 -33.55
N ASP D 143 19.47 23.26 -34.37
CA ASP D 143 20.84 23.55 -34.73
C ASP D 143 20.91 24.53 -35.90
N ASP D 144 22.08 25.14 -36.07
CA ASP D 144 22.31 26.08 -37.16
C ASP D 144 22.57 25.34 -38.46
N LEU D 145 22.11 25.91 -39.57
CA LEU D 145 22.29 25.31 -40.88
C LEU D 145 22.28 26.41 -41.93
N ILE D 146 22.90 26.11 -43.06
CA ILE D 146 22.98 27.04 -44.19
C ILE D 146 22.19 26.50 -45.35
N LEU D 147 21.71 27.40 -46.20
CA LEU D 147 20.94 27.05 -47.39
C LEU D 147 21.81 27.26 -48.62
N VAL D 148 22.05 26.19 -49.37
CA VAL D 148 22.90 26.21 -50.56
C VAL D 148 22.02 25.89 -51.77
N SER D 149 22.13 26.71 -52.81
CA SER D 149 21.36 26.50 -54.02
C SER D 149 22.05 25.47 -54.92
N VAL D 150 21.27 24.90 -55.82
CA VAL D 150 21.77 23.91 -56.77
C VAL D 150 21.92 24.49 -58.17
N SER D 151 20.92 25.26 -58.63
CA SER D 151 20.99 25.85 -59.96
C SER D 151 21.94 27.04 -59.99
N SER D 152 21.89 27.89 -58.96
CA SER D 152 22.74 29.07 -58.89
C SER D 152 23.94 28.89 -57.97
N GLU D 153 23.92 27.88 -57.09
CA GLU D 153 25.01 27.63 -56.15
C GLU D 153 25.28 28.84 -55.26
N ARG D 154 24.21 29.44 -54.75
CA ARG D 154 24.29 30.61 -53.89
C ARG D 154 23.86 30.23 -52.47
N TYR D 155 24.14 31.14 -51.53
CA TYR D 155 23.80 30.97 -50.14
C TYR D 155 22.70 31.95 -49.74
N LEU D 156 21.90 31.55 -48.75
CA LEU D 156 20.83 32.40 -48.23
C LEU D 156 21.45 33.53 -47.40
N HIS D 157 21.50 34.73 -47.97
CA HIS D 157 22.09 35.88 -47.32
C HIS D 157 21.02 36.93 -47.02
N LEU D 158 21.20 37.64 -45.92
CA LEU D 158 20.29 38.69 -45.48
C LEU D 158 20.99 40.03 -45.67
N SER D 159 20.88 40.59 -46.87
CA SER D 159 21.51 41.87 -47.20
C SER D 159 20.52 42.99 -46.91
N THR D 160 20.94 43.95 -46.09
CA THR D 160 20.11 45.10 -45.71
C THR D 160 20.93 46.37 -45.93
N ALA D 161 20.85 46.91 -47.15
CA ALA D 161 21.56 48.17 -47.44
C ALA D 161 20.84 49.36 -46.83
N SER D 162 19.51 49.40 -46.95
CA SER D 162 18.71 50.47 -46.37
C SER D 162 18.28 50.06 -44.96
N GLY D 163 17.35 50.82 -44.38
CA GLY D 163 16.85 50.49 -43.05
C GLY D 163 16.11 49.16 -43.01
N GLU D 164 15.46 48.79 -44.11
CA GLU D 164 14.75 47.52 -44.18
C GLU D 164 15.70 46.40 -44.59
N LEU D 165 15.24 45.16 -44.40
CA LEU D 165 16.02 43.98 -44.74
C LEU D 165 15.29 43.17 -45.80
N GLN D 166 16.06 42.57 -46.71
CA GLN D 166 15.51 41.75 -47.77
C GLN D 166 16.41 40.54 -48.01
N VAL D 167 15.82 39.36 -47.97
CA VAL D 167 16.58 38.13 -48.17
C VAL D 167 16.87 37.96 -49.65
N ASP D 168 18.15 37.75 -49.98
CA ASP D 168 18.57 37.57 -51.36
C ASP D 168 19.70 36.56 -51.40
N ALA D 169 19.64 35.64 -52.37
CA ALA D 169 20.65 34.62 -52.49
C ALA D 169 21.96 35.22 -53.00
N SER D 170 23.01 35.12 -52.18
CA SER D 170 24.32 35.65 -52.54
C SER D 170 25.39 34.67 -52.04
N PHE D 171 26.63 34.97 -52.38
CA PHE D 171 27.74 34.09 -51.99
C PHE D 171 28.22 34.34 -50.56
N MET D 172 27.81 35.45 -49.95
CA MET D 172 28.14 35.70 -48.55
C MET D 172 27.33 34.77 -47.66
N GLN D 173 28.00 33.80 -47.04
CA GLN D 173 27.33 32.80 -46.23
C GLN D 173 26.73 33.43 -44.98
N THR D 174 25.57 32.91 -44.57
CA THR D 174 24.88 33.39 -43.38
C THR D 174 24.19 32.21 -42.71
N LEU D 175 24.39 32.08 -41.40
CA LEU D 175 23.78 30.98 -40.66
C LEU D 175 22.28 31.18 -40.52
N TRP D 176 21.57 30.07 -40.32
CA TRP D 176 20.13 30.10 -40.13
C TRP D 176 19.74 29.06 -39.09
N ASN D 177 18.71 29.38 -38.30
CA ASN D 177 18.23 28.51 -37.25
C ASN D 177 17.07 27.67 -37.78
N MET D 178 17.17 26.36 -37.60
CA MET D 178 16.18 25.41 -38.09
C MET D 178 15.49 24.76 -36.91
N ASN D 179 14.18 24.99 -36.78
CA ASN D 179 13.40 24.43 -35.69
C ASN D 179 12.05 23.92 -36.20
N PRO D 180 11.74 22.65 -36.02
CA PRO D 180 10.44 22.14 -36.46
C PRO D 180 9.31 22.53 -35.53
N ILE D 181 8.11 22.58 -36.08
CA ILE D 181 6.93 22.96 -35.32
C ILE D 181 5.94 21.81 -35.14
N CYS D 182 5.80 20.92 -36.11
CA CYS D 182 4.85 19.81 -36.04
C CYS D 182 5.49 18.58 -36.66
N SER D 183 6.05 17.71 -35.81
CA SER D 183 6.66 16.47 -36.29
C SER D 183 5.61 15.39 -36.53
N GLY D 184 4.81 15.08 -35.50
CA GLY D 184 3.77 14.08 -35.63
C GLY D 184 2.40 14.61 -35.29
N CYS D 185 1.47 14.52 -36.24
CA CYS D 185 0.10 15.01 -36.07
C CYS D 185 -0.76 13.86 -35.56
N GLU D 186 -1.24 13.97 -34.32
CA GLU D 186 -2.09 12.94 -33.75
C GLU D 186 -3.49 13.01 -34.36
N GLU D 187 -3.94 11.91 -34.93
CA GLU D 187 -5.25 11.87 -35.56
C GLU D 187 -6.34 11.87 -34.49
N GLY D 188 -7.37 12.68 -34.71
CA GLY D 188 -8.48 12.76 -33.77
C GLY D 188 -8.31 13.74 -32.65
N TYR D 189 -7.42 14.72 -32.78
CA TYR D 189 -7.18 15.71 -31.74
C TYR D 189 -6.97 17.07 -32.37
N VAL D 190 -7.44 18.11 -31.70
CA VAL D 190 -7.30 19.47 -32.20
C VAL D 190 -5.89 19.97 -31.94
N THR D 191 -5.31 20.65 -32.91
CA THR D 191 -3.94 21.14 -32.85
C THR D 191 -3.92 22.64 -33.12
N GLY D 192 -3.12 23.36 -32.35
CA GLY D 192 -3.04 24.81 -32.53
C GLY D 192 -2.55 25.19 -33.91
N GLY D 193 -3.08 26.30 -34.42
CA GLY D 193 -2.79 26.75 -35.75
C GLY D 193 -3.72 26.20 -36.82
N HIS D 194 -4.43 25.11 -36.53
CA HIS D 194 -5.36 24.53 -37.48
C HIS D 194 -6.72 25.22 -37.38
N VAL D 195 -7.34 25.45 -38.53
CA VAL D 195 -8.64 26.11 -38.59
C VAL D 195 -9.74 25.10 -38.27
N LEU D 196 -10.81 25.58 -37.64
CA LEU D 196 -11.92 24.73 -37.27
C LEU D 196 -13.13 25.61 -36.99
N ARG D 197 -14.30 24.98 -36.94
CA ARG D 197 -15.55 25.65 -36.65
C ARG D 197 -16.00 25.30 -35.24
N LEU D 198 -16.40 26.32 -34.48
CA LEU D 198 -16.83 26.16 -33.09
C LEU D 198 -18.35 26.28 -33.06
N PHE D 199 -19.04 25.15 -33.07
CA PHE D 199 -20.49 25.15 -33.01
C PHE D 199 -20.97 25.47 -31.60
N HIS D 200 -22.24 25.84 -31.50
CA HIS D 200 -22.86 26.21 -30.23
C HIS D 200 -23.45 25.00 -29.53
N GLY D 201 -22.64 23.96 -29.35
CA GLY D 201 -23.13 22.76 -28.68
C GLY D 201 -24.11 22.01 -29.54
N HIS D 202 -25.27 21.69 -28.96
CA HIS D 202 -26.31 20.98 -29.71
C HIS D 202 -27.04 21.90 -30.68
N MET D 203 -27.12 23.19 -30.38
CA MET D 203 -27.79 24.13 -31.26
C MET D 203 -27.01 24.33 -32.55
N ASP D 204 -27.74 24.44 -33.66
CA ASP D 204 -27.12 24.62 -34.98
C ASP D 204 -26.76 26.10 -35.14
N GLU D 205 -25.66 26.50 -34.49
CA GLU D 205 -25.19 27.86 -34.56
C GLU D 205 -23.70 27.88 -34.24
N CYS D 206 -23.05 28.98 -34.60
CA CYS D 206 -21.62 29.14 -34.36
C CYS D 206 -21.30 30.61 -34.21
N LEU D 207 -20.26 30.89 -33.43
CA LEU D 207 -19.82 32.27 -33.19
C LEU D 207 -19.20 32.83 -34.46
N THR D 208 -19.94 33.71 -35.14
CA THR D 208 -19.50 34.30 -36.39
C THR D 208 -19.75 35.80 -36.37
N ILE D 209 -19.17 36.49 -37.36
CA ILE D 209 -19.34 37.93 -37.49
C ILE D 209 -20.68 38.21 -38.14
N SER D 210 -21.11 39.46 -38.11
CA SER D 210 -22.37 39.84 -38.74
C SER D 210 -22.25 39.76 -40.25
N PRO D 211 -23.02 38.90 -40.92
CA PRO D 211 -22.92 38.78 -42.39
C PRO D 211 -23.60 39.94 -43.11
N ALA D 212 -22.98 41.11 -43.03
CA ALA D 212 -23.51 42.31 -43.67
C ALA D 212 -22.48 42.89 -44.62
N ASP D 213 -22.95 43.76 -45.52
CA ASP D 213 -22.09 44.41 -46.51
C ASP D 213 -21.46 45.65 -45.90
N SER D 214 -20.56 45.41 -44.94
CA SER D 214 -19.85 46.47 -44.23
C SER D 214 -20.79 47.44 -43.55
N ASP D 215 -21.95 46.96 -43.09
CA ASP D 215 -22.91 47.83 -42.42
C ASP D 215 -22.49 48.12 -40.99
N ASP D 216 -22.04 47.10 -40.26
CA ASP D 216 -21.59 47.26 -38.89
C ASP D 216 -20.10 46.98 -38.72
N GLN D 217 -19.37 46.79 -39.82
CA GLN D 217 -17.93 46.54 -39.82
C GLN D 217 -17.56 45.26 -39.08
N ARG D 218 -18.54 44.39 -38.83
CA ARG D 218 -18.32 43.12 -38.14
C ARG D 218 -17.63 43.32 -36.79
N ARG D 219 -18.03 44.37 -36.08
CA ARG D 219 -17.41 44.67 -34.79
C ARG D 219 -17.97 43.79 -33.67
N LEU D 220 -19.24 43.41 -33.75
CA LEU D 220 -19.88 42.58 -32.74
C LEU D 220 -20.04 41.16 -33.27
N VAL D 221 -19.63 40.19 -32.47
CA VAL D 221 -19.71 38.78 -32.84
C VAL D 221 -21.09 38.25 -32.45
N TYR D 222 -21.72 37.51 -33.35
CA TYR D 222 -23.04 36.94 -33.08
C TYR D 222 -23.04 35.44 -33.32
N TYR D 223 -24.22 34.82 -33.25
CA TYR D 223 -24.39 33.38 -33.46
C TYR D 223 -25.54 33.18 -34.44
N GLU D 224 -25.21 33.13 -35.73
CA GLU D 224 -26.22 32.94 -36.76
C GLU D 224 -26.64 31.48 -36.82
N GLY D 225 -27.89 31.26 -37.20
CA GLY D 225 -28.43 29.92 -37.31
C GLY D 225 -27.94 29.17 -38.54
N GLY D 226 -28.28 29.69 -39.72
CA GLY D 226 -27.88 29.06 -40.96
C GLY D 226 -27.34 30.04 -41.99
N SER D 227 -27.28 31.32 -41.62
CA SER D 227 -26.78 32.34 -42.55
C SER D 227 -25.29 32.18 -42.80
N VAL D 228 -24.53 31.86 -41.75
CA VAL D 228 -23.08 31.68 -41.88
C VAL D 228 -22.72 30.24 -41.58
N CYS D 229 -23.65 29.31 -41.86
CA CYS D 229 -23.39 27.91 -41.61
C CYS D 229 -22.36 27.36 -42.60
N THR D 230 -22.43 27.80 -43.87
CA THR D 230 -21.51 27.35 -44.90
C THR D 230 -20.64 28.47 -45.44
N HIS D 231 -20.85 29.71 -45.02
CA HIS D 231 -20.05 30.82 -45.52
C HIS D 231 -18.64 30.76 -44.95
N ALA D 232 -17.76 31.60 -45.52
CA ALA D 232 -16.37 31.64 -45.09
C ALA D 232 -16.19 32.29 -43.72
N ARG D 233 -17.22 32.97 -43.21
CA ARG D 233 -17.11 33.61 -41.91
C ARG D 233 -17.10 32.60 -40.75
N SER D 234 -17.51 31.36 -41.01
CA SER D 234 -17.51 30.35 -39.96
C SER D 234 -16.11 29.91 -39.57
N LEU D 235 -15.13 30.05 -40.48
CA LEU D 235 -13.77 29.66 -40.17
C LEU D 235 -13.15 30.62 -39.16
N TRP D 236 -12.38 30.06 -38.22
CA TRP D 236 -11.72 30.84 -37.18
C TRP D 236 -10.25 30.45 -37.12
N ARG D 237 -9.46 31.33 -36.51
CA ARG D 237 -8.03 31.15 -36.37
C ARG D 237 -7.65 31.15 -34.88
N LEU D 238 -6.71 30.28 -34.53
CA LEU D 238 -6.23 30.19 -33.15
C LEU D 238 -4.76 29.79 -33.16
N GLU D 239 -3.96 30.50 -32.36
CA GLU D 239 -2.53 30.25 -32.30
C GLU D 239 -2.11 29.99 -30.86
N PRO D 240 -1.13 29.10 -30.64
CA PRO D 240 -0.70 28.81 -29.27
C PRO D 240 0.04 29.97 -28.63
N LEU D 241 0.39 29.82 -27.35
CA LEU D 241 1.09 30.90 -26.64
C LEU D 241 2.51 31.07 -27.17
N ARG D 242 3.24 29.96 -27.30
CA ARG D 242 4.62 30.04 -27.79
C ARG D 242 4.64 30.37 -29.28
N ILE D 243 5.61 31.20 -29.67
CA ILE D 243 5.74 31.56 -31.08
C ILE D 243 6.19 30.37 -31.91
N SER D 244 6.97 29.47 -31.32
CA SER D 244 7.44 28.26 -32.00
C SER D 244 6.64 27.05 -31.53
N TRP D 245 6.83 25.94 -32.24
CA TRP D 245 6.15 24.68 -31.95
C TRP D 245 4.63 24.86 -31.92
N SER D 246 4.10 25.41 -33.02
CA SER D 246 2.65 25.62 -33.12
C SER D 246 1.90 24.30 -33.31
N GLY D 247 2.56 23.27 -33.82
CA GLY D 247 1.94 21.98 -34.00
C GLY D 247 1.72 21.17 -32.75
N SER D 248 2.08 21.71 -31.59
CA SER D 248 1.89 20.99 -30.33
C SER D 248 0.41 20.93 -29.97
N HIS D 249 0.05 19.93 -29.18
CA HIS D 249 -1.34 19.75 -28.76
C HIS D 249 -1.74 20.83 -27.79
N LEU D 250 -2.96 21.35 -27.96
CA LEU D 250 -3.47 22.39 -27.08
C LEU D 250 -3.80 21.81 -25.71
N ARG D 251 -3.54 22.59 -24.67
CA ARG D 251 -3.80 22.19 -23.29
C ARG D 251 -4.64 23.25 -22.61
N TRP D 252 -5.18 22.88 -21.44
CA TRP D 252 -6.01 23.79 -20.66
C TRP D 252 -5.12 24.84 -19.98
N GLY D 253 -5.43 26.10 -20.21
CA GLY D 253 -4.69 27.19 -19.61
C GLY D 253 -3.71 27.90 -20.51
N GLN D 254 -3.94 27.90 -21.82
CA GLN D 254 -3.06 28.57 -22.76
C GLN D 254 -3.85 29.54 -23.63
N PRO D 255 -3.34 30.75 -23.85
CA PRO D 255 -4.06 31.71 -24.69
C PRO D 255 -4.12 31.24 -26.13
N LEU D 256 -5.31 31.40 -26.72
CA LEU D 256 -5.56 30.93 -28.08
C LEU D 256 -5.23 31.96 -29.15
N ARG D 257 -4.89 33.19 -28.76
CA ARG D 257 -4.56 34.26 -29.70
C ARG D 257 -5.67 34.44 -30.73
N ILE D 258 -6.85 34.83 -30.22
CA ILE D 258 -8.03 34.94 -31.07
C ILE D 258 -7.81 36.00 -32.14
N ARG D 259 -7.93 35.58 -33.40
CA ARG D 259 -7.80 36.48 -34.54
C ARG D 259 -8.87 36.11 -35.56
N HIS D 260 -8.88 36.84 -36.68
CA HIS D 260 -9.80 36.57 -37.77
C HIS D 260 -9.02 36.45 -39.07
N VAL D 261 -9.58 35.70 -40.01
CA VAL D 261 -8.91 35.39 -41.27
C VAL D 261 -9.48 36.21 -42.43
N THR D 262 -10.75 36.57 -42.36
CA THR D 262 -11.36 37.33 -43.45
C THR D 262 -11.15 38.83 -43.27
N THR D 263 -11.61 39.37 -42.14
CA THR D 263 -11.42 40.79 -41.85
C THR D 263 -9.98 41.07 -41.44
N GLY D 264 -9.42 40.24 -40.55
CA GLY D 264 -8.06 40.41 -40.09
C GLY D 264 -7.92 40.99 -38.70
N ARG D 265 -9.02 41.37 -38.06
CA ARG D 265 -8.95 41.93 -36.71
C ARG D 265 -8.88 40.82 -35.67
N TYR D 266 -8.55 41.21 -34.44
CA TYR D 266 -8.38 40.24 -33.36
C TYR D 266 -9.72 39.82 -32.78
N LEU D 267 -10.68 40.75 -32.68
CA LEU D 267 -11.98 40.49 -32.07
C LEU D 267 -11.84 39.99 -30.63
N ALA D 268 -10.86 40.53 -29.92
CA ALA D 268 -10.58 40.12 -28.55
C ALA D 268 -11.36 41.01 -27.58
N LEU D 269 -11.03 40.90 -26.29
CA LEU D 269 -11.68 41.72 -25.28
C LEU D 269 -11.17 43.14 -25.35
N ILE D 270 -12.06 44.10 -25.08
CA ILE D 270 -11.76 45.52 -25.12
C ILE D 270 -12.52 46.21 -24.00
N GLU D 271 -12.34 47.53 -23.89
CA GLU D 271 -13.03 48.29 -22.87
C GLU D 271 -14.52 48.47 -23.18
N ASP D 272 -14.92 48.23 -24.43
CA ASP D 272 -16.33 48.37 -24.81
C ASP D 272 -17.07 47.06 -24.55
N GLN D 273 -17.27 46.79 -23.25
CA GLN D 273 -17.98 45.60 -22.79
C GLN D 273 -17.32 44.32 -23.31
N GLY D 274 -16.01 44.25 -23.18
CA GLY D 274 -15.30 43.07 -23.64
C GLY D 274 -15.25 43.00 -25.15
N LEU D 275 -15.72 41.89 -25.70
CA LEU D 275 -15.74 41.69 -27.14
C LEU D 275 -17.03 42.24 -27.75
N VAL D 276 -14.48 46.03 -31.22
CA VAL D 276 -13.55 45.26 -32.03
C VAL D 276 -12.12 45.64 -31.69
N VAL D 277 -11.21 44.67 -31.80
CA VAL D 277 -9.79 44.86 -31.52
C VAL D 277 -9.00 44.50 -32.76
N ASP D 278 -8.04 45.34 -33.11
CA ASP D 278 -7.18 45.10 -34.27
C ASP D 278 -5.96 44.28 -33.86
N ALA D 279 -5.41 43.55 -34.83
CA ALA D 279 -4.25 42.71 -34.55
C ALA D 279 -3.01 43.56 -34.30
N SER D 280 -2.94 44.76 -34.88
CA SER D 280 -1.78 45.61 -34.68
C SER D 280 -1.77 46.23 -33.29
N LYS D 281 -2.95 46.55 -32.76
CA LYS D 281 -3.09 47.16 -31.43
C LYS D 281 -3.63 46.18 -30.40
N ALA D 282 -3.50 44.88 -30.65
CA ALA D 282 -3.98 43.88 -29.70
C ALA D 282 -3.08 43.81 -28.47
N HIS D 283 -3.70 43.61 -27.32
CA HIS D 283 -2.98 43.47 -26.06
C HIS D 283 -2.79 42.00 -25.73
N THR D 284 -1.78 41.73 -24.88
CA THR D 284 -1.47 40.35 -24.52
C THR D 284 -2.58 39.74 -23.67
N LYS D 285 -3.00 40.46 -22.62
CA LYS D 285 -4.06 39.94 -21.75
C LYS D 285 -5.44 40.04 -22.39
N ALA D 286 -5.58 40.84 -23.44
CA ALA D 286 -6.89 40.99 -24.08
C ALA D 286 -7.27 39.75 -24.89
N THR D 287 -6.34 39.25 -25.70
CA THR D 287 -6.58 38.09 -26.54
C THR D 287 -6.34 36.78 -25.83
N SER D 288 -6.09 36.81 -24.52
CA SER D 288 -5.85 35.58 -23.76
C SER D 288 -7.16 34.81 -23.61
N PHE D 289 -7.21 33.61 -24.19
CA PHE D 289 -8.40 32.77 -24.10
C PHE D 289 -7.95 31.31 -24.09
N CYS D 290 -8.40 30.57 -23.09
CA CYS D 290 -8.02 29.18 -22.92
C CYS D 290 -9.27 28.32 -22.82
N PHE D 291 -9.07 27.00 -22.87
CA PHE D 291 -10.16 26.04 -22.78
C PHE D 291 -10.26 25.51 -21.36
N ARG D 292 -11.49 25.40 -20.86
CA ARG D 292 -11.76 24.96 -19.51
C ARG D 292 -12.46 23.61 -19.52
N ILE D 293 -12.44 22.95 -18.36
CA ILE D 293 -13.12 21.66 -18.22
C ILE D 293 -14.63 21.86 -18.25
N SER D 294 -15.15 22.74 -17.41
CA SER D 294 -16.57 23.03 -17.35
C SER D 294 -16.74 24.48 -16.93
N LYS D 295 -17.97 24.84 -16.51
CA LYS D 295 -18.27 26.20 -16.07
C LYS D 295 -17.86 26.38 -14.61
N GLU D 296 -16.56 26.26 -14.36
CA GLU D 296 -16.01 26.39 -13.02
C GLU D 296 -14.52 26.67 -13.14
N LYS D 297 -13.92 27.08 -12.02
CA LYS D 297 -12.51 27.39 -11.95
C LYS D 297 -11.83 26.50 -10.91
N LEU D 298 -10.54 26.27 -11.10
CA LEU D 298 -9.77 25.44 -10.19
C LEU D 298 -9.24 26.27 -9.01
N LYS D 299 1.15 21.42 -19.34
CA LYS D 299 1.07 20.25 -20.20
C LYS D 299 1.63 20.54 -21.59
N ARG D 300 1.29 21.70 -22.13
CA ARG D 300 1.77 22.11 -23.45
C ARG D 300 3.11 22.84 -23.39
N ASP D 301 3.66 23.07 -22.19
CA ASP D 301 4.92 23.77 -22.09
C ASP D 301 6.09 22.94 -22.59
N VAL D 302 5.98 21.60 -22.50
CA VAL D 302 7.05 20.74 -22.95
C VAL D 302 7.08 20.72 -24.48
N GLU D 303 8.29 20.77 -25.04
CA GLU D 303 8.45 20.76 -26.49
C GLU D 303 8.14 19.37 -27.06
N GLY D 304 7.75 19.36 -28.33
CA GLY D 304 7.42 18.11 -29.00
C GLY D 304 6.01 17.66 -28.69
N MET D 305 5.68 16.48 -29.23
CA MET D 305 4.36 15.90 -29.02
C MET D 305 4.20 15.42 -27.58
N GLY D 306 3.02 15.66 -27.02
CA GLY D 306 2.73 15.27 -25.66
C GLY D 306 1.32 14.73 -25.51
N PRO D 307 0.87 14.60 -24.26
CA PRO D 307 -0.49 14.11 -24.01
C PRO D 307 -1.53 15.09 -24.53
N PRO D 308 -2.37 14.66 -25.47
CA PRO D 308 -3.39 15.57 -26.00
C PRO D 308 -4.52 15.79 -25.01
N GLU D 309 -4.97 17.04 -24.92
CA GLU D 309 -6.06 17.42 -24.02
C GLU D 309 -7.40 17.48 -24.73
N ILE D 310 -7.48 18.15 -25.87
CA ILE D 310 -8.71 18.28 -26.62
C ILE D 310 -8.82 17.11 -27.59
N LYS D 311 -9.99 16.49 -27.63
CA LYS D 311 -10.23 15.35 -28.50
C LYS D 311 -11.61 15.46 -29.13
N TYR D 312 -11.81 14.76 -30.24
CA TYR D 312 -13.09 14.78 -30.92
C TYR D 312 -14.11 13.93 -30.15
N GLY D 313 -15.37 14.35 -30.24
CA GLY D 313 -16.43 13.65 -29.53
C GLY D 313 -16.37 13.83 -28.03
N GLU D 314 -15.85 14.95 -27.54
CA GLU D 314 -15.74 15.20 -26.12
C GLU D 314 -17.06 15.76 -25.60
N SER D 315 -17.04 16.26 -24.36
CA SER D 315 -18.24 16.81 -23.73
C SER D 315 -18.59 18.21 -24.24
N LEU D 316 -17.91 18.70 -25.27
CA LEU D 316 -18.16 20.02 -25.86
C LEU D 316 -18.02 21.12 -24.81
N CYS D 317 -16.80 21.25 -24.28
CA CYS D 317 -16.53 22.24 -23.25
C CYS D 317 -16.56 23.65 -23.85
N PHE D 318 -16.76 24.63 -22.97
CA PHE D 318 -16.85 26.02 -23.36
C PHE D 318 -15.47 26.68 -23.28
N VAL D 319 -15.44 28.00 -23.44
CA VAL D 319 -14.20 28.77 -23.37
C VAL D 319 -14.18 29.55 -22.06
N GLN D 320 -12.97 29.86 -21.60
CA GLN D 320 -12.79 30.59 -20.35
C GLN D 320 -11.59 31.52 -20.48
N HIS D 321 -11.69 32.67 -19.83
CA HIS D 321 -10.62 33.66 -19.82
C HIS D 321 -9.69 33.39 -18.65
N VAL D 322 -8.38 33.44 -18.91
CA VAL D 322 -7.40 33.19 -17.85
C VAL D 322 -7.07 34.47 -17.11
N ALA D 323 -7.04 35.60 -17.82
CA ALA D 323 -6.74 36.87 -17.17
C ALA D 323 -7.95 37.45 -16.45
N SER D 324 -9.10 37.49 -17.13
CA SER D 324 -10.31 38.01 -16.52
C SER D 324 -11.00 37.01 -15.61
N GLY D 325 -10.78 35.72 -15.81
CA GLY D 325 -11.40 34.69 -14.99
C GLY D 325 -12.82 34.36 -15.35
N LEU D 326 -13.34 34.88 -16.46
CA LEU D 326 -14.71 34.64 -16.87
C LEU D 326 -14.78 33.52 -17.90
N TRP D 327 -15.86 32.74 -17.84
CA TRP D 327 -16.07 31.65 -18.77
C TRP D 327 -16.89 32.15 -19.96
N LEU D 328 -17.37 31.22 -20.78
CA LEU D 328 -18.19 31.59 -21.93
C LEU D 328 -19.53 32.13 -21.48
N THR D 329 -20.06 33.09 -22.24
CA THR D 329 -21.31 33.77 -21.92
C THR D 329 -22.34 33.43 -22.99
N TYR D 330 -23.46 32.85 -22.58
CA TYR D 330 -24.56 32.54 -23.49
C TYR D 330 -25.60 33.65 -23.43
N ALA D 331 -25.19 34.82 -23.90
CA ALA D 331 -26.07 35.98 -23.91
C ALA D 331 -27.07 35.88 -25.05
N ALA D 332 -28.25 36.46 -24.83
CA ALA D 332 -29.31 36.45 -25.83
C ALA D 332 -30.11 37.74 -25.78
N LEU D 333 -32.14 36.22 -34.96
CA LEU D 333 -31.66 35.37 -33.89
C LEU D 333 -30.22 35.73 -33.52
N LYS D 334 -29.84 36.97 -33.77
CA LYS D 334 -28.49 37.43 -33.45
C LYS D 334 -28.33 37.56 -31.94
N LYS D 335 -27.31 36.89 -31.40
CA LYS D 335 -27.02 36.91 -29.97
C LYS D 335 -25.64 37.53 -29.77
N LYS D 336 -25.60 38.68 -29.12
CA LYS D 336 -24.34 39.37 -28.87
C LYS D 336 -23.50 38.60 -27.86
N ALA D 337 -22.18 38.79 -27.97
CA ALA D 337 -21.22 38.13 -27.09
C ALA D 337 -20.56 39.20 -26.22
N ILE D 338 -20.99 39.27 -24.96
CA ILE D 338 -20.47 40.24 -24.00
C ILE D 338 -19.95 39.48 -22.79
N LEU D 339 -18.75 39.82 -22.33
CA LEU D 339 -18.14 39.16 -21.18
C LEU D 339 -18.94 39.48 -19.92
N HIS D 340 -19.64 38.49 -19.39
CA HIS D 340 -20.45 38.64 -18.19
C HIS D 340 -19.91 37.75 -17.09
N GLN D 341 -19.80 38.31 -15.88
CA GLN D 341 -19.25 37.56 -14.75
C GLN D 341 -20.23 36.52 -14.21
N GLU D 342 -21.52 36.78 -14.31
CA GLU D 342 -22.55 35.88 -13.79
C GLU D 342 -23.25 35.10 -14.90
N GLY D 343 -22.50 34.70 -15.92
CA GLY D 343 -23.08 33.95 -17.01
C GLY D 343 -23.53 32.56 -16.60
N HIS D 344 -24.55 32.06 -17.26
CA HIS D 344 -25.09 30.75 -16.97
C HIS D 344 -24.13 29.66 -17.42
N MET D 345 -24.30 28.47 -16.85
CA MET D 345 -23.47 27.32 -17.16
C MET D 345 -23.92 26.58 -18.42
N ASP D 346 -24.82 27.17 -19.21
CA ASP D 346 -25.31 26.56 -20.45
C ASP D 346 -24.63 27.14 -21.68
N ASP D 347 -23.45 27.73 -21.52
CA ASP D 347 -22.70 28.32 -22.63
C ASP D 347 -21.73 27.34 -23.28
N ALA D 348 -21.99 26.05 -23.19
CA ALA D 348 -21.10 25.05 -23.79
C ALA D 348 -21.13 25.16 -25.31
N LEU D 349 -19.95 25.01 -25.92
CA LEU D 349 -19.80 25.12 -27.36
C LEU D 349 -19.15 23.85 -27.90
N SER D 350 -19.54 23.49 -29.13
CA SER D 350 -19.01 22.31 -29.78
C SER D 350 -17.80 22.69 -30.66
N LEU D 351 -17.22 21.69 -31.30
CA LEU D 351 -16.08 21.90 -32.18
C LEU D 351 -16.22 21.03 -33.43
N THR D 352 -15.66 21.51 -34.52
CA THR D 352 -15.71 20.80 -35.80
C THR D 352 -14.57 21.29 -36.67
N ARG D 353 -13.71 20.38 -37.10
CA ARG D 353 -12.58 20.73 -37.95
C ARG D 353 -12.98 20.65 -39.42
N CYS D 354 -12.70 21.72 -40.15
CA CYS D 354 -13.01 21.77 -41.58
C CYS D 354 -11.80 21.30 -42.38
N GLN D 355 -11.84 21.49 -43.69
CA GLN D 355 -10.78 21.06 -44.59
C GLN D 355 -9.80 22.19 -44.85
N GLN D 356 -8.60 21.82 -45.32
CA GLN D 356 -7.58 22.81 -45.62
C GLN D 356 -7.95 23.67 -46.82
N GLU D 357 -8.82 23.18 -47.71
CA GLU D 357 -9.26 23.97 -48.85
C GLU D 357 -9.98 25.24 -48.39
N GLU D 358 -10.78 25.13 -47.34
CA GLU D 358 -11.49 26.31 -46.82
C GLU D 358 -10.50 27.34 -46.29
N SER D 359 -9.48 26.90 -45.56
CA SER D 359 -8.48 27.83 -45.04
C SER D 359 -7.69 28.48 -46.17
N GLN D 360 -7.34 27.70 -47.19
CA GLN D 360 -6.64 28.27 -48.34
C GLN D 360 -7.49 29.31 -49.05
N ALA D 361 -8.79 29.01 -49.24
CA ALA D 361 -9.69 29.97 -49.86
C ALA D 361 -9.84 31.23 -49.02
N ALA D 362 -9.88 31.07 -47.70
CA ALA D 362 -9.98 32.23 -46.82
C ALA D 362 -8.74 33.10 -46.90
N ARG D 363 -7.56 32.47 -46.93
CA ARG D 363 -6.33 33.24 -47.11
C ARG D 363 -6.33 33.95 -48.46
N MET D 364 -6.81 33.28 -49.50
CA MET D 364 -6.85 33.90 -50.83
C MET D 364 -7.77 35.11 -50.84
N ILE D 365 -8.97 34.98 -50.26
CA ILE D 365 -9.90 36.11 -50.26
C ILE D 365 -9.35 37.24 -49.41
N TYR D 366 -8.69 36.94 -48.30
CA TYR D 366 -8.09 37.99 -47.49
C TYR D 366 -7.03 38.75 -48.28
N SER D 367 -6.15 38.01 -48.97
CA SER D 367 -5.08 38.65 -49.75
C SER D 367 -5.66 39.52 -50.87
N THR D 368 -6.59 38.98 -51.65
CA THR D 368 -7.13 39.75 -52.76
C THR D 368 -7.97 40.92 -52.28
N ALA D 369 -8.64 40.78 -51.13
CA ALA D 369 -9.40 41.89 -50.57
C ALA D 369 -8.47 43.01 -50.12
N GLY D 370 -7.37 42.66 -49.44
CA GLY D 370 -6.40 43.68 -49.08
C GLY D 370 -5.81 44.39 -50.28
N LEU D 371 -5.48 43.62 -51.33
CA LEU D 371 -4.98 44.23 -52.56
C LEU D 371 -6.02 45.17 -53.18
N TYR D 372 -7.30 44.77 -53.15
CA TYR D 372 -8.34 45.60 -53.75
C TYR D 372 -8.58 46.87 -52.93
N ASN D 373 -8.50 46.78 -51.61
CA ASN D 373 -8.62 47.99 -50.79
C ASN D 373 -7.45 48.93 -51.04
N HIS D 374 -6.24 48.38 -51.19
CA HIS D 374 -5.10 49.23 -51.53
C HIS D 374 -5.30 49.89 -52.88
N PHE D 375 -5.83 49.16 -53.86
CA PHE D 375 -6.07 49.73 -55.18
C PHE D 375 -7.13 50.82 -55.12
N ILE D 376 -8.20 50.62 -54.34
CA ILE D 376 -9.23 51.65 -54.22
C ILE D 376 -8.68 52.88 -53.53
N LYS D 377 -7.85 52.70 -52.49
CA LYS D 377 -7.22 53.84 -51.84
C LYS D 377 -6.34 54.61 -52.81
N GLY D 378 -5.54 53.91 -53.61
CA GLY D 378 -4.71 54.58 -54.60
C GLY D 378 -5.53 55.32 -55.64
N LEU D 379 -6.62 54.72 -56.11
CA LEU D 379 -7.45 55.36 -57.12
C LEU D 379 -8.16 56.58 -56.55
N ASP D 380 -8.58 56.52 -55.28
CA ASP D 380 -9.24 57.66 -54.67
C ASP D 380 -8.25 58.79 -54.41
N SER D 381 -7.01 58.45 -54.06
CA SER D 381 -5.99 59.48 -53.88
C SER D 381 -5.55 60.06 -55.21
N PHE D 382 -5.66 59.30 -56.29
CA PHE D 382 -5.26 59.80 -57.61
C PHE D 382 -6.38 60.59 -58.28
N SER D 383 -7.61 60.08 -58.20
CA SER D 383 -8.73 60.77 -58.85
C SER D 383 -9.10 62.06 -58.12
N GLY D 384 -8.92 62.10 -56.79
CA GLY D 384 -9.24 63.31 -56.06
C GLY D 384 -8.31 64.46 -56.38
N LYS D 385 -7.05 64.18 -56.68
CA LYS D 385 -6.11 65.23 -57.02
C LYS D 385 -6.34 65.71 -58.45
N PRO D 386 -6.41 67.01 -58.69
CA PRO D 386 -6.63 67.49 -60.06
C PRO D 386 -5.43 67.20 -60.96
N ARG D 387 -5.68 67.29 -62.26
CA ARG D 387 -4.64 67.02 -63.25
C ARG D 387 -3.61 68.14 -63.23
N GLY D 388 -2.36 67.79 -62.93
CA GLY D 388 -1.30 68.77 -62.88
C GLY D 388 -0.62 68.98 -64.23
N SER D 389 0.04 70.13 -64.36
CA SER D 389 0.75 70.48 -65.59
C SER D 389 2.05 69.70 -65.65
N GLY D 390 1.98 68.48 -66.21
CA GLY D 390 3.13 67.63 -66.32
C GLY D 390 3.54 66.91 -65.05
N ALA D 391 2.77 67.04 -63.97
CA ALA D 391 3.08 66.40 -62.71
C ALA D 391 2.02 65.36 -62.36
N PRO D 392 2.42 64.19 -61.86
CA PRO D 392 1.41 63.18 -61.49
C PRO D 392 0.51 63.62 -60.35
N ALA D 393 1.08 64.30 -59.34
CA ALA D 393 0.33 64.78 -58.18
C ALA D 393 -0.41 63.65 -57.46
N GLY D 394 0.18 62.46 -57.46
CA GLY D 394 -0.42 61.31 -56.80
C GLY D 394 0.59 60.23 -56.56
N THR D 395 0.34 59.42 -55.53
CA THR D 395 1.24 58.33 -55.20
C THR D 395 1.17 57.23 -56.24
N ALA D 396 2.28 56.50 -56.37
CA ALA D 396 2.37 55.42 -57.35
C ALA D 396 1.78 54.14 -56.75
N LEU D 397 0.79 53.56 -57.45
CA LEU D 397 0.16 52.34 -56.99
C LEU D 397 0.87 51.12 -57.56
N PRO D 398 0.86 49.99 -56.84
CA PRO D 398 1.52 48.79 -57.37
C PRO D 398 0.77 48.16 -58.52
N LEU D 399 0.95 48.72 -59.73
CA LEU D 399 0.23 48.23 -60.90
C LEU D 399 0.66 46.83 -61.29
N GLU D 400 1.91 46.45 -60.96
CA GLU D 400 2.38 45.11 -61.30
C GLU D 400 1.83 44.07 -60.34
N GLY D 401 1.77 44.40 -59.06
CA GLY D 401 1.27 43.44 -58.07
C GLY D 401 -0.20 43.10 -58.28
N VAL D 402 -1.02 44.10 -58.57
CA VAL D 402 -2.44 43.83 -58.79
C VAL D 402 -2.64 42.99 -60.04
N ILE D 403 -1.89 43.28 -61.11
CA ILE D 403 -1.98 42.50 -62.33
C ILE D 403 -1.56 41.05 -62.06
N LEU D 404 -0.49 40.87 -61.30
CA LEU D 404 -0.03 39.52 -60.98
C LEU D 404 -1.10 38.78 -60.17
N SER D 405 -1.74 39.47 -59.22
CA SER D 405 -2.76 38.83 -58.41
C SER D 405 -3.96 38.42 -59.26
N LEU D 406 -4.40 39.29 -60.18
CA LEU D 406 -5.52 38.91 -61.06
C LEU D 406 -5.13 37.75 -61.96
N GLN D 407 -3.92 37.76 -62.49
CA GLN D 407 -3.50 36.68 -63.39
C GLN D 407 -3.37 35.36 -62.65
N ASP D 408 -3.02 35.39 -61.36
CA ASP D 408 -2.96 34.15 -60.59
C ASP D 408 -4.34 33.71 -60.10
N LEU D 409 -5.26 34.65 -59.90
CA LEU D 409 -6.59 34.29 -59.42
C LEU D 409 -7.49 33.79 -60.54
N ILE D 410 -7.28 34.28 -61.77
CA ILE D 410 -8.08 33.81 -62.90
C ILE D 410 -7.81 32.34 -63.17
N GLY D 411 -6.54 31.94 -63.10
CA GLY D 411 -6.19 30.54 -63.31
C GLY D 411 -6.72 29.61 -62.24
N TYR D 412 -6.97 30.11 -61.04
CA TYR D 412 -7.53 29.28 -59.98
C TYR D 412 -8.99 28.94 -60.24
N PHE D 413 -9.75 29.90 -60.77
CA PHE D 413 -11.16 29.68 -61.10
C PHE D 413 -11.26 29.46 -62.61
N GLU D 414 -11.06 28.21 -63.01
CA GLU D 414 -11.12 27.82 -64.41
C GLU D 414 -12.10 26.67 -64.60
N PRO D 415 -12.89 26.69 -65.66
CA PRO D 415 -13.83 25.59 -65.89
C PRO D 415 -13.08 24.32 -66.22
N PRO D 416 -13.61 23.15 -65.83
CA PRO D 416 -12.91 21.90 -66.12
C PRO D 416 -12.95 21.55 -67.60
N SER D 417 -12.06 20.64 -67.98
CA SER D 417 -11.97 20.22 -69.37
C SER D 417 -13.16 19.35 -69.75
N GLU D 418 -13.60 19.48 -71.01
CA GLU D 418 -14.72 18.69 -71.50
C GLU D 418 -14.33 17.24 -71.78
N GLU D 419 -13.04 16.96 -71.97
CA GLU D 419 -12.57 15.61 -72.24
C GLU D 419 -12.28 14.83 -70.97
N LEU D 420 -12.76 15.30 -69.82
CA LEU D 420 -12.56 14.62 -68.55
C LEU D 420 -13.66 13.60 -68.30
N GLN D 421 -13.40 12.68 -67.39
CA GLN D 421 -14.38 11.67 -67.02
C GLN D 421 -15.62 12.32 -66.43
N HIS D 422 -16.73 11.58 -66.45
CA HIS D 422 -18.00 12.14 -66.00
C HIS D 422 -17.97 12.44 -64.50
N GLU D 423 -17.56 11.47 -63.69
CA GLU D 423 -17.51 11.69 -62.24
C GLU D 423 -16.48 12.74 -61.88
N GLU D 424 -15.33 12.73 -62.56
CA GLU D 424 -14.31 13.74 -62.31
C GLU D 424 -14.81 15.13 -62.67
N LYS D 425 -15.48 15.26 -63.82
CA LYS D 425 -16.02 16.55 -64.23
C LYS D 425 -17.10 17.02 -63.26
N GLN D 426 -17.95 16.11 -62.78
CA GLN D 426 -18.98 16.49 -61.82
C GLN D 426 -18.36 16.95 -60.50
N SER D 427 -17.32 16.25 -60.03
CA SER D 427 -16.65 16.68 -58.79
C SER D 427 -15.97 18.03 -58.98
N LYS D 428 -15.35 18.26 -60.14
CA LYS D 428 -14.73 19.55 -60.40
C LYS D 428 -15.77 20.67 -60.46
N LEU D 429 -16.92 20.39 -61.07
CA LEU D 429 -17.99 21.39 -61.12
C LEU D 429 -18.53 21.69 -59.72
N ARG D 430 -18.67 20.66 -58.89
CA ARG D 430 -19.12 20.88 -57.52
C ARG D 430 -18.11 21.69 -56.73
N SER D 431 -16.81 21.41 -56.92
CA SER D 431 -15.78 22.19 -56.24
C SER D 431 -15.78 23.63 -56.71
N LEU D 432 -16.00 23.85 -58.01
CA LEU D 432 -16.06 25.21 -58.54
C LEU D 432 -17.27 25.96 -57.98
N ARG D 433 -18.41 25.29 -57.87
CA ARG D 433 -19.59 25.92 -57.31
C ARG D 433 -19.38 26.27 -55.84
N ASN D 434 -18.74 25.37 -55.08
CA ASN D 434 -18.43 25.66 -53.69
C ASN D 434 -17.47 26.84 -53.57
N ARG D 435 -16.45 26.88 -54.42
CA ARG D 435 -15.50 28.00 -54.38
C ARG D 435 -16.18 29.31 -54.74
N GLN D 436 -17.11 29.28 -55.71
CA GLN D 436 -17.82 30.50 -56.06
C GLN D 436 -18.76 30.96 -54.94
N SER D 437 -19.38 30.00 -54.25
CA SER D 437 -20.26 30.36 -53.15
C SER D 437 -19.47 30.97 -51.98
N LEU D 438 -18.31 30.40 -51.66
CA LEU D 438 -17.45 31.02 -50.66
C LEU D 438 -16.84 32.33 -51.15
N PHE D 439 -16.73 32.51 -52.47
CA PHE D 439 -16.27 33.79 -53.02
C PHE D 439 -17.32 34.88 -52.84
N GLN D 440 -18.59 34.54 -53.02
CA GLN D 440 -19.67 35.52 -52.86
C GLN D 440 -19.91 35.91 -51.41
N GLU D 441 -19.52 35.07 -50.45
CA GLU D 441 -19.84 35.30 -49.04
C GLU D 441 -18.89 36.28 -48.37
N GLU D 442 -18.19 37.11 -49.15
CA GLU D 442 -17.29 38.12 -48.58
C GLU D 442 -17.64 39.54 -49.01
N GLY D 443 -18.65 39.73 -49.86
CA GLY D 443 -19.02 41.06 -50.30
C GLY D 443 -17.99 41.74 -51.17
N MET D 444 -17.10 40.98 -51.82
CA MET D 444 -16.08 41.57 -52.67
C MET D 444 -16.55 41.80 -54.08
N LEU D 445 -17.75 41.32 -54.44
CA LEU D 445 -18.29 41.61 -55.76
C LEU D 445 -18.54 43.10 -55.93
N SER D 446 -19.25 43.71 -54.98
CA SER D 446 -19.44 45.16 -55.02
C SER D 446 -18.10 45.88 -54.95
N LEU D 447 -17.11 45.28 -54.29
CA LEU D 447 -15.76 45.84 -54.28
C LEU D 447 -15.18 45.93 -55.68
N VAL D 448 -15.22 44.83 -56.44
CA VAL D 448 -14.67 44.87 -57.78
C VAL D 448 -15.52 45.74 -58.71
N LEU D 449 -16.84 45.84 -58.45
CA LEU D 449 -17.65 46.78 -59.20
C LEU D 449 -17.21 48.21 -58.95
N ASN D 450 -16.89 48.55 -57.70
CA ASN D 450 -16.38 49.87 -57.39
C ASN D 450 -15.04 50.11 -58.09
N CYS D 451 -14.18 49.09 -58.12
CA CYS D 451 -12.90 49.24 -58.82
C CYS D 451 -13.12 49.52 -60.31
N ILE D 452 -13.96 48.73 -60.97
CA ILE D 452 -14.13 48.92 -62.41
C ILE D 452 -14.84 50.24 -62.70
N ASP D 453 -15.73 50.68 -61.80
CA ASP D 453 -16.38 51.97 -62.01
C ASP D 453 -15.37 53.12 -61.87
N ARG D 454 -14.54 53.09 -60.83
CA ARG D 454 -13.54 54.13 -60.65
C ARG D 454 -12.50 54.10 -61.75
N LEU D 455 -12.31 52.95 -62.40
CA LEU D 455 -11.38 52.90 -63.52
C LEU D 455 -12.01 53.31 -64.84
N ASN D 456 -13.33 53.13 -64.98
CA ASN D 456 -14.04 53.51 -66.19
C ASN D 456 -14.55 54.95 -66.15
N VAL D 457 -14.45 55.63 -65.00
CA VAL D 457 -14.85 57.02 -64.94
C VAL D 457 -14.03 57.89 -65.90
N TYR D 458 -12.84 57.45 -66.28
CA TYR D 458 -12.04 58.15 -67.27
C TYR D 458 -12.43 57.71 -68.68
N THR D 459 -12.09 58.55 -69.65
CA THR D 459 -12.48 58.27 -71.03
C THR D 459 -11.55 57.25 -71.70
N THR D 460 -10.26 57.33 -71.42
CA THR D 460 -9.28 56.43 -72.01
C THR D 460 -8.01 56.46 -71.17
N ALA D 461 -6.94 55.84 -71.68
CA ALA D 461 -5.67 55.84 -70.98
C ALA D 461 -4.95 57.18 -71.05
N ALA D 462 -5.26 58.00 -72.06
CA ALA D 462 -4.61 59.30 -72.17
C ALA D 462 -5.02 60.22 -71.03
N HIS D 463 -6.31 60.26 -70.72
CA HIS D 463 -6.77 61.08 -69.60
C HIS D 463 -6.20 60.59 -68.28
N PHE D 464 -6.09 59.26 -68.13
CA PHE D 464 -5.51 58.71 -66.90
C PHE D 464 -4.05 59.10 -66.77
N ALA D 465 -3.29 59.01 -67.87
CA ALA D 465 -1.88 59.40 -67.83
C ALA D 465 -1.72 60.89 -67.60
N GLU D 466 -2.67 61.71 -68.08
CA GLU D 466 -2.57 63.15 -67.89
C GLU D 466 -2.97 63.56 -66.47
N PHE D 467 -3.88 62.83 -65.84
CA PHE D 467 -4.37 63.19 -64.51
C PHE D 467 -3.54 62.54 -63.40
N ALA D 468 -3.48 61.21 -63.37
CA ALA D 468 -2.78 60.50 -62.31
C ALA D 468 -1.30 60.31 -62.58
N GLY D 469 -0.90 60.27 -63.85
CA GLY D 469 0.49 60.10 -64.22
C GLY D 469 0.69 58.89 -65.12
N GLU D 470 1.92 58.77 -65.60
CA GLU D 470 2.31 57.72 -66.53
C GLU D 470 2.80 56.46 -65.81
N GLU D 471 2.39 56.25 -64.56
CA GLU D 471 2.82 55.06 -63.83
C GLU D 471 2.18 53.80 -64.42
N ALA D 472 0.90 53.86 -64.74
CA ALA D 472 0.17 52.75 -65.34
C ALA D 472 -0.55 53.19 -66.60
N ALA D 473 0.16 53.95 -67.44
CA ALA D 473 -0.43 54.46 -68.67
C ALA D 473 -0.64 53.35 -69.69
N GLU D 474 0.44 52.67 -70.07
CA GLU D 474 0.34 51.60 -71.06
C GLU D 474 -0.30 50.34 -70.50
N SER D 475 -0.37 50.21 -69.18
CA SER D 475 -0.94 49.04 -68.54
C SER D 475 -2.42 49.19 -68.20
N TRP D 476 -3.01 50.34 -68.50
CA TRP D 476 -4.42 50.55 -68.18
C TRP D 476 -5.32 49.61 -68.96
N LYS D 477 -5.05 49.42 -70.25
CA LYS D 477 -5.84 48.50 -71.05
C LYS D 477 -5.73 47.07 -70.55
N GLU D 478 -4.52 46.66 -70.17
CA GLU D 478 -4.33 45.33 -69.62
C GLU D 478 -5.07 45.17 -68.30
N ILE D 479 -5.06 46.21 -67.47
CA ILE D 479 -5.73 46.14 -66.18
C ILE D 479 -7.25 46.00 -66.38
N VAL D 480 -7.82 46.82 -67.27
CA VAL D 480 -9.26 46.73 -67.48
C VAL D 480 -9.63 45.40 -68.15
N ASN D 481 -8.75 44.87 -69.01
CA ASN D 481 -9.01 43.57 -69.61
C ASN D 481 -9.01 42.48 -68.55
N LEU D 482 -8.05 42.51 -67.63
CA LEU D 482 -8.01 41.51 -66.56
C LEU D 482 -9.21 41.64 -65.63
N LEU D 483 -9.63 42.87 -65.34
CA LEU D 483 -10.82 43.07 -64.52
C LEU D 483 -12.05 42.47 -65.19
N TYR D 484 -12.26 42.78 -66.48
CA TYR D 484 -13.41 42.25 -67.19
C TYR D 484 -13.35 40.73 -67.26
N GLU D 485 -12.15 40.17 -67.45
CA GLU D 485 -12.01 38.72 -67.55
C GLU D 485 -12.32 38.05 -66.22
N ILE D 486 -11.81 38.58 -65.11
CA ILE D 486 -12.07 37.95 -63.82
C ILE D 486 -13.54 38.10 -63.45
N LEU D 487 -14.16 39.23 -63.81
CA LEU D 487 -15.58 39.38 -63.53
C LEU D 487 -16.41 38.40 -64.35
N ALA D 488 -16.06 38.20 -65.62
CA ALA D 488 -16.79 37.25 -66.45
C ALA D 488 -16.59 35.83 -65.97
N SER D 489 -15.40 35.51 -65.45
CA SER D 489 -15.16 34.15 -64.98
C SER D 489 -15.86 33.87 -63.66
N LEU D 490 -15.91 34.87 -62.77
CA LEU D 490 -16.57 34.65 -61.49
C LEU D 490 -18.09 34.74 -61.60
N ILE D 491 -18.60 35.46 -62.60
CA ILE D 491 -20.04 35.46 -62.85
C ILE D 491 -20.48 34.14 -63.47
N ARG D 492 -19.64 33.56 -64.31
CA ARG D 492 -19.99 32.32 -65.01
C ARG D 492 -20.07 31.16 -64.02
N GLY D 493 -21.14 30.37 -64.13
CA GLY D 493 -21.29 29.18 -63.33
C GLY D 493 -22.21 29.35 -62.13
N ASN D 494 -22.10 30.49 -61.45
CA ASN D 494 -22.89 30.75 -60.26
C ASN D 494 -24.22 31.38 -60.63
N ARG D 495 -25.27 31.00 -59.92
CA ARG D 495 -26.61 31.54 -60.16
C ARG D 495 -26.92 32.74 -59.27
N ALA D 496 -26.43 32.74 -58.03
CA ALA D 496 -26.71 33.88 -57.15
C ALA D 496 -25.98 35.13 -57.61
N ASN D 497 -24.79 34.98 -58.19
CA ASN D 497 -24.04 36.13 -58.65
C ASN D 497 -24.76 36.86 -59.77
N CYS D 498 -25.32 36.13 -60.73
CA CYS D 498 -26.11 36.76 -61.78
C CYS D 498 -27.51 37.10 -61.31
N ALA D 499 -28.00 36.49 -60.24
CA ALA D 499 -29.30 36.86 -59.70
C ALA D 499 -29.25 38.22 -59.00
N LEU D 500 -28.16 38.48 -58.27
CA LEU D 500 -27.99 39.78 -57.64
C LEU D 500 -27.58 40.87 -58.63
N PHE D 501 -27.05 40.48 -59.79
CA PHE D 501 -26.65 41.45 -60.82
C PHE D 501 -27.85 41.98 -61.60
N SER D 502 -29.04 41.45 -61.37
CA SER D 502 -30.24 41.90 -62.09
C SER D 502 -30.78 43.22 -61.56
N ASN D 503 -30.20 43.76 -60.49
CA ASN D 503 -30.68 45.02 -59.93
C ASN D 503 -30.34 46.19 -60.85
N ASN D 504 -29.08 46.29 -61.27
CA ASN D 504 -28.62 47.36 -62.14
C ASN D 504 -28.25 46.79 -63.50
N LEU D 505 -28.82 47.38 -64.56
CA LEU D 505 -28.53 46.94 -65.92
C LEU D 505 -28.19 48.08 -66.87
N ASP D 506 -28.57 49.32 -66.56
CA ASP D 506 -28.21 50.44 -67.42
C ASP D 506 -26.72 50.70 -67.43
N TRP D 507 -26.05 50.49 -66.28
CA TRP D 507 -24.60 50.66 -66.24
C TRP D 507 -23.89 49.64 -67.12
N LEU D 508 -24.44 48.44 -67.24
CA LEU D 508 -23.83 47.41 -68.08
C LEU D 508 -23.79 47.85 -69.53
N VAL D 509 -24.93 48.27 -70.08
CA VAL D 509 -24.96 48.71 -71.47
C VAL D 509 -24.23 50.04 -71.63
N SER D 510 -24.18 50.85 -70.58
CA SER D 510 -23.42 52.10 -70.65
C SER D 510 -21.93 51.82 -70.83
N LYS D 511 -21.39 50.90 -70.03
CA LYS D 511 -20.00 50.51 -70.20
C LYS D 511 -19.80 49.73 -71.50
N LEU D 512 -20.84 49.05 -71.98
CA LEU D 512 -20.75 48.34 -73.25
C LEU D 512 -20.63 49.32 -74.42
N ASP D 513 -21.26 50.49 -74.31
CA ASP D 513 -21.17 51.49 -75.37
C ASP D 513 -19.76 52.03 -75.54
N ARG D 514 -18.89 51.85 -74.55
CA ARG D 514 -17.52 52.32 -74.67
C ARG D 514 -16.76 51.49 -75.70
N LEU D 515 -15.93 52.16 -76.49
CA LEU D 515 -15.18 51.47 -77.55
C LEU D 515 -14.02 50.66 -77.00
N GLU D 516 -13.56 50.99 -75.80
CA GLU D 516 -12.42 50.29 -75.21
C GLU D 516 -12.87 49.03 -74.49
N ALA D 517 -12.28 47.89 -74.84
CA ALA D 517 -12.55 46.60 -74.21
C ALA D 517 -14.05 46.25 -74.27
N SER D 518 -14.53 46.09 -75.51
CA SER D 518 -15.93 45.74 -75.74
C SER D 518 -16.18 44.25 -75.75
N SER D 519 -15.18 43.44 -76.11
CA SER D 519 -15.37 42.00 -76.17
C SER D 519 -15.62 41.42 -74.77
N GLY D 520 -14.96 41.97 -73.76
CA GLY D 520 -15.20 41.50 -72.40
C GLY D 520 -16.62 41.78 -71.94
N ILE D 521 -17.10 42.99 -72.18
CA ILE D 521 -18.47 43.34 -71.80
C ILE D 521 -19.47 42.51 -72.60
N LEU D 522 -19.15 42.22 -73.86
CA LEU D 522 -20.03 41.38 -74.67
C LEU D 522 -20.11 39.97 -74.11
N GLU D 523 -18.97 39.41 -73.70
CA GLU D 523 -18.97 38.08 -73.08
C GLU D 523 -19.73 38.10 -71.77
N VAL D 524 -19.58 39.18 -70.98
CA VAL D 524 -20.30 39.29 -69.71
C VAL D 524 -21.80 39.32 -69.95
N LEU D 525 -22.24 40.09 -70.96
CA LEU D 525 -23.67 40.16 -71.26
C LEU D 525 -24.18 38.83 -71.79
N TYR D 526 -23.37 38.12 -72.57
CA TYR D 526 -23.78 36.81 -73.05
C TYR D 526 -23.92 35.81 -71.90
N CYS D 527 -23.05 35.92 -70.90
CA CYS D 527 -23.08 34.99 -69.77
C CYS D 527 -24.16 35.35 -68.76
N VAL D 528 -24.56 36.62 -68.65
CA VAL D 528 -25.56 36.99 -67.66
C VAL D 528 -26.97 36.68 -68.17
N LEU D 529 -27.14 36.53 -69.48
CA LEU D 529 -28.44 36.28 -70.08
C LEU D 529 -28.71 34.80 -70.35
N ILE D 530 -27.81 33.92 -69.94
CA ILE D 530 -27.98 32.50 -70.17
C ILE D 530 -28.22 31.71 -68.88
N GLU D 531 -27.62 32.12 -67.76
CA GLU D 531 -27.78 31.37 -66.52
C GLU D 531 -29.17 31.58 -65.93
N SER D 532 -29.52 32.83 -65.64
CA SER D 532 -30.80 33.15 -65.03
C SER D 532 -31.63 34.03 -65.97
N PRO D 533 -32.82 33.60 -66.37
CA PRO D 533 -33.66 34.41 -67.26
C PRO D 533 -34.43 35.53 -66.59
N GLU D 534 -34.14 35.83 -65.32
CA GLU D 534 -34.85 36.92 -64.66
C GLU D 534 -34.44 38.28 -65.23
N VAL D 535 -33.24 38.38 -65.80
CA VAL D 535 -32.80 39.65 -66.38
C VAL D 535 -33.57 39.95 -67.66
N LEU D 536 -34.07 38.91 -68.34
CA LEU D 536 -34.80 39.12 -69.58
C LEU D 536 -36.14 39.84 -69.35
N ASN D 537 -36.69 39.78 -68.15
CA ASN D 537 -37.98 40.41 -67.89
C ASN D 537 -37.87 41.93 -67.79
N ILE D 538 -36.73 42.45 -67.33
CA ILE D 538 -36.59 43.88 -67.10
C ILE D 538 -36.11 44.62 -68.35
N ILE D 539 -35.72 43.90 -69.41
CA ILE D 539 -35.17 44.55 -70.59
C ILE D 539 -36.22 45.46 -71.23
N GLN D 540 -35.75 46.55 -71.84
CA GLN D 540 -36.62 47.48 -72.55
C GLN D 540 -36.07 47.74 -73.95
N GLU D 541 -36.63 48.74 -74.64
CA GLU D 541 -36.15 49.09 -75.96
C GLU D 541 -34.77 49.71 -75.94
N ASN D 542 -34.36 50.31 -74.81
CA ASN D 542 -33.04 50.94 -74.74
C ASN D 542 -31.93 49.90 -74.81
N HIS D 543 -32.11 48.74 -74.19
CA HIS D 543 -31.08 47.71 -74.20
C HIS D 543 -30.86 47.17 -75.61
N ILE D 544 -31.95 46.83 -76.30
CA ILE D 544 -31.81 46.32 -77.67
C ILE D 544 -31.32 47.43 -78.60
N LYS D 545 -31.70 48.69 -78.33
CA LYS D 545 -31.18 49.79 -79.13
C LYS D 545 -29.66 49.90 -78.98
N SER D 546 -29.16 49.81 -77.75
CA SER D 546 -27.71 49.82 -77.53
C SER D 546 -27.05 48.61 -78.16
N ILE D 547 -27.73 47.46 -78.17
CA ILE D 547 -27.17 46.27 -78.80
C ILE D 547 -26.99 46.47 -80.30
N ILE D 548 -28.03 47.01 -80.96
CA ILE D 548 -27.93 47.28 -82.39
C ILE D 548 -26.90 48.38 -82.66
N SER D 549 -26.78 49.35 -81.76
CA SER D 549 -25.76 50.38 -81.91
C SER D 549 -24.35 49.78 -81.84
N LEU D 550 -24.14 48.84 -80.92
CA LEU D 550 -22.86 48.15 -80.86
C LEU D 550 -22.61 47.34 -82.12
N LEU D 551 -23.63 46.62 -82.60
CA LEU D 551 -23.47 45.82 -83.81
C LEU D 551 -23.19 46.69 -85.03
N ASP D 552 -23.68 47.93 -85.04
CA ASP D 552 -23.44 48.82 -86.17
C ASP D 552 -22.07 49.49 -86.09
N LYS D 553 -21.70 49.99 -84.91
CA LYS D 553 -20.46 50.73 -84.77
C LYS D 553 -19.25 49.82 -84.73
N HIS D 554 -19.30 48.77 -83.90
CA HIS D 554 -18.18 47.86 -83.72
C HIS D 554 -18.09 46.79 -84.80
N GLY D 555 -18.88 46.90 -85.87
CA GLY D 555 -18.83 45.92 -86.93
C GLY D 555 -19.54 44.63 -86.58
N ARG D 556 -19.45 43.69 -87.52
CA ARG D 556 -20.08 42.39 -87.34
C ARG D 556 -19.27 41.53 -86.37
N ASN D 557 -19.98 40.85 -85.46
CA ASN D 557 -19.35 39.96 -84.49
C ASN D 557 -20.21 38.73 -84.33
N HIS D 558 -19.56 37.56 -84.33
CA HIS D 558 -20.29 36.30 -84.22
C HIS D 558 -20.84 36.05 -82.81
N LYS D 559 -20.40 36.81 -81.82
CA LYS D 559 -20.85 36.62 -80.45
C LYS D 559 -22.10 37.42 -80.11
N VAL D 560 -22.43 38.44 -80.92
CA VAL D 560 -23.62 39.24 -80.64
C VAL D 560 -24.88 38.48 -81.00
N LEU D 561 -24.85 37.73 -82.10
CA LEU D 561 -26.02 36.96 -82.51
C LEU D 561 -26.38 35.88 -81.49
N ASP D 562 -25.38 35.32 -80.81
CA ASP D 562 -25.67 34.40 -79.72
C ASP D 562 -26.39 35.11 -78.59
N VAL D 563 -26.02 36.35 -78.30
CA VAL D 563 -26.71 37.14 -77.29
C VAL D 563 -28.15 37.38 -77.70
N LEU D 564 -28.38 37.70 -78.98
CA LEU D 564 -29.73 37.90 -79.46
C LEU D 564 -30.55 36.62 -79.35
N CYS D 565 -29.95 35.48 -79.71
CA CYS D 565 -30.67 34.21 -79.62
C CYS D 565 -31.01 33.87 -78.17
N SER D 566 -30.09 34.16 -77.24
CA SER D 566 -30.37 33.90 -75.83
C SER D 566 -31.45 34.83 -75.30
N LEU D 567 -31.46 36.09 -75.74
CA LEU D 567 -32.47 37.04 -75.30
C LEU D 567 -33.81 36.81 -75.98
N CYS D 568 -33.84 36.04 -77.07
CA CYS D 568 -35.09 35.80 -77.77
C CYS D 568 -36.03 34.92 -76.97
N VAL D 569 -35.56 33.75 -76.54
CA VAL D 569 -36.38 32.75 -75.87
C VAL D 569 -35.81 32.48 -74.48
N CYS D 570 -36.70 32.24 -73.52
CA CYS D 570 -36.30 31.90 -72.16
C CYS D 570 -36.17 30.37 -72.05
N ASN D 571 -36.04 29.87 -70.83
CA ASN D 571 -35.93 28.43 -70.58
C ASN D 571 -37.33 27.82 -70.71
N GLY D 572 -37.76 27.69 -71.97
CA GLY D 572 -39.07 27.15 -72.28
C GLY D 572 -40.18 28.16 -72.37
N VAL D 573 -39.87 29.45 -72.21
CA VAL D 573 -40.85 30.52 -72.30
C VAL D 573 -40.49 31.40 -73.50
N ALA D 574 -41.49 31.73 -74.30
CA ALA D 574 -41.30 32.55 -75.51
C ALA D 574 -41.95 33.90 -75.28
N VAL D 575 -41.14 34.94 -75.13
CA VAL D 575 -41.66 36.29 -74.96
C VAL D 575 -41.98 36.90 -76.31
N CYS D 576 -42.84 37.92 -76.28
CA CYS D 576 -43.28 38.59 -77.51
C CYS D 576 -42.75 40.01 -77.65
N SER D 577 -42.38 40.66 -76.55
CA SER D 577 -41.89 42.03 -76.63
C SER D 577 -40.49 42.09 -77.25
N ASN D 578 -39.58 41.23 -76.79
CA ASN D 578 -38.23 41.23 -77.33
C ASN D 578 -38.21 40.82 -78.79
N GLN D 579 -39.02 39.81 -79.16
CA GLN D 579 -39.07 39.38 -80.56
C GLN D 579 -39.63 40.48 -81.46
N ASP D 580 -40.67 41.17 -81.00
CA ASP D 580 -41.22 42.28 -81.78
C ASP D 580 -40.22 43.42 -81.91
N LEU D 581 -39.49 43.74 -80.84
CA LEU D 581 -38.49 44.78 -80.91
C LEU D 581 -37.37 44.41 -81.88
N ILE D 582 -36.93 43.15 -81.86
CA ILE D 582 -35.90 42.71 -82.78
C ILE D 582 -36.40 42.78 -84.22
N THR D 583 -37.64 42.34 -84.45
CA THR D 583 -38.19 42.38 -85.80
C THR D 583 -38.36 43.81 -86.30
N GLU D 584 -38.64 44.75 -85.39
CA GLU D 584 -38.84 46.13 -85.81
C GLU D 584 -37.53 46.88 -85.98
N ASN D 585 -36.47 46.51 -85.25
CA ASN D 585 -35.21 47.22 -85.29
C ASN D 585 -34.10 46.49 -86.04
N LEU D 586 -34.39 45.34 -86.63
CA LEU D 586 -33.38 44.60 -87.36
C LEU D 586 -33.71 44.39 -88.83
N LEU D 587 -34.95 44.02 -89.14
CA LEU D 587 -35.34 43.69 -90.51
C LEU D 587 -35.57 44.94 -91.38
N PRO D 588 -36.30 45.96 -90.92
CA PRO D 588 -36.53 47.13 -91.78
C PRO D 588 -35.27 47.89 -92.15
N GLY D 589 -34.17 47.68 -91.43
CA GLY D 589 -32.94 48.38 -91.75
C GLY D 589 -32.34 47.92 -93.08
N ARG D 590 -32.16 46.61 -93.23
CA ARG D 590 -31.61 46.01 -94.45
C ARG D 590 -30.23 46.58 -94.79
N GLU D 591 -29.48 46.99 -93.77
CA GLU D 591 -28.13 47.53 -93.97
C GLU D 591 -27.11 46.93 -93.02
N LEU D 592 -27.48 45.93 -92.23
CA LEU D 592 -26.57 45.32 -91.27
C LEU D 592 -26.44 43.82 -91.44
N LEU D 593 -27.41 43.16 -92.06
CA LEU D 593 -27.39 41.72 -92.29
C LEU D 593 -27.38 41.45 -93.79
N LEU D 594 -27.26 40.18 -94.15
CA LEU D 594 -27.16 39.77 -95.54
C LEU D 594 -28.52 39.30 -96.05
N GLN D 595 -28.68 39.39 -97.37
CA GLN D 595 -29.92 39.00 -98.02
C GLN D 595 -29.63 37.98 -99.12
N THR D 596 -30.63 37.14 -99.39
CA THR D 596 -30.52 36.09 -100.40
C THR D 596 -31.61 36.27 -101.44
N ASN D 597 -31.26 36.02 -102.70
CA ASN D 597 -32.21 36.14 -103.80
C ASN D 597 -31.66 35.38 -105.01
N LEU D 598 -32.57 34.75 -105.76
CA LEU D 598 -32.16 34.02 -106.95
C LEU D 598 -31.79 34.99 -108.06
N ILE D 599 -30.65 34.75 -108.70
CA ILE D 599 -30.14 35.62 -109.76
C ILE D 599 -29.84 34.76 -110.98
N ASN D 600 -30.22 35.24 -112.15
CA ASN D 600 -29.95 34.56 -113.40
C ASN D 600 -28.64 35.05 -114.02
N TYR D 601 -27.96 34.15 -114.72
CA TYR D 601 -26.70 34.50 -115.35
C TYR D 601 -26.93 35.36 -116.59
N VAL D 602 -25.84 35.97 -117.07
CA VAL D 602 -25.89 36.86 -118.22
C VAL D 602 -24.63 36.67 -119.06
N THR D 603 -24.79 36.77 -120.37
CA THR D 603 -23.68 36.67 -121.31
C THR D 603 -23.68 37.88 -122.21
N SER D 604 -22.64 37.98 -123.05
CA SER D 604 -22.50 39.09 -123.98
C SER D 604 -21.69 38.63 -125.18
N ILE D 605 -22.17 38.98 -126.38
CA ILE D 605 -21.55 38.57 -127.63
C ILE D 605 -21.16 39.81 -128.42
N ARG D 606 -19.97 39.77 -129.02
CA ARG D 606 -19.47 40.85 -129.85
C ARG D 606 -18.96 40.30 -131.17
N PRO D 607 -19.13 41.05 -132.27
CA PRO D 607 -18.57 40.63 -133.55
C PRO D 607 -17.07 40.89 -133.60
N ASN D 608 -16.48 40.63 -134.77
CA ASN D 608 -15.04 40.79 -134.96
C ASN D 608 -14.65 42.18 -135.47
N ILE D 609 -15.62 43.05 -135.72
CA ILE D 609 -15.33 44.40 -136.16
C ILE D 609 -14.85 45.24 -134.98
N PHE D 610 -13.72 45.92 -135.15
CA PHE D 610 -13.15 46.79 -134.13
C PHE D 610 -13.11 48.21 -134.69
N VAL D 611 -13.78 49.13 -134.01
CA VAL D 611 -13.84 50.54 -134.43
C VAL D 611 -13.20 51.39 -133.35
N GLY D 612 -12.21 52.19 -133.73
CA GLY D 612 -11.51 53.05 -132.79
C GLY D 612 -11.34 54.44 -133.35
N ARG D 613 -11.12 55.38 -132.45
CA ARG D 613 -10.93 56.79 -132.79
C ARG D 613 -9.73 57.34 -132.05
N ALA D 614 -8.84 58.01 -132.77
CA ALA D 614 -7.64 58.60 -132.20
C ALA D 614 -7.14 59.68 -133.15
N GLU D 615 -5.97 60.24 -132.84
CA GLU D 615 -5.38 61.27 -133.69
C GLU D 615 -4.91 60.65 -134.99
N GLY D 616 -5.45 61.13 -136.11
CA GLY D 616 -5.10 60.58 -137.40
C GLY D 616 -5.64 59.19 -137.64
N THR D 617 -6.90 58.94 -137.29
CA THR D 617 -7.48 57.63 -137.48
C THR D 617 -7.72 57.33 -138.95
N THR D 618 -7.63 56.05 -139.30
CA THR D 618 -7.83 55.59 -140.67
C THR D 618 -9.23 55.03 -140.90
N GLN D 619 -10.22 55.50 -140.13
CA GLN D 619 -11.59 55.03 -140.26
C GLN D 619 -12.54 56.20 -140.04
N TYR D 620 -13.80 55.99 -140.38
CA TYR D 620 -14.83 57.01 -140.25
C TYR D 620 -15.58 56.81 -138.92
N SER D 621 -16.49 57.74 -138.63
CA SER D 621 -17.27 57.71 -137.40
C SER D 621 -18.72 57.29 -137.61
N LYS D 622 -19.25 57.42 -138.82
CA LYS D 622 -20.64 57.09 -139.10
C LYS D 622 -20.77 55.58 -139.29
N TRP D 623 -21.41 54.91 -138.33
CA TRP D 623 -21.64 53.47 -138.41
C TRP D 623 -23.07 53.17 -137.97
N TYR D 624 -23.71 52.24 -138.66
CA TYR D 624 -25.12 51.93 -138.42
C TYR D 624 -25.36 50.44 -138.62
N PHE D 625 -26.16 49.85 -137.75
CA PHE D 625 -26.54 48.45 -137.85
C PHE D 625 -27.81 48.23 -137.06
N GLU D 626 -28.63 47.31 -137.55
CA GLU D 626 -29.91 46.97 -136.92
C GLU D 626 -29.94 45.50 -136.56
N VAL D 627 -30.77 45.17 -135.56
CA VAL D 627 -30.93 43.80 -135.09
C VAL D 627 -32.42 43.50 -134.96
N MET D 628 -32.76 42.23 -135.04
CA MET D 628 -34.14 41.78 -134.94
C MET D 628 -34.25 40.66 -133.91
N VAL D 629 -35.31 40.71 -133.11
CA VAL D 629 -35.56 39.71 -132.09
C VAL D 629 -36.46 38.61 -132.67
N ASP D 630 -36.07 37.36 -132.47
CA ASP D 630 -36.83 36.24 -133.01
C ASP D 630 -38.04 35.91 -132.14
N GLU D 631 -37.79 35.54 -130.89
CA GLU D 631 -38.85 35.16 -129.97
C GLU D 631 -38.41 35.47 -128.55
N VAL D 632 -39.35 35.96 -127.75
CA VAL D 632 -39.10 36.34 -126.36
C VAL D 632 -40.20 35.77 -125.48
N VAL D 633 -39.84 35.43 -124.24
CA VAL D 633 -40.81 34.93 -123.27
C VAL D 633 -40.60 35.66 -121.94
N PRO D 634 -41.51 36.54 -121.55
CA PRO D 634 -41.36 37.24 -120.27
C PRO D 634 -41.81 36.39 -119.10
N PHE D 635 -41.32 36.75 -117.92
CA PHE D 635 -41.64 36.07 -116.67
C PHE D 635 -41.31 34.58 -116.71
N LEU D 636 -40.24 34.23 -117.44
CA LEU D 636 -39.82 32.83 -117.48
C LEU D 636 -39.18 32.40 -116.18
N THR D 637 -38.49 33.32 -115.49
CA THR D 637 -37.86 33.01 -114.21
C THR D 637 -38.31 34.01 -113.15
N ALA D 638 -37.66 33.99 -111.99
CA ALA D 638 -38.01 34.94 -110.92
C ALA D 638 -37.79 36.37 -111.35
N GLN D 639 -36.78 36.63 -112.19
CA GLN D 639 -36.49 37.97 -112.68
C GLN D 639 -37.02 38.12 -114.10
N ALA D 640 -36.72 39.26 -114.71
CA ALA D 640 -37.14 39.55 -116.07
C ALA D 640 -35.94 39.53 -117.02
N THR D 641 -36.23 39.32 -118.30
CA THR D 641 -35.19 39.26 -119.32
C THR D 641 -34.67 40.66 -119.60
N HIS D 642 -33.36 40.84 -119.42
CA HIS D 642 -32.72 42.14 -119.63
C HIS D 642 -32.12 42.24 -121.03
N LEU D 643 -33.00 42.23 -122.02
CA LEU D 643 -32.57 42.31 -123.43
C LEU D 643 -32.13 43.75 -123.72
N ARG D 644 -30.82 43.95 -123.81
CA ARG D 644 -30.26 45.27 -124.08
C ARG D 644 -29.11 45.14 -125.07
N VAL D 645 -28.98 46.11 -125.97
CA VAL D 645 -27.92 46.14 -126.97
C VAL D 645 -27.24 47.50 -126.89
N GLY D 646 -25.92 47.50 -127.01
CA GLY D 646 -25.17 48.73 -126.94
C GLY D 646 -23.74 48.55 -127.36
N TRP D 647 -22.91 49.54 -127.01
CA TRP D 647 -21.50 49.54 -127.33
C TRP D 647 -20.68 49.37 -126.06
N ALA D 648 -19.63 48.55 -126.14
CA ALA D 648 -18.76 48.28 -125.00
C ALA D 648 -17.31 48.43 -125.43
N LEU D 649 -16.49 48.97 -124.53
CA LEU D 649 -15.07 49.15 -124.81
C LEU D 649 -14.31 47.86 -124.55
N THR D 650 -13.05 47.84 -125.02
CA THR D 650 -12.21 46.67 -124.87
C THR D 650 -11.48 46.62 -123.52
N GLU D 651 -11.54 47.69 -122.74
CA GLU D 651 -10.87 47.74 -121.43
C GLU D 651 -11.82 48.38 -120.44
N GLY D 652 -12.34 47.58 -119.52
CA GLY D 652 -13.25 48.06 -118.49
C GLY D 652 -14.61 47.39 -118.47
N TYR D 653 -14.88 46.43 -119.35
CA TYR D 653 -16.18 45.76 -119.34
C TYR D 653 -16.25 44.67 -118.28
N SER D 654 -15.38 43.66 -118.40
CA SER D 654 -15.31 42.53 -117.48
C SER D 654 -16.67 41.85 -117.33
N PRO D 655 -17.17 41.18 -118.37
CA PRO D 655 -18.49 40.53 -118.28
C PRO D 655 -18.38 39.10 -117.71
N TYR D 656 -17.93 39.01 -116.47
CA TYR D 656 -17.76 37.70 -115.84
C TYR D 656 -19.13 37.10 -115.53
N PRO D 657 -19.40 35.86 -115.94
CA PRO D 657 -20.70 35.25 -115.64
C PRO D 657 -20.85 34.90 -114.16
N GLY D 658 -21.73 35.62 -113.48
CA GLY D 658 -21.95 35.40 -112.06
C GLY D 658 -22.21 36.67 -111.29
N GLY D 659 -21.43 36.91 -110.24
CA GLY D 659 -21.60 38.12 -109.46
C GLY D 659 -21.09 39.34 -110.21
N GLY D 660 -21.84 40.44 -110.07
CA GLY D 660 -21.48 41.68 -110.72
C GLY D 660 -21.77 42.90 -109.88
N GLU D 661 -21.60 44.09 -110.48
CA GLU D 661 -21.85 45.33 -109.76
C GLU D 661 -23.34 45.51 -109.54
N GLY D 662 -23.73 45.85 -108.31
CA GLY D 662 -25.11 46.06 -107.97
C GLY D 662 -25.75 44.83 -107.34
N TRP D 663 -27.08 44.84 -107.33
CA TRP D 663 -27.83 43.72 -106.76
C TRP D 663 -27.77 42.51 -107.69
N GLY D 664 -28.24 42.68 -108.93
CA GLY D 664 -28.28 41.58 -109.88
C GLY D 664 -26.99 41.48 -110.68
N GLY D 665 -27.08 40.72 -111.78
CA GLY D 665 -25.93 40.52 -112.63
C GLY D 665 -25.62 41.71 -113.51
N ASN D 666 -24.39 41.76 -113.98
CA ASN D 666 -23.93 42.86 -114.82
C ASN D 666 -24.18 42.54 -116.29
N GLY D 667 -24.00 43.55 -117.13
CA GLY D 667 -24.19 43.42 -118.56
C GLY D 667 -23.83 44.68 -119.32
N VAL D 668 -24.45 44.87 -120.49
CA VAL D 668 -24.20 46.08 -121.27
C VAL D 668 -24.81 47.27 -120.56
N GLY D 669 -24.06 48.37 -120.50
CA GLY D 669 -24.50 49.57 -119.82
C GLY D 669 -24.46 49.51 -118.31
N ASP D 670 -24.02 48.40 -117.74
CA ASP D 670 -23.95 48.24 -116.28
C ASP D 670 -22.71 48.88 -115.68
N ASP D 671 -21.82 49.45 -116.49
CA ASP D 671 -20.60 50.07 -116.00
C ASP D 671 -20.37 51.37 -116.77
N LEU D 672 -19.42 52.16 -116.28
CA LEU D 672 -19.08 53.42 -116.93
C LEU D 672 -18.28 53.25 -118.20
N TYR D 673 -17.81 52.04 -118.50
CA TYR D 673 -17.03 51.79 -119.70
C TYR D 673 -17.87 51.33 -120.88
N SER D 674 -19.16 51.05 -120.67
CA SER D 674 -20.05 50.60 -121.73
C SER D 674 -21.32 51.43 -121.71
N TYR D 675 -21.95 51.57 -122.88
CA TYR D 675 -23.17 52.34 -123.02
C TYR D 675 -24.16 51.56 -123.87
N GLY D 676 -25.39 51.44 -123.37
CA GLY D 676 -26.42 50.71 -124.08
C GLY D 676 -27.78 51.33 -123.83
N PHE D 677 -28.72 50.96 -124.69
CA PHE D 677 -30.09 51.47 -124.59
C PHE D 677 -31.04 50.45 -125.19
N ASP D 678 -32.17 50.24 -124.51
CA ASP D 678 -33.19 49.31 -124.99
C ASP D 678 -34.50 49.62 -124.29
N GLY D 679 -35.56 49.80 -125.06
CA GLY D 679 -36.86 50.10 -124.49
C GLY D 679 -37.11 51.59 -124.43
N LEU D 680 -37.56 52.06 -123.26
CA LEU D 680 -37.84 53.48 -123.05
C LEU D 680 -36.96 54.12 -121.99
N HIS D 681 -35.96 53.39 -121.50
CA HIS D 681 -35.07 53.90 -120.47
C HIS D 681 -33.63 53.57 -120.82
N LEU D 682 -32.74 54.54 -120.63
CA LEU D 682 -31.32 54.36 -120.91
C LEU D 682 -30.60 53.76 -119.71
N TRP D 683 -29.47 53.13 -119.98
CA TRP D 683 -28.65 52.50 -118.96
C TRP D 683 -27.23 53.06 -119.03
N THR D 684 -26.74 53.59 -117.91
CA THR D 684 -25.40 54.15 -117.85
C THR D 684 -24.85 53.91 -116.45
N GLY D 685 -23.92 52.97 -116.33
CA GLY D 685 -23.36 52.62 -115.03
C GLY D 685 -24.34 51.91 -114.12
N HIS D 686 -25.12 50.98 -114.67
CA HIS D 686 -26.12 50.21 -113.92
C HIS D 686 -27.15 51.12 -113.26
N VAL D 687 -27.48 52.23 -113.91
CA VAL D 687 -28.49 53.16 -113.41
C VAL D 687 -29.56 53.36 -114.48
N PRO D 688 -30.66 52.61 -114.43
CA PRO D 688 -31.72 52.80 -115.43
C PRO D 688 -32.45 54.11 -115.21
N ARG D 689 -32.36 55.00 -116.19
CA ARG D 689 -32.99 56.32 -116.13
C ARG D 689 -34.00 56.46 -117.25
N LEU D 690 -35.19 56.95 -116.91
CA LEU D 690 -36.23 57.13 -117.91
C LEU D 690 -35.89 58.30 -118.82
N VAL D 691 -36.18 58.13 -120.12
CA VAL D 691 -35.88 59.15 -121.13
C VAL D 691 -37.14 59.87 -121.61
N THR D 692 -38.30 59.54 -121.04
CA THR D 692 -39.58 60.18 -121.41
C THR D 692 -39.85 60.03 -122.91
N SER D 693 -39.63 58.84 -123.43
CA SER D 693 -39.87 58.58 -124.84
C SER D 693 -41.37 58.53 -125.11
N PRO D 694 -41.83 59.09 -126.23
CA PRO D 694 -43.27 59.03 -126.53
C PRO D 694 -43.76 57.63 -126.85
N GLY D 695 -42.89 56.75 -127.35
CA GLY D 695 -43.31 55.39 -127.63
C GLY D 695 -43.60 54.60 -126.37
N GLN D 696 -42.69 54.67 -125.39
CA GLN D 696 -42.82 53.97 -124.12
C GLN D 696 -43.02 52.47 -124.33
N HIS D 697 -42.32 51.92 -125.33
CA HIS D 697 -42.44 50.52 -125.72
C HIS D 697 -41.14 49.81 -125.36
N LEU D 698 -41.25 48.79 -124.49
CA LEU D 698 -40.05 48.10 -124.01
C LEU D 698 -39.53 47.12 -125.07
N LEU D 699 -40.38 46.20 -125.53
CA LEU D 699 -39.95 45.22 -126.51
C LEU D 699 -41.18 44.56 -127.13
N ALA D 700 -41.02 44.09 -128.37
CA ALA D 700 -42.05 43.34 -129.08
C ALA D 700 -41.38 42.25 -129.89
N PRO D 701 -42.09 41.15 -130.17
CA PRO D 701 -41.52 40.13 -131.06
C PRO D 701 -41.39 40.67 -132.48
N GLU D 702 -40.30 40.27 -133.14
CA GLU D 702 -40.00 40.69 -134.51
C GLU D 702 -39.88 42.21 -134.63
N ASP D 703 -39.36 42.86 -133.60
CA ASP D 703 -39.15 44.29 -133.62
C ASP D 703 -37.70 44.61 -133.98
N VAL D 704 -37.52 45.62 -134.82
CA VAL D 704 -36.20 46.03 -135.30
C VAL D 704 -35.82 47.32 -134.61
N VAL D 705 -34.78 47.26 -133.78
CA VAL D 705 -34.26 48.41 -133.06
C VAL D 705 -32.78 48.56 -133.39
N SER D 706 -32.37 49.76 -133.77
CA SER D 706 -30.99 50.04 -134.14
C SER D 706 -30.46 51.19 -133.30
N CYS D 707 -29.13 51.30 -133.25
CA CYS D 707 -28.46 52.36 -132.52
C CYS D 707 -27.57 53.17 -133.46
N CYS D 708 -27.29 54.41 -133.04
CA CYS D 708 -26.47 55.33 -133.82
C CYS D 708 -25.35 55.85 -132.94
N LEU D 709 -24.11 55.51 -133.28
CA LEU D 709 -22.94 55.93 -132.53
C LEU D 709 -22.01 56.73 -133.42
N ASP D 710 -21.38 57.75 -132.84
CA ASP D 710 -20.43 58.60 -133.55
C ASP D 710 -19.16 58.71 -132.73
N LEU D 711 -18.01 58.66 -133.41
CA LEU D 711 -16.72 58.71 -132.73
C LEU D 711 -16.33 60.15 -132.40
N SER D 712 -16.21 61.00 -133.43
CA SER D 712 -15.79 62.38 -133.22
C SER D 712 -16.91 63.20 -132.61
N VAL D 713 -18.08 63.19 -133.24
CA VAL D 713 -19.23 63.95 -132.76
C VAL D 713 -19.76 63.31 -131.48
N PRO D 714 -19.79 64.03 -130.36
CA PRO D 714 -20.30 63.43 -129.11
C PRO D 714 -21.82 63.30 -129.12
N SER D 715 -22.34 62.29 -129.81
CA SER D 715 -23.78 62.06 -129.88
C SER D 715 -24.02 60.57 -130.10
N ILE D 716 -24.64 59.93 -129.12
CA ILE D 716 -24.96 58.51 -129.18
C ILE D 716 -26.47 58.36 -129.04
N SER D 717 -27.12 57.96 -130.13
CA SER D 717 -28.56 57.80 -130.12
C SER D 717 -28.96 56.40 -130.57
N PHE D 718 -30.26 56.17 -130.75
CA PHE D 718 -30.75 54.86 -131.16
C PHE D 718 -32.02 55.02 -131.97
N ARG D 719 -32.15 54.24 -133.04
CA ARG D 719 -33.33 54.25 -133.90
C ARG D 719 -34.32 53.24 -133.35
N ILE D 720 -35.38 53.73 -132.70
CA ILE D 720 -36.41 52.88 -132.11
C ILE D 720 -37.55 52.79 -133.12
N ASN D 721 -37.66 51.65 -133.80
CA ASN D 721 -38.70 51.39 -134.78
C ASN D 721 -38.70 52.45 -135.88
N GLY D 722 -37.50 52.74 -136.39
CA GLY D 722 -37.34 53.73 -137.44
C GLY D 722 -37.43 55.17 -136.97
N CYS D 723 -37.45 55.41 -135.66
CA CYS D 723 -37.54 56.76 -135.13
C CYS D 723 -36.35 57.04 -134.22
N PRO D 724 -35.77 58.24 -134.30
CA PRO D 724 -34.61 58.55 -133.45
C PRO D 724 -35.03 58.84 -132.02
N VAL D 725 -34.36 58.19 -131.07
CA VAL D 725 -34.66 58.41 -129.66
C VAL D 725 -34.06 59.73 -129.18
N GLN D 726 -34.66 60.29 -128.15
CA GLN D 726 -34.20 61.56 -127.59
C GLN D 726 -32.97 61.43 -126.72
N GLY D 727 -32.49 60.21 -126.48
CA GLY D 727 -31.30 60.02 -125.67
C GLY D 727 -30.03 60.32 -126.44
N VAL D 728 -29.11 61.02 -125.78
CA VAL D 728 -27.83 61.40 -126.39
C VAL D 728 -26.75 61.35 -125.31
N PHE D 729 -25.58 60.82 -125.68
CA PHE D 729 -24.43 60.73 -124.78
C PHE D 729 -23.32 61.61 -125.34
N GLU D 730 -22.98 62.66 -124.61
CA GLU D 730 -21.96 63.61 -125.03
C GLU D 730 -20.93 63.79 -123.92
N ALA D 731 -19.81 64.42 -124.29
CA ALA D 731 -18.72 64.73 -123.35
C ALA D 731 -18.20 63.47 -122.66
N PHE D 732 -18.01 62.41 -123.44
CA PHE D 732 -17.48 61.15 -122.93
C PHE D 732 -16.11 60.88 -123.53
N ASN D 733 -15.18 60.43 -122.69
CA ASN D 733 -13.82 60.14 -123.12
C ASN D 733 -13.76 58.72 -123.69
N LEU D 734 -13.19 58.60 -124.89
CA LEU D 734 -13.07 57.31 -125.58
C LEU D 734 -11.58 57.01 -125.75
N ASN D 735 -10.98 56.42 -124.72
CA ASN D 735 -9.57 56.03 -124.77
C ASN D 735 -9.41 54.58 -125.22
N GLY D 736 -10.01 54.24 -126.36
CA GLY D 736 -9.94 52.89 -126.87
C GLY D 736 -11.01 52.66 -127.91
N LEU D 737 -11.17 51.39 -128.28
CA LEU D 737 -12.15 51.01 -129.28
C LEU D 737 -13.53 50.86 -128.65
N PHE D 738 -14.55 50.81 -129.51
CA PHE D 738 -15.94 50.68 -129.06
C PHE D 738 -16.65 49.74 -130.04
N PHE D 739 -16.82 48.48 -129.62
CA PHE D 739 -17.46 47.45 -130.41
C PHE D 739 -18.90 47.24 -129.97
N PRO D 740 -19.79 46.83 -130.87
CA PRO D 740 -21.17 46.56 -130.47
C PRO D 740 -21.26 45.27 -129.66
N VAL D 741 -22.17 45.26 -128.69
CA VAL D 741 -22.40 44.11 -127.82
C VAL D 741 -23.88 43.97 -127.55
N VAL D 742 -24.30 42.75 -127.24
CA VAL D 742 -25.70 42.45 -126.97
C VAL D 742 -25.76 41.45 -125.81
N SER D 743 -26.72 41.67 -124.91
CA SER D 743 -26.92 40.80 -123.76
C SER D 743 -28.33 40.22 -123.82
N PHE D 744 -28.44 38.92 -123.52
CA PHE D 744 -29.71 38.22 -123.59
C PHE D 744 -29.78 37.20 -122.45
N SER D 745 -31.01 36.94 -121.99
CA SER D 745 -31.24 35.96 -120.95
C SER D 745 -31.40 34.56 -121.57
N ALA D 746 -31.60 33.57 -120.71
CA ALA D 746 -31.74 32.19 -121.18
C ALA D 746 -33.09 32.00 -121.86
N GLY D 747 -33.07 31.47 -123.07
CA GLY D 747 -34.28 31.21 -123.82
C GLY D 747 -34.68 32.29 -124.80
N VAL D 748 -33.85 33.29 -125.01
CA VAL D 748 -34.14 34.39 -125.92
C VAL D 748 -33.25 34.25 -127.15
N LYS D 749 -33.85 34.39 -128.33
CA LYS D 749 -33.13 34.30 -129.60
C LYS D 749 -33.18 35.65 -130.30
N VAL D 750 -32.02 36.13 -130.75
CA VAL D 750 -31.90 37.41 -131.43
C VAL D 750 -31.11 37.21 -132.71
N ARG D 751 -31.45 37.99 -133.73
CA ARG D 751 -30.78 37.94 -135.02
C ARG D 751 -29.92 39.17 -135.20
N PHE D 752 -28.62 38.97 -135.36
CA PHE D 752 -27.66 40.06 -135.56
C PHE D 752 -27.42 40.23 -137.05
N LEU D 753 -27.70 41.43 -137.56
CA LEU D 753 -27.55 41.74 -138.98
C LEU D 753 -26.38 42.70 -139.15
N LEU D 754 -25.53 42.41 -140.13
CA LEU D 754 -24.37 43.27 -140.40
C LEU D 754 -24.76 44.46 -141.28
N GLY D 755 -25.38 44.19 -142.41
CA GLY D 755 -25.79 45.25 -143.31
C GLY D 755 -25.14 45.17 -144.67
N GLY D 756 -24.55 44.02 -144.98
CA GLY D 756 -23.90 43.83 -146.27
C GLY D 756 -24.28 42.52 -146.93
N ARG D 757 -23.27 41.76 -147.37
CA ARG D 757 -23.50 40.47 -148.00
C ARG D 757 -23.72 39.35 -146.99
N HIS D 758 -23.68 39.65 -145.70
CA HIS D 758 -23.87 38.61 -144.68
C HIS D 758 -25.34 38.24 -144.55
N GLY D 759 -26.21 39.25 -144.48
CA GLY D 759 -27.63 39.01 -144.32
C GLY D 759 -28.45 40.10 -144.97
N GLU D 760 -29.76 39.84 -145.06
CA GLU D 760 -30.67 40.81 -145.65
C GLU D 760 -30.84 42.02 -144.75
N PHE D 761 -30.65 43.21 -145.31
CA PHE D 761 -30.76 44.45 -144.54
C PHE D 761 -32.20 44.93 -144.58
N LYS D 762 -32.80 45.11 -143.40
CA LYS D 762 -34.24 45.40 -143.33
C LYS D 762 -34.54 46.86 -143.64
N PHE D 763 -34.03 47.78 -142.85
CA PHE D 763 -34.33 49.19 -142.98
C PHE D 763 -33.10 49.95 -143.43
N LEU D 764 -33.26 50.78 -144.46
CA LEU D 764 -32.14 51.50 -145.05
C LEU D 764 -31.48 52.41 -144.02
N PRO D 765 -30.17 52.64 -144.15
CA PRO D 765 -29.48 53.47 -143.17
C PRO D 765 -29.89 54.93 -143.31
N PRO D 766 -29.80 55.70 -142.23
CA PRO D 766 -30.10 57.14 -142.33
C PRO D 766 -29.08 57.85 -143.21
N PRO D 767 -29.44 58.99 -143.78
CA PRO D 767 -28.50 59.73 -144.62
C PRO D 767 -27.28 60.18 -143.83
N GLY D 768 -26.11 60.04 -144.46
CA GLY D 768 -24.86 60.39 -143.82
C GLY D 768 -24.22 59.30 -143.01
N TYR D 769 -24.82 58.11 -142.95
CA TYR D 769 -24.29 57.00 -142.19
C TYR D 769 -23.93 55.85 -143.13
N ALA D 770 -23.09 54.95 -142.63
CA ALA D 770 -22.65 53.79 -143.38
C ALA D 770 -22.85 52.52 -142.57
N PRO D 771 -23.18 51.41 -143.22
CA PRO D 771 -23.35 50.15 -142.49
C PRO D 771 -22.04 49.68 -141.86
N CYS D 772 -22.18 48.84 -140.84
CA CYS D 772 -21.04 48.31 -140.12
C CYS D 772 -20.33 47.18 -140.84
N HIS D 773 -20.73 46.89 -142.09
CA HIS D 773 -20.03 45.88 -142.88
C HIS D 773 -18.59 46.30 -143.16
N GLU D 774 -18.33 47.61 -143.18
CA GLU D 774 -16.98 48.12 -143.33
C GLU D 774 -16.30 48.15 -141.95
N ALA D 775 -15.15 48.81 -141.87
CA ALA D 775 -14.35 48.94 -140.66
C ALA D 775 -13.90 47.60 -140.08
N VAL D 776 -14.01 46.53 -140.85
CA VAL D 776 -13.61 45.19 -140.41
C VAL D 776 -12.19 44.93 -140.90
N LEU D 777 -11.39 44.31 -140.04
CA LEU D 777 -10.01 43.99 -140.41
C LEU D 777 -10.02 42.96 -141.53
N PRO D 778 -9.42 43.25 -142.68
CA PRO D 778 -9.44 42.27 -143.78
C PRO D 778 -8.65 41.01 -143.48
N ARG D 779 -7.73 41.04 -142.53
CA ARG D 779 -6.97 39.86 -142.15
C ARG D 779 -7.78 38.89 -141.29
N GLU D 780 -8.92 39.32 -140.77
CA GLU D 780 -9.79 38.49 -139.94
C GLU D 780 -11.04 38.12 -140.72
N ARG D 781 -11.89 37.31 -140.09
CA ARG D 781 -13.15 36.87 -140.68
C ARG D 781 -14.31 37.26 -139.78
N LEU D 782 -15.50 37.30 -140.38
CA LEU D 782 -16.71 37.66 -139.65
C LEU D 782 -17.14 36.48 -138.78
N ARG D 783 -17.11 36.67 -137.46
CA ARG D 783 -17.50 35.64 -136.52
C ARG D 783 -17.84 36.29 -135.19
N LEU D 784 -18.57 35.54 -134.36
CA LEU D 784 -18.99 36.00 -133.05
C LEU D 784 -18.17 35.32 -131.97
N GLU D 785 -17.75 36.10 -130.97
CA GLU D 785 -16.96 35.58 -129.86
C GLU D 785 -17.27 36.39 -128.61
N PRO D 786 -17.35 35.77 -127.45
CA PRO D 786 -17.62 36.50 -126.22
C PRO D 786 -16.38 37.25 -125.75
N ILE D 787 -16.56 38.01 -124.67
CA ILE D 787 -15.50 38.82 -124.07
C ILE D 787 -15.05 38.16 -122.79
N LYS D 788 -13.73 37.98 -122.64
CA LYS D 788 -13.13 37.37 -121.45
C LYS D 788 -13.69 35.98 -121.20
N GLU D 789 -13.60 35.13 -122.23
CA GLU D 789 -14.09 33.75 -122.16
C GLU D 789 -12.99 32.88 -121.55
N TYR D 790 -12.95 32.85 -120.22
CA TYR D 790 -11.97 32.04 -119.52
C TYR D 790 -12.27 30.56 -119.60
N ARG D 791 -13.50 30.19 -119.97
CA ARG D 791 -13.90 28.80 -120.11
C ARG D 791 -14.40 28.55 -121.52
N ARG D 792 -14.00 27.42 -122.09
CA ARG D 792 -14.40 27.05 -123.45
C ARG D 792 -14.77 25.58 -123.47
N GLU D 793 -15.89 25.25 -124.12
CA GLU D 793 -16.32 23.87 -124.22
C GLU D 793 -15.44 23.11 -125.21
N GLY D 794 -15.09 21.88 -124.85
CA GLY D 794 -14.25 21.06 -125.69
C GLY D 794 -14.87 19.70 -125.98
N PRO D 795 -14.26 18.96 -126.91
CA PRO D 795 -14.80 17.62 -127.22
C PRO D 795 -14.71 16.66 -126.05
N ARG D 796 -13.63 16.70 -125.27
CA ARG D 796 -13.45 15.82 -124.14
C ARG D 796 -13.81 16.48 -122.81
N GLY D 797 -13.35 17.71 -122.59
CA GLY D 797 -13.63 18.42 -121.37
C GLY D 797 -13.52 19.92 -121.53
N PRO D 798 -13.77 20.66 -120.45
CA PRO D 798 -13.67 22.13 -120.52
C PRO D 798 -12.22 22.58 -120.67
N HIS D 799 -12.06 23.68 -121.40
CA HIS D 799 -10.74 24.26 -121.65
C HIS D 799 -10.60 25.59 -120.92
N LEU D 800 -9.35 25.95 -120.63
CA LEU D 800 -9.02 27.19 -119.94
C LEU D 800 -8.28 28.10 -120.92
N VAL D 801 -8.85 29.28 -121.15
CA VAL D 801 -8.30 30.27 -122.06
C VAL D 801 -7.99 31.55 -121.29
N GLY D 802 -6.78 32.06 -121.45
CA GLY D 802 -6.38 33.27 -120.77
C GLY D 802 -6.62 34.51 -121.61
N PRO D 803 -6.10 35.64 -121.16
CA PRO D 803 -6.27 36.89 -121.92
C PRO D 803 -5.43 36.87 -123.19
N SER D 804 -5.98 37.48 -124.24
CA SER D 804 -5.33 37.55 -125.53
C SER D 804 -5.08 39.00 -125.91
N ARG D 805 -4.08 39.20 -126.76
CA ARG D 805 -3.72 40.54 -127.22
C ARG D 805 -4.79 41.08 -128.17
N CYS D 806 -4.90 42.40 -128.21
CA CYS D 806 -5.87 43.08 -129.07
C CYS D 806 -5.25 44.38 -129.57
N LEU D 807 -5.94 45.02 -130.50
CA LEU D 807 -5.48 46.27 -131.06
C LEU D 807 -5.59 47.40 -130.05
N SER D 808 -4.73 48.39 -130.19
CA SER D 808 -4.70 49.55 -129.30
C SER D 808 -5.02 50.81 -130.08
N HIS D 809 -5.63 51.78 -129.40
CA HIS D 809 -5.99 53.03 -130.05
C HIS D 809 -4.76 53.90 -130.30
N THR D 810 -3.72 53.75 -129.47
CA THR D 810 -2.51 54.55 -129.67
C THR D 810 -1.69 54.03 -130.84
N ASP D 811 -1.52 52.71 -130.94
CA ASP D 811 -0.76 52.12 -132.03
C ASP D 811 -1.54 52.07 -133.34
N PHE D 812 -2.83 52.41 -133.33
CA PHE D 812 -3.61 52.38 -134.56
C PHE D 812 -3.23 53.52 -135.50
N VAL D 813 -2.71 54.62 -134.95
CA VAL D 813 -2.31 55.77 -135.74
C VAL D 813 -0.99 55.45 -136.45
N PRO D 814 -0.75 56.00 -137.63
CA PRO D 814 0.50 55.71 -138.34
C PRO D 814 1.65 56.57 -137.85
N CYS D 815 2.86 56.04 -138.02
CA CYS D 815 4.08 56.72 -137.60
C CYS D 815 5.12 56.55 -138.70
N PRO D 816 5.76 57.64 -139.15
CA PRO D 816 6.77 57.58 -140.21
C PRO D 816 8.20 57.71 -139.66
N LEU D 817 24.63 64.34 -146.17
CA LEU D 817 24.45 64.38 -147.61
C LEU D 817 25.80 64.56 -148.32
N PRO D 818 26.57 63.48 -148.39
CA PRO D 818 27.88 63.55 -149.06
C PRO D 818 27.77 63.21 -150.53
N PRO D 819 28.86 63.34 -151.29
CA PRO D 819 28.78 62.98 -152.72
C PRO D 819 28.57 61.50 -152.95
N HIS D 820 29.03 60.64 -152.05
CA HIS D 820 28.80 59.21 -152.19
C HIS D 820 27.31 58.89 -152.11
N LEU D 821 26.55 59.66 -151.35
CA LEU D 821 25.10 59.46 -151.29
C LEU D 821 24.46 59.64 -152.65
N GLU D 822 24.81 60.74 -153.35
CA GLU D 822 24.26 60.97 -154.68
C GLU D 822 24.80 59.97 -155.68
N ARG D 823 26.07 59.57 -155.53
CA ARG D 823 26.64 58.58 -156.43
C ARG D 823 25.92 57.24 -156.31
N ILE D 824 25.50 56.88 -155.10
CA ILE D 824 24.75 55.64 -154.92
C ILE D 824 23.30 55.83 -155.34
N ARG D 825 22.74 57.02 -155.15
CA ARG D 825 21.34 57.26 -155.54
C ARG D 825 21.18 57.23 -157.06
N GLU D 826 22.19 57.67 -157.80
CA GLU D 826 22.12 57.58 -159.26
C GLU D 826 21.99 56.13 -159.71
N LYS D 827 22.84 55.25 -159.17
CA LYS D 827 22.76 53.83 -159.51
C LYS D 827 21.46 53.21 -159.00
N LEU D 828 20.97 53.68 -157.85
CA LEU D 828 19.70 53.17 -157.34
C LEU D 828 18.54 53.52 -158.27
N ALA D 829 18.52 54.76 -158.77
CA ALA D 829 17.48 55.16 -159.71
C ALA D 829 17.61 54.40 -161.03
N GLU D 830 18.84 54.18 -161.48
CA GLU D 830 19.05 53.39 -162.70
C GLU D 830 18.52 51.97 -162.52
N ASN D 831 18.83 51.35 -161.38
CA ASN D 831 18.34 49.99 -161.11
C ASN D 831 16.82 49.97 -160.97
N ILE D 832 16.23 51.02 -160.39
CA ILE D 832 14.78 51.07 -160.26
C ILE D 832 14.12 51.17 -161.63
N HIS D 833 14.68 52.00 -162.52
CA HIS D 833 14.15 52.09 -163.87
C HIS D 833 14.32 50.77 -164.62
N GLU D 834 15.45 50.10 -164.42
CA GLU D 834 15.66 48.81 -165.07
C GLU D 834 14.69 47.77 -164.56
N LEU D 835 14.39 47.77 -163.26
CA LEU D 835 13.43 46.82 -162.71
C LEU D 835 12.01 47.13 -163.20
N TRP D 836 11.70 48.42 -163.36
CA TRP D 836 10.41 48.80 -163.92
C TRP D 836 10.27 48.29 -165.35
N ALA D 837 11.32 48.47 -166.16
CA ALA D 837 11.30 47.93 -167.52
C ALA D 837 11.19 46.42 -167.51
N LEU D 838 11.85 45.77 -166.55
CA LEU D 838 11.80 44.31 -166.46
C LEU D 838 10.40 43.82 -166.16
N THR D 839 9.74 44.42 -165.17
CA THR D 839 8.39 43.98 -164.83
C THR D 839 7.38 44.37 -165.92
N ARG D 840 7.64 45.48 -166.63
CA ARG D 840 6.76 45.84 -167.74
C ARG D 840 6.89 44.86 -168.90
N ILE D 841 8.10 44.37 -169.14
CA ILE D 841 8.29 43.38 -170.20
C ILE D 841 7.77 42.02 -169.77
N GLU D 842 7.86 41.70 -168.47
CA GLU D 842 7.36 40.41 -167.98
C GLU D 842 5.85 40.37 -167.96
N GLN D 843 5.20 41.50 -167.66
CA GLN D 843 3.75 41.57 -167.66
C GLN D 843 3.15 41.66 -169.06
N GLY D 844 3.98 41.63 -170.09
CA GLY D 844 3.51 41.72 -171.46
C GLY D 844 3.22 43.12 -171.95
N TRP D 845 3.26 44.12 -171.08
CA TRP D 845 2.99 45.52 -171.46
C TRP D 845 4.32 46.23 -171.69
N THR D 846 4.90 45.99 -172.86
CA THR D 846 6.15 46.63 -173.22
C THR D 846 5.93 48.13 -173.45
N TYR D 847 7.02 48.88 -173.38
CA TYR D 847 6.95 50.33 -173.56
C TYR D 847 6.58 50.67 -175.00
N GLY D 848 5.62 51.57 -175.15
CA GLY D 848 5.17 51.99 -176.47
C GLY D 848 5.01 53.50 -176.56
N PRO D 849 4.15 53.94 -177.49
CA PRO D 849 3.95 55.40 -177.61
C PRO D 849 3.13 55.98 -176.48
N VAL D 850 2.07 55.30 -176.05
CA VAL D 850 1.19 55.78 -174.99
C VAL D 850 0.88 54.63 -174.05
N ARG D 851 0.62 54.96 -172.79
CA ARG D 851 0.30 53.95 -171.79
C ARG D 851 -1.07 53.34 -172.08
N ASP D 852 -1.10 52.07 -172.44
CA ASP D 852 -2.33 51.36 -172.75
C ASP D 852 -2.33 50.02 -172.01
N ASP D 853 -3.15 49.92 -170.97
CA ASP D 853 -3.22 48.68 -170.20
C ASP D 853 -3.88 47.57 -171.00
N ASN D 854 -4.90 47.91 -171.79
CA ASN D 854 -5.59 46.90 -172.59
C ASN D 854 -4.73 46.46 -173.77
N LYS D 855 -4.08 47.41 -174.44
CA LYS D 855 -3.23 47.10 -175.58
C LYS D 855 -1.82 46.69 -175.17
N ARG D 856 -1.56 46.56 -173.87
CA ARG D 856 -0.25 46.16 -173.35
C ARG D 856 0.85 47.12 -173.83
N LEU D 857 0.72 48.38 -173.42
CA LEU D 857 1.67 49.41 -173.79
C LEU D 857 1.96 50.29 -172.59
N HIS D 858 3.17 50.83 -172.53
CA HIS D 858 3.60 51.70 -171.45
C HIS D 858 4.13 53.00 -172.04
N PRO D 859 3.72 54.15 -171.52
CA PRO D 859 4.16 55.43 -172.10
C PRO D 859 5.64 55.72 -171.90
N CYS D 860 6.12 55.61 -170.66
CA CYS D 860 7.47 56.02 -170.30
C CYS D 860 8.15 54.95 -169.47
N LEU D 861 8.06 53.70 -169.90
CA LEU D 861 8.77 52.61 -169.23
C LEU D 861 10.25 52.56 -169.58
N VAL D 862 10.72 53.45 -170.46
CA VAL D 862 12.13 53.48 -170.81
C VAL D 862 12.94 54.09 -169.66
N ASP D 863 14.25 53.86 -169.70
CA ASP D 863 15.13 54.36 -168.64
C ASP D 863 15.09 55.88 -168.57
N PHE D 864 15.48 56.41 -167.40
CA PHE D 864 15.37 57.84 -167.15
C PHE D 864 16.34 58.67 -167.97
N HIS D 865 17.42 58.06 -168.48
CA HIS D 865 18.39 58.83 -169.27
C HIS D 865 17.82 59.27 -170.62
N SER D 866 16.76 58.62 -171.10
CA SER D 866 16.12 59.00 -172.35
C SER D 866 14.64 59.26 -172.21
N LEU D 867 14.08 59.17 -171.01
CA LEU D 867 12.65 59.40 -170.79
C LEU D 867 12.38 60.88 -170.56
N PRO D 868 11.12 61.27 -170.36
CA PRO D 868 10.79 62.67 -170.12
C PRO D 868 11.15 63.07 -168.69
N GLU D 869 10.78 64.31 -168.35
CA GLU D 869 11.07 64.86 -167.03
C GLU D 869 10.27 64.13 -165.96
N PRO D 870 9.08 63.63 -166.28
CA PRO D 870 8.26 62.96 -165.26
C PRO D 870 8.89 61.67 -164.77
N GLU D 871 9.33 60.81 -165.70
CA GLU D 871 9.96 59.55 -165.30
C GLU D 871 11.28 59.80 -164.58
N ARG D 872 12.04 60.82 -165.02
CA ARG D 872 13.29 61.15 -164.35
C ARG D 872 13.03 61.62 -162.92
N ASN D 873 12.02 62.47 -162.73
CA ASN D 873 11.68 62.94 -161.38
C ASN D 873 11.20 61.78 -160.51
N TYR D 874 10.41 60.86 -161.08
CA TYR D 874 9.97 59.70 -160.31
C TYR D 874 11.14 58.83 -159.89
N ASN D 875 12.09 58.60 -160.81
CA ASN D 875 13.27 57.80 -160.47
C ASN D 875 14.12 58.49 -159.41
N LEU D 876 14.27 59.81 -159.52
CA LEU D 876 15.03 60.54 -158.51
C LEU D 876 14.36 60.49 -157.14
N GLN D 877 13.03 60.59 -157.12
CA GLN D 877 12.31 60.50 -155.85
C GLN D 877 12.43 59.11 -155.24
N MET D 878 12.33 58.07 -156.08
CA MET D 878 12.49 56.71 -155.57
C MET D 878 13.90 56.49 -155.04
N SER D 879 14.91 57.02 -155.74
CA SER D 879 16.28 56.89 -155.27
C SER D 879 16.50 57.62 -153.95
N GLY D 880 15.92 58.82 -153.82
CA GLY D 880 16.03 59.55 -152.56
C GLY D 880 15.34 58.84 -151.41
N GLU D 881 14.18 58.25 -151.68
CA GLU D 881 13.47 57.49 -150.65
C GLU D 881 14.28 56.27 -150.23
N THR D 882 14.88 55.57 -151.20
CA THR D 882 15.70 54.41 -150.88
C THR D 882 16.93 54.81 -150.07
N LEU D 883 17.57 55.93 -150.44
CA LEU D 883 18.73 56.40 -149.70
C LEU D 883 18.35 56.80 -148.27
N LYS D 884 17.20 57.46 -148.11
CA LYS D 884 16.76 57.83 -146.77
C LYS D 884 16.45 56.60 -145.93
N THR D 885 15.79 55.60 -146.53
CA THR D 885 15.49 54.37 -145.80
C THR D 885 16.76 53.61 -145.42
N LEU D 886 17.78 53.66 -146.28
CA LEU D 886 19.05 53.00 -145.95
C LEU D 886 19.80 53.75 -144.86
N LEU D 887 19.75 55.09 -144.89
CA LEU D 887 20.45 55.87 -143.88
C LEU D 887 19.73 55.84 -142.54
N ALA D 888 18.42 55.59 -142.54
CA ALA D 888 17.68 55.52 -141.28
C ALA D 888 18.09 54.32 -140.44
N LEU D 889 18.72 53.30 -141.03
CA LEU D 889 19.14 52.14 -140.26
C LEU D 889 20.27 52.49 -139.30
N GLY D 890 21.18 53.37 -139.72
CA GLY D 890 22.29 53.78 -138.89
C GLY D 890 23.52 52.92 -138.99
N CYS D 891 23.55 51.95 -139.90
CA CYS D 891 24.70 51.09 -140.05
C CYS D 891 25.84 51.84 -140.74
N HIS D 892 27.03 51.25 -140.70
CA HIS D 892 28.20 51.85 -141.32
C HIS D 892 28.07 51.80 -142.84
N VAL D 893 28.11 52.98 -143.48
CA VAL D 893 27.97 53.10 -144.92
C VAL D 893 29.27 53.66 -145.47
N GLY D 894 29.89 52.93 -146.39
CA GLY D 894 31.13 53.37 -146.99
C GLY D 894 31.50 52.50 -148.16
N MET D 895 32.36 53.06 -149.03
CA MET D 895 32.81 52.33 -150.21
C MET D 895 33.72 51.19 -149.80
N ALA D 896 33.41 49.98 -150.25
CA ALA D 896 34.21 48.81 -149.90
C ALA D 896 35.55 48.84 -150.63
N ASP D 897 35.52 48.83 -151.96
CA ASP D 897 36.74 48.83 -152.76
C ASP D 897 36.38 49.25 -154.18
N GLU D 898 37.40 49.32 -155.04
CA GLU D 898 37.18 49.69 -156.42
C GLU D 898 36.47 48.60 -157.22
N LYS D 899 36.47 47.37 -156.72
CA LYS D 899 35.82 46.26 -157.40
C LYS D 899 34.30 46.29 -157.29
N ALA D 900 33.74 47.23 -156.51
CA ALA D 900 32.29 47.31 -156.39
C ALA D 900 31.66 48.01 -157.58
N GLU D 901 32.30 49.08 -158.08
CA GLU D 901 31.79 49.79 -159.24
C GLU D 901 32.04 49.05 -160.54
N ASP D 902 32.98 48.11 -160.55
CA ASP D 902 33.32 47.34 -161.74
C ASP D 902 32.63 45.97 -161.66
N ASN D 903 31.78 45.67 -162.62
CA ASN D 903 31.04 44.43 -162.65
C ASN D 903 30.99 43.94 -164.10
N LEU D 904 30.12 42.95 -164.35
CA LEU D 904 29.98 42.40 -165.68
C LEU D 904 29.29 43.41 -166.61
N ARG D 905 29.10 43.00 -167.86
CA ARG D 905 28.47 43.86 -168.85
C ARG D 905 27.02 44.14 -168.48
N LYS D 906 26.52 45.29 -168.94
CA LYS D 906 25.15 45.68 -168.65
C LYS D 906 24.17 44.81 -169.44
N THR D 907 22.90 44.92 -169.07
CA THR D 907 21.86 44.14 -169.73
C THR D 907 21.62 44.65 -171.15
N LYS D 908 21.46 43.73 -172.08
CA LYS D 908 21.23 44.03 -173.49
C LYS D 908 20.07 43.21 -174.03
N LEU D 909 18.98 43.16 -173.25
CA LEU D 909 17.76 42.42 -173.59
C LEU D 909 18.08 40.95 -173.80
N PRO D 910 18.70 40.28 -172.83
CA PRO D 910 19.02 38.86 -173.00
C PRO D 910 17.81 37.97 -172.78
N LYS D 911 16.90 38.39 -171.89
CA LYS D 911 15.72 37.59 -171.62
C LYS D 911 14.72 37.66 -172.78
N THR D 912 14.45 38.86 -173.27
CA THR D 912 13.51 39.08 -174.36
C THR D 912 14.29 39.51 -175.59
N TYR D 913 14.21 38.71 -176.66
CA TYR D 913 14.92 39.04 -177.90
C TYR D 913 14.30 40.27 -178.58
N MET D 914 12.98 40.35 -178.58
CA MET D 914 12.26 41.47 -179.20
C MET D 914 11.57 42.27 -178.08
N MET D 915 12.09 43.46 -177.80
CA MET D 915 11.56 44.32 -176.75
C MET D 915 11.37 45.71 -177.32
N SER D 916 10.13 46.20 -177.32
CA SER D 916 9.83 47.53 -177.82
C SER D 916 10.32 48.64 -176.89
N ASN D 917 10.71 48.31 -175.67
CA ASN D 917 11.17 49.34 -174.74
C ASN D 917 12.52 49.90 -175.17
N GLY D 918 13.50 49.03 -175.42
CA GLY D 918 14.82 49.46 -175.82
C GLY D 918 15.59 50.12 -174.70
N TYR D 919 15.65 49.47 -173.55
CA TYR D 919 16.35 50.00 -172.38
C TYR D 919 17.07 48.85 -171.70
N LYS D 920 17.55 49.09 -170.49
CA LYS D 920 18.24 48.07 -169.71
C LYS D 920 17.26 46.99 -169.27
N PRO D 921 17.49 45.73 -169.61
CA PRO D 921 16.54 44.67 -169.20
C PRO D 921 16.55 44.45 -167.69
N ALA D 922 17.73 44.28 -167.11
CA ALA D 922 17.86 44.03 -165.69
C ALA D 922 18.65 45.14 -165.02
N PRO D 923 18.67 45.19 -163.68
CA PRO D 923 19.41 46.26 -162.99
C PRO D 923 20.92 46.18 -163.23
N LEU D 924 21.49 45.00 -162.97
CA LEU D 924 22.93 44.77 -163.14
C LEU D 924 23.76 45.79 -162.35
N ASP D 925 23.29 46.12 -161.15
CA ASP D 925 23.98 47.08 -160.30
C ASP D 925 24.85 46.39 -159.27
N ALA D 926 18.80 40.08 -140.92
CA ALA D 926 19.34 41.42 -140.71
C ALA D 926 18.95 42.35 -141.85
N GLN D 927 19.49 42.08 -143.04
CA GLN D 927 19.18 42.92 -144.20
C GLN D 927 17.72 42.79 -144.60
N THR D 928 17.17 41.58 -144.57
CA THR D 928 15.77 41.39 -144.90
C THR D 928 14.87 42.08 -143.89
N THR D 929 15.21 41.99 -142.60
CA THR D 929 14.41 42.66 -141.58
C THR D 929 14.49 44.18 -141.73
N LEU D 930 15.67 44.70 -142.06
CA LEU D 930 15.80 46.15 -142.28
C LEU D 930 15.00 46.60 -143.48
N VAL D 931 15.00 45.80 -144.56
CA VAL D 931 14.23 46.15 -145.75
C VAL D 931 12.73 46.11 -145.45
N ASP D 932 12.30 45.11 -144.66
CA ASP D 932 10.89 45.04 -144.28
C ASP D 932 10.49 46.23 -143.42
N ARG D 933 11.37 46.63 -142.48
CA ARG D 933 11.07 47.79 -141.66
C ARG D 933 11.01 49.06 -142.49
N LEU D 934 11.91 49.19 -143.47
CA LEU D 934 11.87 50.36 -144.35
C LEU D 934 10.60 50.39 -145.19
N ALA D 935 10.17 49.24 -145.69
CA ALA D 935 8.94 49.18 -146.46
C ALA D 935 7.74 49.51 -145.60
N GLU D 936 7.72 49.03 -144.35
CA GLU D 936 6.63 49.35 -143.43
C GLU D 936 6.60 50.84 -143.12
N ASN D 937 7.78 51.45 -142.91
CA ASN D 937 7.83 52.88 -142.66
C ASN D 937 7.35 53.67 -143.87
N GLY D 938 7.72 53.24 -145.07
CA GLY D 938 7.24 53.91 -146.27
C GLY D 938 5.74 53.80 -146.44
N HIS D 939 5.19 52.61 -146.16
CA HIS D 939 3.74 52.43 -146.23
C HIS D 939 3.03 53.28 -145.19
N ASN D 940 3.60 53.38 -143.99
CA ASN D 940 3.00 54.22 -142.96
C ASN D 940 3.05 55.70 -143.35
N VAL D 941 4.15 56.13 -143.96
CA VAL D 941 4.26 57.52 -144.41
C VAL D 941 3.24 57.79 -145.52
N TRP D 942 3.05 56.83 -146.43
CA TRP D 942 2.06 57.00 -147.48
C TRP D 942 0.66 57.07 -146.91
N ALA D 943 0.37 56.23 -145.91
CA ALA D 943 -0.95 56.26 -145.28
C ALA D 943 -1.17 57.58 -144.55
N ARG D 944 -0.13 58.10 -143.89
CA ARG D 944 -0.26 59.38 -143.21
C ARG D 944 -0.48 60.51 -144.19
N ASP D 945 0.22 60.48 -145.34
CA ASP D 945 0.01 61.49 -146.36
C ASP D 945 -1.39 61.42 -146.94
N ARG D 946 -1.91 60.20 -147.14
CA ARG D 946 -3.27 60.04 -147.65
C ARG D 946 -4.29 60.54 -146.63
N VAL D 947 -4.05 60.30 -145.34
CA VAL D 947 -4.96 60.77 -144.31
C VAL D 947 -4.93 62.29 -144.23
N ALA D 948 -3.74 62.89 -144.38
CA ALA D 948 -3.64 64.35 -144.41
C ALA D 948 -4.30 64.92 -145.65
N GLN D 949 -4.33 64.18 -146.75
CA GLN D 949 -5.00 64.60 -147.97
C GLN D 949 -6.51 64.44 -147.90
N GLY D 950 -7.06 64.00 -146.76
CA GLY D 950 -8.49 63.84 -146.62
C GLY D 950 -8.99 62.46 -146.96
N TRP D 951 -8.37 61.44 -146.37
CA TRP D 951 -8.80 60.06 -146.60
C TRP D 951 -10.07 59.76 -145.82
N SER D 952 -10.98 59.03 -146.46
CA SER D 952 -12.24 58.69 -145.81
C SER D 952 -12.06 57.60 -144.76
N TYR D 953 -11.59 56.42 -145.18
CA TYR D 953 -11.39 55.31 -144.27
C TYR D 953 -10.50 54.28 -144.94
N SER D 954 -9.97 53.36 -144.13
CA SER D 954 -9.12 52.27 -144.60
C SER D 954 -9.82 50.92 -144.47
N ALA D 955 -11.13 50.89 -144.69
CA ALA D 955 -11.91 49.67 -144.55
C ALA D 955 -11.68 48.76 -145.75
N VAL D 956 -12.26 47.55 -145.67
CA VAL D 956 -12.14 46.61 -146.77
C VAL D 956 -12.96 47.07 -147.98
N GLN D 957 -14.03 47.82 -147.73
CA GLN D 957 -14.86 48.34 -148.81
C GLN D 957 -14.26 49.63 -149.34
N ASP D 958 -13.71 49.57 -150.54
CA ASP D 958 -13.07 50.73 -151.16
C ASP D 958 -14.03 51.43 -152.10
N ILE D 959 -13.81 52.73 -152.28
CA ILE D 959 -14.65 53.56 -153.15
C ILE D 959 -13.82 54.72 -153.68
N PRO D 960 -14.32 55.47 -154.66
CA PRO D 960 -13.54 56.59 -155.21
C PRO D 960 -13.58 57.84 -154.35
N ALA D 961 -14.35 57.85 -153.26
CA ALA D 961 -14.44 59.02 -152.39
C ALA D 961 -13.32 59.00 -151.34
N ARG D 962 -12.09 59.03 -151.85
CA ARG D 962 -10.89 59.04 -151.01
C ARG D 962 -10.85 57.83 -150.07
N ARG D 963 -11.21 56.66 -150.60
CA ARG D 963 -11.23 55.43 -149.83
C ARG D 963 -10.19 54.47 -150.39
N ASN D 964 -9.45 53.80 -149.49
CA ASN D 964 -8.43 52.86 -149.88
C ASN D 964 -8.76 51.46 -149.34
N PRO D 965 -8.51 50.41 -150.12
CA PRO D 965 -8.84 49.06 -149.62
C PRO D 965 -7.88 48.58 -148.54
N ARG D 966 -6.58 48.82 -148.70
CA ARG D 966 -5.57 48.39 -147.74
C ARG D 966 -4.69 49.59 -147.42
N LEU D 967 -5.08 50.34 -146.38
CA LEU D 967 -4.33 51.53 -145.95
C LEU D 967 -4.02 51.46 -144.45
N VAL D 968 -3.97 50.25 -143.89
CA VAL D 968 -3.68 50.05 -142.48
C VAL D 968 -2.19 50.29 -142.25
N PRO D 969 -1.79 50.93 -141.15
CA PRO D 969 -0.37 51.21 -140.92
C PRO D 969 0.37 49.99 -140.42
N TYR D 970 1.21 49.42 -141.28
CA TYR D 970 2.06 48.28 -140.96
C TYR D 970 1.23 47.09 -140.44
N ARG D 971 0.37 46.59 -141.33
CA ARG D 971 -0.50 45.47 -141.02
C ARG D 971 -0.31 44.37 -142.06
N LEU D 972 -0.94 43.22 -141.81
CA LEU D 972 -0.90 42.07 -142.71
C LEU D 972 -2.16 41.97 -143.55
N LEU D 973 -2.72 43.10 -143.97
CA LEU D 973 -3.96 43.09 -144.73
C LEU D 973 -3.77 42.38 -146.08
N ASP D 974 -2.80 42.83 -146.87
CA ASP D 974 -2.51 42.25 -148.18
C ASP D 974 -1.22 41.45 -148.11
N GLU D 975 -1.31 40.16 -148.42
CA GLU D 975 -0.12 39.32 -148.40
C GLU D 975 0.75 39.53 -149.63
N ALA D 976 0.13 39.70 -150.80
CA ALA D 976 0.89 39.94 -152.01
C ALA D 976 1.63 41.26 -151.96
N THR D 977 0.95 42.32 -151.48
CA THR D 977 1.61 43.62 -151.35
C THR D 977 2.75 43.57 -150.36
N LYS D 978 2.57 42.84 -149.25
CA LYS D 978 3.64 42.71 -148.26
C LYS D 978 4.83 41.95 -148.85
N ARG D 979 4.56 40.86 -149.59
CA ARG D 979 5.65 40.12 -150.22
C ARG D 979 6.39 40.98 -151.24
N SER D 980 5.65 41.77 -152.01
CA SER D 980 6.29 42.66 -152.98
C SER D 980 7.15 43.71 -152.28
N ASN D 981 6.63 44.31 -151.21
CA ASN D 981 7.39 45.32 -150.48
C ASN D 981 8.61 44.71 -149.78
N ARG D 982 8.55 43.43 -149.45
CA ARG D 982 9.69 42.78 -148.81
C ARG D 982 10.71 42.28 -149.81
N ASP D 983 10.29 42.02 -151.05
CA ASP D 983 11.20 41.47 -152.06
C ASP D 983 11.83 42.56 -152.93
N SER D 984 10.99 43.39 -153.56
CA SER D 984 11.51 44.38 -154.50
C SER D 984 12.33 45.45 -153.78
N LEU D 985 11.87 45.90 -152.62
CA LEU D 985 12.63 46.90 -151.87
C LEU D 985 13.97 46.34 -151.41
N CYS D 986 13.98 45.08 -150.95
CA CYS D 986 15.25 44.47 -150.55
C CYS D 986 16.20 44.33 -151.72
N GLN D 987 15.67 43.94 -152.88
CA GLN D 987 16.51 43.81 -154.07
C GLN D 987 17.07 45.16 -154.49
N ALA D 988 16.25 46.21 -154.43
CA ALA D 988 16.73 47.54 -154.79
C ALA D 988 17.78 48.03 -153.81
N VAL D 989 17.60 47.76 -152.51
CA VAL D 989 18.58 48.16 -151.51
C VAL D 989 19.89 47.42 -151.73
N ARG D 990 19.83 46.12 -152.04
CA ARG D 990 21.04 45.36 -152.31
C ARG D 990 21.75 45.87 -153.56
N THR D 991 20.98 46.19 -154.61
CA THR D 991 21.59 46.70 -155.83
C THR D 991 22.22 48.07 -155.61
N LEU D 992 21.60 48.90 -154.77
CA LEU D 992 22.17 50.22 -154.49
C LEU D 992 23.40 50.13 -153.59
N LEU D 993 23.43 49.14 -152.69
CA LEU D 993 24.60 48.98 -151.82
C LEU D 993 25.77 48.37 -152.58
N GLY D 994 25.51 47.39 -153.44
CA GLY D 994 26.58 46.75 -154.19
C GLY D 994 27.14 47.59 -155.33
N TYR D 995 26.38 48.58 -155.80
CA TYR D 995 26.84 49.40 -156.92
C TYR D 995 27.88 50.42 -156.48
N GLY D 996 27.50 51.30 -155.56
CA GLY D 996 28.40 52.35 -155.10
C GLY D 996 28.97 52.11 -153.72
N TYR D 997 28.47 52.86 -152.74
CA TYR D 997 28.95 52.76 -151.36
C TYR D 997 28.18 51.65 -150.65
N ASN D 998 28.90 50.65 -150.15
CA ASN D 998 28.27 49.56 -149.44
C ASN D 998 27.78 50.03 -148.06
N ILE D 999 26.90 49.22 -147.47
CA ILE D 999 26.33 49.51 -146.16
C ILE D 999 26.54 48.31 -145.25
N GLU D 1000 26.36 48.55 -143.96
CA GLU D 1000 26.52 47.52 -142.93
C GLU D 1000 27.90 46.86 -142.99
N ARG D 1001 0.02 39.51 -115.94
CA ARG D 1001 -1.37 39.60 -116.39
C ARG D 1001 -1.95 38.22 -116.67
N VAL D 1002 -1.15 37.18 -116.40
CA VAL D 1002 -1.61 35.82 -116.64
C VAL D 1002 -2.63 35.42 -115.56
N ARG D 1003 -3.37 34.36 -115.86
CA ARG D 1003 -4.39 33.84 -114.95
C ARG D 1003 -3.90 32.56 -114.29
N ILE D 1004 -4.16 32.43 -112.99
CA ILE D 1004 -3.77 31.27 -112.21
C ILE D 1004 -5.03 30.51 -111.84
N PHE D 1005 -5.22 29.34 -112.45
CA PHE D 1005 -6.39 28.51 -112.20
C PHE D 1005 -6.07 27.55 -111.07
N ARG D 1006 -6.46 27.90 -109.85
CA ARG D 1006 -6.20 27.09 -108.67
C ARG D 1006 -7.45 26.27 -108.34
N ALA D 1007 -7.41 25.58 -107.20
CA ALA D 1007 -8.50 24.74 -106.75
C ALA D 1007 -9.02 25.25 -105.41
N GLU D 1008 -10.05 24.60 -104.90
CA GLU D 1008 -10.64 24.99 -103.62
C GLU D 1008 -9.68 24.67 -102.47
N LYS D 1009 -9.64 25.59 -101.50
CA LYS D 1009 -8.75 25.38 -100.35
C LYS D 1009 -9.24 24.26 -99.45
N SER D 1010 -10.56 24.09 -99.33
CA SER D 1010 -11.10 23.04 -98.47
C SER D 1010 -10.95 21.67 -99.13
N TYR D 1011 -11.31 21.56 -100.40
CA TYR D 1011 -11.22 20.29 -101.13
C TYR D 1011 -9.76 20.03 -101.46
N ALA D 1012 -9.10 19.27 -100.59
CA ALA D 1012 -7.69 18.93 -100.78
C ALA D 1012 -7.42 17.61 -100.08
N VAL D 1013 -6.19 17.11 -100.24
CA VAL D 1013 -5.77 15.85 -99.65
C VAL D 1013 -4.44 16.07 -98.94
N GLN D 1014 -4.26 15.37 -97.82
CA GLN D 1014 -3.04 15.45 -97.03
C GLN D 1014 -2.22 14.16 -97.07
N SER D 1015 -2.68 13.15 -97.81
CA SER D 1015 -1.94 11.90 -97.93
C SER D 1015 -2.35 11.21 -99.22
N GLY D 1016 -1.52 10.28 -99.66
CA GLY D 1016 -1.78 9.52 -100.87
C GLY D 1016 -1.06 10.10 -102.08
N ARG D 1017 -1.42 9.58 -103.23
CA ARG D 1017 -0.85 9.98 -104.50
C ARG D 1017 -1.96 10.24 -105.52
N TRP D 1018 -1.71 11.18 -106.42
CA TRP D 1018 -2.67 11.54 -107.45
C TRP D 1018 -1.96 11.64 -108.79
N TYR D 1019 -2.75 11.78 -109.85
CA TYR D 1019 -2.24 11.88 -111.22
C TYR D 1019 -2.91 13.07 -111.89
N PHE D 1020 -2.16 14.16 -112.06
CA PHE D 1020 -2.66 15.36 -112.71
C PHE D 1020 -2.31 15.32 -114.20
N GLU D 1021 -3.31 15.54 -115.05
CA GLU D 1021 -3.14 15.54 -116.49
C GLU D 1021 -3.43 16.93 -117.03
N PHE D 1022 -2.56 17.43 -117.90
CA PHE D 1022 -2.72 18.75 -118.50
C PHE D 1022 -2.30 18.68 -119.96
N GLU D 1023 -3.21 19.05 -120.86
CA GLU D 1023 -2.95 19.05 -122.29
C GLU D 1023 -3.25 20.45 -122.84
N ALA D 1024 -2.19 21.17 -123.19
CA ALA D 1024 -2.33 22.52 -123.71
C ALA D 1024 -2.83 22.49 -125.15
N VAL D 1025 -3.82 23.34 -125.46
CA VAL D 1025 -4.33 23.40 -126.82
C VAL D 1025 -3.34 24.10 -127.73
N THR D 1026 -2.71 25.17 -127.25
CA THR D 1026 -1.70 25.90 -128.00
C THR D 1026 -0.45 26.06 -127.16
N THR D 1027 0.70 25.85 -127.78
CA THR D 1027 1.97 25.96 -127.08
C THR D 1027 2.24 27.41 -126.67
N GLY D 1028 3.04 27.56 -125.62
CA GLY D 1028 3.37 28.89 -125.13
C GLY D 1028 3.97 28.85 -123.74
N GLU D 1029 3.76 29.93 -123.00
CA GLU D 1029 4.28 30.05 -121.63
C GLU D 1029 3.21 29.56 -120.67
N MET D 1030 3.39 28.35 -120.15
CA MET D 1030 2.46 27.76 -119.20
C MET D 1030 3.24 27.08 -118.08
N ARG D 1031 2.63 27.04 -116.90
CA ARG D 1031 3.23 26.44 -115.71
C ARG D 1031 2.30 25.38 -115.16
N VAL D 1032 2.85 24.20 -114.87
CA VAL D 1032 2.07 23.08 -114.38
C VAL D 1032 2.75 22.52 -113.13
N GLY D 1033 1.97 21.90 -112.26
CA GLY D 1033 2.50 21.30 -111.06
C GLY D 1033 1.52 21.42 -109.91
N TRP D 1034 1.89 20.78 -108.81
CA TRP D 1034 1.06 20.81 -107.61
C TRP D 1034 1.37 22.05 -106.78
N ALA D 1035 0.33 22.64 -106.20
CA ALA D 1035 0.45 23.87 -105.43
C ALA D 1035 -0.17 23.70 -104.07
N ARG D 1036 0.29 24.51 -103.12
CA ARG D 1036 -0.28 24.54 -101.77
C ARG D 1036 -1.53 25.42 -101.75
N PRO D 1037 -2.59 24.99 -101.07
CA PRO D 1037 -3.82 25.81 -101.03
C PRO D 1037 -3.61 27.22 -100.49
N GLU D 1038 -2.54 27.47 -99.75
CA GLU D 1038 -2.24 28.79 -99.20
C GLU D 1038 -1.23 29.47 -100.12
N LEU D 1039 -1.70 30.34 -101.01
CA LEU D 1039 -0.84 31.07 -101.91
C LEU D 1039 -1.47 32.42 -102.22
N ARG D 1040 -0.70 33.29 -102.87
CA ARG D 1040 -1.16 34.60 -103.28
C ARG D 1040 -1.24 34.70 -104.80
N PRO D 1041 -2.31 35.28 -105.34
CA PRO D 1041 -2.48 35.29 -106.80
C PRO D 1041 -1.57 36.28 -107.51
N ASP D 1042 -1.22 37.38 -106.84
CA ASP D 1042 -0.39 38.40 -107.48
C ASP D 1042 1.03 37.92 -107.69
N VAL D 1043 1.55 37.08 -106.79
CA VAL D 1043 2.88 36.51 -106.95
C VAL D 1043 2.85 35.49 -108.08
N GLU D 1044 3.88 35.54 -108.94
CA GLU D 1044 3.96 34.60 -110.05
C GLU D 1044 4.05 33.17 -109.54
N LEU D 1045 3.47 32.25 -110.31
CA LEU D 1045 3.44 30.85 -109.93
C LEU D 1045 4.85 30.26 -110.00
N GLY D 1046 5.37 29.83 -108.86
CA GLY D 1046 6.70 29.25 -108.78
C GLY D 1046 7.81 30.24 -108.49
N ALA D 1047 7.49 31.52 -108.31
CA ALA D 1047 8.52 32.51 -108.03
C ALA D 1047 9.08 32.37 -106.62
N ASP D 1048 8.24 31.93 -105.67
CA ASP D 1048 8.68 31.77 -104.29
C ASP D 1048 8.39 30.36 -103.80
N GLU D 1049 8.60 30.11 -102.50
CA GLU D 1049 8.35 28.81 -101.90
C GLU D 1049 6.89 28.58 -101.54
N LEU D 1050 5.98 29.44 -102.00
CA LEU D 1050 4.58 29.27 -101.67
C LEU D 1050 3.97 28.09 -102.43
N ALA D 1051 4.36 27.90 -103.68
CA ALA D 1051 3.83 26.81 -104.49
C ALA D 1051 4.92 26.30 -105.42
N TYR D 1052 4.64 25.16 -106.04
CA TYR D 1052 5.55 24.53 -106.99
C TYR D 1052 4.98 24.62 -108.40
N VAL D 1053 5.88 24.69 -109.39
CA VAL D 1053 5.48 24.84 -110.78
C VAL D 1053 6.56 24.23 -111.67
N PHE D 1054 6.18 23.96 -112.92
CA PHE D 1054 7.09 23.44 -113.92
C PHE D 1054 6.84 24.18 -115.23
N ASN D 1055 7.90 24.74 -115.81
CA ASN D 1055 7.77 25.54 -117.01
C ASN D 1055 7.36 24.68 -118.20
N GLY D 1056 6.93 25.36 -119.27
CA GLY D 1056 6.48 24.68 -120.46
C GLY D 1056 7.50 24.68 -121.59
N HIS D 1057 7.30 25.58 -122.56
CA HIS D 1057 8.22 25.65 -123.69
C HIS D 1057 9.60 26.16 -123.30
N ARG D 1058 9.73 26.80 -122.13
CA ARG D 1058 11.03 27.27 -121.67
C ARG D 1058 11.92 26.15 -121.17
N GLY D 1059 11.34 25.03 -120.75
CA GLY D 1059 12.12 23.91 -120.23
C GLY D 1059 12.86 24.26 -118.96
N GLN D 1060 12.16 24.84 -117.99
CA GLN D 1060 12.74 25.28 -116.74
C GLN D 1060 11.93 24.73 -115.58
N ARG D 1061 12.41 24.98 -114.36
CA ARG D 1061 11.73 24.60 -113.14
C ARG D 1061 11.69 25.80 -112.20
N TRP D 1062 10.52 26.08 -111.64
CA TRP D 1062 10.32 27.21 -110.75
C TRP D 1062 10.01 26.68 -109.35
N HIS D 1063 11.02 26.67 -108.47
CA HIS D 1063 10.86 26.20 -107.10
C HIS D 1063 11.81 27.03 -106.23
N LEU D 1064 11.28 28.11 -105.66
CA LEU D 1064 12.05 29.02 -104.81
C LEU D 1064 13.29 29.54 -105.53
N GLY D 1065 13.15 29.79 -106.83
CA GLY D 1065 14.25 30.26 -107.64
C GLY D 1065 14.07 29.91 -109.10
N SER D 1066 15.16 29.50 -109.74
CA SER D 1066 15.13 29.14 -111.16
C SER D 1066 15.96 27.88 -111.37
N GLU D 1067 15.61 27.15 -112.42
CA GLU D 1067 16.31 25.92 -112.79
C GLU D 1067 16.06 25.67 -114.28
N LEU D 1068 16.44 24.49 -114.76
CA LEU D 1068 16.23 24.11 -116.15
C LEU D 1068 16.01 22.61 -116.20
N PHE D 1069 14.74 22.20 -116.16
CA PHE D 1069 14.35 20.80 -116.19
C PHE D 1069 13.43 20.55 -117.37
N GLY D 1070 13.63 19.41 -118.04
CA GLY D 1070 12.75 18.99 -119.12
C GLY D 1070 12.92 19.78 -120.40
N ARG D 1071 12.41 19.23 -121.50
CA ARG D 1071 12.47 19.89 -122.80
C ARG D 1071 11.23 20.76 -123.01
N PRO D 1072 11.12 21.45 -124.14
CA PRO D 1072 9.95 22.28 -124.39
C PRO D 1072 8.72 21.44 -124.68
N TRP D 1073 7.57 22.11 -124.68
CA TRP D 1073 6.29 21.47 -124.94
C TRP D 1073 5.93 21.57 -126.42
N GLN D 1074 5.23 20.54 -126.90
CA GLN D 1074 4.78 20.50 -128.28
C GLN D 1074 3.43 21.19 -128.41
N SER D 1075 2.83 21.14 -129.59
CA SER D 1075 1.53 21.76 -129.80
C SER D 1075 0.41 20.95 -129.18
N GLY D 1076 0.38 19.65 -129.46
CA GLY D 1076 -0.65 18.78 -128.90
C GLY D 1076 -0.13 17.89 -127.79
N ASP D 1077 0.89 18.36 -127.07
CA ASP D 1077 1.46 17.59 -125.98
C ASP D 1077 0.53 17.58 -124.76
N VAL D 1078 0.60 16.50 -123.99
CA VAL D 1078 -0.20 16.33 -122.79
C VAL D 1078 0.78 16.06 -121.64
N VAL D 1079 1.03 17.07 -120.83
CA VAL D 1079 1.95 16.94 -119.70
C VAL D 1079 1.21 16.32 -118.52
N GLY D 1080 1.85 15.33 -117.88
CA GLY D 1080 1.29 14.65 -116.73
C GLY D 1080 2.06 14.97 -115.47
N CYS D 1081 1.37 14.91 -114.34
CA CYS D 1081 1.98 15.18 -113.04
C CYS D 1081 1.50 14.15 -112.03
N MET D 1082 2.42 13.66 -111.22
CA MET D 1082 2.11 12.66 -110.19
C MET D 1082 2.97 12.95 -108.97
N ILE D 1083 2.31 13.25 -107.84
CA ILE D 1083 3.00 13.56 -106.60
C ILE D 1083 2.82 12.38 -105.65
N ASP D 1084 3.87 12.11 -104.87
CA ASP D 1084 3.88 11.02 -103.89
C ASP D 1084 4.15 11.63 -102.53
N LEU D 1085 3.09 11.81 -101.72
CA LEU D 1085 3.25 12.44 -100.42
C LEU D 1085 3.94 11.53 -99.42
N THR D 1086 3.82 10.22 -99.59
CA THR D 1086 4.50 9.29 -98.69
C THR D 1086 6.01 9.30 -98.94
N GLU D 1087 6.42 9.29 -100.21
CA GLU D 1087 7.83 9.32 -100.56
C GLU D 1087 8.41 10.73 -100.60
N ASN D 1088 7.57 11.77 -100.45
CA ASN D 1088 8.01 13.16 -100.46
C ASN D 1088 8.76 13.50 -101.74
N THR D 1089 8.22 13.04 -102.87
CA THR D 1089 8.84 13.28 -104.17
C THR D 1089 7.76 13.65 -105.17
N ILE D 1090 8.15 14.40 -106.19
CA ILE D 1090 7.26 14.84 -107.26
C ILE D 1090 7.82 14.34 -108.59
N ILE D 1091 6.99 13.68 -109.39
CA ILE D 1091 7.39 13.11 -110.66
C ILE D 1091 6.50 13.70 -111.75
N PHE D 1092 7.12 14.38 -112.70
CA PHE D 1092 6.40 14.98 -113.82
C PHE D 1092 6.48 14.06 -115.03
N THR D 1093 5.35 13.87 -115.70
CA THR D 1093 5.26 13.01 -116.88
C THR D 1093 5.13 13.87 -118.12
N LEU D 1094 6.03 13.68 -119.07
CA LEU D 1094 6.05 14.44 -120.33
C LEU D 1094 5.80 13.48 -121.48
N ASN D 1095 4.63 13.60 -122.11
CA ASN D 1095 4.25 12.77 -123.25
C ASN D 1095 4.29 11.29 -122.89
N GLY D 1096 3.82 10.96 -121.69
CA GLY D 1096 3.82 9.58 -121.24
C GLY D 1096 5.19 9.00 -120.97
N GLU D 1097 6.18 9.84 -120.69
CA GLU D 1097 7.54 9.39 -120.42
C GLU D 1097 8.09 10.13 -119.21
N VAL D 1098 9.00 9.46 -118.50
CA VAL D 1098 9.61 10.07 -117.32
C VAL D 1098 10.66 11.08 -117.75
N LEU D 1099 10.61 12.27 -117.15
CA LEU D 1099 11.54 13.33 -117.47
C LEU D 1099 12.86 13.12 -116.74
N MET D 1100 13.93 13.70 -117.30
CA MET D 1100 15.25 13.59 -116.71
C MET D 1100 16.05 14.83 -117.07
N SER D 1101 17.21 14.98 -116.43
CA SER D 1101 18.07 16.12 -116.65
C SER D 1101 19.53 15.66 -116.55
N ASP D 1102 20.45 16.63 -116.47
CA ASP D 1102 21.87 16.30 -116.39
C ASP D 1102 22.21 15.63 -115.06
N SER D 1103 21.57 16.07 -113.97
CA SER D 1103 21.85 15.48 -112.67
C SER D 1103 21.33 14.04 -112.58
N GLY D 1104 20.27 13.72 -113.31
CA GLY D 1104 19.71 12.39 -113.29
C GLY D 1104 18.89 12.05 -112.07
N SER D 1105 18.52 13.03 -111.26
CA SER D 1105 17.73 12.77 -110.07
C SER D 1105 16.29 12.44 -110.46
N GLU D 1106 15.76 11.35 -109.90
CA GLU D 1106 14.40 10.93 -110.23
C GLU D 1106 13.36 11.88 -109.64
N THR D 1107 13.69 12.53 -108.51
CA THR D 1107 12.77 13.46 -107.87
C THR D 1107 13.02 14.87 -108.39
N ALA D 1108 11.94 15.63 -108.57
CA ALA D 1108 12.06 17.01 -109.03
C ALA D 1108 12.32 17.96 -107.87
N PHE D 1109 11.48 17.88 -106.83
CA PHE D 1109 11.63 18.71 -105.63
C PHE D 1109 11.81 17.77 -104.44
N ARG D 1110 13.01 17.74 -103.89
CA ARG D 1110 13.33 16.87 -102.76
C ARG D 1110 13.16 17.63 -101.44
N ASP D 1111 12.92 16.86 -100.37
CA ASP D 1111 12.76 17.39 -99.02
C ASP D 1111 11.63 18.41 -98.95
N ILE D 1112 10.48 18.04 -99.53
CA ILE D 1112 9.30 18.90 -99.53
C ILE D 1112 8.56 18.73 -98.21
N GLU D 1113 7.94 19.82 -97.76
CA GLU D 1113 7.17 19.80 -96.52
C GLU D 1113 5.76 19.27 -96.77
N VAL D 1114 5.22 18.57 -95.78
CA VAL D 1114 3.88 18.03 -95.89
C VAL D 1114 2.84 19.14 -95.84
N GLY D 1115 2.83 19.90 -94.74
CA GLY D 1115 1.89 20.99 -94.61
C GLY D 1115 0.45 20.52 -94.49
N ASP D 1116 -0.47 21.42 -94.84
CA ASP D 1116 -1.88 21.10 -94.79
C ASP D 1116 -2.28 20.16 -95.93
N GLY D 1117 -1.91 20.51 -97.15
CA GLY D 1117 -2.24 19.68 -98.29
C GLY D 1117 -1.66 20.25 -99.56
N PHE D 1118 -2.07 19.67 -100.69
CA PHE D 1118 -1.61 20.10 -102.01
C PHE D 1118 -2.77 20.01 -102.98
N LEU D 1119 -3.01 21.09 -103.72
CA LEU D 1119 -4.09 21.16 -104.68
C LEU D 1119 -3.55 21.46 -106.07
N PRO D 1120 -4.17 20.91 -107.12
CA PRO D 1120 -3.71 21.19 -108.48
C PRO D 1120 -3.90 22.66 -108.84
N VAL D 1121 -3.03 23.14 -109.73
CA VAL D 1121 -3.07 24.52 -110.18
C VAL D 1121 -2.76 24.56 -111.67
N CYS D 1122 -3.26 25.59 -112.34
CA CYS D 1122 -3.04 25.77 -113.78
C CYS D 1122 -2.78 27.25 -114.05
N SER D 1123 -2.03 27.50 -115.13
CA SER D 1123 -1.70 28.86 -115.55
C SER D 1123 -1.95 29.00 -117.04
N LEU D 1124 -2.59 30.10 -117.42
CA LEU D 1124 -2.91 30.38 -118.81
C LEU D 1124 -1.99 31.48 -119.34
N GLY D 1125 -1.34 31.22 -120.46
CA GLY D 1125 -0.45 32.17 -121.06
C GLY D 1125 -1.18 33.19 -121.91
N PRO D 1126 -0.52 34.30 -122.22
CA PRO D 1126 -1.16 35.34 -123.04
C PRO D 1126 -1.43 34.83 -124.45
N GLY D 1127 -2.70 34.86 -124.83
CA GLY D 1127 -3.09 34.38 -126.15
C GLY D 1127 -2.92 32.89 -126.36
N GLN D 1128 -3.11 32.10 -125.32
CA GLN D 1128 -2.97 30.65 -125.39
C GLN D 1128 -4.20 29.99 -124.79
N VAL D 1129 -4.33 28.68 -125.04
CA VAL D 1129 -5.44 27.89 -124.54
C VAL D 1129 -4.91 26.56 -124.02
N GLY D 1130 -5.57 26.05 -122.98
CA GLY D 1130 -5.17 24.79 -122.40
C GLY D 1130 -6.36 24.07 -121.78
N HIS D 1131 -6.17 22.78 -121.55
CA HIS D 1131 -7.20 21.92 -120.98
C HIS D 1131 -6.72 21.34 -119.66
N LEU D 1132 -7.54 21.48 -118.62
CA LEU D 1132 -7.22 20.96 -117.29
C LEU D 1132 -8.05 19.71 -117.04
N ASN D 1133 -7.37 18.61 -116.75
CA ASN D 1133 -8.01 17.32 -116.50
C ASN D 1133 -7.84 16.95 -115.03
N LEU D 1134 -8.94 16.68 -114.36
CA LEU D 1134 -8.93 16.32 -112.95
C LEU D 1134 -9.12 14.83 -112.70
N GLY D 1135 -9.24 14.03 -113.76
CA GLY D 1135 -9.43 12.60 -113.62
C GLY D 1135 -10.78 12.23 -113.03
N GLN D 1136 -11.85 12.69 -113.68
CA GLN D 1136 -13.20 12.41 -113.17
C GLN D 1136 -13.57 10.95 -113.37
N ASP D 1137 -13.12 10.35 -114.48
CA ASP D 1137 -13.44 8.96 -114.79
C ASP D 1137 -12.22 8.31 -115.40
N VAL D 1138 -12.38 7.04 -115.81
CA VAL D 1138 -11.28 6.31 -116.40
C VAL D 1138 -11.03 6.77 -117.84
N SER D 1139 -12.08 7.09 -118.58
CA SER D 1139 -11.94 7.51 -119.97
C SER D 1139 -11.24 8.86 -120.12
N SER D 1140 -11.13 9.64 -119.04
CA SER D 1140 -10.44 10.92 -119.09
C SER D 1140 -8.94 10.79 -118.99
N LEU D 1141 -8.40 9.58 -118.99
CA LEU D 1141 -6.96 9.35 -118.86
C LEU D 1141 -6.37 8.99 -120.22
N ARG D 1142 -5.28 9.66 -120.59
CA ARG D 1142 -4.66 9.49 -121.89
C ARG D 1142 -3.54 8.45 -121.87
N PHE D 1143 -2.51 8.67 -121.05
CA PHE D 1143 -1.35 7.79 -120.96
C PHE D 1143 -1.05 7.46 -119.50
N PHE D 1144 -2.11 7.09 -118.75
CA PHE D 1144 -1.94 6.80 -117.33
C PHE D 1144 -1.26 5.46 -117.12
N ALA D 1145 -1.63 4.45 -117.91
CA ALA D 1145 -1.15 3.08 -117.71
C ALA D 1145 0.35 2.94 -117.93
N ILE D 1146 1.02 4.04 -118.31
CA ILE D 1146 2.47 4.00 -118.50
C ILE D 1146 3.17 3.77 -117.16
N CYS D 1147 2.76 4.51 -116.13
CA CYS D 1147 3.39 4.39 -114.82
C CYS D 1147 2.40 4.38 -113.66
N GLY D 1148 1.10 4.52 -113.90
CA GLY D 1148 0.15 4.58 -112.81
C GLY D 1148 -0.02 3.25 -112.10
N LEU D 1149 0.02 2.15 -112.85
CA LEU D 1149 -0.10 0.83 -112.24
C LEU D 1149 1.12 0.50 -111.40
N GLN D 1150 2.30 0.98 -111.79
CA GLN D 1150 3.51 0.72 -111.03
C GLN D 1150 3.59 1.62 -109.80
N GLU D 1151 3.38 2.92 -109.98
CA GLU D 1151 3.46 3.86 -108.87
C GLU D 1151 2.24 3.80 -107.95
N GLY D 1152 1.10 3.31 -108.45
CA GLY D 1152 -0.09 3.25 -107.64
C GLY D 1152 -0.77 4.58 -107.40
N PHE D 1153 -0.42 5.62 -108.16
CA PHE D 1153 -1.01 6.94 -108.00
C PHE D 1153 -2.43 6.91 -108.55
N GLU D 1154 -3.41 6.85 -107.65
CA GLU D 1154 -4.80 6.84 -108.05
C GLU D 1154 -5.23 8.22 -108.55
N PRO D 1155 -6.12 8.27 -109.54
CA PRO D 1155 -6.60 9.57 -110.02
C PRO D 1155 -7.24 10.40 -108.91
N PHE D 1156 -7.35 11.71 -109.18
CA PHE D 1156 -7.82 12.64 -108.16
C PHE D 1156 -9.30 12.44 -107.88
N ALA D 1157 -10.14 12.64 -108.89
CA ALA D 1157 -11.59 12.47 -108.74
C ALA D 1157 -11.97 11.00 -108.98
N ILE D 1158 -11.42 10.13 -108.13
CA ILE D 1158 -11.64 8.70 -108.30
C ILE D 1158 -12.94 8.24 -107.66
N ASN D 1159 -13.44 8.98 -106.67
CA ASN D 1159 -14.67 8.62 -105.98
C ASN D 1159 -15.71 9.73 -105.97
N MET D 1160 -15.35 10.95 -106.39
CA MET D 1160 -16.29 12.06 -106.40
C MET D 1160 -17.29 11.87 -107.54
N GLN D 1161 -18.55 11.61 -107.19
CA GLN D 1161 -19.58 11.44 -108.22
C GLN D 1161 -19.84 12.75 -108.96
N ARG D 1162 -19.60 13.89 -108.30
CA ARG D 1162 -19.78 15.21 -108.88
C ARG D 1162 -18.44 15.80 -109.30
N PRO D 1163 -18.43 16.60 -110.36
CA PRO D 1163 -17.17 17.22 -110.80
C PRO D 1163 -16.64 18.20 -109.75
N VAL D 1164 -15.32 18.23 -109.62
CA VAL D 1164 -14.67 19.10 -108.64
C VAL D 1164 -14.71 20.53 -109.14
N THR D 1165 -15.07 21.46 -108.26
CA THR D 1165 -15.14 22.86 -108.62
C THR D 1165 -13.74 23.42 -108.86
N THR D 1166 -13.66 24.45 -109.71
CA THR D 1166 -12.41 25.10 -110.06
C THR D 1166 -12.48 26.58 -109.69
N TRP D 1167 -11.31 27.15 -109.42
CA TRP D 1167 -11.18 28.56 -109.09
C TRP D 1167 -10.23 29.24 -110.06
N PHE D 1168 -10.52 30.49 -110.39
CA PHE D 1168 -9.72 31.27 -111.32
C PHE D 1168 -9.45 32.64 -110.75
N SER D 1169 -8.28 33.19 -111.06
CA SER D 1169 -7.91 34.52 -110.59
C SER D 1169 -8.72 35.57 -111.33
N LYS D 1170 -9.51 36.35 -110.59
CA LYS D 1170 -10.36 37.37 -111.19
C LYS D 1170 -9.55 38.63 -111.45
N SER D 1171 -9.52 39.07 -112.71
CA SER D 1171 -8.78 40.27 -113.09
C SER D 1171 -9.48 41.55 -112.65
N LEU D 1172 -10.75 41.48 -112.26
CA LEU D 1172 -11.47 42.68 -111.82
C LEU D 1172 -10.96 43.12 -110.46
N PRO D 1173 -10.39 44.32 -110.33
CA PRO D 1173 -9.86 44.74 -109.03
C PRO D 1173 -10.96 45.27 -108.12
N GLN D 1174 -10.83 44.93 -106.83
CA GLN D 1174 -11.75 45.42 -105.81
C GLN D 1174 -10.97 45.70 -104.53
N PHE D 1175 -11.49 46.62 -103.74
CA PHE D 1175 -10.80 47.03 -102.51
C PHE D 1175 -10.91 45.95 -101.44
N GLU D 1176 -9.89 45.89 -100.60
CA GLU D 1176 -9.84 44.93 -99.50
C GLU D 1176 -9.15 45.57 -98.31
N ALA D 1177 -9.19 44.87 -97.19
CA ALA D 1177 -8.58 45.37 -95.96
C ALA D 1177 -7.07 45.23 -96.01
N VAL D 1178 -6.40 46.05 -95.22
CA VAL D 1178 -4.94 46.05 -95.13
C VAL D 1178 -4.55 45.18 -93.94
N PRO D 1179 -3.75 44.14 -94.12
CA PRO D 1179 -3.33 43.32 -92.98
C PRO D 1179 -2.46 44.09 -92.02
N LEU D 1180 -2.49 43.66 -90.76
CA LEU D 1180 -1.70 44.33 -89.72
C LEU D 1180 -0.21 44.08 -89.88
N GLU D 1181 0.17 43.03 -90.61
CA GLU D 1181 1.58 42.69 -90.84
C GLU D 1181 1.89 42.85 -92.32
N HIS D 1182 2.84 43.75 -92.63
CA HIS D 1182 3.24 44.00 -94.00
C HIS D 1182 4.64 44.58 -93.99
N PRO D 1183 5.48 44.26 -94.98
CA PRO D 1183 6.87 44.79 -94.96
C PRO D 1183 6.93 46.30 -95.05
N HIS D 1184 6.26 46.91 -96.04
CA HIS D 1184 6.31 48.34 -96.26
C HIS D 1184 4.91 48.95 -96.25
N TYR D 1185 4.08 48.52 -95.31
CA TYR D 1185 2.73 49.07 -95.16
C TYR D 1185 2.31 48.95 -93.70
N GLU D 1186 2.00 50.08 -93.09
CA GLU D 1186 1.58 50.10 -91.68
C GLU D 1186 0.70 51.31 -91.46
N VAL D 1187 -0.45 51.08 -90.83
CA VAL D 1187 -1.41 52.14 -90.51
C VAL D 1187 -1.60 52.17 -89.01
N SER D 1188 -1.85 53.37 -88.48
CA SER D 1188 -2.06 53.57 -87.05
C SER D 1188 -3.27 54.48 -86.84
N ARG D 1189 -4.02 54.19 -85.78
CA ARG D 1189 -5.21 54.97 -85.42
C ARG D 1189 -4.84 55.98 -84.36
N VAL D 1190 -4.62 57.22 -84.77
CA VAL D 1190 -4.28 58.28 -83.83
C VAL D 1190 -5.50 58.64 -83.00
N ASP D 1191 -5.39 58.53 -81.68
CA ASP D 1191 -6.50 58.83 -80.81
C ASP D 1191 -6.76 60.34 -80.78
N GLY D 1192 -8.04 60.70 -80.83
CA GLY D 1192 -8.42 62.10 -80.81
C GLY D 1192 -8.19 62.70 -79.43
N THR D 1193 -7.33 63.71 -79.34
CA THR D 1193 -7.03 64.35 -78.07
C THR D 1193 -8.10 65.39 -77.76
N VAL D 1194 -7.87 66.20 -76.72
CA VAL D 1194 -8.83 67.23 -76.35
C VAL D 1194 -8.88 68.33 -77.39
N ASP D 1195 -7.72 68.70 -77.96
CA ASP D 1195 -7.63 69.74 -78.96
C ASP D 1195 -7.12 69.21 -80.30
N THR D 1196 -6.99 67.89 -80.46
CA THR D 1196 -6.50 67.29 -81.69
C THR D 1196 -7.51 66.28 -82.20
N PRO D 1197 -7.97 66.38 -83.43
CA PRO D 1197 -8.93 65.42 -83.96
C PRO D 1197 -8.25 64.11 -84.29
N PRO D 1198 -9.00 63.01 -84.36
CA PRO D 1198 -8.39 61.72 -84.71
C PRO D 1198 -7.90 61.70 -86.14
N CYS D 1199 -6.86 60.92 -86.39
CA CYS D 1199 -6.24 60.81 -87.69
C CYS D 1199 -5.85 59.37 -87.97
N LEU D 1200 -5.69 59.06 -89.26
CA LEU D 1200 -5.27 57.73 -89.71
C LEU D 1200 -4.12 57.95 -90.69
N ARG D 1201 -2.90 57.99 -90.17
CA ARG D 1201 -1.72 58.21 -91.00
C ARG D 1201 -1.24 56.90 -91.60
N LEU D 1202 -0.35 57.01 -92.58
CA LEU D 1202 0.23 55.85 -93.25
C LEU D 1202 1.74 56.01 -93.26
N THR D 1203 2.45 54.93 -92.93
CA THR D 1203 3.90 54.93 -92.84
C THR D 1203 4.50 53.87 -93.76
N HIS D 1204 5.57 54.24 -94.46
CA HIS D 1204 6.25 53.37 -95.40
C HIS D 1204 7.67 53.08 -94.92
N ARG D 1205 8.08 51.82 -95.04
CA ARG D 1205 9.40 51.40 -94.62
C ARG D 1205 10.06 50.51 -95.66
N SER D 1206 12.11 51.98 -99.68
CA SER D 1206 12.19 50.73 -100.42
C SER D 1206 11.40 50.81 -101.72
N LEU D 1207 10.97 49.65 -102.23
CA LEU D 1207 10.19 49.61 -103.46
C LEU D 1207 8.81 50.19 -103.23
N VAL D 1208 8.44 51.19 -104.04
CA VAL D 1208 7.14 51.83 -103.93
C VAL D 1208 6.43 51.75 -105.28
N GLU D 1209 5.10 51.85 -105.23
CA GLU D 1209 4.29 51.79 -106.43
C GLU D 1209 2.99 52.54 -106.18
N MET D 1210 2.31 52.89 -107.27
CA MET D 1210 1.06 53.64 -107.18
C MET D 1210 -0.02 52.77 -106.54
N LEU D 1211 -0.51 53.19 -105.39
CA LEU D 1211 -1.55 52.49 -104.66
C LEU D 1211 -2.74 53.42 -104.43
N PHE D 1212 -3.93 52.84 -104.31
CA PHE D 1212 -5.16 53.58 -104.10
C PHE D 1212 -5.72 53.26 -102.72
N LEU D 1213 -6.27 54.27 -102.06
CA LEU D 1213 -6.83 54.13 -100.72
C LEU D 1213 -8.33 54.41 -100.77
N ARG D 1214 -9.05 53.85 -99.80
CA ARG D 1214 -10.50 54.00 -99.72
C ARG D 1214 -10.96 53.68 -98.31
N LEU D 1215 -12.07 54.30 -97.91
CA LEU D 1215 -12.65 54.07 -96.61
C LEU D 1215 -13.61 52.87 -96.69
N SER D 1216 -14.36 52.64 -95.61
CA SER D 1216 -15.29 51.52 -95.54
C SER D 1216 -16.74 51.95 -95.36
N LEU D 1217 -17.01 52.87 -94.44
CA LEU D 1217 -18.38 53.28 -94.17
C LEU D 1217 -18.89 54.16 -95.30
N PRO D 1218 -20.03 53.83 -95.90
CA PRO D 1218 -20.56 54.65 -97.00
C PRO D 1218 -21.30 55.87 -96.47
N VAL D 1219 -21.62 56.77 -97.39
CA VAL D 1219 -22.39 57.99 -97.11
C VAL D 1219 -23.48 58.13 -98.15
N GLN D 1220 -24.66 58.54 -97.72
CA GLN D 1220 -25.81 58.70 -98.60
C GLN D 1220 -26.53 60.00 -98.28
N PHE D 1221 -27.39 60.42 -99.19
CA PHE D 1221 -28.18 61.63 -99.05
C PHE D 1221 -29.66 61.27 -98.94
N HIS D 1222 -30.47 62.29 -98.68
CA HIS D 1222 -31.91 62.10 -98.55
C HIS D 1222 -32.54 61.84 -99.91
N GLN D 1223 -33.64 61.10 -99.90
CA GLN D 1223 -34.36 60.77 -101.12
C GLN D 1223 -35.28 61.91 -101.54
N LEU D 1224 -27.90 75.42 -85.66
CA LEU D 1224 -27.42 74.40 -84.74
C LEU D 1224 -27.30 73.04 -85.44
N ASN D 1225 -28.31 72.72 -86.25
CA ASN D 1225 -28.36 71.46 -86.98
C ASN D 1225 -28.58 71.75 -88.45
N THR D 1226 -27.76 71.13 -89.31
CA THR D 1226 -27.85 71.32 -90.75
C THR D 1226 -27.30 70.09 -91.44
N THR D 1227 -27.37 70.08 -92.77
CA THR D 1227 -26.87 68.99 -93.58
C THR D 1227 -25.46 69.21 -94.08
N THR D 1228 -24.79 70.26 -93.61
CA THR D 1228 -23.42 70.54 -94.04
C THR D 1228 -22.44 69.68 -93.24
N TYR D 1229 -21.48 69.08 -93.94
CA TYR D 1229 -20.47 68.24 -93.32
C TYR D 1229 -19.09 68.73 -93.72
N TYR D 1230 -18.13 68.57 -92.81
CA TYR D 1230 -16.76 68.99 -93.02
C TYR D 1230 -15.85 67.78 -93.05
N TYR D 1231 -15.01 67.69 -94.08
CA TYR D 1231 -14.06 66.59 -94.23
C TYR D 1231 -12.75 67.16 -94.76
N SER D 1232 -11.66 66.92 -94.04
CA SER D 1232 -10.35 67.44 -94.41
C SER D 1232 -9.32 66.32 -94.34
N VAL D 1233 -8.16 66.57 -94.95
CA VAL D 1233 -7.05 65.64 -94.96
C VAL D 1233 -5.76 66.42 -94.72
N ARG D 1234 -4.86 65.85 -93.94
CA ARG D 1234 -3.59 66.48 -93.61
C ARG D 1234 -2.48 65.79 -94.40
N VAL D 1235 -1.80 66.55 -95.26
CA VAL D 1235 -0.70 66.05 -96.06
C VAL D 1235 0.60 66.57 -95.47
N PHE D 1236 1.55 65.66 -95.24
CA PHE D 1236 2.82 66.05 -94.65
C PHE D 1236 3.66 66.84 -95.65
N ALA D 1237 4.59 67.64 -95.12
CA ALA D 1237 5.45 68.45 -95.96
C ALA D 1237 6.52 67.64 -96.67
N GLY D 1238 6.80 66.43 -96.20
CA GLY D 1238 7.82 65.62 -96.85
C GLY D 1238 7.38 65.12 -98.21
N GLN D 1239 6.11 64.79 -98.36
CA GLN D 1239 5.59 64.30 -99.63
C GLN D 1239 5.33 65.46 -100.58
N GLU D 1240 5.59 65.23 -101.86
CA GLU D 1240 5.39 66.27 -102.86
C GLU D 1240 3.90 66.52 -103.06
N PRO D 1241 3.42 67.77 -102.99
CA PRO D 1241 2.00 68.05 -103.19
C PRO D 1241 1.55 68.08 -104.63
N SER D 1242 2.36 67.58 -105.56
CA SER D 1242 1.99 67.57 -106.97
C SER D 1242 1.29 66.29 -107.40
N CYS D 1243 1.42 65.21 -106.62
CA CYS D 1243 0.82 63.93 -106.93
C CYS D 1243 -0.20 63.52 -105.88
N VAL D 1244 -0.96 64.48 -105.38
CA VAL D 1244 -1.99 64.24 -104.37
C VAL D 1244 -3.36 64.50 -104.99
N TRP D 1245 -4.30 63.60 -104.72
CA TRP D 1245 -5.67 63.74 -105.23
C TRP D 1245 -6.62 63.25 -104.16
N VAL D 1246 -7.53 64.13 -103.73
CA VAL D 1246 -8.49 63.83 -102.67
C VAL D 1246 -9.89 64.05 -103.23
N GLY D 1247 -10.79 63.10 -102.96
CA GLY D 1247 -12.14 63.22 -103.43
C GLY D 1247 -12.99 62.05 -102.98
N TRP D 1248 -14.07 61.81 -103.71
CA TRP D 1248 -15.00 60.72 -103.43
C TRP D 1248 -15.01 59.75 -104.59
N VAL D 1249 -15.10 58.46 -104.28
CA VAL D 1249 -15.06 57.40 -105.28
C VAL D 1249 -16.32 56.55 -105.16
N THR D 1250 -16.83 56.08 -106.32
CA THR D 1250 -17.99 55.21 -106.43
C THR D 1250 -17.56 53.74 -106.35
N PRO D 1251 -18.43 52.86 -105.86
CA PRO D 1251 -18.05 51.44 -105.77
C PRO D 1251 -17.84 50.78 -107.12
N ASP D 1252 -18.36 51.35 -108.20
CA ASP D 1252 -18.19 50.78 -109.54
C ASP D 1252 -16.82 51.10 -110.14
N TYR D 1253 -16.00 51.87 -109.45
CA TYR D 1253 -14.67 52.24 -109.95
C TYR D 1253 -13.76 51.02 -109.90
N HIS D 1254 -13.40 50.50 -111.07
CA HIS D 1254 -12.54 49.32 -111.19
C HIS D 1254 -11.35 49.62 -112.11
N GLN D 1255 -10.72 50.77 -111.90
CA GLN D 1255 -9.58 51.21 -112.69
C GLN D 1255 -8.34 51.22 -111.81
N HIS D 1256 -7.32 50.45 -112.21
CA HIS D 1256 -6.07 50.37 -111.48
C HIS D 1256 -4.93 50.61 -112.46
N ASP D 1257 -4.20 51.70 -112.27
CA ASP D 1257 -3.08 52.05 -113.14
C ASP D 1257 -2.16 53.00 -112.39
N MET D 1258 -0.98 53.21 -112.97
CA MET D 1258 0.00 54.12 -112.35
C MET D 1258 -0.39 55.57 -112.55
N ASN D 1259 -0.91 55.92 -113.73
CA ASN D 1259 -1.30 57.29 -114.01
C ASN D 1259 -2.61 57.62 -113.29
N PHE D 1260 -2.65 58.80 -112.67
CA PHE D 1260 -3.81 59.28 -111.93
C PHE D 1260 -4.20 60.67 -112.43
N ASP D 1261 -4.25 60.83 -113.75
CA ASP D 1261 -4.60 62.11 -114.34
C ASP D 1261 -6.11 62.34 -114.26
N LEU D 1262 -6.48 63.62 -114.28
CA LEU D 1262 -7.90 63.98 -114.19
C LEU D 1262 -8.67 63.63 -115.46
N THR D 1263 -7.98 63.49 -116.60
CA THR D 1263 -8.64 63.13 -117.84
C THR D 1263 -8.80 61.63 -118.02
N LYS D 1264 -8.20 60.81 -117.16
CA LYS D 1264 -8.29 59.37 -117.29
C LYS D 1264 -9.53 58.79 -116.63
N VAL D 1265 -10.22 59.56 -115.78
CA VAL D 1265 -11.41 59.06 -115.12
C VAL D 1265 -12.57 59.01 -116.10
N ARG D 1266 -13.54 58.14 -115.83
CA ARG D 1266 -14.69 57.98 -116.69
C ARG D 1266 -15.75 59.02 -116.38
N ALA D 1267 -16.33 59.60 -117.42
CA ALA D 1267 -17.37 60.61 -117.27
C ALA D 1267 -18.18 60.68 -118.56
N VAL D 1268 -19.47 60.96 -118.42
CA VAL D 1268 -20.37 61.06 -119.56
C VAL D 1268 -21.55 61.92 -119.16
N THR D 1269 -21.99 62.76 -120.08
CA THR D 1269 -23.14 63.65 -119.89
C THR D 1269 -24.31 63.13 -120.70
N VAL D 1270 -25.42 62.86 -120.04
CA VAL D 1270 -26.62 62.36 -120.69
C VAL D 1270 -27.60 63.52 -120.83
N THR D 1271 -27.74 64.05 -122.03
CA THR D 1271 -28.62 65.17 -122.33
C THR D 1271 -29.83 64.62 -123.08
N MET D 1272 -30.87 64.23 -122.33
CA MET D 1272 -32.07 63.69 -122.93
C MET D 1272 -32.95 64.80 -123.47
N GLY D 1273 -33.63 64.50 -124.59
CA GLY D 1273 -34.52 65.44 -125.23
C GLY D 1273 -35.97 65.26 -124.80
N ASP D 1274 -36.83 66.06 -125.41
CA ASP D 1274 -38.27 66.04 -125.14
C ASP D 1274 -38.57 66.26 -123.65
N ASN D 1275 -38.33 70.85 -126.66
CA ASN D 1275 -38.17 70.43 -125.27
C ASN D 1275 -36.92 69.59 -125.09
N ILE D 1276 -36.22 69.79 -123.97
CA ILE D 1276 -35.01 69.06 -123.65
C ILE D 1276 -34.85 69.01 -122.14
N HIS D 1277 -34.00 68.10 -121.68
CA HIS D 1277 -33.70 67.92 -120.26
C HIS D 1277 -32.21 68.14 -120.03
N SER D 1278 -31.90 68.80 -118.91
CA SER D 1278 -30.52 69.12 -118.56
C SER D 1278 -30.05 68.19 -117.44
N SER D 1279 -28.90 67.54 -117.66
CA SER D 1279 -28.35 66.62 -116.68
C SER D 1279 -26.83 66.66 -116.77
N LEU D 1280 -26.17 66.79 -115.62
CA LEU D 1280 -24.72 66.90 -115.57
C LEU D 1280 -24.09 65.51 -115.73
N LYS D 1281 -22.77 65.44 -115.58
CA LYS D 1281 -22.07 64.17 -115.73
C LYS D 1281 -22.08 63.40 -114.42
N CYS D 1282 -22.05 62.08 -114.53
CA CYS D 1282 -21.98 61.17 -113.39
C CYS D 1282 -20.56 60.60 -113.33
N SER D 1283 -19.69 61.26 -112.57
CA SER D 1283 -18.30 60.85 -112.48
C SER D 1283 -18.17 59.66 -111.54
N ASN D 1284 -17.54 58.60 -112.02
CA ASN D 1284 -17.31 57.41 -111.19
C ASN D 1284 -16.24 57.64 -110.13
N CYS D 1285 -15.47 58.72 -110.23
CA CYS D 1285 -14.44 59.03 -109.25
C CYS D 1285 -14.19 60.52 -109.26
N TYR D 1286 -14.17 61.13 -108.08
CA TYR D 1286 -13.94 62.55 -107.91
C TYR D 1286 -12.58 62.79 -107.28
N MET D 1287 -11.94 63.88 -107.67
CA MET D 1287 -10.62 64.24 -107.15
C MET D 1287 -10.38 65.71 -107.41
N VAL D 1288 -9.37 66.25 -106.72
CA VAL D 1288 -8.98 67.65 -106.87
C VAL D 1288 -7.48 67.71 -107.13
N TRP D 1289 -7.07 68.71 -107.91
CA TRP D 1289 -5.67 68.88 -108.27
C TRP D 1289 -4.96 69.58 -107.12
N GLY D 1290 -4.23 68.82 -106.31
CA GLY D 1290 -3.52 69.37 -105.17
C GLY D 1290 -2.23 70.09 -105.51
N GLY D 1291 -1.79 70.04 -106.77
CA GLY D 1291 -0.56 70.72 -107.15
C GLY D 1291 -0.68 72.23 -107.06
N ASP D 1292 -1.72 72.79 -107.68
CA ASP D 1292 -1.96 74.23 -107.66
C ASP D 1292 -2.98 74.64 -106.61
N PHE D 1293 -3.34 73.75 -105.69
CA PHE D 1293 -4.31 74.09 -104.66
C PHE D 1293 -3.74 75.06 -103.64
N VAL D 1294 -2.44 74.96 -103.35
CA VAL D 1294 -1.80 75.84 -102.39
C VAL D 1294 -1.46 77.18 -103.04
N SER D 1295 10.91 74.86 -101.84
CA SER D 1295 9.72 75.24 -101.09
C SER D 1295 8.88 74.01 -100.74
N HIS D 1296 9.00 73.55 -99.50
CA HIS D 1296 8.26 72.39 -99.02
C HIS D 1296 7.49 72.79 -97.77
N THR D 1297 6.17 72.57 -97.79
CA THR D 1297 5.33 72.91 -96.65
C THR D 1297 4.07 72.07 -96.71
N ASP D 1298 3.48 71.83 -95.54
CA ASP D 1298 2.25 71.04 -95.46
C ASP D 1298 1.07 71.83 -95.99
N LEU D 1299 0.22 71.15 -96.76
CA LEU D 1299 -0.96 71.77 -97.35
C LEU D 1299 -2.18 70.92 -97.05
N VAL D 1300 -3.25 71.56 -96.57
CA VAL D 1300 -4.49 70.89 -96.25
C VAL D 1300 -5.60 71.49 -97.09
N ILE D 1301 -6.60 70.66 -97.41
CA ILE D 1301 -7.74 71.07 -98.21
C ILE D 1301 -9.02 70.66 -97.51
N GLY D 1302 -10.06 71.47 -97.68
CA GLY D 1302 -11.35 71.22 -97.08
C GLY D 1302 -12.36 70.67 -98.08
N CYS D 1303 -13.52 70.28 -97.55
CA CYS D 1303 -14.59 69.74 -98.37
C CYS D 1303 -15.92 69.98 -97.67
N LEU D 1304 -16.94 70.33 -98.46
CA LEU D 1304 -18.28 70.60 -97.94
C LEU D 1304 -19.27 69.78 -98.75
N VAL D 1305 -19.87 68.78 -98.10
CA VAL D 1305 -20.83 67.88 -98.73
C VAL D 1305 -22.15 68.01 -97.99
N ASP D 1306 -23.25 68.16 -98.73
CA ASP D 1306 -24.58 68.30 -98.17
C ASP D 1306 -25.42 67.08 -98.54
N LEU D 1307 -26.32 66.71 -97.63
CA LEU D 1307 -27.21 65.58 -97.82
C LEU D 1307 -28.59 65.98 -98.31
N ALA D 1308 -28.91 67.27 -98.30
CA ALA D 1308 -30.22 67.76 -98.77
C ALA D 1308 -30.13 68.16 -100.25
N THR D 1309 -29.79 67.18 -101.08
CA THR D 1309 -29.63 67.38 -102.52
C THR D 1309 -28.62 68.49 -102.82
N GLY D 1310 -27.55 68.54 -102.02
CA GLY D 1310 -26.53 69.55 -102.22
C GLY D 1310 -25.40 69.09 -103.13
N LEU D 1311 -24.61 70.06 -103.58
CA LEU D 1311 -23.48 69.80 -104.46
C LEU D 1311 -22.19 69.73 -103.65
N MET D 1312 -21.30 68.83 -104.06
CA MET D 1312 -20.02 68.67 -103.39
C MET D 1312 -19.08 69.81 -103.77
N THR D 1313 -18.74 70.65 -102.79
CA THR D 1313 -17.88 71.81 -103.01
C THR D 1313 -16.61 71.63 -102.18
N PHE D 1314 -15.48 71.46 -102.86
CA PHE D 1314 -14.20 71.34 -102.18
C PHE D 1314 -13.72 72.71 -101.72
N THR D 1315 -12.78 72.70 -100.77
CA THR D 1315 -12.22 73.91 -100.20
C THR D 1315 -10.71 73.79 -100.12
N ALA D 1316 -10.01 74.89 -100.34
CA ALA D 1316 -8.56 74.93 -100.27
C ALA D 1316 -8.13 75.33 -98.86
N ASN D 1317 -6.84 75.61 -98.69
CA ASN D 1317 -6.30 76.02 -97.39
C ASN D 1317 -6.73 77.45 -97.11
N GLY D 1318 -7.79 77.61 -96.32
CA GLY D 1318 -8.29 78.93 -96.00
C GLY D 1318 -8.89 79.67 -97.18
N LYS D 1319 -9.40 78.95 -98.17
CA LYS D 1319 -10.01 79.57 -99.35
C LYS D 1319 -10.94 78.56 -99.99
N GLU D 1320 -11.54 78.96 -101.10
CA GLU D 1320 -12.47 78.12 -101.84
C GLU D 1320 -11.78 77.56 -103.09
N SER D 1321 -12.01 76.28 -103.36
CA SER D 1321 -11.42 75.62 -104.51
C SER D 1321 -12.06 76.04 -105.83
N ASN D 1322 -13.23 76.66 -105.79
CA ASN D 1322 -13.95 77.13 -106.98
C ASN D 1322 -14.24 75.97 -107.94
N THR D 1323 -14.42 74.77 -107.40
CA THR D 1323 -14.72 73.59 -108.19
C THR D 1323 -15.80 72.77 -107.49
N PHE D 1324 -16.81 72.37 -108.25
CA PHE D 1324 -17.92 71.59 -107.70
C PHE D 1324 -18.51 70.74 -108.81
N PHE D 1325 -19.39 69.81 -108.41
CA PHE D 1325 -20.06 68.93 -109.35
C PHE D 1325 -21.48 68.66 -108.85
N GLN D 1326 -22.38 68.44 -109.79
CA GLN D 1326 -23.78 68.15 -109.48
C GLN D 1326 -23.93 66.65 -109.27
N VAL D 1327 -24.33 66.26 -108.06
CA VAL D 1327 -24.46 64.85 -107.71
C VAL D 1327 -25.85 64.37 -108.10
N GLU D 1328 -26.00 63.05 -108.19
CA GLU D 1328 -27.27 62.44 -108.50
C GLU D 1328 -28.18 62.47 -107.27
N PRO D 1329 -29.50 62.27 -107.47
CA PRO D 1329 -30.40 62.18 -106.30
C PRO D 1329 -29.96 61.10 -105.31
N ASN D 1330 -29.48 59.96 -105.79
CA ASN D 1330 -28.93 58.92 -104.94
C ASN D 1330 -27.41 59.00 -104.98
N THR D 1331 -26.78 59.04 -103.81
CA THR D 1331 -25.34 59.21 -103.69
C THR D 1331 -24.76 58.04 -102.92
N LYS D 1332 -23.86 57.29 -103.58
CA LYS D 1332 -23.12 56.19 -102.95
C LYS D 1332 -21.65 56.41 -103.29
N LEU D 1333 -20.97 57.19 -102.45
CA LEU D 1333 -19.57 57.54 -102.69
C LEU D 1333 -18.74 57.21 -101.46
N PHE D 1334 -17.46 56.95 -101.69
CA PHE D 1334 -16.51 56.65 -100.64
C PHE D 1334 -15.38 57.67 -100.65
N PRO D 1335 -14.98 58.21 -99.50
CA PRO D 1335 -13.87 59.17 -99.48
C PRO D 1335 -12.54 58.52 -99.79
N ALA D 1336 -11.95 58.86 -100.93
CA ALA D 1336 -10.69 58.29 -101.37
C ALA D 1336 -9.60 59.36 -101.43
N VAL D 1337 -8.37 58.92 -101.16
CA VAL D 1337 -7.20 59.80 -101.19
C VAL D 1337 -6.09 59.08 -101.95
N PHE D 1338 -5.45 59.78 -102.89
CA PHE D 1338 -4.35 59.24 -103.68
C PHE D 1338 -3.15 60.14 -103.50
N VAL D 1339 -2.03 59.56 -103.06
CA VAL D 1339 -0.81 60.31 -102.79
C VAL D 1339 0.39 59.44 -103.16
N LEU D 1340 1.50 60.10 -103.47
CA LEU D 1340 2.71 59.39 -103.85
C LEU D 1340 3.36 58.77 -102.62
N PRO D 1341 3.76 57.49 -102.68
CA PRO D 1341 4.38 56.84 -101.51
C PRO D 1341 5.88 57.06 -101.46
N THR D 1342 6.39 58.04 -102.21
CA THR D 1342 7.82 58.29 -102.25
C THR D 1342 8.35 58.64 -100.87
N HIS D 1343 7.69 59.54 -100.15
CA HIS D 1343 8.10 59.90 -98.81
C HIS D 1343 7.67 58.84 -97.81
N GLN D 1344 8.25 58.89 -96.61
CA GLN D 1344 7.91 57.94 -95.56
C GLN D 1344 6.47 58.10 -95.12
N ASN D 1345 6.02 59.34 -94.91
CA ASN D 1345 4.65 59.62 -94.52
C ASN D 1345 3.84 59.93 -95.78
N VAL D 1346 2.92 59.03 -96.13
CA VAL D 1346 2.15 59.20 -97.37
C VAL D 1346 1.05 60.22 -97.18
N ILE D 1347 0.12 59.95 -96.26
CA ILE D 1347 -1.02 60.84 -96.02
C ILE D 1347 -1.59 60.50 -94.65
N GLN D 1348 -2.32 61.46 -94.07
CA GLN D 1348 -2.97 61.27 -92.79
C GLN D 1348 -4.37 61.85 -92.86
N PHE D 1349 -5.36 61.08 -92.38
CA PHE D 1349 -6.74 61.50 -92.42
C PHE D 1349 -7.01 62.56 -91.36
N GLU D 1350 -8.25 63.04 -91.31
CA GLU D 1350 -8.66 64.04 -90.34
C GLU D 1350 -10.18 64.01 -90.23
N LEU D 1351 -10.68 63.87 -89.00
CA LEU D 1351 -12.12 63.81 -88.74
C LEU D 1351 -12.46 64.89 -87.71
N GLY D 1352 -12.87 66.05 -88.20
CA GLY D 1352 -13.22 67.15 -87.33
C GLY D 1352 -14.37 67.98 -87.84
N LYS D 1353 -14.64 69.11 -87.20
CA LYS D 1353 -15.72 70.00 -87.59
C LYS D 1353 -15.17 71.40 -87.79
N GLN D 1354 -15.90 72.18 -88.59
CA GLN D 1354 -15.55 73.57 -88.89
C GLN D 1354 -16.73 74.46 -88.59
N LYS D 1355 -16.51 75.49 -87.75
CA LYS D 1355 -17.56 76.43 -87.35
C LYS D 1355 -18.71 75.72 -86.65
N ASN D 1356 -18.41 74.64 -85.93
CA ASN D 1356 -19.38 73.90 -85.13
C ASN D 1356 -20.55 73.39 -85.99
N ILE D 1357 -20.20 72.53 -86.94
CA ILE D 1357 -21.20 71.89 -87.80
C ILE D 1357 -21.17 70.38 -87.57
N MET D 1358 -22.08 69.67 -88.21
CA MET D 1358 -22.14 68.22 -88.05
C MET D 1358 -20.99 67.56 -88.79
N PRO D 1359 -20.22 66.69 -88.13
CA PRO D 1359 -19.11 66.02 -88.82
C PRO D 1359 -19.60 64.86 -89.68
N LEU D 1360 -18.66 64.28 -90.42
CA LEU D 1360 -18.99 63.15 -91.30
C LEU D 1360 -19.25 61.88 -90.51
N SER D 1361 -18.72 61.77 -89.29
CA SER D 1361 -18.96 60.58 -88.48
C SER D 1361 -20.42 60.46 -88.06
N ALA D 1362 -21.13 61.60 -87.95
CA ALA D 1362 -22.54 61.55 -87.60
C ALA D 1362 -23.38 61.00 -88.74
N ALA D 1363 -23.01 61.33 -89.99
CA ALA D 1363 -23.72 60.82 -91.14
C ALA D 1363 -23.26 59.43 -91.58
N MET D 1364 -22.06 59.02 -91.15
CA MET D 1364 -21.57 57.69 -91.52
C MET D 1364 -22.40 56.61 -90.84
N PHE D 1365 -22.62 56.73 -89.54
CA PHE D 1365 -23.40 55.77 -88.77
C PHE D 1365 -24.83 56.26 -88.59
N LEU D 1366 -25.68 55.38 -88.05
CA LEU D 1366 -27.07 55.68 -87.81
C LEU D 1366 -27.46 55.62 -86.35
N SER D 1367 -26.53 55.30 -85.46
CA SER D 1367 -26.86 55.22 -84.04
C SER D 1367 -27.04 56.61 -83.44
N GLU D 1368 -26.05 57.49 -83.65
CA GLU D 1368 -26.08 58.85 -83.13
C GLU D 1368 -25.88 59.81 -84.30
N ARG D 1369 -26.99 60.22 -84.93
CA ARG D 1369 -26.94 61.13 -86.05
C ARG D 1369 -26.94 62.59 -85.62
N LYS D 1370 -27.78 62.95 -84.64
CA LYS D 1370 -27.83 64.31 -84.14
C LYS D 1370 -26.68 64.66 -83.21
N ASN D 1371 -25.91 63.68 -82.77
CA ASN D 1371 -24.80 63.94 -81.85
C ASN D 1371 -23.66 64.63 -82.60
N PRO D 1372 -23.22 65.81 -82.18
CA PRO D 1372 -22.12 66.49 -82.85
C PRO D 1372 -20.72 66.02 -82.45
N ALA D 1373 -20.62 64.88 -81.78
CA ALA D 1373 -19.31 64.40 -81.35
C ALA D 1373 -18.52 63.92 -82.56
N PRO D 1374 -17.27 64.36 -82.73
CA PRO D 1374 -16.46 63.94 -83.87
C PRO D 1374 -15.78 62.59 -83.71
N GLN D 1375 -16.19 61.79 -82.73
CA GLN D 1375 -15.57 60.49 -82.52
C GLN D 1375 -15.88 59.55 -83.68
N CYS D 1376 -14.91 58.67 -83.98
CA CYS D 1376 -15.06 57.74 -85.08
C CYS D 1376 -15.20 56.32 -84.56
N PRO D 1377 -16.06 55.50 -85.17
CA PRO D 1377 -16.22 54.11 -84.73
C PRO D 1377 -15.04 53.26 -85.16
N PRO D 1378 -14.78 52.15 -84.48
CA PRO D 1378 -13.67 51.27 -84.87
C PRO D 1378 -13.88 50.58 -86.22
N ARG D 1379 -15.07 50.67 -86.81
CA ARG D 1379 -15.31 50.04 -88.11
C ARG D 1379 -14.54 50.71 -89.23
N LEU D 1380 -14.18 51.99 -89.09
CA LEU D 1380 -13.42 52.69 -90.11
C LEU D 1380 -12.03 52.10 -90.22
N GLU D 1381 -11.70 51.56 -91.40
CA GLU D 1381 -10.39 50.96 -91.67
C GLU D 1381 -9.94 51.35 -93.06
N MET D 1382 -8.66 51.71 -93.16
CA MET D 1382 -8.09 52.10 -94.46
C MET D 1382 -7.98 50.86 -95.35
N GLN D 1383 -8.60 50.93 -96.52
CA GLN D 1383 -8.59 49.85 -97.49
C GLN D 1383 -7.55 50.11 -98.58
N MET D 1384 -7.16 49.03 -99.26
CA MET D 1384 -6.18 49.10 -100.35
C MET D 1384 -6.71 48.30 -101.53
N LEU D 1385 -6.63 48.88 -102.71
CA LEU D 1385 -7.09 48.20 -103.92
C LEU D 1385 -6.13 47.07 -104.29
N MET D 1386 -6.69 45.88 -104.51
CA MET D 1386 -5.89 44.73 -104.88
C MET D 1386 -5.94 44.54 -106.40
N PRO D 1387 -4.80 44.28 -107.05
CA PRO D 1387 -4.83 44.09 -108.51
C PRO D 1387 -5.62 42.87 -108.93
N VAL D 1388 -5.34 41.72 -108.35
CA VAL D 1388 -6.02 40.47 -108.70
C VAL D 1388 -6.60 39.86 -107.43
N SER D 1389 -7.75 39.20 -107.59
CA SER D 1389 -8.43 38.56 -106.47
C SER D 1389 -8.86 37.14 -106.83
N TRP D 1390 -9.65 36.52 -105.95
CA TRP D 1390 -10.13 35.17 -106.16
C TRP D 1390 -11.61 35.17 -106.50
N SER D 1391 -12.01 34.23 -107.36
CA SER D 1391 -13.39 34.10 -107.76
C SER D 1391 -13.67 32.66 -108.15
N ARG D 1392 -14.88 32.20 -107.85
CA ARG D 1392 -15.28 30.83 -108.16
C ARG D 1392 -15.93 30.75 -109.53
N MET D 1393 -15.93 29.55 -110.09
CA MET D 1393 -16.51 29.29 -111.41
C MET D 1393 -17.74 28.40 -111.26
N PRO D 1394 -18.91 28.84 -111.74
CA PRO D 1394 -20.09 27.98 -111.63
C PRO D 1394 -19.96 26.72 -112.45
N ASN D 1395 -20.71 25.69 -112.04
CA ASN D 1395 -20.67 24.41 -112.72
C ASN D 1395 -21.56 24.35 -113.95
N HIS D 1396 -22.35 25.39 -114.20
CA HIS D 1396 -23.25 25.42 -115.36
C HIS D 1396 -23.18 26.80 -116.00
N PHE D 1397 -23.04 26.82 -117.33
CA PHE D 1397 -22.98 28.06 -118.09
C PHE D 1397 -24.10 28.09 -119.11
N LEU D 1398 -24.40 29.30 -119.59
CA LEU D 1398 -25.45 29.47 -120.59
C LEU D 1398 -24.98 28.97 -121.95
N ARG D 1399 -25.95 28.60 -122.79
CA ARG D 1399 -25.68 28.07 -124.11
C ARG D 1399 -25.79 29.18 -125.15
N VAL D 1400 -24.84 29.18 -126.09
CA VAL D 1400 -24.79 30.16 -127.16
C VAL D 1400 -24.84 29.41 -128.48
N GLU D 1401 -25.83 29.76 -129.31
CA GLU D 1401 -26.01 29.12 -130.61
C GLU D 1401 -25.42 30.02 -131.70
N THR D 1402 -24.61 29.43 -132.57
CA THR D 1402 -23.98 30.13 -133.68
C THR D 1402 -24.41 29.49 -134.99
N ARG D 1403 -25.10 30.24 -135.83
CA ARG D 1403 -25.57 29.73 -137.11
C ARG D 1403 -25.83 30.90 -138.04
N ARG D 1404 -25.91 30.59 -139.33
CA ARG D 1404 -26.18 31.58 -140.37
C ARG D 1404 -27.35 31.08 -141.21
N ALA D 1405 -28.39 31.89 -141.32
CA ALA D 1405 -29.59 31.52 -142.07
C ALA D 1405 -29.50 32.04 -143.52
N GLY D 1406 -28.47 31.56 -144.21
CA GLY D 1406 -28.29 31.94 -145.60
C GLY D 1406 -27.91 33.39 -145.72
N GLU D 1407 -28.57 34.11 -146.63
CA GLU D 1407 -28.32 35.51 -146.87
C GLU D 1407 -29.44 36.41 -146.35
N ARG D 1408 -30.36 35.87 -145.55
CA ARG D 1408 -31.45 36.64 -144.97
C ARG D 1408 -31.18 37.08 -143.54
N LEU D 1409 -30.54 36.24 -142.74
CA LEU D 1409 -30.18 36.56 -141.37
C LEU D 1409 -28.68 36.39 -141.20
N GLY D 1410 -28.02 37.43 -140.67
CA GLY D 1410 -26.59 37.40 -140.48
C GLY D 1410 -26.13 36.32 -139.51
N TRP D 1411 -26.61 36.38 -138.28
CA TRP D 1411 -26.25 35.40 -137.26
C TRP D 1411 -27.48 35.05 -136.45
N ALA D 1412 -27.67 33.75 -136.20
CA ALA D 1412 -28.80 33.24 -135.43
C ALA D 1412 -28.30 32.83 -134.05
N VAL D 1413 -28.67 33.62 -133.04
CA VAL D 1413 -28.26 33.33 -131.68
C VAL D 1413 -29.30 32.48 -130.96
N PRO D 1414 -33.35 27.72 -118.86
CA PRO D 1414 -33.19 28.71 -117.78
C PRO D 1414 -32.21 28.26 -116.71
N LEU D 1415 -31.44 29.20 -116.17
CA LEU D 1415 -30.47 28.90 -115.13
C LEU D 1415 -30.53 29.99 -114.06
N THR D 1416 -30.62 29.57 -112.80
CA THR D 1416 -30.67 30.50 -111.68
C THR D 1416 -29.79 29.97 -110.55
N MET D 1417 -29.37 30.89 -109.69
CA MET D 1417 -28.51 30.53 -108.56
C MET D 1417 -28.72 31.54 -107.44
N MET D 1418 -28.42 31.11 -106.22
CA MET D 1418 -28.55 31.96 -105.05
C MET D 1418 -27.25 32.72 -104.82
N ALA D 1419 -27.38 33.99 -104.41
CA ALA D 1419 -26.22 34.83 -104.18
C ALA D 1419 -26.53 35.81 -103.06
N LEU D 1420 -25.53 36.09 -102.22
CA LEU D 1420 -25.68 37.02 -101.13
C LEU D 1420 -25.57 38.46 -101.64
N HIS D 1421 -25.62 39.41 -100.71
CA HIS D 1421 -25.52 40.82 -101.07
C HIS D 1421 -25.07 41.62 -99.85
N ILE D 1422 -24.10 42.49 -100.05
CA ILE D 1422 -23.58 43.37 -99.00
C ILE D 1422 -24.05 44.79 -99.31
N PRO D 1423 -24.70 45.48 -98.37
CA PRO D 1423 -25.21 46.83 -98.69
C PRO D 1423 -24.11 47.88 -98.81
N GLU D 1424 -23.09 47.82 -97.96
CA GLU D 1424 -22.06 48.85 -97.98
C GLU D 1424 -21.09 48.66 -99.15
N GLU D 1425 -20.99 47.45 -99.70
CA GLU D 1425 -20.09 47.18 -100.80
C GLU D 1425 -20.79 46.99 -102.14
N ASN D 1426 -22.10 46.72 -102.12
CA ASN D 1426 -22.90 46.52 -103.33
C ASN D 1426 -22.38 45.37 -104.19
N ARG D 1427 -21.70 44.41 -103.59
CA ARG D 1427 -21.16 43.25 -104.29
C ARG D 1427 -22.02 42.04 -103.98
N CYS D 1428 -22.40 41.30 -105.02
CA CYS D 1428 -23.23 40.11 -104.90
C CYS D 1428 -22.37 38.88 -105.16
N MET D 1429 -21.75 38.37 -104.10
CA MET D 1429 -20.92 37.19 -104.23
C MET D 1429 -21.76 35.93 -104.36
N ASP D 1430 -21.19 34.91 -105.00
CA ASP D 1430 -21.88 33.65 -105.20
C ASP D 1430 -22.03 32.93 -103.87
N ILE D 1431 -23.26 32.82 -103.38
CA ILE D 1431 -23.50 32.18 -102.09
C ILE D 1431 -23.32 30.66 -102.17
N LEU D 1432 -23.43 30.08 -103.36
CA LEU D 1432 -23.25 28.64 -103.48
C LEU D 1432 -21.81 28.23 -103.21
N GLU D 1433 -20.85 29.06 -103.62
CA GLU D 1433 -19.43 28.79 -103.41
C GLU D 1433 -18.93 29.79 -102.37
N LEU D 1434 -18.94 29.37 -101.10
CA LEU D 1434 -18.48 30.23 -100.01
C LEU D 1434 -17.61 29.47 -99.01
N SER D 1435 -17.08 28.31 -99.39
CA SER D 1435 -16.24 27.54 -98.49
C SER D 1435 -14.90 28.20 -98.23
N GLU D 1436 -14.43 29.04 -99.16
CA GLU D 1436 -13.14 29.71 -98.97
C GLU D 1436 -13.24 30.81 -97.91
N ARG D 1437 -14.27 31.64 -98.01
CA ARG D 1437 -14.47 32.73 -97.05
C ARG D 1437 -15.05 32.16 -95.77
N LEU D 1438 -14.17 31.85 -94.81
CA LEU D 1438 -14.62 31.28 -93.55
C LEU D 1438 -15.14 32.34 -92.58
N ASP D 1439 -14.83 33.61 -92.80
CA ASP D 1439 -15.32 34.66 -91.91
C ASP D 1439 -16.83 34.87 -92.09
N LEU D 1440 -17.30 34.92 -93.34
CA LEU D 1440 -18.72 35.13 -93.61
C LEU D 1440 -19.54 33.86 -93.43
N GLN D 1441 -18.90 32.68 -93.36
CA GLN D 1441 -19.65 31.44 -93.19
C GLN D 1441 -20.23 31.34 -91.79
N GLN D 1442 -19.42 31.63 -90.77
CA GLN D 1442 -19.92 31.58 -89.39
C GLN D 1442 -20.96 32.66 -89.16
N PHE D 1443 -20.76 33.85 -89.73
CA PHE D 1443 -21.74 34.91 -89.58
C PHE D 1443 -23.07 34.54 -90.25
N HIS D 1444 -23.00 33.91 -91.42
CA HIS D 1444 -24.23 33.47 -92.09
C HIS D 1444 -24.92 32.38 -91.30
N SER D 1445 -24.15 31.45 -90.73
CA SER D 1445 -24.74 30.40 -89.91
C SER D 1445 -25.42 30.98 -88.68
N HIS D 1446 -24.80 31.97 -88.05
CA HIS D 1446 -25.40 32.60 -86.89
C HIS D 1446 -26.65 33.39 -87.27
N THR D 1447 -26.63 34.03 -88.44
CA THR D 1447 -27.82 34.73 -88.92
C THR D 1447 -28.97 33.76 -89.16
N LEU D 1448 -28.67 32.60 -89.78
CA LEU D 1448 -29.70 31.59 -89.98
C LEU D 1448 -30.22 31.06 -88.66
N ARG D 1449 -29.33 30.84 -87.69
CA ARG D 1449 -29.78 30.37 -86.38
C ARG D 1449 -30.68 31.39 -85.70
N LEU D 1450 -30.33 32.68 -85.80
CA LEU D 1450 -31.17 33.72 -85.22
C LEU D 1450 -32.52 33.80 -85.92
N TYR D 1451 -32.55 33.66 -87.24
CA TYR D 1451 -33.81 33.67 -87.97
C TYR D 1451 -34.66 32.46 -87.61
N ARG D 1452 -34.04 31.32 -87.30
CA ARG D 1452 -34.80 30.15 -86.90
C ARG D 1452 -35.33 30.30 -85.48
N ALA D 1453 -34.55 30.90 -84.59
CA ALA D 1453 -34.95 31.04 -83.20
C ALA D 1453 -35.95 32.17 -82.98
N VAL D 1454 -35.97 33.19 -83.84
CA VAL D 1454 -36.89 34.30 -83.65
C VAL D 1454 -38.32 33.90 -83.95
N CYS D 1455 -38.53 32.85 -84.74
CA CYS D 1455 -39.86 32.36 -85.10
C CYS D 1455 -39.97 30.91 -84.63
N ALA D 1456 -40.40 30.74 -83.38
CA ALA D 1456 -40.55 29.42 -82.80
C ALA D 1456 -41.49 29.50 -81.60
N LEU D 1457 -41.84 28.33 -81.08
CA LEU D 1457 -42.69 28.21 -79.89
C LEU D 1457 -44.04 28.88 -80.10
N GLY D 1458 -44.58 28.77 -81.31
CA GLY D 1458 -45.91 29.27 -81.60
C GLY D 1458 -45.98 30.78 -81.73
N ASN D 1459 -45.06 31.37 -82.51
CA ASN D 1459 -45.05 32.79 -82.80
C ASN D 1459 -45.20 32.96 -84.30
N ASN D 1460 -46.43 33.13 -84.77
CA ASN D 1460 -46.72 33.22 -86.18
C ASN D 1460 -46.76 34.65 -86.71
N ARG D 1461 -46.75 35.65 -85.82
CA ARG D 1461 -46.73 37.03 -86.28
C ARG D 1461 -45.39 37.37 -86.94
N VAL D 1462 -44.28 36.95 -86.32
CA VAL D 1462 -42.96 37.13 -86.92
C VAL D 1462 -42.71 36.14 -88.04
N ALA D 1463 -43.51 35.08 -88.16
CA ALA D 1463 -43.32 34.10 -89.21
C ALA D 1463 -43.51 34.71 -90.58
N HIS D 1464 -44.57 35.52 -90.76
CA HIS D 1464 -44.80 36.16 -92.05
C HIS D 1464 -43.72 37.17 -92.38
N ALA D 1465 -43.24 37.90 -91.36
CA ALA D 1465 -42.16 38.86 -91.60
C ALA D 1465 -40.88 38.16 -92.00
N LEU D 1466 -40.61 36.98 -91.42
CA LEU D 1466 -39.42 36.23 -91.80
C LEU D 1466 -39.57 35.60 -93.18
N CYS D 1467 -40.79 35.17 -93.53
CA CYS D 1467 -41.02 34.57 -94.83
C CYS D 1467 -41.01 35.62 -95.95
N SER D 1468 -41.30 36.87 -95.62
CA SER D 1468 -41.24 37.94 -96.62
C SER D 1468 -39.83 38.10 -97.16
N HIS D 1469 -38.81 37.86 -96.34
CA HIS D 1469 -37.43 37.96 -96.80
C HIS D 1469 -37.03 36.74 -97.61
N VAL D 1470 -37.10 35.56 -97.01
CA VAL D 1470 -36.74 34.31 -97.68
C VAL D 1470 -38.00 33.71 -98.28
N ASP D 1471 -38.12 33.78 -99.61
CA ASP D 1471 -39.29 33.25 -100.29
C ASP D 1471 -39.32 31.73 -100.20
N GLN D 1472 -40.50 31.16 -100.45
CA GLN D 1472 -40.66 29.71 -100.40
C GLN D 1472 -39.92 29.00 -101.53
N ALA D 1473 -39.66 29.69 -102.64
CA ALA D 1473 -38.93 29.08 -103.73
C ALA D 1473 -37.44 29.00 -103.45
N GLN D 1474 -36.89 29.96 -102.69
CA GLN D 1474 -35.48 29.92 -102.34
C GLN D 1474 -35.16 28.71 -101.47
N LEU D 1475 -36.09 28.33 -100.58
CA LEU D 1475 -35.88 27.15 -99.76
C LEU D 1475 -35.79 25.89 -100.62
N LEU D 1476 -36.68 25.75 -101.59
CA LEU D 1476 -36.64 24.58 -102.47
C LEU D 1476 -35.38 24.60 -103.35
N HIS D 1477 -34.97 25.79 -103.80
CA HIS D 1477 -33.75 25.89 -104.60
C HIS D 1477 -32.53 25.50 -103.79
N ALA D 1478 -32.48 25.89 -102.51
CA ALA D 1478 -31.36 25.49 -101.66
C ALA D 1478 -31.42 24.01 -101.32
N LEU D 1479 -32.62 23.45 -101.17
CA LEU D 1479 -32.74 22.02 -100.89
C LEU D 1479 -32.32 21.18 -102.09
N GLU D 1480 -32.60 21.66 -103.30
CA GLU D 1480 -32.22 20.94 -104.52
C GLU D 1480 -30.73 21.04 -104.83
N ASP D 1481 -30.02 21.95 -104.17
CA ASP D 1481 -28.59 22.09 -104.43
C ASP D 1481 -27.80 20.92 -103.85
N ALA D 1482 -26.72 20.56 -104.55
CA ALA D 1482 -25.86 19.47 -104.13
C ALA D 1482 -24.51 19.90 -103.61
N HIS D 1483 -24.10 21.15 -103.87
CA HIS D 1483 -22.82 21.67 -103.40
C HIS D 1483 -22.97 22.65 -102.25
N LEU D 1484 -24.15 22.72 -101.64
CA LEU D 1484 -24.35 23.59 -100.50
C LEU D 1484 -23.55 23.07 -99.31
N PRO D 1485 -22.85 23.95 -98.58
CA PRO D 1485 -22.12 23.50 -97.39
C PRO D 1485 -23.05 22.94 -96.32
N GLY D 1486 -22.45 22.25 -95.36
CA GLY D 1486 -23.19 21.59 -94.31
C GLY D 1486 -23.99 22.53 -93.42
N PRO D 1487 -23.30 23.47 -92.76
CA PRO D 1487 -24.01 24.42 -91.89
C PRO D 1487 -25.09 25.22 -92.60
N LEU D 1488 -24.83 25.64 -93.84
CA LEU D 1488 -25.83 26.42 -94.58
C LEU D 1488 -27.07 25.57 -94.86
N ARG D 1489 -26.88 24.32 -95.29
CA ARG D 1489 -28.01 23.44 -95.55
C ARG D 1489 -28.78 23.15 -94.28
N ALA D 1490 -28.07 22.94 -93.17
CA ALA D 1490 -28.75 22.69 -91.89
C ALA D 1490 -29.57 23.90 -91.46
N GLY D 1491 -29.00 25.10 -91.60
CA GLY D 1491 -29.75 26.31 -91.27
C GLY D 1491 -30.97 26.50 -92.15
N TYR D 1492 -30.82 26.22 -93.45
CA TYR D 1492 -31.97 26.34 -94.35
C TYR D 1492 -33.07 25.34 -93.99
N TYR D 1493 -32.69 24.11 -93.64
CA TYR D 1493 -33.68 23.12 -93.23
C TYR D 1493 -34.36 23.54 -91.93
N ASP D 1494 -33.60 24.11 -91.00
CA ASP D 1494 -34.18 24.59 -89.75
C ASP D 1494 -35.16 25.72 -90.00
N LEU D 1495 -34.81 26.64 -90.90
CA LEU D 1495 -35.73 27.72 -91.25
C LEU D 1495 -36.99 27.18 -91.92
N LEU D 1496 -36.84 26.19 -92.80
CA LEU D 1496 -38.01 25.57 -93.42
C LEU D 1496 -38.93 24.97 -92.36
N ILE D 1497 -38.35 24.22 -91.43
CA ILE D 1497 -39.15 23.59 -90.38
C ILE D 1497 -39.84 24.64 -89.51
N SER D 1498 -39.12 25.72 -89.18
CA SER D 1498 -39.68 26.75 -88.31
C SER D 1498 -40.67 27.66 -89.02
N ILE D 1499 -40.68 27.67 -90.36
CA ILE D 1499 -41.57 28.57 -91.09
C ILE D 1499 -42.81 27.82 -91.56
N HIS D 1500 -42.70 26.50 -91.73
CA HIS D 1500 -43.80 25.73 -92.30
C HIS D 1500 -44.38 24.68 -91.37
N LEU D 1501 -43.61 24.16 -90.43
CA LEU D 1501 -44.09 23.12 -89.52
C LEU D 1501 -43.65 23.40 -88.10
N GLU D 1502 -43.72 24.66 -87.69
CA GLU D 1502 -43.35 25.02 -86.32
C GLU D 1502 -44.50 24.80 -85.34
N SER D 1503 -45.62 25.48 -85.57
CA SER D 1503 -46.75 25.37 -84.65
C SER D 1503 -47.62 24.16 -84.97
N ALA D 1504 -47.72 23.78 -86.25
CA ALA D 1504 -48.52 22.61 -86.61
C ALA D 1504 -47.95 21.33 -85.99
N CYS D 1505 -46.62 21.21 -85.95
CA CYS D 1505 -46.01 20.03 -85.37
C CYS D 1505 -46.36 19.91 -83.89
N ARG D 1506 -46.27 21.01 -83.15
CA ARG D 1506 -46.60 20.97 -81.73
C ARG D 1506 -48.09 20.72 -81.52
N SER D 1507 -48.94 21.36 -82.33
CA SER D 1507 -50.38 21.18 -82.17
C SER D 1507 -50.81 19.75 -82.49
N ARG D 1508 -50.08 19.07 -83.39
CA ARG D 1508 -50.42 17.69 -83.71
C ARG D 1508 -49.80 16.71 -82.71
N ARG D 1509 -48.62 17.04 -82.17
CA ARG D 1509 -47.98 16.16 -81.20
C ARG D 1509 -48.59 16.29 -79.81
N SER D 1510 -49.31 17.37 -79.54
CA SER D 1510 -49.96 17.51 -78.23
C SER D 1510 -51.19 16.64 -78.09
N MET D 1511 -51.69 16.06 -79.20
CA MET D 1511 -52.90 15.25 -79.18
C MET D 1511 -52.66 13.81 -79.60
N LEU D 1512 -51.40 13.39 -79.75
CA LEU D 1512 -51.15 12.00 -80.13
C LEU D 1512 -51.48 11.03 -79.01
N SER D 1513 -51.44 11.50 -77.75
CA SER D 1513 -51.74 10.63 -76.63
C SER D 1513 -53.21 10.23 -76.57
N GLU D 1514 -54.08 10.98 -77.24
CA GLU D 1514 -55.50 10.65 -77.25
C GLU D 1514 -55.80 9.56 -78.28
N TYR D 1515 -56.76 8.71 -77.93
CA TYR D 1515 -57.19 7.60 -78.78
C TYR D 1515 -58.71 7.58 -78.89
N ILE D 1516 -59.29 8.75 -79.15
CA ILE D 1516 -60.74 8.87 -79.26
C ILE D 1516 -61.22 8.15 -80.51
N VAL D 1517 -62.18 7.26 -80.34
CA VAL D 1517 -62.77 6.49 -81.44
C VAL D 1517 -64.19 6.99 -81.65
N PRO D 1518 -64.52 7.53 -82.82
CA PRO D 1518 -65.88 8.06 -83.06
C PRO D 1518 -66.92 6.99 -83.37
N LEU D 1519 -66.55 5.71 -83.31
CA LEU D 1519 -67.47 4.61 -83.61
C LEU D 1519 -68.05 4.74 -85.03
N THR D 1520 -67.20 5.14 -85.96
CA THR D 1520 -67.64 5.30 -87.34
C THR D 1520 -67.86 3.93 -87.98
N PRO D 1521 -68.97 3.74 -88.72
CA PRO D 1521 -69.18 2.46 -89.41
C PRO D 1521 -68.06 2.10 -90.37
N GLU D 1522 -67.32 3.09 -90.88
CA GLU D 1522 -66.18 2.80 -91.73
C GLU D 1522 -65.02 2.20 -90.95
N THR D 1523 -64.95 2.45 -89.64
CA THR D 1523 -63.89 1.87 -88.82
C THR D 1523 -64.11 0.39 -88.55
N ARG D 1524 -65.35 -0.09 -88.68
CA ARG D 1524 -65.63 -1.50 -88.43
C ARG D 1524 -65.04 -2.40 -89.51
N ALA D 1525 -64.73 -1.86 -90.69
CA ALA D 1525 -64.14 -2.66 -91.75
C ALA D 1525 -62.69 -3.05 -91.45
N ILE D 1526 -62.00 -2.29 -90.60
CA ILE D 1526 -60.63 -2.61 -90.26
C ILE D 1526 -60.59 -3.82 -89.33
N THR D 1527 -59.53 -4.60 -89.44
CA THR D 1527 -59.36 -5.80 -88.63
C THR D 1527 -57.90 -5.86 -88.17
N LEU D 1528 -57.54 -6.97 -87.52
CA LEU D 1528 -56.18 -7.16 -87.02
C LEU D 1528 -55.28 -7.83 -88.07
N PHE D 1529 -55.75 -8.92 -88.66
CA PHE D 1529 -54.98 -9.64 -89.67
C PHE D 1529 -55.53 -9.35 -91.06
N PRO D 1530 -54.69 -8.98 -92.03
CA PRO D 1530 -55.20 -8.71 -93.37
C PRO D 1530 -55.58 -10.00 -94.07
N PRO D 1531 -56.62 -9.98 -94.91
CA PRO D 1531 -57.06 -11.17 -95.64
C PRO D 1531 -56.09 -11.60 -96.73
N ARG D 1532 -47.93 -13.86 -90.70
CA ARG D 1532 -47.57 -12.62 -91.37
C ARG D 1532 -48.26 -11.42 -90.73
N HIS D 1533 -47.67 -10.24 -90.89
CA HIS D 1533 -48.22 -9.01 -90.33
C HIS D 1533 -48.31 -7.96 -91.43
N GLY D 1534 -49.24 -7.03 -91.27
CA GLY D 1534 -49.43 -5.97 -92.23
C GLY D 1534 -48.35 -4.90 -92.13
N LEU D 1535 -48.27 -4.09 -93.19
CA LEU D 1535 -47.29 -3.02 -93.21
C LEU D 1535 -47.68 -1.92 -92.23
N PRO D 1536 -46.70 -1.20 -91.67
CA PRO D 1536 -47.02 -0.11 -90.73
C PRO D 1536 -47.43 1.15 -91.47
N GLY D 1537 -48.57 1.71 -91.09
CA GLY D 1537 -49.00 2.98 -91.63
C GLY D 1537 -49.75 2.91 -92.94
N VAL D 1538 -50.25 1.73 -93.32
CA VAL D 1538 -51.02 1.60 -94.56
C VAL D 1538 -52.52 1.46 -94.31
N GLY D 1539 -52.93 1.12 -93.08
CA GLY D 1539 -54.33 0.97 -92.79
C GLY D 1539 -55.04 2.30 -92.63
N VAL D 1540 -56.37 2.23 -92.61
CA VAL D 1540 -57.18 3.43 -92.48
C VAL D 1540 -57.06 3.98 -91.06
N THR D 1541 -57.25 5.29 -90.92
CA THR D 1541 -57.16 5.95 -89.64
C THR D 1541 -58.55 6.20 -89.07
N THR D 1542 -58.64 6.17 -87.74
CA THR D 1542 -59.91 6.38 -87.05
C THR D 1542 -59.89 7.51 -86.05
N SER D 1543 -58.72 7.83 -85.47
CA SER D 1543 -58.65 8.88 -84.48
C SER D 1543 -58.89 10.24 -85.11
N LEU D 1544 -59.58 11.12 -84.37
CA LEU D 1544 -59.86 12.46 -84.86
C LEU D 1544 -58.59 13.31 -84.89
N ARG D 1545 -58.54 14.24 -85.84
CA ARG D 1545 -57.40 15.12 -86.00
C ARG D 1545 -57.91 16.49 -86.41
N PRO D 1546 -57.44 17.56 -85.77
CA PRO D 1546 -57.90 18.91 -86.12
C PRO D 1546 -57.27 19.36 -87.43
N PRO D 1547 -57.97 20.22 -88.18
CA PRO D 1547 -57.40 20.70 -89.44
C PRO D 1547 -56.23 21.66 -89.21
N HIS D 1548 -55.41 21.80 -90.24
CA HIS D 1548 -54.22 22.65 -90.14
C HIS D 1548 -54.57 24.13 -90.21
N HIS D 1549 -55.52 24.49 -91.07
CA HIS D 1549 -55.97 25.87 -91.24
C HIS D 1549 -54.82 26.80 -91.60
N PHE D 1550 -54.23 26.54 -92.78
CA PHE D 1550 -53.16 27.37 -93.28
C PHE D 1550 -53.70 28.74 -93.72
N SER D 1551 -52.94 29.78 -93.42
CA SER D 1551 -53.32 31.15 -93.75
C SER D 1551 -52.68 31.57 -95.08
N ALA D 1552 -52.83 32.84 -95.42
CA ALA D 1552 -52.28 33.36 -96.67
C ALA D 1552 -50.77 33.57 -96.54
N PRO D 1553 -49.99 33.19 -97.56
CA PRO D 1553 -48.54 33.34 -97.49
C PRO D 1553 -48.00 34.65 -98.04
N CYS D 1554 -48.86 35.54 -98.56
CA CYS D 1554 -48.43 36.78 -99.15
C CYS D 1554 -48.98 37.96 -98.36
N PHE D 1555 -48.31 39.10 -98.50
CA PHE D 1555 -48.70 40.34 -97.84
C PHE D 1555 -48.81 41.45 -98.87
N VAL D 1556 -49.85 42.28 -98.72
CA VAL D 1556 -50.11 43.37 -99.64
C VAL D 1556 -49.97 44.74 -98.97
N ALA D 1557 -49.31 44.77 -97.80
CA ALA D 1557 -49.09 46.00 -97.04
C ALA D 1557 -50.42 46.69 -96.71
N ALA D 1558 -51.43 45.89 -96.41
CA ALA D 1558 -52.74 46.43 -96.07
C ALA D 1558 -52.77 46.83 -94.59
N LEU D 1559 -53.30 48.03 -94.32
CA LEU D 1559 -53.36 48.51 -92.96
C LEU D 1559 -54.50 47.82 -92.21
N PRO D 1560 -54.27 47.38 -90.97
CA PRO D 1560 -55.29 46.69 -90.17
C PRO D 1560 -56.41 47.63 -89.70
N GLU D 1561 -57.02 42.28 -80.17
CA GLU D 1561 -58.43 42.22 -80.52
C GLU D 1561 -58.70 41.15 -81.56
N ALA D 1562 -58.25 41.39 -82.79
CA ALA D 1562 -58.46 40.43 -83.86
C ALA D 1562 -57.53 39.22 -83.67
N PRO D 1563 -57.98 38.02 -84.01
CA PRO D 1563 -57.11 36.85 -83.87
C PRO D 1563 -55.93 36.91 -84.82
N ALA D 1564 -54.79 36.39 -84.36
CA ALA D 1564 -53.59 36.39 -85.17
C ALA D 1564 -53.68 35.34 -86.27
N ARG D 1565 -52.72 35.41 -87.20
CA ARG D 1565 -52.69 34.46 -88.31
C ARG D 1565 -52.31 33.08 -87.81
N LEU D 1566 -53.03 32.06 -88.31
CA LEU D 1566 -52.80 30.69 -87.84
C LEU D 1566 -51.40 30.22 -88.20
N SER D 1567 -51.11 30.11 -89.49
CA SER D 1567 -49.81 29.63 -89.97
C SER D 1567 -49.69 29.83 -91.47
N PRO D 1568 -48.48 30.08 -91.98
CA PRO D 1568 -48.30 30.22 -93.43
C PRO D 1568 -48.58 28.90 -94.15
N SER D 1569 -48.86 29.01 -95.43
CA SER D 1569 -49.19 27.87 -96.27
C SER D 1569 -48.03 27.49 -97.17
N ILE D 1570 -48.08 26.26 -97.67
CA ILE D 1570 -47.03 25.73 -98.54
C ILE D 1570 -47.61 24.53 -99.30
N PRO D 1571 -47.30 24.38 -100.58
CA PRO D 1571 -47.75 23.17 -101.31
C PRO D 1571 -47.11 21.92 -100.71
N LEU D 1572 -47.95 21.04 -100.19
CA LEU D 1572 -47.47 19.85 -99.50
C LEU D 1572 -47.00 18.77 -100.47
N GLU D 1573 -47.63 18.65 -101.64
CA GLU D 1573 -47.25 17.62 -102.59
C GLU D 1573 -45.86 17.88 -103.15
N ALA D 1574 -45.55 19.13 -103.49
CA ALA D 1574 -44.22 19.46 -104.00
C ALA D 1574 -43.15 19.21 -102.96
N LEU D 1575 -43.42 19.58 -101.71
CA LEU D 1575 -42.46 19.34 -100.64
C LEU D 1575 -42.27 17.85 -100.40
N ARG D 1576 -43.35 17.07 -100.47
CA ARG D 1576 -43.23 15.62 -100.32
C ARG D 1576 -42.39 15.02 -101.44
N ASP D 1577 -42.63 15.45 -102.68
CA ASP D 1577 -41.84 14.95 -103.80
C ASP D 1577 -40.37 15.33 -103.67
N LYS D 1578 -40.11 16.57 -103.23
CA LYS D 1578 -38.72 17.01 -103.05
C LYS D 1578 -38.04 16.20 -101.95
N ALA D 1579 -38.75 15.93 -100.85
CA ALA D 1579 -38.16 15.14 -99.77
C ALA D 1579 -37.90 13.71 -100.22
N LEU D 1580 -38.82 13.12 -100.99
CA LEU D 1580 -38.59 11.77 -101.51
C LEU D 1580 -37.39 11.73 -102.44
N ARG D 1581 -37.26 12.73 -103.32
CA ARG D 1581 -36.12 12.77 -104.22
C ARG D 1581 -34.82 12.96 -103.47
N MET D 1582 -34.84 13.80 -102.42
CA MET D 1582 -33.64 13.99 -101.61
C MET D 1582 -33.25 12.72 -100.87
N LEU D 1583 -34.23 12.00 -100.33
CA LEU D 1583 -33.94 10.73 -99.66
C LEU D 1583 -33.39 9.70 -100.64
N GLY D 1584 -33.94 9.67 -101.86
CA GLY D 1584 -33.41 8.77 -102.88
C GLY D 1584 -31.97 9.11 -103.25
N GLU D 1585 -31.68 10.39 -103.43
CA GLU D 1585 -30.31 10.81 -103.73
C GLU D 1585 -29.38 10.45 -102.57
N ALA D 1586 -29.85 10.62 -101.33
CA ALA D 1586 -29.03 10.31 -100.18
C ALA D 1586 -28.72 8.83 -100.08
N VAL D 1587 -29.73 7.98 -100.28
CA VAL D 1587 -29.48 6.54 -100.19
C VAL D 1587 -28.62 6.08 -101.37
N ARG D 1588 -28.77 6.71 -102.54
CA ARG D 1588 -27.91 6.36 -103.67
C ARG D 1588 -26.46 6.74 -103.40
N ASP D 1589 -26.23 7.92 -102.82
CA ASP D 1589 -24.87 8.33 -102.48
C ASP D 1589 -24.29 7.46 -101.37
N GLY D 1590 -25.12 7.01 -100.43
CA GLY D 1590 -24.63 6.11 -99.40
C GLY D 1590 -24.28 4.74 -99.93
N GLY D 1591 -25.07 4.24 -100.89
CA GLY D 1591 -24.74 2.97 -101.52
C GLY D 1591 -23.53 3.06 -102.42
N GLN D 1592 -23.31 4.20 -103.06
CA GLN D 1592 -22.14 4.38 -103.90
C GLN D 1592 -20.85 4.48 -103.09
N HIS D 1593 -20.94 4.90 -101.84
CA HIS D 1593 -19.79 5.01 -100.94
C HIS D 1593 -18.73 5.95 -101.53
N ALA D 1594 -19.15 7.18 -101.83
CA ALA D 1594 -18.26 8.17 -102.38
C ALA D 1594 -17.38 8.76 -101.28
N ARG D 1595 -16.28 9.39 -101.71
CA ARG D 1595 -15.34 10.02 -100.81
C ARG D 1595 -15.56 11.52 -100.66
N ASP D 1596 -16.57 12.07 -101.33
CA ASP D 1596 -16.90 13.50 -101.27
C ASP D 1596 -18.39 13.64 -101.03
N PRO D 1597 -18.84 13.52 -99.79
CA PRO D 1597 -20.28 13.65 -99.50
C PRO D 1597 -20.73 15.09 -99.60
N VAL D 1598 -22.05 15.26 -99.57
CA VAL D 1598 -22.65 16.59 -99.67
C VAL D 1598 -22.37 17.34 -98.36
N GLY D 1599 -21.78 18.52 -98.48
CA GLY D 1599 -21.46 19.34 -97.33
C GLY D 1599 -20.17 18.99 -96.63
N GLY D 1600 -19.41 18.01 -97.12
CA GLY D 1600 -18.16 17.62 -96.51
C GLY D 1600 -18.26 16.53 -95.48
N SER D 1601 -19.46 16.09 -95.11
CA SER D 1601 -19.64 15.05 -94.13
C SER D 1601 -20.96 14.34 -94.39
N VAL D 1602 -21.03 13.07 -93.95
CA VAL D 1602 -22.25 12.29 -94.14
C VAL D 1602 -23.36 12.79 -93.22
N GLU D 1603 -23.00 13.26 -92.03
CA GLU D 1603 -24.00 13.74 -91.09
C GLU D 1603 -24.69 15.00 -91.60
N PHE D 1604 -23.91 15.96 -92.10
CA PHE D 1604 -24.48 17.21 -92.59
C PHE D 1604 -25.40 17.00 -93.79
N GLN D 1605 -25.31 15.85 -94.45
CA GLN D 1605 -26.19 15.54 -95.58
C GLN D 1605 -27.27 14.53 -95.25
N PHE D 1606 -27.18 13.85 -94.11
CA PHE D 1606 -28.16 12.84 -93.72
C PHE D 1606 -29.10 13.28 -92.60
N VAL D 1607 -28.68 14.21 -91.74
CA VAL D 1607 -29.50 14.68 -90.64
C VAL D 1607 -30.67 15.53 -91.14
N PRO D 1608 -30.46 16.56 -91.96
CA PRO D 1608 -31.59 17.43 -92.32
C PRO D 1608 -32.65 16.73 -93.15
N VAL D 1609 -32.26 15.89 -94.11
CA VAL D 1609 -33.23 15.22 -94.95
C VAL D 1609 -34.07 14.25 -94.13
N LEU D 1610 -33.43 13.51 -93.21
CA LEU D 1610 -34.17 12.59 -92.36
C LEU D 1610 -35.08 13.32 -91.40
N LYS D 1611 -34.63 14.46 -90.86
CA LYS D 1611 -35.48 15.26 -89.99
C LYS D 1611 -36.70 15.78 -90.74
N LEU D 1612 -36.50 16.23 -91.99
CA LEU D 1612 -37.63 16.70 -92.79
C LEU D 1612 -38.59 15.57 -93.12
N VAL D 1613 -38.06 14.39 -93.44
CA VAL D 1613 -38.90 13.24 -93.71
C VAL D 1613 -39.74 12.88 -92.48
N SER D 1614 -39.10 12.90 -91.30
CA SER D 1614 -39.83 12.59 -90.07
C SER D 1614 -40.91 13.64 -89.79
N THR D 1615 -40.58 14.91 -89.98
CA THR D 1615 -41.55 15.99 -89.72
C THR D 1615 -42.73 15.91 -90.69
N LEU D 1616 -42.47 15.50 -91.93
CA LEU D 1616 -43.56 15.36 -92.90
C LEU D 1616 -44.35 14.08 -92.72
N LEU D 1617 -43.75 13.05 -92.12
CA LEU D 1617 -44.46 11.79 -91.92
C LEU D 1617 -45.30 11.82 -90.65
N VAL D 1618 -44.83 12.51 -89.61
CA VAL D 1618 -45.59 12.57 -88.37
C VAL D 1618 -46.88 13.37 -88.56
N MET D 1619 -46.92 14.27 -89.54
CA MET D 1619 -48.12 15.04 -89.82
C MET D 1619 -49.16 14.27 -90.62
N GLY D 1620 -48.82 13.09 -91.13
CA GLY D 1620 -49.76 12.31 -91.92
C GLY D 1620 -49.95 12.80 -93.34
N ILE D 1621 -49.10 13.71 -93.81
CA ILE D 1621 -49.23 14.19 -95.18
C ILE D 1621 -48.82 13.13 -96.18
N PHE D 1622 -47.90 12.24 -95.81
CA PHE D 1622 -47.45 11.18 -96.70
C PHE D 1622 -48.60 10.21 -96.96
N GLY D 1623 -48.89 10.00 -98.24
CA GLY D 1623 -49.96 9.09 -98.64
C GLY D 1623 -49.54 7.64 -98.52
N ASP D 1624 -50.36 6.78 -99.13
CA ASP D 1624 -50.09 5.34 -99.09
C ASP D 1624 -48.83 5.00 -99.87
N GLU D 1625 -48.70 5.54 -101.09
CA GLU D 1625 -47.50 5.29 -101.88
C GLU D 1625 -46.26 5.84 -101.20
N ASP D 1626 -46.39 6.98 -100.51
CA ASP D 1626 -45.24 7.57 -99.84
C ASP D 1626 -44.75 6.68 -98.71
N VAL D 1627 -45.65 6.20 -97.85
CA VAL D 1627 -45.24 5.34 -96.75
C VAL D 1627 -44.77 3.99 -97.28
N LYS D 1628 -45.31 3.53 -98.41
CA LYS D 1628 -44.82 2.29 -99.01
C LYS D 1628 -43.39 2.46 -99.50
N GLN D 1629 -43.09 3.57 -100.18
CA GLN D 1629 -41.72 3.82 -100.61
C GLN D 1629 -40.79 3.99 -99.42
N ILE D 1630 -41.27 4.61 -98.35
CA ILE D 1630 -40.45 4.77 -97.15
C ILE D 1630 -40.12 3.41 -96.55
N LEU D 1631 -41.13 2.55 -96.42
CA LEU D 1631 -40.89 1.22 -95.87
C LEU D 1631 -39.98 0.39 -96.76
N LYS D 1632 -40.08 0.57 -98.08
CA LYS D 1632 -39.18 -0.15 -98.99
C LYS D 1632 -37.75 0.38 -98.89
N MET D 1633 -37.58 1.68 -98.66
CA MET D 1633 -36.25 2.25 -98.55
C MET D 1633 -35.59 1.88 -97.22
N ILE D 1634 -36.39 1.79 -96.15
CA ILE D 1634 -35.84 1.47 -94.84
C ILE D 1634 -35.27 0.06 -94.83
N GLU D 1635 -36.05 -0.92 -95.29
CA GLU D 1635 -35.62 -2.31 -95.32
C GLU D 1635 -36.31 -3.02 -96.48
N PRO D 1636 -35.61 -3.89 -97.20
CA PRO D 1636 -36.27 -4.60 -98.31
C PRO D 1636 -37.32 -5.60 -97.85
N GLU D 1637 -37.11 -6.24 -96.69
CA GLU D 1637 -38.10 -7.19 -96.20
C GLU D 1637 -39.35 -6.49 -95.66
N VAL D 1638 -39.17 -5.36 -94.99
CA VAL D 1638 -40.29 -4.60 -94.44
C VAL D 1638 -40.88 -3.68 -95.50
N GLU D 1639 -30.49 -2.79 -103.43
CA GLU D 1639 -29.33 -3.47 -102.87
C GLU D 1639 -28.60 -2.59 -101.88
N GLU D 1640 -29.18 -1.43 -101.57
CA GLU D 1640 -28.61 -0.48 -100.63
C GLU D 1640 -29.37 -0.54 -99.32
N GLY D 1641 -28.63 -0.69 -98.23
CA GLY D 1641 -29.26 -0.76 -96.91
C GLY D 1641 -28.86 0.37 -96.00
N LEU D 1642 -29.84 1.19 -95.61
CA LEU D 1642 -29.56 2.30 -94.71
C LEU D 1642 -29.29 1.83 -93.29
N LEU D 1643 -29.88 0.70 -92.90
CA LEU D 1643 -29.73 0.18 -91.54
C LEU D 1643 -28.54 -0.75 -91.37
N GLN D 1644 -27.79 -1.03 -92.44
CA GLN D 1644 -26.68 -1.97 -92.40
C GLN D 1644 -25.36 -1.31 -92.81
N MET D 1645 -25.08 -0.12 -92.28
CA MET D 1645 -23.84 0.58 -92.56
C MET D 1645 -23.49 1.47 -91.37
N LYS D 1646 -22.31 2.08 -91.45
CA LYS D 1646 -21.84 2.96 -90.38
C LYS D 1646 -22.53 4.32 -90.48
N LEU D 1647 -23.19 4.73 -89.41
CA LEU D 1647 -23.92 5.98 -89.37
C LEU D 1647 -23.53 6.78 -88.14
N PRO D 1648 -23.53 8.12 -88.24
CA PRO D 1648 -23.25 8.95 -87.06
C PRO D 1648 -24.38 8.88 -86.03
N GLU D 1649 -24.22 9.60 -84.92
CA GLU D 1649 -25.16 9.48 -83.81
C GLU D 1649 -26.47 10.21 -84.07
N SER D 1650 -26.41 11.38 -84.70
CA SER D 1650 -27.63 12.15 -84.93
C SER D 1650 -28.60 11.41 -85.85
N VAL D 1651 -28.09 10.81 -86.92
CA VAL D 1651 -28.96 10.03 -87.78
C VAL D 1651 -29.43 8.75 -87.10
N LYS D 1652 -28.63 8.23 -86.16
CA LYS D 1652 -29.11 7.11 -85.35
C LYS D 1652 -30.32 7.51 -84.52
N LEU D 1653 -30.26 8.69 -83.89
CA LEU D 1653 -31.42 9.20 -83.15
C LEU D 1653 -32.59 9.46 -84.08
N GLN D 1654 -32.32 9.91 -85.31
CA GLN D 1654 -33.39 10.12 -86.28
C GLN D 1654 -34.09 8.80 -86.61
N MET D 1655 -33.31 7.75 -86.87
CA MET D 1655 -33.91 6.44 -87.14
C MET D 1655 -34.64 5.91 -85.92
N CYS D 1656 -34.11 6.18 -84.72
CA CYS D 1656 -34.80 5.79 -83.50
C CYS D 1656 -36.16 6.46 -83.40
N ASN D 1657 -36.22 7.76 -83.69
CA ASN D 1657 -37.49 8.48 -83.66
C ASN D 1657 -38.45 7.96 -84.73
N LEU D 1658 -37.92 7.62 -85.91
CA LEU D 1658 -38.77 7.06 -86.97
C LEU D 1658 -39.37 5.73 -86.55
N LEU D 1659 -38.56 4.85 -85.95
CA LEU D 1659 -39.08 3.57 -85.48
C LEU D 1659 -40.06 3.74 -84.33
N GLU D 1660 -39.83 4.73 -83.47
CA GLU D 1660 -40.78 5.01 -82.40
C GLU D 1660 -42.11 5.49 -82.96
N TYR D 1661 -42.08 6.34 -83.99
CA TYR D 1661 -43.32 6.78 -84.62
C TYR D 1661 -44.03 5.62 -85.31
N PHE D 1662 -43.26 4.71 -85.93
CA PHE D 1662 -43.88 3.53 -86.53
C PHE D 1662 -44.55 2.66 -85.47
N CYS D 1663 -43.88 2.48 -84.33
CA CYS D 1663 -44.48 1.69 -83.24
C CYS D 1663 -45.73 2.36 -82.71
N ASP D 1664 -45.71 3.70 -82.60
CA ASP D 1664 -46.90 4.41 -82.13
C ASP D 1664 -48.05 4.27 -83.11
N GLN D 1665 -47.75 4.32 -84.42
CA GLN D 1665 -48.81 4.13 -85.42
C GLN D 1665 -49.37 2.71 -85.36
N GLU D 1666 -48.50 1.71 -85.18
CA GLU D 1666 -48.98 0.34 -85.03
C GLU D 1666 -49.85 0.19 -83.80
N LEU D 1667 -49.46 0.83 -82.70
CA LEU D 1667 -50.26 0.77 -81.48
C LEU D 1667 -51.61 1.44 -81.68
N GLN D 1668 -51.64 2.56 -82.41
CA GLN D 1668 -52.91 3.24 -82.69
C GLN D 1668 -53.81 2.38 -83.55
N HIS D 1669 -53.24 1.71 -84.56
CA HIS D 1669 -54.04 0.82 -85.40
C HIS D 1669 -54.58 -0.35 -84.58
N ARG D 1670 -53.76 -0.92 -83.70
CA ARG D 1670 -54.22 -2.01 -82.85
C ARG D 1670 -55.34 -1.56 -81.92
N VAL D 1671 -55.21 -0.35 -81.35
CA VAL D 1671 -56.24 0.17 -80.47
C VAL D 1671 -57.53 0.41 -81.24
N GLU D 1672 -57.43 0.91 -82.47
CA GLU D 1672 -58.63 1.12 -83.28
C GLU D 1672 -59.31 -0.20 -83.62
N SER D 1673 -58.53 -1.21 -83.98
CA SER D 1673 -59.11 -2.53 -84.28
C SER D 1673 -59.76 -3.12 -83.05
N LEU D 1674 -59.12 -3.00 -81.89
CA LEU D 1674 -59.69 -3.51 -80.65
C LEU D 1674 -60.98 -2.77 -80.29
N ALA D 1675 -61.02 -1.47 -80.54
CA ALA D 1675 -62.23 -0.70 -80.26
C ALA D 1675 -63.37 -1.11 -81.18
N ALA D 1676 -63.07 -1.34 -82.46
CA ALA D 1676 -64.11 -1.80 -83.39
C ALA D 1676 -64.62 -3.17 -82.99
N PHE D 1677 -63.71 -4.08 -82.60
CA PHE D 1677 -64.14 -5.40 -82.16
C PHE D 1677 -64.97 -5.31 -80.89
N ALA D 1678 -64.59 -4.45 -79.96
CA ALA D 1678 -65.37 -4.28 -78.74
C ALA D 1678 -66.75 -3.73 -79.05
N GLU D 1679 -66.84 -2.80 -80.00
CA GLU D 1679 -68.14 -2.24 -80.38
C GLU D 1679 -69.04 -3.31 -80.97
N ARG D 1680 -68.53 -4.08 -81.94
CA ARG D 1680 -69.36 -5.13 -82.53
C ARG D 1680 -69.71 -6.21 -81.51
N TYR D 1681 -68.79 -6.51 -80.59
CA TYR D 1681 -69.06 -7.54 -79.59
C TYR D 1681 -70.12 -7.08 -78.60
N VAL D 1682 -70.05 -5.82 -78.16
CA VAL D 1682 -71.06 -5.34 -77.22
C VAL D 1682 -72.41 -5.18 -77.92
N ASP D 1683 -72.41 -4.89 -79.22
CA ASP D 1683 -73.67 -4.87 -79.96
C ASP D 1683 -74.29 -6.26 -80.02
N LYS D 1684 -73.48 -7.27 -80.36
CA LYS D 1684 -73.98 -8.64 -80.39
C LYS D 1684 -74.46 -9.09 -79.01
N LEU D 1685 -73.74 -8.70 -77.95
CA LEU D 1685 -74.13 -9.09 -76.60
C LEU D 1685 -75.41 -8.39 -76.17
N GLN D 1686 -75.60 -7.13 -76.57
CA GLN D 1686 -76.84 -6.45 -76.27
C GLN D 1686 -78.01 -7.10 -77.00
N ALA D 1687 -77.81 -7.49 -78.26
CA ALA D 1687 -78.86 -8.20 -78.99
C ALA D 1687 -79.20 -9.52 -78.33
N ASN D 1688 -78.18 -10.28 -77.92
CA ASN D 1688 -78.42 -11.56 -77.28
C ASN D 1688 -79.12 -11.40 -75.94
N GLN D 1689 -78.75 -10.37 -75.17
CA GLN D 1689 -79.40 -10.13 -73.89
C GLN D 1689 -80.84 -9.68 -74.07
N ARG D 1690 -81.11 -8.87 -75.10
CA ARG D 1690 -82.48 -8.50 -75.40
C ARG D 1690 -83.32 -9.72 -75.77
N ASP D 1691 -82.77 -10.60 -76.60
CA ASP D 1691 -83.48 -11.82 -76.95
C ASP D 1691 -83.72 -12.70 -75.73
N ARG D 1692 -82.73 -12.79 -74.84
CA ARG D 1692 -82.88 -13.59 -73.63
C ARG D 1692 -83.96 -13.01 -72.72
N TYR D 1693 -83.95 -11.70 -72.51
CA TYR D 1693 -84.98 -11.07 -71.71
C TYR D 1693 -86.35 -11.19 -72.35
N GLY D 1694 -86.39 -11.29 -73.68
CA GLY D 1694 -87.67 -11.48 -74.36
C GLY D 1694 -88.22 -12.88 -74.20
N ILE D 1695 -87.34 -13.88 -74.22
CA ILE D 1695 -87.83 -15.26 -74.12
C ILE D 1695 -88.16 -15.63 -72.68
N LEU D 1696 -87.42 -15.09 -71.71
CA LEU D 1696 -87.70 -15.43 -70.31
C LEU D 1696 -88.87 -14.62 -69.74
N MET D 1697 -89.28 -13.53 -70.39
CA MET D 1697 -90.40 -12.74 -69.90
C MET D 1697 -91.71 -13.51 -69.97
N LYS D 1698 -91.89 -14.33 -71.00
CA LYS D 1698 -93.12 -15.12 -71.11
C LYS D 1698 -93.15 -16.26 -70.11
N ALA D 1699 -91.99 -16.78 -69.73
CA ALA D 1699 -91.92 -17.88 -68.78
C ALA D 1699 -92.25 -17.39 -67.38
N PHE D 1700 -93.09 -18.14 -66.67
CA PHE D 1700 -93.49 -17.79 -65.32
C PHE D 1700 -92.42 -18.26 -64.33
N THR D 1701 -92.66 -17.96 -63.05
CA THR D 1701 -91.74 -18.34 -61.98
C THR D 1701 -91.96 -19.81 -61.65
N MET D 1702 -91.34 -20.67 -62.46
CA MET D 1702 -91.47 -22.11 -62.25
C MET D 1702 -90.70 -22.56 -61.02
N THR D 1703 -89.46 -22.08 -60.85
CA THR D 1703 -88.64 -22.44 -59.71
C THR D 1703 -88.03 -21.18 -59.10
N ALA D 1704 -87.54 -21.33 -57.87
CA ALA D 1704 -86.94 -20.19 -57.17
C ALA D 1704 -85.57 -19.83 -57.75
N ALA D 1705 -84.85 -20.82 -58.30
CA ALA D 1705 -83.53 -20.55 -58.85
C ALA D 1705 -83.61 -19.64 -60.08
N GLU D 1706 -84.57 -19.90 -60.96
CA GLU D 1706 -84.72 -19.06 -62.15
C GLU D 1706 -85.12 -17.63 -61.77
N THR D 1707 -86.02 -17.50 -60.80
CA THR D 1707 -86.41 -16.16 -60.35
C THR D 1707 -85.24 -15.43 -59.71
N ALA D 1708 -84.43 -16.13 -58.91
CA ALA D 1708 -83.27 -15.51 -58.30
C ALA D 1708 -82.26 -15.07 -59.34
N ARG D 1709 -82.04 -15.91 -60.37
CA ARG D 1709 -81.10 -15.54 -61.43
C ARG D 1709 -81.62 -14.34 -62.22
N ARG D 1710 -82.92 -14.32 -62.51
CA ARG D 1710 -83.50 -13.18 -63.22
C ARG D 1710 -83.37 -11.89 -62.40
N THR D 1711 -83.61 -11.98 -61.09
CA THR D 1711 -83.47 -10.81 -60.23
C THR D 1711 -82.02 -10.33 -60.19
N ARG D 1712 -81.08 -11.28 -60.07
CA ARG D 1712 -79.67 -10.90 -60.00
C ARG D 1712 -79.17 -10.31 -61.32
N GLU D 1713 -79.75 -10.75 -62.45
CA GLU D 1713 -79.32 -10.21 -63.74
C GLU D 1713 -80.06 -8.95 -64.15
N PHE D 1714 -81.22 -8.67 -63.54
CA PHE D 1714 -81.99 -7.46 -63.87
C PHE D 1714 -81.74 -6.32 -62.89
N ARG D 1715 -81.93 -6.56 -61.59
CA ARG D 1715 -81.80 -5.50 -60.59
C ARG D 1715 -80.36 -5.10 -60.34
N SER D 1716 -79.39 -5.77 -60.95
CA SER D 1716 -78.00 -5.42 -60.73
C SER D 1716 -77.68 -4.08 -61.41
N PRO D 1717 -76.72 -3.33 -60.88
CA PRO D 1717 -76.32 -2.07 -61.53
C PRO D 1717 -75.72 -2.32 -62.90
N PRO D 1718 -75.69 -1.31 -63.77
CA PRO D 1718 -75.18 -1.54 -65.13
C PRO D 1718 -73.73 -2.00 -65.18
N GLN D 1719 -72.86 -1.40 -64.35
CA GLN D 1719 -71.45 -1.78 -64.37
C GLN D 1719 -71.27 -3.23 -63.96
N GLU D 1720 -71.92 -3.63 -62.86
CA GLU D 1720 -71.83 -5.03 -62.42
C GLU D 1720 -72.47 -5.97 -63.44
N GLN D 1721 -73.54 -5.52 -64.09
CA GLN D 1721 -74.17 -6.34 -65.12
C GLN D 1721 -73.21 -6.62 -66.28
N ILE D 1722 -72.55 -5.57 -66.77
CA ILE D 1722 -71.60 -5.75 -67.87
C ILE D 1722 -70.40 -6.57 -67.42
N ASN D 1723 -69.96 -6.40 -66.16
CA ASN D 1723 -68.86 -7.20 -65.66
C ASN D 1723 -69.24 -8.67 -65.52
N MET D 1724 -70.52 -8.96 -65.25
CA MET D 1724 -70.95 -10.34 -65.09
C MET D 1724 -71.19 -11.02 -66.44
N LEU D 1725 -71.80 -10.31 -67.39
CA LEU D 1725 -72.09 -10.93 -68.68
C LEU D 1725 -70.84 -11.11 -69.53
N LEU D 1726 -69.89 -10.18 -69.44
CA LEU D 1726 -68.66 -10.28 -70.23
C LEU D 1726 -67.64 -11.23 -69.62
N HIS D 1727 -67.90 -11.75 -68.42
CA HIS D 1727 -66.97 -12.67 -67.78
C HIS D 1727 -67.07 -14.05 -68.40
N PHE D 1728 -65.93 -14.60 -68.82
CA PHE D 1728 -65.87 -15.93 -69.42
C PHE D 1728 -64.70 -16.68 -68.82
N LYS D 1729 -65.00 -17.81 -68.17
CA LYS D 1729 -63.98 -18.65 -67.53
C LYS D 1729 -63.14 -17.86 -66.53
N PRO D 1730 -74.38 -17.15 -67.93
CA PRO D 1730 -75.54 -16.48 -68.52
C PRO D 1730 -75.27 -16.01 -69.95
N LEU D 1731 -74.57 -16.84 -70.73
CA LEU D 1731 -74.23 -16.49 -72.10
C LEU D 1731 -73.89 -17.76 -72.87
N PRO D 1732 -74.53 -18.00 -74.01
CA PRO D 1732 -74.23 -19.23 -74.78
C PRO D 1732 -72.79 -19.23 -75.28
N ASP D 1733 -72.19 -20.42 -75.29
CA ASP D 1733 -70.78 -20.55 -75.66
C ASP D 1733 -70.52 -20.23 -77.12
N GLU D 1734 -71.56 -20.09 -77.95
CA GLU D 1734 -71.35 -19.82 -79.37
C GLU D 1734 -70.72 -18.45 -79.59
N ILE D 1735 -71.15 -17.43 -78.83
CA ILE D 1735 -70.59 -16.10 -78.99
C ILE D 1735 -69.20 -16.02 -78.37
N ARG D 1736 -68.94 -16.78 -77.30
CA ARG D 1736 -67.64 -16.73 -76.64
C ARG D 1736 -66.53 -17.33 -77.48
N GLN D 1737 -66.87 -18.19 -78.46
CA GLN D 1737 -65.84 -18.77 -79.31
C GLN D 1737 -65.16 -17.71 -80.15
N ASP D 1738 -65.95 -16.80 -80.74
CA ASP D 1738 -65.36 -15.70 -81.50
C ASP D 1738 -64.52 -14.80 -80.60
N LEU D 1739 -64.97 -14.59 -79.35
CA LEU D 1739 -64.22 -13.77 -78.41
C LEU D 1739 -62.85 -14.38 -78.12
N LEU D 1740 -62.82 -15.68 -77.80
CA LEU D 1740 -61.54 -16.32 -77.51
C LEU D 1740 -60.67 -16.43 -78.76
N GLU D 1741 -61.27 -16.59 -79.94
CA GLU D 1741 -60.50 -16.62 -81.17
C GLU D 1741 -59.81 -15.28 -81.42
N PHE D 1742 -60.57 -14.19 -81.27
CA PHE D 1742 -59.97 -12.86 -81.42
C PHE D 1742 -58.93 -12.58 -80.35
N HIS D 1743 -59.15 -13.08 -79.14
CA HIS D 1743 -58.17 -12.91 -78.07
C HIS D 1743 -56.86 -13.61 -78.43
N GLN D 1744 -56.94 -14.86 -78.90
CA GLN D 1744 -55.75 -15.59 -79.31
C GLN D 1744 -55.07 -14.92 -80.49
N ASP D 1745 -55.87 -14.37 -81.42
CA ASP D 1745 -55.29 -13.66 -82.55
C ASP D 1745 -54.54 -12.41 -82.10
N LEU D 1746 -55.11 -11.68 -81.13
CA LEU D 1746 -54.45 -10.50 -80.60
C LEU D 1746 -53.16 -10.86 -79.87
N LEU D 1747 -53.19 -11.96 -79.12
CA LEU D 1747 -51.97 -12.42 -78.44
C LEU D 1747 -50.89 -12.80 -79.45
N THR D 1748 -51.26 -13.52 -80.52
CA THR D 1748 -50.28 -13.90 -81.53
C THR D 1748 -49.76 -12.69 -82.29
N HIS D 1749 -50.59 -11.67 -82.49
CA HIS D 1749 -50.14 -10.47 -83.18
C HIS D 1749 -49.23 -9.63 -82.29
N CYS D 1750 -49.52 -9.56 -81.00
CA CYS D 1750 -48.70 -8.77 -80.08
C CYS D 1750 -47.35 -9.41 -79.80
N GLY D 1751 -47.13 -10.65 -80.21
CA GLY D 1751 -45.88 -11.35 -79.98
C GLY D 1751 -45.98 -12.49 -79.00
N ILE D 1752 -47.12 -12.68 -78.35
CA ILE D 1752 -47.29 -13.76 -77.39
C ILE D 1752 -47.42 -15.09 -78.13
N GLN D 1753 -46.75 -16.11 -77.61
CA GLN D 1753 -46.79 -17.44 -78.21
C GLN D 1753 -47.76 -18.34 -77.47
N LEU D 1754 -37.29 -13.39 -90.84
CA LEU D 1754 -37.71 -12.21 -90.08
C LEU D 1754 -39.20 -11.95 -90.27
N GLN D 1755 -39.52 -11.05 -91.21
CA GLN D 1755 -40.90 -10.69 -91.54
C GLN D 1755 -41.66 -10.16 -90.31
N SER D 1756 -40.95 -9.52 -89.40
CA SER D 1756 -41.56 -8.95 -88.20
C SER D 1756 -40.88 -7.64 -87.87
N LEU D 1757 -41.68 -6.59 -87.66
CA LEU D 1757 -41.14 -5.27 -87.36
C LEU D 1757 -40.40 -5.28 -86.02
N GLN D 1758 -41.02 -5.84 -84.98
CA GLN D 1758 -40.41 -5.84 -83.66
C GLN D 1758 -39.11 -6.64 -83.66
N GLU D 1759 -39.07 -7.76 -84.37
CA GLU D 1759 -37.87 -8.59 -84.39
C GLU D 1759 -36.70 -7.86 -85.06
N LEU D 1760 -36.96 -7.25 -86.23
CA LEU D 1760 -35.89 -6.54 -86.92
C LEU D 1760 -35.45 -5.30 -86.14
N VAL D 1761 -36.38 -4.62 -85.47
CA VAL D 1761 -36.01 -3.47 -84.66
C VAL D 1761 -35.15 -3.91 -83.48
N SER D 1762 -35.52 -5.01 -82.82
CA SER D 1762 -34.71 -5.52 -81.72
C SER D 1762 -33.32 -5.91 -82.21
N HIS D 1763 -33.24 -6.55 -83.38
CA HIS D 1763 -31.94 -6.91 -83.93
C HIS D 1763 -31.09 -5.68 -84.21
N THR D 1764 -31.70 -4.64 -84.79
CA THR D 1764 -30.94 -3.43 -85.10
C THR D 1764 -30.47 -2.74 -83.83
N VAL D 1765 -31.30 -2.70 -82.79
CA VAL D 1765 -30.88 -2.00 -81.58
C VAL D 1765 -29.79 -2.79 -80.85
N VAL D 1766 -29.89 -4.13 -80.83
CA VAL D 1766 -28.84 -4.89 -80.16
C VAL D 1766 -27.55 -4.82 -80.97
N ARG D 1767 -27.65 -4.75 -82.30
CA ARG D 1767 -26.45 -4.59 -83.12
C ARG D 1767 -25.80 -3.23 -82.89
N TRP D 1768 -26.60 -2.17 -82.77
CA TRP D 1768 -26.06 -0.86 -82.48
C TRP D 1768 -25.42 -0.81 -81.10
N ALA D 1769 -26.00 -1.55 -80.14
CA ALA D 1769 -25.42 -1.57 -78.81
C ALA D 1769 -24.13 -2.37 -78.75
N GLN D 1770 -24.04 -3.45 -79.54
CA GLN D 1770 -22.85 -4.29 -79.55
C GLN D 1770 -21.76 -3.79 -80.48
N GLU D 1771 -22.06 -2.86 -81.39
CA GLU D 1771 -21.07 -2.37 -82.32
C GLU D 1771 -19.92 -1.67 -81.58
N ASP D 1772 -20.24 -0.59 -80.87
CA ASP D 1772 -19.23 0.15 -80.10
C ASP D 1772 -19.95 0.89 -78.98
N PHE D 1773 -19.18 1.67 -78.24
CA PHE D 1773 -19.74 2.47 -77.15
C PHE D 1773 -20.57 3.62 -77.70
N VAL D 1774 -21.52 4.08 -76.89
CA VAL D 1774 -22.46 5.10 -77.33
C VAL D 1774 -21.88 6.49 -77.13
N GLN D 1775 -21.40 6.78 -75.92
CA GLN D 1775 -20.93 8.11 -75.54
C GLN D 1775 -22.01 9.18 -75.73
N SER D 1776 -23.27 8.81 -75.53
CA SER D 1776 -24.38 9.73 -75.67
C SER D 1776 -25.56 9.26 -74.81
N PRO D 1777 -25.97 10.05 -73.80
CA PRO D 1777 -27.05 9.58 -72.93
C PRO D 1777 -28.41 9.59 -73.62
N GLU D 1778 -28.72 10.63 -74.39
CA GLU D 1778 -30.04 10.74 -75.01
C GLU D 1778 -30.26 9.63 -76.03
N LEU D 1779 -29.24 9.31 -76.84
CA LEU D 1779 -29.39 8.30 -77.87
C LEU D 1779 -29.62 6.93 -77.26
N VAL D 1780 -28.82 6.56 -76.26
CA VAL D 1780 -28.97 5.25 -75.63
C VAL D 1780 -30.28 5.19 -74.84
N ARG D 1781 -30.72 6.31 -74.28
CA ARG D 1781 -32.01 6.34 -73.59
C ARG D 1781 -33.15 6.09 -74.56
N ALA D 1782 -33.09 6.75 -75.72
CA ALA D 1782 -34.11 6.53 -76.75
C ALA D 1782 -34.09 5.09 -77.25
N MET D 1783 -32.90 4.53 -77.44
CA MET D 1783 -32.80 3.14 -77.88
C MET D 1783 -33.40 2.19 -76.85
N PHE D 1784 -33.11 2.41 -75.57
CA PHE D 1784 -33.64 1.53 -74.54
C PHE D 1784 -35.15 1.66 -74.41
N SER D 1785 -35.68 2.88 -74.51
CA SER D 1785 -37.12 3.06 -74.47
C SER D 1785 -37.79 2.41 -75.67
N LEU D 1786 -37.17 2.50 -76.85
CA LEU D 1786 -37.75 1.87 -78.03
C LEU D 1786 -37.71 0.35 -77.90
N LEU D 1787 -36.62 -0.19 -77.35
CA LEU D 1787 -36.55 -1.64 -77.12
C LEU D 1787 -37.62 -2.08 -76.14
N HIS D 1788 -37.85 -1.31 -75.08
CA HIS D 1788 -38.89 -1.66 -74.12
C HIS D 1788 -40.28 -1.58 -74.75
N ARG D 1789 -40.51 -0.58 -75.62
CA ARG D 1789 -41.81 -0.44 -76.25
C ARG D 1789 -42.05 -1.54 -77.29
N GLN D 1790 -41.00 -2.01 -77.96
CA GLN D 1790 -41.16 -3.02 -79.00
C GLN D 1790 -41.26 -4.42 -78.41
N TYR D 1791 -40.43 -4.73 -77.41
CA TYR D 1791 -40.44 -6.06 -76.80
C TYR D 1791 -41.60 -6.26 -75.84
N ASP D 1792 -42.23 -5.17 -75.37
CA ASP D 1792 -43.34 -5.24 -74.44
C ASP D 1792 -44.54 -4.54 -75.08
N GLY D 1793 -45.49 -5.34 -75.58
CA GLY D 1793 -46.69 -4.79 -76.17
C GLY D 1793 -47.89 -4.90 -75.24
N LEU D 1794 -47.86 -5.90 -74.35
CA LEU D 1794 -48.97 -6.09 -73.43
C LEU D 1794 -49.09 -4.91 -72.46
N GLY D 1795 -47.96 -4.50 -71.87
CA GLY D 1795 -47.99 -3.33 -71.00
C GLY D 1795 -48.39 -2.06 -71.73
N GLU D 1796 -47.96 -1.93 -72.99
CA GLU D 1796 -48.33 -0.75 -73.77
C GLU D 1796 -49.83 -0.71 -74.03
N LEU D 1797 -50.42 -1.83 -74.45
CA LEU D 1797 -51.86 -1.85 -74.69
C LEU D 1797 -52.64 -1.73 -73.39
N LEU D 1798 -52.06 -2.17 -72.27
CA LEU D 1798 -52.72 -1.98 -70.99
C LEU D 1798 -52.73 -0.51 -70.58
N ARG D 1799 -51.62 0.19 -70.79
CA ARG D 1799 -51.56 1.61 -70.48
C ARG D 1799 -52.36 2.44 -71.48
N ALA D 1800 -52.61 1.93 -72.68
CA ALA D 1800 -53.37 2.65 -73.68
C ALA D 1800 -54.87 2.56 -73.47
N LEU D 1801 -55.33 1.78 -72.50
CA LEU D 1801 -56.77 1.63 -72.29
C LEU D 1801 -57.41 2.84 -71.61
N PRO D 1802 -56.86 3.40 -70.53
CA PRO D 1802 -57.50 4.58 -69.93
C PRO D 1802 -57.57 5.78 -70.86
N ARG D 1803 -56.64 5.88 -71.82
CA ARG D 1803 -56.69 6.98 -72.77
C ARG D 1803 -57.73 6.77 -73.86
N ALA D 1804 -58.04 5.51 -74.18
CA ALA D 1804 -59.00 5.21 -75.23
C ALA D 1804 -60.42 5.44 -74.74
N TYR D 1805 -61.30 5.84 -75.66
CA TYR D 1805 -62.70 6.09 -75.36
C TYR D 1805 -63.50 6.05 -76.64
N THR D 1806 -64.77 5.66 -76.52
CA THR D 1806 -65.68 5.56 -77.64
C THR D 1806 -66.82 6.57 -77.48
N ILE D 1807 -67.09 7.33 -78.53
CA ILE D 1807 -68.13 8.36 -78.50
C ILE D 1807 -69.15 8.08 -79.59
N SER D 1808 -70.16 8.94 -79.68
CA SER D 1808 -71.21 8.81 -80.68
C SER D 1808 -70.85 9.57 -81.95
N PRO D 1809 -71.13 9.00 -83.12
CA PRO D 1809 -70.80 9.67 -84.39
C PRO D 1809 -71.75 10.79 -84.78
N SER D 1810 -72.66 11.20 -83.90
CA SER D 1810 -73.62 12.25 -84.21
C SER D 1810 -73.12 13.65 -83.87
N SER D 1811 -72.07 13.76 -83.05
CA SER D 1811 -71.53 15.05 -82.67
C SER D 1811 -70.03 15.12 -82.93
N VAL D 1812 -69.61 14.67 -84.12
CA VAL D 1812 -68.18 14.65 -84.44
C VAL D 1812 -67.65 16.07 -84.61
N GLU D 1813 -68.48 16.98 -85.13
CA GLU D 1813 -68.04 18.36 -85.32
C GLU D 1813 -67.76 19.03 -83.97
N ASP D 1814 -68.60 18.77 -82.97
CA ASP D 1814 -68.37 19.33 -81.65
C ASP D 1814 -67.07 18.80 -81.05
N THR D 1815 -66.79 17.51 -81.25
CA THR D 1815 -65.54 16.94 -80.73
C THR D 1815 -64.33 17.51 -81.44
N MET D 1816 -64.42 17.71 -82.76
CA MET D 1816 -63.31 18.32 -83.50
C MET D 1816 -63.07 19.76 -83.03
N SER D 1817 -64.16 20.53 -82.84
CA SER D 1817 -64.02 21.89 -82.34
C SER D 1817 -63.41 21.90 -80.94
N LEU D 1818 -63.81 20.97 -80.08
CA LEU D 1818 -63.26 20.89 -78.74
C LEU D 1818 -61.77 20.55 -78.78
N LEU D 1819 -61.38 19.61 -79.65
CA LEU D 1819 -59.96 19.27 -79.77
C LEU D 1819 -59.16 20.47 -80.26
N GLU D 1820 -59.67 21.17 -81.28
CA GLU D 1820 -58.95 22.33 -81.80
C GLU D 1820 -58.81 23.42 -80.74
N CYS D 1821 -59.89 23.70 -80.01
CA CYS D 1821 -59.83 24.78 -79.02
C CYS D 1821 -58.94 24.40 -77.84
N LEU D 1822 -58.93 23.12 -77.45
CA LEU D 1822 -58.05 22.72 -76.35
C LEU D 1822 -56.58 22.76 -76.79
N GLY D 1823 -56.31 22.40 -78.05
CA GLY D 1823 -54.96 22.60 -78.58
C GLY D 1823 -54.56 24.05 -78.58
N GLN D 1824 -55.52 24.94 -78.92
CA GLN D 1824 -55.23 26.37 -78.87
C GLN D 1824 -54.95 26.84 -77.45
N ILE D 1825 -55.72 26.35 -76.47
CA ILE D 1825 -55.46 26.70 -75.08
C ILE D 1825 -54.07 26.23 -74.65
N ARG D 1826 -53.68 25.02 -75.05
CA ARG D 1826 -52.36 24.53 -74.69
C ARG D 1826 -51.27 25.37 -75.34
N SER D 1827 -51.44 25.72 -76.61
CA SER D 1827 -50.43 26.53 -77.30
C SER D 1827 -50.32 27.91 -76.69
N LEU D 1828 -51.44 28.50 -76.26
CA LEU D 1828 -51.39 29.81 -75.62
C LEU D 1828 -50.85 29.72 -74.19
N LEU D 1829 -51.01 28.56 -73.53
CA LEU D 1829 -50.45 28.39 -72.20
C LEU D 1829 -48.94 28.18 -72.24
N ILE D 1830 -48.43 27.55 -73.31
CA ILE D 1830 -46.99 27.44 -73.47
C ILE D 1830 -46.36 28.82 -73.64
N VAL D 1831 -47.00 29.68 -74.41
CA VAL D 1831 -46.53 31.05 -74.60
C VAL D 1831 -46.86 31.87 -73.35
N GLN D 1832 -45.96 32.81 -73.01
CA GLN D 1832 -46.18 33.67 -71.88
C GLN D 1832 -47.47 34.47 -72.04
N MET D 1833 -48.18 34.67 -70.93
CA MET D 1833 -49.47 35.33 -70.97
C MET D 1833 -49.33 36.82 -71.30
N GLY D 1834 -50.26 37.33 -72.10
CA GLY D 1834 -50.29 38.73 -72.45
C GLY D 1834 -51.72 39.22 -72.57
N PRO D 1835 -51.89 40.51 -72.92
CA PRO D 1835 -53.24 41.07 -73.06
C PRO D 1835 -54.07 40.34 -74.10
N GLN D 1836 -53.56 40.27 -75.34
CA GLN D 1836 -54.26 39.53 -76.38
C GLN D 1836 -54.33 38.05 -76.04
N GLU D 1837 -53.27 37.51 -75.41
CA GLU D 1837 -53.29 36.12 -74.98
C GLU D 1837 -54.36 35.89 -73.92
N GLU D 1838 -54.49 36.82 -72.98
CA GLU D 1838 -55.53 36.69 -71.96
C GLU D 1838 -56.92 36.78 -72.57
N ASN D 1839 -57.11 37.67 -73.55
CA ASN D 1839 -58.39 37.76 -74.23
C ASN D 1839 -58.74 36.48 -74.97
N LEU D 1840 -57.76 35.91 -75.68
CA LEU D 1840 -57.99 34.66 -76.39
C LEU D 1840 -58.27 33.52 -75.40
N MET D 1841 -57.59 33.52 -74.26
CA MET D 1841 -57.85 32.51 -73.24
C MET D 1841 -59.26 32.64 -72.68
N ILE D 1842 -59.72 33.87 -72.45
CA ILE D 1842 -61.07 34.09 -71.96
C ILE D 1842 -62.09 33.61 -72.99
N GLN D 1843 -61.86 33.93 -74.27
CA GLN D 1843 -62.77 33.46 -75.31
C GLN D 1843 -62.80 31.95 -75.39
N SER D 1844 -61.63 31.30 -75.22
CA SER D 1844 -61.59 29.84 -75.26
C SER D 1844 -62.33 29.23 -74.08
N ILE D 1845 -62.16 29.80 -72.88
CA ILE D 1845 -62.86 29.29 -71.71
C ILE D 1845 -64.36 29.48 -71.87
N GLY D 1846 -64.78 30.60 -72.47
CA GLY D 1846 -66.19 30.80 -72.75
C GLY D 1846 -66.73 29.85 -73.81
N ASN D 1847 -65.89 29.46 -74.76
CA ASN D 1847 -66.33 28.56 -75.82
C ASN D 1847 -66.42 27.12 -75.36
N ILE D 1848 -65.49 26.68 -74.49
CA ILE D 1848 -65.50 25.29 -74.06
C ILE D 1848 -66.65 24.98 -73.12
N MET D 1849 -67.28 26.01 -72.54
CA MET D 1849 -68.39 25.77 -71.62
C MET D 1849 -69.71 25.52 -72.35
N ASN D 1850 -69.87 26.08 -73.54
CA ASN D 1850 -71.10 25.93 -74.32
C ASN D 1850 -71.13 24.65 -75.15
N ASN D 1851 -70.18 23.75 -74.95
CA ASN D 1851 -70.14 22.50 -75.71
C ASN D 1851 -71.17 21.52 -75.14
N LYS D 1852 -71.79 20.75 -76.03
CA LYS D 1852 -72.82 19.81 -75.61
C LYS D 1852 -72.21 18.49 -75.14
N VAL D 1853 -71.12 18.05 -75.77
CA VAL D 1853 -70.49 16.79 -75.38
C VAL D 1853 -69.84 16.89 -74.01
N PHE D 1854 -69.51 18.11 -73.56
CA PHE D 1854 -68.88 18.28 -72.26
C PHE D 1854 -69.80 17.78 -71.14
N TYR D 1855 -71.11 17.97 -71.29
CA TYR D 1855 -72.07 17.50 -70.31
C TYR D 1855 -72.48 16.05 -70.53
N GLN D 1856 -72.05 15.43 -71.63
CA GLN D 1856 -72.47 14.08 -71.96
C GLN D 1856 -71.45 13.03 -71.54
N HIS D 1857 -70.17 13.26 -71.82
CA HIS D 1857 -69.10 12.30 -71.55
C HIS D 1857 -68.07 12.91 -70.61
N PRO D 1858 -68.30 12.84 -69.29
CA PRO D 1858 -67.26 13.32 -68.36
C PRO D 1858 -66.02 12.44 -68.36
N ASN D 1859 -66.15 11.17 -68.72
CA ASN D 1859 -64.98 10.29 -68.80
C ASN D 1859 -64.03 10.75 -69.89
N LEU D 1860 -64.56 11.25 -71.00
CA LEU D 1860 -63.70 11.80 -72.05
C LEU D 1860 -62.96 13.03 -71.56
N MET D 1861 -63.64 13.89 -70.78
CA MET D 1861 -62.99 15.07 -70.22
C MET D 1861 -61.91 14.68 -69.20
N ARG D 1862 -62.12 13.59 -68.47
CA ARG D 1862 -61.11 13.14 -67.52
C ARG D 1862 -59.92 12.53 -68.24
N ALA D 1863 -60.17 11.80 -69.32
CA ALA D 1863 -59.08 11.19 -70.08
C ALA D 1863 -58.26 12.24 -70.81
N LEU D 1864 -58.93 13.26 -71.36
CA LEU D 1864 -58.22 14.35 -72.02
C LEU D 1864 -57.44 15.20 -71.04
N GLY D 1865 -57.84 15.23 -69.77
CA GLY D 1865 -57.11 15.94 -68.75
C GLY D 1865 -57.14 17.45 -68.88
N MET D 1866 -58.32 18.02 -69.18
CA MET D 1866 -58.42 19.47 -69.28
C MET D 1866 -58.25 20.16 -67.94
N HIS D 1867 -58.66 19.49 -66.85
CA HIS D 1867 -58.47 20.07 -65.52
C HIS D 1867 -56.99 20.21 -65.18
N GLU D 1868 -56.17 19.27 -65.65
CA GLU D 1868 -54.72 19.41 -65.49
C GLU D 1868 -54.21 20.64 -66.25
N THR D 1869 -54.75 20.88 -67.45
CA THR D 1869 -54.33 22.05 -68.21
C THR D 1869 -54.72 23.35 -67.50
N VAL D 1870 -55.93 23.41 -66.97
CA VAL D 1870 -56.34 24.62 -66.26
C VAL D 1870 -55.55 24.79 -64.96
N MET D 1871 -55.21 23.68 -64.29
CA MET D 1871 -54.38 23.77 -63.09
C MET D 1871 -52.98 24.27 -63.42
N GLU D 1872 -52.42 23.81 -64.54
CA GLU D 1872 -51.12 24.32 -64.98
C GLU D 1872 -51.20 25.81 -65.33
N VAL D 1873 -52.28 26.22 -66.00
CA VAL D 1873 -52.45 27.63 -66.32
C VAL D 1873 -52.52 28.46 -65.04
N MET D 1874 -53.24 27.96 -64.03
CA MET D 1874 -53.38 28.69 -62.78
C MET D 1874 -52.05 28.76 -62.03
N VAL D 1875 -51.30 27.66 -62.00
CA VAL D 1875 -50.02 27.68 -61.29
C VAL D 1875 -49.01 28.52 -62.05
N ASN D 1876 -49.20 28.71 -63.36
CA ASN D 1876 -48.29 29.57 -64.12
C ASN D 1876 -48.64 31.04 -63.98
N VAL D 1877 -49.94 31.37 -63.88
CA VAL D 1877 -50.32 32.78 -63.80
C VAL D 1877 -50.26 33.30 -62.36
N LEU D 1878 -50.46 32.43 -61.37
CA LEU D 1878 -50.31 32.83 -59.98
C LEU D 1878 -48.86 32.71 -59.54
N ARG D 1879 -52.46 39.83 -60.42
CA ARG D 1879 -52.46 40.21 -61.83
C ARG D 1879 -53.46 39.38 -62.63
N PHE D 1880 -53.94 39.96 -63.73
CA PHE D 1880 -54.91 39.32 -64.62
C PHE D 1880 -56.15 38.88 -63.85
N PRO D 1881 -56.98 39.82 -63.39
CA PRO D 1881 -58.18 39.40 -62.63
C PRO D 1881 -59.20 38.67 -63.47
N LYS D 1882 -59.44 39.13 -64.71
CA LYS D 1882 -60.40 38.44 -65.56
C LYS D 1882 -59.98 37.00 -65.84
N MET D 1883 -58.68 36.78 -66.02
CA MET D 1883 -58.18 35.43 -66.29
C MET D 1883 -58.44 34.50 -65.11
N VAL D 1884 -58.12 34.96 -63.90
CA VAL D 1884 -58.30 34.10 -62.74
C VAL D 1884 -59.78 33.86 -62.45
N THR D 1885 -60.61 34.89 -62.63
CA THR D 1885 -62.05 34.70 -62.47
C THR D 1885 -62.59 33.68 -63.47
N SER D 1886 -62.13 33.76 -64.72
CA SER D 1886 -62.61 32.83 -65.74
C SER D 1886 -62.18 31.40 -65.42
N CYS D 1887 -60.92 31.20 -65.02
CA CYS D 1887 -60.50 29.83 -64.77
C CYS D 1887 -61.16 29.26 -63.52
N CYS D 1888 -61.37 30.08 -62.48
CA CYS D 1888 -62.10 29.58 -61.32
C CYS D 1888 -63.56 29.30 -61.63
N ARG D 1889 -64.18 30.09 -62.52
CA ARG D 1889 -65.54 29.78 -62.94
C ARG D 1889 -65.59 28.47 -63.70
N PHE D 1890 -64.62 28.24 -64.59
CA PHE D 1890 -64.57 26.97 -65.31
C PHE D 1890 -64.36 25.80 -64.34
N LEU D 1891 -63.52 25.99 -63.33
CA LEU D 1891 -63.31 24.94 -62.33
C LEU D 1891 -64.60 24.65 -61.58
N CYS D 1892 -65.30 25.71 -61.14
CA CYS D 1892 -66.56 25.52 -60.42
C CYS D 1892 -67.59 24.79 -61.29
N TYR D 1893 -67.62 25.11 -62.58
CA TYR D 1893 -68.52 24.39 -63.49
C TYR D 1893 -68.07 22.95 -63.68
N PHE D 1894 -66.77 22.69 -63.56
CA PHE D 1894 -66.25 21.34 -63.77
C PHE D 1894 -66.49 20.42 -62.57
N CYS D 1895 -66.45 20.96 -61.36
CA CYS D 1895 -66.64 20.12 -60.18
C CYS D 1895 -68.08 19.63 -60.04
N ARG D 1896 -69.05 20.39 -60.55
CA ARG D 1896 -70.45 20.05 -60.43
C ARG D 1896 -70.96 19.20 -61.59
N ILE D 1897 -70.07 18.48 -62.27
CA ILE D 1897 -70.48 17.65 -63.40
C ILE D 1897 -70.89 16.26 -62.92
N SER D 1898 -69.99 15.55 -62.27
CA SER D 1898 -70.25 14.20 -61.79
C SER D 1898 -69.40 13.94 -60.56
N ARG D 1899 -69.52 12.71 -60.03
CA ARG D 1899 -68.75 12.34 -58.84
C ARG D 1899 -67.31 12.00 -59.17
N GLN D 1900 -67.06 11.47 -60.37
CA GLN D 1900 -65.68 11.19 -60.76
C GLN D 1900 -64.88 12.47 -60.93
N ASN D 1901 -65.49 13.50 -61.54
CA ASN D 1901 -64.84 14.81 -61.59
C ASN D 1901 -64.57 15.34 -60.20
N GLN D 1902 -65.50 15.11 -59.26
CA GLN D 1902 -65.30 15.55 -57.89
C GLN D 1902 -64.10 14.87 -57.25
N ARG D 1903 -64.01 13.55 -57.41
CA ARG D 1903 -62.88 12.82 -56.85
C ARG D 1903 -61.57 13.21 -57.50
N SER D 1904 -61.60 13.53 -58.79
CA SER D 1904 -60.37 13.95 -59.48
C SER D 1904 -59.92 15.34 -59.02
N MET D 1905 -60.87 16.24 -58.80
CA MET D 1905 -60.52 17.60 -58.36
C MET D 1905 -60.17 17.65 -56.88
N PHE D 1906 -60.65 16.69 -56.09
CA PHE D 1906 -60.34 16.67 -54.66
C PHE D 1906 -58.84 16.54 -54.39
N ASP D 1907 -58.07 16.04 -55.35
CA ASP D 1907 -56.65 15.79 -55.12
C ASP D 1907 -55.87 17.08 -54.85
N HIS D 1908 -56.30 18.20 -55.42
CA HIS D 1908 -55.60 19.47 -55.30
C HIS D 1908 -56.17 20.36 -54.21
N LEU D 1909 -56.85 19.77 -53.23
CA LEU D 1909 -57.45 20.57 -52.16
C LEU D 1909 -56.39 21.26 -51.32
N SER D 1910 -55.28 20.58 -51.05
CA SER D 1910 -54.21 21.21 -50.26
C SER D 1910 -53.64 22.42 -50.98
N TYR D 1911 -53.37 22.31 -52.28
CA TYR D 1911 -52.84 23.43 -53.02
C TYR D 1911 -53.86 24.56 -53.14
N LEU D 1912 -55.15 24.21 -53.28
CA LEU D 1912 -56.17 25.25 -53.35
C LEU D 1912 -56.27 26.00 -52.03
N LEU D 1913 -56.20 25.28 -50.90
CA LEU D 1913 -56.24 25.94 -49.60
C LEU D 1913 -54.98 26.77 -49.36
N GLU D 1914 -53.83 26.33 -49.88
CA GLU D 1914 -52.61 27.11 -49.73
C GLU D 1914 -52.65 28.38 -50.55
N ASN D 1915 -53.23 28.31 -51.76
CA ASN D 1915 -53.29 29.47 -52.63
C ASN D 1915 -54.41 30.43 -52.25
N SER D 1916 -55.46 29.95 -51.56
CA SER D 1916 -56.55 30.83 -51.18
C SER D 1916 -56.09 31.86 -50.15
N GLY D 1917 -55.27 31.43 -49.18
CA GLY D 1917 -54.78 32.33 -48.16
C GLY D 1917 -55.83 32.74 -47.15
N SER D 1918 -64.57 35.43 -58.12
CA SER D 1918 -64.14 34.05 -58.15
C SER D 1918 -62.82 33.88 -57.41
N THR D 1919 -62.78 32.92 -56.48
CA THR D 1919 -61.62 32.66 -55.64
C THR D 1919 -61.49 31.15 -55.47
N PRO D 1920 -60.27 30.62 -55.48
CA PRO D 1920 -60.11 29.16 -55.32
C PRO D 1920 -60.71 28.61 -54.03
N LEU D 1921 -60.96 29.44 -53.02
CA LEU D 1921 -61.66 28.94 -51.84
C LEU D 1921 -63.09 28.53 -52.18
N ASP D 1922 -63.72 29.20 -53.14
CA ASP D 1922 -65.04 28.76 -53.60
C ASP D 1922 -64.96 27.40 -54.27
N VAL D 1923 -63.90 27.18 -55.06
CA VAL D 1923 -63.70 25.87 -55.68
C VAL D 1923 -63.49 24.80 -54.61
N ALA D 1924 -62.74 25.13 -53.56
CA ALA D 1924 -62.53 24.19 -52.46
C ALA D 1924 -63.85 23.86 -51.78
N ALA D 1925 -64.65 24.88 -51.46
CA ALA D 1925 -65.93 24.65 -50.82
C ALA D 1925 -66.87 23.83 -51.70
N ALA D 1926 -66.82 24.05 -53.01
CA ALA D 1926 -67.63 23.26 -53.93
C ALA D 1926 -67.13 21.82 -54.01
N SER D 1927 -65.82 21.61 -53.83
CA SER D 1927 -65.29 20.25 -53.85
C SER D 1927 -65.63 19.48 -52.58
N VAL D 1928 -65.65 20.15 -51.43
CA VAL D 1928 -66.02 19.49 -50.19
C VAL D 1928 -67.53 19.27 -50.07
N ILE D 1929 -68.35 20.13 -50.66
CA ILE D 1929 -69.79 20.01 -50.55
C ILE D 1929 -70.29 18.89 -51.47
N ASP D 1930 -71.48 18.38 -51.17
CA ASP D 1930 -72.18 17.40 -52.00
C ASP D 1930 -71.39 16.10 -52.12
N ASN D 1931 -70.78 15.66 -51.03
CA ASN D 1931 -70.07 14.39 -51.01
C ASN D 1931 -69.87 13.96 -49.56
N ASN D 1932 -69.95 12.65 -49.34
CA ASN D 1932 -69.78 12.07 -48.01
C ASN D 1932 -68.52 11.22 -47.88
N GLU D 1933 -68.02 10.68 -48.99
CA GLU D 1933 -66.82 9.84 -48.91
C GLU D 1933 -65.59 10.69 -48.58
N LEU D 1934 -65.38 11.78 -49.31
CA LEU D 1934 -64.23 12.64 -49.06
C LEU D 1934 -64.37 13.42 -47.76
N ALA D 1935 -65.60 13.62 -47.27
CA ALA D 1935 -65.78 14.34 -46.01
C ALA D 1935 -65.26 13.55 -44.83
N LEU D 1936 -65.37 12.22 -44.88
CA LEU D 1936 -64.85 11.40 -43.79
C LEU D 1936 -63.33 11.29 -43.84
N ALA D 1937 -62.77 11.17 -45.05
CA ALA D 1937 -61.32 11.09 -45.24
C ALA D 1937 -60.65 12.45 -45.26
N LEU D 1938 -61.38 13.52 -44.92
CA LEU D 1938 -60.80 14.86 -44.95
C LEU D 1938 -59.78 15.00 -43.82
N GLN D 1939 -58.59 15.50 -44.18
CA GLN D 1939 -57.53 15.67 -43.21
C GLN D 1939 -57.70 16.97 -42.44
N GLU D 1940 -57.06 17.05 -41.28
CA GLU D 1940 -57.16 18.21 -40.40
C GLU D 1940 -56.14 19.29 -40.71
N GLN D 1941 -55.21 19.03 -41.64
CA GLN D 1941 -54.19 20.03 -41.96
C GLN D 1941 -54.82 21.23 -42.66
N ASP D 1942 -55.65 21.00 -43.67
CA ASP D 1942 -56.34 22.09 -44.34
C ASP D 1942 -57.30 22.79 -43.40
N LEU D 1943 -57.91 22.03 -42.48
CA LEU D 1943 -58.79 22.65 -41.48
C LEU D 1943 -58.01 23.60 -40.58
N GLU D 1944 -56.86 23.15 -40.08
CA GLU D 1944 -56.04 24.02 -39.25
C GLU D 1944 -55.57 25.24 -40.04
N LYS D 1945 -55.21 25.05 -41.32
CA LYS D 1945 -54.76 26.17 -42.13
C LYS D 1945 -55.87 27.19 -42.33
N VAL D 1946 -57.10 26.73 -42.59
CA VAL D 1946 -58.18 27.67 -42.84
C VAL D 1946 -58.61 28.37 -41.55
N VAL D 1947 -58.56 27.69 -40.41
CA VAL D 1947 -58.90 28.38 -39.18
C VAL D 1947 -57.80 29.36 -38.78
N SER D 1948 -56.54 29.04 -39.09
CA SER D 1948 -55.46 30.00 -38.85
C SER D 1948 -55.62 31.22 -39.74
N TYR D 1949 -56.00 31.03 -40.99
CA TYR D 1949 -56.23 32.16 -41.88
C TYR D 1949 -57.41 33.00 -41.41
N LEU D 1950 -58.47 32.35 -40.93
CA LEU D 1950 -59.63 33.10 -40.43
C LEU D 1950 -59.27 33.88 -39.17
N ALA D 1951 -58.40 33.32 -38.33
CA ALA D 1951 -57.98 34.03 -37.13
C ALA D 1951 -57.07 35.21 -37.47
N GLY D 1952 -56.16 35.01 -38.44
CA GLY D 1952 -55.27 36.10 -38.85
C GLY D 1952 -55.95 37.17 -39.66
N CYS D 1953 -57.10 36.87 -40.26
CA CYS D 1953 -57.81 37.88 -41.04
C CYS D 1953 -58.36 38.99 -40.14
N GLY D 1954 -59.04 38.61 -39.06
CA GLY D 1954 -59.59 39.56 -38.12
C GLY D 1954 -58.65 40.04 -37.05
N LEU D 1955 -57.38 39.65 -37.10
CA LEU D 1955 -56.44 40.06 -36.07
C LEU D 1955 -56.01 41.51 -36.27
N GLN D 1956 -55.84 41.94 -37.51
CA GLN D 1956 -55.43 43.30 -37.82
C GLN D 1956 -56.27 43.84 -38.97
N SER D 1957 -56.00 45.09 -39.35
CA SER D 1957 -56.74 45.71 -40.44
C SER D 1957 -56.27 45.17 -41.78
N CYS D 1958 -57.17 45.26 -42.77
CA CYS D 1958 -56.89 44.79 -44.12
C CYS D 1958 -56.72 45.98 -45.07
N PRO D 1959 -55.74 45.93 -45.96
CA PRO D 1959 -55.55 47.05 -46.90
C PRO D 1959 -56.72 47.26 -47.83
N MET D 1960 -57.37 46.19 -48.28
CA MET D 1960 -58.52 46.35 -49.17
C MET D 1960 -59.72 46.93 -48.44
N LEU D 1961 -59.82 46.67 -47.13
CA LEU D 1961 -60.94 47.20 -46.36
C LEU D 1961 -60.74 48.68 -46.01
N LEU D 1962 -59.49 49.12 -45.92
CA LEU D 1962 -59.24 50.52 -45.59
C LEU D 1962 -59.59 51.44 -46.75
N ALA D 1963 -59.47 50.96 -47.98
CA ALA D 1963 -59.78 51.80 -49.14
C ALA D 1963 -61.29 51.96 -49.34
N LYS D 1964 -62.07 50.92 -49.02
CA LYS D 1964 -63.52 50.95 -49.18
C LYS D 1964 -64.25 51.05 -47.84
N GLY D 1965 -63.55 51.48 -46.79
CA GLY D 1965 -64.18 51.60 -45.49
C GLY D 1965 -63.92 52.94 -44.82
N TYR D 1966 -65.00 53.65 -44.47
CA TYR D 1966 -64.89 54.94 -43.82
C TYR D 1966 -64.51 54.82 -42.35
N PRO D 1967 -65.20 53.99 -41.54
CA PRO D 1967 -64.81 53.89 -40.13
C PRO D 1967 -63.50 53.16 -39.91
N ASP D 1968 -63.03 52.39 -40.88
CA ASP D 1968 -61.78 51.65 -40.79
C ASP D 1968 -61.78 50.71 -39.57
N ILE D 1969 -62.72 49.77 -39.59
CA ILE D 1969 -62.82 48.81 -38.50
C ILE D 1969 -61.63 47.85 -38.55
N GLY D 1970 -61.32 47.26 -37.39
CA GLY D 1970 -60.19 46.37 -37.26
C GLY D 1970 -60.32 45.08 -38.05
N TRP D 1971 -61.28 44.25 -37.68
CA TRP D 1971 -61.46 42.96 -38.33
C TRP D 1971 -62.21 43.12 -39.65
N ASN D 1972 -61.72 42.44 -40.68
CA ASN D 1972 -62.35 42.53 -42.00
C ASN D 1972 -63.66 41.76 -42.01
N PRO D 1973 -64.79 42.41 -42.33
CA PRO D 1973 -66.08 41.70 -42.32
C PRO D 1973 -66.30 40.82 -43.54
N CYS D 1974 -65.83 41.26 -44.70
CA CYS D 1974 -66.08 40.51 -45.93
C CYS D 1974 -65.22 39.26 -46.01
N GLY D 1975 -63.92 39.40 -45.72
CA GLY D 1975 -63.04 38.24 -45.75
C GLY D 1975 -63.38 37.21 -44.68
N GLY D 1976 -63.91 37.66 -43.55
CA GLY D 1976 -64.31 36.72 -42.51
C GLY D 1976 -65.42 35.80 -42.96
N GLU D 1977 -66.43 36.35 -43.64
CA GLU D 1977 -67.51 35.52 -44.14
C GLU D 1977 -67.02 34.56 -45.21
N ARG D 1978 -66.15 35.03 -46.10
CA ARG D 1978 -65.61 34.16 -47.15
C ARG D 1978 -64.75 33.05 -46.56
N TYR D 1979 -64.09 33.30 -45.44
CA TYR D 1979 -63.29 32.27 -44.79
C TYR D 1979 -64.17 31.29 -44.01
N LEU D 1980 -65.24 31.79 -43.40
CA LEU D 1980 -66.12 30.94 -42.60
C LEU D 1980 -67.05 30.10 -43.45
N ASP D 1981 -67.34 30.53 -44.69
CA ASP D 1981 -68.20 29.75 -45.58
C ASP D 1981 -67.57 28.39 -45.90
N PHE D 1982 -66.24 28.32 -45.92
CA PHE D 1982 -65.58 27.03 -46.15
C PHE D 1982 -65.95 26.03 -45.06
N LEU D 1983 -65.79 26.42 -43.79
CA LEU D 1983 -66.17 25.53 -42.70
C LEU D 1983 -67.67 25.29 -42.67
N ARG D 1984 -68.47 26.30 -43.03
CA ARG D 1984 -69.92 26.14 -43.06
C ARG D 1984 -70.34 25.06 -44.05
N PHE D 1985 -69.71 25.04 -45.23
CA PHE D 1985 -69.99 24.00 -46.21
C PHE D 1985 -69.31 22.68 -45.89
N ALA D 1986 -68.24 22.71 -45.09
CA ALA D 1986 -67.54 21.47 -44.76
C ALA D 1986 -68.24 20.69 -43.64
N VAL D 1987 -68.86 21.39 -42.69
CA VAL D 1987 -69.50 20.68 -41.57
C VAL D 1987 -70.81 20.02 -41.97
N PHE D 1988 -71.46 20.49 -43.02
CA PHE D 1988 -72.75 19.97 -43.46
C PHE D 1988 -72.55 18.99 -44.61
N VAL D 1989 -73.13 17.80 -44.48
CA VAL D 1989 -73.15 16.80 -45.54
C VAL D 1989 -74.51 16.11 -45.53
N ASN D 1990 -75.34 16.41 -46.53
CA ASN D 1990 -76.69 15.86 -46.64
C ASN D 1990 -77.50 16.13 -45.37
N GLY D 1991 -77.28 17.29 -44.78
CA GLY D 1991 -77.98 17.67 -43.55
C GLY D 1991 -77.33 17.22 -42.26
N GLU D 1992 -77.06 15.93 -42.13
CA GLU D 1992 -76.45 15.40 -40.92
C GLU D 1992 -75.01 15.84 -40.80
N SER D 1993 -74.54 15.98 -39.57
CA SER D 1993 -73.17 16.40 -39.29
C SER D 1993 -72.32 15.21 -38.87
N VAL D 1994 -71.03 15.29 -39.19
CA VAL D 1994 -70.09 14.22 -38.87
C VAL D 1994 -69.56 14.44 -37.45
N GLU D 1995 -69.43 13.35 -36.70
CA GLU D 1995 -69.01 13.46 -35.31
C GLU D 1995 -67.55 13.90 -35.20
N GLU D 1996 -66.64 13.15 -35.82
CA GLU D 1996 -65.21 13.47 -35.71
C GLU D 1996 -64.89 14.80 -36.37
N ASN D 1997 -65.55 15.11 -37.49
CA ASN D 1997 -65.31 16.38 -38.17
C ASN D 1997 -65.76 17.55 -37.30
N ALA D 1998 -66.97 17.51 -36.76
CA ALA D 1998 -67.43 18.56 -35.87
C ALA D 1998 -66.55 18.68 -34.64
N ASN D 1999 -66.07 17.54 -34.12
CA ASN D 1999 -65.19 17.56 -32.96
C ASN D 1999 -63.88 18.29 -33.28
N VAL D 2000 -63.26 17.96 -34.41
CA VAL D 2000 -61.98 18.59 -34.70
C VAL D 2000 -62.16 20.06 -35.05
N VAL D 2001 -63.26 20.43 -35.72
CA VAL D 2001 -63.45 21.84 -36.03
C VAL D 2001 -63.70 22.65 -34.77
N VAL D 2002 -64.49 22.12 -33.83
CA VAL D 2002 -64.70 22.88 -32.60
C VAL D 2002 -63.41 22.93 -31.78
N ARG D 2003 -62.59 21.88 -31.85
CA ARG D 2003 -61.32 21.88 -31.14
C ARG D 2003 -60.39 22.97 -31.68
N LEU D 2004 -60.15 22.96 -32.98
CA LEU D 2004 -59.31 24.00 -33.58
C LEU D 2004 -59.95 25.38 -33.52
N LEU D 2005 -61.26 25.47 -33.26
CA LEU D 2005 -61.88 26.77 -33.09
C LEU D 2005 -61.66 27.34 -31.69
N ILE D 2006 -61.85 26.52 -30.66
CA ILE D 2006 -61.63 27.01 -29.30
C ILE D 2006 -60.16 27.03 -28.94
N ARG D 2007 -59.30 26.41 -29.75
CA ARG D 2007 -57.86 26.45 -29.46
C ARG D 2007 -57.31 27.86 -29.57
N LYS D 2008 -57.88 28.67 -30.47
CA LYS D 2008 -57.46 30.05 -30.65
C LYS D 2008 -58.61 30.99 -30.33
N PRO D 2009 -58.49 31.85 -29.31
CA PRO D 2009 -59.60 32.75 -28.99
C PRO D 2009 -59.75 33.92 -29.95
N GLU D 2010 -58.73 34.22 -30.76
CA GLU D 2010 -58.82 35.33 -31.70
C GLU D 2010 -59.69 35.03 -32.91
N CYS D 2011 -60.09 33.77 -33.11
CA CYS D 2011 -60.92 33.44 -34.26
C CYS D 2011 -62.33 33.99 -34.12
N PHE D 2012 -62.85 34.06 -32.90
CA PHE D 2012 -64.18 34.59 -32.67
C PHE D 2012 -64.18 36.11 -32.78
N GLY D 2013 -65.34 36.71 -32.57
CA GLY D 2013 -65.47 38.15 -32.62
C GLY D 2013 -64.81 38.82 -31.43
N PRO D 2014 -64.23 40.00 -31.64
CA PRO D 2014 -63.58 40.70 -30.52
C PRO D 2014 -64.54 41.22 -29.47
N ALA D 2015 -65.81 41.40 -29.80
CA ALA D 2015 -66.78 41.88 -28.83
C ALA D 2015 -67.30 40.77 -27.92
N LEU D 2016 -67.44 39.56 -28.45
CA LEU D 2016 -67.94 38.42 -27.69
C LEU D 2016 -66.75 37.55 -27.29
N ARG D 2017 -66.47 37.51 -25.98
CA ARG D 2017 -65.37 36.73 -25.44
C ARG D 2017 -64.04 37.10 -26.07
N LEU D 2018 -72.16 40.70 -26.69
CA LEU D 2018 -72.60 40.19 -27.98
C LEU D 2018 -73.83 40.93 -28.47
N LEU D 2019 -74.85 41.00 -27.62
CA LEU D 2019 -76.11 41.65 -28.01
C LEU D 2019 -75.94 43.16 -28.15
N ALA D 2020 -75.09 43.78 -27.33
CA ALA D 2020 -74.90 45.22 -27.39
C ALA D 2020 -74.29 45.64 -28.72
N THR D 2021 -73.29 44.91 -29.20
CA THR D 2021 -72.65 45.25 -30.47
C THR D 2021 -73.61 45.09 -31.63
N ILE D 2022 -74.43 44.02 -31.61
CA ILE D 2022 -75.39 43.80 -32.68
C ILE D 2022 -76.47 44.89 -32.66
N GLU D 2023 -76.89 45.30 -31.46
CA GLU D 2023 -77.89 46.37 -31.37
C GLU D 2023 -77.32 47.71 -31.82
N GLU D 2024 -76.04 47.96 -31.54
CA GLU D 2024 -75.42 49.21 -31.97
C GLU D 2024 -75.11 49.21 -33.46
N ALA D 2025 -74.92 48.03 -34.06
CA ALA D 2025 -74.63 47.97 -35.49
C ALA D 2025 -75.86 48.34 -36.32
N ILE D 2026 -77.03 47.86 -35.93
CA ILE D 2026 -78.27 48.16 -36.65
C ILE D 2026 -78.98 49.32 -35.96
N ALA D 2027 -72.43 43.16 -43.44
CA ALA D 2027 -71.09 43.51 -42.99
C ALA D 2027 -70.82 42.92 -41.60
N ILE D 2028 -70.99 43.74 -40.56
CA ILE D 2028 -70.77 43.27 -39.20
C ILE D 2028 -71.86 42.28 -38.80
N MET D 2029 -73.12 42.64 -39.03
CA MET D 2029 -74.22 41.75 -38.69
C MET D 2029 -74.17 40.46 -39.50
N SER D 2030 -73.82 40.56 -40.78
CA SER D 2030 -73.70 39.37 -41.62
C SER D 2030 -72.58 38.46 -41.14
N PHE D 2031 -71.44 39.05 -40.77
CA PHE D 2031 -70.33 38.25 -40.25
C PHE D 2031 -70.71 37.55 -38.95
N TYR D 2032 -71.37 38.28 -38.05
CA TYR D 2032 -71.79 37.67 -36.78
C TYR D 2032 -72.82 36.57 -37.02
N ALA D 2033 -73.72 36.77 -37.97
CA ALA D 2033 -74.72 35.75 -38.28
C ALA D 2033 -74.07 34.50 -38.86
N ALA D 2034 -73.11 34.67 -39.76
CA ALA D 2034 -72.39 33.52 -40.30
C ALA D 2034 -71.62 32.80 -39.20
N LEU D 2035 -71.00 33.56 -38.29
CA LEU D 2035 -70.24 32.95 -37.21
C LEU D 2035 -71.14 32.14 -36.28
N ILE D 2036 -72.30 32.69 -35.91
CA ILE D 2036 -73.17 31.98 -34.99
C ILE D 2036 -73.82 30.79 -35.69
N ASP D 2037 -74.11 30.90 -36.99
CA ASP D 2037 -74.63 29.76 -37.73
C ASP D 2037 -73.60 28.64 -37.82
N LEU D 2038 -72.33 29.00 -37.98
CA LEU D 2038 -71.27 27.98 -37.99
C LEU D 2038 -71.12 27.34 -36.62
N LEU D 2039 -71.17 28.15 -35.55
CA LEU D 2039 -71.06 27.60 -34.20
C LEU D 2039 -72.23 26.67 -33.89
N GLY D 2040 -73.41 26.99 -34.41
CA GLY D 2040 -74.55 26.11 -34.21
C GLY D 2040 -74.58 24.89 -35.13
N ARG D 2041 -73.89 24.96 -36.26
CA ARG D 2041 -73.88 23.84 -37.19
C ARG D 2041 -73.05 22.67 -36.64
N CYS D 2042 -71.91 22.97 -36.02
CA CYS D 2042 -71.03 21.94 -35.50
C CYS D 2042 -71.54 21.32 -34.20
N ALA D 2043 -72.75 21.68 -33.76
CA ALA D 2043 -73.28 21.12 -32.53
C ALA D 2043 -73.79 19.69 -32.78
N PRO D 2044 -73.60 18.78 -31.83
CA PRO D 2044 -74.09 17.40 -32.02
C PRO D 2044 -75.61 17.31 -31.95
N GLU D 2045 -76.29 17.73 -33.03
CA GLU D 2045 -77.74 17.69 -33.07
C GLU D 2045 -78.30 16.28 -33.28
N MET D 2046 -77.43 15.28 -33.37
CA MET D 2046 -77.91 13.91 -33.55
C MET D 2046 -78.58 13.41 -32.27
N HIS D 2047 -79.64 12.61 -32.46
CA HIS D 2047 -80.36 12.08 -31.30
C HIS D 2047 -79.53 11.04 -30.56
N LEU D 2048 -78.78 10.21 -31.29
CA LEU D 2048 -77.95 9.20 -30.64
C LEU D 2048 -76.75 9.82 -29.94
N ILE D 2049 -76.25 10.94 -30.46
CA ILE D 2049 -75.10 11.60 -29.83
C ILE D 2049 -75.46 12.38 -28.59
N GLN D 2050 -76.74 12.56 -28.30
CA GLN D 2050 -77.19 13.29 -27.13
C GLN D 2050 -77.91 12.43 -26.10
N ALA D 2051 -78.54 11.34 -26.52
CA ALA D 2051 -79.31 10.47 -25.61
C ALA D 2051 -78.40 9.33 -25.17
N GLY D 2052 -77.86 9.45 -23.95
CA GLY D 2052 -77.03 8.40 -23.39
C GLY D 2052 -75.70 8.22 -24.11
N LYS D 2053 -74.97 9.32 -24.31
CA LYS D 2053 -73.67 9.28 -24.95
C LYS D 2053 -72.54 9.67 -23.99
N GLY D 2054 -72.64 10.84 -23.37
CA GLY D 2054 -71.64 11.29 -22.42
C GLY D 2054 -70.42 11.93 -23.07
N GLU D 2055 -70.04 11.46 -24.26
CA GLU D 2055 -68.88 12.01 -24.94
C GLU D 2055 -69.17 13.38 -25.53
N ALA D 2056 -70.31 13.53 -26.21
CA ALA D 2056 -70.67 14.79 -26.84
C ALA D 2056 -71.18 15.83 -25.86
N LEU D 2057 -71.50 15.44 -24.62
CA LEU D 2057 -72.01 16.39 -23.65
C LEU D 2057 -70.98 17.46 -23.31
N ARG D 2058 -69.70 17.08 -23.29
CA ARG D 2058 -68.65 18.05 -23.01
C ARG D 2058 -68.64 19.16 -24.06
N ILE D 2059 -68.57 18.79 -25.33
CA ILE D 2059 -68.50 19.80 -26.38
C ILE D 2059 -69.83 20.53 -26.50
N ARG D 2060 -70.94 19.87 -26.13
CA ARG D 2060 -72.23 20.56 -26.12
C ARG D 2060 -72.25 21.68 -25.09
N ALA D 2061 -71.80 21.38 -23.86
CA ALA D 2061 -71.70 22.42 -22.85
C ALA D 2061 -70.72 23.50 -23.26
N ILE D 2062 -69.62 23.11 -23.91
CA ILE D 2062 -68.63 24.08 -24.38
C ILE D 2062 -69.27 25.07 -25.34
N LEU D 2063 -69.94 24.56 -26.38
CA LEU D 2063 -70.55 25.44 -27.37
C LEU D 2063 -71.74 26.21 -26.82
N ARG D 2064 -72.44 25.67 -25.83
CA ARG D 2064 -73.57 26.39 -25.25
C ARG D 2064 -73.13 27.47 -24.28
N SER D 2065 -71.94 27.34 -23.71
CA SER D 2065 -71.47 28.35 -22.76
C SER D 2065 -70.97 29.61 -23.46
N LEU D 2066 -70.58 29.51 -24.74
CA LEU D 2066 -70.21 30.70 -25.48
C LEU D 2066 -71.40 31.64 -25.65
N VAL D 2067 -72.44 31.16 -26.33
CA VAL D 2067 -73.62 31.97 -26.62
C VAL D 2067 -74.81 31.39 -25.86
N PRO D 2068 -75.14 31.91 -24.67
CA PRO D 2068 -76.29 31.39 -23.93
C PRO D 2068 -77.61 31.74 -24.59
N LEU D 2069 -78.72 31.30 -23.99
CA LEU D 2069 -80.03 31.61 -24.54
C LEU D 2069 -80.36 33.10 -24.44
N ASP D 2070 -79.67 33.84 -23.58
CA ASP D 2070 -79.93 35.27 -23.45
C ASP D 2070 -79.59 36.01 -24.73
N ASP D 2071 -78.43 35.72 -25.33
CA ASP D 2071 -78.07 36.35 -26.59
C ASP D 2071 -79.05 35.96 -27.69
N LEU D 2072 -79.50 34.71 -27.69
CA LEU D 2072 -80.45 34.26 -28.70
C LEU D 2072 -81.77 35.01 -28.59
N VAL D 2073 -82.32 35.12 -27.38
CA VAL D 2073 -83.59 35.80 -27.23
C VAL D 2073 -83.44 37.30 -27.47
N GLY D 2074 -82.28 37.86 -27.15
CA GLY D 2074 -82.05 39.27 -27.44
C GLY D 2074 -81.96 39.55 -28.93
N ILE D 2075 -81.33 38.64 -29.68
CA ILE D 2075 -81.27 38.80 -31.13
C ILE D 2075 -82.63 38.57 -31.75
N ILE D 2076 -83.44 37.68 -31.18
CA ILE D 2076 -84.79 37.45 -31.68
C ILE D 2076 -85.67 38.67 -31.41
N SER D 2077 -85.49 39.32 -30.26
CA SER D 2077 -86.28 40.48 -29.90
C SER D 2077 -85.89 41.73 -30.68
N LEU D 2078 -84.91 41.65 -31.58
CA LEU D 2078 -84.54 42.80 -32.38
C LEU D 2078 -85.64 43.13 -33.39
N PRO D 2079 -85.95 44.41 -33.59
CA PRO D 2079 -87.02 44.76 -34.53
C PRO D 2079 -86.59 44.52 -35.97
N LEU D 2080 -87.57 44.21 -36.81
CA LEU D 2080 -87.34 43.96 -38.23
C LEU D 2080 -87.73 45.18 -39.05
N GLN D 2081 -87.01 45.38 -40.16
CA GLN D 2081 -87.28 46.49 -41.06
C GLN D 2081 -88.43 46.10 -41.98
N ILE D 2082 -89.63 46.53 -41.61
CA ILE D 2082 -90.81 46.21 -42.42
C ILE D 2082 -90.81 47.07 -43.69
N PRO D 2083 -91.27 46.54 -44.83
CA PRO D 2083 -91.26 47.38 -46.05
C PRO D 2083 -92.28 48.51 -46.00
N THR D 2084 -93.41 48.31 -45.34
CA THR D 2084 -94.46 49.33 -45.22
C THR D 2084 -94.92 49.83 -46.58
N MET D 2085 -83.69 46.27 -49.69
CA MET D 2085 -82.55 46.98 -49.14
C MET D 2085 -81.52 46.02 -48.58
N SER D 2086 -80.46 45.76 -49.35
CA SER D 2086 -79.42 44.85 -48.91
C SER D 2086 -78.57 45.46 -47.79
N ALA D 2087 -78.41 46.79 -47.78
CA ALA D 2087 -77.63 47.44 -46.74
C ALA D 2087 -78.37 47.42 -45.40
N SER D 2088 -79.69 47.36 -45.43
CA SER D 2088 -80.49 47.34 -44.21
C SER D 2088 -80.54 45.92 -43.65
N PHE D 2089 -81.40 45.69 -42.67
CA PHE D 2089 -81.53 44.37 -42.06
C PHE D 2089 -82.28 43.42 -42.98
N VAL D 2090 -81.80 42.18 -43.04
CA VAL D 2090 -82.41 41.16 -43.89
C VAL D 2090 -82.85 40.00 -42.99
N PRO D 2091 -84.00 39.37 -43.25
CA PRO D 2091 -84.45 38.25 -42.40
C PRO D 2091 -83.54 37.03 -42.42
N ASP D 2092 -82.47 37.03 -43.22
CA ASP D 2092 -81.52 35.91 -43.17
C ASP D 2092 -80.85 35.82 -41.81
N HIS D 2093 -80.58 36.98 -41.19
CA HIS D 2093 -80.05 36.98 -39.84
C HIS D 2093 -80.99 36.28 -38.86
N LYS D 2094 -82.28 36.62 -38.91
CA LYS D 2094 -83.24 36.01 -38.01
C LYS D 2094 -83.40 34.52 -38.30
N ALA D 2095 -83.32 34.14 -39.57
CA ALA D 2095 -83.32 32.71 -39.90
C ALA D 2095 -82.13 31.99 -39.27
N SER D 2096 -80.96 32.62 -39.31
CA SER D 2096 -79.79 32.03 -38.65
C SER D 2096 -79.99 31.93 -37.15
N MET D 2097 -80.58 32.96 -36.54
CA MET D 2097 -80.84 32.91 -35.10
C MET D 2097 -81.78 31.78 -34.74
N VAL D 2098 -82.87 31.62 -35.48
CA VAL D 2098 -83.83 30.58 -35.14
C VAL D 2098 -83.24 29.20 -35.42
N LEU D 2099 -82.40 29.07 -36.46
CA LEU D 2099 -81.75 27.80 -36.71
C LEU D 2099 -80.80 27.43 -35.57
N PHE D 2100 -80.02 28.39 -35.11
CA PHE D 2100 -79.13 28.16 -33.97
C PHE D 2100 -79.93 27.77 -32.73
N LEU D 2101 -81.02 28.51 -32.46
CA LEU D 2101 -81.83 28.24 -31.28
C LEU D 2101 -82.46 26.86 -31.33
N ASP D 2102 -82.91 26.42 -32.50
CA ASP D 2102 -83.48 25.09 -32.63
C ASP D 2102 -82.42 23.99 -32.64
N ARG D 2103 -81.18 24.32 -32.99
CA ARG D 2103 -80.14 23.30 -33.06
C ARG D 2103 -79.50 23.06 -31.70
N VAL D 2104 -79.01 24.12 -31.05
CA VAL D 2104 -78.21 23.92 -29.84
C VAL D 2104 -79.08 23.78 -28.58
N TYR D 2105 -80.21 24.47 -28.53
CA TYR D 2105 -81.07 24.46 -27.35
C TYR D 2105 -82.44 23.85 -27.62
N GLY D 2106 -83.09 24.24 -28.72
CA GLY D 2106 -84.39 23.70 -29.05
C GLY D 2106 -84.37 22.25 -29.46
N PHE D 2107 -92.44 26.62 -19.88
CA PHE D 2107 -92.00 26.65 -21.26
C PHE D 2107 -91.74 28.08 -21.72
N LEU D 2108 -91.12 28.21 -22.89
CA LEU D 2108 -90.72 29.51 -23.43
C LEU D 2108 -91.73 30.03 -24.47
N LEU D 2109 -92.99 29.59 -24.35
CA LEU D 2109 -93.99 29.89 -25.37
C LEU D 2109 -94.35 31.37 -25.40
N HIS D 2110 -94.52 31.99 -24.23
CA HIS D 2110 -94.91 33.40 -24.20
C HIS D 2110 -93.82 34.30 -24.75
N VAL D 2111 -92.57 34.04 -24.39
CA VAL D 2111 -91.46 34.83 -24.91
C VAL D 2111 -91.28 34.58 -26.40
N LEU D 2112 -91.47 33.33 -26.84
CA LEU D 2112 -91.40 33.04 -28.27
C LEU D 2112 -92.50 33.77 -29.04
N ASP D 2113 -93.68 33.90 -28.44
CA ASP D 2113 -94.78 34.59 -29.11
C ASP D 2113 -94.53 36.10 -29.17
N VAL D 2114 -94.02 36.68 -28.08
CA VAL D 2114 -93.79 38.13 -28.09
C VAL D 2114 -92.58 38.47 -28.95
N GLY D 2115 -91.65 37.52 -29.12
CA GLY D 2115 -90.49 37.80 -29.95
C GLY D 2115 -90.82 37.76 -31.44
N PHE D 2116 -91.52 36.72 -31.88
CA PHE D 2116 -91.92 36.62 -33.27
C PHE D 2116 -93.15 37.46 -33.55
N ALA D 2117 -88.65 42.43 -50.37
CA ALA D 2117 -90.09 42.19 -50.44
C ALA D 2117 -90.42 40.74 -50.12
N LEU D 2118 -89.88 39.83 -50.93
CA LEU D 2118 -90.12 38.40 -50.75
C LEU D 2118 -89.20 37.77 -49.71
N ALA D 2119 -88.32 38.55 -49.09
CA ALA D 2119 -87.40 37.99 -48.10
C ALA D 2119 -88.15 37.60 -46.82
N LEU D 2120 -89.10 38.43 -46.38
CA LEU D 2120 -89.85 38.12 -45.17
C LEU D 2120 -90.80 36.96 -45.38
N ASN D 2121 -91.28 36.76 -46.61
CA ASN D 2121 -92.20 35.65 -46.88
C ASN D 2121 -91.48 34.31 -46.78
N ARG D 2122 -90.31 34.19 -47.39
CA ARG D 2122 -89.56 32.94 -47.34
C ARG D 2122 -88.94 32.68 -45.98
N TYR D 2123 -88.79 33.72 -45.15
CA TYR D 2123 -88.19 33.54 -43.84
C TYR D 2123 -89.09 32.74 -42.91
N LEU D 2124 -90.41 32.95 -43.01
CA LEU D 2124 -91.33 32.23 -42.14
C LEU D 2124 -91.38 30.74 -42.48
N CYS D 2125 -91.49 30.42 -43.77
CA CYS D 2125 -91.56 29.03 -44.19
C CYS D 2125 -90.23 28.31 -44.14
N LEU D 2126 -89.13 29.02 -43.87
CA LEU D 2126 -87.82 28.39 -43.83
C LEU D 2126 -87.63 27.59 -42.54
N ALA D 2127 -87.67 28.26 -41.39
CA ALA D 2127 -87.48 27.59 -40.11
C ALA D 2127 -88.46 28.01 -39.03
N VAL D 2128 -89.23 29.09 -39.21
CA VAL D 2128 -90.16 29.54 -38.18
C VAL D 2128 -91.33 28.58 -38.10
N LEU D 2129 -91.98 28.30 -39.23
CA LEU D 2129 -93.12 27.39 -39.27
C LEU D 2129 -92.70 25.95 -38.95
N PRO D 2130 -91.59 25.44 -39.47
CA PRO D 2130 -91.14 24.11 -39.03
C PRO D 2130 -90.83 24.03 -37.55
N LEU D 2131 -90.49 25.16 -36.91
CA LEU D 2131 -90.24 25.15 -35.48
C LEU D 2131 -91.54 24.93 -34.70
N ILE D 2132 -92.65 25.49 -35.18
CA ILE D 2132 -93.92 25.32 -34.49
C ILE D 2132 -94.43 23.89 -34.61
N THR D 2133 -94.14 23.23 -35.74
CA THR D 2133 -94.59 21.85 -35.91
C THR D 2133 -93.84 20.91 -34.97
N LYS D 2134 -92.56 21.18 -34.72
CA LYS D 2134 -91.80 20.35 -33.79
C LYS D 2134 -92.26 20.54 -32.36
N CYS D 2135 -92.75 21.73 -32.02
CA CYS D 2135 -93.24 22.03 -30.68
C CYS D 2135 -94.76 21.90 -30.58
N ALA D 2136 -95.34 20.99 -31.37
CA ALA D 2136 -96.80 20.80 -31.32
C ALA D 2136 -97.26 20.26 -29.97
N PRO D 2137 -96.68 19.19 -29.42
CA PRO D 2137 -97.14 18.75 -28.09
C PRO D 2137 -96.79 19.72 -26.98
N LEU D 2138 -95.72 20.51 -27.14
CA LEU D 2138 -95.36 21.48 -26.12
C LEU D 2138 -96.27 22.70 -26.14
N PHE D 2139 -97.04 22.90 -27.21
CA PHE D 2139 -97.94 24.04 -27.28
C PHE D 2139 -99.11 23.87 -26.32
N ALA D 2140 -99.48 24.96 -25.67
CA ALA D 2140 -100.59 24.93 -24.73
C ALA D 2140 -101.93 24.99 -25.44
N MET D 2141 -100.94 36.60 -26.38
CA MET D 2141 -102.03 36.54 -27.33
C MET D 2141 -101.86 35.37 -28.29
N VAL D 2142 -102.12 34.17 -27.80
CA VAL D 2142 -101.98 32.98 -28.64
C VAL D 2142 -103.12 32.90 -29.65
N ASP D 2143 -104.29 33.45 -29.31
CA ASP D 2143 -105.42 33.40 -30.23
C ASP D 2143 -105.20 34.33 -31.42
N SER D 2144 -104.59 35.49 -31.18
CA SER D 2144 -104.31 36.42 -32.27
C SER D 2144 -103.20 35.92 -33.20
N MET D 2145 -102.33 35.03 -32.72
CA MET D 2145 -101.27 34.51 -33.56
C MET D 2145 -101.80 33.56 -34.62
N LEU D 2146 -102.99 32.97 -34.38
CA LEU D 2146 -103.57 32.08 -35.37
C LEU D 2146 -104.21 32.85 -36.52
N HIS D 2147 -104.58 34.12 -36.29
CA HIS D 2147 -105.22 34.90 -37.33
C HIS D 2147 -104.22 35.38 -38.37
N THR D 2148 -103.03 35.82 -37.94
CA THR D 2148 -102.02 36.30 -38.87
C THR D 2148 -101.42 35.17 -39.70
N VAL D 2149 -101.54 33.92 -39.24
CA VAL D 2149 -101.03 32.80 -40.02
C VAL D 2149 -101.91 32.56 -41.25
N TYR D 2150 -103.23 32.71 -41.09
CA TYR D 2150 -104.12 32.53 -42.23
C TYR D 2150 -104.05 33.69 -43.20
N ARG D 2151 -103.68 34.88 -42.72
CA ARG D 2151 -103.56 36.03 -43.60
C ARG D 2151 -102.41 35.86 -44.59
N LEU D 2152 -101.31 35.25 -44.15
CA LEU D 2152 -100.20 35.01 -45.06
C LEU D 2152 -100.51 33.88 -46.03
N SER D 2153 -101.40 32.95 -45.65
CA SER D 2153 -101.75 31.86 -46.55
C SER D 2153 -102.68 32.33 -47.66
N ARG D 2154 -103.58 33.26 -47.36
CA ARG D 2154 -104.49 33.77 -48.38
C ARG D 2154 -103.79 34.61 -49.43
N GLY D 2155 -102.64 35.20 -49.10
CA GLY D 2155 -101.92 36.00 -50.08
C GLY D 2155 -101.29 35.13 -51.15
N ARG D 2156 -101.30 35.64 -52.38
CA ARG D 2156 -100.74 34.93 -53.52
C ARG D 2156 -99.28 35.28 -53.78
N SER D 2157 -98.72 36.22 -53.03
CA SER D 2157 -97.31 36.62 -53.21
C SER D 2157 -96.43 35.72 -52.36
N LEU D 2158 -96.38 34.45 -52.74
CA LEU D 2158 -95.59 33.46 -52.03
C LEU D 2158 -95.28 32.31 -52.98
N THR D 2159 -94.28 31.51 -52.58
CA THR D 2159 -93.87 30.36 -53.38
C THR D 2159 -94.87 29.22 -53.21
N LYS D 2160 -95.20 28.56 -54.33
CA LYS D 2160 -96.13 27.44 -54.28
C LYS D 2160 -95.60 26.32 -53.39
N ALA D 2161 -94.29 26.09 -53.41
CA ALA D 2161 -93.70 25.08 -52.54
C ALA D 2161 -93.74 25.53 -51.08
N GLN D 2162 -93.53 26.83 -50.83
CA GLN D 2162 -93.60 27.35 -49.48
C GLN D 2162 -95.03 27.50 -48.98
N ARG D 2163 -96.02 27.47 -49.88
CA ARG D 2163 -97.41 27.57 -49.46
C ARG D 2163 -97.84 26.34 -48.67
N ASP D 2164 -97.30 25.17 -49.00
CA ASP D 2164 -97.62 23.96 -48.25
C ASP D 2164 -97.07 24.03 -46.82
N VAL D 2165 -95.98 24.75 -46.62
CA VAL D 2165 -95.43 24.89 -45.27
C VAL D 2165 -96.36 25.71 -44.39
N ILE D 2166 -96.97 26.76 -44.95
CA ILE D 2166 -97.93 27.55 -44.19
C ILE D 2166 -99.17 26.73 -43.88
N GLU D 2167 -99.63 25.93 -44.83
CA GLU D 2167 -100.79 25.07 -44.59
C GLU D 2167 -100.46 23.96 -43.61
N GLU D 2168 -99.20 23.52 -43.56
CA GLU D 2168 -98.80 22.50 -42.60
C GLU D 2168 -98.78 23.03 -41.18
N CYS D 2169 -98.57 24.34 -41.01
CA CYS D 2169 -98.57 24.92 -39.67
C CYS D 2169 -99.97 24.92 -39.07
N LEU D 2170 -100.97 25.33 -39.85
CA LEU D 2170 -102.35 25.32 -39.37
C LEU D 2170 -102.86 23.90 -39.19
N MET D 2171 -102.35 22.95 -39.97
CA MET D 2171 -102.77 21.56 -39.83
C MET D 2171 -102.20 20.93 -38.56
N ALA D 2172 -100.93 21.22 -38.25
CA ALA D 2172 -100.32 20.65 -37.06
C ALA D 2172 -100.86 21.32 -35.80
N LEU D 2173 -101.33 22.56 -35.89
CA LEU D 2173 -101.88 23.28 -34.76
C LEU D 2173 -103.36 22.98 -34.55
N CYS D 2174 -103.88 21.89 -35.09
CA CYS D 2174 -105.29 21.55 -34.90
C CYS D 2174 -105.55 20.85 -33.57
N ARG D 2175 -104.53 20.22 -33.00
CA ARG D 2175 -104.65 19.52 -31.71
C ARG D 2175 -103.75 20.20 -30.68
N TYR D 2176 -103.84 19.72 -29.45
CA TYR D 2176 -103.08 20.22 -28.29
C TYR D 2176 -103.52 21.62 -27.87
N ILE D 2177 -104.68 22.08 -28.37
CA ILE D 2177 -105.31 23.31 -27.90
C ILE D 2177 -106.77 22.97 -27.60
N ARG D 2178 -107.39 23.80 -26.77
CA ARG D 2178 -108.78 23.62 -26.36
C ARG D 2178 -109.68 23.43 -27.58
N PRO D 2179 -110.44 22.33 -27.66
CA PRO D 2179 -111.23 22.07 -28.88
C PRO D 2179 -112.40 23.02 -29.07
N SER D 2180 -112.76 23.81 -28.05
CA SER D 2180 -113.90 24.71 -28.14
C SER D 2180 -113.51 26.17 -28.25
N MET D 2181 -112.45 26.60 -27.56
CA MET D 2181 -112.06 28.00 -27.60
C MET D 2181 -111.38 28.36 -28.92
N LEU D 2182 -110.42 27.53 -29.35
CA LEU D 2182 -109.67 27.84 -30.55
C LEU D 2182 -110.44 27.54 -31.83
N GLN D 2183 -111.27 26.48 -31.82
CA GLN D 2183 -112.01 26.13 -33.02
C GLN D 2183 -113.09 27.16 -33.35
N HIS D 2184 -113.68 27.77 -32.32
CA HIS D 2184 -114.71 28.77 -32.55
C HIS D 2184 -114.12 30.14 -32.87
N LEU D 2185 -112.97 30.48 -32.28
CA LEU D 2185 -112.36 31.78 -32.54
C LEU D 2185 -111.73 31.82 -33.93
N LEU D 2186 -111.10 30.73 -34.36
CA LEU D 2186 -110.47 30.71 -35.67
C LEU D 2186 -111.51 30.69 -36.79
N ARG D 2187 -112.60 29.96 -36.59
CA ARG D 2187 -113.64 29.88 -37.61
C ARG D 2187 -114.50 31.13 -37.69
N ARG D 2188 -114.51 31.95 -36.64
CA ARG D 2188 -115.31 33.18 -36.66
C ARG D 2188 -114.70 34.23 -37.56
N LEU D 2189 -113.37 34.36 -37.53
CA LEU D 2189 -112.70 35.38 -38.35
C LEU D 2189 -112.69 34.98 -39.82
N VAL D 2190 -112.60 33.69 -40.12
CA VAL D 2190 -112.57 33.25 -41.51
C VAL D 2190 -113.95 33.27 -42.16
N PHE D 2191 -115.01 33.23 -41.36
CA PHE D 2191 -116.36 33.24 -41.90
C PHE D 2191 -116.99 34.62 -41.77
N UNK D 2192 -109.98 24.08 -48.55
CA UNK D 2192 -109.04 23.01 -48.26
C UNK D 2192 -108.47 23.15 -46.86
N UNK D 2193 -108.12 24.38 -46.48
CA UNK D 2193 -107.57 24.64 -45.15
C UNK D 2193 -108.65 24.56 -44.09
N UNK D 2194 -109.88 24.85 -44.48
CA UNK D 2194 -111.01 24.79 -43.55
C UNK D 2194 -111.68 23.43 -43.59
N UNK D 2195 -111.43 22.68 -44.66
CA UNK D 2195 -112.00 21.35 -44.82
C UNK D 2195 -111.29 20.34 -43.91
N UNK D 2196 -109.98 20.45 -43.85
CA UNK D 2196 -109.18 19.55 -43.01
C UNK D 2196 -109.26 19.95 -41.54
N UNK D 2197 -109.59 21.22 -41.30
CA UNK D 2197 -109.71 21.72 -39.94
C UNK D 2197 -111.07 21.39 -39.34
N UNK D 2198 -112.00 20.99 -40.20
CA UNK D 2198 -113.34 20.64 -39.76
C UNK D 2198 -113.45 19.14 -39.47
N UNK D 2199 -112.68 18.35 -40.20
CA UNK D 2199 -112.69 16.89 -40.02
C UNK D 2199 -111.87 16.50 -38.79
N UNK D 2200 -110.91 17.34 -38.43
CA UNK D 2200 -110.06 17.08 -37.28
C UNK D 2200 -110.74 17.51 -35.98
N UNK D 2201 -111.49 18.60 -36.05
CA UNK D 2201 -112.20 19.12 -34.89
C UNK D 2201 -113.40 18.25 -34.54
N UNK D 2202 -113.98 17.62 -35.56
CA UNK D 2202 -115.13 16.75 -35.37
C UNK D 2202 -114.71 15.44 -34.70
N UNK D 2203 -113.49 14.99 -34.99
CA UNK D 2203 -112.97 13.76 -34.42
C UNK D 2203 -112.33 14.03 -33.06
N UNK D 2204 -112.10 15.30 -32.77
CA UNK D 2204 -111.49 15.69 -31.49
C UNK D 2204 -112.50 15.62 -30.36
N UNK D 2205 -123.65 31.75 -30.58
CA UNK D 2205 -122.23 32.01 -30.75
C UNK D 2205 -121.54 30.85 -31.47
N UNK D 2206 -121.07 29.88 -30.70
CA UNK D 2206 -120.40 28.71 -31.26
C UNK D 2206 -121.41 27.77 -31.92
N UNK D 2207 -122.60 27.70 -31.34
CA UNK D 2207 -123.66 26.84 -31.88
C UNK D 2207 -124.30 27.48 -33.12
N UNK D 2208 -124.29 28.81 -33.16
CA UNK D 2208 -124.86 29.53 -34.30
C UNK D 2208 -123.97 29.42 -35.52
N UNK D 2209 -122.66 29.37 -35.29
CA UNK D 2209 -121.69 29.26 -36.38
C UNK D 2209 -121.63 27.82 -36.90
N UNK D 2210 -121.97 26.88 -36.03
CA UNK D 2210 -121.95 25.46 -36.40
C UNK D 2210 -123.16 25.11 -37.25
N UNK D 2211 -124.28 25.80 -37.00
CA UNK D 2211 -125.50 25.56 -37.75
C UNK D 2211 -125.41 26.16 -39.16
N UNK D 2212 -124.70 27.28 -39.26
CA UNK D 2212 -124.52 27.94 -40.55
C UNK D 2212 -123.53 27.19 -41.43
N UNK D 2213 -122.55 26.55 -40.79
CA UNK D 2213 -121.54 25.79 -41.51
C UNK D 2213 -122.12 24.49 -42.04
N UNK D 2214 -123.08 23.92 -41.30
CA UNK D 2214 -123.73 22.68 -41.71
C UNK D 2214 -124.70 22.92 -42.86
N UNK D 2215 -125.21 24.15 -42.95
CA UNK D 2215 -126.15 24.52 -44.00
C UNK D 2215 -125.39 24.99 -45.25
N UNK D 2216 -124.16 25.45 -45.05
CA UNK D 2216 -123.35 25.93 -46.15
C UNK D 2216 -122.79 24.76 -46.96
N UNK D 2217 -122.62 23.62 -46.30
CA UNK D 2217 -122.10 22.42 -46.96
C UNK D 2217 -123.15 21.81 -47.88
N UNK D 2218 -124.42 21.87 -47.44
CA UNK D 2218 -125.51 21.32 -48.22
C UNK D 2218 -125.83 22.22 -49.42
N UNK D 2219 -125.59 23.52 -49.25
CA UNK D 2219 -125.85 24.49 -50.30
C UNK D 2219 -124.74 24.45 -51.35
N UNK D 2220 -123.55 24.05 -50.93
CA UNK D 2220 -122.41 23.96 -51.83
C UNK D 2220 -122.53 22.75 -52.75
N UNK D 2221 -123.13 21.69 -52.22
CA UNK D 2221 -123.32 20.47 -52.99
C UNK D 2221 -124.44 20.64 -54.03
N UNK D 2222 -125.45 21.43 -53.66
CA UNK D 2222 -126.58 21.68 -54.55
C UNK D 2222 -126.18 22.61 -55.69
N UNK D 2223 -125.17 23.44 -55.45
CA UNK D 2223 -124.69 24.38 -56.45
C UNK D 2223 -123.84 23.67 -57.49
N UNK D 2224 -123.25 22.54 -57.09
CA UNK D 2224 -122.41 21.77 -57.99
C UNK D 2224 -123.24 20.76 -58.78
N UNK D 2225 -113.09 19.04 -54.79
CA UNK D 2225 -114.36 19.29 -54.11
C UNK D 2225 -114.90 18.02 -53.47
N UNK D 2226 -114.41 16.88 -53.94
CA UNK D 2226 -114.84 15.59 -53.42
C UNK D 2226 -114.21 15.32 -52.05
N UNK D 2227 -113.01 15.85 -51.85
CA UNK D 2227 -112.29 15.67 -50.60
C UNK D 2227 -112.94 16.48 -49.48
N UNK D 2228 -113.46 17.66 -49.83
CA UNK D 2228 -114.13 18.52 -48.85
C UNK D 2228 -115.54 18.02 -48.58
N UNK D 2229 -116.08 17.22 -49.48
CA UNK D 2229 -117.42 16.67 -49.34
C UNK D 2229 -117.44 15.60 -48.25
N UNK D 2230 -116.37 14.80 -48.20
CA UNK D 2230 -116.26 13.74 -47.20
C UNK D 2230 -115.94 14.32 -45.83
N UNK D 2231 -115.26 15.47 -45.83
CA UNK D 2231 -114.90 16.14 -44.59
C UNK D 2231 -116.12 16.75 -43.93
N UNK D 2232 -117.02 17.29 -44.74
CA UNK D 2232 -118.25 17.90 -44.25
C UNK D 2232 -119.25 16.83 -43.83
N UNK D 2233 -119.13 15.65 -44.45
CA UNK D 2233 -120.02 14.53 -44.14
C UNK D 2233 -119.68 13.93 -42.78
N UNK D 2234 -118.42 14.04 -42.39
CA UNK D 2234 -117.96 13.51 -41.11
C UNK D 2234 -118.31 14.48 -39.98
N UNK D 2235 -118.62 15.72 -40.34
CA UNK D 2235 -118.98 16.74 -39.36
C UNK D 2235 -120.45 16.62 -38.97
N UNK D 2236 -121.19 15.82 -39.73
CA UNK D 2236 -122.61 15.62 -39.45
C UNK D 2236 -122.83 14.36 -38.63
N UNK D 2237 -121.74 13.81 -38.11
CA UNK D 2237 -121.81 12.60 -37.29
C UNK D 2237 -121.92 12.95 -35.81
N ASP D 2238 -118.56 41.59 -44.63
CA ASP D 2238 -118.97 42.62 -45.58
C ASP D 2238 -120.31 43.22 -45.19
N PRO D 2239 -120.29 44.44 -44.66
CA PRO D 2239 -121.54 45.09 -44.26
C PRO D 2239 -122.36 45.51 -45.47
N ARG D 2240 -123.67 45.27 -45.40
CA ARG D 2240 -124.61 45.61 -46.46
C ARG D 2240 -125.76 46.41 -45.86
N PRO D 2241 -125.58 47.71 -45.68
CA PRO D 2241 -126.67 48.51 -45.11
C PRO D 2241 -127.79 48.74 -46.11
N VAL D 2242 -129.00 48.86 -45.59
CA VAL D 2242 -130.17 49.08 -46.44
C VAL D 2242 -130.13 50.50 -47.00
N GLU D 2243 -130.60 50.65 -48.24
CA GLU D 2243 -130.62 51.95 -48.89
C GLU D 2243 -131.78 52.78 -48.36
N THR D 2244 -131.46 53.88 -47.69
CA THR D 2244 -132.46 54.77 -47.13
C THR D 2244 -132.46 56.15 -47.77
N LEU D 2245 -131.73 56.32 -48.89
CA LEU D 2245 -131.69 57.61 -49.56
C LEU D 2245 -132.97 57.88 -50.33
N ASN D 2246 -133.49 56.87 -51.04
CA ASN D 2246 -134.71 57.01 -51.82
C ASN D 2246 -135.96 56.67 -51.04
N VAL D 2247 -135.87 56.58 -49.71
CA VAL D 2247 -137.02 56.26 -48.86
C VAL D 2247 -137.69 57.57 -48.44
N ILE D 2248 -138.99 57.65 -48.69
CA ILE D 2248 -139.79 58.83 -48.36
CA ILE D 2248 -139.79 58.83 -48.36
C ILE D 2248 -140.63 58.51 -47.13
N ILE D 2249 -140.53 59.36 -46.11
CA ILE D 2249 -141.28 59.19 -44.87
C ILE D 2249 -142.67 59.78 -45.04
N PRO D 2250 -143.71 59.16 -44.48
CA PRO D 2250 -145.06 59.71 -44.63
C PRO D 2250 -145.26 60.97 -43.79
N GLU D 2251 -146.29 61.73 -44.17
CA GLU D 2251 -146.59 62.95 -43.44
C GLU D 2251 -147.11 62.67 -42.04
N LYS D 2252 -147.77 61.53 -41.84
N LYS D 2252 -147.77 61.53 -41.84
CA LYS D 2252 -148.30 61.19 -40.52
CA LYS D 2252 -148.30 61.19 -40.52
C LYS D 2252 -147.20 60.78 -39.55
C LYS D 2252 -147.20 60.79 -39.55
N LEU D 2253 -146.04 60.36 -40.06
CA LEU D 2253 -144.93 59.95 -39.21
C LEU D 2253 -144.09 61.12 -38.71
N ASP D 2254 -144.38 62.35 -39.18
CA ASP D 2254 -143.61 63.50 -38.73
C ASP D 2254 -143.89 63.83 -37.27
N SER D 2255 -145.09 63.51 -36.78
CA SER D 2255 -145.41 63.77 -35.37
C SER D 2255 -144.65 62.81 -34.46
N PHE D 2256 -144.52 61.55 -34.86
CA PHE D 2256 -143.79 60.59 -34.04
C PHE D 2256 -142.30 60.85 -34.06
N ILE D 2257 -141.79 61.46 -35.14
CA ILE D 2257 -140.37 61.77 -35.22
C ILE D 2257 -140.01 62.87 -34.23
N ASN D 2258 -140.84 63.91 -34.14
CA ASN D 2258 -140.58 64.99 -33.19
C ASN D 2258 -140.75 64.53 -31.75
N LYS D 2259 -141.70 63.62 -31.50
CA LYS D 2259 -141.90 63.11 -30.14
C LYS D 2259 -140.74 62.23 -29.70
N PHE D 2260 -140.24 61.39 -30.62
CA PHE D 2260 -139.10 60.53 -30.29
C PHE D 2260 -137.82 61.33 -30.13
N ALA D 2261 -137.68 62.44 -30.87
CA ALA D 2261 -136.48 63.26 -30.75
C ALA D 2261 -136.44 63.98 -29.41
N GLU D 2262 -137.61 64.40 -28.91
CA GLU D 2262 -137.64 65.06 -27.60
C GLU D 2262 -137.39 64.08 -26.47
N TYR D 2263 -137.85 62.84 -26.60
CA TYR D 2263 -137.61 61.83 -25.57
C TYR D 2263 -136.14 61.44 -25.52
N THR D 2264 -135.50 61.29 -26.67
CA THR D 2264 -134.09 60.93 -26.70
CA THR D 2264 -134.09 60.93 -26.70
C THR D 2264 -133.22 62.05 -26.14
N HIS D 2265 -133.58 63.31 -26.42
CA HIS D 2265 -132.82 64.43 -25.91
C HIS D 2265 -133.01 64.60 -24.41
N GLU D 2266 -134.23 64.34 -23.92
CA GLU D 2266 -134.49 64.44 -22.49
C GLU D 2266 -133.80 63.33 -21.71
N LYS D 2267 -133.70 62.14 -22.30
CA LYS D 2267 -133.02 61.03 -21.62
C LYS D 2267 -131.52 61.29 -21.49
N TRP D 2268 -130.90 61.85 -22.53
CA TRP D 2268 -129.48 62.18 -22.46
C TRP D 2268 -129.23 63.33 -21.51
N ALA D 2269 -130.13 64.32 -21.47
CA ALA D 2269 -129.97 65.44 -20.56
C ALA D 2269 -130.21 65.04 -19.11
N PHE D 2270 -131.07 64.05 -18.88
CA PHE D 2270 -131.32 63.60 -17.51
C PHE D 2270 -130.11 62.88 -16.94
N ASP D 2271 -129.45 62.05 -17.76
CA ASP D 2271 -128.26 61.34 -17.28
C ASP D 2271 -127.09 62.30 -17.09
N LYS D 2272 -126.98 63.33 -17.93
CA LYS D 2272 -125.90 64.30 -17.77
C LYS D 2272 -126.13 65.22 -16.57
N ILE D 2273 -127.39 65.48 -16.22
CA ILE D 2273 -127.68 66.33 -15.08
C ILE D 2273 -127.31 65.66 -13.77
N GLN D 2274 -127.25 64.33 -13.73
CA GLN D 2274 -126.87 63.63 -12.51
C GLN D 2274 -125.39 63.78 -12.19
N ASN D 2275 -124.58 64.21 -13.16
CA ASN D 2275 -123.15 64.40 -12.96
C ASN D 2275 -122.80 65.85 -12.63
N ASN D 2276 -123.72 66.57 -11.98
CA ASN D 2276 -123.51 67.96 -11.57
C ASN D 2276 -123.19 68.86 -12.76
N TRP D 2277 -123.77 68.56 -13.92
CA TRP D 2277 -123.56 69.36 -15.12
C TRP D 2277 -124.64 70.43 -15.25
N SER D 2278 -124.27 71.55 -15.86
CA SER D 2278 -125.19 72.67 -16.06
C SER D 2278 -125.01 73.20 -17.48
N TYR D 2279 -125.91 74.11 -17.86
CA TYR D 2279 -125.86 74.71 -19.18
C TYR D 2279 -124.67 75.66 -19.30
N GLY D 2280 -124.12 75.73 -20.50
CA GLY D 2280 -122.97 76.60 -20.76
C GLY D 2280 -122.94 77.03 -22.20
N GLU D 2281 -122.37 78.22 -22.43
CA GLU D 2281 -122.28 78.74 -23.79
C GLU D 2281 -121.30 77.93 -24.63
N ASN D 2282 -120.21 77.48 -24.03
CA ASN D 2282 -119.19 76.69 -24.72
C ASN D 2282 -119.04 75.34 -24.04
N ILE D 2283 -118.66 74.34 -24.83
CA ILE D 2283 -118.47 73.00 -24.30
C ILE D 2283 -117.18 72.94 -23.48
N ASP D 2284 -117.27 72.41 -22.27
CA ASP D 2284 -116.12 72.30 -21.39
C ASP D 2284 -116.25 71.01 -20.59
N GLU D 2285 -115.29 70.10 -20.78
CA GLU D 2285 -115.32 68.84 -20.05
C GLU D 2285 -114.98 69.03 -18.57
N GLU D 2286 -114.17 70.05 -18.25
CA GLU D 2286 -113.81 70.30 -16.86
C GLU D 2286 -114.98 70.89 -16.09
N LEU D 2287 -115.56 71.97 -16.61
CA LEU D 2287 -116.68 72.64 -15.96
C LEU D 2287 -118.00 71.89 -16.15
N LYS D 2288 -118.02 70.84 -16.98
CA LYS D 2288 -119.23 70.04 -17.23
C LYS D 2288 -120.35 70.92 -17.77
N THR D 2289 -120.06 71.63 -18.86
CA THR D 2289 -121.00 72.51 -19.52
C THR D 2289 -121.33 71.98 -20.91
N HIS D 2290 -122.56 72.24 -21.35
CA HIS D 2290 -123.01 71.80 -22.66
C HIS D 2290 -124.12 72.73 -23.12
N PRO D 2291 -124.09 73.17 -24.39
CA PRO D 2291 -125.15 74.06 -24.88
C PRO D 2291 -126.46 73.36 -25.16
N MET D 2292 -126.48 72.04 -25.24
CA MET D 2292 -127.70 71.29 -25.51
C MET D 2292 -128.51 71.01 -24.25
N LEU D 2293 -128.07 71.48 -23.09
CA LEU D 2293 -128.79 71.26 -21.83
C LEU D 2293 -129.92 72.29 -21.71
N ARG D 2294 -130.95 72.07 -22.51
CA ARG D 2294 -132.11 72.95 -22.54
C ARG D 2294 -133.32 72.20 -23.07
N PRO D 2295 -134.49 72.84 -23.09
CA PRO D 2295 -135.69 72.14 -23.61
C PRO D 2295 -135.63 71.96 -25.12
N TYR D 2296 -136.28 70.90 -25.59
CA TYR D 2296 -136.30 70.61 -27.01
C TYR D 2296 -137.13 71.61 -27.81
N LYS D 2297 -138.11 72.26 -27.18
CA LYS D 2297 -138.93 73.23 -27.89
C LYS D 2297 -138.16 74.50 -28.20
N THR D 2298 -137.13 74.81 -27.41
CA THR D 2298 -136.32 76.00 -27.62
C THR D 2298 -135.18 75.78 -28.62
N PHE D 2299 -135.03 74.56 -29.13
CA PHE D 2299 -133.96 74.28 -30.09
C PHE D 2299 -134.36 74.73 -31.49
N SER D 2300 -133.36 75.08 -32.28
CA SER D 2300 -133.58 75.52 -33.65
C SER D 2300 -133.70 74.31 -34.56
N GLU D 2301 -133.79 74.56 -35.88
CA GLU D 2301 -133.90 73.46 -36.84
C GLU D 2301 -132.60 72.66 -36.93
N LYS D 2302 -131.45 73.32 -36.75
CA LYS D 2302 -130.18 72.62 -36.83
C LYS D 2302 -129.97 71.76 -35.58
N ASP D 2303 -130.35 72.25 -34.42
CA ASP D 2303 -130.19 71.48 -33.19
C ASP D 2303 -131.17 70.31 -33.13
N LYS D 2304 -132.38 70.49 -33.66
CA LYS D 2304 -133.36 69.40 -33.66
C LYS D 2304 -133.03 68.32 -34.67
N GLU D 2305 -132.26 68.65 -35.71
CA GLU D 2305 -131.89 67.66 -36.72
C GLU D 2305 -130.83 66.69 -36.23
N ILE D 2306 -130.14 66.99 -35.12
CA ILE D 2306 -129.13 66.09 -34.60
C ILE D 2306 -129.76 64.82 -34.06
N TYR D 2307 -130.92 64.95 -33.39
CA TYR D 2307 -131.63 63.81 -32.84
C TYR D 2307 -132.66 63.23 -33.79
N ARG D 2308 -133.15 64.03 -34.74
CA ARG D 2308 -134.14 63.55 -35.70
C ARG D 2308 -133.52 62.72 -36.82
N TRP D 2309 -132.22 62.88 -37.06
CA TRP D 2309 -131.54 62.12 -38.11
CA TRP D 2309 -131.54 62.12 -38.11
C TRP D 2309 -131.50 60.64 -37.74
N PRO D 2310 -131.24 60.30 -36.48
CA PRO D 2310 -131.21 58.88 -36.11
C PRO D 2310 -132.58 58.23 -36.13
N ILE D 2311 -133.64 58.97 -35.79
CA ILE D 2311 -134.98 58.39 -35.83
C ILE D 2311 -135.48 58.25 -37.27
N LYS D 2312 -135.10 59.19 -38.14
CA LYS D 2312 -135.52 59.10 -39.54
C LYS D 2312 -134.81 57.98 -40.26
N GLU D 2313 -133.53 57.77 -39.94
CA GLU D 2313 -132.78 56.69 -40.58
C GLU D 2313 -133.31 55.32 -40.16
N SER D 2314 -133.72 55.17 -38.91
CA SER D 2314 -134.29 53.90 -38.46
C SER D 2314 -135.67 53.67 -39.06
N LEU D 2315 -136.46 54.74 -39.19
CA LEU D 2315 -137.80 54.59 -39.79
C LEU D 2315 -137.71 54.33 -41.28
N LYS D 2316 -136.73 54.91 -41.97
CA LYS D 2316 -136.58 54.67 -43.40
C LYS D 2316 -136.13 53.25 -43.70
N ALA D 2317 -135.37 52.64 -42.79
CA ALA D 2317 -134.93 51.25 -42.99
C ALA D 2317 -136.09 50.29 -42.85
N MET D 2318 -137.02 50.57 -41.93
CA MET D 2318 -138.18 49.71 -41.77
C MET D 2318 -139.15 49.84 -42.93
N ILE D 2319 -139.20 51.02 -43.57
CA ILE D 2319 -140.10 51.21 -44.70
C ILE D 2319 -139.63 50.40 -45.91
N ALA D 2320 -138.32 50.22 -46.05
CA ALA D 2320 -137.81 49.43 -47.17
C ALA D 2320 -138.08 47.94 -47.00
N TRP D 2321 -138.28 47.47 -45.77
CA TRP D 2321 -138.56 46.07 -45.50
C TRP D 2321 -140.04 45.73 -45.62
N GLU D 2322 -140.84 46.62 -46.21
CA GLU D 2322 -142.27 46.40 -46.41
C GLU D 2322 -142.99 46.16 -45.07
N TRP D 2323 -142.65 46.99 -44.09
CA TRP D 2323 -143.26 46.92 -42.77
C TRP D 2323 -144.43 47.89 -42.66
N THR D 2324 -145.41 47.54 -41.83
CA THR D 2324 -146.60 48.34 -41.62
C THR D 2324 -146.47 49.11 -40.32
N ILE D 2325 -146.69 50.43 -40.39
CA ILE D 2325 -146.63 51.28 -39.21
C ILE D 2325 -147.77 52.28 -39.25
N GLU D 2326 -148.82 52.02 -38.47
CA GLU D 2326 -149.99 52.89 -38.43
C GLU D 2326 -150.47 53.00 -36.99
N LYS D 2327 -151.05 54.16 -36.68
CA LYS D 2327 -151.59 54.43 -35.34
C LYS D 2327 -152.92 53.70 -35.20
N ALA D 2328 -152.91 52.58 -34.47
CA ALA D 2328 -154.11 51.79 -34.26
C ALA D 2328 -154.79 52.05 -32.93
N ARG D 2329 -154.04 52.43 -31.91
CA ARG D 2329 -154.59 52.70 -30.59
C ARG D 2329 -154.11 54.07 -30.11
N GLU D 2330 -154.74 54.56 -29.04
CA GLU D 2330 -154.38 55.84 -28.47
C GLU D 2330 -153.13 55.73 -27.63
N GLY D 2331 -152.36 56.81 -27.58
CA GLY D 2331 -151.14 56.83 -26.80
C GLY D 2331 -151.40 56.84 -25.31
N GLU D 2332 -150.38 56.46 -24.55
CA GLU D 2332 -150.48 56.43 -23.10
C GLU D 2332 -150.13 57.79 -22.49
N TYR D 2333 -133.72 74.10 -15.90
CA TYR D 2333 -134.07 73.01 -16.79
C TYR D 2333 -134.05 71.67 -16.06
N ASN D 2334 -135.23 71.10 -15.85
CA ASN D 2334 -135.39 69.81 -15.16
C ASN D 2334 -136.16 68.87 -16.07
N PRO D 2335 -135.48 68.21 -17.01
CA PRO D 2335 -136.18 67.28 -17.91
C PRO D 2335 -136.58 66.01 -17.19
N GLN D 2336 -137.80 65.56 -17.44
CA GLN D 2336 -138.36 64.34 -16.84
C GLN D 2336 -138.87 63.44 -17.96
N PRO D 2337 -137.98 62.65 -18.57
CA PRO D 2337 -138.42 61.77 -19.65
C PRO D 2337 -139.17 60.57 -19.09
N PRO D 2338 -140.08 59.98 -19.86
CA PRO D 2338 -140.82 58.83 -19.37
C PRO D 2338 -139.95 57.59 -19.26
N ASP D 2339 -140.30 56.71 -18.33
CA ASP D 2339 -139.56 55.48 -18.10
C ASP D 2339 -140.08 54.38 -19.02
N LEU D 2340 -139.16 53.70 -19.70
CA LEU D 2340 -139.51 52.61 -20.61
C LEU D 2340 -139.13 51.25 -20.07
N SER D 2341 -138.84 51.16 -18.77
CA SER D 2341 -138.48 49.88 -18.17
C SER D 2341 -139.69 48.95 -18.05
N GLY D 2342 -140.88 49.51 -17.95
CA GLY D 2342 -142.10 48.74 -17.81
C GLY D 2342 -142.75 48.32 -19.11
N VAL D 2343 -142.11 48.59 -20.25
CA VAL D 2343 -142.66 48.23 -21.55
C VAL D 2343 -142.19 46.82 -21.89
N THR D 2344 -143.15 45.92 -22.11
CA THR D 2344 -142.87 44.53 -22.43
C THR D 2344 -143.07 44.30 -23.92
N LEU D 2345 -142.05 43.74 -24.57
CA LEU D 2345 -142.09 43.46 -26.00
C LEU D 2345 -142.44 41.99 -26.23
N SER D 2346 -143.32 41.74 -27.20
CA SER D 2346 -143.74 40.39 -27.52
C SER D 2346 -142.66 39.67 -28.33
N ARG D 2347 -142.97 38.45 -28.75
CA ARG D 2347 -142.02 37.67 -29.55
C ARG D 2347 -141.84 38.28 -30.94
N GLU D 2348 -142.91 38.80 -31.53
CA GLU D 2348 -142.81 39.41 -32.85
CA GLU D 2348 -142.81 39.41 -32.85
C GLU D 2348 -141.99 40.68 -32.81
N LEU D 2349 -142.20 41.52 -31.78
CA LEU D 2349 -141.44 42.76 -31.67
C LEU D 2349 -139.98 42.49 -31.34
N GLN D 2350 -139.70 41.45 -30.55
CA GLN D 2350 -138.31 41.12 -30.22
C GLN D 2350 -137.57 40.60 -31.44
N ALA D 2351 -138.25 39.81 -32.29
CA ALA D 2351 -137.61 39.31 -33.49
C ALA D 2351 -137.35 40.43 -34.50
N MET D 2352 -138.29 41.37 -34.61
CA MET D 2352 -138.09 42.50 -35.52
C MET D 2352 -137.00 43.44 -35.02
N ALA D 2353 -136.77 43.48 -33.72
CA ALA D 2353 -135.72 44.34 -33.18
C ALA D 2353 -134.33 43.85 -33.57
N GLU D 2354 -134.18 42.55 -33.82
CA GLU D 2354 -132.89 42.02 -34.23
C GLU D 2354 -132.49 42.52 -35.61
N GLN D 2355 -133.46 42.70 -36.51
CA GLN D 2355 -133.15 43.22 -37.83
C GLN D 2355 -132.73 44.68 -37.78
N LEU D 2356 -133.38 45.47 -36.91
CA LEU D 2356 -133.00 46.87 -36.76
C LEU D 2356 -131.64 47.00 -36.09
N ALA D 2357 -131.34 46.12 -35.13
CA ALA D 2357 -130.03 46.16 -34.48
C ALA D 2357 -128.92 45.74 -35.43
N GLU D 2358 -129.20 44.76 -36.30
CA GLU D 2358 -128.20 44.33 -37.27
C GLU D 2358 -127.96 45.39 -38.34
N ASN D 2359 -128.99 46.17 -38.69
CA ASN D 2359 -128.82 47.23 -39.67
C ASN D 2359 -127.94 48.36 -39.14
N TYR D 2360 -128.02 48.64 -37.83
CA TYR D 2360 -127.18 49.67 -37.24
C TYR D 2360 -125.72 49.26 -37.25
N HIS D 2361 -125.45 47.96 -37.01
CA HIS D 2361 -124.08 47.47 -37.04
C HIS D 2361 -123.52 47.48 -38.46
N ASN D 2362 -124.36 47.17 -39.45
CA ASN D 2362 -123.90 47.20 -40.84
C ASN D 2362 -123.66 48.63 -41.30
N THR D 2363 -124.47 49.57 -40.83
CA THR D 2363 -124.27 50.98 -41.20
C THR D 2363 -123.01 51.53 -40.56
N TRP D 2364 -122.82 51.28 -39.26
CA TRP D 2364 -121.62 51.74 -38.58
C TRP D 2364 -120.38 50.97 -39.05
N GLY D 2365 -120.54 49.70 -39.41
CA GLY D 2365 -119.40 48.94 -39.88
C GLY D 2365 -118.93 49.39 -41.25
N ARG D 2366 -119.86 49.78 -42.12
CA ARG D 2366 -119.49 50.27 -43.45
C ARG D 2366 -118.82 51.64 -43.36
N LYS D 2367 -119.29 52.50 -42.45
CA LYS D 2367 -118.68 53.81 -42.28
C LYS D 2367 -117.30 53.71 -41.63
N LYS D 2368 -117.10 52.73 -40.74
CA LYS D 2368 -115.80 52.56 -40.11
C LYS D 2368 -114.77 52.03 -41.08
N LYS D 2369 -115.18 51.21 -42.06
CA LYS D 2369 -114.24 50.70 -43.04
C LYS D 2369 -113.75 51.80 -43.97
N GLN D 2370 -114.64 52.71 -44.36
CA GLN D 2370 -114.23 53.81 -45.23
C GLN D 2370 -113.44 54.87 -44.46
N GLU D 2371 -113.72 55.05 -43.17
CA GLU D 2371 -112.97 56.02 -42.38
C GLU D 2371 -111.56 55.52 -42.06
N LEU D 2372 -111.40 54.21 -41.86
CA LEU D 2372 -110.09 53.66 -41.56
C LEU D 2372 -109.18 53.69 -42.80
N GLU D 2373 -109.75 53.37 -43.96
CA GLU D 2373 -108.96 53.40 -45.20
C GLU D 2373 -108.54 54.82 -45.57
N ALA D 2374 -109.37 55.81 -45.26
CA ALA D 2374 -109.03 57.19 -45.57
C ALA D 2374 -107.94 57.75 -44.65
N LYS D 2375 -107.70 57.10 -43.51
CA LYS D 2375 -106.68 57.54 -42.57
C LYS D 2375 -105.37 56.77 -42.70
N GLY D 2376 -105.25 55.92 -43.73
CA GLY D 2376 -104.04 55.15 -43.95
C GLY D 2376 -104.19 53.66 -43.78
N GLY D 2377 -105.39 53.17 -43.46
CA GLY D 2377 -105.63 51.75 -43.28
C GLY D 2377 -105.82 51.41 -41.81
N GLY D 2378 -105.80 50.10 -41.55
CA GLY D 2378 -105.97 49.56 -40.22
C GLY D 2378 -107.06 48.51 -40.20
N THR D 2379 -107.42 48.09 -38.99
CA THR D 2379 -108.45 47.07 -38.79
C THR D 2379 -109.25 47.43 -37.54
N HIS D 2380 -110.28 46.63 -37.25
CA HIS D 2380 -111.13 46.83 -36.10
C HIS D 2380 -111.66 45.50 -35.63
N PRO D 2381 -111.72 45.26 -34.31
CA PRO D 2381 -112.23 43.97 -33.83
C PRO D 2381 -113.72 43.80 -34.01
N LEU D 2382 -114.48 44.88 -34.16
CA LEU D 2382 -115.92 44.82 -34.34
C LEU D 2382 -116.34 44.69 -35.79
N LEU D 2383 -115.37 44.50 -36.71
CA LEU D 2383 -115.67 44.35 -38.13
C LEU D 2383 -115.96 42.88 -38.45
N VAL D 2384 -117.06 42.39 -37.88
CA VAL D 2384 -117.48 41.01 -38.05
C VAL D 2384 -118.99 40.97 -38.23
N PRO D 2385 -119.58 39.80 -38.50
CA PRO D 2385 -121.04 39.74 -38.68
C PRO D 2385 -121.77 39.94 -37.37
N TYR D 2386 -123.05 40.31 -37.49
CA TYR D 2386 -123.87 40.53 -36.30
C TYR D 2386 -124.14 39.23 -35.55
N ASP D 2387 -124.29 38.11 -36.27
CA ASP D 2387 -124.54 36.84 -35.63
C ASP D 2387 -123.33 36.30 -34.89
N THR D 2388 -122.13 36.73 -35.28
CA THR D 2388 -120.90 36.28 -34.62
C THR D 2388 -120.53 37.11 -33.41
N LEU D 2389 -121.21 38.23 -33.18
CA LEU D 2389 -120.89 39.08 -32.04
C LEU D 2389 -121.36 38.43 -30.74
N THR D 2390 -120.80 38.91 -29.63
CA THR D 2390 -121.15 38.39 -28.31
C THR D 2390 -122.39 39.08 -27.78
N ALA D 2391 -122.81 38.68 -26.58
CA ALA D 2391 -124.00 39.28 -25.98
C ALA D 2391 -123.72 40.69 -25.48
N LYS D 2392 -122.51 40.93 -24.96
CA LYS D 2392 -122.16 42.26 -24.47
C LYS D 2392 -122.00 43.26 -25.61
N GLU D 2393 -121.44 42.80 -26.73
CA GLU D 2393 -121.26 43.70 -27.87
C GLU D 2393 -122.57 44.00 -28.58
N LYS D 2394 -123.53 43.07 -28.53
CA LYS D 2394 -124.83 43.27 -29.16
C LYS D 2394 -125.76 44.15 -28.35
N ALA D 2395 -125.41 44.45 -27.09
CA ALA D 2395 -126.27 45.29 -26.26
C ALA D 2395 -126.31 46.72 -26.75
N ARG D 2396 -125.24 47.18 -27.42
CA ARG D 2396 -125.22 48.55 -27.92
C ARG D 2396 -126.20 48.74 -29.06
N ASP D 2397 -126.34 47.74 -29.93
CA ASP D 2397 -127.26 47.84 -31.05
C ASP D 2397 -128.68 47.45 -30.66
N ARG D 2398 -128.83 46.54 -29.70
CA ARG D 2398 -130.17 46.13 -29.29
C ARG D 2398 -130.86 47.21 -28.47
N GLU D 2399 -130.09 48.05 -27.78
CA GLU D 2399 -130.70 49.12 -26.99
C GLU D 2399 -131.34 50.17 -27.88
N LYS D 2400 -130.72 50.50 -29.01
CA LYS D 2400 -131.29 51.48 -29.92
C LYS D 2400 -132.55 50.95 -30.60
N ALA D 2401 -132.57 49.65 -30.92
CA ALA D 2401 -133.74 49.07 -31.56
C ALA D 2401 -134.89 48.93 -30.57
N GLN D 2402 -134.59 48.56 -29.32
CA GLN D 2402 -135.64 48.41 -28.32
C GLN D 2402 -136.24 49.76 -27.93
N GLU D 2403 -135.44 50.82 -27.95
CA GLU D 2403 -135.95 52.14 -27.59
CA GLU D 2403 -135.95 52.14 -27.59
C GLU D 2403 -136.94 52.64 -28.63
N LEU D 2404 -136.70 52.36 -29.90
CA LEU D 2404 -137.62 52.80 -30.95
C LEU D 2404 -138.90 51.98 -30.95
N LEU D 2405 -138.82 50.69 -30.63
CA LEU D 2405 -140.02 49.86 -30.58
C LEU D 2405 -140.87 50.19 -29.36
N LYS D 2406 -140.23 50.50 -28.22
CA LYS D 2406 -140.98 50.83 -27.01
C LYS D 2406 -141.68 52.18 -27.15
N PHE D 2407 -141.06 53.14 -27.84
CA PHE D 2407 -141.69 54.43 -28.02
C PHE D 2407 -142.88 54.36 -28.98
N LEU D 2408 -142.82 53.47 -29.96
CA LEU D 2408 -143.94 53.34 -30.90
C LEU D 2408 -145.12 52.63 -30.24
N GLN D 2409 -144.85 51.60 -29.43
CA GLN D 2409 -145.93 50.89 -28.75
C GLN D 2409 -146.61 51.77 -27.70
N MET D 2410 -145.86 52.68 -27.09
CA MET D 2410 -146.46 53.57 -26.10
C MET D 2410 -147.41 54.57 -26.72
N ASN D 2411 -147.13 55.00 -27.96
CA ASN D 2411 -147.97 55.95 -28.66
C ASN D 2411 -149.10 55.28 -29.44
N GLY D 2412 -149.24 53.95 -29.33
CA GLY D 2412 -150.29 53.25 -30.03
C GLY D 2412 -149.98 52.90 -31.47
N TYR D 2413 -148.70 52.85 -31.83
CA TYR D 2413 -148.30 52.50 -33.19
C TYR D 2413 -148.01 51.01 -33.27
N ALA D 2414 -148.64 50.33 -34.22
CA ALA D 2414 -148.47 48.90 -34.42
C ALA D 2414 -147.45 48.66 -35.52
N VAL D 2415 -146.44 47.84 -35.21
CA VAL D 2415 -145.38 47.50 -36.14
C VAL D 2415 -145.50 46.03 -36.48
N THR D 2416 -145.77 45.72 -37.75
CA THR D 2416 -145.92 44.35 -38.21
C THR D 2416 -145.14 44.17 -39.51
N ARG D 2417 -144.99 42.92 -39.92
CA ARG D 2417 -144.28 42.60 -41.16
C ARG D 2417 -144.87 41.37 -41.83
N UNK D 2418 -130.78 23.25 -32.01
CA UNK D 2418 -130.02 22.01 -31.86
C UNK D 2418 -130.65 20.89 -32.67
N UNK D 2419 -131.69 20.27 -32.12
CA UNK D 2419 -132.38 19.18 -32.81
C UNK D 2419 -133.26 19.72 -33.93
N UNK D 2420 -133.66 20.98 -33.82
CA UNK D 2420 -134.50 21.62 -34.83
C UNK D 2420 -133.69 21.91 -36.09
N UNK D 2421 -132.39 22.17 -35.91
CA UNK D 2421 -131.51 22.45 -37.02
C UNK D 2421 -131.26 21.19 -37.85
N UNK D 2422 -131.22 20.05 -37.18
CA UNK D 2422 -131.01 18.77 -37.85
C UNK D 2422 -132.28 18.32 -38.56
N UNK D 2423 -133.42 18.77 -38.05
CA UNK D 2423 -134.71 18.43 -38.63
C UNK D 2423 -134.93 19.19 -39.94
N UNK D 2424 -134.34 20.39 -40.01
CA UNK D 2424 -134.45 21.22 -41.21
C UNK D 2424 -133.64 20.62 -42.35
N UNK D 2425 -132.50 20.03 -42.01
CA UNK D 2425 -131.63 19.40 -43.00
C UNK D 2425 -132.20 18.03 -43.40
N UNK D 2426 -132.95 17.42 -42.50
CA UNK D 2426 -133.57 16.12 -42.77
C UNK D 2426 -134.73 16.27 -43.74
N UNK D 2427 -135.49 17.35 -43.58
CA UNK D 2427 -136.63 17.62 -44.45
C UNK D 2427 -136.15 18.07 -45.83
N UNK D 2428 -135.01 18.75 -45.87
CA UNK D 2428 -134.43 19.21 -47.12
C UNK D 2428 -133.81 18.05 -47.89
N UNK D 2429 -133.39 17.02 -47.16
CA UNK D 2429 -132.80 15.83 -47.77
C UNK D 2429 -133.87 15.01 -48.49
N UNK D 2430 -135.10 15.04 -47.96
CA UNK D 2430 -136.21 14.33 -48.56
C UNK D 2430 -136.67 15.00 -49.84
N UNK D 2431 -136.55 16.33 -49.87
CA UNK D 2431 -136.93 17.11 -51.05
C UNK D 2431 -135.86 16.99 -52.13
N UNK D 2432 -134.61 16.83 -51.70
CA UNK D 2432 -133.49 16.69 -52.63
C UNK D 2432 -133.48 15.30 -53.25
N UNK D 2433 -133.98 14.32 -52.51
CA UNK D 2433 -134.04 12.94 -52.99
C UNK D 2433 -135.14 12.77 -54.03
N UNK D 2434 -136.19 13.59 -53.90
CA UNK D 2434 -137.30 13.53 -54.84
C UNK D 2434 -137.01 14.37 -56.08
N UNK D 2435 -136.20 15.41 -55.91
CA UNK D 2435 -135.83 16.29 -57.01
C UNK D 2435 -134.83 15.61 -57.92
N UNK D 2436 -134.01 14.72 -57.35
CA UNK D 2436 -133.01 13.99 -58.12
C UNK D 2436 -133.65 12.89 -58.95
N UNK D 2437 -134.76 12.36 -58.46
CA UNK D 2437 -135.48 11.30 -59.15
C UNK D 2437 -136.26 11.85 -60.33
N UNK D 2438 -136.63 13.13 -60.25
CA UNK D 2438 -137.38 13.78 -61.31
C UNK D 2438 -136.44 14.26 -62.42
N UNK D 2439 -135.16 14.39 -62.09
CA UNK D 2439 -134.16 14.84 -63.05
C UNK D 2439 -133.58 13.66 -63.82
N UNK D 2440 -133.73 12.46 -63.26
CA UNK D 2440 -133.22 11.25 -63.89
C UNK D 2440 -134.13 10.81 -65.04
N UNK D 2441 -124.95 16.61 -61.60
CA UNK D 2441 -125.08 17.77 -60.71
C UNK D 2441 -125.96 17.43 -59.51
N UNK D 2442 -127.19 17.00 -59.79
CA UNK D 2442 -128.13 16.64 -58.73
C UNK D 2442 -127.80 15.27 -58.15
N UNK D 2443 -127.15 14.44 -58.95
CA UNK D 2443 -126.77 13.09 -58.52
C UNK D 2443 -125.56 13.14 -57.59
N UNK D 2444 -124.69 14.12 -57.80
CA UNK D 2444 -123.50 14.28 -56.99
C UNK D 2444 -123.87 14.82 -55.61
N UNK D 2445 -124.91 15.63 -55.55
CA UNK D 2445 -125.37 16.20 -54.29
C UNK D 2445 -126.11 15.15 -53.46
N UNK D 2446 -126.75 14.22 -54.13
CA UNK D 2446 -127.50 13.15 -53.46
C UNK D 2446 -126.54 12.15 -52.83
N UNK D 2447 -125.41 11.92 -53.49
CA UNK D 2447 -124.41 10.99 -52.99
C UNK D 2447 -123.68 11.59 -51.78
N UNK D 2448 -123.47 12.89 -51.81
CA UNK D 2448 -122.81 13.59 -50.72
C UNK D 2448 -123.73 13.71 -49.51
N UNK D 2449 -125.03 13.77 -49.77
CA UNK D 2449 -126.02 13.87 -48.70
C UNK D 2449 -126.30 12.50 -48.11
N UNK D 2450 -125.98 11.45 -48.86
CA UNK D 2450 -126.20 10.09 -48.39
C UNK D 2450 -125.21 9.74 -47.28
N UNK D 2451 -123.99 10.28 -47.39
CA UNK D 2451 -122.97 10.06 -46.38
C UNK D 2451 -123.25 10.88 -45.12
N UNK D 2452 -123.87 12.03 -45.31
CA UNK D 2452 -124.22 12.92 -44.21
C UNK D 2452 -125.40 12.34 -43.41
N UNK D 2453 -126.32 11.70 -44.13
CA UNK D 2453 -127.49 11.09 -43.50
C UNK D 2453 -127.09 9.80 -42.77
N UNK D 2454 -126.08 9.13 -43.30
CA UNK D 2454 -125.60 7.89 -42.69
C UNK D 2454 -124.75 8.19 -41.47
N UNK D 2455 -124.17 9.40 -41.44
CA UNK D 2455 -123.34 9.81 -40.31
C UNK D 2455 -124.20 10.13 -39.09
N UNK D 2456 -125.43 10.56 -39.34
CA UNK D 2456 -126.36 10.89 -38.26
C UNK D 2456 -126.90 9.61 -37.61
N UNK D 2457 -126.81 8.50 -38.33
CA UNK D 2457 -127.27 7.21 -37.83
C UNK D 2457 -126.33 6.70 -36.73
N UNK D 2458 -125.05 7.05 -36.84
CA UNK D 2458 -124.06 6.64 -35.86
C UNK D 2458 -124.21 7.44 -34.56
N UNK D 2459 -124.77 8.65 -34.69
CA UNK D 2459 -124.99 9.51 -33.53
C UNK D 2459 -126.30 9.18 -32.85
N UNK D 2460 -127.12 8.37 -33.50
CA UNK D 2460 -128.42 7.97 -32.95
C UNK D 2460 -128.33 6.59 -32.31
N UNK D 2461 -140.72 10.95 -35.66
CA UNK D 2461 -141.49 12.05 -36.21
C UNK D 2461 -141.08 12.32 -37.66
N UNK D 2462 -140.21 13.31 -37.84
CA UNK D 2462 -139.73 13.66 -39.18
C UNK D 2462 -138.76 12.61 -39.70
N UNK D 2463 -138.07 11.94 -38.79
CA UNK D 2463 -137.10 10.91 -39.15
C UNK D 2463 -137.82 9.64 -39.61
N UNK D 2464 -139.02 9.42 -39.09
CA UNK D 2464 -139.81 8.25 -39.45
C UNK D 2464 -140.37 8.40 -40.85
N UNK D 2465 -140.65 9.65 -41.25
CA UNK D 2465 -141.17 9.93 -42.58
C UNK D 2465 -140.07 9.83 -43.62
N UNK D 2466 -138.84 10.11 -43.21
CA UNK D 2466 -137.69 10.05 -44.10
C UNK D 2466 -137.23 8.60 -44.29
N UNK D 2467 -137.59 7.75 -43.34
CA UNK D 2467 -137.23 6.33 -43.39
C UNK D 2467 -138.05 5.61 -44.45
N UNK D 2468 -139.31 5.99 -44.58
CA UNK D 2468 -140.20 5.39 -45.56
C UNK D 2468 -139.95 5.94 -46.95
N UNK D 2469 -139.47 7.19 -47.01
CA UNK D 2469 -139.18 7.84 -48.27
C UNK D 2469 -137.90 7.28 -48.89
N UNK D 2470 -136.98 6.85 -48.02
CA UNK D 2470 -135.72 6.28 -48.47
C UNK D 2470 -135.85 4.78 -48.69
N UNK D 2471 -136.95 4.21 -48.21
CA UNK D 2471 -137.20 2.78 -48.35
C UNK D 2471 -137.61 2.45 -49.78
N UNK D 2472 -138.26 3.38 -50.44
CA UNK D 2472 -138.71 3.19 -51.82
C UNK D 2472 -137.54 3.32 -52.79
N UNK D 2473 -136.59 4.19 -52.45
CA UNK D 2473 -135.41 4.40 -53.29
C UNK D 2473 -134.44 3.24 -53.16
N UNK D 2474 -134.47 2.57 -52.01
CA UNK D 2474 -133.59 1.43 -51.76
C UNK D 2474 -134.21 0.14 -52.28
N UNK D 2475 -135.48 0.21 -52.68
CA UNK D 2475 -136.19 -0.95 -53.20
C UNK D 2475 -135.72 -1.27 -54.62
N UNK D 2476 -135.40 -0.22 -55.38
CA UNK D 2476 -134.94 -0.39 -56.75
C UNK D 2476 -133.43 -0.60 -56.80
N UNK D 2477 -128.31 -1.21 -53.19
CA UNK D 2477 -126.94 -0.98 -53.63
C UNK D 2477 -126.04 -0.61 -52.47
N UNK D 2478 -124.90 0.01 -52.78
CA UNK D 2478 -123.94 0.41 -51.76
C UNK D 2478 -124.42 1.67 -51.03
N UNK D 2479 -124.98 2.61 -51.80
CA UNK D 2479 -125.48 3.86 -51.23
C UNK D 2479 -126.81 3.63 -50.50
N UNK D 2480 -127.54 2.60 -50.93
CA UNK D 2480 -128.82 2.26 -50.33
C UNK D 2480 -128.62 1.61 -48.96
N UNK D 2481 -127.49 0.93 -48.80
CA UNK D 2481 -127.17 0.26 -47.54
C UNK D 2481 -126.83 1.27 -46.46
N UNK D 2482 -126.22 2.39 -46.88
CA UNK D 2482 -125.85 3.44 -45.94
C UNK D 2482 -127.08 4.21 -45.47
N UNK D 2483 -128.11 4.24 -46.30
CA UNK D 2483 -129.35 4.93 -45.96
C UNK D 2483 -130.26 4.02 -45.13
N UNK D 2484 -129.94 2.73 -45.10
CA UNK D 2484 -130.71 1.77 -44.33
C UNK D 2484 -130.45 1.92 -42.85
N UNK D 2485 -129.26 2.43 -42.51
CA UNK D 2485 -128.88 2.62 -41.11
C UNK D 2485 -129.57 3.86 -40.53
N UNK D 2486 -129.93 4.79 -41.40
CA UNK D 2486 -130.59 6.02 -40.97
C UNK D 2486 -132.02 5.75 -40.54
N UNK D 2487 -132.60 4.67 -41.07
CA UNK D 2487 -133.96 4.30 -40.73
C UNK D 2487 -134.03 3.69 -39.33
N UNK D 2488 -132.92 3.15 -38.87
CA UNK D 2488 -132.85 2.54 -37.54
C UNK D 2488 -132.54 3.59 -36.48
N UNK D 2489 -146.17 3.53 -45.16
CA UNK D 2489 -146.22 2.83 -43.88
C UNK D 2489 -146.48 1.34 -44.09
N UNK D 2490 -147.74 0.95 -44.02
CA UNK D 2490 -148.12 -0.45 -44.21
C UNK D 2490 -148.15 -0.81 -45.69
N UNK D 2491 -148.29 0.20 -46.54
CA UNK D 2491 -148.32 0.00 -47.98
C UNK D 2491 -146.93 -0.35 -48.52
N UNK D 2492 -145.91 0.21 -47.88
CA UNK D 2492 -144.53 -0.03 -48.29
C UNK D 2492 -144.11 -1.45 -47.91
N UNK D 2493 -144.63 -1.95 -46.80
CA UNK D 2493 -144.31 -3.30 -46.34
C UNK D 2493 -145.02 -4.34 -47.20
N UNK D 2494 -146.17 -3.96 -47.75
CA UNK D 2494 -146.95 -4.86 -48.60
C UNK D 2494 -146.31 -4.98 -49.98
N UNK D 2495 -145.59 -3.94 -50.39
CA UNK D 2495 -144.91 -3.94 -51.69
C UNK D 2495 -143.63 -4.77 -51.63
N UNK D 2496 -143.10 -4.94 -50.42
CA UNK D 2496 -141.88 -5.71 -50.22
C UNK D 2496 -142.21 -7.18 -49.96
N UNK D 2497 -143.39 -7.43 -49.40
CA UNK D 2497 -143.82 -8.78 -49.09
C UNK D 2497 -144.34 -9.48 -50.35
N UNK D 2498 -144.86 -8.69 -51.28
CA UNK D 2498 -145.38 -9.23 -52.53
C UNK D 2498 -144.25 -9.65 -53.46
N UNK D 2499 -143.18 -8.87 -53.47
CA UNK D 2499 -142.02 -9.16 -54.31
C UNK D 2499 -141.23 -10.34 -53.74
N UNK D 2500 -141.29 -10.50 -52.43
CA UNK D 2500 -140.60 -11.60 -51.76
C UNK D 2500 -141.35 -12.91 -51.95
N UNK D 2501 -142.66 -12.82 -52.10
CA UNK D 2501 -143.51 -13.99 -52.30
C UNK D 2501 -143.37 -14.52 -53.72
N UNK D 2502 -143.20 -13.60 -54.66
CA UNK D 2502 -143.05 -13.98 -56.07
C UNK D 2502 -141.68 -14.58 -56.32
N UNK D 2503 -140.68 -14.12 -55.57
CA UNK D 2503 -139.31 -14.62 -55.69
C UNK D 2503 -139.17 -15.97 -54.98
N UNK D 2504 -140.07 -16.23 -54.04
CA UNK D 2504 -140.04 -17.48 -53.28
C UNK D 2504 -140.53 -18.63 -54.16
N UNK D 2505 -141.43 -18.33 -55.09
CA UNK D 2505 -141.96 -19.34 -55.99
C UNK D 2505 -140.94 -19.71 -57.07
N UNK D 2506 -140.09 -18.75 -57.41
CA UNK D 2506 -139.06 -18.96 -58.42
C UNK D 2506 -137.91 -19.78 -57.84
N UNK D 2507 -137.71 -19.68 -56.53
CA UNK D 2507 -136.65 -20.41 -55.86
C UNK D 2507 -137.13 -21.81 -55.46
N UNK D 2508 -138.44 -22.01 -55.43
CA UNK D 2508 -139.02 -23.29 -55.08
C UNK D 2508 -138.95 -24.26 -56.26
N UNK D 2509 -138.92 -23.71 -57.47
CA UNK D 2509 -138.86 -24.51 -58.68
C UNK D 2509 -137.41 -24.87 -59.02
N UNK D 2510 -136.19 -9.40 -62.45
CA UNK D 2510 -134.80 -8.97 -62.24
C UNK D 2510 -134.14 -9.80 -61.16
N UNK D 2511 -133.02 -10.43 -61.52
CA UNK D 2511 -132.27 -11.27 -60.59
C UNK D 2511 -131.33 -10.43 -59.73
N UNK D 2512 -130.98 -9.26 -60.25
CA UNK D 2512 -130.07 -8.35 -59.54
C UNK D 2512 -130.79 -7.67 -58.38
N UNK D 2513 -132.05 -7.31 -58.60
CA UNK D 2513 -132.85 -6.65 -57.58
C UNK D 2513 -133.42 -7.65 -56.60
N UNK D 2514 -133.49 -8.91 -57.01
CA UNK D 2514 -134.01 -9.98 -56.16
C UNK D 2514 -133.00 -10.36 -55.09
N UNK D 2515 -131.72 -10.29 -55.43
CA UNK D 2515 -130.65 -10.61 -54.48
C UNK D 2515 -130.52 -9.52 -53.43
N UNK D 2516 -130.79 -8.28 -53.84
CA UNK D 2516 -130.72 -7.14 -52.92
C UNK D 2516 -131.95 -7.10 -52.02
N UNK D 2517 -133.06 -7.65 -52.52
CA UNK D 2517 -134.31 -7.66 -51.76
C UNK D 2517 -134.23 -8.68 -50.62
N UNK D 2518 -133.45 -9.74 -50.83
CA UNK D 2518 -133.29 -10.78 -49.82
C UNK D 2518 -132.38 -10.30 -48.71
N UNK D 2519 -131.48 -9.39 -49.03
CA UNK D 2519 -130.55 -8.85 -48.05
C UNK D 2519 -131.17 -7.69 -47.28
N UNK D 2520 -132.06 -6.96 -47.95
CA UNK D 2520 -132.74 -5.83 -47.34
C UNK D 2520 -133.83 -6.32 -46.37
N UNK D 2521 -134.38 -7.49 -46.65
CA UNK D 2521 -135.43 -8.06 -45.82
C UNK D 2521 -134.84 -8.62 -44.53
N UNK D 2522 -133.56 -8.96 -44.57
CA UNK D 2522 -132.88 -9.50 -43.40
C UNK D 2522 -132.26 -8.39 -42.57
N UNK D 2523 -132.08 -7.23 -43.19
CA UNK D 2523 -131.48 -6.07 -42.52
C UNK D 2523 -132.55 -5.23 -41.85
N UNK D 2524 -133.76 -5.26 -42.40
CA UNK D 2524 -134.87 -4.50 -41.85
C UNK D 2524 -135.59 -5.28 -40.76
N UNK D 2525 -135.37 -6.60 -40.74
CA UNK D 2525 -135.98 -7.46 -39.75
C UNK D 2525 -135.30 -7.31 -38.39
N UNK D 2526 -134.01 -6.97 -38.42
CA UNK D 2526 -133.24 -6.79 -37.20
C UNK D 2526 -133.22 -5.31 -36.79
N UNK D 2527 -133.68 -4.45 -37.69
CA UNK D 2527 -133.71 -3.02 -37.43
C UNK D 2527 -135.04 -2.60 -36.83
N UNK D 2528 -136.09 -3.36 -37.14
CA UNK D 2528 -137.42 -3.08 -36.62
C UNK D 2528 -137.67 -3.81 -35.30
N UNK D 2529 -136.78 -4.74 -34.99
CA UNK D 2529 -136.90 -5.53 -33.76
C UNK D 2529 -136.00 -4.97 -32.67
N UNK D 2530 -135.46 -3.77 -32.92
CA UNK D 2530 -134.58 -3.12 -31.95
C UNK D 2530 -135.37 -2.55 -30.78
N UNK D 2531 -152.03 -8.40 -39.31
CA UNK D 2531 -150.74 -8.95 -39.73
C UNK D 2531 -150.88 -10.40 -40.15
N UNK D 2532 -152.09 -10.81 -40.48
CA UNK D 2532 -152.36 -12.18 -40.91
C UNK D 2532 -151.85 -12.41 -42.33
N UNK D 2533 -151.82 -11.35 -43.13
CA UNK D 2533 -151.36 -11.43 -44.51
C UNK D 2533 -149.84 -11.62 -44.55
N UNK D 2534 -149.15 -10.97 -43.63
CA UNK D 2534 -147.70 -11.06 -43.55
C UNK D 2534 -147.28 -12.42 -42.96
N UNK D 2535 -148.16 -12.99 -42.14
CA UNK D 2535 -147.89 -14.28 -41.52
C UNK D 2535 -147.98 -15.40 -42.54
N UNK D 2536 -148.87 -15.24 -43.52
CA UNK D 2536 -149.05 -16.23 -44.57
C UNK D 2536 -147.95 -16.11 -45.61
N UNK D 2537 -147.38 -14.91 -45.73
CA UNK D 2537 -146.31 -14.66 -46.67
C UNK D 2537 -145.01 -15.32 -46.20
N UNK D 2538 -144.82 -15.38 -44.89
CA UNK D 2538 -143.64 -16.00 -44.31
C UNK D 2538 -143.78 -17.52 -44.29
N UNK D 2539 -145.02 -17.99 -44.22
CA UNK D 2539 -145.29 -19.43 -44.20
C UNK D 2539 -145.13 -20.03 -45.60
N UNK D 2540 -145.33 -19.20 -46.61
CA UNK D 2540 -145.20 -19.65 -47.99
C UNK D 2540 -143.74 -19.87 -48.36
N UNK D 2541 -142.86 -19.09 -47.75
CA UNK D 2541 -141.43 -19.19 -48.00
C UNK D 2541 -140.83 -20.37 -47.22
N UNK D 2542 -141.49 -20.73 -46.12
CA UNK D 2542 -141.04 -21.84 -45.30
C UNK D 2542 -141.32 -23.18 -45.97
N UNK D 2543 -142.42 -23.24 -46.72
CA UNK D 2543 -142.80 -24.46 -47.42
C UNK D 2543 -141.95 -24.66 -48.66
N UNK D 2544 -141.42 -23.55 -49.19
CA UNK D 2544 -140.58 -23.60 -50.38
C UNK D 2544 -139.20 -24.16 -50.05
N UNK D 2545 -138.75 -23.93 -48.81
CA UNK D 2545 -137.46 -24.42 -48.36
C UNK D 2545 -137.59 -25.81 -47.74
N UNK D 2546 -138.82 -26.22 -47.48
CA UNK D 2546 -139.08 -27.52 -46.88
C UNK D 2546 -139.19 -28.59 -47.96
N UNK D 2547 -131.98 -18.94 -50.50
CA UNK D 2547 -131.80 -20.35 -50.19
C UNK D 2547 -131.48 -20.53 -48.71
N UNK D 2548 -130.19 -20.64 -48.39
CA UNK D 2548 -129.76 -20.82 -47.00
C UNK D 2548 -129.92 -19.53 -46.22
N UNK D 2549 -129.81 -18.40 -46.91
CA UNK D 2549 -129.94 -17.09 -46.28
C UNK D 2549 -131.41 -16.74 -46.07
N UNK D 2550 -132.28 -17.40 -46.83
CA UNK D 2550 -133.72 -17.15 -46.73
C UNK D 2550 -134.29 -17.80 -45.48
N UNK D 2551 -133.67 -18.91 -45.06
CA UNK D 2551 -134.11 -19.62 -43.88
C UNK D 2551 -133.74 -18.86 -42.61
N UNK D 2552 -132.66 -18.09 -42.68
CA UNK D 2552 -132.21 -17.29 -41.55
C UNK D 2552 -133.00 -15.98 -41.47
N UNK D 2553 -133.58 -15.58 -42.59
CA UNK D 2553 -134.37 -14.35 -42.64
C UNK D 2553 -135.73 -14.56 -41.99
N UNK D 2554 -136.29 -15.76 -42.16
CA UNK D 2554 -137.58 -16.09 -41.59
C UNK D 2554 -137.44 -16.49 -40.13
N UNK D 2555 -136.21 -16.88 -39.74
CA UNK D 2555 -135.94 -17.27 -38.37
C UNK D 2555 -135.90 -16.06 -37.45
N UNK D 2556 -135.34 -14.96 -37.95
CA UNK D 2556 -135.25 -13.73 -37.18
C UNK D 2556 -136.61 -13.05 -37.07
N UNK D 2557 -137.45 -13.25 -38.09
CA UNK D 2557 -138.79 -12.67 -38.10
C UNK D 2557 -139.73 -13.45 -37.21
N UNK D 2558 -139.39 -14.72 -36.97
CA UNK D 2558 -140.22 -15.59 -36.13
C UNK D 2558 -140.04 -15.21 -34.66
N UNK D 2559 -138.86 -14.70 -34.32
CA UNK D 2559 -138.58 -14.30 -32.95
C UNK D 2559 -138.94 -12.82 -32.73
N UNK D 2560 -139.28 -12.15 -33.81
CA UNK D 2560 -139.65 -10.73 -33.74
C UNK D 2560 -141.12 -10.57 -33.36
N UNK D 2561 -129.57 -32.22 -46.10
CA UNK D 2561 -130.69 -31.55 -45.47
C UNK D 2561 -130.21 -30.41 -44.58
N UNK D 2562 -129.50 -29.45 -45.17
CA UNK D 2562 -128.98 -28.31 -44.44
C UNK D 2562 -130.10 -27.33 -44.08
N UNK D 2563 -131.08 -27.21 -44.97
CA UNK D 2563 -132.21 -26.32 -44.75
C UNK D 2563 -133.17 -26.89 -43.72
N UNK D 2564 -133.19 -28.22 -43.61
CA UNK D 2564 -134.05 -28.90 -42.66
C UNK D 2564 -133.53 -28.74 -41.23
N UNK D 2565 -132.21 -28.74 -41.09
CA UNK D 2565 -131.58 -28.60 -39.78
C UNK D 2565 -131.61 -27.14 -39.32
N UNK D 2566 -131.65 -26.23 -40.28
CA UNK D 2566 -131.68 -24.80 -39.99
C UNK D 2566 -133.08 -24.37 -39.56
N UNK D 2567 -134.09 -25.02 -40.13
CA UNK D 2567 -135.47 -24.71 -39.81
C UNK D 2567 -135.90 -25.38 -38.50
N UNK D 2568 -135.20 -26.45 -38.14
CA UNK D 2568 -135.51 -27.18 -36.91
C UNK D 2568 -134.90 -26.48 -35.71
N UNK D 2569 -133.77 -25.81 -35.90
CA UNK D 2569 -133.11 -25.10 -34.82
C UNK D 2569 -133.86 -23.83 -34.46
N UNK D 2570 -134.51 -23.22 -35.45
CA UNK D 2570 -135.27 -22.00 -35.23
C UNK D 2570 -136.65 -22.33 -34.66
N UNK D 2571 -137.11 -23.55 -34.91
CA UNK D 2571 -138.41 -23.99 -34.42
C UNK D 2571 -138.38 -24.26 -32.92
N UNK D 2572 -137.26 -24.82 -32.46
CA UNK D 2572 -137.10 -25.13 -31.04
C UNK D 2572 -136.85 -23.85 -30.22
N UNK D 2573 -136.21 -22.88 -30.86
CA UNK D 2573 -135.91 -21.60 -30.20
C UNK D 2573 -137.18 -20.78 -30.03
N UNK D 2574 -138.07 -20.83 -31.02
CA UNK D 2574 -139.32 -20.10 -30.97
C UNK D 2574 -140.31 -20.77 -30.04
N UNK D 2575 -140.15 -22.08 -29.85
CA UNK D 2575 -141.02 -22.85 -28.96
C UNK D 2575 -140.70 -22.56 -27.50
N UNK D 2576 -139.43 -22.34 -27.22
CA UNK D 2576 -138.98 -22.06 -25.85
C UNK D 2576 -139.28 -20.60 -25.48
N UNK D 2577 -139.41 -19.76 -26.49
CA UNK D 2577 -139.70 -18.34 -26.27
C UNK D 2577 -141.18 -18.12 -25.98
N UNK D 2578 -140.88 -27.18 -19.36
CA UNK D 2578 -142.12 -27.23 -20.12
C UNK D 2578 -141.87 -27.00 -21.60
N UNK D 2579 -142.02 -25.76 -22.04
CA UNK D 2579 -141.81 -25.41 -23.44
C UNK D 2579 -140.32 -25.42 -23.79
N UNK D 2580 -139.49 -25.06 -22.81
CA UNK D 2580 -138.04 -25.04 -23.00
C UNK D 2580 -137.46 -26.44 -22.84
N UNK D 2581 -138.19 -27.30 -22.15
CA UNK D 2581 -137.75 -28.67 -21.92
C UNK D 2581 -137.87 -29.50 -23.19
N UNK D 2582 -138.84 -29.15 -24.02
CA UNK D 2582 -139.07 -29.85 -25.28
C UNK D 2582 -137.98 -29.51 -26.29
N UNK D 2583 -137.47 -28.29 -26.21
CA UNK D 2583 -136.40 -27.84 -27.10
C UNK D 2583 -135.07 -28.46 -26.71
N UNK D 2584 -134.94 -28.81 -25.44
CA UNK D 2584 -133.71 -29.42 -24.93
C UNK D 2584 -133.60 -30.87 -25.41
N UNK D 2585 -134.75 -31.51 -25.62
CA UNK D 2585 -134.78 -32.89 -26.10
C UNK D 2585 -134.37 -32.96 -27.56
N UNK D 2586 -134.74 -31.94 -28.33
CA UNK D 2586 -134.39 -31.88 -29.74
C UNK D 2586 -132.92 -31.50 -29.92
N UNK D 2587 -132.40 -30.75 -28.95
CA UNK D 2587 -131.00 -30.32 -28.99
C UNK D 2587 -130.07 -31.49 -28.67
N UNK D 2588 -130.57 -32.45 -27.90
CA UNK D 2588 -129.79 -33.62 -27.53
C UNK D 2588 -129.62 -34.55 -28.73
N UNK D 2589 -130.62 -34.55 -29.61
CA UNK D 2589 -130.57 -35.37 -30.81
C UNK D 2589 -129.67 -34.75 -31.87
N UNK D 2590 -129.53 -33.43 -31.82
CA UNK D 2590 -128.68 -32.70 -32.76
C UNK D 2590 -127.21 -32.90 -32.41
N UNK D 2591 -126.93 -33.13 -31.13
CA UNK D 2591 -125.57 -33.34 -30.67
C UNK D 2591 -125.11 -34.77 -30.97
N UNK D 2592 -126.07 -35.67 -31.14
CA UNK D 2592 -125.77 -37.06 -31.45
C UNK D 2592 -125.62 -37.27 -32.96
N UNK D 2593 -126.00 -36.25 -33.72
CA UNK D 2593 -125.91 -36.33 -35.18
C UNK D 2593 -124.66 -35.62 -35.69
N UNK D 2594 -122.85 -22.75 -38.88
CA UNK D 2594 -122.41 -21.94 -37.76
C UNK D 2594 -123.58 -21.16 -37.16
N UNK D 2595 -124.62 -20.95 -37.96
CA UNK D 2595 -125.79 -20.21 -37.50
C UNK D 2595 -126.65 -21.07 -36.59
N UNK D 2596 -126.62 -22.38 -36.81
CA UNK D 2596 -127.39 -23.32 -36.01
C UNK D 2596 -126.73 -23.54 -34.65
N UNK D 2597 -125.42 -23.34 -34.60
CA UNK D 2597 -124.66 -23.52 -33.37
C UNK D 2597 -124.89 -22.36 -32.41
N UNK D 2598 -125.15 -21.19 -32.97
CA UNK D 2598 -125.39 -20.00 -32.17
C UNK D 2598 -126.80 -20.03 -31.56
N UNK D 2599 -127.72 -20.67 -32.26
CA UNK D 2599 -129.10 -20.78 -31.79
C UNK D 2599 -129.21 -21.85 -30.69
N UNK D 2600 -128.33 -22.84 -30.74
CA UNK D 2600 -128.33 -23.91 -29.75
C UNK D 2600 -127.74 -23.43 -28.43
N UNK D 2601 -126.87 -22.44 -28.50
CA UNK D 2601 -126.25 -21.88 -27.30
C UNK D 2601 -127.22 -21.01 -26.53
N UNK D 2602 -128.10 -20.33 -27.26
CA UNK D 2602 -129.10 -19.46 -26.64
C UNK D 2602 -130.22 -20.29 -26.01
N UNK D 2603 -130.47 -21.46 -26.58
CA UNK D 2603 -131.51 -22.34 -26.09
C UNK D 2603 -131.05 -23.09 -24.84
N UNK D 2604 -129.75 -23.29 -24.73
CA UNK D 2604 -129.17 -23.98 -23.58
C UNK D 2604 -129.17 -23.08 -22.35
N UNK D 2605 -129.11 -21.78 -22.57
CA UNK D 2605 -129.11 -20.81 -21.48
C UNK D 2605 -130.54 -20.50 -21.03
N UNK D 2606 -131.51 -20.82 -21.88
CA UNK D 2606 -132.90 -20.57 -21.57
C UNK D 2606 -133.48 -21.68 -20.71
N UNK D 2607 -127.58 -34.03 -19.84
CA UNK D 2607 -126.87 -33.03 -20.63
C UNK D 2607 -125.36 -33.20 -20.50
N UNK D 2608 -124.94 -33.96 -19.49
CA UNK D 2608 -123.52 -34.21 -19.26
C UNK D 2608 -123.07 -35.46 -20.00
N UNK D 2609 -124.00 -36.37 -20.24
CA UNK D 2609 -123.69 -37.61 -20.93
C UNK D 2609 -123.48 -37.36 -22.42
N UNK D 2610 -124.22 -36.41 -22.97
CA UNK D 2610 -124.11 -36.07 -24.38
C UNK D 2610 -122.84 -35.28 -24.65
N UNK D 2611 -122.42 -34.48 -23.67
CA UNK D 2611 -121.22 -33.68 -23.79
C UNK D 2611 -119.96 -34.54 -23.66
N UNK D 2612 -120.07 -35.61 -22.89
CA UNK D 2612 -118.95 -36.52 -22.68
C UNK D 2612 -118.72 -37.39 -23.92
N UNK D 2613 -119.80 -37.70 -24.63
CA UNK D 2613 -119.72 -38.51 -25.83
C UNK D 2613 -119.11 -37.70 -26.99
N UNK D 2614 -119.39 -36.40 -27.00
CA UNK D 2614 -118.86 -35.51 -28.03
C UNK D 2614 -117.38 -35.23 -27.79
N UNK D 2615 -116.98 -35.22 -26.53
CA UNK D 2615 -115.59 -34.98 -26.16
C UNK D 2615 -114.74 -36.22 -26.41
N UNK D 2616 -115.34 -37.38 -26.22
CA UNK D 2616 -114.64 -38.65 -26.42
C UNK D 2616 -114.46 -38.94 -27.91
N UNK D 2617 -115.40 -38.45 -28.71
CA UNK D 2617 -115.34 -38.64 -30.15
C UNK D 2617 -114.27 -37.74 -30.78
N UNK D 2618 -114.07 -36.57 -30.19
CA UNK D 2618 -113.07 -35.63 -30.67
C UNK D 2618 -111.68 -36.06 -30.24
N UNK D 2619 -111.61 -36.82 -29.15
CA UNK D 2619 -110.34 -37.31 -28.63
C UNK D 2619 -109.80 -38.44 -29.50
N UNK D 2620 -110.71 -39.21 -30.07
CA UNK D 2620 -110.33 -40.33 -30.94
C UNK D 2620 -109.81 -39.82 -32.28
N UNK D 2621 -110.37 -38.70 -32.74
CA UNK D 2621 -109.96 -38.10 -34.00
C UNK D 2621 -108.62 -37.39 -33.85
N UNK D 2622 -108.33 -36.92 -32.64
CA UNK D 2622 -107.07 -36.24 -32.36
C UNK D 2622 -105.95 -37.25 -32.14
N UNK D 2623 -106.31 -38.42 -31.60
CA UNK D 2623 -105.33 -39.46 -31.33
C UNK D 2623 -104.92 -40.15 -32.63
N UNK D 2624 -105.83 -40.20 -33.58
CA UNK D 2624 -105.57 -40.83 -34.88
C UNK D 2624 -104.71 -39.92 -35.75
N UNK D 2625 -104.80 -38.61 -35.51
CA UNK D 2625 -104.04 -37.63 -36.27
C UNK D 2625 -102.62 -37.51 -35.73
N UNK D 2626 -102.42 -37.94 -34.48
CA UNK D 2626 -101.11 -37.88 -33.86
C UNK D 2626 -100.25 -39.06 -34.30
N GLU D 2627 -107.56 -33.19 -42.45
CA GLU D 2627 -106.96 -33.40 -41.13
C GLU D 2627 -107.14 -32.18 -40.24
N PHE D 2628 -106.42 -31.10 -40.57
CA PHE D 2628 -106.53 -29.88 -39.78
C PHE D 2628 -107.87 -29.18 -39.99
N SER D 2629 -108.48 -29.34 -41.17
CA SER D 2629 -109.76 -28.71 -41.43
C SER D 2629 -110.88 -29.35 -40.60
N VAL D 2630 -110.91 -30.68 -40.54
CA VAL D 2630 -111.94 -31.35 -39.76
C VAL D 2630 -111.69 -31.18 -38.27
N LEU D 2631 -110.43 -31.06 -37.86
CA LEU D 2631 -110.13 -30.88 -36.45
C LEU D 2631 -110.51 -29.48 -35.97
N CYS D 2632 -110.21 -28.47 -36.78
CA CYS D 2632 -110.56 -27.10 -36.40
C CYS D 2632 -112.06 -26.87 -36.44
N ARG D 2633 -112.77 -27.54 -37.36
CA ARG D 2633 -114.22 -27.39 -37.43
C ARG D 2633 -114.91 -28.01 -36.22
N ASP D 2634 -114.46 -29.20 -35.81
CA ASP D 2634 -115.02 -29.83 -34.63
C ASP D 2634 -114.66 -29.09 -33.36
N LEU D 2635 -113.51 -28.41 -33.33
CA LEU D 2635 -113.10 -27.66 -32.16
C LEU D 2635 -114.02 -26.46 -31.91
N TYR D 2636 -114.50 -25.84 -32.99
CA TYR D 2636 -115.40 -24.69 -32.83
C TYR D 2636 -116.74 -25.12 -32.23
N ALA D 2637 -117.24 -26.29 -32.64
CA ALA D 2637 -118.50 -26.78 -32.09
C ALA D 2637 -118.32 -27.21 -30.64
N LEU D 2638 -117.18 -27.79 -30.30
CA LEU D 2638 -116.93 -28.19 -28.92
C LEU D 2638 -116.72 -26.98 -28.01
N TYR D 2639 -116.13 -25.91 -28.53
CA TYR D 2639 -115.92 -24.70 -27.76
C TYR D 2639 -117.26 -24.03 -27.46
N PRO D 2640 -118.18 -24.00 -28.43
CA PRO D 2640 -119.49 -23.38 -28.15
C PRO D 2640 -120.33 -24.19 -27.17
N LEU D 2641 -120.25 -25.52 -27.24
CA LEU D 2641 -121.01 -26.34 -26.31
C LEU D 2641 -120.44 -26.25 -24.90
N LEU D 2642 -119.11 -26.19 -24.77
CA LEU D 2642 -118.50 -26.07 -23.46
C LEU D 2642 -118.75 -24.69 -22.85
N ILE D 2643 -118.84 -23.66 -23.68
CA ILE D 2643 -119.10 -22.31 -23.17
C ILE D 2643 -120.52 -22.21 -22.64
N ARG D 2644 -121.48 -22.80 -23.34
CA ARG D 2644 -122.86 -22.78 -22.86
C ARG D 2644 -123.03 -23.65 -21.62
N TYR D 2645 -122.30 -24.77 -21.55
CA TYR D 2645 -122.38 -25.62 -20.38
C TYR D 2645 -121.66 -25.04 -19.17
N VAL D 2646 -120.74 -24.10 -19.39
CA VAL D 2646 -120.01 -23.49 -18.29
C VAL D 2646 -120.90 -22.60 -17.43
N ASP D 2647 -122.04 -22.14 -17.99
CA ASP D 2647 -122.95 -21.31 -17.21
C ASP D 2647 -123.59 -22.09 -16.07
N ASN D 2648 -123.84 -23.38 -16.27
CA ASN D 2648 -124.43 -24.23 -15.25
C ASN D 2648 -123.44 -25.19 -14.61
N ASN D 2649 -122.21 -25.29 -15.13
CA ASN D 2649 -121.23 -26.19 -14.54
C ASN D 2649 -120.69 -25.66 -13.23
N ARG D 2650 -120.74 -24.33 -13.02
CA ARG D 2650 -120.24 -23.76 -11.78
C ARG D 2650 -121.13 -24.14 -10.60
N ALA D 2651 -122.45 -24.08 -10.78
CA ALA D 2651 -123.37 -24.46 -9.71
C ALA D 2651 -123.40 -25.96 -9.50
N HIS D 2652 -123.19 -26.74 -10.56
CA HIS D 2652 -123.19 -28.20 -10.42
C HIS D 2652 -121.95 -28.70 -9.73
N TRP D 2653 -120.78 -28.13 -10.05
CA TRP D 2653 -119.54 -28.56 -9.44
C TRP D 2653 -119.44 -28.17 -7.97
N LEU D 2654 -120.23 -27.18 -7.53
CA LEU D 2654 -120.19 -26.78 -6.13
C LEU D 2654 -120.74 -27.88 -5.21
N THR D 2655 -121.81 -28.55 -5.64
CA THR D 2655 -122.38 -29.62 -4.83
C THR D 2655 -121.52 -30.88 -4.91
N GLU D 2656 -121.13 -31.27 -6.13
CA GLU D 2656 -120.31 -32.45 -6.33
C GLU D 2656 -119.58 -32.32 -7.65
N PRO D 2657 -118.33 -32.79 -7.74
CA PRO D 2657 -117.61 -32.66 -9.01
C PRO D 2657 -118.19 -33.58 -10.08
N ASN D 2658 -118.09 -33.12 -11.33
CA ASN D 2658 -118.62 -33.87 -12.46
C ASN D 2658 -117.60 -34.89 -12.92
N PRO D 2659 -117.88 -36.19 -12.87
CA PRO D 2659 -116.90 -37.17 -13.35
C PRO D 2659 -116.71 -37.14 -14.85
N SER D 2660 -117.75 -36.78 -15.61
CA SER D 2660 -117.60 -36.69 -17.06
C SER D 2660 -116.71 -35.52 -17.46
N ALA D 2661 -116.81 -34.41 -16.73
CA ALA D 2661 -115.97 -33.25 -17.04
C ALA D 2661 -114.51 -33.53 -16.69
N GLU D 2662 -114.26 -34.28 -15.62
CA GLU D 2662 -112.89 -34.63 -15.26
C GLU D 2662 -112.27 -35.59 -16.29
N GLU D 2663 -113.07 -36.53 -16.79
CA GLU D 2663 -112.57 -37.45 -17.81
C GLU D 2663 -112.35 -36.73 -19.14
N LEU D 2664 -113.21 -35.76 -19.46
CA LEU D 2664 -113.03 -34.99 -20.69
C LEU D 2664 -111.79 -34.11 -20.62
N PHE D 2665 -111.45 -33.62 -19.43
CA PHE D 2665 -110.24 -32.80 -19.30
C PHE D 2665 -108.98 -33.63 -19.52
N ARG D 2666 -108.99 -34.90 -19.11
CA ARG D 2666 -107.84 -35.77 -19.34
C ARG D 2666 -107.65 -36.06 -20.83
N MET D 2667 -108.74 -36.17 -21.58
CA MET D 2667 -108.62 -36.38 -23.02
C MET D 2667 -108.06 -35.15 -23.71
N VAL D 2668 -108.45 -33.96 -23.27
CA VAL D 2668 -107.90 -32.74 -23.84
C VAL D 2668 -106.44 -32.57 -23.43
N GLY D 2669 -106.04 -33.14 -22.29
CA GLY D 2669 -104.65 -33.06 -21.87
C GLY D 2669 -103.72 -33.83 -22.77
N GLU D 2670 -104.20 -34.92 -23.37
CA GLU D 2670 -103.37 -35.68 -24.29
C GLU D 2670 -103.06 -34.88 -25.55
N ILE D 2671 -104.05 -34.14 -26.07
CA ILE D 2671 -103.82 -33.28 -27.22
C ILE D 2671 -102.97 -32.06 -26.83
N PHE D 2672 -103.00 -31.66 -25.56
CA PHE D 2672 -102.18 -30.54 -25.13
C PHE D 2672 -100.69 -30.89 -25.14
N ILE D 2673 -100.36 -32.17 -24.99
CA ILE D 2673 -98.96 -32.58 -25.03
C ILE D 2673 -98.41 -32.40 -26.44
N TYR D 2674 -99.22 -32.64 -27.46
CA TYR D 2674 -98.83 -32.45 -28.84
C TYR D 2674 -99.20 -31.07 -29.37
N TRP D 2675 -99.80 -30.21 -28.53
CA TRP D 2675 -100.15 -28.87 -28.98
C TRP D 2675 -98.91 -28.01 -29.20
N SER D 2676 -97.94 -28.10 -28.30
CA SER D 2676 -96.71 -27.34 -28.42
C SER D 2676 -95.53 -28.17 -28.92
N LYS D 2677 -95.59 -29.49 -28.78
CA LYS D 2677 -94.50 -30.34 -29.27
C LYS D 2677 -94.49 -30.40 -30.78
N SER D 2678 -95.66 -30.54 -31.40
CA SER D 2678 -95.80 -30.61 -32.85
C SER D 2678 -96.15 -29.21 -33.37
N HIS D 2680 -95.17 -28.54 -33.97
CA HIS D 2680 -95.41 -27.20 -34.49
C HIS D 2680 -96.33 -27.20 -35.70
N ASN D 2681 -96.43 -28.32 -36.42
CA ASN D 2681 -97.31 -28.37 -37.59
C ASN D 2681 -98.77 -28.32 -37.18
N PHE D 2682 -99.13 -29.00 -36.09
CA PHE D 2682 -100.52 -29.00 -35.65
C PHE D 2682 -100.93 -27.66 -35.05
N LYS D 2683 -99.99 -26.96 -34.40
CA LYS D 2683 -100.31 -25.67 -33.80
C LYS D 2683 -100.52 -24.60 -34.86
N ARG D 2684 -99.66 -24.57 -35.89
CA ARG D 2684 -99.80 -23.56 -36.93
C ARG D 2684 -101.02 -23.82 -37.80
N GLU D 2685 -101.32 -25.09 -38.08
CA GLU D 2685 -102.47 -25.41 -38.91
C GLU D 2685 -103.79 -25.21 -38.19
N GLU D 2686 -103.78 -25.23 -36.85
CA GLU D 2686 -105.02 -25.05 -36.10
C GLU D 2686 -105.51 -23.61 -36.18
N GLN D 2687 -104.63 -22.65 -35.93
CA GLN D 2687 -105.01 -21.25 -35.98
C GLN D 2687 -105.16 -20.73 -37.39
N ASN D 2688 -104.62 -21.42 -38.39
CA ASN D 2688 -104.74 -20.96 -39.77
C ASN D 2688 -106.14 -21.16 -40.32
N PHE D 2689 -106.83 -22.22 -39.90
CA PHE D 2689 -108.18 -22.50 -40.39
C PHE D 2689 -109.24 -21.63 -39.73
N VAL D 2690 -108.93 -20.96 -38.63
CA VAL D 2690 -109.92 -20.12 -37.96
C VAL D 2690 -110.27 -18.92 -38.82
N VAL D 2691 -109.26 -18.27 -39.40
CA VAL D 2691 -109.49 -17.11 -40.24
C VAL D 2691 -110.03 -17.54 -41.61
N UNK D 2692 -107.09 -19.12 -27.46
CA UNK D 2692 -108.17 -18.18 -27.19
C UNK D 2692 -109.37 -18.88 -26.56
N UNK D 2693 -110.19 -19.50 -27.40
CA UNK D 2693 -111.38 -20.21 -26.93
C UNK D 2693 -111.00 -21.55 -26.31
N UNK D 2694 -109.90 -22.13 -26.80
CA UNK D 2694 -109.43 -23.41 -26.30
C UNK D 2694 -108.76 -23.25 -24.94
N UNK D 2695 -108.16 -22.08 -24.71
CA UNK D 2695 -107.49 -21.79 -23.46
C UNK D 2695 -108.51 -21.51 -22.35
N UNK D 2696 -109.64 -20.93 -22.73
CA UNK D 2696 -110.70 -20.62 -21.77
C UNK D 2696 -111.41 -21.89 -21.32
N UNK D 2697 -111.50 -22.86 -22.22
CA UNK D 2697 -112.14 -24.14 -21.91
C UNK D 2697 -111.27 -25.00 -21.01
N UNK D 2698 -109.96 -24.89 -21.21
CA UNK D 2698 -109.00 -25.66 -20.41
C UNK D 2698 -108.85 -25.05 -19.02
N UNK D 2699 -109.09 -23.74 -18.92
CA UNK D 2699 -108.99 -23.04 -17.65
C UNK D 2699 -110.17 -23.37 -16.76
N UNK D 2700 -111.35 -23.52 -17.37
CA UNK D 2700 -112.56 -23.85 -16.63
C UNK D 2700 -112.55 -25.32 -16.19
N UNK D 2701 -111.92 -26.16 -16.99
CA UNK D 2701 -111.82 -27.59 -16.69
C UNK D 2701 -110.82 -27.83 -15.57
N UNK D 2702 -109.81 -26.97 -15.49
CA UNK D 2702 -108.79 -27.09 -14.46
C UNK D 2702 -109.31 -26.62 -13.10
N UNK D 2703 -110.29 -25.72 -13.14
CA UNK D 2703 -110.90 -25.20 -11.93
C UNK D 2703 -111.80 -26.25 -11.27
N UNK D 2704 -112.42 -27.08 -12.10
CA UNK D 2704 -113.29 -28.15 -11.61
C UNK D 2704 -112.47 -29.33 -11.12
N UNK D 2705 -111.27 -29.48 -11.67
CA UNK D 2705 -110.38 -30.57 -11.29
C UNK D 2705 -109.69 -30.26 -9.97
N UNK D 2706 -109.53 -28.98 -9.67
CA UNK D 2706 -108.90 -28.55 -8.43
C UNK D 2706 -109.87 -28.66 -7.26
N UNK D 2707 -111.17 -28.66 -7.57
CA UNK D 2707 -112.20 -28.77 -6.55
C UNK D 2707 -112.55 -30.22 -6.28
N UNK D 2708 -112.14 -31.11 -7.18
CA UNK D 2708 -112.41 -32.52 -7.05
C UNK D 2708 -111.38 -33.19 -6.13
N UNK D 2709 -110.10 -33.04 -6.48
CA UNK D 2709 -109.02 -33.62 -5.70
C UNK D 2709 -108.44 -32.58 -4.74
N UNK D 2710 -99.08 -33.61 -6.32
CA UNK D 2710 -98.24 -32.78 -5.46
C UNK D 2710 -97.42 -31.80 -6.29
N UNK D 2711 -96.72 -30.89 -5.60
CA UNK D 2711 -95.89 -29.90 -6.28
C UNK D 2711 -94.63 -30.54 -6.84
N UNK D 2712 -94.09 -31.51 -6.10
CA UNK D 2712 -92.88 -32.21 -6.52
C UNK D 2712 -93.19 -33.18 -7.66
N UNK D 2713 -94.41 -33.70 -7.66
CA UNK D 2713 -94.83 -34.65 -8.70
C UNK D 2713 -95.22 -33.91 -9.97
N UNK D 2714 -95.51 -32.61 -9.83
CA UNK D 2714 -95.90 -31.79 -10.97
C UNK D 2714 -94.68 -31.44 -11.83
N UNK D 2715 -93.53 -31.31 -11.17
CA UNK D 2715 -92.30 -30.98 -11.87
C UNK D 2715 -91.74 -32.19 -12.62
N UNK D 2716 -92.06 -33.38 -12.11
CA UNK D 2716 -91.60 -34.62 -12.73
C UNK D 2716 -92.49 -34.99 -13.92
N UNK D 2717 -93.71 -34.49 -13.91
CA UNK D 2717 -94.66 -34.77 -14.99
C UNK D 2717 -94.31 -33.97 -16.24
N UNK D 2718 -93.78 -32.76 -16.04
CA UNK D 2718 -93.41 -31.90 -17.15
C UNK D 2718 -92.05 -32.31 -17.72
N UNK D 2719 -91.25 -32.98 -16.90
CA UNK D 2719 -89.93 -33.43 -17.31
C UNK D 2719 -90.02 -34.76 -18.05
N UNK D 2720 -91.07 -35.53 -17.76
CA UNK D 2720 -91.27 -36.82 -18.40
C UNK D 2720 -91.91 -36.65 -19.77
N UNK D 2721 -98.71 -42.98 -18.38
CA UNK D 2721 -98.83 -42.91 -16.92
C UNK D 2721 -97.47 -43.13 -16.26
N UNK D 2722 -96.42 -42.67 -16.92
CA UNK D 2722 -95.06 -42.81 -16.39
C UNK D 2722 -94.82 -41.80 -15.26
N UNK D 2723 -95.53 -40.68 -15.31
CA UNK D 2723 -95.38 -39.64 -14.30
C UNK D 2723 -96.07 -40.06 -13.00
N UNK D 2724 -97.11 -40.87 -13.13
CA UNK D 2724 -97.86 -41.34 -11.96
C UNK D 2724 -97.07 -42.40 -11.20
N UNK D 2725 -96.22 -43.13 -11.92
CA UNK D 2725 -95.40 -44.17 -11.32
C UNK D 2725 -94.24 -43.57 -10.53
N UNK D 2726 -93.81 -42.38 -10.95
CA UNK D 2726 -92.70 -41.70 -10.30
C UNK D 2726 -93.18 -40.99 -9.03
N UNK D 2727 -94.47 -40.68 -8.99
CA UNK D 2727 -95.05 -40.01 -7.84
C UNK D 2727 -95.37 -41.00 -6.72
N UNK D 2728 -95.83 -42.19 -7.11
CA UNK D 2728 -96.17 -43.23 -6.14
C UNK D 2728 -94.90 -43.89 -5.60
N UNK D 2729 -106.29 -21.45 4.22
CA UNK D 2729 -105.10 -21.78 4.99
C UNK D 2729 -104.75 -23.26 4.85
N UNK D 2730 -103.96 -23.77 5.78
CA UNK D 2730 -103.62 -25.18 5.80
C UNK D 2730 -104.68 -25.95 6.55
N UNK D 2731 -105.46 -25.24 7.38
CA UNK D 2731 -106.53 -25.85 8.15
C UNK D 2731 -107.88 -25.55 7.51
N UNK D 2732 -107.97 -24.39 6.84
CA UNK D 2732 -109.20 -23.98 6.18
C UNK D 2732 -109.44 -24.83 4.93
N UNK D 2733 -108.36 -25.20 4.27
CA UNK D 2733 -108.45 -26.03 3.07
C UNK D 2733 -108.75 -27.48 3.44
N UNK D 2734 -108.35 -27.86 4.65
CA UNK D 2734 -108.58 -29.21 5.15
C UNK D 2734 -110.06 -29.41 5.48
N UNK D 2735 -110.69 -28.34 5.97
CA UNK D 2735 -112.10 -28.39 6.32
C UNK D 2735 -112.97 -28.35 5.07
N UNK D 2736 -112.47 -27.70 4.03
CA UNK D 2736 -113.20 -27.59 2.77
C UNK D 2736 -113.12 -28.89 1.98
N UNK D 2737 -112.02 -29.63 2.17
CA UNK D 2737 -111.82 -30.89 1.48
C UNK D 2737 -112.54 -32.02 2.22
N UNK D 2738 -112.85 -31.80 3.49
CA UNK D 2738 -113.54 -32.78 4.30
C UNK D 2738 -115.05 -32.71 4.09
N UNK D 2739 -107.11 -44.67 -6.37
CA UNK D 2739 -107.95 -43.80 -5.56
C UNK D 2739 -107.25 -42.48 -5.28
N UNK D 2740 -106.39 -42.46 -4.25
CA UNK D 2740 -105.66 -41.27 -3.89
C UNK D 2740 -104.55 -40.98 -4.90
N UNK D 2741 -103.95 -42.04 -5.42
CA UNK D 2741 -102.88 -41.91 -6.41
C UNK D 2741 -103.44 -41.52 -7.78
N UNK D 2742 -104.69 -41.90 -8.03
CA UNK D 2742 -105.35 -41.59 -9.29
C UNK D 2742 -105.74 -40.11 -9.35
N UNK D 2743 -106.08 -39.55 -8.18
CA UNK D 2743 -106.46 -38.15 -8.10
C UNK D 2743 -105.24 -37.25 -8.27
N UNK D 2744 -104.09 -37.70 -7.78
CA UNK D 2744 -102.86 -36.95 -7.89
C UNK D 2744 -102.28 -37.05 -9.29
N UNK D 2745 -102.59 -38.15 -9.97
CA UNK D 2745 -102.12 -38.36 -11.33
C UNK D 2745 -102.83 -37.43 -12.31
N UNK D 2746 -104.10 -37.18 -12.05
CA UNK D 2746 -104.89 -36.28 -12.88
C UNK D 2746 -104.45 -34.83 -12.68
N UNK D 2747 -104.00 -34.51 -11.47
CA UNK D 2747 -103.53 -33.18 -11.15
C UNK D 2747 -102.14 -32.95 -11.74
N UNK D 2748 -101.40 -34.03 -11.93
CA UNK D 2748 -100.06 -33.95 -12.50
C UNK D 2748 -100.12 -33.62 -13.98
N UNK D 2749 -101.13 -34.14 -14.66
CA UNK D 2749 -101.33 -33.87 -16.08
C UNK D 2749 -101.89 -32.47 -16.29
N UNK D 2750 -102.68 -32.01 -15.33
CA UNK D 2750 -103.28 -30.68 -15.39
C UNK D 2750 -102.22 -29.60 -15.13
N UNK D 2751 -101.26 -29.92 -14.28
CA UNK D 2751 -100.18 -28.99 -13.96
C UNK D 2751 -99.17 -28.91 -15.11
N UNK D 2752 -99.06 -29.99 -15.87
CA UNK D 2752 -98.16 -30.04 -17.01
C UNK D 2752 -98.68 -29.19 -18.16
N UNK D 2753 -100.01 -29.08 -18.24
CA UNK D 2753 -100.65 -28.28 -19.27
C UNK D 2753 -100.57 -26.80 -18.94
N UNK D 2754 -100.49 -26.49 -17.65
CA UNK D 2754 -100.39 -25.11 -17.19
C UNK D 2754 -98.99 -24.57 -17.42
N UNK D 2755 -97.99 -25.43 -17.32
CA UNK D 2755 -96.60 -25.05 -17.53
C UNK D 2755 -96.32 -24.83 -19.01
N UNK D 2756 -97.00 -25.60 -19.85
CA UNK D 2756 -96.83 -25.48 -21.30
C UNK D 2756 -97.56 -24.26 -21.83
N UNK D 2757 -98.64 -23.87 -21.15
CA UNK D 2757 -99.42 -22.70 -21.54
C UNK D 2757 -98.69 -21.42 -21.16
N UNK D 2758 -97.86 -21.50 -20.12
CA UNK D 2758 -97.12 -20.33 -19.66
C UNK D 2758 -95.81 -20.19 -20.44
N UNK D 2759 -95.42 -21.25 -21.13
CA UNK D 2759 -94.20 -21.23 -21.93
C UNK D 2759 -94.43 -20.57 -23.29
N PRO D 2760 -80.36 -2.72 -66.51
CA PRO D 2760 -80.85 -3.33 -67.75
C PRO D 2760 -79.98 -3.00 -68.96
N LEU D 2761 -79.47 -4.03 -69.64
CA LEU D 2761 -78.62 -3.80 -70.81
C LEU D 2761 -79.44 -3.31 -71.99
N TYR D 2762 -80.67 -3.79 -72.14
CA TYR D 2762 -81.52 -3.35 -73.24
C TYR D 2762 -81.99 -1.92 -73.01
N ASN D 2763 -82.32 -1.25 -74.11
CA ASN D 2763 -82.79 0.13 -74.11
C ASN D 2763 -81.76 1.08 -73.47
N LEU D 2764 -80.48 0.75 -73.59
CA LEU D 2764 -79.39 1.54 -73.06
C LEU D 2764 -78.64 2.24 -74.17
N PRO D 2765 -78.03 3.39 -73.90
CA PRO D 2765 -77.25 4.08 -74.93
C PRO D 2765 -76.05 3.25 -75.38
N THR D 2766 -76.04 2.90 -76.67
CA THR D 2766 -74.96 2.08 -77.21
C THR D 2766 -73.63 2.81 -77.25
N HIS D 2767 -73.64 4.14 -77.18
CA HIS D 2767 -72.39 4.89 -77.20
C HIS D 2767 -71.60 4.68 -75.92
N ARG D 2768 -72.25 4.86 -74.77
CA ARG D 2768 -71.58 4.65 -73.49
C ARG D 2768 -71.44 3.18 -73.13
N ALA D 2769 -72.26 2.31 -73.72
CA ALA D 2769 -72.17 0.88 -73.43
C ALA D 2769 -70.90 0.26 -74.03
N CYS D 2770 -70.49 0.74 -75.21
CA CYS D 2770 -69.27 0.20 -75.83
C CYS D 2770 -68.03 0.60 -75.05
N ASN D 2771 -68.01 1.80 -74.47
CA ASN D 2771 -66.85 2.22 -73.69
C ASN D 2771 -66.74 1.47 -72.38
N MET D 2772 -67.86 0.94 -71.87
CA MET D 2772 -67.82 0.19 -70.62
C MET D 2772 -67.12 -1.16 -70.78
N PHE D 2773 -67.06 -1.70 -72.00
CA PHE D 2773 -66.37 -2.96 -72.22
C PHE D 2773 -64.86 -2.82 -72.14
N LEU D 2774 -64.33 -1.61 -72.34
CA LEU D 2774 -62.88 -1.42 -72.29
C LEU D 2774 -62.35 -1.59 -70.87
N GLU D 2775 -63.09 -1.07 -69.88
CA GLU D 2775 -62.65 -1.20 -68.49
C GLU D 2775 -62.77 -2.63 -68.00
N SER D 2776 -63.81 -3.35 -68.43
CA SER D 2776 -63.99 -4.73 -67.99
C SER D 2776 -62.99 -5.66 -68.66
N TYR D 2777 -62.57 -5.35 -69.88
CA TYR D 2777 -61.61 -6.20 -70.59
C TYR D 2777 -60.22 -6.15 -69.99
N LYS D 2778 -59.92 -5.12 -69.19
CA LYS D 2778 -58.60 -5.01 -68.58
C LYS D 2778 -58.38 -6.12 -67.55
N ALA D 2779 -59.34 -6.30 -66.64
CA ALA D 2779 -59.24 -7.35 -65.63
C ALA D 2779 -59.80 -8.68 -66.09
N ALA D 2780 -60.19 -8.79 -67.36
CA ALA D 2780 -60.78 -10.03 -67.86
C ALA D 2780 -59.71 -10.98 -68.40
N TRP D 2781 -58.92 -10.52 -69.37
CA TRP D 2781 -57.92 -11.36 -70.00
C TRP D 2781 -56.53 -10.73 -70.05
N ILE D 2782 -56.36 -9.51 -69.56
CA ILE D 2782 -55.08 -8.83 -69.59
C ILE D 2782 -54.33 -8.96 -68.27
N LEU D 2783 -55.03 -8.75 -67.15
CA LEU D 2783 -54.41 -8.85 -65.83
C LEU D 2783 -54.21 -10.29 -65.37
N THR D 2784 -54.71 -11.27 -66.12
CA THR D 2784 -54.54 -12.67 -65.77
C THR D 2784 -53.70 -13.44 -66.79
N GLU D 2785 -53.18 -12.77 -67.82
CA GLU D 2785 -52.37 -13.40 -68.85
C GLU D 2785 -51.05 -12.64 -69.01
N ASP D 2786 -50.41 -12.38 -67.87
CA ASP D 2786 -49.09 -11.74 -67.91
C ASP D 2786 -48.06 -12.67 -68.53
N HIS D 2787 -47.31 -12.16 -69.50
CA HIS D 2787 -46.37 -12.99 -70.22
C HIS D 2787 -45.14 -13.30 -69.38
N SER D 2788 -44.75 -12.38 -68.49
CA SER D 2788 -43.55 -12.52 -67.66
C SER D 2788 -42.32 -12.78 -68.53
N PHE D 2789 -42.05 -11.82 -69.42
CA PHE D 2789 -40.95 -11.90 -70.36
C PHE D 2789 -39.62 -11.45 -69.76
N GLU D 2790 -39.53 -11.40 -68.43
CA GLU D 2790 -38.31 -10.93 -67.79
C GLU D 2790 -37.11 -11.85 -68.05
N ASP D 2791 -37.35 -13.12 -68.36
CA ASP D 2791 -36.25 -14.05 -68.55
C ASP D 2791 -35.54 -13.82 -69.88
N ARG D 2792 -36.27 -13.98 -70.99
CA ARG D 2792 -35.66 -13.91 -72.32
C ARG D 2792 -35.20 -12.51 -72.69
N MET D 2793 -35.62 -11.48 -71.96
CA MET D 2793 -35.22 -10.12 -72.29
C MET D 2793 -33.79 -9.83 -71.85
N ILE D 2794 -33.31 -10.53 -70.82
CA ILE D 2794 -31.98 -10.26 -70.30
C ILE D 2794 -30.92 -11.07 -71.02
N ASP D 2795 -31.22 -12.31 -71.40
CA ASP D 2795 -30.23 -13.16 -72.06
C ASP D 2795 -29.86 -12.62 -73.43
N ASP D 2796 -30.87 -12.28 -74.24
CA ASP D 2796 -30.60 -11.80 -75.59
C ASP D 2796 -29.90 -10.43 -75.57
N LEU D 2797 -30.15 -9.63 -74.54
CA LEU D 2797 -29.49 -8.33 -74.45
C LEU D 2797 -28.04 -8.47 -74.01
N SER D 2798 -27.70 -9.57 -73.32
CA SER D 2798 -26.34 -9.82 -72.84
C SER D 2798 -25.69 -10.98 -73.57
N LYS D 2799 -26.22 -11.38 -74.73
CA LYS D 2799 -25.63 -12.49 -75.47
C LYS D 2799 -24.30 -12.09 -76.08
N ALA D 2800 -24.30 -11.06 -76.93
CA ALA D 2800 -23.08 -10.60 -77.58
C ALA D 2800 -22.56 -9.33 -76.90
N LYS D 2801 -10.85 -4.26 -73.79
CA LYS D 2801 -12.06 -4.71 -73.12
C LYS D 2801 -13.27 -3.90 -73.56
N LYS D 2802 -14.00 -4.41 -74.54
CA LYS D 2802 -15.19 -3.71 -75.03
C LYS D 2802 -16.34 -3.89 -74.05
N PRO D 2803 -17.06 -2.81 -73.70
CA PRO D 2803 -18.17 -2.94 -72.76
C PRO D 2803 -19.29 -3.81 -73.34
N ASP D 2804 -19.87 -4.63 -72.48
CA ASP D 2804 -20.95 -5.51 -72.90
C ASP D 2804 -22.23 -4.70 -73.12
N PRO D 2805 -23.15 -5.20 -73.95
CA PRO D 2805 -24.42 -4.49 -74.15
C PRO D 2805 -25.23 -4.34 -72.87
N LEU D 2806 -25.13 -5.30 -71.95
CA LEU D 2806 -25.82 -5.17 -70.67
C LEU D 2806 -25.12 -4.20 -69.72
N HIS D 2807 -23.88 -3.83 -70.03
CA HIS D 2807 -23.12 -2.98 -69.12
C HIS D 2807 -23.54 -1.51 -69.22
N GLN D 2808 -24.17 -1.12 -70.33
CA GLN D 2808 -24.52 0.28 -70.53
C GLN D 2808 -25.77 0.71 -69.77
N LEU D 2809 -26.69 -0.22 -69.49
CA LEU D 2809 -27.87 0.15 -68.72
C LEU D 2809 -27.50 0.51 -67.28
N VAL D 2810 -26.56 -0.22 -66.69
CA VAL D 2810 -26.12 0.12 -65.34
C VAL D 2810 -25.38 1.44 -65.33
N LEU D 2811 -24.68 1.77 -66.42
CA LEU D 2811 -23.97 3.03 -66.50
C LEU D 2811 -24.84 4.19 -66.98
N HIS D 2812 -26.03 3.89 -67.54
CA HIS D 2812 -26.89 4.95 -68.03
C HIS D 2812 -27.55 5.70 -66.88
N PHE D 2813 -28.08 4.98 -65.89
CA PHE D 2813 -28.74 5.61 -64.75
C PHE D 2813 -27.76 6.24 -63.77
N SER D 2814 -26.47 5.93 -63.88
CA SER D 2814 -25.49 6.55 -62.98
C SER D 2814 -25.36 8.04 -63.26
N ARG D 2815 -25.47 8.44 -64.52
CA ARG D 2815 -25.41 9.87 -64.86
C ARG D 2815 -26.66 10.61 -64.43
N THR D 2816 -27.82 9.94 -64.46
CA THR D 2816 -29.06 10.59 -64.05
C THR D 2816 -29.11 10.80 -62.55
N ALA D 2817 -28.41 9.96 -61.78
CA ALA D 2817 -28.42 10.10 -60.33
C ALA D 2817 -27.49 11.21 -59.84
N LEU D 2818 -26.39 11.44 -60.53
CA LEU D 2818 -25.40 12.43 -60.15
C LEU D 2818 -25.28 13.54 -61.20
N THR D 2819 -26.43 13.97 -61.73
CA THR D 2819 -26.42 15.04 -62.73
C THR D 2819 -26.27 16.41 -62.08
N GLU D 2820 -27.20 16.77 -61.21
CA GLU D 2820 -27.18 18.06 -60.54
C GLU D 2820 -27.80 17.89 -59.15
N LYS D 2821 -28.15 19.01 -58.52
CA LYS D 2821 -28.73 19.01 -57.19
C LYS D 2821 -30.25 18.87 -57.21
N SER D 2822 -30.80 18.31 -58.28
CA SER D 2822 -32.25 18.11 -58.36
C SER D 2822 -32.71 17.09 -57.32
N LYS D 2823 -33.91 17.32 -56.78
CA LYS D 2823 -34.45 16.43 -55.77
C LYS D 2823 -34.67 15.03 -56.32
N LEU D 2824 -35.57 14.90 -57.30
CA LEU D 2824 -35.89 13.61 -57.90
C LEU D 2824 -36.67 13.88 -59.19
N ASP D 2825 -37.00 12.80 -59.90
CA ASP D 2825 -37.77 12.89 -61.12
C ASP D 2825 -38.64 11.64 -61.24
N GLU D 2826 -39.51 11.63 -62.25
CA GLU D 2826 -40.39 10.49 -62.45
C GLU D 2826 -39.61 9.30 -62.99
N ASP D 2827 -39.00 9.44 -64.17
CA ASP D 2827 -38.18 8.41 -64.80
C ASP D 2827 -38.97 7.10 -64.95
N TYR D 2828 -40.02 7.18 -65.77
CA TYR D 2828 -40.85 6.01 -66.03
C TYR D 2828 -40.07 4.87 -66.68
N LEU D 2829 -39.00 5.19 -67.41
CA LEU D 2829 -38.16 4.15 -68.00
C LEU D 2829 -37.34 3.41 -66.95
N TYR D 2830 -37.07 4.05 -65.80
CA TYR D 2830 -36.32 3.38 -64.75
C TYR D 2830 -37.15 2.27 -64.11
N MET D 2831 -38.38 2.59 -63.72
CA MET D 2831 -39.25 1.59 -63.10
C MET D 2831 -39.66 0.49 -64.07
N ALA D 2832 -39.56 0.74 -65.38
CA ALA D 2832 -39.90 -0.29 -66.36
C ALA D 2832 -38.88 -1.41 -66.34
N TYR D 2833 -37.60 -1.08 -66.51
CA TYR D 2833 -36.55 -2.08 -66.49
C TYR D 2833 -36.24 -2.60 -65.09
N ALA D 2834 -36.66 -1.87 -64.05
CA ALA D 2834 -36.38 -2.31 -62.68
C ALA D 2834 -37.16 -3.58 -62.35
N ASP D 2835 -38.44 -3.63 -62.69
CA ASP D 2835 -39.25 -4.81 -62.42
C ASP D 2835 -38.85 -5.97 -63.32
N ILE D 2836 -38.40 -5.69 -64.54
CA ILE D 2836 -38.00 -6.75 -65.45
C ILE D 2836 -36.67 -7.36 -65.02
N MET D 2837 -35.72 -6.52 -64.59
CA MET D 2837 -34.42 -7.02 -64.19
C MET D 2837 -34.46 -7.73 -62.86
N ALA D 2838 -35.32 -7.28 -61.94
CA ALA D 2838 -35.40 -7.91 -60.62
C ALA D 2838 -36.12 -9.25 -60.70
N LYS D 2839 -37.16 -9.35 -61.53
CA LYS D 2839 -37.90 -10.60 -61.66
C LYS D 2839 -37.06 -11.68 -62.33
N SER D 2840 -36.12 -11.30 -63.19
CA SER D 2840 -35.29 -12.29 -63.86
C SER D 2840 -34.25 -12.88 -62.92
N CYS D 2841 -33.78 -12.10 -61.94
CA CYS D 2841 -32.76 -12.60 -61.03
C CYS D 2841 -33.37 -13.56 -60.01
N HIS D 2842 -34.58 -13.26 -59.52
CA HIS D 2842 -35.23 -14.12 -58.54
C HIS D 2842 -35.88 -15.33 -59.20
N LEU D 2843 -36.69 -15.10 -60.23
CA LEU D 2843 -37.35 -16.18 -60.93
C LEU D 2843 -36.59 -16.58 -62.20
N SER D 2844 -33.66 -33.23 -52.51
CA SER D 2844 -32.91 -33.43 -51.28
C SER D 2844 -31.79 -32.39 -51.14
N PHE D 2845 -30.64 -32.83 -50.65
CA PHE D 2845 -29.51 -31.91 -50.48
C PHE D 2845 -28.93 -31.53 -51.83
N GLU D 2846 -28.89 -32.46 -52.77
CA GLU D 2846 -28.36 -32.16 -54.11
C GLU D 2846 -29.28 -31.20 -54.85
N GLU D 2847 -30.60 -31.36 -54.69
CA GLU D 2847 -31.54 -30.47 -55.36
C GLU D 2847 -31.51 -29.08 -54.72
N LYS D 2848 -31.33 -29.00 -53.41
CA LYS D 2848 -31.28 -27.71 -52.74
C LYS D 2848 -30.00 -26.96 -53.10
N GLU D 2849 -28.87 -27.65 -53.13
CA GLU D 2849 -27.61 -27.01 -53.48
C GLU D 2849 -27.57 -26.60 -54.95
N MET D 2850 -28.29 -27.33 -55.81
CA MET D 2850 -28.31 -26.99 -57.23
C MET D 2850 -29.08 -25.69 -57.46
N GLU D 2851 -30.25 -25.56 -56.84
CA GLU D 2851 -31.05 -24.36 -57.01
C GLU D 2851 -30.41 -23.14 -56.34
N LYS D 2852 -29.65 -23.36 -55.27
CA LYS D 2852 -28.94 -22.25 -54.64
C LYS D 2852 -27.85 -21.70 -55.56
N GLN D 2853 -27.17 -22.59 -56.29
CA GLN D 2853 -26.15 -22.11 -57.22
C GLN D 2853 -26.80 -21.43 -58.43
N ARG D 2854 -27.91 -21.95 -58.92
CA ARG D 2854 -28.61 -21.32 -60.04
C ARG D 2854 -29.07 -19.92 -59.69
N LEU D 2855 -29.47 -19.69 -58.44
CA LEU D 2855 -29.82 -18.34 -58.02
C LEU D 2855 -28.60 -17.44 -57.98
N LEU D 2856 -27.44 -17.98 -57.60
CA LEU D 2856 -26.22 -17.18 -57.55
C LEU D 2856 -25.75 -16.80 -58.95
N TYR D 2857 -26.04 -17.63 -59.95
CA TYR D 2857 -25.66 -17.29 -61.32
C TYR D 2857 -26.48 -16.12 -61.84
N GLN D 2858 -27.77 -16.08 -61.54
CA GLN D 2858 -28.58 -14.93 -61.92
C GLN D 2858 -28.15 -13.67 -61.17
N GLN D 2859 -27.69 -13.82 -59.93
CA GLN D 2859 -27.18 -12.67 -59.20
C GLN D 2859 -25.81 -12.24 -59.72
N ALA D 2860 -24.98 -13.20 -60.14
CA ALA D 2860 -23.68 -12.87 -60.71
C ALA D 2860 -23.78 -12.21 -62.07
N ARG D 2861 -24.90 -12.38 -62.77
CA ARG D 2861 -25.08 -11.71 -64.05
C ARG D 2861 -25.10 -10.20 -63.89
N LEU D 2862 -25.66 -9.70 -62.78
CA LEU D 2862 -25.64 -8.29 -62.47
C LEU D 2862 -24.51 -7.89 -61.53
N HIS D 2863 -23.96 -8.84 -60.78
CA HIS D 2863 -22.84 -8.54 -59.89
C HIS D 2863 -21.58 -8.21 -60.66
N ASN D 2864 -21.40 -8.81 -61.83
CA ASN D 2864 -20.21 -8.53 -62.64
C ASN D 2864 -20.23 -7.09 -63.16
N ARG D 2865 -21.39 -6.62 -63.58
CA ARG D 2865 -21.54 -5.25 -64.07
C ARG D 2865 -21.67 -4.30 -62.89
N GLY D 2866 -21.92 -3.02 -63.19
CA GLY D 2866 -22.06 -2.02 -62.14
C GLY D 2866 -23.49 -1.86 -61.66
N ALA D 2867 -24.17 -2.97 -61.42
CA ALA D 2867 -25.55 -2.91 -60.96
C ALA D 2867 -25.64 -2.67 -59.45
N ALA D 2868 -24.66 -3.16 -58.68
CA ALA D 2868 -24.68 -2.95 -57.24
C ALA D 2868 -24.36 -1.51 -56.89
N GLU D 2869 -23.62 -0.81 -57.74
CA GLU D 2869 -23.29 0.59 -57.46
C GLU D 2869 -24.47 1.51 -57.77
N MET D 2870 -25.34 1.11 -58.70
CA MET D 2870 -26.46 1.97 -59.07
C MET D 2870 -27.54 2.00 -57.99
N VAL D 2871 -27.71 0.91 -57.25
CA VAL D 2871 -28.74 0.87 -56.21
C VAL D 2871 -28.33 1.64 -54.96
N LEU D 2872 -27.04 1.92 -54.78
CA LEU D 2872 -26.61 2.71 -53.63
C LEU D 2872 -26.65 4.20 -53.92
N GLN D 2873 -26.30 4.59 -55.15
CA GLN D 2873 -26.30 6.01 -55.51
C GLN D 2873 -27.71 6.55 -55.64
N MET D 2874 -28.68 5.71 -56.03
CA MET D 2874 -30.05 6.17 -56.19
C MET D 2874 -30.72 6.43 -54.85
N ILE D 2875 -30.38 5.65 -53.83
CA ILE D 2875 -30.94 5.86 -52.51
C ILE D 2875 -30.49 7.21 -51.94
N SER D 2876 -29.22 7.54 -52.13
CA SER D 2876 -28.71 8.83 -51.68
C SER D 2876 -29.23 9.99 -52.52
N ALA D 2877 -29.68 9.73 -53.74
CA ALA D 2877 -30.17 10.78 -54.61
C ALA D 2877 -31.58 11.24 -54.25
N CYS D 2878 -32.34 10.43 -53.50
CA CYS D 2878 -33.69 10.82 -53.13
C CYS D 2878 -33.71 11.96 -52.12
N LYS D 2879 -32.64 12.13 -51.35
CA LYS D 2879 -32.53 13.20 -50.37
C LYS D 2879 -33.65 13.15 -49.33
N GLY D 2880 -34.13 11.95 -49.03
CA GLY D 2880 -35.18 11.80 -48.04
C GLY D 2880 -36.58 12.04 -48.54
N GLU D 2881 -36.89 11.55 -49.74
CA GLU D 2881 -38.20 11.72 -50.35
C GLU D 2881 -38.81 10.36 -50.64
N THR D 2882 -40.12 10.25 -50.44
CA THR D 2882 -40.86 9.02 -50.68
C THR D 2882 -41.56 9.09 -52.03
N GLY D 2883 -41.40 8.04 -52.83
CA GLY D 2883 -42.01 8.00 -54.14
C GLY D 2883 -42.07 6.58 -54.66
N ALA D 2884 -42.73 6.43 -55.81
CA ALA D 2884 -42.84 5.12 -56.43
C ALA D 2884 -41.50 4.61 -56.93
N MET D 2885 -40.61 5.52 -57.33
CA MET D 2885 -39.28 5.11 -57.79
C MET D 2885 -38.43 4.60 -56.64
N VAL D 2886 -38.66 5.11 -55.42
CA VAL D 2886 -37.89 4.65 -54.27
C VAL D 2886 -38.24 3.20 -53.94
N SER D 2887 -39.50 2.82 -54.14
CA SER D 2887 -39.91 1.44 -53.88
C SER D 2887 -39.38 0.49 -54.94
N SER D 2888 -39.17 0.99 -56.16
CA SER D 2888 -38.70 0.12 -57.24
C SER D 2888 -37.22 -0.22 -57.07
N THR D 2889 -36.41 0.73 -56.61
CA THR D 2889 -34.99 0.46 -56.43
C THR D 2889 -34.74 -0.49 -55.28
N LEU D 2890 -35.56 -0.39 -54.21
CA LEU D 2890 -35.44 -1.32 -53.10
C LEU D 2890 -35.95 -2.71 -53.47
N LYS D 2891 -36.85 -2.80 -54.46
CA LYS D 2891 -37.32 -4.11 -54.90
C LYS D 2891 -36.22 -4.87 -55.64
N LEU D 2892 -35.38 -4.16 -56.39
CA LEU D 2892 -34.28 -4.80 -57.10
C LEU D 2892 -33.10 -5.09 -56.18
N GLY D 2893 -32.94 -4.29 -55.11
CA GLY D 2893 -31.82 -4.52 -54.21
C GLY D 2893 -31.96 -5.80 -53.41
N ILE D 2894 -33.18 -6.10 -52.94
CA ILE D 2894 -33.40 -7.32 -52.17
C ILE D 2894 -33.32 -8.56 -53.05
N SER D 2895 -33.46 -8.41 -54.37
CA SER D 2895 -33.39 -9.57 -55.26
C SER D 2895 -31.97 -10.06 -55.46
N ILE D 2896 -30.97 -9.23 -55.22
CA ILE D 2896 -29.58 -9.64 -55.42
C ILE D 2896 -29.07 -10.42 -54.21
N LEU D 2897 -29.38 -9.95 -53.00
CA LEU D 2897 -28.91 -10.58 -51.77
C LEU D 2897 -29.89 -11.63 -51.24
N ASN D 2898 -30.87 -12.03 -52.05
CA ASN D 2898 -31.92 -12.93 -51.57
C ASN D 2898 -31.35 -14.27 -51.12
N GLY D 2899 -30.35 -14.79 -51.85
CA GLY D 2899 -29.77 -16.06 -51.47
C GLY D 2899 -28.91 -15.99 -50.23
N GLY D 2900 -28.35 -14.82 -49.94
CA GLY D 2900 -27.49 -14.64 -48.80
C GLY D 2900 -26.01 -14.59 -49.10
N ASN D 2901 -25.63 -14.50 -50.37
CA ASN D 2901 -24.22 -14.47 -50.75
C ASN D 2901 -23.58 -13.15 -50.35
N ALA D 2902 -22.28 -13.21 -50.05
CA ALA D 2902 -21.52 -12.06 -49.60
C ALA D 2902 -20.64 -11.46 -50.68
N ASP D 2903 -20.72 -11.96 -51.92
CA ASP D 2903 -19.90 -11.42 -52.98
C ASP D 2903 -20.35 -10.01 -53.36
N VAL D 2904 -21.65 -9.74 -53.28
CA VAL D 2904 -22.15 -8.40 -53.60
C VAL D 2904 -21.97 -7.47 -52.41
N GLN D 2905 -21.90 -8.02 -51.19
CA GLN D 2905 -21.76 -7.19 -50.00
C GLN D 2905 -20.39 -6.51 -49.93
N GLN D 2906 -19.34 -7.19 -50.44
CA GLN D 2906 -18.01 -6.59 -50.38
C GLN D 2906 -17.88 -5.43 -51.37
N LYS D 2907 -18.70 -5.40 -52.42
CA LYS D 2907 -18.67 -4.29 -53.37
C LYS D 2907 -19.38 -3.06 -52.84
N MET D 2908 -20.08 -3.16 -51.71
CA MET D 2908 -20.77 -2.03 -51.11
C MET D 2908 -20.00 -1.39 -49.97
N LEU D 2909 -19.14 -2.15 -49.29
CA LEU D 2909 -18.37 -1.60 -48.18
C LEU D 2909 -17.17 -0.79 -48.66
N ASP D 2910 -16.56 -1.20 -49.78
CA ASP D 2910 -15.39 -0.47 -50.28
C ASP D 2910 -15.79 0.85 -50.93
N TYR D 2911 -17.01 0.92 -51.49
CA TYR D 2911 -17.46 2.18 -52.09
C TYR D 2911 -17.76 3.23 -51.03
N LEU D 2912 -18.20 2.81 -49.84
CA LEU D 2912 -18.46 3.74 -48.75
C LEU D 2912 -17.21 4.17 -48.02
N LYS D 2913 -16.05 3.59 -48.34
CA LYS D 2913 -14.79 3.97 -47.70
C LYS D 2913 -14.03 5.00 -48.53
N ASP D 2914 -13.88 4.77 -49.82
CA ASP D 2914 -13.17 5.72 -50.67
C ASP D 2914 -13.97 7.00 -50.86
N LYS D 2915 -15.30 6.88 -50.99
CA LYS D 2915 -16.14 8.06 -51.16
C LYS D 2915 -16.30 8.80 -49.84
N LYS D 2916 -16.84 8.11 -48.82
CA LYS D 2916 -17.07 8.68 -47.50
C LYS D 2916 -17.94 9.93 -47.57
N GLU D 2917 -18.92 9.91 -48.45
CA GLU D 2917 -19.84 11.03 -48.65
C GLU D 2917 -21.16 10.74 -47.96
N VAL D 2918 -21.65 11.70 -47.18
CA VAL D 2918 -22.92 11.56 -46.47
C VAL D 2918 -24.06 11.67 -47.46
N GLY D 2919 -25.25 11.27 -47.04
CA GLY D 2919 -26.42 11.31 -47.90
C GLY D 2919 -27.09 9.96 -48.05
N PHE D 2920 -26.29 8.90 -48.10
CA PHE D 2920 -26.86 7.55 -48.19
C PHE D 2920 -27.54 7.16 -46.90
N PHE D 2921 -26.85 7.30 -45.77
CA PHE D 2921 -27.44 6.99 -44.47
C PHE D 2921 -28.42 8.06 -44.02
N GLN D 2922 -28.27 9.29 -44.51
CA GLN D 2922 -29.19 10.36 -44.12
C GLN D 2922 -30.58 10.12 -44.69
N SER D 2923 -30.66 9.57 -45.91
CA SER D 2923 -31.96 9.27 -46.51
C SER D 2923 -32.65 8.09 -45.83
N ILE D 2924 -31.90 7.23 -45.16
CA ILE D 2924 -32.52 6.10 -44.46
C ILE D 2924 -33.29 6.59 -43.24
N GLN D 2925 -32.75 7.58 -42.53
CA GLN D 2925 -33.43 8.10 -41.35
C GLN D 2925 -34.76 8.75 -41.71
N ALA D 2926 -34.86 9.36 -42.90
CA ALA D 2926 -36.11 9.96 -43.33
C ALA D 2926 -37.13 8.88 -43.68
N LEU D 2927 -36.68 7.79 -44.28
CA LEU D 2927 -37.61 6.71 -44.63
C LEU D 2927 -38.10 5.97 -43.39
N MET D 2928 -37.32 5.99 -42.31
CA MET D 2928 -37.75 5.32 -41.08
C MET D 2928 -38.90 6.07 -40.40
N GLN D 2929 -38.92 7.40 -40.53
CA GLN D 2929 -39.96 8.20 -39.88
C GLN D 2929 -41.23 8.26 -40.71
N THR D 2930 -41.17 7.97 -42.01
CA THR D 2930 -42.34 8.02 -42.88
C THR D 2930 -43.15 6.74 -42.86
N CYS D 2931 -42.77 5.76 -42.04
CA CYS D 2931 -43.51 4.50 -41.97
C CYS D 2931 -44.85 4.73 -41.28
N SER D 2932 -45.94 4.50 -42.01
CA SER D 2932 -47.29 4.72 -41.49
C SER D 2932 -47.61 3.62 -40.49
N VAL D 2933 -47.51 3.96 -39.20
CA VAL D 2933 -47.83 3.02 -38.13
C VAL D 2933 -49.34 2.96 -37.95
N LEU D 2934 -49.81 1.97 -37.20
CA LEU D 2934 -51.24 1.82 -36.97
C LEU D 2934 -51.76 2.98 -36.13
N ASP D 2935 -52.91 3.52 -36.53
CA ASP D 2935 -53.54 4.66 -35.86
C ASP D 2935 -54.98 4.34 -35.55
N LEU D 2936 -55.41 4.66 -34.32
CA LEU D 2936 -56.79 4.39 -33.91
C LEU D 2936 -57.76 5.42 -34.45
N ASN D 2937 -57.31 6.66 -34.67
CA ASN D 2937 -58.20 7.69 -35.17
C ASN D 2937 -58.56 7.44 -36.64
N ALA D 2938 -57.57 7.07 -37.45
CA ALA D 2938 -57.83 6.80 -38.87
C ALA D 2938 -58.60 5.49 -39.05
N PHE D 2939 -58.44 4.54 -38.11
CA PHE D 2939 -59.15 3.27 -38.24
C PHE D 2939 -60.65 3.44 -38.03
N GLU D 2940 -61.06 4.41 -37.21
CA GLU D 2940 -62.48 4.63 -36.98
C GLU D 2940 -63.17 5.20 -38.22
N ARG D 2941 -62.47 6.04 -38.99
CA ARG D 2941 -63.05 6.61 -40.19
C ARG D 2941 -63.21 5.58 -41.30
N GLN D 2942 -62.46 4.49 -41.26
CA GLN D 2942 -62.57 3.46 -42.30
C GLN D 2942 -63.86 2.68 -42.16
N ASN D 2943 -64.15 2.19 -40.95
CA ASN D 2943 -65.37 1.41 -40.74
C ASN D 2943 -66.62 2.28 -40.80
N LYS D 2944 -66.50 3.57 -40.49
CA LYS D 2944 -67.64 4.46 -40.54
C LYS D 2944 -68.06 4.74 -41.98
N ALA D 2945 -67.09 4.92 -42.88
CA ALA D 2945 -67.40 5.17 -44.27
C ALA D 2945 -67.86 3.92 -45.00
N GLU D 2946 -67.36 2.75 -44.60
CA GLU D 2946 -67.73 1.50 -45.24
C GLU D 2946 -69.13 1.02 -44.84
N GLY D 2947 -69.69 1.57 -43.77
CA GLY D 2947 -71.01 1.16 -43.33
C GLY D 2947 -72.13 1.61 -44.26
N LEU D 2948 -71.89 2.63 -45.07
CA LEU D 2948 -72.90 3.13 -46.00
C LEU D 2948 -72.83 2.41 -47.34
N GLY D 2949 -60.80 2.66 -50.85
CA GLY D 2949 -59.58 1.88 -50.72
C GLY D 2949 -59.12 1.76 -49.28
N GLU D 2950 -57.96 1.12 -49.09
CA GLU D 2950 -57.41 0.92 -47.75
C GLU D 2950 -56.65 2.16 -47.31
N LYS D 2951 -56.85 2.55 -46.05
CA LYS D 2951 -56.19 3.71 -45.48
C LYS D 2951 -55.59 3.45 -44.11
N VAL D 2952 -55.68 2.22 -43.60
CA VAL D 2952 -55.15 1.92 -42.26
C VAL D 2952 -53.62 1.96 -42.29
N MET D 2953 -53.02 1.10 -43.11
CA MET D 2953 -51.56 1.04 -43.24
C MET D 2953 -51.07 1.79 -44.47
N ALA D 2954 -51.56 1.41 -45.66
CA ALA D 2954 -51.20 2.02 -46.93
C ALA D 2954 -49.70 1.94 -47.23
N ASP D 2955 -48.98 1.08 -46.50
CA ASP D 2955 -47.55 0.91 -46.71
C ASP D 2955 -47.15 -0.56 -46.62
N ASP D 2956 -48.06 -1.46 -47.01
CA ASP D 2956 -47.77 -2.89 -46.93
C ASP D 2956 -46.72 -3.33 -47.94
N GLU D 2957 -46.52 -2.57 -49.01
CA GLU D 2957 -45.52 -2.91 -50.03
C GLU D 2957 -44.26 -2.07 -49.92
N PHE D 2958 -44.15 -1.21 -48.92
CA PHE D 2958 -42.98 -0.36 -48.73
C PHE D 2958 -42.20 -0.70 -47.47
N THR D 2959 -42.89 -0.92 -46.34
CA THR D 2959 -42.19 -1.21 -45.10
C THR D 2959 -41.67 -2.64 -45.07
N GLN D 2960 -42.34 -3.57 -45.78
CA GLN D 2960 -41.90 -4.95 -45.79
C GLN D 2960 -40.54 -5.11 -46.47
N ASP D 2961 -40.21 -4.23 -47.40
CA ASP D 2961 -38.95 -4.31 -48.12
C ASP D 2961 -37.87 -3.40 -47.56
N LEU D 2962 -38.25 -2.43 -46.72
CA LEU D 2962 -37.25 -1.53 -46.14
C LEU D 2962 -36.38 -2.25 -45.12
N PHE D 2963 -37.01 -2.85 -44.11
CA PHE D 2963 -36.25 -3.61 -43.11
C PHE D 2963 -35.70 -4.90 -43.68
N ARG D 2964 -36.31 -5.43 -44.75
CA ARG D 2964 -35.81 -6.65 -45.38
C ARG D 2964 -34.47 -6.42 -46.05
N PHE D 2965 -34.28 -5.23 -46.62
CA PHE D 2965 -33.01 -4.93 -47.30
C PHE D 2965 -31.86 -4.85 -46.30
N LEU D 2966 -32.11 -4.25 -45.14
CA LEU D 2966 -31.05 -4.11 -44.15
C LEU D 2966 -30.74 -5.41 -43.42
N GLN D 2967 -31.71 -6.32 -43.32
CA GLN D 2967 -31.47 -7.58 -42.62
C GLN D 2967 -30.58 -8.51 -43.45
N LEU D 2968 -30.75 -8.49 -44.77
CA LEU D 2968 -29.97 -9.34 -45.65
C LEU D 2968 -28.59 -8.80 -45.96
N LEU D 2969 -28.25 -7.60 -45.45
CA LEU D 2969 -26.90 -7.09 -45.64
C LEU D 2969 -25.88 -7.87 -44.82
N CYS D 2970 -26.30 -8.42 -43.68
CA CYS D 2970 -25.44 -9.21 -42.82
C CYS D 2970 -25.99 -10.62 -42.66
N GLU D 2971 -26.47 -11.20 -43.77
CA GLU D 2971 -27.03 -12.54 -43.72
C GLU D 2971 -25.95 -13.61 -43.57
N GLY D 2972 -24.70 -13.30 -43.91
CA GLY D 2972 -23.61 -14.23 -43.79
C GLY D 2972 -22.84 -14.17 -42.48
N HIS D 2973 -23.38 -13.48 -41.48
CA HIS D 2973 -22.75 -13.35 -40.16
C HIS D 2973 -21.35 -12.75 -40.28
N ASN D 2974 -21.20 -11.77 -41.16
CA ASN D 2974 -19.93 -11.10 -41.38
C ASN D 2974 -19.79 -9.92 -40.43
N ASN D 2975 -18.66 -9.86 -39.74
CA ASN D 2975 -18.41 -8.79 -38.78
C ASN D 2975 -17.77 -7.56 -39.42
N ASP D 2976 -17.23 -7.67 -40.63
CA ASP D 2976 -16.61 -6.52 -41.28
C ASP D 2976 -17.64 -5.48 -41.68
N PHE D 2977 -18.87 -5.91 -42.00
CA PHE D 2977 -19.93 -5.00 -42.36
C PHE D 2977 -20.83 -4.64 -41.19
N GLN D 2978 -20.87 -5.47 -40.16
CA GLN D 2978 -21.72 -5.19 -39.00
C GLN D 2978 -21.18 -4.04 -38.18
N ASN D 2979 -19.85 -3.88 -38.11
CA ASN D 2979 -19.26 -2.80 -37.35
C ASN D 2979 -19.38 -1.45 -38.05
N TYR D 2980 -19.55 -1.45 -39.37
CA TYR D 2980 -19.70 -0.19 -40.09
C TYR D 2980 -21.05 0.47 -39.80
N LEU D 2981 -22.07 -0.32 -39.50
CA LEU D 2981 -23.38 0.24 -39.17
C LEU D 2981 -23.41 0.84 -37.78
N ARG D 2982 -22.57 0.36 -36.87
CA ARG D 2982 -22.55 0.91 -35.52
C ARG D 2982 -21.83 2.26 -35.49
N THR D 2983 -20.68 2.34 -36.16
CA THR D 2983 -19.92 3.58 -36.22
C THR D 2983 -19.20 3.67 -37.56
N GLN D 2984 -18.98 4.90 -38.02
CA GLN D 2984 -18.33 5.16 -39.29
C GLN D 2984 -17.15 6.09 -39.03
N THR D 2985 -15.94 5.53 -39.03
CA THR D 2985 -14.74 6.33 -38.77
C THR D 2985 -14.35 7.18 -39.97
N GLY D 2986 -14.87 6.89 -41.16
CA GLY D 2986 -14.55 7.66 -42.34
C GLY D 2986 -15.45 8.87 -42.52
N ASN D 2987 -16.73 8.70 -42.18
CA ASN D 2987 -17.68 9.79 -42.30
C ASN D 2987 -17.50 10.80 -41.18
N THR D 2988 -17.69 12.07 -41.50
CA THR D 2988 -17.54 13.13 -40.49
C THR D 2988 -18.71 13.17 -39.52
N THR D 2989 -19.86 12.65 -39.91
CA THR D 2989 -21.06 12.63 -39.06
C THR D 2989 -21.40 11.20 -38.67
N THR D 2990 -21.65 11.00 -37.38
CA THR D 2990 -22.02 9.69 -36.86
C THR D 2990 -23.51 9.47 -37.04
N ILE D 2991 -23.87 8.44 -37.81
CA ILE D 2991 -25.27 8.13 -38.07
C ILE D 2991 -25.80 7.18 -36.99
N ASN D 2992 -25.13 6.03 -36.86
CA ASN D 2992 -25.51 5.00 -35.90
C ASN D 2992 -26.96 4.55 -36.11
N ILE D 2993 -27.17 3.92 -37.26
CA ILE D 2993 -28.49 3.49 -37.72
C ILE D 2993 -29.16 2.59 -36.70
N ILE D 2994 -28.37 1.98 -35.81
CA ILE D 2994 -28.93 1.12 -34.78
C ILE D 2994 -29.83 1.91 -33.82
N ILE D 2995 -29.48 3.16 -33.55
CA ILE D 2995 -30.28 3.97 -32.63
C ILE D 2995 -31.66 4.23 -33.21
N CYS D 2996 -31.73 4.67 -34.46
CA CYS D 2996 -33.02 4.88 -35.09
C CYS D 2996 -33.70 3.58 -35.49
N THR D 2997 -32.99 2.45 -35.44
CA THR D 2997 -33.62 1.17 -35.73
C THR D 2997 -34.48 0.71 -34.55
N VAL D 2998 -33.95 0.79 -33.34
CA VAL D 2998 -34.73 0.43 -32.16
C VAL D 2998 -35.77 1.48 -31.84
N ASP D 2999 -35.62 2.70 -32.36
CA ASP D 2999 -36.62 3.74 -32.15
C ASP D 2999 -37.91 3.45 -32.90
N TYR D 3000 -37.86 2.61 -33.93
CA TYR D 3000 -39.09 2.27 -34.66
C TYR D 3000 -39.99 1.38 -33.82
N LEU D 3001 -39.43 0.35 -33.17
CA LEU D 3001 -40.23 -0.51 -32.30
C LEU D 3001 -40.77 0.24 -31.09
N LEU D 3002 -40.11 1.32 -30.67
CA LEU D 3002 -40.65 2.14 -29.59
C LEU D 3002 -41.96 2.80 -30.01
N ARG D 3003 -42.03 3.29 -31.25
CA ARG D 3003 -43.28 3.84 -31.78
C ARG D 3003 -44.20 2.74 -32.28
N LEU D 3004 -43.64 1.61 -32.75
CA LEU D 3004 -44.48 0.50 -33.20
C LEU D 3004 -45.20 -0.14 -32.02
N GLN D 3005 -44.54 -0.20 -30.85
CA GLN D 3005 -45.22 -0.71 -29.66
C GLN D 3005 -46.36 0.20 -29.24
N GLU D 3006 -46.26 1.50 -29.51
CA GLU D 3006 -47.35 2.42 -29.20
C GLU D 3006 -48.49 2.29 -30.20
N SER D 3007 -48.20 1.84 -31.42
CA SER D 3007 -49.25 1.67 -32.42
C SER D 3007 -50.07 0.40 -32.18
N ILE D 3008 -49.42 -0.68 -31.74
CA ILE D 3008 -50.13 -1.92 -31.48
C ILE D 3008 -50.85 -1.86 -30.14
N SER D 3009 -50.33 -1.07 -29.19
CA SER D 3009 -50.95 -1.01 -27.87
C SER D 3009 -52.30 -0.30 -27.91
N ASP D 3010 -52.37 0.82 -28.65
CA ASP D 3010 -53.65 1.53 -28.75
C ASP D 3010 -54.72 0.68 -29.40
N PHE D 3011 -54.32 -0.28 -30.25
CA PHE D 3011 -55.26 -1.25 -30.80
C PHE D 3011 -55.71 -2.26 -29.75
N TYR D 3012 -54.94 -2.44 -28.68
CA TYR D 3012 -55.28 -3.43 -27.66
C TYR D 3012 -56.36 -2.90 -26.72
N TRP D 3013 -56.15 -1.73 -26.12
CA TRP D 3013 -57.14 -1.19 -25.18
C TRP D 3013 -58.41 -0.74 -25.89
N TYR D 3014 -58.41 -0.63 -27.22
CA TYR D 3014 -59.64 -0.29 -27.92
C TYR D 3014 -60.58 -1.47 -27.98
N TYR D 3015 -60.04 -2.69 -28.00
CA TYR D 3015 -60.85 -3.90 -28.07
C TYR D 3015 -60.78 -4.74 -26.80
N SER D 3016 -60.21 -4.21 -25.72
CA SER D 3016 -60.17 -4.96 -24.46
C SER D 3016 -61.52 -4.96 -23.78
N GLY D 3017 -62.28 -3.86 -23.89
CA GLY D 3017 -63.60 -3.82 -23.30
C GLY D 3017 -64.59 -4.70 -24.04
N LYS D 3018 -64.52 -4.72 -25.37
CA LYS D 3018 -65.40 -5.56 -26.16
C LYS D 3018 -64.92 -7.00 -26.13
N ASP D 3019 -65.85 -7.93 -25.92
CA ASP D 3019 -65.49 -9.35 -25.87
C ASP D 3019 -65.16 -9.87 -27.26
N VAL D 3020 -65.98 -9.53 -28.25
CA VAL D 3020 -65.74 -10.02 -29.61
C VAL D 3020 -64.76 -9.11 -30.32
N ILE D 3021 -64.15 -9.64 -31.38
CA ILE D 3021 -63.17 -8.92 -32.19
C ILE D 3021 -63.75 -8.77 -33.59
N GLU D 3022 -63.70 -7.55 -34.12
CA GLU D 3022 -64.22 -7.29 -35.46
C GLU D 3022 -63.37 -7.98 -36.52
N GLU D 3023 -64.04 -8.40 -37.60
CA GLU D 3023 -63.33 -9.07 -38.68
C GLU D 3023 -62.41 -8.12 -39.43
N GLN D 3024 -62.81 -6.85 -39.57
CA GLN D 3024 -61.96 -5.88 -40.27
C GLN D 3024 -60.71 -5.55 -39.47
N GLY D 3025 -60.81 -5.53 -38.14
CA GLY D 3025 -59.64 -5.28 -37.32
C GLY D 3025 -58.64 -6.42 -37.34
N LYS D 3026 -59.12 -7.64 -37.57
CA LYS D 3026 -58.22 -8.79 -37.64
C LYS D 3026 -57.36 -8.75 -38.89
N ARG D 3027 -57.86 -8.18 -39.98
CA ARG D 3027 -57.07 -8.08 -41.21
C ARG D 3027 -55.96 -7.07 -41.07
N ASN D 3028 -56.25 -5.91 -40.47
CA ASN D 3028 -55.21 -4.89 -40.30
C ASN D 3028 -54.19 -5.31 -39.25
N PHE D 3029 -54.59 -6.12 -38.27
CA PHE D 3029 -53.63 -6.59 -37.28
C PHE D 3029 -52.71 -7.65 -37.86
N SER D 3030 -53.23 -8.49 -38.76
CA SER D 3030 -52.39 -9.49 -39.40
C SER D 3030 -51.34 -8.84 -40.31
N LYS D 3031 -51.69 -7.73 -40.95
CA LYS D 3031 -50.71 -7.02 -41.76
C LYS D 3031 -49.66 -6.35 -40.89
N ALA D 3032 -50.09 -5.77 -39.75
CA ALA D 3032 -49.13 -5.15 -38.83
C ALA D 3032 -48.27 -6.20 -38.15
N MET D 3033 -48.78 -7.43 -37.99
CA MET D 3033 -47.99 -8.49 -37.39
C MET D 3033 -46.85 -8.91 -38.31
N SER D 3034 -47.08 -8.86 -39.63
CA SER D 3034 -46.01 -9.16 -40.58
C SER D 3034 -44.91 -8.11 -40.53
N VAL D 3035 -45.27 -6.85 -40.30
CA VAL D 3035 -44.26 -5.81 -40.15
C VAL D 3035 -43.51 -5.98 -38.84
N ALA D 3036 -44.24 -6.34 -37.78
CA ALA D 3036 -43.60 -6.58 -36.48
C ALA D 3036 -42.78 -7.87 -36.46
N LYS D 3037 -43.00 -8.76 -37.43
CA LYS D 3037 -42.22 -9.99 -37.49
C LYS D 3037 -40.87 -9.76 -38.16
N GLN D 3038 -40.85 -8.98 -39.25
CA GLN D 3038 -39.62 -8.78 -40.00
C GLN D 3038 -38.66 -7.82 -39.31
N VAL D 3039 -39.16 -6.96 -38.43
CA VAL D 3039 -38.27 -6.03 -37.74
C VAL D 3039 -37.44 -6.77 -36.69
N PHE D 3040 -38.06 -7.70 -35.96
CA PHE D 3040 -37.30 -8.50 -35.01
C PHE D 3040 -36.28 -9.38 -35.70
N ASN D 3041 -36.53 -9.76 -36.95
CA ASN D 3041 -35.55 -10.51 -37.72
C ASN D 3041 -34.35 -9.65 -38.10
N SER D 3042 -34.44 -8.33 -37.95
CA SER D 3042 -33.34 -7.44 -38.27
C SER D 3042 -32.40 -7.22 -37.09
N LEU D 3043 -32.95 -7.12 -35.88
CA LEU D 3043 -32.08 -6.95 -34.70
C LEU D 3043 -31.26 -8.19 -34.42
N THR D 3044 -31.82 -9.38 -34.67
CA THR D 3044 -31.09 -10.61 -34.40
C THR D 3044 -29.94 -10.80 -35.38
N GLU D 3045 -30.14 -10.38 -36.64
CA GLU D 3045 -29.08 -10.50 -37.63
C GLU D 3045 -27.91 -9.58 -37.31
N TYR D 3046 -28.16 -8.47 -36.62
CA TYR D 3046 -27.09 -7.58 -36.20
C TYR D 3046 -26.27 -8.18 -35.07
N ILE D 3047 -26.83 -9.11 -34.32
CA ILE D 3047 -26.14 -9.71 -33.17
C ILE D 3047 -26.13 -11.22 -33.31
N GLN D 3048 -26.12 -11.72 -34.56
CA GLN D 3048 -26.08 -13.15 -34.78
C GLN D 3048 -24.77 -13.76 -34.30
N GLY D 3049 -23.67 -13.33 -34.90
CA GLY D 3049 -22.36 -13.82 -34.53
C GLY D 3049 -21.71 -13.00 -33.43
N PRO D 3050 -20.47 -13.31 -33.09
CA PRO D 3050 -19.76 -12.54 -32.06
C PRO D 3050 -19.52 -11.10 -32.49
N CYS D 3051 -20.15 -10.16 -31.79
CA CYS D 3051 -20.04 -8.74 -32.12
C CYS D 3051 -19.81 -7.95 -30.84
N THR D 3052 -19.27 -6.75 -31.02
CA THR D 3052 -18.99 -5.84 -29.91
C THR D 3052 -19.84 -4.58 -29.93
N GLY D 3053 -19.90 -3.89 -31.07
CA GLY D 3053 -20.67 -2.66 -31.14
C GLY D 3053 -22.17 -2.86 -31.07
N ASN D 3054 -22.64 -4.06 -31.45
CA ASN D 3054 -24.08 -4.29 -31.47
C ASN D 3054 -24.63 -4.65 -30.10
N GLN D 3055 -23.82 -5.27 -29.24
CA GLN D 3055 -24.31 -5.69 -27.94
C GLN D 3055 -24.43 -4.53 -26.96
N GLN D 3056 -23.43 -3.63 -26.95
CA GLN D 3056 -23.49 -2.49 -26.04
C GLN D 3056 -24.51 -1.46 -26.50
N SER D 3057 -24.74 -1.33 -27.81
CA SER D 3057 -25.74 -0.38 -28.30
C SER D 3057 -27.15 -0.87 -28.02
N LEU D 3058 -27.39 -2.17 -28.16
CA LEU D 3058 -28.72 -2.72 -27.91
C LEU D 3058 -29.05 -2.72 -26.43
N ALA D 3059 -28.05 -2.91 -25.57
CA ALA D 3059 -28.32 -2.91 -24.13
C ALA D 3059 -28.61 -1.51 -23.61
N HIS D 3060 -27.91 -0.50 -24.15
CA HIS D 3060 -28.13 0.88 -23.72
C HIS D 3060 -29.40 1.48 -24.31
N SER D 3061 -29.95 0.88 -25.37
CA SER D 3061 -31.15 1.40 -26.01
C SER D 3061 -32.38 0.91 -25.26
N ARG D 3062 -33.56 1.12 -25.85
CA ARG D 3062 -34.83 0.72 -25.25
C ARG D 3062 -35.32 -0.61 -25.79
N LEU D 3063 -34.40 -1.51 -26.17
CA LEU D 3063 -34.81 -2.82 -26.67
C LEU D 3063 -35.43 -3.65 -25.56
N TRP D 3064 -34.85 -3.63 -24.36
CA TRP D 3064 -35.45 -4.33 -23.24
C TRP D 3064 -36.73 -3.68 -22.78
N ASP D 3065 -36.90 -2.38 -23.05
CA ASP D 3065 -38.13 -1.69 -22.69
C ASP D 3065 -39.25 -1.96 -23.70
N ALA D 3066 -38.94 -2.57 -24.84
CA ALA D 3066 -39.97 -2.87 -25.83
C ALA D 3066 -40.61 -4.22 -25.58
N VAL D 3067 -39.84 -5.19 -25.10
CA VAL D 3067 -40.39 -6.53 -24.87
C VAL D 3067 -41.28 -6.55 -23.64
N VAL D 3068 -40.95 -5.75 -22.63
CA VAL D 3068 -41.80 -5.69 -21.43
C VAL D 3068 -43.14 -5.06 -21.77
N GLY D 3069 -43.15 -4.08 -22.67
CA GLY D 3069 -44.40 -3.52 -23.14
C GLY D 3069 -45.13 -4.46 -24.09
N PHE D 3070 -44.38 -5.29 -24.82
CA PHE D 3070 -45.01 -6.27 -25.71
C PHE D 3070 -45.62 -7.42 -24.91
N LEU D 3071 -44.86 -7.97 -23.95
CA LEU D 3071 -45.36 -9.07 -23.14
C LEU D 3071 -46.56 -8.67 -22.30
N HIS D 3072 -46.73 -7.37 -22.02
CA HIS D 3072 -47.89 -6.94 -21.25
C HIS D 3072 -49.17 -7.01 -22.08
N VAL D 3073 -49.10 -6.63 -23.35
CA VAL D 3073 -50.29 -6.70 -24.19
C VAL D 3073 -50.50 -8.10 -24.74
N PHE D 3074 -49.44 -8.91 -24.85
CA PHE D 3074 -49.58 -10.27 -25.34
C PHE D 3074 -50.20 -11.18 -24.28
N ALA D 3075 -50.04 -10.84 -23.00
CA ALA D 3075 -50.64 -11.64 -21.95
C ALA D 3075 -52.14 -11.42 -21.82
N HIS D 3076 -52.68 -10.39 -22.47
CA HIS D 3076 -54.10 -10.09 -22.42
C HIS D 3076 -54.85 -10.55 -23.67
N MET D 3077 -54.27 -10.35 -24.86
CA MET D 3077 -54.97 -10.73 -26.08
C MET D 3077 -54.88 -12.23 -26.35
N MET D 3078 -53.86 -12.89 -25.81
CA MET D 3078 -53.76 -14.34 -25.98
C MET D 3078 -54.91 -15.06 -25.27
N MET D 3079 -55.39 -14.50 -24.17
CA MET D 3079 -56.54 -15.10 -23.48
C MET D 3079 -57.84 -14.78 -24.20
N LYS D 3080 -57.93 -13.61 -24.86
CA LYS D 3080 -59.15 -13.24 -25.57
C LYS D 3080 -59.27 -14.00 -26.89
N LEU D 3081 -58.16 -14.15 -27.62
CA LEU D 3081 -58.21 -14.85 -28.90
C LEU D 3081 -58.36 -16.35 -28.74
N ALA D 3082 -58.06 -16.89 -27.55
CA ALA D 3082 -58.19 -18.33 -27.34
C ALA D 3082 -59.62 -18.74 -26.99
N GLN D 3083 -60.42 -17.79 -26.50
CA GLN D 3083 -61.79 -18.12 -26.11
C GLN D 3083 -62.68 -18.38 -27.33
N ASP D 3084 -62.43 -17.68 -28.43
CA ASP D 3084 -63.22 -17.85 -29.65
C ASP D 3084 -62.49 -18.79 -30.60
N SER D 3085 -63.12 -19.91 -30.93
CA SER D 3085 -62.52 -20.88 -31.83
C SER D 3085 -62.50 -20.42 -33.27
N SER D 3086 -63.27 -19.38 -33.61
CA SER D 3086 -63.33 -18.92 -34.99
C SER D 3086 -62.11 -18.11 -35.38
N GLN D 3087 -61.38 -17.58 -34.40
CA GLN D 3087 -60.23 -16.72 -34.66
C GLN D 3087 -58.93 -17.32 -34.15
N ILE D 3088 -58.77 -18.64 -34.26
CA ILE D 3088 -57.52 -19.28 -33.89
C ILE D 3088 -56.43 -18.96 -34.90
N GLU D 3089 -56.80 -18.61 -36.14
CA GLU D 3089 -55.80 -18.27 -37.14
C GLU D 3089 -55.01 -17.01 -36.75
N LEU D 3090 -55.64 -16.10 -36.01
CA LEU D 3090 -54.93 -14.91 -35.56
C LEU D 3090 -53.98 -15.25 -34.42
N LEU D 3091 -54.42 -16.09 -33.48
CA LEU D 3091 -53.56 -16.48 -32.37
C LEU D 3091 -52.39 -17.33 -32.84
N LYS D 3092 -52.57 -18.07 -33.94
CA LYS D 3092 -51.47 -18.87 -34.48
C LYS D 3092 -50.36 -17.98 -35.03
N GLU D 3093 -50.73 -16.97 -35.81
CA GLU D 3093 -49.74 -16.01 -36.29
C GLU D 3093 -49.24 -15.08 -35.19
N LEU D 3094 -50.04 -14.84 -34.15
CA LEU D 3094 -49.56 -13.99 -33.08
C LEU D 3094 -48.41 -14.66 -32.32
N LEU D 3095 -48.58 -15.95 -31.99
CA LEU D 3095 -47.55 -16.69 -31.27
C LEU D 3095 -46.27 -16.83 -32.07
N ASP D 3096 -46.36 -16.77 -33.40
CA ASP D 3096 -45.16 -16.80 -34.23
C ASP D 3096 -44.31 -15.54 -34.05
N LEU D 3097 -44.91 -14.47 -33.53
CA LEU D 3097 -44.15 -13.24 -33.32
C LEU D 3097 -43.29 -13.33 -32.06
N GLN D 3098 -43.83 -13.92 -31.00
CA GLN D 3098 -43.07 -14.01 -29.75
C GLN D 3098 -41.92 -14.99 -29.85
N LYS D 3099 -42.06 -16.03 -30.68
CA LYS D 3099 -40.98 -17.00 -30.83
C LYS D 3099 -39.80 -16.43 -31.61
N ASP D 3100 -40.02 -15.41 -32.43
CA ASP D 3100 -38.91 -14.73 -33.11
C ASP D 3100 -38.29 -13.64 -32.25
N MET D 3101 -38.96 -13.24 -31.17
CA MET D 3101 -38.41 -12.26 -30.24
C MET D 3101 -37.70 -12.88 -29.06
N VAL D 3102 -38.10 -14.09 -28.65
CA VAL D 3102 -37.41 -14.77 -27.55
C VAL D 3102 -36.06 -15.29 -28.01
N VAL D 3103 -35.91 -15.59 -29.30
CA VAL D 3103 -34.63 -16.05 -29.82
C VAL D 3103 -33.61 -14.92 -29.90
N MET D 3104 -34.07 -13.66 -29.85
CA MET D 3104 -33.13 -12.54 -29.90
C MET D 3104 -32.26 -12.49 -28.66
N LEU D 3105 -32.82 -12.85 -27.50
CA LEU D 3105 -32.03 -12.87 -26.27
C LEU D 3105 -31.06 -14.05 -26.25
N LEU D 3106 -31.38 -15.13 -26.97
CA LEU D 3106 -30.47 -16.27 -27.04
C LEU D 3106 -29.20 -15.90 -27.80
N SER D 3107 -29.34 -15.27 -28.96
CA SER D 3107 -28.18 -14.83 -29.73
C SER D 3107 -27.48 -13.65 -29.06
N LEU D 3108 -28.14 -12.96 -28.13
CA LEU D 3108 -27.51 -11.85 -27.44
C LEU D 3108 -26.46 -12.32 -26.44
N LEU D 3109 -26.69 -13.48 -25.83
CA LEU D 3109 -25.79 -14.04 -24.81
C LEU D 3109 -25.21 -15.36 -25.29
N GLU D 3110 -24.82 -15.42 -26.57
CA GLU D 3110 -24.20 -16.62 -27.12
C GLU D 3110 -22.87 -16.90 -26.43
N GLY D 3111 -21.90 -16.00 -26.57
CA GLY D 3111 -20.64 -16.12 -25.89
C GLY D 3111 -20.26 -14.88 -25.12
N ASN D 3112 -20.20 -14.97 -23.80
CA ASN D 3112 -19.86 -13.83 -22.96
C ASN D 3112 -19.52 -14.34 -21.56
N VAL D 3113 -19.05 -13.41 -20.73
CA VAL D 3113 -18.70 -13.75 -19.36
C VAL D 3113 -19.98 -13.93 -18.54
N VAL D 3114 -19.95 -14.89 -17.61
CA VAL D 3114 -21.15 -15.25 -16.86
C VAL D 3114 -21.54 -14.21 -15.82
N ASN D 3115 -20.63 -13.32 -15.42
CA ASN D 3115 -20.90 -12.31 -14.41
C ASN D 3115 -20.50 -10.93 -14.92
N GLY D 3116 -20.91 -10.61 -16.14
CA GLY D 3116 -20.64 -9.32 -16.73
C GLY D 3116 -21.84 -8.38 -16.63
N MET D 3117 -21.63 -7.15 -17.12
CA MET D 3117 -22.69 -6.15 -17.09
C MET D 3117 -23.77 -6.41 -18.12
N ILE D 3118 -23.44 -7.15 -19.19
CA ILE D 3118 -24.45 -7.47 -20.20
C ILE D 3118 -25.34 -8.60 -19.73
N ALA D 3119 -24.75 -9.63 -19.09
CA ALA D 3119 -25.54 -10.76 -18.63
C ALA D 3119 -26.51 -10.37 -17.52
N ARG D 3120 -26.20 -9.32 -16.77
CA ARG D 3120 -27.07 -8.87 -15.69
C ARG D 3120 -28.21 -7.97 -16.17
N GLN D 3121 -28.43 -7.90 -17.49
CA GLN D 3121 -29.52 -7.09 -18.03
C GLN D 3121 -30.80 -7.90 -18.20
N MET D 3122 -30.69 -9.19 -18.54
CA MET D 3122 -31.87 -10.02 -18.64
C MET D 3122 -32.50 -10.28 -17.28
N VAL D 3123 -31.68 -10.40 -16.23
CA VAL D 3123 -32.22 -10.56 -14.88
C VAL D 3123 -32.84 -9.28 -14.38
N ASP D 3124 -32.48 -8.13 -14.96
CA ASP D 3124 -33.10 -6.87 -14.59
C ASP D 3124 -34.44 -6.65 -15.29
N MET D 3125 -34.71 -7.37 -16.38
CA MET D 3125 -35.98 -7.26 -17.06
C MET D 3125 -37.05 -8.15 -16.44
N LEU D 3126 -36.65 -9.15 -15.65
CA LEU D 3126 -37.62 -10.04 -15.01
C LEU D 3126 -38.19 -9.45 -13.72
N VAL D 3127 -37.58 -8.41 -13.17
CA VAL D 3127 -38.11 -7.80 -11.95
C VAL D 3127 -39.32 -6.93 -12.26
N GLU D 3128 -39.24 -6.13 -13.33
CA GLU D 3128 -40.38 -5.32 -13.72
C GLU D 3128 -41.46 -6.13 -14.42
N SER D 3129 -41.09 -7.23 -15.06
CA SER D 3129 -42.04 -8.10 -15.75
C SER D 3129 -42.49 -9.28 -14.88
N SER D 3130 -42.24 -9.22 -13.56
CA SER D 3130 -42.64 -10.32 -12.69
C SER D 3130 -44.15 -10.52 -12.71
N SER D 3131 -44.92 -9.44 -12.72
CA SER D 3131 -46.38 -9.57 -12.80
C SER D 3131 -46.83 -9.97 -14.19
N ASN D 3132 -46.00 -9.74 -15.21
CA ASN D 3132 -46.35 -10.08 -16.58
C ASN D 3132 -45.92 -11.50 -16.96
N VAL D 3133 -44.79 -11.98 -16.45
CA VAL D 3133 -44.37 -13.34 -16.76
C VAL D 3133 -45.26 -14.36 -16.05
N GLU D 3134 -45.91 -13.97 -14.96
CA GLU D 3134 -46.80 -14.90 -14.26
C GLU D 3134 -48.09 -15.13 -15.04
N MET D 3135 -48.44 -14.22 -15.95
CA MET D 3135 -49.65 -14.36 -16.75
C MET D 3135 -49.45 -15.27 -17.95
N ILE D 3136 -48.22 -15.43 -18.42
CA ILE D 3136 -47.94 -16.26 -19.59
C ILE D 3136 -47.41 -17.62 -19.15
N LEU D 3137 -46.74 -17.65 -17.99
CA LEU D 3137 -46.25 -18.92 -17.47
C LEU D 3137 -47.40 -19.82 -17.05
N LYS D 3138 -48.38 -19.27 -16.32
CA LYS D 3138 -49.58 -20.03 -16.01
C LYS D 3138 -50.46 -20.23 -17.23
N PHE D 3139 -50.31 -19.40 -18.25
CA PHE D 3139 -51.05 -19.61 -19.50
C PHE D 3139 -50.58 -20.85 -20.23
N PHE D 3140 -49.30 -21.19 -20.12
CA PHE D 3140 -48.74 -22.37 -20.75
C PHE D 3140 -48.76 -23.58 -19.83
N ASP D 3141 -48.50 -23.39 -18.54
CA ASP D 3141 -48.52 -24.50 -17.59
C ASP D 3141 -49.91 -25.10 -17.46
N MET D 3142 -50.96 -24.29 -17.62
CA MET D 3142 -52.32 -24.84 -17.57
C MET D 3142 -52.63 -25.67 -18.81
N PHE D 3143 -52.22 -25.18 -19.99
CA PHE D 3143 -52.46 -25.94 -21.22
C PHE D 3143 -51.53 -27.14 -21.32
N LEU D 3144 -50.32 -27.05 -20.78
CA LEU D 3144 -49.42 -28.19 -20.79
C LEU D 3144 -49.93 -29.32 -19.91
N LYS D 3145 -50.61 -28.98 -18.82
CA LYS D 3145 -51.17 -30.02 -17.96
C LYS D 3145 -52.37 -30.71 -18.60
N LEU D 3146 -53.12 -29.99 -19.45
CA LEU D 3146 -54.30 -30.57 -20.09
C LEU D 3146 -53.95 -31.77 -20.95
N LYS D 3147 -52.70 -31.91 -21.40
CA LYS D 3147 -52.30 -33.10 -22.15
C LYS D 3147 -52.34 -34.34 -21.27
N ASP D 3148 -52.16 -34.18 -19.96
CA ASP D 3148 -52.17 -35.30 -19.02
C ASP D 3148 -53.50 -35.50 -18.34
N ILE D 3149 -54.30 -34.45 -18.17
CA ILE D 3149 -55.61 -34.61 -17.52
C ILE D 3149 -56.54 -35.44 -18.38
N VAL D 3150 -56.46 -35.27 -19.70
CA VAL D 3150 -57.34 -36.02 -20.60
C VAL D 3150 -56.98 -37.50 -20.65
N GLY D 3151 -55.72 -37.84 -20.33
CA GLY D 3151 -55.30 -39.23 -20.37
C GLY D 3151 -55.23 -39.90 -19.00
N SER D 3152 -55.46 -39.11 -17.95
CA SER D 3152 -55.41 -39.65 -16.59
C SER D 3152 -56.75 -40.29 -16.23
N GLU D 3153 -56.78 -40.93 -15.06
CA GLU D 3153 -57.99 -41.57 -14.56
C GLU D 3153 -58.98 -40.58 -13.95
N ALA D 3154 -58.57 -39.34 -13.72
CA ALA D 3154 -59.48 -38.36 -13.13
C ALA D 3154 -60.59 -37.99 -14.10
N PHE D 3155 -60.23 -37.60 -15.32
CA PHE D 3155 -61.24 -37.23 -16.30
C PHE D 3155 -61.98 -38.46 -16.84
N GLN D 3156 -61.32 -39.62 -16.86
CA GLN D 3156 -61.97 -40.82 -17.34
C GLN D 3156 -63.06 -41.28 -16.39
N ASP D 3157 -62.81 -41.22 -15.09
CA ASP D 3157 -63.82 -41.63 -14.11
C ASP D 3157 -64.94 -40.61 -14.00
N TYR D 3158 -64.64 -39.33 -14.22
CA TYR D 3158 -65.68 -38.30 -14.13
C TYR D 3158 -66.64 -38.39 -15.30
N VAL D 3159 -66.11 -38.50 -16.52
CA VAL D 3159 -66.92 -38.59 -17.73
C VAL D 3159 -66.52 -39.86 -18.46
N THR D 3160 -67.49 -40.78 -18.62
CA THR D 3160 -67.22 -42.03 -19.31
C THR D 3160 -67.28 -41.87 -20.83
N ASP D 3161 -68.17 -41.01 -21.33
CA ASP D 3161 -68.36 -40.76 -22.76
C ASP D 3161 -68.67 -42.06 -23.50
N PRO D 3162 -69.85 -42.65 -23.29
CA PRO D 3162 -70.16 -43.91 -23.98
C PRO D 3162 -70.40 -43.73 -25.47
N ARG D 3163 -71.02 -42.63 -25.88
CA ARG D 3163 -71.30 -42.40 -27.29
C ARG D 3163 -70.05 -42.01 -28.06
N GLY D 3164 -69.03 -41.47 -27.39
CA GLY D 3164 -67.80 -41.05 -28.03
C GLY D 3164 -67.49 -39.58 -27.93
N LEU D 3165 -68.49 -38.75 -27.62
CA LEU D 3165 -68.30 -37.32 -27.49
C LEU D 3165 -68.45 -36.89 -26.03
N ILE D 3166 -67.74 -35.84 -25.66
CA ILE D 3166 -67.77 -35.35 -24.29
C ILE D 3166 -69.02 -34.51 -24.08
N SER D 3167 -69.55 -34.56 -22.86
CA SER D 3167 -70.75 -33.79 -22.50
C SER D 3167 -70.72 -33.53 -21.01
N LYS D 3168 -70.73 -32.25 -20.63
CA LYS D 3168 -70.70 -31.83 -19.22
C LYS D 3168 -69.48 -32.40 -18.49
N LYS D 3169 -68.35 -32.42 -19.19
CA LYS D 3169 -67.11 -32.94 -18.63
C LYS D 3169 -66.24 -31.80 -18.13
N ASP D 3170 -65.12 -32.16 -17.50
CA ASP D 3170 -64.12 -31.22 -16.97
C ASP D 3170 -64.71 -30.29 -15.91
N PHE D 3171 -65.77 -30.73 -15.23
CA PHE D 3171 -66.37 -29.92 -14.17
C PHE D 3171 -65.81 -30.28 -12.80
N GLN D 3172 -65.61 -31.56 -12.52
CA GLN D 3172 -65.07 -32.00 -11.24
C GLN D 3172 -64.37 -33.34 -11.43
N LYS D 3173 -63.15 -33.44 -10.94
CA LYS D 3173 -62.37 -34.66 -11.07
C LYS D 3173 -61.36 -34.79 -9.94
N UNK D 3174 -62.38 -21.86 -17.48
CA UNK D 3174 -63.25 -22.90 -18.01
C UNK D 3174 -63.98 -22.42 -19.25
N UNK D 3175 -63.93 -21.11 -19.49
CA UNK D 3175 -64.59 -20.53 -20.65
C UNK D 3175 -63.82 -20.86 -21.93
N UNK D 3176 -62.52 -21.02 -21.81
CA UNK D 3176 -61.67 -21.35 -22.95
C UNK D 3176 -61.82 -22.82 -23.33
N UNK D 3177 -62.20 -23.63 -22.35
CA UNK D 3177 -62.38 -25.07 -22.57
C UNK D 3177 -63.76 -25.35 -23.17
N UNK D 3178 -64.67 -24.39 -23.02
CA UNK D 3178 -66.02 -24.52 -23.56
C UNK D 3178 -66.05 -24.12 -25.03
N UNK D 3179 -64.91 -23.67 -25.54
CA UNK D 3179 -64.79 -23.26 -26.93
C UNK D 3179 -64.84 -24.47 -27.85
N GLU D 3180 -61.23 -33.15 -29.86
CA GLU D 3180 -60.40 -32.16 -30.56
C GLU D 3180 -60.24 -30.90 -29.72
N PHE D 3181 -61.20 -30.67 -28.82
CA PHE D 3181 -61.13 -29.49 -27.96
C PHE D 3181 -60.00 -29.58 -26.95
N ALA D 3182 -59.62 -30.80 -26.55
CA ALA D 3182 -58.54 -30.96 -25.58
C ALA D 3182 -57.19 -30.62 -26.19
N ASN D 3183 -56.93 -31.09 -27.41
CA ASN D 3183 -55.66 -30.85 -28.10
C ASN D 3183 -55.99 -30.18 -29.44
N ARG D 3184 -55.89 -28.86 -29.48
CA ARG D 3184 -56.16 -28.10 -30.69
C ARG D 3184 -55.11 -27.04 -31.01
N PHE D 3185 -54.21 -26.72 -30.08
CA PHE D 3185 -53.18 -25.71 -30.31
C PHE D 3185 -51.84 -26.21 -29.79
N GLN D 3186 -51.59 -27.52 -29.94
CA GLN D 3186 -50.33 -28.09 -29.47
C GLN D 3186 -49.16 -27.80 -30.41
N GLU D 3187 -49.44 -27.48 -31.67
CA GLU D 3187 -48.35 -27.20 -32.60
C GLU D 3187 -47.67 -25.86 -32.33
N PRO D 3188 -48.38 -24.74 -32.19
CA PRO D 3188 -47.68 -23.48 -31.91
C PRO D 3188 -47.03 -23.45 -30.54
N ALA D 3189 -47.62 -24.12 -29.54
CA ALA D 3189 -47.05 -24.12 -28.20
C ALA D 3189 -45.80 -24.99 -28.11
N ARG D 3190 -45.54 -25.85 -29.10
CA ARG D 3190 -44.37 -26.71 -29.05
C ARG D 3190 -43.09 -25.92 -29.29
N ASP D 3191 -43.13 -24.97 -30.22
CA ASP D 3191 -41.95 -24.18 -30.53
C ASP D 3191 -41.61 -23.22 -29.39
N ILE D 3192 -42.60 -22.45 -28.94
CA ILE D 3192 -42.36 -21.49 -27.86
C ILE D 3192 -42.15 -22.21 -26.54
N GLY D 3193 -42.79 -23.37 -26.35
CA GLY D 3193 -42.60 -24.12 -25.12
C GLY D 3193 -41.16 -24.55 -24.90
N PHE D 3194 -40.46 -24.90 -25.98
CA PHE D 3194 -39.04 -25.22 -25.87
C PHE D 3194 -38.16 -23.97 -25.85
N ASN D 3195 -38.68 -22.84 -26.33
CA ASN D 3195 -37.90 -21.61 -26.34
C ASN D 3195 -37.77 -21.03 -24.92
N VAL D 3196 -38.85 -21.06 -24.15
CA VAL D 3196 -38.78 -20.56 -22.78
C VAL D 3196 -37.95 -21.51 -21.91
N ALA D 3197 -37.88 -22.79 -22.29
CA ALA D 3197 -37.12 -23.75 -21.49
C ALA D 3197 -35.63 -23.54 -21.64
N VAL D 3198 -35.16 -23.27 -22.84
CA VAL D 3198 -33.71 -23.13 -23.06
C VAL D 3198 -33.20 -21.80 -22.52
N LEU D 3199 -34.05 -20.77 -22.50
CA LEU D 3199 -33.60 -19.49 -21.96
C LEU D 3199 -33.64 -19.46 -20.44
N LEU D 3200 -34.56 -20.21 -19.83
CA LEU D 3200 -34.68 -20.21 -18.38
C LEU D 3200 -33.46 -20.86 -17.72
N THR D 3201 -32.92 -21.91 -18.33
CA THR D 3201 -31.73 -22.56 -17.81
C THR D 3201 -30.45 -21.83 -18.22
N ASN D 3202 -30.54 -20.85 -19.11
CA ASN D 3202 -29.34 -20.17 -19.59
C ASN D 3202 -28.98 -18.98 -18.69
N LEU D 3203 -29.96 -18.16 -18.33
CA LEU D 3203 -29.65 -16.98 -17.51
C LEU D 3203 -29.51 -17.35 -16.03
N SER D 3204 -30.15 -18.42 -15.59
CA SER D 3204 -30.04 -18.82 -14.18
C SER D 3204 -28.69 -19.48 -13.91
N GLU D 3205 -28.15 -20.20 -14.88
CA GLU D 3205 -26.85 -20.85 -14.69
C GLU D 3205 -25.70 -19.85 -14.74
N HIS D 3206 -25.85 -18.78 -15.53
CA HIS D 3206 -24.77 -17.81 -15.66
C HIS D 3206 -24.61 -16.98 -14.39
N VAL D 3207 -25.72 -16.56 -13.79
CA VAL D 3207 -25.63 -15.73 -12.57
C VAL D 3207 -25.22 -16.62 -11.40
N PRO D 3208 -24.40 -16.13 -10.47
CA PRO D 3208 -24.01 -16.96 -9.31
C PRO D 3208 -25.18 -17.22 -8.37
N HIS D 3209 -25.91 -16.17 -7.99
CA HIS D 3209 -27.05 -16.29 -7.09
C HIS D 3209 -28.00 -15.15 -7.35
N ASP D 3210 -29.26 -15.48 -7.65
CA ASP D 3210 -30.28 -14.47 -7.92
C ASP D 3210 -31.63 -14.94 -7.39
N PRO D 3211 -32.20 -14.25 -6.40
CA PRO D 3211 -33.51 -14.66 -5.88
C PRO D 3211 -34.62 -14.56 -6.92
N ARG D 3212 -34.55 -13.60 -7.83
CA ARG D 3212 -35.58 -13.48 -8.86
C ARG D 3212 -35.47 -14.60 -9.89
N LEU D 3213 -34.25 -15.10 -10.14
CA LEU D 3213 -34.09 -16.19 -11.09
C LEU D 3213 -34.69 -17.49 -10.56
N ARG D 3214 -34.50 -17.76 -9.27
CA ARG D 3214 -35.08 -18.97 -8.69
C ARG D 3214 -36.59 -18.87 -8.60
N ASN D 3215 -37.14 -17.66 -8.49
CA ASN D 3215 -38.58 -17.50 -8.43
C ASN D 3215 -39.22 -17.77 -9.79
N PHE D 3216 -38.64 -17.22 -10.86
CA PHE D 3216 -39.17 -17.46 -12.20
C PHE D 3216 -38.99 -18.91 -12.62
N LEU D 3217 -37.89 -19.54 -12.20
CA LEU D 3217 -37.68 -20.95 -12.54
C LEU D 3217 -38.63 -21.86 -11.78
N GLU D 3218 -38.99 -21.48 -10.55
CA GLU D 3218 -39.92 -22.31 -9.78
C GLU D 3218 -41.34 -22.24 -10.36
N LEU D 3219 -41.76 -21.06 -10.78
CA LEU D 3219 -43.09 -20.92 -11.39
C LEU D 3219 -43.17 -21.59 -12.76
N ALA D 3220 -42.03 -21.78 -13.44
CA ALA D 3220 -41.98 -22.44 -14.73
C ALA D 3220 -41.41 -23.86 -14.62
N GLU D 3221 -41.61 -24.51 -13.46
CA GLU D 3221 -41.07 -25.84 -13.26
C GLU D 3221 -41.79 -26.87 -14.12
N SER D 3222 -43.05 -26.60 -14.50
CA SER D 3222 -43.79 -27.55 -15.34
C SER D 3222 -43.30 -27.51 -16.78
N ILE D 3223 -42.85 -26.33 -17.24
CA ILE D 3223 -42.41 -26.21 -18.63
C ILE D 3223 -41.08 -26.89 -18.85
N LEU D 3224 -40.16 -26.79 -17.89
CA LEU D 3224 -38.85 -27.40 -18.06
C LEU D 3224 -38.91 -28.92 -17.94
N GLU D 3225 -39.88 -29.44 -17.17
CA GLU D 3225 -40.01 -30.88 -17.03
C GLU D 3225 -40.48 -31.54 -18.33
N TYR D 3226 -41.28 -30.83 -19.12
CA TYR D 3226 -41.75 -31.38 -20.39
C TYR D 3226 -40.66 -31.34 -21.46
N PHE D 3227 -39.90 -30.25 -21.51
CA PHE D 3227 -38.83 -30.09 -22.49
C PHE D 3227 -37.49 -30.63 -21.98
N ARG D 3228 -37.50 -31.50 -20.97
CA ARG D 3228 -36.25 -32.04 -20.46
C ARG D 3228 -35.61 -33.04 -21.42
N PRO D 3229 -36.32 -34.07 -21.94
CA PRO D 3229 -35.65 -34.98 -22.88
C PRO D 3229 -35.37 -34.37 -24.23
N TYR D 3230 -36.05 -33.29 -24.60
CA TYR D 3230 -35.87 -32.64 -25.89
C TYR D 3230 -34.85 -31.49 -25.83
N LEU D 3231 -33.96 -31.51 -24.85
CA LEU D 3231 -32.96 -30.47 -24.68
C LEU D 3231 -31.57 -31.10 -24.73
N GLY D 3232 -30.66 -30.43 -25.43
CA GLY D 3232 -29.29 -30.92 -25.54
C GLY D 3232 -28.30 -29.79 -25.31
N ARG D 3233 -27.19 -30.14 -24.66
CA ARG D 3233 -26.14 -29.20 -24.34
C ARG D 3233 -24.82 -29.64 -24.96
N ILE D 3234 -24.03 -28.67 -25.39
CA ILE D 3234 -22.73 -28.92 -26.00
C ILE D 3234 -21.76 -27.83 -25.54
N GLU D 3235 -20.51 -27.96 -25.97
CA GLU D 3235 -19.47 -26.99 -25.62
C GLU D 3235 -18.57 -26.75 -26.82
N ILE D 3236 -18.23 -25.50 -27.06
CA ILE D 3236 -17.39 -25.08 -28.18
C ILE D 3236 -16.16 -24.37 -27.63
N MET D 3237 -15.01 -24.63 -28.25
CA MET D 3237 -13.74 -23.98 -27.90
C MET D 3237 -13.18 -23.35 -29.17
N GLY D 3238 -13.52 -22.09 -29.41
CA GLY D 3238 -13.11 -21.36 -30.59
C GLY D 3238 -11.95 -20.43 -30.32
N ALA D 3239 -11.92 -19.32 -31.07
CA ALA D 3239 -10.85 -18.35 -30.93
C ALA D 3239 -10.91 -17.58 -29.62
N SER D 3240 -12.09 -17.50 -28.99
CA SER D 3240 -12.22 -16.79 -27.73
C SER D 3240 -11.61 -17.54 -26.56
N ARG D 3241 -11.22 -18.81 -26.75
CA ARG D 3241 -10.62 -19.63 -25.70
C ARG D 3241 -11.53 -19.74 -24.48
N ARG D 3242 -12.85 -19.74 -24.71
CA ARG D 3242 -13.83 -19.85 -23.63
C ARG D 3242 -14.80 -20.97 -23.96
N ILE D 3243 -15.23 -21.69 -22.93
CA ILE D 3243 -16.17 -22.79 -23.07
C ILE D 3243 -17.54 -22.34 -22.58
N GLU D 3244 -18.55 -22.49 -23.43
CA GLU D 3244 -19.90 -22.09 -23.11
C GLU D 3244 -20.87 -23.18 -23.55
N ARG D 3245 -22.06 -23.16 -22.96
CA ARG D 3245 -23.09 -24.13 -23.30
C ARG D 3245 -23.93 -23.64 -24.47
N ILE D 3246 -24.33 -24.59 -25.32
CA ILE D 3246 -25.14 -24.29 -26.50
C ILE D 3246 -26.42 -25.12 -26.36
N TYR D 3247 -27.47 -24.50 -25.83
CA TYR D 3247 -28.75 -25.19 -25.64
C TYR D 3247 -29.54 -25.09 -26.94
N PHE D 3248 -29.67 -26.20 -27.64
CA PHE D 3248 -30.40 -26.28 -28.89
C PHE D 3248 -31.57 -27.24 -28.76
N GLU D 3249 -32.47 -27.18 -29.74
CA GLU D 3249 -33.66 -28.02 -29.76
C GLU D 3249 -33.35 -29.33 -30.47
N ILE D 3250 -33.80 -30.44 -29.89
CA ILE D 3250 -33.60 -31.77 -30.45
C ILE D 3250 -34.90 -32.22 -31.08
N SER D 3251 -34.83 -32.67 -32.34
CA SER D 3251 -36.03 -33.13 -33.03
C SER D 3251 -36.51 -34.46 -32.46
N GLU D 3252 -37.83 -34.66 -32.53
CA GLU D 3252 -38.40 -35.91 -32.05
C GLU D 3252 -38.08 -37.07 -32.98
N THR D 3253 -37.82 -36.80 -34.26
CA THR D 3253 -37.54 -37.87 -35.20
C THR D 3253 -36.14 -38.43 -34.97
N ASN D 3254 -35.18 -37.59 -34.56
CA ASN D 3254 -33.83 -38.06 -34.32
C ASN D 3254 -33.73 -38.86 -33.02
N ARG D 3255 -34.51 -38.49 -32.01
CA ARG D 3255 -34.48 -39.23 -30.75
C ARG D 3255 -35.10 -40.61 -30.90
N ALA D 3256 -36.07 -40.77 -31.80
CA ALA D 3256 -36.67 -42.07 -32.02
C ALA D 3256 -35.72 -43.01 -32.74
N GLN D 3257 -34.94 -42.48 -33.69
CA GLN D 3257 -33.96 -43.30 -34.39
C GLN D 3257 -32.79 -43.69 -33.52
N TRP D 3258 -32.52 -42.92 -32.46
CA TRP D 3258 -31.41 -43.25 -31.56
C TRP D 3258 -31.70 -44.50 -30.73
N GLU D 3259 -32.97 -44.82 -30.50
CA GLU D 3259 -33.35 -46.01 -29.75
C GLU D 3259 -33.63 -47.18 -30.70
N MET D 3260 -32.58 -47.58 -31.41
CA MET D 3260 -32.64 -48.67 -32.37
C MET D 3260 -31.56 -49.69 -32.07
N PRO D 3261 -31.84 -50.97 -32.32
CA PRO D 3261 -30.81 -51.99 -32.05
C PRO D 3261 -29.58 -51.86 -32.93
N GLN D 3262 -29.72 -51.30 -34.14
CA GLN D 3262 -28.58 -51.17 -35.02
C GLN D 3262 -27.62 -50.08 -34.55
N VAL D 3263 -28.15 -48.94 -34.12
CA VAL D 3263 -27.29 -47.85 -33.67
C VAL D 3263 -26.80 -48.09 -32.25
N LYS D 3264 -27.50 -48.91 -31.47
CA LYS D 3264 -27.07 -49.17 -30.10
C LYS D 3264 -25.91 -50.16 -30.07
N GLU D 3265 -25.96 -51.20 -30.90
CA GLU D 3265 -24.88 -52.16 -30.95
C GLU D 3265 -23.64 -51.59 -31.63
N SER D 3266 -23.84 -50.73 -32.63
CA SER D 3266 -22.71 -50.12 -33.32
C SER D 3266 -22.02 -49.08 -32.46
N LYS D 3267 -22.75 -48.46 -31.53
CA LYS D 3267 -22.15 -47.46 -30.65
C LYS D 3267 -21.20 -48.12 -29.64
N ARG D 3268 -21.59 -49.29 -29.12
CA ARG D 3268 -20.74 -49.99 -28.16
C ARG D 3268 -19.47 -50.52 -28.83
N GLN D 3269 -19.58 -50.97 -30.08
CA GLN D 3269 -18.41 -51.47 -30.79
C GLN D 3269 -17.47 -50.34 -31.18
N PHE D 3270 -18.00 -49.13 -31.34
CA PHE D 3270 -17.14 -47.99 -31.70
C PHE D 3270 -16.28 -47.55 -30.52
N ILE D 3271 -16.81 -47.69 -29.30
CA ILE D 3271 -16.03 -47.29 -28.13
C ILE D 3271 -14.82 -48.18 -27.93
N PHE D 3272 -14.93 -49.47 -28.31
CA PHE D 3272 -13.80 -50.37 -28.18
C PHE D 3272 -12.87 -50.27 -29.38
N ASP D 3273 -13.41 -49.98 -30.57
CA ASP D 3273 -12.57 -49.87 -31.75
C ASP D 3273 -11.77 -48.57 -31.75
N VAL D 3274 -12.17 -47.59 -30.95
CA VAL D 3274 -11.43 -46.33 -30.88
C VAL D 3274 -10.45 -46.29 -29.72
N VAL D 3275 -10.55 -47.24 -28.79
CA VAL D 3275 -9.66 -47.24 -27.63
C VAL D 3275 -8.30 -47.82 -27.98
N ASN D 3276 -8.27 -48.91 -28.75
CA ASN D 3276 -7.01 -49.55 -29.10
C ASN D 3276 -6.18 -48.75 -30.10
N GLU D 3277 -6.74 -47.66 -30.65
CA GLU D 3277 -5.98 -46.83 -31.57
C GLU D 3277 -4.88 -46.08 -30.83
N GLY D 3278 -3.66 -46.12 -31.39
CA GLY D 3278 -2.54 -45.47 -30.73
C GLY D 3278 -2.58 -43.96 -30.81
N GLY D 3279 -3.18 -43.41 -31.87
CA GLY D 3279 -3.26 -41.98 -32.04
C GLY D 3279 -4.47 -41.37 -31.36
N GLU D 3280 -4.23 -40.53 -30.33
CA GLU D 3280 -5.33 -39.88 -29.65
C GLU D 3280 -5.93 -38.77 -30.49
N SER D 3281 -5.08 -37.99 -31.18
CA SER D 3281 -5.58 -36.92 -32.04
C SER D 3281 -6.25 -37.49 -33.28
N GLU D 3282 -5.72 -38.59 -33.82
CA GLU D 3282 -6.32 -39.21 -35.00
C GLU D 3282 -7.66 -39.85 -34.67
N LYS D 3283 -7.85 -40.26 -33.41
CA LYS D 3283 -9.12 -40.87 -33.02
C LYS D 3283 -10.25 -39.85 -32.95
N MET D 3284 -9.93 -38.56 -32.84
CA MET D 3284 -10.98 -37.55 -32.81
C MET D 3284 -11.67 -37.43 -34.17
N GLU D 3285 -10.90 -37.57 -35.26
CA GLU D 3285 -11.50 -37.51 -36.59
C GLU D 3285 -12.33 -38.74 -36.91
N LEU D 3286 -12.07 -39.87 -36.25
CA LEU D 3286 -12.85 -41.08 -36.49
C LEU D 3286 -14.26 -40.96 -35.93
N PHE D 3287 -14.47 -40.10 -34.93
CA PHE D 3287 -15.81 -39.93 -34.38
C PHE D 3287 -16.73 -39.21 -35.35
N VAL D 3288 -16.20 -38.30 -36.16
CA VAL D 3288 -17.04 -37.59 -37.13
C VAL D 3288 -17.51 -38.53 -38.21
N SER D 3289 -16.65 -39.47 -38.63
CA SER D 3289 -17.07 -40.45 -39.63
C SER D 3289 -18.05 -41.47 -39.07
N PHE D 3290 -18.10 -41.63 -37.74
CA PHE D 3290 -19.05 -42.56 -37.15
C PHE D 3290 -20.47 -42.01 -37.19
N CYS D 3291 -20.63 -40.72 -36.92
CA CYS D 3291 -21.97 -40.12 -36.95
C CYS D 3291 -22.51 -40.04 -38.37
N GLU D 3292 -21.63 -39.85 -39.36
CA GLU D 3292 -22.10 -39.77 -40.75
C GLU D 3292 -22.64 -41.11 -41.23
N ASP D 3293 -22.15 -42.21 -40.68
CA ASP D 3293 -22.66 -43.53 -41.08
C ASP D 3293 -24.03 -43.81 -40.48
N THR D 3294 -24.33 -43.22 -39.31
CA THR D 3294 -25.61 -43.46 -38.67
C THR D 3294 -26.74 -42.74 -39.40
N ILE D 3295 -26.47 -41.54 -39.91
CA ILE D 3295 -27.50 -40.79 -40.63
C ILE D 3295 -27.83 -41.47 -41.95
N PHE D 3296 -26.86 -42.15 -42.57
CA PHE D 3296 -27.11 -42.82 -43.83
C PHE D 3296 -28.08 -43.99 -43.67
N GLU D 3297 -28.07 -44.64 -42.52
CA GLU D 3297 -28.96 -45.76 -42.27
C GLU D 3297 -30.02 -45.41 -41.22
N GLU D 3298 -44.22 -56.51 -59.47
CA GLU D 3298 -44.17 -55.05 -59.50
C GLU D 3298 -43.88 -54.49 -58.11
N VAL D 3299 -44.94 -54.19 -57.36
CA VAL D 3299 -44.77 -53.66 -56.01
C VAL D 3299 -44.34 -54.73 -55.02
N GLN D 3300 -44.48 -56.00 -55.39
CA GLN D 3300 -44.06 -57.07 -54.48
C GLN D 3300 -42.55 -57.19 -54.41
N ARG D 3301 -41.84 -56.76 -55.46
CA ARG D 3301 -40.39 -56.84 -55.46
C ARG D 3301 -39.77 -55.83 -54.51
N VAL D 3302 -40.27 -54.60 -54.52
CA VAL D 3302 -39.72 -53.57 -53.64
C VAL D 3302 -40.13 -53.82 -52.20
N LYS D 3303 -41.23 -54.55 -51.98
CA LYS D 3303 -41.66 -54.88 -50.63
C LYS D 3303 -40.90 -56.07 -50.06
N PHE D 3304 -40.45 -56.98 -50.91
CA PHE D 3304 -39.68 -58.13 -50.44
C PHE D 3304 -38.30 -57.72 -49.94
N LEU D 3305 -37.73 -56.65 -50.48
CA LEU D 3305 -36.42 -56.19 -50.04
C LEU D 3305 -36.48 -55.60 -48.64
N ASN D 3306 -37.53 -54.82 -48.35
CA ASN D 3306 -37.66 -54.23 -47.02
C ASN D 3306 -38.05 -55.28 -45.99
N TYR D 3307 -38.77 -56.32 -46.41
CA TYR D 3307 -39.17 -57.36 -45.47
C TYR D 3307 -37.98 -58.22 -45.03
N LEU D 3308 -37.09 -58.54 -45.98
CA LEU D 3308 -35.94 -59.36 -45.63
C LEU D 3308 -34.91 -58.59 -44.83
N SER D 3309 -34.79 -57.28 -45.05
CA SER D 3309 -33.82 -56.48 -44.31
C SER D 3309 -34.26 -56.29 -42.86
N ARG D 3310 -35.57 -56.18 -42.62
CA ARG D 3310 -36.06 -56.02 -41.26
C ARG D 3310 -35.90 -57.31 -40.47
N ASN D 3311 -36.14 -58.46 -41.11
CA ASN D 3311 -36.00 -59.76 -40.47
C ASN D 3311 -34.64 -60.39 -40.73
N PHE D 3312 -33.63 -59.58 -41.05
CA PHE D 3312 -32.31 -60.13 -41.33
C PHE D 3312 -31.62 -60.59 -40.04
N TYR D 3313 -31.75 -59.82 -38.95
CA TYR D 3313 -31.16 -60.21 -37.69
C TYR D 3313 -31.82 -61.45 -37.12
N THR D 3314 -33.14 -61.57 -37.27
CA THR D 3314 -33.83 -62.78 -36.81
C THR D 3314 -33.54 -63.97 -37.71
N LEU D 3315 -33.14 -63.72 -38.96
CA LEU D 3315 -32.84 -64.81 -39.87
C LEU D 3315 -31.58 -65.57 -39.46
N ARG D 3316 -30.68 -64.92 -38.72
CA ARG D 3316 -29.48 -65.58 -38.25
C ARG D 3316 -29.77 -66.54 -37.10
N PHE D 3317 -30.92 -66.41 -36.45
CA PHE D 3317 -31.24 -67.30 -35.34
C PHE D 3317 -31.61 -68.69 -35.84
N LEU D 3318 -32.31 -68.77 -36.98
CA LEU D 3318 -32.63 -70.08 -37.54
C LEU D 3318 -31.38 -70.80 -38.03
N ALA D 3319 -30.35 -70.07 -38.43
CA ALA D 3319 -29.08 -70.69 -38.79
C ALA D 3319 -28.42 -71.37 -37.60
N LEU D 3320 -28.86 -71.07 -36.39
CA LEU D 3320 -28.35 -71.70 -35.18
C LEU D 3320 -29.25 -72.80 -34.65
N PHE D 3321 -30.57 -72.68 -34.82
CA PHE D 3321 -31.48 -73.68 -34.26
C PHE D 3321 -31.56 -74.92 -35.16
N LEU D 3322 -31.75 -74.74 -36.46
CA LEU D 3322 -31.80 -75.87 -37.37
C LEU D 3322 -30.46 -76.61 -37.47
N ALA D 3323 -29.36 -75.93 -37.15
CA ALA D 3323 -28.08 -76.62 -37.10
C ALA D 3323 -28.02 -77.61 -35.94
N PHE D 3324 -28.61 -77.26 -34.81
CA PHE D 3324 -28.68 -78.17 -33.67
C PHE D 3324 -29.60 -79.35 -33.94
N ALA D 3325 -30.53 -79.23 -34.88
CA ALA D 3325 -31.47 -80.31 -35.15
C ALA D 3325 -30.98 -81.27 -36.22
N ILE D 3326 -30.09 -80.81 -37.10
CA ILE D 3326 -29.65 -81.67 -38.20
C ILE D 3326 -28.46 -82.52 -37.76
N ASN D 3327 -27.56 -81.97 -36.94
CA ASN D 3327 -26.41 -82.76 -36.50
C ASN D 3327 -26.80 -83.80 -35.44
N PHE D 3328 -27.99 -83.68 -34.86
CA PHE D 3328 -28.42 -84.64 -33.85
C PHE D 3328 -28.76 -85.98 -34.48
N ILE D 3329 -29.38 -85.97 -35.67
CA ILE D 3329 -29.78 -87.22 -36.30
C ILE D 3329 -28.60 -87.89 -36.99
N LEU D 3330 -27.63 -87.11 -37.48
CA LEU D 3330 -26.44 -87.70 -38.08
C LEU D 3330 -25.62 -88.50 -37.08
N LEU D 3331 -25.78 -88.24 -35.78
CA LEU D 3331 -25.10 -89.03 -34.77
C LEU D 3331 -25.65 -90.46 -34.69
N PHE D 3332 -26.87 -90.69 -35.18
CA PHE D 3332 -27.47 -92.01 -35.21
C PHE D 3332 -27.16 -92.77 -36.50
N TYR D 3333 -26.22 -92.28 -37.30
CA TYR D 3333 -25.88 -92.95 -38.55
C TYR D 3333 -25.09 -94.22 -38.28
N LYS D 3334 -25.07 -95.10 -39.28
CA LYS D 3334 -24.37 -96.37 -39.17
C LYS D 3334 -23.96 -96.83 -40.56
N VAL D 3335 -23.10 -97.84 -40.60
CA VAL D 3335 -22.62 -98.43 -41.85
C VAL D 3335 -22.76 -99.94 -41.77
N SER D 3336 -22.99 -100.55 -42.93
CA SER D 3336 -23.15 -102.00 -43.01
C SER D 3336 -22.93 -102.42 -44.45
N ASP D 3337 -22.82 -103.73 -44.66
CA ASP D 3337 -22.61 -104.26 -46.00
C ASP D 3337 -23.93 -104.26 -46.79
N SER D 3338 -24.99 -104.80 -46.20
CA SER D 3338 -26.30 -104.86 -46.85
C SER D 3338 -27.32 -104.13 -45.99
N PRO D 3339 -28.01 -103.11 -46.53
CA PRO D 3339 -29.03 -102.35 -45.79
C PRO D 3339 -30.20 -103.22 -45.33
N VAL D 3340 -19.52 -100.54 -49.01
CA VAL D 3340 -20.82 -99.87 -49.06
C VAL D 3340 -21.12 -99.20 -47.72
N TYR D 3341 -22.21 -98.44 -47.67
CA TYR D 3341 -22.60 -97.75 -46.45
C TYR D 3341 -24.06 -98.04 -46.11
N TYR D 3342 -24.59 -97.35 -45.11
CA TYR D 3342 -25.97 -97.53 -44.68
C TYR D 3342 -26.57 -96.15 -44.42
N PHE D 3343 -27.76 -96.13 -43.84
CA PHE D 3343 -28.49 -94.90 -43.54
C PHE D 3343 -28.75 -94.83 -42.03
N LEU D 3344 -29.42 -93.75 -41.63
CA LEU D 3344 -29.74 -93.54 -40.22
C LEU D 3344 -30.82 -94.53 -39.78
N GLU D 3345 -30.48 -95.36 -38.79
CA GLU D 3345 -31.41 -96.35 -38.25
C GLU D 3345 -31.81 -95.94 -36.84
N GLU D 3346 -33.11 -95.79 -36.62
CA GLU D 3346 -33.63 -95.38 -35.32
C GLU D 3346 -34.95 -96.10 -35.07
N SER D 3347 -35.42 -96.03 -33.82
CA SER D 3347 -36.66 -96.69 -33.45
C SER D 3347 -37.87 -95.89 -33.92
N THR D 3348 -37.84 -94.57 -33.77
CA THR D 3348 -38.96 -93.74 -34.16
C THR D 3348 -39.07 -93.65 -35.69
N GLY D 3349 -40.24 -93.25 -36.16
CA GLY D 3349 -40.50 -93.12 -37.59
C GLY D 3349 -40.46 -91.71 -38.12
N TYR D 3350 -40.19 -90.70 -37.30
CA TYR D 3350 -40.10 -89.32 -37.76
C TYR D 3350 -38.69 -88.89 -38.10
N MET D 3351 -37.67 -89.68 -37.72
CA MET D 3351 -36.29 -89.31 -37.97
C MET D 3351 -35.89 -89.55 -39.42
N GLU D 3352 -36.48 -90.54 -40.08
CA GLU D 3352 -36.10 -90.83 -41.47
C GLU D 3352 -36.53 -89.73 -42.43
N PRO D 3353 -37.79 -89.28 -42.44
CA PRO D 3353 -38.16 -88.20 -43.38
C PRO D 3353 -37.62 -86.83 -42.97
N ALA D 3354 -37.01 -86.71 -41.79
CA ALA D 3354 -36.50 -85.42 -41.33
C ALA D 3354 -35.24 -84.99 -42.05
N LEU D 3355 -34.56 -85.90 -42.75
CA LEU D 3355 -33.34 -85.54 -43.45
C LEU D 3355 -33.63 -84.72 -44.70
N ARG D 3356 -34.77 -84.97 -45.34
CA ARG D 3356 -35.14 -84.22 -46.54
C ARG D 3356 -35.94 -82.97 -46.21
N CYS D 3357 -36.55 -82.92 -45.02
CA CYS D 3357 -37.34 -81.75 -44.64
C CYS D 3357 -36.46 -80.66 -44.05
N LEU D 3358 -35.55 -81.02 -43.14
CA LEU D 3358 -34.71 -80.04 -42.48
C LEU D 3358 -33.60 -79.53 -43.38
N SER D 3359 -33.22 -80.29 -44.41
CA SER D 3359 -32.13 -79.87 -45.28
C SER D 3359 -32.56 -78.76 -46.24
N LEU D 3360 -33.84 -78.74 -46.63
CA LEU D 3360 -34.30 -77.71 -47.55
C LEU D 3360 -34.55 -76.39 -46.83
N LEU D 3361 -35.04 -76.43 -45.58
CA LEU D 3361 -35.30 -75.20 -44.85
C LEU D 3361 -34.01 -74.46 -44.55
N HIS D 3362 -32.93 -75.20 -44.24
CA HIS D 3362 -31.66 -74.57 -43.93
C HIS D 3362 -31.06 -73.86 -45.15
N THR D 3363 -31.44 -74.29 -46.36
CA THR D 3363 -30.92 -73.65 -47.56
C THR D 3363 -31.72 -72.42 -47.96
N LEU D 3364 -33.02 -72.40 -47.67
CA LEU D 3364 -33.83 -71.24 -48.03
C LEU D 3364 -33.53 -70.06 -47.13
N VAL D 3365 -33.27 -70.30 -45.85
CA VAL D 3365 -32.95 -69.19 -44.94
C VAL D 3365 -31.57 -68.63 -45.21
N ALA D 3366 -30.67 -69.42 -45.80
CA ALA D 3366 -29.34 -68.92 -46.12
C ALA D 3366 -29.34 -68.09 -47.39
N PHE D 3367 -30.17 -68.47 -48.37
CA PHE D 3367 -30.26 -67.71 -49.60
C PHE D 3367 -30.98 -66.39 -49.40
N LEU D 3368 -31.91 -66.33 -48.45
CA LEU D 3368 -32.62 -65.08 -48.19
C LEU D 3368 -31.74 -64.07 -47.46
N CYS D 3369 -30.74 -64.54 -46.71
CA CYS D 3369 -29.86 -63.63 -46.00
C CYS D 3369 -28.95 -62.88 -46.97
N ILE D 3370 -28.68 -63.44 -48.15
CA ILE D 3370 -27.84 -62.76 -49.12
C ILE D 3370 -28.56 -61.54 -49.68
N ILE D 3371 -29.86 -61.67 -49.99
CA ILE D 3371 -30.63 -60.55 -50.50
C ILE D 3371 -30.89 -59.54 -49.38
N GLY D 3372 -31.10 -60.02 -48.15
CA GLY D 3372 -31.33 -59.12 -47.05
C GLY D 3372 -30.07 -58.33 -46.68
N TYR D 3373 -28.90 -58.96 -46.80
CA TYR D 3373 -27.66 -58.27 -46.54
C TYR D 3373 -27.36 -57.21 -47.60
N ASN D 3374 -27.93 -57.37 -48.80
CA ASN D 3374 -27.67 -56.43 -49.88
C ASN D 3374 -28.21 -55.04 -49.57
N CYS D 3375 -29.27 -54.95 -48.77
CA CYS D 3375 -29.87 -53.68 -48.40
C CYS D 3375 -29.67 -53.33 -46.93
N LEU D 3376 -28.73 -53.98 -46.25
CA LEU D 3376 -28.49 -53.74 -44.83
C LEU D 3376 -27.10 -53.19 -44.57
N LYS D 3377 -26.05 -53.85 -45.06
CA LYS D 3377 -24.68 -53.42 -44.83
C LYS D 3377 -23.91 -53.08 -46.10
N VAL D 3378 -24.34 -53.57 -47.27
CA VAL D 3378 -23.68 -53.20 -48.52
C VAL D 3378 -23.74 -51.70 -48.76
N PRO D 3379 -24.87 -51.00 -48.58
CA PRO D 3379 -24.83 -49.53 -48.69
C PRO D 3379 -23.96 -48.88 -47.62
N LEU D 3380 -23.66 -49.57 -46.53
CA LEU D 3380 -22.81 -49.00 -45.50
C LEU D 3380 -21.34 -49.09 -45.87
N VAL D 3381 -20.89 -50.25 -46.36
CA VAL D 3381 -19.49 -50.41 -46.73
C VAL D 3381 -19.17 -49.60 -47.97
N ILE D 3382 -20.16 -49.36 -48.83
CA ILE D 3382 -19.95 -48.49 -49.99
C ILE D 3382 -19.81 -47.05 -49.54
N PHE D 3383 -20.67 -46.62 -48.61
CA PHE D 3383 -20.57 -45.25 -48.08
C PHE D 3383 -19.32 -45.09 -47.23
N LYS D 3384 -18.87 -46.15 -46.55
CA LYS D 3384 -17.66 -46.07 -45.75
C LYS D 3384 -16.41 -45.91 -46.63
N ARG D 3385 -16.46 -46.40 -47.87
CA ARG D 3385 -15.35 -46.26 -48.79
C ARG D 3385 -15.47 -45.01 -49.66
N GLU D 3386 -16.69 -44.67 -50.06
CA GLU D 3386 -16.90 -43.45 -50.85
C GLU D 3386 -16.58 -42.20 -50.04
N LYS D 3387 -16.84 -42.22 -48.73
CA LYS D 3387 -16.51 -41.08 -47.90
C LYS D 3387 -15.01 -40.92 -47.73
N GLU D 3388 -14.28 -42.04 -47.66
CA GLU D 3388 -12.82 -41.96 -47.59
C GLU D 3388 -12.22 -41.52 -48.92
N LEU D 3389 -12.85 -41.89 -50.04
CA LEU D 3389 -12.36 -41.45 -51.34
C LEU D 3389 -12.67 -39.98 -51.58
N ALA D 3390 -13.85 -39.52 -51.16
CA ALA D 3390 -14.21 -38.13 -51.32
C ALA D 3390 -13.32 -37.22 -50.46
N ARG D 3391 -13.01 -37.66 -49.24
CA ARG D 3391 -12.11 -36.90 -48.38
C ARG D 3391 -10.66 -36.97 -48.86
N LYS D 3392 -10.30 -38.03 -49.60
CA LYS D 3392 -8.94 -38.14 -50.12
C LYS D 3392 -8.71 -37.20 -51.29
N LEU D 3393 -9.78 -36.81 -51.99
CA LEU D 3393 -9.62 -35.89 -53.12
C LEU D 3393 -9.31 -34.48 -52.64
N GLU D 3394 -9.90 -34.06 -51.52
CA GLU D 3394 -9.60 -32.75 -50.96
C GLU D 3394 -8.16 -32.70 -50.46
N PHE D 3395 -7.68 -33.78 -49.87
CA PHE D 3395 -6.30 -33.91 -49.44
C PHE D 3395 -5.47 -34.51 -50.59
N ASP D 3396 -4.25 -34.95 -50.28
CA ASP D 3396 -3.43 -35.63 -51.27
C ASP D 3396 -4.13 -36.88 -51.79
N GLY D 3397 -4.53 -36.87 -53.06
CA GLY D 3397 -5.30 -37.94 -53.64
C GLY D 3397 -4.44 -39.08 -54.15
N LEU D 3398 -5.12 -40.08 -54.73
CA LEU D 3398 -4.43 -41.26 -55.23
C LEU D 3398 -3.96 -41.07 -56.67
N TYR D 3399 -4.66 -40.25 -57.46
CA TYR D 3399 -4.31 -39.97 -58.84
C TYR D 3399 -4.19 -38.48 -59.07
N ILE D 3400 -3.50 -37.80 -58.16
CA ILE D 3400 -3.29 -36.35 -58.22
C ILE D 3400 -1.79 -36.10 -58.25
N THR D 3401 -1.40 -34.82 -58.26
CA THR D 3401 0.00 -34.42 -58.24
C THR D 3401 0.81 -35.19 -57.22
N GLU D 3402 0.22 -35.46 -56.06
CA GLU D 3402 0.87 -36.29 -55.05
C GLU D 3402 0.79 -37.76 -55.47
N GLN D 3403 1.94 -38.41 -55.52
CA GLN D 3403 1.99 -39.80 -55.96
C GLN D 3403 1.36 -40.71 -54.90
N PRO D 3404 0.64 -41.76 -55.32
CA PRO D 3404 0.00 -42.70 -54.39
C PRO D 3404 1.02 -43.59 -53.67
N VAL D 3405 -2.90 -52.25 -51.90
CA VAL D 3405 -3.51 -53.17 -52.85
C VAL D 3405 -4.92 -52.69 -53.20
N LYS D 3406 -5.57 -52.01 -52.25
CA LYS D 3406 -6.92 -51.49 -52.48
C LYS D 3406 -6.90 -50.14 -53.16
N GLY D 3407 -5.79 -49.41 -53.10
CA GLY D 3407 -5.73 -48.11 -53.75
C GLY D 3407 -5.75 -48.19 -55.26
N GLN D 3408 -5.15 -49.24 -55.83
CA GLN D 3408 -5.14 -49.39 -57.28
C GLN D 3408 -6.52 -49.72 -57.82
N TRP D 3409 -7.31 -50.49 -57.08
CA TRP D 3409 -8.67 -50.82 -57.51
C TRP D 3409 -9.57 -49.59 -57.52
N ASP D 3410 -9.24 -48.55 -56.74
CA ASP D 3410 -10.02 -47.33 -56.72
C ASP D 3410 -9.84 -46.47 -57.96
N ARG D 3411 -9.08 -46.93 -58.95
CA ARG D 3411 -8.93 -46.18 -60.19
C ARG D 3411 -10.08 -46.40 -61.16
N LEU D 3412 -10.89 -47.44 -60.93
CA LEU D 3412 -12.01 -47.71 -61.83
C LEU D 3412 -13.18 -46.76 -61.60
N VAL D 3413 -13.29 -46.18 -60.41
CA VAL D 3413 -14.38 -45.24 -60.13
C VAL D 3413 -14.02 -43.82 -60.55
N LEU D 3414 -12.73 -43.56 -60.84
CA LEU D 3414 -12.31 -42.21 -61.20
C LEU D 3414 -12.92 -41.77 -62.53
N ASN D 3415 -12.86 -42.63 -63.54
CA ASN D 3415 -13.39 -42.31 -64.85
C ASN D 3415 -14.90 -42.49 -64.95
N THR D 3416 -15.58 -42.78 -63.84
CA THR D 3416 -17.02 -42.90 -63.85
C THR D 3416 -17.65 -41.51 -64.06
N PRO D 3417 -18.64 -41.40 -64.95
CA PRO D 3417 -19.25 -40.08 -65.18
C PRO D 3417 -19.83 -39.42 -63.95
N SER D 3418 -20.15 -40.19 -62.90
CA SER D 3418 -20.72 -39.62 -61.70
C SER D 3418 -20.42 -40.54 -60.52
N PHE D 3419 -20.06 -39.94 -59.39
CA PHE D 3419 -19.85 -40.71 -58.18
C PHE D 3419 -21.17 -41.29 -57.68
N PRO D 3420 -21.13 -42.39 -56.93
CA PRO D 3420 -22.38 -42.97 -56.41
C PRO D 3420 -23.12 -41.97 -55.52
N SER D 3421 -24.45 -42.06 -55.57
CA SER D 3421 -25.32 -41.15 -54.83
C SER D 3421 -25.37 -41.47 -53.34
N ASN D 3422 -24.58 -42.43 -52.86
CA ASN D 3422 -24.60 -42.76 -51.43
C ASN D 3422 -24.00 -41.63 -50.60
N TYR D 3423 -23.05 -40.88 -51.14
CA TYR D 3423 -22.44 -39.79 -50.42
C TYR D 3423 -23.37 -38.58 -50.39
N TRP D 3424 -23.17 -37.72 -49.37
CA TRP D 3424 -24.02 -36.56 -49.21
C TRP D 3424 -23.71 -35.49 -50.25
N ASP D 3425 -22.47 -35.00 -50.26
CA ASP D 3425 -22.07 -33.95 -51.19
C ASP D 3425 -21.93 -34.52 -52.60
N LYS D 3426 -22.70 -33.98 -53.54
CA LYS D 3426 -22.66 -34.42 -54.93
C LYS D 3426 -21.64 -33.68 -55.76
N PHE D 3427 -20.94 -32.70 -55.19
CA PHE D 3427 -19.94 -31.91 -55.90
C PHE D 3427 -18.60 -32.12 -55.20
N VAL D 3428 -17.86 -33.13 -55.65
CA VAL D 3428 -16.54 -33.45 -55.12
C VAL D 3428 -15.45 -33.29 -56.18
N LYS D 3429 -15.74 -33.66 -57.43
CA LYS D 3429 -14.74 -33.52 -58.49
C LYS D 3429 -14.51 -32.06 -58.86
N ARG D 3430 -15.46 -31.18 -58.54
CA ARG D 3430 -15.30 -29.77 -58.86
C ARG D 3430 -14.53 -29.01 -57.79
N LYS D 3431 -14.45 -29.52 -56.57
CA LYS D 3431 -13.73 -28.84 -55.51
C LYS D 3431 -12.22 -29.01 -55.65
N VAL D 3432 -11.76 -30.13 -56.19
CA VAL D 3432 -10.32 -30.36 -56.33
C VAL D 3432 -9.74 -29.52 -57.46
N LEU D 3433 -10.56 -29.10 -58.43
CA LEU D 3433 -10.06 -28.31 -59.55
C LEU D 3433 -9.53 -26.94 -59.11
N ASP D 3434 -9.94 -26.45 -57.93
CA ASP D 3434 -9.49 -25.16 -57.46
C ASP D 3434 -8.27 -25.25 -56.57
N LYS D 3435 -8.17 -26.30 -55.76
CA LYS D 3435 -7.03 -26.44 -54.84
C LYS D 3435 -5.79 -26.95 -55.56
N HIS D 3436 -5.88 -28.15 -56.14
CA HIS D 3436 -4.75 -28.79 -56.81
C HIS D 3436 -4.85 -28.70 -58.33
N GLY D 3437 -5.67 -27.80 -58.85
CA GLY D 3437 -5.81 -27.66 -60.29
C GLY D 3437 -4.81 -26.74 -60.95
N ASP D 3438 -4.23 -25.81 -60.19
CA ASP D 3438 -3.27 -24.87 -60.76
C ASP D 3438 -1.92 -25.50 -61.02
N ILE D 3439 -1.63 -26.65 -60.41
CA ILE D 3439 -0.33 -27.28 -60.60
C ILE D 3439 -0.23 -27.93 -61.98
N TYR D 3440 -1.15 -28.84 -62.27
CA TYR D 3440 -1.16 -29.56 -63.55
C TYR D 3440 -2.08 -28.92 -64.58
N GLY D 3441 -2.57 -27.72 -64.32
CA GLY D 3441 -3.47 -27.04 -65.24
C GLY D 3441 -4.89 -27.54 -65.13
N ARG D 3442 -5.81 -26.71 -65.64
CA ARG D 3442 -7.23 -27.04 -65.60
C ARG D 3442 -7.63 -28.10 -66.61
N GLU D 3443 -6.71 -28.52 -67.48
CA GLU D 3443 -7.00 -29.53 -68.50
C GLU D 3443 -6.62 -30.94 -68.07
N ARG D 3444 -5.46 -31.11 -67.43
CA ARG D 3444 -5.03 -32.45 -67.02
C ARG D 3444 -5.87 -32.96 -65.86
N ILE D 3445 -6.21 -32.09 -64.91
CA ILE D 3445 -7.00 -32.51 -63.76
C ILE D 3445 -8.45 -32.80 -64.14
N ALA D 3446 -8.93 -32.19 -65.23
CA ALA D 3446 -10.31 -32.46 -65.66
C ALA D 3446 -10.44 -33.86 -66.26
N GLU D 3447 -9.41 -34.31 -66.99
CA GLU D 3447 -9.46 -35.64 -67.59
C GLU D 3447 -9.28 -36.73 -66.54
N GLY D 3448 -37.51 -45.64 -72.33
CA GLY D 3448 -37.89 -46.77 -73.17
C GLY D 3448 -36.96 -47.96 -73.04
N LEU D 3449 -36.85 -48.75 -74.10
CA LEU D 3449 -35.98 -49.92 -74.07
C LEU D 3449 -34.51 -49.52 -74.08
N LEU D 3450 -34.16 -48.50 -74.86
CA LEU D 3450 -32.77 -48.06 -74.91
C LEU D 3450 -32.35 -47.34 -73.63
N THR D 3451 -33.27 -46.62 -73.00
CA THR D 3451 -32.93 -45.93 -71.75
C THR D 3451 -32.77 -46.90 -70.60
N TRP D 3452 -33.42 -48.06 -70.66
CA TRP D 3452 -33.30 -49.03 -69.58
C TRP D 3452 -31.93 -49.69 -69.58
N LEU D 3453 -31.41 -50.04 -70.76
CA LEU D 3453 -30.09 -50.67 -70.83
C LEU D 3453 -28.96 -49.66 -70.62
N MET D 3454 -29.18 -48.38 -70.96
CA MET D 3454 -28.17 -47.36 -70.79
C MET D 3454 -28.00 -46.92 -69.34
N SER D 3455 -28.86 -47.38 -68.43
CA SER D 3455 -28.75 -46.98 -67.03
C SER D 3455 -27.53 -47.62 -66.38
N ILE D 3456 -27.22 -48.87 -66.73
CA ILE D 3456 -26.07 -49.56 -66.16
C ILE D 3456 -24.78 -49.03 -66.78
N ASP D 3457 -23.73 -48.96 -65.98
CA ASP D 3457 -22.43 -48.48 -66.42
C ASP D 3457 -21.40 -49.57 -66.20
N VAL D 3458 -20.60 -49.84 -67.24
CA VAL D 3458 -19.57 -50.88 -67.13
C VAL D 3458 -18.46 -50.45 -66.19
N LYS D 3459 -18.18 -49.14 -66.14
CA LYS D 3459 -17.13 -48.65 -65.24
C LYS D 3459 -17.58 -48.68 -63.79
N TYR D 3460 -18.88 -48.46 -63.53
CA TYR D 3460 -19.38 -48.49 -62.16
C TYR D 3460 -19.64 -49.91 -61.67
N GLN D 3461 -20.05 -50.82 -62.57
CA GLN D 3461 -20.34 -52.18 -62.15
C GLN D 3461 -19.08 -52.93 -61.75
N ILE D 3462 -17.93 -52.57 -62.31
CA ILE D 3462 -16.68 -53.25 -61.97
C ILE D 3462 -16.16 -52.79 -60.63
N TRP D 3463 -16.24 -51.48 -60.35
CA TRP D 3463 -15.73 -50.96 -59.09
C TRP D 3463 -16.66 -51.28 -57.93
N LYS D 3464 -17.97 -51.18 -58.13
CA LYS D 3464 -18.92 -51.43 -57.06
C LYS D 3464 -18.94 -52.90 -56.67
N PHE D 3465 -19.17 -53.79 -57.63
CA PHE D 3465 -19.22 -55.21 -57.33
C PHE D 3465 -17.86 -55.78 -56.97
N GLY D 3466 -16.77 -55.10 -57.33
CA GLY D 3466 -15.46 -55.60 -57.00
C GLY D 3466 -15.16 -55.54 -55.51
N VAL D 3467 -15.59 -54.46 -54.85
CA VAL D 3467 -15.34 -54.32 -53.42
C VAL D 3467 -16.19 -55.30 -52.62
N ILE D 3468 -17.41 -55.58 -53.08
CA ILE D 3468 -18.30 -56.47 -52.33
C ILE D 3468 -17.80 -57.91 -52.39
N PHE D 3469 -17.32 -58.34 -53.56
CA PHE D 3469 -16.81 -59.69 -53.69
C PHE D 3469 -15.50 -59.91 -52.94
N THR D 3470 -14.74 -58.83 -52.71
CA THR D 3470 -13.48 -58.92 -51.98
C THR D 3470 -13.62 -58.55 -50.51
N ASP D 3471 -14.81 -58.11 -50.08
CA ASP D 3471 -15.01 -57.76 -48.68
C ASP D 3471 -15.03 -59.00 -47.81
N ASN D 3472 -14.39 -58.89 -46.64
CA ASN D 3472 -14.33 -60.03 -45.72
C ASN D 3472 -15.68 -60.32 -45.09
N SER D 3473 -16.51 -59.28 -44.90
CA SER D 3473 -17.82 -59.49 -44.29
C SER D 3473 -18.78 -60.17 -45.27
N PHE D 3474 -18.76 -59.76 -46.54
CA PHE D 3474 -19.63 -60.40 -47.52
C PHE D 3474 -19.16 -61.80 -47.86
N LEU D 3475 -17.85 -62.03 -47.87
CA LEU D 3475 -17.34 -63.36 -48.16
C LEU D 3475 -17.63 -64.34 -47.04
N TYR D 3476 -17.77 -63.84 -45.81
CA TYR D 3476 -18.10 -64.72 -44.69
C TYR D 3476 -19.52 -65.26 -44.82
N LEU D 3477 -20.48 -64.39 -45.15
CA LEU D 3477 -21.85 -64.85 -45.35
C LEU D 3477 -21.99 -65.66 -46.63
N GLY D 3478 -21.19 -65.35 -47.65
CA GLY D 3478 -21.25 -66.11 -48.88
C GLY D 3478 -20.65 -67.49 -48.76
N TRP D 3479 -19.66 -67.66 -47.89
CA TRP D 3479 -19.06 -68.98 -47.69
C TRP D 3479 -20.04 -69.94 -47.01
N TYR D 3480 -21.01 -69.41 -46.27
CA TYR D 3480 -22.01 -70.26 -45.64
C TYR D 3480 -23.05 -70.75 -46.64
N MET D 3481 -23.20 -70.06 -47.77
CA MET D 3481 -24.18 -70.45 -48.78
C MET D 3481 -23.64 -71.47 -49.78
N VAL D 3482 -22.34 -71.39 -50.10
CA VAL D 3482 -21.77 -72.34 -51.04
C VAL D 3482 -21.69 -73.74 -50.41
N MET D 3483 -21.49 -73.81 -49.10
CA MET D 3483 -21.47 -75.09 -48.42
C MET D 3483 -22.87 -75.66 -48.21
N SER D 3484 -23.91 -74.83 -48.33
CA SER D 3484 -25.27 -75.32 -48.16
C SER D 3484 -25.68 -76.22 -49.31
N LEU D 3485 -25.19 -75.96 -50.52
CA LEU D 3485 -25.52 -76.81 -51.65
C LEU D 3485 -24.86 -78.17 -51.54
N LEU D 3486 -23.71 -78.26 -50.88
CA LEU D 3486 -23.02 -79.52 -50.69
C LEU D 3486 -23.73 -80.43 -49.68
N GLY D 3487 -24.67 -79.90 -48.91
CA GLY D 3487 -25.38 -80.72 -47.94
C GLY D 3487 -26.28 -81.75 -48.59
N HIS D 3488 -26.86 -81.44 -49.76
CA HIS D 3488 -27.71 -82.37 -50.46
C HIS D 3488 -26.93 -83.52 -51.11
N TYR D 3489 -25.61 -83.44 -51.12
CA TYR D 3489 -24.80 -84.51 -51.68
C TYR D 3489 -24.84 -85.75 -50.78
N ASN D 3490 -24.33 -86.86 -51.30
CA ASN D 3490 -24.29 -88.10 -50.52
C ASN D 3490 -23.42 -87.95 -49.29
N ASN D 3491 -22.35 -87.17 -49.37
CA ASN D 3491 -21.50 -86.91 -48.22
C ASN D 3491 -22.02 -85.69 -47.46
N PHE D 3492 -21.97 -85.77 -46.13
CA PHE D 3492 -22.48 -84.70 -45.30
C PHE D 3492 -21.41 -83.63 -45.08
N PHE D 3493 -21.83 -82.38 -45.10
CA PHE D 3493 -20.94 -81.24 -44.86
C PHE D 3493 -21.48 -80.29 -43.81
N PHE D 3494 -22.50 -80.70 -43.06
CA PHE D 3494 -23.07 -79.85 -42.02
C PHE D 3494 -22.15 -79.68 -40.83
N ALA D 3495 -21.07 -80.47 -40.74
CA ALA D 3495 -20.08 -80.26 -39.69
C ALA D 3495 -19.36 -78.92 -39.88
N ALA D 3496 -19.19 -78.48 -41.13
CA ALA D 3496 -18.63 -77.16 -41.37
C ALA D 3496 -19.56 -76.06 -40.88
N HIS D 3497 -20.87 -76.30 -40.93
CA HIS D 3497 -21.82 -75.34 -40.37
C HIS D 3497 -21.70 -75.27 -38.85
N LEU D 3498 -21.20 -76.33 -38.22
CA LEU D 3498 -20.99 -76.31 -36.77
C LEU D 3498 -19.84 -75.40 -36.38
N LEU D 3499 -19.00 -74.99 -37.33
CA LEU D 3499 -17.95 -74.04 -37.03
C LEU D 3499 -18.46 -72.60 -37.05
N ASP D 3500 -19.57 -72.36 -37.74
CA ASP D 3500 -20.15 -71.02 -37.78
C ASP D 3500 -20.94 -70.72 -36.51
N ILE D 3501 -21.68 -71.71 -35.99
CA ILE D 3501 -22.51 -71.49 -34.81
C ILE D 3501 -21.65 -71.19 -33.59
N ALA D 3502 -20.40 -71.68 -33.58
CA ALA D 3502 -19.50 -71.38 -32.47
C ALA D 3502 -19.22 -69.88 -32.40
N MET D 3503 -19.18 -69.21 -33.53
CA MET D 3503 -19.01 -67.76 -33.55
C MET D 3503 -20.33 -67.06 -33.27
N GLY D 3504 -20.25 -65.76 -33.03
CA GLY D 3504 -21.43 -64.96 -32.76
C GLY D 3504 -21.45 -64.39 -31.35
N VAL D 3505 -21.00 -65.18 -30.38
CA VAL D 3505 -20.95 -64.74 -28.99
C VAL D 3505 -19.56 -64.21 -28.69
N LYS D 3506 -19.50 -63.10 -27.95
CA LYS D 3506 -18.22 -62.47 -27.64
C LYS D 3506 -17.37 -63.28 -26.68
N THR D 3507 -17.97 -64.16 -25.88
CA THR D 3507 -17.20 -64.97 -24.95
C THR D 3507 -16.35 -66.01 -25.68
N LEU D 3508 -16.97 -66.77 -26.57
CA LEU D 3508 -16.25 -67.78 -27.34
C LEU D 3508 -15.38 -67.20 -28.44
N ARG D 3509 -15.59 -65.93 -28.81
CA ARG D 3509 -14.79 -65.31 -29.86
C ARG D 3509 -13.34 -65.08 -29.44
N THR D 3510 -13.07 -65.04 -28.13
CA THR D 3510 -11.71 -64.83 -27.66
C THR D 3510 -10.81 -66.04 -27.90
N ILE D 3511 -11.39 -67.23 -28.04
CA ILE D 3511 -10.58 -68.42 -28.26
C ILE D 3511 -9.99 -68.42 -29.66
N LEU D 3512 -10.82 -68.15 -30.68
CA LEU D 3512 -10.32 -68.11 -32.04
C LEU D 3512 -9.37 -66.94 -32.27
N SER D 3513 -9.53 -65.86 -31.50
CA SER D 3513 -8.66 -64.70 -31.67
C SER D 3513 -7.31 -64.93 -31.01
N SER D 3514 -7.30 -65.47 -29.80
CA SER D 3514 -6.05 -65.65 -29.06
C SER D 3514 -5.12 -66.66 -29.71
N VAL D 3515 -5.65 -67.61 -30.47
CA VAL D 3515 -4.80 -68.59 -31.14
C VAL D 3515 -3.95 -67.90 -32.22
N THR D 3516 -4.56 -66.99 -32.97
CA THR D 3516 -3.86 -66.26 -34.01
C THR D 3516 -3.15 -65.01 -33.48
N HIS D 3517 -3.69 -64.37 -32.44
CA HIS D 3517 -3.07 -63.19 -31.88
C HIS D 3517 -1.68 -63.52 -31.35
N ASN D 3518 -0.73 -62.61 -31.61
CA ASN D 3518 0.68 -62.82 -31.28
C ASN D 3518 1.20 -64.11 -31.90
N GLY D 3519 0.78 -64.37 -33.14
CA GLY D 3519 1.18 -65.57 -33.84
C GLY D 3519 2.55 -65.50 -34.50
N LYS D 3520 3.14 -64.31 -34.57
CA LYS D 3520 4.49 -64.20 -35.13
C LYS D 3520 5.50 -64.95 -34.28
N GLN D 3521 5.28 -65.00 -32.96
CA GLN D 3521 6.13 -65.81 -32.10
C GLN D 3521 5.77 -67.29 -32.12
N LEU D 3522 4.52 -67.62 -32.45
CA LEU D 3522 4.09 -69.01 -32.44
C LEU D 3522 4.83 -69.82 -33.51
N VAL D 3523 4.93 -69.27 -34.72
CA VAL D 3523 5.65 -69.95 -35.79
C VAL D 3523 7.14 -70.04 -35.43
N MET D 3524 7.63 -69.13 -34.60
CA MET D 3524 9.04 -69.14 -34.23
C MET D 3524 9.36 -70.28 -33.28
N THR D 3525 8.60 -70.42 -32.19
CA THR D 3525 8.89 -71.47 -31.23
C THR D 3525 8.61 -72.86 -31.81
N VAL D 3526 7.59 -72.98 -32.66
CA VAL D 3526 7.35 -74.24 -33.35
C VAL D 3526 8.52 -74.57 -34.26
N GLY D 3527 9.05 -73.56 -34.96
CA GLY D 3527 10.28 -73.75 -35.71
C GLY D 3527 11.46 -74.07 -34.79
N LEU D 3528 11.50 -73.43 -33.63
CA LEU D 3528 12.50 -73.81 -32.62
C LEU D 3528 12.27 -75.21 -32.10
N LEU D 3529 11.00 -75.64 -32.04
CA LEU D 3529 10.70 -77.00 -31.60
C LEU D 3529 11.06 -78.03 -32.67
N ALA D 3530 11.09 -77.62 -33.94
CA ALA D 3530 11.41 -78.55 -35.01
C ALA D 3530 12.91 -78.75 -35.19
N VAL D 3531 13.71 -77.77 -34.80
CA VAL D 3531 15.16 -77.89 -34.99
C VAL D 3531 15.79 -78.63 -33.81
N VAL D 3532 15.25 -78.50 -32.61
CA VAL D 3532 15.85 -79.16 -31.45
C VAL D 3532 15.69 -80.67 -31.57
N VAL D 3533 14.55 -81.14 -32.07
CA VAL D 3533 14.37 -82.57 -32.28
C VAL D 3533 15.18 -83.05 -33.48
N TYR D 3534 15.51 -82.14 -34.42
CA TYR D 3534 16.35 -82.52 -35.55
C TYR D 3534 17.79 -82.77 -35.10
N LEU D 3535 18.27 -81.99 -34.14
CA LEU D 3535 19.61 -82.24 -33.59
C LEU D 3535 19.66 -83.55 -32.82
N TYR D 3536 18.59 -83.89 -32.10
CA TYR D 3536 18.54 -85.17 -31.40
C TYR D 3536 18.25 -86.32 -32.35
N THR D 3537 17.84 -86.03 -33.59
CA THR D 3537 17.59 -87.10 -34.57
C THR D 3537 18.88 -87.58 -35.21
N VAL D 3538 19.79 -86.65 -35.53
CA VAL D 3538 21.03 -87.05 -36.19
C VAL D 3538 21.96 -87.78 -35.22
N VAL D 3539 21.84 -87.50 -33.91
CA VAL D 3539 22.67 -88.21 -32.94
C VAL D 3539 22.10 -89.61 -32.68
N ALA D 3540 20.80 -89.80 -32.92
CA ALA D 3540 20.22 -91.13 -32.81
C ALA D 3540 20.53 -91.98 -34.03
N PHE D 3541 20.60 -91.35 -35.20
CA PHE D 3541 20.94 -92.08 -36.42
C PHE D 3541 22.42 -92.46 -36.45
N ASN D 3542 23.26 -91.73 -35.72
CA ASN D 3542 24.69 -92.02 -35.73
C ASN D 3542 25.06 -93.11 -34.73
N PHE D 3543 24.52 -93.03 -33.52
CA PHE D 3543 24.88 -93.95 -32.45
C PHE D 3543 23.75 -94.88 -32.04
N PHE D 3544 22.57 -94.33 -31.74
CA PHE D 3544 21.46 -95.12 -31.23
C PHE D 3544 20.69 -95.80 -32.37
N ARG D 3545 21.39 -96.71 -33.05
CA ARG D 3545 20.80 -97.47 -34.13
C ARG D 3545 20.18 -98.78 -33.67
N LYS D 3546 20.77 -99.42 -32.66
CA LYS D 3546 20.29 -100.69 -32.13
C LYS D 3546 19.33 -100.52 -30.96
N PHE D 3547 18.68 -99.37 -30.85
CA PHE D 3547 17.77 -99.09 -29.74
C PHE D 3547 16.33 -98.88 -30.17
N TYR D 3548 16.09 -98.40 -31.38
CA TYR D 3548 14.73 -98.13 -31.86
C TYR D 3548 14.21 -99.36 -32.58
N ASN D 3549 13.59 -100.26 -31.81
CA ASN D 3549 13.01 -101.50 -32.34
C ASN D 3549 11.62 -101.64 -31.74
N LYS D 3550 10.61 -101.10 -32.43
CA LYS D 3550 9.24 -101.16 -31.92
C LYS D 3550 8.66 -102.56 -32.04
N SER D 3551 9.08 -103.32 -33.05
CA SER D 3551 8.55 -104.66 -33.24
C SER D 3551 9.07 -105.60 -32.17
N GLU D 3552 8.21 -106.52 -31.73
CA GLU D 3552 8.56 -107.50 -30.71
C GLU D 3552 8.72 -108.91 -31.28
N ASP D 3553 8.52 -109.10 -32.57
CA ASP D 3553 8.64 -110.41 -33.19
C ASP D 3553 10.13 -110.71 -33.46
N GLU D 3554 10.38 -111.77 -34.23
CA GLU D 3554 11.76 -112.13 -34.55
C GLU D 3554 12.42 -111.06 -35.44
N ASP D 3555 11.78 -110.75 -36.56
CA ASP D 3555 12.30 -109.70 -37.44
C ASP D 3555 12.01 -108.33 -36.84
N GLU D 3556 12.68 -107.31 -37.39
CA GLU D 3556 12.53 -105.94 -36.94
C GLU D 3556 12.16 -105.06 -38.14
N PRO D 3557 10.90 -105.12 -38.59
CA PRO D 3557 10.49 -104.27 -39.71
C PRO D 3557 10.19 -102.85 -39.27
N ASP D 3558 9.80 -102.68 -38.01
CA ASP D 3558 9.47 -101.37 -37.48
C ASP D 3558 10.68 -100.55 -37.08
N MET D 3559 11.89 -101.06 -37.30
CA MET D 3559 13.11 -100.32 -36.98
C MET D 3559 13.21 -99.10 -37.90
N LYS D 3560 13.01 -97.91 -37.33
CA LYS D 3560 13.04 -96.68 -38.12
C LYS D 3560 14.45 -96.24 -38.44
N CYS D 3561 15.47 -96.88 -37.86
CA CYS D 3561 16.86 -96.47 -38.09
C CYS D 3561 17.34 -96.77 -39.51
N ASP D 3562 16.55 -97.47 -40.31
CA ASP D 3562 16.96 -97.76 -41.68
C ASP D 3562 16.94 -96.50 -42.55
N ASP D 3563 15.92 -95.67 -42.37
CA ASP D 3563 15.77 -94.43 -43.13
C ASP D 3563 15.89 -93.23 -42.20
N MET D 3564 16.62 -92.21 -42.65
CA MET D 3564 16.80 -91.01 -41.84
C MET D 3564 15.53 -90.18 -41.73
N MET D 3565 14.60 -90.33 -42.69
CA MET D 3565 13.35 -89.59 -42.62
C MET D 3565 12.34 -90.27 -41.70
N THR D 3566 12.42 -91.59 -41.57
CA THR D 3566 11.49 -92.29 -40.69
C THR D 3566 11.79 -92.00 -39.23
N CYS D 3567 13.06 -91.77 -38.88
CA CYS D 3567 13.40 -91.42 -37.50
C CYS D 3567 12.82 -90.06 -37.12
N TYR D 3568 12.79 -89.12 -38.06
CA TYR D 3568 12.23 -87.80 -37.77
C TYR D 3568 10.73 -87.89 -37.52
N LEU D 3569 10.02 -88.69 -38.31
CA LEU D 3569 8.59 -88.84 -38.12
C LEU D 3569 8.29 -89.65 -36.86
N PHE D 3570 9.17 -90.58 -36.50
CA PHE D 3570 8.95 -91.39 -35.31
C PHE D 3570 9.21 -90.59 -34.03
N HIS D 3571 10.23 -89.74 -34.04
CA HIS D 3571 10.57 -88.96 -32.85
C HIS D 3571 9.59 -87.82 -32.64
N MET D 3572 9.10 -87.22 -33.73
CA MET D 3572 8.20 -86.08 -33.60
C MET D 3572 6.79 -86.53 -33.22
N TYR D 3573 6.33 -87.64 -33.81
CA TYR D 3573 4.96 -88.10 -33.56
C TYR D 3573 4.85 -88.71 -32.16
N VAL D 3574 5.75 -89.63 -31.82
CA VAL D 3574 5.65 -90.34 -30.55
C VAL D 3574 6.19 -89.49 -29.41
N GLY D 3575 7.28 -88.76 -29.65
CA GLY D 3575 7.92 -88.03 -28.56
C GLY D 3575 7.05 -86.92 -28.00
N VAL D 3576 6.48 -86.09 -28.88
CA VAL D 3576 5.71 -84.94 -28.40
C VAL D 3576 4.36 -85.37 -27.87
N ARG D 3577 3.70 -86.33 -28.52
CA ARG D 3577 2.34 -86.70 -28.14
C ARG D 3577 2.31 -87.46 -26.82
N ALA D 3578 3.29 -88.34 -26.60
CA ALA D 3578 3.29 -89.14 -25.37
C ALA D 3578 3.51 -88.26 -24.15
N GLY D 3579 4.51 -87.39 -24.19
CA GLY D 3579 4.84 -86.52 -23.09
C GLY D 3579 5.74 -87.12 -22.02
N GLY D 3580 5.89 -88.45 -22.00
CA GLY D 3580 6.75 -89.09 -21.03
C GLY D 3580 8.16 -89.31 -21.55
N GLY D 3581 8.57 -88.49 -22.51
CA GLY D 3581 9.90 -88.61 -23.09
C GLY D 3581 10.02 -89.82 -24.01
N ILE D 3582 11.26 -90.02 -24.48
CA ILE D 3582 11.55 -91.13 -25.38
C ILE D 3582 11.75 -92.45 -24.65
N GLY D 3583 11.80 -92.43 -23.32
CA GLY D 3583 12.01 -93.64 -22.54
C GLY D 3583 10.89 -94.65 -22.62
N ASP D 3584 9.74 -94.27 -23.18
CA ASP D 3584 8.62 -95.20 -23.31
C ASP D 3584 8.66 -95.98 -24.61
N GLU D 3585 9.17 -95.37 -25.70
CA GLU D 3585 9.22 -96.07 -26.97
C GLU D 3585 10.46 -96.95 -27.09
N ILE D 3586 11.58 -96.52 -26.50
CA ILE D 3586 12.81 -97.31 -26.57
C ILE D 3586 12.69 -98.55 -25.69
N GLU D 3587 13.52 -99.54 -25.99
CA GLU D 3587 13.54 -100.78 -25.23
C GLU D 3587 14.32 -100.60 -23.93
N ASP D 3588 14.44 -101.67 -23.17
CA ASP D 3588 15.16 -101.63 -21.90
C ASP D 3588 16.65 -101.50 -22.17
N PRO D 3589 17.32 -100.45 -21.67
CA PRO D 3589 18.76 -100.31 -21.91
C PRO D 3589 19.58 -101.28 -21.09
N ALA D 3590 19.57 -102.55 -21.48
CA ALA D 3590 20.33 -103.59 -20.78
C ALA D 3590 21.74 -103.78 -21.34
N GLY D 3591 22.04 -103.21 -22.50
CA GLY D 3591 23.36 -103.37 -23.08
C GLY D 3591 24.40 -102.53 -22.36
N ASP D 3592 25.58 -103.12 -22.16
CA ASP D 3592 26.66 -102.41 -21.48
C ASP D 3592 27.25 -101.31 -22.36
N GLU D 3593 27.16 -101.46 -23.68
CA GLU D 3593 27.71 -100.46 -24.59
C GLU D 3593 26.82 -99.22 -24.58
N TYR D 3594 27.42 -98.07 -24.25
CA TYR D 3594 26.71 -96.79 -24.20
C TYR D 3594 25.53 -96.86 -23.23
N GLU D 3595 25.73 -97.51 -22.09
CA GLU D 3595 24.67 -97.63 -21.10
C GLU D 3595 24.41 -96.29 -20.40
N LEU D 3596 25.44 -95.73 -19.77
CA LEU D 3596 25.28 -94.45 -19.09
C LEU D 3596 25.11 -93.31 -20.08
N TYR D 3597 25.62 -93.46 -21.31
CA TYR D 3597 25.48 -92.40 -22.30
C TYR D 3597 24.05 -92.29 -22.78
N ARG D 3598 23.33 -93.41 -22.88
CA ARG D 3598 21.94 -93.37 -23.29
C ARG D 3598 21.03 -92.89 -22.16
N VAL D 3599 21.46 -93.07 -20.91
CA VAL D 3599 20.64 -92.63 -19.77
C VAL D 3599 20.63 -91.12 -19.69
N VAL D 3600 21.81 -90.49 -19.76
CA VAL D 3600 21.87 -89.03 -19.68
C VAL D 3600 21.24 -88.39 -20.91
N PHE D 3601 21.25 -89.09 -22.05
CA PHE D 3601 20.66 -88.53 -23.26
C PHE D 3601 19.15 -88.37 -23.12
N ASP D 3602 18.47 -89.38 -22.58
CA ASP D 3602 17.03 -89.28 -22.39
C ASP D 3602 16.66 -88.33 -21.26
N ILE D 3603 17.58 -88.11 -20.31
CA ILE D 3603 17.30 -87.20 -19.21
C ILE D 3603 17.24 -85.77 -19.70
N THR D 3604 18.25 -85.33 -20.46
CA THR D 3604 18.23 -83.99 -21.02
C THR D 3604 17.19 -83.84 -22.11
N PHE D 3605 16.80 -84.95 -22.75
CA PHE D 3605 15.74 -84.89 -23.75
C PHE D 3605 14.38 -84.64 -23.08
N PHE D 3606 14.17 -85.21 -21.90
CA PHE D 3606 12.92 -84.97 -21.17
C PHE D 3606 12.88 -83.58 -20.56
N PHE D 3607 14.04 -83.01 -20.23
CA PHE D 3607 14.07 -81.72 -19.55
C PHE D 3607 13.84 -80.57 -20.51
N PHE D 3608 14.17 -80.75 -21.80
CA PHE D 3608 14.16 -79.62 -22.72
C PHE D 3608 12.85 -79.53 -23.50
N VAL D 3609 12.52 -80.58 -24.26
CA VAL D 3609 11.40 -80.44 -25.21
C VAL D 3609 10.06 -80.65 -24.52
N ILE D 3610 10.02 -81.30 -23.36
CA ILE D 3610 8.76 -81.44 -22.63
C ILE D 3610 8.56 -80.28 -21.67
N VAL D 3611 9.58 -79.96 -20.88
CA VAL D 3611 9.44 -78.94 -19.85
C VAL D 3611 9.54 -77.54 -20.44
N ILE D 3612 10.65 -77.26 -21.14
CA ILE D 3612 10.90 -75.90 -21.61
C ILE D 3612 10.08 -75.59 -22.86
N LEU D 3613 10.11 -76.49 -23.84
CA LEU D 3613 9.49 -76.20 -25.13
C LEU D 3613 7.97 -76.10 -25.02
N LEU D 3614 7.33 -77.08 -24.39
CA LEU D 3614 5.87 -77.06 -24.28
C LEU D 3614 5.37 -75.91 -23.42
N ALA D 3615 6.19 -75.41 -22.49
CA ALA D 3615 5.77 -74.28 -21.67
C ALA D 3615 5.64 -73.01 -22.50
N ILE D 3616 6.51 -72.85 -23.50
CA ILE D 3616 6.41 -71.69 -24.38
C ILE D 3616 5.15 -71.78 -25.24
N ILE D 3617 4.74 -73.00 -25.59
CA ILE D 3617 3.50 -73.17 -26.35
C ILE D 3617 2.29 -72.84 -25.49
N GLN D 3618 2.30 -73.29 -24.24
CA GLN D 3618 1.16 -73.02 -23.36
C GLN D 3618 1.18 -71.58 -22.86
N GLY D 3619 2.37 -71.05 -22.55
CA GLY D 3619 2.44 -69.74 -21.92
C GLY D 3619 1.98 -68.62 -22.84
N LEU D 3620 2.41 -68.66 -24.10
CA LEU D 3620 2.09 -67.59 -25.03
C LEU D 3620 0.61 -67.56 -25.38
N ILE D 3621 -0.06 -68.71 -25.35
CA ILE D 3621 -1.47 -68.76 -25.70
C ILE D 3621 -2.32 -68.27 -24.54
N ILE D 3622 -2.04 -68.74 -23.32
CA ILE D 3622 -2.83 -68.34 -22.16
C ILE D 3622 -2.56 -66.89 -21.80
N ASP D 3623 -1.38 -66.37 -22.13
CA ASP D 3623 -1.10 -64.96 -21.87
C ASP D 3623 -1.84 -64.06 -22.84
N ALA D 3624 -2.04 -64.51 -24.09
CA ALA D 3624 -2.81 -63.72 -25.03
C ALA D 3624 -4.27 -63.63 -24.62
N PHE D 3625 -4.82 -64.70 -24.05
CA PHE D 3625 -6.18 -64.66 -23.54
C PHE D 3625 -6.29 -63.74 -22.34
N GLY D 3626 -5.34 -63.84 -21.41
CA GLY D 3626 -5.36 -62.98 -20.23
C GLY D 3626 -5.13 -61.52 -20.56
N GLU D 3627 -4.24 -61.25 -21.53
CA GLU D 3627 -3.99 -59.87 -21.93
C GLU D 3627 -5.18 -59.28 -22.66
N LEU D 3628 -5.82 -60.07 -23.53
CA LEU D 3628 -7.00 -59.58 -24.24
C LEU D 3628 -8.18 -59.42 -23.31
N ARG D 3629 -8.34 -60.35 -22.36
CA ARG D 3629 -9.41 -60.21 -21.37
C ARG D 3629 -9.17 -59.00 -20.47
N ASP D 3630 -7.92 -58.77 -20.09
CA ASP D 3630 -7.60 -57.57 -19.32
C ASP D 3630 -7.77 -56.32 -20.17
N GLN D 3631 -7.50 -56.41 -21.47
CA GLN D 3631 -7.72 -55.26 -22.36
C GLN D 3631 -9.20 -54.94 -22.49
N GLN D 3632 -10.04 -55.97 -22.64
CA GLN D 3632 -11.48 -55.74 -22.68
C GLN D 3632 -12.01 -55.28 -21.34
N GLU D 3633 -11.39 -55.71 -20.24
CA GLU D 3633 -11.80 -55.24 -18.92
C GLU D 3633 -11.28 -53.84 -18.64
N GLN D 3634 -10.15 -53.47 -19.25
CA GLN D 3634 -9.62 -52.12 -19.05
C GLN D 3634 -10.48 -51.08 -19.75
N VAL D 3635 -10.84 -51.34 -21.02
CA VAL D 3635 -11.66 -50.38 -21.75
C VAL D 3635 -13.05 -50.30 -21.15
N ARG D 3636 -13.56 -51.40 -20.59
CA ARG D 3636 -14.85 -51.36 -19.89
C ARG D 3636 -14.75 -50.50 -18.63
N GLU D 3637 -13.63 -50.63 -17.90
CA GLU D 3637 -13.41 -49.77 -16.74
C GLU D 3637 -12.91 -48.39 -17.14
N ASP D 3638 -12.40 -48.24 -18.36
CA ASP D 3638 -11.92 -46.94 -18.82
C ASP D 3638 -13.07 -45.94 -18.98
N MET D 3639 -14.30 -46.42 -19.17
CA MET D 3639 -15.44 -45.52 -19.32
C MET D 3639 -15.76 -44.75 -18.05
N GLU D 3640 -15.22 -45.16 -16.91
CA GLU D 3640 -15.42 -44.47 -15.65
C GLU D 3640 -14.21 -43.66 -15.20
N THR D 3641 -13.00 -44.07 -15.58
CA THR D 3641 -11.79 -43.35 -15.22
C THR D 3641 -11.23 -42.51 -16.37
N LYS D 3642 -11.92 -42.47 -17.51
CA LYS D 3642 -11.46 -41.69 -18.64
C LYS D 3642 -12.61 -41.51 -19.62
N CYS D 3643 -12.45 -40.56 -20.53
CA CYS D 3643 -13.43 -40.33 -21.59
C CYS D 3643 -12.75 -39.53 -22.70
N PHE D 3644 -12.63 -40.12 -23.89
CA PHE D 3644 -11.99 -39.45 -25.00
C PHE D 3644 -12.89 -38.41 -25.66
N ILE D 3645 -14.20 -38.46 -25.42
CA ILE D 3645 -15.13 -37.55 -26.08
C ILE D 3645 -15.56 -36.39 -25.19
N CYS D 3646 -15.31 -36.45 -23.89
CA CYS D 3646 -15.76 -35.39 -23.00
C CYS D 3646 -14.93 -34.13 -23.19
N GLY D 3647 -13.63 -34.22 -22.91
CA GLY D 3647 -12.72 -33.09 -22.98
C GLY D 3647 -11.97 -32.82 -21.70
N ILE D 3648 -12.57 -33.08 -20.54
CA ILE D 3648 -11.91 -32.88 -19.26
C ILE D 3648 -11.19 -34.14 -18.79
N GLY D 3649 -11.83 -35.29 -18.93
CA GLY D 3649 -11.17 -36.54 -18.59
C GLY D 3649 -12.02 -37.51 -17.79
N SER D 3650 -11.50 -37.93 -16.63
CA SER D 3650 -12.16 -38.92 -15.80
C SER D 3650 -13.51 -38.44 -15.31
N ASP D 3651 -13.52 -37.39 -14.50
CA ASP D 3651 -14.75 -36.85 -13.92
C ASP D 3651 -14.42 -35.54 -13.22
N TYR D 3652 -15.40 -34.66 -13.16
CA TYR D 3652 -15.25 -33.38 -12.47
C TYR D 3652 -15.43 -33.52 -10.95
N PHE D 3653 -15.54 -34.75 -10.44
CA PHE D 3653 -15.71 -34.96 -9.00
C PHE D 3653 -14.48 -34.57 -8.19
N ASP D 3654 -13.33 -34.35 -8.83
CA ASP D 3654 -12.15 -33.94 -8.10
C ASP D 3654 -12.26 -32.52 -7.55
N THR D 3655 -13.11 -31.69 -8.16
CA THR D 3655 -13.33 -30.32 -7.69
C THR D 3655 -14.60 -30.18 -6.86
N THR D 3656 -15.72 -30.68 -7.37
CA THR D 3656 -16.99 -30.62 -6.65
C THR D 3656 -17.37 -31.99 -6.11
N PRO D 3657 -17.98 -32.06 -4.92
CA PRO D 3657 -18.34 -33.37 -4.35
C PRO D 3657 -19.39 -34.12 -5.15
N HIS D 3658 -20.22 -33.43 -5.92
CA HIS D 3658 -21.32 -34.07 -6.66
C HIS D 3658 -21.24 -33.69 -8.13
N ARG D 3659 -20.04 -33.78 -8.71
CA ARG D 3659 -19.82 -33.51 -10.12
C ARG D 3659 -19.44 -34.76 -10.89
N PHE D 3660 -19.51 -35.93 -10.26
CA PHE D 3660 -19.18 -37.18 -10.96
C PHE D 3660 -20.26 -37.55 -11.97
N GLU D 3661 -21.53 -37.45 -11.57
CA GLU D 3661 -22.61 -37.74 -12.49
C GLU D 3661 -22.97 -36.54 -13.35
N THR D 3662 -22.81 -35.33 -12.83
CA THR D 3662 -23.14 -34.13 -13.59
C THR D 3662 -22.20 -33.91 -14.78
N HIS D 3663 -20.99 -34.48 -14.73
CA HIS D 3663 -20.06 -34.32 -15.85
C HIS D 3663 -20.58 -35.04 -17.10
N THR D 3664 -20.90 -36.32 -16.97
CA THR D 3664 -21.36 -37.14 -18.09
C THR D 3664 -22.87 -37.02 -18.34
N LEU D 3665 -23.49 -35.94 -17.87
CA LEU D 3665 -24.93 -35.76 -18.01
C LEU D 3665 -25.29 -34.60 -18.95
N GLU D 3666 -24.78 -33.41 -18.69
CA GLU D 3666 -25.13 -32.23 -19.47
C GLU D 3666 -23.95 -31.64 -20.22
N GLU D 3667 -22.86 -31.32 -19.54
CA GLU D 3667 -21.73 -30.66 -20.19
C GLU D 3667 -20.88 -31.63 -20.99
N HIS D 3668 -20.52 -32.76 -20.40
CA HIS D 3668 -19.66 -33.74 -21.06
C HIS D 3668 -20.37 -35.07 -21.19
N ASN D 3669 -21.63 -35.05 -21.63
CA ASN D 3669 -22.41 -36.28 -21.75
C ASN D 3669 -21.81 -37.22 -22.77
N LEU D 3670 -21.13 -36.69 -23.78
CA LEU D 3670 -20.49 -37.48 -24.84
C LEU D 3670 -21.47 -38.39 -25.57
N ALA D 3671 -22.76 -38.05 -25.54
CA ALA D 3671 -23.79 -38.84 -26.20
C ALA D 3671 -24.78 -37.91 -26.88
N ASN D 3672 -25.56 -38.47 -27.80
CA ASN D 3672 -26.56 -37.75 -28.58
C ASN D 3672 -25.96 -36.60 -29.38
N TYR D 3673 -24.63 -36.63 -29.63
CA TYR D 3673 -24.00 -35.59 -30.41
C TYR D 3673 -24.33 -35.71 -31.90
N MET D 3674 -24.83 -36.87 -32.34
CA MET D 3674 -25.27 -37.00 -33.72
C MET D 3674 -26.48 -36.12 -34.00
N PHE D 3675 -27.28 -35.81 -32.97
CA PHE D 3675 -28.40 -34.89 -33.14
C PHE D 3675 -27.90 -33.47 -33.39
N PHE D 3676 -26.74 -33.12 -32.85
CA PHE D 3676 -26.17 -31.80 -33.11
C PHE D 3676 -25.78 -31.66 -34.58
N LEU D 3677 -25.12 -32.67 -35.14
CA LEU D 3677 -24.81 -32.65 -36.56
C LEU D 3677 -26.07 -32.77 -37.42
N MET D 3678 -27.09 -33.46 -36.90
CA MET D 3678 -28.37 -33.53 -37.62
C MET D 3678 -29.03 -32.17 -37.68
N TYR D 3679 -28.88 -31.35 -36.63
CA TYR D 3679 -29.47 -30.02 -36.63
C TYR D 3679 -28.84 -29.12 -37.68
N LEU D 3680 -27.54 -29.29 -37.92
CA LEU D 3680 -26.87 -28.49 -38.94
C LEU D 3680 -27.21 -28.96 -40.35
N ILE D 3681 -27.48 -30.25 -40.51
CA ILE D 3681 -27.82 -30.77 -41.84
C ILE D 3681 -29.27 -30.50 -42.18
N ASN D 3682 -30.18 -30.72 -41.21
CA ASN D 3682 -31.60 -30.51 -41.47
C ASN D 3682 -31.91 -29.02 -41.66
N LYS D 3683 -31.53 -28.19 -40.70
CA LYS D 3683 -31.76 -26.76 -40.81
C LYS D 3683 -30.80 -26.14 -41.82
N ASP D 3684 -31.27 -25.10 -42.51
CA ASP D 3684 -30.46 -24.42 -43.51
C ASP D 3684 -29.41 -23.56 -42.84
N GLU D 3685 -28.51 -23.01 -43.66
CA GLU D 3685 -27.45 -22.17 -43.14
C GLU D 3685 -27.97 -20.84 -42.61
N THR D 3686 -29.11 -20.37 -43.15
CA THR D 3686 -29.69 -19.12 -42.69
C THR D 3686 -30.40 -19.25 -41.35
N GLU D 3687 -30.64 -20.46 -40.87
CA GLU D 3687 -31.32 -20.70 -39.59
C GLU D 3687 -30.33 -21.05 -38.48
N HIS D 3688 -29.06 -20.69 -38.63
CA HIS D 3688 -28.04 -21.00 -37.64
C HIS D 3688 -27.72 -19.76 -36.81
N THR D 3689 -27.19 -19.99 -35.63
CA THR D 3689 -26.82 -18.94 -34.70
C THR D 3689 -25.32 -18.65 -34.81
N GLY D 3690 -24.81 -17.80 -33.91
CA GLY D 3690 -23.39 -17.49 -33.93
C GLY D 3690 -22.51 -18.65 -33.58
N GLN D 3691 -23.03 -19.60 -32.79
CA GLN D 3691 -22.29 -20.80 -32.43
C GLN D 3691 -22.48 -21.92 -33.44
N GLU D 3692 -23.67 -22.05 -34.03
CA GLU D 3692 -23.90 -23.08 -35.04
C GLU D 3692 -23.18 -22.75 -36.33
N SER D 3693 -23.00 -21.47 -36.65
CA SER D 3693 -22.28 -21.09 -37.86
C SER D 3693 -20.78 -21.25 -37.69
N TYR D 3694 -20.27 -21.13 -36.46
CA TYR D 3694 -18.83 -21.30 -36.24
C TYR D 3694 -18.41 -22.74 -36.39
N VAL D 3695 -19.19 -23.67 -35.83
CA VAL D 3695 -18.85 -25.09 -35.96
C VAL D 3695 -19.08 -25.57 -37.39
N TRP D 3696 -20.08 -25.01 -38.08
CA TRP D 3696 -20.31 -25.38 -39.47
C TRP D 3696 -19.21 -24.87 -40.38
N LYS D 3697 -18.62 -23.72 -40.06
CA LYS D 3697 -17.51 -23.20 -40.86
C LYS D 3697 -16.27 -24.06 -40.70
N MET D 3698 -16.00 -24.54 -39.49
CA MET D 3698 -14.87 -25.44 -39.26
C MET D 3698 -15.13 -26.85 -39.75
N TYR D 3699 -16.40 -27.27 -39.82
CA TYR D 3699 -16.72 -28.61 -40.30
C TYR D 3699 -16.36 -28.78 -41.77
N GLN D 3700 -16.59 -27.73 -42.58
CA GLN D 3700 -16.25 -27.81 -44.00
C GLN D 3700 -14.75 -27.76 -44.23
N GLU D 3701 -13.99 -27.20 -43.30
CA GLU D 3701 -12.54 -27.12 -43.45
C GLU D 3701 -11.90 -28.45 -43.05
N ARG D 3702 -10.57 -28.50 -43.16
CA ARG D 3702 -9.79 -29.70 -42.84
C ARG D 3702 -9.43 -29.78 -41.36
N CYS D 3703 -10.12 -29.04 -40.50
CA CYS D 3703 -9.87 -29.04 -39.07
C CYS D 3703 -11.13 -29.50 -38.34
N TRP D 3704 -10.94 -30.35 -37.33
CA TRP D 3704 -12.03 -30.90 -36.53
C TRP D 3704 -11.78 -30.65 -35.05
N ASP D 3705 -11.38 -29.43 -34.73
CA ASP D 3705 -11.10 -29.04 -33.34
C ASP D 3705 -12.31 -28.40 -32.66
N PHE D 3706 -13.51 -28.62 -33.18
CA PHE D 3706 -14.71 -28.06 -32.57
C PHE D 3706 -15.04 -28.72 -31.25
N PHE D 3707 -14.50 -29.91 -30.98
CA PHE D 3707 -14.70 -30.55 -29.68
C PHE D 3707 -13.97 -29.74 -28.60
N PRO D 3708 -14.48 -29.77 -27.36
CA PRO D 3708 -13.84 -28.99 -26.28
C PRO D 3708 -12.38 -29.37 -26.07
N ALA D 3709 -12.14 -30.64 -25.73
CA ALA D 3709 -10.79 -31.16 -25.51
C ALA D 3709 -10.02 -30.30 -24.52
N GLY D 3710 -10.71 -29.82 -23.49
CA GLY D 3710 -10.09 -28.95 -22.51
C GLY D 3710 -10.87 -28.83 -21.22
N ASP D 3711 -10.95 -27.62 -20.68
CA ASP D 3711 -11.64 -27.39 -19.42
C ASP D 3711 -13.13 -27.66 -19.55
N CYS D 3712 -13.74 -28.08 -18.44
CA CYS D 3712 -15.16 -28.40 -18.40
C CYS D 3712 -15.95 -27.15 -18.01
N PHE D 3713 -17.23 -27.33 -17.68
CA PHE D 3713 -18.09 -26.22 -17.29
C PHE D 3713 -17.67 -25.60 -15.97
N ARG D 3714 -16.85 -26.28 -15.17
CA ARG D 3714 -16.42 -25.73 -13.89
C ARG D 3714 -15.55 -24.50 -14.09
N LYS D 3715 -14.71 -24.50 -15.12
CA LYS D 3715 -13.87 -23.33 -15.38
C LYS D 3715 -14.67 -22.15 -15.90
N GLN D 3716 -15.78 -22.41 -16.58
CA GLN D 3716 -16.62 -21.34 -17.11
C GLN D 3716 -17.40 -20.65 -15.99
N GLY E 1 115.70 49.85 -40.18
CA GLY E 1 116.67 49.41 -39.21
C GLY E 1 117.06 47.95 -39.36
N VAL E 2 117.05 47.47 -40.61
CA VAL E 2 117.40 46.08 -40.88
C VAL E 2 118.91 45.90 -40.74
N GLU E 3 119.30 44.81 -40.07
CA GLU E 3 120.71 44.50 -39.88
C GLU E 3 120.94 43.02 -40.14
N ILE E 4 122.13 42.70 -40.63
CA ILE E 4 122.52 41.33 -40.95
C ILE E 4 123.81 41.01 -40.21
N GLU E 5 123.76 39.99 -39.36
CA GLU E 5 124.93 39.53 -38.61
C GLU E 5 125.31 38.16 -39.14
N THR E 6 126.46 38.08 -39.80
CA THR E 6 126.90 36.83 -40.39
C THR E 6 127.22 35.79 -39.32
N ILE E 7 126.75 34.57 -39.54
CA ILE E 7 126.96 33.46 -38.60
C ILE E 7 127.73 32.38 -39.34
N SER E 8 129.02 32.24 -39.00
CA SER E 8 129.92 31.25 -39.58
C SER E 8 129.91 31.32 -41.09
N PRO E 9 130.51 32.36 -41.69
CA PRO E 9 130.53 32.53 -43.15
C PRO E 9 131.38 31.46 -43.84
N ARG E 13 131.71 35.28 -52.93
CA ARG E 13 130.57 36.20 -53.02
C ARG E 13 129.65 35.80 -54.17
N THR E 14 128.49 35.24 -53.82
CA THR E 14 127.48 34.81 -54.79
C THR E 14 126.15 35.45 -54.40
N PHE E 15 125.89 36.62 -54.96
CA PHE E 15 124.65 37.33 -54.67
C PHE E 15 123.49 36.74 -55.48
N PRO E 16 122.29 36.70 -54.91
CA PRO E 16 121.15 36.16 -55.64
C PRO E 16 120.80 37.01 -56.84
N LYS E 17 120.39 36.34 -57.92
CA LYS E 17 120.02 37.04 -59.14
C LYS E 17 118.58 37.49 -59.09
N LYS E 18 118.27 38.56 -59.82
CA LYS E 18 116.92 39.10 -59.86
C LYS E 18 116.00 38.15 -60.61
N GLY E 19 114.86 37.83 -60.01
CA GLY E 19 113.89 36.94 -60.63
C GLY E 19 114.34 35.49 -60.67
N GLN E 20 114.99 35.01 -59.61
CA GLN E 20 115.46 33.64 -59.54
C GLN E 20 115.08 33.03 -58.20
N THR E 21 114.77 31.74 -58.22
CA THR E 21 114.38 31.04 -57.00
C THR E 21 115.61 30.64 -56.20
N CYS E 22 115.44 30.60 -54.87
CA CYS E 22 116.54 30.27 -53.97
C CYS E 22 115.95 29.53 -52.78
N VAL E 23 116.36 28.28 -52.59
CA VAL E 23 115.89 27.45 -51.48
C VAL E 23 116.73 27.76 -50.25
N VAL E 24 116.09 27.75 -49.08
CA VAL E 24 116.77 28.06 -47.83
C VAL E 24 115.93 27.49 -46.69
N HIS E 25 116.61 27.02 -45.65
CA HIS E 25 115.96 26.52 -44.44
C HIS E 25 116.07 27.62 -43.38
N TYR E 26 114.96 28.32 -43.13
CA TYR E 26 114.93 29.45 -42.22
C TYR E 26 114.19 29.09 -40.94
N THR E 27 114.54 29.78 -39.86
CA THR E 27 113.92 29.59 -38.56
C THR E 27 113.54 30.94 -37.98
N GLY E 28 112.35 31.01 -37.39
CA GLY E 28 111.84 32.25 -36.83
C GLY E 28 111.95 32.26 -35.33
N MET E 29 112.07 33.46 -34.75
CA MET E 29 112.24 33.61 -33.33
C MET E 29 111.62 34.93 -32.89
N LEU E 30 110.93 34.91 -31.75
CA LEU E 30 110.39 36.10 -31.14
C LEU E 30 111.19 36.43 -29.87
N GLN E 31 110.97 37.64 -29.36
CA GLN E 31 111.70 38.09 -28.18
C GLN E 31 111.36 37.25 -26.96
N ASN E 32 110.16 36.66 -26.91
CA ASN E 32 109.79 35.85 -25.76
C ASN E 32 110.49 34.50 -25.77
N GLY E 33 110.68 33.90 -26.94
CA GLY E 33 111.33 32.62 -27.06
C GLY E 33 110.49 31.52 -27.68
N LYS E 34 109.33 31.84 -28.24
CA LYS E 34 108.48 30.85 -28.86
C LYS E 34 108.78 30.74 -30.35
N LYS E 35 108.69 29.52 -30.88
CA LYS E 35 108.98 29.25 -32.28
C LYS E 35 107.67 29.26 -33.06
N PHE E 36 107.41 30.36 -33.76
CA PHE E 36 106.20 30.46 -34.56
C PHE E 36 106.32 29.75 -35.90
N ASP E 37 107.53 29.40 -36.33
CA ASP E 37 107.73 28.60 -37.52
C ASP E 37 109.11 27.97 -37.48
N SER E 38 109.25 26.83 -38.15
CA SER E 38 110.52 26.12 -38.19
C SER E 38 110.56 25.28 -39.46
N SER E 39 111.35 25.69 -40.44
CA SER E 39 111.47 24.92 -41.67
C SER E 39 112.28 23.65 -41.47
N ARG E 40 113.19 23.65 -40.50
CA ARG E 40 113.98 22.45 -40.23
C ARG E 40 113.12 21.36 -39.60
N ASP E 41 112.15 21.73 -38.76
CA ASP E 41 111.28 20.73 -38.15
C ASP E 41 110.32 20.13 -39.17
N ARG E 42 109.89 20.93 -40.16
CA ARG E 42 108.99 20.42 -41.18
C ARG E 42 109.68 19.48 -42.16
N ASN E 43 111.01 19.52 -42.23
CA ASN E 43 111.79 18.66 -43.11
C ASN E 43 111.42 18.85 -44.58
N LYS E 44 111.01 20.08 -44.94
CA LYS E 44 110.63 20.39 -46.31
C LYS E 44 111.38 21.65 -46.73
N PRO E 45 112.17 21.62 -47.81
CA PRO E 45 112.89 22.82 -48.24
C PRO E 45 111.94 23.85 -48.81
N PHE E 46 112.02 25.07 -48.29
CA PHE E 46 111.17 26.15 -48.76
C PHE E 46 111.79 26.83 -49.98
N LYS E 47 110.93 27.20 -50.92
CA LYS E 47 111.36 27.85 -52.15
C LYS E 47 110.51 29.09 -52.38
N PHE E 48 111.14 30.12 -52.94
CA PHE E 48 110.46 31.39 -53.20
C PHE E 48 111.21 32.13 -54.30
N ARG E 49 110.51 33.08 -54.92
CA ARG E 49 111.07 33.90 -55.97
C ARG E 49 111.15 35.35 -55.51
N ILE E 50 112.21 36.05 -55.93
CA ILE E 50 112.40 37.43 -55.51
C ILE E 50 111.46 38.35 -56.28
N GLY E 51 111.37 38.17 -57.60
CA GLY E 51 110.51 39.00 -58.42
C GLY E 51 109.04 38.72 -58.29
N LYS E 52 108.66 37.57 -57.71
CA LYS E 52 107.25 37.25 -57.57
C LYS E 52 106.55 38.08 -56.50
N GLN E 53 107.31 38.59 -55.52
CA GLN E 53 106.76 39.42 -54.45
C GLN E 53 105.67 38.68 -53.67
N GLU E 54 105.92 37.40 -53.38
CA GLU E 54 105.00 36.58 -52.60
C GLU E 54 105.45 36.40 -51.17
N VAL E 55 106.60 36.97 -50.79
CA VAL E 55 107.13 36.87 -49.44
C VAL E 55 107.24 38.29 -48.88
N ILE E 56 107.25 38.39 -47.55
CA ILE E 56 107.34 39.70 -46.90
C ILE E 56 108.63 40.40 -47.33
N LYS E 57 108.58 41.74 -47.32
CA LYS E 57 109.70 42.53 -47.81
C LYS E 57 110.95 42.34 -46.96
N GLY E 58 110.79 42.12 -45.66
CA GLY E 58 111.96 41.95 -44.80
C GLY E 58 112.74 40.68 -45.13
N PHE E 59 112.05 39.57 -45.35
CA PHE E 59 112.74 38.33 -45.70
C PHE E 59 113.46 38.45 -47.03
N GLU E 60 112.82 39.09 -48.01
CA GLU E 60 113.47 39.27 -49.31
C GLU E 60 114.68 40.18 -49.21
N GLU E 61 114.57 41.27 -48.45
CA GLU E 61 115.70 42.17 -48.26
C GLU E 61 116.85 41.48 -47.54
N GLY E 62 116.54 40.59 -46.59
CA GLY E 62 117.59 39.87 -45.90
C GLY E 62 118.24 38.81 -46.78
N ALA E 63 117.44 38.16 -47.63
CA ALA E 63 117.99 37.13 -48.51
C ALA E 63 118.79 37.74 -49.66
N ALA E 64 118.46 38.98 -50.05
CA ALA E 64 119.21 39.63 -51.12
C ALA E 64 120.66 39.89 -50.73
N GLN E 65 120.92 40.15 -49.45
CA GLN E 65 122.26 40.41 -48.97
C GLN E 65 123.00 39.15 -48.54
N MET E 66 122.32 38.01 -48.48
CA MET E 66 122.95 36.77 -48.08
C MET E 66 123.79 36.19 -49.22
N SER E 67 124.48 35.10 -48.94
CA SER E 67 125.33 34.43 -49.91
C SER E 67 125.09 32.92 -49.85
N LEU E 68 125.73 32.20 -50.76
CA LEU E 68 125.57 30.75 -50.83
C LEU E 68 126.32 30.08 -49.68
N GLY E 69 125.65 29.15 -49.01
CA GLY E 69 126.24 28.42 -47.90
C GLY E 69 126.62 29.30 -46.73
N GLN E 70 125.68 30.12 -46.26
CA GLN E 70 125.94 31.03 -45.16
C GLN E 70 124.63 31.35 -44.47
N ARG E 71 124.63 31.28 -43.14
CA ARG E 71 123.47 31.61 -42.33
C ARG E 71 123.69 32.92 -41.60
N ALA E 72 122.60 33.64 -41.35
CA ALA E 72 122.68 34.94 -40.69
C ALA E 72 121.32 35.27 -40.10
N LYS E 73 121.34 35.90 -38.92
CA LYS E 73 120.10 36.32 -38.26
C LYS E 73 119.62 37.61 -38.90
N LEU E 74 118.61 37.49 -39.77
CA LEU E 74 118.07 38.64 -40.50
C LEU E 74 117.03 39.32 -39.63
N THR E 75 117.45 40.33 -38.88
CA THR E 75 116.54 41.11 -38.06
C THR E 75 115.72 42.04 -38.94
N CYS E 76 114.41 41.83 -38.97
CA CYS E 76 113.51 42.60 -39.82
C CYS E 76 112.78 43.67 -39.02
N THR E 77 112.44 44.76 -39.69
CA THR E 77 111.70 45.84 -39.05
C THR E 77 110.23 45.44 -38.87
N PRO E 78 109.57 46.01 -37.87
CA PRO E 78 108.13 45.69 -37.68
C PRO E 78 107.26 46.12 -38.85
N ASP E 79 107.63 47.20 -39.56
CA ASP E 79 106.80 47.68 -40.65
C ASP E 79 106.96 46.85 -41.92
N VAL E 80 108.17 46.35 -42.20
CA VAL E 80 108.40 45.57 -43.41
C VAL E 80 107.84 44.16 -43.33
N ALA E 81 107.39 43.72 -42.15
CA ALA E 81 106.83 42.38 -42.00
C ALA E 81 105.75 42.45 -40.93
N TYR E 82 104.49 42.33 -41.35
CA TYR E 82 103.33 42.37 -40.45
C TYR E 82 103.31 43.67 -39.65
N GLY E 83 103.18 44.78 -40.37
CA GLY E 83 103.17 46.09 -39.77
C GLY E 83 102.01 46.31 -38.81
N ALA E 84 100.79 46.19 -39.31
CA ALA E 84 99.59 46.36 -38.50
C ALA E 84 98.93 45.05 -38.11
N THR E 85 99.05 44.02 -38.95
CA THR E 85 98.46 42.72 -38.66
C THR E 85 99.15 41.66 -39.51
N GLY E 86 99.15 40.44 -39.00
CA GLY E 86 99.73 39.30 -39.69
C GLY E 86 98.77 38.12 -39.68
N HIS E 87 99.32 36.93 -39.53
CA HIS E 87 98.50 35.73 -39.45
C HIS E 87 97.72 35.74 -38.14
N PRO E 88 96.41 35.52 -38.16
CA PRO E 88 95.64 35.52 -36.92
C PRO E 88 96.03 34.39 -35.99
N GLY E 89 96.63 34.73 -34.85
CA GLY E 89 97.04 33.74 -33.86
C GLY E 89 98.50 33.35 -33.92
N VAL E 90 99.22 33.74 -34.97
CA VAL E 90 100.62 33.37 -35.14
C VAL E 90 101.55 34.49 -34.71
N ILE E 91 101.33 35.70 -35.23
CA ILE E 91 102.17 36.86 -34.95
C ILE E 91 101.31 37.90 -34.28
N PRO E 92 101.69 38.42 -33.10
CA PRO E 92 100.90 39.47 -32.48
C PRO E 92 101.14 40.80 -33.17
N PRO E 93 100.18 41.72 -33.12
CA PRO E 93 100.39 43.05 -33.72
C PRO E 93 101.44 43.84 -32.97
N ASN E 94 102.10 44.75 -33.69
CA ASN E 94 103.17 45.60 -33.15
C ASN E 94 104.25 44.75 -32.50
N ALA E 95 104.86 43.89 -33.30
CA ALA E 95 105.93 43.03 -32.82
C ALA E 95 106.93 42.79 -33.95
N THR E 96 108.18 42.57 -33.56
CA THR E 96 109.25 42.32 -34.51
C THR E 96 109.20 40.87 -34.98
N LEU E 97 110.12 40.53 -35.89
CA LEU E 97 110.19 39.18 -36.43
C LEU E 97 111.63 38.90 -36.87
N ILE E 98 112.30 38.01 -36.16
CA ILE E 98 113.69 37.66 -36.45
C ILE E 98 113.69 36.34 -37.19
N PHE E 99 114.30 36.33 -38.38
CA PHE E 99 114.39 35.13 -39.21
C PHE E 99 115.85 34.78 -39.43
N ASP E 100 116.25 33.61 -38.94
CA ASP E 100 117.61 33.11 -39.12
C ASP E 100 117.67 32.39 -40.46
N VAL E 101 117.88 33.16 -41.53
CA VAL E 101 117.90 32.61 -42.88
C VAL E 101 119.22 31.90 -43.13
N GLU E 102 119.14 30.71 -43.71
CA GLU E 102 120.31 29.90 -44.07
C GLU E 102 120.20 29.58 -45.55
N LEU E 103 120.78 30.43 -46.39
CA LEU E 103 120.67 30.28 -47.84
C LEU E 103 121.45 29.05 -48.28
N LEU E 104 120.77 28.13 -48.94
CA LEU E 104 121.36 26.91 -49.49
C LEU E 104 120.88 26.69 -50.92
N ASN E 105 120.89 27.75 -51.71
CA ASN E 105 120.41 27.69 -53.07
C ASN E 105 121.45 27.02 -53.98
N LEU E 106 121.03 26.71 -55.20
CA LEU E 106 121.90 26.07 -56.17
C LEU E 106 122.18 27.01 -57.36
N PHE F 1 35.12 4.86 16.59
CA PHE F 1 36.48 4.33 16.74
C PHE F 1 37.26 4.45 15.43
N LEU F 2 38.43 5.07 15.52
CA LEU F 2 39.27 5.26 14.34
C LEU F 2 39.97 3.95 13.96
N ARG F 3 40.49 3.91 12.74
CA ARG F 3 41.21 2.76 12.21
C ARG F 3 42.54 3.24 11.65
N THR F 4 43.29 2.29 11.07
CA THR F 4 44.58 2.62 10.50
C THR F 4 44.42 3.34 9.17
N ASP F 5 45.50 3.98 8.73
CA ASP F 5 45.53 4.72 7.46
C ASP F 5 44.46 5.80 7.42
N ASP F 6 44.36 6.59 8.48
CA ASP F 6 43.39 7.66 8.59
C ASP F 6 44.08 8.97 8.91
N GLU F 7 43.50 10.07 8.44
CA GLU F 7 44.03 11.41 8.68
C GLU F 7 43.51 11.92 10.02
N VAL F 8 44.42 12.42 10.85
CA VAL F 8 44.09 12.89 12.19
C VAL F 8 44.62 14.31 12.36
N VAL F 9 44.02 15.04 13.30
CA VAL F 9 44.38 16.43 13.59
C VAL F 9 44.34 16.64 15.09
N LEU F 10 45.47 17.06 15.66
CA LEU F 10 45.58 17.30 17.09
C LEU F 10 45.11 18.72 17.43
N GLN F 11 44.49 18.86 18.60
CA GLN F 11 43.99 20.15 19.06
C GLN F 11 44.10 20.22 20.57
N CYS F 12 44.50 21.38 21.08
CA CYS F 12 44.64 21.61 22.51
C CYS F 12 43.93 22.89 22.90
N ASN F 13 43.59 22.99 24.18
CA ASN F 13 42.88 24.14 24.72
C ASN F 13 43.82 24.92 25.64
N ALA F 14 43.83 26.24 25.50
CA ALA F 14 44.64 27.13 26.32
C ALA F 14 43.73 28.18 26.93
N THR F 15 43.66 28.20 28.26
CA THR F 15 42.79 29.12 28.99
C THR F 15 43.37 30.53 28.89
N VAL F 16 42.83 31.34 27.98
CA VAL F 16 43.27 32.72 27.81
C VAL F 16 42.58 33.59 28.83
N LEU F 17 43.08 34.83 29.01
CA LEU F 17 42.48 35.74 29.98
C LEU F 17 41.10 36.20 29.54
N LYS F 18 40.86 36.31 28.23
CA LYS F 18 39.56 36.76 27.74
C LYS F 18 38.53 35.64 27.82
N GLU F 19 38.78 34.53 27.13
CA GLU F 19 37.87 33.39 27.12
C GLU F 19 38.66 32.15 26.72
N GLN F 20 37.95 31.05 26.56
CA GLN F 20 38.59 29.79 26.17
C GLN F 20 39.03 29.86 24.71
N LEU F 21 40.31 29.57 24.48
CA LEU F 21 40.89 29.60 23.14
C LEU F 21 41.57 28.27 22.86
N LYS F 22 41.23 27.65 21.73
CA LYS F 22 41.79 26.37 21.34
C LYS F 22 42.58 26.55 20.05
N LEU F 23 43.88 26.29 20.12
CA LEU F 23 44.77 26.43 18.98
C LEU F 23 44.97 25.07 18.30
N CYS F 24 45.71 25.08 17.21
CA CYS F 24 45.99 23.87 16.44
C CYS F 24 47.44 23.88 16.00
N LEU F 25 48.14 22.77 16.24
CA LEU F 25 49.54 22.66 15.84
C LEU F 25 49.65 22.50 14.33
N ALA F 26 50.60 23.22 13.74
CA ALA F 26 50.82 23.16 12.30
C ALA F 26 52.29 23.40 12.01
N ALA F 27 52.84 22.62 11.09
CA ALA F 27 54.24 22.71 10.70
C ALA F 27 54.33 23.14 9.24
N GLU F 28 55.22 24.09 8.96
CA GLU F 28 55.38 24.56 7.58
C GLU F 28 56.05 23.50 6.71
N GLY F 29 56.95 22.71 7.27
CA GLY F 29 57.63 21.68 6.51
C GLY F 29 58.90 22.17 5.84
N PHE F 30 58.80 22.47 4.55
CA PHE F 30 59.96 22.96 3.80
C PHE F 30 60.33 24.36 4.27
N GLY F 31 61.58 24.53 4.70
CA GLY F 31 62.10 25.80 5.15
C GLY F 31 61.99 26.03 6.64
N ASN F 32 60.97 25.48 7.29
CA ASN F 32 60.76 25.64 8.72
C ASN F 32 60.55 24.27 9.35
N ARG F 33 61.54 23.79 10.10
CA ARG F 33 61.40 22.51 10.77
C ARG F 33 60.55 22.62 12.03
N LEU F 34 60.49 23.80 12.64
CA LEU F 34 59.70 24.01 13.84
C LEU F 34 58.24 24.27 13.49
N CYS F 35 57.35 23.88 14.39
CA CYS F 35 55.91 24.07 14.23
C CYS F 35 55.39 25.04 15.26
N PHE F 36 54.35 25.77 14.88
CA PHE F 36 53.70 26.74 15.75
C PHE F 36 52.23 26.35 15.96
N LEU F 37 51.49 27.24 16.62
CA LEU F 37 50.09 27.01 16.90
C LEU F 37 49.21 27.90 16.03
N GLU F 38 48.00 27.43 15.78
CA GLU F 38 47.04 28.16 14.95
C GLU F 38 45.65 28.08 15.60
N PRO F 39 45.11 29.22 16.07
CA PRO F 39 43.79 29.19 16.70
C PRO F 39 42.70 28.92 15.67
N THR F 40 41.96 27.83 15.88
CA THR F 40 40.89 27.43 14.98
C THR F 40 39.50 27.70 15.55
N SER F 41 39.40 28.35 16.71
CA SER F 41 38.09 28.65 17.28
C SER F 41 37.35 29.71 16.49
N ASN F 42 38.08 30.70 15.94
CA ASN F 42 37.47 31.75 15.14
C ASN F 42 37.57 31.39 13.66
N ALA F 43 36.81 30.36 13.30
CA ALA F 43 36.78 29.87 11.92
C ALA F 43 35.72 30.53 11.06
N GLN F 44 34.81 31.30 11.66
CA GLN F 44 33.75 31.95 10.89
C GLN F 44 34.29 33.17 10.14
N ASN F 45 35.07 34.01 10.82
CA ASN F 45 35.62 35.20 10.19
C ASN F 45 36.85 34.88 9.35
N VAL F 46 37.86 34.29 9.98
CA VAL F 46 39.10 33.93 9.29
C VAL F 46 39.21 32.41 9.23
N PRO F 47 38.98 31.79 8.07
CA PRO F 47 39.09 30.33 7.97
C PRO F 47 40.54 29.89 8.09
N PRO F 48 40.84 28.99 9.02
CA PRO F 48 42.23 28.53 9.18
C PRO F 48 42.64 27.63 8.03
N ASP F 49 43.95 27.37 7.97
CA ASP F 49 44.53 26.52 6.92
C ASP F 49 44.62 25.10 7.48
N LEU F 50 43.57 24.31 7.23
CA LEU F 50 43.54 22.93 7.68
C LEU F 50 44.28 21.97 6.76
N ALA F 51 44.73 22.44 5.59
CA ALA F 51 45.41 21.58 4.64
C ALA F 51 46.87 21.34 4.99
N ILE F 52 47.45 22.14 5.89
CA ILE F 52 48.86 21.98 6.24
C ILE F 52 49.04 21.15 7.51
N CYS F 53 48.03 21.09 8.37
CA CYS F 53 48.12 20.36 9.63
C CYS F 53 47.55 18.94 9.53
N CYS F 54 47.52 18.37 8.32
CA CYS F 54 47.03 17.01 8.15
C CYS F 54 48.08 16.01 8.59
N PHE F 55 47.72 15.17 9.56
CA PHE F 55 48.60 14.15 10.09
C PHE F 55 47.96 12.78 9.89
N VAL F 56 48.74 11.82 9.40
CA VAL F 56 48.26 10.45 9.23
C VAL F 56 49.12 9.53 10.09
N LEU F 57 48.51 8.46 10.57
CA LEU F 57 49.22 7.44 11.31
C LEU F 57 49.71 6.38 10.33
N GLU F 58 50.94 5.91 10.54
CA GLU F 58 51.55 4.94 9.62
C GLU F 58 51.44 3.52 10.16
N GLN F 59 51.90 3.30 11.39
CA GLN F 59 51.87 1.97 11.99
C GLN F 59 51.87 2.12 13.51
N SER F 60 51.20 1.21 14.19
CA SER F 60 51.08 1.27 15.64
C SER F 60 51.19 -0.14 16.22
N LEU F 61 52.25 -0.37 16.98
CA LEU F 61 52.45 -1.63 17.68
C LEU F 61 52.56 -1.31 19.17
N SER F 62 52.68 -2.36 19.98
CA SER F 62 52.94 -2.14 21.39
C SER F 62 54.35 -1.58 21.59
N VAL F 63 54.60 -1.09 22.81
CA VAL F 63 55.91 -0.50 23.10
C VAL F 63 57.00 -1.58 23.10
N ARG F 64 56.69 -2.79 23.54
CA ARG F 64 57.68 -3.86 23.53
C ARG F 64 57.99 -4.30 22.09
N ALA F 65 56.96 -4.45 21.27
CA ALA F 65 57.18 -4.77 19.86
C ALA F 65 57.93 -3.66 19.14
N LEU F 66 57.62 -2.41 19.47
CA LEU F 66 58.33 -1.28 18.86
C LEU F 66 59.80 -1.28 19.26
N GLN F 67 60.09 -1.54 20.54
CA GLN F 67 61.48 -1.60 20.97
C GLN F 67 62.22 -2.75 20.33
N GLU F 68 61.56 -3.91 20.19
CA GLU F 68 62.20 -5.06 19.56
C GLU F 68 62.45 -4.80 18.08
N MET F 69 61.54 -4.10 17.41
CA MET F 69 61.74 -3.79 15.99
C MET F 69 62.83 -2.75 15.81
N LEU F 70 62.91 -1.76 16.71
CA LEU F 70 63.96 -0.74 16.60
C LEU F 70 65.32 -1.30 16.94
N ALA F 71 65.39 -2.27 17.87
CA ALA F 71 66.68 -2.86 18.23
C ALA F 71 67.23 -3.72 17.10
N ASN F 72 66.36 -4.31 16.28
CA ASN F 72 66.81 -5.15 15.18
C ASN F 72 67.01 -4.33 13.90
N GLY F 73 49.19 -3.94 7.65
CA GLY F 73 47.75 -4.09 7.48
C GLY F 73 46.94 -3.13 8.34
N HIS F 74 45.67 -2.98 7.99
CA HIS F 74 44.79 -2.08 8.73
C HIS F 74 44.39 -2.72 10.07
N ARG F 75 44.47 -1.92 11.13
CA ARG F 75 44.11 -2.39 12.46
C ARG F 75 43.71 -1.21 13.32
N THR F 76 42.89 -1.47 14.33
CA THR F 76 42.44 -0.42 15.23
C THR F 76 43.55 0.00 16.18
N LEU F 77 43.58 1.29 16.51
CA LEU F 77 44.58 1.83 17.41
C LEU F 77 44.04 1.83 18.83
N LEU F 78 44.72 1.10 19.72
CA LEU F 78 44.32 1.00 21.11
C LEU F 78 45.30 1.75 21.99
N TYR F 79 44.89 1.98 23.23
CA TYR F 79 45.74 2.70 24.19
C TYR F 79 46.95 1.84 24.56
N GLY F 80 48.03 2.51 24.93
CA GLY F 80 49.27 1.86 25.26
C GLY F 80 50.16 1.55 24.08
N HIS F 81 49.66 1.69 22.86
CA HIS F 81 50.44 1.43 21.66
C HIS F 81 50.91 2.76 21.06
N ALA F 82 52.18 2.83 20.70
CA ALA F 82 52.74 4.06 20.15
C ALA F 82 52.23 4.30 18.74
N ILE F 83 51.83 5.53 18.46
CA ILE F 83 51.29 5.90 17.16
C ILE F 83 52.29 6.77 16.43
N LEU F 84 52.22 6.75 15.10
CA LEU F 84 53.11 7.52 14.26
C LEU F 84 52.51 8.89 13.97
N LEU F 85 53.39 9.90 13.92
CA LEU F 85 52.98 11.28 13.66
C LEU F 85 53.86 11.83 12.55
N ARG F 86 53.25 12.17 11.41
CA ARG F 86 53.98 12.67 10.26
C ARG F 86 53.15 13.75 9.55
N HIS F 87 53.84 14.58 8.79
CA HIS F 87 53.21 15.63 8.00
C HIS F 87 52.87 15.10 6.62
N ALA F 88 51.62 15.33 6.20
CA ALA F 88 51.18 14.83 4.90
C ALA F 88 51.71 15.69 3.75
N HIS F 89 51.78 17.01 3.95
CA HIS F 89 52.24 17.90 2.89
C HIS F 89 53.74 17.78 2.68
N SER F 90 54.52 17.97 3.73
CA SER F 90 55.98 17.92 3.60
C SER F 90 56.47 16.49 3.40
N GLY F 91 55.88 15.54 4.11
CA GLY F 91 56.28 14.15 4.03
C GLY F 91 57.27 13.70 5.08
N MET F 92 57.79 14.62 5.89
CA MET F 92 58.74 14.26 6.93
C MET F 92 58.01 13.70 8.15
N TYR F 93 58.78 13.16 9.09
CA TYR F 93 58.25 12.58 10.31
C TYR F 93 58.48 13.55 11.47
N LEU F 94 57.41 13.84 12.21
CA LEU F 94 57.49 14.74 13.35
C LEU F 94 58.03 14.00 14.56
N SER F 95 59.07 14.57 15.19
CA SER F 95 59.69 13.96 16.34
C SER F 95 60.26 15.06 17.24
N CYS F 96 60.64 14.67 18.45
CA CYS F 96 61.18 15.61 19.41
C CYS F 96 62.61 15.97 19.03
N LEU F 97 62.93 17.26 19.09
CA LEU F 97 64.27 17.73 18.75
C LEU F 97 65.21 17.51 19.93
N THR F 98 66.51 17.47 19.62
CA THR F 98 67.52 17.25 20.65
C THR F 98 67.78 18.52 21.46
N THR F 99 67.94 19.65 20.79
CA THR F 99 68.24 20.92 21.43
C THR F 99 67.15 21.93 21.12
N SER F 100 66.66 22.61 22.17
CA SER F 100 65.64 23.63 22.03
C SER F 100 66.17 24.96 22.55
N ARG F 101 65.85 26.04 21.84
CA ARG F 101 66.27 27.38 22.24
C ARG F 101 65.14 28.07 23.00
N SER F 102 64.90 27.55 24.20
CA SER F 102 63.86 28.07 25.08
C SER F 102 64.49 28.79 26.26
N MET F 103 63.86 29.88 26.68
CA MET F 103 64.37 30.69 27.79
C MET F 103 63.76 30.21 29.11
N THR F 104 64.59 30.24 30.16
CA THR F 104 64.19 29.81 31.51
C THR F 104 63.64 28.39 31.51
N ASP F 105 64.17 27.54 30.62
CA ASP F 105 63.72 26.17 30.47
C ASP F 105 64.83 25.23 30.94
N LYS F 106 64.52 24.39 31.92
CA LYS F 106 65.51 23.45 32.44
C LYS F 106 65.63 22.23 31.53
N LEU F 107 64.53 21.51 31.34
CA LEU F 107 64.50 20.29 30.52
C LEU F 107 63.33 20.34 29.55
N ALA F 108 63.16 21.47 28.88
CA ALA F 108 62.12 21.66 27.89
C ALA F 108 62.73 21.56 26.50
N PHE F 109 62.36 20.51 25.75
CA PHE F 109 62.83 20.30 24.39
C PHE F 109 61.77 20.76 23.40
N ASP F 110 62.08 20.60 22.12
CA ASP F 110 61.19 21.01 21.04
C ASP F 110 60.82 19.81 20.18
N VAL F 111 59.76 19.98 19.39
CA VAL F 111 59.29 18.96 18.47
C VAL F 111 59.22 19.57 17.07
N GLY F 112 59.68 18.81 16.08
CA GLY F 112 59.70 19.29 14.72
C GLY F 112 59.75 18.15 13.74
N LEU F 113 59.25 18.40 12.53
CA LEU F 113 59.23 17.39 11.48
C LEU F 113 60.63 17.21 10.91
N GLN F 114 61.09 15.97 10.86
CA GLN F 114 62.41 15.63 10.33
C GLN F 114 62.29 14.46 9.37
N GLU F 115 63.24 14.38 8.43
CA GLU F 115 63.29 13.31 7.45
C GLU F 115 64.26 12.20 7.85
N ASP F 116 64.49 12.02 9.15
CA ASP F 116 65.42 10.99 9.61
C ASP F 116 64.83 9.59 9.41
N ALA F 117 63.59 9.39 9.85
CA ALA F 117 62.91 8.10 9.73
C ALA F 117 63.71 6.97 10.38
N THR F 118 64.18 7.24 11.60
CA THR F 118 64.99 6.29 12.36
C THR F 118 64.22 5.86 13.61
N GLY F 119 64.84 4.97 14.38
CA GLY F 119 64.21 4.45 15.57
C GLY F 119 64.20 5.40 16.75
N GLU F 120 64.99 6.46 16.70
CA GLU F 120 65.06 7.43 17.78
C GLU F 120 63.77 8.24 17.82
N ALA F 121 62.89 7.92 18.77
CA ALA F 121 61.60 8.59 18.92
C ALA F 121 60.78 8.55 17.64
N CYS F 122 60.65 7.34 17.08
CA CYS F 122 59.92 7.19 15.82
C CYS F 122 58.42 7.40 16.02
N TRP F 123 57.86 6.81 17.07
CA TRP F 123 56.42 6.88 17.34
C TRP F 123 56.19 7.44 18.74
N TRP F 124 55.16 8.26 18.87
CA TRP F 124 54.78 8.86 20.15
C TRP F 124 53.70 8.01 20.80
N THR F 125 53.98 7.52 22.00
CA THR F 125 53.00 6.72 22.73
C THR F 125 52.01 7.61 23.45
N THR F 126 50.81 7.08 23.66
CA THR F 126 49.73 7.80 24.32
C THR F 126 49.18 6.97 25.47
N HIS F 127 48.85 7.64 26.57
CA HIS F 127 48.28 6.99 27.74
C HIS F 127 46.91 7.57 28.07
N PRO F 128 45.97 6.75 28.51
CA PRO F 128 44.62 7.25 28.83
C PRO F 128 44.66 8.14 30.08
N ALA F 129 44.21 9.38 29.93
CA ALA F 129 44.19 10.30 31.05
C ALA F 129 43.01 10.05 31.98
N SER F 130 41.86 9.65 31.43
CA SER F 130 40.68 9.39 32.24
C SER F 130 40.84 8.07 32.98
N LYS F 131 40.39 8.05 34.25
CA LYS F 131 40.48 6.84 35.06
C LYS F 131 39.49 5.77 34.61
N GLN F 132 38.48 6.14 33.83
CA GLN F 132 37.50 5.15 33.37
C GLN F 132 38.12 4.19 32.37
N ARG F 133 38.96 4.69 31.46
CA ARG F 133 39.60 3.84 30.47
C ARG F 133 40.69 3.00 31.11
N SER F 134 40.95 1.84 30.51
CA SER F 134 41.95 0.90 30.99
C SER F 134 42.96 0.61 29.89
N GLU F 135 44.10 0.06 30.28
CA GLU F 135 45.14 -0.27 29.32
C GLU F 135 44.72 -1.47 28.47
N GLY F 136 45.23 -1.51 27.24
CA GLY F 136 44.89 -2.58 26.32
C GLY F 136 43.53 -2.48 25.68
N GLU F 137 42.84 -1.37 25.85
CA GLU F 137 41.51 -1.18 25.29
C GLU F 137 41.58 -0.20 24.11
N LYS F 138 40.62 -0.32 23.21
CA LYS F 138 40.58 0.54 22.04
C LYS F 138 40.28 1.98 22.44
N VAL F 139 40.98 2.91 21.81
CA VAL F 139 40.80 4.33 22.09
C VAL F 139 39.56 4.84 21.37
N ARG F 140 38.80 5.69 22.04
CA ARG F 140 37.59 6.27 21.46
C ARG F 140 37.94 7.48 20.60
N VAL F 141 36.92 8.08 20.01
CA VAL F 141 37.08 9.28 19.18
C VAL F 141 36.68 10.49 19.99
N GLY F 142 37.40 11.60 19.80
CA GLY F 142 37.13 12.82 20.52
C GLY F 142 37.55 12.82 21.97
N ASP F 143 38.20 11.77 22.45
CA ASP F 143 38.60 11.69 23.84
C ASP F 143 39.95 12.39 24.06
N ASP F 144 40.22 12.70 25.33
CA ASP F 144 41.48 13.35 25.69
C ASP F 144 42.61 12.34 25.74
N LEU F 145 43.81 12.78 25.36
CA LEU F 145 44.98 11.92 25.37
C LEU F 145 46.22 12.77 25.54
N ILE F 146 47.29 12.14 26.04
CA ILE F 146 48.56 12.81 26.28
C ILE F 146 49.59 12.23 25.33
N LEU F 147 50.60 13.04 25.01
CA LEU F 147 51.71 12.65 24.14
C LEU F 147 52.95 12.43 24.98
N VAL F 148 53.48 11.22 24.96
CA VAL F 148 54.65 10.84 25.75
C VAL F 148 55.78 10.49 24.79
N SER F 149 56.96 11.06 25.01
CA SER F 149 58.10 10.79 24.17
C SER F 149 58.79 9.49 24.59
N VAL F 150 59.57 8.94 23.68
CA VAL F 150 60.30 7.70 23.92
C VAL F 150 61.80 7.97 24.13
N SER F 151 62.39 8.83 23.30
CA SER F 151 63.80 9.13 23.43
C SER F 151 64.07 10.07 24.61
N SER F 152 63.22 11.09 24.77
CA SER F 152 63.38 12.05 25.86
C SER F 152 62.44 11.80 27.03
N GLU F 153 61.38 11.00 26.83
CA GLU F 153 60.41 10.69 27.89
C GLU F 153 59.77 11.97 28.44
N ARG F 154 59.39 12.87 27.54
CA ARG F 154 58.76 14.13 27.89
C ARG F 154 57.30 14.13 27.45
N TYR F 155 56.56 15.13 27.95
CA TYR F 155 55.15 15.29 27.63
C TYR F 155 54.95 16.54 26.78
N LEU F 156 53.90 16.51 25.96
CA LEU F 156 53.55 17.65 25.11
C LEU F 156 52.96 18.75 25.98
N HIS F 157 53.75 19.79 26.25
CA HIS F 157 53.33 20.89 27.10
C HIS F 157 53.24 22.18 26.28
N LEU F 158 52.29 23.03 26.65
CA LEU F 158 52.06 24.32 25.99
C LEU F 158 52.50 25.41 26.95
N SER F 159 53.79 25.75 26.90
CA SER F 159 54.36 26.78 27.76
C SER F 159 54.29 28.12 27.05
N THR F 160 53.67 29.11 27.69
CA THR F 160 53.52 30.46 27.13
C THR F 160 53.98 31.46 28.19
N ALA F 161 55.28 31.77 28.18
CA ALA F 161 55.80 32.77 29.11
C ALA F 161 55.44 34.18 28.68
N SER F 162 55.56 34.48 27.39
CA SER F 162 55.20 35.78 26.86
C SER F 162 53.74 35.74 26.40
N GLY F 163 53.31 36.77 25.66
CA GLY F 163 51.96 36.81 25.16
C GLY F 163 51.65 35.70 24.17
N GLU F 164 52.65 35.28 23.41
CA GLU F 164 52.48 34.19 22.45
C GLU F 164 52.66 32.84 23.14
N LEU F 165 52.25 31.78 22.45
CA LEU F 165 52.35 30.43 22.95
C LEU F 165 53.24 29.61 22.01
N GLN F 166 54.01 28.70 22.60
CA GLN F 166 54.90 27.83 21.85
C GLN F 166 54.90 26.43 22.48
N VAL F 167 54.64 25.43 21.65
CA VAL F 167 54.59 24.05 22.13
C VAL F 167 56.02 23.55 22.32
N ASP F 168 56.30 23.02 23.52
CA ASP F 168 57.62 22.50 23.83
C ASP F 168 57.47 21.28 24.74
N ALA F 169 58.24 20.23 24.44
CA ALA F 169 58.16 19.01 25.23
C ALA F 169 58.78 19.21 26.60
N SER F 170 57.95 19.05 27.64
CA SER F 170 58.41 19.21 29.01
C SER F 170 57.73 18.15 29.87
N PHE F 171 58.12 18.11 31.15
CA PHE F 171 57.57 17.11 32.05
C PHE F 171 56.22 17.51 32.63
N MET F 172 55.82 18.78 32.48
CA MET F 172 54.50 19.21 32.92
C MET F 172 53.45 18.66 31.97
N GLN F 173 52.66 17.69 32.46
CA GLN F 173 51.67 17.04 31.63
C GLN F 173 50.56 18.00 31.22
N THR F 174 50.07 17.82 30.00
CA THR F 174 48.98 18.65 29.46
C THR F 174 48.11 17.78 28.58
N LEU F 175 46.79 17.87 28.80
CA LEU F 175 45.85 17.08 28.01
C LEU F 175 45.75 17.62 26.59
N TRP F 176 45.34 16.74 25.67
CA TRP F 176 45.16 17.10 24.27
C TRP F 176 43.94 16.38 23.72
N ASN F 177 43.23 17.06 22.82
CA ASN F 177 42.03 16.52 22.20
C ASN F 177 42.39 15.86 20.88
N MET F 178 41.96 14.61 20.71
CA MET F 178 42.26 13.82 19.53
C MET F 178 40.98 13.57 18.76
N ASN F 179 40.90 14.09 17.54
CA ASN F 179 39.72 13.90 16.70
C ASN F 179 40.12 13.62 15.26
N PRO F 180 39.70 12.50 14.70
CA PRO F 180 40.03 12.20 13.30
C PRO F 180 39.19 12.98 12.32
N ILE F 181 39.74 13.18 11.13
CA ILE F 181 39.07 13.94 10.09
C ILE F 181 38.67 13.08 8.89
N CYS F 182 39.46 12.07 8.53
CA CYS F 182 39.17 11.22 7.37
C CYS F 182 39.55 9.79 7.72
N SER F 183 38.55 9.00 8.12
CA SER F 183 38.78 7.59 8.45
C SER F 183 38.80 6.73 7.19
N GLY F 184 37.74 6.80 6.38
CA GLY F 184 37.67 6.04 5.16
C GLY F 184 37.44 6.90 3.94
N CYS F 185 38.36 6.83 2.97
CA CYS F 185 38.28 7.61 1.75
C CYS F 185 37.56 6.78 0.68
N GLU F 186 36.37 7.23 0.29
CA GLU F 186 35.61 6.52 -0.73
C GLU F 186 36.21 6.77 -2.10
N GLU F 187 36.57 5.70 -2.80
CA GLU F 187 37.17 5.83 -4.12
C GLU F 187 36.12 6.25 -5.15
N GLY F 188 36.50 7.20 -5.99
CA GLY F 188 35.61 7.69 -7.02
C GLY F 188 34.67 8.81 -6.60
N TYR F 189 35.00 9.54 -5.54
CA TYR F 189 34.17 10.62 -5.06
C TYR F 189 35.06 11.77 -4.59
N VAL F 190 34.59 13.00 -4.81
CA VAL F 190 35.34 14.18 -4.42
C VAL F 190 35.18 14.40 -2.92
N THR F 191 36.27 14.75 -2.25
CA THR F 191 36.29 14.95 -0.81
C THR F 191 36.85 16.33 -0.50
N GLY F 192 36.23 17.00 0.48
CA GLY F 192 36.68 18.34 0.84
C GLY F 192 38.11 18.34 1.35
N GLY F 193 38.83 19.42 1.03
CA GLY F 193 40.22 19.54 1.35
C GLY F 193 41.17 19.01 0.30
N HIS F 194 40.67 18.17 -0.62
CA HIS F 194 41.49 17.63 -1.69
C HIS F 194 41.52 18.60 -2.87
N VAL F 195 42.69 18.73 -3.48
CA VAL F 195 42.88 19.63 -4.61
C VAL F 195 42.37 18.96 -5.88
N LEU F 196 41.85 19.75 -6.79
CA LEU F 196 41.32 19.24 -8.05
C LEU F 196 41.22 20.39 -9.05
N ARG F 197 41.05 20.04 -10.31
CA ARG F 197 40.89 21.01 -11.39
C ARG F 197 39.44 21.03 -11.84
N LEU F 198 38.89 22.24 -11.98
CA LEU F 198 37.50 22.43 -12.39
C LEU F 198 37.49 22.89 -13.85
N PHE F 199 37.28 21.93 -14.75
CA PHE F 199 37.23 22.25 -16.17
C PHE F 199 35.91 22.93 -16.51
N HIS F 200 35.89 23.57 -17.68
CA HIS F 200 34.70 24.29 -18.15
C HIS F 200 33.78 23.38 -18.96
N GLY F 201 33.40 22.25 -18.37
CA GLY F 201 32.51 21.33 -19.05
C GLY F 201 33.22 20.66 -20.22
N HIS F 202 32.59 20.70 -21.39
CA HIS F 202 33.18 20.10 -22.58
C HIS F 202 34.31 20.95 -23.14
N MET F 203 34.26 22.26 -22.95
CA MET F 203 35.31 23.14 -23.45
C MET F 203 36.61 22.92 -22.69
N ASP F 204 37.73 22.97 -23.42
CA ASP F 204 39.05 22.78 -22.84
C ASP F 204 39.49 24.09 -22.19
N GLU F 205 38.93 24.35 -21.01
CA GLU F 205 39.27 25.56 -20.26
C GLU F 205 38.95 25.32 -18.79
N CYS F 206 39.51 26.17 -17.94
CA CYS F 206 39.31 26.06 -16.51
C CYS F 206 39.44 27.45 -15.88
N LEU F 207 38.74 27.64 -14.77
CA LEU F 207 38.76 28.91 -14.05
C LEU F 207 40.12 29.08 -13.38
N THR F 208 40.96 29.94 -13.94
CA THR F 208 42.30 30.18 -13.45
C THR F 208 42.57 31.68 -13.37
N ILE F 209 43.66 32.04 -12.70
CA ILE F 209 44.07 33.43 -12.58
C ILE F 209 44.76 33.86 -13.86
N SER F 210 44.97 35.16 -14.03
CA SER F 210 45.66 35.68 -15.20
C SER F 210 47.13 35.29 -15.15
N PRO F 211 47.63 34.50 -16.11
CA PRO F 211 49.05 34.08 -16.09
C PRO F 211 49.98 35.19 -16.56
N ALA F 212 50.13 36.21 -15.71
CA ALA F 212 50.98 37.35 -16.00
C ALA F 212 52.02 37.51 -14.91
N ASP F 213 53.07 38.28 -15.23
CA ASP F 213 54.17 38.53 -14.30
C ASP F 213 53.81 39.71 -13.40
N SER F 214 52.82 39.47 -12.54
CA SER F 214 52.32 40.46 -11.58
C SER F 214 51.85 41.73 -12.28
N ASP F 215 51.31 41.59 -13.49
CA ASP F 215 50.82 42.75 -14.23
C ASP F 215 49.46 43.22 -13.70
N ASP F 216 48.55 42.28 -13.44
CA ASP F 216 47.23 42.60 -12.92
C ASP F 216 47.01 42.04 -11.51
N GLN F 217 48.06 41.50 -10.88
CA GLN F 217 48.02 40.96 -9.52
C GLN F 217 47.05 39.79 -9.39
N ARG F 218 46.62 39.21 -10.53
CA ARG F 218 45.70 38.07 -10.54
C ARG F 218 44.42 38.37 -9.77
N ARG F 219 43.92 39.60 -9.91
CA ARG F 219 42.71 40.00 -9.20
C ARG F 219 41.45 39.48 -9.88
N LEU F 220 41.45 39.37 -11.21
CA LEU F 220 40.31 38.89 -11.96
C LEU F 220 40.55 37.47 -12.42
N VAL F 221 39.58 36.59 -12.19
CA VAL F 221 39.67 35.20 -12.58
C VAL F 221 39.18 35.06 -14.02
N TYR F 222 39.92 34.30 -14.83
CA TYR F 222 39.55 34.09 -16.22
C TYR F 222 39.50 32.60 -16.55
N TYR F 223 39.31 32.27 -17.83
CA TYR F 223 39.24 30.88 -18.30
C TYR F 223 40.16 30.75 -19.50
N GLU F 224 41.42 30.40 -19.24
CA GLU F 224 42.40 30.23 -20.31
C GLU F 224 42.19 28.90 -21.02
N GLY F 225 42.51 28.88 -22.31
CA GLY F 225 42.35 27.68 -23.11
C GLY F 225 43.42 26.64 -22.85
N GLY F 226 44.67 26.99 -23.10
CA GLY F 226 45.78 26.07 -22.90
C GLY F 226 46.97 26.70 -22.22
N SER F 227 46.86 27.99 -21.88
CA SER F 227 47.97 28.68 -21.22
C SER F 227 48.18 28.17 -19.81
N VAL F 228 47.09 27.90 -19.09
CA VAL F 228 47.18 27.41 -17.71
C VAL F 228 46.61 25.99 -17.64
N CYS F 229 46.70 25.26 -18.75
CA CYS F 229 46.19 23.89 -18.77
C CYS F 229 47.06 22.96 -17.93
N THR F 230 48.38 23.16 -17.96
CA THR F 230 49.31 22.34 -17.19
C THR F 230 50.07 23.13 -16.12
N HIS F 231 49.88 24.45 -16.06
CA HIS F 231 50.59 25.26 -15.07
C HIS F 231 50.02 25.01 -13.68
N ALA F 232 50.74 25.51 -12.67
CA ALA F 232 50.32 25.34 -11.29
C ALA F 232 49.11 26.19 -10.93
N ARG F 233 48.73 27.15 -11.77
CA ARG F 233 47.58 27.99 -11.47
C ARG F 233 46.26 27.24 -11.62
N SER F 234 46.26 26.08 -12.30
CA SER F 234 45.04 25.31 -12.46
C SER F 234 44.58 24.66 -11.16
N LEU F 235 45.49 24.43 -10.22
CA LEU F 235 45.12 23.82 -8.95
C LEU F 235 44.32 24.80 -8.11
N TRP F 236 43.28 24.28 -7.44
CA TRP F 236 42.42 25.08 -6.59
C TRP F 236 42.27 24.41 -5.23
N ARG F 237 41.84 25.20 -4.25
CA ARG F 237 41.67 24.75 -2.88
C ARG F 237 40.22 24.95 -2.45
N LEU F 238 39.70 23.98 -1.70
CA LEU F 238 38.33 24.05 -1.20
C LEU F 238 38.26 23.37 0.16
N GLU F 239 37.62 24.02 1.12
CA GLU F 239 37.51 23.50 2.47
C GLU F 239 36.05 23.43 2.89
N PRO F 240 35.67 22.40 3.67
CA PRO F 240 34.26 22.29 4.09
C PRO F 240 33.86 23.37 5.08
N LEU F 241 32.58 23.40 5.45
CA LEU F 241 32.08 24.42 6.38
C LEU F 241 32.63 24.18 7.78
N ARG F 242 32.56 22.94 8.27
CA ARG F 242 33.04 22.63 9.60
C ARG F 242 34.56 22.67 9.63
N ILE F 243 35.11 23.18 10.73
CA ILE F 243 36.56 23.24 10.88
C ILE F 243 37.15 21.84 11.05
N SER F 244 36.39 20.93 11.64
CA SER F 244 36.83 19.54 11.82
C SER F 244 36.13 18.63 10.82
N TRP F 245 36.62 17.40 10.73
CA TRP F 245 36.09 16.39 9.82
C TRP F 245 36.10 16.89 8.37
N SER F 246 37.29 17.32 7.92
CA SER F 246 37.42 17.80 6.56
C SER F 246 37.35 16.68 5.54
N GLY F 247 37.65 15.44 5.94
CA GLY F 247 37.59 14.30 5.06
C GLY F 247 36.20 13.80 4.73
N SER F 248 35.17 14.46 5.24
CA SER F 248 33.80 14.05 4.95
C SER F 248 33.43 14.37 3.51
N HIS F 249 32.46 13.63 2.98
CA HIS F 249 32.03 13.83 1.61
C HIS F 249 31.27 15.13 1.47
N LEU F 250 31.54 15.86 0.39
CA LEU F 250 30.87 17.13 0.14
C LEU F 250 29.42 16.90 -0.25
N ARG F 251 28.55 17.79 0.21
CA ARG F 251 27.12 17.72 -0.07
C ARG F 251 26.65 19.04 -0.65
N TRP F 252 25.43 19.02 -1.19
CA TRP F 252 24.84 20.21 -1.78
C TRP F 252 24.38 21.16 -0.68
N GLY F 253 24.84 22.39 -0.72
CA GLY F 253 24.46 23.40 0.24
C GLY F 253 25.48 23.70 1.32
N GLN F 254 26.78 23.50 1.03
CA GLN F 254 27.82 23.78 2.00
C GLN F 254 28.86 24.72 1.39
N PRO F 255 29.31 25.73 2.13
CA PRO F 255 30.31 26.65 1.59
C PRO F 255 31.64 25.94 1.37
N LEU F 256 32.25 26.22 0.22
CA LEU F 256 33.49 25.57 -0.18
C LEU F 256 34.74 26.29 0.32
N ARG F 257 34.59 27.47 0.92
CA ARG F 257 35.72 28.26 1.42
C ARG F 257 36.76 28.47 0.33
N ILE F 258 36.35 29.18 -0.72
CA ILE F 258 37.19 29.38 -1.88
C ILE F 258 38.45 30.15 -1.50
N ARG F 259 39.61 29.54 -1.74
CA ARG F 259 40.90 30.16 -1.49
C ARG F 259 41.83 29.84 -2.64
N HIS F 260 43.06 30.33 -2.55
CA HIS F 260 44.08 30.06 -3.55
C HIS F 260 45.34 29.55 -2.86
N VAL F 261 46.12 28.76 -3.61
CA VAL F 261 47.29 28.10 -3.06
C VAL F 261 48.59 28.77 -3.49
N THR F 262 48.59 29.40 -4.67
CA THR F 262 49.81 30.06 -5.15
C THR F 262 49.91 31.48 -4.63
N THR F 263 48.91 32.31 -4.92
CA THR F 263 48.91 33.68 -4.42
C THR F 263 48.55 33.73 -2.94
N GLY F 264 47.52 32.98 -2.53
CA GLY F 264 47.10 32.94 -1.15
C GLY F 264 45.84 33.73 -0.84
N ARG F 265 45.29 34.45 -1.80
CA ARG F 265 44.09 35.22 -1.57
C ARG F 265 42.84 34.34 -1.69
N TYR F 266 41.71 34.88 -1.22
CA TYR F 266 40.47 34.11 -1.23
C TYR F 266 39.81 34.10 -2.60
N LEU F 267 39.89 35.22 -3.33
CA LEU F 267 39.24 35.36 -4.64
C LEU F 267 37.75 35.11 -4.54
N ALA F 268 37.14 35.56 -3.44
CA ALA F 268 35.72 35.36 -3.20
C ALA F 268 34.93 36.56 -3.74
N LEU F 269 33.65 36.63 -3.39
CA LEU F 269 32.82 37.74 -3.81
C LEU F 269 33.16 39.00 -3.02
N ILE F 270 33.08 40.14 -3.69
CA ILE F 270 33.39 41.44 -3.10
C ILE F 270 32.42 42.47 -3.66
N GLU F 271 32.57 43.71 -3.20
CA GLU F 271 31.71 44.79 -3.68
C GLU F 271 32.05 45.21 -5.10
N ASP F 272 33.23 44.84 -5.61
CA ASP F 272 33.63 45.19 -6.96
C ASP F 272 33.12 44.13 -7.95
N GLN F 273 31.80 44.16 -8.14
CA GLN F 273 31.11 43.26 -9.06
C GLN F 273 31.38 41.79 -8.72
N GLY F 274 31.24 41.48 -7.43
CA GLY F 274 31.46 40.10 -7.00
C GLY F 274 32.94 39.75 -7.04
N LEU F 275 33.26 38.67 -7.75
CA LEU F 275 34.64 38.23 -7.86
C LEU F 275 35.34 38.91 -9.04
N VAL F 276 39.48 41.36 -5.91
CA VAL F 276 40.12 40.27 -5.19
C VAL F 276 39.86 40.39 -3.69
N VAL F 277 39.79 39.25 -3.01
CA VAL F 277 39.55 39.19 -1.58
C VAL F 277 40.69 38.43 -0.92
N ASP F 278 41.20 38.98 0.18
CA ASP F 278 42.29 38.35 0.91
C ASP F 278 41.73 37.38 1.95
N ALA F 279 42.54 36.38 2.30
CA ALA F 279 42.11 35.40 3.29
C ALA F 279 42.02 35.99 4.68
N SER F 280 42.83 37.02 4.98
CA SER F 280 42.79 37.63 6.30
C SER F 280 41.54 38.48 6.48
N LYS F 281 41.08 39.14 5.41
CA LYS F 281 39.91 39.99 5.47
C LYS F 281 38.70 39.37 4.78
N ALA F 282 38.69 38.04 4.63
CA ALA F 282 37.57 37.37 3.97
C ALA F 282 36.35 37.34 4.89
N HIS F 283 35.18 37.49 4.30
CA HIS F 283 33.92 37.44 5.02
C HIS F 283 33.31 36.05 4.92
N THR F 284 32.43 35.74 5.88
CA THR F 284 31.81 34.42 5.91
C THR F 284 30.85 34.22 4.74
N LYS F 285 29.97 35.20 4.51
CA LYS F 285 29.02 35.09 3.41
C LYS F 285 29.66 35.36 2.05
N ALA F 286 30.86 35.96 2.03
CA ALA F 286 31.50 36.26 0.77
C ALA F 286 32.05 34.99 0.11
N THR F 287 32.75 34.17 0.88
CA THR F 287 33.36 32.95 0.36
C THR F 287 32.41 31.77 0.36
N SER F 288 31.13 31.99 0.66
CA SER F 288 30.15 30.91 0.67
C SER F 288 29.85 30.47 -0.75
N PHE F 289 30.20 29.23 -1.08
CA PHE F 289 29.95 28.68 -2.40
C PHE F 289 29.65 27.20 -2.27
N CYS F 290 28.53 26.76 -2.83
CA CYS F 290 28.09 25.38 -2.74
C CYS F 290 27.83 24.84 -4.14
N PHE F 291 27.62 23.53 -4.21
CA PHE F 291 27.36 22.84 -5.46
C PHE F 291 25.86 22.62 -5.62
N ARG F 292 25.36 22.88 -6.83
CA ARG F 292 23.94 22.76 -7.12
C ARG F 292 23.69 21.61 -8.09
N ILE F 293 22.42 21.19 -8.16
CA ILE F 293 22.04 20.12 -9.08
C ILE F 293 22.12 20.62 -10.52
N SER F 294 21.45 21.74 -10.81
CA SER F 294 21.45 22.33 -12.14
C SER F 294 21.31 23.84 -11.99
N LYS F 295 20.97 24.52 -13.09
CA LYS F 295 20.80 25.97 -13.09
C LYS F 295 19.40 26.33 -12.60
N GLU F 296 19.14 25.98 -11.34
CA GLU F 296 17.84 26.25 -10.72
C GLU F 296 18.01 26.18 -9.21
N LYS F 297 16.99 26.65 -8.50
CA LYS F 297 16.99 26.67 -7.04
C LYS F 297 15.79 25.88 -6.53
N LEU F 298 15.94 25.34 -5.33
CA LEU F 298 14.88 24.55 -4.70
C LEU F 298 13.89 25.46 -3.97
N LYS F 299 23.09 16.67 4.77
CA LYS F 299 23.71 15.41 4.41
C LYS F 299 25.13 15.31 4.97
N ARG F 300 25.89 16.39 4.85
CA ARG F 300 27.26 16.44 5.35
C ARG F 300 27.34 16.87 6.81
N ASP F 301 26.22 17.20 7.45
CA ASP F 301 26.25 17.63 8.83
C ASP F 301 26.57 16.49 9.78
N VAL F 302 26.23 15.24 9.39
CA VAL F 302 26.52 14.10 10.25
C VAL F 302 28.01 13.80 10.22
N GLU F 303 28.56 13.48 11.39
CA GLU F 303 29.98 13.17 11.48
C GLU F 303 30.27 11.80 10.87
N GLY F 304 31.51 11.62 10.43
CA GLY F 304 31.93 10.37 9.82
C GLY F 304 31.55 10.29 8.36
N MET F 305 31.85 9.13 7.78
CA MET F 305 31.54 8.89 6.38
C MET F 305 30.04 8.73 6.18
N GLY F 306 29.52 9.32 5.10
CA GLY F 306 28.12 9.26 4.79
C GLY F 306 27.86 9.07 3.31
N PRO F 307 26.62 9.28 2.89
CA PRO F 307 26.28 9.13 1.47
C PRO F 307 26.97 10.19 0.63
N PRO F 308 27.81 9.78 -0.32
CA PRO F 308 28.51 10.78 -1.14
C PRO F 308 27.58 11.41 -2.16
N GLU F 309 27.73 12.72 -2.35
CA GLU F 309 26.91 13.48 -3.28
C GLU F 309 27.62 13.69 -4.63
N ILE F 310 28.87 14.14 -4.60
CA ILE F 310 29.64 14.38 -5.81
C ILE F 310 30.36 13.10 -6.20
N LYS F 311 30.28 12.74 -7.48
CA LYS F 311 30.92 11.53 -7.98
C LYS F 311 31.56 11.82 -9.33
N TYR F 312 32.50 10.97 -9.71
CA TYR F 312 33.18 11.13 -10.99
C TYR F 312 32.26 10.68 -12.13
N GLY F 313 32.43 11.33 -13.29
CA GLY F 313 31.60 11.03 -14.43
C GLY F 313 30.16 11.46 -14.28
N GLU F 314 29.91 12.51 -13.51
CA GLU F 314 28.55 13.01 -13.30
C GLU F 314 28.14 13.92 -14.46
N SER F 315 27.02 14.63 -14.29
CA SER F 315 26.51 15.53 -15.31
C SER F 315 27.28 16.84 -15.39
N LEU F 316 28.39 16.97 -14.66
CA LEU F 316 29.22 18.18 -14.66
C LEU F 316 28.40 19.40 -14.26
N CYS F 317 27.91 19.37 -13.02
CA CYS F 317 27.10 20.46 -12.50
C CYS F 317 27.94 21.70 -12.26
N PHE F 318 27.27 22.85 -12.22
CA PHE F 318 27.92 24.13 -12.04
C PHE F 318 27.97 24.49 -10.55
N VAL F 319 28.37 25.72 -10.25
CA VAL F 319 28.46 26.21 -8.88
C VAL F 319 27.32 27.19 -8.65
N GLN F 320 26.93 27.33 -7.38
CA GLN F 320 25.84 28.22 -7.00
C GLN F 320 26.14 28.84 -5.65
N HIS F 321 25.74 30.10 -5.48
CA HIS F 321 25.92 30.81 -4.23
C HIS F 321 24.71 30.57 -3.33
N VAL F 322 24.98 30.29 -2.04
CA VAL F 322 23.89 30.05 -1.10
C VAL F 322 23.41 31.34 -0.47
N ALA F 323 24.32 32.30 -0.25
CA ALA F 323 23.93 33.57 0.34
C ALA F 323 23.33 34.51 -0.70
N SER F 324 24.01 34.67 -1.84
CA SER F 324 23.51 35.54 -2.89
C SER F 324 22.42 34.89 -3.72
N GLY F 325 22.37 33.57 -3.79
CA GLY F 325 21.37 32.87 -4.57
C GLY F 325 21.66 32.78 -6.06
N LEU F 326 22.84 33.19 -6.50
CA LEU F 326 23.20 33.17 -7.91
C LEU F 326 24.00 31.91 -8.24
N TRP F 327 23.79 31.40 -9.45
CA TRP F 327 24.49 30.22 -9.93
C TRP F 327 25.76 30.65 -10.67
N LEU F 328 26.39 29.71 -11.36
CA LEU F 328 27.59 30.02 -12.14
C LEU F 328 27.24 30.92 -13.32
N THR F 329 28.18 31.79 -13.67
CA THR F 329 28.00 32.77 -14.74
C THR F 329 28.98 32.48 -15.86
N TYR F 330 28.46 32.22 -17.05
CA TYR F 330 29.30 31.98 -18.22
C TYR F 330 29.45 33.28 -19.02
N ALA F 331 30.14 34.22 -18.40
CA ALA F 331 30.37 35.52 -19.02
C ALA F 331 31.47 35.44 -20.05
N ALA F 332 31.36 36.27 -21.08
CA ALA F 332 32.35 36.30 -22.16
C ALA F 332 32.54 37.72 -22.68
N LEU F 333 41.26 34.97 -25.35
CA LEU F 333 40.04 34.24 -25.01
C LEU F 333 39.75 34.35 -23.51
N LYS F 334 40.23 35.42 -22.90
CA LYS F 334 40.01 35.64 -21.47
C LYS F 334 38.56 36.01 -21.22
N LYS F 335 37.90 35.25 -20.35
CA LYS F 335 36.49 35.48 -19.99
C LYS F 335 36.42 35.82 -18.51
N LYS F 336 36.00 37.05 -18.21
CA LYS F 336 35.90 37.48 -16.83
C LYS F 336 34.76 36.75 -16.11
N ALA F 337 34.89 36.63 -14.79
CA ALA F 337 33.91 35.97 -13.95
C ALA F 337 33.25 37.02 -13.06
N ILE F 338 32.04 37.41 -13.40
CA ILE F 338 31.28 38.42 -12.65
C ILE F 338 29.94 37.80 -12.27
N LEU F 339 29.56 37.96 -11.00
CA LEU F 339 28.30 37.41 -10.50
C LEU F 339 27.13 38.13 -11.16
N HIS F 340 26.41 37.42 -12.03
CA HIS F 340 25.27 37.97 -12.74
C HIS F 340 24.01 37.21 -12.34
N GLN F 341 22.93 37.94 -12.09
CA GLN F 341 21.69 37.32 -11.65
C GLN F 341 20.95 36.64 -12.79
N GLU F 342 21.10 37.14 -14.02
CA GLU F 342 20.42 36.59 -15.19
C GLU F 342 21.35 35.77 -16.07
N GLY F 343 22.28 35.04 -15.46
CA GLY F 343 23.21 34.24 -16.24
C GLY F 343 22.54 33.09 -16.94
N HIS F 344 23.10 32.69 -18.08
CA HIS F 344 22.55 31.60 -18.86
C HIS F 344 22.80 30.27 -18.16
N MET F 345 21.99 29.27 -18.55
CA MET F 345 22.09 27.93 -17.98
C MET F 345 23.18 27.08 -18.64
N ASP F 346 24.07 27.69 -19.43
CA ASP F 346 25.16 26.99 -20.07
C ASP F 346 26.49 27.16 -19.35
N ASP F 347 26.44 27.50 -18.06
CA ASP F 347 27.65 27.71 -17.25
C ASP F 347 28.09 26.45 -16.53
N ALA F 348 27.77 25.27 -17.06
CA ALA F 348 28.15 24.02 -16.41
C ALA F 348 29.67 23.85 -16.47
N LEU F 349 30.24 23.34 -15.38
CA LEU F 349 31.67 23.13 -15.27
C LEU F 349 31.96 21.68 -14.92
N SER F 350 33.09 21.19 -15.43
CA SER F 350 33.51 19.82 -15.17
C SER F 350 34.44 19.77 -13.96
N LEU F 351 34.88 18.56 -13.62
CA LEU F 351 35.78 18.35 -12.49
C LEU F 351 36.84 17.33 -12.86
N THR F 352 38.01 17.46 -12.25
CA THR F 352 39.12 16.54 -12.51
C THR F 352 40.08 16.62 -11.33
N ARG F 353 40.32 15.48 -10.69
CA ARG F 353 41.22 15.41 -9.55
C ARG F 353 42.64 15.15 -10.02
N CYS F 354 43.58 15.98 -9.55
CA CYS F 354 44.98 15.83 -9.90
C CYS F 354 45.68 14.97 -8.85
N GLN F 355 47.00 14.91 -8.91
CA GLN F 355 47.80 14.11 -7.99
C GLN F 355 48.27 14.94 -6.81
N GLN F 356 48.66 14.24 -5.73
CA GLN F 356 49.16 14.92 -4.55
C GLN F 356 50.51 15.59 -4.77
N GLU F 357 51.27 15.14 -5.77
CA GLU F 357 52.54 15.79 -6.07
C GLU F 357 52.34 17.23 -6.50
N GLU F 358 51.28 17.50 -7.26
CA GLU F 358 51.00 18.87 -7.68
C GLU F 358 50.67 19.76 -6.49
N SER F 359 49.87 19.25 -5.54
CA SER F 359 49.55 20.03 -4.36
C SER F 359 50.78 20.28 -3.50
N GLN F 360 51.63 19.27 -3.36
CA GLN F 360 52.87 19.45 -2.60
C GLN F 360 53.77 20.49 -3.26
N ALA F 361 53.89 20.45 -4.59
CA ALA F 361 54.69 21.44 -5.29
C ALA F 361 54.10 22.83 -5.15
N ALA F 362 52.77 22.95 -5.17
CA ALA F 362 52.13 24.24 -5.00
C ALA F 362 52.38 24.80 -3.60
N ARG F 363 52.29 23.95 -2.57
CA ARG F 363 52.62 24.39 -1.22
C ARG F 363 54.07 24.82 -1.12
N MET F 364 54.97 24.08 -1.78
CA MET F 364 56.39 24.43 -1.74
C MET F 364 56.63 25.79 -2.39
N ILE F 365 56.04 26.02 -3.57
CA ILE F 365 56.25 27.29 -4.26
C ILE F 365 55.64 28.44 -3.45
N TYR F 366 54.49 28.21 -2.82
CA TYR F 366 53.90 29.24 -1.97
C TYR F 366 54.82 29.59 -0.81
N SER F 367 55.36 28.57 -0.13
CA SER F 367 56.24 28.82 1.00
C SER F 367 57.51 29.57 0.59
N THR F 368 58.17 29.10 -0.48
CA THR F 368 59.41 29.74 -0.89
C THR F 368 59.16 31.13 -1.45
N ALA F 369 58.01 31.35 -2.09
CA ALA F 369 57.67 32.68 -2.58
C ALA F 369 57.45 33.65 -1.42
N GLY F 370 56.71 33.20 -0.39
CA GLY F 370 56.55 34.04 0.80
C GLY F 370 57.88 34.38 1.45
N LEU F 371 58.75 33.37 1.58
CA LEU F 371 60.07 33.62 2.14
C LEU F 371 60.86 34.62 1.30
N TYR F 372 60.75 34.51 -0.02
CA TYR F 372 61.50 35.42 -0.90
C TYR F 372 60.94 36.84 -0.83
N ASN F 373 59.63 36.99 -0.73
CA ASN F 373 59.06 38.33 -0.57
C ASN F 373 59.49 38.93 0.76
N HIS F 374 59.52 38.12 1.83
CA HIS F 374 60.02 38.63 3.11
C HIS F 374 61.48 39.06 2.99
N PHE F 375 62.29 38.28 2.28
CA PHE F 375 63.70 38.64 2.11
C PHE F 375 63.85 39.93 1.31
N ILE F 376 63.05 40.09 0.26
CA ILE F 376 63.12 41.32 -0.54
C ILE F 376 62.68 42.52 0.29
N LYS F 377 61.63 42.36 1.09
CA LYS F 377 61.21 43.45 1.97
C LYS F 377 62.31 43.82 2.95
N GLY F 378 62.96 42.82 3.56
CA GLY F 378 64.06 43.11 4.47
C GLY F 378 65.22 43.80 3.79
N LEU F 379 65.56 43.36 2.57
CA LEU F 379 66.68 43.97 1.85
C LEU F 379 66.36 45.40 1.43
N ASP F 380 65.10 45.66 1.06
CA ASP F 380 64.72 47.01 0.67
C ASP F 380 64.68 47.93 1.88
N SER F 381 64.27 47.40 3.04
CA SER F 381 64.29 48.22 4.25
C SER F 381 65.71 48.44 4.76
N PHE F 382 66.64 47.52 4.45
CA PHE F 382 68.02 47.67 4.89
C PHE F 382 68.82 48.53 3.93
N SER F 383 68.65 48.33 2.62
CA SER F 383 69.42 49.10 1.64
C SER F 383 68.95 50.56 1.59
N GLY F 384 67.67 50.80 1.82
CA GLY F 384 67.17 52.17 1.79
C GLY F 384 67.70 53.03 2.92
N LYS F 385 67.95 52.42 4.08
CA LYS F 385 68.48 53.17 5.21
C LYS F 385 69.97 53.40 5.02
N PRO F 386 70.47 54.63 5.21
CA PRO F 386 71.89 54.89 5.05
C PRO F 386 72.72 54.18 6.11
N ARG F 387 74.02 54.07 5.83
CA ARG F 387 74.93 53.41 6.76
C ARG F 387 75.13 54.27 8.00
N GLY F 388 74.78 53.72 9.16
CA GLY F 388 74.93 54.45 10.40
C GLY F 388 76.27 54.26 11.05
N SER F 389 76.62 55.19 11.93
CA SER F 389 77.90 55.16 12.65
C SER F 389 77.80 54.12 13.75
N GLY F 390 78.12 52.87 13.41
CA GLY F 390 78.06 51.78 14.35
C GLY F 390 76.69 51.24 14.66
N ALA F 391 75.65 51.73 13.98
CA ALA F 391 74.30 51.28 14.20
C ALA F 391 73.75 50.58 12.96
N PRO F 392 73.03 49.47 13.13
CA PRO F 392 72.47 48.78 11.95
C PRO F 392 71.44 49.60 11.21
N ALA F 393 70.58 50.32 11.94
CA ALA F 393 69.53 51.17 11.35
C ALA F 393 68.61 50.37 10.44
N GLY F 394 68.38 49.10 10.77
CA GLY F 394 67.52 48.26 9.96
C GLY F 394 67.07 47.05 10.74
N THR F 395 65.90 46.52 10.37
CA THR F 395 65.37 45.35 11.04
C THR F 395 66.19 44.10 10.70
N ALA F 396 66.17 43.15 11.62
CA ALA F 396 66.92 41.90 11.45
C ALA F 396 66.09 40.92 10.63
N LEU F 397 66.66 40.45 9.52
CA LEU F 397 65.97 39.49 8.67
C LEU F 397 66.30 38.07 9.09
N PRO F 398 65.39 37.11 8.88
CA PRO F 398 65.66 35.72 9.25
C PRO F 398 66.68 35.07 8.34
N LEU F 399 67.97 35.34 8.58
CA LEU F 399 69.02 34.80 7.72
C LEU F 399 69.14 33.28 7.85
N GLU F 400 68.75 32.73 9.00
CA GLU F 400 68.83 31.27 9.17
C GLU F 400 67.68 30.57 8.46
N GLY F 401 66.48 31.14 8.51
CA GLY F 401 65.33 30.52 7.87
C GLY F 401 65.46 30.45 6.36
N VAL F 402 65.94 31.53 5.74
CA VAL F 402 66.11 31.53 4.30
C VAL F 402 67.18 30.54 3.88
N ILE F 403 68.28 30.46 4.64
CA ILE F 403 69.33 29.50 4.32
C ILE F 403 68.80 28.08 4.45
N LEU F 404 68.01 27.80 5.49
CA LEU F 404 67.43 26.49 5.67
C LEU F 404 66.49 26.15 4.51
N SER F 405 65.69 27.13 4.07
CA SER F 405 64.78 26.88 2.96
C SER F 405 65.53 26.58 1.67
N LEU F 406 66.60 27.33 1.38
CA LEU F 406 67.39 27.04 0.19
C LEU F 406 68.05 25.67 0.27
N GLN F 407 68.59 25.32 1.45
CA GLN F 407 69.25 24.03 1.60
C GLN F 407 68.27 22.87 1.49
N ASP F 408 67.01 23.08 1.88
CA ASP F 408 66.02 22.03 1.71
C ASP F 408 65.45 21.98 0.29
N LEU F 409 65.43 23.11 -0.40
CA LEU F 409 64.90 23.14 -1.76
C LEU F 409 65.91 22.65 -2.79
N ILE F 410 67.20 22.83 -2.53
CA ILE F 410 68.22 22.34 -3.46
C ILE F 410 68.20 20.82 -3.51
N GLY F 411 68.06 20.18 -2.35
CA GLY F 411 68.00 18.73 -2.30
C GLY F 411 66.77 18.14 -2.97
N TYR F 412 65.68 18.91 -3.06
CA TYR F 412 64.48 18.41 -3.73
C TYR F 412 64.68 18.35 -5.24
N PHE F 413 65.39 19.33 -5.80
CA PHE F 413 65.66 19.36 -7.25
C PHE F 413 67.10 18.89 -7.46
N GLU F 414 67.25 17.57 -7.54
CA GLU F 414 68.55 16.95 -7.73
C GLU F 414 68.51 16.01 -8.93
N PRO F 415 69.56 16.01 -9.75
CA PRO F 415 69.58 15.10 -10.90
C PRO F 415 69.66 13.66 -10.44
N PRO F 416 69.05 12.73 -11.17
CA PRO F 416 69.09 11.32 -10.78
C PRO F 416 70.48 10.73 -10.94
N SER F 417 70.68 9.58 -10.28
CA SER F 417 71.97 8.91 -10.33
C SER F 417 72.17 8.24 -11.69
N GLU F 418 73.43 8.23 -12.14
CA GLU F 418 73.76 7.61 -13.42
C GLU F 418 73.75 6.10 -13.35
N GLU F 419 73.89 5.52 -12.16
CA GLU F 419 73.89 4.07 -11.98
C GLU F 419 72.49 3.50 -11.81
N LEU F 420 71.46 4.27 -12.14
CA LEU F 420 70.08 3.81 -12.03
C LEU F 420 69.64 3.11 -13.31
N GLN F 421 68.57 2.34 -13.20
CA GLN F 421 68.01 1.64 -14.36
C GLN F 421 67.55 2.65 -15.41
N HIS F 422 67.43 2.17 -16.65
CA HIS F 422 67.10 3.05 -17.76
C HIS F 422 65.70 3.62 -17.61
N GLU F 423 64.71 2.75 -17.38
CA GLU F 423 63.34 3.23 -17.23
C GLU F 423 63.18 4.10 -15.98
N GLU F 424 63.83 3.70 -14.89
CA GLU F 424 63.78 4.51 -13.67
C GLU F 424 64.42 5.88 -13.89
N LYS F 425 65.56 5.92 -14.57
CA LYS F 425 66.21 7.20 -14.85
C LYS F 425 65.35 8.07 -15.76
N GLN F 426 64.70 7.45 -16.76
CA GLN F 426 63.83 8.23 -17.64
C GLN F 426 62.62 8.79 -16.89
N SER F 427 62.03 7.99 -16.00
CA SER F 427 60.91 8.48 -15.21
C SER F 427 61.34 9.60 -14.27
N LYS F 428 62.53 9.46 -13.67
CA LYS F 428 63.02 10.53 -12.80
C LYS F 428 63.30 11.80 -13.59
N LEU F 429 63.84 11.68 -14.80
CA LEU F 429 64.08 12.85 -15.63
C LEU F 429 62.77 13.51 -16.05
N ARG F 430 61.76 12.70 -16.36
CA ARG F 430 60.45 13.27 -16.71
C ARG F 430 59.84 13.99 -15.52
N SER F 431 59.97 13.41 -14.31
CA SER F 431 59.45 14.06 -13.12
C SER F 431 60.19 15.35 -12.84
N LEU F 432 61.51 15.36 -13.06
CA LEU F 432 62.29 16.58 -12.86
C LEU F 432 61.89 17.66 -13.86
N ARG F 433 61.66 17.28 -15.12
CA ARG F 433 61.22 18.24 -16.12
C ARG F 433 59.84 18.81 -15.77
N ASN F 434 58.93 17.95 -15.31
CA ASN F 434 57.61 18.43 -14.89
C ASN F 434 57.72 19.39 -13.70
N ARG F 435 58.57 19.05 -12.73
CA ARG F 435 58.74 19.92 -11.57
C ARG F 435 59.34 21.26 -11.98
N GLN F 436 60.29 21.25 -12.93
CA GLN F 436 60.87 22.51 -13.39
C GLN F 436 59.86 23.34 -14.16
N SER F 437 59.00 22.69 -14.93
CA SER F 437 57.98 23.43 -15.68
C SER F 437 56.97 24.06 -14.74
N LEU F 438 56.55 23.33 -13.71
CA LEU F 438 55.67 23.93 -12.70
C LEU F 438 56.40 24.97 -11.85
N PHE F 439 57.73 24.88 -11.75
CA PHE F 439 58.52 25.90 -11.07
C PHE F 439 58.55 27.20 -11.86
N GLN F 440 58.66 27.11 -13.18
CA GLN F 440 58.70 28.30 -14.03
C GLN F 440 57.35 28.99 -14.11
N GLU F 441 56.25 28.29 -13.87
CA GLU F 441 54.90 28.84 -14.07
C GLU F 441 54.44 29.72 -12.91
N GLU F 442 55.36 30.22 -12.09
CA GLU F 442 54.99 31.11 -10.99
C GLU F 442 55.69 32.46 -11.06
N GLY F 443 56.56 32.69 -12.04
CA GLY F 443 57.24 33.96 -12.15
C GLY F 443 58.23 34.24 -11.03
N MET F 444 58.72 33.20 -10.35
CA MET F 444 59.66 33.39 -9.25
C MET F 444 61.11 33.44 -9.73
N LEU F 445 61.35 33.16 -11.01
CA LEU F 445 62.71 33.31 -11.54
C LEU F 445 63.16 34.76 -11.49
N SER F 446 62.34 35.68 -12.01
CA SER F 446 62.66 37.09 -11.89
C SER F 446 62.74 37.52 -10.43
N LEU F 447 61.97 36.86 -9.57
CA LEU F 447 62.06 37.11 -8.13
C LEU F 447 63.46 36.82 -7.60
N VAL F 448 63.99 35.63 -7.90
CA VAL F 448 65.33 35.30 -7.40
C VAL F 448 66.40 36.14 -8.10
N LEU F 449 66.16 36.55 -9.34
CA LEU F 449 67.08 37.49 -9.98
C LEU F 449 67.10 38.83 -9.24
N ASN F 450 65.94 39.31 -8.82
CA ASN F 450 65.90 40.54 -8.02
C ASN F 450 66.63 40.35 -6.70
N CYS F 451 66.47 39.18 -6.07
CA CYS F 451 67.18 38.92 -4.82
C CYS F 451 68.69 38.96 -5.02
N ILE F 452 69.19 38.25 -6.04
CA ILE F 452 70.64 38.20 -6.23
C ILE F 452 71.17 39.56 -6.66
N ASP F 453 70.38 40.34 -7.40
CA ASP F 453 70.83 41.69 -7.77
C ASP F 453 70.92 42.59 -6.56
N ARG F 454 69.89 42.58 -5.71
CA ARG F 454 69.91 43.40 -4.50
C ARG F 454 70.98 42.95 -3.54
N LEU F 455 71.40 41.68 -3.61
CA LEU F 455 72.49 41.22 -2.75
C LEU F 455 73.86 41.52 -3.35
N ASN F 456 73.97 41.58 -4.67
CA ASN F 456 75.22 41.87 -5.35
C ASN F 456 75.46 43.37 -5.54
N VAL F 457 74.47 44.22 -5.25
CA VAL F 457 74.68 45.66 -5.35
C VAL F 457 75.78 46.13 -4.42
N TYR F 458 76.07 45.38 -3.36
CA TYR F 458 77.18 45.71 -2.48
C TYR F 458 78.47 45.11 -3.01
N THR F 459 79.59 45.65 -2.54
CA THR F 459 80.90 45.20 -3.03
C THR F 459 81.36 43.91 -2.36
N THR F 460 81.09 43.76 -1.06
CA THR F 460 81.51 42.58 -0.32
C THR F 460 80.68 42.50 0.96
N ALA F 461 81.08 41.59 1.85
CA ALA F 461 80.37 41.45 3.13
C ALA F 461 80.71 42.57 4.10
N ALA F 462 81.86 43.23 3.94
CA ALA F 462 82.21 44.32 4.83
C ALA F 462 81.27 45.50 4.67
N HIS F 463 80.97 45.87 3.43
CA HIS F 463 80.03 46.97 3.20
C HIS F 463 78.64 46.62 3.69
N PHE F 464 78.23 45.36 3.53
CA PHE F 464 76.93 44.93 4.03
C PHE F 464 76.87 45.02 5.56
N ALA F 465 77.94 44.58 6.23
CA ALA F 465 77.98 44.65 7.69
C ALA F 465 78.04 46.10 8.17
N GLU F 466 78.66 46.99 7.40
CA GLU F 466 78.75 48.39 7.79
C GLU F 466 77.44 49.13 7.54
N PHE F 467 76.68 48.74 6.52
CA PHE F 467 75.44 49.44 6.19
C PHE F 467 74.22 48.85 6.91
N ALA F 468 73.94 47.57 6.69
CA ALA F 468 72.76 46.94 7.26
C ALA F 468 73.00 46.41 8.66
N GLY F 469 74.23 46.03 8.99
CA GLY F 469 74.56 45.50 10.30
C GLY F 469 75.21 44.14 10.22
N GLU F 470 75.66 43.67 11.38
CA GLU F 470 76.37 42.40 11.50
C GLU F 470 75.42 41.23 11.75
N GLU F 471 74.15 41.35 11.36
CA GLU F 471 73.21 40.25 11.55
C GLU F 471 73.55 39.07 10.64
N ALA F 472 73.88 39.33 9.39
CA ALA F 472 74.25 38.31 8.42
C ALA F 472 75.57 38.65 7.75
N ALA F 473 76.54 39.07 8.58
CA ALA F 473 77.85 39.46 8.05
C ALA F 473 78.63 38.24 7.58
N GLU F 474 78.88 37.29 8.48
CA GLU F 474 79.65 36.10 8.11
C GLU F 474 78.85 35.13 7.26
N SER F 475 77.53 35.27 7.23
CA SER F 475 76.67 34.38 6.45
C SER F 475 76.37 34.90 5.05
N TRP F 476 76.90 36.08 4.68
CA TRP F 476 76.62 36.64 3.36
C TRP F 476 77.20 35.78 2.25
N LYS F 477 78.43 35.30 2.44
CA LYS F 477 79.04 34.43 1.43
C LYS F 477 78.27 33.14 1.28
N GLU F 478 77.82 32.55 2.40
CA GLU F 478 77.03 31.33 2.31
C GLU F 478 75.70 31.59 1.61
N ILE F 479 75.09 32.74 1.87
CA ILE F 479 73.81 33.06 1.25
C ILE F 479 73.97 33.21 -0.25
N VAL F 480 75.00 33.94 -0.69
CA VAL F 480 75.19 34.12 -2.12
C VAL F 480 75.60 32.80 -2.78
N ASN F 481 76.34 31.94 -2.07
CA ASN F 481 76.68 30.64 -2.62
C ASN F 481 75.43 29.79 -2.81
N LEU F 482 74.54 29.79 -1.82
CA LEU F 482 73.29 29.03 -1.94
C LEU F 482 72.40 29.57 -3.05
N LEU F 483 72.35 30.90 -3.20
CA LEU F 483 71.58 31.49 -4.29
C LEU F 483 72.13 31.06 -5.64
N TYR F 484 73.45 31.16 -5.83
CA TYR F 484 74.04 30.76 -7.10
C TYR F 484 73.83 29.27 -7.35
N GLU F 485 73.90 28.45 -6.31
CA GLU F 485 73.72 27.01 -6.47
C GLU F 485 72.30 26.67 -6.87
N ILE F 486 71.31 27.28 -6.21
CA ILE F 486 69.92 26.98 -6.53
C ILE F 486 69.58 27.49 -7.92
N LEU F 487 70.15 28.64 -8.31
CA LEU F 487 69.90 29.15 -9.66
C LEU F 487 70.52 28.22 -10.71
N ALA F 488 71.74 27.73 -10.46
CA ALA F 488 72.36 26.81 -11.40
C ALA F 488 71.62 25.49 -11.49
N SER F 489 71.05 25.03 -10.37
CA SER F 489 70.33 23.76 -10.38
C SER F 489 68.97 23.90 -11.08
N LEU F 490 68.29 25.03 -10.89
CA LEU F 490 66.99 25.21 -11.53
C LEU F 490 67.12 25.58 -13.00
N ILE F 491 68.24 26.19 -13.39
CA ILE F 491 68.48 26.46 -14.80
C ILE F 491 68.84 25.17 -15.53
N ARG F 492 69.56 24.26 -14.87
CA ARG F 492 70.00 23.03 -15.50
C ARG F 492 68.81 22.11 -15.78
N GLY F 493 68.77 21.56 -16.98
CA GLY F 493 67.75 20.60 -17.34
C GLY F 493 66.60 21.17 -18.15
N ASN F 494 66.17 22.37 -17.79
CA ASN F 494 65.04 23.02 -18.46
C ASN F 494 65.53 23.84 -19.65
N ARG F 495 64.75 23.82 -20.72
CA ARG F 495 65.09 24.57 -21.92
C ARG F 495 64.45 25.96 -21.94
N ALA F 496 63.23 26.09 -21.42
CA ALA F 496 62.58 27.40 -21.42
C ALA F 496 63.28 28.37 -20.47
N ASN F 497 63.82 27.86 -19.37
CA ASN F 497 64.49 28.73 -18.41
C ASN F 497 65.73 29.38 -19.01
N CYS F 498 66.54 28.61 -19.74
CA CYS F 498 67.68 29.18 -20.43
C CYS F 498 67.30 29.90 -21.71
N ALA F 499 66.12 29.60 -22.27
CA ALA F 499 65.66 30.34 -23.44
C ALA F 499 65.24 31.75 -23.07
N LEU F 500 64.57 31.93 -21.94
CA LEU F 500 64.21 33.26 -21.47
C LEU F 500 65.38 34.02 -20.89
N PHE F 501 66.44 33.32 -20.48
CA PHE F 501 67.64 33.97 -19.95
C PHE F 501 68.51 34.58 -21.03
N SER F 502 68.20 34.37 -22.31
CA SER F 502 68.97 34.92 -23.41
C SER F 502 68.70 36.40 -23.64
N ASN F 503 67.76 37.00 -22.92
CA ASN F 503 67.46 38.42 -23.11
C ASN F 503 68.59 39.29 -22.58
N ASN F 504 69.01 39.04 -21.35
CA ASN F 504 70.07 39.81 -20.70
C ASN F 504 71.29 38.93 -20.51
N LEU F 505 72.45 39.41 -20.99
CA LEU F 505 73.70 38.68 -20.86
C LEU F 505 74.85 39.53 -20.32
N ASP F 506 74.78 40.85 -20.42
CA ASP F 506 75.86 41.68 -19.88
C ASP F 506 75.90 41.61 -18.36
N TRP F 507 74.74 41.50 -17.70
CA TRP F 507 74.73 41.37 -16.26
C TRP F 507 75.40 40.07 -15.81
N LEU F 508 75.29 39.01 -16.61
CA LEU F 508 75.91 37.74 -16.24
C LEU F 508 77.43 37.87 -16.17
N VAL F 509 78.04 38.41 -17.24
CA VAL F 509 79.49 38.58 -17.22
C VAL F 509 79.90 39.67 -16.24
N SER F 510 79.03 40.65 -15.98
CA SER F 510 79.33 41.67 -14.99
C SER F 510 79.45 41.06 -13.60
N LYS F 511 78.49 40.21 -13.23
CA LYS F 511 78.59 39.50 -11.95
C LYS F 511 79.71 38.47 -11.96
N LEU F 512 80.05 37.94 -13.15
CA LEU F 512 81.17 37.01 -13.25
C LEU F 512 82.50 37.69 -12.98
N ASP F 513 82.62 38.98 -13.36
CA ASP F 513 83.85 39.71 -13.11
C ASP F 513 84.12 39.90 -11.62
N ARG F 514 83.12 39.74 -10.77
CA ARG F 514 83.32 39.87 -9.33
C ARG F 514 84.17 38.72 -8.81
N LEU F 515 85.08 39.05 -7.88
CA LEU F 515 85.99 38.04 -7.34
C LEU F 515 85.29 37.11 -6.35
N GLU F 516 84.17 37.55 -5.78
CA GLU F 516 83.48 36.75 -4.79
C GLU F 516 82.52 35.77 -5.47
N ALA F 517 82.65 34.49 -5.13
CA ALA F 517 81.77 33.43 -5.64
C ALA F 517 81.78 33.39 -7.17
N SER F 518 82.95 33.11 -7.72
CA SER F 518 83.11 33.04 -9.17
C SER F 518 82.84 31.65 -9.74
N SER F 519 83.04 30.60 -8.93
CA SER F 519 82.81 29.24 -9.43
C SER F 519 81.33 29.01 -9.74
N GLY F 520 80.44 29.58 -8.93
CA GLY F 520 79.01 29.43 -9.22
C GLY F 520 78.62 30.09 -10.52
N ILE F 521 79.09 31.31 -10.76
CA ILE F 521 78.78 31.99 -12.00
C ILE F 521 79.41 31.26 -13.18
N LEU F 522 80.60 30.68 -12.98
CA LEU F 522 81.22 29.91 -14.05
C LEU F 522 80.40 28.69 -14.40
N GLU F 523 79.89 27.98 -13.38
CA GLU F 523 79.03 26.83 -13.64
C GLU F 523 77.74 27.24 -14.32
N VAL F 524 77.18 28.39 -13.92
CA VAL F 524 75.95 28.89 -14.55
C VAL F 524 76.20 29.19 -16.02
N LEU F 525 77.33 29.83 -16.33
CA LEU F 525 77.64 30.15 -17.71
C LEU F 525 77.91 28.88 -18.52
N TYR F 526 78.54 27.88 -17.90
CA TYR F 526 78.76 26.61 -18.59
C TYR F 526 77.44 25.91 -18.89
N CYS F 527 76.47 26.01 -17.98
CA CYS F 527 75.20 25.35 -18.16
C CYS F 527 74.26 26.10 -19.10
N VAL F 528 74.41 27.42 -19.22
CA VAL F 528 73.50 28.17 -20.08
C VAL F 528 73.94 28.09 -21.54
N LEU F 529 75.20 27.72 -21.80
CA LEU F 529 75.74 27.65 -23.14
C LEU F 529 75.72 26.25 -23.72
N ILE F 530 75.14 25.28 -23.00
CA ILE F 530 75.10 23.90 -23.47
C ILE F 530 73.68 23.45 -23.83
N GLU F 531 72.67 23.92 -23.10
CA GLU F 531 71.30 23.48 -23.37
C GLU F 531 70.77 24.07 -24.66
N SER F 532 70.71 25.41 -24.73
CA SER F 532 70.18 26.10 -25.90
C SER F 532 71.28 26.93 -26.55
N PRO F 533 71.58 26.69 -27.83
CA PRO F 533 72.61 27.48 -28.52
C PRO F 533 72.17 28.84 -29.00
N GLU F 534 70.98 29.31 -28.62
CA GLU F 534 70.54 30.64 -29.05
C GLU F 534 71.36 31.74 -28.40
N VAL F 535 71.94 31.47 -27.23
CA VAL F 535 72.75 32.49 -26.56
C VAL F 535 74.07 32.70 -27.30
N LEU F 536 74.53 31.69 -28.02
CA LEU F 536 75.79 31.81 -28.76
C LEU F 536 75.71 32.83 -29.90
N ASN F 537 74.51 33.10 -30.40
CA ASN F 537 74.38 34.03 -31.53
C ASN F 537 74.58 35.48 -31.10
N ILE F 538 74.22 35.83 -29.85
CA ILE F 538 74.27 37.22 -29.41
C ILE F 538 75.64 37.59 -28.84
N ILE F 539 76.54 36.62 -28.65
CA ILE F 539 77.83 36.90 -28.04
C ILE F 539 78.62 37.88 -28.90
N GLN F 540 79.43 38.70 -28.23
CA GLN F 540 80.31 39.65 -28.91
C GLN F 540 81.73 39.54 -28.38
N GLU F 541 82.60 40.48 -28.76
CA GLU F 541 83.97 40.45 -28.27
C GLU F 541 84.07 40.77 -26.78
N ASN F 542 83.07 41.46 -26.22
CA ASN F 542 83.12 41.80 -24.80
C ASN F 542 83.00 40.57 -23.92
N HIS F 543 82.16 39.61 -24.32
CA HIS F 543 81.98 38.40 -23.52
C HIS F 543 83.25 37.57 -23.48
N ILE F 544 83.87 37.35 -24.64
CA ILE F 544 85.11 36.58 -24.66
C ILE F 544 86.24 37.35 -24.00
N LYS F 545 86.22 38.69 -24.09
CA LYS F 545 87.21 39.49 -23.38
C LYS F 545 87.09 39.31 -21.87
N SER F 546 85.86 39.34 -21.35
CA SER F 546 85.65 39.09 -19.93
C SER F 546 86.03 37.66 -19.55
N ILE F 547 85.83 36.70 -20.47
CA ILE F 547 86.21 35.32 -20.19
C ILE F 547 87.73 35.21 -20.04
N ILE F 548 88.48 35.81 -20.97
CA ILE F 548 89.93 35.78 -20.86
C ILE F 548 90.40 36.57 -19.65
N SER F 549 89.70 37.64 -19.29
CA SER F 549 90.06 38.39 -18.08
C SER F 549 89.87 37.54 -16.83
N LEU F 550 88.79 36.76 -16.78
CA LEU F 550 88.60 35.83 -15.66
C LEU F 550 89.67 34.77 -15.64
N LEU F 551 90.01 34.21 -16.81
CA LEU F 551 91.05 33.18 -16.87
C LEU F 551 92.41 33.72 -16.45
N ASP F 552 92.66 35.01 -16.69
CA ASP F 552 93.93 35.60 -16.32
C ASP F 552 93.98 35.97 -14.83
N LYS F 553 92.92 36.60 -14.32
CA LYS F 553 92.93 37.08 -12.94
C LYS F 553 92.72 35.95 -11.95
N HIS F 554 91.70 35.12 -12.18
CA HIS F 554 91.35 34.05 -11.26
C HIS F 554 92.20 32.79 -11.45
N GLY F 555 93.27 32.86 -12.23
CA GLY F 555 94.13 31.72 -12.44
C GLY F 555 93.55 30.70 -13.38
N ARG F 556 94.27 29.59 -13.52
CA ARG F 556 93.85 28.51 -14.41
C ARG F 556 92.73 27.69 -13.75
N ASN F 557 91.71 27.37 -14.54
CA ASN F 557 90.59 26.57 -14.07
C ASN F 557 90.20 25.59 -15.16
N HIS F 558 89.97 24.33 -14.78
CA HIS F 558 89.62 23.30 -15.74
C HIS F 558 88.19 23.44 -16.27
N LYS F 559 87.36 24.26 -15.65
CA LYS F 559 85.98 24.43 -16.08
C LYS F 559 85.80 25.53 -17.11
N VAL F 560 86.79 26.42 -17.26
CA VAL F 560 86.67 27.49 -18.24
C VAL F 560 86.88 26.96 -19.65
N LEU F 561 87.81 26.02 -19.82
CA LEU F 561 88.07 25.47 -21.14
C LEU F 561 86.87 24.70 -21.67
N ASP F 562 86.09 24.08 -20.77
CA ASP F 562 84.84 23.45 -21.21
C ASP F 562 83.86 24.50 -21.73
N VAL F 563 83.82 25.67 -21.08
CA VAL F 563 82.97 26.76 -21.56
C VAL F 563 83.43 27.22 -22.94
N LEU F 564 84.74 27.33 -23.14
CA LEU F 564 85.26 27.71 -24.45
C LEU F 564 84.90 26.68 -25.51
N CYS F 565 85.03 25.40 -25.17
CA CYS F 565 84.70 24.35 -26.13
C CYS F 565 83.21 24.35 -26.47
N SER F 566 82.36 24.62 -25.49
CA SER F 566 80.93 24.69 -25.75
C SER F 566 80.58 25.91 -26.60
N LEU F 567 81.26 27.04 -26.35
CA LEU F 567 81.01 28.25 -27.14
C LEU F 567 81.63 28.18 -28.52
N CYS F 568 82.55 27.24 -28.75
CA CYS F 568 83.20 27.15 -30.06
C CYS F 568 82.23 26.65 -31.13
N VAL F 569 81.59 25.51 -30.88
CA VAL F 569 80.75 24.86 -31.87
C VAL F 569 79.33 24.74 -31.31
N CYS F 570 78.34 24.88 -32.18
CA CYS F 570 76.94 24.71 -31.82
C CYS F 570 76.55 23.25 -31.99
N ASN F 571 75.24 22.96 -31.91
CA ASN F 571 74.72 21.61 -32.11
C ASN F 571 74.73 21.28 -33.60
N GLY F 572 75.94 21.01 -34.11
CA GLY F 572 76.14 20.71 -35.51
C GLY F 572 76.42 21.91 -36.39
N VAL F 573 76.52 23.10 -35.82
CA VAL F 573 76.81 24.33 -36.55
C VAL F 573 78.15 24.87 -36.07
N ALA F 574 79.01 25.24 -37.01
CA ALA F 574 80.34 25.75 -36.71
C ALA F 574 80.38 27.24 -37.06
N VAL F 575 80.44 28.09 -36.04
CA VAL F 575 80.52 29.52 -36.26
C VAL F 575 81.97 29.93 -36.50
N CYS F 576 82.15 31.09 -37.14
CA CYS F 576 83.47 31.60 -37.47
C CYS F 576 83.88 32.82 -36.66
N SER F 577 82.92 33.57 -36.12
CA SER F 577 83.27 34.78 -35.36
C SER F 577 83.89 34.41 -34.02
N ASN F 578 83.27 33.48 -33.29
CA ASN F 578 83.80 33.10 -31.98
C ASN F 578 85.16 32.42 -32.11
N GLN F 579 85.33 31.57 -33.12
CA GLN F 579 86.62 30.90 -33.32
C GLN F 579 87.71 31.91 -33.66
N ASP F 580 87.39 32.88 -34.52
CA ASP F 580 88.37 33.90 -34.87
C ASP F 580 88.73 34.75 -33.66
N LEU F 581 87.73 35.11 -32.84
CA LEU F 581 88.00 35.90 -31.65
C LEU F 581 88.88 35.12 -30.67
N ILE F 582 88.61 33.82 -30.50
CA ILE F 582 89.43 33.00 -29.62
C ILE F 582 90.86 32.90 -30.15
N THR F 583 91.00 32.70 -31.46
CA THR F 583 92.33 32.61 -32.05
C THR F 583 93.10 33.92 -31.93
N GLU F 584 92.39 35.06 -31.98
CA GLU F 584 93.07 36.35 -31.91
C GLU F 584 93.38 36.76 -30.47
N ASN F 585 92.59 36.31 -29.50
CA ASN F 585 92.76 36.73 -28.11
C ASN F 585 93.36 35.65 -27.21
N LEU F 586 93.71 34.49 -27.75
CA LEU F 586 94.30 33.42 -26.95
C LEU F 586 95.70 33.03 -27.38
N LEU F 587 95.93 32.86 -28.67
CA LEU F 587 97.21 32.39 -29.19
C LEU F 587 98.30 33.46 -29.19
N PRO F 588 98.04 34.69 -29.67
CA PRO F 588 99.12 35.69 -29.69
C PRO F 588 99.62 36.08 -28.31
N GLY F 589 98.88 35.78 -27.25
CA GLY F 589 99.34 36.14 -25.92
C GLY F 589 100.54 35.32 -25.48
N ARG F 590 100.44 33.99 -25.58
CA ARG F 590 101.52 33.08 -25.20
C ARG F 590 101.97 33.27 -23.76
N GLU F 591 101.04 33.71 -22.90
CA GLU F 591 101.35 33.89 -21.49
C GLU F 591 100.30 33.28 -20.56
N LEU F 592 99.32 32.55 -21.11
CA LEU F 592 98.27 31.95 -20.29
C LEU F 592 98.15 30.46 -20.49
N LEU F 593 98.64 29.91 -21.60
CA LEU F 593 98.58 28.48 -21.89
C LEU F 593 100.00 27.94 -21.99
N LEU F 594 100.11 26.63 -22.14
CA LEU F 594 101.40 25.96 -22.19
C LEU F 594 101.81 25.69 -23.64
N GLN F 595 103.12 25.57 -23.84
CA GLN F 595 103.68 25.32 -25.16
C GLN F 595 104.56 24.09 -25.13
N THR F 596 104.67 23.43 -26.28
CA THR F 596 105.46 22.22 -26.43
C THR F 596 106.51 22.43 -27.51
N ASN F 597 107.70 21.88 -27.28
CA ASN F 597 108.80 21.98 -28.22
C ASN F 597 109.85 20.92 -27.89
N LEU F 598 110.46 20.35 -28.93
CA LEU F 598 111.49 19.34 -28.73
C LEU F 598 112.76 20.00 -28.22
N ILE F 599 113.34 19.41 -27.17
CA ILE F 599 114.55 19.92 -26.54
C ILE F 599 115.58 18.81 -26.48
N ASN F 600 116.84 19.14 -26.80
CA ASN F 600 117.94 18.19 -26.73
C ASN F 600 118.62 18.27 -25.37
N TYR F 601 119.14 17.13 -24.92
CA TYR F 601 119.83 17.07 -23.64
C TYR F 601 121.20 17.73 -23.74
N VAL F 602 121.80 17.98 -22.57
CA VAL F 602 123.10 18.63 -22.48
C VAL F 602 123.88 18.03 -21.32
N THR F 603 125.19 17.91 -21.51
CA THR F 603 126.09 17.40 -20.49
C THR F 603 127.22 18.41 -20.26
N SER F 604 128.05 18.11 -19.27
CA SER F 604 129.18 18.98 -18.93
C SER F 604 130.27 18.15 -18.29
N ILE F 605 131.51 18.36 -18.72
CA ILE F 605 132.66 17.59 -18.26
C ILE F 605 133.67 18.56 -17.66
N ARG F 606 134.26 18.16 -16.52
CA ARG F 606 135.27 18.94 -15.85
C ARG F 606 136.47 18.05 -15.52
N PRO F 607 137.68 18.59 -15.58
CA PRO F 607 138.87 17.83 -15.17
C PRO F 607 138.96 17.76 -13.65
N ASN F 608 140.06 17.17 -13.17
CA ASN F 608 140.28 16.98 -11.74
C ASN F 608 141.05 18.13 -11.09
N ILE F 609 141.46 19.12 -11.86
CA ILE F 609 142.15 20.28 -11.32
C ILE F 609 141.16 21.20 -10.64
N PHE F 610 141.46 21.59 -9.40
CA PHE F 610 140.62 22.50 -8.62
C PHE F 610 141.43 23.75 -8.30
N VAL F 611 140.94 24.90 -8.74
CA VAL F 611 141.62 26.17 -8.53
C VAL F 611 140.73 27.07 -7.68
N GLY F 612 141.26 27.55 -6.56
CA GLY F 612 140.50 28.40 -5.67
C GLY F 612 141.32 29.60 -5.23
N ARG F 613 140.61 30.63 -4.78
CA ARG F 613 141.22 31.87 -4.33
C ARG F 613 140.59 32.29 -3.01
N ALA F 614 141.44 32.61 -2.03
CA ALA F 614 140.99 33.02 -0.71
C ALA F 614 142.13 33.78 -0.04
N GLU F 615 141.94 34.14 1.23
CA GLU F 615 142.96 34.84 2.00
C GLU F 615 144.13 33.89 2.27
N GLY F 616 145.31 34.27 1.80
CA GLY F 616 146.48 33.42 1.97
C GLY F 616 146.44 32.14 1.16
N THR F 617 146.06 32.24 -0.11
CA THR F 617 145.98 31.06 -0.97
C THR F 617 147.37 30.56 -1.32
N THR F 618 147.47 29.24 -1.52
CA THR F 618 148.73 28.59 -1.87
C THR F 618 148.84 28.31 -3.36
N GLN F 619 148.18 29.11 -4.19
CA GLN F 619 148.21 28.93 -5.63
C GLN F 619 148.23 30.30 -6.31
N TYR F 620 148.53 30.29 -7.61
CA TYR F 620 148.58 31.50 -8.40
C TYR F 620 147.24 31.73 -9.11
N SER F 621 147.14 32.87 -9.79
CA SER F 621 145.92 33.22 -10.52
C SER F 621 146.04 33.09 -12.03
N LYS F 622 147.26 33.09 -12.57
CA LYS F 622 147.46 33.01 -14.01
C LYS F 622 147.36 31.56 -14.46
N TRP F 623 146.30 31.23 -15.19
CA TRP F 623 146.09 29.89 -15.71
C TRP F 623 145.60 30.00 -17.15
N TYR F 624 146.11 29.09 -18.00
CA TYR F 624 145.82 29.14 -19.43
C TYR F 624 145.73 27.72 -19.97
N PHE F 625 144.75 27.50 -20.85
CA PHE F 625 144.59 26.20 -21.50
C PHE F 625 143.77 26.41 -22.77
N GLU F 626 144.07 25.61 -23.79
CA GLU F 626 143.39 25.68 -25.07
C GLU F 626 142.75 24.33 -25.40
N VAL F 627 141.70 24.38 -26.23
CA VAL F 627 140.98 23.20 -26.65
C VAL F 627 140.80 23.25 -28.17
N MET F 628 140.63 22.08 -28.77
CA MET F 628 140.45 21.95 -30.21
C MET F 628 139.23 21.10 -30.50
N VAL F 629 138.45 21.52 -31.50
CA VAL F 629 137.26 20.80 -31.91
C VAL F 629 137.62 19.84 -33.03
N ASP F 630 137.17 18.58 -32.90
CA ASP F 630 137.49 17.57 -33.90
C ASP F 630 136.57 17.66 -35.12
N GLU F 631 135.27 17.50 -34.90
CA GLU F 631 134.30 17.53 -35.98
C GLU F 631 132.96 18.00 -35.43
N VAL F 632 132.27 18.83 -36.21
CA VAL F 632 130.98 19.40 -35.82
C VAL F 632 130.01 19.24 -36.98
N VAL F 633 128.73 19.08 -36.65
CA VAL F 633 127.68 18.99 -37.66
C VAL F 633 126.52 19.88 -37.26
N PRO F 634 126.30 20.99 -37.95
CA PRO F 634 125.18 21.88 -37.61
C PRO F 634 123.87 21.37 -38.18
N PHE F 635 122.78 21.84 -37.57
CA PHE F 635 121.42 21.49 -37.98
C PHE F 635 121.17 19.99 -37.96
N LEU F 636 121.82 19.28 -37.02
CA LEU F 636 121.60 17.84 -36.90
C LEU F 636 120.23 17.54 -36.30
N THR F 637 119.74 18.40 -35.42
CA THR F 637 118.42 18.22 -34.81
C THR F 637 117.57 19.48 -35.00
N ALA F 638 116.43 19.54 -34.32
CA ALA F 638 115.56 20.71 -34.43
C ALA F 638 116.26 21.97 -33.93
N GLN F 639 117.13 21.84 -32.93
CA GLN F 639 117.87 22.96 -32.39
C GLN F 639 119.30 22.97 -32.93
N ALA F 640 120.12 23.87 -32.43
CA ALA F 640 121.51 24.00 -32.83
C ALA F 640 122.43 23.54 -31.71
N THR F 641 123.64 23.15 -32.09
CA THR F 641 124.63 22.69 -31.12
C THR F 641 125.17 23.88 -30.33
N HIS F 642 125.05 23.81 -29.01
CA HIS F 642 125.49 24.89 -28.12
C HIS F 642 126.88 24.59 -27.56
N LEU F 643 127.86 24.56 -28.47
CA LEU F 643 129.25 24.31 -28.10
C LEU F 643 129.82 25.52 -27.38
N ARG F 644 129.94 25.44 -26.06
CA ARG F 644 130.47 26.52 -25.25
C ARG F 644 131.41 25.97 -24.19
N VAL F 645 132.48 26.70 -23.91
CA VAL F 645 133.46 26.33 -22.90
C VAL F 645 133.64 27.51 -21.95
N GLY F 646 133.77 27.20 -20.66
CA GLY F 646 133.93 28.25 -19.67
C GLY F 646 134.31 27.69 -18.32
N TRP F 647 134.16 28.53 -17.31
CA TRP F 647 134.47 28.17 -15.93
C TRP F 647 133.19 28.07 -15.12
N ALA F 648 133.12 27.05 -14.27
CA ALA F 648 131.95 26.82 -13.42
C ALA F 648 132.39 26.58 -11.99
N LEU F 649 131.62 27.08 -11.04
CA LEU F 649 131.92 26.92 -9.63
C LEU F 649 131.42 25.56 -9.13
N THR F 650 131.87 25.19 -7.93
CA THR F 650 131.50 23.91 -7.34
C THR F 650 130.18 23.97 -6.59
N GLU F 651 129.61 25.16 -6.40
CA GLU F 651 128.34 25.31 -5.68
C GLU F 651 127.48 26.31 -6.44
N GLY F 652 126.42 25.82 -7.07
CA GLY F 652 125.51 26.67 -7.82
C GLY F 652 125.36 26.32 -9.29
N TYR F 653 126.04 25.28 -9.79
CA TYR F 653 125.91 24.92 -11.20
C TYR F 653 124.66 24.09 -11.44
N SER F 654 124.57 22.91 -10.81
CA SER F 654 123.46 21.98 -10.93
C SER F 654 123.18 21.65 -12.39
N PRO F 655 124.07 20.92 -13.07
CA PRO F 655 123.85 20.58 -14.49
C PRO F 655 123.03 19.30 -14.65
N TYR F 656 121.79 19.34 -14.19
CA TYR F 656 120.92 18.18 -14.26
C TYR F 656 120.50 17.95 -15.71
N PRO F 657 120.66 16.74 -16.25
CA PRO F 657 120.25 16.47 -17.63
C PRO F 657 118.74 16.46 -17.79
N GLY F 658 118.20 17.47 -18.48
CA GLY F 658 116.77 17.56 -18.68
C GLY F 658 116.26 18.98 -18.64
N GLY F 659 115.27 19.24 -17.78
CA GLY F 659 114.74 20.58 -17.67
C GLY F 659 115.71 21.52 -16.95
N GLY F 660 115.78 22.75 -17.44
CA GLY F 660 116.66 23.73 -16.87
C GLY F 660 116.07 25.13 -16.85
N GLU F 661 116.89 26.12 -16.48
CA GLU F 661 116.41 27.50 -16.44
C GLU F 661 116.23 28.04 -17.85
N GLY F 662 115.09 28.67 -18.09
CA GLY F 662 114.80 29.22 -19.40
C GLY F 662 113.95 28.29 -20.25
N TRP F 663 113.94 28.59 -21.55
CA TRP F 663 113.17 27.78 -22.49
C TRP F 663 113.85 26.43 -22.72
N GLY F 664 115.09 26.45 -23.20
CA GLY F 664 115.83 25.24 -23.50
C GLY F 664 116.59 24.72 -22.30
N GLY F 665 117.52 23.80 -22.59
CA GLY F 665 118.31 23.20 -21.53
C GLY F 665 119.40 24.12 -21.03
N ASN F 666 119.87 23.82 -19.82
CA ASN F 666 120.91 24.61 -19.18
C ASN F 666 122.29 24.09 -19.55
N GLY F 667 123.32 24.87 -19.21
CA GLY F 667 124.69 24.50 -19.48
C GLY F 667 125.67 25.50 -18.90
N VAL F 668 126.86 25.59 -19.51
CA VAL F 668 127.85 26.55 -19.05
C VAL F 668 127.39 27.97 -19.37
N GLY F 669 127.54 28.87 -18.40
CA GLY F 669 127.10 30.24 -18.56
C GLY F 669 125.62 30.45 -18.48
N ASP F 670 124.83 29.40 -18.24
CA ASP F 670 123.38 29.52 -18.15
C ASP F 670 122.91 29.98 -16.78
N ASP F 671 123.81 30.18 -15.83
CA ASP F 671 123.46 30.62 -14.49
C ASP F 671 124.46 31.66 -14.02
N LEU F 672 124.13 32.32 -12.91
CA LEU F 672 125.01 33.34 -12.35
C LEU F 672 126.23 32.76 -11.64
N TYR F 673 126.28 31.44 -11.45
CA TYR F 673 127.41 30.81 -10.79
C TYR F 673 128.49 30.32 -11.76
N SER F 674 128.22 30.36 -13.06
CA SER F 674 129.18 29.93 -14.06
C SER F 674 129.32 31.01 -15.13
N TYR F 675 130.49 31.04 -15.77
CA TYR F 675 130.78 32.02 -16.80
C TYR F 675 131.46 31.31 -17.98
N GLY F 676 130.95 31.55 -19.18
CA GLY F 676 131.51 30.94 -20.37
C GLY F 676 131.37 31.86 -21.56
N PHE F 677 132.16 31.56 -22.60
CA PHE F 677 132.15 32.35 -23.82
C PHE F 677 132.55 31.46 -24.99
N ASP F 678 131.84 31.61 -26.11
CA ASP F 678 132.13 30.85 -27.31
C ASP F 678 131.50 31.56 -28.50
N GLY F 679 132.29 31.81 -29.53
CA GLY F 679 131.80 32.47 -30.73
C GLY F 679 132.01 33.97 -30.65
N LEU F 680 130.97 34.74 -30.93
CA LEU F 680 131.04 36.20 -30.93
C LEU F 680 130.10 36.81 -29.88
N HIS F 681 129.48 36.01 -29.04
CA HIS F 681 128.57 36.50 -28.01
C HIS F 681 128.86 35.82 -26.69
N LEU F 682 128.85 36.59 -25.62
CA LEU F 682 129.10 36.06 -24.28
C LEU F 682 127.80 35.57 -23.65
N TRP F 683 127.95 34.68 -22.67
CA TRP F 683 126.82 34.09 -21.96
C TRP F 683 127.01 34.30 -20.47
N THR F 684 126.00 34.93 -19.83
CA THR F 684 126.05 35.19 -18.40
C THR F 684 124.63 35.10 -17.86
N GLY F 685 124.33 34.04 -17.15
CA GLY F 685 122.99 33.83 -16.62
C GLY F 685 121.96 33.52 -17.69
N HIS F 686 122.32 32.68 -18.67
CA HIS F 686 121.43 32.30 -19.76
C HIS F 686 120.96 33.52 -20.57
N VAL F 687 121.82 34.53 -20.68
CA VAL F 687 121.50 35.73 -21.45
C VAL F 687 122.59 35.94 -22.50
N PRO F 688 122.40 35.46 -23.73
CA PRO F 688 123.41 35.68 -24.78
C PRO F 688 123.45 37.13 -25.21
N ARG F 689 124.59 37.79 -24.98
CA ARG F 689 124.77 39.20 -25.30
C ARG F 689 125.91 39.34 -26.32
N LEU F 690 125.67 40.11 -27.37
CA LEU F 690 126.69 40.33 -28.39
C LEU F 690 127.81 41.20 -27.84
N VAL F 691 129.04 40.86 -28.21
CA VAL F 691 130.23 41.58 -27.76
C VAL F 691 130.84 42.44 -28.85
N THR F 692 130.21 42.49 -30.04
CA THR F 692 130.70 43.30 -31.16
C THR F 692 132.14 42.94 -31.53
N SER F 693 132.42 41.64 -31.58
CA SER F 693 133.76 41.19 -31.92
C SER F 693 134.01 41.39 -33.41
N PRO F 694 135.22 41.82 -33.79
CA PRO F 694 135.51 42.00 -35.22
C PRO F 694 135.55 40.70 -36.00
N GLY F 695 135.87 39.59 -35.35
CA GLY F 695 135.88 38.32 -36.06
C GLY F 695 134.49 37.87 -36.45
N GLN F 696 133.55 37.92 -35.51
CA GLN F 696 132.16 37.51 -35.73
C GLN F 696 132.09 36.06 -36.24
N HIS F 697 132.96 35.22 -35.71
CA HIS F 697 133.08 33.83 -36.13
C HIS F 697 132.59 32.93 -35.00
N LEU F 698 131.54 32.14 -35.27
CA LEU F 698 130.94 31.31 -34.24
C LEU F 698 131.78 30.07 -33.97
N LEU F 699 132.07 29.29 -35.01
CA LEU F 699 132.84 28.06 -34.83
C LEU F 699 133.32 27.57 -36.20
N ALA F 700 134.44 26.86 -36.18
CA ALA F 700 134.99 26.23 -37.37
C ALA F 700 135.58 24.89 -36.98
N PRO F 701 135.65 23.92 -37.91
CA PRO F 701 136.34 22.66 -37.60
C PRO F 701 137.83 22.89 -37.42
N GLU F 702 138.40 22.15 -36.46
CA GLU F 702 139.82 22.22 -36.14
C GLU F 702 140.23 23.63 -35.71
N ASP F 703 139.33 24.35 -35.03
CA ASP F 703 139.63 25.68 -34.53
C ASP F 703 140.05 25.60 -33.06
N VAL F 704 141.06 26.38 -32.71
CA VAL F 704 141.62 26.39 -31.36
C VAL F 704 141.18 27.69 -30.69
N VAL F 705 140.36 27.56 -29.64
CA VAL F 705 139.87 28.70 -28.88
C VAL F 705 140.22 28.47 -27.40
N SER F 706 140.83 29.46 -26.78
CA SER F 706 141.24 29.37 -25.39
C SER F 706 140.64 30.53 -24.59
N CYS F 707 140.63 30.36 -23.27
CA CYS F 707 140.10 31.36 -22.36
C CYS F 707 141.18 31.78 -21.37
N CYS F 708 141.01 32.98 -20.82
CA CYS F 708 141.95 33.55 -19.86
C CYS F 708 141.18 33.98 -18.63
N LEU F 709 141.46 33.33 -17.49
CA LEU F 709 140.80 33.62 -16.24
C LEU F 709 141.83 34.03 -15.19
N ASP F 710 141.45 34.98 -14.34
CA ASP F 710 142.31 35.46 -13.27
C ASP F 710 141.53 35.46 -11.96
N LEU F 711 142.19 35.04 -10.89
CA LEU F 711 141.53 34.96 -9.59
C LEU F 711 141.49 36.31 -8.89
N SER F 712 142.67 36.90 -8.64
CA SER F 712 142.71 38.17 -7.93
C SER F 712 142.28 39.32 -8.84
N VAL F 713 142.88 39.44 -10.01
CA VAL F 713 142.56 40.49 -10.95
C VAL F 713 141.19 40.23 -11.55
N PRO F 714 140.22 41.13 -11.39
CA PRO F 714 138.90 40.90 -11.97
C PRO F 714 138.87 41.11 -13.47
N SER F 715 139.35 40.10 -14.22
CA SER F 715 139.38 40.19 -15.68
C SER F 715 139.31 38.77 -16.23
N ILE F 716 138.22 38.45 -16.92
CA ILE F 716 138.01 37.15 -17.53
C ILE F 716 137.84 37.36 -19.03
N SER F 717 138.83 36.91 -19.81
CA SER F 717 138.79 37.05 -21.25
C SER F 717 138.96 35.71 -21.94
N PHE F 718 139.10 35.72 -23.27
CA PHE F 718 139.25 34.49 -24.02
C PHE F 718 140.07 34.77 -25.28
N ARG F 719 140.98 33.85 -25.59
CA ARG F 719 141.82 33.95 -26.79
C ARG F 719 141.09 33.28 -27.95
N ILE F 720 140.55 34.11 -28.85
CA ILE F 720 139.80 33.62 -30.01
C ILE F 720 140.77 33.59 -31.19
N ASN F 721 141.22 32.38 -31.55
CA ASN F 721 142.13 32.17 -32.67
C ASN F 721 143.42 32.98 -32.48
N GLY F 722 143.98 32.90 -31.27
CA GLY F 722 145.19 33.64 -30.96
C GLY F 722 145.01 35.12 -30.74
N CYS F 723 143.78 35.60 -30.66
CA CYS F 723 143.51 37.01 -30.44
C CYS F 723 142.67 37.21 -29.18
N PRO F 724 142.98 38.22 -28.37
CA PRO F 724 142.20 38.42 -27.13
C PRO F 724 140.86 39.07 -27.43
N VAL F 725 139.80 38.48 -26.87
CA VAL F 725 138.46 39.01 -27.07
C VAL F 725 138.25 40.23 -26.18
N GLN F 726 137.33 41.11 -26.61
CA GLN F 726 137.04 42.32 -25.88
C GLN F 726 136.15 42.11 -24.66
N GLY F 727 135.68 40.87 -24.43
CA GLY F 727 134.85 40.60 -23.28
C GLY F 727 135.67 40.47 -22.01
N VAL F 728 135.15 41.06 -20.93
CA VAL F 728 135.82 41.05 -19.63
C VAL F 728 134.75 40.98 -18.55
N PHE F 729 135.01 40.16 -17.53
CA PHE F 729 134.12 40.00 -16.39
C PHE F 729 134.84 40.50 -15.14
N GLU F 730 134.32 41.58 -14.55
CA GLU F 730 134.91 42.21 -13.38
C GLU F 730 133.86 42.36 -12.29
N ALA F 731 134.34 42.66 -11.08
CA ALA F 731 133.49 42.90 -9.92
C ALA F 731 132.56 41.72 -9.64
N PHE F 732 133.12 40.50 -9.71
CA PHE F 732 132.38 39.29 -9.43
C PHE F 732 132.92 38.63 -8.16
N ASN F 733 132.01 38.16 -7.32
CA ASN F 733 132.38 37.50 -6.07
C ASN F 733 132.67 36.03 -6.33
N LEU F 734 133.82 35.56 -5.85
CA LEU F 734 134.25 34.18 -6.01
C LEU F 734 134.36 33.55 -4.63
N ASN F 735 133.24 33.05 -4.11
CA ASN F 735 133.21 32.35 -2.83
C ASN F 735 133.36 30.85 -3.00
N GLY F 736 134.42 30.44 -3.68
CA GLY F 736 134.66 29.03 -3.93
C GLY F 736 135.64 28.84 -5.06
N LEU F 737 135.76 27.60 -5.49
CA LEU F 737 136.66 27.24 -6.57
C LEU F 737 136.02 27.51 -7.93
N PHE F 738 136.85 27.52 -8.97
CA PHE F 738 136.39 27.76 -10.33
C PHE F 738 137.16 26.83 -11.26
N PHE F 739 136.51 25.74 -11.67
CA PHE F 739 137.11 24.74 -12.54
C PHE F 739 136.62 24.92 -13.98
N PRO F 740 137.43 24.55 -14.97
CA PRO F 740 136.97 24.65 -16.36
C PRO F 740 135.94 23.59 -16.68
N VAL F 741 134.98 23.96 -17.53
CA VAL F 741 133.91 23.05 -17.95
C VAL F 741 133.62 23.29 -19.42
N VAL F 742 133.08 22.27 -20.07
CA VAL F 742 132.75 22.31 -21.49
C VAL F 742 131.43 21.60 -21.71
N SER F 743 130.58 22.17 -22.56
CA SER F 743 129.29 21.60 -22.90
C SER F 743 129.24 21.32 -24.40
N PHE F 744 128.70 20.16 -24.76
CA PHE F 744 128.62 19.75 -26.15
C PHE F 744 127.32 18.99 -26.38
N SER F 745 126.82 19.08 -27.62
CA SER F 745 125.61 18.38 -28.00
C SER F 745 125.94 16.97 -28.47
N ALA F 746 124.91 16.22 -28.84
CA ALA F 746 125.10 14.84 -29.28
C ALA F 746 125.73 14.82 -30.67
N GLY F 747 126.82 14.06 -30.81
CA GLY F 747 127.50 13.93 -32.08
C GLY F 747 128.67 14.86 -32.29
N VAL F 748 129.08 15.61 -31.27
CA VAL F 748 130.18 16.56 -31.36
C VAL F 748 131.36 16.00 -30.57
N LYS F 749 132.54 16.04 -31.18
CA LYS F 749 133.77 15.57 -30.54
C LYS F 749 134.71 16.75 -30.35
N VAL F 750 135.25 16.88 -29.13
CA VAL F 750 136.16 17.95 -28.78
C VAL F 750 137.38 17.36 -28.09
N ARG F 751 138.53 17.99 -28.31
CA ARG F 751 139.79 17.54 -27.72
C ARG F 751 140.20 18.53 -26.62
N PHE F 752 140.32 18.02 -25.40
CA PHE F 752 140.72 18.82 -24.26
C PHE F 752 142.22 18.66 -24.04
N LEU F 753 142.95 19.77 -24.09
CA LEU F 753 144.40 19.77 -23.94
C LEU F 753 144.76 20.42 -22.60
N LEU F 754 145.66 19.77 -21.87
CA LEU F 754 146.09 20.30 -20.57
C LEU F 754 147.18 21.36 -20.74
N GLY F 755 148.25 21.02 -21.45
CA GLY F 755 149.33 21.95 -21.66
C GLY F 755 150.65 21.48 -21.10
N GLY F 756 150.73 20.20 -20.77
CA GLY F 756 151.96 19.63 -20.23
C GLY F 756 152.35 18.34 -20.90
N ARG F 757 152.65 17.31 -20.08
CA ARG F 757 153.02 16.00 -20.60
C ARG F 757 151.82 15.17 -21.01
N HIS F 758 150.60 15.70 -20.86
CA HIS F 758 149.41 14.92 -21.21
C HIS F 758 149.20 14.91 -22.72
N GLY F 759 149.33 16.07 -23.37
CA GLY F 759 149.12 16.16 -24.80
C GLY F 759 149.97 17.27 -25.40
N GLU F 760 150.01 17.29 -26.73
CA GLU F 760 150.78 18.28 -27.45
C GLU F 760 150.12 19.64 -27.32
N PHE F 761 150.90 20.65 -26.91
CA PHE F 761 150.38 22.00 -26.73
C PHE F 761 150.51 22.77 -28.05
N LYS F 762 149.40 23.29 -28.55
CA LYS F 762 149.37 23.87 -29.89
C LYS F 762 149.96 25.28 -29.90
N PHE F 763 149.36 26.21 -29.18
CA PHE F 763 149.76 27.61 -29.19
C PHE F 763 150.34 27.99 -27.83
N LEU F 764 151.52 28.62 -27.87
CA LEU F 764 152.24 28.96 -26.65
C LEU F 764 151.39 29.88 -25.77
N PRO F 765 151.57 29.82 -24.44
CA PRO F 765 150.77 30.65 -23.56
C PRO F 765 151.18 32.10 -23.66
N PRO F 766 150.28 33.03 -23.37
CA PRO F 766 150.65 34.46 -23.38
C PRO F 766 151.65 34.76 -22.27
N PRO F 767 152.42 35.83 -22.41
CA PRO F 767 153.39 36.17 -21.37
C PRO F 767 152.71 36.49 -20.06
N GLY F 768 153.30 36.01 -18.96
CA GLY F 768 152.74 36.20 -17.64
C GLY F 768 151.73 35.16 -17.20
N TYR F 769 151.45 34.16 -18.03
CA TYR F 769 150.48 33.12 -17.71
C TYR F 769 151.19 31.78 -17.65
N ALA F 770 150.52 30.82 -17.00
CA ALA F 770 151.03 29.47 -16.82
C ALA F 770 149.99 28.46 -17.26
N PRO F 771 150.42 27.33 -17.83
CA PRO F 771 149.46 26.30 -18.23
C PRO F 771 148.75 25.69 -17.03
N CYS F 772 147.59 25.10 -17.29
CA CYS F 772 146.78 24.49 -16.25
C CYS F 772 147.28 23.12 -15.83
N HIS F 773 148.44 22.69 -16.33
CA HIS F 773 149.02 21.43 -15.88
C HIS F 773 149.38 21.47 -14.40
N GLU F 774 149.66 22.67 -13.89
CA GLU F 774 149.90 22.85 -12.46
C GLU F 774 148.55 22.99 -11.74
N ALA F 775 148.60 23.39 -10.47
CA ALA F 775 147.43 23.58 -9.62
C ALA F 775 146.61 22.31 -9.42
N VAL F 776 147.16 21.16 -9.79
CA VAL F 776 146.47 19.89 -9.65
C VAL F 776 146.90 19.23 -8.34
N LEU F 777 145.94 18.64 -7.64
CA LEU F 777 146.24 17.97 -6.38
C LEU F 777 147.15 16.77 -6.65
N PRO F 778 148.33 16.70 -6.05
CA PRO F 778 149.22 15.56 -6.31
C PRO F 778 148.68 14.25 -5.79
N ARG F 779 147.76 14.26 -4.83
CA ARG F 779 147.16 13.03 -4.34
C ARG F 779 146.14 12.44 -5.29
N GLU F 780 145.69 13.20 -6.29
CA GLU F 780 144.72 12.72 -7.27
C GLU F 780 145.42 12.50 -8.61
N ARG F 781 144.64 12.03 -9.59
CA ARG F 781 145.14 11.74 -10.93
C ARG F 781 144.33 12.53 -11.95
N LEU F 782 144.93 12.71 -13.13
CA LEU F 782 144.28 13.44 -14.21
C LEU F 782 143.20 12.57 -14.84
N ARG F 783 141.94 13.00 -14.71
CA ARG F 783 140.82 12.26 -15.27
C ARG F 783 139.65 13.21 -15.42
N LEU F 784 138.69 12.80 -16.25
CA LEU F 784 137.49 13.58 -16.51
C LEU F 784 136.29 12.95 -15.81
N GLU F 785 135.46 13.79 -15.20
CA GLU F 785 134.27 13.34 -14.49
C GLU F 785 133.21 14.43 -14.56
N PRO F 786 131.94 14.05 -14.73
CA PRO F 786 130.88 15.05 -14.80
C PRO F 786 130.56 15.60 -13.41
N ILE F 787 129.64 16.57 -13.38
CA ILE F 787 129.21 17.23 -12.16
C ILE F 787 127.82 16.74 -11.80
N LYS F 788 127.64 16.31 -10.54
CA LYS F 788 126.37 15.84 -10.03
C LYS F 788 125.85 14.66 -10.86
N GLU F 789 126.70 13.64 -10.98
CA GLU F 789 126.37 12.43 -11.73
C GLU F 789 125.60 11.48 -10.82
N TYR F 790 124.29 11.69 -10.74
CA TYR F 790 123.44 10.84 -9.92
C TYR F 790 123.24 9.46 -10.53
N ARG F 791 123.53 9.30 -11.81
CA ARG F 791 123.40 8.02 -12.50
C ARG F 791 124.74 7.62 -13.10
N ARG F 792 125.09 6.35 -12.97
CA ARG F 792 126.34 5.83 -13.48
C ARG F 792 126.08 4.48 -14.15
N GLU F 793 126.65 4.29 -15.34
CA GLU F 793 126.49 3.03 -16.05
C GLU F 793 127.32 1.93 -15.39
N GLY F 794 126.73 0.75 -15.29
CA GLY F 794 127.39 -0.38 -14.67
C GLY F 794 127.41 -1.59 -15.56
N PRO F 795 128.18 -2.62 -15.17
CA PRO F 795 128.23 -3.84 -15.97
C PRO F 795 126.90 -4.57 -16.05
N ARG F 796 126.15 -4.60 -14.95
CA ARG F 796 124.87 -5.29 -14.91
C ARG F 796 123.69 -4.32 -15.06
N GLY F 797 123.72 -3.19 -14.37
CA GLY F 797 122.65 -2.22 -14.43
C GLY F 797 123.09 -0.84 -14.03
N PRO F 798 122.18 0.12 -14.08
CA PRO F 798 122.52 1.49 -13.68
C PRO F 798 122.76 1.59 -12.17
N HIS F 799 123.68 2.48 -11.81
CA HIS F 799 124.05 2.71 -10.42
C HIS F 799 123.59 4.09 -9.97
N LEU F 800 123.37 4.23 -8.66
CA LEU F 800 122.93 5.48 -8.05
C LEU F 800 124.06 6.02 -7.19
N VAL F 801 124.52 7.23 -7.51
CA VAL F 801 125.60 7.89 -6.80
C VAL F 801 125.08 9.19 -6.21
N GLY F 802 125.34 9.40 -4.93
CA GLY F 802 124.91 10.60 -4.25
C GLY F 802 125.97 11.68 -4.26
N PRO F 803 125.74 12.76 -3.50
CA PRO F 803 126.73 13.84 -3.44
C PRO F 803 127.98 13.41 -2.67
N SER F 804 129.12 13.91 -3.13
CA SER F 804 130.40 13.59 -2.54
C SER F 804 131.06 14.86 -2.01
N ARG F 805 131.93 14.68 -1.02
CA ARG F 805 132.63 15.81 -0.42
C ARG F 805 133.67 16.38 -1.38
N CYS F 806 133.96 17.66 -1.22
CA CYS F 806 134.94 18.35 -2.05
C CYS F 806 135.68 19.37 -1.21
N LEU F 807 136.72 19.95 -1.79
CA LEU F 807 137.51 20.95 -1.10
C LEU F 807 136.72 22.25 -0.94
N SER F 808 137.05 23.00 0.11
CA SER F 808 136.41 24.27 0.41
C SER F 808 137.41 25.40 0.33
N HIS F 809 136.93 26.58 -0.05
CA HIS F 809 137.81 27.74 -0.16
C HIS F 809 138.22 28.27 1.21
N THR F 810 137.38 28.06 2.23
CA THR F 810 137.73 28.53 3.57
C THR F 810 138.79 27.64 4.22
N ASP F 811 138.62 26.33 4.10
CA ASP F 811 139.58 25.39 4.68
C ASP F 811 140.85 25.25 3.86
N PHE F 812 140.91 25.86 2.67
CA PHE F 812 142.11 25.76 1.86
C PHE F 812 143.25 26.62 2.42
N VAL F 813 142.92 27.65 3.17
CA VAL F 813 143.92 28.53 3.78
C VAL F 813 144.56 27.80 4.96
N PRO F 814 145.82 28.06 5.27
CA PRO F 814 146.46 27.38 6.40
C PRO F 814 146.14 28.06 7.72
N CYS F 815 146.21 27.26 8.80
CA CYS F 815 145.93 27.74 10.14
C CYS F 815 146.98 27.16 11.08
N PRO F 816 147.63 27.98 11.91
CA PRO F 816 148.65 27.50 12.85
C PRO F 816 148.14 27.43 14.28
N LEU F 817 155.80 29.11 31.45
CA LEU F 817 157.23 28.91 31.24
C LEU F 817 157.96 28.67 32.55
N PRO F 818 157.83 27.46 33.09
CA PRO F 818 158.49 27.13 34.36
C PRO F 818 159.86 26.55 34.11
N PRO F 819 160.64 26.30 35.17
CA PRO F 819 161.97 25.70 34.97
C PRO F 819 161.92 24.29 34.44
N HIS F 820 160.86 23.53 34.76
CA HIS F 820 160.73 22.19 34.23
C HIS F 820 160.59 22.20 32.71
N LEU F 821 159.99 23.25 32.15
CA LEU F 821 159.89 23.37 30.70
C LEU F 821 161.26 23.43 30.06
N GLU F 822 162.16 24.28 30.60
CA GLU F 822 163.51 24.36 30.05
C GLU F 822 164.30 23.09 30.34
N ARG F 823 164.07 22.48 31.50
CA ARG F 823 164.78 21.23 31.82
C ARG F 823 164.40 20.12 30.83
N ILE F 824 163.14 20.10 30.41
CA ILE F 824 162.72 19.10 29.42
C ILE F 824 163.17 19.51 28.02
N ARG F 825 163.22 20.80 27.73
CA ARG F 825 163.64 21.25 26.41
C ARG F 825 165.13 20.98 26.17
N GLU F 826 165.95 21.05 27.21
CA GLU F 826 167.35 20.70 27.07
C GLU F 826 167.52 19.25 26.63
N LYS F 827 166.82 18.33 27.30
CA LYS F 827 166.88 16.92 26.91
C LYS F 827 166.26 16.70 25.54
N LEU F 828 165.22 17.47 25.20
CA LEU F 828 164.62 17.34 23.87
C LEU F 828 165.60 17.75 22.78
N ALA F 829 166.33 18.84 22.99
CA ALA F 829 167.33 19.27 22.02
C ALA F 829 168.48 18.26 21.94
N GLU F 830 168.89 17.71 23.08
CA GLU F 830 169.92 16.68 23.07
C GLU F 830 169.48 15.46 22.26
N ASN F 831 168.24 15.02 22.48
CA ASN F 831 167.71 13.87 21.73
C ASN F 831 167.57 14.19 20.25
N ILE F 832 167.20 15.43 19.92
CA ILE F 832 167.08 15.81 18.51
C ILE F 832 168.45 15.79 17.83
N HIS F 833 169.48 16.30 18.51
CA HIS F 833 170.82 16.25 17.96
C HIS F 833 171.30 14.81 17.82
N GLU F 834 170.98 13.96 18.80
CA GLU F 834 171.37 12.56 18.72
C GLU F 834 170.67 11.86 17.56
N LEU F 835 169.39 12.16 17.34
CA LEU F 835 168.68 11.56 16.22
C LEU F 835 169.21 12.07 14.88
N TRP F 836 169.62 13.35 14.83
CA TRP F 836 170.24 13.87 13.62
C TRP F 836 171.55 13.14 13.32
N ALA F 837 172.37 12.94 14.35
CA ALA F 837 173.60 12.18 14.16
C ALA F 837 173.30 10.75 13.74
N LEU F 838 172.23 10.16 14.29
CA LEU F 838 171.87 8.79 13.95
C LEU F 838 171.48 8.67 12.49
N THR F 839 170.62 9.58 12.01
CA THR F 839 170.21 9.50 10.61
C THR F 839 171.35 9.89 9.67
N ARG F 840 172.26 10.76 10.11
CA ARG F 840 173.42 11.08 9.29
C ARG F 840 174.37 9.89 9.16
N ILE F 841 174.52 9.12 10.24
CA ILE F 841 175.36 7.94 10.18
C ILE F 841 174.68 6.82 9.40
N GLU F 842 173.34 6.74 9.47
CA GLU F 842 172.63 5.70 8.75
C GLU F 842 172.59 5.99 7.25
N GLN F 843 172.51 7.26 6.87
CA GLN F 843 172.52 7.64 5.47
C GLN F 843 173.91 7.59 4.84
N GLY F 844 174.93 7.19 5.61
CA GLY F 844 176.28 7.12 5.11
C GLY F 844 177.03 8.43 5.10
N TRP F 845 176.37 9.55 5.39
CA TRP F 845 177.01 10.87 5.38
C TRP F 845 177.37 11.23 6.82
N THR F 846 178.48 10.65 7.29
CA THR F 846 178.95 10.94 8.63
C THR F 846 179.47 12.38 8.72
N TYR F 847 179.54 12.89 9.94
CA TYR F 847 179.99 14.25 10.16
C TYR F 847 181.47 14.39 9.81
N GLY F 848 181.80 15.43 9.05
CA GLY F 848 183.17 15.68 8.65
C GLY F 848 183.54 17.14 8.80
N PRO F 849 184.54 17.57 8.02
CA PRO F 849 184.95 18.99 8.12
C PRO F 849 183.95 19.94 7.48
N VAL F 850 183.39 19.59 6.32
CA VAL F 850 182.45 20.44 5.61
C VAL F 850 181.31 19.56 5.10
N ARG F 851 180.13 20.17 4.96
CA ARG F 851 178.95 19.46 4.48
C ARG F 851 179.12 19.12 3.01
N ASP F 852 179.22 17.83 2.70
CA ASP F 852 179.40 17.35 1.34
C ASP F 852 178.41 16.21 1.10
N ASP F 853 177.37 16.48 0.31
CA ASP F 853 176.38 15.44 0.03
C ASP F 853 176.95 14.37 -0.89
N ASN F 854 177.79 14.77 -1.85
CA ASN F 854 178.38 13.79 -2.76
C ASN F 854 179.46 12.96 -2.06
N LYS F 855 180.30 13.61 -1.26
CA LYS F 855 181.35 12.92 -0.53
C LYS F 855 180.87 12.31 0.77
N ARG F 856 179.57 12.37 1.06
CA ARG F 856 178.98 11.81 2.28
C ARG F 856 179.64 12.41 3.53
N LEU F 857 179.49 13.72 3.68
CA LEU F 857 180.05 14.44 4.81
C LEU F 857 179.04 15.46 5.32
N HIS F 858 179.08 15.73 6.62
CA HIS F 858 178.19 16.67 7.26
C HIS F 858 179.01 17.70 8.02
N PRO F 859 178.72 19.00 7.88
CA PRO F 859 179.54 20.01 8.55
C PRO F 859 179.39 20.01 10.06
N CYS F 860 178.17 20.04 10.56
CA CYS F 860 177.89 20.22 11.98
C CYS F 860 176.86 19.20 12.46
N LEU F 861 177.05 17.94 12.10
CA LEU F 861 176.19 16.87 12.59
C LEU F 861 176.53 16.45 14.01
N VAL F 862 177.55 17.04 14.62
CA VAL F 862 177.90 16.70 16.00
C VAL F 862 176.89 17.33 16.95
N ASP F 863 176.88 16.84 18.19
CA ASP F 863 175.94 17.33 19.19
C ASP F 863 176.16 18.82 19.47
N PHE F 864 175.12 19.45 20.01
CA PHE F 864 175.14 20.89 20.20
C PHE F 864 176.11 21.33 21.29
N HIS F 865 176.50 20.43 22.20
CA HIS F 865 177.41 20.80 23.27
C HIS F 865 178.82 21.11 22.76
N SER F 866 179.17 20.61 21.57
CA SER F 866 180.47 20.87 20.97
C SER F 866 180.40 21.47 19.58
N LEU F 867 179.19 21.72 19.07
CA LEU F 867 179.02 22.27 17.74
C LEU F 867 179.08 23.80 17.78
N PRO F 868 178.95 24.47 16.64
CA PRO F 868 178.99 25.93 16.62
C PRO F 868 177.66 26.51 17.10
N GLU F 869 177.56 27.84 17.02
CA GLU F 869 176.37 28.55 17.47
C GLU F 869 175.18 28.22 16.58
N PRO F 870 175.41 27.94 15.29
CA PRO F 870 174.28 27.65 14.39
C PRO F 870 173.54 26.37 14.76
N GLU F 871 174.29 25.29 14.98
CA GLU F 871 173.66 24.03 15.35
C GLU F 871 173.00 24.13 16.73
N ARG F 872 173.63 24.85 17.65
CA ARG F 872 173.03 25.03 18.97
C ARG F 872 171.72 25.82 18.88
N ASN F 873 171.69 26.87 18.07
CA ASN F 873 170.46 27.64 17.89
C ASN F 873 169.38 26.80 17.22
N TYR F 874 169.77 25.97 16.23
CA TYR F 874 168.79 25.10 15.59
C TYR F 874 168.21 24.09 16.58
N ASN F 875 169.07 23.51 17.42
CA ASN F 875 168.59 22.55 18.42
C ASN F 875 167.67 23.23 19.43
N LEU F 876 168.03 24.45 19.85
CA LEU F 876 167.18 25.17 20.80
C LEU F 876 165.83 25.52 20.18
N GLN F 877 165.83 25.91 18.90
CA GLN F 877 164.57 26.21 18.22
C GLN F 877 163.70 24.96 18.08
N MET F 878 164.32 23.84 17.73
CA MET F 878 163.56 22.58 17.63
C MET F 878 163.00 22.18 18.98
N SER F 879 163.79 22.34 20.06
CA SER F 879 163.30 22.01 21.39
C SER F 879 162.15 22.93 21.80
N GLY F 880 162.25 24.22 21.49
CA GLY F 880 161.16 25.12 21.80
C GLY F 880 159.89 24.81 21.03
N GLU F 881 160.05 24.44 19.75
CA GLU F 881 158.88 24.06 18.96
C GLU F 881 158.24 22.79 19.51
N THR F 882 159.06 21.82 19.91
CA THR F 882 158.52 20.59 20.49
C THR F 882 157.80 20.86 21.80
N LEU F 883 158.38 21.73 22.64
CA LEU F 883 157.74 22.08 23.90
C LEU F 883 156.42 22.80 23.67
N LYS F 884 156.39 23.72 22.69
CA LYS F 884 155.14 24.41 22.39
C LYS F 884 154.09 23.46 21.86
N THR F 885 154.48 22.52 20.99
CA THR F 885 153.52 21.54 20.48
C THR F 885 153.02 20.62 21.57
N LEU F 886 153.86 20.28 22.55
CA LEU F 886 153.41 19.46 23.66
C LEU F 886 152.49 20.23 24.59
N LEU F 887 152.78 21.51 24.83
CA LEU F 887 151.93 22.30 25.72
C LEU F 887 150.60 22.67 25.07
N ALA F 888 150.56 22.71 23.72
CA ALA F 888 149.31 23.03 23.04
C ALA F 888 148.25 21.95 23.22
N LEU F 889 148.64 20.73 23.61
CA LEU F 889 147.66 19.67 23.81
C LEU F 889 146.79 19.95 25.03
N GLY F 890 147.37 20.53 26.07
CA GLY F 890 146.63 20.84 27.28
C GLY F 890 146.57 19.73 28.31
N CYS F 891 147.27 18.63 28.09
CA CYS F 891 147.25 17.53 29.04
C CYS F 891 148.08 17.89 30.27
N HIS F 892 147.92 17.08 31.33
CA HIS F 892 148.65 17.29 32.57
C HIS F 892 150.13 16.99 32.36
N VAL F 893 150.98 17.97 32.61
CA VAL F 893 152.42 17.86 32.44
C VAL F 893 153.07 18.02 33.81
N GLY F 894 153.84 17.02 34.23
CA GLY F 894 154.50 17.07 35.51
C GLY F 894 155.50 15.93 35.64
N MET F 895 156.44 16.12 36.56
CA MET F 895 157.46 15.11 36.81
C MET F 895 156.84 13.90 37.48
N ALA F 896 157.06 12.72 36.90
CA ALA F 896 156.50 11.50 37.46
C ALA F 896 157.20 11.10 38.75
N ASP F 897 158.51 10.85 38.66
CA ASP F 897 159.29 10.45 39.82
C ASP F 897 160.77 10.66 39.50
N GLU F 898 161.63 10.35 40.48
CA GLU F 898 163.07 10.49 40.28
C GLU F 898 163.63 9.45 39.33
N LYS F 899 162.90 8.35 39.10
CA LYS F 899 163.36 7.30 38.20
C LYS F 899 163.26 7.67 36.73
N ALA F 900 162.68 8.83 36.41
CA ALA F 900 162.56 9.24 35.01
C ALA F 900 163.88 9.82 34.50
N GLU F 901 164.56 10.62 35.31
CA GLU F 901 165.84 11.19 34.91
C GLU F 901 166.98 10.18 34.96
N ASP F 902 166.81 9.08 35.69
CA ASP F 902 167.82 8.05 35.80
C ASP F 902 167.48 6.90 34.86
N ASN F 903 168.36 6.61 33.92
CA ASN F 903 168.16 5.56 32.93
C ASN F 903 169.48 4.84 32.73
N LEU F 904 169.55 4.03 31.67
CA LEU F 904 170.74 3.27 31.35
C LEU F 904 171.85 4.21 30.86
N ARG F 905 172.99 3.63 30.54
CA ARG F 905 174.13 4.40 30.06
C ARG F 905 173.83 5.04 28.71
N LYS F 906 174.49 6.16 28.44
CA LYS F 906 174.28 6.88 27.19
C LYS F 906 174.89 6.10 26.02
N THR F 907 174.56 6.55 24.82
CA THR F 907 175.06 5.90 23.61
C THR F 907 176.54 6.17 23.44
N LYS F 908 177.28 5.15 23.05
CA LYS F 908 178.72 5.22 22.83
C LYS F 908 179.09 4.57 21.49
N LEU F 909 178.32 4.90 20.45
CA LEU F 909 178.50 4.39 19.10
C LEU F 909 178.43 2.87 19.10
N PRO F 910 177.35 2.28 19.61
CA PRO F 910 177.24 0.82 19.62
C PRO F 910 176.86 0.26 18.26
N LYS F 911 176.07 1.02 17.50
CA LYS F 911 175.64 0.55 16.18
C LYS F 911 176.79 0.61 15.18
N THR F 912 177.51 1.73 15.14
CA THR F 912 178.62 1.93 14.22
C THR F 912 179.91 1.95 15.03
N TYR F 913 180.81 1.00 14.73
CA TYR F 913 182.09 0.95 15.45
C TYR F 913 182.99 2.11 15.07
N MET F 914 183.02 2.48 13.79
CA MET F 914 183.82 3.59 13.30
C MET F 914 182.89 4.70 12.83
N MET F 915 182.84 5.78 13.60
CA MET F 915 181.97 6.92 13.30
C MET F 915 182.80 8.20 13.38
N SER F 916 182.89 8.92 12.26
CA SER F 916 183.64 10.17 12.23
C SER F 916 182.95 11.30 12.97
N ASN F 917 181.67 11.14 13.33
CA ASN F 917 180.97 12.20 14.04
C ASN F 917 181.50 12.37 15.46
N GLY F 918 181.57 11.28 16.22
CA GLY F 918 182.04 11.34 17.59
C GLY F 918 181.08 12.02 18.53
N TYR F 919 179.82 11.60 18.50
CA TYR F 919 178.78 12.18 19.34
C TYR F 919 177.88 11.05 19.83
N LYS F 920 176.74 11.41 20.40
CA LYS F 920 175.78 10.43 20.89
C LYS F 920 175.14 9.70 19.73
N PRO F 921 175.24 8.36 19.67
CA PRO F 921 174.63 7.64 18.55
C PRO F 921 173.11 7.69 18.57
N ALA F 922 172.51 7.39 19.72
CA ALA F 922 171.06 7.39 19.85
C ALA F 922 170.62 8.42 20.88
N PRO F 923 169.31 8.71 20.97
CA PRO F 923 168.84 9.71 21.94
C PRO F 923 169.06 9.27 23.38
N LEU F 924 168.58 8.07 23.71
CA LEU F 924 168.70 7.51 25.06
C LEU F 924 168.12 8.46 26.11
N ASP F 925 167.00 9.10 25.77
CA ASP F 925 166.36 10.04 26.68
C ASP F 925 165.21 9.39 27.43
N ALA F 926 146.00 8.06 20.96
CA ALA F 926 146.05 9.26 21.76
C ALA F 926 147.35 10.03 21.53
N GLN F 927 148.46 9.44 21.96
CA GLN F 927 149.76 10.08 21.78
C GLN F 927 150.12 10.20 20.31
N THR F 928 149.86 9.15 19.52
CA THR F 928 150.16 9.20 18.10
C THR F 928 149.29 10.24 17.40
N THR F 929 148.01 10.33 17.77
CA THR F 929 147.13 11.34 17.17
C THR F 929 147.58 12.74 17.56
N LEU F 930 148.00 12.94 18.80
CA LEU F 930 148.50 14.25 19.22
C LEU F 930 149.76 14.63 18.48
N VAL F 931 150.66 13.66 18.28
CA VAL F 931 151.90 13.93 17.54
C VAL F 931 151.59 14.26 16.08
N ASP F 932 150.63 13.55 15.49
CA ASP F 932 150.25 13.85 14.11
C ASP F 932 149.62 15.23 14.00
N ARG F 933 148.78 15.60 14.98
CA ARG F 933 148.19 16.94 14.97
C ARG F 933 149.26 18.02 15.13
N LEU F 934 150.25 17.77 15.99
CA LEU F 934 151.33 18.73 16.17
C LEU F 934 152.16 18.87 14.89
N ALA F 935 152.44 17.76 14.22
CA ALA F 935 153.18 17.82 12.97
C ALA F 935 152.39 18.55 11.90
N GLU F 936 151.07 18.32 11.84
CA GLU F 936 150.25 19.03 10.88
C GLU F 936 150.22 20.53 11.16
N ASN F 937 150.13 20.91 12.44
CA ASN F 937 150.16 22.31 12.81
C ASN F 937 151.49 22.95 12.45
N GLY F 938 152.59 22.23 12.67
CA GLY F 938 153.91 22.75 12.29
C GLY F 938 154.04 22.93 10.79
N HIS F 939 153.54 21.96 10.03
CA HIS F 939 153.58 22.07 8.57
C HIS F 939 152.72 23.23 8.09
N ASN F 940 151.56 23.44 8.72
CA ASN F 940 150.71 24.57 8.35
C ASN F 940 151.37 25.90 8.69
N VAL F 941 152.06 25.96 9.83
CA VAL F 941 152.77 27.19 10.20
C VAL F 941 153.91 27.46 9.23
N TRP F 942 154.62 26.41 8.81
CA TRP F 942 155.69 26.58 7.83
C TRP F 942 155.13 27.05 6.49
N ALA F 943 153.99 26.49 6.07
CA ALA F 943 153.37 26.92 4.82
C ALA F 943 152.91 28.36 4.90
N ARG F 944 152.36 28.78 6.05
CA ARG F 944 151.94 30.16 6.22
C ARG F 944 153.14 31.10 6.21
N ASP F 945 154.25 30.71 6.83
CA ASP F 945 155.44 31.53 6.79
C ASP F 945 155.99 31.64 5.38
N ARG F 946 155.96 30.55 4.62
CA ARG F 946 156.43 30.59 3.24
C ARG F 946 155.53 31.47 2.37
N VAL F 947 154.21 31.43 2.62
CA VAL F 947 153.29 32.27 1.87
C VAL F 947 153.50 33.74 2.22
N ALA F 948 153.77 34.03 3.50
CA ALA F 948 154.07 35.40 3.89
C ALA F 948 155.40 35.87 3.32
N GLN F 949 156.34 34.95 3.09
CA GLN F 949 157.62 35.27 2.47
C GLN F 949 157.52 35.46 0.96
N GLY F 950 156.33 35.35 0.39
CA GLY F 950 156.15 35.54 -1.04
C GLY F 950 156.22 34.24 -1.84
N TRP F 951 155.44 33.24 -1.42
CA TRP F 951 155.40 31.97 -2.12
C TRP F 951 154.58 32.10 -3.40
N SER F 952 155.06 31.46 -4.47
CA SER F 952 154.37 31.53 -5.75
C SER F 952 153.12 30.63 -5.75
N TYR F 953 153.31 29.33 -5.56
CA TYR F 953 152.20 28.39 -5.54
C TYR F 953 152.66 27.09 -4.90
N SER F 954 151.69 26.25 -4.55
CA SER F 954 151.94 24.94 -3.97
C SER F 954 151.56 23.81 -4.92
N ALA F 955 151.76 24.02 -6.22
CA ALA F 955 151.39 23.05 -7.23
C ALA F 955 152.39 21.89 -7.24
N VAL F 956 152.09 20.88 -8.05
CA VAL F 956 152.99 19.74 -8.17
C VAL F 956 154.26 20.12 -8.93
N GLN F 957 154.17 21.12 -9.81
CA GLN F 957 155.32 21.58 -10.57
C GLN F 957 156.09 22.60 -9.73
N ASP F 958 157.27 22.21 -9.25
CA ASP F 958 158.09 23.05 -8.41
C ASP F 958 159.14 23.77 -9.25
N ILE F 959 159.58 24.93 -8.76
CA ILE F 959 160.58 25.73 -9.46
C ILE F 959 161.33 26.57 -8.43
N PRO F 960 162.43 27.22 -8.80
CA PRO F 960 163.19 28.02 -7.82
C PRO F 960 162.58 29.39 -7.56
N ALA F 961 161.52 29.78 -8.28
CA ALA F 961 160.89 31.08 -8.09
C ALA F 961 159.85 31.02 -6.96
N ARG F 962 160.35 30.69 -5.77
CA ARG F 962 159.53 30.60 -4.56
C ARG F 962 158.38 29.61 -4.74
N ARG F 963 158.67 28.47 -5.35
CA ARG F 963 157.68 27.43 -5.58
C ARG F 963 158.05 26.18 -4.80
N ASN F 964 157.04 25.56 -4.18
CA ASN F 964 157.24 24.36 -3.39
C ASN F 964 156.45 23.20 -3.98
N PRO F 965 157.01 21.99 -3.98
CA PRO F 965 156.26 20.86 -4.56
C PRO F 965 155.10 20.40 -3.68
N ARG F 966 155.31 20.32 -2.37
CA ARG F 966 154.28 19.88 -1.42
C ARG F 966 154.19 20.91 -0.30
N LEU F 967 153.32 21.91 -0.49
CA LEU F 967 153.12 22.96 0.50
C LEU F 967 151.64 23.11 0.85
N VAL F 968 150.86 22.05 0.67
CA VAL F 968 149.44 22.07 0.98
C VAL F 968 149.26 22.01 2.49
N PRO F 969 148.30 22.76 3.05
CA PRO F 969 148.13 22.78 4.51
C PRO F 969 147.40 21.53 5.01
N TYR F 970 148.15 20.65 5.67
CA TYR F 970 147.60 19.43 6.28
C TYR F 970 146.88 18.57 5.25
N ARG F 971 147.64 18.11 4.26
CA ARG F 971 147.12 17.26 3.19
C ARG F 971 147.94 15.98 3.11
N LEU F 972 147.48 15.07 2.27
CA LEU F 972 148.13 13.78 2.05
C LEU F 972 148.93 13.78 0.75
N LEU F 973 149.56 14.92 0.42
CA LEU F 973 150.31 15.02 -0.82
C LEU F 973 151.49 14.05 -0.84
N ASP F 974 152.36 14.12 0.18
CA ASP F 974 153.53 13.27 0.28
C ASP F 974 153.32 12.25 1.37
N GLU F 975 153.36 10.96 1.01
CA GLU F 975 153.19 9.90 2.00
C GLU F 975 154.43 9.70 2.84
N ALA F 976 155.62 9.77 2.21
CA ALA F 976 156.86 9.61 2.97
C ALA F 976 157.06 10.74 3.97
N THR F 977 156.78 11.98 3.55
CA THR F 977 156.92 13.11 4.46
C THR F 977 155.92 13.00 5.61
N LYS F 978 154.69 12.56 5.33
CA LYS F 978 153.70 12.39 6.38
C LYS F 978 154.13 11.30 7.36
N ARG F 979 154.65 10.17 6.85
CA ARG F 979 155.13 9.11 7.73
C ARG F 979 156.30 9.59 8.59
N SER F 980 157.21 10.37 8.00
CA SER F 980 158.33 10.91 8.77
C SER F 980 157.84 11.85 9.85
N ASN F 981 156.90 12.75 9.51
CA ASN F 981 156.38 13.69 10.51
C ASN F 981 155.58 12.99 11.59
N ARG F 982 155.00 11.82 11.28
CA ARG F 982 154.25 11.08 12.29
C ARG F 982 155.14 10.19 13.14
N ASP F 983 156.31 9.80 12.63
CA ASP F 983 157.19 8.90 13.36
C ASP F 983 158.25 9.65 14.16
N SER F 984 159.04 10.50 13.49
CA SER F 984 160.15 11.18 14.16
C SER F 984 159.65 12.15 15.22
N LEU F 985 158.59 12.90 14.91
CA LEU F 985 158.05 13.84 15.89
C LEU F 985 157.49 13.11 17.10
N CYS F 986 156.80 11.98 16.88
CA CYS F 986 156.28 11.21 18.00
C CYS F 986 157.41 10.65 18.85
N GLN F 987 158.49 10.16 18.21
CA GLN F 987 159.62 9.64 18.95
C GLN F 987 160.29 10.74 19.76
N ALA F 988 160.44 11.93 19.18
CA ALA F 988 161.04 13.05 19.91
C ALA F 988 160.17 13.47 21.08
N VAL F 989 158.85 13.50 20.89
CA VAL F 989 157.94 13.87 21.98
C VAL F 989 158.02 12.83 23.11
N ARG F 990 158.08 11.54 22.75
CA ARG F 990 158.18 10.51 23.77
C ARG F 990 159.51 10.61 24.52
N THR F 991 160.60 10.88 23.81
CA THR F 991 161.90 11.02 24.45
C THR F 991 161.95 12.24 25.36
N LEU F 992 161.28 13.33 24.97
CA LEU F 992 161.26 14.52 25.79
C LEU F 992 160.36 14.35 27.01
N LEU F 993 159.28 13.56 26.88
CA LEU F 993 158.40 13.32 28.02
C LEU F 993 159.04 12.35 29.02
N GLY F 994 159.69 11.30 28.52
CA GLY F 994 160.30 10.32 29.41
C GLY F 994 161.58 10.80 30.07
N TYR F 995 162.22 11.82 29.52
CA TYR F 995 163.49 12.30 30.09
C TYR F 995 163.25 13.14 31.33
N GLY F 996 162.51 14.23 31.18
CA GLY F 996 162.27 15.13 32.31
C GLY F 996 160.87 15.05 32.86
N TYR F 997 160.05 16.06 32.57
CA TYR F 997 158.69 16.12 33.08
C TYR F 997 157.76 15.35 32.12
N ASN F 998 157.09 14.33 32.64
CA ASN F 998 156.17 13.55 31.82
C ASN F 998 154.92 14.36 31.50
N ILE F 999 154.18 13.89 30.50
CA ILE F 999 152.95 14.53 30.06
C ILE F 999 151.83 13.51 30.05
N GLU F 1000 150.60 14.01 29.97
CA GLU F 1000 149.40 13.18 29.95
C GLU F 1000 149.33 12.25 31.17
N ARG F 1001 121.38 16.15 3.48
CA ARG F 1001 121.82 16.44 2.14
C ARG F 1001 121.84 15.19 1.27
N VAL F 1002 121.38 14.08 1.84
CA VAL F 1002 121.34 12.82 1.10
C VAL F 1002 120.21 12.86 0.07
N ARG F 1003 120.30 11.94 -0.89
CA ARG F 1003 119.31 11.82 -1.95
C ARG F 1003 118.42 10.61 -1.72
N ILE F 1004 117.12 10.79 -1.94
CA ILE F 1004 116.12 9.74 -1.75
C ILE F 1004 115.61 9.35 -3.14
N PHE F 1005 115.99 8.16 -3.59
CA PHE F 1005 115.59 7.65 -4.90
C PHE F 1005 114.29 6.86 -4.74
N ARG F 1006 113.16 7.53 -4.99
CA ARG F 1006 111.85 6.92 -4.87
C ARG F 1006 111.37 6.44 -6.24
N ALA F 1007 110.13 5.98 -6.30
CA ALA F 1007 109.51 5.49 -7.52
C ALA F 1007 108.29 6.36 -7.87
N GLU F 1008 107.67 6.03 -9.00
CA GLU F 1008 106.49 6.77 -9.43
C GLU F 1008 105.30 6.48 -8.52
N LYS F 1009 104.52 7.53 -8.25
CA LYS F 1009 103.35 7.37 -7.37
C LYS F 1009 102.26 6.57 -8.05
N SER F 1010 102.10 6.70 -9.37
CA SER F 1010 101.06 5.97 -10.08
C SER F 1010 101.44 4.49 -10.24
N TYR F 1011 102.67 4.23 -10.68
CA TYR F 1011 103.14 2.86 -10.87
C TYR F 1011 103.42 2.24 -9.52
N ALA F 1012 102.42 1.53 -8.99
CA ALA F 1012 102.54 0.87 -7.68
C ALA F 1012 101.59 -0.32 -7.67
N VAL F 1013 101.66 -1.09 -6.58
CA VAL F 1013 100.84 -2.28 -6.40
C VAL F 1013 100.18 -2.22 -5.03
N GLN F 1014 98.95 -2.71 -4.95
CA GLN F 1014 98.19 -2.74 -3.71
C GLN F 1014 97.99 -4.15 -3.18
N SER F 1015 98.52 -5.17 -3.86
CA SER F 1015 98.39 -6.55 -3.41
C SER F 1015 99.53 -7.37 -4.00
N GLY F 1016 99.78 -8.52 -3.40
CA GLY F 1016 100.82 -9.40 -3.85
C GLY F 1016 102.12 -9.23 -3.08
N ARG F 1017 103.15 -9.88 -3.60
CA ARG F 1017 104.48 -9.85 -3.00
C ARG F 1017 105.52 -9.56 -4.07
N TRP F 1018 106.59 -8.88 -3.67
CA TRP F 1018 107.67 -8.52 -4.58
C TRP F 1018 109.00 -8.82 -3.91
N TYR F 1019 110.07 -8.73 -4.70
CA TYR F 1019 111.43 -9.00 -4.24
C TYR F 1019 112.33 -7.84 -4.67
N PHE F 1020 112.69 -6.99 -3.72
CA PHE F 1020 113.57 -5.85 -4.00
C PHE F 1020 115.01 -6.24 -3.72
N GLU F 1021 115.89 -5.98 -4.69
CA GLU F 1021 117.31 -6.28 -4.58
C GLU F 1021 118.10 -4.98 -4.60
N PHE F 1022 119.06 -4.86 -3.68
CA PHE F 1022 119.89 -3.67 -3.58
C PHE F 1022 121.32 -4.10 -3.24
N GLU F 1023 122.27 -3.71 -4.10
CA GLU F 1023 123.68 -4.05 -3.90
C GLU F 1023 124.48 -2.75 -3.92
N ALA F 1024 124.97 -2.34 -2.75
CA ALA F 1024 125.74 -1.11 -2.64
C ALA F 1024 127.13 -1.31 -3.19
N VAL F 1025 127.60 -0.35 -3.99
CA VAL F 1025 128.95 -0.42 -4.54
C VAL F 1025 129.98 -0.15 -3.45
N THR F 1026 129.71 0.84 -2.60
CA THR F 1026 130.60 1.19 -1.49
C THR F 1026 129.79 1.23 -0.20
N THR F 1027 130.37 0.69 0.86
CA THR F 1027 129.70 0.65 2.14
C THR F 1027 129.58 2.06 2.72
N GLY F 1028 128.57 2.24 3.58
CA GLY F 1028 128.35 3.53 4.19
C GLY F 1028 126.98 3.62 4.83
N GLU F 1029 126.46 4.84 4.88
CA GLU F 1029 125.14 5.11 5.46
C GLU F 1029 124.10 5.04 4.36
N MET F 1030 123.35 3.94 4.31
CA MET F 1030 122.31 3.75 3.32
C MET F 1030 121.09 3.14 3.98
N ARG F 1031 119.91 3.46 3.43
CA ARG F 1031 118.64 2.97 3.95
C ARG F 1031 117.89 2.26 2.83
N VAL F 1032 117.38 1.07 3.14
CA VAL F 1032 116.68 0.24 2.16
C VAL F 1032 115.35 -0.20 2.76
N GLY F 1033 114.39 -0.47 1.90
CA GLY F 1033 113.09 -0.93 2.35
C GLY F 1033 111.98 -0.39 1.46
N TRP F 1034 110.77 -0.88 1.73
CA TRP F 1034 109.60 -0.45 0.98
C TRP F 1034 109.03 0.83 1.57
N ALA F 1035 108.57 1.72 0.70
CA ALA F 1035 108.05 3.02 1.11
C ALA F 1035 106.68 3.25 0.51
N ARG F 1036 105.91 4.11 1.17
CA ARG F 1036 104.59 4.50 0.68
C ARG F 1036 104.74 5.62 -0.36
N PRO F 1037 103.98 5.57 -1.46
CA PRO F 1037 104.11 6.61 -2.49
C PRO F 1037 103.85 8.02 -1.98
N GLU F 1038 103.16 8.17 -0.84
CA GLU F 1038 102.89 9.49 -0.26
C GLU F 1038 103.91 9.74 0.83
N LEU F 1039 104.95 10.51 0.51
CA LEU F 1039 105.98 10.87 1.48
C LEU F 1039 106.54 12.23 1.12
N ARG F 1040 107.35 12.78 2.03
CA ARG F 1040 108.00 14.06 1.83
C ARG F 1040 109.51 13.88 1.72
N PRO F 1041 110.16 14.57 0.77
CA PRO F 1041 111.59 14.34 0.54
C PRO F 1041 112.48 14.97 1.61
N ASP F 1042 112.03 16.07 2.21
CA ASP F 1042 112.86 16.76 3.20
C ASP F 1042 112.97 15.95 4.49
N VAL F 1043 111.92 15.21 4.85
CA VAL F 1043 111.97 14.36 6.03
C VAL F 1043 112.88 13.17 5.74
N GLU F 1044 113.74 12.84 6.72
CA GLU F 1044 114.64 11.72 6.57
C GLU F 1044 113.87 10.42 6.38
N LEU F 1045 114.45 9.51 5.59
CA LEU F 1045 113.81 8.24 5.29
C LEU F 1045 113.76 7.37 6.54
N GLY F 1046 112.56 7.06 7.00
CA GLY F 1046 112.38 6.25 8.19
C GLY F 1046 112.29 7.02 9.49
N ALA F 1047 112.35 8.34 9.45
CA ALA F 1047 112.26 9.13 10.68
C ALA F 1047 110.85 9.14 11.24
N ASP F 1048 109.83 9.06 10.38
CA ASP F 1048 108.45 9.08 10.83
C ASP F 1048 107.69 7.88 10.27
N GLU F 1049 106.38 7.85 10.48
CA GLU F 1049 105.53 6.76 10.00
C GLU F 1049 105.13 6.92 8.53
N LEU F 1050 105.75 7.85 7.80
CA LEU F 1050 105.40 8.05 6.41
C LEU F 1050 105.91 6.90 5.54
N ALA F 1051 107.11 6.39 5.83
CA ALA F 1051 107.69 5.31 5.05
C ALA F 1051 108.50 4.41 5.97
N TYR F 1052 108.90 3.26 5.44
CA TYR F 1052 109.71 2.29 6.16
C TYR F 1052 111.12 2.24 5.56
N VAL F 1053 112.10 1.93 6.42
CA VAL F 1053 113.49 1.89 6.01
C VAL F 1053 114.24 0.91 6.89
N PHE F 1054 115.42 0.50 6.42
CA PHE F 1054 116.31 -0.38 7.17
C PHE F 1054 117.73 0.13 7.02
N ASN F 1055 118.41 0.34 8.15
CA ASN F 1055 119.74 0.91 8.14
C ASN F 1055 120.74 -0.05 7.51
N GLY F 1056 121.92 0.49 7.19
CA GLY F 1056 122.96 -0.29 6.55
C GLY F 1056 124.07 -0.71 7.50
N HIS F 1057 125.19 0.00 7.46
CA HIS F 1057 126.32 -0.33 8.33
C HIS F 1057 126.02 -0.05 9.80
N ARG F 1058 125.00 0.74 10.10
CA ARG F 1058 124.65 1.01 11.49
C ARG F 1058 123.94 -0.16 12.15
N GLY F 1059 123.30 -1.03 11.37
CA GLY F 1059 122.59 -2.17 11.91
C GLY F 1059 121.40 -1.76 12.77
N GLN F 1060 120.57 -0.87 12.24
CA GLN F 1060 119.42 -0.34 12.95
C GLN F 1060 118.17 -0.47 12.09
N ARG F 1061 117.03 -0.11 12.67
CA ARG F 1061 115.76 -0.10 11.96
C ARG F 1061 115.06 1.23 12.21
N TRP F 1062 114.57 1.86 11.15
CA TRP F 1062 113.91 3.15 11.22
C TRP F 1062 112.44 2.97 10.87
N HIS F 1063 111.59 2.91 11.89
CA HIS F 1063 110.13 2.76 11.69
C HIS F 1063 109.45 3.51 12.83
N LEU F 1064 109.09 4.77 12.56
CA LEU F 1064 108.43 5.64 13.53
C LEU F 1064 109.24 5.75 14.82
N GLY F 1065 110.56 5.77 14.68
CA GLY F 1065 111.44 5.84 15.83
C GLY F 1065 112.81 5.26 15.52
N SER F 1066 113.36 4.52 16.47
CA SER F 1066 114.68 3.92 16.32
C SER F 1066 114.66 2.49 16.85
N GLU F 1067 115.55 1.66 16.31
CA GLU F 1067 115.68 0.27 16.73
C GLU F 1067 117.09 -0.19 16.38
N LEU F 1068 117.33 -1.50 16.50
CA LEU F 1068 118.62 -2.08 16.14
C LEU F 1068 118.39 -3.49 15.62
N PHE F 1069 118.26 -3.60 14.29
CA PHE F 1069 118.03 -4.87 13.62
C PHE F 1069 119.15 -5.14 12.63
N GLY F 1070 119.57 -6.39 12.54
CA GLY F 1070 120.55 -6.82 11.56
C GLY F 1070 121.96 -6.34 11.84
N ARG F 1071 122.94 -6.96 11.18
CA ARG F 1071 124.34 -6.59 11.33
C ARG F 1071 124.71 -5.53 10.28
N PRO F 1072 125.96 -5.06 10.28
CA PRO F 1072 126.36 -4.06 9.29
C PRO F 1072 126.48 -4.66 7.89
N TRP F 1073 126.61 -3.77 6.92
CA TRP F 1073 126.73 -4.17 5.52
C TRP F 1073 128.21 -4.28 5.12
N GLN F 1074 128.48 -5.21 4.22
CA GLN F 1074 129.84 -5.41 3.71
C GLN F 1074 130.09 -4.49 2.53
N SER F 1075 131.25 -4.63 1.89
CA SER F 1075 131.58 -3.79 0.74
C SER F 1075 130.80 -4.23 -0.50
N GLY F 1076 130.82 -5.52 -0.81
CA GLY F 1076 130.12 -6.04 -1.97
C GLY F 1076 128.85 -6.79 -1.61
N ASP F 1077 128.23 -6.41 -0.49
CA ASP F 1077 127.02 -7.07 -0.05
C ASP F 1077 125.83 -6.65 -0.90
N VAL F 1078 124.85 -7.56 -1.02
CA VAL F 1078 123.64 -7.33 -1.79
C VAL F 1078 122.46 -7.58 -0.85
N VAL F 1079 121.86 -6.51 -0.36
CA VAL F 1079 120.73 -6.62 0.56
C VAL F 1079 119.45 -6.84 -0.24
N GLY F 1080 118.63 -7.80 0.20
CA GLY F 1080 117.37 -8.12 -0.44
C GLY F 1080 116.20 -7.74 0.43
N CYS F 1081 115.07 -7.43 -0.21
CA CYS F 1081 113.85 -7.06 0.49
C CYS F 1081 112.66 -7.76 -0.15
N MET F 1082 111.77 -8.27 0.68
CA MET F 1082 110.57 -8.96 0.21
C MET F 1082 109.43 -8.65 1.16
N ILE F 1083 108.38 -8.01 0.63
CA ILE F 1083 107.22 -7.63 1.42
C ILE F 1083 106.06 -8.53 1.04
N ASP F 1084 105.25 -8.88 2.03
CA ASP F 1084 104.07 -9.74 1.86
C ASP F 1084 102.85 -8.95 2.31
N LEU F 1085 102.11 -8.41 1.34
CA LEU F 1085 100.94 -7.59 1.68
C LEU F 1085 99.78 -8.42 2.20
N THR F 1086 99.70 -9.69 1.81
CA THR F 1086 98.64 -10.55 2.32
C THR F 1086 98.88 -10.91 3.78
N GLU F 1087 100.13 -11.24 4.14
CA GLU F 1087 100.48 -11.58 5.50
C GLU F 1087 100.79 -10.35 6.36
N ASN F 1088 100.84 -9.16 5.77
CA ASN F 1088 101.11 -7.91 6.48
C ASN F 1088 102.45 -7.98 7.23
N THR F 1089 103.46 -8.53 6.57
CA THR F 1089 104.79 -8.67 7.16
C THR F 1089 105.85 -8.28 6.14
N ILE F 1090 106.99 -7.83 6.64
CA ILE F 1090 108.12 -7.42 5.82
C ILE F 1090 109.33 -8.27 6.21
N ILE F 1091 109.98 -8.88 5.23
CA ILE F 1091 111.12 -9.75 5.45
C ILE F 1091 112.30 -9.19 4.66
N PHE F 1092 113.36 -8.84 5.36
CA PHE F 1092 114.59 -8.33 4.74
C PHE F 1092 115.59 -9.46 4.58
N THR F 1093 116.21 -9.53 3.41
CA THR F 1093 117.20 -10.55 3.09
C THR F 1093 118.58 -9.94 3.10
N LEU F 1094 119.48 -10.49 3.89
CA LEU F 1094 120.86 -9.99 4.02
C LEU F 1094 121.80 -11.09 3.54
N ASN F 1095 122.45 -10.84 2.40
CA ASN F 1095 123.41 -11.77 1.80
C ASN F 1095 122.77 -13.13 1.55
N GLY F 1096 121.53 -13.13 1.07
CA GLY F 1096 120.83 -14.36 0.80
C GLY F 1096 120.44 -15.15 2.03
N GLU F 1097 120.34 -14.50 3.19
CA GLU F 1097 119.99 -15.18 4.43
C GLU F 1097 118.95 -14.35 5.18
N VAL F 1098 118.11 -15.05 5.95
CA VAL F 1098 117.07 -14.38 6.73
C VAL F 1098 117.69 -13.71 7.94
N LEU F 1099 117.33 -12.45 8.16
CA LEU F 1099 117.85 -11.68 9.28
C LEU F 1099 117.09 -12.02 10.55
N MET F 1100 117.75 -11.80 11.70
CA MET F 1100 117.15 -12.07 12.99
C MET F 1100 117.74 -11.12 14.01
N SER F 1101 117.14 -11.10 15.20
CA SER F 1101 117.57 -10.22 16.27
C SER F 1101 117.39 -10.96 17.61
N ASP F 1102 117.49 -10.20 18.70
CA ASP F 1102 117.36 -10.80 20.03
C ASP F 1102 115.92 -11.27 20.28
N SER F 1103 114.94 -10.51 19.79
CA SER F 1103 113.54 -10.89 20.00
C SER F 1103 113.18 -12.14 19.19
N GLY F 1104 113.84 -12.36 18.06
CA GLY F 1104 113.57 -13.52 17.24
C GLY F 1104 112.30 -13.45 16.41
N SER F 1105 111.69 -12.27 16.29
CA SER F 1105 110.47 -12.14 15.51
C SER F 1105 110.79 -12.22 14.02
N GLU F 1106 110.04 -13.05 13.30
CA GLU F 1106 110.29 -13.22 11.87
C GLU F 1106 109.88 -11.99 11.08
N THR F 1107 108.90 -11.22 11.57
CA THR F 1107 108.46 -10.01 10.90
C THR F 1107 109.23 -8.82 11.41
N ALA F 1108 109.55 -7.89 10.50
CA ALA F 1108 110.27 -6.68 10.89
C ALA F 1108 109.32 -5.60 11.37
N PHE F 1109 108.27 -5.31 10.59
CA PHE F 1109 107.25 -4.32 10.96
C PHE F 1109 105.91 -5.03 10.98
N ARG F 1110 105.36 -5.21 12.18
CA ARG F 1110 104.09 -5.90 12.34
C ARG F 1110 102.94 -4.89 12.40
N ASP F 1111 101.74 -5.38 12.05
CA ASP F 1111 100.52 -4.58 12.06
C ASP F 1111 100.66 -3.35 11.15
N ILE F 1112 101.15 -3.58 9.94
CA ILE F 1112 101.30 -2.50 8.98
C ILE F 1112 99.99 -2.25 8.26
N GLU F 1113 99.75 -1.00 7.90
CA GLU F 1113 98.53 -0.63 7.19
C GLU F 1113 98.67 -0.88 5.70
N VAL F 1114 97.56 -1.25 5.06
CA VAL F 1114 97.57 -1.51 3.63
C VAL F 1114 97.73 -0.21 2.86
N GLY F 1115 96.80 0.72 3.04
CA GLY F 1115 96.88 1.99 2.36
C GLY F 1115 96.67 1.86 0.85
N ASP F 1116 97.19 2.85 0.13
CA ASP F 1116 97.08 2.85 -1.32
C ASP F 1116 98.02 1.82 -1.95
N GLY F 1117 99.28 1.86 -1.56
CA GLY F 1117 100.25 0.91 -2.11
C GLY F 1117 101.60 1.10 -1.47
N PHE F 1118 102.60 0.42 -2.04
CA PHE F 1118 103.97 0.49 -1.56
C PHE F 1118 104.92 0.46 -2.74
N LEU F 1119 105.84 1.41 -2.78
CA LEU F 1119 106.79 1.52 -3.87
C LEU F 1119 108.22 1.43 -3.33
N PRO F 1120 109.14 0.84 -4.09
CA PRO F 1120 110.53 0.76 -3.64
C PRO F 1120 111.17 2.14 -3.54
N VAL F 1121 112.13 2.25 -2.62
CA VAL F 1121 112.84 3.50 -2.39
C VAL F 1121 114.31 3.19 -2.15
N CYS F 1122 115.17 4.16 -2.45
CA CYS F 1122 116.61 4.03 -2.25
C CYS F 1122 117.16 5.33 -1.70
N SER F 1123 118.27 5.22 -0.96
CA SER F 1123 118.94 6.36 -0.38
C SER F 1123 120.42 6.27 -0.65
N LEU F 1124 121.02 7.39 -1.07
CA LEU F 1124 122.43 7.47 -1.38
C LEU F 1124 123.16 8.23 -0.28
N GLY F 1125 124.21 7.63 0.26
CA GLY F 1125 124.99 8.25 1.31
C GLY F 1125 126.01 9.22 0.76
N PRO F 1126 126.53 10.10 1.63
CA PRO F 1126 127.53 11.07 1.19
C PRO F 1126 128.83 10.37 0.76
N GLY F 1127 129.20 10.59 -0.49
CA GLY F 1127 130.41 9.97 -1.02
C GLY F 1127 130.32 8.47 -1.17
N GLN F 1128 129.15 7.93 -1.48
CA GLN F 1128 128.94 6.50 -1.65
C GLN F 1128 128.23 6.24 -2.96
N VAL F 1129 128.22 4.96 -3.36
CA VAL F 1129 127.58 4.54 -4.60
C VAL F 1129 126.81 3.25 -4.34
N GLY F 1130 125.70 3.09 -5.04
CA GLY F 1130 124.88 1.90 -4.89
C GLY F 1130 124.15 1.59 -6.17
N HIS F 1131 123.66 0.34 -6.25
CA HIS F 1131 122.94 -0.15 -7.41
C HIS F 1131 121.53 -0.56 -7.00
N LEU F 1132 120.54 -0.06 -7.74
CA LEU F 1132 119.14 -0.37 -7.49
C LEU F 1132 118.65 -1.36 -8.54
N ASN F 1133 118.15 -2.51 -8.09
CA ASN F 1133 117.66 -3.56 -8.97
C ASN F 1133 116.15 -3.66 -8.81
N LEU F 1134 115.43 -3.57 -9.93
CA LEU F 1134 113.98 -3.65 -9.93
C LEU F 1134 113.46 -4.99 -10.42
N GLY F 1135 114.35 -5.94 -10.74
CA GLY F 1135 113.92 -7.24 -11.22
C GLY F 1135 113.29 -7.20 -12.59
N GLN F 1136 114.00 -6.65 -13.57
CA GLN F 1136 113.45 -6.54 -14.92
C GLN F 1136 113.36 -7.90 -15.59
N ASP F 1137 114.33 -8.78 -15.33
CA ASP F 1137 114.37 -10.10 -15.94
C ASP F 1137 114.85 -11.11 -14.90
N VAL F 1138 115.00 -12.36 -15.34
CA VAL F 1138 115.45 -13.42 -14.44
C VAL F 1138 116.95 -13.30 -14.16
N SER F 1139 117.74 -12.90 -15.15
CA SER F 1139 119.18 -12.79 -14.98
C SER F 1139 119.58 -11.68 -14.03
N SER F 1140 118.68 -10.75 -13.71
CA SER F 1140 118.97 -9.67 -12.78
C SER F 1140 118.85 -10.08 -11.32
N LEU F 1141 118.62 -11.37 -11.05
CA LEU F 1141 118.45 -11.86 -9.69
C LEU F 1141 119.71 -12.59 -9.24
N ARG F 1142 120.20 -12.24 -8.05
CA ARG F 1142 121.45 -12.79 -7.53
C ARG F 1142 121.22 -14.01 -6.65
N PHE F 1143 120.46 -13.86 -5.57
CA PHE F 1143 120.20 -14.94 -4.62
C PHE F 1143 118.70 -15.04 -4.34
N PHE F 1144 117.91 -15.03 -5.41
CA PHE F 1144 116.46 -15.08 -5.24
C PHE F 1144 116.00 -16.48 -4.85
N ALA F 1145 116.57 -17.51 -5.45
CA ALA F 1145 116.12 -18.88 -5.26
C ALA F 1145 116.31 -19.38 -3.83
N ILE F 1146 116.88 -18.54 -2.96
CA ILE F 1146 117.07 -18.92 -1.57
C ILE F 1146 115.71 -19.03 -0.87
N CYS F 1147 114.84 -18.04 -1.07
CA CYS F 1147 113.53 -18.05 -0.43
C CYS F 1147 112.39 -17.63 -1.35
N GLY F 1148 112.66 -17.26 -2.61
CA GLY F 1148 111.59 -16.80 -3.48
C GLY F 1148 110.64 -17.91 -3.89
N LEU F 1149 111.17 -19.11 -4.11
CA LEU F 1149 110.31 -20.23 -4.48
C LEU F 1149 109.42 -20.66 -3.32
N GLN F 1150 109.91 -20.52 -2.08
CA GLN F 1150 109.10 -20.88 -0.92
C GLN F 1150 108.07 -19.80 -0.60
N GLU F 1151 108.50 -18.55 -0.54
CA GLU F 1151 107.59 -17.44 -0.23
C GLU F 1151 106.67 -17.08 -1.40
N GLY F 1152 107.07 -17.41 -2.63
CA GLY F 1152 106.26 -17.05 -3.78
C GLY F 1152 106.28 -15.59 -4.15
N PHE F 1153 107.24 -14.82 -3.63
CA PHE F 1153 107.32 -13.39 -3.93
C PHE F 1153 107.85 -13.23 -5.35
N GLU F 1154 106.96 -12.91 -6.28
CA GLU F 1154 107.36 -12.70 -7.66
C GLU F 1154 108.10 -11.38 -7.81
N PRO F 1155 109.09 -11.33 -8.71
CA PRO F 1155 109.81 -10.07 -8.94
C PRO F 1155 108.89 -8.93 -9.34
N PHE F 1156 109.39 -7.71 -9.18
CA PHE F 1156 108.58 -6.52 -9.41
C PHE F 1156 108.26 -6.34 -10.89
N ALA F 1157 109.29 -6.17 -11.71
CA ALA F 1157 109.11 -6.00 -13.16
C ALA F 1157 109.06 -7.37 -13.84
N ILE F 1158 108.06 -8.16 -13.45
CA ILE F 1158 107.97 -9.52 -13.96
C ILE F 1158 107.24 -9.56 -15.31
N ASN F 1159 106.41 -8.57 -15.60
CA ASN F 1159 105.67 -8.52 -16.86
C ASN F 1159 105.87 -7.23 -17.64
N MET F 1160 106.51 -6.22 -17.05
CA MET F 1160 106.73 -4.96 -17.76
C MET F 1160 107.82 -5.15 -18.80
N GLN F 1161 107.43 -5.07 -20.08
CA GLN F 1161 108.40 -5.19 -21.16
C GLN F 1161 109.38 -4.03 -21.17
N ARG F 1162 108.95 -2.87 -20.68
CA ARG F 1162 109.77 -1.66 -20.61
C ARG F 1162 110.30 -1.46 -19.19
N PRO F 1163 111.49 -0.89 -19.05
CA PRO F 1163 112.04 -0.65 -17.71
C PRO F 1163 111.20 0.37 -16.95
N VAL F 1164 111.08 0.15 -15.65
CA VAL F 1164 110.28 1.03 -14.79
C VAL F 1164 111.05 2.33 -14.56
N THR F 1165 110.36 3.45 -14.68
CA THR F 1165 110.98 4.75 -14.46
C THR F 1165 111.33 4.95 -12.99
N THR F 1166 112.36 5.75 -12.76
CA THR F 1166 112.83 6.05 -11.41
C THR F 1166 112.75 7.55 -11.15
N TRP F 1167 112.60 7.91 -9.88
CA TRP F 1167 112.54 9.29 -9.44
C TRP F 1167 113.63 9.55 -8.42
N PHE F 1168 114.19 10.76 -8.46
CA PHE F 1168 115.25 11.16 -7.55
C PHE F 1168 114.95 12.54 -6.98
N SER F 1169 115.36 12.75 -5.73
CA SER F 1169 115.16 14.04 -5.08
C SER F 1169 116.09 15.07 -5.69
N LYS F 1170 115.51 16.12 -6.26
CA LYS F 1170 116.29 17.17 -6.91
C LYS F 1170 116.79 18.16 -5.86
N SER F 1171 118.11 18.34 -5.80
CA SER F 1171 118.71 19.26 -4.85
C SER F 1171 118.53 20.72 -5.24
N LEU F 1172 118.13 21.00 -6.48
CA LEU F 1172 117.94 22.38 -6.91
C LEU F 1172 116.68 22.95 -6.27
N PRO F 1173 116.78 24.01 -5.47
CA PRO F 1173 115.59 24.55 -4.81
C PRO F 1173 114.79 25.45 -5.74
N GLN F 1174 113.47 25.36 -5.63
CA GLN F 1174 112.55 26.20 -6.39
C GLN F 1174 111.36 26.54 -5.51
N PHE F 1175 110.75 27.69 -5.79
CA PHE F 1175 109.64 28.16 -4.98
C PHE F 1175 108.38 27.35 -5.28
N GLU F 1176 107.53 27.24 -4.25
CA GLU F 1176 106.28 26.51 -4.37
C GLU F 1176 105.22 27.20 -3.51
N ALA F 1177 103.99 26.74 -3.64
CA ALA F 1177 102.88 27.34 -2.90
C ALA F 1177 102.90 26.87 -1.45
N VAL F 1178 102.29 27.66 -0.59
CA VAL F 1178 102.20 27.38 0.84
C VAL F 1178 100.86 26.69 1.10
N PRO F 1179 100.85 25.47 1.64
CA PRO F 1179 99.57 24.81 1.93
C PRO F 1179 98.77 25.55 2.98
N LEU F 1180 97.45 25.39 2.91
CA LEU F 1180 96.56 26.05 3.86
C LEU F 1180 96.68 25.46 5.27
N GLU F 1181 97.19 24.24 5.40
CA GLU F 1181 97.34 23.58 6.68
C GLU F 1181 98.83 23.39 6.97
N HIS F 1182 99.31 24.00 8.06
CA HIS F 1182 100.70 23.89 8.46
C HIS F 1182 100.80 24.16 9.95
N PRO F 1183 101.71 23.49 10.66
CA PRO F 1183 101.79 23.71 12.12
C PRO F 1183 102.17 25.13 12.49
N HIS F 1184 103.25 25.66 11.92
CA HIS F 1184 103.75 26.99 12.26
C HIS F 1184 103.86 27.86 11.02
N TYR F 1185 102.85 27.81 10.16
CA TYR F 1185 102.81 28.65 8.96
C TYR F 1185 101.36 28.89 8.59
N GLU F 1186 100.97 30.16 8.54
CA GLU F 1186 99.60 30.53 8.20
C GLU F 1186 99.60 31.92 7.58
N VAL F 1187 98.94 32.06 6.43
CA VAL F 1187 98.84 33.33 5.73
C VAL F 1187 97.37 33.69 5.61
N SER F 1188 97.08 34.99 5.64
CA SER F 1188 95.71 35.50 5.53
C SER F 1188 95.68 36.66 4.55
N ARG F 1189 94.59 36.75 3.80
CA ARG F 1189 94.40 37.80 2.80
C ARG F 1189 93.53 38.89 3.43
N VAL F 1190 94.17 39.97 3.87
CA VAL F 1190 93.46 41.08 4.48
C VAL F 1190 92.72 41.84 3.38
N ASP F 1191 91.41 41.96 3.52
CA ASP F 1191 90.60 42.66 2.53
C ASP F 1191 90.85 44.15 2.59
N GLY F 1192 90.98 44.77 1.41
CA GLY F 1192 91.23 46.20 1.34
C GLY F 1192 89.99 46.97 1.74
N THR F 1193 90.10 47.78 2.79
CA THR F 1193 88.97 48.57 3.27
C THR F 1193 88.86 49.86 2.45
N VAL F 1194 88.00 50.78 2.89
CA VAL F 1194 87.83 52.04 2.17
C VAL F 1194 89.08 52.91 2.32
N ASP F 1195 89.69 52.91 3.50
CA ASP F 1195 90.88 53.69 3.76
C ASP F 1195 92.10 52.83 4.10
N THR F 1196 91.99 51.51 3.94
CA THR F 1196 93.09 50.60 4.25
C THR F 1196 93.39 49.75 3.03
N PRO F 1197 94.63 49.72 2.56
CA PRO F 1197 94.97 48.89 1.39
C PRO F 1197 95.03 47.42 1.78
N PRO F 1198 94.89 46.52 0.81
CA PRO F 1198 94.98 45.09 1.12
C PRO F 1198 96.38 44.70 1.54
N CYS F 1199 96.47 43.68 2.39
CA CYS F 1199 97.74 43.21 2.92
C CYS F 1199 97.73 41.69 2.99
N LEU F 1200 98.93 41.11 3.02
CA LEU F 1200 99.13 39.67 3.14
C LEU F 1200 100.13 39.44 4.28
N ARG F 1201 99.62 39.33 5.50
CA ARG F 1201 100.48 39.14 6.66
C ARG F 1201 100.83 37.66 6.83
N LEU F 1202 101.80 37.40 7.70
CA LEU F 1202 102.24 36.05 8.00
C LEU F 1202 102.28 35.87 9.51
N THR F 1203 101.76 34.74 9.99
CA THR F 1203 101.67 34.46 11.41
C THR F 1203 102.35 33.14 11.74
N HIS F 1204 103.12 33.14 12.83
CA HIS F 1204 103.88 31.99 13.28
C HIS F 1204 103.35 31.50 14.62
N ARG F 1205 103.23 30.18 14.76
CA ARG F 1205 102.72 29.58 15.98
C ARG F 1205 103.57 28.39 16.40
N SER F 1206 107.81 28.61 18.54
CA SER F 1206 108.31 27.26 18.34
C SER F 1206 109.59 27.26 17.52
N LEU F 1207 109.86 26.14 16.84
CA LEU F 1207 111.06 26.04 16.03
C LEU F 1207 110.94 26.93 14.80
N VAL F 1208 111.93 27.81 14.61
CA VAL F 1208 111.95 28.72 13.48
C VAL F 1208 113.26 28.54 12.72
N GLU F 1209 113.22 28.92 11.45
CA GLU F 1209 114.39 28.81 10.58
C GLU F 1209 114.29 29.85 9.49
N MET F 1210 115.43 30.13 8.85
CA MET F 1210 115.48 31.12 7.78
C MET F 1210 114.69 30.64 6.57
N LEU F 1211 113.64 31.37 6.23
CA LEU F 1211 112.79 31.05 5.09
C LEU F 1211 112.74 32.23 4.13
N PHE F 1212 112.52 31.94 2.86
CA PHE F 1212 112.44 32.95 1.81
C PHE F 1212 111.03 33.02 1.26
N LEU F 1213 110.57 34.24 0.95
CA LEU F 1213 109.25 34.47 0.43
C LEU F 1213 109.34 35.05 -0.98
N ARG F 1214 108.28 34.84 -1.75
CA ARG F 1214 108.23 35.31 -3.13
C ARG F 1214 106.78 35.36 -3.60
N LEU F 1215 106.51 36.26 -4.53
CA LEU F 1215 105.19 36.41 -5.11
C LEU F 1215 105.03 35.46 -6.29
N SER F 1216 103.94 35.59 -7.04
CA SER F 1216 103.65 34.72 -8.17
C SER F 1216 103.56 35.48 -9.48
N LEU F 1217 102.83 36.59 -9.51
CA LEU F 1217 102.64 37.31 -10.76
C LEU F 1217 103.92 38.06 -11.13
N PRO F 1218 104.45 37.88 -12.34
CA PRO F 1218 105.68 38.57 -12.73
C PRO F 1218 105.39 40.00 -13.18
N VAL F 1219 106.48 40.75 -13.34
CA VAL F 1219 106.43 42.12 -13.83
C VAL F 1219 107.49 42.29 -14.91
N GLN F 1220 107.14 43.02 -15.97
CA GLN F 1220 108.03 43.25 -17.09
C GLN F 1220 107.97 44.71 -17.50
N PHE F 1221 108.94 45.12 -18.31
CA PHE F 1221 109.04 46.48 -18.82
C PHE F 1221 108.86 46.48 -20.33
N HIS F 1222 108.80 47.67 -20.91
CA HIS F 1222 108.63 47.81 -22.34
C HIS F 1222 109.92 47.45 -23.08
N GLN F 1223 109.77 46.96 -24.30
CA GLN F 1223 110.90 46.57 -25.12
C GLN F 1223 111.54 47.78 -25.79
N LEU F 1224 98.54 62.15 -15.15
CA LEU F 1224 97.45 61.25 -14.85
C LEU F 1224 97.87 59.80 -15.05
N ASN F 1225 98.60 59.54 -16.14
CA ASN F 1225 99.08 58.20 -16.47
C ASN F 1225 100.58 58.26 -16.68
N THR F 1226 101.30 57.33 -16.05
CA THR F 1226 102.75 57.27 -16.16
C THR F 1226 103.19 55.83 -15.90
N THR F 1227 104.50 55.60 -16.02
CA THR F 1227 105.08 54.29 -15.80
C THR F 1227 105.61 54.10 -14.38
N THR F 1228 105.36 55.06 -13.49
CA THR F 1228 105.83 54.97 -12.12
C THR F 1228 104.88 54.09 -11.31
N TYR F 1229 105.45 53.18 -10.53
CA TYR F 1229 104.68 52.27 -9.69
C TYR F 1229 105.17 52.37 -8.24
N TYR F 1230 104.24 52.19 -7.31
CA TYR F 1230 104.53 52.27 -5.88
C TYR F 1230 104.33 50.91 -5.24
N TYR F 1231 105.32 50.45 -4.49
CA TYR F 1231 105.26 49.18 -3.78
C TYR F 1231 105.89 49.35 -2.42
N SER F 1232 105.14 49.01 -1.37
CA SER F 1232 105.60 49.17 0.00
C SER F 1232 105.31 47.90 0.78
N VAL F 1233 105.97 47.77 1.93
CA VAL F 1233 105.79 46.64 2.83
C VAL F 1233 105.71 47.17 4.26
N ARG F 1234 104.83 46.57 5.05
CA ARG F 1234 104.63 46.98 6.44
C ARG F 1234 105.27 45.93 7.35
N VAL F 1235 106.26 46.36 8.13
CA VAL F 1235 106.96 45.49 9.08
C VAL F 1235 106.48 45.82 10.49
N PHE F 1236 106.07 44.80 11.23
CA PHE F 1236 105.57 45.02 12.59
C PHE F 1236 106.71 45.41 13.52
N ALA F 1237 106.33 46.08 14.62
CA ALA F 1237 107.32 46.52 15.59
C ALA F 1237 107.86 45.38 16.45
N GLY F 1238 107.16 44.25 16.49
CA GLY F 1238 107.64 43.13 17.29
C GLY F 1238 108.88 42.49 16.71
N GLN F 1239 108.97 42.41 15.38
CA GLN F 1239 110.12 41.82 14.72
C GLN F 1239 111.27 42.81 14.67
N GLU F 1240 112.49 42.29 14.82
CA GLU F 1240 113.67 43.14 14.80
C GLU F 1240 113.91 43.66 13.38
N PRO F 1241 114.08 44.97 13.19
CA PRO F 1241 114.33 45.51 11.85
C PRO F 1241 115.75 45.35 11.35
N SER F 1242 116.57 44.53 12.01
CA SER F 1242 117.96 44.33 11.58
C SER F 1242 118.12 43.18 10.62
N CYS F 1243 117.15 42.26 10.55
CA CYS F 1243 117.22 41.09 9.69
C CYS F 1243 116.11 41.11 8.65
N VAL F 1244 115.79 42.30 8.13
CA VAL F 1244 114.76 42.47 7.11
C VAL F 1244 115.42 42.89 5.81
N TRP F 1245 114.98 42.29 4.70
CA TRP F 1245 115.50 42.60 3.38
C TRP F 1245 114.36 42.53 2.38
N VAL F 1246 114.11 43.64 1.70
CA VAL F 1246 113.01 43.76 0.74
C VAL F 1246 113.60 44.16 -0.61
N GLY F 1247 113.16 43.49 -1.66
CA GLY F 1247 113.64 43.81 -3.00
C GLY F 1247 112.98 42.94 -4.03
N TRP F 1248 113.64 42.80 -5.17
CA TRP F 1248 113.16 42.01 -6.29
C TRP F 1248 114.11 40.86 -6.56
N VAL F 1249 113.56 39.70 -6.90
CA VAL F 1249 114.35 38.49 -7.12
C VAL F 1249 114.06 37.96 -8.52
N THR F 1250 115.11 37.40 -9.16
CA THR F 1250 115.04 36.79 -10.47
C THR F 1250 114.69 35.30 -10.36
N PRO F 1251 114.03 34.73 -11.38
CA PRO F 1251 113.67 33.31 -11.30
C PRO F 1251 114.87 32.37 -11.29
N ASP F 1252 116.04 32.83 -11.72
CA ASP F 1252 117.24 32.00 -11.72
C ASP F 1252 117.90 31.90 -10.35
N TYR F 1253 117.37 32.60 -9.34
CA TYR F 1253 117.93 32.57 -8.00
C TYR F 1253 117.65 31.22 -7.35
N HIS F 1254 118.69 30.43 -7.16
CA HIS F 1254 118.59 29.10 -6.57
C HIS F 1254 119.54 28.96 -5.38
N GLN F 1255 119.56 29.98 -4.52
CA GLN F 1255 120.43 30.00 -3.35
C GLN F 1255 119.56 29.92 -2.10
N HIS F 1256 119.81 28.89 -1.28
CA HIS F 1256 119.07 28.68 -0.04
C HIS F 1256 120.09 28.49 1.09
N ASP F 1257 120.11 29.43 2.04
CA ASP F 1257 121.03 29.36 3.16
C ASP F 1257 120.47 30.21 4.29
N MET F 1258 121.08 30.06 5.48
CA MET F 1258 120.65 30.84 6.64
C MET F 1258 121.12 32.28 6.55
N ASN F 1259 122.35 32.50 6.06
CA ASN F 1259 122.88 33.85 5.95
C ASN F 1259 122.24 34.58 4.77
N PHE F 1260 121.86 35.83 5.01
CA PHE F 1260 121.23 36.67 3.99
C PHE F 1260 121.99 37.99 3.87
N ASP F 1261 123.31 37.91 3.82
CA ASP F 1261 124.14 39.10 3.71
C ASP F 1261 124.10 39.66 2.29
N LEU F 1262 124.36 40.96 2.18
CA LEU F 1262 124.35 41.62 0.88
C LEU F 1262 125.52 41.20 0.01
N THR F 1263 126.61 40.71 0.59
CA THR F 1263 127.76 40.28 -0.17
C THR F 1263 127.66 38.84 -0.65
N LYS F 1264 126.65 38.09 -0.19
CA LYS F 1264 126.50 36.70 -0.59
C LYS F 1264 125.74 36.53 -1.89
N VAL F 1265 125.06 37.57 -2.37
CA VAL F 1265 124.32 37.47 -3.61
C VAL F 1265 125.28 37.48 -4.79
N ARG F 1266 124.83 36.90 -5.90
CA ARG F 1266 125.65 36.82 -7.10
C ARG F 1266 125.54 38.11 -7.91
N ALA F 1267 126.68 38.59 -8.40
CA ALA F 1267 126.73 39.81 -9.21
C ALA F 1267 128.00 39.79 -10.02
N VAL F 1268 127.92 40.37 -11.23
CA VAL F 1268 129.05 40.43 -12.13
C VAL F 1268 128.83 41.59 -13.10
N THR F 1269 129.90 42.32 -13.39
CA THR F 1269 129.87 43.45 -14.31
C THR F 1269 130.58 43.04 -15.60
N VAL F 1270 129.88 43.14 -16.72
CA VAL F 1270 130.41 42.79 -18.03
C VAL F 1270 130.77 44.09 -18.74
N THR F 1271 132.07 44.40 -18.81
CA THR F 1271 132.57 45.60 -19.47
C THR F 1271 133.19 45.18 -20.79
N MET F 1272 132.39 45.18 -21.85
CA MET F 1272 132.87 44.80 -23.17
C MET F 1272 133.62 45.95 -23.82
N GLY F 1273 134.65 45.60 -24.58
CA GLY F 1273 135.46 46.57 -25.29
C GLY F 1273 135.00 46.78 -26.72
N ASP F 1274 135.75 47.61 -27.43
CA ASP F 1274 135.48 47.95 -28.83
C ASP F 1274 134.07 48.49 -29.02
N ASN F 1275 137.90 52.29 -27.96
CA ASN F 1275 136.46 52.11 -27.82
C ASN F 1275 136.12 51.06 -26.77
N ILE F 1276 135.06 51.33 -26.01
CA ILE F 1276 134.60 50.43 -24.96
C ILE F 1276 133.11 50.64 -24.74
N HIS F 1277 132.49 49.66 -24.09
CA HIS F 1277 131.06 49.69 -23.77
C HIS F 1277 130.88 49.65 -22.27
N SER F 1278 129.90 50.40 -21.77
CA SER F 1278 129.62 50.50 -20.34
C SER F 1278 128.34 49.73 -20.03
N SER F 1279 128.44 48.81 -19.06
CA SER F 1279 127.29 48.00 -18.66
C SER F 1279 127.39 47.69 -17.18
N LEU F 1280 126.28 47.90 -16.46
CA LEU F 1280 126.26 47.71 -15.02
C LEU F 1280 126.15 46.22 -14.70
N LYS F 1281 125.99 45.89 -13.42
CA LYS F 1281 125.89 44.50 -13.00
C LYS F 1281 124.46 44.01 -13.11
N CYS F 1282 124.32 42.71 -13.36
CA CYS F 1282 123.02 42.05 -13.42
C CYS F 1282 122.86 41.21 -12.16
N SER F 1283 122.25 41.81 -11.14
CA SER F 1283 122.06 41.13 -9.87
C SER F 1283 120.91 40.14 -9.94
N ASN F 1284 121.19 38.89 -9.57
CA ASN F 1284 120.14 37.87 -9.55
C ASN F 1284 119.16 38.05 -8.42
N CYS F 1285 119.46 38.91 -7.45
CA CYS F 1285 118.54 39.17 -6.34
C CYS F 1285 118.85 40.56 -5.79
N TYR F 1286 117.80 41.35 -5.59
CA TYR F 1286 117.92 42.70 -5.07
C TYR F 1286 117.33 42.76 -3.66
N MET F 1287 117.93 43.60 -2.82
CA MET F 1287 117.48 43.76 -1.45
C MET F 1287 118.03 45.08 -0.90
N VAL F 1288 117.45 45.51 0.21
CA VAL F 1288 117.86 46.74 0.88
C VAL F 1288 118.13 46.44 2.35
N TRP F 1289 119.09 47.16 2.92
CA TRP F 1289 119.47 46.97 4.32
C TRP F 1289 118.48 47.71 5.20
N GLY F 1290 117.53 46.97 5.78
CA GLY F 1290 116.53 47.56 6.65
C GLY F 1290 117.00 47.91 8.03
N GLY F 1291 118.23 47.54 8.40
CA GLY F 1291 118.73 47.86 9.72
C GLY F 1291 118.94 49.35 9.93
N ASP F 1292 119.65 50.00 9.00
CA ASP F 1292 119.90 51.42 9.07
C ASP F 1292 118.96 52.24 8.19
N PHE F 1293 117.88 51.62 7.70
CA PHE F 1293 116.94 52.36 6.86
C PHE F 1293 116.12 53.35 7.67
N VAL F 1294 115.82 53.04 8.93
CA VAL F 1294 115.04 53.93 9.78
C VAL F 1294 115.94 55.02 10.35
N SER F 1295 114.33 50.41 22.01
CA SER F 1295 113.65 51.16 20.97
C SER F 1295 113.07 50.23 19.90
N HIS F 1296 111.77 50.00 19.97
CA HIS F 1296 111.07 49.14 19.03
C HIS F 1296 109.92 49.91 18.41
N THR F 1297 109.90 49.98 17.08
CA THR F 1297 108.85 50.69 16.37
C THR F 1297 108.74 50.14 14.95
N ASP F 1298 107.55 50.25 14.38
CA ASP F 1298 107.32 49.76 13.03
C ASP F 1298 107.99 50.67 12.01
N LEU F 1299 108.61 50.07 11.01
CA LEU F 1299 109.32 50.79 9.95
C LEU F 1299 108.85 50.29 8.60
N VAL F 1300 108.52 51.21 7.71
CA VAL F 1300 108.06 50.89 6.37
C VAL F 1300 109.00 51.55 5.36
N ILE F 1301 109.16 50.90 4.21
CA ILE F 1301 110.03 51.39 3.15
C ILE F 1301 109.26 51.40 1.84
N GLY F 1302 109.58 52.36 0.98
CA GLY F 1302 108.94 52.50 -0.31
C GLY F 1302 109.82 52.00 -1.45
N CYS F 1303 109.23 51.97 -2.64
CA CYS F 1303 109.93 51.52 -3.84
C CYS F 1303 109.29 52.17 -5.05
N LEU F 1304 110.12 52.58 -6.00
CA LEU F 1304 109.67 53.21 -7.23
C LEU F 1304 110.31 52.47 -8.42
N VAL F 1305 109.48 51.76 -9.18
CA VAL F 1305 109.93 51.00 -10.33
C VAL F 1305 109.22 51.53 -11.57
N ASP F 1306 109.98 51.77 -12.63
CA ASP F 1306 109.45 52.28 -13.89
C ASP F 1306 109.58 51.23 -14.97
N LEU F 1307 108.62 51.23 -15.89
CA LEU F 1307 108.60 50.29 -17.01
C LEU F 1307 109.15 50.88 -18.30
N ALA F 1308 109.39 52.19 -18.34
CA ALA F 1308 109.94 52.83 -19.53
C ALA F 1308 111.46 52.94 -19.43
N THR F 1309 112.09 51.77 -19.33
CA THR F 1309 113.54 51.65 -19.18
C THR F 1309 114.06 52.45 -17.99
N GLY F 1310 113.29 52.43 -16.90
CA GLY F 1310 113.66 53.14 -15.69
C GLY F 1310 114.47 52.29 -14.72
N LEU F 1311 115.10 52.97 -13.77
CA LEU F 1311 115.91 52.32 -12.75
C LEU F 1311 115.11 52.12 -11.48
N MET F 1312 115.33 51.00 -10.80
CA MET F 1312 114.64 50.70 -9.56
C MET F 1312 115.24 51.52 -8.42
N THR F 1313 114.44 52.44 -7.88
CA THR F 1313 114.88 53.33 -6.80
C THR F 1313 114.03 53.05 -5.57
N PHE F 1314 114.67 52.52 -4.52
CA PHE F 1314 113.97 52.26 -3.27
C PHE F 1314 113.79 53.56 -2.49
N THR F 1315 112.85 53.53 -1.55
CA THR F 1315 112.53 54.68 -0.73
C THR F 1315 112.42 54.26 0.73
N ALA F 1316 112.85 55.13 1.63
CA ALA F 1316 112.79 54.87 3.07
C ALA F 1316 111.48 55.43 3.63
N ASN F 1317 111.37 55.46 4.95
CA ASN F 1317 110.17 55.98 5.61
C ASN F 1317 110.17 57.50 5.50
N GLY F 1318 109.43 58.02 4.53
CA GLY F 1318 109.37 59.46 4.32
C GLY F 1318 110.66 60.08 3.84
N LYS F 1319 111.50 59.31 3.15
CA LYS F 1319 112.77 59.81 2.65
C LYS F 1319 113.21 58.91 1.49
N GLU F 1320 114.38 59.22 0.94
CA GLU F 1320 114.95 58.47 -0.16
C GLU F 1320 116.06 57.55 0.34
N SER F 1321 116.07 56.31 -0.16
CA SER F 1321 117.09 55.34 0.25
C SER F 1321 118.46 55.63 -0.35
N ASN F 1322 118.54 56.50 -1.38
CA ASN F 1322 119.79 56.86 -2.02
C ASN F 1322 120.52 55.63 -2.59
N THR F 1323 119.76 54.62 -2.99
CA THR F 1323 120.31 53.40 -3.56
C THR F 1323 119.46 52.97 -4.75
N PHE F 1324 120.13 52.66 -5.86
CA PHE F 1324 119.45 52.25 -7.07
C PHE F 1324 120.37 51.36 -7.89
N PHE F 1325 119.80 50.73 -8.90
CA PHE F 1325 120.54 49.83 -9.79
C PHE F 1325 120.00 49.98 -11.20
N GLN F 1326 120.89 49.79 -12.18
CA GLN F 1326 120.53 49.86 -13.58
C GLN F 1326 120.03 48.49 -14.04
N VAL F 1327 118.77 48.42 -14.46
CA VAL F 1327 118.16 47.17 -14.87
C VAL F 1327 118.44 46.92 -16.35
N GLU F 1328 118.28 45.67 -16.76
CA GLU F 1328 118.47 45.29 -18.15
C GLU F 1328 117.27 45.74 -18.99
N PRO F 1329 117.42 45.79 -20.32
CA PRO F 1329 116.26 46.10 -21.16
C PRO F 1329 115.08 45.18 -20.93
N ASN F 1330 115.33 43.89 -20.71
CA ASN F 1330 114.30 42.94 -20.35
C ASN F 1330 114.36 42.68 -18.85
N THR F 1331 113.21 42.81 -18.19
CA THR F 1331 113.13 42.69 -16.73
C THR F 1331 112.14 41.59 -16.37
N LYS F 1332 112.65 40.56 -15.68
CA LYS F 1332 111.83 39.47 -15.16
C LYS F 1332 112.20 39.30 -13.68
N LEU F 1333 111.52 40.06 -12.83
CA LEU F 1333 111.83 40.06 -11.40
C LEU F 1333 110.55 39.81 -10.61
N PHE F 1334 110.74 39.24 -9.40
CA PHE F 1334 109.64 38.95 -8.50
C PHE F 1334 109.85 39.68 -7.19
N PRO F 1335 108.82 40.33 -6.65
CA PRO F 1335 108.99 41.03 -5.36
C PRO F 1335 109.17 40.06 -4.20
N ALA F 1336 110.35 40.05 -3.59
CA ALA F 1336 110.68 39.15 -2.51
C ALA F 1336 110.93 39.93 -1.22
N VAL F 1337 110.59 39.31 -0.10
CA VAL F 1337 110.78 39.90 1.23
C VAL F 1337 111.39 38.83 2.12
N PHE F 1338 112.45 39.19 2.85
CA PHE F 1338 113.12 38.29 3.79
C PHE F 1338 113.12 38.94 5.17
N VAL F 1339 112.57 38.23 6.15
CA VAL F 1339 112.46 38.75 7.51
C VAL F 1339 112.65 37.59 8.48
N LEU F 1340 113.08 37.92 9.70
CA LEU F 1340 113.32 36.92 10.73
C LEU F 1340 111.99 36.42 11.28
N PRO F 1341 111.80 35.10 11.40
CA PRO F 1341 110.54 34.58 11.92
C PRO F 1341 110.52 34.47 13.44
N THR F 1342 111.45 35.16 14.10
CA THR F 1342 111.54 35.10 15.55
C THR F 1342 110.25 35.57 16.21
N HIS F 1343 109.72 36.71 15.76
CA HIS F 1343 108.47 37.22 16.31
C HIS F 1343 107.29 36.48 15.70
N GLN F 1344 106.11 36.65 16.34
CA GLN F 1344 104.91 35.99 15.84
C GLN F 1344 104.50 36.53 14.48
N ASN F 1345 104.53 37.85 14.31
CA ASN F 1345 104.20 38.49 13.04
C ASN F 1345 105.50 38.71 12.27
N VAL F 1346 105.68 37.98 11.17
CA VAL F 1346 106.92 38.07 10.40
C VAL F 1346 106.93 39.33 9.54
N ILE F 1347 105.97 39.43 8.61
CA ILE F 1347 105.91 40.56 7.70
C ILE F 1347 104.51 40.62 7.11
N GLN F 1348 104.12 41.80 6.63
CA GLN F 1348 102.82 42.00 6.01
C GLN F 1348 103.00 42.84 4.74
N PHE F 1349 102.39 42.39 3.65
CA PHE F 1349 102.51 43.08 2.38
C PHE F 1349 101.67 44.36 2.38
N GLU F 1350 101.71 45.08 1.26
CA GLU F 1350 100.95 46.31 1.11
C GLU F 1350 100.83 46.62 -0.38
N LEU F 1351 99.60 46.82 -0.85
CA LEU F 1351 99.33 47.12 -2.25
C LEU F 1351 98.54 48.42 -2.31
N GLY F 1352 99.24 49.54 -2.49
CA GLY F 1352 98.59 50.82 -2.58
C GLY F 1352 99.26 51.78 -3.56
N LYS F 1353 98.84 53.04 -3.55
CA LYS F 1353 99.39 54.04 -4.44
C LYS F 1353 99.87 55.24 -3.63
N GLN F 1354 100.79 55.99 -4.21
CA GLN F 1354 101.36 57.17 -3.59
C GLN F 1354 101.23 58.34 -4.55
N LYS F 1355 100.61 59.43 -4.09
CA LYS F 1355 100.39 60.63 -4.90
C LYS F 1355 99.57 60.33 -6.14
N ASN F 1356 98.65 59.36 -6.04
CA ASN F 1356 97.73 59.01 -7.12
C ASN F 1356 98.48 58.60 -8.39
N ILE F 1357 99.24 57.52 -8.28
CA ILE F 1357 99.96 56.97 -9.42
C ILE F 1357 99.45 55.56 -9.69
N MET F 1358 99.94 54.95 -10.76
CA MET F 1358 99.50 53.60 -11.11
C MET F 1358 100.10 52.59 -10.14
N PRO F 1359 99.29 51.70 -9.56
CA PRO F 1359 99.84 50.70 -8.63
C PRO F 1359 100.45 49.53 -9.39
N LEU F 1360 101.08 48.64 -8.62
CA LEU F 1360 101.72 47.47 -9.20
C LEU F 1360 100.70 46.43 -9.69
N SER F 1361 99.48 46.45 -9.15
CA SER F 1361 98.46 45.52 -9.60
C SER F 1361 98.02 45.79 -11.03
N ALA F 1362 98.14 47.04 -11.47
CA ALA F 1362 97.78 47.36 -12.86
C ALA F 1362 98.80 46.80 -13.83
N ALA F 1363 100.08 46.79 -13.45
CA ALA F 1363 101.12 46.24 -14.31
C ALA F 1363 101.28 44.75 -14.16
N MET F 1364 100.79 44.17 -13.06
CA MET F 1364 100.89 42.72 -12.87
C MET F 1364 100.01 41.98 -13.88
N PHE F 1365 98.76 42.39 -14.02
CA PHE F 1365 97.82 41.78 -14.95
C PHE F 1365 97.74 42.59 -16.22
N LEU F 1366 97.05 42.01 -17.21
CA LEU F 1366 96.88 42.65 -18.51
C LEU F 1366 95.42 42.96 -18.85
N SER F 1367 94.48 42.60 -17.97
CA SER F 1367 93.07 42.87 -18.25
C SER F 1367 92.75 44.35 -18.10
N GLU F 1368 93.13 44.95 -16.97
CA GLU F 1368 92.87 46.37 -16.69
C GLU F 1368 94.21 47.02 -16.36
N ARG F 1369 94.90 47.52 -17.37
CA ARG F 1369 96.18 48.18 -17.18
C ARG F 1369 96.04 49.66 -16.86
N LYS F 1370 95.14 50.36 -17.56
CA LYS F 1370 94.92 51.78 -17.32
C LYS F 1370 94.07 52.04 -16.09
N ASN F 1371 93.45 51.02 -15.52
CA ASN F 1371 92.60 51.21 -14.34
C ASN F 1371 93.47 51.49 -13.11
N PRO F 1372 93.28 52.61 -12.42
CA PRO F 1372 94.07 52.91 -11.22
C PRO F 1372 93.59 52.24 -9.95
N ALA F 1373 92.71 51.25 -10.05
CA ALA F 1373 92.20 50.58 -8.86
C ALA F 1373 93.29 49.73 -8.23
N PRO F 1374 93.55 49.87 -6.93
CA PRO F 1374 94.60 49.07 -6.27
C PRO F 1374 94.17 47.67 -5.88
N GLN F 1375 93.05 47.16 -6.40
CA GLN F 1375 92.59 45.83 -6.05
C GLN F 1375 93.55 44.77 -6.60
N CYS F 1376 93.69 43.68 -5.85
CA CYS F 1376 94.59 42.60 -6.23
C CYS F 1376 93.80 41.36 -6.63
N PRO F 1377 94.24 40.65 -7.67
CA PRO F 1377 93.54 39.44 -8.09
C PRO F 1377 93.80 38.29 -7.14
N PRO F 1378 92.92 37.29 -7.10
CA PRO F 1378 93.15 36.14 -6.21
C PRO F 1378 94.33 35.27 -6.59
N ARG F 1379 94.92 35.50 -7.77
CA ARG F 1379 96.08 34.70 -8.19
C ARG F 1379 97.31 34.97 -7.34
N LEU F 1380 97.41 36.14 -6.72
CA LEU F 1380 98.55 36.47 -5.87
C LEU F 1380 98.55 35.58 -4.64
N GLU F 1381 99.60 34.79 -4.48
CA GLU F 1381 99.74 33.89 -3.34
C GLU F 1381 101.18 33.90 -2.87
N MET F 1382 101.36 33.96 -1.55
CA MET F 1382 102.70 33.96 -0.96
C MET F 1382 103.35 32.59 -1.14
N GLN F 1383 104.51 32.56 -1.78
CA GLN F 1383 105.24 31.34 -2.03
C GLN F 1383 106.37 31.17 -1.02
N MET F 1384 106.83 29.92 -0.89
CA MET F 1384 107.90 29.58 0.04
C MET F 1384 108.91 28.70 -0.69
N LEU F 1385 110.19 29.02 -0.54
CA LEU F 1385 111.24 28.24 -1.18
C LEU F 1385 111.38 26.88 -0.49
N MET F 1386 111.37 25.82 -1.29
CA MET F 1386 111.53 24.47 -0.76
C MET F 1386 112.97 24.01 -0.91
N PRO F 1387 113.55 23.41 0.13
CA PRO F 1387 114.95 22.96 0.00
C PRO F 1387 115.14 21.88 -1.05
N VAL F 1388 114.34 20.82 -0.98
CA VAL F 1388 114.44 19.70 -1.92
C VAL F 1388 113.08 19.47 -2.57
N SER F 1389 113.12 19.05 -3.84
CA SER F 1389 111.89 18.80 -4.58
C SER F 1389 111.98 17.47 -5.31
N TRP F 1390 110.99 17.18 -6.17
CA TRP F 1390 110.93 15.95 -6.92
C TRP F 1390 111.27 16.20 -8.39
N SER F 1391 111.93 15.23 -9.01
CA SER F 1391 112.30 15.32 -10.41
C SER F 1391 112.41 13.92 -10.99
N ARG F 1392 112.03 13.79 -12.26
CA ARG F 1392 112.06 12.51 -12.94
C ARG F 1392 113.40 12.31 -13.65
N MET F 1393 113.72 11.05 -13.93
CA MET F 1393 114.95 10.67 -14.60
C MET F 1393 114.64 10.12 -15.98
N PRO F 1394 115.20 10.68 -17.05
CA PRO F 1394 114.92 10.14 -18.38
C PRO F 1394 115.49 8.74 -18.55
N ASN F 1395 114.88 7.99 -19.47
CA ASN F 1395 115.31 6.62 -19.73
C ASN F 1395 116.50 6.52 -20.66
N HIS F 1396 116.95 7.65 -21.24
CA HIS F 1396 118.10 7.64 -22.14
C HIS F 1396 118.98 8.83 -21.82
N PHE F 1397 120.29 8.58 -21.73
CA PHE F 1397 121.28 9.61 -21.45
C PHE F 1397 122.30 9.68 -22.58
N LEU F 1398 122.99 10.81 -22.64
CA LEU F 1398 124.00 11.01 -23.67
C LEU F 1398 125.24 10.18 -23.37
N ARG F 1399 125.99 9.87 -24.42
CA ARG F 1399 127.19 9.06 -24.33
C ARG F 1399 128.42 9.94 -24.25
N VAL F 1400 129.34 9.57 -23.36
CA VAL F 1400 130.58 10.31 -23.15
C VAL F 1400 131.74 9.35 -23.41
N GLU F 1401 132.62 9.72 -24.33
CA GLU F 1401 133.77 8.92 -24.70
C GLU F 1401 135.01 9.44 -23.99
N THR F 1402 135.76 8.54 -23.35
CA THR F 1402 136.97 8.88 -22.62
C THR F 1402 138.14 8.10 -23.24
N ARG F 1403 139.10 8.82 -23.79
CA ARG F 1403 140.27 8.19 -24.40
C ARG F 1403 141.40 9.19 -24.46
N ARG F 1404 142.61 8.66 -24.65
CA ARG F 1404 143.82 9.47 -24.75
C ARG F 1404 144.56 9.08 -26.03
N ALA F 1405 144.81 10.07 -26.89
CA ALA F 1405 145.48 9.83 -28.16
C ALA F 1405 146.99 10.02 -28.03
N GLY F 1406 147.58 9.21 -27.15
CA GLY F 1406 149.02 9.28 -26.96
C GLY F 1406 149.43 10.57 -26.28
N GLU F 1407 150.45 11.22 -26.82
CA GLU F 1407 150.95 12.49 -26.29
C GLU F 1407 150.62 13.68 -27.18
N ARG F 1408 149.72 13.50 -28.15
CA ARG F 1408 149.31 14.58 -29.04
C ARG F 1408 147.99 15.22 -28.63
N LEU F 1409 147.04 14.41 -28.14
CA LEU F 1409 145.76 14.91 -27.68
C LEU F 1409 145.55 14.46 -26.23
N GLY F 1410 145.24 15.42 -25.36
CA GLY F 1410 145.04 15.13 -23.96
C GLY F 1410 143.90 14.18 -23.69
N TRP F 1411 142.69 14.56 -24.10
CA TRP F 1411 141.50 13.74 -23.90
C TRP F 1411 140.64 13.81 -25.15
N ALA F 1412 140.15 12.65 -25.60
CA ALA F 1412 139.30 12.54 -26.77
C ALA F 1412 137.86 12.31 -26.32
N VAL F 1413 137.02 13.33 -26.47
CA VAL F 1413 135.62 13.23 -26.07
C VAL F 1413 134.77 12.76 -27.24
N PRO F 1414 121.96 11.32 -31.68
CA PRO F 1414 121.10 12.44 -31.28
C PRO F 1414 119.96 12.00 -30.37
N LEU F 1415 119.61 12.84 -29.40
CA LEU F 1415 118.53 12.55 -28.47
C LEU F 1415 117.69 13.80 -28.27
N THR F 1416 116.38 13.65 -28.39
CA THR F 1416 115.46 14.76 -28.21
C THR F 1416 114.25 14.28 -27.41
N MET F 1417 113.57 15.23 -26.77
CA MET F 1417 112.41 14.93 -25.96
C MET F 1417 111.50 16.15 -25.91
N MET F 1418 110.21 15.90 -25.66
CA MET F 1418 109.23 16.97 -25.55
C MET F 1418 109.15 17.46 -24.12
N ALA F 1419 108.99 18.78 -23.96
CA ALA F 1419 108.93 19.40 -22.65
C ALA F 1419 108.02 20.61 -22.71
N LEU F 1420 107.25 20.82 -21.64
CA LEU F 1420 106.35 21.96 -21.55
C LEU F 1420 107.13 23.21 -21.15
N HIS F 1421 106.40 24.32 -20.98
CA HIS F 1421 107.03 25.57 -20.61
C HIS F 1421 105.98 26.47 -19.96
N ILE F 1422 106.35 27.07 -18.83
CA ILE F 1422 105.48 28.00 -18.10
C ILE F 1422 106.06 29.40 -18.27
N PRO F 1423 105.26 30.38 -18.73
CA PRO F 1423 105.84 31.72 -18.95
C PRO F 1423 106.16 32.47 -17.68
N GLU F 1424 105.31 32.37 -16.66
CA GLU F 1424 105.53 33.12 -15.43
C GLU F 1424 106.64 32.53 -14.58
N GLU F 1425 106.95 31.24 -14.76
CA GLU F 1425 107.98 30.58 -13.96
C GLU F 1425 109.25 30.30 -14.75
N ASN F 1426 109.19 30.32 -16.08
CA ASN F 1426 110.34 30.07 -16.95
C ASN F 1426 110.96 28.69 -16.72
N ARG F 1427 110.18 27.74 -16.22
CA ARG F 1427 110.65 26.39 -15.97
C ARG F 1427 110.11 25.45 -17.05
N CYS F 1428 110.99 24.63 -17.61
CA CYS F 1428 110.64 23.70 -18.67
C CYS F 1428 110.67 22.28 -18.09
N MET F 1429 109.54 21.86 -17.55
CA MET F 1429 109.43 20.52 -16.97
C MET F 1429 109.31 19.47 -18.08
N ASP F 1430 109.76 18.26 -17.75
CA ASP F 1430 109.70 17.15 -18.70
C ASP F 1430 108.26 16.75 -18.93
N ILE F 1431 107.75 16.99 -20.14
CA ILE F 1431 106.36 16.66 -20.45
C ILE F 1431 106.15 15.17 -20.60
N LEU F 1432 107.21 14.40 -20.88
CA LEU F 1432 107.06 12.95 -21.00
C LEU F 1432 106.71 12.31 -19.67
N GLU F 1433 107.27 12.83 -18.57
CA GLU F 1433 107.01 12.31 -17.23
C GLU F 1433 106.18 13.36 -16.49
N LEU F 1434 104.86 13.20 -16.54
CA LEU F 1434 103.96 14.13 -15.87
C LEU F 1434 102.83 13.40 -15.14
N SER F 1435 102.97 12.11 -14.88
CA SER F 1435 101.94 11.36 -14.17
C SER F 1435 101.83 11.76 -12.71
N GLU F 1436 102.89 12.29 -12.11
CA GLU F 1436 102.83 12.71 -10.71
C GLU F 1436 102.01 13.97 -10.54
N ARG F 1437 102.26 14.98 -11.37
CA ARG F 1437 101.53 16.25 -11.31
C ARG F 1437 100.16 16.05 -11.94
N LEU F 1438 99.16 15.76 -11.11
CA LEU F 1438 97.81 15.54 -11.61
C LEU F 1438 97.06 16.84 -11.87
N ASP F 1439 97.52 17.97 -11.31
CA ASP F 1439 96.86 19.23 -11.54
C ASP F 1439 97.07 19.73 -12.97
N LEU F 1440 98.30 19.63 -13.47
CA LEU F 1440 98.61 20.08 -14.83
C LEU F 1440 98.19 19.07 -15.89
N GLN F 1441 97.89 17.82 -15.50
CA GLN F 1441 97.49 16.82 -16.48
C GLN F 1441 96.09 17.11 -17.01
N GLN F 1442 95.15 17.40 -16.12
CA GLN F 1442 93.79 17.72 -16.56
C GLN F 1442 93.77 19.03 -17.35
N PHE F 1443 94.56 20.01 -16.93
CA PHE F 1443 94.61 21.27 -17.66
C PHE F 1443 95.19 21.07 -19.06
N HIS F 1444 96.23 20.23 -19.18
CA HIS F 1444 96.80 19.95 -20.48
C HIS F 1444 95.82 19.18 -21.37
N SER F 1445 95.08 18.23 -20.78
CA SER F 1445 94.07 17.50 -21.54
C SER F 1445 92.98 18.43 -22.04
N HIS F 1446 92.54 19.38 -21.19
CA HIS F 1446 91.52 20.33 -21.62
C HIS F 1446 92.06 21.27 -22.68
N THR F 1447 93.32 21.67 -22.58
CA THR F 1447 93.94 22.49 -23.62
C THR F 1447 93.98 21.76 -24.95
N LEU F 1448 94.36 20.48 -24.92
CA LEU F 1448 94.37 19.69 -26.15
C LEU F 1448 92.97 19.53 -26.72
N ARG F 1449 91.97 19.31 -25.85
CA ARG F 1449 90.59 19.20 -26.33
C ARG F 1449 90.13 20.50 -26.98
N LEU F 1450 90.48 21.65 -26.37
CA LEU F 1450 90.11 22.92 -26.95
C LEU F 1450 90.80 23.16 -28.29
N TYR F 1451 92.08 22.79 -28.38
CA TYR F 1451 92.79 22.92 -29.65
C TYR F 1451 92.21 22.01 -30.72
N ARG F 1452 91.69 20.85 -30.32
CA ARG F 1452 91.07 19.95 -31.30
C ARG F 1452 89.70 20.47 -31.73
N ALA F 1453 88.94 21.06 -30.80
CA ALA F 1453 87.61 21.54 -31.12
C ALA F 1453 87.60 22.87 -31.86
N VAL F 1454 88.65 23.69 -31.70
CA VAL F 1454 88.67 24.99 -32.36
C VAL F 1454 88.89 24.84 -33.86
N CYS F 1455 89.47 23.74 -34.30
CA CYS F 1455 89.73 23.48 -35.71
C CYS F 1455 88.98 22.20 -36.12
N ALA F 1456 87.72 22.36 -36.51
CA ALA F 1456 86.90 21.22 -36.91
C ALA F 1456 85.74 21.74 -37.76
N LEU F 1457 85.01 20.78 -38.33
CA LEU F 1457 83.82 21.07 -39.14
C LEU F 1457 84.15 21.96 -40.33
N GLY F 1458 85.32 21.74 -40.93
CA GLY F 1458 85.70 22.45 -42.14
C GLY F 1458 86.13 23.89 -41.90
N ASN F 1459 86.99 24.10 -40.91
CA ASN F 1459 87.55 25.42 -40.61
C ASN F 1459 89.06 25.33 -40.77
N ASN F 1460 89.54 25.66 -41.97
CA ASN F 1460 90.96 25.54 -42.29
C ASN F 1460 91.74 26.83 -42.06
N ARG F 1461 91.07 27.95 -41.81
CA ARG F 1461 91.78 29.19 -41.52
C ARG F 1461 92.49 29.11 -40.17
N VAL F 1462 91.80 28.59 -39.15
CA VAL F 1462 92.43 28.36 -37.85
C VAL F 1462 93.35 27.16 -37.84
N ALA F 1463 93.25 26.29 -38.86
CA ALA F 1463 94.09 25.10 -38.91
C ALA F 1463 95.57 25.48 -39.03
N HIS F 1464 95.88 26.44 -39.90
CA HIS F 1464 97.28 26.85 -40.05
C HIS F 1464 97.79 27.54 -38.79
N ALA F 1465 96.94 28.33 -38.14
CA ALA F 1465 97.35 28.98 -36.89
C ALA F 1465 97.61 27.95 -35.80
N LEU F 1466 96.82 26.88 -35.76
CA LEU F 1466 97.05 25.83 -34.77
C LEU F 1466 98.28 25.01 -35.10
N CYS F 1467 98.54 24.79 -36.39
CA CYS F 1467 99.71 24.02 -36.79
C CYS F 1467 100.99 24.80 -36.61
N SER F 1468 100.92 26.14 -36.63
CA SER F 1468 102.10 26.95 -36.39
C SER F 1468 102.67 26.71 -34.99
N HIS F 1469 101.81 26.42 -34.02
CA HIS F 1469 102.28 26.15 -32.67
C HIS F 1469 102.85 24.73 -32.56
N VAL F 1470 102.03 23.73 -32.85
CA VAL F 1470 102.45 22.33 -32.78
C VAL F 1470 102.93 21.91 -34.16
N ASP F 1471 104.23 21.76 -34.32
CA ASP F 1471 104.80 21.36 -35.60
C ASP F 1471 104.42 19.92 -35.94
N GLN F 1472 104.56 19.58 -37.22
CA GLN F 1472 104.23 18.23 -37.68
C GLN F 1472 105.20 17.18 -37.15
N ALA F 1473 106.43 17.59 -36.79
CA ALA F 1473 107.38 16.64 -36.24
C ALA F 1473 107.09 16.30 -34.79
N GLN F 1474 106.52 17.25 -34.03
CA GLN F 1474 106.17 16.98 -32.64
C GLN F 1474 105.09 15.91 -32.55
N LEU F 1475 104.15 15.91 -33.50
CA LEU F 1475 103.11 14.88 -33.50
C LEU F 1475 103.71 13.50 -33.71
N LEU F 1476 104.64 13.37 -34.65
CA LEU F 1476 105.29 12.08 -34.88
C LEU F 1476 106.14 11.67 -33.69
N HIS F 1477 106.81 12.63 -33.06
CA HIS F 1477 107.62 12.33 -31.88
C HIS F 1477 106.75 11.84 -30.72
N ALA F 1478 105.57 12.44 -30.55
CA ALA F 1478 104.65 11.99 -29.50
C ALA F 1478 104.04 10.64 -29.85
N LEU F 1479 103.78 10.39 -31.13
CA LEU F 1479 103.24 9.09 -31.54
C LEU F 1479 104.25 7.98 -31.35
N GLU F 1480 105.54 8.26 -31.58
CA GLU F 1480 106.59 7.27 -31.40
C GLU F 1480 106.92 7.00 -29.94
N ASP F 1481 106.44 7.83 -29.03
CA ASP F 1481 106.72 7.63 -27.61
C ASP F 1481 105.94 6.44 -27.06
N ALA F 1482 106.55 5.74 -26.11
CA ALA F 1482 105.94 4.58 -25.48
C ALA F 1482 105.51 4.81 -24.04
N HIS F 1483 105.99 5.88 -23.40
CA HIS F 1483 105.65 6.20 -22.02
C HIS F 1483 104.69 7.38 -21.92
N LEU F 1484 104.10 7.81 -23.03
CA LEU F 1484 103.15 8.91 -23.00
C LEU F 1484 101.88 8.47 -22.27
N PRO F 1485 101.34 9.29 -21.38
CA PRO F 1485 100.09 8.93 -20.71
C PRO F 1485 98.93 8.80 -21.69
N GLY F 1486 97.86 8.18 -21.21
CA GLY F 1486 96.70 7.91 -22.03
C GLY F 1486 96.00 9.15 -22.57
N PRO F 1487 95.54 10.03 -21.68
CA PRO F 1487 94.86 11.25 -22.16
C PRO F 1487 95.72 12.10 -23.06
N LEU F 1488 97.01 12.23 -22.77
CA LEU F 1488 97.89 13.04 -23.62
C LEU F 1488 98.01 12.44 -25.02
N ARG F 1489 98.19 11.12 -25.11
CA ARG F 1489 98.27 10.47 -26.40
C ARG F 1489 96.97 10.58 -27.18
N ALA F 1490 95.83 10.45 -26.48
CA ALA F 1490 94.55 10.58 -27.13
C ALA F 1490 94.35 12.01 -27.67
N GLY F 1491 94.71 13.01 -26.87
CA GLY F 1491 94.62 14.38 -27.34
C GLY F 1491 95.52 14.65 -28.53
N TYR F 1492 96.74 14.11 -28.50
CA TYR F 1492 97.64 14.30 -29.63
C TYR F 1492 97.10 13.65 -30.90
N TYR F 1493 96.53 12.44 -30.76
CA TYR F 1493 95.93 11.78 -31.92
C TYR F 1493 94.74 12.57 -32.45
N ASP F 1494 93.93 13.13 -31.54
CA ASP F 1494 92.79 13.95 -31.97
C ASP F 1494 93.26 15.20 -32.70
N LEU F 1495 94.33 15.84 -32.21
CA LEU F 1495 94.87 17.01 -32.90
C LEU F 1495 95.42 16.62 -34.27
N LEU F 1496 96.09 15.48 -34.36
CA LEU F 1496 96.59 15.02 -35.66
C LEU F 1496 95.45 14.82 -36.63
N ILE F 1497 94.37 14.17 -36.19
CA ILE F 1497 93.22 13.93 -37.06
C ILE F 1497 92.58 15.24 -37.47
N SER F 1498 92.46 16.19 -36.54
CA SER F 1498 91.80 17.45 -36.84
C SER F 1498 92.67 18.40 -37.65
N ILE F 1499 93.99 18.16 -37.70
CA ILE F 1499 94.87 19.07 -38.42
C ILE F 1499 95.20 18.52 -39.81
N HIS F 1500 95.11 17.21 -39.97
CA HIS F 1500 95.52 16.60 -41.24
C HIS F 1500 94.41 15.89 -41.98
N LEU F 1501 93.38 15.39 -41.30
CA LEU F 1501 92.30 14.68 -41.95
C LEU F 1501 90.95 15.11 -41.40
N GLU F 1502 90.78 16.43 -41.19
CA GLU F 1502 89.51 16.94 -40.70
C GLU F 1502 88.51 17.15 -41.83
N SER F 1503 88.86 18.01 -42.79
CA SER F 1503 87.95 18.31 -43.89
C SER F 1503 88.03 17.27 -45.00
N ALA F 1504 89.20 16.68 -45.22
CA ALA F 1504 89.33 15.67 -46.27
C ALA F 1504 88.48 14.44 -45.95
N CYS F 1505 88.43 14.04 -44.67
CA CYS F 1505 87.62 12.89 -44.29
C CYS F 1505 86.14 13.12 -44.61
N ARG F 1506 85.63 14.30 -44.26
CA ARG F 1506 84.23 14.61 -44.53
C ARG F 1506 83.97 14.72 -46.02
N SER F 1507 84.89 15.36 -46.76
CA SER F 1507 84.70 15.51 -48.20
C SER F 1507 84.75 14.17 -48.93
N ARG F 1508 85.49 13.20 -48.40
CA ARG F 1508 85.54 11.89 -49.02
C ARG F 1508 84.38 11.01 -48.58
N ARG F 1509 83.91 11.17 -47.34
CA ARG F 1509 82.79 10.38 -46.85
C ARG F 1509 81.44 10.88 -47.36
N SER F 1510 81.39 12.13 -47.84
CA SER F 1510 80.13 12.64 -48.38
C SER F 1510 79.83 12.09 -49.77
N MET F 1511 80.80 11.44 -50.41
CA MET F 1511 80.64 10.92 -51.77
C MET F 1511 80.76 9.41 -51.85
N LEU F 1512 80.84 8.71 -50.71
CA LEU F 1512 80.94 7.26 -50.76
C LEU F 1512 79.65 6.61 -51.25
N SER F 1513 78.51 7.29 -51.06
CA SER F 1513 77.24 6.72 -51.49
C SER F 1513 77.11 6.66 -53.01
N GLU F 1514 77.91 7.43 -53.73
CA GLU F 1514 77.86 7.42 -55.18
C GLU F 1514 78.65 6.25 -55.74
N TYR F 1515 78.14 5.69 -56.85
CA TYR F 1515 78.77 4.56 -57.53
C TYR F 1515 78.87 4.84 -59.02
N ILE F 1516 79.35 6.04 -59.36
CA ILE F 1516 79.48 6.43 -60.76
C ILE F 1516 80.57 5.62 -61.42
N VAL F 1517 80.24 5.00 -62.55
CA VAL F 1517 81.16 4.18 -63.32
C VAL F 1517 81.47 4.92 -64.62
N PRO F 1518 82.72 5.29 -64.87
CA PRO F 1518 83.05 6.02 -66.10
C PRO F 1518 83.16 5.17 -67.35
N LEU F 1519 82.85 3.87 -67.25
CA LEU F 1519 82.94 2.95 -68.39
C LEU F 1519 84.35 2.93 -68.99
N THR F 1520 85.34 2.97 -68.11
CA THR F 1520 86.73 2.95 -68.58
C THR F 1520 87.09 1.56 -69.10
N PRO F 1521 87.78 1.48 -70.24
CA PRO F 1521 88.22 0.16 -70.74
C PRO F 1521 89.09 -0.60 -69.76
N GLU F 1522 89.79 0.10 -68.85
CA GLU F 1522 90.57 -0.57 -67.83
C GLU F 1522 89.67 -1.26 -66.79
N THR F 1523 88.44 -0.78 -66.62
CA THR F 1523 87.53 -1.41 -65.66
C THR F 1523 86.97 -2.72 -66.18
N ARG F 1524 87.00 -2.95 -67.50
CA ARG F 1524 86.50 -4.20 -68.05
C ARG F 1524 87.37 -5.39 -67.70
N ALA F 1525 88.64 -5.16 -67.33
CA ALA F 1525 89.53 -6.25 -66.96
C ALA F 1525 89.15 -6.87 -65.63
N ILE F 1526 88.47 -6.13 -64.75
CA ILE F 1526 88.08 -6.66 -63.46
C ILE F 1526 86.93 -7.66 -63.64
N THR F 1527 86.89 -8.65 -62.76
CA THR F 1527 85.86 -9.69 -62.81
C THR F 1527 85.40 -9.96 -61.38
N LEU F 1528 84.56 -10.98 -61.23
CA LEU F 1528 84.04 -11.36 -59.92
C LEU F 1528 84.92 -12.39 -59.22
N PHE F 1529 85.30 -13.45 -59.93
CA PHE F 1529 86.15 -14.48 -59.37
C PHE F 1529 87.57 -14.35 -59.91
N PRO F 1530 88.59 -14.35 -59.05
CA PRO F 1530 89.95 -14.24 -59.54
C PRO F 1530 90.40 -15.53 -60.21
N PRO F 1531 91.23 -15.45 -61.25
CA PRO F 1531 91.71 -16.63 -61.97
C PRO F 1531 92.70 -17.46 -61.14
N ARG F 1532 86.34 -20.21 -53.39
CA ARG F 1532 87.25 -19.22 -52.81
C ARG F 1532 86.85 -17.81 -53.21
N HIS F 1533 87.24 -16.84 -52.40
CA HIS F 1533 86.93 -15.43 -52.66
C HIS F 1533 88.20 -14.61 -52.57
N GLY F 1534 88.21 -13.49 -53.30
CA GLY F 1534 89.37 -12.62 -53.29
C GLY F 1534 89.47 -11.81 -52.01
N LEU F 1535 90.66 -11.24 -51.80
CA LEU F 1535 90.90 -10.41 -50.63
C LEU F 1535 90.15 -9.09 -50.74
N PRO F 1536 89.73 -8.52 -49.61
CA PRO F 1536 89.02 -7.23 -49.67
C PRO F 1536 89.99 -6.07 -49.83
N GLY F 1537 89.72 -5.21 -50.81
CA GLY F 1537 90.50 -4.01 -51.00
C GLY F 1537 91.77 -4.17 -51.80
N VAL F 1538 91.91 -5.26 -52.55
CA VAL F 1538 93.11 -5.45 -53.37
C VAL F 1538 92.83 -5.23 -54.85
N GLY F 1539 91.57 -5.24 -55.29
CA GLY F 1539 91.25 -5.03 -56.68
C GLY F 1539 91.35 -3.57 -57.09
N VAL F 1540 91.32 -3.36 -58.41
CA VAL F 1540 91.41 -2.01 -58.93
C VAL F 1540 90.12 -1.24 -58.64
N THR F 1541 90.24 0.08 -58.55
CA THR F 1541 89.11 0.94 -58.28
C THR F 1541 88.60 1.58 -59.57
N THR F 1542 87.29 1.82 -59.61
CA THR F 1542 86.65 2.40 -60.77
C THR F 1542 85.88 3.68 -60.48
N SER F 1543 85.38 3.85 -59.25
CA SER F 1543 84.60 5.03 -58.92
C SER F 1543 85.48 6.27 -58.90
N LEU F 1544 84.93 7.39 -59.36
CA LEU F 1544 85.67 8.64 -59.38
C LEU F 1544 85.86 9.19 -57.96
N ARG F 1545 86.97 9.88 -57.77
CA ARG F 1545 87.30 10.47 -56.47
C ARG F 1545 87.96 11.82 -56.70
N PRO F 1546 87.54 12.86 -55.99
CA PRO F 1546 88.15 14.18 -56.18
C PRO F 1546 89.52 14.23 -55.53
N PRO F 1547 90.41 15.07 -56.06
CA PRO F 1547 91.75 15.18 -55.46
C PRO F 1547 91.70 15.88 -54.11
N HIS F 1548 92.74 15.66 -53.32
CA HIS F 1548 92.81 16.23 -51.98
C HIS F 1548 93.16 17.71 -52.01
N HIS F 1549 94.08 18.11 -52.90
CA HIS F 1549 94.50 19.49 -53.06
C HIS F 1549 95.05 20.08 -51.76
N PHE F 1550 96.14 19.48 -51.29
CA PHE F 1550 96.79 19.96 -50.08
C PHE F 1550 97.48 21.30 -50.35
N SER F 1551 97.40 22.20 -49.37
CA SER F 1551 97.98 23.53 -49.49
C SER F 1551 99.36 23.54 -48.82
N ALA F 1552 99.96 24.74 -48.72
CA ALA F 1552 101.28 24.87 -48.13
C ALA F 1552 101.19 24.78 -46.60
N PRO F 1553 102.12 24.07 -45.96
CA PRO F 1553 102.08 23.92 -44.50
C PRO F 1553 102.87 24.96 -43.73
N CYS F 1554 103.54 25.89 -44.41
CA CYS F 1554 104.37 26.89 -43.75
C CYS F 1554 103.81 28.29 -44.02
N PHE F 1555 104.17 29.21 -43.12
CA PHE F 1555 103.76 30.61 -43.22
C PHE F 1555 104.98 31.50 -43.15
N VAL F 1556 104.99 32.54 -43.98
CA VAL F 1556 106.11 33.47 -44.06
C VAL F 1556 105.71 34.87 -43.61
N ALA F 1557 104.57 34.98 -42.92
CA ALA F 1557 104.07 36.26 -42.41
C ALA F 1557 103.86 37.27 -43.55
N ALA F 1558 103.42 36.78 -44.70
CA ALA F 1558 103.19 37.63 -45.85
C ALA F 1558 101.82 38.30 -45.73
N LEU F 1559 101.78 39.61 -46.00
CA LEU F 1559 100.54 40.35 -45.91
C LEU F 1559 99.67 40.05 -47.13
N PRO F 1560 98.37 39.83 -46.95
CA PRO F 1560 97.45 39.52 -48.06
C PRO F 1560 97.17 40.75 -48.92
N GLU F 1561 86.80 37.53 -50.25
CA GLU F 1561 87.12 37.71 -51.66
C GLU F 1561 87.94 36.53 -52.19
N ALA F 1562 89.19 36.44 -51.75
CA ALA F 1562 90.06 35.37 -52.18
C ALA F 1562 89.64 34.05 -51.52
N PRO F 1563 89.74 32.93 -52.23
CA PRO F 1563 89.38 31.64 -51.61
C PRO F 1563 90.33 31.29 -50.48
N ALA F 1564 89.77 30.63 -49.46
CA ALA F 1564 90.57 30.23 -48.31
C ALA F 1564 91.45 29.02 -48.66
N ARG F 1565 92.37 28.72 -47.75
CA ARG F 1565 93.27 27.60 -47.96
C ARG F 1565 92.52 26.28 -47.86
N LEU F 1566 92.81 25.37 -48.79
CA LEU F 1566 92.09 24.09 -48.83
C LEU F 1566 92.35 23.27 -47.58
N SER F 1567 93.60 22.86 -47.37
CA SER F 1567 93.98 22.03 -46.22
C SER F 1567 95.49 21.93 -46.11
N PRO F 1568 96.03 21.82 -44.90
CA PRO F 1568 97.49 21.63 -44.76
C PRO F 1568 97.94 20.29 -45.33
N SER F 1569 99.23 20.23 -45.64
CA SER F 1569 99.83 19.05 -46.23
C SER F 1569 100.63 18.26 -45.21
N ILE F 1570 100.89 17.00 -45.52
CA ILE F 1570 101.64 16.10 -44.65
C ILE F 1570 102.16 14.94 -45.49
N PRO F 1571 103.39 14.48 -45.28
CA PRO F 1571 103.86 13.28 -45.99
C PRO F 1571 103.05 12.06 -45.60
N LEU F 1572 102.36 11.49 -46.59
CA LEU F 1572 101.46 10.38 -46.33
C LEU F 1572 102.20 9.06 -46.14
N GLU F 1573 103.32 8.86 -46.83
CA GLU F 1573 104.06 7.61 -46.70
C GLU F 1573 104.67 7.46 -45.31
N ALA F 1574 105.23 8.54 -44.76
CA ALA F 1574 105.80 8.47 -43.42
C ALA F 1574 104.73 8.21 -42.38
N LEU F 1575 103.57 8.86 -42.52
CA LEU F 1575 102.47 8.62 -41.58
C LEU F 1575 101.96 7.19 -41.70
N ARG F 1576 101.88 6.66 -42.91
CA ARG F 1576 101.46 5.27 -43.10
C ARG F 1576 102.43 4.31 -42.44
N ASP F 1577 103.74 4.53 -42.64
CA ASP F 1577 104.74 3.67 -42.02
C ASP F 1577 104.68 3.77 -40.49
N LYS F 1578 104.49 4.97 -39.96
CA LYS F 1578 104.39 5.13 -38.51
C LYS F 1578 103.16 4.43 -37.96
N ALA F 1579 102.03 4.52 -38.68
CA ALA F 1579 100.83 3.84 -38.22
C ALA F 1579 100.99 2.34 -38.28
N LEU F 1580 101.63 1.82 -39.32
CA LEU F 1580 101.87 0.38 -39.40
C LEU F 1580 102.79 -0.09 -38.28
N ARG F 1581 103.84 0.67 -37.99
CA ARG F 1581 104.73 0.30 -36.90
C ARG F 1581 104.03 0.37 -35.55
N MET F 1582 103.16 1.36 -35.36
CA MET F 1582 102.40 1.45 -34.11
C MET F 1582 101.44 0.29 -33.95
N LEU F 1583 100.77 -0.10 -35.05
CA LEU F 1583 99.87 -1.25 -34.99
C LEU F 1583 100.64 -2.53 -34.72
N GLY F 1584 101.82 -2.68 -35.30
CA GLY F 1584 102.65 -3.84 -35.01
C GLY F 1584 103.08 -3.90 -33.56
N GLU F 1585 103.51 -2.76 -33.01
CA GLU F 1585 103.87 -2.71 -31.60
C GLU F 1585 102.68 -3.02 -30.71
N ALA F 1586 101.48 -2.54 -31.09
CA ALA F 1586 100.29 -2.78 -30.30
C ALA F 1586 99.91 -4.25 -30.30
N VAL F 1587 99.94 -4.90 -31.48
CA VAL F 1587 99.58 -6.31 -31.52
C VAL F 1587 100.65 -7.16 -30.84
N ARG F 1588 101.92 -6.75 -30.89
CA ARG F 1588 102.96 -7.47 -30.17
C ARG F 1588 102.76 -7.36 -28.66
N ASP F 1589 102.43 -6.16 -28.17
CA ASP F 1589 102.17 -5.99 -26.75
C ASP F 1589 100.92 -6.75 -26.31
N GLY F 1590 99.91 -6.83 -27.17
CA GLY F 1590 98.72 -7.59 -26.85
C GLY F 1590 98.99 -9.09 -26.81
N GLY F 1591 99.83 -9.58 -27.71
CA GLY F 1591 100.20 -10.98 -27.69
C GLY F 1591 101.09 -11.33 -26.52
N GLN F 1592 101.96 -10.39 -26.09
CA GLN F 1592 102.81 -10.64 -24.94
C GLN F 1592 102.03 -10.66 -23.64
N HIS F 1593 100.88 -10.00 -23.58
CA HIS F 1593 100.02 -9.95 -22.40
C HIS F 1593 100.78 -9.40 -21.19
N ALA F 1594 101.31 -8.19 -21.38
CA ALA F 1594 102.04 -7.52 -20.31
C ALA F 1594 101.09 -6.94 -19.28
N ARG F 1595 101.63 -6.64 -18.10
CA ARG F 1595 100.86 -6.07 -17.01
C ARG F 1595 101.01 -4.56 -16.91
N ASP F 1596 101.76 -3.93 -17.81
CA ASP F 1596 101.97 -2.49 -17.83
C ASP F 1596 101.77 -1.99 -19.25
N PRO F 1597 100.53 -1.79 -19.67
CA PRO F 1597 100.28 -1.31 -21.03
C PRO F 1597 100.66 0.16 -21.18
N VAL F 1598 100.66 0.61 -22.44
CA VAL F 1598 100.99 1.99 -22.75
C VAL F 1598 99.86 2.90 -22.28
N GLY F 1599 100.20 3.88 -21.45
CA GLY F 1599 99.22 4.81 -20.93
C GLY F 1599 98.47 4.34 -19.70
N GLY F 1600 98.77 3.15 -19.19
CA GLY F 1600 98.10 2.62 -18.02
C GLY F 1600 96.87 1.80 -18.30
N SER F 1601 96.44 1.70 -19.56
CA SER F 1601 95.27 0.91 -19.90
C SER F 1601 95.39 0.46 -21.35
N VAL F 1602 94.71 -0.66 -21.66
CA VAL F 1602 94.75 -1.18 -23.03
C VAL F 1602 93.95 -0.30 -23.97
N GLU F 1603 92.86 0.31 -23.47
CA GLU F 1603 92.03 1.16 -24.31
C GLU F 1603 92.78 2.41 -24.75
N PHE F 1604 93.45 3.07 -23.81
CA PHE F 1604 94.17 4.29 -24.12
C PHE F 1604 95.30 4.07 -25.12
N GLN F 1605 95.74 2.81 -25.29
CA GLN F 1605 96.78 2.49 -26.25
C GLN F 1605 96.26 1.81 -27.52
N PHE F 1606 95.01 1.35 -27.52
CA PHE F 1606 94.44 0.68 -28.67
C PHE F 1606 93.42 1.50 -29.45
N VAL F 1607 92.77 2.46 -28.81
CA VAL F 1607 91.76 3.29 -29.48
C VAL F 1607 92.42 4.25 -30.47
N PRO F 1608 93.43 5.06 -30.08
CA PRO F 1608 93.94 6.06 -31.02
C PRO F 1608 94.62 5.45 -32.23
N VAL F 1609 95.41 4.39 -32.06
CA VAL F 1609 96.10 3.79 -33.19
C VAL F 1609 95.11 3.18 -34.17
N LEU F 1610 94.06 2.52 -33.65
CA LEU F 1610 93.06 1.94 -34.55
C LEU F 1610 92.25 3.03 -35.24
N LYS F 1611 91.94 4.13 -34.54
CA LYS F 1611 91.25 5.23 -35.19
C LYS F 1611 92.08 5.85 -36.29
N LEU F 1612 93.39 6.01 -36.05
CA LEU F 1612 94.26 6.55 -37.09
C LEU F 1612 94.37 5.60 -38.28
N VAL F 1613 94.46 4.29 -38.01
CA VAL F 1613 94.50 3.31 -39.09
C VAL F 1613 93.23 3.38 -39.93
N SER F 1614 92.08 3.48 -39.26
CA SER F 1614 90.81 3.58 -39.98
C SER F 1614 90.74 4.86 -40.81
N THR F 1615 91.17 5.98 -40.23
CA THR F 1615 91.12 7.25 -40.95
C THR F 1615 92.05 7.25 -42.15
N LEU F 1616 93.19 6.58 -42.04
CA LEU F 1616 94.12 6.49 -43.17
C LEU F 1616 93.69 5.46 -44.21
N LEU F 1617 92.91 4.45 -43.80
CA LEU F 1617 92.47 3.43 -44.75
C LEU F 1617 91.23 3.88 -45.51
N VAL F 1618 90.34 4.64 -44.87
CA VAL F 1618 89.13 5.09 -45.55
C VAL F 1618 89.48 6.09 -46.66
N MET F 1619 90.61 6.77 -46.54
CA MET F 1619 91.03 7.72 -47.56
C MET F 1619 91.66 7.05 -48.79
N GLY F 1620 91.94 5.75 -48.71
CA GLY F 1620 92.57 5.05 -49.82
C GLY F 1620 94.05 5.28 -49.96
N ILE F 1621 94.70 5.89 -48.97
CA ILE F 1621 96.13 6.14 -49.05
C ILE F 1621 96.91 4.83 -48.92
N PHE F 1622 96.37 3.87 -48.18
CA PHE F 1622 97.04 2.59 -47.99
C PHE F 1622 97.12 1.84 -49.32
N GLY F 1623 98.33 1.45 -49.71
CA GLY F 1623 98.55 0.74 -50.95
C GLY F 1623 98.15 -0.72 -50.84
N ASP F 1624 98.58 -1.48 -51.85
CA ASP F 1624 98.27 -2.91 -51.88
C ASP F 1624 98.98 -3.66 -50.74
N GLU F 1625 100.27 -3.39 -50.55
CA GLU F 1625 101.01 -4.04 -49.47
C GLU F 1625 100.44 -3.64 -48.11
N ASP F 1626 99.97 -2.40 -47.98
CA ASP F 1626 99.43 -1.94 -46.71
C ASP F 1626 98.15 -2.68 -46.36
N VAL F 1627 97.21 -2.79 -47.31
CA VAL F 1627 95.98 -3.50 -47.03
C VAL F 1627 96.23 -5.00 -46.88
N LYS F 1628 97.26 -5.53 -47.55
CA LYS F 1628 97.61 -6.93 -47.35
C LYS F 1628 98.12 -7.17 -45.94
N GLN F 1629 98.99 -6.30 -45.45
CA GLN F 1629 99.48 -6.42 -44.08
C GLN F 1629 98.34 -6.23 -43.08
N ILE F 1630 97.40 -5.33 -43.38
CA ILE F 1630 96.26 -5.12 -42.49
C ILE F 1630 95.40 -6.38 -42.42
N LEU F 1631 95.12 -6.98 -43.58
CA LEU F 1631 94.32 -8.20 -43.61
C LEU F 1631 95.03 -9.36 -42.92
N LYS F 1632 96.36 -9.41 -43.03
CA LYS F 1632 97.12 -10.46 -42.34
C LYS F 1632 97.12 -10.24 -40.83
N MET F 1633 97.14 -8.98 -40.39
CA MET F 1633 97.15 -8.70 -38.96
C MET F 1633 95.77 -8.93 -38.34
N ILE F 1634 94.71 -8.65 -39.10
CA ILE F 1634 93.36 -8.84 -38.57
C ILE F 1634 93.08 -10.30 -38.31
N GLU F 1635 93.33 -11.17 -39.30
CA GLU F 1635 93.11 -12.59 -39.15
C GLU F 1635 94.10 -13.34 -40.04
N PRO F 1636 94.65 -14.46 -39.56
CA PRO F 1636 95.60 -15.21 -40.40
C PRO F 1636 94.96 -15.87 -41.60
N GLU F 1637 93.69 -16.30 -41.49
CA GLU F 1637 93.02 -16.92 -42.63
C GLU F 1637 92.65 -15.88 -43.68
N VAL F 1638 92.19 -14.71 -43.24
CA VAL F 1638 91.80 -13.65 -44.16
C VAL F 1638 93.01 -12.83 -44.60
N GLU F 1639 100.97 -15.65 -34.57
CA GLU F 1639 100.30 -16.46 -33.55
C GLU F 1639 99.48 -15.57 -32.62
N GLU F 1640 99.42 -14.28 -32.94
CA GLU F 1640 98.67 -13.31 -32.14
C GLU F 1640 97.37 -12.96 -32.85
N GLY F 1641 96.26 -13.05 -32.12
CA GLY F 1641 94.96 -12.76 -32.69
C GLY F 1641 94.28 -11.57 -32.03
N LEU F 1642 94.06 -10.51 -32.80
CA LEU F 1642 93.39 -9.33 -32.25
C LEU F 1642 91.91 -9.58 -32.03
N LEU F 1643 91.30 -10.47 -32.83
CA LEU F 1643 89.87 -10.74 -32.74
C LEU F 1643 89.53 -11.85 -31.76
N GLN F 1644 90.53 -12.47 -31.12
CA GLN F 1644 90.30 -13.60 -30.23
C GLN F 1644 90.83 -13.33 -28.83
N MET F 1645 90.54 -12.15 -28.28
CA MET F 1645 90.94 -11.79 -26.93
C MET F 1645 89.95 -10.79 -26.36
N LYS F 1646 90.14 -10.47 -25.08
CA LYS F 1646 89.27 -9.51 -24.40
C LYS F 1646 89.63 -8.09 -24.79
N LEU F 1647 88.65 -7.36 -25.32
CA LEU F 1647 88.86 -5.99 -25.77
C LEU F 1647 87.80 -5.07 -25.17
N PRO F 1648 88.16 -3.82 -24.89
CA PRO F 1648 87.16 -2.85 -24.42
C PRO F 1648 86.13 -2.49 -25.48
N GLU F 1649 85.18 -1.62 -25.13
CA GLU F 1649 84.06 -1.33 -26.04
C GLU F 1649 84.46 -0.40 -27.17
N SER F 1650 85.31 0.59 -26.90
CA SER F 1650 85.68 1.55 -27.94
C SER F 1650 86.44 0.88 -29.07
N VAL F 1651 87.37 -0.02 -28.74
CA VAL F 1651 88.08 -0.75 -29.80
C VAL F 1651 87.16 -1.74 -30.49
N LYS F 1652 86.13 -2.23 -29.78
CA LYS F 1652 85.12 -3.06 -30.44
C LYS F 1652 84.38 -2.26 -31.51
N LEU F 1653 84.00 -1.02 -31.18
CA LEU F 1653 83.37 -0.16 -32.18
C LEU F 1653 84.33 0.17 -33.31
N GLN F 1654 85.62 0.32 -33.00
CA GLN F 1654 86.61 0.56 -34.05
C GLN F 1654 86.69 -0.62 -35.02
N MET F 1655 86.74 -1.84 -34.48
CA MET F 1655 86.76 -3.02 -35.35
C MET F 1655 85.45 -3.16 -36.13
N CYS F 1656 84.34 -2.78 -35.50
CA CYS F 1656 83.06 -2.78 -36.21
C CYS F 1656 83.09 -1.83 -37.39
N ASN F 1657 83.62 -0.62 -37.20
CA ASN F 1657 83.73 0.33 -38.29
C ASN F 1657 84.68 -0.16 -39.37
N LEU F 1658 85.77 -0.82 -38.97
CA LEU F 1658 86.70 -1.37 -39.96
C LEU F 1658 86.03 -2.44 -40.81
N LEU F 1659 85.28 -3.35 -40.17
CA LEU F 1659 84.58 -4.38 -40.93
C LEU F 1659 83.49 -3.79 -41.80
N GLU F 1660 82.82 -2.72 -41.34
CA GLU F 1660 81.82 -2.06 -42.17
C GLU F 1660 82.46 -1.43 -43.39
N TYR F 1661 83.64 -0.81 -43.22
CA TYR F 1661 84.35 -0.25 -44.37
C TYR F 1661 84.79 -1.34 -45.33
N PHE F 1662 85.23 -2.48 -44.81
CA PHE F 1662 85.60 -3.60 -45.67
C PHE F 1662 84.40 -4.11 -46.46
N CYS F 1663 83.23 -4.20 -45.80
CA CYS F 1663 82.02 -4.62 -46.50
C CYS F 1663 81.62 -3.61 -47.57
N ASP F 1664 81.76 -2.32 -47.27
CA ASP F 1664 81.44 -1.30 -48.26
C ASP F 1664 82.38 -1.38 -49.45
N GLN F 1665 83.67 -1.63 -49.21
CA GLN F 1665 84.62 -1.78 -50.32
C GLN F 1665 84.29 -3.01 -51.16
N GLU F 1666 83.92 -4.12 -50.51
CA GLU F 1666 83.51 -5.31 -51.25
C GLU F 1666 82.27 -5.03 -52.08
N LEU F 1667 81.31 -4.30 -51.53
CA LEU F 1667 80.11 -3.95 -52.27
C LEU F 1667 80.44 -3.06 -53.47
N GLN F 1668 81.36 -2.12 -53.29
CA GLN F 1668 81.76 -1.26 -54.40
C GLN F 1668 82.45 -2.06 -55.49
N HIS F 1669 83.31 -3.00 -55.11
CA HIS F 1669 83.96 -3.85 -56.11
C HIS F 1669 82.95 -4.71 -56.85
N ARG F 1670 81.96 -5.26 -56.13
CA ARG F 1670 80.92 -6.05 -56.78
C ARG F 1670 80.10 -5.20 -57.74
N VAL F 1671 79.78 -3.97 -57.33
CA VAL F 1671 79.01 -3.08 -58.20
C VAL F 1671 79.80 -2.73 -59.45
N GLU F 1672 81.10 -2.50 -59.30
CA GLU F 1672 81.94 -2.19 -60.46
C GLU F 1672 82.02 -3.38 -61.42
N SER F 1673 82.18 -4.60 -60.87
CA SER F 1673 82.22 -5.78 -61.72
C SER F 1673 80.90 -5.98 -62.44
N LEU F 1674 79.78 -5.78 -61.72
CA LEU F 1674 78.47 -5.92 -62.35
C LEU F 1674 78.25 -4.88 -63.43
N ALA F 1675 78.75 -3.66 -63.22
CA ALA F 1675 78.62 -2.61 -64.24
C ALA F 1675 79.45 -2.94 -65.47
N ALA F 1676 80.67 -3.46 -65.27
CA ALA F 1676 81.48 -3.86 -66.42
C ALA F 1676 80.83 -5.00 -67.19
N PHE F 1677 80.28 -5.99 -66.47
CA PHE F 1677 79.59 -7.08 -67.14
C PHE F 1677 78.36 -6.58 -67.90
N ALA F 1678 77.61 -5.66 -67.29
CA ALA F 1678 76.44 -5.10 -67.97
C ALA F 1678 76.86 -4.34 -69.23
N GLU F 1679 77.96 -3.61 -69.16
CA GLU F 1679 78.44 -2.87 -70.33
C GLU F 1679 78.82 -3.82 -71.46
N ARG F 1680 79.62 -4.85 -71.16
CA ARG F 1680 80.01 -5.79 -72.21
C ARG F 1680 78.80 -6.56 -72.74
N TYR F 1681 77.84 -6.87 -71.86
CA TYR F 1681 76.67 -7.61 -72.29
C TYR F 1681 75.77 -6.76 -73.19
N VAL F 1682 75.58 -5.49 -72.86
CA VAL F 1682 74.75 -4.64 -73.70
C VAL F 1682 75.47 -4.34 -75.01
N ASP F 1683 76.80 -4.30 -75.01
CA ASP F 1683 77.53 -4.15 -76.26
C ASP F 1683 77.33 -5.37 -77.15
N LYS F 1684 77.46 -6.57 -76.59
CA LYS F 1684 77.23 -7.79 -77.36
C LYS F 1684 75.79 -7.85 -77.86
N LEU F 1685 74.83 -7.43 -77.04
CA LEU F 1685 73.42 -7.47 -77.44
C LEU F 1685 73.14 -6.45 -78.54
N GLN F 1686 73.77 -5.28 -78.48
CA GLN F 1686 73.61 -4.30 -79.55
C GLN F 1686 74.19 -4.82 -80.85
N ALA F 1687 75.36 -5.47 -80.78
CA ALA F 1687 75.94 -6.07 -81.99
C ALA F 1687 75.04 -7.14 -82.57
N ASN F 1688 74.49 -8.01 -81.70
CA ASN F 1688 73.62 -9.07 -82.18
C ASN F 1688 72.34 -8.51 -82.78
N GLN F 1689 71.78 -7.46 -82.17
CA GLN F 1689 70.56 -6.85 -82.70
C GLN F 1689 70.83 -6.15 -84.02
N ARG F 1690 72.00 -5.52 -84.16
CA ARG F 1690 72.36 -4.92 -85.44
C ARG F 1690 72.49 -5.98 -86.52
N ASP F 1691 73.13 -7.11 -86.20
CA ASP F 1691 73.25 -8.19 -87.17
C ASP F 1691 71.88 -8.75 -87.54
N ARG F 1692 70.99 -8.88 -86.55
CA ARG F 1692 69.65 -9.39 -86.81
C ARG F 1692 68.86 -8.44 -87.71
N TYR F 1693 68.91 -7.14 -87.42
CA TYR F 1693 68.24 -6.17 -88.27
C TYR F 1693 68.85 -6.12 -89.67
N GLY F 1694 70.14 -6.45 -89.78
CA GLY F 1694 70.76 -6.48 -91.09
C GLY F 1694 70.34 -7.69 -91.91
N ILE F 1695 70.17 -8.84 -91.25
CA ILE F 1695 69.81 -10.04 -92.01
C ILE F 1695 68.32 -10.05 -92.35
N LEU F 1696 67.47 -9.52 -91.49
CA LEU F 1696 66.03 -9.51 -91.78
C LEU F 1696 65.63 -8.39 -92.73
N MET F 1697 66.49 -7.38 -92.92
CA MET F 1697 66.14 -6.29 -93.83
C MET F 1697 66.06 -6.77 -95.28
N LYS F 1698 66.92 -7.71 -95.67
CA LYS F 1698 66.88 -8.23 -97.04
C LYS F 1698 65.68 -9.13 -97.26
N ALA F 1699 65.21 -9.80 -96.21
CA ALA F 1699 64.06 -10.69 -96.35
C ALA F 1699 62.78 -9.89 -96.51
N PHE F 1700 61.94 -10.30 -97.45
CA PHE F 1700 60.68 -9.63 -97.71
C PHE F 1700 59.61 -10.12 -96.74
N THR F 1701 58.42 -9.53 -96.84
CA THR F 1701 57.29 -9.90 -95.98
C THR F 1701 56.69 -11.20 -96.48
N MET F 1702 57.32 -12.30 -96.09
CA MET F 1702 56.84 -13.62 -96.50
C MET F 1702 55.54 -13.98 -95.79
N THR F 1703 55.47 -13.75 -94.49
CA THR F 1703 54.29 -14.06 -93.70
C THR F 1703 53.93 -12.86 -92.83
N ALA F 1704 52.69 -12.88 -92.32
CA ALA F 1704 52.24 -11.78 -91.48
C ALA F 1704 52.86 -11.83 -90.10
N ALA F 1705 53.22 -13.03 -89.62
CA ALA F 1705 53.80 -13.15 -88.29
C ALA F 1705 55.18 -12.50 -88.23
N GLU F 1706 56.01 -12.71 -89.25
CA GLU F 1706 57.33 -12.10 -89.28
C GLU F 1706 57.23 -10.57 -89.36
N THR F 1707 56.30 -10.07 -90.17
CA THR F 1707 56.11 -8.62 -90.26
C THR F 1707 55.63 -8.04 -88.93
N ALA F 1708 54.71 -8.74 -88.26
CA ALA F 1708 54.23 -8.28 -86.97
C ALA F 1708 55.34 -8.26 -85.93
N ARG F 1709 56.18 -9.31 -85.93
CA ARG F 1709 57.30 -9.35 -84.99
C ARG F 1709 58.30 -8.24 -85.28
N ARG F 1710 58.59 -7.99 -86.56
CA ARG F 1710 59.50 -6.91 -86.91
C ARG F 1710 58.95 -5.55 -86.49
N THR F 1711 57.65 -5.34 -86.68
CA THR F 1711 57.03 -4.08 -86.27
C THR F 1711 57.08 -3.92 -84.75
N ARG F 1712 56.78 -5.01 -84.02
CA ARG F 1712 56.80 -4.94 -82.56
C ARG F 1712 58.20 -4.71 -82.02
N GLU F 1713 59.23 -5.22 -82.71
CA GLU F 1713 60.60 -5.04 -82.23
C GLU F 1713 61.23 -3.75 -82.71
N PHE F 1714 60.69 -3.12 -83.77
CA PHE F 1714 61.24 -1.87 -84.28
C PHE F 1714 60.50 -0.64 -83.77
N ARG F 1715 59.18 -0.59 -83.95
CA ARG F 1715 58.40 0.59 -83.56
C ARG F 1715 58.23 0.72 -82.05
N SER F 1716 58.70 -0.25 -81.27
CA SER F 1716 58.57 -0.16 -79.83
C SER F 1716 59.48 0.93 -79.27
N PRO F 1717 59.11 1.55 -78.15
CA PRO F 1717 59.98 2.55 -77.52
C PRO F 1717 61.27 1.92 -77.05
N PRO F 1718 62.33 2.73 -76.85
CA PRO F 1718 63.62 2.14 -76.45
C PRO F 1718 63.57 1.39 -75.13
N GLN F 1719 62.88 1.93 -74.12
CA GLN F 1719 62.83 1.27 -72.82
C GLN F 1719 62.14 -0.09 -72.93
N GLU F 1720 60.98 -0.13 -73.60
CA GLU F 1720 60.29 -1.40 -73.78
C GLU F 1720 61.10 -2.36 -74.64
N GLN F 1721 61.84 -1.83 -75.62
CA GLN F 1721 62.68 -2.68 -76.45
C GLN F 1721 63.76 -3.36 -75.62
N ILE F 1722 64.45 -2.59 -74.77
CA ILE F 1722 65.49 -3.16 -73.93
C ILE F 1722 64.89 -4.12 -72.91
N ASN F 1723 63.70 -3.82 -72.40
CA ASN F 1723 63.05 -4.72 -71.47
C ASN F 1723 62.64 -6.03 -72.14
N MET F 1724 62.31 -5.98 -73.43
CA MET F 1724 61.90 -7.18 -74.14
C MET F 1724 63.08 -8.03 -74.56
N LEU F 1725 64.16 -7.40 -75.04
CA LEU F 1725 65.30 -8.18 -75.52
C LEU F 1725 66.09 -8.78 -74.36
N LEU F 1726 66.19 -8.07 -73.24
CA LEU F 1726 66.94 -8.58 -72.09
C LEU F 1726 66.16 -9.58 -71.26
N HIS F 1727 64.89 -9.81 -71.58
CA HIS F 1727 64.08 -10.76 -70.83
C HIS F 1727 64.43 -12.18 -71.24
N PHE F 1728 64.73 -13.03 -70.25
CA PHE F 1728 65.07 -14.42 -70.50
C PHE F 1728 64.33 -15.28 -69.49
N LYS F 1729 63.47 -16.18 -69.98
CA LYS F 1729 62.69 -17.07 -69.14
C LYS F 1729 61.86 -16.31 -68.11
N PRO F 1730 63.37 -13.53 -79.00
CA PRO F 1730 64.08 -12.75 -80.02
C PRO F 1730 65.57 -12.62 -79.73
N LEU F 1731 66.17 -13.71 -79.24
CA LEU F 1731 67.59 -13.71 -78.89
C LEU F 1731 68.09 -15.14 -78.85
N PRO F 1732 69.18 -15.46 -79.57
CA PRO F 1732 69.69 -16.83 -79.56
C PRO F 1732 70.19 -17.23 -78.19
N ASP F 1733 69.97 -18.50 -77.84
CA ASP F 1733 70.30 -19.00 -76.51
C ASP F 1733 71.80 -19.02 -76.24
N GLU F 1734 72.64 -18.82 -77.27
CA GLU F 1734 74.08 -18.87 -77.06
C GLU F 1734 74.56 -17.73 -76.17
N ILE F 1735 74.01 -16.53 -76.36
CA ILE F 1735 74.42 -15.40 -75.53
C ILE F 1735 73.83 -15.49 -74.13
N ARG F 1736 72.64 -16.07 -73.99
CA ARG F 1736 72.00 -16.17 -72.68
C ARG F 1736 72.71 -17.15 -71.75
N GLN F 1737 73.50 -18.08 -72.31
CA GLN F 1737 74.23 -19.02 -71.46
C GLN F 1737 75.26 -18.29 -70.61
N ASP F 1738 76.01 -17.37 -71.21
CA ASP F 1738 76.96 -16.58 -70.43
C ASP F 1738 76.25 -15.73 -69.39
N LEU F 1739 75.07 -15.20 -69.74
CA LEU F 1739 74.31 -14.39 -68.80
C LEU F 1739 73.91 -15.21 -67.57
N LEU F 1740 73.34 -16.40 -67.81
CA LEU F 1740 72.93 -17.24 -66.67
C LEU F 1740 74.13 -17.75 -65.89
N GLU F 1741 75.26 -18.00 -66.57
CA GLU F 1741 76.47 -18.43 -65.86
C GLU F 1741 76.97 -17.33 -64.94
N PHE F 1742 77.03 -16.09 -65.44
CA PHE F 1742 77.45 -14.98 -64.59
C PHE F 1742 76.44 -14.73 -63.47
N HIS F 1743 75.15 -14.93 -63.73
CA HIS F 1743 74.14 -14.78 -62.69
C HIS F 1743 74.35 -15.79 -61.57
N GLN F 1744 74.57 -17.06 -61.94
CA GLN F 1744 74.83 -18.09 -60.94
C GLN F 1744 76.13 -17.80 -60.18
N ASP F 1745 77.14 -17.29 -60.88
CA ASP F 1745 78.39 -16.94 -60.22
C ASP F 1745 78.18 -15.82 -59.21
N LEU F 1746 77.38 -14.81 -59.57
CA LEU F 1746 77.09 -13.72 -58.66
C LEU F 1746 76.29 -14.20 -57.46
N LEU F 1747 75.34 -15.12 -57.67
CA LEU F 1747 74.61 -15.69 -56.55
C LEU F 1747 75.52 -16.47 -55.61
N THR F 1748 76.42 -17.28 -56.17
CA THR F 1748 77.34 -18.05 -55.32
C THR F 1748 78.32 -17.13 -54.60
N HIS F 1749 78.71 -16.01 -55.22
CA HIS F 1749 79.61 -15.09 -54.55
C HIS F 1749 78.92 -14.31 -53.44
N CYS F 1750 77.66 -13.93 -53.66
CA CYS F 1750 76.91 -13.18 -52.67
C CYS F 1750 76.51 -14.02 -51.46
N GLY F 1751 76.67 -15.34 -51.53
CA GLY F 1751 76.31 -16.22 -50.44
C GLY F 1751 75.13 -17.12 -50.72
N ILE F 1752 74.46 -16.95 -51.87
CA ILE F 1752 73.30 -17.75 -52.21
C ILE F 1752 73.77 -19.14 -52.65
N GLN F 1753 73.07 -20.16 -52.18
CA GLN F 1753 73.41 -21.55 -52.52
C GLN F 1753 72.51 -22.07 -53.63
N LEU F 1754 86.59 -22.03 -42.90
CA LEU F 1754 86.05 -20.68 -43.04
C LEU F 1754 86.29 -20.14 -44.45
N GLN F 1755 87.38 -19.38 -44.61
CA GLN F 1755 87.78 -18.81 -45.90
C GLN F 1755 86.69 -17.92 -46.49
N SER F 1756 85.90 -17.27 -45.61
CA SER F 1756 84.83 -16.39 -46.05
C SER F 1756 84.77 -15.19 -45.10
N LEU F 1757 84.76 -13.99 -45.67
CA LEU F 1757 84.71 -12.79 -44.84
C LEU F 1757 83.41 -12.69 -44.07
N GLN F 1758 82.29 -12.91 -44.75
CA GLN F 1758 80.98 -12.79 -44.10
C GLN F 1758 80.83 -13.83 -42.99
N GLU F 1759 81.31 -15.04 -43.22
CA GLU F 1759 81.17 -16.10 -42.21
C GLU F 1759 81.97 -15.76 -40.95
N LEU F 1760 83.23 -15.34 -41.12
CA LEU F 1760 84.05 -15.01 -39.96
C LEU F 1760 83.52 -13.78 -39.24
N VAL F 1761 83.00 -12.80 -39.98
CA VAL F 1761 82.41 -11.63 -39.36
C VAL F 1761 81.18 -12.01 -38.55
N SER F 1762 80.32 -12.86 -39.11
CA SER F 1762 79.14 -13.31 -38.39
C SER F 1762 79.54 -14.07 -37.13
N HIS F 1763 80.56 -14.91 -37.22
CA HIS F 1763 81.04 -15.65 -36.05
C HIS F 1763 81.56 -14.70 -34.99
N THR F 1764 82.32 -13.68 -35.38
CA THR F 1764 82.86 -12.74 -34.41
C THR F 1764 81.75 -11.94 -33.74
N VAL F 1765 80.73 -11.52 -34.50
CA VAL F 1765 79.67 -10.72 -33.90
C VAL F 1765 78.80 -11.58 -32.98
N VAL F 1766 78.53 -12.83 -33.36
CA VAL F 1766 77.73 -13.65 -32.45
C VAL F 1766 78.54 -14.01 -31.21
N ARG F 1767 79.85 -14.17 -31.34
CA ARG F 1767 80.69 -14.42 -30.17
C ARG F 1767 80.72 -13.21 -29.24
N TRP F 1768 80.81 -12.01 -29.81
CA TRP F 1768 80.78 -10.81 -28.99
C TRP F 1768 79.44 -10.64 -28.30
N ALA F 1769 78.35 -11.03 -28.98
CA ALA F 1769 77.04 -10.94 -28.37
C ALA F 1769 76.84 -11.97 -27.27
N GLN F 1770 77.40 -13.17 -27.43
CA GLN F 1770 77.24 -14.23 -26.45
C GLN F 1770 78.26 -14.16 -25.32
N GLU F 1771 79.33 -13.37 -25.46
CA GLU F 1771 80.34 -13.27 -24.42
C GLU F 1771 79.74 -12.71 -23.13
N ASP F 1772 79.24 -11.48 -23.18
CA ASP F 1772 78.64 -10.84 -22.02
C ASP F 1772 77.69 -9.77 -22.52
N PHE F 1773 77.10 -9.03 -21.58
CA PHE F 1773 76.19 -7.95 -21.92
C PHE F 1773 76.95 -6.77 -22.51
N VAL F 1774 76.24 -5.98 -23.31
CA VAL F 1774 76.88 -4.89 -24.04
C VAL F 1774 76.94 -3.63 -23.17
N GLN F 1775 75.80 -3.22 -22.59
CA GLN F 1775 75.69 -1.98 -21.84
C GLN F 1775 76.08 -0.76 -22.68
N SER F 1776 75.81 -0.82 -23.99
CA SER F 1776 76.13 0.27 -24.89
C SER F 1776 75.20 0.24 -26.10
N PRO F 1777 74.36 1.26 -26.30
CA PRO F 1777 73.42 1.21 -27.43
C PRO F 1777 74.09 1.38 -28.78
N GLU F 1778 75.05 2.30 -28.89
CA GLU F 1778 75.67 2.55 -30.19
C GLU F 1778 76.46 1.34 -30.67
N LEU F 1779 77.19 0.68 -29.77
CA LEU F 1779 78.01 -0.45 -30.17
C LEU F 1779 77.15 -1.62 -30.66
N VAL F 1780 76.09 -1.94 -29.91
CA VAL F 1780 75.23 -3.04 -30.30
C VAL F 1780 74.44 -2.69 -31.56
N ARG F 1781 74.10 -1.41 -31.74
CA ARG F 1781 73.43 -0.98 -32.96
C ARG F 1781 74.35 -1.17 -34.17
N ALA F 1782 75.62 -0.76 -34.02
CA ALA F 1782 76.58 -0.94 -35.11
C ALA F 1782 76.79 -2.42 -35.40
N MET F 1783 76.86 -3.26 -34.36
CA MET F 1783 77.03 -4.69 -34.57
C MET F 1783 75.84 -5.29 -35.31
N PHE F 1784 74.62 -4.90 -34.93
CA PHE F 1784 73.44 -5.44 -35.59
C PHE F 1784 73.35 -4.97 -37.03
N SER F 1785 73.67 -3.69 -37.30
CA SER F 1785 73.67 -3.21 -38.67
C SER F 1785 74.72 -3.92 -39.51
N LEU F 1786 75.90 -4.18 -38.93
CA LEU F 1786 76.93 -4.89 -39.67
C LEU F 1786 76.52 -6.33 -39.95
N LEU F 1787 75.87 -6.98 -38.98
CA LEU F 1787 75.37 -8.33 -39.19
C LEU F 1787 74.32 -8.36 -40.30
N HIS F 1788 73.43 -7.36 -40.32
CA HIS F 1788 72.42 -7.31 -41.38
C HIS F 1788 73.05 -7.06 -42.73
N ARG F 1789 74.09 -6.21 -42.78
CA ARG F 1789 74.75 -5.93 -44.05
C ARG F 1789 75.55 -7.13 -44.56
N GLN F 1790 76.13 -7.91 -43.65
CA GLN F 1790 76.95 -9.04 -44.05
C GLN F 1790 76.09 -10.26 -44.42
N TYR F 1791 75.05 -10.54 -43.64
CA TYR F 1791 74.21 -11.69 -43.90
C TYR F 1791 73.22 -11.46 -45.03
N ASP F 1792 72.98 -10.21 -45.40
CA ASP F 1792 72.04 -9.86 -46.48
C ASP F 1792 72.80 -9.06 -47.52
N GLY F 1793 73.15 -9.71 -48.63
CA GLY F 1793 73.83 -9.05 -49.72
C GLY F 1793 72.91 -8.73 -50.87
N LEU F 1794 71.84 -9.52 -51.02
CA LEU F 1794 70.89 -9.30 -52.10
C LEU F 1794 70.17 -7.97 -51.94
N GLY F 1795 69.67 -7.69 -50.73
CA GLY F 1795 69.03 -6.41 -50.47
C GLY F 1795 69.99 -5.25 -50.64
N GLU F 1796 71.26 -5.44 -50.25
CA GLU F 1796 72.26 -4.39 -50.39
C GLU F 1796 72.51 -4.07 -51.86
N LEU F 1797 72.71 -5.11 -52.68
CA LEU F 1797 72.94 -4.86 -54.10
C LEU F 1797 71.69 -4.34 -54.79
N LEU F 1798 70.50 -4.68 -54.28
CA LEU F 1798 69.28 -4.11 -54.82
C LEU F 1798 69.17 -2.62 -54.51
N ARG F 1799 69.51 -2.23 -53.29
CA ARG F 1799 69.48 -0.82 -52.93
C ARG F 1799 70.61 -0.03 -53.58
N ALA F 1800 71.69 -0.71 -53.97
CA ALA F 1800 72.81 -0.03 -54.61
C ALA F 1800 72.60 0.24 -56.09
N LEU F 1801 71.48 -0.24 -56.66
CA LEU F 1801 71.25 -0.05 -58.10
C LEU F 1801 70.82 1.38 -58.43
N PRO F 1802 69.87 2.00 -57.74
CA PRO F 1802 69.50 3.39 -58.09
C PRO F 1802 70.65 4.37 -57.96
N ARG F 1803 71.61 4.10 -57.06
CA ARG F 1803 72.76 5.00 -56.93
C ARG F 1803 73.78 4.80 -58.04
N ALA F 1804 73.85 3.60 -58.60
CA ALA F 1804 74.83 3.32 -59.64
C ALA F 1804 74.39 3.93 -60.97
N TYR F 1805 75.37 4.32 -61.78
CA TYR F 1805 75.12 4.92 -63.08
C TYR F 1805 76.37 4.80 -63.93
N THR F 1806 76.17 4.73 -65.25
CA THR F 1806 77.26 4.61 -66.20
C THR F 1806 77.30 5.84 -67.10
N ILE F 1807 78.48 6.44 -67.24
CA ILE F 1807 78.64 7.65 -68.05
C ILE F 1807 79.65 7.39 -69.15
N SER F 1808 79.91 8.41 -69.97
CA SER F 1808 80.87 8.32 -71.06
C SER F 1808 82.26 8.74 -70.60
N PRO F 1809 83.30 8.03 -71.04
CA PRO F 1809 84.67 8.37 -70.63
C PRO F 1809 85.27 9.56 -71.35
N SER F 1810 84.48 10.31 -72.12
CA SER F 1810 85.00 11.47 -72.85
C SER F 1810 84.92 12.77 -72.05
N SER F 1811 84.15 12.80 -70.97
CA SER F 1811 84.02 14.00 -70.17
C SER F 1811 84.30 13.70 -68.69
N VAL F 1812 85.36 12.96 -68.42
CA VAL F 1812 85.68 12.58 -67.05
C VAL F 1812 86.12 13.80 -66.24
N GLU F 1813 86.80 14.74 -66.88
CA GLU F 1813 87.25 15.94 -66.17
C GLU F 1813 86.05 16.78 -65.71
N ASP F 1814 85.02 16.89 -66.55
CA ASP F 1814 83.83 17.64 -66.15
C ASP F 1814 83.14 16.97 -64.96
N THR F 1815 83.09 15.63 -64.96
CA THR F 1815 82.48 14.92 -63.85
C THR F 1815 83.28 15.08 -62.56
N MET F 1816 84.62 15.04 -62.67
CA MET F 1816 85.45 15.26 -61.49
C MET F 1816 85.28 16.67 -60.94
N SER F 1817 85.23 17.66 -61.83
CA SER F 1817 85.00 19.04 -61.39
C SER F 1817 83.64 19.19 -60.74
N LEU F 1818 82.62 18.53 -61.30
CA LEU F 1818 81.28 18.60 -60.71
C LEU F 1818 81.25 17.96 -59.33
N LEU F 1819 81.93 16.81 -59.17
CA LEU F 1819 81.98 16.15 -57.87
C LEU F 1819 82.69 17.03 -56.85
N GLU F 1820 83.82 17.63 -57.24
CA GLU F 1820 84.56 18.49 -56.32
C GLU F 1820 83.73 19.71 -55.92
N CYS F 1821 83.07 20.34 -56.89
CA CYS F 1821 82.31 21.55 -56.56
C CYS F 1821 81.07 21.22 -55.73
N LEU F 1822 80.44 20.07 -55.97
CA LEU F 1822 79.30 19.70 -55.14
C LEU F 1822 79.74 19.35 -53.72
N GLY F 1823 80.89 18.71 -53.57
CA GLY F 1823 81.45 18.51 -52.24
C GLY F 1823 81.73 19.83 -51.55
N GLN F 1824 82.23 20.82 -52.30
CA GLN F 1824 82.46 22.14 -51.73
C GLN F 1824 81.15 22.80 -51.30
N ILE F 1825 80.10 22.67 -52.12
CA ILE F 1825 78.80 23.21 -51.74
C ILE F 1825 78.30 22.56 -50.46
N ARG F 1826 78.45 21.24 -50.35
CA ARG F 1826 78.00 20.55 -49.14
C ARG F 1826 78.80 21.01 -47.92
N SER F 1827 80.12 21.14 -48.07
CA SER F 1827 80.95 21.57 -46.94
C SER F 1827 80.62 22.99 -46.52
N LEU F 1828 80.30 23.87 -47.48
CA LEU F 1828 79.93 25.24 -47.13
C LEU F 1828 78.51 25.30 -46.57
N LEU F 1829 77.64 24.36 -46.94
CA LEU F 1829 76.30 24.31 -46.37
C LEU F 1829 76.30 23.79 -44.95
N ILE F 1830 77.23 22.89 -44.62
CA ILE F 1830 77.36 22.44 -43.24
C ILE F 1830 77.80 23.59 -42.35
N VAL F 1831 78.72 24.42 -42.83
CA VAL F 1831 79.17 25.59 -42.10
C VAL F 1831 78.10 26.68 -42.18
N GLN F 1832 77.96 27.45 -41.11
CA GLN F 1832 77.00 28.55 -41.09
C GLN F 1832 77.31 29.55 -42.20
N MET F 1833 76.26 30.11 -42.80
CA MET F 1833 76.44 31.01 -43.93
C MET F 1833 77.04 32.33 -43.49
N GLY F 1834 77.92 32.87 -44.34
CA GLY F 1834 78.53 34.16 -44.09
C GLY F 1834 78.74 34.91 -45.39
N PRO F 1835 79.33 36.12 -45.30
CA PRO F 1835 79.58 36.91 -46.51
C PRO F 1835 80.46 36.19 -47.53
N GLN F 1836 81.66 35.79 -47.09
CA GLN F 1836 82.54 35.02 -47.96
C GLN F 1836 81.92 33.68 -48.33
N GLU F 1837 81.20 33.07 -47.38
CA GLU F 1837 80.52 31.82 -47.67
C GLU F 1837 79.44 32.02 -48.71
N GLU F 1838 78.68 33.12 -48.61
CA GLU F 1838 77.66 33.40 -49.62
C GLU F 1838 78.28 33.66 -50.99
N ASN F 1839 79.42 34.36 -51.02
CA ASN F 1839 80.09 34.61 -52.29
C ASN F 1839 80.57 33.30 -52.92
N LEU F 1840 81.16 32.43 -52.10
CA LEU F 1840 81.62 31.14 -52.62
C LEU F 1840 80.44 30.29 -53.09
N MET F 1841 79.32 30.36 -52.38
CA MET F 1841 78.11 29.63 -52.79
C MET F 1841 77.59 30.17 -54.13
N ILE F 1842 77.60 31.49 -54.31
CA ILE F 1842 77.16 32.07 -55.57
C ILE F 1842 78.08 31.64 -56.71
N GLN F 1843 79.40 31.65 -56.47
CA GLN F 1843 80.34 31.20 -57.48
C GLN F 1843 80.11 29.74 -57.84
N SER F 1844 79.82 28.90 -56.83
CA SER F 1844 79.59 27.49 -57.09
C SER F 1844 78.30 27.27 -57.88
N ILE F 1845 77.25 28.01 -57.55
CA ILE F 1845 75.99 27.89 -58.30
C ILE F 1845 76.18 28.36 -59.73
N GLY F 1846 76.99 29.40 -59.93
CA GLY F 1846 77.30 29.85 -61.28
C GLY F 1846 78.16 28.85 -62.05
N ASN F 1847 79.01 28.12 -61.35
CA ASN F 1847 79.89 27.15 -62.01
C ASN F 1847 79.15 25.87 -62.38
N ILE F 1848 78.22 25.42 -61.53
CA ILE F 1848 77.53 24.17 -61.80
C ILE F 1848 76.55 24.29 -62.96
N MET F 1849 76.18 25.51 -63.34
CA MET F 1849 75.23 25.69 -64.43
C MET F 1849 75.90 25.59 -65.80
N ASN F 1850 77.17 25.94 -65.89
CA ASN F 1850 77.91 25.91 -67.15
C ASN F 1850 78.48 24.54 -67.48
N ASN F 1851 78.11 23.51 -66.72
CA ASN F 1851 78.61 22.16 -66.98
C ASN F 1851 77.87 21.55 -68.17
N LYS F 1852 78.61 20.77 -68.97
CA LYS F 1852 78.00 20.16 -70.16
C LYS F 1852 77.28 18.86 -69.81
N VAL F 1853 77.82 18.09 -68.86
CA VAL F 1853 77.20 16.82 -68.49
C VAL F 1853 75.87 17.04 -67.78
N PHE F 1854 75.66 18.22 -67.18
CA PHE F 1854 74.42 18.49 -66.48
C PHE F 1854 73.22 18.42 -67.44
N TYR F 1855 73.40 18.85 -68.68
CA TYR F 1855 72.35 18.78 -69.68
C TYR F 1855 72.30 17.44 -70.39
N GLN F 1856 73.26 16.55 -70.14
CA GLN F 1856 73.32 15.27 -70.85
C GLN F 1856 72.70 14.14 -70.05
N HIS F 1857 73.03 14.04 -68.76
CA HIS F 1857 72.57 12.94 -67.90
C HIS F 1857 71.76 13.49 -66.74
N PRO F 1858 70.46 13.71 -66.92
CA PRO F 1858 69.64 14.13 -65.78
C PRO F 1858 69.48 13.02 -64.74
N ASN F 1859 69.58 11.76 -65.15
CA ASN F 1859 69.49 10.66 -64.18
C ASN F 1859 70.65 10.69 -63.20
N LEU F 1860 71.84 11.08 -63.66
CA LEU F 1860 72.97 11.23 -62.75
C LEU F 1860 72.73 12.35 -61.75
N MET F 1861 72.12 13.45 -62.21
CA MET F 1861 71.81 14.54 -61.30
C MET F 1861 70.74 14.15 -60.29
N ARG F 1862 69.80 13.29 -60.69
CA ARG F 1862 68.78 12.82 -59.75
C ARG F 1862 69.37 11.84 -58.75
N ALA F 1863 70.29 10.99 -59.19
CA ALA F 1863 70.92 10.03 -58.28
C ALA F 1863 71.84 10.74 -57.29
N LEU F 1864 72.57 11.75 -57.76
CA LEU F 1864 73.43 12.51 -56.87
C LEU F 1864 72.63 13.36 -55.89
N GLY F 1865 71.40 13.71 -56.22
CA GLY F 1865 70.52 14.43 -55.31
C GLY F 1865 70.94 15.86 -55.04
N MET F 1866 71.34 16.60 -56.09
CA MET F 1866 71.72 18.00 -55.89
C MET F 1866 70.54 18.86 -55.53
N HIS F 1867 69.34 18.52 -56.04
CA HIS F 1867 68.15 19.28 -55.66
C HIS F 1867 67.86 19.16 -54.18
N GLU F 1868 68.13 17.99 -53.58
CA GLU F 1868 67.99 17.87 -52.14
C GLU F 1868 68.97 18.78 -51.41
N THR F 1869 70.20 18.91 -51.94
CA THR F 1869 71.18 19.81 -51.32
C THR F 1869 70.72 21.26 -51.40
N VAL F 1870 70.21 21.68 -52.55
CA VAL F 1870 69.75 23.06 -52.67
C VAL F 1870 68.50 23.30 -51.81
N MET F 1871 67.63 22.30 -51.68
CA MET F 1871 66.48 22.42 -50.81
C MET F 1871 66.91 22.55 -49.35
N GLU F 1872 67.91 21.79 -48.93
CA GLU F 1872 68.43 21.92 -47.57
C GLU F 1872 69.06 23.29 -47.36
N VAL F 1873 69.80 23.79 -48.36
CA VAL F 1873 70.39 25.12 -48.25
C VAL F 1873 69.29 26.17 -48.10
N MET F 1874 68.21 26.02 -48.86
CA MET F 1874 67.11 27.00 -48.79
C MET F 1874 66.40 26.93 -47.45
N VAL F 1875 66.15 25.72 -46.94
CA VAL F 1875 65.46 25.60 -45.66
C VAL F 1875 66.36 26.05 -44.52
N ASN F 1876 67.68 26.02 -44.72
CA ASN F 1876 68.59 26.50 -43.70
C ASN F 1876 68.75 28.02 -43.72
N VAL F 1877 68.71 28.63 -44.91
CA VAL F 1877 68.90 30.07 -44.99
C VAL F 1877 67.59 30.83 -44.78
N LEU F 1878 66.45 30.24 -45.11
CA LEU F 1878 65.16 30.85 -44.82
C LEU F 1878 64.71 30.50 -43.40
N ARG F 1879 66.94 37.93 -45.49
CA ARG F 1879 68.40 38.04 -45.47
C ARG F 1879 69.01 37.29 -46.65
N PHE F 1880 70.21 37.75 -47.06
CA PHE F 1880 70.96 37.17 -48.17
C PHE F 1880 70.12 37.15 -49.44
N PRO F 1881 69.85 38.32 -50.04
CA PRO F 1881 69.02 38.31 -51.26
C PRO F 1881 69.71 37.67 -52.45
N LYS F 1882 71.01 37.91 -52.65
CA LYS F 1882 71.72 37.31 -53.76
C LYS F 1882 71.71 35.79 -53.65
N MET F 1883 71.85 35.26 -52.43
CA MET F 1883 71.85 33.81 -52.23
C MET F 1883 70.52 33.20 -52.64
N VAL F 1884 69.42 33.79 -52.18
CA VAL F 1884 68.11 33.22 -52.48
C VAL F 1884 67.79 33.36 -53.97
N THR F 1885 68.16 34.49 -54.57
CA THR F 1885 67.96 34.64 -56.02
C THR F 1885 68.75 33.60 -56.78
N SER F 1886 70.00 33.34 -56.38
CA SER F 1886 70.82 32.36 -57.07
C SER F 1886 70.23 30.95 -56.94
N CYS F 1887 69.79 30.57 -55.74
CA CYS F 1887 69.28 29.21 -55.60
C CYS F 1887 67.94 29.03 -56.31
N CYS F 1888 67.08 30.06 -56.31
CA CYS F 1888 65.85 29.96 -57.07
C CYS F 1888 66.10 29.93 -58.57
N ARG F 1889 67.13 30.66 -59.05
CA ARG F 1889 67.48 30.57 -60.46
C ARG F 1889 67.99 29.18 -60.82
N PHE F 1890 68.80 28.59 -59.95
CA PHE F 1890 69.27 27.23 -60.20
C PHE F 1890 68.09 26.24 -60.19
N LEU F 1891 67.14 26.44 -59.29
CA LEU F 1891 65.96 25.57 -59.26
C LEU F 1891 65.16 25.71 -60.55
N CYS F 1892 64.93 26.94 -61.00
CA CYS F 1892 64.19 27.16 -62.24
C CYS F 1892 64.90 26.53 -63.43
N TYR F 1893 66.23 26.60 -63.45
CA TYR F 1893 66.98 25.93 -64.51
C TYR F 1893 66.90 24.42 -64.38
N PHE F 1894 66.73 23.90 -63.16
CA PHE F 1894 66.68 22.47 -62.94
C PHE F 1894 65.32 21.87 -63.31
N CYS F 1895 64.23 22.60 -63.11
CA CYS F 1895 62.91 22.05 -63.43
C CYS F 1895 62.69 21.91 -64.93
N ARG F 1896 63.33 22.75 -65.73
CA ARG F 1896 63.15 22.73 -67.18
C ARG F 1896 64.14 21.82 -67.89
N ILE F 1897 64.65 20.80 -67.21
CA ILE F 1897 65.60 19.89 -67.82
C ILE F 1897 64.86 18.73 -68.49
N SER F 1898 64.09 17.98 -67.71
CA SER F 1898 63.36 16.84 -68.24
C SER F 1898 62.10 16.63 -67.41
N ARG F 1899 61.34 15.58 -67.76
CA ARG F 1899 60.11 15.28 -67.04
C ARG F 1899 60.37 14.59 -65.71
N GLN F 1900 61.44 13.81 -65.62
CA GLN F 1900 61.78 13.16 -64.35
C GLN F 1900 62.19 14.20 -63.31
N ASN F 1901 62.98 15.20 -63.72
CA ASN F 1901 63.28 16.31 -62.82
C ASN F 1901 62.02 17.03 -62.39
N GLN F 1902 61.06 17.18 -63.30
CA GLN F 1902 59.80 17.82 -62.97
C GLN F 1902 59.04 17.04 -61.91
N ARG F 1903 58.93 15.71 -62.10
CA ARG F 1903 58.24 14.88 -61.13
C ARG F 1903 58.97 14.86 -59.79
N SER F 1904 60.30 14.93 -59.80
CA SER F 1904 61.04 14.94 -58.54
C SER F 1904 60.86 16.26 -57.80
N MET F 1905 60.82 17.38 -58.53
CA MET F 1905 60.65 18.69 -57.89
C MET F 1905 59.21 18.93 -57.47
N PHE F 1906 58.25 18.27 -58.11
CA PHE F 1906 56.84 18.45 -57.75
C PHE F 1906 56.55 18.06 -56.30
N ASP F 1907 57.40 17.23 -55.68
CA ASP F 1907 57.12 16.75 -54.34
C ASP F 1907 57.10 17.86 -53.31
N HIS F 1908 57.88 18.93 -53.52
CA HIS F 1908 58.00 20.02 -52.57
C HIS F 1908 57.10 21.20 -52.90
N LEU F 1909 56.03 20.96 -53.64
CA LEU F 1909 55.13 22.05 -54.03
C LEU F 1909 54.44 22.66 -52.81
N SER F 1910 54.05 21.82 -51.85
CA SER F 1910 53.40 22.33 -50.65
C SER F 1910 54.33 23.25 -49.86
N TYR F 1911 55.58 22.83 -49.68
CA TYR F 1911 56.53 23.67 -48.95
C TYR F 1911 56.86 24.94 -49.73
N LEU F 1912 56.94 24.85 -51.06
CA LEU F 1912 57.20 26.05 -51.85
C LEU F 1912 56.04 27.04 -51.74
N LEU F 1913 54.80 26.55 -51.78
CA LEU F 1913 53.66 27.44 -51.62
C LEU F 1913 53.58 28.00 -50.21
N GLU F 1914 54.00 27.24 -49.20
CA GLU F 1914 54.00 27.76 -47.84
C GLU F 1914 55.05 28.83 -47.65
N ASN F 1915 56.22 28.66 -48.27
CA ASN F 1915 57.31 29.63 -48.14
C ASN F 1915 57.12 30.86 -49.02
N SER F 1916 56.35 30.74 -50.10
CA SER F 1916 56.14 31.89 -50.98
C SER F 1916 55.32 32.98 -50.27
N GLY F 1917 54.30 32.58 -49.53
CA GLY F 1917 53.46 33.52 -48.81
C GLY F 1917 52.55 34.34 -49.72
N SER F 1918 63.83 36.70 -58.16
CA SER F 1918 63.60 35.27 -58.02
C SER F 1918 62.84 34.96 -56.73
N THR F 1919 61.75 34.22 -56.86
CA THR F 1919 60.87 33.88 -55.74
C THR F 1919 60.41 32.44 -55.92
N PRO F 1920 60.32 31.65 -54.84
CA PRO F 1920 59.88 30.26 -54.97
C PRO F 1920 58.51 30.10 -55.62
N LEU F 1921 57.68 31.14 -55.66
CA LEU F 1921 56.43 31.04 -56.39
C LEU F 1921 56.68 30.88 -57.89
N ASP F 1922 57.75 31.47 -58.41
CA ASP F 1922 58.11 31.24 -59.80
C ASP F 1922 58.52 29.79 -60.03
N VAL F 1923 59.25 29.21 -59.08
CA VAL F 1923 59.60 27.79 -59.18
C VAL F 1923 58.35 26.93 -59.15
N ALA F 1924 57.38 27.28 -58.31
CA ALA F 1924 56.12 26.55 -58.24
C ALA F 1924 55.39 26.63 -59.58
N ALA F 1925 55.28 27.83 -60.14
CA ALA F 1925 54.60 28.01 -61.41
C ALA F 1925 55.30 27.25 -62.52
N ALA F 1926 56.64 27.21 -62.49
CA ALA F 1926 57.38 26.44 -63.49
C ALA F 1926 57.18 24.95 -63.29
N SER F 1927 56.97 24.50 -62.06
CA SER F 1927 56.73 23.08 -61.82
C SER F 1927 55.34 22.66 -62.26
N VAL F 1928 54.34 23.52 -62.09
CA VAL F 1928 52.99 23.19 -62.54
C VAL F 1928 52.83 23.32 -64.06
N ILE F 1929 53.58 24.21 -64.71
CA ILE F 1929 53.45 24.40 -66.14
C ILE F 1929 54.15 23.28 -66.90
N ASP F 1930 53.74 23.10 -68.15
CA ASP F 1930 54.36 22.15 -69.07
C ASP F 1930 54.24 20.71 -68.58
N ASN F 1931 53.08 20.37 -68.02
CA ASN F 1931 52.82 19.00 -67.59
C ASN F 1931 51.32 18.82 -67.42
N ASN F 1932 50.84 17.62 -67.76
CA ASN F 1932 49.42 17.28 -67.66
C ASN F 1932 49.13 16.22 -66.61
N GLU F 1933 50.12 15.38 -66.27
CA GLU F 1933 49.89 14.35 -65.27
C GLU F 1933 49.72 14.96 -63.88
N LEU F 1934 50.65 15.83 -63.47
CA LEU F 1934 50.57 16.45 -62.16
C LEU F 1934 49.44 17.48 -62.09
N ALA F 1935 49.00 18.01 -63.23
CA ALA F 1935 47.91 18.99 -63.20
C ALA F 1935 46.59 18.33 -62.81
N LEU F 1936 46.38 17.07 -63.19
CA LEU F 1936 45.16 16.38 -62.81
C LEU F 1936 45.20 15.95 -61.35
N ALA F 1937 46.35 15.49 -60.87
CA ALA F 1937 46.52 15.07 -59.49
C ALA F 1937 46.81 16.24 -58.55
N LEU F 1938 46.68 17.48 -59.02
CA LEU F 1938 46.96 18.63 -58.18
C LEU F 1938 45.89 18.77 -57.11
N GLN F 1939 46.32 18.93 -55.86
CA GLN F 1939 45.41 19.06 -54.74
C GLN F 1939 44.90 20.48 -54.62
N GLU F 1940 43.77 20.64 -53.93
CA GLU F 1940 43.14 21.93 -53.75
C GLU F 1940 43.66 22.70 -52.54
N GLN F 1941 44.51 22.08 -51.72
CA GLN F 1941 45.02 22.76 -50.54
C GLN F 1941 45.94 23.92 -50.93
N ASP F 1942 46.89 23.67 -51.83
CA ASP F 1942 47.76 24.74 -52.30
C ASP F 1942 46.96 25.80 -53.06
N LEU F 1943 45.91 25.37 -53.78
CA LEU F 1943 45.06 26.33 -54.47
C LEU F 1943 44.36 27.25 -53.48
N GLU F 1944 43.77 26.68 -52.42
CA GLU F 1944 43.13 27.49 -51.39
C GLU F 1944 44.13 28.41 -50.71
N LYS F 1945 45.35 27.92 -50.47
CA LYS F 1945 46.36 28.74 -49.83
C LYS F 1945 46.75 29.92 -50.71
N VAL F 1946 46.92 29.69 -52.01
CA VAL F 1946 47.35 30.77 -52.89
C VAL F 1946 46.22 31.77 -53.11
N VAL F 1947 44.96 31.31 -53.16
CA VAL F 1947 43.89 32.29 -53.30
C VAL F 1947 43.69 33.06 -52.01
N SER F 1948 43.93 32.44 -50.84
CA SER F 1948 43.88 33.17 -49.59
C SER F 1948 44.99 34.22 -49.53
N TYR F 1949 46.19 33.87 -49.99
CA TYR F 1949 47.27 34.85 -50.02
C TYR F 1949 46.97 35.99 -50.98
N LEU F 1950 46.39 35.68 -52.13
CA LEU F 1950 46.02 36.73 -53.08
C LEU F 1950 44.93 37.64 -52.53
N ALA F 1951 44.00 37.08 -51.76
CA ALA F 1951 42.96 37.90 -51.14
C ALA F 1951 43.53 38.77 -50.03
N GLY F 1952 44.44 38.22 -49.22
CA GLY F 1952 45.05 38.98 -48.14
C GLY F 1952 46.05 40.01 -48.61
N CYS F 1953 46.58 39.85 -49.83
CA CYS F 1953 47.54 40.83 -50.35
C CYS F 1953 46.87 42.16 -50.62
N GLY F 1954 45.74 42.15 -51.31
CA GLY F 1954 45.00 43.36 -51.62
C GLY F 1954 44.04 43.83 -50.56
N LEU F 1955 44.01 43.16 -49.40
CA LEU F 1955 43.09 43.56 -48.34
C LEU F 1955 43.55 44.83 -47.64
N GLN F 1956 44.86 44.97 -47.44
CA GLN F 1956 45.42 46.12 -46.76
C GLN F 1956 46.65 46.60 -47.53
N SER F 1957 47.27 47.67 -47.02
CA SER F 1957 48.45 48.22 -47.65
C SER F 1957 49.67 47.35 -47.37
N CYS F 1958 50.66 47.44 -48.26
CA CYS F 1958 51.89 46.68 -48.14
C CYS F 1958 53.05 47.60 -47.77
N PRO F 1959 53.92 47.18 -46.86
CA PRO F 1959 55.05 48.05 -46.47
C PRO F 1959 56.02 48.32 -47.61
N MET F 1960 56.24 47.35 -48.50
CA MET F 1960 57.15 47.57 -49.62
C MET F 1960 56.54 48.52 -50.64
N LEU F 1961 55.21 48.54 -50.74
CA LEU F 1961 54.55 49.43 -51.70
C LEU F 1961 54.49 50.86 -51.18
N LEU F 1962 54.49 51.04 -49.85
CA LEU F 1962 54.43 52.39 -49.30
C LEU F 1962 55.75 53.14 -49.51
N ALA F 1963 56.87 52.42 -49.54
CA ALA F 1963 58.16 53.07 -49.73
C ALA F 1963 58.39 53.50 -51.17
N LYS F 1964 57.88 52.74 -52.13
CA LYS F 1964 58.04 53.04 -53.55
C LYS F 1964 56.75 53.54 -54.19
N GLY F 1965 55.80 54.01 -53.38
CA GLY F 1965 54.54 54.49 -53.91
C GLY F 1965 54.14 55.84 -53.36
N TYR F 1966 53.94 56.81 -54.25
CA TYR F 1966 53.56 58.17 -53.85
C TYR F 1966 52.08 58.24 -53.45
N PRO F 1967 51.13 57.75 -54.26
CA PRO F 1967 49.72 57.83 -53.84
C PRO F 1967 49.37 56.90 -52.69
N ASP F 1968 50.17 55.86 -52.44
CA ASP F 1968 49.94 54.90 -51.36
C ASP F 1968 48.56 54.24 -51.50
N ILE F 1969 48.40 53.53 -52.63
CA ILE F 1969 47.15 52.83 -52.87
C ILE F 1969 47.01 51.65 -51.92
N GLY F 1970 45.76 51.25 -51.68
CA GLY F 1970 45.46 50.18 -50.75
C GLY F 1970 45.99 48.82 -51.18
N TRP F 1971 45.47 48.29 -52.29
CA TRP F 1971 45.86 46.97 -52.75
C TRP F 1971 47.18 47.04 -53.50
N ASN F 1972 48.06 46.10 -53.21
CA ASN F 1972 49.38 46.06 -53.85
C ASN F 1972 49.24 45.60 -55.30
N PRO F 1973 49.68 46.39 -56.28
CA PRO F 1973 49.53 45.98 -57.68
C PRO F 1973 50.56 44.96 -58.14
N CYS F 1974 51.79 45.07 -57.63
CA CYS F 1974 52.85 44.17 -58.09
C CYS F 1974 52.68 42.78 -57.50
N GLY F 1975 52.43 42.69 -56.20
CA GLY F 1975 52.23 41.39 -55.57
C GLY F 1975 51.00 40.67 -56.07
N GLY F 1976 49.96 41.42 -56.46
CA GLY F 1976 48.76 40.80 -56.99
C GLY F 1976 49.02 40.07 -58.29
N GLU F 1977 49.80 40.69 -59.19
CA GLU F 1977 50.14 40.02 -60.45
C GLU F 1977 51.01 38.79 -60.21
N ARG F 1978 51.96 38.89 -59.28
CA ARG F 1978 52.82 37.75 -58.98
C ARG F 1978 52.04 36.61 -58.35
N TYR F 1979 50.98 36.93 -57.61
CA TYR F 1979 50.14 35.89 -57.01
C TYR F 1979 49.19 35.29 -58.03
N LEU F 1980 48.68 36.11 -58.96
CA LEU F 1980 47.74 35.63 -59.96
C LEU F 1980 48.43 34.85 -61.08
N ASP F 1981 49.72 35.10 -61.33
CA ASP F 1981 50.43 34.36 -62.35
C ASP F 1981 50.49 32.87 -62.05
N PHE F 1982 50.49 32.50 -60.76
CA PHE F 1982 50.47 31.10 -60.39
C PHE F 1982 49.22 30.42 -60.92
N LEU F 1983 48.04 30.99 -60.63
CA LEU F 1983 46.81 30.43 -61.13
C LEU F 1983 46.72 30.51 -62.65
N ARG F 1984 47.27 31.58 -63.25
CA ARG F 1984 47.27 31.73 -64.70
C ARG F 1984 48.04 30.59 -65.36
N PHE F 1985 49.19 30.22 -64.80
CA PHE F 1985 49.96 29.11 -65.33
C PHE F 1985 49.38 27.75 -64.92
N ALA F 1986 48.60 27.70 -63.85
CA ALA F 1986 48.04 26.43 -63.40
C ALA F 1986 46.79 26.04 -64.19
N VAL F 1987 46.00 27.02 -64.63
CA VAL F 1987 44.76 26.69 -65.35
C VAL F 1987 45.03 26.25 -66.78
N PHE F 1988 46.16 26.65 -67.36
CA PHE F 1988 46.48 26.32 -68.75
C PHE F 1988 47.42 25.14 -68.81
N VAL F 1989 47.06 24.14 -69.61
CA VAL F 1989 47.91 22.99 -69.88
C VAL F 1989 47.77 22.61 -71.35
N ASN F 1990 48.81 22.89 -72.15
CA ASN F 1990 48.81 22.62 -73.58
C ASN F 1990 47.61 23.29 -74.27
N GLY F 1991 47.26 24.47 -73.79
CA GLY F 1991 46.12 25.21 -74.34
C GLY F 1991 44.77 24.88 -73.74
N GLU F 1992 44.40 23.61 -73.75
CA GLU F 1992 43.10 23.21 -73.22
C GLU F 1992 43.08 23.33 -71.69
N SER F 1993 41.89 23.61 -71.16
CA SER F 1993 41.70 23.78 -69.73
C SER F 1993 41.06 22.54 -69.12
N VAL F 1994 41.40 22.28 -67.86
CA VAL F 1994 40.87 21.12 -67.15
C VAL F 1994 39.53 21.48 -66.53
N GLU F 1995 38.57 20.55 -66.60
CA GLU F 1995 37.23 20.82 -66.11
C GLU F 1995 37.21 20.97 -64.59
N GLU F 1996 37.68 19.94 -63.88
CA GLU F 1996 37.62 19.96 -62.41
C GLU F 1996 38.54 21.05 -61.85
N ASN F 1997 39.69 21.27 -62.47
CA ASN F 1997 40.60 22.32 -62.01
C ASN F 1997 39.97 23.70 -62.16
N ALA F 1998 39.43 24.00 -63.34
CA ALA F 1998 38.76 25.29 -63.53
C ALA F 1998 37.57 25.44 -62.60
N ASN F 1999 36.84 24.35 -62.35
CA ASN F 1999 35.72 24.40 -61.43
C ASN F 1999 36.17 24.76 -60.02
N VAL F 2000 37.21 24.10 -59.53
CA VAL F 2000 37.63 24.38 -58.15
C VAL F 2000 38.24 25.77 -58.03
N VAL F 2001 38.97 26.23 -59.06
CA VAL F 2001 39.55 27.57 -58.97
C VAL F 2001 38.46 28.63 -58.99
N VAL F 2002 37.44 28.46 -59.84
CA VAL F 2002 36.38 29.47 -59.83
C VAL F 2002 35.58 29.40 -58.54
N ARG F 2003 35.46 28.20 -57.95
CA ARG F 2003 34.75 28.07 -56.68
C ARG F 2003 35.49 28.82 -55.57
N LEU F 2004 36.77 28.52 -55.39
CA LEU F 2004 37.55 29.22 -54.38
C LEU F 2004 37.76 30.70 -54.72
N LEU F 2005 37.52 31.10 -55.96
CA LEU F 2005 37.61 32.52 -56.30
C LEU F 2005 36.35 33.28 -55.91
N ILE F 2006 35.17 32.72 -56.23
CA ILE F 2006 33.93 33.39 -55.85
C ILE F 2006 33.58 33.18 -54.39
N ARG F 2007 34.26 32.25 -53.71
CA ARG F 2007 33.99 32.04 -52.29
C ARG F 2007 34.37 33.26 -51.46
N LYS F 2008 35.40 33.99 -51.89
CA LYS F 2008 35.85 35.19 -51.20
C LYS F 2008 35.71 36.39 -52.12
N PRO F 2009 34.88 37.39 -51.78
CA PRO F 2009 34.73 38.55 -52.67
C PRO F 2009 35.90 39.51 -52.62
N GLU F 2010 36.75 39.43 -51.59
CA GLU F 2010 37.88 40.34 -51.48
C GLU F 2010 39.01 40.00 -52.43
N CYS F 2011 38.97 38.85 -53.10
CA CYS F 2011 40.03 38.48 -54.02
C CYS F 2011 40.00 39.34 -55.29
N PHE F 2012 38.82 39.74 -55.74
CA PHE F 2012 38.69 40.58 -56.92
C PHE F 2012 39.10 42.01 -56.59
N GLY F 2013 39.02 42.88 -57.60
CA GLY F 2013 39.33 44.28 -57.43
C GLY F 2013 38.29 44.99 -56.60
N PRO F 2014 38.72 45.98 -55.81
CA PRO F 2014 37.76 46.71 -54.96
C PRO F 2014 36.83 47.61 -55.77
N ALA F 2015 37.19 47.98 -56.99
CA ALA F 2015 36.33 48.84 -57.80
C ALA F 2015 35.23 48.06 -58.48
N LEU F 2016 35.51 46.83 -58.91
CA LEU F 2016 34.54 45.98 -59.60
C LEU F 2016 33.98 44.97 -58.60
N ARG F 2017 32.69 45.11 -58.28
CA ARG F 2017 32.01 44.24 -57.33
C ARG F 2017 32.70 44.20 -55.99
N LEU F 2018 34.00 49.24 -63.21
CA LEU F 2018 35.17 48.60 -63.79
C LEU F 2018 35.79 49.49 -64.87
N LEU F 2019 34.97 49.93 -65.82
CA LEU F 2019 35.47 50.74 -66.91
C LEU F 2019 35.90 52.13 -66.44
N ALA F 2020 35.21 52.69 -65.45
CA ALA F 2020 35.55 54.03 -64.97
C ALA F 2020 36.94 54.06 -64.35
N THR F 2021 37.27 53.05 -63.54
CA THR F 2021 38.58 53.01 -62.90
C THR F 2021 39.69 52.82 -63.93
N ILE F 2022 39.46 51.98 -64.93
CA ILE F 2022 40.47 51.78 -65.96
C ILE F 2022 40.67 53.04 -66.79
N GLU F 2023 39.57 53.76 -67.07
CA GLU F 2023 39.68 55.01 -67.82
C GLU F 2023 40.38 56.09 -67.01
N GLU F 2024 40.15 56.12 -65.70
CA GLU F 2024 40.81 57.11 -64.85
C GLU F 2024 42.28 56.75 -64.61
N ALA F 2025 42.64 55.48 -64.68
CA ALA F 2025 44.03 55.08 -64.48
C ALA F 2025 44.91 55.55 -65.63
N ILE F 2026 44.45 55.39 -66.87
CA ILE F 2026 45.20 55.82 -68.03
C ILE F 2026 44.75 57.21 -68.46
N ALA F 2027 50.91 48.52 -63.64
CA ALA F 2027 50.53 48.66 -62.24
C ALA F 2027 49.06 48.30 -62.04
N ILE F 2028 48.20 49.31 -61.99
CA ILE F 2028 46.78 49.07 -61.82
C ILE F 2028 46.19 48.42 -63.07
N MET F 2029 46.49 48.99 -64.25
CA MET F 2029 45.98 48.44 -65.49
C MET F 2029 46.53 47.03 -65.73
N SER F 2030 47.80 46.82 -65.43
CA SER F 2030 48.39 45.49 -65.60
C SER F 2030 47.76 44.48 -64.66
N PHE F 2031 47.50 44.87 -63.41
CA PHE F 2031 46.84 43.97 -62.47
C PHE F 2031 45.43 43.62 -62.94
N TYR F 2032 44.68 44.62 -63.40
CA TYR F 2032 43.32 44.35 -63.88
C TYR F 2032 43.34 43.48 -65.13
N ALA F 2033 44.32 43.69 -66.01
CA ALA F 2033 44.43 42.85 -67.21
C ALA F 2033 44.75 41.41 -66.84
N ALA F 2034 45.67 41.21 -65.91
CA ALA F 2034 45.98 39.85 -65.46
C ALA F 2034 44.76 39.20 -64.82
N LEU F 2035 44.02 39.97 -64.02
CA LEU F 2035 42.83 39.43 -63.36
C LEU F 2035 41.77 39.02 -64.37
N ILE F 2036 41.51 39.86 -65.37
CA ILE F 2036 40.48 39.53 -66.34
C ILE F 2036 40.93 38.40 -67.24
N ASP F 2037 42.23 38.32 -67.55
CA ASP F 2037 42.74 37.20 -68.33
C ASP F 2037 42.61 35.89 -67.55
N LEU F 2038 42.83 35.93 -66.24
CA LEU F 2038 42.65 34.73 -65.43
C LEU F 2038 41.18 34.34 -65.36
N LEU F 2039 40.29 35.33 -65.20
CA LEU F 2039 38.86 35.03 -65.15
C LEU F 2039 38.37 34.45 -66.47
N GLY F 2040 38.95 34.90 -67.58
CA GLY F 2040 38.58 34.34 -68.87
C GLY F 2040 39.24 33.01 -69.17
N ARG F 2041 40.37 32.72 -68.54
CA ARG F 2041 41.07 31.46 -68.80
C ARG F 2041 40.31 30.27 -68.21
N CYS F 2042 39.76 30.43 -67.01
CA CYS F 2042 39.04 29.36 -66.34
C CYS F 2042 37.65 29.12 -66.92
N ALA F 2043 37.28 29.80 -68.00
CA ALA F 2043 35.97 29.59 -68.59
C ALA F 2043 35.95 28.29 -69.39
N PRO F 2044 34.83 27.55 -69.36
CA PRO F 2044 34.76 26.30 -70.13
C PRO F 2044 34.68 26.55 -71.63
N GLU F 2045 35.81 26.89 -72.25
CA GLU F 2045 35.85 27.15 -73.67
C GLU F 2045 35.78 25.87 -74.51
N MET F 2046 35.68 24.71 -73.89
CA MET F 2046 35.58 23.47 -74.64
C MET F 2046 34.25 23.37 -75.35
N HIS F 2047 34.27 22.79 -76.55
CA HIS F 2047 33.03 22.65 -77.33
C HIS F 2047 32.10 21.62 -76.70
N LEU F 2048 32.66 20.52 -76.17
CA LEU F 2048 31.83 19.50 -75.54
C LEU F 2048 31.26 19.97 -74.22
N ILE F 2049 31.98 20.85 -73.51
CA ILE F 2049 31.50 21.36 -72.22
C ILE F 2049 30.42 22.42 -72.36
N GLN F 2050 30.17 22.91 -73.57
CA GLN F 2050 29.17 23.93 -73.81
C GLN F 2050 27.99 23.45 -74.65
N ALA F 2051 28.20 22.45 -75.51
CA ALA F 2051 27.15 21.95 -76.40
C ALA F 2051 26.48 20.74 -75.73
N GLY F 2052 25.32 20.97 -75.13
CA GLY F 2052 24.56 19.90 -74.51
C GLY F 2052 25.23 19.32 -73.28
N LYS F 2053 25.64 20.17 -72.34
CA LYS F 2053 26.26 19.74 -71.10
C LYS F 2053 25.40 20.06 -69.88
N GLY F 2054 25.01 21.32 -69.72
CA GLY F 2054 24.16 21.71 -68.60
C GLY F 2054 24.92 21.96 -67.31
N GLU F 2055 26.00 21.21 -67.08
CA GLU F 2055 26.77 21.36 -65.85
C GLU F 2055 27.62 22.62 -65.88
N ALA F 2056 28.31 22.87 -67.00
CA ALA F 2056 29.18 24.03 -67.11
C ALA F 2056 28.41 25.33 -67.35
N LEU F 2057 27.12 25.26 -67.70
CA LEU F 2057 26.36 26.46 -67.97
C LEU F 2057 26.22 27.32 -66.72
N ARG F 2058 26.13 26.70 -65.55
CA ARG F 2058 26.04 27.46 -64.31
C ARG F 2058 27.28 28.33 -64.10
N ILE F 2059 28.46 27.72 -64.17
CA ILE F 2059 29.69 28.47 -63.94
C ILE F 2059 29.94 29.44 -65.09
N ARG F 2060 29.45 29.12 -66.30
CA ARG F 2060 29.57 30.04 -67.42
C ARG F 2060 28.78 31.32 -67.16
N ALA F 2061 27.52 31.17 -66.74
CA ALA F 2061 26.72 32.33 -66.38
C ALA F 2061 27.33 33.08 -65.22
N ILE F 2062 27.90 32.35 -64.25
CA ILE F 2062 28.54 32.98 -63.10
C ILE F 2062 29.68 33.90 -63.56
N LEU F 2063 30.60 33.34 -64.37
CA LEU F 2063 31.74 34.13 -64.81
C LEU F 2063 31.35 35.23 -65.79
N ARG F 2064 30.27 35.05 -66.56
CA ARG F 2064 29.85 36.08 -67.49
C ARG F 2064 29.10 37.21 -66.79
N SER F 2065 28.51 36.94 -65.63
CA SER F 2065 27.77 37.99 -64.93
C SER F 2065 28.70 38.96 -64.20
N LEU F 2066 29.93 38.54 -63.89
CA LEU F 2066 30.90 39.47 -63.32
C LEU F 2066 31.25 40.58 -64.30
N VAL F 2067 31.81 40.22 -65.44
CA VAL F 2067 32.25 41.19 -66.43
C VAL F 2067 31.39 41.03 -67.69
N PRO F 2068 30.34 41.82 -67.85
CA PRO F 2068 29.50 41.70 -69.06
C PRO F 2068 30.22 42.19 -70.30
N LEU F 2069 29.55 42.11 -71.46
CA LEU F 2069 30.14 42.59 -72.70
C LEU F 2069 30.33 44.09 -72.71
N ASP F 2070 29.63 44.82 -71.83
CA ASP F 2070 29.78 46.28 -71.79
C ASP F 2070 31.18 46.68 -71.36
N ASP F 2071 31.70 46.04 -70.31
CA ASP F 2071 33.07 46.33 -69.88
C ASP F 2071 34.07 45.96 -70.96
N LEU F 2072 33.83 44.86 -71.66
CA LEU F 2072 34.75 44.43 -72.72
C LEU F 2072 34.78 45.45 -73.85
N VAL F 2073 33.60 45.90 -74.32
CA VAL F 2073 33.59 46.85 -75.42
C VAL F 2073 34.11 48.22 -74.97
N GLY F 2074 33.90 48.57 -73.69
CA GLY F 2074 34.46 49.82 -73.19
C GLY F 2074 35.98 49.78 -73.11
N ILE F 2075 36.54 48.64 -72.72
CA ILE F 2075 37.99 48.50 -72.68
C ILE F 2075 38.57 48.46 -74.09
N ILE F 2076 37.83 47.88 -75.04
CA ILE F 2076 38.27 47.85 -76.43
C ILE F 2076 38.24 49.26 -77.02
N SER F 2077 37.24 50.06 -76.67
CA SER F 2077 37.10 51.40 -77.17
C SER F 2077 38.11 52.37 -76.58
N LEU F 2078 38.98 51.92 -75.68
CA LEU F 2078 39.98 52.80 -75.10
C LEU F 2078 41.04 53.16 -76.15
N PRO F 2079 41.48 54.41 -76.20
CA PRO F 2079 42.47 54.80 -77.20
C PRO F 2079 43.85 54.21 -76.89
N LEU F 2080 44.61 53.95 -77.94
CA LEU F 2080 45.94 53.40 -77.84
C LEU F 2080 46.98 54.50 -77.99
N GLN F 2081 48.11 54.33 -77.29
CA GLN F 2081 49.22 55.29 -77.36
C GLN F 2081 50.04 54.98 -78.61
N ILE F 2082 49.76 55.72 -79.69
CA ILE F 2082 50.50 55.50 -80.94
C ILE F 2082 51.90 56.09 -80.80
N PRO F 2083 52.92 55.47 -81.41
CA PRO F 2083 54.28 56.04 -81.29
C PRO F 2083 54.44 57.35 -82.03
N THR F 2084 53.76 57.52 -83.17
CA THR F 2084 53.84 58.74 -83.97
C THR F 2084 55.27 59.06 -84.37
N MET F 2085 57.64 52.70 -74.26
CA MET F 2085 57.24 53.25 -72.98
C MET F 2085 56.50 52.21 -72.14
N SER F 2086 57.21 51.60 -71.20
CA SER F 2086 56.60 50.59 -70.34
C SER F 2086 55.62 51.20 -69.35
N ALA F 2087 55.88 52.44 -68.92
CA ALA F 2087 54.97 53.10 -67.98
C ALA F 2087 53.65 53.49 -68.64
N SER F 2088 53.67 53.71 -69.95
CA SER F 2088 52.46 54.08 -70.68
C SER F 2088 51.65 52.83 -71.01
N PHE F 2089 50.64 52.98 -71.86
CA PHE F 2089 49.78 51.86 -72.22
C PHE F 2089 50.51 50.93 -73.19
N VAL F 2090 50.33 49.62 -72.99
CA VAL F 2090 50.96 48.61 -73.84
C VAL F 2090 49.86 47.77 -74.46
N PRO F 2091 49.99 47.35 -75.73
CA PRO F 2091 48.94 46.53 -76.36
C PRO F 2091 48.73 45.17 -75.73
N ASP F 2092 49.51 44.79 -74.71
CA ASP F 2092 49.26 43.53 -74.01
C ASP F 2092 47.90 43.56 -73.32
N HIS F 2093 47.52 44.73 -72.80
CA HIS F 2093 46.19 44.87 -72.22
C HIS F 2093 45.10 44.58 -73.25
N LYS F 2094 45.20 45.17 -74.44
CA LYS F 2094 44.20 44.96 -75.47
C LYS F 2094 44.21 43.51 -75.94
N ALA F 2095 45.38 42.88 -75.99
CA ALA F 2095 45.43 41.46 -76.31
C ALA F 2095 44.67 40.64 -75.27
N SER F 2096 44.83 40.98 -73.98
CA SER F 2096 44.09 40.29 -72.94
C SER F 2096 42.58 40.51 -73.11
N MET F 2097 42.18 41.74 -73.43
CA MET F 2097 40.76 42.02 -73.63
C MET F 2097 40.18 41.20 -74.78
N VAL F 2098 40.89 41.15 -75.91
CA VAL F 2098 40.34 40.40 -77.05
C VAL F 2098 40.36 38.91 -76.78
N LEU F 2099 41.35 38.42 -76.02
CA LEU F 2099 41.36 37.00 -75.66
C LEU F 2099 40.17 36.67 -74.76
N PHE F 2100 39.90 37.51 -73.76
CA PHE F 2100 38.74 37.31 -72.91
C PHE F 2100 37.45 37.34 -73.72
N LEU F 2101 37.32 38.32 -74.62
CA LEU F 2101 36.11 38.47 -75.42
C LEU F 2101 35.89 37.26 -76.31
N ASP F 2102 36.96 36.72 -76.90
CA ASP F 2102 36.83 35.54 -77.74
C ASP F 2102 36.64 34.26 -76.93
N ARG F 2103 37.04 34.25 -75.66
CA ARG F 2103 36.91 33.04 -74.86
C ARG F 2103 35.53 32.93 -74.23
N VAL F 2104 35.09 33.96 -73.51
CA VAL F 2104 33.87 33.83 -72.71
C VAL F 2104 32.62 34.12 -73.54
N TYR F 2105 32.69 35.03 -74.51
CA TYR F 2105 31.53 35.42 -75.30
C TYR F 2105 31.68 35.07 -76.77
N GLY F 2106 32.83 35.37 -77.38
CA GLY F 2106 33.06 35.07 -78.77
C GLY F 2106 33.17 33.59 -79.07
N PHE F 2107 24.61 41.29 -85.66
CA PHE F 2107 25.97 40.97 -85.28
C PHE F 2107 26.70 42.19 -84.76
N LEU F 2108 27.88 41.98 -84.16
CA LEU F 2108 28.65 43.03 -83.54
C LEU F 2108 29.77 43.55 -84.46
N LEU F 2109 29.57 43.42 -85.77
CA LEU F 2109 30.63 43.72 -86.73
C LEU F 2109 30.94 45.21 -86.78
N HIS F 2110 29.91 46.06 -86.77
CA HIS F 2110 30.15 47.50 -86.86
C HIS F 2110 30.87 48.03 -85.62
N VAL F 2111 30.46 47.57 -84.43
CA VAL F 2111 31.12 48.01 -83.21
C VAL F 2111 32.54 47.45 -83.15
N LEU F 2112 32.73 46.21 -83.62
CA LEU F 2112 34.07 45.65 -83.66
C LEU F 2112 34.97 46.44 -84.62
N ASP F 2113 34.42 46.93 -85.72
CA ASP F 2113 35.20 47.69 -86.67
C ASP F 2113 35.55 49.07 -86.12
N VAL F 2114 34.59 49.73 -85.46
CA VAL F 2114 34.88 51.07 -84.95
C VAL F 2114 35.79 50.98 -83.71
N GLY F 2115 35.78 49.84 -83.01
CA GLY F 2115 36.64 49.71 -81.85
C GLY F 2115 38.09 49.47 -82.24
N PHE F 2116 38.33 48.53 -83.16
CA PHE F 2116 39.67 48.25 -83.63
C PHE F 2116 40.11 49.27 -84.68
N ALA F 2117 57.57 49.93 -79.93
CA ALA F 2117 57.59 50.00 -81.38
C ALA F 2117 57.01 48.73 -82.00
N LEU F 2118 57.62 47.59 -81.69
CA LEU F 2118 57.17 46.30 -82.21
C LEU F 2118 56.03 45.70 -81.40
N ALA F 2119 55.57 46.39 -80.35
CA ALA F 2119 54.49 45.84 -79.54
C ALA F 2119 53.16 45.86 -80.29
N LEU F 2120 52.89 46.94 -81.04
CA LEU F 2120 51.64 47.03 -81.77
C LEU F 2120 51.62 46.08 -82.96
N ASN F 2121 52.79 45.75 -83.51
CA ASN F 2121 52.84 44.83 -84.65
C ASN F 2121 52.48 43.42 -84.23
N ARG F 2122 53.06 42.94 -83.14
CA ARG F 2122 52.78 41.59 -82.67
C ARG F 2122 51.39 41.47 -82.04
N TYR F 2123 50.77 42.59 -81.66
CA TYR F 2123 49.45 42.53 -81.05
C TYR F 2123 48.39 42.13 -82.06
N LEU F 2124 48.52 42.59 -83.30
CA LEU F 2124 47.53 42.26 -84.33
C LEU F 2124 47.58 40.78 -84.69
N CYS F 2125 48.78 40.24 -84.92
CA CYS F 2125 48.93 38.85 -85.30
C CYS F 2125 48.74 37.89 -84.14
N LEU F 2126 48.62 38.39 -82.90
CA LEU F 2126 48.45 37.52 -81.75
C LEU F 2126 47.04 36.95 -81.67
N ALA F 2127 46.04 37.82 -81.53
CA ALA F 2127 44.65 37.38 -81.44
C ALA F 2127 43.68 38.19 -82.27
N VAL F 2128 44.07 39.35 -82.79
CA VAL F 2128 43.14 40.17 -83.57
C VAL F 2128 42.86 39.51 -84.92
N LEU F 2129 43.92 39.17 -85.65
CA LEU F 2129 43.79 38.53 -86.96
C LEU F 2129 43.20 37.12 -86.84
N PRO F 2130 43.62 36.30 -85.86
CA PRO F 2130 42.93 35.01 -85.69
C PRO F 2130 41.45 35.15 -85.35
N LEU F 2131 41.05 36.28 -84.76
CA LEU F 2131 39.64 36.49 -84.45
C LEU F 2131 38.83 36.69 -85.73
N ILE F 2132 39.42 37.37 -86.73
CA ILE F 2132 38.71 37.62 -87.98
C ILE F 2132 38.56 36.33 -88.77
N THR F 2133 39.52 35.41 -88.68
CA THR F 2133 39.43 34.15 -89.40
C THR F 2133 38.33 33.27 -88.83
N LYS F 2134 38.13 33.30 -87.52
CA LYS F 2134 37.06 32.52 -86.90
C LYS F 2134 35.69 33.07 -87.25
N CYS F 2135 35.59 34.38 -87.47
CA CYS F 2135 34.33 35.03 -87.84
C CYS F 2135 34.21 35.23 -89.34
N ALA F 2136 34.81 34.34 -90.13
CA ALA F 2136 34.72 34.48 -91.59
C ALA F 2136 33.30 34.30 -92.11
N PRO F 2137 32.54 33.26 -91.73
CA PRO F 2137 31.16 33.18 -92.22
C PRO F 2137 30.26 34.25 -91.63
N LEU F 2138 30.56 34.75 -90.43
CA LEU F 2138 29.75 35.80 -89.84
C LEU F 2138 30.00 37.16 -90.47
N PHE F 2139 31.09 37.31 -91.23
CA PHE F 2139 31.39 38.58 -91.87
C PHE F 2139 30.41 38.84 -93.02
N ALA F 2140 29.97 40.09 -93.13
CA ALA F 2140 29.04 40.48 -94.18
C ALA F 2140 29.76 40.67 -95.51
N MET F 2141 32.90 51.43 -92.17
CA MET F 2141 33.83 51.44 -93.29
C MET F 2141 34.54 50.09 -93.40
N VAL F 2142 33.83 49.08 -93.89
CA VAL F 2142 34.43 47.76 -94.03
C VAL F 2142 35.40 47.72 -95.21
N ASP F 2143 35.17 48.56 -96.22
CA ASP F 2143 36.07 48.58 -97.38
C ASP F 2143 37.41 49.21 -97.01
N SER F 2144 37.40 50.23 -96.16
CA SER F 2144 38.65 50.86 -95.74
C SER F 2144 39.47 49.99 -94.81
N MET F 2145 38.82 49.03 -94.12
CA MET F 2145 39.55 48.15 -93.22
C MET F 2145 40.41 47.15 -93.99
N LEU F 2146 40.07 46.88 -95.25
CA LEU F 2146 40.86 45.96 -96.05
C LEU F 2146 42.14 46.63 -96.56
N HIS F 2147 42.15 47.96 -96.65
CA HIS F 2147 43.33 48.65 -97.16
C HIS F 2147 44.44 48.70 -96.12
N THR F 2148 44.10 48.96 -94.85
CA THR F 2148 45.11 49.03 -93.81
C THR F 2148 45.70 47.67 -93.47
N VAL F 2149 45.02 46.57 -93.84
CA VAL F 2149 45.57 45.25 -93.60
C VAL F 2149 46.72 44.97 -94.55
N TYR F 2150 46.60 45.42 -95.81
CA TYR F 2150 47.67 45.22 -96.77
C TYR F 2150 48.85 46.15 -96.50
N ARG F 2151 48.61 47.29 -95.87
CA ARG F 2151 49.70 48.21 -95.56
C ARG F 2151 50.64 47.61 -94.51
N LEU F 2152 50.09 46.88 -93.54
CA LEU F 2152 50.93 46.24 -92.54
C LEU F 2152 51.67 45.04 -93.12
N SER F 2153 51.12 44.41 -94.15
CA SER F 2153 51.79 43.27 -94.77
C SER F 2153 52.97 43.71 -95.61
N ARG F 2154 52.86 44.85 -96.30
CA ARG F 2154 53.95 45.34 -97.13
C ARG F 2154 55.14 45.80 -96.31
N GLY F 2155 54.94 46.19 -95.05
CA GLY F 2155 56.05 46.62 -94.22
C GLY F 2155 56.93 45.45 -93.83
N ARG F 2156 58.24 45.71 -93.78
CA ARG F 2156 59.22 44.70 -93.42
C ARG F 2156 59.54 44.67 -91.94
N SER F 2157 59.00 45.60 -91.15
CA SER F 2157 59.25 45.65 -89.72
C SER F 2157 58.23 44.76 -88.99
N LEU F 2158 58.37 43.46 -89.23
CA LEU F 2158 57.47 42.48 -88.63
C LEU F 2158 58.18 41.13 -88.59
N THR F 2159 57.64 40.23 -87.79
CA THR F 2159 58.21 38.89 -87.66
C THR F 2159 57.82 38.04 -88.86
N LYS F 2160 58.79 37.26 -89.36
CA LYS F 2160 58.53 36.39 -90.50
C LYS F 2160 57.44 35.38 -90.17
N ALA F 2161 57.42 34.88 -88.94
CA ALA F 2161 56.37 33.95 -88.54
C ALA F 2161 55.02 34.66 -88.43
N GLN F 2162 55.03 35.91 -87.95
CA GLN F 2162 53.80 36.68 -87.85
C GLN F 2162 53.34 37.22 -89.20
N ARG F 2163 54.22 37.23 -90.20
CA ARG F 2163 53.82 37.69 -91.52
C ARG F 2163 52.81 36.75 -92.17
N ASP F 2164 52.91 35.45 -91.90
CA ASP F 2164 51.94 34.51 -92.43
C ASP F 2164 50.56 34.72 -91.82
N VAL F 2165 50.49 35.22 -90.60
CA VAL F 2165 49.20 35.49 -89.97
C VAL F 2165 48.49 36.64 -90.68
N ILE F 2166 49.24 37.67 -91.09
CA ILE F 2166 48.66 38.77 -91.82
C ILE F 2166 48.19 38.31 -93.20
N GLU F 2167 48.97 37.46 -93.85
CA GLU F 2167 48.56 36.92 -95.15
C GLU F 2167 47.38 35.97 -95.02
N GLU F 2168 47.26 35.30 -93.87
CA GLU F 2168 46.12 34.41 -93.65
C GLU F 2168 44.82 35.19 -93.47
N CYS F 2169 44.91 36.42 -92.98
CA CYS F 2169 43.71 37.23 -92.81
C CYS F 2169 43.13 37.64 -94.16
N LEU F 2170 43.97 38.11 -95.07
CA LEU F 2170 43.49 38.47 -96.41
C LEU F 2170 43.04 37.25 -97.19
N MET F 2171 43.62 36.09 -96.91
CA MET F 2171 43.22 34.87 -97.62
C MET F 2171 41.86 34.38 -97.14
N ALA F 2172 41.62 34.44 -95.83
CA ALA F 2172 40.33 34.00 -95.30
C ALA F 2172 39.21 34.98 -95.63
N LEU F 2173 39.54 36.25 -95.84
CA LEU F 2173 38.57 37.28 -96.19
C LEU F 2173 38.30 37.36 -97.69
N CYS F 2174 38.63 36.30 -98.44
CA CYS F 2174 38.38 36.31 -99.88
C CYS F 2174 36.94 35.94 -100.22
N ARG F 2175 36.25 35.23 -99.34
CA ARG F 2175 34.86 34.83 -99.55
C ARG F 2175 33.99 35.49 -98.48
N TYR F 2176 32.67 35.27 -98.62
CA TYR F 2176 31.64 35.81 -97.73
C TYR F 2176 31.49 37.33 -97.86
N ILE F 2177 32.07 37.92 -98.92
CA ILE F 2177 31.84 39.31 -99.26
C ILE F 2177 31.50 39.36 -100.74
N ARG F 2178 30.83 40.44 -101.14
CA ARG F 2178 30.39 40.63 -102.53
C ARG F 2178 31.55 40.41 -103.50
N PRO F 2179 31.43 39.50 -104.46
CA PRO F 2179 32.56 39.19 -105.33
C PRO F 2179 32.93 40.31 -106.30
N SER F 2180 32.09 41.33 -106.45
CA SER F 2180 32.35 42.42 -107.38
C SER F 2180 32.73 43.73 -106.70
N MET F 2181 32.15 44.04 -105.54
CA MET F 2181 32.45 45.30 -104.88
C MET F 2181 33.81 45.24 -104.19
N LEU F 2182 34.07 44.17 -103.44
CA LEU F 2182 35.32 44.08 -102.69
C LEU F 2182 36.51 43.72 -103.56
N GLN F 2183 36.31 42.89 -104.58
CA GLN F 2183 37.42 42.47 -105.43
C GLN F 2183 37.93 43.63 -106.28
N HIS F 2184 37.04 44.54 -106.70
CA HIS F 2184 37.46 45.68 -107.51
C HIS F 2184 38.05 46.79 -106.66
N LEU F 2185 37.52 46.99 -105.44
CA LEU F 2185 38.03 48.05 -104.58
C LEU F 2185 39.40 47.71 -104.02
N LEU F 2186 39.61 46.44 -103.65
CA LEU F 2186 40.90 46.05 -103.08
C LEU F 2186 41.99 46.03 -104.15
N ARG F 2187 41.65 45.60 -105.36
CA ARG F 2187 42.63 45.55 -106.44
C ARG F 2187 42.95 46.93 -107.02
N ARG F 2188 42.08 47.92 -106.81
CA ARG F 2188 42.34 49.24 -107.35
C ARG F 2188 43.43 49.96 -106.56
N LEU F 2189 43.42 49.82 -105.24
CA LEU F 2189 44.42 50.49 -104.42
C LEU F 2189 45.79 49.84 -104.54
N VAL F 2190 45.83 48.52 -104.73
CA VAL F 2190 47.11 47.83 -104.84
C VAL F 2190 47.75 48.01 -106.21
N PHE F 2191 46.96 48.35 -107.24
CA PHE F 2191 47.50 48.55 -108.58
C PHE F 2191 47.63 50.03 -108.90
N UNK F 2192 52.26 37.17 -104.50
CA UNK F 2192 51.77 35.99 -103.79
C UNK F 2192 50.42 36.27 -103.14
N UNK F 2193 50.29 37.45 -102.54
CA UNK F 2193 49.03 37.83 -101.89
C UNK F 2193 47.97 38.18 -102.92
N UNK F 2194 48.41 38.65 -104.08
CA UNK F 2194 47.49 39.00 -105.16
C UNK F 2194 47.27 37.82 -106.10
N UNK F 2195 48.18 36.85 -106.05
CA UNK F 2195 48.08 35.67 -106.89
C UNK F 2195 46.99 34.72 -106.37
N UNK F 2196 46.95 34.56 -105.06
CA UNK F 2196 45.95 33.69 -104.43
C UNK F 2196 44.59 34.37 -104.36
N UNK F 2197 44.59 35.70 -104.42
CA UNK F 2197 43.36 36.47 -104.37
C UNK F 2197 42.71 36.54 -105.75
N UNK F 2198 43.48 36.19 -106.77
CA UNK F 2198 42.97 36.22 -108.14
C UNK F 2198 42.40 34.87 -108.54
N UNK F 2199 42.96 33.80 -107.99
CA UNK F 2199 42.51 32.45 -108.29
C UNK F 2199 41.23 32.13 -107.52
N UNK F 2200 41.03 32.79 -106.40
CA UNK F 2200 39.85 32.58 -105.57
C UNK F 2200 38.67 33.38 -106.10
N UNK F 2201 38.94 34.58 -106.60
CA UNK F 2201 37.91 35.45 -107.14
C UNK F 2201 37.39 34.92 -108.48
N UNK F 2202 38.27 34.24 -109.22
CA UNK F 2202 37.91 33.69 -110.52
C UNK F 2202 37.01 32.47 -110.35
N UNK F 2203 37.21 31.73 -109.26
CA UNK F 2203 36.41 30.55 -108.98
C UNK F 2203 35.13 30.92 -108.25
N UNK F 2204 35.08 32.15 -107.74
CA UNK F 2204 33.91 32.64 -107.02
C UNK F 2204 32.79 33.00 -107.98
N UNK F 2205 36.09 50.78 -115.55
CA UNK F 2205 36.31 50.70 -114.11
C UNK F 2205 36.79 49.30 -113.71
N UNK F 2206 35.85 48.42 -113.42
CA UNK F 2206 36.18 47.05 -113.03
C UNK F 2206 36.65 46.24 -114.24
N UNK F 2207 36.07 46.53 -115.40
CA UNK F 2207 36.43 45.83 -116.62
C UNK F 2207 37.76 46.34 -117.16
N UNK F 2208 38.07 47.60 -116.88
CA UNK F 2208 39.32 48.20 -117.34
C UNK F 2208 40.50 47.67 -116.55
N UNK F 2209 40.26 47.41 -115.26
CA UNK F 2209 41.31 46.88 -114.39
C UNK F 2209 41.54 45.40 -114.64
N UNK F 2210 40.51 44.72 -115.13
CA UNK F 2210 40.60 43.30 -115.43
C UNK F 2210 41.37 43.05 -116.72
N UNK F 2211 41.26 43.99 -117.66
CA UNK F 2211 41.95 43.88 -118.93
C UNK F 2211 43.44 44.18 -118.77
N UNK F 2212 43.76 45.08 -117.85
CA UNK F 2212 45.14 45.44 -117.58
C UNK F 2212 45.87 44.34 -116.81
N UNK F 2213 45.11 43.64 -115.96
CA UNK F 2213 45.67 42.56 -115.17
C UNK F 2213 45.96 41.33 -116.02
N UNK F 2214 45.12 41.13 -117.04
CA UNK F 2214 45.28 40.00 -117.95
C UNK F 2214 46.45 40.22 -118.89
N UNK F 2215 46.77 41.49 -119.15
CA UNK F 2215 47.88 41.85 -120.03
C UNK F 2215 49.19 41.91 -119.25
N UNK F 2216 49.08 42.12 -117.94
CA UNK F 2216 50.26 42.20 -117.08
C UNK F 2216 50.83 40.82 -116.82
N UNK F 2217 49.96 39.81 -116.86
CA UNK F 2217 50.38 38.43 -116.62
C UNK F 2217 51.16 37.89 -117.82
N UNK F 2218 50.75 38.29 -119.02
CA UNK F 2218 51.41 37.85 -120.24
C UNK F 2218 52.75 38.56 -120.41
N UNK F 2219 52.83 39.79 -119.90
CA UNK F 2219 54.05 40.57 -120.00
C UNK F 2219 55.08 40.11 -118.97
N UNK F 2220 54.59 39.56 -117.86
CA UNK F 2220 55.47 39.06 -116.80
C UNK F 2220 56.13 37.75 -117.22
N UNK F 2221 55.41 36.95 -118.00
CA UNK F 2221 55.93 35.67 -118.47
C UNK F 2221 56.97 35.89 -119.57
N UNK F 2222 56.77 36.92 -120.38
CA UNK F 2222 57.69 37.23 -121.47
C UNK F 2222 58.98 37.83 -120.92
N UNK F 2223 58.90 38.47 -119.76
CA UNK F 2223 60.07 39.08 -119.14
C UNK F 2223 60.95 38.01 -118.50
N UNK F 2224 60.35 36.88 -118.14
CA UNK F 2224 61.08 35.79 -117.51
C UNK F 2224 61.67 34.86 -118.56
N UNK F 2225 57.42 31.82 -108.84
CA UNK F 2225 56.80 32.46 -109.99
C UNK F 2225 55.93 31.47 -110.76
N UNK F 2226 56.16 30.18 -110.54
CA UNK F 2226 55.41 29.13 -111.21
C UNK F 2226 54.01 28.99 -110.59
N UNK F 2227 53.92 29.30 -109.29
CA UNK F 2227 52.65 29.21 -108.58
C UNK F 2227 51.71 30.33 -109.01
N UNK F 2228 52.28 31.49 -109.28
CA UNK F 2228 51.50 32.65 -109.72
C UNK F 2228 51.12 32.52 -111.19
N UNK F 2229 51.87 31.69 -111.92
CA UNK F 2229 51.61 31.47 -113.34
C UNK F 2229 50.33 30.65 -113.54
N UNK F 2230 50.13 29.67 -112.65
CA UNK F 2230 48.95 28.82 -112.72
C UNK F 2230 47.72 29.57 -112.22
N UNK F 2231 47.93 30.52 -111.33
CA UNK F 2231 46.85 31.33 -110.79
C UNK F 2231 46.32 32.31 -111.83
N UNK F 2232 47.22 32.85 -112.63
CA UNK F 2232 46.85 33.78 -113.69
C UNK F 2232 46.24 33.04 -114.87
N UNK F 2233 46.61 31.77 -115.02
CA UNK F 2233 46.10 30.95 -116.11
C UNK F 2233 44.65 30.55 -115.85
N UNK F 2234 44.29 30.47 -114.58
CA UNK F 2234 42.93 30.11 -114.19
C UNK F 2234 42.00 31.32 -114.28
N UNK F 2235 42.60 32.51 -114.34
CA UNK F 2235 41.83 33.74 -114.44
C UNK F 2235 41.43 34.01 -115.89
N UNK F 2236 42.02 33.27 -116.81
CA UNK F 2236 41.72 33.41 -118.23
C UNK F 2236 40.66 32.40 -118.67
N UNK F 2237 40.04 31.74 -117.69
CA UNK F 2237 39.00 30.75 -117.98
C UNK F 2237 37.62 31.39 -117.96
N ASP F 2238 51.77 56.51 -109.11
CA ASP F 2238 52.90 57.40 -109.34
C ASP F 2238 52.63 58.33 -110.51
N PRO F 2239 52.35 59.61 -110.21
CA PRO F 2239 52.08 60.57 -111.28
C PRO F 2239 53.35 60.92 -112.04
N ARG F 2240 53.23 60.98 -113.37
CA ARG F 2240 54.35 61.29 -114.25
C ARG F 2240 53.90 62.41 -115.20
N PRO F 2241 53.97 63.66 -114.76
CA PRO F 2241 53.57 64.77 -115.62
C PRO F 2241 54.60 65.03 -116.71
N VAL F 2242 54.11 65.51 -117.85
CA VAL F 2242 54.98 65.80 -118.98
C VAL F 2242 55.81 67.05 -118.68
N GLU F 2243 57.05 67.05 -119.15
CA GLU F 2243 57.94 68.18 -118.93
C GLU F 2243 57.58 69.32 -119.87
N THR F 2244 57.13 70.45 -119.30
CA THR F 2244 56.75 71.62 -120.07
C THR F 2244 57.65 72.81 -119.81
N LEU F 2245 58.78 72.61 -119.12
CA LEU F 2245 59.68 73.71 -118.83
C LEU F 2245 60.49 74.10 -120.05
N ASN F 2246 60.99 73.11 -120.80
CA ASN F 2246 61.79 73.35 -121.99
C ASN F 2246 60.95 73.45 -123.26
N VAL F 2247 59.63 73.57 -123.14
CA VAL F 2247 58.75 73.68 -124.28
C VAL F 2247 58.59 75.14 -124.65
N ILE F 2248 58.84 75.47 -125.92
CA ILE F 2248 58.74 76.83 -126.44
CA ILE F 2248 58.74 76.83 -126.44
C ILE F 2248 57.47 76.93 -127.28
N ILE F 2249 56.64 77.92 -126.97
CA ILE F 2249 55.38 78.13 -127.68
C ILE F 2249 55.67 78.97 -128.94
N PRO F 2250 54.99 78.70 -130.05
CA PRO F 2250 55.25 79.47 -131.27
C PRO F 2250 54.68 80.88 -131.17
N GLU F 2251 55.18 81.76 -132.03
CA GLU F 2251 54.70 83.14 -132.04
C GLU F 2251 53.27 83.24 -132.56
N LYS F 2252 52.86 82.32 -133.43
N LYS F 2252 52.86 82.32 -133.43
CA LYS F 2252 51.50 82.35 -133.96
CA LYS F 2252 51.50 82.35 -133.96
C LYS F 2252 50.47 81.90 -132.93
C LYS F 2252 50.47 81.91 -132.93
N LEU F 2253 50.89 81.15 -131.91
CA LEU F 2253 49.98 80.69 -130.88
C LEU F 2253 49.72 81.73 -129.79
N ASP F 2254 50.41 82.88 -129.83
CA ASP F 2254 50.19 83.91 -128.83
C ASP F 2254 48.81 84.55 -128.97
N SER F 2255 48.27 84.59 -130.20
CA SER F 2255 46.94 85.17 -130.39
C SER F 2255 45.86 84.28 -129.82
N PHE F 2256 46.01 82.96 -129.97
CA PHE F 2256 45.02 82.03 -129.42
C PHE F 2256 45.09 81.97 -127.90
N ILE F 2257 46.27 82.25 -127.32
CA ILE F 2257 46.41 82.23 -125.87
C ILE F 2257 45.65 83.40 -125.25
N ASN F 2258 45.76 84.58 -125.85
CA ASN F 2258 45.03 85.74 -125.33
C ASN F 2258 43.53 85.60 -125.54
N LYS F 2259 43.11 84.99 -126.65
CA LYS F 2259 41.68 84.80 -126.88
C LYS F 2259 41.09 83.78 -125.92
N PHE F 2260 41.82 82.69 -125.63
CA PHE F 2260 41.33 81.70 -124.70
C PHE F 2260 41.34 82.22 -123.26
N ALA F 2261 42.27 83.12 -122.94
CA ALA F 2261 42.31 83.68 -121.59
C ALA F 2261 41.13 84.60 -121.35
N GLU F 2262 40.72 85.36 -122.37
CA GLU F 2262 39.56 86.24 -122.21
C GLU F 2262 38.26 85.45 -122.13
N TYR F 2263 38.17 84.33 -122.85
CA TYR F 2263 36.95 83.52 -122.78
C TYR F 2263 36.83 82.84 -121.42
N THR F 2264 37.94 82.34 -120.87
CA THR F 2264 37.89 81.69 -119.56
CA THR F 2264 37.89 81.69 -119.56
C THR F 2264 37.55 82.70 -118.46
N HIS F 2265 38.07 83.92 -118.56
CA HIS F 2265 37.78 84.94 -117.56
C HIS F 2265 36.34 85.41 -117.66
N GLU F 2266 35.81 85.53 -118.88
CA GLU F 2266 34.43 85.95 -119.05
C GLU F 2266 33.45 84.87 -118.57
N LYS F 2267 33.80 83.60 -118.75
CA LYS F 2267 32.92 82.53 -118.29
C LYS F 2267 32.84 82.49 -116.76
N TRP F 2268 33.97 82.70 -116.09
CA TRP F 2268 33.97 82.72 -114.63
C TRP F 2268 33.25 83.96 -114.10
N ALA F 2269 33.41 85.09 -114.79
CA ALA F 2269 32.74 86.31 -114.36
C ALA F 2269 31.23 86.25 -114.61
N PHE F 2270 30.81 85.52 -115.65
CA PHE F 2270 29.38 85.40 -115.93
C PHE F 2270 28.69 84.55 -114.87
N ASP F 2271 29.32 83.47 -114.44
CA ASP F 2271 28.73 82.63 -113.39
C ASP F 2271 28.72 83.35 -112.05
N LYS F 2272 29.74 84.16 -111.76
CA LYS F 2272 29.77 84.89 -110.50
C LYS F 2272 28.77 86.03 -110.48
N ILE F 2273 28.48 86.62 -111.65
CA ILE F 2273 27.52 87.71 -111.71
C ILE F 2273 26.10 87.24 -111.43
N GLN F 2274 25.81 85.96 -111.65
CA GLN F 2274 24.48 85.43 -111.38
C GLN F 2274 24.20 85.32 -109.88
N ASN F 2275 25.23 85.38 -109.04
CA ASN F 2275 25.07 85.30 -107.59
C ASN F 2275 25.02 86.67 -106.93
N ASN F 2276 24.53 87.69 -107.66
CA ASN F 2276 24.39 89.05 -107.15
C ASN F 2276 25.73 89.62 -106.70
N TRP F 2277 26.82 89.25 -107.38
CA TRP F 2277 28.14 89.74 -107.06
C TRP F 2277 28.48 90.97 -107.90
N SER F 2278 29.29 91.85 -107.33
CA SER F 2278 29.70 93.07 -108.00
C SER F 2278 31.19 93.29 -107.77
N TYR F 2279 31.74 94.28 -108.48
CA TYR F 2279 33.16 94.59 -108.36
C TYR F 2279 33.45 95.23 -107.00
N GLY F 2280 34.65 94.97 -106.50
CA GLY F 2280 35.06 95.50 -105.21
C GLY F 2280 36.56 95.65 -105.15
N GLU F 2281 37.01 96.61 -104.36
CA GLU F 2281 38.45 96.84 -104.22
C GLU F 2281 39.12 95.70 -103.46
N ASN F 2282 38.44 95.14 -102.46
CA ASN F 2282 38.97 94.06 -101.66
C ASN F 2282 38.05 92.85 -101.76
N ILE F 2283 38.63 91.66 -101.63
CA ILE F 2283 37.85 90.43 -101.71
C ILE F 2283 37.04 90.27 -100.42
N ASP F 2284 35.74 89.99 -100.58
CA ASP F 2284 34.86 89.81 -99.44
C ASP F 2284 33.82 88.76 -99.78
N GLU F 2285 33.84 87.64 -99.05
CA GLU F 2285 32.88 86.58 -99.31
C GLU F 2285 31.46 86.97 -98.88
N GLU F 2286 31.34 87.83 -97.86
CA GLU F 2286 30.03 88.26 -97.41
C GLU F 2286 29.39 89.22 -98.40
N LEU F 2287 30.11 90.28 -98.76
CA LEU F 2287 29.59 91.27 -99.69
C LEU F 2287 29.63 90.81 -101.14
N LYS F 2288 30.25 89.64 -101.41
CA LYS F 2288 30.34 89.08 -102.76
C LYS F 2288 31.04 90.06 -103.71
N THR F 2289 32.24 90.47 -103.31
CA THR F 2289 33.06 91.39 -104.08
C THR F 2289 34.33 90.70 -104.56
N HIS F 2290 34.81 91.12 -105.73
CA HIS F 2290 36.01 90.54 -106.32
C HIS F 2290 36.65 91.58 -107.23
N PRO F 2291 37.97 91.77 -107.16
CA PRO F 2291 38.62 92.75 -108.03
C PRO F 2291 38.77 92.31 -109.48
N MET F 2292 38.59 91.02 -109.77
CA MET F 2292 38.71 90.51 -111.13
C MET F 2292 37.41 90.65 -111.93
N LEU F 2293 36.36 91.22 -111.35
CA LEU F 2293 35.10 91.40 -112.05
C LEU F 2293 35.17 92.65 -112.93
N ARG F 2294 35.92 92.50 -114.03
CA ARG F 2294 36.11 93.60 -114.97
C ARG F 2294 36.49 93.04 -116.34
N PRO F 2295 36.63 93.88 -117.36
CA PRO F 2295 37.01 93.38 -118.68
C PRO F 2295 38.45 92.91 -118.72
N TYR F 2296 38.71 91.94 -119.60
CA TYR F 2296 40.05 91.39 -119.73
C TYR F 2296 41.02 92.38 -120.38
N LYS F 2297 40.53 93.32 -121.17
CA LYS F 2297 41.42 94.29 -121.80
C LYS F 2297 41.97 95.29 -120.79
N THR F 2298 41.25 95.53 -119.69
CA THR F 2298 41.68 96.45 -118.67
C THR F 2298 42.62 95.81 -117.65
N PHE F 2299 42.89 94.52 -117.76
CA PHE F 2299 43.77 93.85 -116.81
C PHE F 2299 45.23 94.09 -117.17
N SER F 2300 46.08 94.07 -116.15
CA SER F 2300 47.51 94.29 -116.33
C SER F 2300 48.17 92.97 -116.73
N GLU F 2301 49.51 92.99 -116.83
CA GLU F 2301 50.24 91.78 -117.19
C GLU F 2301 50.18 90.73 -116.09
N LYS F 2302 50.13 91.15 -114.83
CA LYS F 2302 50.07 90.19 -113.74
C LYS F 2302 48.68 89.55 -113.65
N ASP F 2303 47.63 90.33 -113.88
CA ASP F 2303 46.28 89.78 -113.83
C ASP F 2303 46.00 88.88 -115.03
N LYS F 2304 46.55 89.20 -116.20
CA LYS F 2304 46.34 88.37 -117.38
C LYS F 2304 47.13 87.07 -117.31
N GLU F 2305 48.21 87.03 -116.54
CA GLU F 2305 49.02 85.80 -116.43
C GLU F 2305 48.34 84.74 -115.57
N ILE F 2306 47.31 85.11 -114.80
CA ILE F 2306 46.63 84.11 -113.97
C ILE F 2306 45.85 83.14 -114.83
N TYR F 2307 45.23 83.64 -115.90
CA TYR F 2307 44.47 82.78 -116.80
C TYR F 2307 45.29 82.28 -117.98
N ARG F 2308 46.38 82.96 -118.33
CA ARG F 2308 47.22 82.53 -119.44
C ARG F 2308 48.16 81.40 -119.04
N TRP F 2309 48.43 81.22 -117.75
CA TRP F 2309 49.32 80.16 -117.28
CA TRP F 2309 49.32 80.16 -117.28
C TRP F 2309 48.67 78.80 -117.53
N PRO F 2310 47.37 78.66 -117.31
CA PRO F 2310 46.73 77.36 -117.54
C PRO F 2310 46.62 77.01 -119.02
N ILE F 2311 46.43 78.01 -119.89
CA ILE F 2311 46.36 77.73 -121.32
C ILE F 2311 47.74 77.44 -121.89
N LYS F 2312 48.79 78.10 -121.38
CA LYS F 2312 50.13 77.85 -121.87
C LYS F 2312 50.63 76.47 -121.42
N GLU F 2313 50.27 76.06 -120.20
CA GLU F 2313 50.70 74.75 -119.72
C GLU F 2313 50.02 73.63 -120.51
N SER F 2314 48.76 73.81 -120.89
CA SER F 2314 48.08 72.80 -121.69
C SER F 2314 48.62 72.75 -123.11
N LEU F 2315 48.96 73.92 -123.67
CA LEU F 2315 49.52 73.95 -125.02
C LEU F 2315 50.93 73.39 -125.07
N LYS F 2316 51.72 73.61 -124.00
CA LYS F 2316 53.08 73.08 -123.97
C LYS F 2316 53.09 71.56 -123.84
N ALA F 2317 52.09 71.00 -123.17
CA ALA F 2317 52.02 69.54 -123.04
C ALA F 2317 51.69 68.88 -124.38
N MET F 2318 50.84 69.52 -125.19
CA MET F 2318 50.52 68.96 -126.50
C MET F 2318 51.69 69.09 -127.47
N ILE F 2319 52.54 70.10 -127.29
CA ILE F 2319 53.68 70.26 -128.17
C ILE F 2319 54.71 69.16 -127.94
N ALA F 2320 54.83 68.67 -126.69
CA ALA F 2320 55.77 67.60 -126.40
C ALA F 2320 55.32 66.27 -126.97
N TRP F 2321 54.01 66.09 -127.21
CA TRP F 2321 53.48 64.86 -127.76
C TRP F 2321 53.54 64.82 -129.29
N GLU F 2322 54.29 65.74 -129.91
CA GLU F 2322 54.44 65.79 -131.36
C GLU F 2322 53.09 65.96 -132.06
N TRP F 2323 52.28 66.88 -131.52
CA TRP F 2323 50.97 67.17 -132.08
C TRP F 2323 51.05 68.37 -133.01
N THR F 2324 50.17 68.39 -134.00
CA THR F 2324 50.11 69.46 -134.99
C THR F 2324 48.99 70.42 -134.67
N ILE F 2325 49.31 71.71 -134.61
CA ILE F 2325 48.31 72.74 -134.31
C ILE F 2325 48.55 73.93 -135.23
N GLU F 2326 47.74 74.05 -136.28
CA GLU F 2326 47.85 75.13 -137.24
C GLU F 2326 46.46 75.62 -137.63
N LYS F 2327 46.38 76.91 -137.96
CA LYS F 2327 45.12 77.52 -138.36
C LYS F 2327 44.84 77.13 -139.81
N ALA F 2328 43.90 76.20 -139.99
CA ALA F 2328 43.55 75.72 -141.33
C ALA F 2328 42.31 76.37 -141.89
N ARG F 2329 41.36 76.77 -141.03
CA ARG F 2329 40.12 77.40 -141.46
C ARG F 2329 39.92 78.70 -140.70
N GLU F 2330 38.96 79.49 -141.16
CA GLU F 2330 38.65 80.76 -140.53
C GLU F 2330 37.79 80.55 -139.28
N GLY F 2331 37.96 81.43 -138.31
CA GLY F 2331 37.20 81.34 -137.09
C GLY F 2331 35.73 81.69 -137.28
N GLU F 2332 34.92 81.25 -136.33
CA GLU F 2332 33.49 81.51 -136.37
C GLU F 2332 33.15 82.86 -135.73
N TYR F 2333 29.82 96.29 -116.03
CA TYR F 2333 30.48 95.14 -116.65
C TYR F 2333 29.51 93.99 -116.87
N ASN F 2334 29.19 93.72 -118.14
CA ASN F 2334 28.27 92.66 -118.52
C ASN F 2334 28.99 91.75 -119.51
N PRO F 2335 29.77 90.80 -119.03
CA PRO F 2335 30.48 89.89 -119.94
C PRO F 2335 29.53 88.87 -120.56
N GLN F 2336 29.69 88.65 -121.86
CA GLN F 2336 28.87 87.72 -122.63
C GLN F 2336 29.79 86.76 -123.35
N PRO F 2337 30.24 85.69 -122.68
CA PRO F 2337 31.12 84.73 -123.34
C PRO F 2337 30.35 83.85 -124.29
N PRO F 2338 30.99 83.33 -125.33
CA PRO F 2338 30.29 82.47 -126.29
C PRO F 2338 29.95 81.12 -125.67
N ASP F 2339 28.86 80.53 -126.16
CA ASP F 2339 28.39 79.24 -125.69
C ASP F 2339 29.09 78.13 -126.46
N LEU F 2340 29.63 77.14 -125.73
CA LEU F 2340 30.32 76.01 -126.33
C LEU F 2340 29.52 74.71 -126.23
N SER F 2341 28.22 74.82 -125.91
CA SER F 2341 27.40 73.62 -125.80
C SER F 2341 27.09 73.00 -127.16
N GLY F 2342 27.11 73.81 -128.22
CA GLY F 2342 26.82 73.36 -129.55
C GLY F 2342 28.02 72.86 -130.32
N VAL F 2343 29.19 72.76 -129.70
CA VAL F 2343 30.39 72.28 -130.35
C VAL F 2343 30.46 70.77 -130.21
N THR F 2344 30.50 70.07 -131.34
CA THR F 2344 30.55 68.61 -131.36
C THR F 2344 31.97 68.16 -131.66
N LEU F 2345 32.50 67.28 -130.81
CA LEU F 2345 33.85 66.75 -130.97
C LEU F 2345 33.79 65.37 -131.63
N SER F 2346 34.69 65.14 -132.57
CA SER F 2346 34.75 63.87 -133.28
C SER F 2346 35.42 62.81 -132.40
N ARG F 2347 35.59 61.61 -132.98
CA ARG F 2347 36.22 60.53 -132.24
C ARG F 2347 37.70 60.80 -131.99
N GLU F 2348 38.38 61.42 -132.96
CA GLU F 2348 39.79 61.74 -132.79
CA GLU F 2348 39.79 61.74 -132.79
C GLU F 2348 40.00 62.79 -131.72
N LEU F 2349 39.16 63.83 -131.71
CA LEU F 2349 39.28 64.88 -130.71
C LEU F 2349 38.90 64.38 -129.32
N GLN F 2350 37.92 63.47 -129.23
CA GLN F 2350 37.54 62.93 -127.93
C GLN F 2350 38.63 62.03 -127.36
N ALA F 2351 39.31 61.27 -128.22
CA ALA F 2351 40.40 60.42 -127.74
C ALA F 2351 41.60 61.25 -127.31
N MET F 2352 41.90 62.34 -128.03
CA MET F 2352 43.00 63.20 -127.65
C MET F 2352 42.70 63.97 -126.37
N ALA F 2353 41.42 64.21 -126.07
CA ALA F 2353 41.06 64.91 -124.84
C ALA F 2353 41.35 64.08 -123.60
N GLU F 2354 41.35 62.75 -123.74
CA GLU F 2354 41.64 61.89 -122.60
C GLU F 2354 43.10 62.02 -122.16
N GLN F 2355 44.01 62.24 -123.11
CA GLN F 2355 45.41 62.42 -122.76
C GLN F 2355 45.64 63.75 -122.05
N LEU F 2356 44.94 64.80 -122.48
CA LEU F 2356 45.06 66.10 -121.82
C LEU F 2356 44.43 66.06 -120.43
N ALA F 2357 43.32 65.33 -120.27
CA ALA F 2357 42.69 65.22 -118.97
C ALA F 2357 43.54 64.40 -118.01
N GLU F 2358 44.20 63.36 -118.51
CA GLU F 2358 45.07 62.55 -117.67
C GLU F 2358 46.33 63.32 -117.26
N ASN F 2359 46.82 64.21 -118.12
CA ASN F 2359 47.98 65.01 -117.77
C ASN F 2359 47.68 66.00 -116.66
N TYR F 2360 46.46 66.55 -116.63
CA TYR F 2360 46.07 67.46 -115.56
C TYR F 2360 46.00 66.75 -114.22
N HIS F 2361 45.52 65.50 -114.22
CA HIS F 2361 45.45 64.74 -112.97
C HIS F 2361 46.85 64.36 -112.49
N ASN F 2362 47.76 64.05 -113.41
CA ASN F 2362 49.13 63.73 -113.02
C ASN F 2362 49.87 64.96 -112.50
N THR F 2363 49.58 66.13 -113.08
CA THR F 2363 50.20 67.36 -112.62
C THR F 2363 49.69 67.75 -111.23
N TRP F 2364 48.37 67.70 -111.05
CA TRP F 2364 47.78 68.02 -109.75
C TRP F 2364 48.10 66.95 -108.72
N GLY F 2365 48.20 65.69 -109.15
CA GLY F 2365 48.53 64.62 -108.22
C GLY F 2365 49.96 64.71 -107.72
N ARG F 2366 50.89 65.12 -108.59
CA ARG F 2366 52.28 65.25 -108.16
C ARG F 2366 52.45 66.45 -107.23
N LYS F 2367 51.72 67.53 -107.48
CA LYS F 2367 51.81 68.69 -106.60
C LYS F 2367 51.15 68.43 -105.25
N LYS F 2368 50.09 67.62 -105.23
CA LYS F 2368 49.44 67.30 -103.97
C LYS F 2368 50.30 66.39 -103.09
N LYS F 2369 51.10 65.52 -103.71
CA LYS F 2369 51.96 64.63 -102.93
C LYS F 2369 53.09 65.41 -102.26
N GLN F 2370 53.64 66.41 -102.96
CA GLN F 2370 54.71 67.22 -102.37
C GLN F 2370 54.16 68.20 -101.34
N GLU F 2371 52.92 68.67 -101.53
CA GLU F 2371 52.34 69.59 -100.56
C GLU F 2371 51.92 68.87 -99.29
N LEU F 2372 51.48 67.63 -99.39
CA LEU F 2372 51.08 66.88 -98.20
C LEU F 2372 52.30 66.48 -97.37
N GLU F 2373 53.39 66.09 -98.02
CA GLU F 2373 54.60 65.70 -97.30
C GLU F 2373 55.23 66.91 -96.61
N ALA F 2374 55.12 68.10 -97.20
CA ALA F 2374 55.69 69.29 -96.59
C ALA F 2374 54.89 69.77 -95.39
N LYS F 2375 53.66 69.31 -95.24
CA LYS F 2375 52.81 69.69 -94.12
C LYS F 2375 52.79 68.65 -93.00
N GLY F 2376 53.64 67.62 -93.09
CA GLY F 2376 53.71 66.59 -92.09
C GLY F 2376 53.26 65.21 -92.54
N GLY F 2377 52.85 65.06 -93.79
CA GLY F 2377 52.40 63.79 -94.30
C GLY F 2377 50.89 63.77 -94.51
N GLY F 2378 50.38 62.57 -94.75
CA GLY F 2378 48.97 62.32 -94.98
C GLY F 2378 48.76 61.56 -96.26
N THR F 2379 47.48 61.45 -96.65
CA THR F 2379 47.09 60.74 -97.86
C THR F 2379 45.94 61.48 -98.52
N HIS F 2380 45.50 60.98 -99.67
CA HIS F 2380 44.41 61.58 -100.41
C HIS F 2380 43.69 60.49 -101.19
N PRO F 2381 42.35 60.53 -101.24
CA PRO F 2381 41.63 59.48 -101.99
C PRO F 2381 41.77 59.60 -103.50
N LEU F 2382 42.13 60.78 -104.01
CA LEU F 2382 42.29 60.98 -105.45
C LEU F 2382 43.70 60.67 -105.93
N LEU F 2383 44.55 60.11 -105.08
CA LEU F 2383 45.92 59.76 -105.46
C LEU F 2383 45.95 58.35 -106.05
N VAL F 2384 45.30 58.23 -107.20
CA VAL F 2384 45.20 56.95 -107.91
C VAL F 2384 45.38 57.20 -109.41
N PRO F 2385 45.42 56.16 -110.23
CA PRO F 2385 45.58 56.37 -111.67
C PRO F 2385 44.33 56.96 -112.30
N TYR F 2386 44.52 57.57 -113.47
CA TYR F 2386 43.39 58.17 -114.18
C TYR F 2386 42.41 57.12 -114.68
N ASP F 2387 42.90 55.95 -115.09
CA ASP F 2387 42.02 54.89 -115.58
C ASP F 2387 41.20 54.27 -114.46
N THR F 2388 41.66 54.35 -113.21
CA THR F 2388 40.93 53.79 -112.09
C THR F 2388 39.90 54.74 -111.49
N LEU F 2389 39.89 56.00 -111.93
CA LEU F 2389 38.94 56.95 -111.40
C LEU F 2389 37.53 56.67 -111.94
N THR F 2390 36.54 57.22 -111.25
CA THR F 2390 35.14 57.04 -111.63
C THR F 2390 34.76 58.08 -112.69
N ALA F 2391 33.51 57.99 -113.14
CA ALA F 2391 33.03 58.93 -114.15
C ALA F 2391 32.81 60.32 -113.56
N LYS F 2392 32.34 60.40 -112.31
CA LYS F 2392 32.11 61.69 -111.68
C LYS F 2392 33.43 62.40 -111.36
N GLU F 2393 34.44 61.64 -110.94
CA GLU F 2393 35.74 62.24 -110.62
C GLU F 2393 36.48 62.67 -111.88
N LYS F 2394 36.25 62.00 -113.01
CA LYS F 2394 36.92 62.34 -114.25
C LYS F 2394 36.28 63.54 -114.96
N ALA F 2395 35.11 63.99 -114.50
CA ALA F 2395 34.45 65.12 -115.14
C ALA F 2395 35.21 66.43 -114.90
N ARG F 2396 35.95 66.50 -113.79
CA ARG F 2396 36.71 67.72 -113.50
C ARG F 2396 37.87 67.90 -114.47
N ASP F 2397 38.53 66.80 -114.84
CA ASP F 2397 39.65 66.88 -115.77
C ASP F 2397 39.20 66.88 -117.22
N ARG F 2398 38.07 66.22 -117.53
CA ARG F 2398 37.59 66.18 -118.90
C ARG F 2398 36.99 67.52 -119.32
N GLU F 2399 36.48 68.31 -118.36
CA GLU F 2399 35.91 69.60 -118.69
C GLU F 2399 36.98 70.59 -119.15
N LYS F 2400 38.15 70.55 -118.51
CA LYS F 2400 39.23 71.45 -118.91
C LYS F 2400 39.80 71.07 -120.28
N ALA F 2401 39.86 69.77 -120.57
CA ALA F 2401 40.38 69.34 -121.87
C ALA F 2401 39.38 69.62 -122.99
N GLN F 2402 38.09 69.44 -122.72
CA GLN F 2402 37.08 69.71 -123.74
C GLN F 2402 36.95 71.20 -124.02
N GLU F 2403 37.17 72.05 -123.02
CA GLU F 2403 37.07 73.49 -123.23
CA GLU F 2403 37.07 73.49 -123.23
C GLU F 2403 38.19 73.98 -124.15
N LEU F 2404 39.39 73.42 -124.01
CA LEU F 2404 40.50 73.84 -124.86
C LEU F 2404 40.34 73.33 -126.29
N LEU F 2405 39.77 72.14 -126.47
CA LEU F 2405 39.57 71.60 -127.81
C LEU F 2405 38.43 72.32 -128.53
N LYS F 2406 37.38 72.69 -127.79
CA LYS F 2406 36.27 73.40 -128.40
C LYS F 2406 36.65 74.81 -128.81
N PHE F 2407 37.51 75.47 -128.04
CA PHE F 2407 37.94 76.82 -128.39
C PHE F 2407 38.86 76.83 -129.60
N LEU F 2408 39.66 75.77 -129.78
CA LEU F 2408 40.55 75.70 -130.94
C LEU F 2408 39.77 75.40 -132.21
N GLN F 2409 38.77 74.50 -132.12
CA GLN F 2409 37.97 74.18 -133.30
C GLN F 2409 37.11 75.35 -133.73
N MET F 2410 36.68 76.19 -132.79
CA MET F 2410 35.88 77.35 -133.15
C MET F 2410 36.70 78.40 -133.89
N ASN F 2411 37.98 78.52 -133.58
CA ASN F 2411 38.86 79.47 -134.24
C ASN F 2411 39.49 78.92 -135.51
N GLY F 2412 39.13 77.71 -135.92
CA GLY F 2412 39.68 77.12 -137.13
C GLY F 2412 41.02 76.45 -136.95
N TYR F 2413 41.38 76.07 -135.73
CA TYR F 2413 42.64 75.39 -135.47
C TYR F 2413 42.43 73.88 -135.49
N ALA F 2414 43.24 73.19 -136.29
CA ALA F 2414 43.16 71.75 -136.43
C ALA F 2414 44.18 71.08 -135.52
N VAL F 2415 43.72 70.15 -134.69
CA VAL F 2415 44.58 69.42 -133.76
C VAL F 2415 44.62 67.96 -134.20
N THR F 2416 45.81 67.49 -134.57
CA THR F 2416 46.00 66.12 -135.01
C THR F 2416 47.24 65.55 -134.35
N ARG F 2417 47.41 64.24 -134.48
CA ARG F 2417 48.56 63.55 -133.89
C ARG F 2417 48.98 62.36 -134.76
N UNK F 2418 35.87 43.85 -124.34
CA UNK F 2418 35.48 42.54 -123.84
C UNK F 2418 36.07 41.44 -124.72
N UNK F 2419 35.42 41.17 -125.84
CA UNK F 2419 35.87 40.14 -126.77
C UNK F 2419 37.08 40.63 -127.57
N UNK F 2420 37.21 41.95 -127.69
CA UNK F 2420 38.32 42.54 -128.42
C UNK F 2420 39.61 42.43 -127.62
N UNK F 2421 39.48 42.42 -126.29
CA UNK F 2421 40.63 42.30 -125.41
C UNK F 2421 41.20 40.89 -125.46
N UNK F 2422 40.32 39.90 -125.64
CA UNK F 2422 40.74 38.51 -125.72
C UNK F 2422 41.34 38.21 -127.09
N UNK F 2423 40.93 38.98 -128.09
CA UNK F 2423 41.44 38.82 -129.44
C UNK F 2423 42.87 39.35 -129.55
N UNK F 2424 43.18 40.35 -128.74
CA UNK F 2424 44.51 40.96 -128.72
C UNK F 2424 45.51 40.00 -128.09
N UNK F 2425 45.06 39.25 -127.09
CA UNK F 2425 45.92 38.28 -126.41
C UNK F 2425 46.05 37.02 -127.26
N UNK F 2426 45.05 36.76 -128.09
CA UNK F 2426 45.06 35.59 -128.96
C UNK F 2426 46.04 35.80 -130.12
N UNK F 2427 46.09 37.02 -130.63
CA UNK F 2427 47.00 37.36 -131.72
C UNK F 2427 48.43 37.42 -131.22
N UNK F 2428 48.60 37.82 -129.96
CA UNK F 2428 49.92 37.91 -129.35
C UNK F 2428 50.46 36.52 -129.01
N UNK F 2429 49.55 35.58 -128.79
CA UNK F 2429 49.91 34.21 -128.48
C UNK F 2429 50.46 33.51 -129.72
N UNK F 2430 49.95 33.90 -130.89
CA UNK F 2430 50.39 33.33 -132.16
C UNK F 2430 51.78 33.84 -132.51
N UNK F 2431 52.06 35.08 -132.13
CA UNK F 2431 53.37 35.69 -132.38
C UNK F 2431 54.41 35.15 -131.41
N UNK F 2432 53.96 34.81 -130.21
CA UNK F 2432 54.85 34.27 -129.18
C UNK F 2432 55.20 32.81 -129.48
N UNK F 2433 54.28 32.11 -130.14
CA UNK F 2433 54.47 30.72 -130.50
C UNK F 2433 55.46 30.60 -131.65
N UNK F 2434 55.49 31.61 -132.51
CA UNK F 2434 56.40 31.63 -133.64
C UNK F 2434 57.78 32.14 -133.23
N UNK F 2435 57.81 32.99 -132.22
CA UNK F 2435 59.06 33.55 -131.73
C UNK F 2435 59.83 32.51 -130.92
N UNK F 2436 59.11 31.60 -130.29
CA UNK F 2436 59.72 30.55 -129.48
C UNK F 2436 60.31 29.46 -130.37
N UNK F 2437 59.73 29.29 -131.55
CA UNK F 2437 60.21 28.29 -132.50
C UNK F 2437 61.47 28.77 -133.20
N UNK F 2438 61.64 30.08 -133.28
CA UNK F 2438 62.80 30.67 -133.93
C UNK F 2438 63.99 30.72 -132.96
N UNK F 2439 63.68 30.64 -131.67
CA UNK F 2439 64.71 30.67 -130.64
C UNK F 2439 65.24 29.28 -130.34
N UNK F 2440 64.47 28.27 -130.72
CA UNK F 2440 64.85 26.88 -130.49
C UNK F 2440 65.90 26.43 -131.52
N UNK F 2441 63.63 30.71 -121.21
CA UNK F 2441 62.98 32.01 -121.06
C UNK F 2441 61.74 32.10 -121.94
N UNK F 2442 61.93 31.88 -123.24
CA UNK F 2442 60.82 31.94 -124.19
C UNK F 2442 59.99 30.67 -124.13
N UNK F 2443 60.62 29.57 -123.70
CA UNK F 2443 59.93 28.29 -123.59
C UNK F 2443 59.03 28.26 -122.36
N UNK F 2444 59.43 28.97 -121.32
CA UNK F 2444 58.66 29.03 -120.08
C UNK F 2444 57.40 29.88 -120.28
N UNK F 2445 57.51 30.89 -121.13
CA UNK F 2445 56.38 31.78 -121.41
C UNK F 2445 55.36 31.09 -122.31
N UNK F 2446 55.84 30.19 -123.16
CA UNK F 2446 54.99 29.46 -124.08
C UNK F 2446 54.17 28.40 -123.33
N UNK F 2447 54.77 27.83 -122.29
CA UNK F 2447 54.10 26.82 -121.49
C UNK F 2447 53.03 27.46 -120.60
N UNK F 2448 53.31 28.67 -120.14
CA UNK F 2448 52.37 29.40 -119.30
C UNK F 2448 51.21 29.93 -120.12
N UNK F 2449 51.47 30.22 -121.39
CA UNK F 2449 50.46 30.73 -122.29
C UNK F 2449 49.60 29.58 -122.83
N UNK F 2450 50.14 28.37 -122.77
CA UNK F 2450 49.42 27.19 -123.24
C UNK F 2450 48.27 26.86 -122.30
N UNK F 2451 48.47 27.11 -121.00
CA UNK F 2451 47.44 26.85 -120.01
C UNK F 2451 46.37 27.94 -120.05
N UNK F 2452 46.77 29.15 -120.44
CA UNK F 2452 45.85 30.27 -120.55
C UNK F 2452 44.97 30.12 -121.79
N UNK F 2453 45.55 29.56 -122.85
CA UNK F 2453 44.81 29.34 -124.10
C UNK F 2453 43.85 28.17 -123.95
N UNK F 2454 44.24 27.19 -123.11
CA UNK F 2454 43.40 26.02 -122.88
C UNK F 2454 42.26 26.37 -121.93
N UNK F 2455 42.46 27.40 -121.12
CA UNK F 2455 41.44 27.84 -120.18
C UNK F 2455 40.29 28.55 -120.90
N UNK F 2456 40.62 29.18 -122.03
CA UNK F 2456 39.63 29.89 -122.83
C UNK F 2456 38.74 28.90 -123.59
N UNK F 2457 39.24 27.69 -123.76
CA UNK F 2457 38.50 26.65 -124.45
C UNK F 2457 37.32 26.16 -123.60
N UNK F 2458 37.50 26.20 -122.28
CA UNK F 2458 36.45 25.79 -121.36
C UNK F 2458 35.35 26.83 -121.29
N UNK F 2459 35.69 28.07 -121.59
CA UNK F 2459 34.72 29.16 -121.57
C UNK F 2459 33.98 29.25 -122.90
N UNK F 2460 34.47 28.52 -123.89
CA UNK F 2460 33.86 28.53 -125.22
C UNK F 2460 32.97 27.30 -125.40
N UNK F 2461 37.08 33.47 -136.74
CA UNK F 2461 37.84 34.58 -137.29
C UNK F 2461 39.31 34.48 -136.89
N UNK F 2462 39.68 35.21 -135.85
CA UNK F 2462 41.06 35.20 -135.36
C UNK F 2462 41.37 33.89 -134.64
N UNK F 2463 40.34 33.28 -134.07
CA UNK F 2463 40.51 32.01 -133.36
C UNK F 2463 40.72 30.86 -134.34
N UNK F 2464 40.15 31.00 -135.53
CA UNK F 2464 40.28 29.98 -136.57
C UNK F 2464 41.69 29.98 -137.14
N UNK F 2465 42.33 31.14 -137.17
CA UNK F 2465 43.68 31.28 -137.67
C UNK F 2465 44.69 30.76 -136.66
N UNK F 2466 44.33 30.85 -135.38
CA UNK F 2466 45.20 30.37 -134.31
C UNK F 2466 45.11 28.86 -134.17
N UNK F 2467 44.00 28.30 -134.65
CA UNK F 2467 43.79 26.85 -134.59
C UNK F 2467 44.69 26.13 -135.59
N UNK F 2468 44.89 26.74 -136.75
CA UNK F 2468 45.73 26.16 -137.79
C UNK F 2468 47.21 26.38 -137.48
N UNK F 2469 47.50 27.47 -136.76
CA UNK F 2469 48.86 27.79 -136.39
C UNK F 2469 49.36 26.86 -135.28
N UNK F 2470 48.44 26.42 -134.43
CA UNK F 2470 48.76 25.52 -133.34
C UNK F 2470 48.68 24.07 -133.78
N UNK F 2471 48.11 23.84 -134.96
CA UNK F 2471 47.98 22.51 -135.51
C UNK F 2471 49.32 21.99 -136.03
N UNK F 2472 50.14 22.92 -136.50
CA UNK F 2472 51.46 22.57 -137.03
C UNK F 2472 52.43 22.25 -135.90
N UNK F 2473 52.27 22.96 -134.78
CA UNK F 2473 53.13 22.76 -133.62
C UNK F 2473 52.78 21.47 -132.90
N UNK F 2474 51.52 21.04 -133.03
CA UNK F 2474 51.06 19.81 -132.39
C UNK F 2474 51.33 18.60 -133.28
N UNK F 2475 51.72 18.87 -134.53
CA UNK F 2475 52.01 17.80 -135.48
C UNK F 2475 53.35 17.14 -135.15
N UNK F 2476 54.29 17.92 -134.65
CA UNK F 2476 55.61 17.41 -134.29
C UNK F 2476 55.61 16.89 -132.85
N UNK F 2477 51.95 15.90 -127.83
CA UNK F 2477 52.45 15.75 -126.47
C UNK F 2477 51.37 16.14 -125.46
N UNK F 2478 51.80 16.42 -124.24
CA UNK F 2478 50.86 16.80 -123.17
C UNK F 2478 50.39 18.24 -123.35
N UNK F 2479 51.32 19.12 -123.73
CA UNK F 2479 51.00 20.53 -123.94
C UNK F 2479 50.25 20.72 -125.26
N UNK F 2480 50.47 19.81 -126.20
CA UNK F 2480 49.82 19.88 -127.50
C UNK F 2480 48.35 19.45 -127.39
N UNK F 2481 48.06 18.60 -126.41
CA UNK F 2481 46.70 18.12 -126.19
C UNK F 2481 45.83 19.22 -125.60
N UNK F 2482 46.45 20.10 -124.80
CA UNK F 2482 45.74 21.20 -124.17
C UNK F 2482 45.42 22.28 -125.20
N UNK F 2483 46.25 22.37 -126.24
CA UNK F 2483 46.04 23.35 -127.29
C UNK F 2483 45.06 22.84 -128.34
N UNK F 2484 44.77 21.54 -128.28
CA UNK F 2484 43.84 20.92 -129.21
C UNK F 2484 42.40 21.28 -128.86
N UNK F 2485 42.17 21.59 -127.58
CA UNK F 2485 40.84 21.96 -127.11
C UNK F 2485 40.51 23.39 -127.51
N UNK F 2486 41.54 24.21 -127.70
CA UNK F 2486 41.36 25.60 -128.07
C UNK F 2486 40.88 25.73 -129.51
N UNK F 2487 41.19 24.71 -130.32
CA UNK F 2487 40.78 24.70 -131.72
C UNK F 2487 39.30 24.41 -131.86
N UNK F 2488 38.74 23.73 -130.87
CA UNK F 2488 37.32 23.39 -130.86
C UNK F 2488 36.48 24.53 -130.30
N UNK F 2489 44.98 25.72 -143.99
CA UNK F 2489 43.60 25.30 -144.12
C UNK F 2489 43.51 23.88 -144.70
N UNK F 2490 43.37 23.78 -146.01
CA UNK F 2490 43.29 22.49 -146.68
C UNK F 2490 44.67 21.87 -146.84
N UNK F 2491 45.70 22.71 -146.80
CA UNK F 2491 47.08 22.24 -146.93
C UNK F 2491 47.54 21.53 -145.67
N UNK F 2492 47.02 21.96 -144.53
CA UNK F 2492 47.37 21.35 -143.25
C UNK F 2492 46.73 19.97 -143.11
N UNK F 2493 45.55 19.82 -143.68
CA UNK F 2493 44.83 18.55 -143.63
C UNK F 2493 45.48 17.54 -144.58
N UNK F 2494 46.09 18.04 -145.65
CA UNK F 2494 46.75 17.18 -146.62
C UNK F 2494 48.08 16.67 -146.08
N UNK F 2495 48.68 17.44 -145.18
CA UNK F 2495 49.95 17.06 -144.57
C UNK F 2495 49.74 16.01 -143.49
N UNK F 2496 48.52 15.96 -142.95
CA UNK F 2496 48.18 14.99 -141.91
C UNK F 2496 47.64 13.70 -142.52
N UNK F 2497 47.04 13.82 -143.70
CA UNK F 2497 46.48 12.67 -144.40
C UNK F 2497 47.58 11.87 -145.10
N UNK F 2498 48.66 12.57 -145.48
CA UNK F 2498 49.77 11.93 -146.15
C UNK F 2498 50.60 11.10 -145.18
N UNK F 2499 50.76 11.63 -143.96
CA UNK F 2499 51.52 10.95 -142.93
C UNK F 2499 50.74 9.75 -142.37
N UNK F 2500 49.42 9.85 -142.42
CA UNK F 2500 48.56 8.78 -141.93
C UNK F 2500 48.49 7.64 -142.95
N UNK F 2501 48.65 7.99 -144.23
CA UNK F 2501 48.62 7.00 -145.29
C UNK F 2501 49.92 6.20 -145.33
N UNK F 2502 51.02 6.87 -145.01
CA UNK F 2502 52.33 6.21 -145.00
C UNK F 2502 52.46 5.29 -143.79
N UNK F 2503 51.81 5.67 -142.69
CA UNK F 2503 51.84 4.87 -141.47
C UNK F 2503 50.88 3.69 -141.58
N UNK F 2504 49.90 3.80 -142.47
CA UNK F 2504 48.93 2.74 -142.67
C UNK F 2504 49.56 1.57 -143.42
N UNK F 2505 50.53 1.87 -144.27
CA UNK F 2505 51.22 0.85 -145.04
C UNK F 2505 52.21 0.09 -144.17
N UNK F 2506 52.73 0.76 -143.15
CA UNK F 2506 53.68 0.14 -142.23
C UNK F 2506 52.96 -0.77 -141.24
N UNK F 2507 51.69 -0.47 -140.99
CA UNK F 2507 50.89 -1.28 -140.07
C UNK F 2507 50.24 -2.44 -140.80
N UNK F 2508 50.17 -2.34 -142.12
CA UNK F 2508 49.58 -3.39 -142.94
C UNK F 2508 50.54 -4.55 -143.12
N UNK F 2509 51.84 -4.25 -143.04
CA UNK F 2509 52.87 -5.27 -143.19
C UNK F 2509 53.14 -5.98 -141.86
N UNK F 2510 59.47 7.97 -137.60
CA UNK F 2510 59.35 8.12 -136.16
C UNK F 2510 58.13 7.38 -135.63
N UNK F 2511 58.36 6.47 -134.68
CA UNK F 2511 57.28 5.69 -134.10
C UNK F 2511 56.62 6.46 -132.96
N UNK F 2512 57.34 7.42 -132.39
CA UNK F 2512 56.82 8.22 -131.29
C UNK F 2512 55.81 9.25 -131.81
N UNK F 2513 56.10 9.81 -132.97
CA UNK F 2513 55.23 10.82 -133.57
C UNK F 2513 54.06 10.15 -134.30
N UNK F 2514 54.23 8.87 -134.65
CA UNK F 2514 53.19 8.12 -135.34
C UNK F 2514 52.06 7.76 -134.39
N UNK F 2515 52.41 7.48 -133.13
CA UNK F 2515 51.43 7.12 -132.13
C UNK F 2515 50.60 8.34 -131.72
N UNK F 2516 51.23 9.52 -131.76
CA UNK F 2516 50.56 10.75 -131.40
C UNK F 2516 49.69 11.24 -132.56
N UNK F 2517 50.06 10.85 -133.78
CA UNK F 2517 49.32 11.23 -134.97
C UNK F 2517 48.00 10.45 -135.07
N UNK F 2518 48.01 9.24 -134.54
CA UNK F 2518 46.82 8.39 -134.55
C UNK F 2518 45.81 8.86 -133.51
N UNK F 2519 46.31 9.50 -132.45
CA UNK F 2519 45.45 10.01 -131.39
C UNK F 2519 44.91 11.39 -131.73
N UNK F 2520 45.71 12.15 -132.48
CA UNK F 2520 45.32 13.50 -132.88
C UNK F 2520 44.30 13.44 -134.01
N UNK F 2521 44.35 12.38 -134.81
CA UNK F 2521 43.41 12.20 -135.91
C UNK F 2521 42.03 11.79 -135.40
N UNK F 2522 42.00 11.18 -134.22
CA UNK F 2522 40.75 10.74 -133.63
C UNK F 2522 40.16 11.84 -132.74
N UNK F 2523 40.99 12.80 -132.35
CA UNK F 2523 40.55 13.89 -131.50
C UNK F 2523 40.05 15.06 -132.35
N UNK F 2524 40.59 15.19 -133.57
CA UNK F 2524 40.20 16.26 -134.47
C UNK F 2524 38.97 15.85 -135.29
N UNK F 2525 38.71 14.55 -135.34
CA UNK F 2525 37.57 14.03 -136.08
C UNK F 2525 36.27 14.29 -135.32
N UNK F 2526 36.36 14.34 -134.00
CA UNK F 2526 35.19 14.59 -133.16
C UNK F 2526 35.08 16.07 -132.82
N UNK F 2527 36.12 16.83 -133.12
CA UNK F 2527 36.15 18.26 -132.85
C UNK F 2527 35.63 19.05 -134.04
N UNK F 2528 35.79 18.48 -135.23
CA UNK F 2528 35.34 19.14 -136.46
C UNK F 2528 33.91 18.73 -136.79
N UNK F 2529 33.42 17.70 -136.11
CA UNK F 2529 32.06 17.21 -136.34
C UNK F 2529 31.10 17.77 -135.29
N UNK F 2530 31.57 18.75 -134.54
CA UNK F 2530 30.75 19.36 -133.50
C UNK F 2530 29.72 20.30 -134.10
N UNK F 2531 36.95 16.59 -151.95
CA UNK F 2531 37.25 15.73 -150.81
C UNK F 2531 37.40 14.28 -151.27
N UNK F 2532 37.64 14.08 -152.55
CA UNK F 2532 37.80 12.74 -153.12
C UNK F 2532 39.15 12.15 -152.72
N UNK F 2533 40.13 13.01 -152.52
CA UNK F 2533 41.47 12.57 -152.13
C UNK F 2533 41.48 12.07 -150.69
N UNK F 2534 40.70 12.72 -149.83
CA UNK F 2534 40.60 12.33 -148.43
C UNK F 2534 39.76 11.07 -148.29
N UNK F 2535 38.85 10.85 -149.22
CA UNK F 2535 37.99 9.67 -149.20
C UNK F 2535 38.79 8.42 -149.56
N UNK F 2536 39.77 8.59 -150.45
CA UNK F 2536 40.61 7.47 -150.87
C UNK F 2536 41.66 7.16 -149.81
N UNK F 2537 42.00 8.17 -149.01
CA UNK F 2537 42.98 8.00 -147.94
C UNK F 2537 42.39 7.18 -146.79
N UNK F 2538 41.09 7.33 -146.58
CA UNK F 2538 40.40 6.59 -145.52
C UNK F 2538 40.09 5.17 -145.97
N UNK F 2539 39.93 5.00 -147.27
CA UNK F 2539 39.64 3.68 -147.83
C UNK F 2539 40.89 2.81 -147.87
N UNK F 2540 42.04 3.45 -147.92
CA UNK F 2540 43.32 2.74 -147.95
C UNK F 2540 43.64 2.16 -146.58
N UNK F 2541 43.19 2.83 -145.53
CA UNK F 2541 43.41 2.37 -144.16
C UNK F 2541 42.42 1.28 -143.79
N UNK F 2542 41.27 1.26 -144.48
CA UNK F 2542 40.25 0.26 -144.22
C UNK F 2542 40.66 -1.09 -144.81
N UNK F 2543 41.37 -1.05 -145.92
CA UNK F 2543 41.82 -2.27 -146.58
C UNK F 2543 43.02 -2.87 -145.83
N UNK F 2544 43.74 -2.03 -145.10
CA UNK F 2544 44.90 -2.48 -144.34
C UNK F 2544 44.47 -3.25 -143.10
N UNK F 2545 43.30 -2.88 -142.56
CA UNK F 2545 42.77 -3.54 -141.37
C UNK F 2545 41.89 -4.72 -141.76
N UNK F 2546 41.55 -4.81 -143.05
CA UNK F 2546 40.71 -5.90 -143.55
C UNK F 2546 41.56 -7.10 -143.92
N UNK F 2547 45.92 0.17 -134.98
CA UNK F 2547 45.33 -1.16 -135.07
C UNK F 2547 43.85 -1.13 -134.75
N UNK F 2548 43.52 -1.45 -133.51
CA UNK F 2548 42.12 -1.45 -133.06
C UNK F 2548 41.59 -0.03 -132.91
N UNK F 2549 42.49 0.89 -132.59
CA UNK F 2549 42.12 2.30 -132.44
C UNK F 2549 41.99 2.98 -133.78
N UNK F 2550 42.62 2.40 -134.80
CA UNK F 2550 42.57 2.94 -136.15
C UNK F 2550 41.21 2.67 -136.80
N UNK F 2551 40.59 1.57 -136.40
CA UNK F 2551 39.28 1.19 -136.93
C UNK F 2551 38.18 2.10 -136.36
N UNK F 2552 38.41 2.60 -135.15
CA UNK F 2552 37.45 3.47 -134.50
C UNK F 2552 37.61 4.91 -134.99
N UNK F 2553 38.79 5.21 -135.53
CA UNK F 2553 39.08 6.54 -136.05
C UNK F 2553 38.40 6.75 -137.39
N UNK F 2554 38.35 5.68 -138.19
CA UNK F 2554 37.72 5.74 -139.51
C UNK F 2554 36.21 5.60 -139.39
N UNK F 2555 35.75 5.06 -138.26
CA UNK F 2555 34.33 4.87 -138.01
C UNK F 2555 33.66 6.21 -137.69
N UNK F 2556 34.37 7.04 -136.94
CA UNK F 2556 33.84 8.35 -136.56
C UNK F 2556 33.87 9.30 -137.75
N UNK F 2557 34.82 9.11 -138.64
CA UNK F 2557 34.96 9.94 -139.83
C UNK F 2557 33.92 9.55 -140.88
N UNK F 2558 33.46 8.31 -140.81
CA UNK F 2558 32.45 7.81 -141.75
C UNK F 2558 31.08 8.40 -141.45
N UNK F 2559 30.84 8.72 -140.18
CA UNK F 2559 29.58 9.31 -139.76
C UNK F 2559 29.64 10.83 -139.80
N UNK F 2560 30.84 11.36 -140.04
CA UNK F 2560 31.04 12.80 -140.10
C UNK F 2560 30.70 13.33 -141.49
N UNK F 2561 39.06 -12.26 -135.20
CA UNK F 2561 38.55 -11.25 -136.13
C UNK F 2561 37.90 -10.09 -135.38
N UNK F 2562 38.67 -9.44 -134.52
CA UNK F 2562 38.17 -8.31 -133.74
C UNK F 2562 38.01 -7.08 -134.61
N UNK F 2563 38.90 -6.93 -135.59
CA UNK F 2563 38.85 -5.79 -136.49
C UNK F 2563 37.73 -5.95 -137.51
N UNK F 2564 37.37 -7.19 -137.79
CA UNK F 2564 36.30 -7.49 -138.74
C UNK F 2564 34.94 -7.18 -138.14
N UNK F 2565 34.80 -7.43 -136.85
CA UNK F 2565 33.54 -7.18 -136.15
C UNK F 2565 33.37 -5.69 -135.86
N UNK F 2566 34.49 -4.99 -135.74
CA UNK F 2566 34.47 -3.55 -135.47
C UNK F 2566 34.13 -2.77 -136.73
N UNK F 2567 34.57 -3.28 -137.88
CA UNK F 2567 34.31 -2.62 -139.16
C UNK F 2567 32.90 -2.93 -139.65
N UNK F 2568 32.35 -4.05 -139.18
CA UNK F 2568 31.01 -4.46 -139.58
C UNK F 2568 29.95 -3.68 -138.80
N UNK F 2569 30.27 -3.32 -137.56
CA UNK F 2569 29.36 -2.57 -136.72
C UNK F 2569 29.23 -1.13 -137.19
N UNK F 2570 30.33 -0.59 -137.72
CA UNK F 2570 30.34 0.79 -138.21
C UNK F 2570 29.72 0.87 -139.60
N UNK F 2571 29.72 -0.25 -140.32
CA UNK F 2571 29.16 -0.30 -141.65
C UNK F 2571 27.63 -0.29 -141.61
N UNK F 2572 27.08 -0.97 -140.63
CA UNK F 2572 25.63 -1.04 -140.47
C UNK F 2572 25.08 0.27 -139.93
N UNK F 2573 25.88 0.96 -139.13
CA UNK F 2573 25.48 2.24 -138.55
C UNK F 2573 25.47 3.34 -139.61
N UNK F 2574 26.43 3.28 -140.53
CA UNK F 2574 26.52 4.26 -141.60
C UNK F 2574 25.48 4.01 -142.68
N UNK F 2575 25.04 2.75 -142.78
CA UNK F 2575 24.03 2.37 -143.76
C UNK F 2575 22.64 2.85 -143.33
N UNK F 2576 22.41 2.84 -142.01
CA UNK F 2576 21.13 3.28 -141.47
C UNK F 2576 21.04 4.79 -141.44
N UNK F 2577 22.20 5.45 -141.45
CA UNK F 2577 22.25 6.90 -141.42
C UNK F 2577 22.00 7.48 -142.81
N UNK F 2578 13.78 -0.02 -144.11
CA UNK F 2578 14.50 0.05 -145.37
C UNK F 2578 16.00 -0.06 -145.15
N UNK F 2579 16.67 1.08 -145.05
CA UNK F 2579 18.11 1.11 -144.82
C UNK F 2579 18.45 0.72 -143.39
N UNK F 2580 17.56 1.07 -142.46
CA UNK F 2580 17.77 0.75 -141.06
C UNK F 2580 17.33 -0.68 -140.76
N UNK F 2581 16.48 -1.23 -141.63
CA UNK F 2581 15.99 -2.59 -141.47
C UNK F 2581 17.08 -3.60 -141.82
N UNK F 2582 17.97 -3.21 -142.73
CA UNK F 2582 19.07 -4.08 -143.14
C UNK F 2582 20.13 -4.17 -142.05
N UNK F 2583 20.28 -3.09 -141.29
CA UNK F 2583 21.25 -3.06 -140.20
C UNK F 2583 20.74 -3.86 -139.00
N UNK F 2584 19.42 -3.99 -138.90
CA UNK F 2584 18.81 -4.74 -137.80
C UNK F 2584 18.99 -6.24 -138.01
N UNK F 2585 19.09 -6.65 -139.28
CA UNK F 2585 19.29 -8.05 -139.62
C UNK F 2585 20.71 -8.48 -139.28
N UNK F 2586 21.66 -7.57 -139.46
CA UNK F 2586 23.07 -7.86 -139.17
C UNK F 2586 23.30 -7.82 -137.66
N UNK F 2587 22.50 -7.04 -136.95
CA UNK F 2587 22.62 -6.93 -135.50
C UNK F 2587 22.08 -8.18 -134.82
N UNK F 2588 21.14 -8.85 -135.48
CA UNK F 2588 20.55 -10.08 -134.94
C UNK F 2588 21.56 -11.23 -135.02
N UNK F 2589 22.42 -11.18 -136.03
CA UNK F 2589 23.44 -12.21 -136.21
C UNK F 2589 24.59 -12.00 -135.23
N UNK F 2590 24.79 -10.74 -134.82
CA UNK F 2590 25.86 -10.40 -133.89
C UNK F 2590 25.48 -10.83 -132.47
N UNK F 2591 24.18 -10.88 -132.20
CA UNK F 2591 23.69 -11.29 -130.89
C UNK F 2591 23.71 -12.80 -130.74
N UNK F 2592 23.71 -13.49 -131.87
CA UNK F 2592 23.74 -14.95 -131.88
C UNK F 2592 25.18 -15.47 -131.85
N UNK F 2593 26.13 -14.56 -132.03
CA UNK F 2593 27.54 -14.92 -132.02
C UNK F 2593 28.17 -14.61 -130.67
N UNK F 2594 33.78 -3.24 -126.37
CA UNK F 2594 32.83 -2.33 -125.73
C UNK F 2594 32.40 -1.23 -126.68
N UNK F 2595 33.22 -0.96 -127.69
CA UNK F 2595 32.93 0.08 -128.66
C UNK F 2595 31.85 -0.40 -129.64
N UNK F 2596 31.81 -1.70 -129.89
CA UNK F 2596 30.85 -2.28 -130.82
C UNK F 2596 29.47 -2.39 -130.15
N UNK F 2597 29.47 -2.47 -128.83
CA UNK F 2597 28.22 -2.56 -128.07
C UNK F 2597 27.51 -1.22 -128.02
N UNK F 2598 28.28 -0.13 -128.06
CA UNK F 2598 27.72 1.21 -128.02
C UNK F 2598 27.11 1.58 -129.37
N UNK F 2599 27.68 1.02 -130.44
CA UNK F 2599 27.19 1.29 -131.78
C UNK F 2599 25.91 0.50 -132.07
N UNK F 2600 25.77 -0.63 -131.41
CA UNK F 2600 24.60 -1.49 -131.59
C UNK F 2600 23.39 -0.90 -130.87
N UNK F 2601 23.65 -0.14 -129.81
CA UNK F 2601 22.58 0.48 -129.04
C UNK F 2601 21.99 1.67 -129.78
N UNK F 2602 22.84 2.37 -130.53
CA UNK F 2602 22.39 3.54 -131.30
C UNK F 2602 21.63 3.10 -132.54
N UNK F 2603 21.96 1.91 -133.05
CA UNK F 2603 21.31 1.37 -134.24
C UNK F 2603 19.94 0.80 -133.89
N UNK F 2604 19.78 0.36 -132.65
CA UNK F 2604 18.53 -0.22 -132.18
C UNK F 2604 17.49 0.88 -131.95
N UNK F 2605 17.96 2.08 -131.63
CA UNK F 2605 17.07 3.21 -131.39
C UNK F 2605 16.69 3.89 -132.70
N UNK F 2606 17.47 3.63 -133.74
CA UNK F 2606 17.22 4.22 -135.06
C UNK F 2606 16.15 3.43 -135.80
N UNK F 2607 12.93 -9.50 -132.55
CA UNK F 2607 13.90 -8.83 -131.69
C UNK F 2607 13.74 -9.29 -130.24
N UNK F 2608 12.60 -9.90 -129.94
CA UNK F 2608 12.32 -10.40 -128.60
C UNK F 2608 12.81 -11.85 -128.44
N UNK F 2609 12.87 -12.56 -129.56
CA UNK F 2609 13.32 -13.95 -129.55
C UNK F 2609 14.82 -14.04 -129.35
N UNK F 2610 15.54 -13.07 -129.89
CA UNK F 2610 16.99 -13.03 -129.77
C UNK F 2610 17.42 -12.59 -128.38
N UNK F 2611 16.60 -11.73 -127.76
CA UNK F 2611 16.88 -11.23 -126.42
C UNK F 2611 16.59 -12.30 -125.37
N UNK F 2612 15.62 -13.16 -125.66
CA UNK F 2612 15.24 -14.23 -124.76
C UNK F 2612 16.29 -15.34 -124.75
N UNK F 2613 16.92 -15.54 -125.90
CA UNK F 2613 17.96 -16.57 -126.03
C UNK F 2613 19.24 -16.14 -125.32
N UNK F 2614 19.50 -14.83 -125.32
CA UNK F 2614 20.68 -14.29 -124.67
C UNK F 2614 20.50 -14.29 -123.16
N UNK F 2615 19.26 -14.12 -122.72
CA UNK F 2615 18.95 -14.11 -121.29
C UNK F 2615 18.96 -15.53 -120.72
N UNK F 2616 18.54 -16.48 -121.54
CA UNK F 2616 18.50 -17.89 -121.13
C UNK F 2616 19.91 -18.47 -121.06
N UNK F 2617 20.79 -17.96 -121.93
CA UNK F 2617 22.18 -18.42 -121.97
C UNK F 2617 22.95 -17.91 -120.76
N UNK F 2618 22.60 -16.71 -120.30
CA UNK F 2618 23.25 -16.10 -119.14
C UNK F 2618 22.74 -16.73 -117.85
N UNK F 2619 21.53 -17.28 -117.90
CA UNK F 2619 20.93 -17.92 -116.74
C UNK F 2619 21.56 -19.27 -116.48
N UNK F 2620 21.98 -19.94 -117.55
CA UNK F 2620 22.61 -21.25 -117.45
C UNK F 2620 24.03 -21.11 -116.89
N UNK F 2621 24.69 -20.02 -117.22
CA UNK F 2621 26.04 -19.77 -116.75
C UNK F 2621 26.04 -19.34 -115.28
N UNK F 2622 24.94 -18.72 -114.86
CA UNK F 2622 24.79 -18.29 -113.48
C UNK F 2622 24.38 -19.44 -112.58
N UNK F 2623 23.62 -20.38 -113.14
CA UNK F 2623 23.17 -21.54 -112.40
C UNK F 2623 24.31 -22.54 -112.18
N UNK F 2624 25.23 -22.57 -113.13
CA UNK F 2624 26.38 -23.47 -113.05
C UNK F 2624 27.42 -22.94 -112.07
N UNK F 2625 27.43 -21.62 -111.88
CA UNK F 2625 28.36 -20.98 -110.95
C UNK F 2625 27.85 -21.07 -109.51
N UNK F 2626 26.55 -21.29 -109.37
CA UNK F 2626 25.94 -21.39 -108.04
C UNK F 2626 26.17 -22.79 -107.46
N GLU F 2627 35.28 -17.14 -113.73
CA GLU F 2627 33.95 -17.23 -113.13
C GLU F 2627 33.30 -15.85 -113.02
N PHE F 2628 33.84 -15.03 -112.11
CA PHE F 2628 33.30 -13.68 -111.93
C PHE F 2628 33.64 -12.77 -113.10
N SER F 2629 34.76 -13.02 -113.77
CA SER F 2629 35.14 -12.19 -114.91
C SER F 2629 34.20 -12.42 -116.10
N VAL F 2630 33.89 -13.67 -116.41
CA VAL F 2630 32.99 -13.95 -117.53
C VAL F 2630 31.56 -13.56 -117.19
N LEU F 2631 31.18 -13.64 -115.91
CA LEU F 2631 29.83 -13.26 -115.52
C LEU F 2631 29.63 -11.75 -115.58
N CYS F 2632 30.62 -10.98 -115.11
CA CYS F 2632 30.51 -9.53 -115.15
C CYS F 2632 30.61 -9.00 -116.58
N ARG F 2633 31.37 -9.67 -117.44
CA ARG F 2633 31.48 -9.23 -118.84
C ARG F 2633 30.17 -9.45 -119.58
N ASP F 2634 29.53 -10.62 -119.37
CA ASP F 2634 28.25 -10.88 -120.02
C ASP F 2634 27.14 -10.01 -119.46
N LEU F 2635 27.25 -9.60 -118.19
CA LEU F 2635 26.24 -8.74 -117.59
C LEU F 2635 26.23 -7.35 -118.22
N TYR F 2636 27.41 -6.84 -118.61
CA TYR F 2636 27.46 -5.54 -119.25
C TYR F 2636 26.80 -5.56 -120.62
N ALA F 2637 26.99 -6.65 -121.38
CA ALA F 2637 26.34 -6.75 -122.68
C ALA F 2637 24.83 -6.92 -122.54
N LEU F 2638 24.39 -7.65 -121.52
CA LEU F 2638 22.96 -7.83 -121.30
C LEU F 2638 22.29 -6.55 -120.81
N TYR F 2639 23.02 -5.74 -120.05
CA TYR F 2639 22.49 -4.47 -119.55
C TYR F 2639 22.33 -3.49 -120.70
N PRO F 2640 23.29 -3.45 -121.64
CA PRO F 2640 23.12 -2.54 -122.78
C PRO F 2640 22.01 -2.95 -123.72
N LEU F 2641 21.83 -4.26 -123.94
CA LEU F 2641 20.75 -4.72 -124.80
C LEU F 2641 19.39 -4.48 -124.18
N LEU F 2642 19.28 -4.68 -122.85
CA LEU F 2642 18.02 -4.45 -122.17
C LEU F 2642 17.68 -2.95 -122.11
N ILE F 2643 18.70 -2.10 -122.02
CA ILE F 2643 18.45 -0.66 -121.98
C ILE F 2643 17.94 -0.16 -123.32
N ARG F 2644 18.52 -0.66 -124.42
CA ARG F 2644 18.05 -0.26 -125.74
C ARG F 2644 16.67 -0.82 -126.03
N TYR F 2645 16.38 -2.03 -125.56
CA TYR F 2645 15.07 -2.62 -125.77
C TYR F 2645 14.00 -1.99 -124.89
N VAL F 2646 14.39 -1.32 -123.80
CA VAL F 2646 13.43 -0.68 -122.91
C VAL F 2646 12.76 0.52 -123.58
N ASP F 2647 13.39 1.09 -124.60
CA ASP F 2647 12.79 2.24 -125.29
C ASP F 2647 11.52 1.84 -126.04
N ASN F 2648 11.47 0.61 -126.55
CA ASN F 2648 10.30 0.11 -127.27
C ASN F 2648 9.49 -0.89 -126.46
N ASN F 2649 9.98 -1.35 -125.31
CA ASN F 2649 9.23 -2.31 -124.52
C ASN F 2649 8.05 -1.66 -123.82
N ARG F 2650 8.11 -0.35 -123.59
CA ARG F 2650 6.99 0.33 -122.93
C ARG F 2650 5.76 0.38 -123.83
N ALA F 2651 5.96 0.68 -125.12
CA ALA F 2651 4.82 0.71 -126.04
C ALA F 2651 4.33 -0.69 -126.38
N HIS F 2652 5.22 -1.68 -126.38
CA HIS F 2652 4.81 -3.04 -126.69
C HIS F 2652 4.02 -3.67 -125.53
N TRP F 2653 4.45 -3.43 -124.30
CA TRP F 2653 3.77 -3.99 -123.14
C TRP F 2653 2.40 -3.35 -122.91
N LEU F 2654 2.16 -2.16 -123.46
CA LEU F 2654 0.86 -1.52 -123.27
C LEU F 2654 -0.25 -2.29 -124.00
N THR F 2655 0.04 -2.77 -125.21
CA THR F 2655 -0.96 -3.54 -125.95
C THR F 2655 -1.12 -4.94 -125.38
N GLU F 2656 0.00 -5.63 -125.12
CA GLU F 2656 -0.03 -6.98 -124.58
C GLU F 2656 1.29 -7.25 -123.88
N PRO F 2657 1.29 -7.97 -122.77
CA PRO F 2657 2.56 -8.25 -122.08
C PRO F 2657 3.43 -9.20 -122.89
N ASN F 2658 4.75 -9.02 -122.76
CA ASN F 2658 5.71 -9.84 -123.47
C ASN F 2658 5.97 -11.12 -122.69
N PRO F 2659 5.67 -12.30 -123.24
CA PRO F 2659 5.95 -13.54 -122.50
C PRO F 2659 7.44 -13.83 -122.37
N SER F 2660 8.25 -13.41 -123.34
CA SER F 2660 9.69 -13.63 -123.24
C SER F 2660 10.31 -12.76 -122.15
N ALA F 2661 9.80 -11.54 -121.98
CA ALA F 2661 10.32 -10.67 -120.93
C ALA F 2661 9.94 -11.18 -119.54
N GLU F 2662 8.74 -11.75 -119.41
CA GLU F 2662 8.32 -12.30 -118.13
C GLU F 2662 9.15 -13.53 -117.78
N GLU F 2663 9.46 -14.37 -118.77
CA GLU F 2663 10.28 -15.54 -118.51
C GLU F 2663 11.72 -15.15 -118.20
N LEU F 2664 12.22 -14.11 -118.85
CA LEU F 2664 13.58 -13.64 -118.56
C LEU F 2664 13.68 -13.04 -117.18
N PHE F 2665 12.62 -12.42 -116.68
CA PHE F 2665 12.63 -11.87 -115.33
C PHE F 2665 12.69 -12.97 -114.28
N ARG F 2666 12.05 -14.11 -114.54
CA ARG F 2666 12.11 -15.22 -113.59
C ARG F 2666 13.51 -15.82 -113.53
N MET F 2667 14.23 -15.84 -114.66
CA MET F 2667 15.60 -16.34 -114.64
C MET F 2667 16.52 -15.41 -113.85
N VAL F 2668 16.31 -14.09 -113.98
CA VAL F 2668 17.10 -13.14 -113.20
C VAL F 2668 16.74 -13.21 -111.72
N GLY F 2669 15.50 -13.63 -111.42
CA GLY F 2669 15.11 -13.77 -110.03
C GLY F 2669 15.84 -14.88 -109.30
N GLU F 2670 16.22 -15.93 -110.03
CA GLU F 2670 16.98 -17.01 -109.41
C GLU F 2670 18.37 -16.54 -109.00
N ILE F 2671 19.02 -15.72 -109.83
CA ILE F 2671 20.31 -15.16 -109.47
C ILE F 2671 20.18 -14.10 -108.39
N PHE F 2672 19.00 -13.47 -108.26
CA PHE F 2672 18.79 -12.48 -107.21
C PHE F 2672 18.73 -13.14 -105.84
N ILE F 2673 18.34 -14.40 -105.77
CA ILE F 2673 18.30 -15.10 -104.49
C ILE F 2673 19.72 -15.31 -103.96
N TYR F 2674 20.67 -15.56 -104.86
CA TYR F 2674 22.08 -15.72 -104.49
C TYR F 2674 22.85 -14.41 -104.59
N TRP F 2675 22.19 -13.31 -104.97
CA TRP F 2675 22.89 -12.03 -105.06
C TRP F 2675 23.27 -11.51 -103.67
N SER F 2676 22.37 -11.63 -102.70
CA SER F 2676 22.64 -11.18 -101.34
C SER F 2676 22.97 -12.33 -100.38
N LYS F 2677 22.57 -13.55 -100.70
CA LYS F 2677 22.89 -14.68 -99.84
C LYS F 2677 24.37 -15.03 -99.91
N LYS F 2679 24.95 -15.04 -101.11
CA LYS F 2679 26.36 -15.35 -101.31
C LYS F 2679 27.13 -14.03 -101.38
N HIS F 2680 27.85 -13.70 -100.31
CA HIS F 2680 28.62 -12.47 -100.28
C HIS F 2680 29.82 -12.49 -101.23
N ASN F 2681 30.30 -13.69 -101.60
CA ASN F 2681 31.43 -13.77 -102.51
C ASN F 2681 31.04 -13.34 -103.92
N PHE F 2682 29.84 -13.71 -104.36
CA PHE F 2682 29.41 -13.33 -105.71
C PHE F 2682 29.08 -11.85 -105.80
N LYS F 2683 28.58 -11.25 -104.71
CA LYS F 2683 28.24 -9.84 -104.74
C LYS F 2683 29.48 -8.96 -104.76
N ARG F 2684 30.50 -9.31 -103.97
CA ARG F 2684 31.71 -8.50 -103.92
C ARG F 2684 32.52 -8.66 -105.21
N GLU F 2685 32.55 -9.87 -105.78
CA GLU F 2685 33.31 -10.09 -107.00
C GLU F 2685 32.63 -9.49 -108.22
N GLU F 2686 31.31 -9.26 -108.17
CA GLU F 2686 30.61 -8.68 -109.31
C GLU F 2686 30.97 -7.21 -109.49
N GLN F 2687 30.91 -6.43 -108.42
CA GLN F 2687 31.22 -5.00 -108.50
C GLN F 2687 32.72 -4.73 -108.60
N ASN F 2688 33.56 -5.71 -108.27
CA ASN F 2688 35.00 -5.50 -108.33
C ASN F 2688 35.51 -5.50 -109.76
N PHE F 2689 34.88 -6.29 -110.65
CA PHE F 2689 35.31 -6.37 -112.04
C PHE F 2689 34.83 -5.19 -112.88
N VAL F 2690 33.87 -4.41 -112.38
CA VAL F 2690 33.38 -3.27 -113.15
C VAL F 2690 34.46 -2.20 -113.28
N VAL F 2691 35.15 -1.90 -112.18
CA VAL F 2691 36.20 -0.89 -112.19
C VAL F 2691 37.45 -1.44 -112.87
N UNK F 2692 23.26 -0.93 -109.75
CA UNK F 2692 23.19 0.25 -110.60
C UNK F 2692 22.43 -0.05 -111.89
N UNK F 2693 23.14 -0.63 -112.86
CA UNK F 2693 22.54 -0.98 -114.14
C UNK F 2693 21.68 -2.23 -114.02
N UNK F 2694 22.05 -3.11 -113.10
CA UNK F 2694 21.30 -4.34 -112.88
C UNK F 2694 20.01 -4.07 -112.13
N UNK F 2695 20.01 -3.02 -111.31
CA UNK F 2695 18.83 -2.65 -110.53
C UNK F 2695 17.80 -1.97 -111.42
N UNK F 2696 18.28 -1.25 -112.43
CA UNK F 2696 17.40 -0.55 -113.36
C UNK F 2696 16.71 -1.52 -114.31
N UNK F 2697 17.41 -2.61 -114.62
CA UNK F 2697 16.86 -3.64 -115.51
C UNK F 2697 15.81 -4.47 -114.79
N UNK F 2698 16.03 -4.70 -113.49
CA UNK F 2698 15.10 -5.47 -112.69
C UNK F 2698 13.85 -4.67 -112.36
N UNK F 2699 14.01 -3.34 -112.32
CA UNK F 2699 12.89 -2.46 -112.02
C UNK F 2699 11.95 -2.35 -113.22
N UNK F 2700 12.52 -2.37 -114.41
CA UNK F 2700 11.73 -2.29 -115.64
C UNK F 2700 11.02 -3.60 -115.92
N UNK F 2701 11.64 -4.70 -115.50
CA UNK F 2701 11.07 -6.03 -115.69
C UNK F 2701 9.93 -6.27 -114.71
N UNK F 2702 10.01 -5.64 -113.54
CA UNK F 2702 8.98 -5.77 -112.53
C UNK F 2702 7.75 -4.96 -112.90
N UNK F 2703 7.96 -3.90 -113.67
CA UNK F 2703 6.86 -3.04 -114.11
C UNK F 2703 6.02 -3.75 -115.17
N UNK F 2704 6.67 -4.56 -115.99
CA UNK F 2704 5.98 -5.30 -117.03
C UNK F 2704 5.27 -6.53 -116.45
N UNK F 2705 5.80 -7.03 -115.34
CA UNK F 2705 5.20 -8.18 -114.68
C UNK F 2705 3.96 -7.78 -113.89
N UNK F 2706 3.92 -6.54 -113.46
CA UNK F 2706 2.78 -6.02 -112.70
C UNK F 2706 1.62 -5.70 -113.62
N UNK F 2707 1.92 -5.49 -114.90
CA UNK F 2707 0.90 -5.19 -115.89
C UNK F 2707 0.35 -6.46 -116.53
N UNK F 2708 1.08 -7.56 -116.35
CA UNK F 2708 0.66 -8.84 -116.89
C UNK F 2708 -0.36 -9.52 -115.99
N UNK F 2709 0.01 -9.71 -114.73
CA UNK F 2709 -0.87 -10.35 -113.76
C UNK F 2709 -1.61 -9.30 -112.93
N UNK F 2710 -0.25 -12.55 -104.05
CA UNK F 2710 -0.94 -11.77 -103.03
C UNK F 2710 0.06 -11.16 -102.06
N UNK F 2711 -0.43 -10.31 -101.17
CA UNK F 2711 0.41 -9.66 -100.17
C UNK F 2711 0.84 -10.64 -99.09
N UNK F 2712 -0.07 -11.55 -98.74
CA UNK F 2712 0.21 -12.55 -97.71
C UNK F 2712 1.14 -13.64 -98.26
N UNK F 2713 1.04 -13.88 -99.56
CA UNK F 2713 1.87 -14.88 -100.22
C UNK F 2713 3.27 -14.34 -100.50
N UNK F 2714 3.38 -13.01 -100.50
CA UNK F 2714 4.66 -12.35 -100.77
C UNK F 2714 5.57 -12.43 -99.53
N UNK F 2715 4.95 -12.43 -98.35
CA UNK F 2715 5.70 -12.50 -97.11
C UNK F 2715 6.19 -13.92 -96.85
N UNK F 2716 5.47 -14.90 -97.39
CA UNK F 2716 5.84 -16.30 -97.22
C UNK F 2716 6.93 -16.70 -98.21
N UNK F 2717 7.03 -15.96 -99.31
CA UNK F 2717 8.03 -16.23 -100.33
C UNK F 2717 9.42 -15.77 -99.88
N UNK F 2718 9.45 -14.68 -99.11
CA UNK F 2718 10.70 -14.14 -98.60
C UNK F 2718 11.18 -14.92 -97.39
N UNK F 2719 10.24 -15.59 -96.70
CA UNK F 2719 10.56 -16.37 -95.53
C UNK F 2719 11.03 -17.77 -95.92
N UNK F 2720 10.61 -18.23 -97.08
CA UNK F 2720 10.98 -19.54 -97.58
C UNK F 2720 12.36 -19.51 -98.23
N UNK F 2721 9.78 -23.87 -106.12
CA UNK F 2721 8.36 -23.52 -106.17
C UNK F 2721 7.67 -23.89 -104.86
N UNK F 2722 8.40 -23.79 -103.76
CA UNK F 2722 7.86 -24.12 -102.44
C UNK F 2722 6.94 -22.99 -101.95
N UNK F 2723 7.21 -21.77 -102.41
CA UNK F 2723 6.42 -20.62 -102.01
C UNK F 2723 5.06 -20.63 -102.72
N UNK F 2724 5.03 -21.21 -103.91
CA UNK F 2724 3.79 -21.28 -104.69
C UNK F 2724 2.84 -22.32 -104.11
N UNK F 2725 3.41 -23.34 -103.46
CA UNK F 2725 2.62 -24.40 -102.86
C UNK F 2725 1.98 -23.92 -101.56
N UNK F 2726 2.62 -22.95 -100.90
CA UNK F 2726 2.09 -22.40 -99.66
C UNK F 2726 1.00 -21.38 -99.92
N UNK F 2727 1.01 -20.81 -101.12
CA UNK F 2727 0.00 -19.83 -101.51
C UNK F 2727 -1.29 -20.50 -101.97
N UNK F 2728 -1.13 -21.62 -102.68
CA UNK F 2728 -2.28 -22.37 -103.19
C UNK F 2728 -2.94 -23.17 -102.07
N UNK F 2729 -8.27 2.62 -108.16
CA UNK F 2729 -9.09 2.19 -107.04
C UNK F 2729 -9.22 0.67 -107.01
N UNK F 2730 -10.25 0.19 -106.31
CA UNK F 2730 -10.54 -1.23 -106.26
C UNK F 2730 -11.42 -1.61 -107.44
N UNK F 2731 -12.09 -0.61 -108.01
CA UNK F 2731 -12.97 -0.83 -109.16
C UNK F 2731 -12.28 -0.36 -110.44
N UNK F 2732 -11.41 0.63 -110.31
CA UNK F 2732 -10.68 1.16 -111.45
C UNK F 2732 -9.62 0.17 -111.91
N UNK F 2733 -9.04 -0.55 -110.96
CA UNK F 2733 -8.02 -1.55 -111.27
C UNK F 2733 -8.66 -2.80 -111.84
N UNK F 2734 -9.92 -3.03 -111.48
CA UNK F 2734 -10.67 -4.19 -111.97
C UNK F 2734 -11.04 -4.00 -113.44
N UNK F 2735 -11.31 -2.75 -113.82
CA UNK F 2735 -11.66 -2.43 -115.20
C UNK F 2735 -10.43 -2.45 -116.09
N UNK F 2736 -9.27 -2.12 -115.52
CA UNK F 2736 -8.03 -2.10 -116.25
C UNK F 2736 -7.50 -3.52 -116.47
N UNK F 2737 -7.82 -4.41 -115.54
CA UNK F 2737 -7.40 -5.80 -115.64
C UNK F 2737 -8.33 -6.59 -116.54
N UNK F 2738 -9.54 -6.07 -116.74
CA UNK F 2738 -10.52 -6.73 -117.59
C UNK F 2738 -10.30 -6.38 -119.06
N UNK F 2739 -2.34 -21.48 -114.19
CA UNK F 2739 -2.97 -20.31 -114.80
C UNK F 2739 -2.98 -19.14 -113.84
N UNK F 2740 -3.98 -19.12 -112.96
CA UNK F 2740 -4.12 -18.06 -111.97
C UNK F 2740 -3.07 -18.20 -110.87
N UNK F 2741 -2.75 -19.45 -110.52
CA UNK F 2741 -1.76 -19.73 -109.49
C UNK F 2741 -0.35 -19.50 -110.02
N UNK F 2742 -0.17 -19.64 -111.33
CA UNK F 2742 1.12 -19.44 -111.96
C UNK F 2742 1.46 -17.96 -112.03
N UNK F 2743 0.44 -17.13 -112.20
CA UNK F 2743 0.63 -15.69 -112.28
C UNK F 2743 0.96 -15.11 -110.92
N UNK F 2744 0.39 -15.70 -109.87
CA UNK F 2744 0.64 -15.25 -108.50
C UNK F 2744 2.00 -15.74 -108.02
N UNK F 2745 2.45 -16.85 -108.58
CA UNK F 2745 3.76 -17.42 -108.22
C UNK F 2745 4.89 -16.55 -108.75
N UNK F 2746 4.67 -15.99 -109.94
CA UNK F 2746 5.68 -15.12 -110.56
C UNK F 2746 5.75 -13.79 -109.82
N UNK F 2747 4.62 -13.35 -109.26
CA UNK F 2747 4.57 -12.11 -108.51
C UNK F 2747 5.19 -12.30 -107.13
N UNK F 2748 5.16 -13.52 -106.63
CA UNK F 2748 5.74 -13.83 -105.33
C UNK F 2748 7.27 -13.78 -105.39
N UNK F 2749 7.82 -14.19 -106.52
CA UNK F 2749 9.27 -14.16 -106.71
C UNK F 2749 9.75 -12.74 -106.97
N UNK F 2750 8.89 -11.95 -107.61
CA UNK F 2750 9.21 -10.56 -107.92
C UNK F 2750 9.16 -9.70 -106.65
N UNK F 2751 8.27 -10.05 -105.75
CA UNK F 2751 8.12 -9.33 -104.49
C UNK F 2751 9.27 -9.68 -103.54
N UNK F 2752 9.81 -10.88 -103.68
CA UNK F 2752 10.92 -11.33 -102.85
C UNK F 2752 12.21 -10.62 -103.25
N UNK F 2753 12.31 -10.25 -104.52
CA UNK F 2753 13.48 -9.55 -105.02
C UNK F 2753 13.44 -8.08 -104.62
N UNK F 2754 12.23 -7.56 -104.42
CA UNK F 2754 12.05 -6.16 -104.02
C UNK F 2754 12.37 -5.98 -102.55
N UNK F 2755 12.10 -7.00 -101.75
CA UNK F 2755 12.38 -6.97 -100.32
C UNK F 2755 13.88 -7.09 -100.07
N UNK F 2756 14.57 -7.85 -100.91
CA UNK F 2756 16.00 -8.04 -100.79
C UNK F 2756 16.76 -6.81 -101.27
N UNK F 2757 16.16 -6.08 -102.21
CA UNK F 2757 16.77 -4.88 -102.75
C UNK F 2757 16.65 -3.72 -101.76
N UNK F 2758 15.62 -3.77 -100.92
CA UNK F 2758 15.38 -2.73 -99.93
C UNK F 2758 16.18 -3.01 -98.66
N UNK F 2759 16.66 -4.24 -98.52
CA UNK F 2759 17.44 -4.64 -97.36
C UNK F 2759 18.90 -4.21 -97.51
N PRO F 2760 64.75 1.84 -81.81
CA PRO F 2760 65.86 1.13 -82.47
C PRO F 2760 67.09 1.04 -81.59
N LEU F 2761 67.57 -0.18 -81.35
CA LEU F 2761 68.75 -0.36 -80.52
C LEU F 2761 70.02 0.06 -81.26
N TYR F 2762 70.07 -0.18 -82.56
CA TYR F 2762 71.23 0.21 -83.35
C TYR F 2762 71.27 1.74 -83.51
N ASN F 2763 72.50 2.24 -83.74
CA ASN F 2763 72.75 3.67 -83.91
C ASN F 2763 72.31 4.48 -82.69
N LEU F 2764 72.36 3.85 -81.50
CA LEU F 2764 71.99 4.51 -80.26
C LEU F 2764 73.22 4.80 -79.41
N PRO F 2765 73.16 5.83 -78.57
CA PRO F 2765 74.32 6.14 -77.70
C PRO F 2765 74.60 5.00 -76.73
N THR F 2766 75.79 4.42 -76.84
CA THR F 2766 76.17 3.31 -75.99
C THR F 2766 76.36 3.72 -74.52
N HIS F 2767 76.55 5.01 -74.26
CA HIS F 2767 76.71 5.46 -72.88
C HIS F 2767 75.40 5.33 -72.10
N ARG F 2768 74.31 5.85 -72.65
CA ARG F 2768 73.01 5.76 -71.99
C ARG F 2768 72.38 4.38 -72.14
N ALA F 2769 72.79 3.60 -73.15
CA ALA F 2769 72.23 2.28 -73.34
C ALA F 2769 72.69 1.31 -72.26
N CYS F 2770 73.94 1.45 -71.80
CA CYS F 2770 74.45 0.56 -70.75
C CYS F 2770 73.76 0.82 -69.42
N ASN F 2771 73.42 2.08 -69.13
CA ASN F 2771 72.74 2.40 -67.88
C ASN F 2771 71.31 1.88 -67.87
N MET F 2772 70.70 1.72 -69.05
CA MET F 2772 69.33 1.22 -69.12
C MET F 2772 69.23 -0.25 -68.72
N PHE F 2773 70.33 -1.01 -68.82
CA PHE F 2773 70.31 -2.41 -68.42
C PHE F 2773 70.26 -2.57 -66.91
N LEU F 2774 70.69 -1.56 -66.15
CA LEU F 2774 70.67 -1.68 -64.69
C LEU F 2774 69.25 -1.68 -64.15
N GLU F 2775 68.37 -0.86 -64.73
CA GLU F 2775 66.99 -0.80 -64.26
C GLU F 2775 66.22 -2.06 -64.66
N SER F 2776 66.51 -2.60 -65.84
CA SER F 2776 65.82 -3.81 -66.29
C SER F 2776 66.29 -5.04 -65.53
N TYR F 2777 67.55 -5.05 -65.10
CA TYR F 2777 68.08 -6.21 -64.38
C TYR F 2777 67.50 -6.34 -62.98
N LYS F 2778 66.91 -5.26 -62.43
CA LYS F 2778 66.33 -5.33 -61.10
C LYS F 2778 65.11 -6.25 -61.07
N ALA F 2779 64.19 -6.05 -62.01
CA ALA F 2779 62.99 -6.88 -62.08
C ALA F 2779 63.19 -8.14 -62.93
N ALA F 2780 64.42 -8.40 -63.39
CA ALA F 2780 64.66 -9.56 -64.24
C ALA F 2780 65.01 -10.79 -63.41
N TRP F 2781 66.05 -10.69 -62.58
CA TRP F 2781 66.52 -11.83 -61.80
C TRP F 2781 66.68 -11.53 -60.32
N ILE F 2782 66.43 -10.30 -59.88
CA ILE F 2782 66.59 -9.93 -58.48
C ILE F 2782 65.28 -9.95 -57.73
N LEU F 2783 64.21 -9.40 -58.32
CA LEU F 2783 62.91 -9.38 -57.68
C LEU F 2783 62.17 -10.71 -57.77
N THR F 2784 62.72 -11.69 -58.49
CA THR F 2784 62.11 -13.01 -58.59
C THR F 2784 62.96 -14.11 -57.98
N GLU F 2785 64.11 -13.77 -57.38
CA GLU F 2785 65.00 -14.74 -56.75
C GLU F 2785 65.29 -14.32 -55.31
N ASP F 2786 64.24 -13.99 -54.58
CA ASP F 2786 64.39 -13.65 -53.17
C ASP F 2786 64.82 -14.89 -52.39
N HIS F 2787 65.87 -14.73 -51.59
CA HIS F 2787 66.42 -15.87 -50.86
C HIS F 2787 65.53 -16.27 -49.68
N SER F 2788 64.84 -15.30 -49.08
CA SER F 2788 64.00 -15.53 -47.91
C SER F 2788 64.80 -16.19 -46.79
N PHE F 2789 65.86 -15.51 -46.36
CA PHE F 2789 66.78 -15.98 -45.34
C PHE F 2789 66.27 -15.73 -43.92
N GLU F 2790 64.98 -15.45 -43.77
CA GLU F 2790 64.43 -15.13 -42.45
C GLU F 2790 64.50 -16.31 -41.48
N ASP F 2791 64.57 -17.54 -42.00
CA ASP F 2791 64.57 -18.71 -41.12
C ASP F 2791 65.92 -18.88 -40.43
N ARG F 2792 66.98 -19.09 -41.22
CA ARG F 2792 68.30 -19.40 -40.66
C ARG F 2792 68.93 -18.22 -39.94
N MET F 2793 68.41 -17.00 -40.11
CA MET F 2793 69.01 -15.85 -39.45
C MET F 2793 68.63 -15.79 -37.97
N ILE F 2794 67.49 -16.38 -37.62
CA ILE F 2794 67.02 -16.29 -36.23
C ILE F 2794 67.57 -17.44 -35.39
N ASP F 2795 67.71 -18.64 -35.97
CA ASP F 2795 68.19 -19.78 -35.19
C ASP F 2795 69.64 -19.60 -34.78
N ASP F 2796 70.50 -19.21 -35.72
CA ASP F 2796 71.91 -19.04 -35.41
C ASP F 2796 72.16 -17.89 -34.45
N LEU F 2797 71.30 -16.86 -34.48
CA LEU F 2797 71.46 -15.74 -33.56
C LEU F 2797 71.00 -16.11 -32.16
N SER F 2798 70.12 -17.09 -32.03
CA SER F 2798 69.60 -17.53 -30.74
C SER F 2798 70.09 -18.93 -30.36
N LYS F 2799 71.16 -19.41 -31.01
CA LYS F 2799 71.67 -20.74 -30.71
C LYS F 2799 72.35 -20.76 -29.34
N ALA F 2800 73.38 -19.93 -29.17
CA ALA F 2800 74.10 -19.86 -27.90
C ALA F 2800 73.68 -18.63 -27.10
N LYS F 2801 71.60 -15.64 -14.47
CA LYS F 2801 70.86 -15.70 -15.72
C LYS F 2801 71.44 -14.74 -16.75
N LYS F 2802 72.30 -15.27 -17.62
CA LYS F 2802 72.92 -14.44 -18.66
C LYS F 2802 71.93 -14.17 -19.77
N PRO F 2803 71.80 -12.94 -20.24
CA PRO F 2803 70.84 -12.65 -21.32
C PRO F 2803 71.25 -13.34 -22.61
N ASP F 2804 70.25 -13.86 -23.32
CA ASP F 2804 70.48 -14.55 -24.58
C ASP F 2804 70.86 -13.54 -25.67
N PRO F 2805 71.58 -13.99 -26.70
CA PRO F 2805 71.90 -13.06 -27.81
C PRO F 2805 70.68 -12.51 -28.51
N LEU F 2806 69.59 -13.29 -28.58
CA LEU F 2806 68.36 -12.79 -29.18
C LEU F 2806 67.62 -11.82 -28.25
N HIS F 2807 67.99 -11.78 -26.97
CA HIS F 2807 67.26 -10.95 -26.01
C HIS F 2807 67.64 -9.48 -26.13
N GLN F 2808 68.81 -9.17 -26.71
CA GLN F 2808 69.27 -7.80 -26.77
C GLN F 2808 68.60 -6.99 -27.87
N LEU F 2809 68.16 -7.62 -28.95
CA LEU F 2809 67.47 -6.88 -30.00
C LEU F 2809 66.13 -6.34 -29.51
N VAL F 2810 65.40 -7.12 -28.71
CA VAL F 2810 64.14 -6.64 -28.16
C VAL F 2810 64.38 -5.53 -27.16
N LEU F 2811 65.52 -5.56 -26.45
CA LEU F 2811 65.84 -4.51 -25.49
C LEU F 2811 66.54 -3.32 -26.14
N HIS F 2812 67.03 -3.46 -27.38
CA HIS F 2812 67.71 -2.35 -28.02
C HIS F 2812 66.72 -1.27 -28.46
N PHE F 2813 65.62 -1.67 -29.09
CA PHE F 2813 64.62 -0.71 -29.55
C PHE F 2813 63.78 -0.13 -28.43
N SER F 2814 63.83 -0.71 -27.23
CA SER F 2814 63.06 -0.16 -26.12
C SER F 2814 63.62 1.19 -25.70
N ARG F 2815 64.95 1.37 -25.77
CA ARG F 2815 65.54 2.65 -25.42
C ARG F 2815 65.27 3.70 -26.48
N THR F 2816 65.17 3.30 -27.75
CA THR F 2816 64.89 4.26 -28.81
C THR F 2816 63.46 4.75 -28.76
N ALA F 2817 62.54 3.96 -28.22
CA ALA F 2817 61.14 4.36 -28.14
C ALA F 2817 60.88 5.31 -26.99
N LEU F 2818 61.60 5.18 -25.88
CA LEU F 2818 61.41 6.00 -24.69
C LEU F 2818 62.66 6.83 -24.40
N THR F 2819 63.26 7.39 -25.45
CA THR F 2819 64.46 8.23 -25.26
C THR F 2819 64.07 9.63 -24.80
N GLU F 2820 63.28 10.33 -25.60
CA GLU F 2820 62.88 11.70 -25.29
C GLU F 2820 61.48 11.93 -25.86
N LYS F 2821 61.08 13.19 -25.96
CA LYS F 2821 59.77 13.57 -26.47
C LYS F 2821 59.77 13.74 -27.98
N SER F 2822 60.70 13.11 -28.69
CA SER F 2822 60.74 13.22 -30.15
C SER F 2822 59.53 12.54 -30.77
N LYS F 2823 59.05 13.11 -31.87
CA LYS F 2823 57.88 12.55 -32.54
C LYS F 2823 58.15 11.15 -33.07
N LEU F 2824 59.09 11.04 -34.00
CA LEU F 2824 59.44 9.76 -34.62
C LEU F 2824 60.75 9.93 -35.37
N ASP F 2825 61.24 8.84 -35.95
CA ASP F 2825 62.46 8.85 -36.74
C ASP F 2825 62.33 7.82 -37.85
N GLU F 2826 63.32 7.80 -38.74
CA GLU F 2826 63.30 6.85 -39.85
C GLU F 2826 63.60 5.44 -39.35
N ASP F 2827 64.79 5.24 -38.77
CA ASP F 2827 65.20 3.95 -38.20
C ASP F 2827 65.11 2.84 -39.26
N TYR F 2828 65.93 2.97 -40.30
CA TYR F 2828 65.95 1.98 -41.37
C TYR F 2828 66.37 0.60 -40.86
N LEU F 2829 67.15 0.55 -39.78
CA LEU F 2829 67.53 -0.74 -39.20
C LEU F 2829 66.36 -1.41 -38.51
N TYR F 2830 65.35 -0.66 -38.06
CA TYR F 2830 64.19 -1.25 -37.42
C TYR F 2830 63.35 -2.02 -38.44
N MET F 2831 63.02 -1.38 -39.56
CA MET F 2831 62.22 -2.04 -40.60
C MET F 2831 62.97 -3.20 -41.26
N ALA F 2832 64.30 -3.21 -41.17
CA ALA F 2832 65.06 -4.31 -41.75
C ALA F 2832 64.83 -5.61 -40.99
N TYR F 2833 65.06 -5.59 -39.68
CA TYR F 2833 64.85 -6.78 -38.86
C TYR F 2833 63.37 -7.07 -38.60
N ALA F 2834 62.49 -6.09 -38.82
CA ALA F 2834 61.07 -6.32 -38.58
C ALA F 2834 60.50 -7.31 -39.59
N ASP F 2835 60.83 -7.14 -40.87
CA ASP F 2835 60.33 -8.06 -41.89
C ASP F 2835 61.00 -9.43 -41.78
N ILE F 2836 62.25 -9.48 -41.33
CA ILE F 2836 62.94 -10.76 -41.19
C ILE F 2836 62.40 -11.53 -40.00
N MET F 2837 62.15 -10.84 -38.89
CA MET F 2837 61.66 -11.52 -37.69
C MET F 2837 60.20 -11.95 -37.84
N ALA F 2838 59.39 -11.16 -38.55
CA ALA F 2838 57.98 -11.50 -38.70
C ALA F 2838 57.79 -12.65 -39.69
N LYS F 2839 58.59 -12.69 -40.75
CA LYS F 2839 58.47 -13.75 -41.73
C LYS F 2839 58.92 -15.09 -41.17
N SER F 2840 59.85 -15.08 -40.21
CA SER F 2840 60.32 -16.33 -39.62
C SER F 2840 59.27 -16.95 -38.69
N CYS F 2841 58.47 -16.12 -38.03
CA CYS F 2841 57.47 -16.64 -37.10
C CYS F 2841 56.29 -17.24 -37.86
N HIS F 2842 55.87 -16.61 -38.95
CA HIS F 2842 54.74 -17.11 -39.73
C HIS F 2842 55.15 -18.26 -40.64
N LEU F 2843 56.21 -18.05 -41.42
CA LEU F 2843 56.70 -19.09 -42.34
C LEU F 2843 57.86 -19.86 -41.72
N SER F 2844 45.15 -34.64 -41.91
CA SER F 2844 43.91 -34.76 -41.16
C SER F 2844 43.97 -33.97 -39.86
N PHE F 2845 43.40 -34.53 -38.79
CA PHE F 2845 43.42 -33.86 -37.50
C PHE F 2845 44.81 -33.87 -36.89
N GLU F 2846 45.56 -34.96 -37.09
CA GLU F 2846 46.92 -35.03 -36.57
C GLU F 2846 47.84 -34.06 -37.30
N GLU F 2847 47.65 -33.91 -38.61
CA GLU F 2847 48.47 -32.97 -39.37
C GLU F 2847 48.13 -31.53 -39.04
N LYS F 2848 46.84 -31.24 -38.79
CA LYS F 2848 46.44 -29.89 -38.44
C LYS F 2848 46.93 -29.50 -37.05
N GLU F 2849 46.83 -30.42 -36.09
CA GLU F 2849 47.30 -30.13 -34.74
C GLU F 2849 48.82 -30.03 -34.69
N MET F 2850 49.52 -30.74 -35.56
CA MET F 2850 50.98 -30.66 -35.57
C MET F 2850 51.46 -29.31 -36.07
N GLU F 2851 50.87 -28.81 -37.17
CA GLU F 2851 51.27 -27.51 -37.71
C GLU F 2851 50.84 -26.37 -36.81
N LYS F 2852 49.75 -26.53 -36.05
CA LYS F 2852 49.35 -25.50 -35.11
C LYS F 2852 50.35 -25.38 -33.96
N GLN F 2853 50.91 -26.50 -33.51
CA GLN F 2853 51.92 -26.44 -32.46
C GLN F 2853 53.23 -25.87 -32.99
N ARG F 2854 53.61 -26.24 -34.22
CA ARG F 2854 54.83 -25.70 -34.81
C ARG F 2854 54.76 -24.18 -34.95
N LEU F 2855 53.57 -23.65 -35.25
CA LEU F 2855 53.41 -22.20 -35.30
C LEU F 2855 53.55 -21.58 -33.91
N LEU F 2856 53.07 -22.27 -32.87
CA LEU F 2856 53.19 -21.75 -31.52
C LEU F 2856 54.63 -21.75 -31.03
N TYR F 2857 55.45 -22.68 -31.53
CA TYR F 2857 56.86 -22.69 -31.14
C TYR F 2857 57.59 -21.49 -31.72
N GLN F 2858 57.31 -21.13 -32.98
CA GLN F 2858 57.89 -19.92 -33.54
C GLN F 2858 57.41 -18.67 -32.82
N GLN F 2859 56.16 -18.66 -32.35
CA GLN F 2859 55.67 -17.53 -31.58
C GLN F 2859 56.26 -17.51 -30.18
N ALA F 2860 56.50 -18.69 -29.59
CA ALA F 2860 57.10 -18.75 -28.26
C ALA F 2860 58.57 -18.34 -28.28
N ARG F 2861 59.23 -18.40 -29.45
CA ARG F 2861 60.61 -17.96 -29.53
C ARG F 2861 60.74 -16.48 -29.24
N LEU F 2862 59.75 -15.69 -29.63
CA LEU F 2862 59.71 -14.26 -29.31
C LEU F 2862 58.87 -13.95 -28.08
N HIS F 2863 57.95 -14.84 -27.71
CA HIS F 2863 57.13 -14.61 -26.52
C HIS F 2863 57.95 -14.72 -25.25
N ASN F 2864 58.99 -15.55 -25.24
CA ASN F 2864 59.83 -15.68 -24.05
C ASN F 2864 60.62 -14.39 -23.80
N ARG F 2865 61.12 -13.77 -24.86
CA ARG F 2865 61.88 -12.53 -24.73
C ARG F 2865 60.90 -11.35 -24.62
N GLY F 2866 61.43 -10.14 -24.61
CA GLY F 2866 60.60 -8.95 -24.50
C GLY F 2866 60.16 -8.41 -25.84
N ALA F 2867 59.71 -9.29 -26.73
CA ALA F 2867 59.26 -8.85 -28.05
C ALA F 2867 57.84 -8.31 -28.02
N ALA F 2868 56.98 -8.85 -27.14
CA ALA F 2868 55.61 -8.37 -27.06
C ALA F 2868 55.54 -6.98 -26.43
N GLU F 2869 56.51 -6.63 -25.59
CA GLU F 2869 56.51 -5.31 -24.97
C GLU F 2869 56.99 -4.23 -25.94
N MET F 2870 57.81 -4.60 -26.92
CA MET F 2870 58.35 -3.62 -27.86
C MET F 2870 57.30 -3.16 -28.86
N VAL F 2871 56.36 -4.03 -29.22
CA VAL F 2871 55.33 -3.65 -30.19
C VAL F 2871 54.25 -2.76 -29.59
N LEU F 2872 54.13 -2.74 -28.26
CA LEU F 2872 53.15 -1.86 -27.63
C LEU F 2872 53.72 -0.48 -27.37
N GLN F 2873 55.01 -0.40 -26.99
CA GLN F 2873 55.62 0.89 -26.71
C GLN F 2873 55.86 1.68 -27.99
N MET F 2874 56.08 1.01 -29.12
CA MET F 2874 56.34 1.72 -30.37
C MET F 2874 55.06 2.36 -30.92
N ILE F 2875 53.91 1.71 -30.71
CA ILE F 2875 52.65 2.29 -31.16
C ILE F 2875 52.35 3.59 -30.42
N SER F 2876 52.62 3.62 -29.11
CA SER F 2876 52.41 4.83 -28.33
C SER F 2876 53.46 5.90 -28.63
N ALA F 2877 54.62 5.50 -29.18
CA ALA F 2877 55.67 6.46 -29.48
C ALA F 2877 55.39 7.26 -30.75
N CYS F 2878 54.52 6.79 -31.63
CA CYS F 2878 54.22 7.51 -32.85
C CYS F 2878 53.45 8.79 -32.59
N LYS F 2879 52.72 8.88 -31.48
CA LYS F 2879 51.96 10.08 -31.11
C LYS F 2879 50.93 10.45 -32.17
N GLY F 2880 50.40 9.46 -32.88
CA GLY F 2880 49.40 9.72 -33.90
C GLY F 2880 49.96 10.15 -35.24
N GLU F 2881 51.04 9.53 -35.69
CA GLU F 2881 51.67 9.85 -36.96
C GLU F 2881 51.68 8.61 -37.86
N THR F 2882 51.46 8.82 -39.15
CA THR F 2882 51.46 7.75 -40.13
C THR F 2882 52.80 7.72 -40.85
N GLY F 2883 53.38 6.53 -40.95
CA GLY F 2883 54.67 6.37 -41.61
C GLY F 2883 54.90 4.92 -41.98
N ALA F 2884 56.00 4.70 -42.71
CA ALA F 2884 56.36 3.35 -43.11
C ALA F 2884 56.75 2.48 -41.92
N MET F 2885 57.32 3.10 -40.87
CA MET F 2885 57.69 2.34 -39.68
C MET F 2885 56.46 1.89 -38.91
N VAL F 2886 55.37 2.65 -38.98
CA VAL F 2886 54.15 2.26 -38.28
C VAL F 2886 53.55 1.00 -38.91
N SER F 2887 53.67 0.87 -40.23
CA SER F 2887 53.15 -0.32 -40.89
C SER F 2887 54.01 -1.54 -40.62
N SER F 2888 55.30 -1.33 -40.36
CA SER F 2888 56.19 -2.47 -40.12
C SER F 2888 55.96 -3.08 -38.74
N THR F 2889 55.69 -2.25 -37.73
CA THR F 2889 55.48 -2.78 -36.39
C THR F 2889 54.15 -3.53 -36.30
N LEU F 2890 53.13 -3.05 -37.03
CA LEU F 2890 51.86 -3.77 -37.07
C LEU F 2890 51.96 -5.06 -37.87
N LYS F 2891 52.90 -5.15 -38.80
CA LYS F 2891 53.10 -6.39 -39.55
C LYS F 2891 53.67 -7.48 -38.66
N LEU F 2892 54.55 -7.12 -37.73
CA LEU F 2892 55.12 -8.10 -36.82
C LEU F 2892 54.16 -8.44 -35.68
N GLY F 2893 53.26 -7.53 -35.32
CA GLY F 2893 52.34 -7.80 -34.24
C GLY F 2893 51.30 -8.85 -34.61
N ILE F 2894 50.78 -8.80 -35.84
CA ILE F 2894 49.80 -9.77 -36.27
C ILE F 2894 50.42 -11.15 -36.49
N SER F 2895 51.74 -11.22 -36.65
CA SER F 2895 52.39 -12.50 -36.87
C SER F 2895 52.49 -13.33 -35.58
N ILE F 2896 52.41 -12.69 -34.42
CA ILE F 2896 52.53 -13.42 -33.17
C ILE F 2896 51.20 -14.04 -32.78
N LEU F 2897 50.11 -13.31 -32.93
CA LEU F 2897 48.78 -13.77 -32.55
C LEU F 2897 48.05 -14.47 -33.70
N ASN F 2898 48.77 -14.80 -34.77
CA ASN F 2898 48.12 -15.36 -35.96
C ASN F 2898 47.43 -16.68 -35.66
N GLY F 2899 48.05 -17.52 -34.83
CA GLY F 2899 47.44 -18.80 -34.50
C GLY F 2899 46.22 -18.67 -33.60
N GLY F 2900 46.16 -17.61 -32.80
CA GLY F 2900 45.08 -17.41 -31.87
C GLY F 2900 45.39 -17.73 -30.43
N ASN F 2901 46.65 -17.97 -30.09
CA ASN F 2901 47.03 -18.30 -28.73
C ASN F 2901 46.89 -17.10 -27.80
N ALA F 2902 46.58 -17.37 -26.54
CA ALA F 2902 46.36 -16.33 -25.54
C ALA F 2902 47.53 -16.16 -24.59
N ASP F 2903 48.66 -16.85 -24.84
CA ASP F 2903 49.81 -16.70 -23.96
C ASP F 2903 50.45 -15.33 -24.12
N VAL F 2904 50.42 -14.78 -25.34
CA VAL F 2904 50.99 -13.45 -25.56
C VAL F 2904 49.99 -12.36 -25.14
N GLN F 2905 48.69 -12.68 -25.14
CA GLN F 2905 47.69 -11.69 -24.78
C GLN F 2905 47.75 -11.32 -23.30
N GLN F 2906 48.12 -12.27 -22.44
CA GLN F 2906 48.18 -11.98 -21.01
C GLN F 2906 49.37 -11.08 -20.68
N LYS F 2907 50.41 -11.08 -21.52
CA LYS F 2907 51.55 -10.20 -21.30
C LYS F 2907 51.27 -8.77 -21.72
N MET F 2908 50.14 -8.51 -22.38
CA MET F 2908 49.77 -7.16 -22.79
C MET F 2908 48.77 -6.50 -21.86
N LEU F 2909 47.96 -7.27 -21.15
CA LEU F 2909 46.98 -6.69 -20.24
C LEU F 2909 47.60 -6.28 -18.92
N ASP F 2910 48.62 -7.00 -18.45
CA ASP F 2910 49.26 -6.65 -17.18
C ASP F 2910 50.14 -5.41 -17.32
N TYR F 2911 50.70 -5.19 -18.52
CA TYR F 2911 51.53 -4.01 -18.73
C TYR F 2911 50.70 -2.73 -18.76
N LEU F 2912 49.45 -2.82 -19.23
CA LEU F 2912 48.57 -1.67 -19.25
C LEU F 2912 47.93 -1.38 -17.90
N LYS F 2913 48.13 -2.24 -16.90
CA LYS F 2913 47.58 -2.03 -15.57
C LYS F 2913 48.58 -1.34 -14.64
N ASP F 2914 49.81 -1.85 -14.60
CA ASP F 2914 50.83 -1.24 -13.74
C ASP F 2914 51.27 0.12 -14.27
N LYS F 2915 51.37 0.26 -15.60
CA LYS F 2915 51.75 1.53 -16.18
C LYS F 2915 50.60 2.53 -16.15
N LYS F 2916 49.47 2.16 -16.77
CA LYS F 2916 48.28 3.01 -16.82
C LYS F 2916 48.59 4.38 -17.41
N GLU F 2917 49.46 4.40 -18.41
CA GLU F 2917 49.86 5.63 -19.08
C GLU F 2917 49.14 5.77 -20.41
N VAL F 2918 48.55 6.93 -20.66
CA VAL F 2918 47.82 7.20 -21.88
C VAL F 2918 48.82 7.36 -23.03
N GLY F 2919 48.33 7.31 -24.26
CA GLY F 2919 49.19 7.43 -25.43
C GLY F 2919 49.06 6.26 -26.37
N PHE F 2920 48.91 5.05 -25.81
CA PHE F 2920 48.74 3.86 -26.65
C PHE F 2920 47.40 3.87 -27.34
N PHE F 2921 46.32 4.08 -26.59
CA PHE F 2921 44.99 4.14 -27.18
C PHE F 2921 44.75 5.46 -27.90
N GLN F 2922 45.46 6.52 -27.52
CA GLN F 2922 45.29 7.81 -28.18
C GLN F 2922 45.81 7.77 -29.61
N SER F 2923 46.89 7.02 -29.86
CA SER F 2923 47.42 6.90 -31.21
C SER F 2923 46.53 6.05 -32.10
N ILE F 2924 45.70 5.18 -31.52
CA ILE F 2924 44.80 4.37 -32.33
C ILE F 2924 43.70 5.21 -32.93
N GLN F 2925 43.19 6.19 -32.17
CA GLN F 2925 42.13 7.06 -32.68
C GLN F 2925 42.61 7.89 -33.87
N ALA F 2926 43.89 8.28 -33.87
CA ALA F 2926 44.43 9.04 -35.00
C ALA F 2926 44.58 8.16 -36.24
N LEU F 2927 44.95 6.89 -36.04
CA LEU F 2927 45.09 5.99 -37.18
C LEU F 2927 43.73 5.61 -37.77
N MET F 2928 42.66 5.66 -36.96
CA MET F 2928 41.34 5.36 -37.47
C MET F 2928 40.81 6.44 -38.40
N GLN F 2929 41.19 7.69 -38.16
CA GLN F 2929 40.72 8.80 -38.99
C GLN F 2929 41.55 8.97 -40.25
N THR F 2930 42.76 8.43 -40.30
CA THR F 2930 43.62 8.57 -41.47
C THR F 2930 43.35 7.51 -42.53
N CYS F 2931 42.36 6.64 -42.32
CA CYS F 2931 42.04 5.62 -43.31
C CYS F 2931 41.41 6.24 -44.54
N SER F 2932 42.09 6.11 -45.68
CA SER F 2932 41.62 6.70 -46.94
C SER F 2932 40.43 5.92 -47.44
N VAL F 2933 39.22 6.45 -47.22
CA VAL F 2933 37.99 5.82 -47.68
C VAL F 2933 37.81 6.11 -49.16
N LEU F 2934 36.89 5.41 -49.79
CA LEU F 2934 36.63 5.61 -51.21
C LEU F 2934 36.03 6.99 -51.45
N ASP F 2935 36.52 7.67 -52.48
CA ASP F 2935 36.08 9.01 -52.83
C ASP F 2935 35.72 9.07 -54.29
N LEU F 2936 34.58 9.71 -54.60
CA LEU F 2936 34.12 9.81 -55.98
C LEU F 2936 34.85 10.91 -56.74
N ASN F 2937 35.30 11.96 -56.05
CA ASN F 2937 36.00 13.04 -56.73
C ASN F 2937 37.38 12.61 -57.18
N ALA F 2938 38.11 11.88 -56.34
CA ALA F 2938 39.44 11.42 -56.70
C ALA F 2938 39.37 10.29 -57.73
N PHE F 2939 38.28 9.52 -57.73
CA PHE F 2939 38.15 8.43 -58.69
C PHE F 2939 37.98 8.95 -60.12
N GLU F 2940 37.36 10.11 -60.29
CA GLU F 2940 37.18 10.67 -61.62
C GLU F 2940 38.50 11.12 -62.23
N ARG F 2941 39.41 11.64 -61.40
CA ARG F 2941 40.71 12.09 -61.90
C ARG F 2941 41.60 10.93 -62.31
N GLN F 2942 41.34 9.72 -61.81
CA GLN F 2942 42.17 8.57 -62.16
C GLN F 2942 41.88 8.11 -63.58
N ASN F 2943 40.61 7.94 -63.92
CA ASN F 2943 40.24 7.49 -65.26
C ASN F 2943 40.48 8.57 -66.31
N LYS F 2944 40.41 9.84 -65.90
CA LYS F 2944 40.64 10.93 -66.85
C LYS F 2944 42.10 11.02 -67.26
N ALA F 2945 43.02 10.81 -66.30
CA ALA F 2945 44.44 10.86 -66.61
C ALA F 2945 44.91 9.60 -67.35
N GLU F 2946 44.29 8.46 -67.08
CA GLU F 2946 44.68 7.21 -67.74
C GLU F 2946 44.20 7.13 -69.18
N GLY F 2947 43.25 7.97 -69.57
CA GLY F 2947 42.74 7.95 -70.94
C GLY F 2947 43.74 8.44 -71.97
N LEU F 2948 44.73 9.22 -71.55
CA LEU F 2948 45.73 9.74 -72.48
C LEU F 2948 46.91 8.77 -72.61
N GLY F 2949 50.41 5.81 -60.95
CA GLY F 2949 50.13 4.85 -59.90
C GLY F 2949 48.69 4.89 -59.42
N GLU F 2950 48.38 4.08 -58.42
CA GLU F 2950 47.05 4.02 -57.86
C GLU F 2950 46.84 5.14 -56.85
N LYS F 2951 45.68 5.78 -56.91
CA LYS F 2951 45.34 6.87 -56.00
C LYS F 2951 43.94 6.75 -55.42
N VAL F 2952 43.21 5.69 -55.74
CA VAL F 2952 41.85 5.54 -55.22
C VAL F 2952 41.88 5.24 -53.73
N MET F 2953 42.53 4.14 -53.35
CA MET F 2953 42.63 3.75 -51.94
C MET F 2953 43.99 4.12 -51.36
N ALA F 2954 45.07 3.65 -51.97
CA ALA F 2954 46.44 3.92 -51.54
C ALA F 2954 46.71 3.47 -50.10
N ASP F 2955 45.83 2.63 -49.54
CA ASP F 2955 46.01 2.12 -48.19
C ASP F 2955 45.64 0.64 -48.10
N ASP F 2956 45.86 -0.10 -49.18
CA ASP F 2956 45.51 -1.51 -49.20
C ASP F 2956 46.40 -2.35 -48.30
N GLU F 2957 47.60 -1.86 -47.99
CA GLU F 2957 48.54 -2.58 -47.13
C GLU F 2957 48.59 -2.02 -45.71
N PHE F 2958 47.77 -1.03 -45.39
CA PHE F 2958 47.75 -0.42 -44.06
C PHE F 2958 46.45 -0.69 -43.33
N THR F 2959 45.31 -0.54 -43.99
CA THR F 2959 44.03 -0.73 -43.33
C THR F 2959 43.72 -2.21 -43.11
N GLN F 2960 44.25 -3.09 -43.98
CA GLN F 2960 43.98 -4.52 -43.84
C GLN F 2960 44.62 -5.09 -42.57
N ASP F 2961 45.71 -4.48 -42.11
CA ASP F 2961 46.40 -4.96 -40.92
C ASP F 2961 46.02 -4.21 -39.64
N LEU F 2962 45.39 -3.04 -39.78
CA LEU F 2962 44.99 -2.27 -38.60
C LEU F 2962 43.85 -2.95 -37.87
N PHE F 2963 42.74 -3.21 -38.56
CA PHE F 2963 41.62 -3.91 -37.93
C PHE F 2963 41.92 -5.38 -37.69
N ARG F 2964 42.88 -5.96 -38.43
CA ARG F 2964 43.25 -7.34 -38.23
C ARG F 2964 43.96 -7.53 -36.89
N PHE F 2965 44.75 -6.54 -36.48
CA PHE F 2965 45.48 -6.65 -35.21
C PHE F 2965 44.52 -6.62 -34.02
N LEU F 2966 43.48 -5.78 -34.09
CA LEU F 2966 42.53 -5.68 -32.99
C LEU F 2966 41.57 -6.86 -32.93
N GLN F 2967 41.29 -7.51 -34.07
CA GLN F 2967 40.37 -8.63 -34.06
C GLN F 2967 41.00 -9.86 -33.42
N LEU F 2968 42.30 -10.06 -33.62
CA LEU F 2968 43.01 -11.22 -33.08
C LEU F 2968 43.42 -11.04 -31.62
N LEU F 2969 43.15 -9.87 -31.03
CA LEU F 2969 43.43 -9.69 -29.61
C LEU F 2969 42.47 -10.51 -28.75
N CYS F 2970 41.25 -10.72 -29.21
CA CYS F 2970 40.25 -11.51 -28.50
C CYS F 2970 39.83 -12.73 -29.33
N GLU F 2971 40.80 -13.37 -29.96
CA GLU F 2971 40.50 -14.54 -30.78
C GLU F 2971 40.15 -15.77 -29.95
N GLY F 2972 40.54 -15.79 -28.68
CA GLY F 2972 40.24 -16.90 -27.79
C GLY F 2972 38.98 -16.75 -26.99
N HIS F 2973 38.12 -15.79 -27.33
CA HIS F 2973 36.85 -15.55 -26.63
C HIS F 2973 37.08 -15.29 -25.14
N ASN F 2974 38.13 -14.54 -24.84
CA ASN F 2974 38.49 -14.22 -23.45
C ASN F 2974 37.79 -12.94 -23.04
N ASN F 2975 37.11 -12.97 -21.89
CA ASN F 2975 36.38 -11.83 -21.38
C ASN F 2975 37.23 -10.89 -20.53
N ASP F 2976 38.41 -11.35 -20.08
CA ASP F 2976 39.26 -10.50 -19.26
C ASP F 2976 39.86 -9.36 -20.08
N PHE F 2977 40.08 -9.58 -21.37
CA PHE F 2977 40.61 -8.54 -22.23
C PHE F 2977 39.53 -7.78 -22.99
N GLN F 2978 38.36 -8.39 -23.17
CA GLN F 2978 37.28 -7.72 -23.89
C GLN F 2978 36.69 -6.57 -23.08
N ASN F 2979 36.65 -6.70 -21.76
CA ASN F 2979 36.11 -5.64 -20.91
C ASN F 2979 37.06 -4.45 -20.79
N TYR F 2980 38.36 -4.66 -21.00
CA TYR F 2980 39.31 -3.54 -20.92
C TYR F 2980 39.16 -2.58 -22.09
N LEU F 2981 38.70 -3.07 -23.24
CA LEU F 2981 38.50 -2.20 -24.39
C LEU F 2981 37.24 -1.34 -24.24
N ARG F 2982 36.25 -1.82 -23.48
CA ARG F 2982 35.03 -1.05 -23.29
C ARG F 2982 35.26 0.10 -22.31
N THR F 2983 35.95 -0.18 -21.20
CA THR F 2983 36.23 0.84 -20.20
C THR F 2983 37.56 0.51 -19.54
N GLN F 2984 38.25 1.56 -19.08
CA GLN F 2984 39.55 1.45 -18.44
C GLN F 2984 39.47 2.14 -17.08
N THR F 2985 39.36 1.35 -16.01
CA THR F 2985 39.26 1.90 -14.67
C THR F 2985 40.60 2.41 -14.15
N GLY F 2986 41.71 2.03 -14.78
CA GLY F 2986 43.02 2.48 -14.35
C GLY F 2986 43.42 3.79 -14.99
N ASN F 2987 43.07 3.97 -16.26
CA ASN F 2987 43.39 5.19 -16.98
C ASN F 2987 42.48 6.32 -16.54
N THR F 2988 43.04 7.53 -16.47
CA THR F 2988 42.26 8.69 -16.08
C THR F 2988 41.31 9.16 -17.17
N THR F 2989 41.59 8.83 -18.42
CA THR F 2989 40.77 9.23 -19.56
C THR F 2989 40.10 8.00 -20.17
N THR F 2990 38.80 8.11 -20.40
CA THR F 2990 38.04 7.02 -21.01
C THR F 2990 38.17 7.10 -22.52
N ILE F 2991 38.72 6.04 -23.12
CA ILE F 2991 38.92 5.99 -24.57
C ILE F 2991 37.68 5.38 -25.22
N ASN F 2992 37.33 4.16 -24.82
CA ASN F 2992 36.19 3.43 -25.36
C ASN F 2992 36.31 3.28 -26.88
N ILE F 2993 37.32 2.50 -27.25
CA ILE F 2993 37.70 2.27 -28.65
C ILE F 2993 36.51 1.73 -29.46
N ILE F 2994 35.52 1.17 -28.77
CA ILE F 2994 34.34 0.64 -29.46
C ILE F 2994 33.57 1.76 -30.14
N ILE F 2995 33.53 2.96 -29.52
CA ILE F 2995 32.78 4.06 -30.09
C ILE F 2995 33.40 4.50 -31.42
N CYS F 2996 34.71 4.70 -31.45
CA CYS F 2996 35.38 5.05 -32.69
C CYS F 2996 35.52 3.87 -33.64
N THR F 2997 35.25 2.65 -33.18
CA THR F 2997 35.28 1.50 -34.07
C THR F 2997 34.04 1.47 -34.96
N VAL F 2998 32.86 1.66 -34.37
CA VAL F 2998 31.64 1.70 -35.16
C VAL F 2998 31.53 2.98 -35.95
N ASP F 2999 32.27 4.02 -35.57
CA ASP F 2999 32.27 5.27 -36.33
C ASP F 2999 32.95 5.13 -37.68
N TYR F 3000 33.80 4.11 -37.86
CA TYR F 3000 34.45 3.90 -39.15
C TYR F 3000 33.45 3.40 -40.19
N LEU F 3001 32.62 2.43 -39.82
CA LEU F 3001 31.60 1.93 -40.74
C LEU F 3001 30.56 2.99 -41.06
N LEU F 3002 30.35 3.97 -40.17
CA LEU F 3002 29.44 5.07 -40.50
C LEU F 3002 29.99 5.89 -41.66
N ARG F 3003 31.30 6.14 -41.67
CA ARG F 3003 31.92 6.83 -42.80
C ARG F 3003 32.20 5.89 -43.95
N LEU F 3004 32.45 4.60 -43.65
CA LEU F 3004 32.67 3.63 -44.72
C LEU F 3004 31.40 3.38 -45.51
N GLN F 3005 30.25 3.41 -44.84
CA GLN F 3005 28.98 3.29 -45.55
C GLN F 3005 28.73 4.47 -46.47
N GLU F 3006 29.25 5.65 -46.10
CA GLU F 3006 29.12 6.81 -46.97
C GLU F 3006 30.07 6.74 -48.15
N SER F 3007 31.18 6.03 -48.01
CA SER F 3007 32.13 5.90 -49.11
C SER F 3007 31.65 4.90 -50.16
N ILE F 3008 31.02 3.81 -49.73
CA ILE F 3008 30.53 2.81 -50.69
C ILE F 3008 29.21 3.27 -51.31
N SER F 3009 28.44 4.09 -50.61
CA SER F 3009 27.15 4.53 -51.14
C SER F 3009 27.33 5.50 -52.32
N ASP F 3010 28.26 6.45 -52.19
CA ASP F 3010 28.51 7.38 -53.29
C ASP F 3010 28.98 6.65 -54.54
N PHE F 3011 29.62 5.50 -54.38
CA PHE F 3011 29.98 4.67 -55.52
C PHE F 3011 28.76 3.99 -56.13
N TYR F 3012 27.67 3.86 -55.37
CA TYR F 3012 26.48 3.18 -55.87
C TYR F 3012 25.66 4.08 -56.79
N TRP F 3013 25.29 5.28 -56.30
CA TRP F 3013 24.48 6.18 -57.12
C TRP F 3013 25.26 6.75 -58.30
N TYR F 3014 26.58 6.59 -58.33
CA TYR F 3014 27.34 7.05 -59.49
C TYR F 3014 27.18 6.10 -60.66
N TYR F 3015 26.96 4.81 -60.39
CA TYR F 3015 26.80 3.81 -61.42
C TYR F 3015 25.39 3.23 -61.49
N SER F 3016 24.43 3.83 -60.77
CA SER F 3016 23.06 3.34 -60.83
C SER F 3016 22.39 3.75 -62.13
N GLY F 3017 22.70 4.93 -62.65
CA GLY F 3017 22.13 5.37 -63.90
C GLY F 3017 22.68 4.59 -65.09
N LYS F 3018 23.98 4.31 -65.07
CA LYS F 3018 24.60 3.54 -66.14
C LYS F 3018 24.30 2.06 -65.97
N ASP F 3019 23.91 1.41 -67.06
CA ASP F 3019 23.58 -0.02 -67.00
C ASP F 3019 24.85 -0.86 -66.84
N VAL F 3020 25.89 -0.55 -67.62
CA VAL F 3020 27.12 -1.31 -67.55
C VAL F 3020 28.00 -0.78 -66.41
N ILE F 3021 28.94 -1.61 -65.98
CA ILE F 3021 29.87 -1.29 -64.90
C ILE F 3021 31.28 -1.28 -65.49
N GLU F 3022 32.04 -0.22 -65.21
CA GLU F 3022 33.39 -0.11 -65.72
C GLU F 3022 34.30 -1.16 -65.08
N GLU F 3023 35.28 -1.62 -65.86
CA GLU F 3023 36.22 -2.61 -65.34
C GLU F 3023 37.14 -2.04 -64.28
N GLN F 3024 37.52 -0.76 -64.42
CA GLN F 3024 38.39 -0.14 -63.42
C GLN F 3024 37.66 0.05 -62.10
N GLY F 3025 36.36 0.35 -62.14
CA GLY F 3025 35.61 0.50 -60.90
C GLY F 3025 35.40 -0.81 -60.17
N LYS F 3026 35.40 -1.93 -60.90
CA LYS F 3026 35.25 -3.23 -60.25
C LYS F 3026 36.49 -3.61 -59.45
N ARG F 3027 37.67 -3.15 -59.88
CA ARG F 3027 38.89 -3.46 -59.14
C ARG F 3027 38.94 -2.69 -57.83
N ASN F 3028 38.58 -1.41 -57.84
CA ASN F 3028 38.60 -0.61 -56.63
C ASN F 3028 37.50 -1.04 -55.66
N PHE F 3029 36.38 -1.54 -56.18
CA PHE F 3029 35.31 -2.01 -55.30
C PHE F 3029 35.68 -3.34 -54.64
N SER F 3030 36.41 -4.20 -55.36
CA SER F 3030 36.85 -5.46 -54.77
C SER F 3030 37.85 -5.24 -53.65
N LYS F 3031 38.70 -4.21 -53.78
CA LYS F 3031 39.63 -3.88 -52.72
C LYS F 3031 38.90 -3.29 -51.52
N ALA F 3032 37.90 -2.44 -51.76
CA ALA F 3032 37.12 -1.88 -50.67
C ALA F 3032 36.24 -2.94 -50.01
N MET F 3033 35.85 -3.97 -50.76
CA MET F 3033 35.06 -5.05 -50.18
C MET F 3033 35.88 -5.86 -49.19
N SER F 3034 37.19 -6.01 -49.46
CA SER F 3034 38.06 -6.71 -48.52
C SER F 3034 38.22 -5.93 -47.22
N VAL F 3035 38.23 -4.60 -47.30
CA VAL F 3035 38.29 -3.78 -46.09
C VAL F 3035 36.97 -3.85 -45.35
N ALA F 3036 35.85 -3.86 -46.08
CA ALA F 3036 34.54 -3.97 -45.46
C ALA F 3036 34.27 -5.37 -44.92
N LYS F 3037 35.04 -6.36 -45.36
CA LYS F 3037 34.87 -7.73 -44.85
C LYS F 3037 35.57 -7.92 -43.52
N GLN F 3038 36.79 -7.37 -43.38
CA GLN F 3038 37.57 -7.59 -42.17
C GLN F 3038 37.08 -6.74 -41.01
N VAL F 3039 36.38 -5.64 -41.27
CA VAL F 3039 35.88 -4.81 -40.19
C VAL F 3039 34.71 -5.49 -39.49
N PHE F 3040 33.81 -6.12 -40.25
CA PHE F 3040 32.72 -6.86 -39.64
C PHE F 3040 33.23 -8.06 -38.85
N ASN F 3041 34.39 -8.59 -39.23
CA ASN F 3041 35.00 -9.66 -38.45
C ASN F 3041 35.54 -9.18 -37.12
N SER F 3042 35.64 -7.86 -36.93
CA SER F 3042 36.13 -7.29 -35.68
C SER F 3042 35.01 -7.06 -34.67
N LEU F 3043 33.84 -6.62 -35.13
CA LEU F 3043 32.73 -6.41 -34.20
C LEU F 3043 32.20 -7.74 -33.64
N THR F 3044 32.22 -8.80 -34.45
CA THR F 3044 31.72 -10.08 -33.98
C THR F 3044 32.66 -10.69 -32.94
N GLU F 3045 33.97 -10.49 -33.09
CA GLU F 3045 34.91 -11.02 -32.12
C GLU F 3045 34.78 -10.31 -30.77
N TYR F 3046 34.31 -9.06 -30.77
CA TYR F 3046 34.07 -8.36 -29.52
C TYR F 3046 32.84 -8.89 -28.79
N ILE F 3047 31.93 -9.53 -29.51
CA ILE F 3047 30.70 -10.03 -28.90
C ILE F 3047 30.53 -11.51 -29.21
N GLN F 3048 31.66 -12.22 -29.36
CA GLN F 3048 31.60 -13.65 -29.64
C GLN F 3048 31.02 -14.41 -28.45
N GLY F 3049 31.69 -14.34 -27.30
CA GLY F 3049 31.23 -15.03 -26.12
C GLY F 3049 30.31 -14.16 -25.28
N PRO F 3050 29.92 -14.67 -24.10
CA PRO F 3050 29.05 -13.88 -23.21
C PRO F 3050 29.76 -12.64 -22.69
N CYS F 3051 29.26 -11.47 -23.09
CA CYS F 3051 29.84 -10.19 -22.69
C CYS F 3051 28.74 -9.23 -22.25
N THR F 3052 29.14 -8.22 -21.48
CA THR F 3052 28.23 -7.21 -20.98
C THR F 3052 28.50 -5.83 -21.55
N GLY F 3053 29.75 -5.37 -21.52
CA GLY F 3053 30.05 -4.03 -22.02
C GLY F 3053 29.94 -3.91 -23.52
N ASN F 3054 30.08 -5.01 -24.24
CA ASN F 3054 30.06 -4.95 -25.70
C ASN F 3054 28.65 -4.92 -26.26
N GLN F 3055 27.68 -5.52 -25.56
CA GLN F 3055 26.33 -5.58 -26.08
C GLN F 3055 25.59 -4.26 -25.91
N GLN F 3056 25.75 -3.60 -24.75
CA GLN F 3056 25.08 -2.32 -24.54
C GLN F 3056 25.72 -1.21 -25.34
N SER F 3057 27.03 -1.29 -25.59
CA SER F 3057 27.69 -0.25 -26.38
C SER F 3057 27.33 -0.38 -27.86
N LEU F 3058 27.22 -1.60 -28.36
CA LEU F 3058 26.87 -1.80 -29.77
C LEU F 3058 25.41 -1.44 -30.03
N ALA F 3059 24.53 -1.67 -29.06
CA ALA F 3059 23.12 -1.36 -29.26
C ALA F 3059 22.88 0.15 -29.24
N HIS F 3060 23.60 0.87 -28.37
CA HIS F 3060 23.44 2.32 -28.28
C HIS F 3060 24.15 3.06 -29.41
N SER F 3061 25.07 2.39 -30.12
CA SER F 3061 25.80 3.02 -31.21
C SER F 3061 24.96 2.96 -32.49
N ARG F 3062 25.58 3.30 -33.62
CA ARG F 3062 24.91 3.29 -34.92
C ARG F 3062 25.20 2.01 -35.70
N LEU F 3063 25.39 0.89 -35.00
CA LEU F 3063 25.63 -0.38 -35.69
C LEU F 3063 24.39 -0.84 -36.43
N TRP F 3064 23.22 -0.71 -35.81
CA TRP F 3064 21.97 -1.05 -36.49
C TRP F 3064 21.65 -0.06 -37.59
N ASP F 3065 22.16 1.17 -37.50
CA ASP F 3065 21.95 2.15 -38.54
C ASP F 3065 22.87 1.94 -39.73
N ALA F 3066 23.88 1.08 -39.60
CA ALA F 3066 24.79 0.82 -40.71
C ALA F 3066 24.29 -0.30 -41.62
N VAL F 3067 23.63 -1.30 -41.04
CA VAL F 3067 23.15 -2.43 -41.84
C VAL F 3067 21.94 -2.02 -42.67
N VAL F 3068 21.10 -1.13 -42.13
CA VAL F 3068 19.94 -0.68 -42.90
C VAL F 3068 20.39 0.16 -44.10
N GLY F 3069 21.46 0.93 -43.94
CA GLY F 3069 22.03 1.63 -45.07
C GLY F 3069 22.78 0.71 -46.01
N PHE F 3070 23.34 -0.38 -45.48
CA PHE F 3070 24.02 -1.35 -46.33
C PHE F 3070 23.02 -2.17 -47.14
N LEU F 3071 21.97 -2.68 -46.46
CA LEU F 3071 20.97 -3.49 -47.15
C LEU F 3071 20.22 -2.68 -48.22
N HIS F 3072 20.19 -1.36 -48.10
CA HIS F 3072 19.52 -0.55 -49.11
C HIS F 3072 20.32 -0.52 -50.41
N VAL F 3073 21.64 -0.40 -50.32
CA VAL F 3073 22.45 -0.37 -51.53
C VAL F 3073 22.72 -1.78 -52.05
N PHE F 3074 22.67 -2.79 -51.17
CA PHE F 3074 22.90 -4.16 -51.62
C PHE F 3074 21.68 -4.71 -52.36
N ALA F 3075 20.49 -4.16 -52.10
CA ALA F 3075 19.30 -4.61 -52.80
C ALA F 3075 19.22 -4.06 -54.21
N HIS F 3076 20.06 -3.09 -54.55
CA HIS F 3076 20.06 -2.49 -55.88
C HIS F 3076 21.20 -3.01 -56.76
N MET F 3077 22.40 -3.16 -56.20
CA MET F 3077 23.53 -3.60 -57.01
C MET F 3077 23.51 -5.11 -57.24
N MET F 3078 22.85 -5.87 -56.36
CA MET F 3078 22.74 -7.30 -56.57
C MET F 3078 21.91 -7.62 -57.81
N MET F 3079 20.93 -6.78 -58.13
CA MET F 3079 20.14 -6.97 -59.35
C MET F 3079 20.91 -6.53 -60.59
N LYS F 3080 21.78 -5.53 -60.45
CA LYS F 3080 22.55 -5.04 -61.59
C LYS F 3080 23.69 -5.98 -61.92
N LEU F 3081 24.38 -6.50 -60.91
CA LEU F 3081 25.51 -7.40 -61.14
C LEU F 3081 25.06 -8.78 -61.59
N ALA F 3082 23.79 -9.14 -61.37
CA ALA F 3082 23.30 -10.45 -61.78
C ALA F 3082 22.88 -10.47 -63.24
N GLN F 3083 22.58 -9.31 -63.82
CA GLN F 3083 22.14 -9.26 -65.21
C GLN F 3083 23.29 -9.55 -66.18
N ASP F 3084 24.50 -9.15 -65.84
CA ASP F 3084 25.67 -9.36 -66.69
C ASP F 3084 26.41 -10.60 -66.20
N SER F 3085 26.53 -11.61 -67.08
CA SER F 3085 27.22 -12.83 -66.72
C SER F 3085 28.73 -12.66 -66.67
N SER F 3086 29.26 -11.57 -67.21
CA SER F 3086 30.70 -11.37 -67.25
C SER F 3086 31.24 -10.93 -65.89
N GLN F 3087 30.38 -10.38 -65.02
CA GLN F 3087 30.80 -9.85 -63.74
C GLN F 3087 30.18 -10.60 -62.56
N ILE F 3088 30.04 -11.93 -62.70
CA ILE F 3088 29.55 -12.73 -61.58
C ILE F 3088 30.61 -12.84 -60.49
N GLU F 3089 31.89 -12.67 -60.83
CA GLU F 3089 32.94 -12.73 -59.82
C GLU F 3089 32.80 -11.63 -58.79
N LEU F 3090 32.25 -10.47 -59.19
CA LEU F 3090 32.03 -9.40 -58.22
C LEU F 3090 30.84 -9.72 -57.31
N LEU F 3091 29.76 -10.24 -57.88
CA LEU F 3091 28.60 -10.59 -57.07
C LEU F 3091 28.89 -11.76 -56.13
N LYS F 3092 29.83 -12.63 -56.50
CA LYS F 3092 30.21 -13.73 -55.61
C LYS F 3092 30.92 -13.22 -54.37
N GLU F 3093 31.88 -12.31 -54.55
CA GLU F 3093 32.53 -11.70 -53.40
C GLU F 3093 31.64 -10.70 -52.68
N LEU F 3094 30.66 -10.11 -53.37
CA LEU F 3094 29.77 -9.18 -52.67
C LEU F 3094 28.90 -9.93 -51.66
N LEU F 3095 28.34 -11.07 -52.08
CA LEU F 3095 27.48 -11.85 -51.20
C LEU F 3095 28.24 -12.42 -50.01
N ASP F 3096 29.56 -12.59 -50.14
CA ASP F 3096 30.36 -13.02 -49.00
C ASP F 3096 30.43 -11.96 -47.91
N LEU F 3097 30.13 -10.71 -48.25
CA LEU F 3097 30.16 -9.65 -47.24
C LEU F 3097 28.90 -9.69 -46.38
N GLN F 3098 27.74 -9.94 -46.98
CA GLN F 3098 26.50 -9.95 -46.20
C GLN F 3098 26.42 -11.15 -45.28
N LYS F 3099 27.03 -12.28 -45.67
CA LYS F 3099 26.99 -13.46 -44.82
C LYS F 3099 27.86 -13.30 -43.58
N ASP F 3100 28.87 -12.44 -43.62
CA ASP F 3100 29.66 -12.14 -42.43
C ASP F 3100 29.03 -11.06 -41.56
N MET F 3101 28.04 -10.33 -42.08
CA MET F 3101 27.32 -9.33 -41.31
C MET F 3101 26.04 -9.87 -40.69
N VAL F 3102 25.41 -10.86 -41.32
CA VAL F 3102 24.21 -11.46 -40.74
C VAL F 3102 24.55 -12.32 -39.54
N VAL F 3103 25.76 -12.88 -39.52
CA VAL F 3103 26.18 -13.70 -38.38
C VAL F 3103 26.48 -12.85 -37.15
N MET F 3104 26.67 -11.53 -37.33
CA MET F 3104 26.94 -10.66 -36.20
C MET F 3104 25.72 -10.56 -35.28
N LEU F 3105 24.52 -10.57 -35.85
CA LEU F 3105 23.32 -10.53 -35.03
C LEU F 3105 23.07 -11.86 -34.33
N LEU F 3106 23.56 -12.95 -34.90
CA LEU F 3106 23.41 -14.25 -34.24
C LEU F 3106 24.23 -14.32 -32.96
N SER F 3107 25.49 -13.90 -33.01
CA SER F 3107 26.32 -13.87 -31.81
C SER F 3107 25.90 -12.76 -30.86
N LEU F 3108 25.12 -11.78 -31.33
CA LEU F 3108 24.66 -10.71 -30.45
C LEU F 3108 23.59 -11.21 -29.49
N LEU F 3109 22.76 -12.16 -29.93
CA LEU F 3109 21.67 -12.69 -29.12
C LEU F 3109 21.87 -14.17 -28.84
N GLU F 3110 23.11 -14.55 -28.52
CA GLU F 3110 23.42 -15.94 -28.19
C GLU F 3110 22.69 -16.36 -26.92
N GLY F 3111 23.00 -15.72 -25.80
CA GLY F 3111 22.31 -15.98 -24.55
C GLY F 3111 21.80 -14.71 -23.90
N ASN F 3112 20.48 -14.57 -23.80
CA ASN F 3112 19.88 -13.39 -23.20
C ASN F 3112 18.42 -13.69 -22.91
N VAL F 3113 17.76 -12.74 -22.23
CA VAL F 3113 16.36 -12.89 -21.91
C VAL F 3113 15.52 -12.64 -23.17
N VAL F 3114 14.42 -13.39 -23.29
CA VAL F 3114 13.62 -13.34 -24.51
C VAL F 3114 12.80 -12.06 -24.63
N ASN F 3115 12.58 -11.33 -23.54
CA ASN F 3115 11.78 -10.11 -23.56
C ASN F 3115 12.54 -8.96 -22.90
N GLY F 3116 13.81 -8.80 -23.29
CA GLY F 3116 14.63 -7.73 -22.78
C GLY F 3116 14.71 -6.56 -23.75
N MET F 3117 15.44 -5.52 -23.32
CA MET F 3117 15.59 -4.33 -24.14
C MET F 3117 16.57 -4.54 -25.29
N ILE F 3118 17.46 -5.53 -25.17
CA ILE F 3118 18.39 -5.81 -26.26
C ILE F 3118 17.71 -6.62 -27.35
N ALA F 3119 16.89 -7.60 -26.96
CA ALA F 3119 16.21 -8.44 -27.94
C ALA F 3119 15.20 -7.66 -28.77
N ARG F 3120 14.67 -6.57 -28.22
CA ARG F 3120 13.69 -5.75 -28.93
C ARG F 3120 14.34 -4.74 -29.88
N GLN F 3121 15.64 -4.87 -30.14
CA GLN F 3121 16.33 -3.97 -31.05
C GLN F 3121 16.34 -4.51 -32.48
N MET F 3122 16.43 -5.83 -32.65
CA MET F 3122 16.36 -6.40 -33.98
C MET F 3122 14.98 -6.26 -34.59
N VAL F 3123 13.93 -6.36 -33.78
CA VAL F 3123 12.57 -6.14 -34.28
C VAL F 3123 12.33 -4.67 -34.60
N ASP F 3124 13.12 -3.76 -34.04
CA ASP F 3124 13.01 -2.34 -34.37
C ASP F 3124 13.72 -1.99 -35.66
N MET F 3125 14.65 -2.83 -36.11
CA MET F 3125 15.35 -2.59 -37.37
C MET F 3125 14.57 -3.10 -38.57
N LEU F 3126 13.60 -3.99 -38.36
CA LEU F 3126 12.80 -4.52 -39.45
C LEU F 3126 11.64 -3.60 -39.84
N VAL F 3127 11.30 -2.62 -39.00
CA VAL F 3127 10.23 -1.69 -39.35
C VAL F 3127 10.70 -0.67 -40.37
N GLU F 3128 11.90 -0.12 -40.17
CA GLU F 3128 12.44 0.84 -41.13
C GLU F 3128 12.97 0.15 -42.38
N SER F 3129 13.39 -1.11 -42.27
CA SER F 3129 13.89 -1.87 -43.40
C SER F 3129 12.81 -2.73 -44.05
N SER F 3130 11.54 -2.48 -43.76
CA SER F 3130 10.46 -3.29 -44.33
C SER F 3130 10.45 -3.18 -45.85
N SER F 3131 10.67 -1.98 -46.39
CA SER F 3131 10.72 -1.81 -47.83
C SER F 3131 12.01 -2.37 -48.41
N ASN F 3132 13.05 -2.50 -47.59
CA ASN F 3132 14.33 -3.02 -48.07
C ASN F 3132 14.44 -4.53 -47.95
N VAL F 3133 13.84 -5.14 -46.92
CA VAL F 3133 13.88 -6.59 -46.81
C VAL F 3133 12.99 -7.25 -47.86
N GLU F 3134 11.99 -6.54 -48.37
CA GLU F 3134 11.13 -7.11 -49.41
C GLU F 3134 11.85 -7.21 -50.75
N MET F 3135 12.92 -6.42 -50.93
CA MET F 3135 13.67 -6.47 -52.18
C MET F 3135 14.69 -7.59 -52.23
N ILE F 3136 15.11 -8.11 -51.07
CA ILE F 3136 16.11 -9.17 -51.02
C ILE F 3136 15.40 -10.51 -50.76
N LEU F 3137 14.27 -10.46 -50.06
CA LEU F 3137 13.50 -11.68 -49.83
C LEU F 3137 12.94 -12.22 -51.13
N LYS F 3138 12.32 -11.36 -51.94
CA LYS F 3138 11.86 -11.77 -53.26
C LYS F 3138 13.02 -12.02 -54.22
N PHE F 3139 14.19 -11.44 -53.93
CA PHE F 3139 15.37 -11.71 -54.75
C PHE F 3139 15.85 -13.14 -54.57
N PHE F 3140 15.67 -13.71 -53.38
CA PHE F 3140 16.07 -15.09 -53.11
C PHE F 3140 14.93 -16.08 -53.34
N ASP F 3141 13.70 -15.69 -53.01
CA ASP F 3141 12.56 -16.58 -53.21
C ASP F 3141 12.32 -16.85 -54.69
N MET F 3142 12.62 -15.88 -55.55
CA MET F 3142 12.47 -16.10 -56.98
C MET F 3142 13.54 -17.06 -57.51
N PHE F 3143 14.78 -16.91 -57.07
CA PHE F 3143 15.84 -17.81 -57.50
C PHE F 3143 15.72 -19.18 -56.86
N LEU F 3144 15.20 -19.24 -55.63
CA LEU F 3144 14.99 -20.53 -54.97
C LEU F 3144 13.92 -21.35 -55.67
N LYS F 3145 12.90 -20.68 -56.24
CA LYS F 3145 11.86 -21.40 -56.96
C LYS F 3145 12.35 -21.91 -58.30
N LEU F 3146 13.33 -21.24 -58.91
CA LEU F 3146 13.84 -21.66 -60.21
C LEU F 3146 14.46 -23.05 -60.17
N LYS F 3147 14.87 -23.51 -58.99
CA LYS F 3147 15.37 -24.88 -58.87
C LYS F 3147 14.28 -25.90 -59.12
N ASP F 3148 13.02 -25.54 -58.87
CA ASP F 3148 11.89 -26.44 -59.06
C ASP F 3148 11.17 -26.23 -60.38
N ILE F 3149 11.21 -25.02 -60.95
CA ILE F 3149 10.54 -24.77 -62.22
C ILE F 3149 11.23 -25.53 -63.34
N VAL F 3150 12.56 -25.64 -63.29
CA VAL F 3150 13.30 -26.34 -64.33
C VAL F 3150 13.06 -27.85 -64.28
N GLY F 3151 12.68 -28.38 -63.12
CA GLY F 3151 12.45 -29.81 -62.99
C GLY F 3151 10.99 -30.20 -63.01
N SER F 3152 10.10 -29.20 -63.02
CA SER F 3152 8.67 -29.48 -63.04
C SER F 3152 8.19 -29.73 -64.46
N GLU F 3153 6.91 -30.12 -64.57
CA GLU F 3153 6.31 -30.39 -65.87
C GLU F 3153 5.89 -29.13 -66.61
N ALA F 3154 5.91 -27.97 -65.95
CA ALA F 3154 5.51 -26.74 -66.60
C ALA F 3154 6.54 -26.32 -67.65
N PHE F 3155 7.82 -26.25 -67.27
CA PHE F 3155 8.86 -25.88 -68.22
C PHE F 3155 9.15 -26.99 -69.22
N GLN F 3156 8.93 -28.25 -68.82
CA GLN F 3156 9.18 -29.37 -69.72
C GLN F 3156 8.15 -29.40 -70.85
N ASP F 3157 6.89 -29.14 -70.53
CA ASP F 3157 5.86 -29.15 -71.56
C ASP F 3157 5.94 -27.91 -72.44
N TYR F 3158 6.40 -26.78 -71.90
CA TYR F 3158 6.50 -25.56 -72.69
C TYR F 3158 7.64 -25.66 -73.71
N VAL F 3159 8.81 -26.10 -73.26
CA VAL F 3159 9.99 -26.24 -74.11
C VAL F 3159 10.46 -27.69 -74.03
N THR F 3160 10.45 -28.39 -75.16
CA THR F 3160 10.88 -29.78 -75.18
C THR F 3160 12.40 -29.91 -75.27
N ASP F 3161 13.05 -28.99 -75.99
CA ASP F 3161 14.50 -28.98 -76.18
C ASP F 3161 14.98 -30.29 -76.77
N PRO F 3162 14.66 -30.57 -78.04
CA PRO F 3162 15.10 -31.85 -78.63
C PRO F 3162 16.60 -31.91 -78.89
N ARG F 3163 17.21 -30.79 -79.29
CA ARG F 3163 18.63 -30.78 -79.56
C ARG F 3163 19.48 -30.80 -78.29
N GLY F 3164 18.93 -30.38 -77.17
CA GLY F 3164 19.62 -30.37 -75.90
C GLY F 3164 19.81 -28.99 -75.30
N LEU F 3165 19.66 -27.93 -76.09
CA LEU F 3165 19.81 -26.57 -75.60
C LEU F 3165 18.46 -25.86 -75.61
N ILE F 3166 18.29 -24.93 -74.67
CA ILE F 3166 17.05 -24.19 -74.54
C ILE F 3166 17.00 -23.08 -75.59
N SER F 3167 15.79 -22.78 -76.07
CA SER F 3167 15.59 -21.73 -77.06
C SER F 3167 14.17 -21.21 -76.91
N LYS F 3168 14.05 -19.90 -76.64
CA LYS F 3168 12.76 -19.25 -76.48
C LYS F 3168 11.93 -19.92 -75.38
N LYS F 3169 12.60 -20.30 -74.29
CA LYS F 3169 11.96 -20.96 -73.17
C LYS F 3169 11.68 -19.95 -72.06
N ASP F 3170 11.00 -20.42 -71.01
CA ASP F 3170 10.66 -19.62 -69.83
C ASP F 3170 9.80 -18.42 -70.17
N PHE F 3171 9.05 -18.47 -71.27
CA PHE F 3171 8.16 -17.39 -71.64
C PHE F 3171 6.74 -17.58 -71.11
N GLN F 3172 6.22 -18.81 -71.18
CA GLN F 3172 4.89 -19.10 -70.68
C GLN F 3172 4.82 -20.57 -70.28
N LYS F 3173 4.32 -20.83 -69.08
CA LYS F 3173 4.20 -22.20 -68.58
C LYS F 3173 3.07 -22.31 -67.58
N UNK F 3174 12.95 -11.11 -66.21
CA UNK F 3174 13.27 -12.03 -67.29
C UNK F 3174 14.59 -11.65 -67.95
N UNK F 3175 15.07 -10.45 -67.65
CA UNK F 3175 16.32 -9.96 -68.21
C UNK F 3175 17.51 -10.67 -67.60
N UNK F 3176 17.36 -11.09 -66.34
CA UNK F 3176 18.42 -11.79 -65.63
C UNK F 3176 18.51 -13.25 -66.11
N UNK F 3177 17.39 -13.77 -66.60
CA UNK F 3177 17.34 -15.14 -67.09
C UNK F 3177 17.88 -15.23 -68.51
N UNK F 3178 17.90 -14.09 -69.19
CA UNK F 3178 18.41 -14.04 -70.56
C UNK F 3178 19.93 -13.92 -70.57
N UNK F 3179 20.51 -13.82 -69.38
CA UNK F 3179 21.96 -13.71 -69.24
C UNK F 3179 22.64 -15.04 -69.57
N GLU F 3180 22.95 -24.50 -67.92
CA GLU F 3180 23.81 -23.87 -66.94
C GLU F 3180 23.24 -22.53 -66.49
N PHE F 3181 22.39 -21.93 -67.33
CA PHE F 3181 21.77 -20.66 -66.98
C PHE F 3181 20.77 -20.80 -65.85
N ALA F 3182 20.14 -21.97 -65.73
CA ALA F 3182 19.16 -22.16 -64.66
C ALA F 3182 19.83 -22.23 -63.29
N ASN F 3183 20.92 -22.98 -63.19
CA ASN F 3183 21.65 -23.14 -61.94
C ASN F 3183 23.10 -22.68 -62.16
N ARG F 3184 23.39 -21.44 -61.80
CA ARG F 3184 24.73 -20.88 -61.95
C ARG F 3184 25.24 -20.16 -60.72
N PHE F 3185 24.39 -19.85 -59.74
CA PHE F 3185 24.80 -19.15 -58.53
C PHE F 3185 24.20 -19.81 -57.30
N GLN F 3186 24.09 -21.14 -57.33
CA GLN F 3186 23.52 -21.87 -56.20
C GLN F 3186 24.50 -22.02 -55.04
N GLU F 3187 25.80 -21.88 -55.29
CA GLU F 3187 26.77 -22.03 -54.21
C GLU F 3187 26.75 -20.84 -53.26
N PRO F 3188 26.84 -19.58 -53.71
CA PRO F 3188 26.80 -18.47 -52.75
C PRO F 3188 25.47 -18.31 -52.06
N ALA F 3189 24.36 -18.65 -52.73
CA ALA F 3189 23.05 -18.53 -52.12
C ALA F 3189 22.78 -19.60 -51.07
N ARG F 3190 23.59 -20.66 -51.05
CA ARG F 3190 23.37 -21.73 -50.07
C ARG F 3190 23.78 -21.29 -48.67
N ASP F 3191 24.86 -20.53 -48.55
CA ASP F 3191 25.32 -20.09 -47.24
C ASP F 3191 24.38 -19.03 -46.68
N ILE F 3192 24.09 -17.98 -47.46
CA ILE F 3192 23.21 -16.92 -46.98
C ILE F 3192 21.78 -17.40 -46.87
N GLY F 3193 21.37 -18.35 -47.73
CA GLY F 3193 20.02 -18.88 -47.65
C GLY F 3193 19.73 -19.55 -46.32
N PHE F 3194 20.71 -20.25 -45.75
CA PHE F 3194 20.54 -20.83 -44.43
C PHE F 3194 20.77 -19.81 -43.32
N ASN F 3195 21.46 -18.70 -43.61
CA ASN F 3195 21.70 -17.68 -42.58
C ASN F 3195 20.42 -16.90 -42.27
N VAL F 3196 19.66 -16.54 -43.31
CA VAL F 3196 18.41 -15.83 -43.08
C VAL F 3196 17.37 -16.75 -42.43
N ALA F 3197 17.50 -18.06 -42.64
CA ALA F 3197 16.52 -18.99 -42.08
C ALA F 3197 16.71 -19.14 -40.57
N VAL F 3198 17.96 -19.21 -40.10
CA VAL F 3198 18.19 -19.42 -38.67
C VAL F 3198 17.91 -18.14 -37.88
N LEU F 3199 18.09 -16.97 -38.49
CA LEU F 3199 17.81 -15.73 -37.77
C LEU F 3199 16.32 -15.42 -37.73
N LEU F 3200 15.58 -15.83 -38.77
CA LEU F 3200 14.15 -15.53 -38.82
C LEU F 3200 13.39 -16.29 -37.74
N THR F 3201 13.78 -17.53 -37.45
CA THR F 3201 13.15 -18.29 -36.40
C THR F 3201 13.68 -17.95 -35.02
N ASN F 3202 14.75 -17.16 -34.94
CA ASN F 3202 15.35 -16.83 -33.65
C ASN F 3202 14.70 -15.61 -33.01
N LEU F 3203 14.50 -14.54 -33.78
CA LEU F 3203 13.92 -13.33 -33.21
C LEU F 3203 12.40 -13.43 -33.08
N SER F 3204 11.76 -14.24 -33.91
CA SER F 3204 10.31 -14.39 -33.83
C SER F 3204 9.90 -15.26 -32.64
N GLU F 3205 10.72 -16.25 -32.29
CA GLU F 3205 10.41 -17.10 -31.15
C GLU F 3205 10.67 -16.40 -29.82
N HIS F 3206 11.64 -15.48 -29.78
CA HIS F 3206 11.94 -14.80 -28.53
C HIS F 3206 10.86 -13.81 -28.16
N VAL F 3207 10.35 -13.05 -29.12
CA VAL F 3207 9.32 -12.06 -28.81
C VAL F 3207 7.99 -12.77 -28.55
N PRO F 3208 7.17 -12.30 -27.61
CA PRO F 3208 5.88 -12.95 -27.36
C PRO F 3208 4.91 -12.78 -28.52
N HIS F 3209 4.74 -11.55 -28.99
CA HIS F 3209 3.82 -11.26 -30.09
C HIS F 3209 4.30 -10.01 -30.80
N ASP F 3210 4.53 -10.12 -32.11
CA ASP F 3210 4.99 -8.99 -32.91
C ASP F 3210 4.38 -9.06 -34.30
N PRO F 3211 3.54 -8.08 -34.67
CA PRO F 3211 2.95 -8.10 -36.03
C PRO F 3211 3.99 -7.98 -37.14
N ARG F 3212 5.07 -7.23 -36.90
CA ARG F 3212 6.10 -7.10 -37.92
C ARG F 3212 6.90 -8.39 -38.09
N LEU F 3213 7.05 -9.17 -37.02
CA LEU F 3213 7.78 -10.44 -37.12
C LEU F 3213 7.01 -11.45 -37.95
N ARG F 3214 5.68 -11.52 -37.77
CA ARG F 3214 4.88 -12.43 -38.56
C ARG F 3214 4.81 -12.01 -40.03
N ASN F 3215 4.94 -10.71 -40.30
CA ASN F 3215 4.91 -10.23 -41.68
C ASN F 3215 6.19 -10.63 -42.41
N PHE F 3216 7.35 -10.41 -41.78
CA PHE F 3216 8.61 -10.78 -42.39
C PHE F 3216 8.75 -12.29 -42.53
N LEU F 3217 8.22 -13.06 -41.57
CA LEU F 3217 8.29 -14.51 -41.67
C LEU F 3217 7.36 -15.04 -42.76
N GLU F 3218 6.23 -14.38 -42.99
CA GLU F 3218 5.31 -14.82 -44.03
C GLU F 3218 5.90 -14.58 -45.42
N LEU F 3219 6.55 -13.43 -45.62
CA LEU F 3219 7.16 -13.14 -46.90
C LEU F 3219 8.38 -14.02 -47.18
N ALA F 3220 9.01 -14.55 -46.13
CA ALA F 3220 10.14 -15.45 -46.27
C ALA F 3220 9.76 -16.90 -46.01
N GLU F 3221 8.50 -17.26 -46.29
CA GLU F 3221 8.05 -18.63 -46.04
C GLU F 3221 8.71 -19.62 -46.99
N SER F 3222 9.12 -19.17 -48.16
CA SER F 3222 9.76 -20.08 -49.12
C SER F 3222 11.19 -20.41 -48.69
N ILE F 3223 11.86 -19.48 -48.03
CA ILE F 3223 13.25 -19.70 -47.64
C ILE F 3223 13.34 -20.68 -46.48
N LEU F 3224 12.42 -20.60 -45.52
CA LEU F 3224 12.46 -21.50 -44.37
C LEU F 3224 12.05 -22.92 -44.74
N GLU F 3225 11.20 -23.06 -45.77
CA GLU F 3225 10.79 -24.40 -46.18
C GLU F 3225 11.93 -25.16 -46.84
N TYR F 3226 12.85 -24.47 -47.50
CA TYR F 3226 13.99 -25.13 -48.13
C TYR F 3226 15.04 -25.53 -47.10
N PHE F 3227 15.30 -24.65 -46.13
CA PHE F 3227 16.29 -24.90 -45.09
C PHE F 3227 15.70 -25.60 -43.87
N ARG F 3228 14.53 -26.25 -44.03
CA ARG F 3228 13.93 -26.94 -42.89
C ARG F 3228 14.68 -28.21 -42.51
N PRO F 3229 14.98 -29.14 -43.43
CA PRO F 3229 15.73 -30.34 -43.00
C PRO F 3229 17.18 -30.06 -42.66
N TYR F 3230 17.75 -28.96 -43.13
CA TYR F 3230 19.14 -28.61 -42.86
C TYR F 3230 19.30 -27.72 -41.63
N LEU F 3231 18.34 -27.75 -40.72
CA LEU F 3231 18.37 -26.92 -39.51
C LEU F 3231 18.30 -27.83 -38.29
N GLY F 3232 19.11 -27.50 -37.29
CA GLY F 3232 19.13 -28.28 -36.06
C GLY F 3232 19.12 -27.37 -34.86
N ARG F 3233 18.42 -27.82 -33.82
CA ARG F 3233 18.28 -27.06 -32.57
C ARG F 3233 18.80 -27.89 -31.41
N ILE F 3234 19.41 -27.21 -30.44
CA ILE F 3234 19.96 -27.84 -29.25
C ILE F 3234 19.72 -26.91 -28.06
N GLU F 3235 20.12 -27.37 -26.87
CA GLU F 3235 19.97 -26.60 -25.65
C GLU F 3235 21.19 -26.79 -24.77
N ILE F 3236 21.66 -25.69 -24.18
CA ILE F 3236 22.84 -25.69 -23.33
C ILE F 3236 22.44 -25.16 -21.96
N MET F 3237 23.00 -25.76 -20.91
CA MET F 3237 22.77 -25.35 -19.52
C MET F 3237 24.14 -25.10 -18.89
N GLY F 3238 24.62 -23.86 -18.98
CA GLY F 3238 25.91 -23.47 -18.48
C GLY F 3238 25.84 -22.77 -17.13
N ALA F 3239 26.78 -21.85 -16.91
CA ALA F 3239 26.84 -21.13 -15.65
C ALA F 3239 25.69 -20.13 -15.50
N SER F 3240 25.09 -19.69 -16.61
CA SER F 3240 23.99 -18.73 -16.55
C SER F 3240 22.70 -19.37 -16.05
N ARG F 3241 22.65 -20.70 -15.95
CA ARG F 3241 21.45 -21.42 -15.48
C ARG F 3241 20.23 -21.11 -16.35
N ARG F 3242 20.46 -20.87 -17.65
CA ARG F 3242 19.38 -20.56 -18.58
C ARG F 3242 19.49 -21.50 -19.78
N ILE F 3243 18.34 -21.90 -20.31
CA ILE F 3243 18.26 -22.79 -21.45
C ILE F 3243 17.87 -21.97 -22.67
N GLU F 3244 18.68 -22.07 -23.73
CA GLU F 3244 18.43 -21.33 -24.97
C GLU F 3244 18.66 -22.25 -26.15
N ARG F 3245 18.09 -21.87 -27.28
CA ARG F 3245 18.23 -22.66 -28.51
C ARG F 3245 19.48 -22.24 -29.27
N ILE F 3246 20.13 -23.21 -29.89
CA ILE F 3246 21.35 -22.98 -30.67
C ILE F 3246 21.05 -23.48 -32.09
N TYR F 3247 20.64 -22.57 -32.96
CA TYR F 3247 20.33 -22.91 -34.35
C TYR F 3247 21.62 -22.89 -35.16
N PHE F 3248 22.09 -24.08 -35.54
CA PHE F 3248 23.31 -24.22 -36.32
C PHE F 3248 22.99 -24.88 -37.67
N GLU F 3249 23.97 -24.81 -38.57
CA GLU F 3249 23.82 -25.38 -39.90
C GLU F 3249 24.28 -26.84 -39.90
N ILE F 3250 23.48 -27.69 -40.54
CA ILE F 3250 23.78 -29.12 -40.65
C ILE F 3250 24.32 -29.39 -42.05
N SER F 3251 25.46 -30.06 -42.12
CA SER F 3251 26.06 -30.39 -43.40
C SER F 3251 25.25 -31.46 -44.12
N GLU F 3252 25.27 -31.39 -45.46
CA GLU F 3252 24.55 -32.38 -46.26
C GLU F 3252 25.24 -33.73 -46.23
N THR F 3253 26.55 -33.75 -45.97
CA THR F 3253 27.28 -35.02 -45.94
C THR F 3253 26.95 -35.82 -44.69
N ASN F 3254 26.70 -35.13 -43.56
CA ASN F 3254 26.37 -35.83 -42.32
C ASN F 3254 24.94 -36.37 -42.35
N ARG F 3255 24.02 -35.66 -42.99
CA ARG F 3255 22.64 -36.13 -43.07
C ARG F 3255 22.53 -37.37 -43.95
N ALA F 3256 23.38 -37.48 -44.99
CA ALA F 3256 23.34 -38.65 -45.85
C ALA F 3256 23.87 -39.88 -45.14
N GLN F 3257 24.91 -39.72 -44.31
CA GLN F 3257 25.45 -40.84 -43.55
C GLN F 3257 24.51 -41.29 -42.43
N TRP F 3258 23.61 -40.41 -41.97
CA TRP F 3258 22.67 -40.80 -40.93
C TRP F 3258 21.61 -41.77 -41.44
N GLU F 3259 21.33 -41.77 -42.74
CA GLU F 3259 20.36 -42.70 -43.32
C GLU F 3259 21.07 -43.94 -43.88
N MET F 3260 21.69 -44.67 -42.96
CA MET F 3260 22.42 -45.88 -43.29
C MET F 3260 21.94 -47.03 -42.43
N PRO F 3261 21.93 -48.26 -42.96
CA PRO F 3261 21.47 -49.41 -42.17
C PRO F 3261 22.37 -49.70 -40.98
N GLN F 3262 23.65 -49.35 -41.04
CA GLN F 3262 24.55 -49.64 -39.93
C GLN F 3262 24.29 -48.71 -38.75
N VAL F 3263 24.09 -47.43 -39.02
CA VAL F 3263 23.86 -46.48 -37.93
C VAL F 3263 22.41 -46.53 -37.44
N LYS F 3264 21.49 -47.03 -38.28
CA LYS F 3264 20.10 -47.12 -37.85
C LYS F 3264 19.88 -48.31 -36.91
N GLU F 3265 20.51 -49.44 -37.22
CA GLU F 3265 20.35 -50.61 -36.35
C GLU F 3265 21.13 -50.44 -35.06
N SER F 3266 22.29 -49.77 -35.11
CA SER F 3266 23.08 -49.56 -33.91
C SER F 3266 22.43 -48.53 -32.99
N LYS F 3267 21.64 -47.61 -33.53
CA LYS F 3267 20.97 -46.62 -32.70
C LYS F 3267 19.85 -47.26 -31.88
N ARG F 3268 19.11 -48.21 -32.47
CA ARG F 3268 18.05 -48.88 -31.75
C ARG F 3268 18.59 -49.77 -30.65
N GLN F 3269 19.74 -50.42 -30.90
CA GLN F 3269 20.34 -51.28 -29.89
C GLN F 3269 20.93 -50.47 -28.75
N PHE F 3270 21.33 -49.21 -29.01
CA PHE F 3270 21.90 -48.38 -27.97
C PHE F 3270 20.84 -47.92 -26.99
N ILE F 3271 19.61 -47.71 -27.47
CA ILE F 3271 18.52 -47.27 -26.59
C ILE F 3271 18.16 -48.35 -25.59
N PHE F 3272 18.28 -49.61 -25.97
CA PHE F 3272 17.99 -50.70 -25.05
C PHE F 3272 19.18 -51.03 -24.16
N ASP F 3273 20.40 -50.86 -24.69
CA ASP F 3273 21.59 -51.15 -23.89
C ASP F 3273 21.84 -50.08 -22.83
N VAL F 3274 21.24 -48.90 -22.98
CA VAL F 3274 21.42 -47.84 -22.00
C VAL F 3274 20.28 -47.79 -20.99
N VAL F 3275 19.18 -48.50 -21.25
CA VAL F 3275 18.05 -48.47 -20.33
C VAL F 3275 18.28 -49.38 -19.13
N ASN F 3276 18.83 -50.57 -19.36
CA ASN F 3276 19.05 -51.52 -18.28
C ASN F 3276 20.18 -51.11 -17.35
N GLU F 3277 20.93 -50.06 -17.68
CA GLU F 3277 22.00 -49.59 -16.80
C GLU F 3277 21.40 -48.97 -15.54
N GLY F 3278 21.95 -49.36 -14.39
CA GLY F 3278 21.44 -48.85 -13.13
C GLY F 3278 21.79 -47.41 -12.87
N GLY F 3279 22.94 -46.96 -13.37
CA GLY F 3279 23.38 -45.60 -13.16
C GLY F 3279 22.84 -44.63 -14.19
N GLU F 3280 22.00 -43.69 -13.74
CA GLU F 3280 21.44 -42.70 -14.65
C GLU F 3280 22.49 -41.66 -15.04
N SER F 3281 23.31 -41.23 -14.08
CA SER F 3281 24.36 -40.25 -14.39
C SER F 3281 25.47 -40.89 -15.21
N GLU F 3282 25.79 -42.16 -14.93
CA GLU F 3282 26.82 -42.85 -15.70
C GLU F 3282 26.37 -43.12 -17.13
N LYS F 3283 25.06 -43.24 -17.35
CA LYS F 3283 24.56 -43.48 -18.70
C LYS F 3283 24.70 -42.25 -19.59
N MET F 3284 24.82 -41.07 -19.02
CA MET F 3284 25.00 -39.86 -19.82
C MET F 3284 26.35 -39.86 -20.53
N GLU F 3285 27.39 -40.36 -19.86
CA GLU F 3285 28.71 -40.43 -20.47
C GLU F 3285 28.78 -41.50 -21.56
N LEU F 3286 27.92 -42.50 -21.51
CA LEU F 3286 27.93 -43.54 -22.54
C LEU F 3286 27.39 -43.04 -23.86
N PHE F 3287 26.58 -41.97 -23.86
CA PHE F 3287 26.07 -41.42 -25.11
C PHE F 3287 27.16 -40.73 -25.91
N VAL F 3288 28.13 -40.12 -25.22
CA VAL F 3288 29.22 -39.44 -25.93
C VAL F 3288 30.11 -40.45 -26.63
N SER F 3289 30.33 -41.61 -26.01
CA SER F 3289 31.12 -42.65 -26.65
C SER F 3289 30.38 -43.31 -27.80
N PHE F 3290 29.05 -43.20 -27.83
CA PHE F 3290 28.28 -43.79 -28.93
C PHE F 3290 28.45 -42.97 -30.21
N CYS F 3291 28.41 -41.64 -30.09
CA CYS F 3291 28.56 -40.80 -31.27
C CYS F 3291 29.97 -40.87 -31.84
N GLU F 3292 30.98 -41.06 -30.99
CA GLU F 3292 32.35 -41.15 -31.47
C GLU F 3292 32.57 -42.39 -32.31
N ASP F 3293 31.82 -43.47 -32.04
CA ASP F 3293 31.96 -44.68 -32.82
C ASP F 3293 31.31 -44.55 -34.18
N THR F 3294 30.28 -43.71 -34.31
CA THR F 3294 29.60 -43.55 -35.60
C THR F 3294 30.46 -42.76 -36.58
N ILE F 3295 31.20 -41.75 -36.09
CA ILE F 3295 32.04 -40.96 -36.97
C ILE F 3295 33.21 -41.79 -37.49
N PHE F 3296 33.68 -42.76 -36.69
CA PHE F 3296 34.80 -43.58 -37.14
C PHE F 3296 34.42 -44.48 -38.31
N GLU F 3297 33.15 -44.89 -38.40
CA GLU F 3297 32.70 -45.73 -39.49
C GLU F 3297 31.73 -44.98 -40.40
N GLU F 3298 47.52 -56.05 -57.32
CA GLU F 3298 47.82 -54.67 -56.97
C GLU F 3298 46.58 -53.92 -56.51
N VAL F 3299 45.88 -53.29 -57.47
CA VAL F 3299 44.67 -52.55 -57.13
C VAL F 3299 43.49 -53.48 -56.89
N GLN F 3300 43.60 -54.75 -57.31
CA GLN F 3300 42.51 -55.69 -57.09
C GLN F 3300 42.42 -56.12 -55.63
N ARG F 3301 43.53 -56.03 -54.89
CA ARG F 3301 43.52 -56.43 -53.49
C ARG F 3301 42.78 -55.41 -52.63
N VAL F 3302 43.02 -54.12 -52.86
CA VAL F 3302 42.35 -53.09 -52.07
C VAL F 3302 40.89 -52.97 -52.48
N LYS F 3303 40.54 -53.41 -53.69
CA LYS F 3303 39.15 -53.37 -54.13
C LYS F 3303 38.36 -54.56 -53.59
N PHE F 3304 39.02 -55.70 -53.38
CA PHE F 3304 38.33 -56.87 -52.85
C PHE F 3304 37.92 -56.68 -51.40
N LEU F 3305 38.67 -55.87 -50.65
CA LEU F 3305 38.33 -55.63 -49.25
C LEU F 3305 37.06 -54.78 -49.13
N ASN F 3306 36.93 -53.76 -49.97
CA ASN F 3306 35.74 -52.92 -49.93
C ASN F 3306 34.52 -53.64 -50.50
N TYR F 3307 34.73 -54.58 -51.42
CA TYR F 3307 33.61 -55.32 -52.00
C TYR F 3307 33.02 -56.29 -50.99
N LEU F 3308 33.88 -56.97 -50.22
CA LEU F 3308 33.38 -57.94 -49.25
C LEU F 3308 32.74 -57.27 -48.05
N SER F 3309 33.22 -56.07 -47.68
CA SER F 3309 32.64 -55.37 -46.54
C SER F 3309 31.26 -54.83 -46.86
N ARG F 3310 31.04 -54.39 -48.11
CA ARG F 3310 29.74 -53.89 -48.50
C ARG F 3310 28.71 -55.01 -48.59
N ASN F 3311 29.12 -56.18 -49.09
CA ASN F 3311 28.24 -57.33 -49.19
C ASN F 3311 28.37 -58.28 -48.00
N PHE F 3312 28.85 -57.78 -46.85
CA PHE F 3312 29.01 -58.63 -45.68
C PHE F 3312 27.66 -58.97 -45.06
N TYR F 3313 26.75 -58.01 -44.99
CA TYR F 3313 25.43 -58.28 -44.43
C TYR F 3313 24.63 -59.22 -45.31
N THR F 3314 24.75 -59.09 -46.64
CA THR F 3314 24.07 -60.00 -47.54
C THR F 3314 24.73 -61.38 -47.54
N LEU F 3315 26.01 -61.46 -47.15
CA LEU F 3315 26.69 -62.74 -47.11
C LEU F 3315 26.13 -63.65 -46.03
N ARG F 3316 25.54 -63.07 -44.98
CA ARG F 3316 24.95 -63.89 -43.93
C ARG F 3316 23.64 -64.53 -44.35
N PHE F 3317 23.02 -64.04 -45.44
CA PHE F 3317 21.76 -64.62 -45.88
C PHE F 3317 21.99 -65.97 -46.56
N LEU F 3318 23.09 -66.11 -47.30
CA LEU F 3318 23.39 -67.40 -47.91
C LEU F 3318 23.74 -68.45 -46.86
N ALA F 3319 24.26 -68.03 -45.71
CA ALA F 3319 24.51 -68.98 -44.62
C ALA F 3319 23.21 -69.54 -44.07
N LEU F 3320 22.07 -68.93 -44.38
CA LEU F 3320 20.76 -69.41 -43.97
C LEU F 3320 20.02 -70.18 -45.05
N PHE F 3321 20.22 -69.82 -46.32
CA PHE F 3321 19.49 -70.49 -47.39
C PHE F 3321 20.12 -71.82 -47.76
N LEU F 3322 21.44 -71.85 -47.96
CA LEU F 3322 22.10 -73.11 -48.29
C LEU F 3322 22.07 -74.10 -47.14
N ALA F 3323 21.88 -73.63 -45.90
CA ALA F 3323 21.70 -74.56 -44.78
C ALA F 3323 20.38 -75.30 -44.90
N PHE F 3324 19.33 -74.61 -45.35
CA PHE F 3324 18.03 -75.27 -45.56
C PHE F 3324 18.07 -76.27 -46.72
N ALA F 3325 19.02 -76.12 -47.64
CA ALA F 3325 19.07 -77.00 -48.79
C ALA F 3325 19.94 -78.23 -48.55
N ILE F 3326 20.91 -78.14 -47.63
CA ILE F 3326 21.81 -79.27 -47.41
C ILE F 3326 21.22 -80.26 -46.41
N ASN F 3327 20.52 -79.77 -45.39
CA ASN F 3327 19.93 -80.68 -44.41
C ASN F 3327 18.70 -81.39 -44.95
N PHE F 3328 18.15 -80.93 -46.08
CA PHE F 3328 16.97 -81.57 -46.66
C PHE F 3328 17.34 -82.90 -47.29
N ILE F 3329 18.50 -82.97 -47.94
CA ILE F 3329 18.88 -84.21 -48.62
C ILE F 3329 19.42 -85.24 -47.62
N LEU F 3330 20.06 -84.78 -46.54
CA LEU F 3330 20.54 -85.72 -45.53
C LEU F 3330 19.40 -86.47 -44.85
N LEU F 3331 18.18 -85.94 -44.90
CA LEU F 3331 17.03 -86.65 -44.36
C LEU F 3331 16.69 -87.89 -45.18
N PHE F 3332 17.12 -87.94 -46.44
CA PHE F 3332 16.89 -89.09 -47.30
C PHE F 3332 18.01 -90.12 -47.21
N TYR F 3333 18.89 -90.01 -46.22
CA TYR F 3333 19.99 -90.95 -46.08
C TYR F 3333 19.48 -92.29 -45.56
N LYS F 3334 20.29 -93.33 -45.77
CA LYS F 3334 19.94 -94.67 -45.34
C LYS F 3334 21.22 -95.46 -45.09
N VAL F 3335 21.07 -96.61 -44.45
CA VAL F 3335 22.18 -97.51 -44.16
C VAL F 3335 21.81 -98.92 -44.60
N SER F 3336 22.82 -99.67 -45.02
CA SER F 3336 22.63 -101.04 -45.46
C SER F 3336 23.97 -101.77 -45.40
N ASP F 3337 23.91 -103.09 -45.56
CA ASP F 3337 25.13 -103.89 -45.54
C ASP F 3337 25.91 -103.77 -46.84
N SER F 3338 25.22 -103.94 -47.98
CA SER F 3338 25.85 -103.85 -49.29
C SER F 3338 25.15 -102.76 -50.10
N PRO F 3339 25.87 -101.76 -50.59
CA PRO F 3339 25.29 -100.67 -51.40
C PRO F 3339 24.67 -101.16 -52.69
N VAL F 3340 28.80 -101.54 -41.86
CA VAL F 3340 28.97 -100.63 -42.99
C VAL F 3340 27.79 -99.67 -43.09
N TYR F 3341 27.88 -98.71 -44.00
CA TYR F 3341 26.82 -97.73 -44.18
C TYR F 3341 26.43 -97.64 -45.66
N TYR F 3342 25.58 -96.68 -45.99
CA TYR F 3342 25.13 -96.47 -47.36
C TYR F 3342 25.14 -94.97 -47.66
N PHE F 3343 24.57 -94.60 -48.79
CA PHE F 3343 24.51 -93.22 -49.24
C PHE F 3343 23.05 -92.80 -49.42
N LEU F 3344 22.85 -91.56 -49.83
CA LEU F 3344 21.51 -91.03 -50.05
C LEU F 3344 20.89 -91.66 -51.28
N GLU F 3345 19.76 -92.34 -51.10
CA GLU F 3345 19.04 -93.00 -52.18
C GLU F 3345 17.74 -92.25 -52.43
N GLU F 3346 17.55 -91.79 -53.66
CA GLU F 3346 16.35 -91.05 -54.03
C GLU F 3346 15.97 -91.41 -55.46
N SER F 3347 14.75 -91.01 -55.85
CA SER F 3347 14.26 -91.30 -57.19
C SER F 3347 14.88 -90.38 -58.22
N THR F 3348 14.98 -89.09 -57.91
CA THR F 3348 15.54 -88.13 -58.86
C THR F 3348 17.05 -88.31 -59.00
N GLY F 3349 17.58 -87.77 -60.09
CA GLY F 3349 19.01 -87.85 -60.37
C GLY F 3349 19.81 -86.62 -60.06
N TYR F 3350 19.19 -85.55 -59.55
CA TYR F 3350 19.90 -84.33 -59.20
C TYR F 3350 20.32 -84.28 -57.74
N MET F 3351 19.80 -85.17 -56.90
CA MET F 3351 20.12 -85.16 -55.48
C MET F 3351 21.50 -85.74 -55.19
N GLU F 3352 21.95 -86.70 -56.01
CA GLU F 3352 23.26 -87.31 -55.76
C GLU F 3352 24.41 -86.35 -55.98
N PRO F 3353 24.52 -85.65 -57.12
CA PRO F 3353 25.64 -84.71 -57.29
C PRO F 3353 25.50 -83.44 -56.47
N ALA F 3354 24.36 -83.22 -55.80
CA ALA F 3354 24.16 -82.00 -55.02
C ALA F 3354 24.95 -82.00 -53.72
N LEU F 3355 25.46 -83.16 -53.28
CA LEU F 3355 26.22 -83.19 -52.03
C LEU F 3355 27.60 -82.57 -52.21
N ARG F 3356 28.19 -82.70 -53.40
CA ARG F 3356 29.50 -82.12 -53.65
C ARG F 3356 29.42 -80.69 -54.16
N CYS F 3357 28.26 -80.29 -54.70
CA CYS F 3357 28.11 -78.93 -55.21
C CYS F 3357 27.74 -77.96 -54.10
N LEU F 3358 26.78 -78.34 -53.26
CA LEU F 3358 26.33 -77.44 -52.20
C LEU F 3358 27.30 -77.36 -51.04
N SER F 3359 28.17 -78.36 -50.87
CA SER F 3359 29.10 -78.34 -49.76
C SER F 3359 30.26 -77.38 -49.98
N LEU F 3360 30.65 -77.16 -51.25
CA LEU F 3360 31.74 -76.25 -51.53
C LEU F 3360 31.30 -74.78 -51.46
N LEU F 3361 30.07 -74.50 -51.90
CA LEU F 3361 29.58 -73.12 -51.88
C LEU F 3361 29.43 -72.62 -50.45
N HIS F 3362 28.97 -73.50 -49.53
CA HIS F 3362 28.80 -73.11 -48.14
C HIS F 3362 30.12 -72.79 -47.47
N THR F 3363 31.23 -73.34 -47.97
CA THR F 3363 32.53 -73.07 -47.38
C THR F 3363 33.16 -71.80 -47.92
N LEU F 3364 32.88 -71.45 -49.18
CA LEU F 3364 33.46 -70.23 -49.75
C LEU F 3364 32.80 -68.98 -49.17
N VAL F 3365 31.50 -69.03 -48.92
CA VAL F 3365 30.82 -67.87 -48.35
C VAL F 3365 31.19 -67.67 -46.89
N ALA F 3366 31.61 -68.73 -46.19
CA ALA F 3366 32.03 -68.59 -44.80
C ALA F 3366 33.44 -68.04 -44.68
N PHE F 3367 34.32 -68.41 -45.62
CA PHE F 3367 35.69 -67.89 -45.59
C PHE F 3367 35.74 -66.43 -46.02
N LEU F 3368 34.81 -65.99 -46.87
CA LEU F 3368 34.79 -64.60 -47.30
C LEU F 3368 34.28 -63.69 -46.20
N CYS F 3369 33.44 -64.21 -45.29
CA CYS F 3369 32.93 -63.39 -44.21
C CYS F 3369 34.02 -63.03 -43.20
N ILE F 3370 35.07 -63.86 -43.11
CA ILE F 3370 36.16 -63.56 -42.18
C ILE F 3370 36.94 -62.35 -42.66
N ILE F 3371 37.21 -62.26 -43.96
CA ILE F 3371 37.93 -61.11 -44.50
C ILE F 3371 37.03 -59.87 -44.51
N GLY F 3372 35.74 -60.07 -44.77
CA GLY F 3372 34.82 -58.94 -44.74
C GLY F 3372 34.61 -58.39 -43.35
N TYR F 3373 34.61 -59.26 -42.35
CA TYR F 3373 34.48 -58.80 -40.96
C TYR F 3373 35.73 -58.06 -40.50
N ASN F 3374 36.88 -58.31 -41.14
CA ASN F 3374 38.12 -57.67 -40.73
C ASN F 3374 38.08 -56.16 -40.97
N CYS F 3375 37.31 -55.70 -41.94
CA CYS F 3375 37.19 -54.28 -42.26
C CYS F 3375 35.83 -53.71 -41.93
N LEU F 3376 35.03 -54.41 -41.12
CA LEU F 3376 33.68 -53.97 -40.77
C LEU F 3376 33.52 -53.68 -39.29
N LYS F 3377 33.89 -54.63 -38.42
CA LYS F 3377 33.74 -54.46 -36.98
C LYS F 3377 35.05 -54.53 -36.22
N VAL F 3378 36.10 -55.13 -36.79
CA VAL F 3378 37.40 -55.14 -36.12
C VAL F 3378 37.94 -53.75 -35.88
N PRO F 3379 37.89 -52.81 -36.83
CA PRO F 3379 38.27 -51.42 -36.49
C PRO F 3379 37.36 -50.79 -35.46
N LEU F 3380 36.15 -51.31 -35.26
CA LEU F 3380 35.24 -50.74 -34.28
C LEU F 3380 35.60 -51.21 -32.86
N VAL F 3381 35.85 -52.51 -32.70
CA VAL F 3381 36.19 -53.03 -31.37
C VAL F 3381 37.57 -52.55 -30.93
N ILE F 3382 38.46 -52.27 -31.90
CA ILE F 3382 39.75 -51.70 -31.56
C ILE F 3382 39.59 -50.25 -31.11
N PHE F 3383 38.75 -49.48 -31.82
CA PHE F 3383 38.50 -48.10 -31.41
C PHE F 3383 37.69 -48.04 -30.11
N LYS F 3384 36.83 -49.04 -29.88
CA LYS F 3384 36.07 -49.06 -28.63
C LYS F 3384 36.95 -49.34 -27.43
N ARG F 3385 38.07 -50.03 -27.63
CA ARG F 3385 39.01 -50.30 -26.55
C ARG F 3385 40.09 -49.24 -26.45
N GLU F 3386 40.55 -48.73 -27.59
CA GLU F 3386 41.56 -47.67 -27.56
C GLU F 3386 41.01 -46.38 -26.97
N LYS F 3387 39.72 -46.11 -27.17
CA LYS F 3387 39.12 -44.92 -26.58
C LYS F 3387 39.00 -45.05 -25.07
N GLU F 3388 38.71 -46.26 -24.57
CA GLU F 3388 38.66 -46.48 -23.14
C GLU F 3388 40.04 -46.43 -22.51
N LEU F 3389 41.07 -46.87 -23.24
CA LEU F 3389 42.43 -46.80 -22.73
C LEU F 3389 42.95 -45.36 -22.74
N ALA F 3390 42.62 -44.60 -23.78
CA ALA F 3390 43.05 -43.20 -23.84
C ALA F 3390 42.38 -42.37 -22.76
N ARG F 3391 41.09 -42.63 -22.49
CA ARG F 3391 40.40 -41.92 -21.42
C ARG F 3391 40.85 -42.39 -20.04
N LYS F 3392 41.38 -43.61 -19.94
CA LYS F 3392 41.86 -44.11 -18.66
C LYS F 3392 43.20 -43.48 -18.28
N LEU F 3393 43.97 -43.00 -19.27
CA LEU F 3393 45.24 -42.38 -18.98
C LEU F 3393 45.06 -40.99 -18.37
N GLU F 3394 44.03 -40.26 -18.81
CA GLU F 3394 43.73 -38.96 -18.21
C GLU F 3394 43.25 -39.12 -16.78
N PHE F 3395 42.46 -40.15 -16.51
CA PHE F 3395 42.02 -40.48 -15.17
C PHE F 3395 43.02 -41.45 -14.54
N ASP F 3396 42.64 -42.07 -13.42
CA ASP F 3396 43.49 -43.08 -12.80
C ASP F 3396 43.76 -44.23 -13.77
N GLY F 3397 45.01 -44.37 -14.19
CA GLY F 3397 45.36 -45.35 -15.20
C GLY F 3397 45.64 -46.72 -14.62
N LEU F 3398 46.01 -47.63 -15.51
CA LEU F 3398 46.29 -49.01 -15.11
C LEU F 3398 47.73 -49.20 -14.67
N TYR F 3399 48.66 -48.41 -15.20
CA TYR F 3399 50.08 -48.49 -14.85
C TYR F 3399 50.59 -47.11 -14.45
N ILE F 3400 49.82 -46.44 -13.60
CA ILE F 3400 50.16 -45.11 -13.10
C ILE F 3400 50.24 -45.18 -11.58
N THR F 3401 50.49 -44.04 -10.93
CA THR F 3401 50.56 -43.95 -9.47
C THR F 3401 49.40 -44.67 -8.80
N GLU F 3402 48.21 -44.58 -9.39
CA GLU F 3402 47.06 -45.33 -8.89
C GLU F 3402 47.19 -46.80 -9.28
N GLN F 3403 47.12 -47.68 -8.29
CA GLN F 3403 47.28 -49.10 -8.56
C GLN F 3403 46.07 -49.64 -9.31
N PRO F 3404 46.28 -50.58 -10.26
CA PRO F 3404 45.19 -51.18 -11.03
C PRO F 3404 44.31 -52.10 -10.19
N VAL F 3405 40.90 -59.25 -15.75
CA VAL F 3405 41.66 -60.19 -16.58
C VAL F 3405 42.10 -59.49 -17.86
N LYS F 3406 41.29 -58.53 -18.32
CA LYS F 3406 41.62 -57.80 -19.53
C LYS F 3406 42.55 -56.62 -19.27
N GLY F 3407 42.64 -56.14 -18.02
CA GLY F 3407 43.52 -55.03 -17.73
C GLY F 3407 44.99 -55.39 -17.81
N GLN F 3408 45.35 -56.63 -17.48
CA GLN F 3408 46.73 -57.05 -17.56
C GLN F 3408 47.20 -57.18 -18.99
N TRP F 3409 46.33 -57.61 -19.90
CA TRP F 3409 46.68 -57.71 -21.31
C TRP F 3409 46.93 -56.35 -21.94
N ASP F 3410 46.37 -55.28 -21.37
CA ASP F 3410 46.57 -53.94 -21.88
C ASP F 3410 47.96 -53.38 -21.58
N ARG F 3411 48.84 -54.17 -20.97
CA ARG F 3411 50.21 -53.71 -20.72
C ARG F 3411 51.11 -53.87 -21.92
N LEU F 3412 50.70 -54.65 -22.93
CA LEU F 3412 51.52 -54.85 -24.12
C LEU F 3412 51.49 -53.64 -25.06
N VAL F 3413 50.42 -52.84 -24.99
CA VAL F 3413 50.32 -51.65 -25.84
C VAL F 3413 51.01 -50.45 -25.21
N LEU F 3414 51.35 -50.52 -23.92
CA LEU F 3414 51.96 -49.38 -23.23
C LEU F 3414 53.35 -49.09 -23.79
N ASN F 3415 54.18 -50.12 -23.96
CA ASN F 3415 55.53 -49.94 -24.46
C ASN F 3415 55.59 -49.81 -25.99
N THR F 3416 54.44 -49.74 -26.65
CA THR F 3416 54.43 -49.54 -28.09
C THR F 3416 54.91 -48.13 -28.42
N PRO F 3417 55.79 -47.97 -29.42
CA PRO F 3417 56.29 -46.62 -29.75
C PRO F 3417 55.19 -45.64 -30.14
N SER F 3418 54.02 -46.12 -30.55
CA SER F 3418 52.94 -45.22 -30.95
C SER F 3418 51.61 -45.95 -30.80
N PHE F 3419 50.61 -45.24 -30.27
CA PHE F 3419 49.28 -45.79 -30.17
C PHE F 3419 48.69 -45.97 -31.57
N PRO F 3420 47.73 -46.90 -31.73
CA PRO F 3420 47.11 -47.08 -33.05
C PRO F 3420 46.44 -45.81 -33.54
N SER F 3421 46.46 -45.62 -34.86
CA SER F 3421 45.90 -44.43 -35.48
C SER F 3421 44.39 -44.44 -35.54
N ASN F 3422 43.73 -45.44 -34.94
CA ASN F 3422 42.27 -45.49 -34.96
C ASN F 3422 41.66 -44.37 -34.12
N TYR F 3423 42.34 -43.96 -33.06
CA TYR F 3423 41.84 -42.90 -32.20
C TYR F 3423 42.04 -41.54 -32.86
N TRP F 3424 41.21 -40.58 -32.45
CA TRP F 3424 41.27 -39.24 -33.04
C TRP F 3424 42.50 -38.48 -32.55
N ASP F 3425 42.61 -38.28 -31.23
CA ASP F 3425 43.72 -37.53 -30.68
C ASP F 3425 44.99 -38.37 -30.70
N LYS F 3426 46.02 -37.86 -31.38
CA LYS F 3426 47.29 -38.56 -31.50
C LYS F 3426 48.26 -38.22 -30.37
N PHE F 3427 47.89 -37.31 -29.48
CA PHE F 3427 48.74 -36.90 -28.35
C PHE F 3427 48.01 -37.26 -27.06
N VAL F 3428 48.25 -38.47 -26.56
CA VAL F 3428 47.68 -38.95 -25.31
C VAL F 3428 48.74 -39.21 -24.26
N LYS F 3429 49.90 -39.75 -24.67
CA LYS F 3429 50.96 -40.03 -23.71
C LYS F 3429 51.62 -38.75 -23.21
N ARG F 3430 51.47 -37.64 -23.93
CA ARG F 3430 52.05 -36.38 -23.51
C ARG F 3430 51.16 -35.61 -22.53
N LYS F 3431 49.86 -35.90 -22.52
CA LYS F 3431 48.94 -35.19 -21.63
C LYS F 3431 49.04 -35.69 -20.19
N VAL F 3432 49.36 -36.97 -20.00
CA VAL F 3432 49.47 -37.52 -18.66
C VAL F 3432 50.72 -37.05 -17.95
N LEU F 3433 51.75 -36.65 -18.70
CA LEU F 3433 53.00 -36.21 -18.10
C LEU F 3433 52.84 -34.93 -17.29
N ASP F 3434 51.78 -34.16 -17.53
CA ASP F 3434 51.56 -32.91 -16.82
C ASP F 3434 50.67 -33.10 -15.59
N LYS F 3435 49.67 -33.98 -15.68
CA LYS F 3435 48.75 -34.17 -14.57
C LYS F 3435 49.35 -35.06 -13.48
N HIS F 3436 49.69 -36.30 -13.85
CA HIS F 3436 50.22 -37.28 -12.90
C HIS F 3436 51.73 -37.46 -13.03
N GLY F 3437 52.41 -36.51 -13.67
CA GLY F 3437 53.86 -36.63 -13.85
C GLY F 3437 54.68 -36.08 -12.71
N ASP F 3438 54.11 -35.16 -11.91
CA ASP F 3438 54.86 -34.57 -10.81
C ASP F 3438 54.99 -35.51 -9.62
N ILE F 3439 54.18 -36.56 -9.56
CA ILE F 3439 54.24 -37.48 -8.41
C ILE F 3439 55.47 -38.37 -8.52
N TYR F 3440 55.59 -39.11 -9.62
CA TYR F 3440 56.69 -40.04 -9.81
C TYR F 3440 57.83 -39.43 -10.62
N GLY F 3441 57.80 -38.12 -10.86
CA GLY F 3441 58.83 -37.46 -11.62
C GLY F 3441 58.63 -37.61 -13.12
N ARG F 3442 59.29 -36.71 -13.87
CA ARG F 3442 59.18 -36.72 -15.31
C ARG F 3442 59.98 -37.85 -15.97
N GLU F 3443 60.75 -38.61 -15.20
CA GLU F 3443 61.56 -39.71 -15.72
C GLU F 3443 60.86 -41.05 -15.63
N ARG F 3444 60.20 -41.35 -14.50
CA ARG F 3444 59.54 -42.65 -14.35
C ARG F 3444 58.31 -42.75 -15.22
N ILE F 3445 57.54 -41.66 -15.34
CA ILE F 3445 56.33 -41.68 -16.15
C ILE F 3445 56.66 -41.72 -17.63
N ALA F 3446 57.83 -41.24 -18.04
CA ALA F 3446 58.21 -41.29 -19.45
C ALA F 3446 58.53 -42.71 -19.88
N GLU F 3447 59.16 -43.50 -19.01
CA GLU F 3447 59.50 -44.87 -19.36
C GLU F 3447 58.26 -45.76 -19.37
N GLY F 3448 62.23 -49.46 -49.03
CA GLY F 3448 62.83 -50.61 -49.66
C GLY F 3448 62.47 -51.92 -49.00
N LEU F 3449 63.36 -52.90 -49.11
CA LEU F 3449 63.11 -54.21 -48.50
C LEU F 3449 63.20 -54.14 -46.98
N LEU F 3450 64.16 -53.37 -46.45
CA LEU F 3450 64.30 -53.25 -45.00
C LEU F 3450 63.17 -52.42 -44.40
N THR F 3451 62.69 -51.40 -45.11
CA THR F 3451 61.61 -50.58 -44.60
C THR F 3451 60.28 -51.33 -44.58
N TRP F 3452 60.12 -52.32 -45.47
CA TRP F 3452 58.87 -53.08 -45.51
C TRP F 3452 58.74 -53.99 -44.29
N LEU F 3453 59.83 -54.66 -43.91
CA LEU F 3453 59.78 -55.55 -42.76
C LEU F 3453 59.77 -54.79 -41.44
N MET F 3454 60.35 -53.59 -41.41
CA MET F 3454 60.38 -52.78 -40.19
C MET F 3454 59.04 -52.12 -39.89
N SER F 3455 58.06 -52.22 -40.78
CA SER F 3455 56.76 -51.60 -40.53
C SER F 3455 56.00 -52.34 -39.44
N ILE F 3456 56.11 -53.67 -39.41
CA ILE F 3456 55.42 -54.47 -38.41
C ILE F 3456 56.13 -54.35 -37.07
N ASP F 3457 55.35 -54.35 -36.00
CA ASP F 3457 55.87 -54.24 -34.64
C ASP F 3457 55.45 -55.46 -33.84
N VAL F 3458 56.42 -56.09 -33.16
CA VAL F 3458 56.12 -57.28 -32.38
C VAL F 3458 55.27 -56.92 -31.16
N LYS F 3459 55.47 -55.72 -30.60
CA LYS F 3459 54.69 -55.30 -29.45
C LYS F 3459 53.25 -54.97 -29.84
N TYR F 3460 53.04 -54.44 -31.05
CA TYR F 3460 51.69 -54.10 -31.49
C TYR F 3460 50.94 -55.31 -32.02
N GLN F 3461 51.65 -56.27 -32.64
CA GLN F 3461 50.97 -57.44 -33.18
C GLN F 3461 50.44 -58.34 -32.10
N ILE F 3462 51.06 -58.35 -30.92
CA ILE F 3462 50.60 -59.20 -29.83
C ILE F 3462 49.36 -58.61 -29.17
N TRP F 3463 49.34 -57.29 -28.97
CA TRP F 3463 48.21 -56.66 -28.31
C TRP F 3463 47.01 -56.55 -29.24
N LYS F 3464 47.24 -56.22 -30.51
CA LYS F 3464 46.12 -56.06 -31.44
C LYS F 3464 45.46 -57.39 -31.74
N PHE F 3465 46.24 -58.37 -32.20
CA PHE F 3465 45.66 -59.68 -32.54
C PHE F 3465 45.20 -60.45 -31.31
N GLY F 3466 45.69 -60.08 -30.11
CA GLY F 3466 45.27 -60.78 -28.91
C GLY F 3466 43.83 -60.51 -28.54
N VAL F 3467 43.37 -59.26 -28.73
CA VAL F 3467 42.00 -58.90 -28.40
C VAL F 3467 41.02 -59.52 -29.39
N ILE F 3468 41.42 -59.61 -30.66
CA ILE F 3468 40.52 -60.14 -31.68
C ILE F 3468 40.30 -61.63 -31.49
N PHE F 3469 41.36 -62.37 -31.17
CA PHE F 3469 41.23 -63.80 -30.96
C PHE F 3469 40.47 -64.13 -29.68
N THR F 3470 40.44 -63.23 -28.70
CA THR F 3470 39.71 -63.44 -27.47
C THR F 3470 38.33 -62.78 -27.47
N ASP F 3471 38.00 -62.03 -28.52
CA ASP F 3471 36.69 -61.38 -28.59
C ASP F 3471 35.60 -62.41 -28.82
N ASN F 3472 34.46 -62.22 -28.13
CA ASN F 3472 33.36 -63.15 -28.28
C ASN F 3472 32.67 -63.02 -29.63
N SER F 3473 32.68 -61.82 -30.21
CA SER F 3473 32.06 -61.62 -31.51
C SER F 3473 32.87 -62.26 -32.63
N PHE F 3474 34.20 -62.12 -32.58
CA PHE F 3474 35.04 -62.72 -33.60
C PHE F 3474 35.10 -64.24 -33.45
N LEU F 3475 35.08 -64.73 -32.22
CA LEU F 3475 35.11 -66.17 -32.00
C LEU F 3475 33.81 -66.84 -32.45
N TYR F 3476 32.70 -66.09 -32.43
CA TYR F 3476 31.44 -66.67 -32.89
C TYR F 3476 31.46 -66.90 -34.40
N LEU F 3477 31.95 -65.93 -35.16
CA LEU F 3477 32.06 -66.11 -36.61
C LEU F 3477 33.15 -67.10 -36.96
N GLY F 3478 34.22 -67.17 -36.16
CA GLY F 3478 35.29 -68.12 -36.42
C GLY F 3478 34.90 -69.55 -36.12
N TRP F 3479 34.00 -69.76 -35.15
CA TRP F 3479 33.57 -71.11 -34.83
C TRP F 3479 32.72 -71.70 -35.96
N TYR F 3480 32.08 -70.85 -36.75
CA TYR F 3480 31.31 -71.34 -37.89
C TYR F 3480 32.19 -71.77 -39.05
N MET F 3481 33.44 -71.29 -39.11
CA MET F 3481 34.35 -71.64 -40.18
C MET F 3481 35.13 -72.92 -39.89
N VAL F 3482 35.47 -73.18 -38.63
CA VAL F 3482 36.21 -74.40 -38.30
C VAL F 3482 35.33 -75.62 -38.50
N MET F 3483 34.02 -75.50 -38.26
CA MET F 3483 33.10 -76.61 -38.48
C MET F 3483 32.79 -76.82 -39.96
N SER F 3484 33.06 -75.81 -40.80
CA SER F 3484 32.80 -75.96 -42.23
C SER F 3484 33.76 -76.97 -42.87
N LEU F 3485 35.00 -77.04 -42.38
CA LEU F 3485 35.95 -78.01 -42.92
C LEU F 3485 35.58 -79.43 -42.56
N LEU F 3486 34.91 -79.62 -41.42
CA LEU F 3486 34.48 -80.96 -41.01
C LEU F 3486 33.32 -81.48 -41.84
N GLY F 3487 32.66 -80.63 -42.62
CA GLY F 3487 31.55 -81.09 -43.45
C GLY F 3487 31.99 -82.01 -44.57
N HIS F 3488 33.20 -81.80 -45.11
CA HIS F 3488 33.71 -82.66 -46.17
C HIS F 3488 34.13 -84.03 -45.67
N TYR F 3489 34.15 -84.25 -44.36
CA TYR F 3489 34.49 -85.55 -43.81
C TYR F 3489 33.38 -86.55 -44.07
N ASN F 3490 33.67 -87.84 -43.82
CA ASN F 3490 32.68 -88.88 -44.00
C ASN F 3490 31.48 -88.70 -43.08
N ASN F 3491 31.71 -88.19 -41.87
CA ASN F 3491 30.64 -87.89 -40.94
C ASN F 3491 30.13 -86.48 -41.17
N PHE F 3492 28.81 -86.31 -41.08
CA PHE F 3492 28.19 -85.01 -41.32
C PHE F 3492 28.18 -84.18 -40.05
N PHE F 3493 28.45 -82.89 -40.20
CA PHE F 3493 28.44 -81.95 -39.09
C PHE F 3493 27.58 -80.72 -39.38
N PHE F 3494 26.76 -80.76 -40.44
CA PHE F 3494 25.91 -79.63 -40.77
C PHE F 3494 24.77 -79.43 -39.78
N ALA F 3495 24.53 -80.41 -38.89
CA ALA F 3495 23.55 -80.20 -37.83
C ALA F 3495 23.98 -79.12 -36.85
N ALA F 3496 25.29 -78.97 -36.65
CA ALA F 3496 25.79 -77.86 -35.84
C ALA F 3496 25.52 -76.52 -36.51
N HIS F 3497 25.52 -76.49 -37.84
CA HIS F 3497 25.16 -75.26 -38.54
C HIS F 3497 23.69 -74.93 -38.35
N LEU F 3498 22.85 -75.94 -38.06
CA LEU F 3498 21.45 -75.68 -37.79
C LEU F 3498 21.23 -74.97 -36.46
N LEU F 3499 22.25 -74.95 -35.60
CA LEU F 3499 22.14 -74.20 -34.34
C LEU F 3499 22.43 -72.72 -34.56
N ASP F 3500 23.14 -72.37 -35.63
CA ASP F 3500 23.44 -70.98 -35.92
C ASP F 3500 22.25 -70.29 -36.57
N ILE F 3501 21.55 -70.98 -37.48
CA ILE F 3501 20.44 -70.38 -38.19
C ILE F 3501 19.30 -70.04 -37.24
N ALA F 3502 19.19 -70.77 -36.13
CA ALA F 3502 18.16 -70.46 -35.14
C ALA F 3502 18.38 -69.07 -34.55
N MET F 3503 19.63 -68.64 -34.42
CA MET F 3503 19.92 -67.30 -33.95
C MET F 3503 19.78 -66.30 -35.09
N GLY F 3504 19.79 -65.01 -34.73
CA GLY F 3504 19.68 -63.95 -35.71
C GLY F 3504 18.41 -63.14 -35.55
N VAL F 3505 17.30 -63.80 -35.24
CA VAL F 3505 16.02 -63.14 -35.05
C VAL F 3505 15.84 -62.86 -33.56
N LYS F 3506 15.31 -61.68 -33.24
CA LYS F 3506 15.13 -61.28 -31.84
C LYS F 3506 14.04 -62.06 -31.14
N THR F 3507 13.08 -62.63 -31.89
CA THR F 3507 12.01 -63.39 -31.26
C THR F 3507 12.53 -64.69 -30.67
N LEU F 3508 13.27 -65.47 -31.47
CA LEU F 3508 13.82 -66.73 -31.01
C LEU F 3508 15.01 -66.56 -30.09
N ARG F 3509 15.61 -65.37 -30.04
CA ARG F 3509 16.77 -65.14 -29.17
C ARG F 3509 16.40 -65.15 -27.69
N THR F 3510 15.12 -64.93 -27.36
CA THR F 3510 14.70 -64.91 -25.97
C THR F 3510 14.71 -66.31 -25.35
N ILE F 3511 14.61 -67.36 -26.17
CA ILE F 3511 14.59 -68.72 -25.63
C ILE F 3511 15.98 -69.10 -25.10
N LEU F 3512 17.02 -68.85 -25.90
CA LEU F 3512 18.37 -69.18 -25.47
C LEU F 3512 18.82 -68.31 -24.31
N SER F 3513 18.27 -67.09 -24.21
CA SER F 3513 18.67 -66.19 -23.13
C SER F 3513 17.97 -66.57 -21.82
N SER F 3514 16.67 -66.87 -21.88
CA SER F 3514 15.91 -67.16 -20.67
C SER F 3514 16.36 -68.45 -19.99
N VAL F 3515 16.93 -69.39 -20.74
CA VAL F 3515 17.40 -70.64 -20.13
C VAL F 3515 18.58 -70.36 -19.21
N THR F 3516 19.50 -69.49 -19.64
CA THR F 3516 20.66 -69.13 -18.85
C THR F 3516 20.38 -67.99 -17.88
N HIS F 3517 19.49 -67.07 -18.24
CA HIS F 3517 19.15 -65.95 -17.36
C HIS F 3517 18.58 -66.45 -16.04
N ASN F 3518 19.01 -65.84 -14.94
CA ASN F 3518 18.64 -66.27 -13.60
C ASN F 3518 19.01 -67.74 -13.38
N GLY F 3519 20.16 -68.14 -13.89
CA GLY F 3519 20.63 -69.50 -13.77
C GLY F 3519 21.28 -69.85 -12.45
N LYS F 3520 21.59 -68.84 -11.63
CA LYS F 3520 22.15 -69.13 -10.31
C LYS F 3520 21.18 -69.90 -9.44
N GLN F 3521 19.87 -69.66 -9.61
CA GLN F 3521 18.88 -70.45 -8.91
C GLN F 3521 18.62 -71.80 -9.57
N LEU F 3522 18.86 -71.91 -10.88
CA LEU F 3522 18.60 -73.16 -11.59
C LEU F 3522 19.48 -74.29 -11.08
N VAL F 3523 20.78 -74.01 -10.91
CA VAL F 3523 21.69 -75.02 -10.38
C VAL F 3523 21.34 -75.35 -8.94
N MET F 3524 20.68 -74.42 -8.23
CA MET F 3524 20.33 -74.66 -6.85
C MET F 3524 19.17 -75.64 -6.73
N THR F 3525 18.08 -75.41 -7.46
CA THR F 3525 16.93 -76.30 -7.35
C THR F 3525 17.23 -77.68 -7.94
N VAL F 3526 18.05 -77.74 -9.00
CA VAL F 3526 18.48 -79.03 -9.51
C VAL F 3526 19.32 -79.76 -8.48
N GLY F 3527 20.19 -79.04 -7.78
CA GLY F 3527 20.88 -79.63 -6.65
C GLY F 3527 19.94 -80.01 -5.53
N LEU F 3528 18.91 -79.18 -5.30
CA LEU F 3528 17.86 -79.56 -4.36
C LEU F 3528 17.06 -80.76 -4.86
N LEU F 3529 16.93 -80.90 -6.19
CA LEU F 3529 16.24 -82.06 -6.74
C LEU F 3529 17.09 -83.32 -6.64
N ALA F 3530 18.41 -83.17 -6.58
CA ALA F 3530 19.28 -84.34 -6.51
C ALA F 3530 19.42 -84.88 -5.09
N VAL F 3531 19.23 -84.03 -4.08
CA VAL F 3531 19.39 -84.48 -2.70
C VAL F 3531 18.10 -85.11 -2.19
N VAL F 3532 16.93 -84.64 -2.64
CA VAL F 3532 15.68 -85.18 -2.15
C VAL F 3532 15.50 -86.63 -2.62
N VAL F 3533 15.90 -86.92 -3.85
CA VAL F 3533 15.84 -88.31 -4.33
C VAL F 3533 16.93 -89.15 -3.68
N TYR F 3534 18.01 -88.52 -3.21
CA TYR F 3534 19.05 -89.28 -2.52
C TYR F 3534 18.56 -89.74 -1.15
N LEU F 3535 17.76 -88.92 -0.47
CA LEU F 3535 17.18 -89.33 0.80
C LEU F 3535 16.18 -90.45 0.61
N TYR F 3536 15.40 -90.42 -0.47
CA TYR F 3536 14.47 -91.51 -0.76
C TYR F 3536 15.19 -92.73 -1.32
N THR F 3537 16.46 -92.60 -1.71
CA THR F 3537 17.21 -93.75 -2.21
C THR F 3537 17.75 -94.60 -1.08
N VAL F 3538 18.24 -93.97 -0.01
CA VAL F 3538 18.81 -94.73 1.10
C VAL F 3538 17.72 -95.45 1.89
N VAL F 3539 16.49 -94.91 1.89
CA VAL F 3539 15.40 -95.59 2.58
C VAL F 3539 14.88 -96.75 1.75
N ALA F 3540 15.08 -96.71 0.43
CA ALA F 3540 14.70 -97.84 -0.40
C ALA F 3540 15.74 -98.95 -0.32
N PHE F 3541 17.01 -98.58 -0.17
CA PHE F 3541 18.07 -99.58 -0.04
C PHE F 3541 18.02 -100.28 1.32
N ASN F 3542 17.45 -99.61 2.32
CA ASN F 3542 17.42 -100.18 3.67
C ASN F 3542 16.23 -101.12 3.84
N PHE F 3543 15.04 -100.71 3.38
CA PHE F 3543 13.81 -101.47 3.58
C PHE F 3543 13.25 -102.04 2.30
N PHE F 3544 13.05 -101.21 1.28
CA PHE F 3544 12.39 -101.63 0.03
C PHE F 3544 13.38 -102.34 -0.89
N ARG F 3545 13.87 -103.49 -0.43
CA ARG F 3545 14.79 -104.29 -1.21
C ARG F 3545 14.08 -105.34 -2.06
N LYS F 3546 12.97 -105.89 -1.58
CA LYS F 3546 12.21 -106.90 -2.29
C LYS F 3546 11.09 -106.32 -3.14
N PHE F 3547 11.20 -105.05 -3.53
CA PHE F 3547 10.17 -104.39 -4.32
C PHE F 3547 10.63 -103.96 -5.71
N TYR F 3548 11.92 -103.67 -5.89
CA TYR F 3548 12.43 -103.22 -7.18
C TYR F 3548 12.90 -104.43 -7.97
N ASN F 3549 11.99 -105.03 -8.73
CA ASN F 3549 12.26 -106.19 -9.58
C ASN F 3549 11.64 -105.92 -10.94
N LYS F 3550 12.42 -105.31 -11.84
CA LYS F 3550 11.90 -104.99 -13.17
C LYS F 3550 11.77 -106.23 -14.04
N SER F 3551 12.61 -107.23 -13.83
CA SER F 3551 12.54 -108.45 -14.63
C SER F 3551 11.31 -109.26 -14.27
N GLU F 3552 10.69 -109.87 -15.28
CA GLU F 3552 9.51 -110.70 -15.11
C GLU F 3552 9.79 -112.19 -15.26
N ASP F 3553 11.03 -112.57 -15.55
CA ASP F 3553 11.39 -113.97 -15.72
C ASP F 3553 11.59 -114.62 -14.35
N GLU F 3554 12.14 -115.84 -14.34
CA GLU F 3554 12.39 -116.54 -13.08
C GLU F 3554 13.46 -115.81 -12.27
N ASP F 3555 14.63 -115.59 -12.86
CA ASP F 3555 15.69 -114.86 -12.18
C ASP F 3555 15.37 -113.37 -12.15
N GLU F 3556 16.10 -112.65 -11.31
CA GLU F 3556 15.93 -111.20 -11.15
C GLU F 3556 17.26 -110.51 -11.38
N PRO F 3557 17.69 -110.39 -12.64
CA PRO F 3557 18.96 -109.70 -12.92
C PRO F 3557 18.81 -108.19 -12.90
N ASP F 3558 17.60 -107.70 -13.19
CA ASP F 3558 17.32 -106.28 -13.23
C ASP F 3558 17.09 -105.68 -11.85
N MET F 3559 17.22 -106.46 -10.78
CA MET F 3559 17.05 -105.94 -9.43
C MET F 3559 18.17 -104.97 -9.11
N LYS F 3560 17.84 -103.68 -9.05
CA LYS F 3560 18.85 -102.66 -8.78
C LYS F 3560 19.26 -102.58 -7.33
N CYS F 3561 18.56 -103.30 -6.44
CA CYS F 3561 18.87 -103.25 -5.01
C CYS F 3561 20.20 -103.90 -4.66
N ASP F 3562 20.85 -104.56 -5.61
CA ASP F 3562 22.15 -105.18 -5.32
C ASP F 3562 23.23 -104.13 -5.12
N ASP F 3563 23.23 -103.09 -5.94
CA ASP F 3563 24.21 -102.01 -5.85
C ASP F 3563 23.52 -100.71 -5.45
N MET F 3564 24.16 -99.96 -4.54
CA MET F 3564 23.59 -98.70 -4.09
C MET F 3564 23.65 -97.62 -5.16
N MET F 3565 24.56 -97.74 -6.13
CA MET F 3565 24.64 -96.76 -7.20
C MET F 3565 23.61 -97.02 -8.29
N THR F 3566 23.23 -98.28 -8.49
CA THR F 3566 22.22 -98.60 -9.50
C THR F 3566 20.84 -98.10 -9.09
N CYS F 3567 20.54 -98.09 -7.78
CA CYS F 3567 19.26 -97.56 -7.32
C CYS F 3567 19.14 -96.07 -7.60
N TYR F 3568 20.25 -95.34 -7.47
CA TYR F 3568 20.21 -93.89 -7.73
C TYR F 3568 19.96 -93.61 -9.21
N LEU F 3569 20.58 -94.40 -10.09
CA LEU F 3569 20.36 -94.20 -11.51
C LEU F 3569 18.97 -94.67 -11.93
N PHE F 3570 18.43 -95.68 -11.24
CA PHE F 3570 17.11 -96.19 -11.57
C PHE F 3570 16.02 -95.23 -11.10
N HIS F 3571 16.19 -94.64 -9.93
CA HIS F 3571 15.17 -93.74 -9.40
C HIS F 3571 15.18 -92.39 -10.10
N MET F 3572 16.36 -91.92 -10.50
CA MET F 3572 16.46 -90.62 -11.14
C MET F 3572 16.00 -90.68 -12.60
N TYR F 3573 16.37 -91.76 -13.30
CA TYR F 3573 16.02 -91.87 -14.72
C TYR F 3573 14.54 -92.16 -14.91
N VAL F 3574 14.03 -93.17 -14.20
CA VAL F 3574 12.65 -93.59 -14.40
C VAL F 3574 11.68 -92.68 -13.64
N GLY F 3575 12.06 -92.25 -12.43
CA GLY F 3575 11.14 -91.48 -11.61
C GLY F 3575 10.79 -90.12 -12.21
N VAL F 3576 11.81 -89.37 -12.64
CA VAL F 3576 11.57 -88.02 -13.13
C VAL F 3576 10.97 -88.05 -14.52
N ARG F 3577 11.42 -88.95 -15.39
CA ARG F 3577 10.98 -88.95 -16.78
C ARG F 3577 9.53 -89.43 -16.91
N ALA F 3578 9.14 -90.44 -16.14
CA ALA F 3578 7.79 -90.97 -16.24
C ALA F 3578 6.75 -89.95 -15.80
N GLY F 3579 6.97 -89.33 -14.64
CA GLY F 3579 6.05 -88.35 -14.09
C GLY F 3579 4.90 -88.93 -13.30
N GLY F 3580 4.61 -90.22 -13.42
CA GLY F 3580 3.54 -90.84 -12.67
C GLY F 3580 4.00 -91.45 -11.37
N GLY F 3581 5.11 -90.93 -10.84
CA GLY F 3581 5.65 -91.44 -9.59
C GLY F 3581 6.32 -92.79 -9.75
N ILE F 3582 6.75 -93.33 -8.60
CA ILE F 3582 7.42 -94.62 -8.58
C ILE F 3582 6.45 -95.79 -8.62
N GLY F 3583 5.15 -95.53 -8.52
CA GLY F 3583 4.15 -96.59 -8.53
C GLY F 3583 4.03 -97.34 -9.84
N ASP F 3584 4.65 -96.84 -10.91
CA ASP F 3584 4.61 -97.52 -12.20
C ASP F 3584 5.74 -98.52 -12.38
N GLU F 3585 6.91 -98.26 -11.80
CA GLU F 3585 8.03 -99.17 -11.94
C GLU F 3585 7.97 -100.30 -10.92
N ILE F 3586 7.48 -100.01 -9.71
CA ILE F 3586 7.41 -101.04 -8.68
C ILE F 3586 6.29 -102.03 -9.02
N GLU F 3587 6.39 -103.22 -8.42
CA GLU F 3587 5.41 -104.27 -8.63
C GLU F 3587 4.17 -104.02 -7.77
N ASP F 3588 3.22 -104.94 -7.85
CA ASP F 3588 1.99 -104.80 -7.08
C ASP F 3588 2.27 -105.04 -5.60
N PRO F 3589 1.99 -104.08 -4.72
CA PRO F 3589 2.25 -104.29 -3.29
C PRO F 3589 1.25 -105.25 -2.65
N ALA F 3590 1.40 -106.54 -2.94
CA ALA F 3590 0.51 -107.56 -2.39
C ALA F 3590 1.03 -108.15 -1.08
N GLY F 3591 2.27 -107.88 -0.71
CA GLY F 3591 2.82 -108.42 0.53
C GLY F 3591 2.27 -107.70 1.75
N ASP F 3592 1.96 -108.48 2.78
CA ASP F 3592 1.43 -107.91 4.02
C ASP F 3592 2.50 -107.13 4.78
N GLU F 3593 3.77 -107.50 4.61
CA GLU F 3593 4.85 -106.83 5.32
C GLU F 3593 5.08 -105.45 4.70
N TYR F 3594 4.98 -104.41 5.55
CA TYR F 3594 5.17 -103.02 5.12
C TYR F 3594 4.21 -102.65 3.98
N GLU F 3595 2.97 -103.12 4.10
CA GLU F 3595 1.97 -102.82 3.07
C GLU F 3595 1.54 -101.36 3.12
N LEU F 3596 1.03 -100.92 4.27
CA LEU F 3596 0.61 -99.52 4.41
C LEU F 3596 1.80 -98.58 4.44
N TYR F 3597 2.97 -99.06 4.86
CA TYR F 3597 4.15 -98.20 4.90
C TYR F 3597 4.65 -97.88 3.50
N ARG F 3598 4.52 -98.82 2.57
CA ARG F 3598 4.94 -98.56 1.20
C ARG F 3598 3.92 -97.71 0.46
N VAL F 3599 2.66 -97.73 0.89
CA VAL F 3599 1.63 -96.93 0.23
C VAL F 3599 1.83 -95.45 0.53
N VAL F 3600 2.03 -95.11 1.81
CA VAL F 3600 2.23 -93.72 2.18
C VAL F 3600 3.56 -93.20 1.64
N PHE F 3601 4.54 -94.09 1.46
CA PHE F 3601 5.84 -93.66 0.94
C PHE F 3601 5.74 -93.15 -0.49
N ASP F 3602 5.00 -93.88 -1.34
CA ASP F 3602 4.85 -93.45 -2.72
C ASP F 3602 3.91 -92.25 -2.84
N ILE F 3603 3.03 -92.04 -1.86
CA ILE F 3603 2.11 -90.91 -1.89
C ILE F 3603 2.87 -89.61 -1.68
N THR F 3604 3.70 -89.55 -0.64
CA THR F 3604 4.50 -88.36 -0.40
C THR F 3604 5.61 -88.20 -1.43
N PHE F 3605 6.03 -89.31 -2.06
CA PHE F 3605 7.01 -89.21 -3.13
C PHE F 3605 6.41 -88.56 -4.38
N PHE F 3606 5.13 -88.84 -4.65
CA PHE F 3606 4.47 -88.23 -5.79
C PHE F 3606 4.14 -86.76 -5.53
N PHE F 3607 3.93 -86.39 -4.26
CA PHE F 3607 3.50 -85.05 -3.94
C PHE F 3607 4.67 -84.06 -3.96
N PHE F 3608 5.89 -84.54 -3.73
CA PHE F 3608 7.01 -83.63 -3.55
C PHE F 3608 7.80 -83.42 -4.83
N VAL F 3609 8.36 -84.49 -5.41
CA VAL F 3609 9.30 -84.31 -6.51
C VAL F 3609 8.59 -84.09 -7.84
N ILE F 3610 7.32 -84.49 -7.96
CA ILE F 3610 6.58 -84.22 -9.19
C ILE F 3610 5.86 -82.90 -9.11
N VAL F 3611 5.14 -82.65 -8.02
CA VAL F 3611 4.33 -81.45 -7.90
C VAL F 3611 5.19 -80.24 -7.54
N ILE F 3612 5.92 -80.32 -6.43
CA ILE F 3612 6.64 -79.17 -5.92
C ILE F 3612 7.92 -78.94 -6.71
N LEU F 3613 8.71 -79.99 -6.90
CA LEU F 3613 10.04 -79.82 -7.50
C LEU F 3613 9.94 -79.38 -8.96
N LEU F 3614 9.14 -80.07 -9.76
CA LEU F 3614 9.03 -79.73 -11.18
C LEU F 3614 8.41 -78.35 -11.39
N ALA F 3615 7.60 -77.87 -10.46
CA ALA F 3615 7.01 -76.55 -10.60
C ALA F 3615 8.07 -75.45 -10.50
N ILE F 3616 9.08 -75.67 -9.64
CA ILE F 3616 10.18 -74.70 -9.54
C ILE F 3616 10.99 -74.68 -10.83
N ILE F 3617 11.10 -75.83 -11.50
CA ILE F 3617 11.82 -75.88 -12.76
C ILE F 3617 11.04 -75.14 -13.86
N GLN F 3618 9.72 -75.34 -13.89
CA GLN F 3618 8.91 -74.69 -14.90
C GLN F 3618 8.69 -73.21 -14.57
N GLY F 3619 8.49 -72.90 -13.29
CA GLY F 3619 8.12 -71.53 -12.93
C GLY F 3619 9.25 -70.53 -13.18
N LEU F 3620 10.47 -70.90 -12.82
CA LEU F 3620 11.59 -69.98 -12.95
C LEU F 3620 11.94 -69.70 -14.41
N ILE F 3621 11.69 -70.67 -15.29
CA ILE F 3621 12.02 -70.48 -16.70
C ILE F 3621 10.97 -69.61 -17.38
N ILE F 3622 9.69 -69.90 -17.14
CA ILE F 3622 8.63 -69.13 -17.80
C ILE F 3622 8.55 -67.72 -17.21
N ASP F 3623 8.98 -67.53 -15.97
CA ASP F 3623 8.99 -66.19 -15.38
C ASP F 3623 10.12 -65.36 -15.97
N ALA F 3624 11.25 -65.98 -16.31
CA ALA F 3624 12.35 -65.24 -16.93
C ALA F 3624 11.95 -64.76 -18.33
N PHE F 3625 11.18 -65.57 -19.05
CA PHE F 3625 10.69 -65.15 -20.37
C PHE F 3625 9.68 -64.02 -20.23
N GLY F 3626 8.76 -64.14 -19.29
CA GLY F 3626 7.77 -63.09 -19.09
C GLY F 3626 8.37 -61.80 -18.57
N GLU F 3627 9.37 -61.91 -17.68
CA GLU F 3627 10.03 -60.71 -17.16
C GLU F 3627 10.86 -60.03 -18.23
N LEU F 3628 11.56 -60.82 -19.07
CA LEU F 3628 12.35 -60.23 -20.13
C LEU F 3628 11.47 -59.66 -21.23
N ARG F 3629 10.36 -60.33 -21.54
CA ARG F 3629 9.42 -59.79 -22.52
C ARG F 3629 8.76 -58.52 -22.00
N ASP F 3630 8.43 -58.48 -20.71
CA ASP F 3630 7.91 -57.26 -20.12
C ASP F 3630 8.99 -56.18 -20.05
N GLN F 3631 10.25 -56.57 -19.87
CA GLN F 3631 11.33 -55.59 -19.87
C GLN F 3631 11.52 -55.00 -21.26
N GLN F 3632 11.47 -55.83 -22.31
CA GLN F 3632 11.56 -55.32 -23.67
C GLN F 3632 10.33 -54.51 -24.04
N GLU F 3633 9.17 -54.85 -23.48
CA GLU F 3633 7.97 -54.06 -23.73
C GLU F 3633 7.96 -52.77 -22.92
N GLN F 3634 8.62 -52.77 -21.76
CA GLN F 3634 8.68 -51.55 -20.95
C GLN F 3634 9.58 -50.50 -21.60
N VAL F 3635 10.77 -50.91 -22.05
CA VAL F 3635 11.67 -49.96 -22.70
C VAL F 3635 11.10 -49.47 -24.02
N ARG F 3636 10.34 -50.32 -24.72
CA ARG F 3636 9.67 -49.87 -25.93
C ARG F 3636 8.59 -48.84 -25.61
N GLU F 3637 7.85 -49.06 -24.53
CA GLU F 3637 6.88 -48.07 -24.07
C GLU F 3637 7.53 -46.93 -23.31
N ASP F 3638 8.76 -47.11 -22.83
CA ASP F 3638 9.45 -46.05 -22.13
C ASP F 3638 9.81 -44.88 -23.04
N MET F 3639 9.90 -45.12 -24.35
CA MET F 3639 10.22 -44.04 -25.29
C MET F 3639 9.13 -43.00 -25.39
N GLU F 3640 7.92 -43.30 -24.90
CA GLU F 3640 6.82 -42.34 -24.90
C GLU F 3640 6.54 -41.74 -23.53
N THR F 3641 6.83 -42.46 -22.46
CA THR F 3641 6.61 -41.97 -21.10
C THR F 3641 7.90 -41.49 -20.44
N LYS F 3642 9.03 -41.52 -21.14
CA LYS F 3642 10.29 -41.08 -20.58
C LYS F 3642 11.29 -40.85 -21.71
N CYS F 3643 12.36 -40.14 -21.38
CA CYS F 3643 13.45 -39.91 -22.34
C CYS F 3643 14.69 -39.50 -21.55
N PHE F 3644 15.74 -40.31 -21.62
CA PHE F 3644 16.97 -40.01 -20.89
C PHE F 3644 17.81 -38.94 -21.58
N ILE F 3645 17.56 -38.68 -22.87
CA ILE F 3645 18.39 -37.73 -23.60
C ILE F 3645 17.74 -36.36 -23.75
N CYS F 3646 16.44 -36.23 -23.46
CA CYS F 3646 15.77 -34.95 -23.65
C CYS F 3646 16.20 -33.95 -22.59
N GLY F 3647 15.92 -34.26 -21.32
CA GLY F 3647 16.20 -33.38 -20.21
C GLY F 3647 14.99 -33.03 -19.37
N ILE F 3648 13.81 -32.94 -19.96
CA ILE F 3648 12.59 -32.64 -19.22
C ILE F 3648 11.89 -33.91 -18.76
N GLY F 3649 11.80 -34.92 -19.64
CA GLY F 3649 11.23 -36.19 -19.23
C GLY F 3649 10.26 -36.79 -20.22
N SER F 3650 9.04 -37.09 -19.75
CA SER F 3650 8.03 -37.74 -20.57
C SER F 3650 7.65 -36.91 -21.79
N ASP F 3651 7.05 -35.75 -21.55
CA ASP F 3651 6.59 -34.86 -22.60
C ASP F 3651 6.15 -33.54 -21.97
N TYR F 3652 6.27 -32.47 -22.76
CA TYR F 3652 5.83 -31.15 -22.32
C TYR F 3652 4.32 -30.96 -22.45
N PHE F 3653 3.58 -32.01 -22.79
CA PHE F 3653 2.13 -31.91 -22.95
C PHE F 3653 1.41 -31.65 -21.63
N ASP F 3654 2.07 -31.80 -20.50
CA ASP F 3654 1.44 -31.52 -19.21
C ASP F 3654 1.17 -30.03 -19.02
N THR F 3655 1.92 -29.16 -19.70
CA THR F 3655 1.73 -27.72 -19.61
C THR F 3655 0.94 -27.17 -20.79
N THR F 3656 1.34 -27.51 -22.02
CA THR F 3656 0.64 -27.04 -23.21
C THR F 3656 -0.15 -28.18 -23.84
N PRO F 3657 -1.33 -27.89 -24.41
CA PRO F 3657 -2.14 -28.97 -25.00
C PRO F 3657 -1.50 -29.62 -26.22
N HIS F 3658 -0.61 -28.93 -26.93
CA HIS F 3658 0.00 -29.44 -28.15
C HIS F 3658 1.51 -29.37 -28.05
N ARG F 3659 2.06 -29.81 -26.92
CA ARG F 3659 3.50 -29.87 -26.70
C ARG F 3659 4.02 -31.30 -26.64
N PHE F 3660 3.18 -32.29 -26.92
CA PHE F 3660 3.62 -33.68 -26.88
C PHE F 3660 4.53 -33.99 -28.06
N GLU F 3661 4.16 -33.57 -29.25
CA GLU F 3661 5.01 -33.79 -30.42
C GLU F 3661 6.09 -32.72 -30.55
N THR F 3662 5.81 -31.50 -30.12
CA THR F 3662 6.79 -30.41 -30.22
C THR F 3662 7.99 -30.63 -29.31
N HIS F 3663 7.84 -31.42 -28.25
CA HIS F 3663 8.98 -31.67 -27.36
C HIS F 3663 10.05 -32.49 -28.07
N THR F 3664 9.68 -33.63 -28.64
CA THR F 3664 10.62 -34.53 -29.30
C THR F 3664 10.88 -34.14 -30.75
N LEU F 3665 10.63 -32.89 -31.12
CA LEU F 3665 10.82 -32.43 -32.49
C LEU F 3665 11.95 -31.43 -32.64
N GLU F 3666 11.92 -30.34 -31.89
CA GLU F 3666 12.92 -29.28 -32.03
C GLU F 3666 13.77 -29.11 -30.77
N GLU F 3667 13.16 -28.90 -29.61
CA GLU F 3667 13.93 -28.61 -28.41
C GLU F 3667 14.54 -29.88 -27.81
N HIS F 3668 13.73 -30.93 -27.66
CA HIS F 3668 14.20 -32.18 -27.04
C HIS F 3668 14.06 -33.34 -28.02
N ASN F 3669 14.50 -33.12 -29.27
CA ASN F 3669 14.38 -34.17 -30.28
C ASN F 3669 15.20 -35.39 -29.93
N LEU F 3670 16.31 -35.21 -29.21
CA LEU F 3670 17.18 -36.29 -28.78
C LEU F 3670 17.72 -37.11 -29.97
N ALA F 3671 17.76 -36.50 -31.15
CA ALA F 3671 18.25 -37.16 -32.35
C ALA F 3671 19.10 -36.19 -33.15
N ASN F 3672 19.90 -36.75 -34.06
CA ASN F 3672 20.80 -35.98 -34.92
C ASN F 3672 21.81 -35.15 -34.13
N TYR F 3673 22.04 -35.51 -32.86
CA TYR F 3673 23.01 -34.79 -32.05
C TYR F 3673 24.44 -35.12 -32.46
N MET F 3674 24.66 -36.20 -33.20
CA MET F 3674 25.99 -36.50 -33.73
C MET F 3674 26.44 -35.44 -34.74
N PHE F 3675 25.48 -34.80 -35.41
CA PHE F 3675 25.83 -33.71 -36.31
C PHE F 3675 26.34 -32.50 -35.56
N PHE F 3676 25.88 -32.30 -34.32
CA PHE F 3676 26.39 -31.20 -33.50
C PHE F 3676 27.85 -31.42 -33.15
N LEU F 3677 28.21 -32.65 -32.74
CA LEU F 3677 29.61 -32.95 -32.48
C LEU F 3677 30.43 -32.97 -33.77
N MET F 3678 29.79 -33.31 -34.90
CA MET F 3678 30.48 -33.25 -36.18
C MET F 3678 30.80 -31.81 -36.55
N TYR F 3679 29.93 -30.87 -36.20
CA TYR F 3679 30.18 -29.47 -36.51
C TYR F 3679 31.39 -28.94 -35.74
N LEU F 3680 31.59 -29.41 -34.51
CA LEU F 3680 32.74 -28.98 -33.73
C LEU F 3680 34.03 -29.62 -34.22
N ILE F 3681 33.95 -30.84 -34.76
CA ILE F 3681 35.16 -31.51 -35.25
C ILE F 3681 35.53 -31.01 -36.64
N ASN F 3682 34.55 -30.84 -37.52
CA ASN F 3682 34.83 -30.38 -38.87
C ASN F 3682 35.32 -28.94 -38.88
N LYS F 3683 34.54 -28.03 -38.30
CA LYS F 3683 34.92 -26.63 -38.24
C LYS F 3683 36.03 -26.44 -37.21
N ASP F 3684 36.90 -25.46 -37.49
CA ASP F 3684 38.01 -25.17 -36.60
C ASP F 3684 37.52 -24.45 -35.35
N GLU F 3685 38.44 -24.27 -34.40
CA GLU F 3685 38.09 -23.57 -33.16
C GLU F 3685 37.82 -22.10 -33.39
N THR F 3686 38.43 -21.51 -34.41
CA THR F 3686 38.23 -20.10 -34.72
C THR F 3686 36.88 -19.81 -35.38
N GLU F 3687 36.18 -20.85 -35.84
CA GLU F 3687 34.89 -20.68 -36.49
C GLU F 3687 33.72 -21.03 -35.57
N HIS F 3688 33.94 -20.98 -34.26
CA HIS F 3688 32.91 -21.29 -33.28
C HIS F 3688 32.33 -20.02 -32.68
N THR F 3689 31.12 -20.14 -32.15
CA THR F 3689 30.41 -19.03 -31.54
C THR F 3689 30.58 -19.09 -30.02
N GLY F 3690 29.86 -18.22 -29.31
CA GLY F 3690 29.94 -18.21 -27.86
C GLY F 3690 29.37 -19.46 -27.22
N GLN F 3691 28.41 -20.10 -27.90
CA GLN F 3691 27.84 -21.34 -27.40
C GLN F 3691 28.61 -22.57 -27.86
N GLU F 3692 29.16 -22.54 -29.07
CA GLU F 3692 29.95 -23.67 -29.55
C GLU F 3692 31.29 -23.76 -28.83
N SER F 3693 31.85 -22.63 -28.42
CA SER F 3693 33.10 -22.64 -27.67
C SER F 3693 32.90 -23.09 -26.23
N TYR F 3694 31.72 -22.85 -25.66
CA TYR F 3694 31.48 -23.26 -24.28
C TYR F 3694 31.34 -24.77 -24.17
N VAL F 3695 30.62 -25.39 -25.10
CA VAL F 3695 30.47 -26.85 -25.07
C VAL F 3695 31.78 -27.53 -25.45
N TRP F 3696 32.57 -26.91 -26.34
CA TRP F 3696 33.87 -27.47 -26.70
C TRP F 3696 34.85 -27.39 -25.55
N LYS F 3697 34.76 -26.35 -24.73
CA LYS F 3697 35.65 -26.23 -23.57
C LYS F 3697 35.33 -27.30 -22.53
N MET F 3698 34.04 -27.59 -22.32
CA MET F 3698 33.65 -28.63 -21.39
C MET F 3698 33.85 -30.03 -21.96
N TYR F 3699 33.86 -30.17 -23.29
CA TYR F 3699 34.06 -31.48 -23.90
C TYR F 3699 35.48 -32.00 -23.64
N GLN F 3700 36.46 -31.10 -23.68
CA GLN F 3700 37.84 -31.51 -23.42
C GLN F 3700 38.08 -31.83 -21.95
N GLU F 3701 37.27 -31.28 -21.05
CA GLU F 3701 37.43 -31.53 -19.63
C GLU F 3701 36.79 -32.87 -19.25
N ARG F 3702 36.89 -33.22 -17.97
CA ARG F 3702 36.34 -34.46 -17.46
C ARG F 3702 34.87 -34.35 -17.06
N CYS F 3703 34.17 -33.32 -17.54
CA CYS F 3703 32.77 -33.11 -17.24
C CYS F 3703 31.96 -33.15 -18.53
N TRP F 3704 30.82 -33.82 -18.48
CA TRP F 3704 29.92 -33.97 -19.63
C TRP F 3704 28.52 -33.50 -19.27
N ASP F 3705 28.43 -32.35 -18.61
CA ASP F 3705 27.15 -31.78 -18.20
C ASP F 3705 26.61 -30.78 -19.23
N PHE F 3706 27.08 -30.84 -20.48
CA PHE F 3706 26.58 -29.93 -21.50
C PHE F 3706 25.15 -30.25 -21.91
N PHE F 3707 24.66 -31.45 -21.62
CA PHE F 3707 23.27 -31.77 -21.88
C PHE F 3707 22.36 -30.96 -20.97
N PRO F 3708 21.14 -30.64 -21.42
CA PRO F 3708 20.24 -29.83 -20.59
C PRO F 3708 19.94 -30.46 -19.24
N ALA F 3709 19.38 -31.67 -19.25
CA ALA F 3709 19.05 -32.41 -18.02
C ALA F 3709 18.24 -31.56 -17.05
N GLY F 3710 17.33 -30.76 -17.59
CA GLY F 3710 16.54 -29.87 -16.76
C GLY F 3710 15.29 -29.35 -17.44
N ASP F 3711 15.00 -28.07 -17.26
CA ASP F 3711 13.80 -27.47 -17.83
C ASP F 3711 13.87 -27.44 -19.36
N CYS F 3712 12.70 -27.51 -19.98
CA CYS F 3712 12.60 -27.51 -21.44
C CYS F 3712 12.46 -26.07 -21.93
N PHE F 3713 12.10 -25.91 -23.22
CA PHE F 3713 11.94 -24.59 -23.80
C PHE F 3713 10.76 -23.82 -23.21
N ARG F 3714 9.84 -24.51 -22.53
CA ARG F 3714 8.69 -23.84 -21.94
C ARG F 3714 9.12 -22.87 -20.84
N LYS F 3715 10.14 -23.23 -20.06
CA LYS F 3715 10.61 -22.35 -19.00
C LYS F 3715 11.35 -21.14 -19.56
N GLN F 3716 11.97 -21.29 -20.74
CA GLN F 3716 12.69 -20.18 -21.36
C GLN F 3716 11.73 -19.15 -21.92
N GLY G 1 49.02 15.91 121.78
CA GLY G 1 47.98 15.46 122.68
C GLY G 1 47.85 13.96 122.75
N VAL G 2 48.98 13.26 122.59
CA VAL G 2 48.97 11.81 122.64
C VAL G 2 48.80 11.34 124.07
N GLU G 3 47.95 10.34 124.27
CA GLU G 3 47.69 9.78 125.59
C GLU G 3 47.66 8.26 125.49
N ILE G 4 48.08 7.61 126.57
CA ILE G 4 48.13 6.15 126.65
C ILE G 4 47.34 5.72 127.87
N GLU G 5 46.31 4.91 127.66
CA GLU G 5 45.49 4.36 128.73
C GLU G 5 45.74 2.86 128.80
N THR G 6 46.38 2.42 129.88
CA THR G 6 46.73 1.01 130.02
C THR G 6 45.47 0.16 130.17
N ILE G 7 45.45 -0.96 129.45
CA ILE G 7 44.33 -1.89 129.46
C ILE G 7 44.83 -3.23 129.97
N SER G 8 44.47 -3.58 131.20
CA SER G 8 44.85 -4.83 131.85
C SER G 8 46.35 -5.04 131.80
N PRO G 9 47.14 -4.27 132.58
CA PRO G 9 48.60 -4.40 132.58
C PRO G 9 49.08 -5.72 133.16
N ARG G 13 58.73 -3.83 133.90
CA ARG G 13 58.99 -2.73 132.97
C ARG G 13 60.04 -3.13 131.94
N THR G 14 59.59 -3.36 130.71
CA THR G 14 60.46 -3.74 129.60
C THR G 14 60.21 -2.77 128.44
N PHE G 15 60.98 -1.70 128.41
CA PHE G 15 60.83 -0.71 127.35
C PHE G 15 61.51 -1.18 126.07
N PRO G 16 60.94 -0.86 124.91
CA PRO G 16 61.55 -1.29 123.65
C PRO G 16 62.90 -0.62 123.43
N LYS G 17 63.83 -1.37 122.85
CA LYS G 17 65.16 -0.85 122.58
C LYS G 17 65.20 -0.10 121.27
N LYS G 18 66.13 0.84 121.16
CA LYS G 18 66.26 1.64 119.95
C LYS G 18 66.82 0.79 118.82
N GLY G 19 66.16 0.84 117.67
CA GLY G 19 66.60 0.07 116.52
C GLY G 19 66.36 -1.42 116.65
N GLN G 20 65.23 -1.82 117.23
CA GLN G 20 64.90 -3.23 117.41
C GLN G 20 63.46 -3.48 116.96
N THR G 21 63.24 -4.65 116.39
CA THR G 21 61.91 -5.01 115.91
C THR G 21 61.04 -5.50 117.07
N CYS G 22 59.74 -5.26 116.95
CA CYS G 22 58.79 -5.65 117.99
C CYS G 22 57.48 -6.01 117.31
N VAL G 23 57.05 -7.26 117.46
CA VAL G 23 55.81 -7.74 116.88
C VAL G 23 54.66 -7.39 117.82
N VAL G 24 53.51 -7.05 117.23
CA VAL G 24 52.34 -6.67 117.99
C VAL G 24 51.11 -6.81 117.12
N HIS G 25 50.00 -7.21 117.73
CA HIS G 25 48.71 -7.32 117.04
C HIS G 25 47.88 -6.09 117.42
N TYR G 26 47.78 -5.14 116.49
CA TYR G 26 47.09 -3.88 116.74
C TYR G 26 45.77 -3.84 115.98
N THR G 27 44.84 -3.04 116.51
CA THR G 27 43.53 -2.85 115.91
C THR G 27 43.22 -1.36 115.85
N GLY G 28 42.66 -0.93 114.72
CA GLY G 28 42.35 0.47 114.51
C GLY G 28 40.87 0.74 114.67
N MET G 29 40.55 1.97 115.06
CA MET G 29 39.17 2.34 115.32
C MET G 29 38.99 3.83 115.00
N LEU G 30 37.87 4.15 114.37
CA LEU G 30 37.50 5.53 114.11
C LEU G 30 36.32 5.92 115.01
N GLN G 31 36.05 7.22 115.06
CA GLN G 31 34.97 7.72 115.92
C GLN G 31 33.61 7.22 115.48
N ASN G 32 33.46 6.91 114.18
CA ASN G 32 32.17 6.43 113.69
C ASN G 32 31.92 4.98 114.09
N GLY G 33 32.96 4.14 114.11
CA GLY G 33 32.83 2.75 114.49
C GLY G 33 33.22 1.77 113.40
N LYS G 34 33.84 2.21 112.31
CA LYS G 34 34.25 1.32 111.25
C LYS G 34 35.70 0.88 111.46
N LYS G 35 35.98 -0.38 111.11
CA LYS G 35 37.30 -0.96 111.27
C LYS G 35 38.07 -0.81 109.96
N PHE G 36 38.98 0.16 109.91
CA PHE G 36 39.78 0.37 108.72
C PHE G 36 40.96 -0.59 108.63
N ASP G 37 41.30 -1.27 109.72
CA ASP G 37 42.33 -2.30 109.70
C ASP G 37 42.16 -3.19 110.92
N SER G 38 42.60 -4.43 110.80
CA SER G 38 42.51 -5.40 111.89
C SER G 38 43.59 -6.45 111.70
N SER G 39 44.63 -6.40 112.53
CA SER G 39 45.69 -7.39 112.43
C SER G 39 45.25 -8.74 112.97
N ARG G 40 44.30 -8.76 113.90
CA ARG G 40 43.80 -10.03 114.43
C ARG G 40 42.97 -10.78 113.39
N ASP G 41 42.22 -10.06 112.56
CA ASP G 41 41.43 -10.72 111.52
C ASP G 41 42.32 -11.28 110.41
N ARG G 42 43.44 -10.62 110.13
CA ARG G 42 44.35 -11.10 109.09
C ARG G 42 45.13 -12.33 109.53
N ASN G 43 45.20 -12.59 110.84
CA ASN G 43 45.90 -13.74 111.40
C ASN G 43 47.38 -13.75 111.01
N LYS G 44 47.97 -12.57 110.85
CA LYS G 44 49.37 -12.43 110.49
C LYS G 44 50.02 -11.46 111.47
N PRO G 45 51.08 -11.87 112.18
CA PRO G 45 51.74 -10.95 113.12
C PRO G 45 52.50 -9.86 112.38
N PHE G 46 52.22 -8.62 112.73
CA PHE G 46 52.88 -7.48 112.11
C PHE G 46 54.21 -7.19 112.80
N LYS G 47 55.21 -6.83 112.00
CA LYS G 47 56.54 -6.53 112.51
C LYS G 47 57.00 -5.20 111.92
N PHE G 48 57.74 -4.45 112.73
CA PHE G 48 58.25 -3.14 112.32
C PHE G 48 59.47 -2.79 113.15
N ARG G 49 60.25 -1.86 112.65
CA ARG G 49 61.45 -1.38 113.32
C ARG G 49 61.27 0.08 113.71
N ILE G 50 61.82 0.45 114.88
CA ILE G 50 61.67 1.82 115.37
C ILE G 50 62.60 2.75 114.60
N GLY G 51 63.86 2.35 114.43
CA GLY G 51 64.83 3.17 113.73
C GLY G 51 64.65 3.24 112.23
N LYS G 52 63.86 2.33 111.64
CA LYS G 52 63.66 2.33 110.21
C LYS G 52 62.77 3.48 109.74
N GLN G 53 61.92 4.00 110.63
CA GLN G 53 61.01 5.11 110.31
C GLN G 53 60.11 4.77 109.12
N GLU G 54 59.59 3.55 109.11
CA GLU G 54 58.66 3.10 108.07
C GLU G 54 57.21 3.11 108.53
N VAL G 55 56.95 3.48 109.79
CA VAL G 55 55.61 3.53 110.34
C VAL G 55 55.33 4.97 110.77
N ILE G 56 54.05 5.32 110.85
CA ILE G 56 53.66 6.67 111.24
C ILE G 56 54.21 6.99 112.62
N LYS G 57 54.46 8.29 112.85
CA LYS G 57 55.10 8.71 114.09
C LYS G 57 54.23 8.43 115.31
N GLY G 58 52.90 8.50 115.17
CA GLY G 58 52.04 8.24 116.30
C GLY G 58 52.12 6.81 116.79
N PHE G 59 52.12 5.84 115.88
CA PHE G 59 52.22 4.45 116.28
C PHE G 59 53.55 4.16 116.95
N GLU G 60 54.64 4.73 116.43
CA GLU G 60 55.94 4.52 117.04
C GLU G 60 56.03 5.16 118.41
N GLU G 61 55.48 6.37 118.56
CA GLU G 61 55.48 7.03 119.87
C GLU G 61 54.62 6.26 120.87
N GLY G 62 53.53 5.65 120.43
CA GLY G 62 52.71 4.86 121.33
C GLY G 62 53.37 3.55 121.71
N ALA G 63 54.08 2.92 120.76
CA ALA G 63 54.74 1.66 121.06
C ALA G 63 55.99 1.87 121.92
N ALA G 64 56.62 3.04 121.84
CA ALA G 64 57.79 3.30 122.66
C ALA G 64 57.46 3.33 124.14
N GLN G 65 56.25 3.77 124.50
CA GLN G 65 55.83 3.82 125.89
C GLN G 65 55.17 2.53 126.37
N MET G 66 54.90 1.59 125.46
CA MET G 66 54.26 0.34 125.84
C MET G 66 55.27 -0.59 126.49
N SER G 67 54.78 -1.75 126.96
CA SER G 67 55.61 -2.75 127.61
C SER G 67 55.26 -4.12 127.07
N LEU G 68 56.01 -5.12 127.51
CA LEU G 68 55.80 -6.49 127.04
C LEU G 68 54.54 -7.08 127.69
N GLY G 69 53.70 -7.70 126.86
CA GLY G 69 52.49 -8.32 127.34
C GLY G 69 51.50 -7.34 127.94
N GLN G 70 51.19 -6.26 127.21
CA GLN G 70 50.29 -5.24 127.69
C GLN G 70 49.67 -4.52 126.51
N ARG G 71 48.35 -4.35 126.55
CA ARG G 71 47.62 -3.63 125.51
C ARG G 71 47.16 -2.28 126.03
N ALA G 72 47.05 -1.31 125.13
CA ALA G 72 46.65 0.04 125.50
C ALA G 72 46.14 0.76 124.27
N LYS G 73 45.10 1.57 124.46
CA LYS G 73 44.53 2.36 123.36
C LYS G 73 45.41 3.57 123.14
N LEU G 74 46.23 3.52 122.08
CA LEU G 74 47.18 4.60 121.77
C LEU G 74 46.46 5.63 120.92
N THR G 75 45.91 6.64 121.58
CA THR G 75 45.25 7.74 120.88
C THR G 75 46.30 8.65 120.24
N CYS G 76 46.29 8.72 118.91
CA CYS G 76 47.27 9.48 118.16
C CYS G 76 46.68 10.81 117.70
N THR G 77 47.55 11.81 117.56
CA THR G 77 47.14 13.11 117.09
C THR G 77 46.89 13.07 115.58
N PRO G 78 46.01 13.95 115.08
CA PRO G 78 45.76 13.99 113.62
C PRO G 78 46.99 14.36 112.82
N ASP G 79 47.89 15.18 113.37
CA ASP G 79 49.06 15.61 112.62
C ASP G 79 50.14 14.55 112.54
N VAL G 80 50.32 13.76 113.61
CA VAL G 80 51.37 12.73 113.62
C VAL G 80 51.01 11.51 112.79
N ALA G 81 49.77 11.41 112.31
CA ALA G 81 49.36 10.27 111.49
C ALA G 81 48.33 10.76 110.49
N TYR G 82 48.71 10.84 109.22
CA TYR G 82 47.84 11.29 108.13
C TYR G 82 47.30 12.69 108.42
N GLY G 83 48.23 13.65 108.48
CA GLY G 83 47.88 15.02 108.77
C GLY G 83 46.99 15.66 107.72
N ALA G 84 47.46 15.71 106.48
CA ALA G 84 46.69 16.27 105.38
C ALA G 84 46.05 15.22 104.48
N THR G 85 46.68 14.05 104.36
CA THR G 85 46.15 12.98 103.51
C THR G 85 46.78 11.67 103.95
N GLY G 86 46.05 10.59 103.70
CA GLY G 86 46.51 9.24 104.01
C GLY G 86 46.28 8.32 102.82
N HIS G 87 45.90 7.09 103.12
CA HIS G 87 45.59 6.13 102.07
C HIS G 87 44.30 6.55 101.37
N PRO G 88 44.28 6.60 100.04
CA PRO G 88 43.06 7.00 99.34
C PRO G 88 41.93 6.00 99.53
N GLY G 89 40.87 6.42 100.22
CA GLY G 89 39.72 5.58 100.46
C GLY G 89 39.70 4.88 101.81
N VAL G 90 40.81 4.90 102.54
CA VAL G 90 40.90 4.22 103.83
C VAL G 90 40.70 5.18 104.99
N ILE G 91 41.45 6.29 105.02
CA ILE G 91 41.39 7.27 106.09
C ILE G 91 40.93 8.59 105.48
N PRO G 92 39.88 9.22 106.01
CA PRO G 92 39.46 10.51 105.47
C PRO G 92 40.39 11.61 105.96
N PRO G 93 40.53 12.70 105.21
CA PRO G 93 41.37 13.82 105.68
C PRO G 93 40.78 14.50 106.89
N ASN G 94 41.67 15.10 107.69
CA ASN G 94 41.31 15.79 108.93
C ASN G 94 40.49 14.87 109.85
N ALA G 95 41.11 13.76 110.23
CA ALA G 95 40.48 12.81 111.12
C ALA G 95 41.54 12.15 111.99
N THR G 96 41.12 11.75 113.19
CA THR G 96 42.01 11.11 114.14
C THR G 96 42.20 9.64 113.78
N LEU G 97 43.01 8.95 114.57
CA LEU G 97 43.29 7.54 114.34
C LEU G 97 43.66 6.89 115.67
N ILE G 98 42.79 6.02 116.17
CA ILE G 98 43.01 5.33 117.44
C ILE G 98 43.49 3.93 117.14
N PHE G 99 44.65 3.57 117.69
CA PHE G 99 45.25 2.25 117.50
C PHE G 99 45.38 1.57 118.85
N ASP G 100 44.68 0.44 119.01
CA ASP G 100 44.77 -0.36 120.23
C ASP G 100 45.95 -1.31 120.08
N VAL G 101 47.14 -0.81 120.41
CA VAL G 101 48.35 -1.59 120.25
C VAL G 101 48.46 -2.60 121.39
N GLU G 102 48.81 -3.84 121.04
CA GLU G 102 49.00 -4.93 122.00
C GLU G 102 50.39 -5.50 121.77
N LEU G 103 51.38 -4.95 122.48
CA LEU G 103 52.77 -5.35 122.28
C LEU G 103 52.97 -6.77 122.78
N LEU G 104 53.45 -7.65 121.88
CA LEU G 104 53.74 -9.04 122.21
C LEU G 104 55.10 -9.42 121.62
N ASN G 105 56.08 -8.55 121.82
CA ASN G 105 57.41 -8.76 121.29
C ASN G 105 58.17 -9.80 122.12
N LEU G 106 59.31 -10.23 121.60
CA LEU G 106 60.16 -11.21 122.28
C LEU G 106 61.49 -10.58 122.69
N PHE H 1 -15.34 0.37 36.01
CA PHE H 1 -15.59 -0.39 37.23
C PHE H 1 -14.29 -0.68 37.97
N LEU H 2 -14.25 -0.33 39.24
CA LEU H 2 -13.06 -0.54 40.06
C LEU H 2 -12.94 -2.01 40.45
N ARG H 3 -11.75 -2.38 40.91
CA ARG H 3 -11.45 -3.73 41.35
C ARG H 3 -10.81 -3.68 42.73
N THR H 4 -10.42 -4.84 43.25
CA THR H 4 -9.80 -4.92 44.55
C THR H 4 -8.35 -4.44 44.47
N ASP H 5 -7.80 -4.13 45.66
CA ASP H 5 -6.41 -3.67 45.79
C ASP H 5 -6.16 -2.41 44.95
N ASP H 6 -7.05 -1.43 45.08
CA ASP H 6 -6.95 -0.18 44.35
C ASP H 6 -7.02 1.00 45.31
N GLU H 7 -6.34 2.08 44.94
CA GLU H 7 -6.33 3.29 45.75
C GLU H 7 -7.54 4.16 45.40
N VAL H 8 -8.26 4.59 46.43
CA VAL H 8 -9.49 5.36 46.26
C VAL H 8 -9.38 6.65 47.09
N VAL H 9 -10.16 7.65 46.67
CA VAL H 9 -10.18 8.95 47.33
C VAL H 9 -11.61 9.45 47.40
N LEU H 10 -12.08 9.72 48.61
CA LEU H 10 -13.45 10.21 48.82
C LEU H 10 -13.51 11.72 48.67
N GLN H 11 -14.63 12.21 48.15
CA GLN H 11 -14.83 13.63 47.94
C GLN H 11 -16.30 13.96 48.12
N CYS H 12 -16.58 15.09 48.77
CA CYS H 12 -17.94 15.55 49.02
C CYS H 12 -18.08 17.01 48.61
N ASN H 13 -19.32 17.41 48.34
CA ASN H 13 -19.63 18.77 47.91
C ASN H 13 -20.37 19.48 49.02
N ALA H 14 -19.97 20.72 49.31
CA ALA H 14 -20.62 21.56 50.31
C ALA H 14 -21.02 22.88 49.66
N THR H 15 -22.32 23.15 49.65
CA THR H 15 -22.85 24.37 49.03
C THR H 15 -22.49 25.57 49.89
N VAL H 16 -21.44 26.29 49.48
CA VAL H 16 -21.01 27.48 50.20
C VAL H 16 -21.84 28.67 49.74
N LEU H 17 -21.78 29.78 50.48
CA LEU H 17 -22.55 30.95 50.12
C LEU H 17 -22.04 31.61 48.85
N LYS H 18 -20.74 31.52 48.59
CA LYS H 18 -20.17 32.13 47.40
C LYS H 18 -20.46 31.29 46.16
N GLU H 19 -20.00 30.05 46.16
CA GLU H 19 -20.20 29.15 45.02
C GLU H 19 -20.05 27.72 45.52
N GLN H 20 -20.10 26.77 44.59
CA GLN H 20 -19.96 25.36 44.94
C GLN H 20 -18.51 25.06 45.33
N LEU H 21 -18.34 24.47 46.51
CA LEU H 21 -17.03 24.12 47.03
C LEU H 21 -17.01 22.65 47.41
N LYS H 22 -16.02 21.92 46.90
CA LYS H 22 -15.87 20.49 47.16
C LYS H 22 -14.58 20.26 47.93
N LEU H 23 -14.70 19.76 49.14
CA LEU H 23 -13.55 19.48 49.99
C LEU H 23 -13.15 18.02 49.88
N CYS H 24 -12.07 17.66 50.57
CA CYS H 24 -11.55 16.29 50.56
C CYS H 24 -11.12 15.91 51.97
N LEU H 25 -11.56 14.75 52.43
CA LEU H 25 -11.19 14.28 53.76
C LEU H 25 -9.74 13.81 53.78
N ALA H 26 -9.02 14.19 54.82
CA ALA H 26 -7.62 13.82 54.97
C ALA H 26 -7.29 13.70 56.44
N ALA H 27 -6.54 12.65 56.78
CA ALA H 27 -6.14 12.37 58.15
C ALA H 27 -4.62 12.49 58.27
N GLU H 28 -4.16 13.15 59.32
CA GLU H 28 -2.72 13.31 59.52
C GLU H 28 -2.07 11.99 59.92
N GLY H 29 -2.77 11.15 60.66
CA GLY H 29 -2.23 9.87 61.08
C GLY H 29 -1.47 9.95 62.39
N PHE H 30 -0.14 10.03 62.31
CA PHE H 30 0.68 10.11 63.51
C PHE H 30 0.49 11.46 64.18
N GLY H 31 0.11 11.43 65.46
CA GLY H 31 -0.10 12.63 66.24
C GLY H 31 -1.52 13.15 66.25
N ASN H 32 -2.25 12.96 65.16
CA ASN H 32 -3.63 13.44 65.05
C ASN H 32 -4.51 12.28 64.58
N ARG H 33 -5.33 11.75 65.49
CA ARG H 33 -6.25 10.68 65.12
C ARG H 33 -7.46 11.20 64.35
N LEU H 34 -7.83 12.46 64.57
CA LEU H 34 -8.97 13.05 63.88
C LEU H 34 -8.57 13.54 62.50
N CYS H 35 -9.54 13.53 61.59
CA CYS H 35 -9.34 13.97 60.22
C CYS H 35 -10.17 15.22 59.94
N PHE H 36 -9.65 16.07 59.06
CA PHE H 36 -10.32 17.30 58.66
C PHE H 36 -10.60 17.27 57.15
N LEU H 37 -11.07 18.40 56.64
CA LEU H 37 -11.40 18.53 55.23
C LEU H 37 -10.37 19.41 54.53
N GLU H 38 -10.21 19.17 53.23
CA GLU H 38 -9.26 19.91 52.41
C GLU H 38 -9.92 20.26 51.07
N PRO H 39 -10.15 21.53 50.80
CA PRO H 39 -10.78 21.90 49.51
C PRO H 39 -9.82 21.69 48.35
N THR H 40 -10.24 20.84 47.41
CA THR H 40 -9.43 20.52 46.25
C THR H 40 -9.93 21.17 44.97
N SER H 41 -10.95 22.03 45.05
CA SER H 41 -11.46 22.70 43.86
C SER H 41 -10.48 23.73 43.32
N ASN H 42 -9.75 24.41 44.21
CA ASN H 42 -8.76 25.40 43.80
C ASN H 42 -7.37 24.76 43.77
N ALA H 43 -7.21 23.86 42.79
CA ALA H 43 -5.97 23.13 42.61
C ALA H 43 -4.99 23.84 41.67
N GLN H 44 -5.43 24.89 40.97
CA GLN H 44 -4.55 25.58 40.05
C GLN H 44 -3.58 26.49 40.79
N ASN H 45 -4.09 27.26 41.76
CA ASN H 45 -3.24 28.17 42.51
C ASN H 45 -2.48 27.44 43.61
N VAL H 46 -3.21 26.78 44.50
CA VAL H 46 -2.60 26.05 45.61
C VAL H 46 -2.83 24.56 45.40
N PRO H 47 -1.82 23.81 45.00
CA PRO H 47 -2.00 22.36 44.81
C PRO H 47 -2.20 21.66 46.13
N PRO H 48 -3.28 20.90 46.28
CA PRO H 48 -3.53 20.19 47.55
C PRO H 48 -2.57 19.02 47.73
N ASP H 49 -2.57 18.49 48.95
CA ASP H 49 -1.70 17.36 49.29
C ASP H 49 -2.50 16.08 49.11
N LEU H 50 -2.43 15.50 47.91
CA LEU H 50 -3.13 14.27 47.61
C LEU H 50 -2.41 13.02 48.11
N ALA H 51 -1.18 13.16 48.59
CA ALA H 51 -0.41 12.00 49.05
C ALA H 51 -0.80 11.54 50.44
N ILE H 52 -1.53 12.36 51.20
CA ILE H 52 -1.91 11.96 52.55
C ILE H 52 -3.31 11.37 52.62
N CYS H 53 -4.16 11.68 51.65
CA CYS H 53 -5.53 11.20 51.63
C CYS H 53 -5.70 9.94 50.79
N CYS H 54 -4.63 9.18 50.59
CA CYS H 54 -4.73 7.94 49.82
C CYS H 54 -5.36 6.84 50.65
N PHE H 55 -6.47 6.29 50.17
CA PHE H 55 -7.18 5.22 50.84
C PHE H 55 -7.25 4.01 49.93
N VAL H 56 -6.95 2.84 50.47
CA VAL H 56 -7.05 1.59 49.72
C VAL H 56 -8.07 0.69 50.40
N LEU H 57 -8.74 -0.12 49.59
CA LEU H 57 -9.67 -1.12 50.11
C LEU H 57 -8.91 -2.41 50.33
N GLU H 58 -9.21 -3.09 51.44
CA GLU H 58 -8.49 -4.31 51.80
C GLU H 58 -9.30 -5.56 51.42
N GLN H 59 -10.54 -5.63 51.87
CA GLN H 59 -11.39 -6.79 51.60
C GLN H 59 -12.84 -6.35 51.70
N SER H 60 -13.69 -6.97 50.87
CA SER H 60 -15.10 -6.62 50.83
C SER H 60 -15.94 -7.88 50.67
N LEU H 61 -16.73 -8.19 51.69
CA LEU H 61 -17.66 -9.30 51.65
C LEU H 61 -19.06 -8.74 51.88
N SER H 62 -20.05 -9.61 51.82
CA SER H 62 -21.40 -9.20 52.17
C SER H 62 -21.49 -8.92 53.68
N VAL H 63 -22.59 -8.27 54.07
CA VAL H 63 -22.76 -7.93 55.48
C VAL H 63 -22.96 -9.18 56.33
N ARG H 64 -23.63 -10.21 55.79
CA ARG H 64 -23.83 -11.45 56.54
C ARG H 64 -22.50 -12.19 56.69
N ALA H 65 -21.72 -12.27 55.62
CA ALA H 65 -20.40 -12.90 55.71
C ALA H 65 -19.49 -12.12 56.64
N LEU H 66 -19.56 -10.79 56.62
CA LEU H 66 -18.75 -9.98 57.51
C LEU H 66 -19.14 -10.22 58.97
N GLN H 67 -20.45 -10.28 59.25
CA GLN H 67 -20.88 -10.54 60.62
C GLN H 67 -20.48 -11.94 61.08
N GLU H 68 -20.56 -12.93 60.18
CA GLU H 68 -20.16 -14.29 60.55
C GLU H 68 -18.66 -14.37 60.79
N MET H 69 -17.87 -13.63 60.02
CA MET H 69 -16.42 -13.63 60.21
C MET H 69 -16.04 -12.91 61.49
N LEU H 70 -16.73 -11.81 61.81
CA LEU H 70 -16.43 -11.08 63.03
C LEU H 70 -16.87 -11.84 64.27
N ALA H 71 -17.96 -12.60 64.17
CA ALA H 71 -18.42 -13.37 65.32
C ALA H 71 -17.49 -14.53 65.65
N ASN H 72 -16.80 -15.06 64.64
CA ASN H 72 -15.88 -16.17 64.86
C ASN H 72 -14.47 -15.65 65.18
N GLY H 73 -8.26 -12.70 47.57
CA GLY H 73 -8.13 -12.58 46.13
C GLY H 73 -8.77 -11.33 45.58
N HIS H 74 -8.41 -10.98 44.34
CA HIS H 74 -8.97 -9.79 43.71
C HIS H 74 -10.39 -10.07 43.24
N ARG H 75 -11.29 -9.12 43.53
CA ARG H 75 -12.68 -9.25 43.14
C ARG H 75 -13.30 -7.86 43.02
N THR H 76 -14.34 -7.76 42.21
CA THR H 76 -15.02 -6.48 42.02
C THR H 76 -15.87 -6.15 43.23
N LEU H 77 -15.95 -4.85 43.53
CA LEU H 77 -16.73 -4.37 44.67
C LEU H 77 -18.13 -4.00 44.19
N LEU H 78 -19.14 -4.67 44.73
CA LEU H 78 -20.52 -4.43 44.39
C LEU H 78 -21.24 -3.73 45.54
N TYR H 79 -22.42 -3.19 45.23
CA TYR H 79 -23.22 -2.52 46.24
C TYR H 79 -23.75 -3.52 47.27
N GLY H 80 -23.98 -3.03 48.48
CA GLY H 80 -24.43 -3.86 49.58
C GLY H 80 -23.33 -4.57 50.33
N HIS H 81 -22.10 -4.56 49.82
CA HIS H 81 -20.96 -5.18 50.49
C HIS H 81 -20.14 -4.13 51.18
N ALA H 82 -19.77 -4.40 52.43
CA ALA H 82 -18.99 -3.44 53.22
C ALA H 82 -17.56 -3.37 52.70
N ILE H 83 -17.05 -2.15 52.56
CA ILE H 83 -15.70 -1.92 52.05
C ILE H 83 -14.82 -1.43 53.19
N LEU H 84 -13.52 -1.69 53.05
CA LEU H 84 -12.55 -1.30 54.05
C LEU H 84 -12.00 0.08 53.74
N LEU H 85 -11.75 0.87 54.79
CA LEU H 85 -11.23 2.22 54.68
C LEU H 85 -10.03 2.35 55.60
N ARG H 86 -8.86 2.60 55.03
CA ARG H 86 -7.63 2.71 55.81
C ARG H 86 -6.73 3.78 55.19
N HIS H 87 -5.81 4.28 56.01
CA HIS H 87 -4.85 5.28 55.57
C HIS H 87 -3.59 4.59 55.06
N ALA H 88 -3.13 4.99 53.88
CA ALA H 88 -1.95 4.37 53.30
C ALA H 88 -0.66 4.87 53.94
N HIS H 89 -0.61 6.15 54.30
CA HIS H 89 0.60 6.71 54.89
C HIS H 89 0.79 6.23 56.32
N SER H 90 -0.21 6.45 57.16
CA SER H 90 -0.09 6.07 58.57
C SER H 90 -0.17 4.56 58.75
N GLY H 91 -1.04 3.90 58.00
CA GLY H 91 -1.23 2.47 58.10
C GLY H 91 -2.35 2.03 59.02
N MET H 92 -2.96 2.95 59.75
CA MET H 92 -4.06 2.61 60.64
C MET H 92 -5.36 2.44 59.87
N TYR H 93 -6.39 1.94 60.55
CA TYR H 93 -7.70 1.73 59.96
C TYR H 93 -8.64 2.83 60.43
N LEU H 94 -9.32 3.46 59.47
CA LEU H 94 -10.26 4.52 59.79
C LEU H 94 -11.60 3.93 60.22
N SER H 95 -12.09 4.38 61.37
CA SER H 95 -13.35 3.88 61.90
C SER H 95 -14.02 4.98 62.71
N CYS H 96 -15.29 4.75 63.05
CA CYS H 96 -16.05 5.72 63.82
C CYS H 96 -15.61 5.70 65.29
N LEU H 97 -15.41 6.88 65.86
CA LEU H 97 -14.99 6.99 67.25
C LEU H 97 -16.19 6.80 68.17
N THR H 98 -15.89 6.43 69.42
CA THR H 98 -16.94 6.20 70.41
C THR H 98 -17.50 7.51 70.95
N THR H 99 -16.62 8.43 71.32
CA THR H 99 -17.01 9.71 71.90
C THR H 99 -16.51 10.85 71.04
N SER H 100 -17.41 11.80 70.74
CA SER H 100 -17.08 12.98 69.94
C SER H 100 -17.34 14.24 70.75
N ARG H 101 -16.43 15.20 70.64
CA ARG H 101 -16.55 16.47 71.35
C ARG H 101 -17.18 17.51 70.42
N SER H 102 -18.46 17.30 70.12
CA SER H 102 -19.22 18.17 69.25
C SER H 102 -20.24 18.96 70.06
N MET H 103 -20.45 20.22 69.70
CA MET H 103 -21.38 21.09 70.39
C MET H 103 -22.76 21.01 69.76
N THR H 104 -23.79 21.07 70.62
CA THR H 104 -25.19 20.99 70.19
C THR H 104 -25.47 19.74 69.36
N ASP H 105 -24.76 18.65 69.66
CA ASP H 105 -24.88 17.40 68.94
C ASP H 105 -25.51 16.35 69.85
N LYS H 106 -26.64 15.79 69.41
CA LYS H 106 -27.33 14.78 70.20
C LYS H 106 -26.67 13.42 70.03
N LEU H 107 -26.61 12.92 68.80
CA LEU H 107 -26.06 11.61 68.48
C LEU H 107 -25.09 11.71 67.31
N ALA H 108 -24.22 12.71 67.35
CA ALA H 108 -23.21 12.92 66.33
C ALA H 108 -21.85 12.44 66.85
N PHE H 109 -21.33 11.38 66.25
CA PHE H 109 -20.04 10.81 66.60
C PHE H 109 -18.98 11.29 65.63
N ASP H 110 -17.75 10.83 65.84
CA ASP H 110 -16.62 11.22 65.02
C ASP H 110 -15.99 9.98 64.37
N VAL H 111 -15.19 10.22 63.34
CA VAL H 111 -14.49 9.17 62.62
C VAL H 111 -12.99 9.50 62.63
N GLY H 112 -12.17 8.48 62.88
CA GLY H 112 -10.74 8.69 62.94
C GLY H 112 -10.00 7.40 62.71
N LEU H 113 -8.76 7.52 62.23
CA LEU H 113 -7.93 6.36 61.97
C LEU H 113 -7.40 5.78 63.28
N GLN H 114 -7.59 4.48 63.46
CA GLN H 114 -7.13 3.79 64.66
C GLN H 114 -6.42 2.50 64.26
N GLU H 115 -5.51 2.05 65.14
CA GLU H 115 -4.75 0.83 64.92
C GLU H 115 -5.36 -0.36 65.66
N ASP H 116 -6.67 -0.34 65.89
CA ASP H 116 -7.31 -1.44 66.61
C ASP H 116 -7.38 -2.69 65.74
N ALA H 117 -7.85 -2.55 64.50
CA ALA H 117 -7.99 -3.66 63.56
C ALA H 117 -8.84 -4.78 64.15
N THR H 118 -9.98 -4.41 64.71
CA THR H 118 -10.92 -5.33 65.33
C THR H 118 -12.22 -5.35 64.54
N GLY H 119 -13.16 -6.20 64.99
CA GLY H 119 -14.43 -6.34 64.32
C GLY H 119 -15.40 -5.20 64.55
N GLU H 120 -15.14 -4.36 65.55
CA GLU H 120 -16.02 -3.23 65.86
C GLU H 120 -15.90 -2.19 64.76
N ALA H 121 -16.89 -2.14 63.88
CA ALA H 121 -16.92 -1.19 62.76
C ALA H 121 -15.66 -1.30 61.91
N CYS H 122 -15.35 -2.53 61.50
CA CYS H 122 -14.15 -2.77 60.70
C CYS H 122 -14.30 -2.21 59.29
N TRP H 123 -15.44 -2.46 58.66
CA TRP H 123 -15.69 -2.03 57.28
C TRP H 123 -16.96 -1.19 57.23
N TRP H 124 -16.93 -0.15 56.39
CA TRP H 124 -18.06 0.74 56.20
C TRP H 124 -18.86 0.28 55.00
N THR H 125 -20.14 -0.02 55.22
CA THR H 125 -21.01 -0.46 54.12
C THR H 125 -21.55 0.75 53.37
N THR H 126 -21.86 0.53 52.09
CA THR H 126 -22.37 1.57 51.22
C THR H 126 -23.65 1.11 50.55
N HIS H 127 -24.60 2.02 50.41
CA HIS H 127 -25.88 1.73 49.78
C HIS H 127 -26.08 2.64 48.56
N PRO H 128 -26.68 2.13 47.49
CA PRO H 128 -26.90 2.97 46.29
C PRO H 128 -27.95 4.04 46.56
N ALA H 129 -27.56 5.30 46.37
CA ALA H 129 -28.50 6.41 46.58
C ALA H 129 -29.45 6.59 45.42
N SER H 130 -28.99 6.34 44.19
CA SER H 130 -29.83 6.48 43.02
C SER H 130 -30.82 5.32 42.92
N LYS H 131 -32.05 5.64 42.54
CA LYS H 131 -33.09 4.62 42.41
C LYS H 131 -32.86 3.71 41.20
N GLN H 132 -32.02 4.13 40.26
CA GLN H 132 -31.76 3.30 39.08
C GLN H 132 -30.96 2.05 39.44
N ARG H 133 -29.97 2.20 40.33
CA ARG H 133 -29.16 1.06 40.74
C ARG H 133 -29.95 0.14 41.65
N SER H 134 -29.59 -1.14 41.64
CA SER H 134 -30.24 -2.15 42.45
C SER H 134 -29.20 -2.86 43.33
N GLU H 135 -29.70 -3.55 44.35
CA GLU H 135 -28.83 -4.28 45.26
C GLU H 135 -28.22 -5.49 44.57
N GLY H 136 -27.02 -5.87 45.00
CA GLY H 136 -26.32 -7.00 44.42
C GLY H 136 -25.68 -6.74 43.08
N GLU H 137 -25.63 -5.49 42.63
CA GLU H 137 -25.03 -5.13 41.36
C GLU H 137 -23.70 -4.42 41.58
N LYS H 138 -22.84 -4.52 40.58
CA LYS H 138 -21.52 -3.90 40.67
C LYS H 138 -21.63 -2.38 40.70
N VAL H 139 -20.84 -1.74 41.55
CA VAL H 139 -20.85 -0.29 41.68
C VAL H 139 -20.04 0.32 40.54
N ARG H 140 -20.53 1.43 40.00
CA ARG H 140 -19.85 2.12 38.91
C ARG H 140 -18.78 3.04 39.47
N VAL H 141 -18.08 3.73 38.57
CA VAL H 141 -17.04 4.69 38.94
C VAL H 141 -17.60 6.09 38.84
N GLY H 142 -17.20 6.96 39.76
CA GLY H 142 -17.67 8.33 39.78
C GLY H 142 -19.10 8.52 40.24
N ASP H 143 -19.77 7.46 40.69
CA ASP H 143 -21.15 7.56 41.12
C ASP H 143 -21.23 7.99 42.59
N ASP H 144 -22.41 8.45 42.97
CA ASP H 144 -22.65 8.88 44.35
C ASP H 144 -22.89 7.69 45.24
N LEU H 145 -22.43 7.79 46.49
CA LEU H 145 -22.60 6.71 47.46
C LEU H 145 -22.61 7.31 48.86
N ILE H 146 -23.22 6.58 49.78
CA ILE H 146 -23.33 6.99 51.18
C ILE H 146 -22.51 6.04 52.04
N LEU H 147 -22.04 6.54 53.18
CA LEU H 147 -21.26 5.76 54.14
C LEU H 147 -22.13 5.47 55.34
N VAL H 148 -22.34 4.17 55.61
CA VAL H 148 -23.18 3.71 56.72
C VAL H 148 -22.31 2.96 57.70
N SER H 149 -22.42 3.31 58.98
CA SER H 149 -21.65 2.64 60.02
C SER H 149 -22.31 1.34 60.43
N VAL H 150 -21.51 0.46 61.05
CA VAL H 150 -21.99 -0.83 61.51
C VAL H 150 -22.15 -0.85 63.03
N SER H 151 -21.16 -0.31 63.76
CA SER H 151 -21.23 -0.29 65.21
C SER H 151 -22.20 0.77 65.71
N SER H 152 -22.18 1.96 65.09
CA SER H 152 -23.05 3.05 65.49
C SER H 152 -24.26 3.23 64.57
N GLU H 153 -24.22 2.65 63.37
CA GLU H 153 -25.31 2.77 62.40
C GLU H 153 -25.60 4.23 62.06
N ARG H 154 -24.55 5.00 61.83
CA ARG H 154 -24.65 6.41 61.49
C ARG H 154 -24.22 6.64 60.05
N TYR H 155 -24.52 7.84 59.54
CA TYR H 155 -24.18 8.23 58.19
C TYR H 155 -23.10 9.31 58.22
N LEU H 156 -22.31 9.35 57.15
CA LEU H 156 -21.25 10.36 57.02
C LEU H 156 -21.89 11.70 56.70
N HIS H 157 -21.96 12.58 57.69
CA HIS H 157 -22.57 13.89 57.54
C HIS H 157 -21.53 14.98 57.69
N LEU H 158 -21.73 16.07 56.95
CA LEU H 158 -20.83 17.23 56.98
C LEU H 158 -21.57 18.38 57.67
N SER H 159 -21.45 18.41 59.00
CA SER H 159 -22.10 19.45 59.80
C SER H 159 -21.14 20.61 59.98
N THR H 160 -21.58 21.82 59.61
CA THR H 160 -20.77 23.03 59.71
C THR H 160 -21.62 24.09 60.42
N ALA H 161 -21.56 24.11 61.75
CA ALA H 161 -22.27 25.14 62.50
C ALA H 161 -21.58 26.49 62.43
N SER H 162 -20.26 26.50 62.55
CA SER H 162 -19.48 27.73 62.44
C SER H 162 -19.03 27.92 60.99
N GLY H 163 -18.12 28.86 60.77
CA GLY H 163 -17.62 29.08 59.42
C GLY H 163 -16.87 27.90 58.85
N GLU H 164 -16.20 27.14 59.71
CA GLU H 164 -15.47 25.96 59.28
C GLU H 164 -16.39 24.75 59.22
N LEU H 165 -15.92 23.70 58.55
CA LEU H 165 -16.68 22.46 58.39
C LEU H 165 -15.92 21.31 59.05
N GLN H 166 -16.67 20.39 59.64
CA GLN H 166 -16.10 19.22 60.31
C GLN H 166 -16.98 18.02 60.04
N VAL H 167 -16.36 16.94 59.54
CA VAL H 167 -17.10 15.72 59.23
C VAL H 167 -17.38 14.98 60.54
N ASP H 168 -18.66 14.63 60.74
CA ASP H 168 -19.07 13.91 61.94
C ASP H 168 -20.19 12.94 61.58
N ALA H 169 -20.10 11.73 62.11
CA ALA H 169 -21.10 10.71 61.81
C ALA H 169 -22.41 11.05 62.51
N SER H 170 -23.46 11.25 61.71
CA SER H 170 -24.78 11.58 62.24
C SER H 170 -25.83 10.85 61.40
N PHE H 171 -27.09 10.97 61.82
CA PHE H 171 -28.17 10.30 61.11
C PHE H 171 -28.66 11.08 59.90
N MET H 172 -28.27 12.35 59.77
CA MET H 172 -28.61 13.13 58.58
C MET H 172 -27.79 12.64 57.40
N GLN H 173 -28.46 11.98 56.45
CA GLN H 173 -27.76 11.39 55.31
C GLN H 173 -27.18 12.48 54.42
N THR H 174 -26.02 12.18 53.84
CA THR H 174 -25.33 13.09 52.94
C THR H 174 -24.63 12.29 51.86
N LEU H 175 -24.83 12.69 50.60
CA LEU H 175 -24.20 11.99 49.49
C LEU H 175 -22.71 12.26 49.44
N TRP H 176 -21.98 11.32 48.83
CA TRP H 176 -20.54 11.45 48.67
C TRP H 176 -20.13 10.92 47.30
N ASN H 177 -19.11 11.54 46.71
CA ASN H 177 -18.61 11.17 45.40
C ASN H 177 -17.44 10.20 45.56
N MET H 178 -17.52 9.06 44.88
CA MET H 178 -16.51 8.02 44.97
C MET H 178 -15.80 7.89 43.62
N ASN H 179 -14.50 8.19 43.60
CA ASN H 179 -13.72 8.11 42.38
C ASN H 179 -12.35 7.47 42.65
N PRO H 180 -12.02 6.38 41.98
CA PRO H 180 -10.71 5.76 42.19
C PRO H 180 -9.59 6.51 41.50
N ILE H 181 -8.39 6.37 42.03
CA ILE H 181 -7.22 7.03 41.48
C ILE H 181 -6.21 6.06 40.86
N CYS H 182 -6.06 4.86 41.41
CA CYS H 182 -5.08 3.89 40.91
C CYS H 182 -5.70 2.50 40.99
N SER H 183 -6.24 2.03 39.87
CA SER H 183 -6.83 0.70 39.82
C SER H 183 -5.75 -0.37 39.61
N GLY H 184 -4.96 -0.23 38.56
CA GLY H 184 -3.90 -1.18 38.28
C GLY H 184 -2.53 -0.54 38.18
N CYS H 185 -1.61 -0.98 39.03
CA CYS H 185 -0.25 -0.43 39.06
C CYS H 185 0.64 -1.27 38.15
N GLU H 186 1.10 -0.68 37.06
CA GLU H 186 1.97 -1.39 36.12
C GLU H 186 3.37 -1.52 36.71
N GLU H 187 3.85 -2.77 36.81
CA GLU H 187 5.17 -3.01 37.38
C GLU H 187 6.25 -2.59 36.40
N GLY H 188 7.27 -1.90 36.92
CA GLY H 188 8.37 -1.44 36.11
C GLY H 188 8.17 -0.10 35.45
N TYR H 189 7.27 0.73 35.95
CA TYR H 189 7.00 2.05 35.39
C TYR H 189 6.77 3.04 36.52
N VAL H 190 7.22 4.28 36.30
CA VAL H 190 7.06 5.33 37.30
C VAL H 190 5.63 5.86 37.25
N THR H 191 5.05 6.09 38.41
CA THR H 191 3.67 6.55 38.54
C THR H 191 3.63 7.81 39.38
N GLY H 192 2.80 8.77 38.96
CA GLY H 192 2.70 10.02 39.68
C GLY H 192 2.20 9.81 41.10
N GLY H 193 2.72 10.65 42.01
CA GLY H 193 2.43 10.53 43.42
C GLY H 193 3.37 9.62 44.18
N HIS H 194 4.10 8.75 43.49
CA HIS H 194 5.05 7.86 44.14
C HIS H 194 6.39 8.56 44.32
N VAL H 195 7.01 8.32 45.47
CA VAL H 195 8.30 8.93 45.80
C VAL H 195 9.41 8.15 45.10
N LEU H 196 10.46 8.86 44.73
CA LEU H 196 11.60 8.25 44.04
C LEU H 196 12.79 9.19 44.14
N ARG H 197 13.97 8.64 43.85
CA ARG H 197 15.21 9.40 43.86
C ARG H 197 15.66 9.65 42.43
N LEU H 198 16.03 10.89 42.13
CA LEU H 198 16.46 11.30 40.80
C LEU H 198 17.99 11.45 40.82
N PHE H 199 18.69 10.42 40.38
CA PHE H 199 20.14 10.47 40.33
C PHE H 199 20.61 11.33 39.17
N HIS H 200 21.88 11.73 39.24
CA HIS H 200 22.48 12.59 38.20
C HIS H 200 23.10 11.75 37.08
N GLY H 201 22.30 10.86 36.50
CA GLY H 201 22.81 10.04 35.42
C GLY H 201 23.81 9.02 35.92
N HIS H 202 24.97 8.98 35.27
CA HIS H 202 26.03 8.06 35.68
C HIS H 202 26.74 8.53 36.93
N MET H 203 26.79 9.84 37.17
CA MET H 203 27.46 10.36 38.35
C MET H 203 26.67 10.02 39.61
N ASP H 204 27.40 9.69 40.68
CA ASP H 204 26.79 9.33 41.96
C ASP H 204 26.40 10.62 42.69
N GLU H 205 25.29 11.22 42.25
CA GLU H 205 24.79 12.44 42.85
C GLU H 205 23.31 12.56 42.55
N CYS H 206 22.63 13.41 43.32
CA CYS H 206 21.21 13.62 43.15
C CYS H 206 20.85 15.04 43.59
N LEU H 207 19.80 15.58 42.98
CA LEU H 207 19.34 16.93 43.30
C LEU H 207 18.72 16.93 44.69
N THR H 208 19.43 17.49 45.67
CA THR H 208 18.99 17.52 47.05
C THR H 208 19.21 18.92 47.62
N ILE H 209 18.62 19.15 48.79
CA ILE H 209 18.76 20.43 49.48
C ILE H 209 20.11 20.45 50.19
N SER H 210 20.52 21.63 50.66
CA SER H 210 21.77 21.75 51.39
C SER H 210 21.65 21.07 52.75
N PRO H 211 22.44 20.03 53.03
CA PRO H 211 22.34 19.35 54.34
C PRO H 211 23.02 20.12 55.46
N ALA H 212 22.38 21.23 55.85
CA ALA H 212 22.88 22.09 56.90
C ALA H 212 21.84 22.22 58.01
N ASP H 213 22.30 22.68 59.17
CA ASP H 213 21.44 22.86 60.33
C ASP H 213 20.78 24.25 60.27
N SER H 214 19.89 24.38 59.28
CA SER H 214 19.14 25.62 59.04
C SER H 214 20.07 26.80 58.82
N ASP H 215 21.23 26.56 58.20
CA ASP H 215 22.18 27.64 57.94
C ASP H 215 21.74 28.47 56.73
N ASP H 216 21.31 27.81 55.66
CA ASP H 216 20.86 28.50 54.45
C ASP H 216 19.37 28.26 54.19
N GLN H 217 18.65 27.65 55.12
CA GLN H 217 17.21 27.39 55.02
C GLN H 217 16.86 26.50 53.84
N ARG H 218 17.86 25.82 53.25
CA ARG H 218 17.66 24.91 52.12
C ARG H 218 16.96 25.62 50.96
N ARG H 219 17.33 26.88 50.72
CA ARG H 219 16.71 27.65 49.65
C ARG H 219 17.27 27.29 48.28
N LEU H 220 18.56 26.94 48.21
CA LEU H 220 19.20 26.58 46.96
C LEU H 220 19.38 25.07 46.89
N VAL H 221 18.99 24.48 45.77
CA VAL H 221 19.11 23.04 45.55
C VAL H 221 20.49 22.74 44.98
N TYR H 222 21.14 21.72 45.52
CA TYR H 222 22.47 21.33 45.05
C TYR H 222 22.50 19.85 44.69
N TYR H 223 23.69 19.33 44.38
CA TYR H 223 23.89 17.93 44.00
C TYR H 223 25.04 17.38 44.84
N GLU H 224 24.72 16.83 46.00
CA GLU H 224 25.74 16.26 46.87
C GLU H 224 26.18 14.90 46.36
N GLY H 225 27.44 14.57 46.63
CA GLY H 225 28.00 13.30 46.19
C GLY H 225 27.54 12.13 47.03
N GLY H 226 27.86 12.14 48.32
CA GLY H 226 27.48 11.07 49.21
C GLY H 226 26.94 11.55 50.54
N SER H 227 26.85 12.88 50.70
CA SER H 227 26.34 13.43 51.96
C SER H 227 24.85 13.16 52.12
N VAL H 228 24.09 13.26 51.03
CA VAL H 228 22.65 13.03 51.07
C VAL H 228 22.31 11.81 50.22
N CYS H 229 23.25 10.87 50.11
CA CYS H 229 23.01 9.66 49.34
C CYS H 229 22.01 8.75 50.02
N THR H 230 22.07 8.65 51.36
CA THR H 230 21.16 7.82 52.12
C THR H 230 20.27 8.62 53.07
N HIS H 231 20.46 9.93 53.17
CA HIS H 231 19.65 10.74 54.06
C HIS H 231 18.23 10.88 53.51
N ALA H 232 17.34 11.40 54.36
CA ALA H 232 15.95 11.59 53.97
C ALA H 232 15.76 12.73 52.98
N ARG H 233 16.77 13.57 52.77
CA ARG H 233 16.64 14.67 51.83
C ARG H 233 16.64 14.20 50.38
N SER H 234 17.08 12.96 50.12
CA SER H 234 17.09 12.46 48.76
C SER H 234 15.69 12.18 48.22
N LEU H 235 14.72 11.93 49.11
CA LEU H 235 13.36 11.66 48.67
C LEU H 235 12.72 12.93 48.12
N TRP H 236 11.96 12.77 47.04
CA TRP H 236 11.28 13.88 46.38
C TRP H 236 9.82 13.53 46.16
N ARG H 237 9.01 14.57 45.94
CA ARG H 237 7.58 14.42 45.73
C ARG H 237 7.20 15.00 44.38
N LEU H 238 6.27 14.33 43.69
CA LEU H 238 5.79 14.78 42.39
C LEU H 238 4.33 14.39 42.25
N GLU H 239 3.51 15.33 41.79
CA GLU H 239 2.09 15.11 41.62
C GLU H 239 1.67 15.42 40.19
N PRO H 240 0.70 14.67 39.65
CA PRO H 240 0.27 14.93 38.27
C PRO H 240 -0.49 16.24 38.13
N LEU H 241 -0.84 16.61 36.90
CA LEU H 241 -1.56 17.85 36.67
C LEU H 241 -2.99 17.78 37.21
N ARG H 242 -3.70 16.70 36.90
CA ARG H 242 -5.07 16.55 37.37
C ARG H 242 -5.09 16.27 38.86
N ILE H 243 -6.08 16.85 39.56
CA ILE H 243 -6.21 16.64 40.99
C ILE H 243 -6.64 15.19 41.27
N SER H 244 -7.40 14.59 40.37
CA SER H 244 -7.84 13.21 40.52
C SER H 244 -7.03 12.30 39.61
N TRP H 245 -7.19 10.99 39.83
CA TRP H 245 -6.48 9.96 39.07
C TRP H 245 -4.97 10.16 39.13
N SER H 246 -4.45 10.25 40.35
CA SER H 246 -3.01 10.42 40.53
C SER H 246 -2.23 9.16 40.19
N GLY H 247 -2.86 7.99 40.24
CA GLY H 247 -2.22 6.75 39.90
C GLY H 247 -1.99 6.50 38.43
N SER H 248 -2.36 7.45 37.58
CA SER H 248 -2.16 7.29 36.14
C SER H 248 -0.68 7.40 35.79
N HIS H 249 -0.31 6.79 34.67
CA HIS H 249 1.08 6.81 34.22
C HIS H 249 1.46 8.21 33.75
N LEU H 250 2.66 8.64 34.12
CA LEU H 250 3.16 9.95 33.72
C LEU H 250 3.49 9.96 32.24
N ARG H 251 3.21 11.09 31.59
CA ARG H 251 3.47 11.27 30.17
C ARG H 251 4.29 12.53 29.96
N TRP H 252 4.82 12.66 28.74
CA TRP H 252 5.64 13.83 28.39
C TRP H 252 4.73 15.04 28.17
N GLY H 253 5.01 16.12 28.88
CA GLY H 253 4.25 17.33 28.76
C GLY H 253 3.26 17.62 29.86
N GLN H 254 3.50 17.10 31.07
CA GLN H 254 2.61 17.33 32.19
C GLN H 254 3.39 17.89 33.38
N PRO H 255 2.85 18.91 34.05
CA PRO H 255 3.56 19.48 35.21
C PRO H 255 3.64 18.47 36.34
N LEU H 256 4.82 18.41 36.96
CA LEU H 256 5.09 17.44 38.02
C LEU H 256 4.73 17.96 39.41
N ARG H 257 4.38 19.24 39.53
CA ARG H 257 4.03 19.85 40.82
C ARG H 257 5.14 19.62 41.84
N ILE H 258 6.31 20.21 41.53
CA ILE H 258 7.49 19.99 42.35
C ILE H 258 7.26 20.54 43.75
N ARG H 259 7.38 19.66 44.75
CA ARG H 259 7.25 20.04 46.15
C ARG H 259 8.33 19.32 46.95
N HIS H 260 8.33 19.55 48.26
CA HIS H 260 9.26 18.89 49.17
C HIS H 260 8.49 18.25 50.31
N VAL H 261 9.06 17.19 50.88
CA VAL H 261 8.40 16.41 51.91
C VAL H 261 8.95 16.71 53.30
N THR H 262 10.23 17.09 53.39
CA THR H 262 10.83 17.37 54.69
C THR H 262 10.59 18.83 55.11
N THR H 263 11.04 19.77 54.29
CA THR H 263 10.80 21.18 54.60
C THR H 263 9.37 21.58 54.31
N GLY H 264 8.82 21.16 53.18
CA GLY H 264 7.46 21.47 52.81
C GLY H 264 7.30 22.55 51.76
N ARG H 265 8.38 23.17 51.32
CA ARG H 265 8.30 24.21 50.32
C ARG H 265 8.25 23.60 48.91
N TYR H 266 7.90 24.44 47.94
CA TYR H 266 7.76 23.97 46.57
C TYR H 266 9.10 23.84 45.86
N LEU H 267 10.04 24.75 46.15
CA LEU H 267 11.34 24.77 45.49
C LEU H 267 11.20 24.87 43.97
N ALA H 268 10.22 25.65 43.52
CA ALA H 268 9.94 25.80 42.11
C ALA H 268 10.69 27.01 41.56
N LEU H 269 10.37 27.41 40.32
CA LEU H 269 10.99 28.58 39.73
C LEU H 269 10.46 29.85 40.36
N ILE H 270 11.33 30.85 40.49
CA ILE H 270 11.00 32.14 41.08
C ILE H 270 11.75 33.23 40.33
N GLU H 271 11.53 34.48 40.74
CA GLU H 271 12.21 35.60 40.11
C GLU H 271 13.69 35.66 40.47
N ASP H 272 14.12 34.96 41.52
CA ASP H 272 15.52 34.96 41.95
C ASP H 272 16.27 33.87 41.18
N GLN H 273 16.47 34.14 39.89
CA GLN H 273 17.20 33.25 38.99
C GLN H 273 16.58 31.85 38.97
N GLY H 274 15.26 31.81 38.81
CA GLY H 274 14.57 30.54 38.76
C GLY H 274 14.54 29.88 40.13
N LEU H 275 15.03 28.64 40.19
CA LEU H 275 15.06 27.90 41.45
C LEU H 275 16.34 28.19 42.23
N VAL H 276 13.74 30.25 46.90
CA VAL H 276 12.83 29.21 47.34
C VAL H 276 11.38 29.67 47.17
N VAL H 277 10.50 28.71 46.88
CA VAL H 277 9.07 28.98 46.69
C VAL H 277 8.29 28.13 47.69
N ASP H 278 7.31 28.74 48.35
CA ASP H 278 6.47 28.05 49.31
C ASP H 278 5.26 27.44 48.60
N ALA H 279 4.73 26.37 49.20
CA ALA H 279 3.57 25.70 48.62
C ALA H 279 2.31 26.56 48.70
N SER H 280 2.24 27.42 49.72
CA SER H 280 1.05 28.26 49.87
C SER H 280 1.03 29.38 48.82
N LYS H 281 2.21 29.90 48.47
CA LYS H 281 2.32 30.99 47.50
C LYS H 281 2.87 30.50 46.16
N ALA H 282 2.77 29.22 45.87
CA ALA H 282 3.28 28.68 44.62
C ALA H 282 2.37 29.07 43.46
N HIS H 283 2.99 29.37 42.31
CA HIS H 283 2.26 29.72 41.10
C HIS H 283 2.09 28.49 40.21
N THR H 284 1.09 28.55 39.33
CA THR H 284 0.81 27.42 38.45
C THR H 284 1.93 27.22 37.44
N LYS H 285 2.33 28.30 36.76
CA LYS H 285 3.39 28.20 35.76
C LYS H 285 4.77 28.06 36.39
N ALA H 286 4.91 28.38 37.68
CA ALA H 286 6.22 28.29 38.32
C ALA H 286 6.62 26.84 38.57
N THR H 287 5.70 26.05 39.12
CA THR H 287 5.97 24.65 39.45
C THR H 287 5.75 23.71 38.26
N SER H 288 5.50 24.26 37.07
CA SER H 288 5.28 23.43 35.90
C SER H 288 6.59 22.81 35.45
N PHE H 289 6.68 21.48 35.53
CA PHE H 289 7.88 20.76 35.11
C PHE H 289 7.46 19.42 34.52
N CYS H 290 7.92 19.14 33.31
CA CYS H 290 7.56 17.91 32.60
C CYS H 290 8.83 17.19 32.17
N PHE H 291 8.65 15.96 31.70
CA PHE H 291 9.76 15.13 31.24
C PHE H 291 9.86 15.21 29.73
N ARG H 292 11.10 15.33 29.24
CA ARG H 292 11.36 15.46 27.82
C ARG H 292 12.09 14.23 27.30
N ILE H 293 12.08 14.08 25.97
CA ILE H 293 12.78 12.96 25.33
C ILE H 293 14.29 13.16 25.45
N SER H 294 14.79 14.31 25.02
CA SER H 294 16.21 14.63 25.09
C SER H 294 16.35 16.13 25.27
N LYS H 295 17.56 16.65 25.04
CA LYS H 295 17.84 18.08 25.17
C LYS H 295 17.42 18.82 23.89
N GLU H 296 16.12 18.77 23.62
CA GLU H 296 15.57 19.41 22.43
C GLU H 296 14.07 19.59 22.64
N LYS H 297 13.46 20.40 21.78
CA LYS H 297 12.03 20.69 21.84
C LYS H 297 11.38 20.27 20.52
N LEU H 298 10.09 19.95 20.61
CA LEU H 298 9.33 19.54 19.43
C LEU H 298 8.79 20.75 18.68
N LYS H 299 -1.48 12.03 26.22
CA LYS H 299 -1.37 10.62 26.54
C LYS H 299 -1.94 10.33 27.93
N ARG H 300 -1.61 11.18 28.90
CA ARG H 300 -2.09 11.04 30.27
C ARG H 300 -3.44 11.70 30.50
N ASP H 301 -4.00 12.36 29.48
CA ASP H 301 -5.28 13.04 29.66
C ASP H 301 -6.43 12.05 29.78
N VAL H 302 -6.29 10.86 29.18
CA VAL H 302 -7.35 9.86 29.25
C VAL H 302 -7.38 9.24 30.65
N GLU H 303 -8.58 9.04 31.17
CA GLU H 303 -8.74 8.46 32.49
C GLU H 303 -8.40 6.98 32.47
N GLY H 304 -8.01 6.47 33.63
CA GLY H 304 -7.64 5.07 33.76
C GLY H 304 -6.23 4.79 33.30
N MET H 305 -5.88 3.51 33.34
CA MET H 305 -4.55 3.09 32.92
C MET H 305 -4.38 3.21 31.41
N GLY H 306 -3.21 3.68 30.99
CA GLY H 306 -2.92 3.85 29.59
C GLY H 306 -1.50 3.45 29.24
N PRO H 307 -1.05 3.83 28.06
CA PRO H 307 0.31 3.51 27.63
C PRO H 307 1.34 4.22 28.50
N PRO H 308 2.19 3.47 29.19
CA PRO H 308 3.19 4.11 30.05
C PRO H 308 4.32 4.73 29.23
N GLU H 309 4.75 5.91 29.64
CA GLU H 309 5.82 6.64 28.97
C GLU H 309 7.17 6.45 29.64
N ILE H 310 7.23 6.62 30.96
CA ILE H 310 8.47 6.47 31.70
C ILE H 310 8.60 5.01 32.14
N LYS H 311 9.79 4.44 31.93
CA LYS H 311 10.05 3.05 32.29
C LYS H 311 11.43 2.94 32.91
N TYR H 312 11.65 1.86 33.65
CA TYR H 312 12.93 1.62 34.29
C TYR H 312 13.96 1.18 33.26
N GLY H 313 15.22 1.55 33.51
CA GLY H 313 16.28 1.21 32.58
C GLY H 313 16.22 1.95 31.27
N GLU H 314 15.67 3.16 31.27
CA GLU H 314 15.55 3.96 30.06
C GLU H 314 16.86 4.70 29.80
N SER H 315 16.83 5.65 28.87
CA SER H 315 18.01 6.43 28.51
C SER H 315 18.34 7.52 29.52
N LEU H 316 17.65 7.54 30.66
CA LEU H 316 17.88 8.53 31.72
C LEU H 316 17.72 9.96 31.19
N CYS H 317 16.50 10.26 30.76
CA CYS H 317 16.19 11.56 30.21
C CYS H 317 16.20 12.64 31.30
N PHE H 318 16.38 13.88 30.88
CA PHE H 318 16.45 15.01 31.80
C PHE H 318 15.06 15.62 31.97
N VAL H 319 15.00 16.77 32.64
CA VAL H 319 13.75 17.47 32.88
C VAL H 319 13.71 18.71 31.98
N GLN H 320 12.49 19.16 31.68
CA GLN H 320 12.29 20.31 30.82
C GLN H 320 11.08 21.10 31.29
N HIS H 321 11.16 22.42 31.16
CA HIS H 321 10.07 23.31 31.53
C HIS H 321 9.13 23.51 30.34
N VAL H 322 7.83 23.42 30.60
CA VAL H 322 6.85 23.58 29.53
C VAL H 322 6.48 25.05 29.34
N ALA H 323 6.45 25.82 30.44
CA ALA H 323 6.11 27.23 30.35
C ALA H 323 7.31 28.06 29.91
N SER H 324 8.46 27.85 30.56
CA SER H 324 9.66 28.60 30.21
C SER H 324 10.36 28.05 28.98
N GLY H 325 10.17 26.77 28.66
CA GLY H 325 10.81 26.18 27.50
C GLY H 325 12.24 25.75 27.71
N LEU H 326 12.75 25.80 28.93
CA LEU H 326 14.13 25.45 29.23
C LEU H 326 14.21 24.02 29.73
N TRP H 327 15.30 23.35 29.36
CA TRP H 327 15.55 21.98 29.79
C TRP H 327 16.36 21.98 31.09
N LEU H 328 16.87 20.81 31.49
CA LEU H 328 17.68 20.72 32.68
C LEU H 328 19.01 21.42 32.48
N THR H 329 19.52 22.00 33.57
CA THR H 329 20.76 22.78 33.54
C THR H 329 21.80 22.07 34.40
N TYR H 330 22.93 21.72 33.79
CA TYR H 330 24.04 21.09 34.51
C TYR H 330 25.06 22.15 34.90
N ALA H 331 24.62 23.04 35.79
CA ALA H 331 25.48 24.11 36.26
C ALA H 331 26.48 23.60 37.28
N ALA H 332 27.65 24.24 37.30
CA ALA H 332 28.72 23.85 38.22
C ALA H 332 29.50 25.07 38.69
N LEU H 333 31.59 20.10 46.54
CA LEU H 333 31.12 19.72 45.21
C LEU H 333 29.68 20.17 45.01
N LYS H 334 29.27 21.21 45.72
CA LYS H 334 27.92 21.73 45.62
C LYS H 334 27.74 22.45 44.28
N LYS H 335 26.74 22.02 43.52
CA LYS H 335 26.43 22.59 42.21
C LYS H 335 25.05 23.22 42.26
N LYS H 336 24.99 24.54 42.11
CA LYS H 336 23.71 25.24 42.16
C LYS H 336 22.87 24.91 40.93
N ALA H 337 21.56 25.02 41.08
CA ALA H 337 20.60 24.74 40.01
C ALA H 337 19.92 26.06 39.63
N ILE H 338 20.34 26.63 38.51
CA ILE H 338 19.79 27.88 38.00
C ILE H 338 19.30 27.65 36.58
N LEU H 339 18.08 28.13 36.30
CA LEU H 339 17.49 27.96 34.98
C LEU H 339 18.27 28.77 33.95
N HIS H 340 18.99 28.08 33.08
CA HIS H 340 19.80 28.71 32.03
C HIS H 340 19.25 28.33 30.67
N GLN H 341 19.15 29.30 29.77
CA GLN H 341 18.60 29.05 28.44
C GLN H 341 19.59 28.33 27.54
N GLU H 342 20.89 28.55 27.74
CA GLU H 342 21.93 27.95 26.91
C GLU H 342 22.64 26.81 27.63
N GLY H 343 21.90 26.02 28.40
CA GLY H 343 22.51 24.92 29.11
C GLY H 343 22.98 23.81 28.18
N HIS H 344 24.02 23.11 28.61
CA HIS H 344 24.58 22.03 27.81
C HIS H 344 23.64 20.83 27.80
N MET H 345 23.82 19.97 26.80
CA MET H 345 23.01 18.76 26.64
C MET H 345 23.49 17.60 27.50
N ASP H 346 24.38 17.85 28.47
CA ASP H 346 24.89 16.82 29.36
C ASP H 346 24.20 16.85 30.72
N ASP H 347 23.01 17.43 30.80
CA ASP H 347 22.25 17.52 32.05
C ASP H 347 21.30 16.35 32.26
N ALA H 348 21.59 15.20 31.66
CA ALA H 348 20.72 14.03 31.82
C ALA H 348 20.74 13.53 33.26
N LEU H 349 19.57 13.13 33.76
CA LEU H 349 19.43 12.66 35.12
C LEU H 349 18.81 11.26 35.12
N SER H 350 19.21 10.46 36.10
CA SER H 350 18.70 9.11 36.24
C SER H 350 17.50 9.09 37.19
N LEU H 351 16.93 7.90 37.38
CA LEU H 351 15.79 7.73 38.26
C LEU H 351 15.95 6.44 39.07
N THR H 352 15.38 6.45 40.27
CA THR H 352 15.45 5.28 41.16
C THR H 352 14.31 5.38 42.15
N ARG H 353 13.47 4.35 42.19
CA ARG H 353 12.33 4.32 43.09
C ARG H 353 12.74 3.67 44.41
N CYS H 354 12.44 4.35 45.52
CA CYS H 354 12.76 3.85 46.84
C CYS H 354 11.56 3.08 47.39
N GLN H 355 11.61 2.72 48.67
CA GLN H 355 10.56 1.96 49.32
C GLN H 355 9.55 2.89 50.00
N GLN H 356 8.37 2.34 50.28
CA GLN H 356 7.33 3.11 50.95
C GLN H 356 7.69 3.43 52.40
N GLU H 357 8.57 2.65 53.01
CA GLU H 357 8.99 2.93 54.38
C GLU H 357 9.69 4.29 54.47
N GLU H 358 10.49 4.63 53.45
CA GLU H 358 11.16 5.91 53.44
C GLU H 358 10.17 7.07 53.36
N SER H 359 9.15 6.92 52.51
CA SER H 359 8.13 7.97 52.40
C SER H 359 7.33 8.10 53.69
N GLN H 360 7.00 6.97 54.33
CA GLN H 360 6.29 7.03 55.60
C GLN H 360 7.13 7.72 56.66
N ALA H 361 8.43 7.40 56.72
CA ALA H 361 9.32 8.05 57.68
C ALA H 361 9.44 9.55 57.40
N ALA H 362 9.48 9.92 56.12
CA ALA H 362 9.56 11.34 55.77
C ALA H 362 8.30 12.08 56.19
N ARG H 363 7.13 11.47 55.96
CA ARG H 363 5.88 12.08 56.43
C ARG H 363 5.87 12.21 57.94
N MET H 364 6.38 11.19 58.64
CA MET H 364 6.41 11.23 60.10
C MET H 364 7.30 12.36 60.59
N ILE H 365 8.51 12.49 60.02
CA ILE H 365 9.42 13.54 60.46
C ILE H 365 8.85 14.91 60.14
N TYR H 366 8.18 15.05 58.98
CA TYR H 366 7.55 16.32 58.66
C TYR H 366 6.48 16.69 59.67
N SER H 367 5.62 15.73 60.03
CA SER H 367 4.55 15.98 60.98
C SER H 367 5.11 16.36 62.35
N THR H 368 6.06 15.57 62.86
CA THR H 368 6.59 15.85 64.19
C THR H 368 7.41 17.13 64.21
N ALA H 369 8.07 17.47 63.10
CA ALA H 369 8.81 18.72 63.03
C ALA H 369 7.85 19.91 63.05
N GLY H 370 6.76 19.84 62.29
CA GLY H 370 5.76 20.89 62.34
C GLY H 370 5.18 21.05 63.74
N LEU H 371 4.86 19.94 64.39
CA LEU H 371 4.36 20.00 65.76
C LEU H 371 5.38 20.63 66.70
N TYR H 372 6.66 20.30 66.52
CA TYR H 372 7.69 20.85 67.40
C TYR H 372 7.90 22.34 67.16
N ASN H 373 7.83 22.78 65.90
CA ASN H 373 7.92 24.22 65.63
C ASN H 373 6.73 24.96 66.24
N HIS H 374 5.53 24.37 66.15
CA HIS H 374 4.38 24.99 66.79
C HIS H 374 4.56 25.08 68.30
N PHE H 375 5.11 24.02 68.91
CA PHE H 375 5.35 24.04 70.34
C PHE H 375 6.39 25.09 70.72
N ILE H 376 7.46 25.23 69.93
CA ILE H 376 8.47 26.24 70.22
C ILE H 376 7.88 27.64 70.08
N LYS H 377 7.06 27.86 69.06
CA LYS H 377 6.41 29.15 68.90
C LYS H 377 5.52 29.47 70.10
N GLY H 378 4.74 28.48 70.54
CA GLY H 378 3.90 28.70 71.71
C GLY H 378 4.70 28.98 72.98
N LEU H 379 5.81 28.26 73.17
CA LEU H 379 6.63 28.48 74.35
C LEU H 379 7.31 29.84 74.31
N ASP H 380 7.73 30.28 73.13
CA ASP H 380 8.37 31.59 73.01
C ASP H 380 7.36 32.71 73.21
N SER H 381 6.12 32.52 72.75
CA SER H 381 5.09 33.52 72.99
C SER H 381 4.64 33.52 74.45
N PHE H 382 4.76 32.39 75.14
CA PHE H 382 4.36 32.32 76.54
C PHE H 382 5.47 32.80 77.47
N SER H 383 6.71 32.39 77.21
CA SER H 383 7.82 32.79 78.07
C SER H 383 8.15 34.27 77.92
N GLY H 384 7.97 34.82 76.72
CA GLY H 384 8.26 36.23 76.51
C GLY H 384 7.32 37.15 77.26
N LYS H 385 6.06 36.74 77.42
CA LYS H 385 5.10 37.55 78.14
C LYS H 385 5.33 37.43 79.65
N PRO H 386 5.38 38.54 80.38
CA PRO H 386 5.59 38.45 81.84
C PRO H 386 4.41 37.80 82.53
N ARG H 387 4.66 37.37 83.77
CA ARG H 387 3.63 36.72 84.57
C ARG H 387 2.58 37.73 85.00
N GLY H 388 1.33 37.51 84.57
CA GLY H 388 0.25 38.41 84.92
C GLY H 388 -0.43 38.05 86.23
N SER H 389 -1.11 39.04 86.80
CA SER H 389 -1.82 38.88 88.07
C SER H 389 -3.10 38.10 87.81
N GLY H 390 -3.00 36.78 87.84
CA GLY H 390 -4.14 35.92 87.60
C GLY H 390 -4.54 35.75 86.15
N ALA H 391 -3.78 36.32 85.22
CA ALA H 391 -4.08 36.21 83.80
C ALA H 391 -3.01 35.42 83.08
N PRO H 392 -3.38 34.54 82.14
CA PRO H 392 -2.36 33.77 81.42
C PRO H 392 -1.47 34.65 80.54
N ALA H 393 -2.05 35.65 79.88
CA ALA H 393 -1.31 36.57 79.01
C ALA H 393 -0.57 35.82 77.91
N GLY H 394 -1.14 34.72 77.44
CA GLY H 394 -0.51 33.94 76.39
C GLY H 394 -1.50 33.03 75.72
N THR H 395 -1.24 32.68 74.47
CA THR H 395 -2.13 31.81 73.72
C THR H 395 -2.03 30.37 74.25
N ALA H 396 -3.12 29.63 74.08
CA ALA H 396 -3.19 28.25 74.54
C ALA H 396 -2.57 27.32 73.50
N LEU H 397 -1.57 26.55 73.91
CA LEU H 397 -0.92 25.62 73.01
C LEU H 397 -1.61 24.25 73.06
N PRO H 398 -1.57 23.50 71.96
CA PRO H 398 -2.21 22.18 71.95
C PRO H 398 -1.44 21.15 72.78
N LEU H 399 -1.63 21.19 74.09
CA LEU H 399 -0.89 20.29 74.98
C LEU H 399 -1.31 18.84 74.78
N GLU H 400 -2.54 18.60 74.33
CA GLU H 400 -2.99 17.23 74.12
C GLU H 400 -2.43 16.65 72.82
N GLY H 401 -2.37 17.47 71.77
CA GLY H 401 -1.86 16.98 70.50
C GLY H 401 -0.40 16.61 70.54
N VAL H 402 0.42 17.43 71.21
CA VAL H 402 1.84 17.13 71.31
C VAL H 402 2.06 15.87 72.14
N ILE H 403 1.30 15.71 73.23
CA ILE H 403 1.42 14.50 74.04
C ILE H 403 1.03 13.27 73.24
N LEU H 404 -0.05 13.38 72.45
CA LEU H 404 -0.47 12.27 71.62
C LEU H 404 0.60 11.92 70.59
N SER H 405 1.22 12.94 69.99
CA SER H 405 2.26 12.69 69.00
C SER H 405 3.47 12.00 69.62
N LEU H 406 3.90 12.44 70.81
CA LEU H 406 5.01 11.78 71.47
C LEU H 406 4.66 10.34 71.84
N GLN H 407 3.45 10.11 72.34
CA GLN H 407 3.06 8.76 72.73
C GLN H 407 2.95 7.83 71.53
N ASP H 408 2.59 8.37 70.35
CA ASP H 408 2.55 7.54 69.16
C ASP H 408 3.94 7.36 68.53
N LEU H 409 4.84 8.32 68.73
CA LEU H 409 6.18 8.19 68.15
C LEU H 409 7.09 7.31 69.00
N ILE H 410 6.87 7.27 70.31
CA ILE H 410 7.69 6.41 71.16
C ILE H 410 7.45 4.94 70.83
N GLY H 411 6.18 4.57 70.61
CA GLY H 411 5.86 3.21 70.25
C GLY H 411 6.40 2.77 68.90
N TYR H 412 6.64 3.73 67.99
CA TYR H 412 7.20 3.38 66.69
C TYR H 412 8.67 3.00 66.81
N PHE H 413 9.41 3.68 67.68
CA PHE H 413 10.83 3.38 67.90
C PHE H 413 10.95 2.58 69.19
N GLU H 414 10.77 1.27 69.07
CA GLU H 414 10.85 0.37 70.21
C GLU H 414 11.84 -0.74 69.92
N PRO H 415 12.65 -1.13 70.91
CA PRO H 415 13.60 -2.22 70.70
C PRO H 415 12.88 -3.54 70.49
N PRO H 416 13.43 -4.44 69.68
CA PRO H 416 12.76 -5.72 69.44
C PRO H 416 12.81 -6.62 70.67
N SER H 417 11.93 -7.62 70.66
CA SER H 417 11.86 -8.56 71.77
C SER H 417 13.06 -9.49 71.78
N GLU H 418 13.50 -9.85 72.98
CA GLU H 418 14.65 -10.75 73.13
C GLU H 418 14.28 -12.20 72.82
N GLU H 419 13.00 -12.55 72.87
CA GLU H 419 12.55 -13.90 72.59
C GLU H 419 12.27 -14.13 71.11
N LEU H 420 12.74 -13.25 70.24
CA LEU H 420 12.54 -13.36 68.81
C LEU H 420 13.67 -14.18 68.19
N GLN H 421 13.41 -14.68 66.98
CA GLN H 421 14.41 -15.44 66.25
C GLN H 421 15.64 -14.58 65.96
N HIS H 422 16.76 -15.25 65.69
CA HIS H 422 18.02 -14.55 65.50
C HIS H 422 17.98 -13.67 64.25
N GLU H 423 17.59 -14.25 63.12
CA GLU H 423 17.53 -13.48 61.88
C GLU H 423 16.48 -12.38 61.96
N GLU H 424 15.32 -12.69 62.56
CA GLU H 424 14.29 -11.68 62.73
C GLU H 424 14.76 -10.54 63.62
N LYS H 425 15.44 -10.87 64.72
CA LYS H 425 15.96 -9.83 65.61
C LYS H 425 17.02 -8.98 64.91
N GLN H 426 17.88 -9.62 64.11
CA GLN H 426 18.90 -8.87 63.38
C GLN H 426 18.27 -7.94 62.35
N SER H 427 17.24 -8.41 61.64
CA SER H 427 16.56 -7.56 60.68
C SER H 427 15.86 -6.40 61.37
N LYS H 428 15.25 -6.65 62.53
CA LYS H 428 14.59 -5.59 63.27
C LYS H 428 15.61 -4.57 63.77
N LEU H 429 16.77 -5.03 64.23
CA LEU H 429 17.81 -4.11 64.67
C LEU H 429 18.35 -3.27 63.51
N ARG H 430 18.50 -3.89 62.34
CA ARG H 430 18.95 -3.14 61.16
C ARG H 430 17.92 -2.10 60.75
N SER H 431 16.63 -2.46 60.81
CA SER H 431 15.58 -1.49 60.49
C SER H 431 15.56 -0.35 61.50
N LEU H 432 15.77 -0.67 62.77
CA LEU H 432 15.81 0.38 63.80
C LEU H 432 17.00 1.30 63.59
N ARG H 433 18.16 0.74 63.23
CA ARG H 433 19.33 1.59 62.96
C ARG H 433 19.10 2.48 61.74
N ASN H 434 18.48 1.93 60.70
CA ASN H 434 18.15 2.75 59.53
C ASN H 434 17.17 3.86 59.88
N ARG H 435 16.15 3.55 60.67
CA ARG H 435 15.18 4.57 61.07
C ARG H 435 15.84 5.65 61.92
N GLN H 436 16.77 5.26 62.81
CA GLN H 436 17.46 6.25 63.62
C GLN H 436 18.39 7.12 62.77
N SER H 437 19.02 6.53 61.76
CA SER H 437 19.89 7.32 60.89
C SER H 437 19.09 8.32 60.06
N LEU H 438 17.93 7.89 59.54
CA LEU H 438 17.06 8.84 58.86
C LEU H 438 16.43 9.84 59.82
N PHE H 439 16.32 9.49 61.11
CA PHE H 439 15.84 10.44 62.11
C PHE H 439 16.86 11.54 62.38
N GLN H 440 18.14 11.17 62.42
CA GLN H 440 19.20 12.14 62.66
C GLN H 440 19.42 13.09 61.48
N GLU H 441 19.05 12.69 60.27
CA GLU H 441 19.35 13.46 59.06
C GLU H 441 18.38 14.62 58.83
N GLU H 442 17.67 15.06 59.87
CA GLU H 442 16.77 16.19 59.75
C GLU H 442 17.09 17.33 60.70
N GLY H 443 18.10 17.19 61.56
CA GLY H 443 18.44 18.23 62.49
C GLY H 443 17.40 18.51 63.55
N MET H 444 16.53 17.54 63.84
CA MET H 444 15.50 17.73 64.85
C MET H 444 15.98 17.39 66.26
N LEU H 445 17.18 16.82 66.39
CA LEU H 445 17.73 16.57 67.72
C LEU H 445 17.95 17.88 68.46
N SER H 446 18.64 18.84 67.83
CA SER H 446 18.80 20.16 68.44
C SER H 446 17.45 20.82 68.67
N LEU H 447 16.47 20.51 67.81
CA LEU H 447 15.11 21.01 68.01
C LEU H 447 14.53 20.53 69.34
N VAL H 448 14.60 19.22 69.60
CA VAL H 448 14.05 18.71 70.86
C VAL H 448 14.89 19.16 72.05
N LEU H 449 16.20 19.38 71.85
CA LEU H 449 17.00 19.97 72.92
C LEU H 449 16.52 21.37 73.26
N ASN H 450 16.20 22.16 72.23
CA ASN H 450 15.66 23.50 72.48
C ASN H 450 14.32 23.41 73.21
N CYS H 451 13.48 22.45 72.83
CA CYS H 451 12.21 22.28 73.53
C CYS H 451 12.41 21.96 75.01
N ILE H 452 13.28 20.98 75.30
CA ILE H 452 13.45 20.60 76.70
C ILE H 452 14.13 21.71 77.48
N ASP H 453 15.02 22.49 76.85
CA ASP H 453 15.63 23.61 77.54
C ASP H 453 14.62 24.69 77.86
N ARG H 454 13.78 25.05 76.89
CA ARG H 454 12.76 26.07 77.13
C ARG H 454 11.72 25.58 78.13
N LEU H 455 11.55 24.27 78.27
CA LEU H 455 10.62 23.76 79.27
C LEU H 455 11.27 23.64 80.65
N ASN H 456 12.57 23.44 80.72
CA ASN H 456 13.29 23.32 81.97
C ASN H 456 13.78 24.66 82.51
N VAL H 457 13.65 25.74 81.72
CA VAL H 457 14.02 27.06 82.22
C VAL H 457 13.20 27.47 83.44
N TYR H 458 12.01 26.88 83.60
CA TYR H 458 11.21 27.13 84.79
C TYR H 458 11.62 26.18 85.91
N THR H 459 11.26 26.54 87.15
CA THR H 459 11.66 25.75 88.30
C THR H 459 10.75 24.54 88.51
N THR H 460 9.45 24.69 88.27
CA THR H 460 8.50 23.61 88.46
C THR H 460 7.22 23.95 87.70
N ALA H 461 6.17 23.17 87.93
CA ALA H 461 4.89 23.42 87.26
C ALA H 461 4.15 24.60 87.86
N ALA H 462 4.44 24.96 89.11
CA ALA H 462 3.77 26.10 89.73
C ALA H 462 4.16 27.41 89.05
N HIS H 463 5.45 27.59 88.77
CA HIS H 463 5.90 28.80 88.08
C HIS H 463 5.33 28.85 86.67
N PHE H 464 5.25 27.69 85.99
CA PHE H 464 4.67 27.65 84.66
C PHE H 464 3.20 28.03 84.69
N ALA H 465 2.45 27.51 85.66
CA ALA H 465 1.03 27.85 85.77
C ALA H 465 0.83 29.31 86.15
N GLU H 466 1.77 29.89 86.91
CA GLU H 466 1.65 31.29 87.29
C GLU H 466 2.04 32.23 86.16
N PHE H 467 2.96 31.83 85.29
CA PHE H 467 3.42 32.70 84.22
C PHE H 467 2.61 32.52 82.94
N ALA H 468 2.57 31.31 82.40
CA ALA H 468 1.89 31.07 81.13
C ALA H 468 0.41 30.76 81.30
N GLY H 469 0.02 30.21 82.44
CA GLY H 469 -1.37 29.88 82.70
C GLY H 469 -1.55 28.41 83.06
N GLU H 470 -2.78 28.09 83.45
CA GLU H 470 -3.14 26.75 83.88
C GLU H 470 -3.61 25.87 82.73
N GLU H 471 -3.20 26.18 81.49
CA GLU H 471 -3.60 25.36 80.35
C GLU H 471 -2.94 23.98 80.41
N ALA H 472 -1.65 23.93 80.73
CA ALA H 472 -0.90 22.69 80.84
C ALA H 472 -0.18 22.62 82.19
N ALA H 473 -0.91 22.97 83.25
CA ALA H 473 -0.32 22.97 84.58
C ALA H 473 -0.09 21.54 85.08
N GLU H 474 -1.15 20.75 85.16
CA GLU H 474 -1.03 19.38 85.65
C GLU H 474 -0.38 18.45 84.63
N SER H 475 -0.30 18.86 83.37
CA SER H 475 0.28 18.04 82.32
C SER H 475 1.75 18.33 82.08
N TRP H 476 2.34 19.29 82.82
CA TRP H 476 3.74 19.64 82.61
C TRP H 476 4.66 18.48 82.95
N LYS H 477 4.39 17.80 84.07
CA LYS H 477 5.21 16.65 84.45
C LYS H 477 5.12 15.54 83.41
N GLU H 478 3.90 15.28 82.90
CA GLU H 478 3.75 14.26 81.88
C GLU H 478 4.49 14.65 80.59
N ILE H 479 4.45 15.94 80.24
CA ILE H 479 5.12 16.40 79.03
C ILE H 479 6.64 16.23 79.16
N VAL H 480 7.19 16.63 80.31
CA VAL H 480 8.64 16.49 80.47
C VAL H 480 9.03 15.02 80.58
N ASN H 481 8.17 14.17 81.14
CA ASN H 481 8.46 12.74 81.18
C ASN H 481 8.48 12.16 79.77
N LEU H 482 7.51 12.53 78.95
CA LEU H 482 7.48 12.04 77.57
C LEU H 482 8.68 12.54 76.78
N LEU H 483 9.08 13.81 76.99
CA LEU H 483 10.26 14.32 76.32
C LEU H 483 11.51 13.54 76.70
N TYR H 484 11.71 13.33 78.01
CA TYR H 484 12.88 12.57 78.45
C TYR H 484 12.85 11.14 77.92
N GLU H 485 11.66 10.54 77.87
CA GLU H 485 11.54 9.16 77.40
C GLU H 485 11.86 9.06 75.91
N ILE H 486 11.33 9.98 75.09
CA ILE H 486 11.60 9.92 73.66
C ILE H 486 13.06 10.24 73.38
N LEU H 487 13.66 11.13 74.17
CA LEU H 487 15.08 11.42 73.97
C LEU H 487 15.94 10.21 74.33
N ALA H 488 15.59 9.52 75.43
CA ALA H 488 16.34 8.33 75.83
C ALA H 488 16.17 7.21 74.81
N SER H 489 14.99 7.09 74.21
CA SER H 489 14.76 6.03 73.24
C SER H 489 15.46 6.31 71.92
N LEU H 490 15.49 7.58 71.49
CA LEU H 490 16.16 7.90 70.23
C LEU H 490 17.67 7.96 70.39
N ILE H 491 18.17 8.24 71.58
CA ILE H 491 19.61 8.17 71.82
C ILE H 491 20.08 6.73 71.87
N ARG H 492 19.25 5.83 72.41
CA ARG H 492 19.64 4.44 72.56
C ARG H 492 19.73 3.76 71.20
N GLY H 493 20.81 3.01 71.00
CA GLY H 493 20.98 2.23 69.78
C GLY H 493 21.89 2.88 68.75
N ASN H 494 21.76 4.19 68.58
CA ASN H 494 22.54 4.91 67.59
C ASN H 494 23.87 5.38 68.19
N ARG H 495 24.92 5.32 67.38
CA ARG H 495 26.24 5.75 67.82
C ARG H 495 26.53 7.20 67.48
N ALA H 496 26.04 7.70 66.34
CA ALA H 496 26.29 9.08 65.97
C ALA H 496 25.54 10.05 66.89
N ASN H 497 24.36 9.64 67.36
CA ASN H 497 23.58 10.52 68.23
C ASN H 497 24.30 10.76 69.56
N CYS H 498 24.87 9.72 70.15
CA CYS H 498 25.65 9.89 71.37
C CYS H 498 27.05 10.43 71.09
N ALA H 499 27.54 10.30 69.85
CA ALA H 499 28.83 10.87 69.50
C ALA H 499 28.75 12.38 69.40
N LEU H 500 27.66 12.90 68.84
CA LEU H 500 27.46 14.35 68.77
C LEU H 500 27.04 14.95 70.10
N PHE H 501 26.50 14.12 71.01
CA PHE H 501 26.11 14.59 72.33
C PHE H 501 27.28 14.80 73.27
N SER H 502 28.49 14.41 72.86
CA SER H 502 29.69 14.57 73.69
C SER H 502 30.20 16.01 73.73
N ASN H 503 29.60 16.92 72.95
CA ASN H 503 30.06 18.30 72.95
C ASN H 503 29.71 19.00 74.26
N ASN H 504 28.45 18.91 74.67
CA ASN H 504 27.97 19.55 75.89
C ASN H 504 27.61 18.47 76.91
N LEU H 505 28.17 18.60 78.12
CA LEU H 505 27.90 17.67 79.20
C LEU H 505 27.54 18.34 80.51
N ASP H 506 27.89 19.60 80.73
CA ASP H 506 27.52 20.28 81.97
C ASP H 506 26.01 20.49 82.06
N TRP H 507 25.35 20.74 80.93
CA TRP H 507 23.91 20.89 80.94
C TRP H 507 23.21 19.59 81.35
N LEU H 508 23.79 18.45 80.99
CA LEU H 508 23.19 17.16 81.35
C LEU H 508 23.16 16.98 82.86
N VAL H 509 24.30 17.17 83.53
CA VAL H 509 24.32 17.03 84.98
C VAL H 509 23.56 18.17 85.65
N SER H 510 23.49 19.34 85.01
CA SER H 510 22.72 20.45 85.57
C SER H 510 21.23 20.10 85.61
N LYS H 511 20.71 19.55 84.51
CA LYS H 511 19.31 19.09 84.51
C LYS H 511 19.14 17.86 85.39
N LEU H 512 20.19 17.06 85.56
CA LEU H 512 20.12 15.92 86.46
C LEU H 512 19.99 16.35 87.91
N ASP H 513 20.60 17.48 88.29
CA ASP H 513 20.49 17.98 89.65
C ASP H 513 19.07 18.38 90.02
N ARG H 514 18.20 18.59 89.03
CA ARG H 514 16.81 18.95 89.31
C ARG H 514 16.08 17.76 89.94
N LEU H 515 15.23 18.06 90.93
CA LEU H 515 14.52 17.00 91.63
C LEU H 515 13.37 16.44 90.79
N GLU H 516 12.88 17.20 89.81
CA GLU H 516 11.76 16.76 89.00
C GLU H 516 12.24 15.91 87.84
N ALA H 517 11.67 14.71 87.71
CA ALA H 517 11.96 13.79 86.62
C ALA H 517 13.45 13.47 86.56
N SER H 518 13.95 12.83 87.62
CA SER H 518 15.35 12.46 87.70
C SER H 518 15.64 11.08 87.12
N SER H 519 14.65 10.18 87.13
CA SER H 519 14.87 8.83 86.61
C SER H 519 15.14 8.87 85.11
N GLY H 520 14.46 9.76 84.39
CA GLY H 520 14.70 9.86 82.96
C GLY H 520 16.11 10.32 82.64
N ILE H 521 16.57 11.35 83.36
CA ILE H 521 17.93 11.84 83.15
C ILE H 521 18.95 10.78 83.56
N LEU H 522 18.64 10.02 84.61
CA LEU H 522 19.54 8.94 85.01
C LEU H 522 19.65 7.88 83.94
N GLU H 523 18.52 7.50 83.34
CA GLU H 523 18.54 6.53 82.25
C GLU H 523 19.29 7.08 81.05
N VAL H 524 19.11 8.36 80.75
CA VAL H 524 19.83 8.98 79.63
C VAL H 524 21.33 8.94 79.88
N LEU H 525 21.76 9.26 81.10
CA LEU H 525 23.18 9.24 81.41
C LEU H 525 23.73 7.82 81.38
N TYR H 526 22.93 6.83 81.81
CA TYR H 526 23.36 5.44 81.74
C TYR H 526 23.52 5.00 80.29
N CYS H 527 22.64 5.48 79.40
CA CYS H 527 22.69 5.07 78.01
C CYS H 527 23.76 5.81 77.22
N VAL H 528 24.13 7.02 77.63
CA VAL H 528 25.12 7.77 76.86
C VAL H 528 26.55 7.32 77.22
N LEU H 529 26.72 6.67 78.37
CA LEU H 529 28.03 6.23 78.82
C LEU H 529 28.32 4.77 78.49
N ILE H 530 27.43 4.10 77.75
CA ILE H 530 27.63 2.70 77.40
C ILE H 530 27.89 2.50 75.91
N GLU H 531 27.27 3.31 75.04
CA GLU H 531 27.44 3.11 73.60
C GLU H 531 28.83 3.56 73.16
N SER H 532 29.16 4.83 73.38
CA SER H 532 30.43 5.39 72.95
C SER H 532 31.23 5.83 74.16
N PRO H 533 32.44 5.31 74.36
CA PRO H 533 33.27 5.72 75.51
C PRO H 533 34.02 7.03 75.34
N GLU H 534 33.72 7.80 74.28
CA GLU H 534 34.40 9.08 74.11
C GLU H 534 33.97 10.09 75.17
N VAL H 535 32.77 9.94 75.73
CA VAL H 535 32.31 10.85 76.75
C VAL H 535 33.07 10.64 78.06
N LEU H 536 33.59 9.44 78.28
CA LEU H 536 34.33 9.16 79.50
C LEU H 536 35.65 9.93 79.58
N ASN H 537 36.20 10.35 78.45
CA ASN H 537 37.48 11.06 78.46
C ASN H 537 37.34 12.49 78.98
N ILE H 538 36.18 13.14 78.75
CA ILE H 538 36.02 14.54 79.11
C ILE H 538 35.53 14.72 80.55
N ILE H 539 35.15 13.63 81.23
CA ILE H 539 34.60 13.74 82.57
C ILE H 539 35.64 14.34 83.53
N GLN H 540 35.15 15.10 84.51
CA GLN H 540 35.99 15.70 85.53
C GLN H 540 35.45 15.38 86.92
N GLU H 541 36.00 16.03 87.95
CA GLU H 541 35.52 15.82 89.31
C GLU H 541 34.11 16.37 89.52
N ASN H 542 33.69 17.35 88.71
CA ASN H 542 32.37 17.95 88.89
C ASN H 542 31.27 16.94 88.56
N HIS H 543 31.48 16.13 87.52
CA HIS H 543 30.46 15.16 87.13
C HIS H 543 30.26 14.10 88.20
N ILE H 544 31.36 13.53 88.71
CA ILE H 544 31.23 12.53 89.76
C ILE H 544 30.73 13.16 91.05
N LYS H 545 31.07 14.43 91.30
CA LYS H 545 30.53 15.12 92.47
C LYS H 545 29.03 15.26 92.37
N SER H 546 28.51 15.65 91.20
CA SER H 546 27.07 15.72 91.00
C SER H 546 26.43 14.33 91.09
N ILE H 547 27.14 13.29 90.67
CA ILE H 547 26.60 11.93 90.76
C ILE H 547 26.43 11.54 92.23
N ILE H 548 27.46 11.78 93.05
CA ILE H 548 27.35 11.47 94.48
C ILE H 548 26.31 12.35 95.14
N SER H 549 26.16 13.59 94.69
CA SER H 549 25.12 14.46 95.24
C SER H 549 23.73 13.92 94.93
N LEU H 550 23.53 13.41 93.71
CA LEU H 550 22.27 12.77 93.38
C LEU H 550 22.04 11.52 94.22
N LEU H 551 23.07 10.71 94.38
CA LEU H 551 22.93 9.48 95.18
C LEU H 551 22.63 9.79 96.63
N ASP H 552 23.10 10.94 97.14
CA ASP H 552 22.86 11.30 98.52
C ASP H 552 21.48 11.92 98.70
N LYS H 553 21.09 12.85 97.82
CA LYS H 553 19.83 13.57 97.99
C LYS H 553 18.64 12.71 97.58
N HIS H 554 18.71 12.08 96.41
CA HIS H 554 17.59 11.30 95.88
C HIS H 554 17.54 9.88 96.44
N GLY H 555 18.32 9.57 97.47
CA GLY H 555 18.30 8.27 98.08
C GLY H 555 19.03 7.23 97.25
N ARG H 556 18.97 5.99 97.73
CA ARG H 556 19.62 4.88 97.05
C ARG H 556 18.82 4.45 95.82
N ASN H 557 19.54 4.21 94.72
CA ASN H 557 18.93 3.77 93.47
C ASN H 557 19.80 2.70 92.85
N HIS H 558 19.18 1.61 92.38
CA HIS H 558 19.93 0.52 91.78
C HIS H 558 20.48 0.85 90.40
N LYS H 559 20.02 1.93 89.78
CA LYS H 559 20.47 2.30 88.45
C LYS H 559 21.71 3.20 88.47
N VAL H 560 22.02 3.82 89.60
CA VAL H 560 23.19 4.69 89.66
C VAL H 560 24.47 3.88 89.70
N LEU H 561 24.45 2.74 90.42
CA LEU H 561 25.64 1.91 90.50
C LEU H 561 26.02 1.32 89.15
N ASP H 562 25.02 1.06 88.29
CA ASP H 562 25.33 0.64 86.92
C ASP H 562 26.03 1.75 86.16
N VAL H 563 25.63 3.01 86.39
CA VAL H 563 26.30 4.14 85.77
C VAL H 563 27.74 4.23 86.26
N LEU H 564 27.96 4.03 87.55
CA LEU H 564 29.32 4.05 88.08
C LEU H 564 30.16 2.92 87.49
N CYS H 565 29.59 1.73 87.35
CA CYS H 565 30.33 0.61 86.77
C CYS H 565 30.67 0.87 85.31
N SER H 566 29.75 1.50 84.57
CA SER H 566 30.03 1.82 83.17
C SER H 566 31.08 2.89 83.05
N LEU H 567 31.06 3.88 83.96
CA LEU H 567 32.06 4.95 83.93
C LEU H 567 33.41 4.48 84.46
N CYS H 568 33.45 3.35 85.16
CA CYS H 568 34.72 2.88 85.73
C CYS H 568 35.67 2.40 84.63
N VAL H 569 35.21 1.49 83.78
CA VAL H 569 36.05 0.85 82.77
C VAL H 569 35.48 1.14 81.39
N CYS H 570 36.37 1.32 80.42
CA CYS H 570 35.98 1.52 79.03
C CYS H 570 35.87 0.17 78.33
N ASN H 571 35.74 0.19 77.01
CA ASN H 571 35.66 -1.04 76.21
C ASN H 571 37.07 -1.63 76.09
N GLY H 572 37.52 -2.24 77.20
CA GLY H 572 38.83 -2.83 77.27
C GLY H 572 39.92 -1.91 77.76
N VAL H 573 39.59 -0.67 78.12
CA VAL H 573 40.56 0.30 78.64
C VAL H 573 40.18 0.62 80.07
N ALA H 574 41.18 0.62 80.95
CA ALA H 574 40.98 0.90 82.38
C ALA H 574 41.60 2.24 82.71
N VAL H 575 40.77 3.23 82.98
CA VAL H 575 41.26 4.56 83.35
C VAL H 575 41.58 4.60 84.84
N CYS H 576 42.42 5.55 85.23
CA CYS H 576 42.84 5.70 86.61
C CYS H 576 42.29 6.94 87.30
N SER H 577 41.90 7.97 86.54
CA SER H 577 41.39 9.18 87.15
C SER H 577 40.00 8.96 87.74
N ASN H 578 39.10 8.33 86.98
CA ASN H 578 37.75 8.09 87.46
C ASN H 578 37.75 7.14 88.66
N GLN H 579 38.57 6.09 88.60
CA GLN H 579 38.64 5.15 89.71
C GLN H 579 39.16 5.81 90.97
N ASP H 580 40.20 6.65 90.82
CA ASP H 580 40.74 7.36 91.98
C ASP H 580 39.72 8.33 92.56
N LEU H 581 38.98 9.05 91.69
CA LEU H 581 37.96 9.96 92.16
C LEU H 581 36.85 9.21 92.90
N ILE H 582 36.43 8.06 92.38
CA ILE H 582 35.41 7.27 93.06
C ILE H 582 35.91 6.76 94.40
N THR H 583 37.16 6.30 94.44
CA THR H 583 37.72 5.82 95.70
C THR H 583 37.85 6.94 96.73
N GLU H 584 38.12 8.17 96.27
CA GLU H 584 38.30 9.27 97.20
C GLU H 584 36.97 9.87 97.65
N ASN H 585 35.93 9.79 96.82
CA ASN H 585 34.65 10.42 97.13
C ASN H 585 33.56 9.43 97.53
N LEU H 586 33.87 8.13 97.61
CA LEU H 586 32.87 7.14 97.99
C LEU H 586 33.22 6.39 99.27
N LEU H 587 34.46 5.93 99.41
CA LEU H 587 34.87 5.11 100.55
C LEU H 587 35.08 5.91 101.83
N PRO H 588 35.79 7.06 101.81
CA PRO H 588 36.00 7.79 103.07
C PRO H 588 34.71 8.31 103.70
N GLY H 589 33.62 8.38 102.95
CA GLY H 589 32.38 8.87 103.53
C GLY H 589 31.80 7.92 104.55
N ARG H 590 31.64 6.65 104.17
CA ARG H 590 31.10 5.62 105.06
C ARG H 590 29.72 5.97 105.59
N GLU H 591 28.95 6.75 104.82
CA GLU H 591 27.60 7.13 105.20
C GLU H 591 26.59 6.94 104.09
N LEU H 592 26.97 6.34 102.97
CA LEU H 592 26.06 6.14 101.86
C LEU H 592 25.97 4.69 101.41
N LEU H 593 26.95 3.86 101.73
CA LEU H 593 26.96 2.45 101.37
C LEU H 593 26.95 1.61 102.65
N LEU H 594 26.85 0.30 102.47
CA LEU H 594 26.77 -0.62 103.59
C LEU H 594 28.13 -1.24 103.87
N GLN H 595 28.31 -1.67 105.12
CA GLN H 595 29.56 -2.27 105.56
C GLN H 595 29.29 -3.63 106.18
N THR H 596 30.30 -4.51 106.10
CA THR H 596 30.22 -5.86 106.61
C THR H 596 31.31 -6.08 107.65
N ASN H 597 30.98 -6.82 108.70
CA ASN H 597 31.93 -7.13 109.77
C ASN H 597 31.40 -8.30 110.57
N LEU H 598 32.31 -9.17 111.01
CA LEU H 598 31.93 -10.32 111.82
C LEU H 598 31.55 -9.87 113.22
N ILE H 599 30.41 -10.36 113.71
CA ILE H 599 29.90 -10.00 115.03
C ILE H 599 29.61 -11.28 115.80
N ASN H 600 29.98 -11.28 117.08
CA ASN H 600 29.73 -12.41 117.97
C ASN H 600 28.41 -12.22 118.71
N TYR H 601 27.76 -13.34 119.01
CA TYR H 601 26.49 -13.30 119.71
C TYR H 601 26.71 -12.98 121.19
N VAL H 602 25.61 -12.64 121.87
CA VAL H 602 25.65 -12.28 123.28
C VAL H 602 24.40 -12.80 123.96
N THR H 603 24.56 -13.23 125.21
CA THR H 603 23.46 -13.71 126.03
C THR H 603 23.43 -12.95 127.34
N SER H 604 22.41 -13.22 128.14
CA SER H 604 22.24 -12.57 129.43
C SER H 604 21.44 -13.48 130.35
N ILE H 605 21.92 -13.61 131.59
CA ILE H 605 21.32 -14.50 132.58
C ILE H 605 20.90 -13.68 133.79
N ARG H 606 19.71 -13.97 134.32
CA ARG H 606 19.20 -13.30 135.52
C ARG H 606 18.71 -14.34 136.51
N PRO H 607 18.87 -14.09 137.80
CA PRO H 607 18.32 -14.99 138.82
C PRO H 607 16.81 -14.80 138.96
N ASN H 608 16.23 -15.52 139.93
CA ASN H 608 14.79 -15.47 140.16
C ASN H 608 14.38 -14.41 141.18
N ILE H 609 15.33 -13.68 141.75
CA ILE H 609 15.02 -12.61 142.69
C ILE H 609 14.52 -11.39 141.94
N PHE H 610 13.38 -10.86 142.36
CA PHE H 610 12.79 -9.67 141.76
C PHE H 610 12.72 -8.58 142.83
N VAL H 611 13.37 -7.45 142.58
CA VAL H 611 13.41 -6.33 143.52
C VAL H 611 12.75 -5.12 142.86
N GLY H 612 11.75 -4.56 143.53
CA GLY H 612 11.03 -3.42 142.99
C GLY H 612 10.83 -2.37 144.06
N ARG H 613 10.58 -1.14 143.59
CA ARG H 613 10.38 0.00 144.47
C ARG H 613 9.16 0.78 144.00
N ALA H 614 8.26 1.10 144.93
CA ALA H 614 7.05 1.85 144.63
C ALA H 614 6.53 2.45 145.92
N GLU H 615 5.36 3.07 145.86
CA GLU H 615 4.74 3.67 147.03
C GLU H 615 4.29 2.57 147.99
N GLY H 616 4.82 2.59 149.21
CA GLY H 616 4.49 1.56 150.18
C GLY H 616 5.05 0.19 149.85
N THR H 617 6.32 0.14 149.44
CA THR H 617 6.93 -1.14 149.08
C THR H 617 7.18 -1.99 150.32
N THR H 618 7.12 -3.30 150.15
CA THR H 618 7.33 -4.26 151.22
C THR H 618 8.74 -4.83 151.21
N GLN H 619 9.71 -4.08 150.70
CA GLN H 619 11.10 -4.53 150.63
C GLN H 619 12.02 -3.35 150.90
N TYR H 620 13.29 -3.67 151.15
CA TYR H 620 14.30 -2.65 151.42
C TYR H 620 15.05 -2.30 150.12
N SER H 621 15.93 -1.31 150.23
CA SER H 621 16.71 -0.85 149.10
C SER H 621 18.17 -1.28 149.12
N LYS H 622 18.70 -1.64 150.29
CA LYS H 622 20.10 -2.02 150.41
C LYS H 622 20.26 -3.49 149.99
N TRP H 623 20.92 -3.71 148.86
CA TRP H 623 21.17 -5.05 148.36
C TRP H 623 22.61 -5.13 147.85
N TYR H 624 23.26 -6.25 148.11
CA TYR H 624 24.67 -6.41 147.78
C TYR H 624 24.94 -7.86 147.38
N PHE H 625 25.75 -8.03 146.34
CA PHE H 625 26.16 -9.35 145.89
C PHE H 625 27.43 -9.23 145.08
N GLU H 626 28.27 -10.25 145.16
CA GLU H 626 29.55 -10.28 144.46
C GLU H 626 29.61 -11.49 143.55
N VAL H 627 30.44 -11.38 142.50
CA VAL H 627 30.62 -12.46 141.53
C VAL H 627 32.12 -12.64 141.30
N MET H 628 32.49 -13.85 140.88
CA MET H 628 33.87 -14.20 140.61
C MET H 628 34.00 -14.81 139.23
N VAL H 629 35.06 -14.44 138.52
CA VAL H 629 35.32 -14.95 137.18
C VAL H 629 36.24 -16.17 137.28
N ASP H 630 35.87 -17.24 136.60
CA ASP H 630 36.66 -18.47 136.66
C ASP H 630 37.86 -18.41 135.73
N GLU H 631 37.62 -18.26 134.44
CA GLU H 631 38.69 -18.22 133.45
C GLU H 631 38.24 -17.39 132.26
N VAL H 632 39.16 -16.60 131.73
CA VAL H 632 38.89 -15.71 130.60
C VAL H 632 40.00 -15.87 129.57
N VAL H 633 39.64 -15.71 128.29
CA VAL H 633 40.62 -15.76 127.21
C VAL H 633 40.39 -14.57 126.28
N PRO H 634 41.29 -13.59 126.27
CA PRO H 634 41.12 -12.45 125.37
C PRO H 634 41.58 -12.75 123.96
N PHE H 635 41.08 -11.96 123.01
CA PHE H 635 41.41 -12.09 121.59
C PHE H 635 41.10 -13.48 121.05
N LEU H 636 40.04 -14.11 121.57
CA LEU H 636 39.65 -15.42 121.06
C LEU H 636 39.02 -15.32 119.69
N THR H 637 38.31 -14.22 119.42
CA THR H 637 37.67 -14.00 118.11
C THR H 637 38.10 -12.65 117.54
N ALA H 638 37.44 -12.22 116.46
CA ALA H 638 37.77 -10.94 115.85
C ALA H 638 37.53 -9.78 116.82
N GLN H 639 36.52 -9.91 117.68
CA GLN H 639 36.21 -8.88 118.66
C GLN H 639 36.74 -9.29 120.03
N ALA H 640 36.42 -8.49 121.05
CA ALA H 640 36.84 -8.73 122.41
C ALA H 640 35.65 -9.16 123.26
N THR H 641 35.94 -9.86 124.36
CA THR H 641 34.91 -10.33 125.26
C THR H 641 34.36 -9.16 126.07
N HIS H 642 33.05 -8.95 125.99
CA HIS H 642 32.39 -7.84 126.68
C HIS H 642 31.79 -8.32 128.00
N LEU H 643 32.67 -8.71 128.91
CA LEU H 643 32.25 -9.18 130.24
C LEU H 643 31.78 -8.00 131.07
N ARG H 644 30.47 -7.86 131.23
CA ARG H 644 29.88 -6.78 132.00
C ARG H 644 28.74 -7.31 132.84
N VAL H 645 28.60 -6.78 134.06
CA VAL H 645 27.54 -7.16 134.98
C VAL H 645 26.83 -5.89 135.44
N GLY H 646 25.51 -5.97 135.55
CA GLY H 646 24.74 -4.82 135.97
C GLY H 646 23.31 -5.18 136.27
N TRP H 647 22.47 -4.15 136.34
CA TRP H 647 21.06 -4.30 136.63
C TRP H 647 20.24 -3.97 135.39
N ALA H 648 19.21 -4.77 135.14
CA ALA H 648 18.33 -4.60 133.99
C ALA H 648 16.88 -4.65 134.43
N LEU H 649 16.05 -3.82 133.81
CA LEU H 649 14.63 -3.78 134.13
C LEU H 649 13.88 -4.88 133.38
N THR H 650 12.63 -5.10 133.80
CA THR H 650 11.80 -6.14 133.20
C THR H 650 11.08 -5.68 131.95
N GLU H 651 11.12 -4.38 131.64
CA GLU H 651 10.45 -3.83 130.47
C GLU H 651 11.38 -2.83 129.80
N GLY H 652 11.91 -3.19 128.64
CA GLY H 652 12.81 -2.32 127.89
C GLY H 652 14.18 -2.91 127.61
N TYR H 653 14.47 -4.14 128.04
CA TYR H 653 15.78 -4.72 127.78
C TYR H 653 15.86 -5.30 126.37
N SER H 654 15.02 -6.29 126.08
CA SER H 654 14.96 -6.97 124.79
C SER H 654 16.33 -7.51 124.39
N PRO H 655 16.86 -8.53 125.08
CA PRO H 655 18.18 -9.07 124.74
C PRO H 655 18.10 -10.15 123.66
N TYR H 656 17.64 -9.76 122.48
CA TYR H 656 17.50 -10.71 121.38
C TYR H 656 18.87 -11.12 120.87
N PRO H 657 19.17 -12.42 120.76
CA PRO H 657 20.49 -12.84 120.24
C PRO H 657 20.63 -12.56 118.76
N GLY H 658 21.50 -11.62 118.41
CA GLY H 658 21.72 -11.27 117.02
C GLY H 658 21.95 -9.78 116.82
N GLY H 659 21.16 -9.16 115.94
CA GLY H 659 21.30 -7.74 115.70
C GLY H 659 20.78 -6.92 116.87
N GLY H 660 21.50 -5.85 117.18
CA GLY H 660 21.12 -4.97 118.27
C GLY H 660 21.37 -3.50 117.99
N GLU H 661 21.19 -2.66 118.99
CA GLU H 661 21.42 -1.23 118.82
C GLU H 661 22.91 -0.94 118.70
N GLY H 662 23.27 -0.15 117.70
CA GLY H 662 24.65 0.21 117.47
C GLY H 662 25.32 -0.66 116.42
N TRP H 663 26.65 -0.63 116.42
CA TRP H 663 27.41 -1.42 115.47
C TRP H 663 27.39 -2.89 115.84
N GLY H 664 27.86 -3.23 117.04
CA GLY H 664 27.91 -4.59 117.49
C GLY H 664 26.64 -5.04 118.18
N GLY H 665 26.74 -6.17 118.88
CA GLY H 665 25.60 -6.71 119.58
C GLY H 665 25.28 -5.96 120.85
N ASN H 666 24.03 -6.12 121.30
CA ASN H 666 23.56 -5.46 122.51
C ASN H 666 23.82 -6.32 123.73
N GLY H 667 23.63 -5.72 124.91
CA GLY H 667 23.83 -6.42 126.17
C GLY H 667 23.45 -5.56 127.36
N VAL H 668 24.07 -5.83 128.51
CA VAL H 668 23.80 -5.04 129.70
C VAL H 668 24.39 -3.65 129.53
N GLY H 669 23.61 -2.63 129.90
CA GLY H 669 24.03 -1.25 129.76
C GLY H 669 23.99 -0.72 128.34
N ASP H 670 23.56 -1.52 127.37
CA ASP H 670 23.49 -1.09 125.97
C ASP H 670 22.24 -0.29 125.67
N ASP H 671 21.34 -0.10 126.63
CA ASP H 671 20.11 0.64 126.43
C ASP H 671 19.85 1.52 127.65
N LEU H 672 18.88 2.43 127.51
CA LEU H 672 18.53 3.33 128.59
C LEU H 672 17.73 2.65 129.70
N TYR H 673 17.28 1.41 129.48
CA TYR H 673 16.51 0.69 130.48
C TYR H 673 17.37 -0.18 131.40
N SER H 674 18.66 -0.33 131.09
CA SER H 674 19.57 -1.14 131.90
C SER H 674 20.81 -0.35 132.21
N TYR H 675 21.45 -0.67 133.34
CA TYR H 675 22.65 0.00 133.79
C TYR H 675 23.67 -1.02 134.25
N GLY H 676 24.89 -0.92 133.75
CA GLY H 676 25.95 -1.84 134.12
C GLY H 676 27.29 -1.16 134.14
N PHE H 677 28.25 -1.82 134.80
CA PHE H 677 29.60 -1.28 134.90
C PHE H 677 30.57 -2.43 135.07
N ASP H 678 31.70 -2.35 134.36
CA ASP H 678 32.74 -3.37 134.43
C ASP H 678 34.04 -2.78 133.91
N GLY H 679 35.10 -2.90 134.69
CA GLY H 679 36.40 -2.38 134.30
C GLY H 679 36.61 -0.98 134.83
N LEU H 680 37.04 -0.08 133.95
CA LEU H 680 37.31 1.31 134.32
C LEU H 680 36.41 2.30 133.59
N HIS H 681 35.42 1.82 132.84
CA HIS H 681 34.51 2.68 132.09
C HIS H 681 33.08 2.20 132.28
N LEU H 682 32.18 3.15 132.48
CA LEU H 682 30.77 2.84 132.67
C LEU H 682 30.05 2.76 131.33
N TRP H 683 28.92 2.05 131.32
CA TRP H 683 28.11 1.87 130.13
C TRP H 683 26.68 2.31 130.42
N THR H 684 26.18 3.23 129.60
CA THR H 684 24.82 3.75 129.75
C THR H 684 24.29 4.07 128.37
N GLY H 685 23.37 3.23 127.88
CA GLY H 685 22.82 3.43 126.55
C GLY H 685 23.80 3.15 125.44
N HIS H 686 24.61 2.08 125.58
CA HIS H 686 25.62 1.70 124.58
C HIS H 686 26.63 2.81 124.34
N VAL H 687 26.94 3.58 125.38
CA VAL H 687 27.93 4.65 125.29
C VAL H 687 28.99 4.43 126.36
N PRO H 688 30.11 3.78 126.02
CA PRO H 688 31.17 3.58 127.01
C PRO H 688 31.88 4.89 127.33
N ARG H 689 31.78 5.31 128.59
CA ARG H 689 32.38 6.56 129.05
C ARG H 689 33.39 6.26 130.14
N LEU H 690 34.57 6.87 130.03
CA LEU H 690 35.61 6.68 131.03
C LEU H 690 35.24 7.37 132.33
N VAL H 691 35.54 6.72 133.45
CA VAL H 691 35.24 7.24 134.78
C VAL H 691 36.47 7.74 135.50
N THR H 692 37.65 7.70 134.86
CA THR H 692 38.91 8.16 135.45
C THR H 692 39.20 7.43 136.77
N SER H 693 38.99 6.12 136.78
CA SER H 693 39.25 5.34 137.98
C SER H 693 40.75 5.21 138.22
N PRO H 694 41.20 5.28 139.47
CA PRO H 694 42.64 5.14 139.73
C PRO H 694 43.16 3.74 139.46
N GLY H 695 42.31 2.72 139.58
CA GLY H 695 42.75 1.36 139.29
C GLY H 695 43.06 1.15 137.82
N GLN H 696 42.14 1.58 136.96
CA GLN H 696 42.28 1.43 135.50
C GLN H 696 42.50 -0.03 135.11
N HIS H 697 41.82 -0.93 135.81
CA HIS H 697 41.96 -2.36 135.62
C HIS H 697 40.68 -2.90 135.00
N LEU H 698 40.80 -3.49 133.81
CA LEU H 698 39.62 -3.97 133.09
C LEU H 698 39.12 -5.29 133.67
N LEU H 699 39.99 -6.29 133.74
CA LEU H 699 39.58 -7.61 134.24
C LEU H 699 40.83 -8.43 134.56
N ALA H 700 40.67 -9.35 135.51
CA ALA H 700 41.73 -10.30 135.87
C ALA H 700 41.08 -11.64 136.19
N PRO H 701 41.81 -12.74 136.01
CA PRO H 701 41.27 -14.04 136.42
C PRO H 701 41.13 -14.11 137.95
N GLU H 702 40.05 -14.75 138.39
CA GLU H 702 39.75 -14.92 139.81
C GLU H 702 39.60 -13.57 140.52
N ASP H 703 39.07 -12.58 139.82
CA ASP H 703 38.83 -11.26 140.40
C ASP H 703 37.38 -11.15 140.86
N VAL H 704 37.18 -10.56 142.02
CA VAL H 704 35.86 -10.40 142.62
C VAL H 704 35.44 -8.94 142.49
N VAL H 705 34.40 -8.69 141.71
CA VAL H 705 33.86 -7.36 141.50
C VAL H 705 32.38 -7.38 141.85
N SER H 706 31.95 -6.43 142.67
CA SER H 706 30.57 -6.34 143.12
C SER H 706 30.00 -4.97 142.80
N CYS H 707 28.68 -4.87 142.81
CA CYS H 707 27.97 -3.62 142.54
C CYS H 707 27.09 -3.26 143.71
N CYS H 708 26.78 -1.97 143.82
CA CYS H 708 25.95 -1.44 144.90
C CYS H 708 24.82 -0.64 144.28
N LEU H 709 23.58 -1.10 144.47
CA LEU H 709 22.40 -0.45 143.93
C LEU H 709 21.45 -0.08 145.06
N ASP H 710 20.80 1.07 144.93
CA ASP H 710 19.84 1.55 145.91
C ASP H 710 18.55 1.96 145.19
N LEU H 711 17.42 1.61 145.80
CA LEU H 711 16.13 1.91 145.19
C LEU H 711 15.71 3.35 145.46
N SER H 712 15.58 3.72 146.74
CA SER H 712 15.12 5.07 147.08
C SER H 712 16.23 6.08 146.85
N VAL H 713 17.40 5.84 147.43
CA VAL H 713 18.53 6.76 147.29
C VAL H 713 19.07 6.68 145.87
N PRO H 714 19.08 7.78 145.11
CA PRO H 714 19.61 7.73 143.75
C PRO H 714 21.12 7.64 143.71
N SER H 715 21.66 6.45 143.93
CA SER H 715 23.11 6.24 143.92
C SER H 715 23.38 4.80 143.53
N ILE H 716 24.01 4.60 142.38
CA ILE H 716 24.35 3.27 141.88
C ILE H 716 25.86 3.22 141.71
N SER H 717 26.53 2.44 142.54
CA SER H 717 27.98 2.32 142.47
C SER H 717 28.40 0.86 142.35
N PHE H 718 29.70 0.60 142.43
CA PHE H 718 30.21 -0.75 142.28
C PHE H 718 31.49 -0.90 143.10
N ARG H 719 31.63 -2.04 143.77
CA ARG H 719 32.82 -2.33 144.56
C ARG H 719 33.84 -3.04 143.67
N ILE H 720 34.88 -2.31 143.27
CA ILE H 720 35.92 -2.83 142.40
C ILE H 720 37.07 -3.29 143.29
N ASN H 721 37.20 -4.60 143.46
CA ASN H 721 38.25 -5.21 144.28
C ASN H 721 38.22 -4.67 145.70
N GLY H 722 37.03 -4.63 146.28
CA GLY H 722 36.85 -4.14 147.63
C GLY H 722 36.92 -2.63 147.77
N CYS H 723 36.93 -1.89 146.67
CA CYS H 723 36.99 -0.44 146.70
C CYS H 723 35.80 0.16 145.97
N PRO H 724 35.19 1.21 146.51
CA PRO H 724 34.01 1.81 145.85
C PRO H 724 34.43 2.65 144.66
N VAL H 725 33.77 2.42 143.52
CA VAL H 725 34.07 3.18 142.32
C VAL H 725 33.43 4.56 142.41
N GLN H 726 34.02 5.50 141.67
CA GLN H 726 33.54 6.88 141.66
C GLN H 726 32.30 7.08 140.79
N GLY H 727 31.84 6.04 140.11
CA GLY H 727 30.65 6.17 139.27
C GLY H 727 29.38 6.12 140.10
N VAL H 728 28.44 7.00 139.76
CA VAL H 728 27.16 7.09 140.46
C VAL H 728 26.08 7.45 139.45
N PHE H 729 24.92 6.79 139.58
CA PHE H 729 23.77 7.04 138.72
C PHE H 729 22.65 7.61 139.57
N GLU H 730 22.28 8.86 139.31
CA GLU H 730 21.24 9.55 140.06
C GLU H 730 20.21 10.12 139.12
N ALA H 731 19.08 10.54 139.70
CA ALA H 731 17.98 11.17 138.96
C ALA H 731 17.48 10.28 137.82
N PHE H 732 17.31 8.99 138.12
CA PHE H 732 16.81 8.03 137.15
C PHE H 732 15.45 7.52 137.59
N ASN H 733 14.52 7.42 136.65
CA ASN H 733 13.17 6.95 136.91
C ASN H 733 13.14 5.43 136.88
N LEU H 734 12.58 4.83 137.93
CA LEU H 734 12.48 3.37 138.05
C LEU H 734 11.00 3.01 138.09
N ASN H 735 10.39 2.85 136.91
CA ASN H 735 9.00 2.45 136.79
C ASN H 735 8.87 0.94 136.63
N GLY H 736 9.47 0.19 137.54
CA GLY H 736 9.44 -1.25 137.48
C GLY H 736 10.52 -1.85 138.36
N LEU H 737 10.70 -3.17 138.19
CA LEU H 737 11.69 -3.90 138.97
C LEU H 737 13.07 -3.75 138.33
N PHE H 738 14.10 -4.12 139.10
CA PHE H 738 15.49 -4.04 138.65
C PHE H 738 16.21 -5.27 139.17
N PHE H 739 16.41 -6.27 138.29
CA PHE H 739 17.07 -7.51 138.63
C PHE H 739 18.52 -7.50 138.13
N PRO H 740 19.42 -8.22 138.81
CA PRO H 740 20.80 -8.28 138.33
C PRO H 740 20.91 -9.15 137.08
N VAL H 741 21.82 -8.75 136.19
CA VAL H 741 22.06 -9.46 134.95
C VAL H 741 23.54 -9.45 134.65
N VAL H 742 23.98 -10.45 133.88
CA VAL H 742 25.38 -10.60 133.51
C VAL H 742 25.46 -11.04 132.06
N SER H 743 26.41 -10.48 131.32
CA SER H 743 26.64 -10.82 129.92
C SER H 743 28.05 -11.35 129.76
N PHE H 744 28.18 -12.42 128.97
CA PHE H 744 29.47 -13.07 128.76
C PHE H 744 29.55 -13.55 127.32
N SER H 745 30.78 -13.60 126.80
CA SER H 745 31.02 -14.08 125.45
C SER H 745 31.21 -15.59 125.47
N ALA H 746 31.43 -16.18 124.29
CA ALA H 746 31.60 -17.61 124.17
C ALA H 746 32.96 -18.03 124.73
N GLY H 747 32.94 -19.01 125.63
CA GLY H 747 34.17 -19.52 126.22
C GLY H 747 34.55 -18.91 127.55
N VAL H 748 33.69 -18.08 128.14
CA VAL H 748 33.98 -17.43 129.42
C VAL H 748 33.09 -18.06 130.48
N LYS H 749 33.69 -18.39 131.62
CA LYS H 749 32.98 -18.98 132.75
C LYS H 749 33.01 -18.01 133.92
N VAL H 750 31.84 -17.77 134.52
CA VAL H 750 31.70 -16.86 135.65
C VAL H 750 30.91 -17.57 136.74
N ARG H 751 31.25 -17.25 137.99
CA ARG H 751 30.59 -17.82 139.16
C ARG H 751 29.71 -16.77 139.80
N PHE H 752 28.40 -17.04 139.87
CA PHE H 752 27.43 -16.14 140.47
C PHE H 752 27.19 -16.57 141.92
N LEU H 753 27.45 -15.67 142.86
CA LEU H 753 27.30 -15.94 144.28
C LEU H 753 26.12 -15.16 144.81
N LEU H 754 25.27 -15.83 145.59
CA LEU H 754 24.10 -15.16 146.17
C LEU H 754 24.46 -14.41 147.45
N GLY H 755 25.10 -15.09 148.39
CA GLY H 755 25.50 -14.46 149.64
C GLY H 755 24.85 -15.08 150.86
N GLY H 756 24.27 -16.28 150.68
CA GLY H 756 23.64 -16.97 151.79
C GLY H 756 24.04 -18.43 151.88
N ARG H 757 23.06 -19.32 151.99
CA ARG H 757 23.30 -20.75 152.06
C ARG H 757 23.54 -21.38 150.69
N HIS H 758 23.49 -20.59 149.61
CA HIS H 758 23.70 -21.15 148.27
C HIS H 758 25.18 -21.40 148.01
N GLY H 759 26.03 -20.43 148.35
CA GLY H 759 27.45 -20.56 148.11
C GLY H 759 28.25 -19.80 149.14
N GLU H 760 29.57 -20.03 149.13
CA GLU H 760 30.47 -19.38 150.06
C GLU H 760 30.61 -17.90 149.70
N PHE H 761 30.39 -17.04 150.69
CA PHE H 761 30.48 -15.59 150.47
C PHE H 761 31.91 -15.14 150.70
N LYS H 762 32.50 -14.48 149.69
CA LYS H 762 33.93 -14.18 149.74
C LYS H 762 34.21 -12.95 150.61
N PHE H 763 33.68 -11.80 150.24
CA PHE H 763 33.96 -10.54 150.92
C PHE H 763 32.71 -10.04 151.63
N LEU H 764 32.86 -9.70 152.90
CA LEU H 764 31.73 -9.29 153.73
C LEU H 764 31.04 -8.06 153.13
N PRO H 765 29.72 -7.92 153.34
CA PRO H 765 29.02 -6.79 152.76
C PRO H 765 29.40 -5.49 153.47
N PRO H 766 29.29 -4.36 152.78
CA PRO H 766 29.57 -3.07 153.44
C PRO H 766 28.55 -2.78 154.52
N PRO H 767 28.89 -1.94 155.50
CA PRO H 767 27.93 -1.63 156.57
C PRO H 767 26.70 -0.92 156.01
N GLY H 768 25.54 -1.32 156.53
CA GLY H 768 24.28 -0.77 156.09
C GLY H 768 23.64 -1.46 154.89
N TYR H 769 24.27 -2.52 154.38
CA TYR H 769 23.76 -3.25 153.24
C TYR H 769 23.43 -4.69 153.64
N ALA H 770 22.61 -5.33 152.83
CA ALA H 770 22.19 -6.70 153.07
C ALA H 770 22.41 -7.54 151.81
N PRO H 771 22.76 -8.82 151.97
CA PRO H 771 22.96 -9.68 150.80
C PRO H 771 21.66 -9.89 150.04
N CYS H 772 21.80 -10.25 148.77
CA CYS H 772 20.66 -10.48 147.89
C CYS H 772 19.99 -11.82 148.11
N HIS H 773 20.40 -12.57 149.14
CA HIS H 773 19.71 -13.83 149.46
C HIS H 773 18.27 -13.57 149.88
N GLU H 774 17.99 -12.39 150.42
CA GLU H 774 16.62 -12.00 150.75
C GLU H 774 15.95 -11.44 149.49
N ALA H 775 14.77 -10.82 149.67
CA ALA H 775 13.98 -10.24 148.61
C ALA H 775 13.55 -11.25 147.55
N VAL H 776 13.68 -12.55 147.83
CA VAL H 776 13.30 -13.60 146.90
C VAL H 776 11.89 -14.06 147.24
N LEU H 777 11.09 -14.30 146.21
CA LEU H 777 9.73 -14.77 146.42
C LEU H 777 9.76 -16.16 147.04
N PRO H 778 9.16 -16.37 148.21
CA PRO H 778 9.20 -17.69 148.83
C PRO H 778 8.43 -18.75 148.06
N ARG H 779 7.51 -18.36 147.19
CA ARG H 779 6.77 -19.31 146.38
C ARG H 779 7.59 -19.85 145.20
N GLU H 780 8.72 -19.22 144.90
CA GLU H 780 9.59 -19.64 143.81
C GLU H 780 10.87 -20.26 144.39
N ARG H 781 11.73 -20.74 143.49
CA ARG H 781 12.99 -21.36 143.87
C ARG H 781 14.15 -20.63 143.20
N LEU H 782 15.34 -20.81 143.77
CA LEU H 782 16.54 -20.17 143.25
C LEU H 782 16.99 -20.89 141.98
N ARG H 783 16.95 -20.20 140.85
CA ARG H 783 17.35 -20.77 139.58
C ARG H 783 17.68 -19.65 138.61
N LEU H 784 18.42 -19.99 137.56
CA LEU H 784 18.82 -19.04 136.54
C LEU H 784 18.01 -19.26 135.27
N GLU H 785 17.57 -18.16 134.66
CA GLU H 785 16.79 -18.21 133.43
C GLU H 785 17.07 -16.96 132.61
N PRO H 786 17.17 -17.08 131.29
CA PRO H 786 17.42 -15.91 130.45
C PRO H 786 16.17 -15.05 130.31
N ILE H 787 16.32 -13.94 129.62
CA ILE H 787 15.25 -12.98 129.38
C ILE H 787 14.80 -13.09 127.94
N LYS H 788 13.49 -13.22 127.72
CA LYS H 788 12.90 -13.32 126.40
C LYS H 788 13.48 -14.49 125.61
N GLU H 789 13.40 -15.67 126.23
CA GLU H 789 13.92 -16.90 125.63
C GLU H 789 12.84 -17.49 124.72
N TYR H 790 12.80 -16.99 123.48
CA TYR H 790 11.82 -17.47 122.51
C TYR H 790 12.16 -18.87 122.01
N ARG H 791 13.39 -19.32 122.20
CA ARG H 791 13.82 -20.65 121.78
C ARG H 791 14.33 -21.42 122.99
N ARG H 792 13.96 -22.70 123.06
CA ARG H 792 14.37 -23.57 124.16
C ARG H 792 14.76 -24.92 123.61
N GLU H 793 15.89 -25.45 124.07
CA GLU H 793 16.35 -26.75 123.62
C GLU H 793 15.49 -27.86 124.23
N GLY H 794 15.16 -28.86 123.42
CA GLY H 794 14.34 -29.95 123.86
C GLY H 794 14.98 -31.30 123.58
N PRO H 795 14.40 -32.36 124.15
CA PRO H 795 14.96 -33.71 123.91
C PRO H 795 14.88 -34.13 122.46
N ARG H 796 13.80 -33.81 121.76
CA ARG H 796 13.62 -34.17 120.36
C ARG H 796 13.97 -33.04 119.41
N GLY H 797 13.50 -31.82 119.69
CA GLY H 797 13.76 -30.69 118.85
C GLY H 797 13.61 -29.37 119.59
N PRO H 798 13.85 -28.26 118.89
CA PRO H 798 13.72 -26.95 119.53
C PRO H 798 12.27 -26.62 119.84
N HIS H 799 12.08 -25.90 120.94
CA HIS H 799 10.75 -25.49 121.40
C HIS H 799 10.58 -23.98 121.25
N LEU H 800 9.33 -23.56 121.13
CA LEU H 800 8.97 -22.16 120.98
C LEU H 800 8.22 -21.72 122.23
N VAL H 801 8.77 -20.71 122.91
CA VAL H 801 8.20 -20.18 124.14
C VAL H 801 7.87 -18.71 123.92
N GLY H 802 6.65 -18.31 124.27
CA GLY H 802 6.22 -16.95 124.12
C GLY H 802 6.44 -16.13 125.38
N PRO H 803 5.89 -14.92 125.41
CA PRO H 803 6.05 -14.08 126.61
C PRO H 803 5.21 -14.60 127.77
N SER H 804 5.76 -14.45 128.97
CA SER H 804 5.11 -14.91 130.18
C SER H 804 4.83 -13.73 131.11
N ARG H 805 3.83 -13.91 131.96
CA ARG H 805 3.45 -12.86 132.90
C ARG H 805 4.51 -12.72 134.00
N CYS H 806 4.60 -11.51 134.56
CA CYS H 806 5.55 -11.21 135.62
C CYS H 806 4.92 -10.22 136.59
N LEU H 807 5.60 -9.99 137.70
CA LEU H 807 5.11 -9.07 138.71
C LEU H 807 5.21 -7.63 138.22
N SER H 808 4.32 -6.79 138.74
CA SER H 808 4.27 -5.38 138.38
C SER H 808 4.56 -4.52 139.59
N HIS H 809 5.16 -3.36 139.35
CA HIS H 809 5.49 -2.46 140.45
C HIS H 809 4.25 -1.78 141.01
N THR H 810 3.21 -1.61 140.19
CA THR H 810 1.99 -0.98 140.68
C THR H 810 1.18 -1.94 141.55
N ASP H 811 1.04 -3.19 141.13
CA ASP H 811 0.29 -4.18 141.89
C ASP H 811 1.08 -4.73 143.07
N PHE H 812 2.36 -4.39 143.20
CA PHE H 812 3.14 -4.88 144.33
C PHE H 812 2.75 -4.20 145.63
N VAL H 813 2.21 -2.98 145.56
CA VAL H 813 1.78 -2.25 146.74
C VAL H 813 0.48 -2.85 147.26
N PRO H 814 0.22 -2.82 148.57
CA PRO H 814 -1.01 -3.39 149.10
C PRO H 814 -2.18 -2.42 148.97
N CYS H 815 -3.39 -3.00 148.92
CA CYS H 815 -4.61 -2.23 148.80
C CYS H 815 -5.65 -2.84 149.75
N PRO H 816 -6.30 -2.03 150.58
CA PRO H 816 -7.32 -2.52 151.52
C PRO H 816 -8.74 -2.22 151.06
N LEU H 817 -25.27 1.00 159.59
CA LEU H 817 -25.09 0.47 160.94
C LEU H 817 -26.43 0.33 161.66
N PRO H 818 -27.19 -0.70 161.30
CA PRO H 818 -28.50 -0.91 161.93
C PRO H 818 -28.37 -1.81 163.15
N PRO H 819 -29.45 -2.02 163.90
CA PRO H 819 -29.37 -2.90 165.07
C PRO H 819 -29.12 -4.35 164.70
N HIS H 820 -29.59 -4.79 163.52
CA HIS H 820 -29.32 -6.16 163.09
C HIS H 820 -27.82 -6.40 162.90
N LEU H 821 -27.07 -5.36 162.51
CA LEU H 821 -25.63 -5.51 162.37
C LEU H 821 -24.99 -5.86 163.71
N GLU H 822 -25.35 -5.14 164.77
CA GLU H 822 -24.80 -5.43 166.09
C GLU H 822 -25.32 -6.77 166.62
N ARG H 823 -26.58 -7.10 166.32
CA ARG H 823 -27.13 -8.38 166.76
C ARG H 823 -26.38 -9.55 166.11
N ILE H 824 -25.97 -9.39 164.86
CA ILE H 824 -25.19 -10.44 164.21
C ILE H 824 -23.74 -10.41 164.68
N ARG H 825 -23.20 -9.22 164.98
CA ARG H 825 -21.81 -9.13 165.43
C ARG H 825 -21.64 -9.75 166.82
N GLU H 826 -22.65 -9.67 167.67
CA GLU H 826 -22.58 -10.32 168.97
C GLU H 826 -22.42 -11.83 168.81
N LYS H 827 -23.26 -12.44 167.98
CA LYS H 827 -23.15 -13.88 167.72
C LYS H 827 -21.84 -14.22 167.01
N LEU H 828 -21.36 -13.33 166.15
CA LEU H 828 -20.08 -13.57 165.47
C LEU H 828 -18.93 -13.59 166.48
N ALA H 829 -18.93 -12.66 167.43
CA ALA H 829 -17.90 -12.64 168.45
C ALA H 829 -18.00 -13.86 169.36
N GLU H 830 -19.23 -14.26 169.70
CA GLU H 830 -19.42 -15.47 170.49
C GLU H 830 -18.87 -16.70 169.77
N ASN H 831 -19.16 -16.83 168.48
CA ASN H 831 -18.65 -17.95 167.71
C ASN H 831 -17.14 -17.89 167.56
N ILE H 832 -16.57 -16.69 167.45
CA ILE H 832 -15.11 -16.56 167.35
C ILE H 832 -14.46 -17.00 168.65
N HIS H 833 -15.02 -16.60 169.79
CA HIS H 833 -14.49 -17.03 171.08
C HIS H 833 -14.63 -18.55 171.25
N GLU H 834 -15.75 -19.11 170.79
CA GLU H 834 -15.95 -20.55 170.88
C GLU H 834 -14.94 -21.29 170.00
N LEU H 835 -14.66 -20.77 168.81
CA LEU H 835 -13.68 -21.41 167.94
C LEU H 835 -12.27 -21.29 168.51
N TRP H 836 -11.98 -20.15 169.17
CA TRP H 836 -10.69 -20.01 169.83
C TRP H 836 -10.53 -21.03 170.95
N ALA H 837 -11.59 -21.20 171.76
CA ALA H 837 -11.55 -22.23 172.80
C ALA H 837 -11.41 -23.63 172.19
N LEU H 838 -12.06 -23.86 171.05
CA LEU H 838 -11.99 -25.16 170.39
C LEU H 838 -10.58 -25.46 169.93
N THR H 839 -9.93 -24.51 169.26
CA THR H 839 -8.58 -24.76 168.78
C THR H 839 -7.57 -24.80 169.94
N ARG H 840 -7.85 -24.08 171.03
CA ARG H 840 -6.96 -24.17 172.20
C ARG H 840 -7.08 -25.52 172.87
N ILE H 841 -8.28 -26.10 172.90
CA ILE H 841 -8.45 -27.43 173.48
C ILE H 841 -7.90 -28.50 172.55
N GLU H 842 -7.99 -28.28 171.23
CA GLU H 842 -7.48 -29.26 170.28
C GLU H 842 -5.95 -29.26 170.25
N GLN H 843 -5.34 -28.09 170.41
CA GLN H 843 -3.87 -28.00 170.45
C GLN H 843 -3.28 -28.46 171.77
N GLY H 844 -4.11 -28.91 172.71
CA GLY H 844 -3.63 -29.36 174.00
C GLY H 844 -3.37 -28.25 175.01
N TRP H 845 -3.43 -26.99 174.60
CA TRP H 845 -3.18 -25.86 175.50
C TRP H 845 -4.53 -25.32 175.98
N THR H 846 -5.10 -26.02 176.97
CA THR H 846 -6.36 -25.59 177.55
C THR H 846 -6.16 -24.30 178.35
N TYR H 847 -7.27 -23.59 178.58
CA TYR H 847 -7.22 -22.34 179.31
C TYR H 847 -6.85 -22.59 180.77
N GLY H 848 -5.91 -21.81 181.27
CA GLY H 848 -5.46 -21.93 182.65
C GLY H 848 -5.33 -20.58 183.32
N PRO H 849 -4.49 -20.52 184.35
CA PRO H 849 -4.30 -19.23 185.05
C PRO H 849 -3.50 -18.23 184.24
N VAL H 850 -2.42 -18.66 183.58
CA VAL H 850 -1.57 -17.79 182.80
C VAL H 850 -1.23 -18.48 181.49
N ARG H 851 -0.98 -17.67 180.45
CA ARG H 851 -0.64 -18.19 179.14
C ARG H 851 0.74 -18.83 179.17
N ASP H 852 0.78 -20.15 179.00
CA ASP H 852 2.03 -20.91 179.00
C ASP H 852 2.05 -21.83 177.80
N ASP H 853 2.87 -21.51 176.81
CA ASP H 853 2.95 -22.34 175.62
C ASP H 853 3.66 -23.66 175.91
N ASN H 854 4.67 -23.64 176.77
CA ASN H 854 5.37 -24.88 177.11
C ASN H 854 4.52 -25.76 178.03
N LYS H 855 3.86 -25.17 179.01
CA LYS H 855 3.02 -25.92 179.93
C LYS H 855 1.62 -26.16 179.40
N ARG H 856 1.35 -25.77 178.14
CA ARG H 856 0.04 -25.96 177.50
C ARG H 856 -1.07 -25.29 178.32
N LEU H 857 -0.96 -23.96 178.44
CA LEU H 857 -1.93 -23.18 179.19
C LEU H 857 -2.22 -21.89 178.43
N HIS H 858 -3.46 -21.41 178.59
CA HIS H 858 -3.91 -20.19 177.93
C HIS H 858 -4.46 -19.23 178.98
N PRO H 859 -4.07 -17.95 178.95
CA PRO H 859 -4.53 -17.03 179.99
C PRO H 859 -6.02 -16.71 179.91
N CYS H 860 -6.50 -16.32 178.74
CA CYS H 860 -7.86 -15.84 178.56
C CYS H 860 -8.53 -16.50 177.37
N LEU H 861 -8.41 -17.82 177.27
CA LEU H 861 -9.10 -18.58 176.23
C LEU H 861 -10.58 -18.78 176.53
N VAL H 862 -11.06 -18.32 177.68
CA VAL H 862 -12.48 -18.46 178.01
C VAL H 862 -13.29 -17.47 177.19
N ASP H 863 -14.60 -17.70 177.13
CA ASP H 863 -15.49 -16.85 176.35
C ASP H 863 -15.48 -15.41 176.88
N PHE H 864 -15.89 -14.48 176.02
CA PHE H 864 -15.80 -13.07 176.35
C PHE H 864 -16.79 -12.65 177.44
N HIS H 865 -17.85 -13.42 177.67
CA HIS H 865 -18.83 -13.06 178.67
C HIS H 865 -18.27 -13.17 180.09
N SER H 866 -17.20 -13.93 180.28
CA SER H 866 -16.56 -14.07 181.59
C SER H 866 -15.08 -13.74 181.58
N LEU H 867 -14.52 -13.34 180.43
CA LEU H 867 -13.11 -13.02 180.32
C LEU H 867 -12.86 -11.57 180.70
N PRO H 868 -11.62 -11.11 180.68
CA PRO H 868 -11.32 -9.72 181.01
C PRO H 868 -11.68 -8.79 179.85
N GLU H 869 -11.35 -7.51 180.02
CA GLU H 869 -11.65 -6.49 179.02
C GLU H 869 -10.83 -6.72 177.76
N PRO H 870 -9.63 -7.29 177.86
CA PRO H 870 -8.80 -7.49 176.66
C PRO H 870 -9.41 -8.49 175.69
N GLU H 871 -9.83 -9.66 176.21
CA GLU H 871 -10.44 -10.66 175.35
C GLU H 871 -11.77 -10.17 174.78
N ARG H 872 -12.54 -9.43 175.58
CA ARG H 872 -13.80 -8.88 175.09
C ARG H 872 -13.56 -7.87 173.97
N ASN H 873 -12.56 -7.01 174.13
CA ASN H 873 -12.24 -6.04 173.07
C ASN H 873 -11.73 -6.75 171.82
N TYR H 874 -10.93 -7.81 171.99
CA TYR H 874 -10.46 -8.56 170.83
C TYR H 874 -11.63 -9.22 170.10
N ASN H 875 -12.57 -9.80 170.84
CA ASN H 875 -13.73 -10.43 170.21
C ASN H 875 -14.59 -9.40 169.51
N LEU H 876 -14.77 -8.23 170.12
CA LEU H 876 -15.56 -7.17 169.48
C LEU H 876 -14.89 -6.67 168.20
N GLN H 877 -13.56 -6.54 168.22
CA GLN H 877 -12.84 -6.10 167.03
C GLN H 877 -12.94 -7.15 165.92
N MET H 878 -12.81 -8.43 166.28
CA MET H 878 -12.95 -9.49 165.27
C MET H 878 -14.36 -9.51 164.69
N SER H 879 -15.38 -9.31 165.54
CA SER H 879 -16.75 -9.28 165.05
C SER H 879 -16.98 -8.08 164.13
N GLY H 880 -16.43 -6.92 164.49
CA GLY H 880 -16.56 -5.76 163.63
C GLY H 880 -15.86 -5.95 162.29
N GLU H 881 -14.68 -6.57 162.31
CA GLU H 881 -13.98 -6.84 161.06
C GLU H 881 -14.76 -7.82 160.18
N THR H 882 -15.34 -8.85 160.80
CA THR H 882 -16.13 -9.81 160.04
C THR H 882 -17.37 -9.13 159.46
N LEU H 883 -18.03 -8.27 160.24
CA LEU H 883 -19.21 -7.57 159.73
C LEU H 883 -18.84 -6.63 158.58
N LYS H 884 -17.71 -5.94 158.70
CA LYS H 884 -17.27 -5.06 157.61
C LYS H 884 -16.94 -5.86 156.36
N THR H 885 -16.27 -7.00 156.52
CA THR H 885 -15.95 -7.84 155.37
C THR H 885 -17.20 -8.40 154.72
N LEU H 886 -18.22 -8.72 155.51
CA LEU H 886 -19.48 -9.22 154.95
C LEU H 886 -20.24 -8.11 154.24
N LEU H 887 -20.23 -6.90 154.80
CA LEU H 887 -20.94 -5.79 154.18
C LEU H 887 -20.22 -5.29 152.92
N ALA H 888 -18.91 -5.49 152.83
CA ALA H 888 -18.17 -5.05 151.65
C ALA H 888 -18.56 -5.83 150.40
N LEU H 889 -19.17 -6.99 150.55
CA LEU H 889 -19.58 -7.77 149.39
C LEU H 889 -20.73 -7.10 148.63
N GLY H 890 -21.63 -6.46 149.36
CA GLY H 890 -22.76 -5.78 148.76
C GLY H 890 -23.98 -6.63 148.51
N CYS H 891 -23.98 -7.89 148.95
CA CYS H 891 -25.13 -8.76 148.75
C CYS H 891 -26.26 -8.36 149.68
N HIS H 892 -27.44 -8.91 149.40
CA HIS H 892 -28.62 -8.63 150.21
C HIS H 892 -28.48 -9.27 151.58
N VAL H 893 -28.54 -8.44 152.63
CA VAL H 893 -28.40 -8.90 154.01
C VAL H 893 -29.71 -8.62 154.72
N GLY H 894 -30.31 -9.67 155.28
CA GLY H 894 -31.56 -9.52 156.00
C GLY H 894 -31.91 -10.79 156.74
N MET H 895 -32.77 -10.64 157.74
CA MET H 895 -33.21 -11.78 158.54
C MET H 895 -34.10 -12.68 157.71
N ALA H 896 -33.76 -13.97 157.65
CA ALA H 896 -34.54 -14.92 156.88
C ALA H 896 -35.88 -15.20 157.54
N ASP H 897 -35.84 -15.74 158.76
CA ASP H 897 -37.06 -16.07 159.49
C ASP H 897 -36.70 -16.24 160.97
N GLU H 898 -37.73 -16.54 161.77
CA GLU H 898 -37.51 -16.74 163.21
C GLU H 898 -36.77 -18.04 163.51
N LYS H 899 -36.75 -18.98 162.56
CA LYS H 899 -36.07 -20.26 162.76
C LYS H 899 -34.56 -20.15 162.67
N ALA H 900 -34.02 -18.97 162.32
CA ALA H 900 -32.57 -18.81 162.25
C ALA H 900 -31.95 -18.64 163.63
N GLU H 901 -32.60 -17.85 164.50
CA GLU H 901 -32.10 -17.66 165.85
C GLU H 901 -32.34 -18.85 166.75
N ASP H 902 -33.26 -19.74 166.39
CA ASP H 902 -33.58 -20.92 167.17
C ASP H 902 -32.87 -22.13 166.56
N ASN H 903 -32.00 -22.77 167.34
CA ASN H 903 -31.24 -23.91 166.86
C ASN H 903 -31.17 -24.93 168.00
N LEU H 904 -30.29 -25.91 167.86
CA LEU H 904 -30.13 -26.95 168.86
C LEU H 904 -29.46 -26.38 170.11
N ARG H 905 -29.26 -27.24 171.10
CA ARG H 905 -28.64 -26.82 172.35
C ARG H 905 -27.20 -26.40 172.13
N LYS H 906 -26.72 -25.52 173.00
CA LYS H 906 -25.35 -25.02 172.89
C LYS H 906 -24.35 -26.11 173.28
N THR H 907 -23.08 -25.84 173.00
CA THR H 907 -22.03 -26.79 173.30
C THR H 907 -21.79 -26.88 174.80
N LYS H 908 -21.61 -28.09 175.30
CA LYS H 908 -21.38 -28.36 176.71
C LYS H 908 -20.20 -29.31 176.88
N LEU H 909 -19.11 -29.03 176.16
CA LEU H 909 -17.88 -29.82 176.18
C LEU H 909 -18.18 -31.26 175.79
N PRO H 910 -18.79 -31.50 174.63
CA PRO H 910 -19.08 -32.88 174.23
C PRO H 910 -17.85 -33.59 173.68
N LYS H 911 -16.96 -32.84 173.03
CA LYS H 911 -15.75 -33.44 172.47
C LYS H 911 -14.75 -33.82 173.57
N THR H 912 -14.51 -32.90 174.49
CA THR H 912 -13.57 -33.12 175.59
C THR H 912 -14.36 -33.22 176.89
N TYR H 913 -14.25 -34.38 177.55
CA TYR H 913 -14.96 -34.56 178.82
C TYR H 913 -14.37 -33.70 179.93
N MET H 914 -13.05 -33.60 179.98
CA MET H 914 -12.34 -32.79 180.98
C MET H 914 -11.68 -31.62 180.27
N MET H 915 -12.22 -30.42 180.48
CA MET H 915 -11.71 -29.21 179.86
C MET H 915 -11.54 -28.14 180.93
N SER H 916 -10.31 -27.67 181.12
CA SER H 916 -10.03 -26.64 182.11
C SER H 916 -10.55 -25.27 181.71
N ASN H 917 -10.93 -25.09 180.44
CA ASN H 917 -11.42 -23.79 180.00
C ASN H 917 -12.78 -23.47 180.61
N GLY H 918 -13.74 -24.40 180.48
CA GLY H 918 -15.07 -24.18 181.01
C GLY H 918 -15.86 -23.14 180.25
N TYR H 919 -15.90 -23.29 178.93
CA TYR H 919 -16.62 -22.35 178.06
C TYR H 919 -17.32 -23.16 176.97
N LYS H 920 -17.81 -22.46 175.96
CA LYS H 920 -18.49 -23.11 174.84
C LYS H 920 -17.48 -23.90 174.01
N PRO H 921 -17.69 -25.21 173.82
CA PRO H 921 -16.73 -25.99 173.04
C PRO H 921 -16.73 -25.61 171.56
N ALA H 922 -17.92 -25.55 170.96
CA ALA H 922 -18.05 -25.23 169.55
C ALA H 922 -18.85 -23.95 169.38
N PRO H 923 -18.89 -23.38 168.16
CA PRO H 923 -19.65 -22.14 167.96
C PRO H 923 -21.15 -22.35 168.13
N LEU H 924 -21.71 -23.33 167.42
CA LEU H 924 -23.14 -23.64 167.48
C LEU H 924 -23.99 -22.41 167.15
N ASP H 925 -23.53 -21.62 166.18
CA ASP H 925 -24.24 -20.40 165.78
C ASP H 925 -25.10 -20.66 164.55
N ALA H 926 -19.00 -19.10 145.24
CA ALA H 926 -19.57 -17.80 145.56
C ALA H 926 -19.20 -17.38 146.99
N GLN H 927 -19.73 -18.11 147.97
CA GLN H 927 -19.42 -17.79 149.36
C GLN H 927 -17.96 -18.04 149.68
N THR H 928 -17.39 -19.13 149.18
CA THR H 928 -15.98 -19.41 149.43
C THR H 928 -15.10 -18.36 148.77
N THR H 929 -15.44 -17.95 147.55
CA THR H 929 -14.67 -16.90 146.87
C THR H 929 -14.77 -15.58 147.61
N LEU H 930 -15.96 -15.24 148.12
CA LEU H 930 -16.11 -14.02 148.88
C LEU H 930 -15.32 -14.06 150.17
N VAL H 931 -15.30 -15.22 150.84
CA VAL H 931 -14.53 -15.34 152.08
C VAL H 931 -13.03 -15.25 151.79
N ASP H 932 -12.59 -15.83 150.68
CA ASP H 932 -11.18 -15.73 150.31
C ASP H 932 -10.80 -14.29 149.98
N ARG H 933 -11.69 -13.56 149.28
CA ARG H 933 -11.42 -12.16 148.98
C ARG H 933 -11.37 -11.33 150.24
N LEU H 934 -12.27 -11.60 151.20
CA LEU H 934 -12.25 -10.88 152.46
C LEU H 934 -10.98 -11.17 153.25
N ALA H 935 -10.53 -12.42 153.26
CA ALA H 935 -9.29 -12.75 153.95
C ALA H 935 -8.10 -12.09 153.29
N GLU H 936 -8.09 -12.04 151.96
CA GLU H 936 -7.00 -11.36 151.25
C GLU H 936 -7.00 -9.86 151.54
N ASN H 937 -8.19 -9.25 151.59
CA ASN H 937 -8.27 -7.82 151.92
C ASN H 937 -7.80 -7.56 153.34
N GLY H 938 -8.16 -8.45 154.28
CA GLY H 938 -7.68 -8.29 155.65
C GLY H 938 -6.18 -8.44 155.76
N HIS H 939 -5.61 -9.41 155.04
CA HIS H 939 -4.16 -9.57 155.04
C HIS H 939 -3.47 -8.36 154.42
N ASN H 940 -4.05 -7.81 153.35
CA ASN H 940 -3.47 -6.62 152.74
C ASN H 940 -3.54 -5.41 153.68
N VAL H 941 -4.65 -5.28 154.42
CA VAL H 941 -4.78 -4.19 155.37
C VAL H 941 -3.77 -4.35 156.50
N TRP H 942 -3.56 -5.59 156.96
CA TRP H 942 -2.56 -5.83 158.00
C TRP H 942 -1.16 -5.51 157.51
N ALA H 943 -0.86 -5.90 156.26
CA ALA H 943 0.45 -5.59 155.70
C ALA H 943 0.65 -4.08 155.54
N ARG H 944 -0.40 -3.37 155.14
CA ARG H 944 -0.30 -1.92 155.02
C ARG H 944 -0.10 -1.26 156.38
N ASP H 945 -0.79 -1.76 157.41
CA ASP H 945 -0.60 -1.22 158.75
C ASP H 945 0.81 -1.49 159.25
N ARG H 946 1.35 -2.68 158.96
CA ARG H 946 2.71 -3.00 159.37
C ARG H 946 3.72 -2.14 158.64
N VAL H 947 3.48 -1.85 157.35
CA VAL H 947 4.38 -0.98 156.60
C VAL H 947 4.31 0.44 157.12
N ALA H 948 3.12 0.91 157.50
CA ALA H 948 2.99 2.23 158.09
C ALA H 948 3.65 2.29 159.46
N GLN H 949 3.69 1.16 160.17
CA GLN H 949 4.36 1.10 161.47
C GLN H 949 5.88 1.00 161.35
N GLY H 950 6.42 1.05 160.14
CA GLY H 950 7.86 0.99 159.95
C GLY H 950 8.39 -0.40 159.71
N TRP H 951 7.78 -1.12 158.77
CA TRP H 951 8.24 -2.47 158.44
C TRP H 951 9.51 -2.41 157.61
N SER H 952 10.44 -3.32 157.91
CA SER H 952 11.71 -3.36 157.18
C SER H 952 11.53 -3.94 155.79
N TYR H 953 11.10 -5.21 155.71
CA TYR H 953 10.91 -5.87 154.43
C TYR H 953 10.03 -7.10 154.64
N SER H 954 9.52 -7.62 153.53
CA SER H 954 8.70 -8.83 153.53
C SER H 954 9.42 -10.01 152.88
N ALA H 955 10.73 -10.09 153.07
CA ALA H 955 11.53 -11.14 152.46
C ALA H 955 11.32 -12.47 153.20
N VAL H 956 11.92 -13.53 152.67
CA VAL H 956 11.82 -14.84 153.31
C VAL H 956 12.65 -14.88 154.59
N GLN H 957 13.70 -14.07 154.68
CA GLN H 957 14.53 -14.01 155.86
C GLN H 957 13.90 -13.04 156.86
N ASP H 958 13.36 -13.57 157.95
CA ASP H 958 12.70 -12.77 158.96
C ASP H 958 13.65 -12.47 160.10
N ILE H 959 13.40 -11.36 160.79
CA ILE H 959 14.23 -10.93 161.91
C ILE H 959 13.39 -10.09 162.86
N PRO H 960 13.88 -9.77 164.06
CA PRO H 960 13.07 -8.97 165.00
C PRO H 960 13.08 -7.48 164.70
N ALA H 961 13.86 -7.02 163.71
CA ALA H 961 13.92 -5.60 163.37
C ALA H 961 12.80 -5.23 162.40
N ARG H 962 11.57 -5.43 162.86
CA ARG H 962 10.36 -5.11 162.09
C ARG H 962 10.35 -5.84 160.75
N ARG H 963 10.73 -7.12 160.78
CA ARG H 963 10.75 -7.96 159.59
C ARG H 963 9.75 -9.09 159.72
N ASN H 964 9.02 -9.35 158.63
CA ASN H 964 8.02 -10.40 158.61
C ASN H 964 8.37 -11.45 157.57
N PRO H 965 8.14 -12.74 157.87
CA PRO H 965 8.49 -13.76 156.87
C PRO H 965 7.54 -13.81 155.69
N ARG H 966 6.24 -13.67 155.92
CA ARG H 966 5.23 -13.71 154.86
C ARG H 966 4.33 -12.49 155.04
N LEU H 967 4.70 -11.38 154.39
CA LEU H 967 3.93 -10.15 154.45
C LEU H 967 3.62 -9.63 153.05
N VAL H 968 3.58 -10.52 152.07
CA VAL H 968 3.29 -10.13 150.68
C VAL H 968 1.80 -9.86 150.56
N PRO H 969 1.38 -8.85 149.80
CA PRO H 969 -0.04 -8.51 149.70
C PRO H 969 -0.77 -9.46 148.75
N TYR H 970 -1.59 -10.34 149.32
CA TYR H 970 -2.42 -11.27 148.56
C TYR H 970 -1.58 -12.15 147.63
N ARG H 971 -0.69 -12.94 148.24
CA ARG H 971 0.19 -13.83 147.52
C ARG H 971 0.03 -15.25 148.06
N LEU H 972 0.68 -16.20 147.37
CA LEU H 972 0.65 -17.61 147.73
C LEU H 972 1.93 -18.02 148.47
N LEU H 973 2.47 -17.13 149.30
CA LEU H 973 3.70 -17.42 150.02
C LEU H 973 3.53 -18.60 150.96
N ASP H 974 2.56 -18.53 151.86
CA ASP H 974 2.30 -19.57 152.84
C ASP H 974 1.02 -20.30 152.46
N GLU H 975 1.13 -21.61 152.23
CA GLU H 975 -0.05 -22.41 151.87
C GLU H 975 -0.91 -22.70 153.09
N ALA H 976 -0.28 -23.00 154.23
CA ALA H 976 -1.05 -23.28 155.44
C ALA H 976 -1.82 -22.05 155.91
N THR H 977 -1.16 -20.88 155.88
CA THR H 977 -1.84 -19.65 156.28
C THR H 977 -3.00 -19.32 155.34
N LYS H 978 -2.79 -19.55 154.03
CA LYS H 978 -3.87 -19.31 153.08
C LYS H 978 -5.04 -20.26 153.31
N ARG H 979 -4.75 -21.53 153.56
CA ARG H 979 -5.82 -22.49 153.84
C ARG H 979 -6.57 -22.12 155.12
N SER H 980 -5.84 -21.68 156.14
CA SER H 980 -6.49 -21.25 157.37
C SER H 980 -7.38 -20.04 157.14
N ASN H 981 -6.87 -19.04 156.40
CA ASN H 981 -7.67 -17.85 156.13
C ASN H 981 -8.87 -18.15 155.24
N ARG H 982 -8.79 -19.20 154.42
CA ARG H 982 -9.92 -19.56 153.58
C ARG H 982 -10.93 -20.44 154.30
N ASP H 983 -10.50 -21.17 155.33
CA ASP H 983 -11.39 -22.08 156.04
C ASP H 983 -12.03 -21.43 157.27
N SER H 984 -11.21 -20.90 158.19
CA SER H 984 -11.74 -20.37 159.43
C SER H 984 -12.59 -19.12 159.20
N LEU H 985 -12.14 -18.24 158.30
CA LEU H 985 -12.92 -17.04 158.01
C LEU H 985 -14.25 -17.39 157.36
N CYS H 986 -14.26 -18.37 156.44
CA CYS H 986 -15.50 -18.80 155.82
C CYS H 986 -16.44 -19.42 156.84
N GLN H 987 -15.90 -20.23 157.77
CA GLN H 987 -16.74 -20.83 158.80
C GLN H 987 -17.32 -19.76 159.71
N ALA H 988 -16.52 -18.76 160.08
CA ALA H 988 -17.02 -17.68 160.92
C ALA H 988 -18.08 -16.86 160.21
N VAL H 989 -17.90 -16.60 158.91
CA VAL H 989 -18.89 -15.86 158.16
C VAL H 989 -20.20 -16.65 158.07
N ARG H 990 -20.10 -17.95 157.83
CA ARG H 990 -21.30 -18.79 157.78
C ARG H 990 -22.02 -18.83 159.11
N THR H 991 -21.25 -18.93 160.21
CA THR H 991 -21.87 -18.96 161.54
C THR H 991 -22.52 -17.62 161.87
N LEU H 992 -21.93 -16.52 161.42
CA LEU H 992 -22.51 -15.21 161.68
C LEU H 992 -23.74 -14.96 160.82
N LEU H 993 -23.76 -15.52 159.61
CA LEU H 993 -24.93 -15.34 158.74
C LEU H 993 -26.09 -16.21 159.20
N GLY H 994 -25.80 -17.45 159.60
CA GLY H 994 -26.86 -18.35 160.03
C GLY H 994 -27.42 -18.04 161.40
N TYR H 995 -26.68 -17.31 162.22
CA TYR H 995 -27.15 -17.01 163.58
C TYR H 995 -28.21 -15.92 163.58
N GLY H 996 -27.86 -14.74 163.07
CA GLY H 996 -28.78 -13.61 163.07
C GLY H 996 -29.35 -13.30 161.70
N TYR H 997 -28.87 -12.21 161.10
CA TYR H 997 -29.36 -11.77 159.80
C TYR H 997 -28.56 -12.48 158.70
N ASN H 998 -29.27 -13.22 157.85
CA ASN H 998 -28.62 -13.93 156.76
C ASN H 998 -28.14 -12.96 155.69
N ILE H 999 -27.25 -13.44 154.82
CA ILE H 999 -26.69 -12.64 153.74
C ILE H 999 -26.88 -13.40 152.43
N GLU H 1000 -26.71 -12.67 151.33
CA GLU H 1000 -26.85 -13.21 149.98
C GLU H 1000 -28.21 -13.87 149.77
N ARG H 1001 -0.31 -9.43 122.13
CA ARG H 1001 1.07 -9.49 122.57
C ARG H 1001 1.68 -10.87 122.29
N VAL H 1002 0.91 -11.72 121.64
CA VAL H 1002 1.39 -13.06 121.31
C VAL H 1002 2.41 -12.99 120.17
N ARG H 1003 3.18 -14.06 120.03
CA ARG H 1003 4.20 -14.16 119.00
C ARG H 1003 3.73 -15.09 117.88
N ILE H 1004 3.98 -14.69 116.64
CA ILE H 1004 3.61 -15.45 115.46
C ILE H 1004 4.88 -15.98 114.82
N PHE H 1005 5.10 -17.30 114.93
CA PHE H 1005 6.29 -17.94 114.38
C PHE H 1005 5.98 -18.38 112.95
N ARG H 1006 6.35 -17.56 111.97
CA ARG H 1006 6.11 -17.85 110.57
C ARG H 1006 7.37 -18.46 109.95
N ALA H 1007 7.34 -18.64 108.63
CA ALA H 1007 8.45 -19.21 107.88
C ALA H 1007 8.95 -18.20 106.86
N GLU H 1008 10.00 -18.59 106.13
CA GLU H 1008 10.57 -17.71 105.12
C GLU H 1008 9.61 -17.57 103.93
N LYS H 1009 9.55 -16.34 103.40
CA LYS H 1009 8.66 -16.09 102.26
C LYS H 1009 9.17 -16.75 100.99
N SER H 1010 10.49 -16.84 100.81
CA SER H 1010 11.05 -17.46 99.62
C SER H 1010 10.92 -18.98 99.68
N TYR H 1011 11.30 -19.58 100.80
CA TYR H 1011 11.23 -21.03 100.98
C TYR H 1011 9.78 -21.43 101.17
N ALA H 1012 9.12 -21.80 100.07
CA ALA H 1012 7.73 -22.21 100.10
C ALA H 1012 7.47 -23.15 98.94
N VAL H 1013 6.26 -23.70 98.89
CA VAL H 1013 5.85 -24.63 97.85
C VAL H 1013 4.52 -24.18 97.27
N GLN H 1014 4.36 -24.38 95.96
CA GLN H 1014 3.12 -24.01 95.26
C GLN H 1014 2.33 -25.23 94.80
N SER H 1015 2.81 -26.44 95.08
CA SER H 1015 2.10 -27.65 94.69
C SER H 1015 2.53 -28.79 95.61
N GLY H 1016 1.71 -29.83 95.64
CA GLY H 1016 1.99 -31.00 96.46
C GLY H 1016 1.26 -30.95 97.79
N ARG H 1017 1.65 -31.89 98.65
CA ARG H 1017 1.06 -32.03 99.97
C ARG H 1017 2.17 -32.17 101.01
N TRP H 1018 1.90 -31.66 102.21
CA TRP H 1018 2.87 -31.71 103.30
C TRP H 1018 2.16 -32.17 104.58
N TYR H 1019 2.96 -32.45 105.60
CA TYR H 1019 2.44 -32.91 106.90
C TYR H 1019 3.09 -32.06 107.99
N PHE H 1020 2.32 -31.15 108.57
CA PHE H 1020 2.81 -30.29 109.65
C PHE H 1020 2.46 -30.92 110.99
N GLU H 1021 3.46 -31.04 111.87
CA GLU H 1021 3.30 -31.61 113.19
C GLU H 1021 3.56 -30.53 114.23
N PHE H 1022 2.69 -30.44 115.23
CA PHE H 1022 2.82 -29.45 116.30
C PHE H 1022 2.42 -30.11 117.62
N GLU H 1023 3.32 -30.10 118.59
CA GLU H 1023 3.07 -30.67 119.90
C GLU H 1023 3.33 -29.60 120.96
N ALA H 1024 2.26 -29.09 121.56
CA ALA H 1024 2.39 -28.05 122.57
C ALA H 1024 2.89 -28.64 123.88
N VAL H 1025 3.86 -27.97 124.50
CA VAL H 1025 4.39 -28.44 125.79
C VAL H 1025 3.37 -28.17 126.89
N THR H 1026 2.72 -27.02 126.86
CA THR H 1026 1.71 -26.65 127.85
C THR H 1026 0.45 -26.20 127.13
N THR H 1027 -0.70 -26.66 127.62
CA THR H 1027 -1.97 -26.30 127.01
C THR H 1027 -2.27 -24.81 127.21
N GLY H 1028 -3.07 -24.27 126.30
CA GLY H 1028 -3.43 -22.87 126.37
C GLY H 1028 -4.03 -22.38 125.07
N GLU H 1029 -3.85 -21.08 124.82
CA GLU H 1029 -4.37 -20.44 123.61
C GLU H 1029 -3.30 -20.49 122.54
N MET H 1030 -3.46 -21.40 121.57
CA MET H 1030 -2.53 -21.55 120.47
C MET H 1030 -3.29 -21.75 119.18
N ARG H 1031 -2.69 -21.31 118.07
CA ARG H 1031 -3.28 -21.41 116.75
C ARG H 1031 -2.34 -22.15 115.82
N VAL H 1032 -2.86 -23.12 115.09
CA VAL H 1032 -2.07 -23.95 114.20
C VAL H 1032 -2.74 -23.98 112.83
N GLY H 1033 -1.95 -24.19 111.79
CA GLY H 1033 -2.47 -24.28 110.45
C GLY H 1033 -1.50 -23.70 109.44
N TRP H 1034 -1.86 -23.86 108.18
CA TRP H 1034 -1.04 -23.34 107.09
C TRP H 1034 -1.37 -21.88 106.82
N ALA H 1035 -0.35 -21.09 106.52
CA ALA H 1035 -0.50 -19.66 106.30
C ALA H 1035 0.13 -19.26 104.97
N ARG H 1036 -0.35 -18.15 104.43
CA ARG H 1036 0.21 -17.59 103.20
C ARG H 1036 1.44 -16.75 103.54
N PRO H 1037 2.51 -16.84 102.74
CA PRO H 1037 3.72 -16.06 103.03
C PRO H 1037 3.49 -14.55 103.10
N GLU H 1038 2.42 -14.05 102.50
CA GLU H 1038 2.09 -12.62 102.53
C GLU H 1038 1.06 -12.39 103.63
N LEU H 1039 1.52 -11.93 104.79
CA LEU H 1039 0.65 -11.63 105.91
C LEU H 1039 1.27 -10.50 106.73
N ARG H 1040 0.47 -9.98 107.66
CA ARG H 1040 0.91 -8.92 108.56
C ARG H 1040 0.99 -9.43 109.99
N PRO H 1041 2.05 -9.09 110.72
CA PRO H 1041 2.23 -9.65 112.07
C PRO H 1041 1.31 -9.04 113.11
N ASP H 1042 0.93 -7.77 112.93
CA ASP H 1042 0.10 -7.11 113.92
C ASP H 1042 -1.33 -7.65 113.91
N VAL H 1043 -1.83 -8.07 112.75
CA VAL H 1043 -3.15 -8.69 112.67
C VAL H 1043 -3.10 -10.07 113.31
N GLU H 1044 -4.12 -10.39 114.11
CA GLU H 1044 -4.18 -11.68 114.76
C GLU H 1044 -4.25 -12.80 113.73
N LEU H 1045 -3.65 -13.94 114.08
CA LEU H 1045 -3.60 -15.08 113.17
C LEU H 1045 -4.99 -15.67 113.00
N GLY H 1046 -5.51 -15.63 111.78
CA GLY H 1046 -6.83 -16.15 111.47
C GLY H 1046 -7.95 -15.14 111.59
N ALA H 1047 -7.66 -13.89 111.93
CA ALA H 1047 -8.72 -12.90 112.06
C ALA H 1047 -9.27 -12.47 110.71
N ASP H 1048 -8.44 -12.50 109.66
CA ASP H 1048 -8.87 -12.11 108.33
C ASP H 1048 -8.55 -13.20 107.32
N GLU H 1049 -8.77 -12.92 106.03
CA GLU H 1049 -8.50 -13.87 104.97
C GLU H 1049 -7.04 -13.91 104.55
N LEU H 1050 -6.14 -13.29 105.32
CA LEU H 1050 -4.73 -13.29 104.96
C LEU H 1050 -4.10 -14.66 105.19
N ALA H 1051 -4.49 -15.34 106.26
CA ALA H 1051 -3.93 -16.65 106.57
C ALA H 1051 -5.01 -17.51 107.22
N TYR H 1052 -4.70 -18.79 107.35
CA TYR H 1052 -5.59 -19.76 107.97
C TYR H 1052 -5.02 -20.22 109.30
N VAL H 1053 -5.92 -20.56 110.24
CA VAL H 1053 -5.52 -20.97 111.57
C VAL H 1053 -6.58 -21.90 112.15
N PHE H 1054 -6.19 -22.63 113.19
CA PHE H 1054 -7.09 -23.53 113.91
C PHE H 1054 -6.85 -23.36 115.40
N ASN H 1055 -7.92 -23.09 116.15
CA ASN H 1055 -7.80 -22.82 117.57
C ASN H 1055 -7.37 -24.08 118.33
N GLY H 1056 -6.95 -23.87 119.57
CA GLY H 1056 -6.48 -24.96 120.41
C GLY H 1056 -7.49 -25.41 121.44
N HIS H 1057 -7.31 -24.97 122.68
CA HIS H 1057 -8.23 -25.36 123.75
C HIS H 1057 -9.61 -24.77 123.58
N ARG H 1058 -9.76 -23.73 122.76
CA ARG H 1058 -11.07 -23.14 122.52
C ARG H 1058 -11.94 -23.99 121.60
N GLY H 1059 -11.34 -24.85 120.78
CA GLY H 1059 -12.10 -25.68 119.87
C GLY H 1059 -12.85 -24.88 118.83
N GLN H 1060 -12.17 -23.94 118.18
CA GLN H 1060 -12.77 -23.05 117.20
C GLN H 1060 -11.94 -23.08 115.91
N ARG H 1061 -12.43 -22.38 114.90
CA ARG H 1061 -11.75 -22.23 113.62
C ARG H 1061 -11.74 -20.77 113.23
N TRP H 1062 -10.58 -20.27 112.83
CA TRP H 1062 -10.40 -18.87 112.45
C TRP H 1062 -10.09 -18.80 110.97
N HIS H 1063 -11.10 -18.49 110.17
CA HIS H 1063 -10.94 -18.37 108.71
C HIS H 1063 -11.90 -17.28 108.24
N LEU H 1064 -11.40 -16.05 108.14
CA LEU H 1064 -12.19 -14.90 107.71
C LEU H 1064 -13.43 -14.73 108.58
N GLY H 1065 -13.29 -15.00 109.86
CA GLY H 1065 -14.40 -14.91 110.79
C GLY H 1065 -14.21 -15.81 111.99
N SER H 1066 -15.28 -16.47 112.42
CA SER H 1066 -15.25 -17.35 113.58
C SER H 1066 -16.05 -18.60 113.28
N GLU H 1067 -15.68 -19.69 113.96
CA GLU H 1067 -16.35 -20.98 113.81
C GLU H 1067 -16.10 -21.78 115.08
N LEU H 1068 -16.46 -23.06 115.05
CA LEU H 1068 -16.23 -23.96 116.19
C LEU H 1068 -15.99 -25.36 115.63
N PHE H 1069 -14.70 -25.69 115.44
CA PHE H 1069 -14.29 -26.99 114.92
C PHE H 1069 -13.36 -27.66 115.91
N GLY H 1070 -13.53 -28.98 116.06
CA GLY H 1070 -12.65 -29.77 116.90
C GLY H 1070 -12.83 -29.55 118.39
N ARG H 1071 -12.30 -30.48 119.19
CA ARG H 1071 -12.37 -30.39 120.64
C ARG H 1071 -11.14 -29.66 121.18
N PRO H 1072 -11.05 -29.47 122.49
CA PRO H 1072 -9.88 -28.77 123.06
C PRO H 1072 -8.63 -29.63 123.00
N TRP H 1073 -7.50 -28.99 123.27
CA TRP H 1073 -6.21 -29.66 123.25
C TRP H 1073 -5.84 -30.15 124.65
N GLN H 1074 -5.13 -31.27 124.69
CA GLN H 1074 -4.67 -31.85 125.94
C GLN H 1074 -3.33 -31.24 126.33
N SER H 1075 -2.73 -31.75 127.41
CA SER H 1075 -1.44 -31.23 127.86
C SER H 1075 -0.31 -31.71 126.97
N GLY H 1076 -0.24 -33.01 126.71
CA GLY H 1076 0.79 -33.57 125.86
C GLY H 1076 0.29 -33.96 124.49
N ASP H 1077 -0.73 -33.26 124.01
CA ASP H 1077 -1.30 -33.56 122.70
C ASP H 1077 -0.38 -33.06 121.58
N VAL H 1078 -0.44 -33.75 120.45
CA VAL H 1078 0.36 -33.42 119.28
C VAL H 1078 -0.61 -33.23 118.11
N VAL H 1079 -0.88 -31.98 117.75
CA VAL H 1079 -1.80 -31.69 116.66
C VAL H 1079 -1.07 -31.78 115.34
N GLY H 1080 -1.68 -32.44 114.37
CA GLY H 1080 -1.10 -32.60 113.05
C GLY H 1080 -1.89 -31.82 112.01
N CYS H 1081 -1.21 -31.42 110.94
CA CYS H 1081 -1.83 -30.68 109.86
C CYS H 1081 -1.33 -31.21 108.53
N MET H 1082 -2.25 -31.36 107.57
CA MET H 1082 -1.92 -31.86 106.25
C MET H 1082 -2.78 -31.13 105.23
N ILE H 1083 -2.15 -30.40 104.32
CA ILE H 1083 -2.85 -29.64 103.30
C ILE H 1083 -2.65 -30.34 101.94
N ASP H 1084 -3.69 -30.31 101.12
CA ASP H 1084 -3.68 -30.92 99.80
C ASP H 1084 -3.98 -29.83 98.79
N LEU H 1085 -2.92 -29.33 98.12
CA LEU H 1085 -3.08 -28.23 97.18
C LEU H 1085 -3.77 -28.69 95.89
N THR H 1086 -3.63 -29.97 95.54
CA THR H 1086 -4.30 -30.47 94.33
C THR H 1086 -5.80 -30.59 94.56
N GLU H 1087 -6.20 -31.10 95.73
CA GLU H 1087 -7.61 -31.24 96.06
C GLU H 1087 -8.22 -29.97 96.65
N ASN H 1088 -7.40 -28.95 96.92
CA ASN H 1088 -7.87 -27.68 97.47
C ASN H 1088 -8.62 -27.89 98.78
N THR H 1089 -8.07 -28.75 99.64
CA THR H 1089 -8.68 -29.05 100.93
C THR H 1089 -7.60 -29.10 102.00
N ILE H 1090 -8.01 -28.80 103.24
CA ILE H 1090 -7.11 -28.81 104.39
C ILE H 1090 -7.68 -29.80 105.41
N ILE H 1091 -6.83 -30.70 105.88
CA ILE H 1091 -7.21 -31.74 106.83
C ILE H 1091 -6.32 -31.61 108.07
N PHE H 1092 -6.95 -31.37 109.21
CA PHE H 1092 -6.24 -31.24 110.48
C PHE H 1092 -6.30 -32.57 111.22
N THR H 1093 -5.17 -32.99 111.76
CA THR H 1093 -5.05 -34.23 112.51
C THR H 1093 -4.94 -33.93 113.99
N LEU H 1094 -5.83 -34.51 114.79
CA LEU H 1094 -5.86 -34.30 116.23
C LEU H 1094 -5.58 -35.63 116.92
N ASN H 1095 -4.42 -35.74 117.56
CA ASN H 1095 -4.02 -36.95 118.28
C ASN H 1095 -4.03 -38.18 117.36
N GLY H 1096 -3.56 -37.99 116.13
CA GLY H 1096 -3.53 -39.09 115.18
C GLY H 1096 -4.89 -39.54 114.69
N GLU H 1097 -5.90 -38.68 114.77
CA GLU H 1097 -7.25 -39.01 114.34
C GLU H 1097 -7.83 -37.87 113.51
N VAL H 1098 -8.71 -38.21 112.59
CA VAL H 1098 -9.35 -37.20 111.74
C VAL H 1098 -10.41 -36.46 112.54
N LEU H 1099 -10.39 -35.13 112.46
CA LEU H 1099 -11.34 -34.30 113.16
C LEU H 1099 -12.66 -34.22 112.40
N MET H 1100 -13.73 -33.94 113.14
CA MET H 1100 -15.06 -33.84 112.55
C MET H 1100 -15.88 -32.85 113.37
N SER H 1101 -17.04 -32.48 112.83
CA SER H 1101 -17.92 -31.53 113.48
C SER H 1101 -19.36 -31.94 113.20
N ASP H 1102 -20.30 -31.03 113.51
CA ASP H 1102 -21.71 -31.34 113.29
C ASP H 1102 -22.06 -31.43 111.82
N SER H 1103 -21.43 -30.59 110.99
CA SER H 1103 -21.70 -30.63 109.55
C SER H 1103 -21.15 -31.89 108.91
N GLY H 1104 -20.08 -32.46 109.46
CA GLY H 1104 -19.50 -33.67 108.91
C GLY H 1104 -18.68 -33.48 107.66
N SER H 1105 -18.33 -32.25 107.31
CA SER H 1105 -17.53 -32.01 106.11
C SER H 1105 -16.09 -32.44 106.35
N GLU H 1106 -15.55 -33.21 105.41
CA GLU H 1106 -14.18 -33.70 105.55
C GLU H 1106 -13.16 -32.57 105.38
N THR H 1107 -13.50 -31.54 104.61
CA THR H 1107 -12.61 -30.41 104.38
C THR H 1107 -12.88 -29.33 105.42
N ALA H 1108 -11.81 -28.68 105.88
CA ALA H 1108 -11.95 -27.59 106.86
C ALA H 1108 -12.23 -26.27 106.17
N PHE H 1109 -11.41 -25.92 105.18
CA PHE H 1109 -11.58 -24.69 104.40
C PHE H 1109 -11.74 -25.08 102.93
N ARG H 1110 -12.94 -24.91 102.41
CA ARG H 1110 -13.23 -25.28 101.03
C ARG H 1110 -13.10 -24.06 100.12
N ASP H 1111 -12.85 -24.34 98.84
CA ASP H 1111 -12.71 -23.31 97.81
C ASP H 1111 -11.58 -22.33 98.16
N ILE H 1112 -10.44 -22.88 98.54
CA ILE H 1112 -9.27 -22.07 98.88
C ILE H 1112 -8.53 -21.69 97.61
N GLU H 1113 -7.93 -20.49 97.62
CA GLU H 1113 -7.17 -20.01 96.48
C GLU H 1113 -5.75 -20.57 96.51
N VAL H 1114 -5.20 -20.81 95.31
CA VAL H 1114 -3.85 -21.32 95.21
C VAL H 1114 -2.83 -20.25 95.61
N GLY H 1115 -2.84 -19.14 94.89
CA GLY H 1115 -1.92 -18.06 95.21
C GLY H 1115 -0.47 -18.42 94.92
N ASP H 1116 0.43 -17.72 95.60
CA ASP H 1116 1.86 -17.97 95.44
C ASP H 1116 2.27 -19.27 96.12
N GLY H 1117 1.90 -19.44 97.37
CA GLY H 1117 2.25 -20.64 98.10
C GLY H 1117 1.66 -20.63 99.49
N PHE H 1118 2.09 -21.60 100.29
CA PHE H 1118 1.63 -21.73 101.67
C PHE H 1118 2.79 -22.18 102.53
N LEU H 1119 3.02 -21.47 103.64
CA LEU H 1119 4.10 -21.77 104.55
C LEU H 1119 3.55 -22.05 105.95
N PRO H 1120 4.19 -22.95 106.70
CA PRO H 1120 3.73 -23.24 108.06
C PRO H 1120 3.90 -22.04 108.98
N VAL H 1121 3.03 -21.95 109.97
CA VAL H 1121 3.03 -20.86 110.93
C VAL H 1121 2.73 -21.43 112.32
N CYS H 1122 3.21 -20.73 113.34
CA CYS H 1122 2.99 -21.12 114.73
C CYS H 1122 2.70 -19.89 115.56
N SER H 1123 1.96 -20.10 116.65
CA SER H 1123 1.60 -19.03 117.57
C SER H 1123 1.85 -19.48 118.99
N LEU H 1124 2.48 -18.61 119.78
CA LEU H 1124 2.80 -18.89 121.17
C LEU H 1124 1.86 -18.10 122.09
N GLY H 1125 1.22 -18.80 123.01
CA GLY H 1125 0.31 -18.18 123.95
C GLY H 1125 1.03 -17.56 125.12
N PRO H 1126 0.35 -16.68 125.84
CA PRO H 1126 0.97 -16.03 127.01
C PRO H 1126 1.26 -17.05 128.10
N GLY H 1127 2.53 -17.16 128.47
CA GLY H 1127 2.93 -18.11 129.50
C GLY H 1127 2.79 -19.56 129.10
N GLN H 1128 2.99 -19.88 127.83
CA GLN H 1128 2.87 -21.23 127.33
C GLN H 1128 4.12 -21.59 126.52
N VAL H 1129 4.27 -22.88 126.23
CA VAL H 1129 5.40 -23.39 125.46
C VAL H 1129 4.90 -24.41 124.46
N GLY H 1130 5.55 -24.47 123.31
CA GLY H 1130 5.17 -25.40 122.27
C GLY H 1130 6.38 -25.80 121.43
N HIS H 1131 6.21 -26.89 120.70
CA HIS H 1131 7.26 -27.44 119.85
C HIS H 1131 6.77 -27.46 118.41
N LEU H 1132 7.59 -26.92 117.51
CA LEU H 1132 7.29 -26.86 116.08
C LEU H 1132 8.13 -27.90 115.36
N ASN H 1133 7.47 -28.81 114.66
CA ASN H 1133 8.13 -29.88 113.92
C ASN H 1133 7.96 -29.65 112.42
N LEU H 1134 9.08 -29.61 111.70
CA LEU H 1134 9.07 -29.38 110.26
C LEU H 1134 9.28 -30.66 109.45
N GLY H 1135 9.42 -31.80 110.11
CA GLY H 1135 9.63 -33.06 109.41
C GLY H 1135 10.98 -33.14 108.74
N GLN H 1136 12.06 -32.94 109.51
CA GLN H 1136 13.40 -32.98 108.94
C GLN H 1136 13.79 -34.40 108.55
N ASP H 1137 13.38 -35.39 109.33
CA ASP H 1137 13.72 -36.78 109.07
C ASP H 1137 12.50 -37.65 109.37
N VAL H 1138 12.69 -38.97 109.23
CA VAL H 1138 11.60 -39.90 109.50
C VAL H 1138 11.35 -40.05 110.99
N SER H 1139 12.40 -40.03 111.81
CA SER H 1139 12.26 -40.19 113.25
C SER H 1139 11.54 -39.03 113.92
N SER H 1140 11.40 -37.89 113.24
CA SER H 1140 10.70 -36.74 113.79
C SER H 1140 9.19 -36.85 113.64
N LEU H 1141 8.67 -37.97 113.16
CA LEU H 1141 7.25 -38.15 112.95
C LEU H 1141 6.66 -39.04 114.04
N ARG H 1142 5.56 -38.58 114.64
CA ARG H 1142 4.95 -39.27 115.77
C ARG H 1142 3.85 -40.23 115.34
N PHE H 1143 2.82 -39.72 114.66
CA PHE H 1143 1.68 -40.52 114.23
C PHE H 1143 1.38 -40.26 112.76
N PHE H 1144 2.43 -40.28 111.93
CA PHE H 1144 2.27 -39.99 110.51
C PHE H 1144 1.61 -41.15 109.78
N ALA H 1145 2.00 -42.39 110.11
CA ALA H 1145 1.54 -43.57 109.39
C ALA H 1145 0.05 -43.81 109.54
N ILE H 1146 -0.64 -42.97 110.31
CA ILE H 1146 -2.08 -43.10 110.46
C ILE H 1146 -2.79 -42.80 109.14
N CYS H 1147 -2.40 -41.71 108.49
CA CYS H 1147 -3.02 -41.33 107.23
C CYS H 1147 -2.05 -40.84 106.16
N GLY H 1148 -0.74 -40.80 106.45
CA GLY H 1148 0.20 -40.29 105.46
C GLY H 1148 0.39 -41.22 104.29
N LEU H 1149 0.38 -42.53 104.55
CA LEU H 1149 0.52 -43.50 103.47
C LEU H 1149 -0.70 -43.50 102.55
N GLN H 1150 -1.88 -43.24 103.11
CA GLN H 1150 -3.09 -43.19 102.30
C GLN H 1150 -3.19 -41.88 101.52
N GLU H 1151 -3.02 -40.75 102.21
CA GLU H 1151 -3.11 -39.46 101.56
C GLU H 1151 -1.90 -39.13 100.69
N GLY H 1152 -0.75 -39.75 100.96
CA GLY H 1152 0.45 -39.46 100.20
C GLY H 1152 1.09 -38.13 100.51
N PHE H 1153 0.73 -37.49 101.61
CA PHE H 1153 1.30 -36.19 101.99
C PHE H 1153 2.72 -36.42 102.48
N GLU H 1154 3.69 -36.10 101.63
CA GLU H 1154 5.08 -36.24 102.01
C GLU H 1154 5.50 -35.16 103.01
N PRO H 1155 6.38 -35.49 103.95
CA PRO H 1155 6.85 -34.47 104.90
C PRO H 1155 7.46 -33.26 104.21
N PHE H 1156 7.54 -32.16 104.98
CA PHE H 1156 7.99 -30.90 104.41
C PHE H 1156 9.48 -30.94 104.08
N ALA H 1157 10.32 -31.14 105.09
CA ALA H 1157 11.77 -31.22 104.89
C ALA H 1157 12.18 -32.65 104.53
N ILE H 1158 11.65 -33.13 103.40
CA ILE H 1158 11.88 -34.50 103.00
C ILE H 1158 13.19 -34.65 102.24
N ASN H 1159 13.69 -33.57 101.62
CA ASN H 1159 14.91 -33.60 100.85
C ASN H 1159 15.94 -32.56 101.28
N MET H 1160 15.55 -31.60 102.13
CA MET H 1160 16.48 -30.58 102.59
C MET H 1160 17.48 -31.18 103.56
N GLN H 1161 18.75 -31.26 103.15
CA GLN H 1161 19.79 -31.80 104.03
C GLN H 1161 20.03 -30.88 105.23
N ARG H 1162 19.75 -29.59 105.08
CA ARG H 1162 19.91 -28.59 106.13
C ARG H 1162 18.56 -28.25 106.74
N PRO H 1163 18.54 -27.92 108.04
CA PRO H 1163 17.27 -27.55 108.67
C PRO H 1163 16.71 -26.25 108.10
N VAL H 1164 15.40 -26.19 107.97
CA VAL H 1164 14.72 -25.02 107.42
C VAL H 1164 14.74 -23.91 108.45
N THR H 1165 15.08 -22.70 107.99
CA THR H 1165 15.12 -21.54 108.89
C THR H 1165 13.71 -21.16 109.33
N THR H 1166 13.63 -20.55 110.51
CA THR H 1166 12.36 -20.11 111.09
C THR H 1166 12.40 -18.61 111.33
N TRP H 1167 11.22 -17.99 111.31
CA TRP H 1167 11.06 -16.57 111.55
C TRP H 1167 10.10 -16.35 112.70
N PHE H 1168 10.37 -15.33 113.51
CA PHE H 1168 9.56 -14.99 114.66
C PHE H 1168 9.27 -13.50 114.68
N SER H 1169 8.08 -13.15 115.17
CA SER H 1169 7.69 -11.75 115.27
C SER H 1169 8.49 -11.07 116.37
N LYS H 1170 9.25 -10.04 115.99
CA LYS H 1170 10.09 -9.32 116.95
C LYS H 1170 9.25 -8.29 117.68
N SER H 1171 9.23 -8.38 119.01
CA SER H 1171 8.46 -7.44 119.83
C SER H 1171 9.13 -6.08 119.94
N LEU H 1172 10.40 -5.96 119.56
CA LEU H 1172 11.09 -4.68 119.63
C LEU H 1172 10.57 -3.75 118.55
N PRO H 1173 9.98 -2.60 118.90
CA PRO H 1173 9.44 -1.71 117.88
C PRO H 1173 10.53 -0.84 117.25
N GLN H 1174 10.40 -0.64 115.93
CA GLN H 1174 11.31 0.22 115.19
C GLN H 1174 10.51 0.96 114.12
N PHE H 1175 11.01 2.14 113.75
CA PHE H 1175 10.32 2.98 112.80
C PHE H 1175 10.44 2.41 111.39
N GLU H 1176 9.41 2.67 110.58
CA GLU H 1176 9.38 2.22 109.19
C GLU H 1176 8.67 3.26 108.35
N ALA H 1177 8.73 3.06 107.04
CA ALA H 1177 8.10 4.00 106.10
C ALA H 1177 6.59 3.82 106.08
N VAL H 1178 5.90 4.88 105.69
CA VAL H 1178 4.44 4.89 105.60
C VAL H 1178 4.05 4.56 104.16
N PRO H 1179 3.28 3.50 103.91
CA PRO H 1179 2.88 3.19 102.54
C PRO H 1179 1.99 4.26 101.96
N LEU H 1180 2.03 4.37 100.63
CA LEU H 1180 1.22 5.37 99.93
C LEU H 1180 -0.27 5.05 99.99
N GLU H 1181 -0.64 3.79 100.23
CA GLU H 1181 -2.02 3.36 100.30
C GLU H 1181 -2.35 2.93 101.73
N HIS H 1182 -3.30 3.61 102.37
CA HIS H 1182 -3.70 3.29 103.72
C HIS H 1182 -5.12 3.80 103.94
N PRO H 1183 -5.95 3.10 104.72
CA PRO H 1183 -7.34 3.57 104.90
C PRO H 1183 -7.43 4.92 105.58
N HIS H 1184 -6.76 5.10 106.72
CA HIS H 1184 -6.84 6.33 107.50
C HIS H 1184 -5.46 6.92 107.73
N TYR H 1185 -4.62 6.91 106.70
CA TYR H 1185 -3.28 7.50 106.79
C TYR H 1185 -2.86 7.97 105.41
N GLU H 1186 -2.59 9.27 105.28
CA GLU H 1186 -2.17 9.84 104.01
C GLU H 1186 -1.31 11.06 104.27
N VAL H 1187 -0.15 11.12 103.61
CA VAL H 1187 0.78 12.23 103.75
C VAL H 1187 0.97 12.86 102.37
N SER H 1188 1.19 14.17 102.36
CA SER H 1188 1.39 14.93 101.13
C SER H 1188 2.58 15.86 101.29
N ARG H 1189 3.34 16.04 100.21
CA ARG H 1189 4.51 16.90 100.20
C ARG H 1189 4.10 18.25 99.61
N VAL H 1190 3.88 19.23 100.49
CA VAL H 1190 3.50 20.56 100.04
C VAL H 1190 4.72 21.24 99.43
N ASP H 1191 4.61 21.66 98.17
CA ASP H 1191 5.71 22.31 97.49
C ASP H 1191 5.94 23.70 98.05
N GLY H 1192 7.22 24.05 98.25
CA GLY H 1192 7.56 25.35 98.78
C GLY H 1192 7.32 26.43 97.74
N THR H 1193 6.45 27.38 98.06
CA THR H 1193 6.12 28.46 97.14
C THR H 1193 7.18 29.57 97.27
N VAL H 1194 6.92 30.72 96.64
CA VAL H 1194 7.87 31.83 96.71
C VAL H 1194 7.89 32.43 98.11
N ASP H 1195 6.73 32.52 98.75
CA ASP H 1195 6.63 33.07 100.10
C ASP H 1195 6.13 32.05 101.11
N THR H 1196 6.03 30.78 100.73
CA THR H 1196 5.55 29.73 101.63
C THR H 1196 6.59 28.62 101.70
N PRO H 1197 7.04 28.24 102.89
CA PRO H 1197 8.02 27.16 103.00
C PRO H 1197 7.36 25.81 102.77
N PRO H 1198 8.14 24.79 102.40
CA PRO H 1198 7.56 23.45 102.21
C PRO H 1198 7.08 22.86 103.53
N CYS H 1199 6.05 22.02 103.43
CA CYS H 1199 5.44 21.40 104.60
C CYS H 1199 5.08 19.96 104.27
N LEU H 1200 4.93 19.16 105.33
CA LEU H 1200 4.54 17.76 105.24
C LEU H 1200 3.38 17.55 106.21
N ARG H 1201 2.16 17.78 105.74
CA ARG H 1201 0.99 17.63 106.59
C ARG H 1201 0.53 16.17 106.62
N LEU H 1202 -0.36 15.88 107.56
CA LEU H 1202 -0.91 14.53 107.72
C LEU H 1202 -2.43 14.65 107.79
N THR H 1203 -3.12 13.77 107.06
CA THR H 1203 -4.57 13.78 106.97
C THR H 1203 -5.15 12.44 107.38
N HIS H 1204 -6.22 12.48 108.18
CA HIS H 1204 -6.88 11.29 108.70
C HIS H 1204 -8.29 11.19 108.14
N ARG H 1205 -8.69 9.98 107.75
CA ARG H 1205 -10.00 9.73 107.18
C ARG H 1205 -10.64 8.49 107.79
N SER H 1206 -12.69 8.22 112.06
CA SER H 1206 -12.75 6.78 112.25
C SER H 1206 -11.95 6.35 113.47
N LEU H 1207 -11.50 5.10 113.48
CA LEU H 1207 -10.73 4.59 114.60
C LEU H 1207 -9.35 5.24 114.62
N VAL H 1208 -8.99 5.84 115.76
CA VAL H 1208 -7.71 6.50 115.93
C VAL H 1208 -7.00 5.90 117.13
N GLU H 1209 -5.67 6.04 117.13
CA GLU H 1209 -4.85 5.53 118.21
C GLU H 1209 -3.57 6.34 118.28
N MET H 1210 -2.89 6.25 119.43
CA MET H 1210 -1.65 6.99 119.64
C MET H 1210 -0.56 6.46 118.73
N LEU H 1211 -0.08 7.32 117.82
CA LEU H 1211 0.98 6.98 116.89
C LEU H 1211 2.14 7.95 117.04
N PHE H 1212 3.34 7.48 116.71
CA PHE H 1212 4.55 8.27 116.80
C PHE H 1212 5.11 8.53 115.41
N LEU H 1213 5.64 9.73 115.22
CA LEU H 1213 6.21 10.14 113.94
C LEU H 1213 7.70 10.41 114.09
N ARG H 1214 8.43 10.28 112.98
CA ARG H 1214 9.87 10.48 112.97
C ARG H 1214 10.33 10.75 111.55
N LEU H 1215 11.42 11.50 111.44
CA LEU H 1215 12.01 11.81 110.14
C LEU H 1215 12.99 10.71 109.75
N SER H 1216 13.75 10.92 108.68
CA SER H 1216 14.69 9.94 108.17
C SER H 1216 16.12 10.43 108.19
N LEU H 1217 16.38 11.65 107.70
CA LEU H 1217 17.73 12.15 107.61
C LEU H 1217 18.24 12.53 109.00
N PRO H 1218 19.39 12.02 109.44
CA PRO H 1218 19.90 12.34 110.76
C PRO H 1218 20.62 13.70 110.76
N VAL H 1219 20.93 14.15 111.98
CA VAL H 1219 21.67 15.39 112.19
C VAL H 1219 22.76 15.13 113.22
N GLN H 1220 23.94 15.70 112.98
CA GLN H 1220 25.09 15.52 113.85
C GLN H 1220 25.77 16.86 114.08
N PHE H 1221 26.64 16.90 115.09
CA PHE H 1221 27.40 18.09 115.44
C PHE H 1221 28.89 17.83 115.21
N HIS H 1222 29.68 18.89 115.37
CA HIS H 1222 31.11 18.79 115.18
C HIS H 1222 31.76 18.03 116.33
N GLN H 1223 32.87 17.37 116.03
CA GLN H 1223 33.60 16.59 117.03
C GLN H 1223 34.49 17.50 117.87
N LEU H 1224 26.81 36.02 108.57
CA LEU H 1224 26.34 35.44 107.31
C LEU H 1224 26.26 33.93 107.42
N ASN H 1225 27.27 33.32 108.04
CA ASN H 1225 27.34 31.89 108.22
C ASN H 1225 27.56 31.57 109.70
N THR H 1226 26.76 30.65 110.22
CA THR H 1226 26.86 30.26 111.63
C THR H 1226 26.33 28.84 111.77
N THR H 1227 26.41 28.32 113.00
CA THR H 1227 25.94 26.98 113.31
C THR H 1227 24.51 26.96 113.84
N THR H 1228 23.82 28.09 113.83
CA THR H 1228 22.46 28.15 114.32
C THR H 1228 21.49 27.67 113.25
N TYR H 1229 20.55 26.82 113.65
CA TYR H 1229 19.55 26.27 112.75
C TYR H 1229 18.15 26.53 113.31
N TYR H 1230 17.20 26.73 112.40
CA TYR H 1230 15.81 27.02 112.76
C TYR H 1230 14.93 25.87 112.29
N TYR H 1231 14.10 25.37 113.21
CA TYR H 1231 13.17 24.29 112.91
C TYR H 1231 11.86 24.58 113.62
N SER H 1232 10.76 24.62 112.85
CA SER H 1232 9.45 24.92 113.39
C SER H 1232 8.44 23.91 112.88
N VAL H 1233 7.28 23.87 113.54
CA VAL H 1233 6.18 22.98 113.18
C VAL H 1233 4.89 23.78 113.27
N ARG H 1234 3.99 23.54 112.31
CA ARG H 1234 2.70 24.22 112.25
C ARG H 1234 1.61 23.26 112.70
N VAL H 1235 0.92 23.61 113.79
CA VAL H 1235 -0.17 22.81 114.32
C VAL H 1235 -1.49 23.50 113.98
N PHE H 1236 -2.41 22.74 113.40
CA PHE H 1236 -3.69 23.30 113.01
C PHE H 1236 -4.54 23.62 114.24
N ALA H 1237 -5.50 24.54 114.06
CA ALA H 1237 -6.36 24.95 115.15
C ALA H 1237 -7.41 23.90 115.49
N GLY H 1238 -7.68 22.96 114.57
CA GLY H 1238 -8.68 21.95 114.84
C GLY H 1238 -8.23 20.96 115.91
N GLN H 1239 -6.94 20.62 115.91
CA GLN H 1239 -6.41 19.68 116.89
C GLN H 1239 -6.17 20.38 118.22
N GLU H 1240 -6.42 19.65 119.30
CA GLU H 1240 -6.23 20.22 120.64
C GLU H 1240 -4.74 20.39 120.93
N PRO H 1241 -4.30 21.58 121.35
CA PRO H 1241 -2.89 21.79 121.65
C PRO H 1241 -2.42 21.25 122.99
N SER H 1242 -3.23 20.41 123.66
CA SER H 1242 -2.84 19.86 124.94
C SER H 1242 -2.12 18.52 124.82
N CYS H 1243 -2.23 17.84 123.69
CA CYS H 1243 -1.61 16.55 123.47
C CYS H 1243 -0.59 16.60 122.35
N VAL H 1244 0.16 17.70 122.26
CA VAL H 1244 1.19 17.90 121.25
C VAL H 1244 2.54 17.91 121.93
N TRP H 1245 3.52 17.22 121.33
CA TRP H 1245 4.87 17.17 121.85
C TRP H 1245 5.84 17.16 120.68
N VAL H 1246 6.72 18.15 120.63
CA VAL H 1246 7.69 18.31 119.56
C VAL H 1246 9.09 18.32 120.15
N GLY H 1247 9.99 17.57 119.54
CA GLY H 1247 11.36 17.52 120.03
C GLY H 1247 12.21 16.64 119.15
N TRP H 1248 13.30 16.15 119.74
CA TRP H 1248 14.25 15.28 119.04
C TRP H 1248 14.29 13.92 119.74
N VAL H 1249 14.40 12.87 118.93
CA VAL H 1249 14.39 11.49 119.45
C VAL H 1249 15.66 10.79 119.00
N THR H 1250 16.18 9.91 119.88
CA THR H 1250 17.35 9.08 119.64
C THR H 1250 16.95 7.76 119.00
N PRO H 1251 17.84 7.16 118.19
CA PRO H 1251 17.49 5.88 117.55
C PRO H 1251 17.30 4.74 118.53
N ASP H 1252 17.81 4.85 119.75
CA ASP H 1252 17.66 3.79 120.75
C ASP H 1252 16.29 3.83 121.43
N TYR H 1253 15.44 4.79 121.09
CA TYR H 1253 14.11 4.90 121.69
C TYR H 1253 13.22 3.79 121.16
N HIS H 1254 12.88 2.84 122.03
CA HIS H 1254 12.04 1.69 121.68
C HIS H 1254 10.85 1.59 122.63
N GLN H 1255 10.20 2.72 122.89
CA GLN H 1255 9.06 2.78 123.79
C GLN H 1255 7.81 3.12 122.98
N HIS H 1256 6.81 2.24 123.04
CA HIS H 1256 5.55 2.42 122.34
C HIS H 1256 4.41 2.24 123.32
N ASP H 1257 3.66 3.30 123.58
CA ASP H 1257 2.54 3.25 124.50
C ASP H 1257 1.60 4.41 124.20
N MET H 1258 0.42 4.36 124.80
CA MET H 1258 -0.57 5.40 124.58
C MET H 1258 -0.22 6.68 125.35
N ASN H 1259 0.30 6.55 126.56
CA ASN H 1259 0.67 7.70 127.36
C ASN H 1259 1.97 8.31 126.85
N PHE H 1260 1.97 9.64 126.73
CA PHE H 1260 3.13 10.39 126.26
C PHE H 1260 3.50 11.48 127.26
N ASP H 1261 3.54 11.10 128.53
CA ASP H 1261 3.88 12.04 129.59
C ASP H 1261 5.38 12.33 129.60
N LEU H 1262 5.73 13.50 130.14
CA LEU H 1262 7.13 13.89 130.19
C LEU H 1262 7.91 13.08 131.22
N THR H 1263 7.24 12.50 132.21
CA THR H 1263 7.91 11.68 133.22
C THR H 1263 8.10 10.24 132.79
N LYS H 1264 7.51 9.82 131.67
CA LYS H 1264 7.63 8.45 131.22
C LYS H 1264 8.88 8.20 130.39
N VAL H 1265 9.55 9.25 129.93
CA VAL H 1265 10.75 9.07 129.12
C VAL H 1265 11.91 8.66 130.02
N ARG H 1266 12.89 7.99 129.41
CA ARG H 1266 14.05 7.52 130.15
C ARG H 1266 15.09 8.62 130.28
N ALA H 1267 15.66 8.75 131.48
CA ALA H 1267 16.69 9.76 131.73
C ALA H 1267 17.49 9.33 132.95
N VAL H 1268 18.78 9.67 132.93
CA VAL H 1268 19.68 9.33 134.02
C VAL H 1268 20.85 10.30 134.00
N THR H 1269 21.27 10.71 135.19
CA THR H 1269 22.40 11.63 135.36
C THR H 1269 23.58 10.85 135.92
N VAL H 1270 24.71 10.89 135.20
CA VAL H 1270 25.92 10.20 135.60
C VAL H 1270 26.87 11.23 136.19
N THR H 1271 27.00 11.23 137.51
CA THR H 1271 27.87 12.17 138.23
C THR H 1271 29.09 11.38 138.71
N MET H 1272 30.12 11.35 137.88
CA MET H 1272 31.35 10.63 138.21
C MET H 1272 32.21 11.46 139.16
N GLY H 1273 32.90 10.76 140.06
CA GLY H 1273 33.77 11.38 141.02
C GLY H 1273 35.22 11.41 140.55
N ASP H 1274 36.07 11.92 141.45
CA ASP H 1274 37.51 12.05 141.19
C ASP H 1274 37.80 12.83 139.92
N ASN H 1275 37.49 15.85 144.48
CA ASN H 1275 37.32 16.03 143.04
C ASN H 1275 36.08 15.29 142.54
N ILE H 1276 35.39 15.91 141.58
CA ILE H 1276 34.19 15.34 140.99
C ILE H 1276 34.01 15.89 139.58
N HIS H 1277 33.18 15.21 138.80
CA HIS H 1277 32.88 15.60 137.44
C HIS H 1277 31.39 15.87 137.30
N SER H 1278 31.05 16.90 136.53
CA SER H 1278 29.67 17.32 136.32
C SER H 1278 29.22 16.90 134.94
N SER H 1279 28.09 16.20 134.87
CA SER H 1279 27.54 15.71 133.61
C SER H 1279 26.02 15.69 133.69
N LEU H 1280 25.36 16.25 132.69
CA LEU H 1280 23.91 16.35 132.68
C LEU H 1280 23.31 15.01 132.27
N LYS H 1281 21.99 14.97 132.11
CA LYS H 1281 21.31 13.73 131.74
C LYS H 1281 21.33 13.54 130.23
N CYS H 1282 21.32 12.28 129.81
CA CYS H 1282 21.26 11.89 128.40
C CYS H 1282 19.86 11.36 128.13
N SER H 1283 18.97 12.25 127.69
CA SER H 1283 17.59 11.90 127.43
C SER H 1283 17.48 11.17 126.09
N ASN H 1284 16.86 9.98 126.12
CA ASN H 1284 16.66 9.21 124.89
C ASN H 1284 15.58 9.82 124.01
N CYS H 1285 14.79 10.76 124.52
CA CYS H 1285 13.75 11.41 123.73
C CYS H 1285 13.48 12.78 124.33
N TYR H 1286 13.43 13.80 123.47
CA TYR H 1286 13.18 15.17 123.90
C TYR H 1286 11.81 15.62 123.39
N MET H 1287 11.14 16.45 124.18
CA MET H 1287 9.83 16.96 123.83
C MET H 1287 9.55 18.21 124.66
N VAL H 1288 8.54 18.96 124.24
CA VAL H 1288 8.12 20.17 124.91
C VAL H 1288 6.62 20.10 125.17
N TRP H 1289 6.20 20.70 126.28
CA TRP H 1289 4.79 20.70 126.67
C TRP H 1289 4.07 21.78 125.89
N GLY H 1290 3.35 21.39 124.84
CA GLY H 1290 2.62 22.32 124.02
C GLY H 1290 1.32 22.82 124.61
N GLY H 1291 0.90 22.28 125.75
CA GLY H 1291 -0.34 22.72 126.36
C GLY H 1291 -0.26 24.15 126.87
N ASP H 1292 0.77 24.45 127.66
CA ASP H 1292 0.98 25.77 128.22
C ASP H 1292 2.00 26.59 127.42
N PHE H 1293 2.37 26.14 126.22
CA PHE H 1293 3.33 26.87 125.41
C PHE H 1293 2.72 28.16 124.86
N VAL H 1294 1.43 28.15 124.55
CA VAL H 1294 0.77 29.33 124.00
C VAL H 1294 0.42 30.30 125.13
N SER H 1295 -11.92 28.40 123.07
CA SER H 1295 -10.75 29.08 122.52
C SER H 1295 -9.88 28.10 121.73
N HIS H 1296 -9.99 28.17 120.41
CA HIS H 1296 -9.23 27.30 119.50
C HIS H 1296 -8.48 28.18 118.52
N THR H 1297 -7.16 28.00 118.46
CA THR H 1297 -6.32 28.77 117.55
C THR H 1297 -5.04 27.99 117.28
N ASP H 1298 -4.45 28.25 116.11
CA ASP H 1298 -3.22 27.57 115.73
C ASP H 1298 -2.05 28.11 116.54
N LEU H 1299 -1.18 27.20 116.98
CA LEU H 1299 -0.01 27.56 117.77
C LEU H 1299 1.22 26.93 117.15
N VAL H 1300 2.27 27.72 116.98
CA VAL H 1300 3.53 27.25 116.42
C VAL H 1300 4.64 27.49 117.44
N ILE H 1301 5.64 26.62 117.40
CA ILE H 1301 6.78 26.71 118.31
C ILE H 1301 8.07 26.64 117.50
N GLY H 1302 9.10 27.33 117.99
CA GLY H 1302 10.39 27.35 117.34
C GLY H 1302 11.41 26.47 118.05
N CYS H 1303 12.58 26.35 117.42
CA CYS H 1303 13.67 25.55 117.95
C CYS H 1303 14.98 26.07 117.42
N LEU H 1304 15.99 26.11 118.28
CA LEU H 1304 17.32 26.58 117.92
C LEU H 1304 18.34 25.52 118.34
N VAL H 1305 18.95 24.87 117.36
CA VAL H 1305 19.94 23.82 117.59
C VAL H 1305 21.25 24.25 116.95
N ASP H 1306 22.34 24.13 117.71
CA ASP H 1306 23.67 24.49 117.25
C ASP H 1306 24.54 23.25 117.10
N LEU H 1307 25.44 23.28 116.12
CA LEU H 1307 26.35 22.18 115.87
C LEU H 1307 27.73 22.38 116.47
N ALA H 1308 28.03 23.58 116.98
CA ALA H 1308 29.32 23.86 117.60
C ALA H 1308 29.24 23.66 119.12
N THR H 1309 28.92 22.42 119.50
CA THR H 1309 28.76 22.03 120.89
C THR H 1309 27.73 22.91 121.61
N GLY H 1310 26.66 23.26 120.90
CA GLY H 1310 25.61 24.08 121.46
C GLY H 1310 24.49 23.28 122.12
N LEU H 1311 23.69 23.98 122.91
CA LEU H 1311 22.57 23.38 123.61
C LEU H 1311 21.29 23.60 122.83
N MET H 1312 20.40 22.60 122.86
CA MET H 1312 19.13 22.69 122.16
C MET H 1312 18.17 23.57 122.96
N THR H 1313 17.81 24.72 122.40
CA THR H 1313 16.92 25.68 123.05
C THR H 1313 15.66 25.82 122.22
N PHE H 1314 14.53 25.37 122.76
CA PHE H 1314 13.25 25.51 122.09
C PHE H 1314 12.74 26.94 122.20
N THR H 1315 11.81 27.29 121.32
CA THR H 1315 11.22 28.61 121.28
C THR H 1315 9.71 28.51 121.14
N ALA H 1316 8.99 29.42 121.79
CA ALA H 1316 7.55 29.46 121.73
C ALA H 1316 7.09 30.37 120.58
N ASN H 1317 5.80 30.68 120.54
CA ASN H 1317 5.25 31.55 119.50
C ASN H 1317 5.65 32.99 119.81
N GLY H 1318 6.70 33.46 119.16
CA GLY H 1318 7.18 34.82 119.39
C GLY H 1318 7.78 35.04 120.75
N LYS H 1319 8.30 34.00 121.38
CA LYS H 1319 8.89 34.11 122.71
C LYS H 1319 9.85 32.94 122.91
N GLU H 1320 10.45 32.89 124.10
CA GLU H 1320 11.40 31.84 124.45
C GLU H 1320 10.72 30.82 125.36
N SER H 1321 10.97 29.54 125.10
CA SER H 1321 10.39 28.47 125.91
C SER H 1321 11.04 28.35 127.28
N ASN H 1322 12.21 28.97 127.50
CA ASN H 1322 12.90 28.93 128.78
C ASN H 1322 13.23 27.50 129.21
N THR H 1323 13.43 26.61 128.24
CA THR H 1323 13.76 25.22 128.51
C THR H 1323 14.84 24.76 127.55
N PHE H 1324 15.87 24.11 128.09
CA PHE H 1324 16.98 23.63 127.28
C PHE H 1324 17.61 22.43 127.96
N PHE H 1325 18.48 21.75 127.23
CA PHE H 1325 19.18 20.58 127.74
C PHE H 1325 20.60 20.55 127.19
N GLN H 1326 21.52 20.00 127.97
CA GLN H 1326 22.91 19.88 127.57
C GLN H 1326 23.10 18.59 126.79
N VAL H 1327 23.49 18.71 125.53
CA VAL H 1327 23.66 17.57 124.66
C VAL H 1327 25.06 17.00 124.82
N GLU H 1328 25.22 15.75 124.38
CA GLU H 1328 26.52 15.09 124.44
C GLU H 1328 27.42 15.61 123.33
N PRO H 1329 28.74 15.38 123.43
CA PRO H 1329 29.63 15.77 122.32
C PRO H 1329 29.22 15.17 120.99
N ASN H 1330 28.76 13.92 120.98
CA ASN H 1330 28.22 13.28 119.78
C ASN H 1330 26.70 13.32 119.85
N THR H 1331 26.08 13.81 118.78
CA THR H 1331 24.63 13.99 118.74
C THR H 1331 24.05 13.20 117.57
N LYS H 1332 23.19 12.24 117.87
CA LYS H 1332 22.47 11.45 116.86
C LYS H 1332 20.98 11.50 117.25
N LEU H 1333 20.29 12.53 116.78
CA LEU H 1333 18.89 12.74 117.13
C LEU H 1333 18.06 12.90 115.87
N PHE H 1334 16.77 12.56 115.98
CA PHE H 1334 15.82 12.66 114.88
C PHE H 1334 14.68 13.58 115.29
N PRO H 1335 14.27 14.52 114.45
CA PRO H 1335 13.15 15.39 114.81
C PRO H 1335 11.82 14.64 114.83
N ALA H 1336 11.23 14.50 116.01
CA ALA H 1336 9.98 13.78 116.18
C ALA H 1336 8.88 14.71 116.65
N VAL H 1337 7.65 14.40 116.23
CA VAL H 1337 6.47 15.17 116.60
C VAL H 1337 5.38 14.19 117.00
N PHE H 1338 4.73 14.45 118.14
CA PHE H 1338 3.65 13.62 118.65
C PHE H 1338 2.41 14.49 118.84
N VAL H 1339 1.31 14.11 118.20
CA VAL H 1339 0.08 14.89 118.24
C VAL H 1339 -1.10 13.92 118.24
N LEU H 1340 -2.23 14.38 118.77
CA LEU H 1340 -3.42 13.56 118.84
C LEU H 1340 -4.07 13.46 117.46
N PRO H 1341 -4.43 12.25 117.01
CA PRO H 1341 -5.05 12.11 115.68
C PRO H 1341 -6.56 12.30 115.71
N THR H 1342 -7.08 12.89 116.80
CA THR H 1342 -8.51 13.09 116.92
C THR H 1342 -9.07 13.94 115.78
N HIS H 1343 -8.41 15.06 115.49
CA HIS H 1343 -8.85 15.91 114.40
C HIS H 1343 -8.39 15.33 113.05
N GLN H 1344 -8.99 15.85 111.98
CA GLN H 1344 -8.63 15.40 110.63
C GLN H 1344 -7.19 15.75 110.30
N ASN H 1345 -6.77 16.98 110.60
CA ASN H 1345 -5.40 17.41 110.36
C ASN H 1345 -4.59 17.21 111.63
N VAL H 1346 -3.67 16.27 111.62
CA VAL H 1346 -2.90 15.95 112.82
C VAL H 1346 -1.80 16.99 113.04
N ILE H 1347 -0.88 17.11 112.10
CA ILE H 1347 0.24 18.04 112.24
C ILE H 1347 0.83 18.28 110.85
N GLN H 1348 1.53 19.40 110.70
CA GLN H 1348 2.18 19.75 109.44
C GLN H 1348 3.58 20.29 109.74
N PHE H 1349 4.56 19.78 109.01
CA PHE H 1349 5.94 20.18 109.21
C PHE H 1349 6.19 21.58 108.65
N GLU H 1350 7.43 22.06 108.81
CA GLU H 1350 7.81 23.37 108.30
C GLU H 1350 9.33 23.41 108.20
N LEU H 1351 9.83 23.77 107.02
CA LEU H 1351 11.26 23.85 106.75
C LEU H 1351 11.57 25.26 106.24
N GLY H 1352 11.97 26.15 107.15
CA GLY H 1352 12.29 27.50 106.78
C GLY H 1352 13.44 28.09 107.59
N LYS H 1353 13.67 29.38 107.44
CA LYS H 1353 14.74 30.07 108.15
C LYS H 1353 14.17 31.27 108.90
N GLN H 1354 14.89 31.69 109.94
CA GLN H 1354 14.50 32.82 110.76
C GLN H 1354 15.67 33.79 110.83
N LYS H 1355 15.43 35.05 110.48
CA LYS H 1355 16.45 36.10 110.47
C LYS H 1355 17.63 35.75 109.56
N ASN H 1356 17.33 35.04 108.46
CA ASN H 1356 18.32 34.68 107.45
C ASN H 1356 19.49 33.90 108.04
N ILE H 1357 19.18 32.72 108.58
CA ILE H 1357 20.19 31.82 109.12
C ILE H 1357 20.18 30.53 108.31
N MET H 1358 21.12 29.63 108.62
CA MET H 1358 21.20 28.37 107.89
C MET H 1358 20.06 27.46 108.31
N PRO H 1359 19.31 26.89 107.37
CA PRO H 1359 18.21 25.99 107.73
C PRO H 1359 18.73 24.60 108.06
N LEU H 1360 17.80 23.75 108.52
CA LEU H 1360 18.15 22.38 108.87
C LEU H 1360 18.43 21.51 107.64
N SER H 1361 17.90 21.89 106.48
CA SER H 1361 18.16 21.12 105.27
C SER H 1361 19.63 21.20 104.85
N ALA H 1362 20.30 22.30 105.19
CA ALA H 1362 21.72 22.42 104.86
C ALA H 1362 22.57 21.48 105.70
N ALA H 1363 22.19 21.28 106.96
CA ALA H 1363 22.93 20.37 107.84
C ALA H 1363 22.50 18.93 107.68
N MET H 1364 21.30 18.69 107.13
CA MET H 1364 20.84 17.31 106.93
C MET H 1364 21.69 16.60 105.88
N PHE H 1365 21.90 17.23 104.74
CA PHE H 1365 22.70 16.67 103.66
C PHE H 1365 24.12 17.23 103.69
N LEU H 1366 24.97 16.63 102.86
CA LEU H 1366 26.36 17.03 102.77
C LEU H 1366 26.75 17.57 101.39
N SER H 1367 25.82 17.59 100.43
CA SER H 1367 26.14 18.10 99.10
C SER H 1367 26.29 19.61 99.10
N GLU H 1368 25.29 20.32 99.64
CA GLU H 1368 25.29 21.78 99.70
C GLU H 1368 25.08 22.19 101.16
N ARG H 1369 26.18 22.33 101.89
CA ARG H 1369 26.12 22.74 103.30
C ARG H 1369 26.09 24.24 103.46
N LYS H 1370 26.91 24.97 102.71
CA LYS H 1370 26.95 26.42 102.80
C LYS H 1370 25.79 27.09 102.06
N ASN H 1371 25.03 26.35 101.27
CA ASN H 1371 23.91 26.93 100.54
C ASN H 1371 22.76 27.24 101.48
N PRO H 1372 22.29 28.49 101.55
CA PRO H 1372 21.18 28.84 102.45
C PRO H 1372 19.80 28.53 101.88
N ALA H 1373 19.71 27.75 100.81
CA ALA H 1373 18.41 27.44 100.23
C ALA H 1373 17.63 26.51 101.14
N PRO H 1374 16.38 26.83 101.47
CA PRO H 1374 15.58 25.97 102.36
C PRO H 1374 14.93 24.79 101.67
N GLN H 1375 15.34 24.44 100.45
CA GLN H 1375 14.74 23.31 99.75
C GLN H 1375 15.08 22.00 100.44
N CYS H 1376 14.14 21.07 100.38
CA CYS H 1376 14.30 19.77 101.02
C CYS H 1376 14.46 18.67 99.98
N PRO H 1377 15.35 17.70 100.22
CA PRO H 1377 15.52 16.61 99.26
C PRO H 1377 14.37 15.63 99.33
N PRO H 1378 14.13 14.87 98.25
CA PRO H 1378 13.04 13.88 98.27
C PRO H 1378 13.26 12.73 99.23
N ARG H 1379 14.44 12.60 99.83
CA ARG H 1379 14.71 11.51 100.76
C ARG H 1379 13.92 11.67 102.06
N LEU H 1380 13.54 12.89 102.42
CA LEU H 1380 12.77 13.12 103.63
C LEU H 1380 11.39 12.50 103.51
N GLU H 1381 11.08 11.55 104.37
CA GLU H 1381 9.79 10.87 104.37
C GLU H 1381 9.33 10.67 105.80
N MET H 1382 8.05 10.93 106.05
CA MET H 1382 7.48 10.76 107.37
C MET H 1382 7.39 9.28 107.72
N GLN H 1383 8.01 8.89 108.82
CA GLN H 1383 8.03 7.51 109.28
C GLN H 1383 6.99 7.30 110.38
N MET H 1384 6.62 6.03 110.58
CA MET H 1384 5.65 5.65 111.60
C MET H 1384 6.19 4.46 112.37
N LEU H 1385 6.11 4.53 113.70
CA LEU H 1385 6.59 3.43 114.53
C LEU H 1385 5.65 2.23 114.42
N MET H 1386 6.23 1.07 114.16
CA MET H 1386 5.45 -0.16 114.05
C MET H 1386 5.51 -0.93 115.36
N PRO H 1387 4.38 -1.44 115.85
CA PRO H 1387 4.43 -2.19 117.12
C PRO H 1387 5.24 -3.46 117.03
N VAL H 1388 4.98 -4.30 116.04
CA VAL H 1388 5.68 -5.57 115.87
C VAL H 1388 6.27 -5.62 114.47
N SER H 1389 7.43 -6.27 114.36
CA SER H 1389 8.12 -6.40 113.08
C SER H 1389 8.58 -7.83 112.86
N TRP H 1390 9.37 -8.06 111.80
CA TRP H 1390 9.87 -9.37 111.46
C TRP H 1390 11.35 -9.47 111.78
N SER H 1391 11.77 -10.67 112.20
CA SER H 1391 13.17 -10.91 112.52
C SER H 1391 13.47 -12.39 112.31
N ARG H 1392 14.69 -12.67 111.87
CA ARG H 1392 15.11 -14.04 111.61
C ARG H 1392 15.77 -14.65 112.85
N MET H 1393 15.80 -15.97 112.88
CA MET H 1393 16.39 -16.72 113.99
C MET H 1393 17.63 -17.45 113.51
N PRO H 1394 18.79 -17.22 114.13
CA PRO H 1394 20.01 -17.94 113.69
C PRO H 1394 19.89 -19.43 113.95
N ASN H 1395 20.65 -20.19 113.17
CA ASN H 1395 20.65 -21.65 113.29
C ASN H 1395 21.54 -22.16 114.40
N HIS H 1396 22.32 -21.30 115.05
CA HIS H 1396 23.21 -21.70 116.12
C HIS H 1396 23.12 -20.69 117.25
N PHE H 1397 22.98 -21.19 118.48
CA PHE H 1397 22.90 -20.36 119.67
C PHE H 1397 24.03 -20.71 120.64
N LEU H 1398 24.30 -19.79 121.55
CA LEU H 1398 25.36 -20.00 122.54
C LEU H 1398 24.90 -21.01 123.58
N ARG H 1399 25.89 -21.65 124.20
CA ARG H 1399 25.63 -22.68 125.22
C ARG H 1399 25.72 -22.07 126.61
N VAL H 1400 24.77 -22.45 127.47
CA VAL H 1400 24.71 -21.98 128.84
C VAL H 1400 24.78 -23.19 129.76
N GLU H 1401 25.77 -23.18 130.66
CA GLU H 1401 25.96 -24.27 131.61
C GLU H 1401 25.36 -23.89 132.96
N THR H 1402 24.56 -24.79 133.52
CA THR H 1402 23.92 -24.59 134.82
C THR H 1402 24.37 -25.69 135.77
N ARG H 1403 25.05 -25.31 136.84
CA ARG H 1403 25.53 -26.28 137.81
C ARG H 1403 25.78 -25.57 139.13
N ARG H 1404 25.87 -26.36 140.20
CA ARG H 1404 26.12 -25.86 141.54
C ARG H 1404 27.30 -26.62 142.14
N ALA H 1405 28.33 -25.89 142.56
CA ALA H 1405 29.54 -26.51 143.10
C ALA H 1405 29.44 -26.61 144.63
N GLY H 1406 28.43 -27.35 145.07
CA GLY H 1406 28.25 -27.55 146.50
C GLY H 1406 27.84 -26.27 147.19
N GLU H 1407 28.50 -25.96 148.31
CA GLU H 1407 28.21 -24.76 149.08
C GLU H 1407 29.32 -23.72 148.96
N ARG H 1408 30.24 -23.88 148.01
CA ARG H 1408 31.31 -22.93 147.79
C ARG H 1408 31.03 -21.96 146.65
N LEU H 1409 30.40 -22.43 145.58
CA LEU H 1409 30.04 -21.60 144.44
C LEU H 1409 28.54 -21.71 144.22
N GLY H 1410 27.86 -20.57 144.14
CA GLY H 1410 26.43 -20.54 143.94
C GLY H 1410 25.98 -21.16 142.64
N TRP H 1411 26.46 -20.61 141.52
CA TRP H 1411 26.11 -21.12 140.20
C TRP H 1411 27.34 -21.10 139.31
N ALA H 1412 27.56 -22.19 138.58
CA ALA H 1412 28.70 -22.33 137.68
C ALA H 1412 28.21 -22.17 136.24
N VAL H 1413 28.55 -21.05 135.62
CA VAL H 1413 28.13 -20.77 134.26
C VAL H 1413 29.19 -21.26 133.27
N PRO H 1414 33.28 -20.79 120.28
CA PRO H 1414 33.10 -19.45 119.69
C PRO H 1414 32.12 -19.45 118.51
N LEU H 1415 31.33 -18.40 118.39
CA LEU H 1415 30.36 -18.28 117.31
C LEU H 1415 30.40 -16.86 116.76
N THR H 1416 30.49 -16.75 115.44
CA THR H 1416 30.53 -15.45 114.77
C THR H 1416 29.66 -15.51 113.52
N MET H 1417 29.21 -14.34 113.09
CA MET H 1417 28.36 -14.23 111.91
C MET H 1417 28.54 -12.86 111.28
N MET H 1418 28.25 -12.78 109.99
CA MET H 1418 28.35 -11.53 109.25
C MET H 1418 27.03 -10.77 109.33
N ALA H 1419 27.14 -9.44 109.46
CA ALA H 1419 25.96 -8.59 109.57
C ALA H 1419 26.25 -7.24 108.93
N LEU H 1420 25.24 -6.69 108.26
CA LEU H 1420 25.38 -5.39 107.63
C LEU H 1420 25.22 -4.28 108.67
N HIS H 1421 25.27 -3.03 108.19
CA HIS H 1421 25.15 -1.88 109.07
C HIS H 1421 24.68 -0.68 108.27
N ILE H 1422 23.69 0.03 108.79
CA ILE H 1422 23.15 1.24 108.18
C ILE H 1422 23.59 2.43 109.02
N PRO H 1423 24.22 3.45 108.43
CA PRO H 1423 24.71 4.57 109.26
C PRO H 1423 23.59 5.46 109.78
N GLU H 1424 22.57 5.73 108.96
CA GLU H 1424 21.51 6.65 109.38
C GLU H 1424 20.56 6.00 110.38
N GLU H 1425 20.49 4.67 110.41
CA GLU H 1425 19.58 3.97 111.31
C GLU H 1425 20.31 3.28 112.46
N ASN H 1426 21.61 3.07 112.36
CA ASN H 1426 22.42 2.41 113.39
C ASN H 1426 21.92 1.01 113.72
N ARG H 1427 21.25 0.36 112.79
CA ARG H 1427 20.75 -1.00 112.98
C ARG H 1427 21.63 -1.98 112.21
N CYS H 1428 22.02 -3.06 112.88
CA CYS H 1428 22.89 -4.08 112.30
C CYS H 1428 22.04 -5.33 112.05
N MET H 1429 21.43 -5.40 110.89
CA MET H 1429 20.61 -6.55 110.53
C MET H 1429 21.49 -7.74 110.15
N ASP H 1430 20.94 -8.93 110.35
CA ASP H 1430 21.65 -10.17 110.03
C ASP H 1430 21.81 -10.29 108.52
N ILE H 1431 23.04 -10.18 108.03
CA ILE H 1431 23.28 -10.26 106.59
C ILE H 1431 23.14 -11.68 106.07
N LEU H 1432 23.26 -12.69 106.93
CA LEU H 1432 23.12 -14.07 106.48
C LEU H 1432 21.67 -14.36 106.07
N GLU H 1433 20.70 -13.78 106.76
CA GLU H 1433 19.28 -13.97 106.46
C GLU H 1433 18.76 -12.65 105.89
N LEU H 1434 18.78 -12.54 104.56
CA LEU H 1434 18.30 -11.33 103.90
C LEU H 1434 17.44 -11.65 102.68
N SER H 1435 16.93 -12.87 102.56
CA SER H 1435 16.10 -13.24 101.42
C SER H 1435 14.74 -12.55 101.45
N GLU H 1436 14.26 -12.15 102.63
CA GLU H 1436 12.97 -11.48 102.71
C GLU H 1436 13.04 -10.07 102.18
N ARG H 1437 14.05 -9.31 102.60
CA ARG H 1437 14.23 -7.92 102.15
C ARG H 1437 14.81 -7.95 100.74
N LEU H 1438 13.94 -7.86 99.74
CA LEU H 1438 14.39 -7.88 98.36
C LEU H 1438 14.89 -6.52 97.88
N ASP H 1439 14.57 -5.44 98.60
CA ASP H 1439 15.03 -4.12 98.19
C ASP H 1439 16.53 -3.96 98.44
N LEU H 1440 17.00 -4.40 99.61
CA LEU H 1440 18.41 -4.30 99.95
C LEU H 1440 19.26 -5.38 99.28
N GLN H 1441 18.64 -6.44 98.75
CA GLN H 1441 19.42 -7.49 98.11
C GLN H 1441 19.99 -7.02 96.78
N GLN H 1442 19.17 -6.38 95.96
CA GLN H 1442 19.66 -5.87 94.68
C GLN H 1442 20.69 -4.76 94.89
N PHE H 1443 20.47 -3.90 95.89
CA PHE H 1443 21.42 -2.84 96.17
C PHE H 1443 22.75 -3.42 96.64
N HIS H 1444 22.71 -4.46 97.48
CA HIS H 1444 23.94 -5.10 97.93
C HIS H 1444 24.66 -5.80 96.76
N SER H 1445 23.90 -6.44 95.87
CA SER H 1445 24.51 -7.07 94.71
C SER H 1445 25.17 -6.03 93.81
N HIS H 1446 24.53 -4.89 93.61
CA HIS H 1446 25.12 -3.83 92.80
C HIS H 1446 26.35 -3.25 93.47
N THR H 1447 26.33 -3.11 94.79
CA THR H 1447 27.50 -2.65 95.52
C THR H 1447 28.67 -3.61 95.36
N LEU H 1448 28.40 -4.91 95.47
CA LEU H 1448 29.45 -5.90 95.26
C LEU H 1448 29.98 -5.86 93.84
N ARG H 1449 29.10 -5.70 92.85
CA ARG H 1449 29.53 -5.61 91.46
C ARG H 1449 30.42 -4.38 91.25
N LEU H 1450 30.05 -3.25 91.85
CA LEU H 1450 30.85 -2.04 91.73
C LEU H 1450 32.21 -2.23 92.40
N TYR H 1451 32.25 -2.86 93.57
CA TYR H 1451 33.51 -3.12 94.25
C TYR H 1451 34.38 -4.08 93.45
N ARG H 1452 33.78 -5.01 92.72
CA ARG H 1452 34.56 -5.91 91.88
C ARG H 1452 35.08 -5.21 90.63
N ALA H 1453 34.28 -4.31 90.05
CA ALA H 1453 34.68 -3.63 88.83
C ALA H 1453 35.66 -2.49 89.08
N VAL H 1454 35.66 -1.90 90.27
CA VAL H 1454 36.56 -0.78 90.53
C VAL H 1454 38.01 -1.25 90.66
N CYS H 1455 38.23 -2.52 90.97
CA CYS H 1455 39.57 -3.08 91.12
C CYS H 1455 39.71 -4.22 90.11
N ALA H 1456 40.13 -3.89 88.89
CA ALA H 1456 40.31 -4.87 87.84
C ALA H 1456 41.24 -4.30 86.78
N LEU H 1457 41.62 -5.17 85.84
CA LEU H 1457 42.46 -4.79 84.70
C LEU H 1457 43.81 -4.23 85.16
N GLY H 1458 44.35 -4.80 86.24
CA GLY H 1458 45.67 -4.43 86.71
C GLY H 1458 45.71 -3.09 87.42
N ASN H 1459 44.79 -2.88 88.36
CA ASN H 1459 44.75 -1.68 89.19
C ASN H 1459 44.89 -2.12 90.64
N ASN H 1460 46.13 -2.13 91.14
CA ASN H 1460 46.42 -2.59 92.49
C ASN H 1460 46.44 -1.48 93.52
N ARG H 1461 46.41 -0.22 93.11
CA ARG H 1461 46.36 0.88 94.07
C ARG H 1461 45.02 0.90 94.80
N VAL H 1462 43.92 0.74 94.06
CA VAL H 1462 42.59 0.63 94.68
C VAL H 1462 42.36 -0.72 95.33
N ALA H 1463 43.19 -1.72 95.01
CA ALA H 1463 43.02 -3.04 95.59
C ALA H 1463 43.20 -3.01 97.11
N HIS H 1464 44.24 -2.32 97.58
CA HIS H 1464 44.47 -2.25 99.01
C HIS H 1464 43.37 -1.46 99.71
N ALA H 1465 42.88 -0.40 99.07
CA ALA H 1465 41.78 0.37 99.66
C ALA H 1465 40.51 -0.47 99.75
N LEU H 1466 40.26 -1.32 98.75
CA LEU H 1466 39.09 -2.19 98.80
C LEU H 1466 39.26 -3.30 99.82
N CYS H 1467 40.48 -3.80 99.98
CA CYS H 1467 40.73 -4.87 100.95
C CYS H 1467 40.70 -4.35 102.37
N SER H 1468 40.97 -3.05 102.57
CA SER H 1468 40.90 -2.48 103.90
C SER H 1468 39.48 -2.57 104.47
N HIS H 1469 38.47 -2.49 103.61
CA HIS H 1469 37.09 -2.59 104.07
C HIS H 1469 36.71 -4.05 104.33
N VAL H 1470 36.80 -4.90 103.31
CA VAL H 1470 36.46 -6.31 103.44
C VAL H 1470 37.74 -7.08 103.76
N ASP H 1471 37.87 -7.53 105.00
CA ASP H 1471 39.05 -8.26 105.42
C ASP H 1471 39.10 -9.63 104.74
N GLN H 1472 40.29 -10.23 104.75
CA GLN H 1472 40.48 -11.54 104.13
C GLN H 1472 39.77 -12.65 104.89
N ALA H 1473 39.49 -12.45 106.18
CA ALA H 1473 38.77 -13.46 106.94
C ALA H 1473 37.28 -13.45 106.65
N GLN H 1474 36.72 -12.28 106.32
CA GLN H 1474 35.31 -12.20 105.98
C GLN H 1474 35.01 -12.98 104.70
N LEU H 1475 35.94 -12.96 103.74
CA LEU H 1475 35.75 -13.73 102.52
C LEU H 1475 35.68 -15.22 102.81
N LEU H 1476 36.59 -15.72 103.65
CA LEU H 1476 36.56 -17.13 104.00
C LEU H 1476 35.32 -17.49 104.81
N HIS H 1477 34.88 -16.59 105.69
CA HIS H 1477 33.67 -16.83 106.46
C HIS H 1477 32.44 -16.90 105.55
N ALA H 1478 32.38 -16.04 104.53
CA ALA H 1478 31.27 -16.08 103.59
C ALA H 1478 31.35 -17.31 102.70
N LEU H 1479 32.56 -17.74 102.34
CA LEU H 1479 32.71 -18.95 101.53
C LEU H 1479 32.31 -20.19 102.29
N GLU H 1480 32.59 -20.23 103.60
CA GLU H 1480 32.22 -21.38 104.43
C GLU H 1480 30.74 -21.43 104.75
N ASP H 1481 30.00 -20.36 104.50
CA ASP H 1481 28.57 -20.35 104.78
C ASP H 1481 27.81 -21.22 103.79
N ALA H 1482 26.73 -21.84 104.29
CA ALA H 1482 25.89 -22.70 103.46
C ALA H 1482 24.53 -22.12 103.16
N HIS H 1483 24.10 -21.08 103.88
CA HIS H 1483 22.81 -20.44 103.65
C HIS H 1483 22.94 -19.09 102.98
N LEU H 1484 24.11 -18.76 102.45
CA LEU H 1484 24.29 -17.50 101.75
C LEU H 1484 23.49 -17.53 100.44
N PRO H 1485 22.78 -16.45 100.12
CA PRO H 1485 22.05 -16.41 98.85
C PRO H 1485 22.99 -16.47 97.65
N GLY H 1486 22.40 -16.75 96.49
CA GLY H 1486 23.15 -16.92 95.27
C GLY H 1486 23.92 -15.69 94.82
N PRO H 1487 23.21 -14.57 94.59
CA PRO H 1487 23.91 -13.36 94.16
C PRO H 1487 24.97 -12.88 95.14
N LEU H 1488 24.70 -12.98 96.44
CA LEU H 1488 25.69 -12.55 97.43
C LEU H 1488 26.95 -13.41 97.36
N ARG H 1489 26.78 -14.73 97.27
CA ARG H 1489 27.94 -15.62 97.16
C ARG H 1489 28.71 -15.38 95.87
N ALA H 1490 28.00 -15.14 94.77
CA ALA H 1490 28.68 -14.85 93.51
C ALA H 1490 29.47 -13.55 93.59
N GLY H 1491 28.88 -12.52 94.19
CA GLY H 1491 29.60 -11.27 94.36
C GLY H 1491 30.82 -11.42 95.25
N TYR H 1492 30.69 -12.19 96.33
CA TYR H 1492 31.83 -12.41 97.21
C TYR H 1492 32.95 -13.17 96.49
N TYR H 1493 32.59 -14.18 95.69
CA TYR H 1493 33.60 -14.90 94.92
C TYR H 1493 34.27 -13.99 93.90
N ASP H 1494 33.49 -13.11 93.26
CA ASP H 1494 34.06 -12.17 92.30
C ASP H 1494 35.01 -11.20 92.98
N LEU H 1495 34.66 -10.72 94.17
CA LEU H 1495 35.56 -9.85 94.92
C LEU H 1495 36.83 -10.59 95.32
N LEU H 1496 36.70 -11.84 95.75
CA LEU H 1496 37.89 -12.63 96.08
C LEU H 1496 38.81 -12.76 94.88
N ILE H 1497 38.24 -13.08 93.72
CA ILE H 1497 39.05 -13.24 92.51
C ILE H 1497 39.71 -11.92 92.14
N SER H 1498 38.98 -10.81 92.25
CA SER H 1498 39.52 -9.51 91.86
C SER H 1498 40.49 -8.93 92.87
N ILE H 1499 40.51 -9.45 94.11
CA ILE H 1499 41.38 -8.90 95.13
C ILE H 1499 42.63 -9.76 95.27
N HIS H 1500 42.55 -11.03 94.92
CA HIS H 1500 43.67 -11.94 95.14
C HIS H 1500 44.26 -12.53 93.87
N LEU H 1501 43.49 -12.66 92.79
CA LEU H 1501 43.99 -13.24 91.55
C LEU H 1501 43.54 -12.43 90.35
N GLU H 1502 43.59 -11.10 90.47
CA GLU H 1502 43.20 -10.24 89.35
C GLU H 1502 44.35 -10.05 88.38
N SER H 1503 45.46 -9.47 88.86
CA SER H 1503 46.60 -9.20 87.98
C SER H 1503 47.48 -10.42 87.79
N ALA H 1504 47.59 -11.28 88.81
CA ALA H 1504 48.42 -12.47 88.69
C ALA H 1504 47.87 -13.41 87.62
N CYS H 1505 46.55 -13.54 87.53
CA CYS H 1505 45.95 -14.40 86.53
C CYS H 1505 46.30 -13.93 85.12
N ARG H 1506 46.19 -12.63 84.87
CA ARG H 1506 46.51 -12.09 83.55
C ARG H 1506 48.01 -12.21 83.27
N SER H 1507 48.85 -11.93 84.26
CA SER H 1507 50.29 -12.01 84.05
C SER H 1507 50.74 -13.44 83.79
N ARG H 1508 50.04 -14.43 84.34
CA ARG H 1508 50.40 -15.82 84.09
C ARG H 1508 49.80 -16.33 82.79
N ARG H 1509 48.62 -15.84 82.42
CA ARG H 1509 47.98 -16.27 81.18
C ARG H 1509 48.58 -15.61 79.95
N SER H 1510 49.28 -14.48 80.13
CA SER H 1510 49.92 -13.82 78.99
C SER H 1510 51.17 -14.56 78.52
N MET H 1511 51.68 -15.51 79.31
CA MET H 1511 52.91 -16.22 78.98
C MET H 1511 52.70 -17.72 78.79
N LEU H 1512 51.45 -18.19 78.77
CA LEU H 1512 51.22 -19.62 78.57
C LEU H 1512 51.57 -20.06 77.15
N SER H 1513 51.52 -19.13 76.19
CA SER H 1513 51.82 -19.49 74.81
C SER H 1513 53.31 -19.80 74.60
N GLU H 1514 54.17 -19.37 75.52
CA GLU H 1514 55.59 -19.64 75.40
C GLU H 1514 55.91 -21.04 75.92
N TYR H 1515 56.89 -21.67 75.26
CA TYR H 1515 57.34 -23.01 75.61
C TYR H 1515 58.86 -23.05 75.71
N ILE H 1516 59.42 -22.06 76.41
CA ILE H 1516 60.87 -21.97 76.56
C ILE H 1516 61.37 -23.11 77.44
N VAL H 1517 62.35 -23.85 76.93
CA VAL H 1517 62.96 -24.98 77.64
C VAL H 1517 64.37 -24.58 78.04
N PRO H 1518 64.69 -24.53 79.33
CA PRO H 1518 66.04 -24.12 79.76
C PRO H 1518 67.09 -25.20 79.63
N LEU H 1519 66.75 -26.37 79.06
CA LEU H 1519 67.69 -27.48 78.91
C LEU H 1519 68.27 -27.90 80.25
N THR H 1520 67.42 -27.92 81.28
CA THR H 1520 67.88 -28.31 82.61
C THR H 1520 68.12 -29.81 82.67
N PRO H 1521 69.23 -30.25 83.27
CA PRO H 1521 69.46 -31.70 83.39
C PRO H 1521 68.35 -32.43 84.13
N GLU H 1522 67.60 -31.74 84.99
CA GLU H 1522 66.46 -32.36 85.66
C GLU H 1522 65.31 -32.63 84.70
N THR H 1523 65.23 -31.88 83.59
CA THR H 1523 64.18 -32.11 82.61
C THR H 1523 64.43 -33.36 81.77
N ARG H 1524 65.69 -33.83 81.70
CA ARG H 1524 65.99 -35.03 80.92
C ARG H 1524 65.41 -36.28 81.56
N ALA H 1525 65.10 -36.26 82.85
CA ALA H 1525 64.53 -37.43 83.50
C ALA H 1525 63.09 -37.69 83.06
N ILE H 1526 62.38 -36.67 82.59
CA ILE H 1526 61.01 -36.86 82.15
C ILE H 1526 60.99 -37.61 80.82
N THR H 1527 59.94 -38.39 80.60
CA THR H 1527 59.79 -39.17 79.39
C THR H 1527 58.33 -39.07 78.94
N LEU H 1528 57.99 -39.84 77.90
CA LEU H 1528 56.64 -39.85 77.36
C LEU H 1528 55.76 -40.88 78.05
N PHE H 1529 56.26 -42.12 78.18
CA PHE H 1529 55.49 -43.19 78.82
C PHE H 1529 56.04 -43.46 80.20
N PRO H 1530 55.20 -43.52 81.24
CA PRO H 1530 55.71 -43.79 82.58
C PRO H 1530 56.12 -45.24 82.71
N PRO H 1531 57.16 -45.54 83.51
CA PRO H 1531 57.63 -46.91 83.71
C PRO H 1531 56.66 -47.75 84.53
N ARG H 1532 48.54 -47.60 78.07
CA ARG H 1532 48.14 -46.73 79.17
C ARG H 1532 48.82 -45.36 79.05
N HIS H 1533 48.20 -44.36 79.67
CA HIS H 1533 48.72 -43.00 79.65
C HIS H 1533 48.80 -42.46 81.07
N GLY H 1534 49.72 -41.53 81.29
CA GLY H 1534 49.88 -40.94 82.59
C GLY H 1534 48.78 -39.94 82.92
N LEU H 1535 48.69 -39.60 84.20
CA LEU H 1535 47.70 -38.64 84.65
C LEU H 1535 48.06 -37.24 84.18
N PRO H 1536 47.07 -36.38 83.94
CA PRO H 1536 47.36 -35.01 83.51
C PRO H 1536 47.75 -34.13 84.70
N GLY H 1537 48.88 -33.44 84.56
CA GLY H 1537 49.30 -32.49 85.57
C GLY H 1537 50.05 -33.06 86.75
N VAL H 1538 50.58 -34.28 86.64
CA VAL H 1538 51.34 -34.86 87.72
C VAL H 1538 52.85 -34.87 87.44
N GLY H 1539 53.26 -34.69 86.18
CA GLY H 1539 54.67 -34.68 85.85
C GLY H 1539 55.35 -33.38 86.25
N VAL H 1540 56.68 -33.42 86.20
CA VAL H 1540 57.47 -32.24 86.56
C VAL H 1540 57.32 -31.18 85.47
N THR H 1541 57.48 -29.93 85.86
CA THR H 1541 57.38 -28.81 84.94
C THR H 1541 58.77 -28.33 84.52
N THR H 1542 58.86 -27.83 83.29
CA THR H 1542 60.12 -27.35 82.74
C THR H 1542 60.07 -25.91 82.26
N SER H 1543 58.89 -25.41 81.86
CA SER H 1543 58.80 -24.06 81.36
C SER H 1543 59.01 -23.05 82.47
N LEU H 1544 59.68 -21.94 82.14
CA LEU H 1544 59.94 -20.91 83.13
C LEU H 1544 58.67 -20.16 83.48
N ARG H 1545 58.60 -19.68 84.72
CA ARG H 1545 57.44 -18.95 85.21
C ARG H 1545 57.93 -17.84 86.13
N PRO H 1546 57.43 -16.61 85.96
CA PRO H 1546 57.86 -15.51 86.82
C PRO H 1546 57.24 -15.62 88.20
N PRO H 1547 57.91 -15.12 89.23
CA PRO H 1547 57.35 -15.17 90.58
C PRO H 1547 56.16 -14.24 90.73
N HIS H 1548 55.34 -14.52 91.74
CA HIS H 1548 54.14 -13.74 91.97
C HIS H 1548 54.46 -12.40 92.62
N HIS H 1549 55.40 -12.38 93.57
CA HIS H 1549 55.83 -11.17 94.26
C HIS H 1549 54.66 -10.48 94.96
N PHE H 1550 54.09 -11.19 95.93
CA PHE H 1550 52.99 -10.64 96.71
C PHE H 1550 53.51 -9.55 97.66
N SER H 1551 52.73 -8.48 97.80
CA SER H 1551 53.09 -7.36 98.64
C SER H 1551 52.44 -7.51 100.02
N ALA H 1552 52.57 -6.47 100.85
CA ALA H 1552 52.01 -6.51 102.20
C ALA H 1552 50.50 -6.29 102.16
N PRO H 1553 49.73 -7.05 102.94
CA PRO H 1553 48.27 -6.91 102.92
C PRO H 1553 47.72 -5.93 103.95
N CYS H 1554 48.56 -5.31 104.77
CA CYS H 1554 48.11 -4.40 105.81
C CYS H 1554 48.64 -2.99 105.55
N PHE H 1555 47.95 -2.01 106.12
CA PHE H 1555 48.30 -0.61 106.00
C PHE H 1555 48.41 0.01 107.39
N VAL H 1556 49.42 0.85 107.58
CA VAL H 1556 49.68 1.48 108.86
C VAL H 1556 49.50 3.00 108.78
N ALA H 1557 48.84 3.48 107.72
CA ALA H 1557 48.59 4.91 107.51
C ALA H 1557 49.91 5.70 107.48
N ALA H 1558 50.94 5.11 106.89
CA ALA H 1558 52.23 5.75 106.79
C ALA H 1558 52.25 6.71 105.60
N LEU H 1559 52.75 7.93 105.83
CA LEU H 1559 52.81 8.91 104.76
C LEU H 1559 53.95 8.58 103.81
N PRO H 1560 53.73 8.67 102.49
CA PRO H 1560 54.76 8.37 101.48
C PRO H 1560 55.84 9.44 101.43
N GLU H 1561 56.53 8.29 90.58
CA GLU H 1561 57.94 8.13 90.87
C GLU H 1561 58.24 6.74 91.40
N ALA H 1562 57.79 6.47 92.62
CA ALA H 1562 58.02 5.16 93.24
C ALA H 1562 57.11 4.12 92.58
N PRO H 1563 57.58 2.89 92.42
CA PRO H 1563 56.73 1.85 91.82
C PRO H 1563 55.56 1.51 92.73
N ALA H 1564 54.43 1.19 92.09
CA ALA H 1564 53.22 0.85 92.83
C ALA H 1564 53.34 -0.54 93.42
N ARG H 1565 52.38 -0.87 94.30
CA ARG H 1565 52.37 -2.17 94.94
C ARG H 1565 52.02 -3.27 93.93
N LEU H 1566 52.76 -4.37 94.00
CA LEU H 1566 52.56 -5.46 93.04
C LEU H 1566 51.17 -6.07 93.16
N SER H 1567 50.88 -6.68 94.31
CA SER H 1567 49.60 -7.34 94.55
C SER H 1567 49.47 -7.73 96.02
N PRO H 1568 48.26 -7.73 96.58
CA PRO H 1568 48.09 -8.18 97.96
C PRO H 1568 48.39 -9.67 98.10
N SER H 1569 48.68 -10.07 99.34
CA SER H 1569 49.03 -11.43 99.65
C SER H 1569 47.88 -12.16 100.32
N ILE H 1570 47.95 -13.48 100.30
CA ILE H 1570 46.92 -14.35 100.87
C ILE H 1570 47.52 -15.73 101.11
N PRO H 1571 47.22 -16.39 102.23
CA PRO H 1571 47.69 -17.77 102.41
C PRO H 1571 47.08 -18.70 101.38
N LEU H 1572 47.93 -19.29 100.55
CA LEU H 1572 47.47 -20.11 99.45
C LEU H 1572 47.02 -21.50 99.91
N GLU H 1573 47.66 -22.05 100.94
CA GLU H 1573 47.31 -23.39 101.40
C GLU H 1573 45.91 -23.39 102.02
N ALA H 1574 45.58 -22.38 102.82
CA ALA H 1574 44.26 -22.31 103.42
C ALA H 1574 43.18 -22.14 102.36
N LEU H 1575 43.44 -21.30 101.36
CA LEU H 1575 42.48 -21.12 100.27
C LEU H 1575 42.31 -22.40 99.47
N ARG H 1576 43.40 -23.13 99.23
CA ARG H 1576 43.32 -24.41 98.52
C ARG H 1576 42.49 -25.41 99.31
N ASP H 1577 42.72 -25.51 100.62
CA ASP H 1577 41.95 -26.43 101.44
C ASP H 1577 40.48 -26.04 101.46
N LYS H 1578 40.18 -24.74 101.55
CA LYS H 1578 38.79 -24.30 101.55
C LYS H 1578 38.12 -24.61 100.22
N ALA H 1579 38.83 -24.42 99.11
CA ALA H 1579 38.26 -24.72 97.80
C ALA H 1579 38.02 -26.22 97.65
N LEU H 1580 38.95 -27.04 98.13
CA LEU H 1580 38.76 -28.49 98.07
C LEU H 1580 37.56 -28.92 98.90
N ARG H 1581 37.42 -28.36 100.11
CA ARG H 1581 36.28 -28.70 100.95
C ARG H 1581 34.97 -28.24 100.33
N MET H 1582 34.97 -27.06 99.69
CA MET H 1582 33.76 -26.58 99.02
C MET H 1582 33.39 -27.47 97.84
N LEU H 1583 34.39 -27.90 97.07
CA LEU H 1583 34.12 -28.81 95.95
C LEU H 1583 33.60 -30.15 96.44
N GLY H 1584 34.14 -30.65 97.55
CA GLY H 1584 33.63 -31.88 98.12
C GLY H 1584 32.20 -31.76 98.60
N GLU H 1585 31.87 -30.65 99.27
CA GLU H 1585 30.50 -30.42 99.70
C GLU H 1585 29.57 -30.29 98.49
N ALA H 1586 30.03 -29.65 97.42
CA ALA H 1586 29.21 -29.48 96.24
C ALA H 1586 28.93 -30.82 95.56
N VAL H 1587 29.96 -31.67 95.41
CA VAL H 1587 29.73 -32.95 94.76
C VAL H 1587 28.90 -33.86 95.66
N ARG H 1588 29.03 -33.74 96.98
CA ARG H 1588 28.19 -34.52 97.88
C ARG H 1588 26.73 -34.09 97.78
N ASP H 1589 26.47 -32.78 97.72
CA ASP H 1589 25.11 -32.30 97.55
C ASP H 1589 24.54 -32.67 96.19
N GLY H 1590 25.37 -32.70 95.15
CA GLY H 1590 24.90 -33.12 93.85
C GLY H 1590 24.57 -34.60 93.79
N GLY H 1591 25.37 -35.42 94.48
CA GLY H 1591 25.07 -36.84 94.55
C GLY H 1591 23.86 -37.15 95.41
N GLN H 1592 23.63 -36.35 96.45
CA GLN H 1592 22.45 -36.55 97.29
C GLN H 1592 21.16 -36.16 96.58
N HIS H 1593 21.24 -35.27 95.59
CA HIS H 1593 20.08 -34.82 94.81
C HIS H 1593 19.00 -34.22 95.72
N ALA H 1594 19.41 -33.21 96.48
CA ALA H 1594 18.50 -32.53 97.38
C ALA H 1594 17.60 -31.57 96.60
N ARG H 1595 16.50 -31.18 97.24
CA ARG H 1595 15.53 -30.26 96.65
C ARG H 1595 15.73 -28.82 97.10
N ASP H 1596 16.73 -28.56 97.94
CA ASP H 1596 17.03 -27.22 98.45
C ASP H 1596 18.52 -26.97 98.30
N PRO H 1597 18.97 -26.59 97.10
CA PRO H 1597 20.40 -26.33 96.90
C PRO H 1597 20.84 -25.03 97.56
N VAL H 1598 22.15 -24.83 97.61
CA VAL H 1598 22.72 -23.63 98.22
C VAL H 1598 22.43 -22.44 97.32
N GLY H 1599 21.80 -21.41 97.89
CA GLY H 1599 21.47 -20.22 97.14
C GLY H 1599 20.18 -20.28 96.36
N GLY H 1600 19.44 -21.39 96.42
CA GLY H 1600 18.20 -21.53 95.71
C GLY H 1600 18.31 -22.12 94.33
N SER H 1601 19.53 -22.36 93.83
CA SER H 1601 19.72 -22.93 92.51
C SER H 1601 21.05 -23.67 92.48
N VAL H 1602 21.14 -24.65 91.57
CA VAL H 1602 22.38 -25.41 91.45
C VAL H 1602 23.47 -24.57 90.79
N GLU H 1603 23.10 -23.68 89.89
CA GLU H 1603 24.09 -22.84 89.22
C GLU H 1603 24.76 -21.88 90.19
N PHE H 1604 23.96 -21.21 91.02
CA PHE H 1604 24.51 -20.25 91.96
C PHE H 1604 25.44 -20.89 92.99
N GLN H 1605 25.38 -22.21 93.14
CA GLN H 1605 26.26 -22.93 94.06
C GLN H 1605 27.36 -23.70 93.35
N PHE H 1606 27.28 -23.88 92.03
CA PHE H 1606 28.27 -24.63 91.30
C PHE H 1606 29.20 -23.77 90.44
N VAL H 1607 28.76 -22.60 90.02
CA VAL H 1607 29.57 -21.70 89.19
C VAL H 1607 30.73 -21.11 89.99
N PRO H 1608 30.49 -20.47 91.16
CA PRO H 1608 31.61 -19.80 91.83
C PRO H 1608 32.69 -20.75 92.32
N VAL H 1609 32.31 -21.90 92.87
CA VAL H 1609 33.31 -22.84 93.38
C VAL H 1609 34.15 -23.40 92.25
N LEU H 1610 33.53 -23.71 91.11
CA LEU H 1610 34.29 -24.23 89.97
C LEU H 1610 35.18 -23.15 89.38
N LYS H 1611 34.70 -21.90 89.33
CA LYS H 1611 35.54 -20.81 88.85
C LYS H 1611 36.75 -20.60 89.75
N LEU H 1612 36.55 -20.67 91.07
CA LEU H 1612 37.66 -20.54 92.00
C LEU H 1612 38.65 -21.69 91.86
N VAL H 1613 38.14 -22.92 91.68
CA VAL H 1613 39.02 -24.07 91.48
C VAL H 1613 39.84 -23.90 90.22
N SER H 1614 39.21 -23.43 89.14
CA SER H 1614 39.94 -23.20 87.89
C SER H 1614 40.99 -22.11 88.05
N THR H 1615 40.64 -21.02 88.73
CA THR H 1615 41.59 -19.93 88.91
C THR H 1615 42.77 -20.35 89.77
N LEU H 1616 42.53 -21.22 90.76
CA LEU H 1616 43.62 -21.70 91.60
C LEU H 1616 44.44 -22.79 90.93
N LEU H 1617 43.85 -23.52 89.97
CA LEU H 1617 44.58 -24.59 89.29
C LEU H 1617 45.43 -24.04 88.14
N VAL H 1618 44.93 -23.00 87.45
CA VAL H 1618 45.69 -22.44 86.34
C VAL H 1618 46.97 -21.77 86.84
N MET H 1619 46.98 -21.33 88.09
CA MET H 1619 48.17 -20.70 88.66
C MET H 1619 49.24 -21.71 89.09
N GLY H 1620 48.92 -23.00 89.09
CA GLY H 1620 49.87 -24.00 89.51
C GLY H 1620 50.05 -24.12 91.01
N ILE H 1621 49.19 -23.48 91.81
CA ILE H 1621 49.32 -23.57 93.26
C ILE H 1621 48.95 -24.96 93.75
N PHE H 1622 48.03 -25.64 93.05
CA PHE H 1622 47.61 -26.97 93.45
C PHE H 1622 48.77 -27.95 93.32
N GLY H 1623 49.07 -28.65 94.41
CA GLY H 1623 50.15 -29.61 94.41
C GLY H 1623 49.77 -30.92 93.74
N ASP H 1624 50.61 -31.92 93.96
CA ASP H 1624 50.37 -33.23 93.36
C ASP H 1624 49.11 -33.88 93.93
N GLU H 1625 48.97 -33.86 95.27
CA GLU H 1625 47.79 -34.43 95.89
C GLU H 1625 46.53 -33.68 95.48
N ASP H 1626 46.64 -32.37 95.29
CA ASP H 1626 45.47 -31.57 94.90
C ASP H 1626 44.99 -31.94 93.51
N VAL H 1627 45.91 -32.03 92.54
CA VAL H 1627 45.50 -32.40 91.19
C VAL H 1627 45.06 -33.87 91.14
N LYS H 1628 45.63 -34.72 92.00
CA LYS H 1628 45.15 -36.10 92.06
C LYS H 1628 43.72 -36.17 92.56
N GLN H 1629 43.40 -35.42 93.62
CA GLN H 1629 42.04 -35.39 94.12
C GLN H 1629 41.09 -34.78 93.10
N ILE H 1630 41.55 -33.77 92.36
CA ILE H 1630 40.72 -33.17 91.32
C ILE H 1630 40.42 -34.18 90.22
N LEU H 1631 41.44 -34.92 89.76
CA LEU H 1631 41.23 -35.92 88.74
C LEU H 1631 40.33 -37.05 89.23
N LYS H 1632 40.43 -37.41 90.51
CA LYS H 1632 39.55 -38.44 91.06
C LYS H 1632 38.12 -37.95 91.17
N MET H 1633 37.93 -36.66 91.47
CA MET H 1633 36.57 -36.12 91.59
C MET H 1633 35.93 -35.94 90.22
N ILE H 1634 36.72 -35.59 89.21
CA ILE H 1634 36.17 -35.39 87.87
C ILE H 1634 35.62 -36.68 87.30
N GLU H 1635 36.43 -37.75 87.34
CA GLU H 1635 36.02 -39.04 86.83
C GLU H 1635 36.74 -40.13 87.61
N PRO H 1636 36.06 -41.24 87.92
CA PRO H 1636 36.74 -42.31 88.66
C PRO H 1636 37.80 -43.03 87.85
N GLU H 1637 37.60 -43.16 86.54
CA GLU H 1637 38.59 -43.83 85.71
C GLU H 1637 39.82 -42.95 85.51
N VAL H 1638 39.62 -41.65 85.33
CA VAL H 1638 40.74 -40.72 85.13
C VAL H 1638 41.32 -40.27 86.47
N GLU H 1639 30.93 -42.77 94.07
CA GLU H 1639 29.78 -43.21 93.28
C GLU H 1639 29.04 -42.02 92.70
N GLU H 1640 29.59 -40.83 92.89
CA GLU H 1640 28.99 -39.59 92.40
C GLU H 1640 29.76 -39.12 91.17
N GLY H 1641 29.03 -38.83 90.09
CA GLY H 1641 29.64 -38.38 88.87
C GLY H 1641 29.22 -36.97 88.47
N LEU H 1642 30.18 -36.05 88.44
CA LEU H 1642 29.87 -34.68 88.06
C LEU H 1642 29.60 -34.57 86.55
N LEU H 1643 30.21 -35.44 85.75
CA LEU H 1643 30.08 -35.39 84.30
C LEU H 1643 28.90 -36.19 83.78
N GLN H 1644 28.17 -36.87 84.65
CA GLN H 1644 27.07 -37.75 84.23
C GLN H 1644 25.74 -37.34 84.85
N MET H 1645 25.43 -36.04 84.85
CA MET H 1645 24.19 -35.53 85.37
C MET H 1645 23.81 -34.25 84.64
N LYS H 1646 22.62 -33.74 84.94
CA LYS H 1646 22.14 -32.51 84.31
C LYS H 1646 22.79 -31.30 84.94
N LEU H 1647 23.45 -30.49 84.12
CA LEU H 1647 24.15 -29.30 84.58
C LEU H 1647 23.75 -28.09 83.76
N PRO H 1648 23.71 -26.90 84.38
CA PRO H 1648 23.42 -25.67 83.63
C PRO H 1648 24.53 -25.32 82.65
N GLU H 1649 24.36 -24.21 81.92
CA GLU H 1649 25.30 -23.88 80.85
C GLU H 1649 26.60 -23.28 81.38
N SER H 1650 26.52 -22.46 82.43
CA SER H 1650 27.72 -21.81 82.95
C SER H 1650 28.71 -22.83 83.50
N VAL H 1651 28.21 -23.82 84.24
CA VAL H 1651 29.11 -24.87 84.74
C VAL H 1651 29.59 -25.75 83.60
N LYS H 1652 28.80 -25.87 82.52
CA LYS H 1652 29.29 -26.59 81.34
C LYS H 1652 30.49 -25.86 80.75
N LEU H 1653 30.41 -24.53 80.64
CA LEU H 1653 31.56 -23.76 80.16
C LEU H 1653 32.73 -23.85 81.13
N GLN H 1654 32.45 -23.93 82.43
CA GLN H 1654 33.53 -24.10 83.40
C GLN H 1654 34.26 -25.43 83.20
N MET H 1655 33.50 -26.51 83.02
CA MET H 1655 34.12 -27.81 82.75
C MET H 1655 34.86 -27.81 81.42
N CYS H 1656 34.31 -27.09 80.42
CA CYS H 1656 35.01 -26.96 79.15
C CYS H 1656 36.36 -26.28 79.32
N ASN H 1657 36.39 -25.19 80.11
CA ASN H 1657 37.65 -24.51 80.37
C ASN H 1657 38.61 -25.38 81.14
N LEU H 1658 38.10 -26.17 82.10
CA LEU H 1658 38.96 -27.08 82.85
C LEU H 1658 39.59 -28.13 81.94
N LEU H 1659 38.79 -28.72 81.05
CA LEU H 1659 39.33 -29.71 80.11
C LEU H 1659 40.30 -29.07 79.13
N GLU H 1660 40.05 -27.82 78.72
CA GLU H 1660 41.00 -27.13 77.85
C GLU H 1660 42.33 -26.89 78.56
N TYR H 1661 42.27 -26.51 79.84
CA TYR H 1661 43.51 -26.34 80.60
C TYR H 1661 44.24 -27.65 80.78
N PHE H 1662 43.51 -28.74 80.99
CA PHE H 1662 44.14 -30.06 81.07
C PHE H 1662 44.82 -30.43 79.76
N CYS H 1663 44.15 -30.15 78.63
CA CYS H 1663 44.76 -30.44 77.34
C CYS H 1663 46.00 -29.59 77.10
N ASP H 1664 45.96 -28.32 77.54
CA ASP H 1664 47.13 -27.46 77.39
C ASP H 1664 48.29 -27.95 78.25
N GLN H 1665 48.00 -28.43 79.46
CA GLN H 1665 49.05 -28.98 80.31
C GLN H 1665 49.64 -30.25 79.70
N GLU H 1666 48.78 -31.11 79.13
CA GLU H 1666 49.29 -32.30 78.46
C GLU H 1666 50.16 -31.94 77.27
N LEU H 1667 49.75 -30.93 76.50
CA LEU H 1667 50.55 -30.48 75.36
C LEU H 1667 51.89 -29.92 75.83
N GLN H 1668 51.90 -29.18 76.94
CA GLN H 1668 53.15 -28.64 77.47
C GLN H 1668 54.08 -29.76 77.93
N HIS H 1669 53.53 -30.78 78.59
CA HIS H 1669 54.34 -31.92 79.01
C HIS H 1669 54.91 -32.65 77.80
N ARG H 1670 54.09 -32.85 76.76
CA ARG H 1670 54.57 -33.50 75.55
C ARG H 1670 55.67 -32.70 74.88
N VAL H 1671 55.51 -31.37 74.83
CA VAL H 1671 56.54 -30.53 74.23
C VAL H 1671 57.83 -30.59 75.04
N GLU H 1672 57.72 -30.62 76.36
CA GLU H 1672 58.92 -30.72 77.20
C GLU H 1672 59.63 -32.05 76.99
N SER H 1673 58.86 -33.14 76.92
CA SER H 1673 59.47 -34.45 76.68
C SER H 1673 60.13 -34.50 75.31
N LEU H 1674 59.47 -33.94 74.29
CA LEU H 1674 60.06 -33.92 72.96
C LEU H 1674 61.32 -33.07 72.92
N ALA H 1675 61.35 -31.96 73.66
CA ALA H 1675 62.55 -31.13 73.71
C ALA H 1675 63.69 -31.85 74.40
N ALA H 1676 63.41 -32.57 75.50
CA ALA H 1676 64.45 -33.34 76.17
C ALA H 1676 64.99 -34.43 75.25
N PHE H 1677 64.10 -35.13 74.54
CA PHE H 1677 64.54 -36.16 73.62
C PHE H 1677 65.38 -35.57 72.49
N ALA H 1678 64.96 -34.40 71.98
CA ALA H 1678 65.74 -33.76 70.92
C ALA H 1678 67.11 -33.34 71.42
N GLU H 1679 67.19 -32.87 72.67
CA GLU H 1679 68.48 -32.48 73.24
C GLU H 1679 69.40 -33.68 73.36
N ARG H 1680 68.91 -34.78 73.95
CA ARG H 1680 69.76 -35.95 74.09
C ARG H 1680 70.13 -36.55 72.73
N TYR H 1681 69.22 -36.48 71.76
CA TYR H 1681 69.49 -37.02 70.43
C TYR H 1681 70.54 -36.19 69.71
N VAL H 1682 70.46 -34.86 69.80
CA VAL H 1682 71.45 -34.03 69.13
C VAL H 1682 72.79 -34.13 69.83
N ASP H 1683 72.79 -34.38 71.15
CA ASP H 1683 74.06 -34.63 71.84
C ASP H 1683 74.71 -35.92 71.35
N LYS H 1684 73.91 -37.00 71.26
CA LYS H 1684 74.43 -38.25 70.75
C LYS H 1684 74.92 -38.11 69.30
N LEU H 1685 74.18 -37.35 68.49
CA LEU H 1685 74.57 -37.17 67.09
C LEU H 1685 75.85 -36.34 66.98
N GLN H 1686 76.01 -35.33 67.84
CA GLN H 1686 77.25 -34.56 67.85
C GLN H 1686 78.43 -35.43 68.26
N ALA H 1687 78.23 -36.29 69.26
CA ALA H 1687 79.30 -37.20 69.66
C ALA H 1687 79.67 -38.15 68.52
N ASN H 1688 78.65 -38.71 67.85
CA ASN H 1688 78.91 -39.63 66.75
C ASN H 1688 79.61 -38.93 65.59
N GLN H 1689 79.22 -37.70 65.29
CA GLN H 1689 79.85 -36.96 64.21
C GLN H 1689 81.29 -36.59 64.56
N ARG H 1690 81.54 -36.25 65.83
CA ARG H 1690 82.92 -36.00 66.25
C ARG H 1690 83.77 -37.25 66.12
N ASP H 1691 83.24 -38.40 66.53
CA ASP H 1691 83.99 -39.65 66.37
C ASP H 1691 84.24 -39.96 64.90
N ARG H 1692 83.24 -39.72 64.04
CA ARG H 1692 83.41 -39.98 62.62
C ARG H 1692 84.47 -39.07 62.01
N TYR H 1693 84.43 -37.78 62.34
CA TYR H 1693 85.45 -36.85 61.85
C TYR H 1693 86.83 -37.21 62.41
N GLY H 1694 86.88 -37.81 63.59
CA GLY H 1694 88.15 -38.22 64.14
C GLY H 1694 88.73 -39.44 63.45
N ILE H 1695 87.87 -40.39 63.07
CA ILE H 1695 88.39 -41.61 62.44
C ILE H 1695 88.72 -41.37 60.97
N LEU H 1696 87.96 -40.50 60.27
CA LEU H 1696 88.25 -40.25 58.87
C LEU H 1696 89.40 -39.28 58.66
N MET H 1697 89.78 -38.53 59.69
CA MET H 1697 90.88 -37.58 59.56
C MET H 1697 92.22 -38.29 59.32
N LYS H 1698 92.42 -39.45 59.95
CA LYS H 1698 93.66 -40.19 59.75
C LYS H 1698 93.70 -40.85 58.38
N ALA H 1699 92.55 -41.20 57.82
CA ALA H 1699 92.51 -41.83 56.51
C ALA H 1699 92.82 -40.82 55.42
N PHE H 1700 93.67 -41.23 54.47
CA PHE H 1700 94.05 -40.36 53.36
C PHE H 1700 93.00 -40.41 52.26
N THR H 1701 93.23 -39.62 51.21
CA THR H 1701 92.30 -39.57 50.07
C THR H 1701 92.54 -40.79 49.18
N MET H 1702 91.94 -41.91 49.60
CA MET H 1702 92.10 -43.15 48.84
C MET H 1702 91.33 -43.09 47.53
N THR H 1703 90.10 -42.61 47.55
CA THR H 1703 89.27 -42.50 46.36
C THR H 1703 88.64 -41.13 46.29
N ALA H 1704 88.14 -40.77 45.11
CA ALA H 1704 87.52 -39.46 44.92
C ALA H 1704 86.15 -39.39 45.58
N ALA H 1705 85.46 -40.52 45.69
CA ALA H 1705 84.13 -40.52 46.30
C ALA H 1705 84.19 -40.17 47.79
N GLU H 1706 85.16 -40.74 48.50
CA GLU H 1706 85.30 -40.43 49.92
C GLU H 1706 85.67 -38.97 50.14
N THR H 1707 86.56 -38.43 49.29
CA THR H 1707 86.93 -37.02 49.41
C THR H 1707 85.74 -36.13 49.11
N ALA H 1708 84.95 -36.48 48.09
CA ALA H 1708 83.76 -35.68 47.77
C ALA H 1708 82.75 -35.72 48.91
N ARG H 1709 82.55 -36.88 49.51
CA ARG H 1709 81.62 -36.99 50.63
C ARG H 1709 82.11 -36.18 51.83
N ARG H 1710 83.42 -36.25 52.11
CA ARG H 1710 83.97 -35.47 53.22
C ARG H 1710 83.82 -33.98 52.97
N THR H 1711 84.06 -33.54 51.73
CA THR H 1711 83.89 -32.13 51.41
C THR H 1711 82.43 -31.70 51.55
N ARG H 1712 81.50 -32.53 51.07
CA ARG H 1712 80.09 -32.19 51.15
C ARG H 1712 79.59 -32.17 52.59
N GLU H 1713 80.17 -33.00 53.46
CA GLU H 1713 79.74 -33.04 54.85
C GLU H 1713 80.47 -32.02 55.73
N PHE H 1714 81.61 -31.49 55.28
CA PHE H 1714 82.36 -30.51 56.06
C PHE H 1714 82.09 -29.08 55.61
N ARG H 1715 82.28 -28.78 54.33
CA ARG H 1715 82.13 -27.42 53.83
C ARG H 1715 80.67 -26.97 53.74
N SER H 1716 79.72 -27.84 54.03
CA SER H 1716 78.32 -27.46 53.98
C SER H 1716 77.98 -26.50 55.12
N PRO H 1717 77.00 -25.63 54.93
CA PRO H 1717 76.58 -24.73 56.02
C PRO H 1717 76.00 -25.53 57.18
N PRO H 1718 75.95 -24.94 58.38
CA PRO H 1718 75.45 -25.69 59.54
C PRO H 1718 74.01 -26.16 59.38
N GLN H 1719 73.12 -25.30 58.87
CA GLN H 1719 71.72 -25.68 58.73
C GLN H 1719 71.56 -26.86 57.78
N GLU H 1720 72.21 -26.78 56.61
CA GLU H 1720 72.15 -27.90 55.66
C GLU H 1720 72.81 -29.14 56.21
N GLN H 1721 73.87 -28.97 57.00
CA GLN H 1721 74.52 -30.12 57.63
C GLN H 1721 73.57 -30.85 58.58
N ILE H 1722 72.89 -30.08 59.44
CA ILE H 1722 71.95 -30.70 60.38
C ILE H 1722 70.77 -31.30 59.63
N ASN H 1723 70.33 -30.66 58.55
CA ASN H 1723 69.24 -31.23 57.76
C ASN H 1723 69.64 -32.52 57.06
N MET H 1724 70.92 -32.64 56.70
CA MET H 1724 71.39 -33.85 56.01
C MET H 1724 71.64 -34.99 56.98
N LEU H 1725 72.23 -34.70 58.14
CA LEU H 1725 72.55 -35.77 59.09
C LEU H 1725 71.30 -36.30 59.78
N LEU H 1726 70.33 -35.44 60.07
CA LEU H 1726 69.12 -35.85 60.74
C LEU H 1726 68.10 -36.51 59.81
N HIS H 1727 68.37 -36.51 58.50
CA HIS H 1727 67.45 -37.12 57.55
C HIS H 1727 67.58 -38.64 57.58
N PHE H 1728 66.45 -39.32 57.74
CA PHE H 1728 66.43 -40.78 57.76
C PHE H 1728 65.27 -41.26 56.90
N LYS H 1729 65.58 -42.02 55.87
CA LYS H 1729 64.59 -42.56 54.94
C LYS H 1729 63.72 -41.47 54.34
N PRO H 1730 74.94 -41.16 55.95
CA PRO H 1730 76.09 -40.74 56.75
C PRO H 1730 75.83 -40.89 58.25
N LEU H 1731 75.14 -41.97 58.64
CA LEU H 1731 74.80 -42.20 60.04
C LEU H 1731 74.49 -43.67 60.24
N PRO H 1732 75.14 -44.33 61.20
CA PRO H 1732 74.87 -45.75 61.42
C PRO H 1732 73.43 -45.99 61.88
N ASP H 1733 72.85 -47.09 61.41
CA ASP H 1733 71.45 -47.39 61.70
C ASP H 1733 71.18 -47.68 63.17
N GLU H 1734 72.23 -47.85 63.98
CA GLU H 1734 72.02 -48.17 65.40
C GLU H 1734 71.35 -47.01 66.14
N ILE H 1735 71.77 -45.78 65.84
CA ILE H 1735 71.19 -44.62 66.51
C ILE H 1735 69.78 -44.33 65.97
N ARG H 1736 69.54 -44.61 64.68
CA ARG H 1736 68.24 -44.33 64.09
C ARG H 1736 67.14 -45.23 64.63
N GLN H 1737 67.50 -46.40 65.17
CA GLN H 1737 66.49 -47.29 65.73
C GLN H 1737 65.79 -46.66 66.93
N ASP H 1738 66.55 -46.04 67.83
CA ASP H 1738 65.95 -45.34 68.95
C ASP H 1738 65.09 -44.16 68.47
N LEU H 1739 65.53 -43.48 67.41
CA LEU H 1739 64.76 -42.37 66.87
C LEU H 1739 63.41 -42.84 66.36
N LEU H 1740 63.40 -43.91 65.56
CA LEU H 1740 62.14 -44.40 65.02
C LEU H 1740 61.26 -45.02 66.12
N GLU H 1741 61.88 -45.62 67.14
CA GLU H 1741 61.11 -46.15 68.26
C GLU H 1741 60.41 -45.03 69.02
N PHE H 1742 61.14 -43.95 69.32
CA PHE H 1742 60.52 -42.81 69.99
C PHE H 1742 59.47 -42.15 69.11
N HIS H 1743 59.69 -42.12 67.79
CA HIS H 1743 58.69 -41.56 66.88
C HIS H 1743 57.40 -42.37 66.92
N GLN H 1744 57.52 -43.70 66.85
CA GLN H 1744 56.34 -44.55 66.94
C GLN H 1744 55.66 -44.41 68.29
N ASP H 1745 56.44 -44.27 69.36
CA ASP H 1745 55.85 -44.07 70.69
C ASP H 1745 55.08 -42.75 70.75
N LEU H 1746 55.63 -41.69 70.16
CA LEU H 1746 54.94 -40.41 70.14
C LEU H 1746 53.67 -40.48 69.31
N LEU H 1747 53.70 -41.20 68.19
CA LEU H 1747 52.49 -41.37 67.39
C LEU H 1747 51.42 -42.14 68.16
N THR H 1748 51.82 -43.22 68.85
CA THR H 1748 50.84 -43.98 69.62
C THR H 1748 50.30 -43.18 70.81
N HIS H 1749 51.12 -42.31 71.39
CA HIS H 1749 50.65 -41.48 72.50
C HIS H 1749 49.71 -40.39 72.02
N CYS H 1750 50.00 -39.80 70.85
CA CYS H 1750 49.16 -38.73 70.32
C CYS H 1750 47.82 -39.23 69.81
N GLY H 1751 47.63 -40.54 69.69
CA GLY H 1751 46.39 -41.11 69.20
C GLY H 1751 46.51 -41.78 67.84
N ILE H 1752 47.65 -41.67 67.18
CA ILE H 1752 47.84 -42.28 65.87
C ILE H 1752 48.00 -43.79 66.02
N GLN H 1753 47.34 -44.53 65.15
CA GLN H 1753 47.41 -45.99 65.18
C GLN H 1753 48.40 -46.51 64.15
N LEU H 1754 37.89 -47.43 78.34
CA LEU H 1754 38.28 -46.05 78.11
C LEU H 1754 39.76 -45.85 78.38
N GLN H 1755 40.07 -45.38 79.60
CA GLN H 1755 41.44 -45.15 80.05
C GLN H 1755 42.19 -44.18 79.14
N SER H 1756 41.47 -43.23 78.55
CA SER H 1756 42.05 -42.23 77.68
C SER H 1756 41.35 -40.90 77.90
N LEU H 1757 42.14 -39.85 78.11
CA LEU H 1757 41.56 -38.53 78.35
C LEU H 1757 40.82 -38.02 77.12
N GLN H 1758 41.45 -38.11 75.95
CA GLN H 1758 40.83 -37.61 74.74
C GLN H 1758 39.54 -38.36 74.40
N GLU H 1759 39.53 -39.68 74.62
CA GLU H 1759 38.34 -40.46 74.31
C GLU H 1759 37.17 -40.07 75.21
N LEU H 1760 37.41 -39.97 76.51
CA LEU H 1760 36.34 -39.61 77.44
C LEU H 1760 35.87 -38.18 77.21
N VAL H 1761 36.80 -37.27 76.87
CA VAL H 1761 36.40 -35.90 76.56
C VAL H 1761 35.53 -35.86 75.31
N SER H 1762 35.92 -36.61 74.27
CA SER H 1762 35.12 -36.65 73.06
C SER H 1762 33.75 -37.23 73.33
N HIS H 1763 33.68 -38.27 74.17
CA HIS H 1763 32.39 -38.86 74.52
C HIS H 1763 31.52 -37.85 75.26
N THR H 1764 32.10 -37.11 76.21
CA THR H 1764 31.33 -36.14 76.96
C THR H 1764 30.83 -35.00 76.08
N VAL H 1765 31.66 -34.54 75.13
CA VAL H 1765 31.22 -33.43 74.30
C VAL H 1765 30.15 -33.90 73.31
N VAL H 1766 30.28 -35.11 72.76
CA VAL H 1766 29.24 -35.57 71.85
C VAL H 1766 27.95 -35.85 72.60
N ARG H 1767 28.05 -36.30 73.86
CA ARG H 1767 26.84 -36.50 74.66
C ARG H 1767 26.17 -35.17 75.00
N TRP H 1768 26.96 -34.15 75.31
CA TRP H 1768 26.38 -32.83 75.56
C TRP H 1768 25.74 -32.26 74.31
N ALA H 1769 26.33 -32.53 73.14
CA ALA H 1769 25.75 -32.04 71.89
C ALA H 1769 24.47 -32.79 71.53
N GLN H 1770 24.40 -34.09 71.83
CA GLN H 1770 23.24 -34.89 71.50
C GLN H 1770 22.13 -34.82 72.55
N GLU H 1771 22.43 -34.31 73.75
CA GLU H 1771 21.42 -34.24 74.80
C GLU H 1771 20.26 -33.34 74.39
N ASP H 1772 20.55 -32.06 74.15
CA ASP H 1772 19.54 -31.10 73.74
C ASP H 1772 20.23 -29.95 73.01
N PHE H 1773 19.45 -28.96 72.63
CA PHE H 1773 19.99 -27.80 71.95
C PHE H 1773 20.80 -26.93 72.90
N VAL H 1774 21.74 -26.18 72.35
CA VAL H 1774 22.66 -25.40 73.16
C VAL H 1774 22.05 -24.04 73.53
N GLN H 1775 21.57 -23.31 72.52
CA GLN H 1775 21.06 -21.94 72.70
C GLN H 1775 22.12 -21.02 73.30
N SER H 1776 23.39 -21.27 72.97
CA SER H 1776 24.49 -20.45 73.46
C SER H 1776 25.67 -20.52 72.50
N PRO H 1777 26.06 -19.40 71.88
CA PRO H 1777 27.16 -19.46 70.90
C PRO H 1777 28.52 -19.69 71.54
N GLU H 1778 28.80 -19.03 72.67
CA GLU H 1778 30.12 -19.16 73.28
C GLU H 1778 30.37 -20.58 73.78
N LEU H 1779 29.36 -21.20 74.39
CA LEU H 1779 29.54 -22.53 74.94
C LEU H 1779 29.78 -23.56 73.84
N VAL H 1780 28.98 -23.51 72.77
CA VAL H 1780 29.17 -24.46 71.69
C VAL H 1780 30.47 -24.18 70.94
N ARG H 1781 30.88 -22.91 70.85
CA ARG H 1781 32.17 -22.60 70.25
C ARG H 1781 33.31 -23.19 71.05
N ALA H 1782 33.26 -23.04 72.38
CA ALA H 1782 34.28 -23.63 73.24
C ALA H 1782 34.28 -25.15 73.13
N MET H 1783 33.10 -25.76 73.08
CA MET H 1783 33.03 -27.21 72.93
C MET H 1783 33.65 -27.68 71.61
N PHE H 1784 33.35 -26.97 70.52
CA PHE H 1784 33.89 -27.37 69.23
C PHE H 1784 35.41 -27.17 69.17
N SER H 1785 35.90 -26.07 69.75
CA SER H 1785 37.35 -25.86 69.78
C SER H 1785 38.04 -26.92 70.63
N LEU H 1786 37.41 -27.31 71.75
CA LEU H 1786 38.00 -28.35 72.59
C LEU H 1786 38.00 -29.69 71.87
N LEU H 1787 36.92 -30.00 71.14
CA LEU H 1787 36.87 -31.23 70.37
C LEU H 1787 37.95 -31.24 69.29
N HIS H 1788 38.17 -30.10 68.63
CA HIS H 1788 39.21 -30.03 67.61
C HIS H 1788 40.59 -30.17 68.22
N ARG H 1789 40.80 -29.60 69.41
CA ARG H 1789 42.10 -29.71 70.06
C ARG H 1789 42.37 -31.11 70.58
N GLN H 1790 41.32 -31.82 71.01
CA GLN H 1790 41.52 -33.16 71.56
C GLN H 1790 41.63 -34.21 70.47
N TYR H 1791 40.81 -34.11 69.41
CA TYR H 1791 40.84 -35.09 68.34
C TYR H 1791 42.00 -34.87 67.37
N ASP H 1792 42.61 -33.69 67.38
CA ASP H 1792 43.73 -33.36 66.50
C ASP H 1792 44.92 -32.96 67.37
N GLY H 1793 45.87 -33.86 67.53
CA GLY H 1793 47.07 -33.56 68.28
C GLY H 1793 48.26 -33.28 67.40
N LEU H 1794 48.25 -33.84 66.19
CA LEU H 1794 49.35 -33.63 65.26
C LEU H 1794 49.45 -32.17 64.84
N GLY H 1795 48.31 -31.58 64.46
CA GLY H 1795 48.32 -30.16 64.12
C GLY H 1795 48.70 -29.29 65.29
N GLU H 1796 48.27 -29.66 66.49
CA GLU H 1796 48.62 -28.88 67.68
C GLU H 1796 50.12 -28.91 67.94
N LEU H 1797 50.73 -30.10 67.89
CA LEU H 1797 52.17 -30.19 68.10
C LEU H 1797 52.95 -29.55 66.96
N LEU H 1798 52.38 -29.52 65.76
CA LEU H 1798 53.02 -28.83 64.64
C LEU H 1798 53.01 -27.32 64.86
N ARG H 1799 51.88 -26.78 65.32
CA ARG H 1799 51.79 -25.35 65.61
C ARG H 1799 52.58 -24.96 66.85
N ALA H 1800 52.84 -25.90 67.75
CA ALA H 1800 53.59 -25.62 68.96
C ALA H 1800 55.10 -25.59 68.74
N LEU H 1801 55.57 -25.92 67.53
CA LEU H 1801 57.02 -25.95 67.29
C LEU H 1801 57.63 -24.56 67.15
N PRO H 1802 57.05 -23.63 66.37
CA PRO H 1802 57.67 -22.30 66.29
C PRO H 1802 57.72 -21.56 67.62
N ARG H 1803 56.80 -21.86 68.53
CA ARG H 1803 56.83 -21.22 69.84
C ARG H 1803 57.89 -21.83 70.76
N ALA H 1804 58.21 -23.11 70.56
CA ALA H 1804 59.19 -23.78 71.42
C ALA H 1804 60.60 -23.33 71.06
N TYR H 1805 61.47 -23.33 72.07
CA TYR H 1805 62.86 -22.95 71.89
C TYR H 1805 63.67 -23.48 73.06
N THR H 1806 64.95 -23.76 72.80
CA THR H 1806 65.87 -24.28 73.80
C THR H 1806 66.98 -23.27 74.05
N ILE H 1807 67.24 -22.98 75.32
CA ILE H 1807 68.26 -22.00 75.69
C ILE H 1807 69.30 -22.67 76.59
N SER H 1808 70.29 -21.90 77.02
CA SER H 1808 71.35 -22.40 77.89
C SER H 1808 70.97 -22.20 79.35
N PRO H 1809 71.27 -23.18 80.21
CA PRO H 1809 70.94 -23.07 81.64
C PRO H 1809 71.86 -22.18 82.44
N SER H 1810 72.77 -21.43 81.80
CA SER H 1810 73.70 -20.57 82.50
C SER H 1810 73.17 -19.17 82.73
N SER H 1811 72.11 -18.76 82.02
CA SER H 1811 71.56 -17.44 82.18
C SER H 1811 70.05 -17.50 82.44
N VAL H 1812 69.65 -18.39 83.36
CA VAL H 1812 68.22 -18.56 83.64
C VAL H 1812 67.67 -17.34 84.35
N GLU H 1813 68.48 -16.69 85.19
CA GLU H 1813 68.01 -15.51 85.89
C GLU H 1813 67.72 -14.36 84.93
N ASP H 1814 68.56 -14.19 83.91
CA ASP H 1814 68.31 -13.16 82.92
C ASP H 1814 67.01 -13.43 82.15
N THR H 1815 66.76 -14.70 81.83
CA THR H 1815 65.53 -15.05 81.12
C THR H 1815 64.30 -14.82 82.00
N MET H 1816 64.39 -15.16 83.28
CA MET H 1816 63.28 -14.91 84.20
C MET H 1816 63.01 -13.41 84.34
N SER H 1817 64.08 -12.61 84.47
CA SER H 1817 63.91 -11.16 84.54
C SER H 1817 63.30 -10.61 83.26
N LEU H 1818 63.72 -11.13 82.11
CA LEU H 1818 63.15 -10.68 80.84
C LEU H 1818 61.68 -11.03 80.74
N LEU H 1819 61.31 -12.24 81.16
CA LEU H 1819 59.91 -12.63 81.14
C LEU H 1819 59.07 -11.74 82.06
N GLU H 1820 59.57 -11.49 83.27
CA GLU H 1820 58.83 -10.64 84.20
C GLU H 1820 58.67 -9.23 83.66
N CYS H 1821 59.74 -8.65 83.10
CA CYS H 1821 59.65 -7.28 82.63
C CYS H 1821 58.77 -7.17 81.38
N LEU H 1822 58.79 -8.20 80.51
CA LEU H 1822 57.90 -8.16 79.35
C LEU H 1822 56.44 -8.31 79.76
N GLY H 1823 56.18 -9.15 80.77
CA GLY H 1823 54.83 -9.20 81.33
C GLY H 1823 54.40 -7.87 81.91
N GLN H 1824 55.34 -7.17 82.57
CA GLN H 1824 55.04 -5.84 83.09
C GLN H 1824 54.73 -4.86 81.97
N ILE H 1825 55.51 -4.91 80.88
CA ILE H 1825 55.24 -4.04 79.73
C ILE H 1825 53.87 -4.33 79.16
N ARG H 1826 53.50 -5.60 79.04
CA ARG H 1826 52.18 -5.93 78.51
C ARG H 1826 51.07 -5.44 79.43
N SER H 1827 51.24 -5.62 80.74
CA SER H 1827 50.23 -5.17 81.69
C SER H 1827 50.08 -3.65 81.67
N LEU H 1828 51.19 -2.93 81.51
CA LEU H 1828 51.11 -1.47 81.44
C LEU H 1828 50.57 -1.00 80.09
N LEU H 1829 50.75 -1.80 79.03
CA LEU H 1829 50.20 -1.45 77.74
C LEU H 1829 48.69 -1.69 77.69
N ILE H 1830 48.20 -2.69 78.42
CA ILE H 1830 46.75 -2.88 78.51
C ILE H 1830 46.10 -1.70 79.21
N VAL H 1831 46.73 -1.19 80.27
CA VAL H 1831 46.23 -0.02 80.98
C VAL H 1831 46.53 1.23 80.15
N GLN H 1832 45.62 2.20 80.22
CA GLN H 1832 45.82 3.46 79.51
C GLN H 1832 47.09 4.14 79.97
N MET H 1833 47.79 4.79 79.04
CA MET H 1833 49.07 5.40 79.35
C MET H 1833 48.89 6.64 80.23
N GLY H 1834 49.83 6.81 81.17
CA GLY H 1834 49.84 7.95 82.04
C GLY H 1834 51.25 8.39 82.35
N PRO H 1835 51.40 9.43 83.18
CA PRO H 1835 52.75 9.91 83.54
C PRO H 1835 53.60 8.85 84.21
N GLN H 1836 53.09 8.30 85.32
CA GLN H 1836 53.81 7.22 85.99
C GLN H 1836 53.90 5.98 85.08
N GLU H 1837 52.85 5.73 84.30
CA GLU H 1837 52.90 4.61 83.35
C GLU H 1837 53.96 4.84 82.30
N GLU H 1838 54.07 6.07 81.79
CA GLU H 1838 55.11 6.37 80.81
C GLU H 1838 56.51 6.24 81.41
N ASN H 1839 56.67 6.67 82.67
CA ASN H 1839 57.96 6.52 83.33
C ASN H 1839 58.33 5.05 83.51
N LEU H 1840 57.37 4.23 83.93
CA LEU H 1840 57.62 2.80 84.09
C LEU H 1840 57.92 2.15 82.75
N MET H 1841 57.24 2.59 81.69
CA MET H 1841 57.52 2.07 80.35
C MET H 1841 58.92 2.43 79.90
N ILE H 1842 59.35 3.67 80.17
CA ILE H 1842 60.70 4.08 79.80
C ILE H 1842 61.73 3.26 80.57
N GLN H 1843 61.50 3.04 81.87
CA GLN H 1843 62.41 2.23 82.66
C GLN H 1843 62.48 0.80 82.12
N SER H 1844 61.32 0.25 81.70
CA SER H 1844 61.31 -1.10 81.17
C SER H 1844 62.05 -1.19 79.84
N ILE H 1845 61.86 -0.20 78.96
CA ILE H 1845 62.57 -0.19 77.69
C ILE H 1845 64.07 -0.04 77.92
N GLY H 1846 64.47 0.75 78.92
CA GLY H 1846 65.88 0.85 79.25
C GLY H 1846 66.44 -0.43 79.85
N ASN H 1847 65.62 -1.18 80.57
CA ASN H 1847 66.07 -2.42 81.19
C ASN H 1847 66.19 -3.56 80.20
N ILE H 1848 65.27 -3.64 79.24
CA ILE H 1848 65.30 -4.75 78.28
C ILE H 1848 66.46 -4.64 77.30
N MET H 1849 67.06 -3.45 77.18
CA MET H 1849 68.17 -3.29 76.24
C MET H 1849 69.49 -3.79 76.82
N ASN H 1850 69.65 -3.74 78.14
CA ASN H 1850 70.89 -4.16 78.79
C ASN H 1850 70.94 -5.66 79.05
N ASN H 1851 70.00 -6.42 78.51
CA ASN H 1851 70.00 -7.87 78.71
C ASN H 1851 71.04 -8.53 77.81
N LYS H 1852 71.69 -9.57 78.33
CA LYS H 1852 72.73 -10.26 77.58
C LYS H 1852 72.14 -11.29 76.62
N VAL H 1853 71.06 -11.96 77.02
CA VAL H 1853 70.46 -12.98 76.17
C VAL H 1853 69.79 -12.36 74.94
N PHE H 1854 69.44 -11.07 75.01
CA PHE H 1854 68.80 -10.41 73.87
C PHE H 1854 69.73 -10.41 72.65
N TYR H 1855 71.04 -10.27 72.87
CA TYR H 1855 72.00 -10.30 71.79
C TYR H 1855 72.45 -11.71 71.43
N GLN H 1856 72.03 -12.72 72.19
CA GLN H 1856 72.47 -14.09 71.96
C GLN H 1856 71.47 -14.90 71.15
N HIS H 1857 70.18 -14.83 71.50
CA HIS H 1857 69.13 -15.62 70.87
C HIS H 1857 68.09 -14.71 70.24
N PRO H 1858 68.32 -14.25 69.00
CA PRO H 1858 67.27 -13.47 68.33
C PRO H 1858 66.04 -14.30 67.98
N ASN H 1859 66.20 -15.61 67.81
CA ASN H 1859 65.04 -16.46 67.53
C ASN H 1859 64.08 -16.48 68.70
N LEU H 1860 64.61 -16.46 69.93
CA LEU H 1860 63.74 -16.38 71.11
C LEU H 1860 62.98 -15.07 71.15
N MET H 1861 63.64 -13.96 70.76
CA MET H 1861 62.96 -12.67 70.71
C MET H 1861 61.89 -12.64 69.62
N ARG H 1862 62.12 -13.35 68.52
CA ARG H 1862 61.11 -13.41 67.46
C ARG H 1862 59.94 -14.28 67.88
N ALA H 1863 60.20 -15.37 68.59
CA ALA H 1863 59.13 -16.25 69.04
C ALA H 1863 58.29 -15.59 70.13
N LEU H 1864 58.95 -14.86 71.03
CA LEU H 1864 58.22 -14.13 72.07
C LEU H 1864 57.42 -12.98 71.50
N GLY H 1865 57.81 -12.44 70.35
CA GLY H 1865 57.07 -11.39 69.68
C GLY H 1865 57.07 -10.06 70.40
N MET H 1866 58.24 -9.63 70.90
CA MET H 1866 58.32 -8.34 71.57
C MET H 1866 58.12 -7.18 70.60
N HIS H 1867 58.56 -7.35 69.34
CA HIS H 1867 58.34 -6.31 68.35
C HIS H 1867 56.86 -6.08 68.10
N GLU H 1868 56.04 -7.14 68.15
CA GLU H 1868 54.60 -6.96 68.05
C GLU H 1868 54.07 -6.15 69.22
N THR H 1869 54.61 -6.39 70.43
CA THR H 1869 54.17 -5.63 71.59
C THR H 1869 54.53 -4.14 71.45
N VAL H 1870 55.74 -3.85 70.99
CA VAL H 1870 56.12 -2.45 70.81
C VAL H 1870 55.33 -1.80 69.68
N MET H 1871 55.01 -2.56 68.63
CA MET H 1871 54.17 -2.02 67.56
C MET H 1871 52.76 -1.72 68.06
N GLU H 1872 52.21 -2.58 68.92
CA GLU H 1872 50.90 -2.32 69.50
C GLU H 1872 50.96 -1.10 70.41
N VAL H 1873 52.03 -0.96 71.19
CA VAL H 1873 52.18 0.21 72.05
C VAL H 1873 52.23 1.48 71.20
N MET H 1874 52.96 1.43 70.08
CA MET H 1874 53.07 2.60 69.21
C MET H 1874 51.74 2.94 68.55
N VAL H 1875 51.01 1.93 68.08
CA VAL H 1875 49.73 2.20 67.43
C VAL H 1875 48.70 2.65 68.45
N ASN H 1876 48.90 2.31 69.73
CA ASN H 1876 47.98 2.78 70.76
C ASN H 1876 48.30 4.19 71.22
N VAL H 1877 49.57 4.56 71.27
CA VAL H 1877 49.94 5.90 71.75
C VAL H 1877 49.87 6.94 70.63
N LEU H 1878 50.08 6.54 69.38
CA LEU H 1878 49.91 7.46 68.26
C LEU H 1878 48.45 7.49 67.80
N ARG H 1879 51.93 13.75 71.43
CA ARG H 1879 51.93 13.55 72.88
C ARG H 1879 52.94 12.49 73.28
N PHE H 1880 53.43 12.59 74.52
CA PHE H 1880 54.42 11.67 75.10
C PHE H 1880 55.66 11.59 74.22
N PRO H 1881 56.47 12.65 74.18
CA PRO H 1881 57.68 12.59 73.32
C PRO H 1881 58.71 11.60 73.80
N LYS H 1882 58.95 11.54 75.12
CA LYS H 1882 59.92 10.60 75.64
C LYS H 1882 59.53 9.16 75.32
N MET H 1883 58.23 8.85 75.40
CA MET H 1883 57.76 7.51 75.11
C MET H 1883 58.04 7.11 73.66
N VAL H 1884 57.70 8.01 72.73
CA VAL H 1884 57.89 7.68 71.32
C VAL H 1884 59.37 7.61 70.98
N THR H 1885 60.19 8.49 71.55
CA THR H 1885 61.63 8.41 71.33
C THR H 1885 62.19 7.09 71.85
N SER H 1886 61.73 6.66 73.03
CA SER H 1886 62.23 5.41 73.60
C SER H 1886 61.84 4.22 72.74
N CYS H 1887 60.58 4.17 72.28
CA CYS H 1887 60.18 2.99 71.51
C CYS H 1887 60.84 2.98 70.14
N CYS H 1888 61.03 4.15 69.52
CA CYS H 1888 61.77 4.16 68.25
C CYS H 1888 63.24 3.81 68.45
N ARG H 1889 63.85 4.19 69.57
CA ARG H 1889 65.21 3.77 69.83
C ARG H 1889 65.29 2.26 70.03
N PHE H 1890 64.33 1.68 70.74
CA PHE H 1890 64.31 0.23 70.90
C PHE H 1890 64.11 -0.47 69.55
N LEU H 1891 63.27 0.09 68.69
CA LEU H 1891 63.07 -0.47 67.36
C LEU H 1891 64.36 -0.43 66.55
N CYS H 1892 65.04 0.73 66.57
CA CYS H 1892 66.30 0.86 65.84
C CYS H 1892 67.35 -0.12 66.36
N TYR H 1893 67.38 -0.34 67.67
CA TYR H 1893 68.29 -1.34 68.23
C TYR H 1893 67.87 -2.75 67.83
N PHE H 1894 66.58 -2.97 67.61
CA PHE H 1894 66.10 -4.31 67.27
C PHE H 1894 66.34 -4.67 65.81
N CYS H 1895 66.28 -3.69 64.91
CA CYS H 1895 66.48 -4.01 63.49
C CYS H 1895 67.93 -4.37 63.18
N ARG H 1896 68.89 -3.84 63.95
CA ARG H 1896 70.30 -4.10 63.71
C ARG H 1896 70.82 -5.33 64.45
N ILE H 1897 69.95 -6.27 64.78
CA ILE H 1897 70.38 -7.47 65.49
C ILE H 1897 70.82 -8.54 64.51
N SER H 1898 69.92 -8.96 63.62
CA SER H 1898 70.21 -10.00 62.65
C SER H 1898 69.36 -9.78 61.40
N ARG H 1899 69.50 -10.68 60.43
CA ARG H 1899 68.73 -10.58 59.20
C ARG H 1899 67.30 -11.05 59.36
N GLN H 1900 67.06 -12.01 60.25
CA GLN H 1900 65.69 -12.46 60.50
C GLN H 1900 64.86 -11.35 61.16
N ASN H 1901 65.46 -10.64 62.12
CA ASN H 1901 64.79 -9.47 62.69
C ASN H 1901 64.50 -8.43 61.62
N GLN H 1902 65.43 -8.26 60.67
CA GLN H 1902 65.22 -7.31 59.59
C GLN H 1902 64.03 -7.72 58.73
N ARG H 1903 63.96 -9.00 58.34
CA ARG H 1903 62.85 -9.46 57.54
C ARG H 1903 61.53 -9.39 58.28
N SER H 1904 61.56 -9.60 59.61
CA SER H 1904 60.33 -9.50 60.39
C SER H 1904 59.85 -8.06 60.52
N MET H 1905 60.78 -7.12 60.68
CA MET H 1905 60.41 -5.72 60.80
C MET H 1905 60.04 -5.09 59.46
N PHE H 1906 60.54 -5.65 58.35
CA PHE H 1906 60.22 -5.11 57.04
C PHE H 1906 58.73 -5.15 56.73
N ASP H 1907 57.97 -6.00 57.41
CA ASP H 1907 56.56 -6.17 57.10
C ASP H 1907 55.75 -4.89 57.35
N HIS H 1908 56.17 -4.08 58.33
CA HIS H 1908 55.44 -2.88 58.71
C HIS H 1908 55.99 -1.61 58.06
N LEU H 1909 56.68 -1.76 56.93
CA LEU H 1909 57.26 -0.60 56.26
C LEU H 1909 56.18 0.36 55.77
N SER H 1910 55.08 -0.18 55.24
CA SER H 1910 54.00 0.68 54.76
C SER H 1910 53.40 1.50 55.89
N TYR H 1911 53.15 0.88 57.04
CA TYR H 1911 52.59 1.61 58.17
C TYR H 1911 53.60 2.62 58.72
N LEU H 1912 54.89 2.26 58.73
CA LEU H 1912 55.89 3.21 59.20
C LEU H 1912 55.97 4.43 58.28
N LEU H 1913 55.92 4.21 56.96
CA LEU H 1913 55.93 5.33 56.03
C LEU H 1913 54.66 6.16 56.13
N GLU H 1914 53.52 5.53 56.42
CA GLU H 1914 52.28 6.28 56.59
C GLU H 1914 52.31 7.12 57.86
N ASN H 1915 52.88 6.59 58.93
CA ASN H 1915 52.93 7.32 60.20
C ASN H 1915 54.03 8.37 60.23
N SER H 1916 55.09 8.22 59.41
CA SER H 1916 56.16 9.21 59.41
C SER H 1916 55.67 10.54 58.86
N GLY H 1917 54.87 10.53 57.80
CA GLY H 1917 54.34 11.75 57.21
C GLY H 1917 55.39 12.53 56.46
N SER H 1918 64.12 10.84 67.63
CA SER H 1918 63.72 9.55 67.11
C SER H 1918 62.39 9.66 66.36
N THR H 1919 62.37 9.15 65.13
CA THR H 1919 61.22 9.21 64.25
C THR H 1919 61.11 7.90 63.49
N PRO H 1920 59.90 7.38 63.29
CA PRO H 1920 59.77 6.10 62.56
C PRO H 1920 60.37 6.11 61.16
N LEU H 1921 60.60 7.29 60.57
CA LEU H 1921 61.31 7.31 59.29
C LEU H 1921 62.74 6.82 59.44
N ASP H 1922 63.37 7.07 60.59
CA ASP H 1922 64.70 6.52 60.85
C ASP H 1922 64.64 5.00 60.93
N VAL H 1923 63.59 4.45 61.56
CA VAL H 1923 63.42 3.01 61.61
C VAL H 1923 63.22 2.45 60.21
N ALA H 1924 62.46 3.15 59.37
CA ALA H 1924 62.27 2.71 57.99
C ALA H 1924 63.59 2.69 57.23
N ALA H 1925 64.37 3.78 57.35
CA ALA H 1925 65.65 3.85 56.67
C ALA H 1925 66.61 2.76 57.16
N ALA H 1926 66.55 2.45 58.46
CA ALA H 1926 67.39 1.37 58.99
C ALA H 1926 66.92 0.01 58.49
N SER H 1927 65.61 -0.15 58.24
CA SER H 1927 65.12 -1.40 57.72
C SER H 1927 65.46 -1.61 56.26
N VAL H 1928 65.46 -0.53 55.47
CA VAL H 1928 65.84 -0.65 54.06
C VAL H 1928 67.35 -0.79 53.87
N ILE H 1929 68.16 -0.20 54.76
CA ILE H 1929 69.61 -0.25 54.61
C ILE H 1929 70.12 -1.63 55.03
N ASP H 1930 71.32 -1.95 54.53
CA ASP H 1930 72.04 -3.17 54.92
C ASP H 1930 71.28 -4.43 54.52
N ASN H 1931 70.67 -4.40 53.34
CA ASN H 1931 69.98 -5.58 52.82
C ASN H 1931 69.79 -5.40 51.32
N ASN H 1932 69.90 -6.52 50.60
CA ASN H 1932 69.73 -6.53 49.15
C ASN H 1932 68.49 -7.28 48.68
N GLU H 1933 67.99 -8.24 49.49
CA GLU H 1933 66.81 -8.99 49.09
C GLU H 1933 65.57 -8.11 49.11
N LEU H 1934 65.33 -7.39 50.21
CA LEU H 1934 64.17 -6.53 50.31
C LEU H 1934 64.29 -5.29 49.43
N ALA H 1935 65.51 -4.90 49.06
CA ALA H 1935 65.67 -3.74 48.19
C ALA H 1935 65.16 -4.01 46.79
N LEU H 1936 65.31 -5.24 46.31
CA LEU H 1936 64.79 -5.59 44.98
C LEU H 1936 63.28 -5.74 44.99
N ALA H 1937 62.73 -6.33 46.04
CA ALA H 1937 61.28 -6.50 46.18
C ALA H 1937 60.58 -5.27 46.74
N LEU H 1938 61.29 -4.15 46.85
CA LEU H 1938 60.68 -2.94 47.40
C LEU H 1938 59.65 -2.37 46.43
N GLN H 1939 58.46 -2.08 46.93
CA GLN H 1939 57.39 -1.56 46.11
C GLN H 1939 57.54 -0.05 45.91
N GLU H 1940 56.89 0.45 44.87
CA GLU H 1940 56.97 1.87 44.52
C GLU H 1940 55.92 2.72 45.23
N GLN H 1941 55.00 2.11 45.98
CA GLN H 1941 53.97 2.87 46.67
C GLN H 1941 54.57 3.72 47.79
N ASP H 1942 55.41 3.11 48.63
CA ASP H 1942 56.08 3.87 49.68
C ASP H 1942 57.03 4.89 49.10
N LEU H 1943 57.65 4.58 47.96
CA LEU H 1943 58.51 5.55 47.28
C LEU H 1943 57.72 6.77 46.83
N GLU H 1944 56.57 6.53 46.18
CA GLU H 1944 55.72 7.65 45.76
C GLU H 1944 55.23 8.44 46.96
N LYS H 1945 54.89 7.75 48.06
CA LYS H 1945 54.42 8.45 49.25
C LYS H 1945 55.52 9.34 49.83
N VAL H 1946 56.76 8.83 49.89
CA VAL H 1946 57.82 9.61 50.51
C VAL H 1946 58.22 10.77 49.60
N VAL H 1947 58.19 10.60 48.28
CA VAL H 1947 58.51 11.73 47.42
C VAL H 1947 57.39 12.76 47.43
N SER H 1948 56.14 12.32 47.59
CA SER H 1948 55.04 13.28 47.74
C SER H 1948 55.18 14.07 49.04
N TYR H 1949 55.56 13.39 50.13
CA TYR H 1949 55.78 14.08 51.39
C TYR H 1949 56.94 15.07 51.29
N LEU H 1950 58.01 14.68 50.61
CA LEU H 1950 59.15 15.58 50.43
C LEU H 1950 58.78 16.79 49.58
N ALA H 1951 57.91 16.59 48.58
CA ALA H 1951 57.46 17.71 47.76
C ALA H 1951 56.55 18.63 48.54
N GLY H 1952 55.64 18.07 49.35
CA GLY H 1952 54.73 18.88 50.15
C GLY H 1952 55.40 19.56 51.33
N CYS H 1953 56.56 19.07 51.76
CA CYS H 1953 57.25 19.70 52.87
C CYS H 1953 57.77 21.08 52.49
N GLY H 1954 58.45 21.18 51.35
CA GLY H 1954 58.99 22.43 50.87
C GLY H 1954 58.03 23.28 50.06
N LEU H 1955 56.77 22.87 49.94
CA LEU H 1955 55.81 23.64 49.17
C LEU H 1955 55.36 24.88 49.91
N GLN H 1956 55.19 24.78 51.23
CA GLN H 1956 54.74 25.91 52.04
C GLN H 1956 55.59 25.96 53.31
N SER H 1957 55.30 26.95 54.16
CA SER H 1957 56.02 27.12 55.40
C SER H 1957 55.58 26.08 56.43
N CYS H 1958 56.47 25.79 57.38
CA CYS H 1958 56.21 24.83 58.42
C CYS H 1958 56.03 25.53 59.77
N PRO H 1959 55.05 25.11 60.57
CA PRO H 1959 54.83 25.77 61.86
C PRO H 1959 56.01 25.63 62.82
N MET H 1960 56.69 24.47 62.80
CA MET H 1960 57.83 24.29 63.69
C MET H 1960 59.02 25.13 63.25
N LEU H 1961 59.12 25.42 61.95
CA LEU H 1961 60.23 26.22 61.46
C LEU H 1961 60.00 27.71 61.71
N LEU H 1962 58.74 28.14 61.80
CA LEU H 1962 58.45 29.55 62.04
C LEU H 1962 58.80 29.95 63.47
N ALA H 1963 58.68 29.02 64.43
CA ALA H 1963 58.99 29.33 65.82
C ALA H 1963 60.49 29.43 66.06
N LYS H 1964 61.29 28.62 65.36
CA LYS H 1964 62.74 28.61 65.53
C LYS H 1964 63.46 29.25 64.34
N GLY H 1965 62.76 30.04 63.54
CA GLY H 1965 63.37 30.68 62.39
C GLY H 1965 63.09 32.16 62.31
N TYR H 1966 64.16 32.96 62.28
CA TYR H 1966 64.02 34.41 62.19
C TYR H 1966 63.64 34.87 60.79
N PRO H 1967 64.34 34.44 59.72
CA PRO H 1967 63.95 34.91 58.38
C PRO H 1967 62.64 34.30 57.89
N ASP H 1968 62.19 33.19 58.48
CA ASP H 1968 60.95 32.52 58.10
C ASP H 1968 60.96 32.14 56.61
N ILE H 1969 61.93 31.28 56.25
CA ILE H 1969 62.04 30.83 54.87
C ILE H 1969 60.87 29.91 54.53
N GLY H 1970 60.56 29.83 53.24
CA GLY H 1970 59.45 29.03 52.77
C GLY H 1970 59.60 27.54 52.98
N TRP H 1971 60.59 26.94 52.31
CA TRP H 1971 60.79 25.50 52.40
C TRP H 1971 61.54 25.15 53.68
N ASN H 1972 61.08 24.11 54.36
CA ASN H 1972 61.70 23.68 55.61
C ASN H 1972 63.03 23.00 55.32
N PRO H 1973 64.15 23.48 55.88
CA PRO H 1973 65.44 22.86 55.58
C PRO H 1973 65.69 21.58 56.36
N CYS H 1974 65.21 21.51 57.60
CA CYS H 1974 65.49 20.34 58.44
C CYS H 1974 64.65 19.15 58.01
N GLY H 1975 63.35 19.36 57.79
CA GLY H 1975 62.49 18.27 57.36
C GLY H 1975 62.84 17.76 55.99
N GLY H 1976 63.36 18.62 55.12
CA GLY H 1976 63.77 18.19 53.79
C GLY H 1976 64.90 17.18 53.84
N GLU H 1977 65.90 17.43 54.69
CA GLU H 1977 67.01 16.49 54.84
C GLU H 1977 66.54 15.17 55.44
N ARG H 1978 65.66 15.24 56.45
CA ARG H 1978 65.14 14.02 57.05
C ARG H 1978 64.29 13.21 56.07
N TYR H 1979 63.63 13.89 55.14
CA TYR H 1979 62.85 13.17 54.13
C TYR H 1979 63.74 12.60 53.03
N LEU H 1980 64.80 13.32 52.67
CA LEU H 1980 65.69 12.87 51.60
C LEU H 1980 66.64 11.77 52.07
N ASP H 1981 66.93 11.70 53.38
CA ASP H 1981 67.79 10.63 53.87
C ASP H 1981 67.20 9.26 53.63
N PHE H 1982 65.87 9.15 53.62
CA PHE H 1982 65.24 7.86 53.32
C PHE H 1982 65.63 7.38 51.93
N LEU H 1983 65.46 8.24 50.91
CA LEU H 1983 65.84 7.85 49.57
C LEU H 1983 67.35 7.67 49.44
N ARG H 1984 68.14 8.48 50.18
CA ARG H 1984 69.59 8.34 50.15
C ARG H 1984 70.02 6.97 50.63
N PHE H 1985 69.40 6.47 51.71
CA PHE H 1985 69.71 5.13 52.20
C PHE H 1985 69.05 4.04 51.38
N ALA H 1986 67.98 4.35 50.65
CA ALA H 1986 67.30 3.35 49.85
C ALA H 1986 68.00 3.09 48.53
N VAL H 1987 68.61 4.10 47.93
CA VAL H 1987 69.26 3.92 46.62
C VAL H 1987 70.58 3.17 46.74
N PHE H 1988 71.23 3.19 47.90
CA PHE H 1988 72.53 2.57 48.09
C PHE H 1988 72.36 1.21 48.76
N VAL H 1989 72.96 0.18 48.17
CA VAL H 1989 73.00 -1.16 48.76
C VAL H 1989 74.37 -1.75 48.48
N ASN H 1990 75.20 -1.86 49.52
CA ASN H 1990 76.56 -2.38 49.41
C ASN H 1990 77.36 -1.63 48.35
N GLY H 1991 77.12 -0.32 48.26
CA GLY H 1991 77.81 0.52 47.29
C GLY H 1991 77.15 0.61 45.92
N GLU H 1992 76.91 -0.54 45.30
CA GLU H 1992 76.32 -0.56 43.96
C GLU H 1992 74.85 -0.14 44.03
N SER H 1993 74.37 0.47 42.95
CA SER H 1993 73.00 0.95 42.85
C SER H 1993 72.17 0.01 42.00
N VAL H 1994 70.88 -0.08 42.31
CA VAL H 1994 69.96 -0.94 41.59
C VAL H 1994 69.42 -0.20 40.38
N GLU H 1995 69.31 -0.91 39.25
CA GLU H 1995 68.88 -0.27 38.02
C GLU H 1995 67.41 0.16 38.09
N GLU H 1996 66.52 -0.79 38.36
CA GLU H 1996 65.09 -0.49 38.38
C GLU H 1996 64.74 0.47 39.51
N ASN H 1997 65.40 0.32 40.66
CA ASN H 1997 65.15 1.22 41.79
C ASN H 1997 65.56 2.65 41.45
N ALA H 1998 66.77 2.84 40.94
CA ALA H 1998 67.21 4.18 40.55
C ALA H 1998 66.32 4.74 39.45
N ASN H 1999 65.86 3.90 38.52
CA ASN H 1999 64.97 4.36 37.47
C ASN H 1999 63.66 4.87 38.04
N VAL H 2000 63.05 4.12 38.95
CA VAL H 2000 61.75 4.55 39.46
C VAL H 2000 61.91 5.78 40.36
N VAL H 2001 63.00 5.87 41.13
CA VAL H 2001 63.17 7.05 41.98
C VAL H 2001 63.39 8.30 41.13
N VAL H 2002 64.20 8.19 40.06
CA VAL H 2002 64.38 9.38 39.23
C VAL H 2002 63.09 9.72 38.49
N ARG H 2003 62.29 8.71 38.14
CA ARG H 2003 61.02 8.97 37.48
C ARG H 2003 60.07 9.74 38.40
N LEU H 2004 59.84 9.22 39.60
CA LEU H 2004 58.98 9.92 40.56
C LEU H 2004 59.59 11.23 41.04
N LEU H 2005 60.90 11.44 40.84
CA LEU H 2005 61.50 12.72 41.21
C LEU H 2005 61.26 13.78 40.15
N ILE H 2006 61.46 13.43 38.87
CA ILE H 2006 61.23 14.41 37.81
C ILE H 2006 59.75 14.55 37.48
N ARG H 2007 58.91 13.65 37.98
CA ARG H 2007 57.47 13.77 37.73
C ARG H 2007 56.89 15.02 38.39
N LYS H 2008 57.45 15.41 39.53
CA LYS H 2008 57.00 16.61 40.24
C LYS H 2008 58.14 17.61 40.32
N PRO H 2009 58.00 18.80 39.72
CA PRO H 2009 59.09 19.78 39.78
C PRO H 2009 59.22 20.47 41.14
N GLU H 2010 58.20 20.40 41.99
CA GLU H 2010 58.27 21.07 43.29
C GLU H 2010 59.14 20.32 44.29
N CYS H 2011 59.57 19.09 43.97
CA CYS H 2011 60.41 18.35 44.90
C CYS H 2011 61.82 18.94 45.00
N PHE H 2012 62.33 19.49 43.90
CA PHE H 2012 63.65 20.09 43.90
C PHE H 2012 63.61 21.45 44.61
N GLY H 2013 64.77 22.11 44.67
CA GLY H 2013 64.87 23.42 45.27
C GLY H 2013 64.19 24.48 44.44
N PRO H 2014 63.60 25.48 45.09
CA PRO H 2014 62.92 26.55 44.34
C PRO H 2014 63.87 27.45 43.58
N ALA H 2015 65.14 27.51 43.97
CA ALA H 2015 66.10 28.37 43.27
C ALA H 2015 66.62 27.71 42.00
N LEU H 2016 66.80 26.40 42.01
CA LEU H 2016 67.32 25.66 40.86
C LEU H 2016 66.14 25.00 40.14
N ARG H 2017 65.86 25.46 38.92
CA ARG H 2017 64.77 24.94 38.11
C ARG H 2017 63.43 25.00 38.84
N LEU H 2018 71.48 28.22 40.86
CA LEU H 2018 71.94 27.24 41.84
C LEU H 2018 73.16 27.77 42.59
N LEU H 2019 74.18 28.19 41.84
CA LEU H 2019 75.42 28.65 42.46
C LEU H 2019 75.22 29.97 43.19
N ALA H 2020 74.35 30.85 42.66
CA ALA H 2020 74.15 32.15 43.30
C ALA H 2020 73.53 32.01 44.68
N THR H 2021 72.54 31.12 44.82
CA THR H 2021 71.91 30.93 46.12
C THR H 2021 72.88 30.32 47.13
N ILE H 2022 73.71 29.37 46.69
CA ILE H 2022 74.69 28.76 47.59
C ILE H 2022 75.74 29.79 48.01
N GLU H 2023 76.16 30.65 47.07
CA GLU H 2023 77.12 31.68 47.42
C GLU H 2023 76.53 32.73 48.35
N GLU H 2024 75.25 33.06 48.19
CA GLU H 2024 74.61 34.01 49.08
C GLU H 2024 74.31 33.42 50.45
N ALA H 2025 74.13 32.10 50.53
CA ALA H 2025 73.86 31.47 51.82
C ALA H 2025 75.09 31.52 52.73
N ILE H 2026 76.27 31.24 52.19
CA ILE H 2026 77.49 31.26 52.97
C ILE H 2026 78.18 32.61 52.81
N ALA H 2027 71.78 23.88 57.23
CA ALA H 2027 70.43 24.36 56.93
C ALA H 2027 70.17 24.35 55.43
N ILE H 2028 70.32 25.52 54.81
CA ILE H 2028 70.10 25.62 53.37
C ILE H 2028 71.20 24.88 52.61
N MET H 2029 72.46 25.16 52.97
CA MET H 2029 73.57 24.49 52.30
C MET H 2029 73.54 22.99 52.54
N SER H 2030 73.20 22.57 53.76
CA SER H 2030 73.12 21.14 54.05
C SER H 2030 72.00 20.47 53.26
N PHE H 2031 70.85 21.13 53.14
CA PHE H 2031 69.76 20.58 52.34
C PHE H 2031 70.15 20.47 50.88
N TYR H 2032 70.79 21.50 50.33
CA TYR H 2032 71.21 21.44 48.93
C TYR H 2032 72.27 20.36 48.72
N ALA H 2033 73.17 20.18 49.68
CA ALA H 2033 74.19 19.15 49.56
C ALA H 2033 73.55 17.76 49.60
N ALA H 2034 72.60 17.54 50.50
CA ALA H 2034 71.91 16.26 50.53
C ALA H 2034 71.15 16.02 49.23
N LEU H 2035 70.50 17.06 48.70
CA LEU H 2035 69.75 16.92 47.46
C LEU H 2035 70.66 16.56 46.29
N ILE H 2036 71.81 17.24 46.17
CA ILE H 2036 72.70 16.94 45.05
C ILE H 2036 73.37 15.59 45.22
N ASP H 2037 73.66 15.19 46.47
CA ASP H 2037 74.21 13.85 46.70
C ASP H 2037 73.19 12.78 46.33
N LEU H 2038 71.92 13.02 46.62
CA LEU H 2038 70.88 12.06 46.22
C LEU H 2038 70.74 12.01 44.71
N LEU H 2039 70.77 13.17 44.05
CA LEU H 2039 70.66 13.20 42.60
C LEU H 2039 71.85 12.50 41.94
N GLY H 2040 73.03 12.59 42.55
CA GLY H 2040 74.18 11.88 42.03
C GLY H 2040 74.24 10.41 42.38
N ARG H 2041 73.55 10.02 43.45
CA ARG H 2041 73.56 8.61 43.86
C ARG H 2041 72.76 7.75 42.89
N CYS H 2042 71.61 8.25 42.44
CA CYS H 2042 70.74 7.49 41.54
C CYS H 2042 71.26 7.45 40.11
N ALA H 2043 72.46 7.98 39.85
CA ALA H 2043 72.99 7.94 38.50
C ALA H 2043 73.53 6.55 38.18
N PRO H 2044 73.36 6.08 36.94
CA PRO H 2044 73.88 4.75 36.58
C PRO H 2044 75.39 4.72 36.48
N GLU H 2045 76.07 4.70 37.63
CA GLU H 2045 77.52 4.66 37.67
C GLU H 2045 78.10 3.31 37.30
N MET H 2046 77.26 2.32 36.99
CA MET H 2046 77.76 1.00 36.61
C MET H 2046 78.44 1.06 35.24
N HIS H 2047 79.52 0.28 35.11
CA HIS H 2047 80.24 0.26 33.84
C HIS H 2047 79.42 -0.41 32.74
N LEU H 2048 78.69 -1.49 33.09
CA LEU H 2048 77.88 -2.18 32.09
C LEU H 2048 76.67 -1.35 31.68
N ILE H 2049 76.15 -0.52 32.59
CA ILE H 2049 74.98 0.30 32.28
C ILE H 2049 75.32 1.51 31.43
N GLN H 2050 76.60 1.82 31.25
CA GLN H 2050 77.03 2.96 30.47
C GLN H 2050 77.77 2.59 29.19
N ALA H 2051 78.42 1.43 29.15
CA ALA H 2051 79.20 1.01 27.98
C ALA H 2051 78.31 0.11 27.11
N GLY H 2052 77.76 0.68 26.05
CA GLY H 2052 76.94 -0.06 25.11
C GLY H 2052 75.62 -0.53 25.69
N LYS H 2053 74.87 0.38 26.30
CA LYS H 2053 73.57 0.07 26.87
C LYS H 2053 72.44 0.79 26.14
N GLY H 2054 72.51 2.11 26.03
CA GLY H 2054 71.50 2.86 25.33
C GLY H 2054 70.28 3.19 26.16
N GLU H 2055 69.91 2.28 27.08
CA GLU H 2055 68.74 2.50 27.91
C GLU H 2055 69.00 3.52 29.01
N ALA H 2056 70.14 3.41 29.69
CA ALA H 2056 70.48 4.32 30.77
C ALA H 2056 70.96 5.68 30.28
N LEU H 2057 71.29 5.81 28.99
CA LEU H 2057 71.78 7.08 28.48
C LEU H 2057 70.73 8.17 28.58
N ARG H 2058 69.46 7.82 28.40
CA ARG H 2058 68.39 8.79 28.52
C ARG H 2058 68.36 9.40 29.92
N ILE H 2059 68.30 8.56 30.95
CA ILE H 2059 68.22 9.06 32.31
C ILE H 2059 69.53 9.72 32.71
N ARG H 2060 70.66 9.29 32.12
CA ARG H 2060 71.93 9.94 32.39
C ARG H 2060 71.93 11.38 31.89
N ALA H 2061 71.48 11.58 30.64
CA ALA H 2061 71.36 12.94 30.11
C ALA H 2061 70.36 13.74 30.92
N ILE H 2062 69.26 13.10 31.35
CA ILE H 2062 68.26 13.79 32.16
C ILE H 2062 68.89 14.33 33.44
N LEU H 2063 69.57 13.47 34.19
CA LEU H 2063 70.16 13.90 35.46
C LEU H 2063 71.34 14.85 35.26
N ARG H 2064 72.05 14.75 34.14
CA ARG H 2064 73.16 15.67 33.90
C ARG H 2064 72.70 17.03 33.44
N SER H 2065 71.50 17.12 32.84
CA SER H 2065 71.02 18.41 32.37
C SER H 2065 70.49 19.28 33.50
N LEU H 2066 70.10 18.68 34.64
CA LEU H 2066 69.72 19.48 35.80
C LEU H 2066 70.89 20.29 36.33
N VAL H 2067 71.94 19.60 36.76
CA VAL H 2067 73.12 20.26 37.35
C VAL H 2067 74.31 20.05 36.44
N PRO H 2068 74.62 21.00 35.55
CA PRO H 2068 75.78 20.84 34.66
C PRO H 2068 77.10 20.92 35.41
N LEU H 2069 78.21 20.77 34.69
CA LEU H 2069 79.52 20.87 35.32
C LEU H 2069 79.82 22.27 35.82
N ASP H 2070 79.10 23.28 35.32
CA ASP H 2070 79.34 24.66 35.76
C ASP H 2070 79.00 24.82 37.23
N ASP H 2071 77.85 24.30 37.66
CA ASP H 2071 77.48 24.38 39.07
C ASP H 2071 78.47 23.60 39.94
N LEU H 2072 78.94 22.46 39.44
CA LEU H 2072 79.90 21.67 40.20
C LEU H 2072 81.21 22.42 40.40
N VAL H 2073 81.75 23.02 39.34
CA VAL H 2073 83.02 23.73 39.46
C VAL H 2073 82.84 25.01 40.27
N GLY H 2074 81.65 25.62 40.21
CA GLY H 2074 81.40 26.80 41.02
C GLY H 2074 81.31 26.47 42.50
N ILE H 2075 80.71 25.32 42.83
CA ILE H 2075 80.65 24.89 44.23
C ILE H 2075 82.02 24.45 44.72
N ILE H 2076 82.84 23.89 43.83
CA ILE H 2076 84.19 23.51 44.22
C ILE H 2076 85.04 24.75 44.46
N SER H 2077 84.85 25.79 43.64
CA SER H 2077 85.61 27.02 43.77
C SER H 2077 85.21 27.85 44.99
N LEU H 2078 84.24 27.40 45.77
CA LEU H 2078 83.84 28.15 46.96
C LEU H 2078 84.94 28.06 48.02
N PRO H 2079 85.24 29.17 48.71
CA PRO H 2079 86.29 29.13 49.72
C PRO H 2079 85.87 28.35 50.95
N LEU H 2080 86.86 27.74 51.60
CA LEU H 2080 86.65 26.95 52.80
C LEU H 2080 87.01 27.75 54.04
N GLN H 2081 86.29 27.48 55.13
CA GLN H 2081 86.55 28.15 56.40
C GLN H 2081 87.71 27.46 57.09
N ILE H 2082 88.91 28.01 56.94
CA ILE H 2082 90.10 27.43 57.56
C ILE H 2082 90.07 27.71 59.05
N PRO H 2083 90.55 26.80 59.91
CA PRO H 2083 90.54 27.07 61.35
C PRO H 2083 91.52 28.15 61.76
N THR H 2084 92.67 28.26 61.07
CA THR H 2084 93.68 29.26 61.37
C THR H 2084 94.14 29.19 62.83
N MET H 2085 83.00 24.48 64.23
CA MET H 2085 81.85 25.34 64.00
C MET H 2085 80.82 24.65 63.10
N SER H 2086 79.78 24.09 63.71
CA SER H 2086 78.75 23.41 62.93
C SER H 2086 77.90 24.40 62.14
N ALA H 2087 77.71 25.60 62.67
CA ALA H 2087 76.91 26.60 61.96
C ALA H 2087 77.64 27.12 60.73
N SER H 2088 78.97 27.09 60.73
CA SER H 2088 79.75 27.57 59.61
C SER H 2088 79.84 26.47 58.54
N PHE H 2089 80.70 26.67 57.55
CA PHE H 2089 80.84 25.70 56.47
C PHE H 2089 81.61 24.48 56.95
N VAL H 2090 81.17 23.31 56.50
CA VAL H 2090 81.80 22.05 56.87
C VAL H 2090 82.25 21.34 55.60
N PRO H 2091 83.41 20.68 55.59
CA PRO H 2091 83.87 20.01 54.37
C PRO H 2091 82.99 18.86 53.91
N ASP H 2092 81.93 18.52 54.63
CA ASP H 2092 81.00 17.49 54.15
C ASP H 2092 80.32 17.95 52.86
N HIS H 2093 80.04 19.24 52.74
CA HIS H 2093 79.50 19.77 51.50
C HIS H 2093 80.45 19.53 50.34
N LYS H 2094 81.73 19.85 50.52
CA LYS H 2094 82.70 19.66 49.45
C LYS H 2094 82.89 18.18 49.13
N ALA H 2095 82.81 17.31 50.14
CA ALA H 2095 82.85 15.88 49.89
C ALA H 2095 81.67 15.45 49.03
N SER H 2096 80.48 15.98 49.30
CA SER H 2096 79.33 15.67 48.47
C SER H 2096 79.53 16.18 47.04
N MET H 2097 80.08 17.37 46.88
CA MET H 2097 80.33 17.92 45.55
C MET H 2097 81.30 17.04 44.77
N VAL H 2098 82.40 16.62 45.40
CA VAL H 2098 83.38 15.81 44.67
C VAL H 2098 82.82 14.41 44.39
N LEU H 2099 81.98 13.87 45.28
CA LEU H 2099 81.36 12.59 45.01
C LEU H 2099 80.41 12.69 43.82
N PHE H 2100 79.61 13.74 43.77
CA PHE H 2100 78.72 13.96 42.63
C PHE H 2100 79.53 14.11 41.34
N LEU H 2101 80.59 14.90 41.39
CA LEU H 2101 81.40 15.15 40.19
C LEU H 2101 82.05 13.87 39.70
N ASP H 2102 82.52 13.01 40.61
CA ASP H 2102 83.12 11.74 40.20
C ASP H 2102 82.08 10.72 39.78
N ARG H 2103 80.84 10.86 40.23
CA ARG H 2103 79.82 9.87 39.88
C ARG H 2103 79.17 10.18 38.53
N VAL H 2104 78.66 11.40 38.34
CA VAL H 2104 77.86 11.67 37.16
C VAL H 2104 78.73 12.06 35.96
N TYR H 2105 79.85 12.74 36.18
CA TYR H 2105 80.70 13.21 35.09
C TYR H 2105 82.07 12.57 35.10
N GLY H 2106 82.73 12.50 36.27
CA GLY H 2106 84.04 11.91 36.37
C GLY H 2106 84.05 10.41 36.17
N PHE H 2107 92.00 18.34 29.12
CA PHE H 2107 91.56 17.82 30.40
C PHE H 2107 91.28 18.95 31.38
N LEU H 2108 90.65 18.60 32.52
CA LEU H 2108 90.24 19.58 33.53
C LEU H 2108 91.25 19.66 34.68
N LEU H 2109 92.51 19.32 34.40
CA LEU H 2109 93.51 19.22 35.46
C LEU H 2109 93.84 20.58 36.08
N HIS H 2110 93.99 21.60 35.25
CA HIS H 2110 94.36 22.92 35.77
C HIS H 2110 93.26 23.51 36.64
N VAL H 2111 92.00 23.38 36.19
CA VAL H 2111 90.88 23.90 36.97
C VAL H 2111 90.71 23.07 38.25
N LEU H 2112 90.94 21.75 38.16
CA LEU H 2112 90.87 20.93 39.36
C LEU H 2112 91.96 21.30 40.36
N ASP H 2113 93.14 21.69 39.87
CA ASP H 2113 94.21 22.08 40.76
C ASP H 2113 93.94 23.43 41.41
N VAL H 2114 93.43 24.39 40.64
CA VAL H 2114 93.17 25.71 41.21
C VAL H 2114 91.95 25.66 42.13
N GLY H 2115 91.04 24.71 41.91
CA GLY H 2115 89.88 24.60 42.77
C GLY H 2115 90.21 24.00 44.13
N PHE H 2116 90.94 22.89 44.13
CA PHE H 2116 91.34 22.24 45.36
C PHE H 2116 92.57 22.93 45.96
N ALA H 2117 88.04 20.78 63.36
CA ALA H 2117 89.47 20.57 63.34
C ALA H 2117 89.83 19.36 62.48
N LEU H 2118 89.31 18.19 62.86
CA LEU H 2118 89.58 16.96 62.13
C LEU H 2118 88.67 16.77 60.92
N ALA H 2119 87.77 17.71 60.65
CA ALA H 2119 86.86 17.57 59.51
C ALA H 2119 87.61 17.74 58.19
N LEU H 2120 88.54 18.69 58.13
CA LEU H 2120 89.28 18.90 56.89
C LEU H 2120 90.27 17.76 56.62
N ASN H 2121 90.76 17.10 57.68
CA ASN H 2121 91.70 16.00 57.50
C ASN H 2121 91.01 14.79 56.86
N ARG H 2122 89.84 14.42 57.37
CA ARG H 2122 89.11 13.27 56.84
C ARG H 2122 88.48 13.56 55.49
N TYR H 2123 88.32 14.84 55.13
CA TYR H 2123 87.71 15.18 53.85
C TYR H 2123 88.63 14.83 52.69
N LEU H 2124 89.93 15.00 52.86
CA LEU H 2124 90.88 14.71 51.78
C LEU H 2124 90.95 13.21 51.51
N CYS H 2125 91.07 12.40 52.56
CA CYS H 2125 91.17 10.96 52.40
C CYS H 2125 89.85 10.30 52.07
N LEU H 2126 88.74 11.04 52.11
CA LEU H 2126 87.44 10.44 51.81
C LEU H 2126 87.26 10.22 50.31
N ALA H 2127 87.28 11.29 49.53
CA ALA H 2127 87.10 11.17 48.09
C ALA H 2127 88.07 12.00 47.26
N VAL H 2128 88.82 12.94 47.86
CA VAL H 2128 89.73 13.77 47.09
C VAL H 2128 90.93 12.94 46.63
N LEU H 2129 91.58 12.25 47.56
CA LEU H 2129 92.74 11.42 47.25
C LEU H 2129 92.35 10.22 46.38
N PRO H 2130 91.24 9.52 46.66
CA PRO H 2130 90.82 8.47 45.73
C PRO H 2130 90.51 8.98 44.33
N LEU H 2131 90.15 10.25 44.19
CA LEU H 2131 89.89 10.80 42.86
C LEU H 2131 91.18 10.94 42.07
N ILE H 2132 92.29 11.28 42.74
CA ILE H 2132 93.57 11.42 42.05
C ILE H 2132 94.10 10.07 41.60
N THR H 2133 93.83 9.01 42.36
CA THR H 2133 94.30 7.69 41.98
C THR H 2133 93.57 7.18 40.75
N LYS H 2134 92.28 7.50 40.62
CA LYS H 2134 91.53 7.08 39.43
C LYS H 2134 91.98 7.84 38.19
N CYS H 2135 92.45 9.08 38.35
CA CYS H 2135 92.93 9.89 37.25
C CYS H 2135 94.45 9.83 37.10
N ALA H 2136 95.05 8.70 37.47
CA ALA H 2136 96.51 8.58 37.36
C ALA H 2136 96.98 8.61 35.91
N PRO H 2137 96.42 7.84 34.97
CA PRO H 2137 96.87 7.97 33.58
C PRO H 2137 96.51 9.29 32.94
N LEU H 2138 95.42 9.93 33.39
CA LEU H 2138 95.04 11.23 32.84
C LEU H 2138 95.93 12.36 33.34
N PHE H 2139 96.70 12.13 34.41
CA PHE H 2139 97.57 13.16 34.94
C PHE H 2139 98.75 13.40 33.99
N ALA H 2140 99.10 14.67 33.81
CA ALA H 2140 100.20 15.04 32.94
C ALA H 2140 101.54 14.83 33.63
N MET H 2141 100.34 25.12 39.06
CA MET H 2141 101.44 24.71 39.92
C MET H 2141 101.28 23.25 40.35
N VAL H 2142 101.57 22.34 39.42
CA VAL H 2142 101.45 20.92 39.72
C VAL H 2142 102.60 20.46 40.62
N ASP H 2143 103.76 21.13 40.52
CA ASP H 2143 104.90 20.74 41.36
C ASP H 2143 104.66 21.12 42.81
N SER H 2144 104.02 22.27 43.06
CA SER H 2144 103.73 22.69 44.42
C SER H 2144 102.64 21.85 45.07
N MET H 2145 101.78 21.20 44.27
CA MET H 2145 100.73 20.37 44.85
C MET H 2145 101.29 19.09 45.44
N LEU H 2146 102.48 18.66 45.00
CA LEU H 2146 103.09 17.46 45.56
C LEU H 2146 103.72 17.73 46.92
N HIS H 2147 104.06 18.99 47.20
CA HIS H 2147 104.70 19.32 48.48
C HIS H 2147 103.68 19.33 49.61
N THR H 2148 102.49 19.88 49.38
CA THR H 2148 101.48 19.94 50.43
C THR H 2148 100.89 18.56 50.74
N VAL H 2149 101.04 17.60 49.83
CA VAL H 2149 100.55 16.25 50.10
C VAL H 2149 101.44 15.56 51.14
N TYR H 2150 102.75 15.78 51.05
CA TYR H 2150 103.66 15.19 52.03
C TYR H 2150 103.56 15.87 53.38
N ARG H 2151 103.17 17.15 53.41
CA ARG H 2151 103.04 17.85 54.68
C ARG H 2151 101.90 17.28 55.51
N LEU H 2152 100.81 16.88 54.86
CA LEU H 2152 99.70 16.27 55.59
C LEU H 2152 100.04 14.85 56.04
N SER H 2153 100.93 14.18 55.34
CA SER H 2153 101.31 12.82 55.73
C SER H 2153 102.24 12.83 56.94
N ARG H 2154 103.12 13.83 57.04
CA ARG H 2154 104.03 13.91 58.17
C ARG H 2154 103.31 14.25 59.48
N GLY H 2155 102.16 14.90 59.40
CA GLY H 2155 101.43 15.24 60.61
C GLY H 2155 100.81 14.00 61.24
N ARG H 2156 100.82 13.98 62.58
CA ARG H 2156 100.28 12.87 63.35
C ARG H 2156 98.81 13.07 63.71
N SER H 2157 98.22 14.22 63.41
CA SER H 2157 96.82 14.49 63.72
C SER H 2157 95.93 13.98 62.57
N LEU H 2158 95.92 12.66 62.42
CA LEU H 2158 95.14 12.01 61.37
C LEU H 2158 94.85 10.58 61.79
N THR H 2159 93.88 9.98 61.11
CA THR H 2159 93.49 8.60 61.39
C THR H 2159 94.52 7.64 60.79
N LYS H 2160 94.86 6.60 61.55
CA LYS H 2160 95.81 5.61 61.07
C LYS H 2160 95.30 4.91 59.81
N ALA H 2161 93.99 4.68 59.73
CA ALA H 2161 93.42 4.08 58.53
C ALA H 2161 93.44 5.07 57.37
N GLN H 2162 93.21 6.36 57.65
CA GLN H 2162 93.26 7.38 56.61
C GLN H 2162 94.69 7.73 56.22
N ARG H 2163 95.68 7.37 57.04
CA ARG H 2163 97.06 7.65 56.70
C ARG H 2163 97.52 6.84 55.49
N ASP H 2164 97.00 5.63 55.32
CA ASP H 2164 97.34 4.82 54.16
C ASP H 2164 96.79 5.42 52.88
N VAL H 2165 95.68 6.16 52.97
CA VAL H 2165 95.12 6.80 51.78
C VAL H 2165 96.03 7.92 51.30
N ILE H 2166 96.63 8.67 52.23
CA ILE H 2166 97.57 9.72 51.86
C ILE H 2166 98.82 9.12 51.25
N GLU H 2167 99.30 8.00 51.81
CA GLU H 2167 100.47 7.33 51.25
C GLU H 2167 100.16 6.70 49.91
N GLU H 2168 98.91 6.29 49.69
CA GLU H 2168 98.53 5.72 48.40
C GLU H 2168 98.49 6.77 47.30
N CYS H 2169 98.24 8.04 47.66
CA CYS H 2169 98.23 9.10 46.67
C CYS H 2169 99.63 9.36 46.12
N LEU H 2170 100.63 9.45 47.01
CA LEU H 2170 102.00 9.66 46.56
C LEU H 2170 102.54 8.44 45.83
N MET H 2171 102.05 7.24 46.17
CA MET H 2171 102.51 6.03 45.50
C MET H 2171 101.93 5.94 44.09
N ALA H 2172 100.66 6.29 43.92
CA ALA H 2172 100.06 6.24 42.59
C ALA H 2172 100.58 7.36 41.69
N LEU H 2173 101.02 8.47 42.27
CA LEU H 2173 101.56 9.59 41.51
C LEU H 2173 103.05 9.43 41.21
N CYS H 2174 103.58 8.22 41.28
CA CYS H 2174 104.99 8.01 40.98
C CYS H 2174 105.27 7.90 39.48
N ARG H 2175 104.26 7.52 38.70
CA ARG H 2175 104.38 7.39 37.25
C ARG H 2175 103.47 8.40 36.57
N TYR H 2176 103.56 8.45 35.23
CA TYR H 2176 102.79 9.35 34.38
C TYR H 2176 103.21 10.82 34.54
N ILE H 2177 104.36 11.06 35.18
CA ILE H 2177 104.97 12.38 35.23
C ILE H 2177 106.43 12.22 34.84
N ARG H 2178 107.03 13.32 34.39
CA ARG H 2178 108.42 13.34 33.96
C ARG H 2178 109.33 12.71 35.00
N PRO H 2179 110.10 11.68 34.65
CA PRO H 2179 110.91 10.97 35.67
C PRO H 2179 112.07 11.79 36.22
N SER H 2180 112.41 12.92 35.60
CA SER H 2180 113.53 13.74 36.04
C SER H 2180 113.11 15.03 36.71
N MET H 2181 112.03 15.67 36.26
CA MET H 2181 111.63 16.94 36.84
C MET H 2181 110.94 16.74 38.18
N LEU H 2182 109.99 15.79 38.25
CA LEU H 2182 109.24 15.59 39.48
C LEU H 2182 110.03 14.83 40.54
N GLN H 2183 110.87 13.87 40.12
CA GLN H 2183 111.63 13.08 41.08
C GLN H 2183 112.68 13.92 41.79
N HIS H 2184 113.27 14.90 41.09
CA HIS H 2184 114.28 15.75 41.70
C HIS H 2184 113.66 16.87 42.55
N LEU H 2185 112.50 17.39 42.13
CA LEU H 2185 111.86 18.47 42.87
C LEU H 2185 111.25 17.95 44.16
N LEU H 2186 110.64 16.77 44.12
CA LEU H 2186 110.01 16.22 45.33
C LEU H 2186 111.06 15.78 46.34
N ARG H 2187 112.16 15.21 45.87
CA ARG H 2187 113.21 14.75 46.78
C ARG H 2187 114.04 15.88 47.35
N ARG H 2188 114.02 17.06 46.71
CA ARG H 2188 114.81 18.18 47.22
C ARG H 2188 114.17 18.78 48.46
N LEU H 2189 112.85 18.90 48.47
CA LEU H 2189 112.17 19.49 49.63
C LEU H 2189 112.17 18.55 50.82
N VAL H 2190 112.10 17.24 50.59
CA VAL H 2190 112.08 16.29 51.69
C VAL H 2190 113.47 16.08 52.30
N PHE H 2191 114.53 16.37 51.55
CA PHE H 2191 115.88 16.20 52.06
C PHE H 2191 116.48 17.52 52.50
N UNK H 2192 109.70 5.04 54.53
CA UNK H 2192 108.77 4.16 53.84
C UNK H 2192 108.19 4.82 52.60
N UNK H 2193 107.83 6.09 52.74
CA UNK H 2193 107.26 6.85 51.64
C UNK H 2193 108.34 7.21 50.62
N UNK H 2194 109.57 7.35 51.10
CA UNK H 2194 110.69 7.68 50.23
C UNK H 2194 111.39 6.43 49.73
N UNK H 2195 111.15 5.31 50.42
CA UNK H 2195 111.75 4.04 50.04
C UNK H 2195 111.06 3.46 48.80
N UNK H 2196 109.74 3.56 48.78
CA UNK H 2196 108.96 3.05 47.66
C UNK H 2196 109.02 4.00 46.46
N UNK H 2197 109.33 5.26 46.74
CA UNK H 2197 109.43 6.27 45.69
C UNK H 2197 110.80 6.22 45.02
N UNK H 2198 111.74 5.53 45.66
CA UNK H 2198 113.09 5.41 45.11
C UNK H 2198 113.22 4.15 44.26
N UNK H 2199 112.47 3.12 44.61
CA UNK H 2199 112.51 1.85 43.87
C UNK H 2199 111.69 1.95 42.59
N UNK H 2200 110.72 2.85 42.58
CA UNK H 2200 109.86 3.06 41.41
C UNK H 2200 110.53 3.97 40.40
N UNK H 2201 111.26 4.96 40.89
CA UNK H 2201 111.95 5.92 40.04
C UNK H 2201 113.17 5.27 39.38
N UNK H 2202 113.77 4.30 40.06
CA UNK H 2202 114.93 3.60 39.55
C UNK H 2202 114.54 2.65 38.42
N UNK H 2203 113.32 2.10 38.51
CA UNK H 2203 112.82 1.18 37.49
C UNK H 2203 112.18 1.96 36.34
N UNK H 2204 111.91 3.24 36.58
CA UNK H 2204 111.29 4.09 35.56
C UNK H 2204 112.31 4.49 34.49
N UNK H 2205 123.15 19.43 41.10
CA UNK H 2205 121.72 19.58 41.35
C UNK H 2205 121.07 18.21 41.55
N UNK H 2206 120.61 17.62 40.47
CA UNK H 2206 119.97 16.30 40.51
C UNK H 2206 120.99 15.20 40.75
N UNK H 2207 122.18 15.39 40.20
CA UNK H 2207 123.26 14.41 40.35
C UNK H 2207 123.88 14.52 41.75
N UNK H 2208 123.85 15.72 42.32
CA UNK H 2208 124.42 15.95 43.64
C UNK H 2208 123.53 15.34 44.72
N UNK H 2209 122.22 15.37 44.49
CA UNK H 2209 121.26 14.81 45.44
C UNK H 2209 121.23 13.29 45.35
N UNK H 2210 121.58 12.77 44.18
CA UNK H 2210 121.60 11.32 43.96
C UNK H 2210 122.82 10.69 44.61
N UNK H 2211 123.91 11.44 44.66
CA UNK H 2211 125.15 10.95 45.26
C UNK H 2211 125.05 10.94 46.78
N UNK H 2212 124.31 11.91 47.32
CA UNK H 2212 124.13 12.02 48.76
C UNK H 2212 123.16 10.96 49.27
N UNK H 2213 122.19 10.61 48.42
CA UNK H 2213 121.20 9.60 48.78
C UNK H 2213 121.81 8.21 48.76
N UNK H 2214 122.76 7.99 47.87
CA UNK H 2214 123.44 6.70 47.75
C UNK H 2214 124.40 6.50 48.91
N UNK H 2215 124.90 7.60 49.47
CA UNK H 2215 125.83 7.54 50.59
C UNK H 2215 125.08 7.47 51.91
N UNK H 2216 123.84 7.95 51.91
CA UNK H 2216 123.01 7.94 53.12
C UNK H 2216 122.48 6.54 53.39
N UNK H 2217 122.33 5.74 52.33
CA UNK H 2217 121.84 4.37 52.47
C UNK H 2217 122.91 3.46 53.07
N UNK H 2218 124.16 3.71 52.70
CA UNK H 2218 125.28 2.93 53.21
C UNK H 2218 125.58 3.29 54.66
N UNK H 2219 125.31 4.55 55.01
CA UNK H 2219 125.56 5.03 56.36
C UNK H 2219 124.46 4.55 57.32
N UNK H 2220 123.27 4.33 56.76
CA UNK H 2220 122.14 3.87 57.56
C UNK H 2220 122.29 2.40 57.92
N UNK H 2221 122.90 1.64 57.03
CA UNK H 2221 123.12 0.22 57.25
C UNK H 2221 124.24 -0.01 58.27
N UNK H 2222 125.23 0.88 58.25
CA UNK H 2222 126.36 0.78 59.17
C UNK H 2222 125.95 1.17 60.58
N UNK H 2223 124.92 2.02 60.68
CA UNK H 2223 124.43 2.48 61.97
C UNK H 2223 123.60 1.40 62.64
N UNK H 2224 123.03 0.51 61.83
CA UNK H 2224 122.20 -0.57 62.34
C UNK H 2224 123.05 -1.80 62.67
N UNK H 2225 112.93 -2.00 58.29
CA UNK H 2225 114.18 -1.47 57.78
C UNK H 2225 114.75 -2.37 56.69
N UNK H 2226 114.28 -3.62 56.66
CA UNK H 2226 114.74 -4.59 55.68
C UNK H 2226 114.10 -4.31 54.31
N UNK H 2227 112.89 -3.77 54.34
CA UNK H 2227 112.17 -3.45 53.11
C UNK H 2227 112.81 -2.26 52.40
N UNK H 2228 113.30 -1.30 53.19
CA UNK H 2228 113.95 -0.11 52.65
C UNK H 2228 115.37 -0.43 52.19
N UNK H 2229 115.92 -1.52 52.72
CA UNK H 2229 117.27 -1.94 52.36
C UNK H 2229 117.31 -2.51 50.94
N UNK H 2230 116.26 -3.23 50.58
CA UNK H 2230 116.16 -3.81 49.24
C UNK H 2230 115.82 -2.75 48.21
N UNK H 2231 115.12 -1.70 48.66
CA UNK H 2231 114.75 -0.60 47.78
C UNK H 2231 115.95 0.25 47.42
N UNK H 2232 116.85 0.43 48.38
CA UNK H 2232 118.06 1.21 48.18
C UNK H 2232 119.09 0.41 47.38
N UNK H 2233 118.99 -0.92 47.47
CA UNK H 2233 119.90 -1.80 46.76
C UNK H 2233 119.56 -1.83 45.27
N UNK H 2234 118.30 -1.60 44.95
CA UNK H 2234 117.85 -1.59 43.56
C UNK H 2234 118.17 -0.24 42.90
N UNK H 2235 118.46 0.75 43.73
CA UNK H 2235 118.79 2.08 43.23
C UNK H 2235 120.27 2.16 42.84
N UNK H 2236 121.03 1.14 43.22
CA UNK H 2236 122.45 1.09 42.90
C UNK H 2236 122.69 0.26 41.63
N UNK H 2237 121.60 -0.06 40.93
CA UNK H 2237 121.69 -0.85 39.70
C UNK H 2237 121.79 0.06 38.48
N ASP H 2238 117.93 22.84 57.87
CA ASP H 2238 118.33 23.41 59.15
C ASP H 2238 119.66 24.15 59.03
N PRO H 2239 119.61 25.47 59.02
CA PRO H 2239 120.85 26.25 58.92
C PRO H 2239 121.65 26.18 60.20
N ARG H 2240 122.97 26.01 60.05
CA ARG H 2240 123.91 25.92 61.17
C ARG H 2240 125.04 26.91 60.93
N PRO H 2241 124.85 28.18 61.27
CA PRO H 2241 125.91 29.17 61.08
C PRO H 2241 127.03 28.99 62.09
N VAL H 2242 128.24 29.33 61.66
CA VAL H 2242 129.41 29.23 62.53
C VAL H 2242 129.35 30.30 63.61
N GLU H 2243 129.81 29.96 64.80
CA GLU H 2243 129.81 30.89 65.93
C GLU H 2243 130.95 31.89 65.76
N THR H 2244 130.61 33.16 65.57
CA THR H 2244 131.59 34.22 65.41
C THR H 2244 131.57 35.23 66.56
N LEU H 2245 130.84 34.93 67.64
CA LEU H 2245 130.78 35.85 68.76
C LEU H 2245 132.06 35.82 69.60
N ASN H 2246 132.60 34.63 69.84
CA ASN H 2246 133.81 34.47 70.62
C ASN H 2246 135.07 34.49 69.77
N VAL H 2247 134.98 34.92 68.51
CA VAL H 2247 136.12 34.98 67.62
C VAL H 2247 136.77 36.36 67.75
N ILE H 2248 138.07 36.37 68.02
CA ILE H 2248 138.84 37.60 68.17
CA ILE H 2248 138.84 37.60 68.17
C ILE H 2248 139.68 37.82 66.92
N ILE H 2249 139.57 39.00 66.33
CA ILE H 2249 140.32 39.34 65.12
C ILE H 2249 141.70 39.83 65.52
N PRO H 2250 142.74 39.52 64.76
CA PRO H 2250 144.09 39.98 65.12
C PRO H 2250 144.26 41.46 64.85
N GLU H 2251 145.28 42.04 65.49
CA GLU H 2251 145.55 43.46 65.32
C GLU H 2251 146.08 43.77 63.91
N LYS H 2252 146.76 42.80 63.29
N LYS H 2252 146.76 42.80 63.29
CA LYS H 2252 147.29 43.02 61.95
CA LYS H 2252 147.28 43.02 61.95
C LYS H 2252 146.19 43.00 60.89
C LYS H 2252 146.19 43.01 60.89
N LEU H 2253 145.04 42.39 61.17
CA LEU H 2253 143.94 42.33 60.23
C LEU H 2253 143.06 43.58 60.24
N ASP H 2254 143.33 44.53 61.14
CA ASP H 2254 142.55 45.75 61.18
C ASP H 2254 142.81 46.64 59.97
N SER H 2255 144.02 46.56 59.40
CA SER H 2255 144.33 47.36 58.22
C SER H 2255 143.59 46.84 56.99
N PHE H 2256 143.48 45.51 56.86
CA PHE H 2256 142.77 44.94 55.73
C PHE H 2256 141.26 45.14 55.85
N ILE H 2257 140.75 45.27 57.08
CA ILE H 2257 139.32 45.50 57.26
C ILE H 2257 138.93 46.89 56.79
N ASN H 2258 139.75 47.89 57.11
CA ASN H 2258 139.46 49.25 56.67
C ASN H 2258 139.64 49.40 55.17
N LYS H 2259 140.60 48.69 54.58
CA LYS H 2259 140.80 48.76 53.13
C LYS H 2259 139.66 48.09 52.38
N PHE H 2260 139.17 46.95 52.89
CA PHE H 2260 138.06 46.28 52.24
C PHE H 2260 136.75 47.05 52.41
N ALA H 2261 136.61 47.77 53.53
CA ALA H 2261 135.40 48.55 53.73
C ALA H 2261 135.33 49.74 52.78
N GLU H 2262 136.48 50.35 52.49
CA GLU H 2262 136.50 51.47 51.55
C GLU H 2262 136.26 51.01 50.12
N TYR H 2263 136.75 49.82 49.77
CA TYR H 2263 136.53 49.31 48.42
C TYR H 2263 135.07 48.93 48.20
N THR H 2264 134.43 48.33 49.21
CA THR H 2264 133.02 47.96 49.09
CA THR H 2264 133.02 47.96 49.09
C THR H 2264 132.14 49.19 49.01
N HIS H 2265 132.48 50.25 49.77
CA HIS H 2265 131.68 51.47 49.73
C HIS H 2265 131.87 52.21 48.41
N GLU H 2266 133.09 52.21 47.87
CA GLU H 2266 133.34 52.87 46.60
C GLU H 2266 132.66 52.13 45.44
N LYS H 2267 132.59 50.81 45.51
CA LYS H 2267 131.93 50.05 44.45
C LYS H 2267 130.43 50.31 44.42
N TRP H 2268 129.81 50.40 45.61
CA TRP H 2268 128.38 50.69 45.66
C TRP H 2268 128.10 52.13 45.25
N ALA H 2269 128.99 53.06 45.59
CA ALA H 2269 128.80 54.46 45.21
C ALA H 2269 129.03 54.66 43.72
N PHE H 2270 129.91 53.86 43.11
CA PHE H 2270 130.17 53.99 41.68
C PHE H 2270 128.96 53.52 40.86
N ASP H 2271 128.33 52.43 41.28
CA ASP H 2271 127.15 51.95 40.57
C ASP H 2271 125.96 52.88 40.77
N LYS H 2272 125.84 53.51 41.94
CA LYS H 2272 124.74 54.44 42.18
C LYS H 2272 124.95 55.74 41.44
N ILE H 2273 126.20 56.15 41.23
CA ILE H 2273 126.47 57.39 40.50
C ILE H 2273 126.10 57.29 39.03
N GLN H 2274 126.08 56.08 38.48
CA GLN H 2274 125.71 55.90 37.08
C GLN H 2274 124.22 56.14 36.84
N ASN H 2275 123.40 56.14 37.90
CA ASN H 2275 121.97 56.37 37.78
C ASN H 2275 121.59 57.82 38.04
N ASN H 2276 122.49 58.76 37.74
CA ASN H 2276 122.25 60.19 37.92
C ASN H 2276 121.92 60.54 39.37
N TRP H 2277 122.52 59.83 40.31
CA TRP H 2277 122.30 60.08 41.72
C TRP H 2277 123.36 61.03 42.28
N SER H 2278 122.97 61.81 43.28
CA SER H 2278 123.86 62.77 43.90
C SER H 2278 123.69 62.71 45.41
N TYR H 2279 124.56 63.41 46.12
CA TYR H 2279 124.50 63.43 47.57
C TYR H 2279 123.31 64.24 48.06
N GLY H 2280 122.75 63.83 49.19
CA GLY H 2280 121.60 64.50 49.75
C GLY H 2280 121.56 64.33 51.26
N GLU H 2281 120.96 65.31 51.93
CA GLU H 2281 120.87 65.26 53.39
C GLU H 2281 119.92 64.16 53.84
N ASN H 2282 118.82 63.96 53.10
CA ASN H 2282 117.83 62.94 53.43
C ASN H 2282 117.69 61.96 52.27
N ILE H 2283 117.34 60.73 52.60
CA ILE H 2283 117.18 59.70 51.58
C ILE H 2283 115.88 59.96 50.80
N ASP H 2284 115.99 59.94 49.48
CA ASP H 2284 114.83 60.16 48.62
C ASP H 2284 114.97 59.31 47.38
N GLU H 2285 114.04 58.37 47.19
CA GLU H 2285 114.08 57.51 46.01
C GLU H 2285 113.74 58.26 44.74
N GLU H 2286 112.90 59.30 44.84
CA GLU H 2286 112.54 60.07 43.65
C GLU H 2286 113.69 60.94 43.19
N LEU H 2287 114.25 61.74 44.10
CA LEU H 2287 115.36 62.63 43.76
C LEU H 2287 116.70 61.89 43.65
N LYS H 2288 116.74 60.60 43.99
CA LYS H 2288 117.95 59.79 43.92
C LYS H 2288 119.07 60.40 44.77
N THR H 2289 118.76 60.62 46.04
CA THR H 2289 119.69 61.19 46.99
C THR H 2289 120.03 60.16 48.07
N HIS H 2290 121.26 60.24 48.58
CA HIS H 2290 121.74 59.33 49.61
C HIS H 2290 122.82 60.03 50.41
N PRO H 2291 122.78 59.94 51.74
CA PRO H 2291 123.84 60.57 52.56
C PRO H 2291 125.17 59.84 52.55
N MET H 2292 125.21 58.60 52.09
CA MET H 2292 126.44 57.83 52.04
C MET H 2292 127.26 58.08 50.78
N LEU H 2293 126.79 58.96 49.90
CA LEU H 2293 127.51 59.28 48.66
C LEU H 2293 128.62 60.29 48.96
N ARG H 2294 129.67 59.79 49.62
CA ARG H 2294 130.81 60.62 50.00
C ARG H 2294 132.04 59.74 50.19
N PRO H 2295 133.20 60.33 50.47
CA PRO H 2295 134.40 59.52 50.67
C PRO H 2295 134.35 58.75 51.99
N TYR H 2296 135.03 57.61 52.00
CA TYR H 2296 135.05 56.77 53.20
C TYR H 2296 135.87 57.39 54.33
N LYS H 2297 136.83 58.26 54.00
CA LYS H 2297 137.64 58.88 55.05
C LYS H 2297 136.84 59.92 55.84
N THR H 2298 135.81 60.49 55.23
CA THR H 2298 134.98 61.49 55.88
C THR H 2298 133.85 60.87 56.70
N PHE H 2299 133.71 59.55 56.70
CA PHE H 2299 132.67 58.90 57.45
C PHE H 2299 133.05 58.76 58.92
N SER H 2300 132.05 58.75 59.79
CA SER H 2300 132.27 58.62 61.22
C SER H 2300 132.42 57.15 61.59
N GLU H 2301 132.51 56.86 62.89
CA GLU H 2301 132.64 55.48 63.33
C GLU H 2301 131.35 54.68 63.10
N LYS H 2302 130.20 55.34 63.20
CA LYS H 2302 128.94 54.63 62.98
C LYS H 2302 128.73 54.33 61.50
N ASP H 2303 129.10 55.26 60.62
CA ASP H 2303 128.95 55.02 59.19
C ASP H 2303 129.95 53.99 58.68
N LYS H 2304 131.16 53.97 59.24
CA LYS H 2304 132.17 53.00 58.82
C LYS H 2304 131.85 51.59 59.31
N GLU H 2305 131.09 51.47 60.40
CA GLU H 2305 130.74 50.15 60.93
C GLU H 2305 129.69 49.43 60.10
N ILE H 2306 129.00 50.13 59.20
CA ILE H 2306 128.00 49.49 58.36
C ILE H 2306 128.66 48.56 57.36
N TYR H 2307 129.80 48.97 56.81
CA TYR H 2307 130.53 48.14 55.85
C TYR H 2307 131.59 47.26 56.51
N ARG H 2308 132.06 47.62 57.70
CA ARG H 2308 133.07 46.82 58.38
C ARG H 2308 132.46 45.61 59.08
N TRP H 2309 131.15 45.63 59.36
CA TRP H 2309 130.50 44.51 60.03
CA TRP H 2309 130.50 44.51 60.03
C TRP H 2309 130.48 43.29 59.11
N PRO H 2310 130.23 43.48 57.81
CA PRO H 2310 130.22 42.32 56.90
C PRO H 2310 131.60 41.74 56.67
N ILE H 2311 132.65 42.56 56.66
CA ILE H 2311 133.99 42.04 56.47
C ILE H 2311 134.50 41.37 57.75
N LYS H 2312 134.12 41.87 58.91
CA LYS H 2312 134.55 41.25 60.16
C LYS H 2312 133.84 39.92 60.39
N GLU H 2313 132.57 39.82 60.00
CA GLU H 2313 131.84 38.57 60.16
C GLU H 2313 132.41 37.49 59.25
N SER H 2314 132.82 37.85 58.03
CA SER H 2314 133.40 36.88 57.12
C SER H 2314 134.79 36.45 57.58
N LEU H 2315 135.57 37.39 58.13
CA LEU H 2315 136.89 37.06 58.62
C LEU H 2315 136.83 36.21 59.90
N LYS H 2316 135.83 36.46 60.75
CA LYS H 2316 135.70 35.67 61.97
C LYS H 2316 135.28 34.24 61.67
N ALA H 2317 134.51 34.02 60.60
CA ALA H 2317 134.11 32.67 60.24
C ALA H 2317 135.30 31.86 59.74
N MET H 2318 136.21 32.49 59.01
CA MET H 2318 137.39 31.78 58.52
C MET H 2318 138.36 31.47 59.64
N ILE H 2319 138.38 32.31 60.69
CA ILE H 2319 139.28 32.04 61.82
C ILE H 2319 138.84 30.82 62.59
N ALA H 2320 137.53 30.57 62.66
CA ALA H 2320 137.03 29.40 63.37
C ALA H 2320 137.33 28.10 62.64
N TRP H 2321 137.54 28.16 61.32
CA TRP H 2321 137.85 26.98 60.52
C TRP H 2321 139.33 26.65 60.50
N GLU H 2322 140.12 27.25 61.39
CA GLU H 2322 141.55 27.01 61.49
C GLU H 2322 142.27 27.32 60.18
N TRP H 2323 141.92 28.46 59.60
CA TRP H 2323 142.52 28.93 58.36
C TRP H 2323 143.67 29.88 58.65
N THR H 2324 144.64 29.90 57.74
CA THR H 2324 145.82 30.75 57.89
C THR H 2324 145.68 31.96 56.98
N ILE H 2325 145.88 33.15 57.57
CA ILE H 2325 145.79 34.40 56.82
C ILE H 2325 146.91 35.32 57.26
N GLU H 2326 147.96 35.42 56.45
CA GLU H 2326 149.12 36.24 56.75
C GLU H 2326 149.59 36.94 55.48
N LYS H 2327 150.16 38.13 55.64
CA LYS H 2327 150.67 38.91 54.52
C LYS H 2327 152.01 38.32 54.11
N ALA H 2328 152.03 37.58 53.01
CA ALA H 2328 153.23 36.95 52.51
C ALA H 2328 153.91 37.74 51.39
N ARG H 2329 153.15 38.48 50.59
CA ARG H 2329 153.69 39.26 49.49
C ARG H 2329 153.19 40.69 49.58
N GLU H 2330 153.80 41.57 48.80
CA GLU H 2330 153.42 42.96 48.79
C GLU H 2330 152.16 43.18 47.95
N GLY H 2331 151.38 44.18 48.34
CA GLY H 2331 150.15 44.47 47.63
C GLY H 2331 150.41 45.09 46.26
N GLU H 2332 149.39 45.02 45.41
CA GLU H 2332 149.48 45.56 44.07
C GLU H 2332 149.11 47.04 44.05
N TYR H 2333 132.36 64.33 44.35
CA TYR H 2333 132.74 62.97 44.74
C TYR H 2333 132.74 62.03 43.54
N ASN H 2334 133.93 61.60 43.13
CA ASN H 2334 134.12 60.70 41.99
C ASN H 2334 134.91 59.49 42.46
N PRO H 2335 134.24 58.49 43.06
CA PRO H 2335 134.96 57.31 43.52
C PRO H 2335 135.38 56.42 42.36
N GLN H 2336 136.62 55.93 42.42
CA GLN H 2336 137.19 55.07 41.39
C GLN H 2336 137.72 53.81 42.06
N PRO H 2337 136.85 52.82 42.31
CA PRO H 2337 137.31 51.59 42.95
C PRO H 2337 138.08 50.73 41.96
N PRO H 2338 139.01 49.90 42.45
CA PRO H 2338 139.77 49.05 41.54
C PRO H 2338 138.92 47.93 40.96
N ASP H 2339 139.28 47.51 39.75
CA ASP H 2339 138.56 46.45 39.05
C ASP H 2339 139.11 45.10 39.46
N LEU H 2340 138.20 44.18 39.81
CA LEU H 2340 138.57 42.83 40.24
C LEU H 2340 138.22 41.78 39.19
N SER H 2341 137.93 42.21 37.95
CA SER H 2341 137.59 41.25 36.90
C SER H 2341 138.81 40.47 36.42
N GLY H 2342 140.00 41.05 36.56
CA GLY H 2342 141.24 40.42 36.13
C GLY H 2342 141.90 39.54 37.17
N VAL H 2343 141.26 39.32 38.32
CA VAL H 2343 141.82 38.49 39.38
C VAL H 2343 141.38 37.05 39.12
N THR H 2344 142.35 36.15 38.98
CA THR H 2344 142.09 34.74 38.72
C THR H 2344 142.30 33.95 40.00
N LEU H 2345 141.29 33.16 40.37
CA LEU H 2345 141.36 32.33 41.58
C LEU H 2345 141.73 30.90 41.21
N SER H 2346 142.61 30.32 42.01
CA SER H 2346 143.07 28.95 41.78
C SER H 2346 142.00 27.96 42.24
N ARG H 2347 142.34 26.66 42.14
CA ARG H 2347 141.40 25.63 42.56
C ARG H 2347 141.21 25.62 44.07
N GLU H 2348 142.28 25.90 44.82
CA GLU H 2348 142.17 25.92 46.28
CA GLU H 2348 142.17 25.92 46.28
C GLU H 2348 141.33 27.11 46.74
N LEU H 2349 141.52 28.27 46.13
CA LEU H 2349 140.73 29.44 46.51
C LEU H 2349 139.28 29.30 46.10
N GLN H 2350 139.01 28.65 44.96
CA GLN H 2350 137.63 28.46 44.52
C GLN H 2350 136.90 27.48 45.43
N ALA H 2351 137.61 26.45 45.90
CA ALA H 2351 136.97 25.49 46.81
C ALA H 2351 136.70 26.11 48.17
N MET H 2352 137.62 26.95 48.65
CA MET H 2352 137.41 27.63 49.94
C MET H 2352 136.30 28.66 49.85
N ALA H 2353 136.05 29.21 48.65
CA ALA H 2353 134.99 30.20 48.50
C ALA H 2353 133.62 29.57 48.66
N GLU H 2354 133.49 28.28 48.38
CA GLU H 2354 132.20 27.60 48.54
C GLU H 2354 131.80 27.51 50.01
N GLN H 2355 132.77 27.33 50.91
CA GLN H 2355 132.46 27.28 52.32
C GLN H 2355 132.02 28.64 52.85
N LEU H 2356 132.64 29.72 52.36
CA LEU H 2356 132.24 31.06 52.77
C LEU H 2356 130.87 31.42 52.21
N ALA H 2357 130.58 30.99 50.99
CA ALA H 2357 129.28 31.26 50.40
C ALA H 2357 128.18 30.47 51.10
N GLU H 2358 128.48 29.24 51.51
CA GLU H 2358 127.49 28.44 52.23
C GLU H 2358 127.24 28.99 53.62
N ASN H 2359 128.26 29.58 54.25
CA ASN H 2359 128.06 30.16 55.57
C ASN H 2359 127.16 31.39 55.52
N TYR H 2360 127.24 32.17 54.44
CA TYR H 2360 126.36 33.33 54.31
C TYR H 2360 124.91 32.92 54.13
N HIS H 2361 124.67 31.82 53.42
CA HIS H 2361 123.30 31.33 53.24
C HIS H 2361 122.76 30.77 54.55
N ASN H 2362 123.60 30.11 55.33
CA ASN H 2362 123.15 29.58 56.62
C ASN H 2362 122.88 30.71 57.62
N THR H 2363 123.68 31.78 57.56
CA THR H 2363 123.46 32.92 58.45
C THR H 2363 122.17 33.66 58.07
N TRP H 2364 121.99 33.93 56.77
CA TRP H 2364 120.77 34.60 56.33
C TRP H 2364 119.55 33.70 56.45
N GLY H 2365 119.74 32.39 56.27
CA GLY H 2365 118.62 31.47 56.42
C GLY H 2365 118.14 31.34 57.85
N ARG H 2366 119.07 31.37 58.80
CA ARG H 2366 118.69 31.30 60.21
C ARG H 2366 118.00 32.57 60.66
N LYS H 2367 118.44 33.73 60.17
CA LYS H 2367 117.81 34.99 60.53
C LYS H 2367 116.44 35.13 59.88
N LYS H 2368 116.26 34.57 58.69
CA LYS H 2368 114.96 34.65 58.03
C LYS H 2368 113.92 33.75 58.72
N LYS H 2369 114.36 32.63 59.29
CA LYS H 2369 113.43 31.75 59.99
C LYS H 2369 112.92 32.38 61.27
N GLN H 2370 113.80 33.09 61.99
CA GLN H 2370 113.38 33.75 63.22
C GLN H 2370 112.55 34.99 62.94
N GLU H 2371 112.83 35.68 61.83
CA GLU H 2371 112.06 36.87 61.47
C GLU H 2371 110.67 36.51 60.98
N LEU H 2372 110.53 35.39 60.27
CA LEU H 2372 109.21 34.98 59.78
C LEU H 2372 108.33 34.50 60.92
N GLU H 2373 108.89 33.76 61.88
CA GLU H 2373 108.10 33.28 63.01
C GLU H 2373 107.66 34.43 63.91
N ALA H 2374 108.47 35.48 64.02
CA ALA H 2374 108.10 36.62 64.85
C ALA H 2374 107.01 37.47 64.22
N LYS H 2375 106.78 37.32 62.92
CA LYS H 2375 105.75 38.08 62.21
C LYS H 2375 104.46 37.28 62.04
N GLY H 2376 104.35 36.11 62.64
CA GLY H 2376 103.16 35.29 62.55
C GLY H 2376 103.34 33.99 61.79
N GLY H 2377 104.54 33.69 61.32
CA GLY H 2377 104.80 32.46 60.59
C GLY H 2377 105.00 32.73 59.10
N GLY H 2378 105.01 31.63 58.35
CA GLY H 2378 105.18 31.66 56.92
C GLY H 2378 106.29 30.73 56.48
N THR H 2379 106.65 30.82 55.20
CA THR H 2379 107.70 29.99 54.63
C THR H 2379 108.49 30.82 53.63
N HIS H 2380 109.52 30.22 53.05
CA HIS H 2380 110.37 30.87 52.08
C HIS H 2380 110.92 29.83 51.11
N PRO H 2381 110.98 30.14 49.81
CA PRO H 2381 111.51 29.16 48.86
C PRO H 2381 113.02 28.96 48.96
N LEU H 2382 113.75 29.91 49.54
CA LEU H 2382 115.19 29.81 49.68
C LEU H 2382 115.61 29.12 50.97
N LEU H 2383 114.66 28.57 51.72
CA LEU H 2383 114.97 27.87 52.98
C LEU H 2383 115.29 26.41 52.69
N VAL H 2384 116.39 26.21 51.97
CA VAL H 2384 116.84 24.87 51.60
C VAL H 2384 118.35 24.79 51.76
N PRO H 2385 118.97 23.63 51.54
CA PRO H 2385 120.42 23.53 51.68
C PRO H 2385 121.15 24.24 50.55
N TYR H 2386 122.42 24.56 50.82
CA TYR H 2386 123.23 25.25 49.82
C TYR H 2386 123.52 24.35 48.62
N ASP H 2387 123.69 23.04 48.84
CA ASP H 2387 123.97 22.13 47.74
C ASP H 2387 122.75 21.90 46.85
N THR H 2388 121.54 22.12 47.37
CA THR H 2388 120.33 21.94 46.59
C THR H 2388 119.93 23.19 45.80
N LEU H 2389 120.60 24.31 46.04
CA LEU H 2389 120.26 25.54 45.32
C LEU H 2389 120.74 25.46 43.87
N THR H 2390 120.17 26.32 43.04
CA THR H 2390 120.51 26.37 41.63
C THR H 2390 121.75 27.24 41.41
N ALA H 2391 122.17 27.35 40.16
CA ALA H 2391 123.34 28.17 39.84
C ALA H 2391 123.03 29.65 39.94
N LYS H 2392 121.82 30.06 39.55
CA LYS H 2392 121.45 31.47 39.62
C LYS H 2392 121.27 31.93 41.06
N GLU H 2393 120.72 31.06 41.92
CA GLU H 2393 120.52 31.43 43.32
C GLU H 2393 121.84 31.45 44.08
N LYS H 2394 122.81 30.64 43.68
CA LYS H 2394 124.10 30.60 44.34
C LYS H 2394 125.02 31.74 43.94
N ALA H 2395 124.66 32.51 42.91
CA ALA H 2395 125.50 33.62 42.48
C ALA H 2395 125.51 34.76 43.49
N ARG H 2396 124.44 34.88 44.28
CA ARG H 2396 124.39 35.94 45.29
C ARG H 2396 125.38 35.69 46.42
N ASP H 2397 125.53 34.42 46.82
CA ASP H 2397 126.46 34.09 47.90
C ASP H 2397 127.88 33.92 47.39
N ARG H 2398 128.05 33.46 46.15
CA ARG H 2398 129.39 33.27 45.60
C ARG H 2398 130.06 34.60 45.28
N GLU H 2399 129.27 35.64 44.99
CA GLU H 2399 129.85 36.94 44.68
C GLU H 2399 130.49 37.57 45.91
N LYS H 2400 129.86 37.41 47.08
CA LYS H 2400 130.41 37.97 48.31
C LYS H 2400 131.68 37.23 48.72
N ALA H 2401 131.72 35.91 48.50
CA ALA H 2401 132.92 35.14 48.86
C ALA H 2401 134.07 35.42 47.91
N GLN H 2402 133.77 35.57 46.61
CA GLN H 2402 134.82 35.86 45.64
C GLN H 2402 135.38 37.25 45.81
N GLU H 2403 134.56 38.21 46.24
CA GLU H 2403 135.05 39.57 46.44
CA GLU H 2403 135.05 39.57 46.44
C GLU H 2403 136.05 39.64 47.59
N LEU H 2404 135.80 38.87 48.66
CA LEU H 2404 136.72 38.88 49.80
C LEU H 2404 138.03 38.16 49.47
N LEU H 2405 137.96 37.10 48.67
CA LEU H 2405 139.18 36.38 48.30
C LEU H 2405 140.02 37.17 47.31
N LYS H 2406 139.37 37.89 46.39
CA LYS H 2406 140.11 38.69 45.42
C LYS H 2406 140.78 39.89 46.07
N PHE H 2407 140.15 40.48 47.09
CA PHE H 2407 140.75 41.62 47.77
C PHE H 2407 141.94 41.19 48.61
N LEU H 2408 141.92 39.98 49.18
CA LEU H 2408 143.04 39.52 49.98
C LEU H 2408 144.23 39.16 49.10
N GLN H 2409 143.98 38.52 47.96
CA GLN H 2409 145.06 38.15 47.06
C GLN H 2409 145.71 39.38 46.43
N MET H 2410 144.95 40.46 46.23
CA MET H 2410 145.52 41.67 45.67
C MET H 2410 146.47 42.37 46.65
N ASN H 2411 146.17 42.27 47.95
CA ASN H 2411 147.00 42.87 48.98
C ASN H 2411 148.14 41.96 49.43
N GLY H 2412 148.31 40.81 48.81
CA GLY H 2412 149.38 39.90 49.18
C GLY H 2412 149.09 39.01 50.35
N TYR H 2413 147.81 38.79 50.68
CA TYR H 2413 147.42 37.93 51.78
C TYR H 2413 147.16 36.52 51.26
N ALA H 2414 147.81 35.54 51.88
CA ALA H 2414 147.67 34.13 51.49
C ALA H 2414 146.65 33.46 52.39
N VAL H 2415 145.66 32.82 51.78
CA VAL H 2415 144.60 32.11 52.50
C VAL H 2415 144.76 30.63 52.23
N THR H 2416 145.02 29.85 53.28
CA THR H 2416 145.20 28.42 53.16
C THR H 2416 144.43 27.73 54.29
N ARG H 2417 144.32 26.40 54.18
CA ARG H 2417 143.62 25.62 55.18
C ARG H 2417 144.23 24.23 55.31
N UNK H 2418 130.45 11.18 39.09
CA UNK H 2418 129.71 10.10 38.46
C UNK H 2418 130.36 8.76 38.76
N UNK H 2419 131.41 8.43 38.03
CA UNK H 2419 132.12 7.17 38.23
C UNK H 2419 133.00 7.23 39.47
N UNK H 2420 133.37 8.44 39.87
CA UNK H 2420 134.20 8.65 41.05
C UNK H 2420 133.39 8.42 42.32
N UNK H 2421 132.09 8.68 42.25
CA UNK H 2421 131.20 8.49 43.39
C UNK H 2421 130.98 7.01 43.65
N UNK H 2422 130.96 6.22 42.57
CA UNK H 2422 130.78 4.77 42.69
C UNK H 2422 132.06 4.11 43.16
N UNK H 2423 133.19 4.74 42.88
CA UNK H 2423 134.49 4.21 43.30
C UNK H 2423 134.70 4.42 44.79
N UNK H 2424 134.09 5.47 45.33
CA UNK H 2424 134.19 5.76 46.76
C UNK H 2424 133.39 4.76 47.56
N UNK H 2425 132.27 4.32 47.01
CA UNK H 2425 131.41 3.34 47.68
C UNK H 2425 132.00 1.94 47.51
N UNK H 2426 132.76 1.74 46.44
CA UNK H 2426 133.41 0.46 46.18
C UNK H 2426 134.57 0.23 47.13
N UNK H 2427 135.31 1.29 47.42
CA UNK H 2427 136.45 1.22 48.33
C UNK H 2427 135.96 1.08 49.77
N UNK H 2428 134.81 1.66 50.06
CA UNK H 2428 134.22 1.59 51.40
C UNK H 2428 133.63 0.20 51.65
N UNK H 2429 133.24 -0.47 50.56
CA UNK H 2429 132.68 -1.81 50.65
C UNK H 2429 133.75 -2.83 50.99
N UNK H 2430 134.97 -2.55 50.52
CA UNK H 2430 136.10 -3.44 50.79
C UNK H 2430 136.55 -3.31 52.24
N UNK H 2431 136.41 -2.11 52.79
CA UNK H 2431 136.78 -1.85 54.18
C UNK H 2431 135.72 -2.40 55.13
N UNK H 2432 134.47 -2.41 54.67
CA UNK H 2432 133.37 -2.92 55.47
C UNK H 2432 133.38 -4.45 55.48
N UNK H 2433 133.89 -5.04 54.41
CA UNK H 2433 133.98 -6.50 54.31
C UNK H 2433 135.08 -7.04 55.21
N UNK H 2434 136.11 -6.22 55.41
CA UNK H 2434 137.23 -6.62 56.26
C UNK H 2434 136.93 -6.34 57.73
N UNK H 2435 136.10 -5.34 57.98
CA UNK H 2435 135.72 -4.97 59.33
C UNK H 2435 134.73 -5.98 59.90
N UNK H 2436 133.93 -6.58 59.03
CA UNK H 2436 132.94 -7.56 59.45
C UNK H 2436 133.61 -8.90 59.77
N UNK H 2437 134.73 -9.17 59.11
CA UNK H 2437 135.47 -10.40 59.34
C UNK H 2437 136.25 -10.35 60.64
N UNK H 2438 136.60 -9.14 61.06
CA UNK H 2438 137.34 -8.93 62.31
C UNK H 2438 136.39 -8.96 63.51
N UNK H 2439 135.11 -8.73 63.25
CA UNK H 2439 134.10 -8.71 64.31
C UNK H 2439 133.55 -10.12 64.54
N UNK H 2440 133.72 -10.99 63.56
CA UNK H 2440 133.23 -12.36 63.66
C UNK H 2440 134.15 -13.19 64.55
N UNK H 2441 124.86 -6.68 63.64
CA UNK H 2441 124.95 -5.27 63.28
C UNK H 2441 125.84 -5.09 62.05
N UNK H 2442 127.07 -5.58 62.13
CA UNK H 2442 128.02 -5.46 61.03
C UNK H 2442 127.71 -6.51 59.95
N UNK H 2443 127.08 -7.60 60.36
CA UNK H 2443 126.72 -8.67 59.43
C UNK H 2443 125.51 -8.29 58.59
N UNK H 2444 124.63 -7.48 59.17
CA UNK H 2444 123.43 -7.04 58.47
C UNK H 2444 123.78 -5.99 57.42
N UNK H 2445 124.81 -5.21 57.69
CA UNK H 2445 125.26 -4.18 56.76
C UNK H 2445 126.00 -4.79 55.59
N UNK H 2446 126.67 -5.91 55.84
CA UNK H 2446 127.43 -6.60 54.81
C UNK H 2446 126.50 -7.30 53.83
N UNK H 2447 125.37 -7.79 54.34
CA UNK H 2447 124.38 -8.47 53.50
C UNK H 2447 123.63 -7.46 52.63
N UNK H 2448 123.41 -6.26 53.17
CA UNK H 2448 122.72 -5.21 52.44
C UNK H 2448 123.64 -4.61 51.38
N UNK H 2449 124.94 -4.63 51.64
CA UNK H 2449 125.92 -4.09 50.71
C UNK H 2449 126.23 -5.12 49.62
N UNK H 2450 125.93 -6.38 49.90
CA UNK H 2450 126.17 -7.45 48.94
C UNK H 2450 125.19 -7.35 47.77
N UNK H 2451 123.97 -6.92 48.08
CA UNK H 2451 122.94 -6.75 47.06
C UNK H 2451 123.20 -5.49 46.24
N UNK H 2452 123.80 -4.49 46.86
CA UNK H 2452 124.12 -3.24 46.20
C UNK H 2452 125.31 -3.43 45.25
N UNK H 2453 126.24 -4.28 45.66
CA UNK H 2453 127.42 -4.57 44.84
C UNK H 2453 127.05 -5.47 43.66
N UNK H 2454 126.06 -6.33 43.88
CA UNK H 2454 125.59 -7.23 42.83
C UNK H 2454 124.73 -6.49 41.82
N UNK H 2455 124.14 -5.38 42.26
CA UNK H 2455 123.29 -4.57 41.39
C UNK H 2455 124.14 -3.78 40.39
N UNK H 2456 125.36 -3.46 40.80
CA UNK H 2456 126.28 -2.72 39.94
C UNK H 2456 126.84 -3.62 38.84
N UNK H 2457 126.78 -4.93 39.07
CA UNK H 2457 127.25 -5.89 38.09
C UNK H 2457 126.32 -5.95 36.88
N UNK H 2458 125.04 -5.71 37.12
CA UNK H 2458 124.05 -5.71 36.05
C UNK H 2458 124.18 -4.47 35.18
N UNK H 2459 124.73 -3.40 35.77
CA UNK H 2459 124.91 -2.15 35.04
C UNK H 2459 126.23 -2.15 34.28
N UNK H 2460 127.08 -3.14 34.58
CA UNK H 2460 128.37 -3.26 33.92
C UNK H 2460 128.31 -4.28 32.79
N UNK H 2461 140.63 -1.36 37.63
CA UNK H 2461 141.38 -0.56 38.57
C UNK H 2461 140.97 -0.89 40.01
N UNK H 2462 140.08 -0.07 40.56
CA UNK H 2462 139.60 -0.27 41.93
C UNK H 2462 138.65 -1.46 41.99
N UNK H 2463 137.97 -1.74 40.88
CA UNK H 2463 137.03 -2.85 40.81
C UNK H 2463 137.77 -4.17 40.74
N UNK H 2464 138.97 -4.15 40.16
CA UNK H 2464 139.78 -5.35 40.04
C UNK H 2464 140.35 -5.76 41.40
N UNK H 2465 140.61 -4.77 42.25
CA UNK H 2465 141.12 -5.02 43.59
C UNK H 2465 140.02 -5.55 44.51
N UNK H 2466 138.79 -5.14 44.23
CA UNK H 2466 137.65 -5.58 45.02
C UNK H 2466 137.22 -6.99 44.62
N UNK H 2467 137.59 -7.40 43.41
CA UNK H 2467 137.25 -8.72 42.90
C UNK H 2467 138.10 -9.79 43.59
N UNK H 2468 139.34 -9.45 43.87
CA UNK H 2468 140.25 -10.39 44.53
C UNK H 2468 139.99 -10.43 46.03
N UNK H 2469 139.50 -9.31 46.57
CA UNK H 2469 139.19 -9.22 47.99
C UNK H 2469 137.92 -10.01 48.32
N UNK H 2470 137.01 -10.08 47.35
CA UNK H 2470 135.76 -10.81 47.54
C UNK H 2470 135.92 -12.27 47.15
N UNK H 2471 137.03 -12.58 46.49
CA UNK H 2471 137.31 -13.95 46.05
C UNK H 2471 137.72 -14.81 47.23
N UNK H 2472 138.37 -14.19 48.22
CA UNK H 2472 138.82 -14.91 49.41
C UNK H 2472 137.65 -15.19 50.35
N UNK H 2473 136.69 -14.28 50.38
CA UNK H 2473 135.52 -14.44 51.23
C UNK H 2473 134.55 -15.46 50.64
N UNK H 2474 134.61 -15.63 49.32
CA UNK H 2474 133.74 -16.60 48.64
C UNK H 2474 134.38 -17.97 48.62
N UNK H 2475 135.65 -18.04 49.01
CA UNK H 2475 136.38 -19.30 49.03
C UNK H 2475 135.93 -20.16 50.21
N UNK H 2476 135.59 -19.51 51.32
CA UNK H 2476 135.14 -20.21 52.52
C UNK H 2476 133.64 -20.45 52.47
N UNK H 2477 128.51 -19.68 48.89
CA UNK H 2477 127.14 -19.67 49.39
C UNK H 2477 126.23 -18.89 48.46
N UNK H 2478 125.08 -18.47 48.99
CA UNK H 2478 124.11 -17.70 48.21
C UNK H 2478 124.57 -16.26 48.03
N UNK H 2479 125.11 -15.68 49.11
CA UNK H 2479 125.58 -14.30 49.08
C UNK H 2479 126.91 -14.21 48.33
N UNK H 2480 127.66 -15.31 48.32
CA UNK H 2480 128.94 -15.35 47.64
C UNK H 2480 128.76 -15.42 46.12
N UNK H 2481 127.64 -16.00 45.70
CA UNK H 2481 127.34 -16.13 44.28
C UNK H 2481 126.96 -14.78 43.68
N UNK H 2482 126.35 -13.93 44.50
CA UNK H 2482 125.94 -12.60 44.06
C UNK H 2482 127.15 -11.68 43.93
N UNK H 2483 128.19 -11.96 44.71
CA UNK H 2483 129.41 -11.18 44.68
C UNK H 2483 130.34 -11.66 43.56
N UNK H 2484 130.03 -12.83 43.02
CA UNK H 2484 130.83 -13.41 41.94
C UNK H 2484 130.55 -12.69 40.62
N UNK H 2485 129.37 -12.11 40.52
CA UNK H 2485 128.96 -11.39 39.31
C UNK H 2485 129.63 -10.01 39.27
N UNK H 2486 129.97 -9.48 40.44
CA UNK H 2486 130.61 -8.18 40.53
C UNK H 2486 132.05 -8.24 40.03
N UNK H 2487 132.64 -9.42 40.09
CA UNK H 2487 134.03 -9.61 39.64
C UNK H 2487 134.10 -9.60 38.12
N UNK H 2488 132.99 -9.95 37.47
CA UNK H 2488 132.92 -9.98 36.01
C UNK H 2488 132.60 -8.60 35.45
N UNK H 2489 146.25 -11.81 43.46
CA UNK H 2489 146.30 -11.97 42.01
C UNK H 2489 146.59 -13.41 41.61
N UNK H 2490 147.86 -13.71 41.40
CA UNK H 2490 148.27 -15.06 41.03
C UNK H 2490 148.31 -15.99 42.24
N UNK H 2491 148.43 -15.39 43.42
CA UNK H 2491 148.48 -16.15 44.67
C UNK H 2491 147.09 -16.70 45.02
N UNK H 2492 146.06 -15.95 44.65
CA UNK H 2492 144.69 -16.37 44.92
C UNK H 2492 144.29 -17.53 44.01
N UNK H 2493 144.82 -17.54 42.80
CA UNK H 2493 144.53 -18.61 41.84
C UNK H 2493 145.26 -19.88 42.22
N UNK H 2494 146.41 -19.73 42.88
CA UNK H 2494 147.20 -20.87 43.31
C UNK H 2494 146.57 -21.55 44.52
N UNK H 2495 145.83 -20.77 45.31
CA UNK H 2495 145.16 -21.28 46.50
C UNK H 2495 143.89 -22.04 46.11
N UNK H 2496 143.36 -21.74 44.94
CA UNK H 2496 142.15 -22.40 44.45
C UNK H 2496 142.51 -23.64 43.63
N UNK H 2497 143.69 -23.61 43.02
CA UNK H 2497 144.16 -24.74 42.20
C UNK H 2497 144.68 -25.86 43.08
N UNK H 2498 145.20 -25.50 44.26
CA UNK H 2498 145.73 -26.47 45.20
C UNK H 2498 144.61 -27.24 45.88
N UNK H 2499 143.53 -26.54 46.19
CA UNK H 2499 142.37 -27.17 46.84
C UNK H 2499 141.61 -28.04 45.85
N UNK H 2500 141.66 -27.68 44.57
CA UNK H 2500 140.98 -28.44 43.53
C UNK H 2500 141.76 -29.70 43.19
N UNK H 2501 143.08 -29.64 43.37
CA UNK H 2501 143.94 -30.79 43.08
C UNK H 2501 143.82 -31.84 44.19
N UNK H 2502 143.63 -31.38 45.42
CA UNK H 2502 143.50 -32.27 46.56
C UNK H 2502 142.14 -32.95 46.55
N UNK H 2503 141.13 -32.25 46.04
CA UNK H 2503 139.78 -32.79 45.95
C UNK H 2503 139.66 -33.75 44.77
N UNK H 2504 140.55 -33.59 43.80
CA UNK H 2504 140.56 -34.45 42.61
C UNK H 2504 141.06 -35.85 42.95
N UNK H 2505 141.95 -35.92 43.93
CA UNK H 2505 142.52 -37.20 44.37
C UNK H 2505 141.51 -37.97 45.21
N UNK H 2506 140.63 -37.24 45.90
CA UNK H 2506 139.61 -37.85 46.74
C UNK H 2506 138.47 -38.40 45.88
N UNK H 2507 138.28 -37.80 44.71
CA UNK H 2507 137.22 -38.22 43.80
C UNK H 2507 137.72 -39.35 42.89
N UNK H 2508 139.03 -39.48 42.80
CA UNK H 2508 139.64 -40.52 41.97
C UNK H 2508 139.59 -41.87 42.67
N UNK H 2509 139.56 -41.83 44.00
CA UNK H 2509 139.52 -43.06 44.79
C UNK H 2509 138.09 -43.55 44.96
N UNK H 2510 136.57 -30.71 54.21
CA UNK H 2510 135.19 -30.26 54.18
C UNK H 2510 134.53 -30.61 52.86
N UNK H 2511 133.43 -31.35 52.93
CA UNK H 2511 132.70 -31.77 51.73
C UNK H 2511 131.73 -30.68 51.29
N UNK H 2512 131.36 -29.81 52.21
CA UNK H 2512 130.44 -28.72 51.92
C UNK H 2512 131.14 -27.62 51.13
N UNK H 2513 132.39 -27.35 51.48
CA UNK H 2513 133.17 -26.33 50.80
C UNK H 2513 133.75 -26.85 49.50
N UNK H 2514 133.85 -28.17 49.39
CA UNK H 2514 134.39 -28.81 48.19
C UNK H 2514 133.38 -28.74 47.04
N UNK H 2515 132.10 -28.85 47.39
CA UNK H 2515 131.04 -28.79 46.39
C UNK H 2515 130.88 -27.37 45.85
N UNK H 2516 131.14 -26.39 46.70
CA UNK H 2516 131.04 -24.99 46.32
C UNK H 2516 132.26 -24.55 45.52
N UNK H 2517 133.38 -25.24 45.75
CA UNK H 2517 134.62 -24.94 45.06
C UNK H 2517 134.56 -25.43 43.61
N UNK H 2518 133.81 -26.49 43.39
CA UNK H 2518 133.66 -27.05 42.05
C UNK H 2518 132.73 -26.19 41.20
N UNK H 2519 131.82 -25.50 41.86
CA UNK H 2519 130.87 -24.63 41.17
C UNK H 2519 131.47 -23.26 40.92
N UNK H 2520 132.35 -22.82 41.82
CA UNK H 2520 133.01 -21.53 41.71
C UNK H 2520 134.11 -21.57 40.64
N UNK H 2521 134.68 -22.76 40.44
CA UNK H 2521 135.73 -22.94 39.45
C UNK H 2521 135.16 -22.96 38.04
N UNK H 2522 133.88 -23.31 37.93
CA UNK H 2522 133.21 -23.35 36.64
C UNK H 2522 132.55 -22.01 36.33
N UNK H 2523 132.35 -21.20 37.35
CA UNK H 2523 131.73 -19.89 37.18
C UNK H 2523 132.79 -18.83 36.90
N UNK H 2524 134.00 -19.04 37.41
CA UNK H 2524 135.09 -18.10 37.21
C UNK H 2524 135.82 -18.39 35.90
N UNK H 2525 135.62 -19.60 35.36
CA UNK H 2525 136.25 -19.99 34.10
C UNK H 2525 135.56 -19.32 32.92
N UNK H 2526 134.26 -19.04 33.08
CA UNK H 2526 133.48 -18.40 32.03
C UNK H 2526 133.44 -16.89 32.23
N UNK H 2527 133.88 -16.44 33.40
CA UNK H 2527 133.88 -15.02 33.72
C UNK H 2527 135.21 -14.38 33.34
N UNK H 2528 136.28 -15.18 33.33
CA UNK H 2528 137.59 -14.69 32.97
C UNK H 2528 137.85 -14.84 31.47
N UNK H 2529 136.98 -15.59 30.80
CA UNK H 2529 137.11 -15.82 29.37
C UNK H 2529 136.20 -14.89 28.59
N UNK H 2530 135.63 -13.91 29.29
CA UNK H 2530 134.73 -12.95 28.65
C UNK H 2530 135.51 -11.94 27.80
N UNK H 2531 152.31 -20.38 33.39
CA UNK H 2531 151.04 -21.06 33.56
C UNK H 2531 151.20 -22.57 33.38
N UNK H 2532 152.42 -23.05 33.52
CA UNK H 2532 152.72 -24.46 33.38
C UNK H 2532 152.22 -25.25 34.59
N UNK H 2533 152.18 -24.59 35.74
CA UNK H 2533 151.72 -25.22 36.97
C UNK H 2533 150.21 -25.43 36.93
N UNK H 2534 149.50 -24.48 36.35
CA UNK H 2534 148.04 -24.57 36.22
C UNK H 2534 147.66 -25.58 35.15
N UNK H 2535 148.53 -25.77 34.17
CA UNK H 2535 148.30 -26.71 33.09
C UNK H 2535 148.40 -28.15 33.59
N UNK H 2536 149.31 -28.37 34.54
CA UNK H 2536 149.51 -29.69 35.13
C UNK H 2536 148.40 -30.01 36.12
N UNK H 2537 147.81 -28.97 36.70
CA UNK H 2537 146.73 -29.14 37.67
C UNK H 2537 145.44 -29.58 36.98
N UNK H 2538 145.26 -29.13 35.74
CA UNK H 2538 144.08 -29.49 34.96
C UNK H 2538 144.25 -30.87 34.34
N UNK H 2539 145.50 -31.26 34.10
CA UNK H 2539 145.80 -32.55 33.51
C UNK H 2539 145.66 -33.66 34.55
N UNK H 2540 145.84 -33.30 35.82
CA UNK H 2540 145.73 -34.25 36.92
C UNK H 2540 144.27 -34.63 37.16
N UNK H 2541 143.37 -33.68 36.90
CA UNK H 2541 141.94 -33.92 37.08
C UNK H 2541 141.37 -34.69 35.90
N UNK H 2542 142.03 -34.59 34.75
CA UNK H 2542 141.59 -35.29 33.55
C UNK H 2542 141.91 -36.78 33.64
N UNK H 2543 143.01 -37.10 34.31
CA UNK H 2543 143.42 -38.49 34.48
C UNK H 2543 142.57 -39.18 35.54
N UNK H 2544 142.02 -38.39 36.46
CA UNK H 2544 141.19 -38.92 37.53
C UNK H 2544 139.82 -39.33 36.99
N UNK H 2545 139.36 -38.64 35.96
CA UNK H 2545 138.08 -38.93 35.34
C UNK H 2545 138.22 -39.95 34.22
N UNK H 2546 139.47 -40.20 33.82
CA UNK H 2546 139.75 -41.17 32.76
C UNK H 2546 139.89 -42.58 33.32
N UNK H 2547 132.51 -34.84 39.45
CA UNK H 2547 132.34 -36.02 38.60
C UNK H 2547 132.03 -35.60 37.17
N UNK H 2548 130.75 -35.60 36.82
CA UNK H 2548 130.31 -35.23 35.49
C UNK H 2548 130.45 -33.73 35.27
N UNK H 2549 130.30 -32.97 36.35
CA UNK H 2549 130.42 -31.51 36.28
C UNK H 2549 131.88 -31.08 36.23
N UNK H 2550 132.76 -31.96 36.69
CA UNK H 2550 134.19 -31.69 36.69
C UNK H 2550 134.77 -31.78 35.28
N UNK H 2551 134.17 -32.64 34.46
CA UNK H 2551 134.62 -32.82 33.09
C UNK H 2551 134.23 -31.62 32.23
N UNK H 2552 133.14 -30.97 32.60
CA UNK H 2552 132.67 -29.79 31.88
C UNK H 2552 133.43 -28.55 32.31
N UNK H 2553 134.01 -28.60 33.51
CA UNK H 2553 134.77 -27.48 34.04
C UNK H 2553 136.15 -27.40 33.37
N UNK H 2554 136.71 -28.56 33.06
CA UNK H 2554 138.02 -28.61 32.40
C UNK H 2554 137.87 -28.41 30.90
N UNK H 2555 136.66 -28.62 30.39
CA UNK H 2555 136.38 -28.45 28.97
C UNK H 2555 136.32 -26.98 28.60
N UNK H 2556 135.75 -26.18 29.49
CA UNK H 2556 135.63 -24.74 29.27
C UNK H 2556 136.97 -24.05 29.44
N UNK H 2557 137.81 -24.62 30.30
CA UNK H 2557 139.14 -24.07 30.55
C UNK H 2557 140.10 -24.42 29.43
N UNK H 2558 139.79 -25.50 28.71
CA UNK H 2558 140.62 -25.94 27.60
C UNK H 2558 140.44 -25.03 26.39
N UNK H 2559 139.25 -24.43 26.27
CA UNK H 2559 138.95 -23.53 25.18
C UNK H 2559 139.28 -22.09 25.55
N UNK H 2560 139.62 -21.88 26.82
CA UNK H 2560 139.95 -20.54 27.31
C UNK H 2560 141.42 -20.23 27.02
N UNK H 2561 130.33 -45.36 30.16
CA UNK H 2561 131.44 -44.47 29.85
C UNK H 2561 130.93 -43.08 29.47
N UNK H 2562 130.21 -42.45 30.40
CA UNK H 2562 129.66 -41.11 30.17
C UNK H 2562 130.76 -40.05 30.23
N UNK H 2563 131.74 -40.28 31.09
CA UNK H 2563 132.85 -39.35 31.26
C UNK H 2563 133.82 -39.46 30.08
N UNK H 2564 133.85 -40.63 29.46
CA UNK H 2564 134.73 -40.86 28.32
C UNK H 2564 134.20 -40.16 27.07
N UNK H 2565 132.88 -40.14 26.93
CA UNK H 2565 132.24 -39.50 25.78
C UNK H 2565 132.25 -37.98 25.94
N UNK H 2566 132.26 -37.52 27.18
CA UNK H 2566 132.27 -36.09 27.46
C UNK H 2566 133.66 -35.50 27.25
N UNK H 2567 134.69 -36.30 27.52
CA UNK H 2567 136.07 -35.87 27.36
C UNK H 2567 136.50 -35.96 25.90
N UNK H 2568 135.82 -36.81 25.14
CA UNK H 2568 136.13 -37.00 23.73
C UNK H 2568 135.52 -35.88 22.88
N UNK H 2569 134.38 -35.37 23.33
CA UNK H 2569 133.68 -34.30 22.62
C UNK H 2569 134.42 -32.98 22.78
N UNK H 2570 135.05 -32.79 23.94
CA UNK H 2570 135.80 -31.57 24.21
C UNK H 2570 137.18 -31.61 23.57
N UNK H 2571 137.66 -32.82 23.31
CA UNK H 2571 138.97 -33.01 22.70
C UNK H 2571 138.93 -32.66 21.21
N UNK H 2572 137.83 -33.02 20.56
CA UNK H 2572 137.66 -32.75 19.14
C UNK H 2572 137.38 -31.27 18.89
N UNK H 2573 136.73 -30.63 19.86
CA UNK H 2573 136.41 -29.22 19.76
C UNK H 2573 137.67 -28.36 19.93
N UNK H 2574 138.55 -28.79 20.82
CA UNK H 2574 139.80 -28.06 21.08
C UNK H 2574 140.79 -28.29 19.94
N UNK H 2575 140.66 -29.43 19.26
CA UNK H 2575 141.54 -29.76 18.15
C UNK H 2575 141.21 -28.93 16.92
N UNK H 2576 139.92 -28.64 16.73
CA UNK H 2576 139.48 -27.85 15.59
C UNK H 2576 139.74 -26.37 15.83
N UNK H 2577 139.86 -25.99 17.09
CA UNK H 2577 140.12 -24.60 17.45
C UNK H 2577 141.59 -24.25 17.26
N UNK H 2578 141.43 -29.96 7.62
CA UNK H 2578 142.69 -30.28 8.29
C UNK H 2578 142.44 -30.66 9.75
N UNK H 2579 142.56 -29.69 10.64
CA UNK H 2579 142.35 -29.93 12.07
C UNK H 2579 140.86 -30.10 12.37
N UNK H 2580 140.02 -29.41 11.62
CA UNK H 2580 138.58 -29.49 11.80
C UNK H 2580 138.01 -30.72 11.10
N UNK H 2581 138.76 -31.22 10.11
CA UNK H 2581 138.34 -32.40 9.37
C UNK H 2581 138.50 -33.66 10.21
N UNK H 2582 139.46 -33.65 11.12
CA UNK H 2582 139.70 -34.79 12.00
C UNK H 2582 138.61 -34.89 13.05
N UNK H 2583 138.07 -33.74 13.45
CA UNK H 2583 137.01 -33.71 14.45
C UNK H 2583 135.68 -34.15 13.84
N UNK H 2584 135.55 -33.98 12.52
CA UNK H 2584 134.33 -34.36 11.82
C UNK H 2584 134.26 -35.88 11.69
N UNK H 2585 135.41 -36.53 11.64
CA UNK H 2585 135.48 -37.98 11.53
C UNK H 2585 135.06 -38.63 12.85
N UNK H 2586 135.42 -38.00 13.96
CA UNK H 2586 135.07 -38.51 15.28
C UNK H 2586 133.60 -38.24 15.59
N UNK H 2587 133.05 -37.19 14.99
CA UNK H 2587 131.65 -36.84 15.19
C UNK H 2587 130.75 -37.80 14.43
N UNK H 2588 131.26 -38.36 13.35
CA UNK H 2588 130.50 -39.32 12.54
C UNK H 2588 130.36 -40.64 13.28
N UNK H 2589 131.35 -40.97 14.10
CA UNK H 2589 131.34 -42.21 14.87
C UNK H 2589 130.42 -42.07 16.08
N UNK H 2590 130.26 -40.83 16.56
CA UNK H 2590 129.41 -40.55 17.70
C UNK H 2590 127.93 -40.62 17.30
N UNK H 2591 127.65 -40.34 16.04
CA UNK H 2591 126.29 -40.38 15.52
C UNK H 2591 125.86 -41.80 15.24
N UNK H 2592 126.83 -42.68 15.04
CA UNK H 2592 126.55 -44.09 14.77
C UNK H 2592 126.43 -44.88 16.06
N UNK H 2593 126.78 -44.25 17.18
CA UNK H 2593 126.70 -44.88 18.49
C UNK H 2593 125.43 -44.47 19.23
N UNK H 2594 123.41 -33.93 27.24
CA UNK H 2594 122.95 -32.75 26.52
C UNK H 2594 124.09 -31.77 26.28
N UNK H 2595 125.13 -31.88 27.10
CA UNK H 2595 126.29 -31.00 26.98
C UNK H 2595 127.16 -31.41 25.79
N UNK H 2596 127.15 -32.71 25.49
CA UNK H 2596 127.95 -33.23 24.38
C UNK H 2596 127.27 -32.92 23.05
N UNK H 2597 125.96 -32.74 23.07
CA UNK H 2597 125.20 -32.43 21.87
C UNK H 2597 125.41 -30.99 21.44
N UNK H 2598 125.65 -30.12 22.43
CA UNK H 2598 125.88 -28.70 22.16
C UNK H 2598 127.27 -28.47 21.59
N UNK H 2599 128.21 -29.32 21.98
CA UNK H 2599 129.58 -29.21 21.51
C UNK H 2599 129.72 -29.76 20.09
N UNK H 2600 128.85 -30.69 19.74
CA UNK H 2600 128.86 -31.30 18.41
C UNK H 2600 128.27 -30.35 17.37
N UNK H 2601 127.38 -29.47 17.83
CA UNK H 2601 126.73 -28.51 16.95
C UNK H 2601 127.69 -27.38 16.58
N UNK H 2602 128.57 -27.03 17.53
CA UNK H 2602 129.54 -25.97 17.30
C UNK H 2602 130.68 -26.46 16.41
N UNK H 2603 130.95 -27.76 16.47
CA UNK H 2603 132.01 -28.36 15.66
C UNK H 2603 131.55 -28.55 14.22
N UNK H 2604 130.25 -28.71 14.04
CA UNK H 2604 129.69 -28.91 12.71
C UNK H 2604 129.67 -27.60 11.93
N UNK H 2605 129.59 -26.48 12.65
CA UNK H 2605 129.56 -25.17 12.03
C UNK H 2605 130.98 -24.68 11.75
N UNK H 2606 131.95 -25.29 12.41
CA UNK H 2606 133.35 -24.92 12.23
C UNK H 2606 133.94 -25.58 10.98
N UNK H 2607 128.27 -36.71 5.31
CA UNK H 2607 127.55 -36.11 6.42
C UNK H 2607 126.04 -36.25 6.23
N UNK H 2608 125.63 -36.54 5.01
CA UNK H 2608 124.21 -36.70 4.69
C UNK H 2608 123.78 -38.16 4.86
N UNK H 2609 124.74 -39.07 4.74
CA UNK H 2609 124.46 -40.50 4.88
C UNK H 2609 124.25 -40.86 6.35
N UNK H 2610 124.96 -40.19 7.23
CA UNK H 2610 124.85 -40.43 8.66
C UNK H 2610 123.58 -39.83 9.21
N UNK H 2611 123.13 -38.73 8.62
CA UNK H 2611 121.91 -38.05 9.05
C UNK H 2611 120.68 -38.81 8.59
N UNK H 2612 120.81 -39.50 7.45
CA UNK H 2612 119.70 -40.27 6.90
C UNK H 2612 119.49 -41.55 7.70
N UNK H 2613 120.58 -42.10 8.22
CA UNK H 2613 120.51 -43.32 9.02
C UNK H 2613 119.89 -43.05 10.38
N UNK H 2614 120.15 -41.85 10.91
CA UNK H 2614 119.61 -41.46 12.21
C UNK H 2614 118.13 -41.13 12.09
N UNK H 2615 117.72 -40.63 10.94
CA UNK H 2615 116.32 -40.29 10.70
C UNK H 2615 115.50 -41.54 10.43
N UNK H 2616 116.12 -42.52 9.79
CA UNK H 2616 115.44 -43.78 9.47
C UNK H 2616 115.28 -44.63 10.73
N UNK H 2617 116.21 -44.48 11.67
CA UNK H 2617 116.16 -45.23 12.92
C UNK H 2617 115.08 -44.67 13.83
N UNK H 2618 114.86 -43.36 13.76
CA UNK H 2618 113.84 -42.71 14.56
C UNK H 2618 112.45 -42.96 13.99
N UNK H 2619 112.39 -43.23 12.70
CA UNK H 2619 111.13 -43.50 12.02
C UNK H 2619 110.61 -44.89 12.37
N UNK H 2620 111.54 -45.81 12.60
CA UNK H 2620 111.18 -47.18 12.96
C UNK H 2620 110.66 -47.25 14.39
N UNK H 2621 111.20 -46.40 15.25
CA UNK H 2621 110.78 -46.35 16.65
C UNK H 2621 109.42 -45.67 16.78
N UNK H 2622 109.13 -44.77 15.85
CA UNK H 2622 107.86 -44.06 15.86
C UNK H 2622 106.76 -44.91 15.24
N UNK H 2623 107.12 -45.76 14.30
CA UNK H 2623 106.17 -46.64 13.63
C UNK H 2623 105.78 -47.79 14.55
N UNK H 2624 106.70 -48.19 15.42
CA UNK H 2624 106.44 -49.29 16.36
C UNK H 2624 105.58 -48.81 17.52
N UNK H 2625 105.65 -47.51 17.80
CA UNK H 2625 104.86 -46.92 18.88
C UNK H 2625 103.44 -46.63 18.43
N UNK H 2626 103.25 -46.54 17.13
CA UNK H 2626 101.94 -46.26 16.56
C UNK H 2626 101.09 -47.53 16.51
N GLU H 2627 108.32 -45.21 26.33
CA GLU H 2627 107.73 -44.90 25.03
C GLU H 2627 107.88 -43.42 24.70
N PHE H 2628 107.15 -42.58 25.42
CA PHE H 2628 107.23 -41.14 25.18
C PHE H 2628 108.55 -40.56 25.65
N SER H 2629 109.17 -41.16 26.67
CA SER H 2629 110.44 -40.66 27.17
C SER H 2629 111.56 -40.90 26.17
N VAL H 2630 111.63 -42.10 25.59
CA VAL H 2630 112.66 -42.39 24.61
C VAL H 2630 112.41 -41.64 23.31
N LEU H 2631 111.13 -41.40 22.97
CA LEU H 2631 110.82 -40.68 21.73
C LEU H 2631 111.18 -39.20 21.86
N CYS H 2632 110.86 -38.58 22.99
CA CYS H 2632 111.18 -37.18 23.19
C CYS H 2632 112.69 -36.96 23.33
N ARG H 2633 113.41 -37.93 23.91
CA ARG H 2633 114.86 -37.79 24.04
C ARG H 2633 115.54 -37.87 22.69
N ASP H 2634 115.12 -38.80 21.83
CA ASP H 2634 115.70 -38.91 20.50
C ASP H 2634 115.32 -37.73 19.62
N LEU H 2635 114.15 -37.12 19.87
CA LEU H 2635 113.73 -35.97 19.07
C LEU H 2635 114.61 -34.76 19.33
N TYR H 2636 115.10 -34.59 20.57
CA TYR H 2636 115.98 -33.47 20.87
C TYR H 2636 117.31 -33.61 20.16
N ALA H 2637 117.85 -34.83 20.08
CA ALA H 2637 119.10 -35.04 19.38
C ALA H 2637 118.94 -34.86 17.88
N LEU H 2638 117.79 -35.28 17.33
CA LEU H 2638 117.55 -35.11 15.90
C LEU H 2638 117.31 -33.65 15.55
N TYR H 2639 116.71 -32.88 16.45
CA TYR H 2639 116.47 -31.46 16.22
C TYR H 2639 117.79 -30.70 16.22
N PRO H 2640 118.71 -31.04 17.11
CA PRO H 2640 120.01 -30.34 17.11
C PRO H 2640 120.86 -30.69 15.89
N LEU H 2641 120.82 -31.94 15.44
CA LEU H 2641 121.59 -32.31 14.25
C LEU H 2641 121.01 -31.68 13.00
N LEU H 2642 119.67 -31.60 12.89
CA LEU H 2642 119.05 -30.98 11.73
C LEU H 2642 119.27 -29.47 11.72
N ILE H 2643 119.35 -28.85 12.89
CA ILE H 2643 119.58 -27.41 12.96
C ILE H 2643 121.00 -27.07 12.50
N ARG H 2644 121.98 -27.88 12.92
CA ARG H 2644 123.36 -27.65 12.50
C ARG H 2644 123.54 -27.94 11.02
N TYR H 2645 122.83 -28.96 10.51
CA TYR H 2645 122.92 -29.29 9.09
C TYR H 2645 122.19 -28.29 8.21
N VAL H 2646 121.25 -27.53 8.78
CA VAL H 2646 120.50 -26.54 8.00
C VAL H 2646 121.38 -25.38 7.58
N ASP H 2647 122.50 -25.15 8.26
CA ASP H 2647 123.39 -24.05 7.89
C ASP H 2647 124.05 -24.31 6.54
N ASN H 2648 124.31 -25.58 6.21
CA ASN H 2648 124.92 -25.94 4.94
C ASN H 2648 123.94 -26.58 3.96
N ASN H 2649 122.73 -26.91 4.40
CA ASN H 2649 121.76 -27.53 3.50
C ASN H 2649 121.20 -26.52 2.51
N ARG H 2650 121.22 -25.23 2.83
CA ARG H 2650 120.71 -24.22 1.91
C ARG H 2650 121.61 -24.08 0.69
N ALA H 2651 122.92 -24.08 0.89
CA ALA H 2651 123.84 -23.98 -0.24
C ALA H 2651 123.89 -25.29 -1.03
N HIS H 2652 123.70 -26.43 -0.37
CA HIS H 2652 123.75 -27.70 -1.07
C HIS H 2652 122.49 -27.92 -1.91
N TRP H 2653 121.33 -27.54 -1.39
CA TRP H 2653 120.08 -27.71 -2.13
C TRP H 2653 119.98 -26.79 -3.32
N LEU H 2654 120.74 -25.69 -3.34
CA LEU H 2654 120.70 -24.77 -4.47
C LEU H 2654 121.25 -25.40 -5.73
N THR H 2655 122.35 -26.16 -5.61
CA THR H 2655 122.92 -26.82 -6.77
C THR H 2655 122.09 -28.02 -7.19
N GLU H 2656 121.72 -28.87 -6.23
CA GLU H 2656 120.92 -30.06 -6.53
C GLU H 2656 120.20 -30.47 -5.26
N PRO H 2657 118.96 -30.95 -5.35
CA PRO H 2657 118.23 -31.36 -4.15
C PRO H 2657 118.84 -32.61 -3.52
N ASN H 2658 118.74 -32.69 -2.20
CA ASN H 2658 119.29 -33.81 -1.46
C ASN H 2658 118.27 -34.94 -1.43
N PRO H 2659 118.59 -36.12 -2.00
CA PRO H 2659 117.63 -37.22 -1.95
C PRO H 2659 117.44 -37.79 -0.55
N SER H 2660 118.47 -37.74 0.30
CA SER H 2660 118.33 -38.24 1.66
C SER H 2660 117.43 -37.34 2.49
N ALA H 2661 117.50 -36.02 2.25
CA ALA H 2661 116.63 -35.10 2.98
C ALA H 2661 115.18 -35.25 2.56
N GLU H 2662 114.94 -35.51 1.28
CA GLU H 2662 113.58 -35.72 0.81
C GLU H 2662 112.99 -37.01 1.36
N GLU H 2663 113.81 -38.07 1.45
CA GLU H 2663 113.33 -39.31 2.03
C GLU H 2663 113.09 -39.18 3.53
N LEU H 2664 113.94 -38.41 4.22
CA LEU H 2664 113.75 -38.19 5.64
C LEU H 2664 112.49 -37.38 5.93
N PHE H 2665 112.13 -36.46 5.03
CA PHE H 2665 110.91 -35.68 5.21
C PHE H 2665 109.67 -36.56 5.09
N ARG H 2666 109.70 -37.56 4.22
CA ARG H 2666 108.57 -38.47 4.09
C ARG H 2666 108.39 -39.33 5.33
N MET H 2667 109.49 -39.71 5.99
CA MET H 2667 109.38 -40.47 7.23
C MET H 2667 108.78 -39.62 8.34
N VAL H 2668 109.16 -38.34 8.41
CA VAL H 2668 108.58 -37.45 9.42
C VAL H 2668 107.12 -37.16 9.10
N GLY H 2669 106.73 -37.25 7.82
CA GLY H 2669 105.34 -37.04 7.46
C GLY H 2669 104.41 -38.12 7.97
N GLU H 2670 104.93 -39.35 8.10
CA GLU H 2670 104.12 -40.43 8.65
C GLU H 2670 103.80 -40.19 10.12
N ILE H 2671 104.78 -39.70 10.89
CA ILE H 2671 104.52 -39.36 12.29
C ILE H 2671 103.66 -38.11 12.41
N PHE H 2672 103.67 -37.24 11.41
CA PHE H 2672 102.83 -36.05 11.45
C PHE H 2672 101.36 -36.41 11.31
N ILE H 2673 101.04 -37.52 10.66
CA ILE H 2673 99.65 -37.95 10.54
C ILE H 2673 99.09 -38.35 11.90
N TYR H 2674 99.92 -38.96 12.74
CA TYR H 2674 99.54 -39.33 14.09
C TYR H 2674 99.88 -38.26 15.12
N TRP H 2675 100.46 -37.14 14.69
CA TRP H 2675 100.79 -36.07 15.62
C TRP H 2675 99.54 -35.40 16.17
N SER H 2676 98.56 -35.14 15.30
CA SER H 2676 97.31 -34.51 15.71
C SER H 2676 96.16 -35.50 15.84
N LYS H 2677 96.24 -36.66 15.18
CA LYS H 2677 95.16 -37.64 15.29
C LYS H 2677 95.17 -38.30 16.67
N SER H 2678 96.34 -38.65 17.17
CA SER H 2678 96.48 -39.29 18.49
C SER H 2678 96.81 -38.21 19.51
N HIS H 2680 95.82 -37.83 20.33
CA HIS H 2680 96.03 -36.80 21.34
C HIS H 2680 96.95 -37.27 22.46
N ASN H 2681 97.08 -38.58 22.67
CA ASN H 2681 97.96 -39.07 23.73
C ASN H 2681 99.43 -38.83 23.38
N PHE H 2682 99.79 -39.03 22.11
CA PHE H 2682 101.19 -38.82 21.70
C PHE H 2682 101.56 -37.34 21.70
N LYS H 2683 100.60 -36.47 21.37
CA LYS H 2683 100.90 -35.04 21.32
C LYS H 2683 101.10 -34.46 22.72
N ARG H 2684 100.25 -34.86 23.67
CA ARG H 2684 100.36 -34.34 25.02
C ARG H 2684 101.59 -34.90 25.74
N GLU H 2685 101.92 -36.17 25.49
CA GLU H 2685 103.08 -36.78 26.13
C GLU H 2685 104.39 -36.28 25.54
N GLU H 2686 104.38 -35.77 24.31
CA GLU H 2686 105.61 -35.29 23.70
C GLU H 2686 106.07 -33.99 24.35
N GLN H 2687 105.18 -33.02 24.48
CA GLN H 2687 105.53 -31.74 25.09
C GLN H 2687 105.68 -31.82 26.59
N ASN H 2688 105.16 -32.86 27.23
CA ASN H 2688 105.26 -32.98 28.69
C ASN H 2688 106.68 -33.36 29.12
N PHE H 2689 107.39 -34.14 28.32
CA PHE H 2689 108.73 -34.57 28.66
C PHE H 2689 109.79 -33.49 28.39
N VAL H 2690 109.45 -32.44 27.64
CA VAL H 2690 110.42 -31.40 27.36
C VAL H 2690 110.75 -30.63 28.64
N VAL H 2691 109.74 -30.28 29.42
CA VAL H 2691 109.94 -29.54 30.66
C VAL H 2691 110.50 -30.46 31.74
N UNK H 2692 107.53 -26.39 18.10
CA UNK H 2692 108.60 -25.39 18.23
C UNK H 2692 109.80 -25.77 17.38
N UNK H 2693 110.65 -26.66 17.92
CA UNK H 2693 111.83 -27.10 17.21
C UNK H 2693 111.48 -28.09 16.11
N UNK H 2694 110.40 -28.84 16.33
CA UNK H 2694 109.95 -29.83 15.36
C UNK H 2694 109.27 -29.16 14.16
N UNK H 2695 108.66 -28.00 14.42
CA UNK H 2695 107.97 -27.25 13.38
C UNK H 2695 108.97 -26.54 12.47
N UNK H 2696 110.11 -26.14 13.05
CA UNK H 2696 111.14 -25.46 12.30
C UNK H 2696 111.89 -26.43 11.39
N UNK H 2697 111.99 -27.68 11.82
CA UNK H 2697 112.67 -28.71 11.05
C UNK H 2697 111.79 -29.16 9.88
N UNK H 2698 110.48 -29.18 10.09
CA UNK H 2698 109.54 -29.58 9.06
C UNK H 2698 109.37 -28.48 8.02
N UNK H 2699 109.59 -27.23 8.44
CA UNK H 2699 109.47 -26.09 7.55
C UNK H 2699 110.66 -26.02 6.60
N UNK H 2700 111.84 -26.37 7.11
CA UNK H 2700 113.05 -26.36 6.31
C UNK H 2700 113.07 -27.53 5.32
N UNK H 2701 112.45 -28.64 5.73
CA UNK H 2701 112.39 -29.82 4.89
C UNK H 2701 111.38 -29.63 3.75
N UNK H 2702 110.36 -28.83 4.01
CA UNK H 2702 109.33 -28.54 3.02
C UNK H 2702 109.85 -27.57 1.97
N UNK H 2703 110.81 -26.75 2.36
CA UNK H 2703 111.41 -25.77 1.45
C UNK H 2703 112.31 -26.47 0.43
N UNK H 2704 112.96 -27.54 0.87
CA UNK H 2704 113.84 -28.31 0.01
C UNK H 2704 113.04 -29.22 -0.91
N UNK H 2705 111.85 -29.60 -0.47
CA UNK H 2705 110.98 -30.46 -1.25
C UNK H 2705 110.28 -29.67 -2.35
N UNK H 2706 110.09 -28.38 -2.12
CA UNK H 2706 109.45 -27.51 -3.10
C UNK H 2706 110.41 -27.13 -4.21
N UNK H 2707 111.71 -27.23 -3.92
CA UNK H 2707 112.74 -26.91 -4.90
C UNK H 2707 113.12 -28.14 -5.72
N UNK H 2708 112.74 -29.30 -5.23
CA UNK H 2708 113.03 -30.56 -5.92
C UNK H 2708 112.00 -30.82 -7.03
N UNK H 2709 110.73 -30.85 -6.65
CA UNK H 2709 109.66 -31.09 -7.61
C UNK H 2709 109.04 -29.78 -8.07
N UNK H 2710 99.71 -31.51 -7.06
CA UNK H 2710 98.85 -30.43 -7.52
C UNK H 2710 98.01 -29.87 -6.39
N UNK H 2711 97.31 -28.78 -6.66
CA UNK H 2711 96.46 -28.15 -5.65
C UNK H 2711 95.20 -28.98 -5.40
N UNK H 2712 94.68 -29.59 -6.45
CA UNK H 2712 93.49 -30.42 -6.35
C UNK H 2712 93.81 -31.76 -5.70
N UNK H 2713 95.05 -32.22 -5.88
CA UNK H 2713 95.50 -33.48 -5.30
C UNK H 2713 95.88 -33.30 -3.84
N UNK H 2714 96.15 -32.05 -3.45
CA UNK H 2714 96.52 -31.74 -2.08
C UNK H 2714 95.30 -31.78 -1.17
N UNK H 2715 94.14 -31.42 -1.72
CA UNK H 2715 92.90 -31.42 -0.95
C UNK H 2715 92.38 -32.83 -0.74
N UNK H 2716 92.72 -33.72 -1.68
CA UNK H 2716 92.28 -35.11 -1.61
C UNK H 2716 93.17 -35.91 -0.65
N UNK H 2717 94.40 -35.42 -0.45
CA UNK H 2717 95.35 -36.09 0.43
C UNK H 2717 94.99 -35.85 1.89
N UNK H 2718 94.45 -34.67 2.18
CA UNK H 2718 94.05 -34.32 3.54
C UNK H 2718 92.71 -34.95 3.90
N UNK H 2719 91.92 -35.25 2.87
CA UNK H 2719 90.61 -35.86 3.07
C UNK H 2719 90.72 -37.37 3.23
N UNK H 2720 91.79 -37.94 2.66
CA UNK H 2720 92.02 -39.37 2.74
C UNK H 2720 92.66 -39.75 4.07
N UNK H 2721 99.56 -44.87 0.32
CA UNK H 2721 99.68 -44.25 -0.99
C UNK H 2721 98.33 -44.21 -1.70
N UNK H 2722 97.26 -44.06 -0.92
CA UNK H 2722 95.91 -44.01 -1.46
C UNK H 2722 95.64 -42.65 -2.10
N UNK H 2723 96.32 -41.62 -1.60
CA UNK H 2723 96.16 -40.27 -2.13
C UNK H 2723 96.85 -40.13 -3.48
N UNK H 2724 97.92 -40.90 -3.69
CA UNK H 2724 98.66 -40.86 -4.93
C UNK H 2724 97.89 -41.55 -6.05
N UNK H 2725 97.06 -42.52 -5.68
CA UNK H 2725 96.26 -43.26 -6.66
C UNK H 2725 95.08 -42.42 -7.13
N UNK H 2726 94.62 -41.50 -6.28
CA UNK H 2726 93.51 -40.63 -6.62
C UNK H 2726 93.96 -39.47 -7.50
N UNK H 2727 95.25 -39.15 -7.42
CA UNK H 2727 95.82 -38.06 -8.21
C UNK H 2727 96.15 -38.54 -9.62
N UNK H 2728 96.63 -39.77 -9.74
CA UNK H 2728 96.98 -40.34 -11.03
C UNK H 2728 95.73 -40.76 -11.80
N UNK H 2729 106.65 -16.04 -11.94
CA UNK H 2729 105.46 -16.07 -12.77
C UNK H 2729 105.15 -17.49 -13.22
N UNK H 2730 104.37 -17.61 -14.28
CA UNK H 2730 104.05 -18.90 -14.86
C UNK H 2730 105.13 -19.30 -15.86
N UNK H 2731 105.88 -18.31 -16.33
CA UNK H 2731 106.96 -18.54 -17.27
C UNK H 2731 108.31 -18.48 -16.56
N UNK H 2732 108.38 -17.68 -15.50
CA UNK H 2732 109.60 -17.54 -14.72
C UNK H 2732 109.86 -18.81 -13.90
N UNK H 2733 108.80 -19.45 -13.44
CA UNK H 2733 108.90 -20.68 -12.67
C UNK H 2733 109.23 -21.85 -13.59
N UNK H 2734 108.83 -21.74 -14.85
CA UNK H 2734 109.09 -22.78 -15.83
C UNK H 2734 110.57 -22.79 -16.22
N UNK H 2735 111.18 -21.61 -16.23
CA UNK H 2735 112.59 -21.49 -16.58
C UNK H 2735 113.47 -21.93 -15.40
N UNK H 2736 112.96 -21.74 -14.19
CA UNK H 2736 113.68 -22.14 -12.99
C UNK H 2736 113.63 -23.65 -12.78
N UNK H 2737 112.55 -24.26 -13.25
CA UNK H 2737 112.37 -25.70 -13.12
C UNK H 2737 113.12 -26.44 -14.23
N UNK H 2738 113.40 -25.71 -15.31
CA UNK H 2738 114.12 -26.30 -16.45
C UNK H 2738 115.62 -26.28 -16.21
N UNK H 2739 107.95 -41.55 -11.36
CA UNK H 2739 108.78 -40.41 -11.75
C UNK H 2739 108.04 -39.09 -11.49
N UNK H 2740 107.19 -38.70 -12.43
CA UNK H 2740 106.42 -37.47 -12.30
C UNK H 2740 105.32 -37.62 -11.26
N UNK H 2741 104.75 -38.81 -11.19
CA UNK H 2741 103.68 -39.09 -10.24
C UNK H 2741 104.23 -39.26 -8.83
N UNK H 2742 105.49 -39.70 -8.75
CA UNK H 2742 106.14 -39.89 -7.46
C UNK H 2742 106.51 -38.56 -6.83
N UNK H 2743 106.83 -37.58 -7.66
CA UNK H 2743 107.18 -36.24 -7.19
C UNK H 2743 105.96 -35.50 -6.69
N UNK H 2744 104.82 -35.76 -7.32
CA UNK H 2744 103.57 -35.13 -6.93
C UNK H 2744 102.99 -35.79 -5.68
N UNK H 2745 103.32 -37.06 -5.48
CA UNK H 2745 102.87 -37.80 -4.32
C UNK H 2745 103.55 -37.31 -3.05
N UNK H 2746 104.83 -36.95 -3.19
CA UNK H 2746 105.61 -36.44 -2.06
C UNK H 2746 105.14 -35.05 -1.68
N UNK H 2747 104.67 -34.29 -2.67
CA UNK H 2747 104.18 -32.94 -2.43
C UNK H 2747 102.78 -32.98 -1.81
N UNK H 2748 102.06 -34.07 -2.07
CA UNK H 2748 100.72 -34.24 -1.52
C UNK H 2748 100.78 -34.52 -0.02
N UNK H 2749 101.81 -35.25 0.40
CA UNK H 2749 102.00 -35.56 1.81
C UNK H 2749 102.55 -34.35 2.55
N UNK H 2750 103.31 -33.53 1.86
CA UNK H 2750 103.89 -32.32 2.44
C UNK H 2750 102.82 -31.25 2.63
N UNK H 2751 101.85 -31.22 1.71
CA UNK H 2751 100.76 -30.27 1.78
C UNK H 2751 99.76 -30.66 2.87
N UNK H 2752 99.67 -31.95 3.13
CA UNK H 2752 98.77 -32.47 4.15
C UNK H 2752 99.29 -32.13 5.55
N UNK H 2753 100.60 -32.04 5.67
CA UNK H 2753 101.23 -31.70 6.95
C UNK H 2753 101.12 -30.21 7.22
N UNK H 2754 101.03 -29.42 6.16
CA UNK H 2754 100.91 -27.96 6.28
C UNK H 2754 99.49 -27.59 6.71
N UNK H 2755 98.51 -28.36 6.26
CA UNK H 2755 97.12 -28.12 6.59
C UNK H 2755 96.84 -28.50 8.04
N UNK H 2756 97.53 -29.53 8.52
CA UNK H 2756 97.37 -30.00 9.90
C UNK H 2756 98.08 -29.07 10.87
N UNK H 2757 99.14 -28.42 10.40
CA UNK H 2757 99.90 -27.49 11.22
C UNK H 2757 99.15 -26.17 11.38
N UNK H 2758 98.32 -25.84 10.39
CA UNK H 2758 97.55 -24.61 10.42
C UNK H 2758 96.25 -24.80 11.20
N UNK H 2759 95.88 -26.07 11.41
CA UNK H 2759 94.66 -26.39 12.14
C UNK H 2759 94.89 -26.31 13.65
N PRO H 2760 80.66 -27.23 60.36
CA PRO H 2760 81.16 -28.27 61.26
C PRO H 2760 80.28 -28.45 62.50
N LEU H 2761 79.81 -29.68 62.71
CA LEU H 2761 78.96 -29.95 63.87
C LEU H 2761 79.77 -29.95 65.16
N TYR H 2762 81.00 -30.43 65.11
CA TYR H 2762 81.85 -30.44 66.30
C TYR H 2762 82.30 -29.02 66.65
N ASN H 2763 82.62 -28.84 67.93
CA ASN H 2763 83.06 -27.54 68.47
C ASN H 2763 82.02 -26.45 68.26
N LEU H 2764 80.73 -26.83 68.23
CA LEU H 2764 79.64 -25.90 68.05
C LEU H 2764 78.86 -25.72 69.35
N PRO H 2765 78.23 -24.56 69.54
CA PRO H 2765 77.44 -24.34 70.77
C PRO H 2765 76.28 -25.32 70.85
N THR H 2766 76.26 -26.14 71.89
CA THR H 2766 75.21 -27.13 72.07
C THR H 2766 73.87 -26.50 72.39
N HIS H 2767 73.84 -25.24 72.85
CA HIS H 2767 72.59 -24.60 73.15
C HIS H 2767 71.79 -24.30 71.89
N ARG H 2768 72.43 -23.67 70.91
CA ARG H 2768 71.76 -23.37 69.65
C ARG H 2768 71.64 -24.58 68.74
N ALA H 2769 72.49 -25.60 68.94
CA ALA H 2769 72.42 -26.80 68.10
C ALA H 2769 71.18 -27.61 68.41
N CYS H 2770 70.75 -27.66 69.67
CA CYS H 2770 69.56 -28.41 70.02
C CYS H 2770 68.29 -27.78 69.47
N ASN H 2771 68.25 -26.44 69.39
CA ASN H 2771 67.08 -25.77 68.85
C ASN H 2771 66.98 -25.95 67.35
N MET H 2772 68.10 -26.20 66.66
CA MET H 2772 68.07 -26.41 65.23
C MET H 2772 67.40 -27.72 64.85
N PHE H 2773 67.35 -28.70 65.76
CA PHE H 2773 66.69 -29.96 65.45
C PHE H 2773 65.18 -29.83 65.43
N LEU H 2774 64.62 -28.81 66.09
CA LEU H 2774 63.17 -28.64 66.11
C LEU H 2774 62.65 -28.23 64.74
N GLU H 2775 63.36 -27.36 64.03
CA GLU H 2775 62.92 -26.94 62.71
C GLU H 2775 63.07 -28.06 61.69
N SER H 2776 64.12 -28.86 61.80
CA SER H 2776 64.33 -29.96 60.86
C SER H 2776 63.35 -31.10 61.10
N TYR H 2777 62.92 -31.30 62.35
CA TYR H 2777 62.00 -32.38 62.66
C TYR H 2777 60.59 -32.12 62.11
N LYS H 2778 60.27 -30.86 61.79
CA LYS H 2778 58.94 -30.55 61.26
C LYS H 2778 58.75 -31.17 59.89
N ALA H 2779 59.70 -30.95 58.97
CA ALA H 2779 59.61 -31.53 57.64
C ALA H 2779 60.21 -32.92 57.54
N ALA H 2780 60.61 -33.52 58.67
CA ALA H 2780 61.22 -34.84 58.64
C ALA H 2780 60.18 -35.95 58.76
N TRP H 2781 59.37 -35.92 59.83
CA TRP H 2781 58.39 -36.96 60.07
C TRP H 2781 56.99 -36.43 60.36
N ILE H 2782 56.79 -35.11 60.38
CA ILE H 2782 55.50 -34.53 60.68
C ILE H 2782 54.75 -34.13 59.40
N LEU H 2783 55.44 -33.49 58.47
CA LEU H 2783 54.82 -33.07 57.21
C LEU H 2783 54.64 -34.22 56.22
N THR H 2784 55.17 -35.41 56.53
CA THR H 2784 55.02 -36.56 55.66
C THR H 2784 54.20 -37.68 56.29
N GLU H 2785 53.68 -37.49 57.49
CA GLU H 2785 52.87 -38.49 58.19
C GLU H 2785 51.55 -37.87 58.62
N ASP H 2786 50.89 -37.19 57.69
CA ASP H 2786 49.56 -36.64 57.96
C ASP H 2786 48.56 -37.77 58.16
N HIS H 2787 47.81 -37.69 59.26
CA HIS H 2787 46.87 -38.76 59.59
C HIS H 2787 45.65 -38.74 58.67
N SER H 2788 45.23 -37.55 58.23
CA SER H 2788 44.04 -37.37 57.40
C SER H 2788 42.82 -37.97 58.10
N PHE H 2789 42.53 -37.44 59.29
CA PHE H 2789 41.44 -37.91 60.13
C PHE H 2789 40.10 -37.29 59.75
N GLU H 2790 39.99 -36.72 58.54
CA GLU H 2790 38.76 -36.06 58.14
C GLU H 2790 37.59 -37.02 58.00
N ASP H 2791 37.86 -38.32 57.79
CA ASP H 2791 36.76 -39.26 57.58
C ASP H 2791 36.07 -39.59 58.90
N ARG H 2792 36.79 -40.16 59.86
CA ARG H 2792 36.19 -40.62 61.10
C ARG H 2792 35.71 -39.50 62.00
N MET H 2793 36.11 -38.25 61.73
CA MET H 2793 35.68 -37.14 62.58
C MET H 2793 34.24 -36.73 62.28
N ILE H 2794 33.78 -36.99 61.05
CA ILE H 2794 32.44 -36.55 60.67
C ILE H 2794 31.39 -37.61 61.00
N ASP H 2795 31.73 -38.90 60.88
CA ASP H 2795 30.74 -39.94 61.14
C ASP H 2795 30.38 -40.00 62.62
N ASP H 2796 31.38 -39.99 63.50
CA ASP H 2796 31.11 -40.07 64.93
C ASP H 2796 30.38 -38.83 65.43
N LEU H 2797 30.61 -37.67 64.82
CA LEU H 2797 29.93 -36.46 65.25
C LEU H 2797 28.47 -36.45 64.78
N SER H 2798 28.16 -37.18 63.70
CA SER H 2798 26.81 -37.25 63.17
C SER H 2798 26.17 -38.62 63.38
N LYS H 2799 26.71 -39.43 64.28
CA LYS H 2799 26.16 -40.75 64.53
C LYS H 2799 24.81 -40.66 65.24
N ALA H 2800 24.81 -40.05 66.42
CA ALA H 2800 23.58 -39.91 67.20
C ALA H 2800 23.02 -38.49 67.07
N LYS H 2801 11.21 -32.80 66.17
CA LYS H 2801 12.42 -32.94 65.37
C LYS H 2801 13.62 -32.34 66.11
N LYS H 2802 14.37 -33.18 66.81
CA LYS H 2802 15.54 -32.72 67.55
C LYS H 2802 16.69 -32.46 66.57
N PRO H 2803 17.39 -31.34 66.69
CA PRO H 2803 18.50 -31.07 65.77
C PRO H 2803 19.64 -32.06 65.97
N ASP H 2804 20.24 -32.47 64.85
CA ASP H 2804 21.34 -33.41 64.90
C ASP H 2804 22.59 -32.73 65.43
N PRO H 2805 23.53 -33.51 65.99
CA PRO H 2805 24.79 -32.90 66.46
C PRO H 2805 25.58 -32.25 65.35
N LEU H 2806 25.50 -32.77 64.12
CA LEU H 2806 26.19 -32.14 63.00
C LEU H 2806 25.46 -30.89 62.51
N HIS H 2807 24.21 -30.68 62.93
CA HIS H 2807 23.43 -29.55 62.42
C HIS H 2807 23.83 -28.25 63.10
N GLN H 2808 24.46 -28.31 64.27
CA GLN H 2808 24.78 -27.09 65.02
C GLN H 2808 26.02 -26.38 64.49
N LEU H 2809 26.96 -27.10 63.88
CA LEU H 2809 28.13 -26.45 63.32
C LEU H 2809 27.76 -25.55 62.13
N VAL H 2810 26.82 -26.00 61.30
CA VAL H 2810 26.37 -25.18 60.19
C VAL H 2810 25.59 -23.96 60.70
N LEU H 2811 24.91 -24.10 61.83
CA LEU H 2811 24.16 -22.99 62.40
C LEU H 2811 25.03 -22.10 63.30
N HIS H 2812 26.21 -22.58 63.70
CA HIS H 2812 27.07 -21.78 64.57
C HIS H 2812 27.69 -20.62 63.81
N PHE H 2813 28.23 -20.89 62.62
CA PHE H 2813 28.88 -19.84 61.83
C PHE H 2813 27.89 -18.90 61.17
N SER H 2814 26.59 -19.25 61.15
CA SER H 2814 25.61 -18.34 60.56
C SER H 2814 25.45 -17.08 61.40
N ARG H 2815 25.56 -17.21 62.73
CA ARG H 2815 25.46 -16.04 63.59
C ARG H 2815 26.71 -15.16 63.49
N THR H 2816 27.87 -15.78 63.26
CA THR H 2816 29.10 -15.00 63.15
C THR H 2816 29.15 -14.20 61.85
N ALA H 2817 28.46 -14.68 60.81
CA ALA H 2817 28.47 -13.98 59.53
C ALA H 2817 27.51 -12.79 59.52
N LEU H 2818 26.40 -12.87 60.24
CA LEU H 2818 25.39 -11.82 60.27
C LEU H 2818 25.26 -11.23 61.68
N THR H 2819 26.40 -11.01 62.34
CA THR H 2819 26.37 -10.43 63.68
C THR H 2819 26.20 -8.92 63.62
N GLU H 2820 27.11 -8.22 62.96
CA GLU H 2820 27.07 -6.77 62.86
C GLU H 2820 27.67 -6.37 61.52
N LYS H 2821 28.01 -5.08 61.38
CA LYS H 2821 28.59 -4.55 60.16
C LYS H 2821 30.10 -4.66 60.13
N SER H 2822 30.68 -5.59 60.89
CA SER H 2822 32.13 -5.77 60.89
C SER H 2822 32.61 -6.29 59.54
N LYS H 2823 33.80 -5.85 59.14
CA LYS H 2823 34.35 -6.25 57.86
C LYS H 2823 34.60 -7.76 57.81
N LEU H 2824 35.50 -8.25 58.67
CA LEU H 2824 35.85 -9.66 58.72
C LEU H 2824 36.63 -9.90 60.01
N ASP H 2825 36.99 -11.17 60.22
CA ASP H 2825 37.76 -11.55 61.40
C ASP H 2825 38.65 -12.73 61.02
N GLU H 2826 39.52 -13.12 61.94
CA GLU H 2826 40.43 -14.24 61.68
C GLU H 2826 39.67 -15.57 61.70
N ASP H 2827 39.07 -15.90 62.84
CA ASP H 2827 38.27 -17.11 63.01
C ASP H 2827 39.08 -18.36 62.64
N TYR H 2828 40.13 -18.59 63.43
CA TYR H 2828 40.98 -19.76 63.20
C TYR H 2828 40.22 -21.07 63.35
N LEU H 2829 39.15 -21.09 64.14
CA LEU H 2829 38.33 -22.29 64.28
C LEU H 2829 37.53 -22.57 63.01
N TYR H 2830 37.24 -21.54 62.21
CA TYR H 2830 36.49 -21.75 60.97
C TYR H 2830 37.35 -22.50 59.95
N MET H 2831 38.57 -22.03 59.71
CA MET H 2831 39.46 -22.68 58.76
C MET H 2831 39.88 -24.07 59.22
N ALA H 2832 39.79 -24.36 60.53
CA ALA H 2832 40.16 -25.68 61.02
C ALA H 2832 39.16 -26.73 60.56
N TYR H 2833 37.87 -26.51 60.83
CA TYR H 2833 36.84 -27.45 60.42
C TYR H 2833 36.53 -27.38 58.93
N ALA H 2834 36.94 -26.30 58.26
CA ALA H 2834 36.67 -26.17 56.83
C ALA H 2834 37.46 -27.19 56.03
N ASP H 2835 38.74 -27.34 56.33
CA ASP H 2835 39.57 -28.30 55.61
C ASP H 2835 39.20 -29.74 55.98
N ILE H 2836 38.75 -29.96 57.22
CA ILE H 2836 38.37 -31.30 57.63
C ILE H 2836 37.05 -31.72 56.99
N MET H 2837 36.09 -30.79 56.92
CA MET H 2837 34.79 -31.12 56.35
C MET H 2837 34.85 -31.25 54.84
N ALA H 2838 35.69 -30.45 54.19
CA ALA H 2838 35.78 -30.51 52.72
C ALA H 2838 36.53 -31.76 52.27
N LYS H 2839 37.56 -32.16 53.01
CA LYS H 2839 38.32 -33.35 52.62
C LYS H 2839 37.51 -34.62 52.80
N SER H 2840 36.57 -34.63 53.76
CA SER H 2840 35.75 -35.81 53.97
C SER H 2840 34.72 -36.01 52.87
N CYS H 2841 34.23 -34.91 52.28
CA CYS H 2841 33.22 -35.03 51.23
C CYS H 2841 33.85 -35.50 49.92
N HIS H 2842 35.05 -35.01 49.61
CA HIS H 2842 35.71 -35.40 48.36
C HIS H 2842 36.38 -36.76 48.49
N LEU H 2843 37.19 -36.94 49.53
CA LEU H 2843 37.89 -38.19 49.75
C LEU H 2843 37.14 -39.07 50.75
N SER H 2844 34.48 -50.61 35.28
CA SER H 2844 33.72 -50.32 34.07
C SER H 2844 32.60 -49.33 34.35
N PHE H 2845 31.45 -49.56 33.71
CA PHE H 2845 30.31 -48.67 33.91
C PHE H 2845 29.71 -48.86 35.31
N GLU H 2846 29.70 -50.10 35.81
CA GLU H 2846 29.17 -50.35 37.14
C GLU H 2846 30.07 -49.75 38.22
N GLU H 2847 31.39 -49.81 38.01
CA GLU H 2847 32.32 -49.23 38.97
C GLU H 2847 32.26 -47.71 38.94
N LYS H 2848 32.08 -47.13 37.75
CA LYS H 2848 32.00 -45.67 37.65
C LYS H 2848 30.70 -45.14 38.27
N GLU H 2849 29.58 -45.82 38.02
CA GLU H 2849 28.31 -45.39 38.60
C GLU H 2849 28.28 -45.60 40.11
N MET H 2850 29.01 -46.59 40.62
CA MET H 2850 29.04 -46.83 42.05
C MET H 2850 29.78 -45.72 42.79
N GLU H 2851 30.95 -45.33 42.26
CA GLU H 2851 31.73 -44.28 42.90
C GLU H 2851 31.06 -42.92 42.76
N LYS H 2852 30.30 -42.71 41.69
CA LYS H 2852 29.56 -41.45 41.55
C LYS H 2852 28.46 -41.33 42.59
N GLN H 2853 27.80 -42.44 42.92
CA GLN H 2853 26.79 -42.39 43.97
C GLN H 2853 27.41 -42.23 45.34
N ARG H 2854 28.55 -42.88 45.59
CA ARG H 2854 29.23 -42.74 46.88
C ARG H 2854 29.66 -41.30 47.12
N LEU H 2855 30.06 -40.58 46.06
CA LEU H 2855 30.39 -39.17 46.19
C LEU H 2855 29.14 -38.35 46.51
N LEU H 2856 27.99 -38.72 45.94
CA LEU H 2856 26.76 -37.99 46.21
C LEU H 2856 26.29 -38.20 47.65
N TYR H 2857 26.59 -39.35 48.24
CA TYR H 2857 26.22 -39.60 49.63
C TYR H 2857 27.01 -38.70 50.58
N GLN H 2858 28.31 -38.52 50.31
CA GLN H 2858 29.10 -37.60 51.11
C GLN H 2858 28.63 -36.16 50.93
N GLN H 2859 28.17 -35.81 49.73
CA GLN H 2859 27.63 -34.48 49.50
C GLN H 2859 26.26 -34.32 50.15
N ALA H 2860 25.46 -35.38 50.16
CA ALA H 2860 24.14 -35.32 50.79
C ALA H 2860 24.24 -35.25 52.32
N ARG H 2861 25.37 -35.66 52.89
CA ARG H 2861 25.55 -35.55 54.34
C ARG H 2861 25.54 -34.09 54.79
N LEU H 2862 26.08 -33.19 53.96
CA LEU H 2862 26.03 -31.77 54.24
C LEU H 2862 24.89 -31.06 53.53
N HIS H 2863 24.35 -31.65 52.46
CA HIS H 2863 23.24 -31.04 51.74
C HIS H 2863 21.96 -31.07 52.58
N ASN H 2864 21.79 -32.08 53.43
CA ASN H 2864 20.60 -32.16 54.28
C ASN H 2864 20.60 -31.05 55.31
N ARG H 2865 21.76 -30.75 55.90
CA ARG H 2865 21.87 -29.70 56.89
C ARG H 2865 22.00 -28.35 56.18
N GLY H 2866 22.21 -27.29 56.96
CA GLY H 2866 22.33 -25.96 56.39
C GLY H 2866 23.75 -25.58 56.02
N ALA H 2867 24.46 -26.51 55.36
CA ALA H 2867 25.84 -26.24 54.96
C ALA H 2867 25.91 -25.42 53.68
N ALA H 2868 24.94 -25.60 52.77
CA ALA H 2868 24.95 -24.82 51.53
C ALA H 2868 24.61 -23.36 51.77
N GLU H 2869 23.85 -23.07 52.83
CA GLU H 2869 23.49 -21.68 53.12
C GLU H 2869 24.65 -20.94 53.78
N MET H 2870 25.54 -21.65 54.47
CA MET H 2870 26.65 -21.00 55.17
C MET H 2870 27.72 -20.51 54.18
N VAL H 2871 27.90 -21.22 53.08
CA VAL H 2871 28.93 -20.83 52.11
C VAL H 2871 28.51 -19.64 51.26
N LEU H 2872 27.21 -19.33 51.20
CA LEU H 2872 26.76 -18.16 50.45
C LEU H 2872 26.77 -16.91 51.31
N GLN H 2873 26.42 -17.04 52.60
CA GLN H 2873 26.40 -15.88 53.48
C GLN H 2873 27.81 -15.40 53.82
N MET H 2874 28.78 -16.32 53.85
CA MET H 2874 30.14 -15.92 54.19
C MET H 2874 30.80 -15.14 53.06
N ILE H 2875 30.47 -15.47 51.81
CA ILE H 2875 31.03 -14.74 50.67
C ILE H 2875 30.55 -13.29 50.69
N SER H 2876 29.27 -13.08 51.00
CA SER H 2876 28.73 -11.73 51.09
C SER H 2876 29.24 -10.98 52.32
N ALA H 2877 29.70 -11.70 53.34
CA ALA H 2877 30.18 -11.07 54.55
C ALA H 2877 31.58 -10.47 54.41
N CYS H 2878 32.35 -10.91 53.40
CA CYS H 2878 33.69 -10.38 53.22
C CYS H 2878 33.68 -8.94 52.74
N LYS H 2879 32.61 -8.50 52.10
CA LYS H 2879 32.47 -7.12 51.61
C LYS H 2879 33.58 -6.74 50.64
N GLY H 2880 34.09 -7.71 49.90
CA GLY H 2880 35.14 -7.44 48.93
C GLY H 2880 36.53 -7.40 49.51
N GLU H 2881 36.86 -8.31 50.41
CA GLU H 2881 38.17 -8.37 51.05
C GLU H 2881 38.81 -9.73 50.77
N THR H 2882 40.13 -9.72 50.55
CA THR H 2882 40.88 -10.93 50.28
C THR H 2882 41.58 -11.39 51.55
N GLY H 2883 41.44 -12.67 51.87
CA GLY H 2883 42.06 -13.22 53.07
C GLY H 2883 42.15 -14.72 52.99
N ALA H 2884 42.82 -15.30 53.99
CA ALA H 2884 42.96 -16.75 54.04
C ALA H 2884 41.62 -17.44 54.30
N MET H 2885 40.71 -16.78 55.02
CA MET H 2885 39.40 -17.36 55.27
C MET H 2885 38.55 -17.39 54.01
N VAL H 2886 38.77 -16.44 53.09
CA VAL H 2886 38.01 -16.42 51.85
C VAL H 2886 38.38 -17.61 50.98
N SER H 2887 39.65 -18.02 51.01
CA SER H 2887 40.08 -19.18 50.22
C SER H 2887 39.58 -20.48 50.83
N SER H 2888 39.36 -20.51 52.15
CA SER H 2888 38.91 -21.74 52.80
C SER H 2888 37.44 -22.02 52.50
N THR H 2889 36.60 -20.98 52.45
CA THR H 2889 35.19 -21.18 52.18
C THR H 2889 34.96 -21.60 50.73
N LEU H 2890 35.76 -21.07 49.80
CA LEU H 2890 35.67 -21.49 48.41
C LEU H 2890 36.20 -22.91 48.21
N LYS H 2891 37.11 -23.36 49.08
CA LYS H 2891 37.59 -24.73 48.98
C LYS H 2891 36.51 -25.74 49.34
N LEU H 2892 35.67 -25.40 50.32
CA LEU H 2892 34.58 -26.28 50.72
C LEU H 2892 33.40 -26.21 49.75
N GLY H 2893 33.22 -25.06 49.08
CA GLY H 2893 32.11 -24.93 48.15
C GLY H 2893 32.27 -25.79 46.92
N ILE H 2894 33.49 -25.86 46.37
CA ILE H 2894 33.72 -26.68 45.19
C ILE H 2894 33.68 -28.16 45.50
N SER H 2895 33.82 -28.54 46.77
CA SER H 2895 33.79 -29.96 47.14
C SER H 2895 32.37 -30.52 47.12
N ILE H 2896 31.35 -29.67 47.22
CA ILE H 2896 29.98 -30.16 47.24
C ILE H 2896 29.48 -30.41 45.82
N LEU H 2897 29.77 -29.49 44.89
CA LEU H 2897 29.31 -29.59 43.52
C LEU H 2897 30.30 -30.33 42.62
N ASN H 2898 31.29 -31.00 43.20
CA ASN H 2898 32.35 -31.61 42.40
C ASN H 2898 31.80 -32.68 41.47
N GLY H 2899 30.83 -33.47 41.94
CA GLY H 2899 30.26 -34.51 41.08
C GLY H 2899 29.39 -33.96 39.97
N GLY H 2900 28.81 -32.78 40.16
CA GLY H 2900 27.94 -32.17 39.17
C GLY H 2900 26.46 -32.28 39.47
N ASN H 2901 26.08 -32.72 40.67
CA ASN H 2901 24.69 -32.85 41.02
C ASN H 2901 24.01 -31.49 41.17
N ALA H 2902 22.71 -31.45 40.86
CA ALA H 2902 21.94 -30.23 40.90
C ALA H 2902 21.04 -30.13 42.13
N ASP H 2903 21.15 -31.07 43.07
CA ASP H 2903 20.31 -31.02 44.26
C ASP H 2903 20.74 -29.86 45.17
N VAL H 2904 22.04 -29.55 45.20
CA VAL H 2904 22.51 -28.44 46.02
C VAL H 2904 22.31 -27.12 45.30
N GLN H 2905 22.24 -27.15 43.96
CA GLN H 2905 22.08 -25.91 43.19
C GLN H 2905 20.70 -25.30 43.40
N GLN H 2906 19.68 -26.13 43.58
CA GLN H 2906 18.33 -25.60 43.77
C GLN H 2906 18.18 -24.91 45.13
N LYS H 2907 18.99 -25.29 46.12
CA LYS H 2907 18.95 -24.64 47.41
C LYS H 2907 19.64 -23.29 47.43
N MET H 2908 20.33 -22.92 46.35
CA MET H 2908 21.00 -21.63 46.25
C MET H 2908 20.21 -20.61 45.45
N LEU H 2909 19.36 -21.06 44.52
CA LEU H 2909 18.58 -20.12 43.71
C LEU H 2909 17.36 -19.60 44.47
N ASP H 2910 16.77 -20.42 45.33
CA ASP H 2910 15.59 -19.97 46.08
C ASP H 2910 15.97 -19.00 47.20
N TYR H 2911 17.18 -19.14 47.74
CA TYR H 2911 17.62 -18.21 48.78
C TYR H 2911 17.89 -16.83 48.23
N LEU H 2912 18.33 -16.73 46.98
CA LEU H 2912 18.57 -15.44 46.34
C LEU H 2912 17.31 -14.78 45.84
N LYS H 2913 16.16 -15.46 45.90
CA LYS H 2913 14.89 -14.89 45.46
C LYS H 2913 14.12 -14.28 46.61
N ASP H 2914 13.98 -15.01 47.72
CA ASP H 2914 13.25 -14.49 48.88
C ASP H 2914 14.03 -13.36 49.55
N LYS H 2915 15.36 -13.50 49.63
CA LYS H 2915 16.18 -12.46 50.25
C LYS H 2915 16.34 -11.26 49.33
N LYS H 2916 16.88 -11.49 48.13
CA LYS H 2916 17.09 -10.44 47.14
C LYS H 2916 17.93 -9.30 47.70
N GLU H 2917 18.92 -9.65 48.51
CA GLU H 2917 19.81 -8.68 49.14
C GLU H 2917 21.14 -8.65 48.39
N VAL H 2918 21.61 -7.45 48.06
CA VAL H 2918 22.87 -7.28 47.35
C VAL H 2918 24.02 -7.55 48.31
N GLY H 2919 25.21 -7.72 47.77
CA GLY H 2919 26.39 -8.01 48.58
C GLY H 2919 27.09 -9.29 48.18
N PHE H 2920 26.30 -10.30 47.81
CA PHE H 2920 26.90 -11.56 47.37
C PHE H 2920 27.58 -11.40 46.03
N PHE H 2921 26.88 -10.84 45.04
CA PHE H 2921 27.47 -10.61 43.73
C PHE H 2921 28.44 -9.42 43.74
N GLN H 2922 28.27 -8.48 44.68
CA GLN H 2922 29.16 -7.34 44.74
C GLN H 2922 30.56 -7.76 45.18
N SER H 2923 30.65 -8.74 46.08
CA SER H 2923 31.95 -9.22 46.52
C SER H 2923 32.67 -10.03 45.43
N ILE H 2924 31.93 -10.57 44.47
CA ILE H 2924 32.57 -11.32 43.38
C ILE H 2924 33.32 -10.38 42.46
N GLN H 2925 32.77 -9.20 42.20
CA GLN H 2925 33.44 -8.24 41.32
C GLN H 2925 34.75 -7.76 41.92
N ALA H 2926 34.84 -7.67 43.25
CA ALA H 2926 36.09 -7.26 43.88
C ALA H 2926 37.13 -8.36 43.79
N LEU H 2927 36.71 -9.62 43.90
CA LEU H 2927 37.64 -10.73 43.80
C LEU H 2927 38.14 -10.92 42.37
N MET H 2928 37.36 -10.49 41.38
CA MET H 2928 37.80 -10.61 40.00
C MET H 2928 38.93 -9.63 39.67
N GLN H 2929 38.93 -8.45 40.30
CA GLN H 2929 39.95 -7.45 40.04
C GLN H 2929 41.24 -7.69 40.83
N THR H 2930 41.17 -8.47 41.91
CA THR H 2930 42.34 -8.74 42.73
C THR H 2930 43.18 -9.90 42.21
N CYS H 2931 42.81 -10.49 41.07
CA CYS H 2931 43.58 -11.60 40.51
C CYS H 2931 44.91 -11.09 39.97
N SER H 2932 46.01 -11.57 40.56
CA SER H 2932 47.35 -11.14 40.17
C SER H 2932 47.70 -11.74 38.82
N VAL H 2933 47.58 -10.93 37.77
CA VAL H 2933 47.91 -11.36 36.41
C VAL H 2933 49.42 -11.32 36.23
N LEU H 2934 49.91 -11.93 35.15
CA LEU H 2934 51.34 -11.95 34.89
C LEU H 2934 51.83 -10.53 34.58
N ASP H 2935 52.98 -10.18 35.16
CA ASP H 2935 53.58 -8.86 34.99
C ASP H 2935 55.03 -9.01 34.58
N LEU H 2936 55.45 -8.22 33.60
CA LEU H 2936 56.82 -8.28 33.11
C LEU H 2936 57.79 -7.53 34.02
N ASN H 2937 57.32 -6.48 34.70
CA ASN H 2937 58.19 -5.71 35.58
C ASN H 2937 58.55 -6.51 36.84
N ALA H 2938 57.57 -7.20 37.43
CA ALA H 2938 57.85 -8.00 38.62
C ALA H 2938 58.63 -9.26 38.27
N PHE H 2939 58.50 -9.77 37.04
CA PHE H 2939 59.23 -10.97 36.66
C PHE H 2939 60.72 -10.70 36.54
N GLU H 2940 61.12 -9.48 36.17
CA GLU H 2940 62.53 -9.16 36.06
C GLU H 2940 63.21 -9.11 37.42
N ARG H 2941 62.50 -8.66 38.45
CA ARG H 2941 63.07 -8.59 39.79
C ARG H 2941 63.25 -9.97 40.40
N GLN H 2942 62.52 -10.98 39.92
CA GLN H 2942 62.66 -12.32 40.48
C GLN H 2942 63.96 -12.97 40.04
N ASN H 2943 64.25 -12.94 38.75
CA ASN H 2943 65.49 -13.54 38.24
C ASN H 2943 66.72 -12.74 38.65
N LYS H 2944 66.57 -11.43 38.87
CA LYS H 2944 67.71 -10.61 39.27
C LYS H 2944 68.12 -10.93 40.71
N ALA H 2945 67.15 -11.14 41.60
CA ALA H 2945 67.46 -11.44 42.98
C ALA H 2945 67.94 -12.88 43.16
N GLU H 2946 67.46 -13.81 42.32
CA GLU H 2946 67.87 -15.20 42.42
C GLU H 2946 69.26 -15.44 41.88
N GLY H 2947 69.81 -14.51 41.11
CA GLY H 2947 71.15 -14.68 40.56
C GLY H 2947 72.25 -14.62 41.58
N LEU H 2948 72.00 -14.01 42.73
CA LEU H 2948 73.01 -13.90 43.78
C LEU H 2948 72.95 -15.10 44.73
N GLY H 2949 60.93 -16.48 48.01
CA GLY H 2949 59.72 -17.16 47.58
C GLY H 2949 59.26 -16.72 46.21
N GLU H 2950 58.12 -17.25 45.77
CA GLU H 2950 57.56 -16.91 44.47
C GLU H 2950 56.78 -15.61 44.54
N LYS H 2951 56.98 -14.75 43.54
CA LYS H 2951 56.28 -13.47 43.48
C LYS H 2951 55.69 -13.18 42.11
N VAL H 2952 55.80 -14.11 41.15
CA VAL H 2952 55.26 -13.86 39.81
C VAL H 2952 53.74 -13.88 39.84
N MET H 2953 53.15 -14.99 40.26
CA MET H 2953 51.71 -15.14 40.34
C MET H 2953 51.20 -14.95 41.78
N ALA H 2954 51.70 -15.74 42.71
CA ALA H 2954 51.33 -15.69 44.12
C ALA H 2954 49.84 -15.92 44.35
N ASP H 2955 49.13 -16.43 43.34
CA ASP H 2955 47.70 -16.69 43.46
C ASP H 2955 47.33 -18.02 42.80
N ASP H 2956 48.25 -18.98 42.80
CA ASP H 2956 48.00 -20.27 42.17
C ASP H 2956 46.95 -21.09 42.92
N GLU H 2957 46.74 -20.82 44.20
CA GLU H 2957 45.76 -21.54 45.01
C GLU H 2957 44.48 -20.76 45.23
N PHE H 2958 44.36 -19.57 44.65
CA PHE H 2958 43.17 -18.74 44.80
C PHE H 2958 42.39 -18.57 43.51
N THR H 2959 43.08 -18.32 42.39
CA THR H 2959 42.39 -18.11 41.13
C THR H 2959 41.89 -19.43 40.54
N GLN H 2960 42.57 -20.54 40.82
CA GLN H 2960 42.16 -21.82 40.28
C GLN H 2960 40.81 -22.27 40.84
N ASP H 2961 40.47 -21.82 42.05
CA ASP H 2961 39.21 -22.21 42.68
C ASP H 2961 38.11 -21.17 42.50
N LEU H 2962 38.46 -19.94 42.13
CA LEU H 2962 37.46 -18.90 41.94
C LEU H 2962 36.60 -19.17 40.72
N PHE H 2963 37.23 -19.32 39.55
CA PHE H 2963 36.48 -19.64 38.34
C PHE H 2963 35.97 -21.06 38.35
N ARG H 2964 36.59 -21.95 39.12
CA ARG H 2964 36.11 -23.33 39.20
C ARG H 2964 34.77 -23.41 39.92
N PHE H 2965 34.55 -22.55 40.91
CA PHE H 2965 33.28 -22.57 41.65
C PHE H 2965 32.12 -22.12 40.76
N LEU H 2966 32.35 -21.11 39.92
CA LEU H 2966 31.30 -20.60 39.06
C LEU H 2966 31.00 -21.52 37.89
N GLN H 2967 32.00 -22.29 37.44
CA GLN H 2967 31.77 -23.18 36.29
C GLN H 2967 30.91 -24.38 36.69
N LEU H 2968 31.07 -24.88 37.90
CA LEU H 2968 30.31 -26.03 38.38
C LEU H 2968 28.92 -25.67 38.87
N LEU H 2969 28.56 -24.38 38.88
CA LEU H 2969 27.20 -24.01 39.25
C LEU H 2969 26.20 -24.42 38.18
N CYS H 2970 26.61 -24.47 36.92
CA CYS H 2970 25.77 -24.87 35.80
C CYS H 2970 26.34 -26.10 35.12
N GLU H 2971 26.84 -27.05 35.91
CA GLU H 2971 27.42 -28.26 35.34
C GLU H 2971 26.37 -29.20 34.77
N GLY H 2972 25.11 -29.07 35.20
CA GLY H 2972 24.04 -29.90 34.72
C GLY H 2972 23.27 -29.35 33.54
N HIS H 2973 23.80 -28.31 32.89
CA HIS H 2973 23.15 -27.68 31.73
C HIS H 2973 21.74 -27.20 32.07
N ASN H 2974 21.59 -26.65 33.27
CA ASN H 2974 20.29 -26.15 33.73
C ASN H 2974 20.13 -24.69 33.32
N ASN H 2975 18.99 -24.38 32.71
CA ASN H 2975 18.71 -23.02 32.25
C ASN H 2975 18.06 -22.15 33.31
N ASP H 2976 17.53 -22.75 34.38
CA ASP H 2976 16.89 -21.96 35.42
C ASP H 2976 17.91 -21.14 36.21
N PHE H 2977 19.13 -21.64 36.33
CA PHE H 2977 20.19 -20.93 37.03
C PHE H 2977 21.07 -20.12 36.10
N GLN H 2978 21.13 -20.48 34.82
CA GLN H 2978 21.97 -19.74 33.88
C GLN H 2978 21.39 -18.37 33.57
N ASN H 2979 20.07 -18.23 33.57
CA ASN H 2979 19.46 -16.94 33.29
C ASN H 2979 19.55 -15.98 34.47
N TYR H 2980 19.73 -16.49 35.69
CA TYR H 2980 19.85 -15.61 36.84
C TYR H 2980 21.18 -14.87 36.84
N LEU H 2981 22.22 -15.46 36.25
CA LEU H 2981 23.52 -14.79 36.18
C LEU H 2981 23.53 -13.69 35.14
N ARG H 2982 22.70 -13.79 34.10
CA ARG H 2982 22.66 -12.75 33.09
C ARG H 2982 21.92 -11.53 33.59
N THR H 2983 20.78 -11.72 34.24
CA THR H 2983 19.99 -10.62 34.77
C THR H 2983 19.27 -11.08 36.03
N GLN H 2984 19.03 -10.14 36.93
CA GLN H 2984 18.38 -10.41 38.21
C GLN H 2984 17.18 -9.47 38.34
N THR H 2985 15.98 -10.01 38.10
CA THR H 2985 14.77 -9.20 38.18
C THR H 2985 14.36 -8.90 39.61
N GLY H 2986 14.89 -9.62 40.59
CA GLY H 2986 14.57 -9.38 41.99
C GLY H 2986 15.45 -8.33 42.63
N ASN H 2987 16.73 -8.32 42.26
CA ASN H 2987 17.67 -7.35 42.80
C ASN H 2987 17.45 -5.99 42.16
N THR H 2988 17.62 -4.94 42.96
CA THR H 2988 17.45 -3.58 42.46
C THR H 2988 18.61 -3.13 41.58
N THR H 2989 19.78 -3.75 41.74
CA THR H 2989 20.97 -3.40 40.96
C THR H 2989 21.33 -4.56 40.03
N THR H 2990 21.58 -4.23 38.77
CA THR H 2990 21.97 -5.23 37.78
C THR H 2990 23.47 -5.47 37.87
N ILE H 2991 23.86 -6.71 38.16
CA ILE H 2991 25.27 -7.07 38.29
C ILE H 2991 25.80 -7.51 36.93
N ASN H 2992 25.16 -8.53 36.35
CA ASN H 2992 25.55 -9.08 35.05
C ASN H 2992 27.01 -9.56 35.08
N ILE H 2993 27.23 -10.59 35.89
CA ILE H 2993 28.56 -11.14 36.15
C ILE H 2993 29.25 -11.55 34.85
N ILE H 2994 28.46 -11.77 33.79
CA ILE H 2994 29.04 -12.14 32.51
C ILE H 2994 29.92 -11.03 31.96
N ILE H 2995 29.54 -9.77 32.19
CA ILE H 2995 30.32 -8.65 31.67
C ILE H 2995 31.70 -8.61 32.31
N CYS H 2996 31.77 -8.70 33.63
CA CYS H 2996 33.06 -8.74 34.30
C CYS H 2996 33.76 -10.08 34.15
N THR H 2997 33.08 -11.11 33.66
CA THR H 2997 33.73 -12.39 33.42
C THR H 2997 34.60 -12.32 32.17
N VAL H 2998 34.05 -11.78 31.07
CA VAL H 2998 34.84 -11.63 29.85
C VAL H 2998 35.87 -10.53 29.98
N ASP H 2999 35.68 -9.61 30.94
CA ASP H 2999 36.66 -8.56 31.16
C ASP H 2999 37.97 -9.10 31.74
N TYR H 3000 37.95 -10.28 32.35
CA TYR H 3000 39.17 -10.86 32.90
C TYR H 3000 40.10 -11.32 31.78
N LEU H 3001 39.55 -12.02 30.77
CA LEU H 3001 40.35 -12.45 29.63
C LEU H 3001 40.87 -11.27 28.82
N LEU H 3002 40.20 -10.13 28.86
CA LEU H 3002 40.73 -8.94 28.19
C LEU H 3002 42.01 -8.48 28.85
N ARG H 3003 42.08 -8.51 30.17
CA ARG H 3003 43.32 -8.20 30.88
C ARG H 3003 44.27 -9.39 30.92
N LEU H 3004 43.72 -10.61 30.91
CA LEU H 3004 44.59 -11.79 30.88
C LEU H 3004 45.32 -11.91 29.54
N GLN H 3005 44.67 -11.51 28.45
CA GLN H 3005 45.34 -11.50 27.15
C GLN H 3005 46.46 -10.48 27.13
N GLU H 3006 46.34 -9.39 27.89
CA GLU H 3006 47.40 -8.41 27.97
C GLU H 3006 48.55 -8.90 28.84
N SER H 3007 48.28 -9.80 29.78
CA SER H 3007 49.33 -10.33 30.64
C SER H 3007 50.17 -11.38 29.92
N ILE H 3008 49.54 -12.21 29.09
CA ILE H 3008 50.29 -13.24 28.37
C ILE H 3008 50.99 -12.65 27.15
N SER H 3009 50.45 -11.56 26.60
CA SER H 3009 51.06 -10.97 25.41
C SER H 3009 52.40 -10.30 25.73
N ASP H 3010 52.46 -9.57 26.85
CA ASP H 3010 53.72 -8.92 27.24
C ASP H 3010 54.81 -9.95 27.50
N PHE H 3011 54.43 -11.17 27.89
CA PHE H 3011 55.39 -12.25 28.02
C PHE H 3011 55.86 -12.76 26.66
N TYR H 3012 55.09 -12.51 25.60
CA TYR H 3012 55.44 -13.01 24.27
C TYR H 3012 56.52 -12.14 23.62
N TRP H 3013 56.27 -10.83 23.54
CA TRP H 3013 57.24 -9.94 22.90
C TRP H 3013 58.52 -9.79 23.73
N TYR H 3014 58.51 -10.22 24.99
CA TYR H 3014 59.74 -10.16 25.78
C TYR H 3014 60.71 -11.26 25.36
N TYR H 3015 60.19 -12.39 24.89
CA TYR H 3015 61.02 -13.52 24.49
C TYR H 3015 60.96 -13.79 22.99
N SER H 3016 60.38 -12.88 22.21
CA SER H 3016 60.34 -13.08 20.76
C SER H 3016 61.70 -12.78 20.13
N GLY H 3017 62.43 -11.81 20.67
CA GLY H 3017 63.75 -11.50 20.15
C GLY H 3017 64.76 -12.58 20.49
N LYS H 3018 64.69 -13.13 21.70
CA LYS H 3018 65.59 -14.19 22.11
C LYS H 3018 65.14 -15.52 21.50
N ASP H 3019 66.09 -16.28 20.94
CA ASP H 3019 65.76 -17.55 20.34
C ASP H 3019 65.44 -18.60 21.40
N VAL H 3020 66.25 -18.67 22.45
CA VAL H 3020 66.04 -19.65 23.51
C VAL H 3020 65.03 -19.12 24.52
N ILE H 3021 64.44 -20.03 25.28
CA ILE H 3021 63.46 -19.70 26.30
C ILE H 3021 64.02 -20.11 27.66
N GLU H 3022 63.97 -19.19 28.62
CA GLU H 3022 64.48 -19.47 29.95
C GLU H 3022 63.66 -20.54 30.65
N GLU H 3023 64.33 -21.34 31.49
CA GLU H 3023 63.64 -22.40 32.22
C GLU H 3023 62.70 -21.84 33.28
N GLN H 3024 63.08 -20.72 33.91
CA GLN H 3024 62.22 -20.13 34.93
C GLN H 3024 60.95 -19.53 34.31
N GLY H 3025 61.05 -18.98 33.10
CA GLY H 3025 59.87 -18.44 32.44
C GLY H 3025 58.90 -19.53 32.00
N LYS H 3026 59.40 -20.74 31.74
CA LYS H 3026 58.53 -21.83 31.35
C LYS H 3026 57.66 -22.30 32.51
N ARG H 3027 58.17 -22.20 33.74
CA ARG H 3027 57.38 -22.61 34.90
C ARG H 3027 56.24 -21.63 35.16
N ASN H 3028 56.50 -20.34 35.07
CA ASN H 3028 55.46 -19.34 35.32
C ASN H 3028 54.43 -19.34 34.18
N PHE H 3029 54.84 -19.68 32.97
CA PHE H 3029 53.89 -19.75 31.86
C PHE H 3029 52.99 -20.97 31.98
N SER H 3030 53.53 -22.09 32.47
CA SER H 3030 52.70 -23.28 32.66
C SER H 3030 51.66 -23.06 33.74
N LYS H 3031 51.99 -22.29 34.78
CA LYS H 3031 51.00 -21.96 35.81
C LYS H 3031 49.93 -21.02 35.25
N ALA H 3032 50.33 -20.04 34.45
CA ALA H 3032 49.36 -19.13 33.84
C ALA H 3032 48.52 -19.84 32.79
N MET H 3033 49.06 -20.88 32.17
CA MET H 3033 48.28 -21.64 31.20
C MET H 3033 47.16 -22.42 31.87
N SER H 3034 47.39 -22.88 33.11
CA SER H 3034 46.34 -23.55 33.85
C SER H 3034 45.21 -22.60 34.22
N VAL H 3035 45.55 -21.34 34.51
CA VAL H 3035 44.51 -20.34 34.78
C VAL H 3035 43.77 -19.99 33.49
N ALA H 3036 44.49 -19.90 32.38
CA ALA H 3036 43.85 -19.61 31.10
C ALA H 3036 43.06 -20.80 30.57
N LYS H 3037 43.30 -22.01 31.10
CA LYS H 3037 42.54 -23.17 30.67
C LYS H 3037 41.19 -23.26 31.37
N GLN H 3038 41.17 -22.96 32.67
CA GLN H 3038 39.94 -23.10 33.45
C GLN H 3038 38.95 -21.97 33.19
N VAL H 3039 39.43 -20.81 32.72
CA VAL H 3039 38.52 -19.71 32.45
C VAL H 3039 37.70 -19.99 31.19
N PHE H 3040 38.33 -20.54 30.16
CA PHE H 3040 37.59 -20.92 28.96
C PHE H 3040 36.58 -22.02 29.25
N ASN H 3041 36.85 -22.85 30.25
CA ASN H 3041 35.88 -23.86 30.65
C ASN H 3041 34.67 -23.25 31.34
N SER H 3042 34.74 -21.97 31.72
CA SER H 3042 33.62 -21.31 32.36
C SER H 3042 32.68 -20.65 31.36
N LEU H 3043 33.21 -20.07 30.28
CA LEU H 3043 32.34 -19.46 29.28
C LEU H 3043 31.54 -20.52 28.52
N THR H 3044 32.13 -21.70 28.27
CA THR H 3044 31.41 -22.73 27.55
C THR H 3044 30.28 -23.32 28.37
N GLU H 3045 30.47 -23.42 29.69
CA GLU H 3045 29.41 -23.95 30.55
C GLU H 3045 28.23 -22.99 30.62
N TYR H 3046 28.47 -21.70 30.43
CA TYR H 3046 27.37 -20.74 30.38
C TYR H 3046 26.55 -20.85 29.10
N ILE H 3047 27.13 -21.40 28.04
CA ILE H 3047 26.44 -21.51 26.76
C ILE H 3047 26.46 -22.96 26.28
N GLN H 3048 26.47 -23.91 27.22
CA GLN H 3048 26.47 -25.31 26.86
C GLN H 3048 25.16 -25.71 26.19
N GLY H 3049 24.04 -25.57 26.91
CA GLY H 3049 22.75 -25.90 26.36
C GLY H 3049 22.09 -24.72 25.68
N PRO H 3050 20.84 -24.90 25.23
CA PRO H 3050 20.11 -23.79 24.59
C PRO H 3050 19.84 -22.65 25.55
N CYS H 3051 20.46 -21.49 25.29
CA CYS H 3051 20.32 -20.32 26.15
C CYS H 3051 20.08 -19.10 25.28
N THR H 3052 19.51 -18.07 25.92
CA THR H 3052 19.21 -16.80 25.25
C THR H 3052 20.05 -15.65 25.78
N GLY H 3053 20.09 -15.46 27.10
CA GLY H 3053 20.84 -14.34 27.64
C GLY H 3053 22.33 -14.47 27.51
N ASN H 3054 22.83 -15.70 27.39
CA ASN H 3054 24.28 -15.90 27.32
C ASN H 3054 24.83 -15.68 25.92
N GLN H 3055 24.02 -15.92 24.88
CA GLN H 3055 24.52 -15.79 23.52
C GLN H 3055 24.61 -14.33 23.08
N GLN H 3056 23.61 -13.52 23.42
CA GLN H 3056 23.64 -12.12 23.04
C GLN H 3056 24.64 -11.33 23.87
N SER H 3057 24.87 -11.73 25.12
CA SER H 3057 25.85 -11.02 25.95
C SER H 3057 27.27 -11.34 25.51
N LEU H 3058 27.53 -12.59 25.13
CA LEU H 3058 28.87 -12.97 24.69
C LEU H 3058 29.21 -12.38 23.32
N ALA H 3059 28.20 -12.23 22.45
CA ALA H 3059 28.46 -11.66 21.14
C ALA H 3059 28.72 -10.16 21.21
N HIS H 3060 28.01 -9.46 22.10
CA HIS H 3060 28.20 -8.02 22.25
C HIS H 3060 29.45 -7.68 23.05
N SER H 3061 30.02 -8.63 23.78
CA SER H 3061 31.21 -8.39 24.57
C SER H 3061 32.46 -8.51 23.70
N ARG H 3062 33.63 -8.53 24.33
CA ARG H 3062 34.90 -8.65 23.62
C ARG H 3062 35.42 -10.08 23.59
N LEU H 3063 34.52 -11.06 23.59
CA LEU H 3063 34.96 -12.46 23.53
C LEU H 3063 35.60 -12.78 22.19
N TRP H 3064 35.01 -12.29 21.09
CA TRP H 3064 35.61 -12.49 19.78
C TRP H 3064 36.89 -11.67 19.63
N ASP H 3065 37.02 -10.59 20.39
CA ASP H 3065 38.25 -9.79 20.34
C ASP H 3065 39.37 -10.41 21.14
N ALA H 3066 39.08 -11.43 21.96
CA ALA H 3066 40.12 -12.07 22.76
C ALA H 3066 40.79 -13.21 22.00
N VAL H 3067 40.03 -13.92 21.17
CA VAL H 3067 40.59 -15.05 20.43
C VAL H 3067 41.49 -14.57 19.30
N VAL H 3068 41.13 -13.44 18.67
CA VAL H 3068 41.97 -12.90 17.61
C VAL H 3068 43.31 -12.43 18.17
N GLY H 3069 43.30 -11.87 19.39
CA GLY H 3069 44.55 -11.53 20.04
C GLY H 3069 45.29 -12.75 20.54
N PHE H 3070 44.57 -13.82 20.89
CA PHE H 3070 45.22 -15.05 21.32
C PHE H 3070 45.84 -15.78 20.14
N LEU H 3071 45.09 -15.92 19.04
CA LEU H 3071 45.62 -16.61 17.86
C LEU H 3071 46.81 -15.88 17.26
N HIS H 3072 46.95 -14.58 17.51
CA HIS H 3072 48.09 -13.85 16.98
C HIS H 3072 49.38 -14.23 17.71
N VAL H 3073 49.31 -14.38 19.04
CA VAL H 3073 50.50 -14.75 19.79
C VAL H 3073 50.74 -16.26 19.72
N PHE H 3074 49.69 -17.05 19.52
CA PHE H 3074 49.86 -18.50 19.42
C PHE H 3074 50.50 -18.91 18.10
N ALA H 3075 50.33 -18.08 17.06
CA ALA H 3075 50.93 -18.39 15.77
C ALA H 3075 52.43 -18.12 15.75
N HIS H 3076 52.95 -17.42 16.75
CA HIS H 3076 54.37 -17.10 16.84
C HIS H 3076 55.13 -18.00 17.80
N MET H 3077 54.56 -18.29 18.97
CA MET H 3077 55.26 -19.11 19.95
C MET H 3077 55.20 -20.59 19.60
N MET H 3078 54.19 -21.01 18.84
CA MET H 3078 54.12 -22.41 18.42
C MET H 3078 55.27 -22.77 17.50
N MET H 3079 55.75 -21.81 16.70
CA MET H 3079 56.91 -22.07 15.84
C MET H 3079 58.21 -22.03 16.63
N LYS H 3080 58.27 -21.23 17.70
CA LYS H 3080 59.48 -21.14 18.50
C LYS H 3080 59.63 -22.35 19.42
N LEU H 3081 58.53 -22.80 20.03
CA LEU H 3081 58.59 -23.94 20.93
C LEU H 3081 58.77 -25.27 20.18
N ALA H 3082 58.48 -25.30 18.89
CA ALA H 3082 58.62 -26.53 18.12
C ALA H 3082 60.06 -26.74 17.65
N GLN H 3083 60.85 -25.66 17.57
CA GLN H 3083 62.22 -25.79 17.09
C GLN H 3083 63.12 -26.48 18.10
N ASP H 3084 62.86 -26.29 19.40
CA ASP H 3084 63.66 -26.90 20.46
C ASP H 3084 62.94 -28.16 20.94
N SER H 3085 63.61 -29.31 20.81
CA SER H 3085 63.01 -30.57 21.24
C SER H 3085 63.01 -30.72 22.77
N SER H 3086 63.75 -29.87 23.48
CA SER H 3086 63.81 -29.99 24.94
C SER H 3086 62.57 -29.43 25.61
N GLN H 3087 61.82 -28.56 24.92
CA GLN H 3087 60.66 -27.89 25.49
C GLN H 3087 59.37 -28.27 24.78
N ILE H 3088 59.25 -29.53 24.36
CA ILE H 3088 58.01 -29.99 23.76
C ILE H 3088 56.90 -30.13 24.82
N GLU H 3089 57.27 -30.28 26.09
CA GLU H 3089 56.28 -30.38 27.15
C GLU H 3089 55.47 -29.10 27.28
N LEU H 3090 56.08 -27.95 26.96
CA LEU H 3090 55.33 -26.69 27.01
C LEU H 3090 54.38 -26.57 25.82
N LEU H 3091 54.84 -26.96 24.63
CA LEU H 3091 53.99 -26.90 23.46
C LEU H 3091 52.83 -27.89 23.54
N LYS H 3092 53.02 -29.00 24.26
CA LYS H 3092 51.95 -29.97 24.43
C LYS H 3092 50.82 -29.39 25.28
N GLU H 3093 51.18 -28.76 26.40
CA GLU H 3093 50.17 -28.10 27.22
C GLU H 3093 49.66 -26.81 26.58
N LEU H 3094 50.44 -26.17 25.72
CA LEU H 3094 49.93 -24.97 25.07
C LEU H 3094 48.81 -25.30 24.11
N LEU H 3095 48.99 -26.36 23.30
CA LEU H 3095 47.97 -26.77 22.34
C LEU H 3095 46.70 -27.24 23.02
N ASP H 3096 46.79 -27.71 24.25
CA ASP H 3096 45.59 -28.08 25.00
C ASP H 3096 44.73 -26.88 25.33
N LEU H 3097 45.30 -25.67 25.28
CA LEU H 3097 44.51 -24.47 25.57
C LEU H 3097 43.66 -24.08 24.38
N GLN H 3098 44.20 -24.19 23.16
CA GLN H 3098 43.44 -23.80 21.98
C GLN H 3098 42.30 -24.77 21.68
N LYS H 3099 42.46 -26.04 22.03
CA LYS H 3099 41.40 -27.01 21.78
C LYS H 3099 40.22 -26.82 22.72
N ASP H 3100 40.42 -26.20 23.88
CA ASP H 3100 39.31 -25.86 24.77
C ASP H 3100 38.66 -24.53 24.39
N MET H 3101 39.31 -23.72 23.57
CA MET H 3101 38.75 -22.46 23.10
C MET H 3101 38.04 -22.59 21.76
N VAL H 3102 38.46 -23.53 20.92
CA VAL H 3102 37.80 -23.74 19.64
C VAL H 3102 36.44 -24.42 19.85
N VAL H 3103 36.31 -25.20 20.92
CA VAL H 3103 35.03 -25.86 21.20
C VAL H 3103 34.00 -24.88 21.72
N MET H 3104 34.43 -23.69 22.16
CA MET H 3104 33.48 -22.69 22.66
C MET H 3104 32.60 -22.18 21.53
N LEU H 3105 33.16 -22.03 20.32
CA LEU H 3105 32.36 -21.58 19.19
C LEU H 3105 31.41 -22.68 18.71
N LEU H 3106 31.76 -23.95 18.94
CA LEU H 3106 30.87 -25.03 18.55
C LEU H 3106 29.60 -25.02 19.39
N SER H 3107 29.73 -24.90 20.71
CA SER H 3107 28.57 -24.82 21.57
C SER H 3107 27.84 -23.49 21.43
N LEU H 3108 28.49 -22.47 20.85
CA LEU H 3108 27.82 -21.18 20.66
C LEU H 3108 26.79 -21.25 19.54
N LEU H 3109 27.04 -22.07 18.51
CA LEU H 3109 26.14 -22.20 17.37
C LEU H 3109 25.59 -23.62 17.28
N GLU H 3110 25.20 -24.18 18.43
CA GLU H 3110 24.61 -25.51 18.46
C GLU H 3110 23.28 -25.52 17.71
N GLY H 3111 22.31 -24.76 18.19
CA GLY H 3111 21.04 -24.64 17.51
C GLY H 3111 20.63 -23.20 17.30
N ASN H 3112 20.56 -22.76 16.05
CA ASN H 3112 20.20 -21.39 15.72
C ASN H 3112 19.87 -21.31 14.24
N VAL H 3113 19.37 -20.14 13.83
CA VAL H 3113 19.03 -19.92 12.43
C VAL H 3113 20.31 -19.74 11.62
N VAL H 3114 20.29 -20.25 10.38
CA VAL H 3114 21.49 -20.26 9.57
C VAL H 3114 21.86 -18.89 9.02
N ASN H 3115 20.93 -17.94 8.99
CA ASN H 3115 21.19 -16.60 8.47
C ASN H 3115 20.76 -15.54 9.48
N GLY H 3116 21.17 -15.72 10.73
CA GLY H 3116 20.87 -14.77 11.78
C GLY H 3116 22.05 -13.85 12.06
N MET H 3117 21.83 -12.92 13.00
CA MET H 3117 22.86 -11.96 13.36
C MET H 3117 23.95 -12.59 14.22
N ILE H 3118 23.65 -13.70 14.90
CA ILE H 3118 24.66 -14.37 15.71
C ILE H 3118 25.57 -15.21 14.83
N ALA H 3119 25.00 -15.91 13.84
CA ALA H 3119 25.80 -16.76 12.97
C ALA H 3119 26.77 -15.95 12.11
N ARG H 3120 26.44 -14.69 11.83
CA ARG H 3120 27.29 -13.83 11.02
C ARG H 3120 28.41 -13.18 11.83
N GLN H 3121 28.64 -13.62 13.06
CA GLN H 3121 29.72 -13.08 13.88
C GLN H 3121 31.01 -13.86 13.72
N MET H 3122 30.92 -15.18 13.52
CA MET H 3122 32.12 -15.96 13.29
C MET H 3122 32.75 -15.65 11.94
N VAL H 3123 31.93 -15.37 10.92
CA VAL H 3123 32.46 -14.97 9.63
C VAL H 3123 33.07 -13.57 9.68
N ASP H 3124 32.69 -12.76 10.66
CA ASP H 3124 33.28 -11.44 10.83
C ASP H 3124 34.62 -11.50 11.55
N MET H 3125 34.90 -12.58 12.28
CA MET H 3125 36.18 -12.73 12.95
C MET H 3125 37.26 -13.28 12.04
N LEU H 3126 36.89 -13.89 10.91
CA LEU H 3126 37.85 -14.43 9.98
C LEU H 3126 38.41 -13.38 9.03
N VAL H 3127 37.78 -12.21 8.92
CA VAL H 3127 38.29 -11.16 8.06
C VAL H 3127 39.49 -10.47 8.69
N GLU H 3128 39.41 -10.16 9.98
CA GLU H 3128 40.53 -9.53 10.67
C GLU H 3128 41.63 -10.54 11.00
N SER H 3129 41.27 -11.82 11.14
CA SER H 3129 42.24 -12.87 11.43
C SER H 3129 42.71 -13.59 10.18
N SER H 3130 42.47 -13.03 8.99
CA SER H 3130 42.88 -13.68 7.75
C SER H 3130 44.38 -13.86 7.70
N SER H 3131 45.14 -12.85 8.14
CA SER H 3131 46.59 -12.97 8.16
C SER H 3131 47.06 -13.88 9.29
N ASN H 3132 46.23 -14.08 10.31
CA ASN H 3132 46.59 -14.93 11.44
C ASN H 3132 46.20 -16.38 11.23
N VAL H 3133 45.06 -16.65 10.57
CA VAL H 3133 44.68 -18.02 10.30
C VAL H 3133 45.58 -18.67 9.26
N GLU H 3134 46.23 -17.88 8.41
CA GLU H 3134 47.13 -18.44 7.41
C GLU H 3134 48.42 -18.93 8.04
N MET H 3135 48.75 -18.44 9.24
CA MET H 3135 49.97 -18.87 9.92
C MET H 3135 49.80 -20.17 10.67
N ILE H 3136 48.56 -20.55 11.02
CA ILE H 3136 48.32 -21.76 11.77
C ILE H 3136 47.81 -22.85 10.83
N LEU H 3137 47.12 -22.43 9.76
CA LEU H 3137 46.66 -23.40 8.77
C LEU H 3137 47.84 -24.04 8.04
N LYS H 3138 48.79 -23.24 7.59
CA LYS H 3138 50.01 -23.78 7.01
C LYS H 3138 50.90 -24.44 8.05
N PHE H 3139 50.74 -24.08 9.32
CA PHE H 3139 51.49 -24.74 10.39
C PHE H 3139 51.04 -26.20 10.57
N PHE H 3140 49.76 -26.47 10.31
CA PHE H 3140 49.23 -27.83 10.44
C PHE H 3140 49.27 -28.58 9.11
N ASP H 3141 49.01 -27.88 7.99
CA ASP H 3141 49.04 -28.53 6.69
C ASP H 3141 50.44 -29.02 6.34
N MET H 3142 51.48 -28.32 6.81
CA MET H 3142 52.84 -28.76 6.56
C MET H 3142 53.16 -30.01 7.37
N PHE H 3143 52.76 -30.04 8.64
CA PHE H 3143 53.02 -31.21 9.48
C PHE H 3143 52.12 -32.37 9.09
N LEU H 3144 50.90 -32.10 8.62
CA LEU H 3144 50.01 -33.17 8.18
C LEU H 3144 50.54 -33.86 6.93
N LYS H 3145 51.23 -33.11 6.05
CA LYS H 3145 51.80 -33.71 4.85
C LYS H 3145 53.01 -34.57 5.19
N LEU H 3146 53.74 -34.24 6.25
CA LEU H 3146 54.93 -34.99 6.61
C LEU H 3146 54.63 -36.45 6.93
N LYS H 3147 53.38 -36.76 7.29
CA LYS H 3147 53.00 -38.16 7.50
C LYS H 3147 53.05 -38.95 6.21
N ASP H 3148 52.87 -38.29 5.06
CA ASP H 3148 52.89 -38.95 3.77
C ASP H 3148 54.22 -38.85 3.06
N ILE H 3149 55.01 -37.81 3.32
CA ILE H 3149 56.31 -37.67 2.66
C ILE H 3149 57.27 -38.75 3.14
N VAL H 3150 57.19 -39.12 4.41
CA VAL H 3150 58.09 -40.14 4.94
C VAL H 3150 57.74 -41.52 4.40
N GLY H 3151 56.50 -41.74 3.96
CA GLY H 3151 56.10 -43.04 3.45
C GLY H 3151 56.05 -43.11 1.94
N SER H 3152 56.25 -41.97 1.28
CA SER H 3152 56.20 -41.94 -0.17
C SER H 3152 57.55 -42.34 -0.76
N GLU H 3153 57.59 -42.47 -2.08
CA GLU H 3153 58.82 -42.85 -2.78
C GLU H 3153 59.78 -41.69 -2.97
N ALA H 3154 59.35 -40.45 -2.68
CA ALA H 3154 60.24 -39.30 -2.84
C ALA H 3154 61.35 -39.32 -1.79
N PHE H 3155 60.98 -39.45 -0.52
CA PHE H 3155 61.99 -39.50 0.54
C PHE H 3155 62.75 -40.81 0.55
N GLN H 3156 62.12 -41.90 0.10
CA GLN H 3156 62.80 -43.19 0.08
C GLN H 3156 63.89 -43.22 -0.98
N ASP H 3157 63.63 -42.64 -2.16
CA ASP H 3157 64.63 -42.62 -3.21
C ASP H 3157 65.74 -41.62 -2.91
N TYR H 3158 65.43 -40.53 -2.20
CA TYR H 3158 66.43 -39.53 -1.87
C TYR H 3158 67.41 -40.06 -0.83
N VAL H 3159 66.89 -40.65 0.25
CA VAL H 3159 67.69 -41.19 1.34
C VAL H 3159 67.34 -42.66 1.50
N THR H 3160 68.32 -43.54 1.29
CA THR H 3160 68.07 -44.97 1.43
C THR H 3160 68.14 -45.43 2.88
N ASP H 3161 69.01 -44.82 3.68
CA ASP H 3161 69.20 -45.15 5.09
C ASP H 3161 69.53 -46.62 5.27
N PRO H 3162 70.73 -47.05 4.85
CA PRO H 3162 71.06 -48.49 4.99
C PRO H 3162 71.30 -48.91 6.43
N ARG H 3163 71.91 -48.04 7.24
CA ARG H 3163 72.18 -48.38 8.63
C ARG H 3163 70.93 -48.35 9.50
N GLY H 3164 69.90 -47.61 9.09
CA GLY H 3164 68.66 -47.51 9.82
C GLY H 3164 68.33 -46.11 10.32
N LEU H 3165 69.31 -45.21 10.36
CA LEU H 3165 69.10 -43.85 10.82
C LEU H 3165 69.24 -42.89 9.63
N ILE H 3166 68.49 -41.79 9.71
CA ILE H 3166 68.52 -40.78 8.64
C ILE H 3166 69.75 -39.91 8.79
N SER H 3167 70.28 -39.46 7.65
CA SER H 3167 71.45 -38.59 7.63
C SER H 3167 71.41 -37.76 6.36
N LYS H 3168 71.40 -36.44 6.52
CA LYS H 3168 71.36 -35.50 5.39
C LYS H 3168 70.15 -35.77 4.49
N LYS H 3169 69.02 -36.07 5.10
CA LYS H 3169 67.79 -36.35 4.38
C LYS H 3169 66.89 -35.12 4.37
N ASP H 3170 65.77 -35.23 3.66
CA ASP H 3170 64.77 -34.17 3.54
C ASP H 3170 65.33 -32.90 2.93
N PHE H 3171 66.40 -33.00 2.13
CA PHE H 3171 66.97 -31.84 1.47
C PHE H 3171 66.42 -31.63 0.07
N GLN H 3172 66.25 -32.71 -0.69
CA GLN H 3172 65.70 -32.61 -2.04
C GLN H 3172 65.04 -33.93 -2.39
N LYS H 3173 63.80 -33.85 -2.88
CA LYS H 3173 63.05 -35.05 -3.26
C LYS H 3173 62.04 -34.73 -4.36
N UNK H 3174 62.85 -25.80 7.68
CA UNK H 3174 63.73 -26.96 7.75
C UNK H 3174 64.46 -27.00 9.10
N UNK H 3175 64.39 -25.89 9.83
CA UNK H 3175 65.05 -25.79 11.14
C UNK H 3175 64.29 -26.61 12.18
N UNK H 3176 62.98 -26.74 11.99
CA UNK H 3176 62.14 -27.51 12.91
C UNK H 3176 62.34 -29.01 12.67
N UNK H 3177 62.72 -29.37 11.46
CA UNK H 3177 62.93 -30.76 11.10
C UNK H 3177 64.31 -31.23 11.54
N UNK H 3178 65.20 -30.27 11.78
CA UNK H 3178 66.56 -30.58 12.24
C UNK H 3178 66.59 -30.80 13.74
N UNK H 3179 65.43 -30.60 14.39
CA UNK H 3179 65.32 -30.77 15.83
C UNK H 3179 65.39 -32.25 16.20
N GLU H 3180 61.96 -41.08 14.61
CA GLU H 3180 61.11 -40.47 15.62
C GLU H 3180 60.93 -38.98 15.36
N PHE H 3181 61.87 -38.39 14.62
CA PHE H 3181 61.77 -36.98 14.30
C PHE H 3181 60.64 -36.68 13.32
N ALA H 3182 60.29 -37.65 12.49
CA ALA H 3182 59.20 -37.43 11.53
C ALA H 3182 57.85 -37.38 12.22
N ASN H 3183 57.60 -38.31 13.14
CA ASN H 3183 56.35 -38.38 13.88
C ASN H 3183 56.65 -38.30 15.36
N ARG H 3184 56.54 -37.09 15.93
CA ARG H 3184 56.80 -36.86 17.34
C ARG H 3184 55.73 -36.05 18.05
N PHE H 3185 54.83 -35.40 17.31
CA PHE H 3185 53.77 -34.58 17.92
C PHE H 3185 52.44 -34.86 17.23
N GLN H 3186 52.21 -36.11 16.85
CA GLN H 3186 50.96 -36.49 16.19
C GLN H 3186 49.80 -36.62 17.16
N GLU H 3187 50.07 -36.81 18.45
CA GLU H 3187 48.97 -36.95 19.42
C GLU H 3187 48.27 -35.62 19.69
N PRO H 3188 48.96 -34.52 20.01
CA PRO H 3188 48.22 -33.27 20.25
C PRO H 3188 47.58 -32.71 18.99
N ALA H 3189 48.17 -32.92 17.82
CA ALA H 3189 47.60 -32.41 16.58
C ALA H 3189 46.36 -33.19 16.14
N ARG H 3190 46.14 -34.37 16.72
CA ARG H 3190 44.97 -35.17 16.32
C ARG H 3190 43.69 -34.56 16.86
N ASP H 3191 43.71 -34.05 18.09
CA ASP H 3191 42.50 -33.47 18.67
C ASP H 3191 42.16 -32.15 18.00
N ILE H 3192 43.12 -31.24 17.91
CA ILE H 3192 42.86 -29.94 17.29
C ILE H 3192 42.66 -30.09 15.79
N GLY H 3193 43.32 -31.06 15.16
CA GLY H 3193 43.14 -31.27 13.73
C GLY H 3193 41.71 -31.61 13.36
N PHE H 3194 41.01 -32.37 14.20
CA PHE H 3194 39.60 -32.64 13.98
C PHE H 3194 38.71 -31.50 14.45
N ASN H 3195 39.21 -30.64 15.34
CA ASN H 3195 38.39 -29.53 15.83
C ASN H 3195 38.24 -28.45 14.76
N VAL H 3196 39.33 -28.13 14.04
CA VAL H 3196 39.24 -27.15 12.97
C VAL H 3196 38.43 -27.69 11.80
N ALA H 3197 38.39 -29.01 11.64
CA ALA H 3197 37.65 -29.59 10.52
C ALA H 3197 36.14 -29.49 10.73
N VAL H 3198 35.67 -29.73 11.95
CA VAL H 3198 34.23 -29.71 12.19
C VAL H 3198 33.69 -28.29 12.22
N LEU H 3199 34.52 -27.31 12.61
CA LEU H 3199 34.04 -25.93 12.63
C LEU H 3199 34.07 -25.31 11.23
N LEU H 3200 35.02 -25.74 10.38
CA LEU H 3200 35.12 -25.16 9.05
C LEU H 3200 33.91 -25.53 8.19
N THR H 3201 33.39 -26.75 8.34
CA THR H 3201 32.21 -27.15 7.59
C THR H 3201 30.93 -26.67 8.24
N ASN H 3202 31.00 -26.12 9.46
CA ASN H 3202 29.79 -25.69 10.15
C ASN H 3202 29.40 -24.27 9.80
N LEU H 3203 30.36 -23.35 9.80
CA LEU H 3203 30.03 -21.95 9.50
C LEU H 3203 29.89 -21.70 8.01
N SER H 3204 30.55 -22.50 7.18
CA SER H 3204 30.44 -22.33 5.73
C SER H 3204 29.12 -22.84 5.20
N GLU H 3205 28.57 -23.90 5.81
CA GLU H 3205 27.29 -24.44 5.37
C GLU H 3205 26.13 -23.57 5.82
N HIS H 3206 26.26 -22.90 6.96
CA HIS H 3206 25.17 -22.07 7.46
C HIS H 3206 24.98 -20.82 6.62
N VAL H 3207 26.07 -20.16 6.24
CA VAL H 3207 25.96 -18.93 5.44
C VAL H 3207 25.57 -19.29 4.02
N PRO H 3208 24.73 -18.50 3.35
CA PRO H 3208 24.37 -18.80 1.96
C PRO H 3208 25.54 -18.65 1.00
N HIS H 3209 26.24 -17.52 1.07
CA HIS H 3209 27.37 -17.26 0.19
C HIS H 3209 28.31 -16.29 0.89
N ASP H 3210 29.57 -16.69 1.04
CA ASP H 3210 30.57 -15.85 1.68
C ASP H 3210 31.93 -16.05 1.02
N PRO H 3211 32.48 -15.00 0.39
CA PRO H 3211 33.80 -15.16 -0.25
C PRO H 3211 34.91 -15.46 0.75
N ARG H 3212 34.83 -14.93 1.97
CA ARG H 3212 35.86 -15.21 2.96
C ARG H 3212 35.77 -16.65 3.47
N LEU H 3213 34.57 -17.22 3.50
CA LEU H 3213 34.43 -18.61 3.94
C LEU H 3213 35.04 -19.58 2.94
N ARG H 3214 34.86 -19.33 1.65
CA ARG H 3214 35.47 -20.19 0.64
C ARG H 3214 36.98 -20.05 0.60
N ASN H 3215 37.49 -18.87 0.98
CA ASN H 3215 38.94 -18.67 1.00
C ASN H 3215 39.58 -19.46 2.14
N PHE H 3216 39.00 -19.37 3.33
CA PHE H 3216 39.53 -20.11 4.47
C PHE H 3216 39.38 -21.62 4.29
N LEU H 3217 38.30 -22.06 3.66
CA LEU H 3217 38.11 -23.48 3.41
C LEU H 3217 39.08 -24.01 2.35
N GLU H 3218 39.43 -23.17 1.37
CA GLU H 3218 40.38 -23.60 0.34
C GLU H 3218 41.78 -23.75 0.91
N LEU H 3219 42.20 -22.82 1.77
CA LEU H 3219 43.51 -22.91 2.39
C LEU H 3219 43.61 -24.06 3.37
N ALA H 3220 42.48 -24.52 3.93
CA ALA H 3220 42.45 -25.64 4.85
C ALA H 3220 41.91 -26.90 4.18
N GLU H 3221 42.11 -27.04 2.87
CA GLU H 3221 41.61 -28.20 2.15
C GLU H 3221 42.35 -29.47 2.54
N SER H 3222 43.60 -29.35 3.01
CA SER H 3222 44.35 -30.53 3.39
C SER H 3222 43.88 -31.07 4.74
N ILE H 3223 43.40 -30.20 5.62
CA ILE H 3223 42.97 -30.62 6.95
C ILE H 3223 41.64 -31.38 6.88
N LEU H 3224 40.72 -30.92 6.03
CA LEU H 3224 39.42 -31.58 5.94
C LEU H 3224 39.52 -32.92 5.22
N GLU H 3225 40.49 -33.07 4.33
CA GLU H 3225 40.65 -34.34 3.62
C GLU H 3225 41.14 -35.44 4.56
N TYR H 3226 41.92 -35.09 5.58
CA TYR H 3226 42.41 -36.09 6.52
C TYR H 3226 41.32 -36.50 7.52
N PHE H 3227 40.54 -35.53 7.99
CA PHE H 3227 39.47 -35.78 8.94
C PHE H 3227 38.14 -36.10 8.27
N ARG H 3228 38.17 -36.51 7.00
CA ARG H 3228 36.92 -36.83 6.31
C ARG H 3228 36.31 -38.13 6.80
N PRO H 3229 37.03 -39.26 6.87
CA PRO H 3229 36.39 -40.49 7.36
C PRO H 3229 36.10 -40.48 8.85
N TYR H 3230 36.77 -39.62 9.62
CA TYR H 3230 36.57 -39.53 11.06
C TYR H 3230 35.54 -38.47 11.44
N LEU H 3231 34.63 -38.12 10.53
CA LEU H 3231 33.61 -37.11 10.78
C LEU H 3231 32.24 -37.73 10.58
N GLY H 3232 31.32 -37.42 11.47
CA GLY H 3232 29.97 -37.92 11.39
C GLY H 3232 28.95 -36.82 11.61
N ARG H 3233 27.85 -36.91 10.88
CA ARG H 3233 26.77 -35.92 10.95
C ARG H 3233 25.47 -36.61 11.33
N ILE H 3234 24.65 -35.91 12.12
CA ILE H 3234 23.36 -36.40 12.58
C ILE H 3234 22.37 -35.24 12.58
N GLU H 3235 21.13 -35.55 12.92
CA GLU H 3235 20.07 -34.54 12.97
C GLU H 3235 19.17 -34.81 14.16
N ILE H 3236 18.80 -33.76 14.88
CA ILE H 3236 17.96 -33.83 16.07
C ILE H 3236 16.72 -32.98 15.85
N MET H 3237 15.58 -33.49 16.31
CA MET H 3237 14.30 -32.78 16.23
C MET H 3237 13.73 -32.71 17.65
N GLY H 3238 14.05 -31.64 18.36
CA GLY H 3238 13.63 -31.44 19.73
C GLY H 3238 12.45 -30.50 19.86
N ALA H 3239 12.41 -29.78 20.98
CA ALA H 3239 11.30 -28.85 21.23
C ALA H 3239 11.36 -27.63 20.33
N SER H 3240 12.53 -27.29 19.79
CA SER H 3240 12.65 -26.14 18.91
C SER H 3240 12.04 -26.37 17.53
N ARG H 3241 11.68 -27.62 17.21
CA ARG H 3241 11.09 -27.97 15.92
C ARG H 3241 11.99 -27.58 14.76
N ARG H 3242 13.31 -27.64 14.96
CA ARG H 3242 14.30 -27.30 13.95
C ARG H 3242 15.29 -28.44 13.80
N ILE H 3243 15.72 -28.69 12.58
CA ILE H 3243 16.68 -29.74 12.26
C ILE H 3243 18.03 -29.10 12.01
N GLU H 3244 19.06 -29.55 12.73
CA GLU H 3244 20.41 -29.03 12.59
C GLU H 3244 21.40 -30.19 12.59
N ARG H 3245 22.59 -29.91 12.06
CA ARG H 3245 23.63 -30.93 11.97
C ARG H 3245 24.46 -30.93 13.26
N ILE H 3246 24.88 -32.12 13.67
CA ILE H 3246 25.69 -32.30 14.87
C ILE H 3246 26.99 -32.98 14.42
N TYR H 3247 28.02 -32.18 14.17
CA TYR H 3247 29.31 -32.72 13.74
C TYR H 3247 30.11 -33.11 14.97
N PHE H 3248 30.27 -34.42 15.18
CA PHE H 3248 31.00 -34.96 16.31
C PHE H 3248 32.19 -35.78 15.81
N GLU H 3249 33.10 -36.09 16.74
CA GLU H 3249 34.29 -36.85 16.43
C GLU H 3249 34.02 -38.34 16.57
N ILE H 3250 34.47 -39.12 15.59
CA ILE H 3250 34.31 -40.57 15.57
C ILE H 3250 35.63 -41.21 15.98
N SER H 3251 35.57 -42.12 16.96
CA SER H 3251 36.77 -42.79 17.43
C SER H 3251 37.28 -43.78 16.39
N GLU H 3252 38.59 -43.97 16.37
CA GLU H 3252 39.19 -44.91 15.43
C GLU H 3252 38.90 -46.35 15.82
N THR H 3253 38.64 -46.60 17.11
CA THR H 3253 38.38 -47.96 17.56
C THR H 3253 36.99 -48.42 17.12
N ASN H 3254 36.01 -47.51 17.08
CA ASN H 3254 34.66 -47.87 16.65
C ASN H 3254 34.58 -48.09 15.15
N ARG H 3255 35.35 -47.33 14.36
CA ARG H 3255 35.33 -47.51 12.91
C ARG H 3255 35.97 -48.85 12.52
N ALA H 3256 36.96 -49.32 13.28
CA ALA H 3256 37.58 -50.60 12.96
C ALA H 3256 36.65 -51.76 13.26
N GLN H 3257 35.86 -51.66 14.33
CA GLN H 3257 34.91 -52.71 14.66
C GLN H 3257 33.72 -52.74 13.70
N TRP H 3258 33.43 -51.63 13.03
CA TRP H 3258 32.34 -51.59 12.06
C TRP H 3258 32.65 -52.41 10.80
N GLU H 3259 33.93 -52.58 10.48
CA GLU H 3259 34.33 -53.38 9.32
C GLU H 3259 34.63 -54.82 9.73
N MET H 3260 33.59 -55.49 10.22
CA MET H 3260 33.68 -56.86 10.68
C MET H 3260 32.61 -57.70 10.00
N PRO H 3261 32.91 -58.98 9.72
CA PRO H 3261 31.90 -59.83 9.06
C PRO H 3261 30.68 -60.08 9.92
N GLN H 3262 30.82 -60.03 11.25
CA GLN H 3262 29.67 -60.29 12.11
C GLN H 3262 28.69 -59.12 12.10
N VAL H 3263 29.20 -57.89 12.16
CA VAL H 3263 28.32 -56.73 12.17
C VAL H 3263 27.82 -56.39 10.78
N LYS H 3264 28.54 -56.83 9.73
CA LYS H 3264 28.10 -56.54 8.37
C LYS H 3264 26.96 -57.46 7.95
N GLU H 3265 27.04 -58.74 8.31
CA GLU H 3265 25.97 -59.67 7.97
C GLU H 3265 24.73 -59.42 8.81
N SER H 3266 24.92 -59.03 10.07
CA SER H 3266 23.77 -58.77 10.94
C SER H 3266 23.06 -57.47 10.55
N LYS H 3267 23.78 -56.53 9.95
CA LYS H 3267 23.14 -55.28 9.53
C LYS H 3267 22.22 -55.50 8.33
N ARG H 3268 22.63 -56.37 7.41
CA ARG H 3268 21.78 -56.65 6.25
C ARG H 3268 20.53 -57.42 6.65
N GLN H 3269 20.65 -58.33 7.61
CA GLN H 3269 19.49 -59.09 8.06
C GLN H 3269 18.53 -58.22 8.86
N PHE H 3270 19.03 -57.16 9.50
CA PHE H 3270 18.16 -56.28 10.27
C PHE H 3270 17.29 -55.42 9.36
N ILE H 3271 17.80 -55.05 8.19
CA ILE H 3271 17.03 -54.24 7.26
C ILE H 3271 15.83 -55.01 6.73
N PHE H 3272 15.97 -56.32 6.56
CA PHE H 3272 14.85 -57.13 6.08
C PHE H 3272 13.91 -57.53 7.22
N ASP H 3273 14.47 -57.72 8.42
CA ASP H 3273 13.63 -58.10 9.56
C ASP H 3273 12.79 -56.93 10.07
N VAL H 3274 13.18 -55.70 9.72
CA VAL H 3274 12.41 -54.53 10.16
C VAL H 3274 11.43 -54.07 9.09
N VAL H 3275 11.54 -54.56 7.86
CA VAL H 3275 10.65 -54.11 6.79
C VAL H 3275 9.30 -54.81 6.89
N ASN H 3276 9.30 -56.12 7.16
CA ASN H 3276 8.05 -56.87 7.23
C ASN H 3276 7.21 -56.54 8.46
N GLU H 3277 7.74 -55.75 9.39
CA GLU H 3277 6.98 -55.36 10.56
C GLU H 3277 5.86 -54.41 10.17
N GLY H 3278 4.64 -54.68 10.67
CA GLY H 3278 3.51 -53.84 10.32
C GLY H 3278 3.53 -52.49 10.99
N GLY H 3279 4.12 -52.40 12.17
CA GLY H 3279 4.17 -51.14 12.89
C GLY H 3279 5.37 -50.29 12.52
N GLU H 3280 5.11 -49.12 11.91
CA GLU H 3280 6.19 -48.23 11.54
C GLU H 3280 6.77 -47.54 12.76
N SER H 3281 5.91 -47.10 13.69
CA SER H 3281 6.40 -46.45 14.90
C SER H 3281 7.08 -47.45 15.83
N GLU H 3282 6.56 -48.68 15.89
CA GLU H 3282 7.18 -49.70 16.72
C GLU H 3282 8.53 -50.14 16.17
N LYS H 3283 8.74 -50.02 14.86
CA LYS H 3283 10.01 -50.39 14.25
C LYS H 3283 11.12 -49.42 14.61
N MET H 3284 10.78 -48.19 15.00
CA MET H 3284 11.80 -47.23 15.39
C MET H 3284 12.50 -47.64 16.68
N GLU H 3285 11.74 -48.22 17.63
CA GLU H 3285 12.33 -48.68 18.87
C GLU H 3285 13.20 -49.92 18.69
N LEU H 3286 12.95 -50.70 17.64
CA LEU H 3286 13.77 -51.89 17.38
C LEU H 3286 15.17 -51.53 16.91
N PHE H 3287 15.36 -50.34 16.34
CA PHE H 3287 16.69 -49.94 15.90
C PHE H 3287 17.61 -49.66 17.08
N VAL H 3288 17.06 -49.14 18.18
CA VAL H 3288 17.88 -48.85 19.35
C VAL H 3288 18.37 -50.14 19.99
N SER H 3289 17.54 -51.19 20.00
CA SER H 3289 17.97 -52.47 20.52
C SER H 3289 18.97 -53.16 19.61
N PHE H 3290 19.03 -52.79 18.33
CA PHE H 3290 19.99 -53.40 17.43
C PHE H 3290 21.40 -52.88 17.69
N CYS H 3291 21.54 -51.58 17.95
CA CYS H 3291 22.86 -51.02 18.22
C CYS H 3291 23.41 -51.50 19.56
N GLU H 3292 22.53 -51.73 20.54
CA GLU H 3292 22.99 -52.19 21.84
C GLU H 3292 23.57 -53.60 21.76
N ASP H 3293 23.10 -54.41 20.82
CA ASP H 3293 23.64 -55.77 20.68
C ASP H 3293 25.01 -55.75 20.01
N THR H 3294 25.28 -54.76 19.17
CA THR H 3294 26.58 -54.70 18.50
C THR H 3294 27.69 -54.30 19.45
N ILE H 3295 27.40 -53.41 20.40
CA ILE H 3295 28.42 -52.98 21.35
C ILE H 3295 28.77 -54.12 22.31
N PHE H 3296 27.82 -55.01 22.59
CA PHE H 3296 28.08 -56.12 23.50
C PHE H 3296 29.07 -57.11 22.90
N GLU H 3297 29.07 -57.26 21.58
CA GLU H 3297 29.98 -58.17 20.90
C GLU H 3297 31.02 -57.41 20.09
N GLU H 3298 45.50 -74.54 32.53
CA GLU H 3298 45.42 -73.22 33.14
C GLU H 3298 45.11 -72.16 32.09
N VAL H 3299 46.17 -71.57 31.51
CA VAL H 3299 45.98 -70.54 30.49
C VAL H 3299 45.57 -71.15 29.16
N GLN H 3300 45.74 -72.46 28.98
CA GLN H 3300 45.34 -73.09 27.72
C GLN H 3300 43.82 -73.21 27.61
N ARG H 3301 43.12 -73.23 28.74
CA ARG H 3301 41.67 -73.34 28.71
C ARG H 3301 41.02 -72.05 28.23
N VAL H 3302 41.50 -70.91 28.72
CA VAL H 3302 40.93 -69.62 28.31
C VAL H 3302 41.34 -69.28 26.89
N LYS H 3303 42.45 -69.85 26.41
CA LYS H 3303 42.88 -69.61 25.04
C LYS H 3303 42.14 -70.48 24.05
N PHE H 3304 41.70 -71.67 24.46
CA PHE H 3304 40.96 -72.56 23.57
C PHE H 3304 39.57 -72.01 23.27
N LEU H 3305 38.98 -71.25 24.20
CA LEU H 3305 37.66 -70.68 23.97
C LEU H 3305 37.71 -69.59 22.91
N ASN H 3306 38.73 -68.73 22.96
CA ASN H 3306 38.85 -67.67 21.97
C ASN H 3306 39.26 -68.21 20.61
N TYR H 3307 39.99 -69.32 20.58
CA TYR H 3307 40.42 -69.90 19.31
C TYR H 3307 39.24 -70.54 18.58
N LEU H 3308 38.35 -71.22 19.30
CA LEU H 3308 37.22 -71.86 18.65
C LEU H 3308 36.18 -70.85 18.22
N SER H 3309 36.03 -69.74 18.95
CA SER H 3309 35.05 -68.73 18.58
C SER H 3309 35.48 -67.98 17.32
N ARG H 3310 36.78 -67.76 17.16
CA ARG H 3310 37.26 -67.06 15.96
C ARG H 3310 37.13 -67.94 14.72
N ASN H 3311 37.39 -69.24 14.86
CA ASN H 3311 37.28 -70.19 13.76
C ASN H 3311 35.92 -70.89 13.74
N PHE H 3312 34.90 -70.30 14.35
CA PHE H 3312 33.59 -70.93 14.38
C PHE H 3312 32.91 -70.87 13.01
N TYR H 3313 33.02 -69.73 12.33
CA TYR H 3313 32.43 -69.60 11.01
C TYR H 3313 33.12 -70.50 9.99
N THR H 3314 34.43 -70.65 10.10
CA THR H 3314 35.15 -71.55 9.20
C THR H 3314 34.88 -73.01 9.55
N LEU H 3315 34.48 -73.29 10.80
CA LEU H 3315 34.21 -74.66 11.20
C LEU H 3315 32.96 -75.21 10.52
N ARG H 3316 32.04 -74.33 10.10
CA ARG H 3316 30.85 -74.79 9.40
C ARG H 3316 31.15 -75.21 7.96
N PHE H 3317 32.30 -74.81 7.42
CA PHE H 3317 32.64 -75.19 6.05
C PHE H 3317 33.03 -76.66 5.97
N LEU H 3318 33.73 -77.16 6.98
CA LEU H 3318 34.08 -78.58 6.99
C LEU H 3318 32.85 -79.46 7.15
N ALA H 3319 31.81 -78.96 7.81
CA ALA H 3319 30.55 -79.71 7.89
C ALA H 3319 29.90 -79.87 6.52
N LEU H 3320 30.33 -79.10 5.53
CA LEU H 3320 29.82 -79.22 4.16
C LEU H 3320 30.74 -80.00 3.24
N PHE H 3321 32.06 -79.94 3.45
CA PHE H 3321 32.98 -80.62 2.55
C PHE H 3321 33.09 -82.11 2.88
N LEU H 3322 33.29 -82.45 4.16
CA LEU H 3322 33.36 -83.85 4.53
C LEU H 3322 32.05 -84.58 4.34
N ALA H 3323 30.92 -83.86 4.30
CA ALA H 3323 29.65 -84.50 3.98
C ALA H 3323 29.61 -84.96 2.54
N PHE H 3324 30.19 -84.16 1.63
CA PHE H 3324 30.27 -84.56 0.22
C PHE H 3324 31.21 -85.74 0.00
N ALA H 3325 32.14 -85.97 0.92
CA ALA H 3325 33.10 -87.05 0.75
C ALA H 3325 32.63 -88.36 1.35
N ILE H 3326 31.74 -88.31 2.35
CA ILE H 3326 31.32 -89.54 3.01
C ILE H 3326 30.14 -90.18 2.27
N ASN H 3327 29.23 -89.37 1.72
CA ASN H 3327 28.10 -89.94 1.00
C ASN H 3327 28.50 -90.47 -0.38
N PHE H 3328 29.69 -90.11 -0.86
CA PHE H 3328 30.13 -90.58 -2.16
C PHE H 3328 30.51 -92.06 -2.11
N ILE H 3329 31.13 -92.50 -1.02
CA ILE H 3329 31.55 -93.90 -0.92
C ILE H 3329 30.38 -94.80 -0.57
N LEU H 3330 29.40 -94.30 0.19
CA LEU H 3330 28.23 -95.10 0.51
C LEU H 3330 27.43 -95.46 -0.73
N LEU H 3331 27.57 -94.70 -1.82
CA LEU H 3331 26.91 -95.04 -3.07
C LEU H 3331 27.48 -96.32 -3.69
N PHE H 3332 28.70 -96.69 -3.33
CA PHE H 3332 29.33 -97.91 -3.82
C PHE H 3332 29.03 -99.12 -2.94
N TYR H 3333 28.09 -99.00 -2.01
CA TYR H 3333 27.76 -100.12 -1.14
C TYR H 3333 27.00 -101.20 -1.89
N LYS H 3334 27.00 -102.40 -1.32
CA LYS H 3334 26.32 -103.53 -1.92
C LYS H 3334 25.93 -104.51 -0.82
N VAL H 3335 25.08 -105.46 -1.18
CA VAL H 3335 24.63 -106.50 -0.27
C VAL H 3335 24.80 -107.86 -0.95
N SER H 3336 25.05 -108.88 -0.12
CA SER H 3336 25.22 -110.24 -0.62
C SER H 3336 25.02 -111.20 0.55
N ASP H 3337 24.93 -112.49 0.21
CA ASP H 3337 24.75 -113.51 1.24
C ASP H 3337 26.05 -113.80 1.97
N SER H 3338 27.13 -114.03 1.22
CA SER H 3338 28.44 -114.32 1.79
C SER H 3338 29.44 -113.28 1.31
N PRO H 3339 30.13 -112.56 2.19
CA PRO H 3339 31.12 -111.55 1.83
C PRO H 3339 32.31 -112.14 1.07
N VAL H 3340 21.60 -111.33 5.46
CA VAL H 3340 22.87 -110.71 5.77
C VAL H 3340 23.15 -109.56 4.81
N TYR H 3341 24.23 -108.83 5.06
CA TYR H 3341 24.60 -107.70 4.22
C TYR H 3341 26.07 -107.81 3.80
N TYR H 3342 26.59 -106.77 3.15
CA TYR H 3342 27.97 -106.74 2.69
C TYR H 3342 28.54 -105.36 3.00
N PHE H 3343 29.74 -105.09 2.49
CA PHE H 3343 30.43 -103.83 2.69
C PHE H 3343 30.68 -103.16 1.34
N LEU H 3344 31.33 -102.00 1.39
CA LEU H 3344 31.64 -101.25 0.18
C LEU H 3344 32.73 -101.95 -0.60
N GLU H 3345 32.42 -102.34 -1.84
CA GLU H 3345 33.36 -103.02 -2.73
C GLU H 3345 33.74 -102.08 -3.86
N GLU H 3346 35.04 -101.83 -4.00
CA GLU H 3346 35.55 -100.94 -5.03
C GLU H 3346 36.88 -101.46 -5.54
N SER H 3347 37.34 -100.90 -6.66
CA SER H 3347 38.60 -101.34 -7.25
C SER H 3347 39.80 -100.77 -6.50
N THR H 3348 39.74 -99.50 -6.12
CA THR H 3348 40.85 -98.86 -5.43
C THR H 3348 40.95 -99.38 -3.98
N GLY H 3349 42.12 -99.18 -3.39
CA GLY H 3349 42.39 -99.62 -2.03
C GLY H 3349 42.32 -98.54 -0.98
N TYR H 3350 42.02 -97.29 -1.34
CA TYR H 3350 41.92 -96.21 -0.38
C TYR H 3350 40.49 -95.97 0.10
N MET H 3351 39.50 -96.56 -0.56
CA MET H 3351 38.11 -96.34 -0.19
C MET H 3351 37.71 -97.14 1.05
N GLU H 3352 38.33 -98.31 1.26
CA GLU H 3352 37.96 -99.13 2.42
C GLU H 3352 38.38 -98.48 3.74
N PRO H 3353 39.63 -98.05 3.94
CA PRO H 3353 39.97 -97.42 5.22
C PRO H 3353 39.41 -96.01 5.38
N ALA H 3354 38.79 -95.44 4.35
CA ALA H 3354 38.27 -94.09 4.44
C ALA H 3354 36.98 -94.01 5.26
N LEU H 3355 36.33 -95.14 5.54
CA LEU H 3355 35.10 -95.11 6.32
C LEU H 3355 35.39 -94.83 7.79
N ARG H 3356 36.53 -95.29 8.28
CA ARG H 3356 36.90 -95.08 9.69
C ARG H 3356 37.67 -93.78 9.88
N CYS H 3357 38.28 -93.25 8.81
CA CYS H 3357 39.04 -92.01 8.92
C CYS H 3357 38.13 -90.79 8.81
N LEU H 3358 37.24 -90.79 7.83
CA LEU H 3358 36.37 -89.63 7.60
C LEU H 3358 35.25 -89.54 8.63
N SER H 3359 34.89 -90.66 9.27
CA SER H 3359 33.80 -90.63 10.23
C SER H 3359 34.21 -89.98 11.55
N LEU H 3360 35.49 -90.10 11.93
CA LEU H 3360 35.93 -89.50 13.18
C LEU H 3360 36.15 -88.00 13.04
N LEU H 3361 36.64 -87.54 11.88
CA LEU H 3361 36.88 -86.12 11.69
C LEU H 3361 35.57 -85.35 11.71
N HIS H 3362 34.52 -85.92 11.13
CA HIS H 3362 33.22 -85.24 11.08
C HIS H 3362 32.62 -85.08 12.47
N THR H 3363 33.00 -85.94 13.42
CA THR H 3363 32.47 -85.84 14.77
C THR H 3363 33.25 -84.86 15.63
N LEU H 3364 34.56 -84.70 15.38
CA LEU H 3364 35.35 -83.76 16.17
C LEU H 3364 35.02 -82.32 15.81
N VAL H 3365 34.76 -82.04 14.53
CA VAL H 3365 34.42 -80.68 14.13
C VAL H 3365 33.03 -80.29 14.60
N ALA H 3366 32.14 -81.26 14.82
CA ALA H 3366 30.81 -80.96 15.31
C ALA H 3366 30.79 -80.70 16.81
N PHE H 3367 31.64 -81.42 17.55
CA PHE H 3367 31.72 -81.21 19.00
C PHE H 3367 32.41 -79.90 19.34
N LEU H 3368 33.34 -79.45 18.48
CA LEU H 3368 34.02 -78.19 18.74
C LEU H 3368 33.12 -76.99 18.47
N CYS H 3369 32.13 -77.14 17.58
CA CYS H 3369 31.22 -76.04 17.29
C CYS H 3369 30.30 -75.74 18.47
N ILE H 3370 30.05 -76.74 19.33
CA ILE H 3370 29.20 -76.51 20.49
C ILE H 3370 29.90 -75.60 21.50
N ILE H 3371 31.20 -75.82 21.72
CA ILE H 3371 31.94 -74.97 22.64
C ILE H 3371 32.19 -73.60 22.02
N GLY H 3372 32.41 -73.55 20.70
CA GLY H 3372 32.60 -72.28 20.04
C GLY H 3372 31.34 -71.44 20.00
N TYR H 3373 30.19 -72.09 19.87
CA TYR H 3373 28.92 -71.36 19.90
C TYR H 3373 28.62 -70.82 21.29
N ASN H 3374 29.18 -71.43 22.33
CA ASN H 3374 28.92 -71.00 23.70
C ASN H 3374 29.43 -69.59 23.95
N CYS H 3375 30.48 -69.17 23.25
CA CYS H 3375 31.05 -67.85 23.42
C CYS H 3375 30.84 -66.95 22.21
N LEU H 3376 29.92 -67.29 21.32
CA LEU H 3376 29.67 -66.52 20.12
C LEU H 3376 28.26 -65.93 20.08
N LYS H 3377 27.22 -66.76 20.28
CA LYS H 3377 25.85 -66.30 20.23
C LYS H 3377 25.08 -66.50 21.52
N VAL H 3378 25.53 -67.40 22.40
CA VAL H 3378 24.86 -67.57 23.69
C VAL H 3378 24.89 -66.28 24.52
N PRO H 3379 26.01 -65.55 24.62
CA PRO H 3379 25.95 -64.25 25.30
C PRO H 3379 25.06 -63.24 24.58
N LEU H 3380 24.76 -63.45 23.30
CA LEU H 3380 23.90 -62.53 22.57
C LEU H 3380 22.42 -62.80 22.88
N VAL H 3381 22.01 -64.06 22.86
CA VAL H 3381 20.62 -64.38 23.14
C VAL H 3381 20.28 -64.13 24.60
N ILE H 3382 21.27 -64.23 25.49
CA ILE H 3382 21.05 -63.89 26.89
C ILE H 3382 20.89 -62.39 27.05
N PHE H 3383 21.73 -61.61 26.37
CA PHE H 3383 21.60 -60.16 26.41
C PHE H 3383 20.34 -59.69 25.69
N LYS H 3384 19.91 -60.41 24.66
CA LYS H 3384 18.69 -60.04 23.95
C LYS H 3384 17.45 -60.26 24.80
N ARG H 3385 17.52 -61.20 25.75
CA ARG H 3385 16.40 -61.47 26.65
C ARG H 3385 16.51 -60.65 27.94
N GLU H 3386 17.72 -60.47 28.45
CA GLU H 3386 17.90 -59.66 29.66
C GLU H 3386 17.57 -58.19 29.41
N LYS H 3387 17.82 -57.70 28.20
CA LYS H 3387 17.46 -56.32 27.88
C LYS H 3387 15.96 -56.14 27.78
N GLU H 3388 15.24 -57.15 27.27
CA GLU H 3388 13.79 -57.08 27.24
C GLU H 3388 13.19 -57.21 28.63
N LEU H 3389 13.83 -57.98 29.51
CA LEU H 3389 13.33 -58.10 30.88
C LEU H 3389 13.62 -56.84 31.69
N ALA H 3390 14.78 -56.22 31.47
CA ALA H 3390 15.11 -55.00 32.18
C ALA H 3390 14.21 -53.85 31.74
N ARG H 3391 13.89 -53.78 30.45
CA ARG H 3391 12.98 -52.76 29.96
C ARG H 3391 11.54 -53.04 30.35
N LYS H 3392 11.20 -54.31 30.63
CA LYS H 3392 9.85 -54.63 31.04
C LYS H 3392 9.60 -54.24 32.49
N LEU H 3393 10.66 -54.14 33.30
CA LEU H 3393 10.49 -53.74 34.69
C LEU H 3393 10.17 -52.26 34.82
N GLU H 3394 10.74 -51.43 33.95
CA GLU H 3394 10.40 -50.01 33.96
C GLU H 3394 8.96 -49.79 33.50
N PHE H 3395 8.51 -50.57 32.53
CA PHE H 3395 7.12 -50.53 32.09
C PHE H 3395 6.32 -51.56 32.89
N ASP H 3396 5.11 -51.87 32.43
CA ASP H 3396 4.29 -52.90 33.08
C ASP H 3396 5.02 -54.23 33.07
N GLY H 3397 5.43 -54.71 34.25
CA GLY H 3397 6.21 -55.92 34.35
C GLY H 3397 5.38 -57.17 34.36
N LEU H 3398 6.08 -58.31 34.50
CA LEU H 3398 5.42 -59.60 34.50
C LEU H 3398 4.95 -60.02 35.90
N TYR H 3399 5.63 -59.55 36.94
CA TYR H 3399 5.28 -59.85 38.32
C TYR H 3399 5.15 -58.56 39.12
N ILE H 3400 4.43 -57.60 38.55
CA ILE H 3400 4.20 -56.31 39.18
C ILE H 3400 2.69 -56.10 39.30
N THR H 3401 2.28 -54.94 39.81
CA THR H 3401 0.86 -54.59 39.95
C THR H 3401 0.07 -54.92 38.69
N GLU H 3402 0.66 -54.70 37.53
CA GLU H 3402 0.03 -55.08 36.27
C GLU H 3402 0.13 -56.59 36.08
N GLN H 3403 -1.01 -57.23 35.86
CA GLN H 3403 -1.02 -58.68 35.72
C GLN H 3403 -0.39 -59.09 34.40
N PRO H 3404 0.36 -60.21 34.37
CA PRO H 3404 1.00 -60.68 33.14
C PRO H 3404 0.01 -61.23 32.13
N VAL H 3405 4.08 -68.41 27.09
CA VAL H 3405 4.72 -69.63 27.60
C VAL H 3405 6.11 -69.29 28.13
N LYS H 3406 6.74 -68.29 27.52
CA LYS H 3406 8.07 -67.88 27.94
C LYS H 3406 8.05 -66.90 29.11
N GLY H 3407 6.93 -66.22 29.34
CA GLY H 3407 6.84 -65.29 30.45
C GLY H 3407 6.85 -65.96 31.80
N GLN H 3408 6.29 -67.17 31.91
CA GLN H 3408 6.28 -67.87 33.18
C GLN H 3408 7.68 -68.36 33.56
N TRP H 3409 8.48 -68.76 32.56
CA TRP H 3409 9.84 -69.20 32.84
C TRP H 3409 10.72 -68.06 33.34
N ASP H 3410 10.37 -66.82 33.04
CA ASP H 3410 11.13 -65.66 33.49
C ASP H 3410 10.93 -65.36 34.97
N ARG H 3411 10.19 -66.19 35.70
CA ARG H 3411 10.03 -66.00 37.13
C ARG H 3411 11.18 -66.57 37.94
N LEU H 3412 12.02 -67.41 37.33
CA LEU H 3412 13.14 -68.00 38.05
C LEU H 3412 14.30 -67.02 38.22
N VAL H 3413 14.39 -66.00 37.35
CA VAL H 3413 15.45 -65.00 37.46
C VAL H 3413 15.06 -63.88 38.41
N LEU H 3414 13.78 -63.78 38.78
CA LEU H 3414 13.34 -62.68 39.64
C LEU H 3414 13.93 -62.79 41.03
N ASN H 3415 13.90 -63.99 41.62
CA ASN H 3415 14.44 -64.19 42.97
C ASN H 3415 15.95 -64.37 42.99
N THR H 3416 16.61 -64.19 41.86
CA THR H 3416 18.07 -64.27 41.83
C THR H 3416 18.67 -63.07 42.57
N PRO H 3417 19.67 -63.30 43.42
CA PRO H 3417 20.25 -62.17 44.17
C PRO H 3417 20.82 -61.07 43.29
N SER H 3418 21.13 -61.35 42.03
CA SER H 3418 21.70 -60.35 41.14
C SER H 3418 21.42 -60.73 39.70
N PHE H 3419 21.02 -59.74 38.90
CA PHE H 3419 20.82 -59.97 37.48
C PHE H 3419 22.17 -60.29 36.80
N PRO H 3420 22.14 -61.00 35.68
CA PRO H 3420 23.40 -61.30 34.98
C PRO H 3420 24.12 -60.03 34.56
N SER H 3421 25.45 -60.10 34.58
CA SER H 3421 26.29 -58.95 34.25
C SER H 3421 26.35 -58.66 32.76
N ASN H 3422 25.57 -59.37 31.94
CA ASN H 3422 25.59 -59.10 30.50
C ASN H 3422 24.97 -57.76 30.17
N TYR H 3423 24.01 -57.31 30.97
CA TYR H 3423 23.37 -56.02 30.72
C TYR H 3423 24.28 -54.88 31.17
N TRP H 3424 24.06 -53.71 30.59
CA TRP H 3424 24.90 -52.55 30.90
C TRP H 3424 24.56 -51.98 32.28
N ASP H 3425 23.32 -51.56 32.47
CA ASP H 3425 22.90 -50.97 33.74
C ASP H 3425 22.77 -52.05 34.80
N LYS H 3426 23.54 -51.91 35.88
CA LYS H 3426 23.52 -52.86 36.98
C LYS H 3426 22.48 -52.53 38.04
N PHE H 3427 21.77 -51.41 37.91
CA PHE H 3427 20.75 -50.99 38.86
C PHE H 3427 19.40 -50.93 38.12
N VAL H 3428 18.69 -52.06 38.14
CA VAL H 3428 17.37 -52.16 37.53
C VAL H 3428 16.29 -52.45 38.56
N LYS H 3429 16.59 -53.27 39.56
CA LYS H 3429 15.59 -53.60 40.58
C LYS H 3429 15.34 -52.41 41.50
N ARG H 3430 16.26 -51.45 41.55
CA ARG H 3430 16.09 -50.28 42.41
C ARG H 3430 15.29 -49.17 41.73
N LYS H 3431 15.22 -49.17 40.40
CA LYS H 3431 14.47 -48.13 39.70
C LYS H 3431 12.97 -48.36 39.74
N VAL H 3432 12.53 -49.63 39.80
CA VAL H 3432 11.11 -49.92 39.84
C VAL H 3432 10.50 -49.60 41.20
N LEU H 3433 11.32 -49.58 42.26
CA LEU H 3433 10.82 -49.30 43.60
C LEU H 3433 10.27 -47.88 43.73
N ASP H 3434 10.66 -46.97 42.84
CA ASP H 3434 10.19 -45.59 42.91
C ASP H 3434 8.95 -45.36 42.06
N LYS H 3435 8.87 -46.01 40.90
CA LYS H 3435 7.74 -45.78 40.00
C LYS H 3435 6.51 -46.57 40.44
N HIS H 3436 6.62 -47.90 40.50
CA HIS H 3436 5.51 -48.76 40.86
C HIS H 3436 5.60 -49.28 42.29
N GLY H 3437 6.41 -48.64 43.14
CA GLY H 3437 6.57 -49.08 44.51
C GLY H 3437 5.55 -48.51 45.47
N ASP H 3438 4.94 -47.37 45.15
CA ASP H 3438 3.98 -46.74 46.04
C ASP H 3438 2.63 -47.45 46.03
N ILE H 3439 2.37 -48.29 45.02
CA ILE H 3439 1.07 -48.97 44.93
C ILE H 3439 1.00 -50.09 45.95
N TYR H 3440 1.93 -51.05 45.86
CA TYR H 3440 1.96 -52.20 46.75
C TYR H 3440 2.87 -52.01 47.94
N GLY H 3441 3.34 -50.78 48.18
CA GLY H 3441 4.22 -50.52 49.30
C GLY H 3441 5.66 -50.89 49.01
N ARG H 3442 6.57 -50.32 49.80
CA ARG H 3442 8.00 -50.58 49.64
C ARG H 3442 8.41 -51.95 50.16
N GLU H 3443 7.51 -52.70 50.78
CA GLU H 3443 7.82 -54.01 51.32
C GLU H 3443 7.47 -55.15 50.38
N ARG H 3444 6.31 -55.07 49.72
CA ARG H 3444 5.90 -56.15 48.81
C ARG H 3444 6.74 -56.14 47.54
N ILE H 3445 7.06 -54.96 47.01
CA ILE H 3445 7.85 -54.89 45.80
C ILE H 3445 9.30 -55.28 46.04
N ALA H 3446 9.79 -55.14 47.28
CA ALA H 3446 11.17 -55.54 47.57
C ALA H 3446 11.32 -57.05 47.58
N GLU H 3447 10.31 -57.77 48.07
CA GLU H 3447 10.39 -59.22 48.10
C GLU H 3447 10.23 -59.81 46.70
N GLY H 3448 38.64 -69.77 48.61
CA GLY H 3448 39.03 -71.12 48.95
C GLY H 3448 38.13 -72.17 48.34
N LEU H 3449 38.04 -73.33 49.02
CA LEU H 3449 37.20 -74.40 48.52
C LEU H 3449 35.72 -74.06 48.68
N LEU H 3450 35.35 -73.44 49.80
CA LEU H 3450 33.95 -73.08 50.02
C LEU H 3450 33.51 -71.94 49.11
N THR H 3451 34.42 -70.99 48.83
CA THR H 3451 34.06 -69.88 47.96
C THR H 3451 33.91 -70.32 46.51
N TRP H 3452 34.59 -71.39 46.11
CA TRP H 3452 34.48 -71.87 44.74
C TRP H 3452 33.11 -72.49 44.47
N LEU H 3453 32.61 -73.29 45.40
CA LEU H 3453 31.30 -73.92 45.23
C LEU H 3453 30.16 -72.93 45.42
N MET H 3454 30.36 -71.90 46.23
CA MET H 3454 29.33 -70.91 46.48
C MET H 3454 29.15 -69.93 45.32
N SER H 3455 30.01 -69.98 44.30
CA SER H 3455 29.87 -69.06 43.18
C SER H 3455 28.67 -69.42 42.32
N ILE H 3456 28.39 -70.71 42.16
CA ILE H 3456 27.25 -71.14 41.35
C ILE H 3456 25.96 -70.91 42.13
N ASP H 3457 24.90 -70.55 41.42
CA ASP H 3457 23.59 -70.31 42.01
C ASP H 3457 22.57 -71.25 41.36
N VAL H 3458 21.79 -71.92 42.21
CA VAL H 3458 20.78 -72.86 41.70
C VAL H 3458 19.66 -72.10 40.99
N LYS H 3459 19.35 -70.88 41.46
CA LYS H 3459 18.29 -70.10 40.83
C LYS H 3459 18.74 -69.55 39.48
N TYR H 3460 20.03 -69.23 39.33
CA TYR H 3460 20.53 -68.70 38.08
C TYR H 3460 20.81 -69.81 37.07
N GLN H 3461 21.24 -70.98 37.53
CA GLN H 3461 21.55 -72.08 36.60
C GLN H 3461 20.30 -72.63 35.94
N ILE H 3462 19.15 -72.54 36.61
CA ILE H 3462 17.92 -73.05 36.02
C ILE H 3462 17.38 -72.11 34.95
N TRP H 3463 17.44 -70.80 35.21
CA TRP H 3463 16.91 -69.82 34.26
C TRP H 3463 17.84 -69.64 33.07
N LYS H 3464 19.15 -69.62 33.31
CA LYS H 3464 20.10 -69.39 32.22
C LYS H 3464 20.14 -70.60 31.28
N PHE H 3465 20.40 -71.79 31.82
CA PHE H 3465 20.48 -72.99 30.99
C PHE H 3465 19.12 -73.38 30.42
N GLY H 3466 18.02 -72.93 31.02
CA GLY H 3466 16.71 -73.27 30.51
C GLY H 3466 16.40 -72.63 29.17
N VAL H 3467 16.82 -71.38 28.99
CA VAL H 3467 16.56 -70.69 27.73
C VAL H 3467 17.42 -71.26 26.61
N ILE H 3468 18.66 -71.67 26.93
CA ILE H 3468 19.55 -72.17 25.89
C ILE H 3468 19.08 -73.53 25.38
N PHE H 3469 18.62 -74.39 26.27
CA PHE H 3469 18.14 -75.70 25.86
C PHE H 3469 16.82 -75.63 25.09
N THR H 3470 16.04 -74.56 25.29
CA THR H 3470 14.79 -74.38 24.58
C THR H 3470 14.91 -73.46 23.38
N ASP H 3471 16.09 -72.86 23.16
CA ASP H 3471 16.27 -71.98 22.02
C ASP H 3471 16.31 -72.78 20.73
N ASN H 3472 15.67 -72.23 19.68
CA ASN H 3472 15.63 -72.92 18.40
C ASN H 3472 16.99 -72.90 17.71
N SER H 3473 17.80 -71.86 17.94
CA SER H 3473 19.11 -71.79 17.32
C SER H 3473 20.08 -72.79 17.93
N PHE H 3474 20.05 -72.91 19.27
CA PHE H 3474 20.94 -73.86 19.92
C PHE H 3474 20.50 -75.30 19.68
N LEU H 3475 19.19 -75.54 19.60
CA LEU H 3475 18.71 -76.89 19.34
C LEU H 3475 19.02 -77.33 17.92
N TYR H 3476 19.14 -76.39 16.98
CA TYR H 3476 19.49 -76.75 15.62
C TYR H 3476 20.92 -77.27 15.52
N LEU H 3477 21.86 -76.58 16.18
CA LEU H 3477 23.24 -77.05 16.18
C LEU H 3477 23.40 -78.30 17.04
N GLY H 3478 22.59 -78.43 18.09
CA GLY H 3478 22.67 -79.62 18.94
C GLY H 3478 22.10 -80.85 18.27
N TRP H 3479 21.10 -80.68 17.40
CA TRP H 3479 20.54 -81.83 16.70
C TRP H 3479 21.53 -82.42 15.69
N TYR H 3480 22.48 -81.62 15.22
CA TYR H 3480 23.50 -82.14 14.32
C TYR H 3480 24.55 -82.96 15.05
N MET H 3481 24.70 -82.77 16.36
CA MET H 3481 25.68 -83.51 17.14
C MET H 3481 25.16 -84.85 17.64
N VAL H 3482 23.88 -84.93 17.97
CA VAL H 3482 23.32 -86.19 18.45
C VAL H 3482 23.28 -87.22 17.34
N MET H 3483 23.06 -86.78 16.09
CA MET H 3483 23.06 -87.69 14.96
C MET H 3483 24.47 -88.10 14.55
N SER H 3484 25.49 -87.36 14.98
CA SER H 3484 26.86 -87.72 14.65
C SER H 3484 27.31 -88.99 15.35
N LEU H 3485 26.81 -89.24 16.56
CA LEU H 3485 27.16 -90.46 17.27
C LEU H 3485 26.52 -91.68 16.63
N LEU H 3486 25.36 -91.52 15.98
CA LEU H 3486 24.72 -92.62 15.30
C LEU H 3486 25.43 -93.05 14.03
N GLY H 3487 26.36 -92.23 13.52
CA GLY H 3487 27.08 -92.60 12.32
C GLY H 3487 28.00 -93.78 12.51
N HIS H 3488 28.57 -93.94 13.71
CA HIS H 3488 29.44 -95.06 13.99
C HIS H 3488 28.70 -96.39 14.13
N TYR H 3489 27.36 -96.34 14.17
CA TYR H 3489 26.58 -97.56 14.26
C TYR H 3489 26.64 -98.35 12.94
N ASN H 3490 26.15 -99.58 12.98
CA ASN H 3490 26.14 -100.41 11.78
C ASN H 3490 25.26 -99.81 10.69
N ASN H 3491 24.17 -99.14 11.07
CA ASN H 3491 23.32 -98.46 10.12
C ASN H 3491 23.81 -97.03 9.90
N PHE H 3492 23.76 -96.58 8.66
CA PHE H 3492 24.24 -95.25 8.31
C PHE H 3492 23.15 -94.21 8.52
N PHE H 3493 23.55 -93.05 9.05
CA PHE H 3493 22.63 -91.94 9.27
C PHE H 3493 23.15 -90.64 8.67
N PHE H 3494 24.18 -90.70 7.82
CA PHE H 3494 24.72 -89.50 7.21
C PHE H 3494 23.79 -88.90 6.17
N ALA H 3495 22.73 -89.60 5.78
CA ALA H 3495 21.73 -89.01 4.90
C ALA H 3495 20.99 -87.87 5.59
N ALA H 3496 20.82 -87.96 6.91
CA ALA H 3496 20.23 -86.86 7.65
C ALA H 3496 21.14 -85.64 7.65
N HIS H 3497 22.45 -85.85 7.60
CA HIS H 3497 23.38 -84.74 7.47
C HIS H 3497 23.26 -84.07 6.11
N LEU H 3498 22.78 -84.81 5.09
CA LEU H 3498 22.56 -84.22 3.78
C LEU H 3498 21.39 -83.25 3.77
N LEU H 3499 20.55 -83.27 4.81
CA LEU H 3499 19.47 -82.29 4.91
C LEU H 3499 19.96 -80.97 5.49
N ASP H 3500 21.07 -81.00 6.21
CA ASP H 3500 21.63 -79.77 6.78
C ASP H 3500 22.40 -78.98 5.73
N ILE H 3501 23.16 -79.67 4.88
CA ILE H 3501 23.98 -78.99 3.88
C ILE H 3501 23.11 -78.25 2.87
N ALA H 3502 21.87 -78.72 2.66
CA ALA H 3502 20.96 -78.01 1.76
C ALA H 3502 20.65 -76.62 2.28
N MET H 3503 20.60 -76.45 3.60
CA MET H 3503 20.40 -75.13 4.18
C MET H 3503 21.71 -74.35 4.20
N GLY H 3504 21.61 -73.07 4.50
CA GLY H 3504 22.78 -72.20 4.56
C GLY H 3504 22.78 -71.12 3.50
N VAL H 3505 22.34 -71.46 2.29
CA VAL H 3505 22.28 -70.52 1.18
C VAL H 3505 20.87 -69.94 1.12
N LYS H 3506 20.78 -68.63 0.87
CA LYS H 3506 19.50 -67.95 0.83
C LYS H 3506 18.65 -68.34 -0.37
N THR H 3507 19.27 -68.82 -1.46
CA THR H 3507 18.51 -69.21 -2.64
C THR H 3507 17.68 -70.46 -2.36
N LEU H 3508 18.32 -71.51 -1.84
CA LEU H 3508 17.62 -72.75 -1.55
C LEU H 3508 16.75 -72.67 -0.31
N ARG H 3509 16.93 -71.64 0.53
CA ARG H 3509 16.13 -71.50 1.74
C ARG H 3509 14.67 -71.16 1.44
N THR H 3510 14.39 -70.61 0.26
CA THR H 3510 13.03 -70.24 -0.10
C THR H 3510 12.16 -71.47 -0.36
N ILE H 3511 12.76 -72.61 -0.71
CA ILE H 3511 11.97 -73.81 -0.98
C ILE H 3511 11.38 -74.37 0.32
N LEU H 3512 12.21 -74.51 1.35
CA LEU H 3512 11.72 -75.02 2.62
C LEU H 3512 10.75 -74.06 3.29
N SER H 3513 10.88 -72.75 3.01
CA SER H 3513 9.99 -71.77 3.62
C SER H 3513 8.64 -71.75 2.93
N SER H 3514 8.64 -71.77 1.58
CA SER H 3514 7.39 -71.66 0.83
C SER H 3514 6.48 -72.87 1.03
N VAL H 3515 7.04 -74.03 1.36
CA VAL H 3515 6.20 -75.21 1.58
C VAL H 3515 5.35 -75.02 2.84
N THR H 3516 5.94 -74.46 3.89
CA THR H 3516 5.23 -74.21 5.14
C THR H 3516 4.50 -72.87 5.14
N HIS H 3517 5.02 -71.88 4.44
CA HIS H 3517 4.38 -70.56 4.38
C HIS H 3517 2.99 -70.69 3.77
N ASN H 3518 2.02 -69.98 4.37
CA ASN H 3518 0.62 -70.07 3.96
C ASN H 3518 0.13 -71.51 4.03
N GLY H 3519 0.56 -72.22 5.07
CA GLY H 3519 0.18 -73.62 5.24
C GLY H 3519 -1.18 -73.83 5.86
N LYS H 3520 -1.80 -72.79 6.40
CA LYS H 3520 -3.15 -72.92 6.95
C LYS H 3520 -4.15 -73.30 5.86
N GLN H 3521 -3.94 -72.83 4.64
CA GLN H 3521 -4.77 -73.23 3.52
C GLN H 3521 -4.39 -74.60 2.97
N LEU H 3522 -3.12 -75.00 3.13
CA LEU H 3522 -2.67 -76.28 2.58
C LEU H 3522 -3.39 -77.45 3.24
N VAL H 3523 -3.49 -77.43 4.56
CA VAL H 3523 -4.20 -78.49 5.27
C VAL H 3523 -5.69 -78.46 4.92
N MET H 3524 -6.19 -77.30 4.50
CA MET H 3524 -7.61 -77.19 4.15
C MET H 3524 -7.92 -77.88 2.83
N THR H 3525 -7.15 -77.55 1.78
CA THR H 3525 -7.43 -78.15 0.47
C THR H 3525 -7.12 -79.64 0.46
N VAL H 3526 -6.09 -80.07 1.20
CA VAL H 3526 -5.83 -81.49 1.34
C VAL H 3526 -6.99 -82.18 2.05
N GLY H 3527 -7.54 -81.54 3.08
CA GLY H 3527 -8.76 -82.04 3.68
C GLY H 3527 -9.93 -82.00 2.72
N LEU H 3528 -9.99 -80.95 1.89
CA LEU H 3528 -10.99 -80.91 0.83
C LEU H 3528 -10.73 -81.99 -0.22
N LEU H 3529 -9.46 -82.34 -0.43
CA LEU H 3529 -9.13 -83.41 -1.36
C LEU H 3529 -9.47 -84.79 -0.79
N ALA H 3530 -9.51 -84.91 0.53
CA ALA H 3530 -9.80 -86.20 1.15
C ALA H 3530 -11.29 -86.48 1.23
N VAL H 3531 -12.12 -85.43 1.26
CA VAL H 3531 -13.55 -85.65 1.37
C VAL H 3531 -14.19 -85.87 0.01
N VAL H 3532 -13.65 -85.26 -1.06
CA VAL H 3532 -14.24 -85.43 -2.38
C VAL H 3532 -14.06 -86.86 -2.87
N VAL H 3533 -12.90 -87.47 -2.59
CA VAL H 3533 -12.70 -88.87 -2.95
C VAL H 3533 -13.49 -89.79 -2.04
N TYR H 3534 -13.84 -89.33 -0.83
CA TYR H 3534 -14.66 -90.14 0.06
C TYR H 3534 -16.09 -90.23 -0.46
N LEU H 3535 -16.60 -89.13 -1.04
CA LEU H 3535 -17.93 -89.18 -1.64
C LEU H 3535 -17.96 -90.08 -2.86
N TYR H 3536 -16.88 -90.08 -3.66
CA TYR H 3536 -16.82 -90.99 -4.80
C TYR H 3536 -16.51 -92.42 -4.39
N THR H 3537 -16.10 -92.63 -3.13
CA THR H 3537 -15.82 -93.98 -2.65
C THR H 3537 -17.09 -94.70 -2.25
N VAL H 3538 -18.03 -93.99 -1.60
CA VAL H 3538 -19.26 -94.64 -1.16
C VAL H 3538 -20.17 -94.95 -2.34
N VAL H 3539 -20.07 -94.17 -3.42
CA VAL H 3539 -20.88 -94.47 -4.61
C VAL H 3539 -20.29 -95.63 -5.39
N ALA H 3540 -18.99 -95.88 -5.24
CA ALA H 3540 -18.39 -97.04 -5.87
C ALA H 3540 -18.68 -98.31 -5.08
N PHE H 3541 -18.74 -98.19 -3.76
CA PHE H 3541 -19.07 -99.35 -2.93
C PHE H 3541 -20.53 -99.75 -3.06
N ASN H 3542 -21.40 -98.80 -3.44
CA ASN H 3542 -22.83 -99.09 -3.55
C ASN H 3542 -23.18 -99.71 -4.89
N PHE H 3543 -22.65 -99.15 -5.99
CA PHE H 3543 -22.99 -99.58 -7.33
C PHE H 3543 -21.84 -100.25 -8.06
N PHE H 3544 -20.67 -99.60 -8.12
CA PHE H 3544 -19.54 -100.10 -8.90
C PHE H 3544 -18.77 -101.17 -8.11
N ARG H 3545 -19.44 -102.29 -7.85
CA ARG H 3545 -18.83 -103.40 -7.15
C ARG H 3545 -18.20 -104.41 -8.10
N LYS H 3546 -18.77 -104.61 -9.28
CA LYS H 3546 -18.28 -105.56 -10.26
C LYS H 3546 -17.32 -104.93 -11.27
N PHE H 3547 -16.69 -103.81 -10.91
CA PHE H 3547 -15.79 -103.10 -11.82
C PHE H 3547 -14.36 -103.05 -11.34
N TYR H 3548 -14.12 -103.08 -10.03
CA TYR H 3548 -12.77 -102.99 -9.48
C TYR H 3548 -12.22 -104.41 -9.31
N ASN H 3549 -11.59 -104.92 -10.36
CA ASN H 3549 -10.98 -106.26 -10.36
C ASN H 3549 -9.59 -106.12 -10.97
N LYS H 3550 -8.59 -105.87 -10.11
CA LYS H 3550 -7.23 -105.70 -10.60
C LYS H 3550 -6.61 -107.02 -11.04
N SER H 3551 -7.02 -108.13 -10.41
CA SER H 3551 -6.46 -109.43 -10.76
C SER H 3551 -6.96 -109.89 -12.13
N GLU H 3552 -6.08 -110.54 -12.88
CA GLU H 3552 -6.42 -111.04 -14.21
C GLU H 3552 -6.55 -112.56 -14.25
N ASP H 3553 -6.34 -113.24 -13.12
CA ASP H 3553 -6.45 -114.69 -13.08
C ASP H 3553 -7.91 -115.10 -12.95
N GLU H 3554 -8.16 -116.38 -12.66
CA GLU H 3554 -9.53 -116.87 -12.51
C GLU H 3554 -10.19 -116.25 -11.29
N ASP H 3555 -9.57 -116.39 -10.13
CA ASP H 3555 -10.10 -115.78 -8.92
C ASP H 3555 -9.83 -114.28 -8.91
N GLU H 3556 -10.52 -113.58 -8.01
CA GLU H 3556 -10.41 -112.13 -7.88
C GLU H 3556 -10.05 -111.79 -6.44
N PRO H 3557 -8.78 -112.01 -6.04
CA PRO H 3557 -8.38 -111.67 -4.67
C PRO H 3557 -8.11 -110.18 -4.51
N ASP H 3558 -7.73 -109.51 -5.61
CA ASP H 3558 -7.41 -108.09 -5.58
C ASP H 3558 -8.65 -107.21 -5.63
N MET H 3559 -9.85 -107.78 -5.62
CA MET H 3559 -11.09 -107.01 -5.62
C MET H 3559 -11.21 -106.25 -4.31
N LYS H 3560 -11.02 -104.93 -4.36
CA LYS H 3560 -11.08 -104.10 -3.15
C LYS H 3560 -12.50 -103.85 -2.68
N CYS H 3561 -13.51 -104.22 -3.47
CA CYS H 3561 -14.90 -103.96 -3.11
C CYS H 3561 -15.37 -104.80 -1.93
N ASP H 3562 -14.56 -105.76 -1.46
CA ASP H 3562 -14.97 -106.57 -0.32
C ASP H 3562 -14.96 -105.75 0.97
N ASP H 3563 -13.96 -104.90 1.15
CA ASP H 3563 -13.84 -104.06 2.34
C ASP H 3563 -13.98 -102.60 1.95
N MET H 3564 -14.73 -101.85 2.76
CA MET H 3564 -14.94 -100.43 2.49
C MET H 3564 -13.68 -99.61 2.72
N MET H 3565 -12.74 -100.10 3.55
CA MET H 3565 -11.51 -99.37 3.79
C MET H 3565 -10.49 -99.61 2.68
N THR H 3566 -10.53 -100.77 2.04
CA THR H 3566 -9.60 -101.06 0.95
C THR H 3566 -9.91 -100.21 -0.28
N CYS H 3567 -11.18 -99.89 -0.51
CA CYS H 3567 -11.54 -99.03 -1.64
C CYS H 3567 -10.99 -97.63 -1.46
N TYR H 3568 -10.97 -97.13 -0.22
CA TYR H 3568 -10.44 -95.80 0.03
C TYR H 3568 -8.93 -95.74 -0.21
N LEU H 3569 -8.21 -96.79 0.19
CA LEU H 3569 -6.77 -96.83 -0.04
C LEU H 3569 -6.47 -97.06 -1.52
N PHE H 3570 -7.33 -97.80 -2.22
CA PHE H 3570 -7.10 -98.05 -3.63
C PHE H 3570 -7.38 -96.82 -4.49
N HIS H 3571 -8.42 -96.06 -4.14
CA HIS H 3571 -8.77 -94.89 -4.94
C HIS H 3571 -7.81 -93.73 -4.68
N MET H 3572 -7.33 -93.61 -3.43
CA MET H 3572 -6.45 -92.49 -3.10
C MET H 3572 -5.04 -92.73 -3.62
N TYR H 3573 -4.55 -93.97 -3.51
CA TYR H 3573 -3.18 -94.27 -3.93
C TYR H 3573 -3.06 -94.27 -5.45
N VAL H 3574 -3.95 -95.00 -6.12
CA VAL H 3574 -3.84 -95.15 -7.58
C VAL H 3574 -4.40 -93.94 -8.30
N GLY H 3575 -5.50 -93.38 -7.78
CA GLY H 3575 -6.16 -92.29 -8.49
C GLY H 3575 -5.32 -91.03 -8.58
N VAL H 3576 -4.75 -90.60 -7.44
CA VAL H 3576 -4.01 -89.35 -7.42
C VAL H 3576 -2.64 -89.50 -8.07
N ARG H 3577 -1.97 -90.63 -7.85
CA ARG H 3577 -0.60 -90.81 -8.34
C ARG H 3577 -0.56 -90.97 -9.86
N ALA H 3578 -1.52 -91.72 -10.42
CA ALA H 3578 -1.52 -91.96 -11.86
C ALA H 3578 -1.76 -90.68 -12.64
N GLY H 3579 -2.78 -89.91 -12.25
CA GLY H 3579 -3.12 -88.68 -12.93
C GLY H 3579 -4.02 -88.84 -14.14
N GLY H 3580 -4.14 -90.05 -14.69
CA GLY H 3580 -5.00 -90.27 -15.84
C GLY H 3580 -6.39 -90.71 -15.46
N GLY H 3581 -6.82 -90.35 -14.25
CA GLY H 3581 -8.14 -90.71 -13.78
C GLY H 3581 -8.24 -92.18 -13.40
N ILE H 3582 -9.47 -92.57 -13.05
CA ILE H 3582 -9.74 -93.96 -12.66
C ILE H 3582 -9.92 -94.88 -13.85
N GLY H 3583 -9.97 -94.33 -15.07
CA GLY H 3583 -10.17 -95.14 -16.26
C GLY H 3583 -9.03 -96.09 -16.58
N ASP H 3584 -7.88 -95.93 -15.92
CA ASP H 3584 -6.75 -96.82 -16.15
C ASP H 3584 -6.76 -98.05 -15.26
N GLU H 3585 -7.28 -97.94 -14.04
CA GLU H 3585 -7.32 -99.07 -13.14
C GLU H 3585 -8.54 -99.95 -13.39
N ILE H 3586 -9.67 -99.35 -13.76
CA ILE H 3586 -10.88 -100.12 -14.01
C ILE H 3586 -10.74 -100.91 -15.31
N GLU H 3587 -11.55 -101.95 -15.43
CA GLU H 3587 -11.54 -102.80 -16.62
C GLU H 3587 -12.33 -102.13 -17.74
N ASP H 3588 -12.44 -102.83 -18.86
CA ASP H 3588 -13.17 -102.29 -20.02
C ASP H 3588 -14.66 -102.30 -19.72
N PRO H 3589 -15.34 -101.16 -19.77
CA PRO H 3589 -16.79 -101.15 -19.50
C PRO H 3589 -17.59 -101.74 -20.64
N ALA H 3590 -17.57 -103.06 -20.78
CA ALA H 3590 -18.31 -103.74 -21.84
C ALA H 3590 -19.70 -104.17 -21.41
N GLY H 3591 -20.01 -104.10 -20.11
CA GLY H 3591 -21.33 -104.51 -19.65
C GLY H 3591 -22.38 -103.47 -19.98
N ASP H 3592 -23.55 -103.97 -20.40
CA ASP H 3592 -24.65 -103.07 -20.75
C ASP H 3592 -25.26 -102.41 -19.51
N GLU H 3593 -25.17 -103.07 -18.35
CA GLU H 3593 -25.73 -102.52 -17.13
C GLU H 3593 -24.86 -101.35 -16.65
N TYR H 3594 -25.48 -100.17 -16.50
CA TYR H 3594 -24.79 -98.96 -16.04
C TYR H 3594 -23.61 -98.62 -16.95
N GLU H 3595 -23.82 -98.78 -18.26
CA GLU H 3595 -22.75 -98.49 -19.21
C GLU H 3595 -22.52 -96.98 -19.32
N LEU H 3596 -23.56 -96.23 -19.69
CA LEU H 3596 -23.43 -94.78 -19.80
C LEU H 3596 -23.28 -94.12 -18.44
N TYR H 3597 -23.78 -94.75 -17.38
CA TYR H 3597 -23.66 -94.17 -16.05
C TYR H 3597 -22.23 -94.22 -15.55
N ARG H 3598 -21.49 -95.27 -15.90
CA ARG H 3598 -20.10 -95.37 -15.50
C ARG H 3598 -19.19 -94.48 -16.35
N VAL H 3599 -19.62 -94.16 -17.58
CA VAL H 3599 -18.83 -93.30 -18.44
C VAL H 3599 -18.83 -91.86 -17.92
N VAL H 3600 -20.02 -91.33 -17.62
CA VAL H 3600 -20.12 -89.97 -17.12
C VAL H 3600 -19.49 -89.86 -15.72
N PHE H 3601 -19.49 -90.95 -14.96
CA PHE H 3601 -18.91 -90.91 -13.62
C PHE H 3601 -17.40 -90.67 -13.68
N ASP H 3602 -16.71 -91.37 -14.58
CA ASP H 3602 -15.26 -91.18 -14.69
C ASP H 3602 -14.91 -89.86 -15.36
N ILE H 3603 -15.85 -89.30 -16.14
CA ILE H 3603 -15.58 -88.02 -16.81
C ILE H 3603 -15.55 -86.89 -15.79
N THR H 3604 -16.57 -86.81 -14.92
CA THR H 3604 -16.57 -85.79 -13.88
C THR H 3604 -15.52 -86.07 -12.81
N PHE H 3605 -15.12 -87.33 -12.67
CA PHE H 3605 -14.04 -87.65 -11.72
C PHE H 3605 -12.71 -87.14 -12.22
N PHE H 3606 -12.48 -87.19 -13.54
CA PHE H 3606 -11.24 -86.67 -14.11
C PHE H 3606 -11.23 -85.15 -14.12
N PHE H 3607 -12.41 -84.52 -14.20
CA PHE H 3607 -12.46 -83.07 -14.32
C PHE H 3607 -12.25 -82.37 -12.97
N PHE H 3608 -12.57 -83.05 -11.87
CA PHE H 3608 -12.57 -82.38 -10.58
C PHE H 3608 -11.26 -82.58 -9.82
N VAL H 3609 -10.91 -83.83 -9.52
CA VAL H 3609 -9.80 -84.06 -8.60
C VAL H 3609 -8.45 -83.96 -9.30
N ILE H 3610 -8.41 -84.09 -10.64
CA ILE H 3610 -7.15 -83.91 -11.35
C ILE H 3610 -6.97 -82.47 -11.79
N VAL H 3611 -8.00 -81.88 -12.39
CA VAL H 3611 -7.88 -80.53 -12.93
C VAL H 3611 -8.01 -79.48 -11.82
N ILE H 3612 -9.11 -79.51 -11.09
CA ILE H 3612 -9.39 -78.46 -10.12
C ILE H 3612 -8.57 -78.66 -8.85
N LEU H 3613 -8.58 -79.88 -8.30
CA LEU H 3613 -7.96 -80.10 -7.00
C LEU H 3613 -6.45 -79.93 -7.05
N LEU H 3614 -5.79 -80.57 -8.01
CA LEU H 3614 -4.33 -80.49 -8.11
C LEU H 3614 -3.86 -79.08 -8.44
N ALA H 3615 -4.69 -78.27 -9.10
CA ALA H 3615 -4.29 -76.90 -9.40
C ALA H 3615 -4.18 -76.06 -8.14
N ILE H 3616 -5.05 -76.32 -7.16
CA ILE H 3616 -4.97 -75.60 -5.89
C ILE H 3616 -3.71 -76.00 -5.14
N ILE H 3617 -3.27 -77.25 -5.29
CA ILE H 3617 -2.03 -77.68 -4.66
C ILE H 3617 -0.83 -77.02 -5.31
N GLN H 3618 -0.83 -76.94 -6.64
CA GLN H 3618 0.30 -76.32 -7.34
C GLN H 3618 0.25 -74.80 -7.23
N GLY H 3619 -0.95 -74.22 -7.31
CA GLY H 3619 -1.04 -72.76 -7.38
C GLY H 3619 -0.61 -72.09 -6.08
N LEU H 3620 -1.03 -72.63 -4.94
CA LEU H 3620 -0.72 -72.00 -3.67
C LEU H 3620 0.76 -72.09 -3.33
N ILE H 3621 1.44 -73.13 -3.80
CA ILE H 3621 2.86 -73.29 -3.50
C ILE H 3621 3.69 -72.36 -4.37
N ILE H 3622 3.41 -72.32 -5.68
CA ILE H 3622 4.19 -71.48 -6.57
C ILE H 3622 3.90 -70.00 -6.34
N ASP H 3623 2.71 -69.68 -5.83
CA ASP H 3623 2.40 -68.28 -5.52
C ASP H 3623 3.13 -67.83 -4.26
N ALA H 3624 3.34 -68.73 -3.30
CA ALA H 3624 4.10 -68.38 -2.11
C ALA H 3624 5.55 -68.09 -2.45
N PHE H 3625 6.12 -68.84 -3.41
CA PHE H 3625 7.49 -68.58 -3.85
C PHE H 3625 7.57 -67.25 -4.59
N GLY H 3626 6.62 -66.99 -5.48
CA GLY H 3626 6.62 -65.74 -6.22
C GLY H 3626 6.36 -64.54 -5.34
N GLU H 3627 5.47 -64.68 -4.36
CA GLU H 3627 5.18 -63.58 -3.44
C GLU H 3627 6.38 -63.31 -2.53
N LEU H 3628 7.04 -64.36 -2.05
CA LEU H 3628 8.20 -64.16 -1.20
C LEU H 3628 9.39 -63.63 -1.99
N ARG H 3629 9.56 -64.10 -3.22
CA ARG H 3629 10.62 -63.57 -4.07
C ARG H 3629 10.36 -62.11 -4.43
N ASP H 3630 9.10 -61.76 -4.69
CA ASP H 3630 8.75 -60.37 -4.92
C ASP H 3630 8.90 -59.55 -3.64
N GLN H 3631 8.64 -60.16 -2.48
CA GLN H 3631 8.84 -59.45 -1.22
C GLN H 3631 10.31 -59.18 -0.97
N GLN H 3632 11.17 -60.17 -1.24
CA GLN H 3632 12.61 -59.94 -1.10
C GLN H 3632 13.13 -58.98 -2.15
N GLU H 3633 12.51 -58.96 -3.33
CA GLU H 3633 12.91 -58.00 -4.35
C GLU H 3633 12.37 -56.60 -4.05
N GLN H 3634 11.23 -56.52 -3.36
CA GLN H 3634 10.66 -55.22 -3.01
C GLN H 3634 11.50 -54.52 -1.95
N VAL H 3635 11.88 -55.25 -0.89
CA VAL H 3635 12.69 -54.65 0.17
C VAL H 3635 14.08 -54.30 -0.36
N ARG H 3636 14.60 -55.10 -1.30
CA ARG H 3636 15.89 -54.75 -1.91
C ARG H 3636 15.76 -53.47 -2.74
N GLU H 3637 14.65 -53.32 -3.47
CA GLU H 3637 14.41 -52.08 -4.20
C GLU H 3637 13.88 -50.98 -3.29
N ASP H 3638 13.36 -51.33 -2.10
CA ASP H 3638 12.88 -50.32 -1.17
C ASP H 3638 14.00 -49.45 -0.63
N MET H 3639 15.24 -49.94 -0.64
CA MET H 3639 16.37 -49.15 -0.14
C MET H 3639 16.66 -47.94 -1.00
N GLU H 3640 16.13 -47.88 -2.22
CA GLU H 3640 16.31 -46.74 -3.10
C GLU H 3640 15.09 -45.84 -3.19
N THR H 3641 13.89 -46.39 -3.02
CA THR H 3641 12.65 -45.62 -3.06
C THR H 3641 12.09 -45.30 -1.69
N LYS H 3642 12.78 -45.70 -0.62
CA LYS H 3642 12.31 -45.44 0.74
C LYS H 3642 13.47 -45.64 1.70
N CYS H 3643 13.29 -45.12 2.93
CA CYS H 3643 14.27 -45.31 3.99
C CYS H 3643 13.57 -45.03 5.31
N PHE H 3644 13.48 -46.04 6.17
CA PHE H 3644 12.83 -45.88 7.46
C PHE H 3644 13.71 -45.17 8.48
N ILE H 3645 15.02 -45.10 8.25
CA ILE H 3645 15.92 -44.50 9.21
C ILE H 3645 16.33 -43.08 8.86
N CYS H 3646 16.07 -42.63 7.64
CA CYS H 3646 16.51 -41.29 7.24
C CYS H 3646 15.65 -40.22 7.91
N GLY H 3647 14.35 -40.22 7.62
CA GLY H 3647 13.44 -39.23 8.11
C GLY H 3647 12.67 -38.48 7.04
N ILE H 3648 13.27 -38.26 5.88
CA ILE H 3648 12.60 -37.58 4.77
C ILE H 3648 11.90 -38.56 3.85
N GLY H 3649 12.57 -39.67 3.52
CA GLY H 3649 11.93 -40.70 2.72
C GLY H 3649 12.78 -41.25 1.60
N SER H 3650 12.27 -41.19 0.37
CA SER H 3650 12.95 -41.76 -0.78
C SER H 3650 14.30 -41.11 -1.03
N ASP H 3651 14.28 -39.82 -1.38
CA ASP H 3651 15.49 -39.07 -1.68
C ASP H 3651 15.14 -37.60 -1.81
N TYR H 3652 16.10 -36.74 -1.52
CA TYR H 3652 15.93 -35.30 -1.66
C TYR H 3652 16.09 -34.83 -3.09
N PHE H 3653 16.22 -35.74 -4.05
CA PHE H 3653 16.40 -35.37 -5.45
C PHE H 3653 15.17 -34.72 -6.05
N ASP H 3654 14.01 -34.79 -5.38
CA ASP H 3654 12.81 -34.15 -5.89
C ASP H 3654 12.90 -32.63 -5.84
N THR H 3655 13.73 -32.08 -4.95
CA THR H 3655 13.93 -30.64 -4.83
C THR H 3655 15.18 -30.17 -5.54
N THR H 3656 16.33 -30.80 -5.28
CA THR H 3656 17.58 -30.43 -5.91
C THR H 3656 17.99 -31.47 -6.94
N PRO H 3657 18.60 -31.06 -8.05
CA PRO H 3657 18.97 -32.03 -9.09
C PRO H 3657 20.04 -33.01 -8.66
N HIS H 3658 20.87 -32.67 -7.68
CA HIS H 3658 21.97 -33.52 -7.23
C HIS H 3658 21.89 -33.76 -5.73
N ARG H 3659 20.69 -34.08 -5.25
CA ARG H 3659 20.47 -34.40 -3.84
C ARG H 3659 20.13 -35.87 -3.62
N PHE H 3660 20.22 -36.70 -4.67
CA PHE H 3660 19.92 -38.12 -4.52
C PHE H 3660 21.01 -38.84 -3.73
N GLU H 3661 22.27 -38.57 -4.05
CA GLU H 3661 23.37 -39.18 -3.33
C GLU H 3661 23.70 -38.41 -2.05
N THR H 3662 23.52 -37.09 -2.05
CA THR H 3662 23.82 -36.28 -0.88
C THR H 3662 22.88 -36.57 0.29
N HIS H 3663 21.69 -37.10 0.03
CA HIS H 3663 20.77 -37.41 1.11
C HIS H 3663 21.31 -38.55 1.98
N THR H 3664 21.65 -39.68 1.35
CA THR H 3664 22.12 -40.86 2.06
C THR H 3664 23.62 -40.82 2.33
N LEU H 3665 24.23 -39.63 2.34
CA LEU H 3665 25.66 -39.49 2.55
C LEU H 3665 26.00 -38.79 3.87
N GLU H 3666 25.47 -37.60 4.09
CA GLU H 3666 25.81 -36.82 5.27
C GLU H 3666 24.61 -36.60 6.20
N GLU H 3667 23.51 -36.06 5.69
CA GLU H 3667 22.39 -35.72 6.55
C GLU H 3667 21.56 -36.95 6.90
N HIS H 3668 21.20 -37.76 5.91
CA HIS H 3668 20.37 -38.93 6.12
C HIS H 3668 21.10 -40.20 5.73
N ASN H 3669 22.37 -40.33 6.13
CA ASN H 3669 23.16 -41.49 5.76
C ASN H 3669 22.58 -42.77 6.32
N LEU H 3670 21.91 -42.70 7.47
CA LEU H 3670 21.28 -43.85 8.13
C LEU H 3670 22.29 -44.95 8.43
N ALA H 3671 23.57 -44.61 8.55
CA ALA H 3671 24.61 -45.57 8.85
C ALA H 3671 25.58 -44.97 9.84
N ASN H 3672 26.38 -45.83 10.48
CA ASN H 3672 27.37 -45.45 11.47
C ASN H 3672 26.75 -44.73 12.67
N TYR H 3673 25.44 -44.88 12.87
CA TYR H 3673 24.78 -44.25 14.01
C TYR H 3673 25.11 -44.93 15.32
N MET H 3674 25.64 -46.16 15.27
CA MET H 3674 26.10 -46.82 16.50
C MET H 3674 27.29 -46.09 17.11
N PHE H 3675 28.08 -45.40 16.28
CA PHE H 3675 29.18 -44.60 16.81
C PHE H 3675 28.66 -43.40 17.59
N PHE H 3676 27.48 -42.87 17.22
CA PHE H 3676 26.89 -41.78 17.99
C PHE H 3676 26.51 -42.23 19.39
N LEU H 3677 25.87 -43.41 19.50
CA LEU H 3677 25.55 -43.96 20.82
C LEU H 3677 26.82 -44.37 21.55
N MET H 3678 27.86 -44.78 20.83
CA MET H 3678 29.13 -45.11 21.45
C MET H 3678 29.78 -43.86 22.06
N TYR H 3679 29.60 -42.71 21.41
CA TYR H 3679 30.18 -41.47 21.93
C TYR H 3679 29.52 -41.08 23.25
N LEU H 3680 28.22 -41.35 23.40
CA LEU H 3680 27.54 -41.03 24.65
C LEU H 3680 27.90 -42.01 25.75
N ILE H 3681 28.20 -43.26 25.41
CA ILE H 3681 28.54 -44.25 26.42
C ILE H 3681 30.00 -44.11 26.84
N ASN H 3682 30.90 -43.90 25.88
CA ASN H 3682 32.32 -43.79 26.20
C ASN H 3682 32.60 -42.50 26.97
N LYS H 3683 32.21 -41.36 26.41
CA LYS H 3683 32.42 -40.09 27.08
C LYS H 3683 31.45 -39.93 28.25
N ASP H 3684 31.91 -39.24 29.28
CA ASP H 3684 31.09 -39.02 30.47
C ASP H 3684 30.00 -37.99 30.19
N GLU H 3685 29.10 -37.83 31.16
CA GLU H 3685 28.02 -36.87 31.01
C GLU H 3685 28.53 -35.43 31.04
N THR H 3686 29.65 -35.18 31.72
CA THR H 3686 30.22 -33.84 31.80
C THR H 3686 30.92 -33.41 30.52
N GLU H 3687 31.18 -34.34 29.61
CA GLU H 3687 31.85 -34.05 28.34
C GLU H 3687 30.87 -33.95 27.18
N HIS H 3688 29.60 -33.70 27.46
CA HIS H 3688 28.58 -33.61 26.42
C HIS H 3688 28.23 -32.15 26.14
N THR H 3689 27.69 -31.91 24.95
CA THR H 3689 27.30 -30.58 24.52
C THR H 3689 25.80 -30.39 24.72
N GLY H 3690 25.27 -29.27 24.24
CA GLY H 3690 23.84 -29.01 24.38
C GLY H 3690 22.98 -29.96 23.58
N GLN H 3691 23.53 -30.51 22.49
CA GLN H 3691 22.79 -31.48 21.69
C GLN H 3691 23.01 -32.91 22.17
N GLU H 3692 24.21 -33.23 22.67
CA GLU H 3692 24.46 -34.57 23.18
C GLU H 3692 23.74 -34.80 24.51
N SER H 3693 23.55 -33.75 25.30
CA SER H 3693 22.81 -33.89 26.55
C SER H 3693 21.31 -34.01 26.33
N TYR H 3694 20.80 -33.42 25.25
CA TYR H 3694 19.37 -33.51 24.98
C TYR H 3694 18.97 -34.91 24.54
N VAL H 3695 19.76 -35.53 23.66
CA VAL H 3695 19.46 -36.88 23.22
C VAL H 3695 19.71 -37.88 24.35
N TRP H 3696 20.69 -37.62 25.21
CA TRP H 3696 20.94 -38.50 26.34
C TRP H 3696 19.82 -38.42 27.37
N LYS H 3697 19.21 -37.24 27.52
CA LYS H 3697 18.10 -37.11 28.47
C LYS H 3697 16.88 -37.85 27.98
N MET H 3698 16.62 -37.83 26.67
CA MET H 3698 15.50 -38.58 26.11
C MET H 3698 15.79 -40.06 25.99
N TYR H 3699 17.07 -40.45 25.91
CA TYR H 3699 17.41 -41.87 25.82
C TYR H 3699 17.06 -42.60 27.10
N GLN H 3700 17.27 -41.96 28.26
CA GLN H 3700 16.94 -42.59 29.53
C GLN H 3700 15.43 -42.67 29.76
N GLU H 3701 14.65 -41.81 29.12
CA GLU H 3701 13.22 -41.81 29.28
C GLU H 3701 12.59 -42.89 28.39
N ARG H 3702 11.26 -43.01 28.46
CA ARG H 3702 10.52 -43.99 27.69
C ARG H 3702 10.15 -43.50 26.30
N CYS H 3703 10.82 -42.46 25.81
CA CYS H 3703 10.57 -41.90 24.48
C CYS H 3703 11.82 -42.01 23.63
N TRP H 3704 11.64 -42.40 22.38
CA TRP H 3704 12.75 -42.57 21.44
C TRP H 3704 12.48 -41.76 20.17
N ASP H 3705 12.05 -40.52 20.34
CA ASP H 3705 11.77 -39.62 19.24
C ASP H 3705 12.97 -38.74 18.86
N PHE H 3706 14.18 -39.14 19.26
CA PHE H 3706 15.36 -38.35 18.92
C PHE H 3706 15.70 -38.43 17.44
N PHE H 3707 15.19 -39.43 16.73
CA PHE H 3707 15.38 -39.50 15.29
C PHE H 3707 14.64 -38.34 14.61
N PRO H 3708 15.14 -37.87 13.46
CA PRO H 3708 14.48 -36.74 12.78
C PRO H 3708 13.04 -37.03 12.42
N ALA H 3709 12.81 -38.07 11.61
CA ALA H 3709 11.47 -38.49 11.19
C ALA H 3709 10.68 -37.32 10.62
N GLY H 3710 11.36 -36.46 9.86
CA GLY H 3710 10.73 -35.28 9.31
C GLY H 3710 11.48 -34.65 8.16
N ASP H 3711 11.55 -33.32 8.15
CA ASP H 3711 12.23 -32.60 7.08
C ASP H 3711 13.73 -32.88 7.11
N CYS H 3712 14.34 -32.82 5.92
CA CYS H 3712 15.76 -33.06 5.76
C CYS H 3712 16.52 -31.75 5.89
N PHE H 3713 17.81 -31.76 5.53
CA PHE H 3713 18.64 -30.57 5.63
C PHE H 3713 18.21 -29.48 4.65
N ARG H 3714 17.40 -29.82 3.64
CA ARG H 3714 16.95 -28.82 2.68
C ARG H 3714 16.07 -27.77 3.35
N LYS H 3715 15.23 -28.19 4.29
CA LYS H 3715 14.36 -27.24 4.99
C LYS H 3715 15.15 -26.35 5.93
N GLN H 3716 16.27 -26.83 6.45
CA GLN H 3716 17.09 -26.04 7.37
C GLN H 3716 17.85 -24.95 6.62
ZN ZN I . -11.80 -39.74 6.77
ZN ZN J . -14.27 -34.37 -19.47
ZN ZN K . 12.51 -33.61 -21.85
ZN ZN L . 14.99 -38.99 4.40
#